data_2Q49
#
_entry.id   2Q49
#
_cell.length_a   84.597
_cell.length_b   107.067
_cell.length_c   85.754
_cell.angle_alpha   90.000
_cell.angle_beta   118.880
_cell.angle_gamma   90.000
#
_symmetry.space_group_name_H-M   'P 1 21 1'
#
loop_
_entity.id
_entity.type
_entity.pdbx_description
1 polymer 'Probable N-acetyl-gamma-glutamyl-phosphate reductase'
2 water water
#
_entity_poly.entity_id   1
_entity_poly.type   'polypeptide(L)'
_entity_poly.pdbx_seq_one_letter_code
;MSFRVSASSSVKPEKDIRIGLLGASGYTGAEIVRLLANHPHFQVTLMTADRKAGQSMESVFPHLRAQKLPTLVSVKDADF
STVDAVFCCLPHGTTQEIIKELPTALKIVDLSADFRLRNIAEYEEWYGQPHKAVELQKEVVYGLTEILREDIKKARLVAN
PGCYPTTIQLPLVPLLKANLIKHENIIIDAKSGVSGAGRGAKEANLYSEIAEGISSYGVTRHRHVPEIEQGLSDVAQSKV
TVSFTPHLMPMIRGMQSTIYVEMAPGVRTEDLHQQLKTSYEDEEFVKVLDEGVVPRTHNVRGSNYCHMSVFPDRIPGRAI
IISVIDNLVKGASGQALQNLNIMLGYPETTGLLHQPLFP
;
_entity_poly.pdbx_strand_id   A,B,C,D
#
# COMPACT_ATOMS: atom_id res chain seq x y z
N LYS A 15 19.93 34.16 -2.05
CA LYS A 15 19.45 34.56 -0.68
C LYS A 15 20.57 34.84 0.31
N ASP A 16 20.22 35.45 1.42
CA ASP A 16 21.17 35.83 2.46
C ASP A 16 22.07 34.74 3.03
N ILE A 17 21.62 33.50 3.00
CA ILE A 17 22.41 32.43 3.57
C ILE A 17 22.65 31.28 2.60
N ARG A 18 23.93 30.96 2.42
CA ARG A 18 24.34 29.90 1.51
C ARG A 18 24.49 28.60 2.30
N ILE A 19 23.80 27.57 1.85
CA ILE A 19 23.81 26.30 2.54
C ILE A 19 24.69 25.22 1.93
N GLY A 20 25.44 24.54 2.78
CA GLY A 20 26.27 23.44 2.32
C GLY A 20 25.52 22.17 2.74
N LEU A 21 25.22 21.31 1.77
CA LEU A 21 24.51 20.07 2.07
C LEU A 21 25.32 18.85 1.64
N LEU A 22 25.95 18.16 2.60
CA LEU A 22 26.75 16.96 2.30
C LEU A 22 25.87 15.72 2.21
N GLY A 23 26.15 14.85 1.24
CA GLY A 23 25.35 13.64 1.10
C GLY A 23 23.92 14.03 0.78
N ALA A 24 23.75 14.65 -0.38
CA ALA A 24 22.44 15.12 -0.82
C ALA A 24 21.62 14.14 -1.64
N SER A 25 22.18 12.97 -1.98
CA SER A 25 21.41 12.03 -2.78
C SER A 25 20.50 11.10 -1.98
N GLY A 26 20.54 11.20 -0.65
CA GLY A 26 19.68 10.35 0.16
C GLY A 26 18.39 11.06 0.50
N TYR A 27 17.45 10.31 1.08
CA TYR A 27 16.13 10.83 1.45
C TYR A 27 16.19 12.05 2.38
N THR A 28 17.07 12.04 3.37
CA THR A 28 17.15 13.19 4.27
C THR A 28 17.72 14.38 3.49
N GLY A 29 18.57 14.10 2.49
CA GLY A 29 19.11 15.18 1.67
C GLY A 29 17.96 15.78 0.85
N ALA A 30 17.18 14.89 0.23
CA ALA A 30 16.03 15.32 -0.55
C ALA A 30 15.13 16.23 0.30
N GLU A 31 14.86 15.81 1.53
CA GLU A 31 14.03 16.60 2.43
C GLU A 31 14.67 17.95 2.76
N ILE A 32 16.00 17.97 2.85
CA ILE A 32 16.70 19.22 3.14
C ILE A 32 16.46 20.17 1.97
N VAL A 33 16.39 19.60 0.77
CA VAL A 33 16.16 20.40 -0.42
C VAL A 33 14.71 20.89 -0.43
N ARG A 34 13.77 20.00 -0.13
CA ARG A 34 12.36 20.38 -0.11
C ARG A 34 12.08 21.47 0.92
N LEU A 35 12.52 21.27 2.16
CA LEU A 35 12.29 22.24 3.23
C LEU A 35 12.87 23.62 2.94
N LEU A 36 14.11 23.66 2.43
CA LEU A 36 14.74 24.93 2.13
C LEU A 36 14.08 25.69 0.98
N ALA A 37 13.29 24.98 0.16
CA ALA A 37 12.62 25.58 -0.99
C ALA A 37 11.67 26.75 -0.61
N ASN A 38 10.91 26.61 0.47
CA ASN A 38 10.01 27.70 0.89
C ASN A 38 10.59 28.50 2.07
N HIS A 39 11.89 28.38 2.29
CA HIS A 39 12.58 29.09 3.35
C HIS A 39 13.08 30.39 2.71
N PRO A 40 12.42 31.51 3.03
CA PRO A 40 12.81 32.80 2.45
C PRO A 40 14.23 33.27 2.70
N HIS A 41 14.97 32.60 3.58
CA HIS A 41 16.31 33.07 3.86
C HIS A 41 17.49 32.25 3.43
N PHE A 42 17.42 30.94 3.66
CA PHE A 42 18.51 30.06 3.32
C PHE A 42 18.40 29.64 1.86
N GLN A 43 19.51 29.19 1.30
CA GLN A 43 19.55 28.75 -0.08
C GLN A 43 20.67 27.74 -0.31
N VAL A 44 20.31 26.60 -0.90
CA VAL A 44 21.29 25.56 -1.19
C VAL A 44 22.19 25.98 -2.35
N THR A 45 23.48 26.09 -2.12
CA THR A 45 24.40 26.48 -3.18
C THR A 45 25.49 25.45 -3.43
N LEU A 46 25.59 24.48 -2.54
CA LEU A 46 26.60 23.44 -2.69
C LEU A 46 26.01 22.10 -2.29
N MET A 47 26.02 21.13 -3.21
CA MET A 47 25.49 19.80 -2.93
C MET A 47 26.50 18.71 -3.26
N THR A 48 26.71 17.86 -2.27
CA THR A 48 27.63 16.75 -2.34
C THR A 48 26.92 15.41 -2.55
N ALA A 49 27.52 14.55 -3.36
CA ALA A 49 27.04 13.22 -3.66
C ALA A 49 28.24 12.34 -3.92
N ASP A 50 28.06 11.05 -3.68
CA ASP A 50 29.12 10.09 -3.87
C ASP A 50 29.14 9.45 -5.26
N ARG A 51 28.33 8.42 -5.46
CA ARG A 51 28.31 7.75 -6.75
C ARG A 51 27.62 8.59 -7.81
N LYS A 52 26.64 9.40 -7.39
CA LYS A 52 25.91 10.21 -8.34
C LYS A 52 26.53 11.59 -8.59
N ALA A 53 27.82 11.73 -8.24
CA ALA A 53 28.50 12.99 -8.46
C ALA A 53 28.50 13.22 -9.97
N GLY A 54 28.59 14.49 -10.35
CA GLY A 54 28.59 14.84 -11.76
C GLY A 54 27.24 14.57 -12.38
N GLN A 55 26.17 14.88 -11.63
CA GLN A 55 24.82 14.66 -12.12
C GLN A 55 23.85 15.68 -11.55
N SER A 56 22.92 16.12 -12.37
CA SER A 56 21.92 17.08 -11.90
C SER A 56 21.00 16.31 -10.97
N MET A 57 20.73 16.86 -9.79
CA MET A 57 19.88 16.15 -8.86
C MET A 57 18.52 15.85 -9.47
N GLU A 58 18.27 16.40 -10.66
CA GLU A 58 17.00 16.14 -11.33
C GLU A 58 16.98 14.68 -11.76
N SER A 59 18.12 14.19 -12.21
CA SER A 59 18.25 12.80 -12.61
C SER A 59 18.32 11.89 -11.40
N VAL A 60 18.31 12.49 -10.21
CA VAL A 60 18.37 11.72 -8.98
C VAL A 60 17.00 11.74 -8.32
N PHE A 61 16.45 12.94 -8.20
CA PHE A 61 15.14 13.15 -7.60
C PHE A 61 14.32 14.07 -8.50
N PRO A 62 13.76 13.51 -9.58
CA PRO A 62 12.95 14.30 -10.51
C PRO A 62 11.82 15.11 -9.86
N HIS A 63 11.36 14.73 -8.68
CA HIS A 63 10.31 15.53 -8.07
C HIS A 63 10.77 16.97 -7.77
N LEU A 64 12.08 17.19 -7.73
CA LEU A 64 12.59 18.52 -7.42
C LEU A 64 12.78 19.41 -8.65
N ARG A 65 12.32 18.93 -9.81
CA ARG A 65 12.52 19.67 -11.06
C ARG A 65 12.06 21.14 -11.12
N ALA A 66 11.09 21.53 -10.30
CA ALA A 66 10.63 22.91 -10.31
C ALA A 66 11.73 23.83 -9.79
N GLN A 67 12.69 23.24 -9.09
CA GLN A 67 13.80 24.01 -8.53
C GLN A 67 15.03 23.92 -9.41
N LYS A 68 15.87 24.95 -9.33
CA LYS A 68 17.11 24.99 -10.10
C LYS A 68 18.26 24.97 -9.10
N LEU A 69 18.85 23.78 -8.93
CA LEU A 69 19.93 23.59 -7.97
C LEU A 69 21.29 23.42 -8.60
N PRO A 70 22.33 23.46 -7.77
CA PRO A 70 23.71 23.30 -8.25
C PRO A 70 23.92 21.89 -8.75
N THR A 71 25.10 21.66 -9.31
CA THR A 71 25.43 20.34 -9.80
C THR A 71 25.99 19.61 -8.61
N LEU A 72 25.82 18.29 -8.59
CA LEU A 72 26.33 17.47 -7.51
C LEU A 72 27.81 17.21 -7.68
N VAL A 73 28.59 17.52 -6.64
CA VAL A 73 30.02 17.26 -6.70
C VAL A 73 30.39 16.36 -5.54
N SER A 74 31.63 15.86 -5.56
CA SER A 74 32.10 14.98 -4.51
C SER A 74 32.62 15.80 -3.34
N VAL A 75 32.62 15.21 -2.14
CA VAL A 75 33.14 15.90 -0.98
C VAL A 75 34.58 16.35 -1.20
N LYS A 76 35.36 15.51 -1.89
CA LYS A 76 36.75 15.83 -2.16
C LYS A 76 36.86 17.11 -3.00
N ASP A 77 35.91 17.31 -3.92
CA ASP A 77 35.89 18.49 -4.76
C ASP A 77 34.84 19.50 -4.27
N ALA A 78 35.19 20.27 -3.25
CA ALA A 78 34.28 21.27 -2.70
C ALA A 78 34.95 22.14 -1.66
N ASP A 79 35.04 23.45 -1.93
CA ASP A 79 35.65 24.34 -0.96
C ASP A 79 34.60 24.80 0.04
N PHE A 80 34.69 24.32 1.27
CA PHE A 80 33.68 24.68 2.25
C PHE A 80 33.64 26.16 2.65
N SER A 81 34.47 26.98 2.01
CA SER A 81 34.47 28.41 2.32
C SER A 81 33.35 28.98 1.43
N THR A 82 32.69 28.06 0.75
CA THR A 82 31.58 28.36 -0.15
C THR A 82 30.30 28.83 0.59
N VAL A 83 30.04 28.27 1.77
CA VAL A 83 28.81 28.64 2.47
C VAL A 83 28.95 29.12 3.91
N ASP A 84 27.80 29.33 4.55
CA ASP A 84 27.74 29.81 5.92
C ASP A 84 27.54 28.70 6.93
N ALA A 85 26.69 27.74 6.57
CA ALA A 85 26.37 26.63 7.45
C ALA A 85 26.32 25.32 6.67
N VAL A 86 26.42 24.21 7.39
CA VAL A 86 26.43 22.91 6.75
C VAL A 86 25.42 21.91 7.31
N PHE A 87 24.71 21.23 6.42
CA PHE A 87 23.78 20.16 6.79
C PHE A 87 24.50 18.89 6.33
N CYS A 88 24.86 18.01 7.24
CA CYS A 88 25.54 16.80 6.81
C CYS A 88 24.63 15.59 6.85
N CYS A 89 24.38 15.00 5.68
CA CYS A 89 23.51 13.84 5.61
C CYS A 89 24.25 12.59 5.18
N LEU A 90 25.50 12.46 5.60
CA LEU A 90 26.30 11.29 5.23
C LEU A 90 26.09 10.12 6.20
N PRO A 91 26.57 8.93 5.82
CA PRO A 91 26.43 7.74 6.66
C PRO A 91 27.28 7.84 7.92
N HIS A 92 26.85 7.11 8.94
CA HIS A 92 27.54 7.07 10.22
C HIS A 92 28.91 6.41 10.03
N GLY A 93 29.95 7.03 10.57
CA GLY A 93 31.29 6.48 10.44
C GLY A 93 32.12 7.10 9.33
N THR A 94 31.52 8.06 8.64
CA THR A 94 32.17 8.75 7.55
C THR A 94 32.09 10.24 7.80
N THR A 95 31.35 10.59 8.85
CA THR A 95 31.11 11.98 9.19
C THR A 95 32.13 12.63 10.12
N GLN A 96 32.64 11.87 11.09
CA GLN A 96 33.60 12.41 12.05
C GLN A 96 34.87 13.00 11.45
N GLU A 97 35.60 12.25 10.62
CA GLU A 97 36.83 12.81 10.08
C GLU A 97 36.57 13.92 9.07
N ILE A 98 35.37 13.92 8.48
CA ILE A 98 35.00 14.97 7.53
C ILE A 98 34.68 16.26 8.25
N ILE A 99 33.79 16.18 9.24
CA ILE A 99 33.39 17.36 9.99
C ILE A 99 34.56 18.02 10.72
N LYS A 100 35.44 17.20 11.30
CA LYS A 100 36.59 17.72 12.02
C LYS A 100 37.50 18.51 11.09
N GLU A 101 37.49 18.14 9.81
CA GLU A 101 38.34 18.80 8.83
C GLU A 101 37.67 19.96 8.12
N LEU A 102 36.52 20.39 8.65
CA LEU A 102 35.77 21.50 8.07
C LEU A 102 36.15 22.83 8.74
N PRO A 103 35.96 23.97 8.04
CA PRO A 103 36.28 25.30 8.58
C PRO A 103 35.64 25.54 9.96
N THR A 104 36.35 26.27 10.81
CA THR A 104 35.86 26.56 12.15
C THR A 104 34.68 27.53 12.20
N ALA A 105 34.63 28.45 11.23
CA ALA A 105 33.58 29.45 11.19
C ALA A 105 32.30 28.92 10.55
N LEU A 106 32.17 27.61 10.47
CA LEU A 106 30.99 27.00 9.89
C LEU A 106 30.00 26.45 10.90
N LYS A 107 28.82 27.03 10.97
CA LYS A 107 27.80 26.46 11.86
C LYS A 107 27.41 25.16 11.14
N ILE A 108 27.33 24.06 11.88
CA ILE A 108 27.03 22.76 11.28
C ILE A 108 25.89 21.97 11.91
N VAL A 109 25.13 21.28 11.06
CA VAL A 109 24.05 20.44 11.52
C VAL A 109 24.17 19.14 10.75
N ASP A 110 24.82 18.15 11.35
CA ASP A 110 24.97 16.85 10.72
C ASP A 110 23.82 15.93 11.13
N LEU A 111 23.05 15.46 10.16
CA LEU A 111 21.92 14.58 10.45
C LEU A 111 22.36 13.18 10.85
N SER A 112 23.68 12.93 10.81
CA SER A 112 24.22 11.63 11.15
C SER A 112 24.38 11.48 12.67
N ALA A 113 24.59 10.25 13.13
CA ALA A 113 24.75 9.98 14.55
C ALA A 113 26.18 10.04 15.11
N ASP A 114 27.12 10.67 14.40
CA ASP A 114 28.51 10.73 14.87
C ASP A 114 28.89 11.78 15.92
N PHE A 115 27.94 12.26 16.70
CA PHE A 115 28.24 13.26 17.75
C PHE A 115 27.15 13.33 18.80
N ARG A 116 26.18 12.44 18.69
CA ARG A 116 25.06 12.40 19.62
C ARG A 116 25.50 11.81 20.96
N LEU A 117 26.42 10.85 20.92
CA LEU A 117 26.87 10.20 22.17
C LEU A 117 28.14 10.86 22.76
N ARG A 118 28.09 11.23 24.03
CA ARG A 118 29.23 11.85 24.68
C ARG A 118 30.29 10.85 25.10
N ASN A 119 29.85 9.64 25.42
CA ASN A 119 30.77 8.59 25.85
C ASN A 119 31.52 7.96 24.67
N ILE A 120 32.79 8.34 24.57
CA ILE A 120 33.69 7.87 23.51
C ILE A 120 33.71 6.36 23.34
N ALA A 121 33.80 5.64 24.46
CA ALA A 121 33.83 4.18 24.45
C ALA A 121 32.49 3.63 23.97
N GLU A 122 31.42 4.31 24.39
CA GLU A 122 30.08 3.91 24.02
C GLU A 122 29.94 4.00 22.51
N TYR A 123 30.50 5.04 21.91
CA TYR A 123 30.39 5.19 20.47
C TYR A 123 31.05 4.03 19.79
N GLU A 124 32.23 3.63 20.28
CA GLU A 124 32.96 2.54 19.69
C GLU A 124 32.27 1.18 19.81
N GLU A 125 31.70 0.90 20.98
CA GLU A 125 31.04 -0.38 21.15
C GLU A 125 29.78 -0.50 20.30
N TRP A 126 29.05 0.60 20.13
CA TRP A 126 27.84 0.57 19.34
C TRP A 126 28.04 0.83 17.84
N TYR A 127 29.09 1.58 17.48
CA TYR A 127 29.32 1.88 16.07
C TYR A 127 30.54 1.20 15.45
N GLY A 128 31.10 0.25 16.20
CA GLY A 128 32.24 -0.53 15.73
C GLY A 128 33.54 0.08 15.27
N GLN A 129 33.96 1.17 15.89
CA GLN A 129 35.22 1.81 15.54
C GLN A 129 35.48 3.00 16.43
N PRO A 130 36.77 3.31 16.66
CA PRO A 130 37.21 4.43 17.48
C PRO A 130 36.58 5.75 17.05
N HIS A 131 36.37 6.64 18.02
CA HIS A 131 35.79 7.95 17.75
C HIS A 131 36.92 8.81 17.18
N LYS A 132 36.71 9.40 16.01
CA LYS A 132 37.75 10.21 15.37
C LYS A 132 37.90 11.65 15.88
N ALA A 133 36.79 12.34 16.08
CA ALA A 133 36.83 13.71 16.55
C ALA A 133 36.58 13.78 18.05
N VAL A 134 37.33 12.99 18.80
CA VAL A 134 37.15 12.96 20.25
C VAL A 134 37.10 14.36 20.84
N GLU A 135 37.96 15.23 20.35
CA GLU A 135 38.02 16.58 20.87
C GLU A 135 36.79 17.41 20.54
N LEU A 136 36.45 17.49 19.25
CA LEU A 136 35.28 18.26 18.81
C LEU A 136 34.02 17.84 19.55
N GLN A 137 33.91 16.53 19.80
CA GLN A 137 32.76 15.95 20.48
C GLN A 137 32.25 16.76 21.66
N LYS A 138 33.13 17.08 22.60
CA LYS A 138 32.75 17.82 23.79
C LYS A 138 32.14 19.21 23.59
N GLU A 139 32.11 19.70 22.36
CA GLU A 139 31.52 21.00 22.14
C GLU A 139 30.18 20.84 21.38
N VAL A 140 29.86 19.59 21.05
CA VAL A 140 28.63 19.29 20.33
C VAL A 140 27.40 19.31 21.23
N VAL A 141 26.30 19.87 20.72
CA VAL A 141 25.03 19.92 21.44
C VAL A 141 23.99 19.01 20.75
N TYR A 142 23.32 18.16 21.53
CA TYR A 142 22.28 17.26 21.01
C TYR A 142 21.10 18.09 20.51
N GLY A 143 20.78 17.95 19.22
CA GLY A 143 19.70 18.75 18.64
C GLY A 143 18.22 18.48 18.97
N LEU A 144 17.89 18.11 20.20
CA LEU A 144 16.48 17.88 20.52
C LEU A 144 16.00 19.29 20.93
N THR A 145 15.57 20.03 19.92
CA THR A 145 15.17 21.44 20.06
C THR A 145 14.31 21.86 21.24
N GLU A 146 13.13 21.26 21.40
CA GLU A 146 12.26 21.65 22.50
C GLU A 146 12.87 21.46 23.88
N ILE A 147 13.89 20.61 23.97
CA ILE A 147 14.56 20.33 25.24
C ILE A 147 15.92 21.07 25.43
N LEU A 148 16.76 21.10 24.40
CA LEU A 148 18.06 21.77 24.55
C LEU A 148 18.21 23.08 23.75
N ARG A 149 17.09 23.67 23.35
CA ARG A 149 17.08 24.92 22.60
C ARG A 149 18.17 25.92 23.03
N GLU A 150 18.27 26.17 24.34
CA GLU A 150 19.24 27.12 24.87
C GLU A 150 20.69 26.79 24.50
N ASP A 151 21.07 25.52 24.54
CA ASP A 151 22.43 25.18 24.17
C ASP A 151 22.58 25.13 22.66
N ILE A 152 21.52 24.70 21.97
CA ILE A 152 21.56 24.61 20.51
C ILE A 152 21.84 26.00 19.92
N LYS A 153 21.19 27.02 20.49
CA LYS A 153 21.35 28.40 20.06
C LYS A 153 22.80 28.84 19.93
N LYS A 154 23.61 28.51 20.92
CA LYS A 154 25.00 28.92 20.89
C LYS A 154 25.97 27.81 20.50
N ALA A 155 25.48 26.76 19.86
CA ALA A 155 26.33 25.65 19.44
C ALA A 155 26.92 25.90 18.07
N ARG A 156 28.12 25.36 17.84
CA ARG A 156 28.76 25.48 16.53
C ARG A 156 28.40 24.23 15.73
N LEU A 157 28.52 23.08 16.38
CA LEU A 157 28.22 21.79 15.77
C LEU A 157 27.09 21.12 16.55
N VAL A 158 26.09 20.65 15.83
CA VAL A 158 24.96 19.99 16.44
C VAL A 158 24.75 18.63 15.79
N ALA A 159 24.50 17.62 16.61
CA ALA A 159 24.29 16.25 16.16
C ALA A 159 22.80 15.99 16.16
N ASN A 160 22.14 16.25 15.04
CA ASN A 160 20.69 16.04 14.94
C ASN A 160 20.32 14.64 15.46
N PRO A 161 19.32 14.56 16.36
CA PRO A 161 18.94 13.23 16.88
C PRO A 161 18.38 12.23 15.88
N GLY A 162 18.26 10.98 16.32
CA GLY A 162 17.70 9.96 15.47
C GLY A 162 16.19 10.03 15.56
N CYS A 163 15.50 9.55 14.52
CA CYS A 163 14.05 9.58 14.49
C CYS A 163 13.39 8.96 15.74
N TYR A 164 13.60 7.65 15.93
CA TYR A 164 13.04 6.97 17.10
C TYR A 164 13.31 7.67 18.43
N PRO A 165 14.59 7.97 18.73
CA PRO A 165 14.92 8.64 19.99
C PRO A 165 14.14 9.95 20.16
N THR A 166 13.67 10.52 19.06
CA THR A 166 12.93 11.79 19.13
C THR A 166 11.53 11.64 19.76
N THR A 167 10.83 10.59 19.36
CA THR A 167 9.48 10.30 19.88
C THR A 167 9.53 9.83 21.33
N ILE A 168 10.71 9.39 21.78
CA ILE A 168 10.89 8.88 23.13
C ILE A 168 11.22 9.97 24.17
N GLN A 169 12.32 10.68 23.97
CA GLN A 169 12.72 11.73 24.93
C GLN A 169 11.73 12.88 25.08
N LEU A 170 11.20 13.41 23.98
CA LEU A 170 10.25 14.52 24.11
C LEU A 170 9.14 14.18 25.12
N PRO A 171 8.46 13.03 24.95
CA PRO A 171 7.42 12.71 25.93
C PRO A 171 7.97 12.31 27.30
N LEU A 172 9.03 11.50 27.33
CA LEU A 172 9.57 11.05 28.62
C LEU A 172 10.42 12.01 29.42
N VAL A 173 11.21 12.87 28.77
CA VAL A 173 12.07 13.77 29.53
C VAL A 173 11.35 14.56 30.61
N PRO A 174 10.32 15.35 30.25
CA PRO A 174 9.57 16.13 31.23
C PRO A 174 9.02 15.27 32.37
N LEU A 175 8.56 14.05 32.05
CA LEU A 175 7.97 13.20 33.08
C LEU A 175 9.01 12.77 34.10
N LEU A 176 10.17 12.35 33.60
CA LEU A 176 11.28 11.94 34.47
C LEU A 176 11.77 13.13 35.29
N LYS A 177 11.79 14.31 34.66
CA LYS A 177 12.25 15.52 35.33
C LYS A 177 11.32 15.88 36.48
N ALA A 178 10.03 15.54 36.34
CA ALA A 178 9.07 15.83 37.38
C ALA A 178 8.93 14.64 38.35
N ASN A 179 9.68 13.57 38.11
CA ASN A 179 9.61 12.38 38.97
C ASN A 179 8.20 11.78 38.95
N LEU A 180 7.56 11.81 37.78
CA LEU A 180 6.21 11.30 37.64
C LEU A 180 6.20 9.84 37.19
N ILE A 181 7.35 9.34 36.78
CA ILE A 181 7.45 7.95 36.33
C ILE A 181 8.77 7.37 36.83
N LYS A 182 8.80 6.06 37.01
CA LYS A 182 10.00 5.36 37.45
C LYS A 182 10.97 5.22 36.28
N HIS A 183 12.26 5.03 36.56
CA HIS A 183 13.19 4.91 35.45
C HIS A 183 13.45 3.48 35.05
N GLU A 184 12.94 2.53 35.83
CA GLU A 184 13.11 1.13 35.51
C GLU A 184 11.90 0.54 34.80
N ASN A 185 12.13 -0.50 34.02
CA ASN A 185 11.08 -1.20 33.30
C ASN A 185 10.35 -0.40 32.22
N ILE A 186 11.05 0.56 31.63
CA ILE A 186 10.48 1.33 30.54
C ILE A 186 10.63 0.48 29.27
N ILE A 187 9.51 0.10 28.66
CA ILE A 187 9.54 -0.74 27.46
C ILE A 187 9.03 0.06 26.28
N ILE A 188 9.85 0.12 25.22
CA ILE A 188 9.48 0.88 24.03
C ILE A 188 9.25 0.02 22.79
N ASP A 189 8.01 0.03 22.29
CA ASP A 189 7.65 -0.69 21.06
C ASP A 189 7.38 0.38 19.99
N ALA A 190 8.34 0.56 19.09
CA ALA A 190 8.29 1.58 18.04
C ALA A 190 8.07 1.05 16.61
N LYS A 191 7.63 1.96 15.75
CA LYS A 191 7.33 1.65 14.36
C LYS A 191 7.81 2.77 13.42
N SER A 192 8.23 2.36 12.23
CA SER A 192 8.70 3.31 11.22
C SER A 192 8.45 2.86 9.78
N GLY A 193 8.17 3.83 8.91
CA GLY A 193 7.97 3.54 7.51
C GLY A 193 9.29 3.06 6.93
N VAL A 194 9.26 2.43 5.76
CA VAL A 194 10.49 1.93 5.19
C VAL A 194 11.45 3.01 4.67
N SER A 195 11.00 4.27 4.66
CA SER A 195 11.87 5.34 4.18
C SER A 195 13.04 5.51 5.13
N GLY A 196 12.85 5.06 6.38
CA GLY A 196 13.90 5.15 7.38
C GLY A 196 15.03 4.21 7.00
N ALA A 197 14.76 3.24 6.10
CA ALA A 197 15.78 2.29 5.69
C ALA A 197 16.69 2.88 4.63
N GLY A 198 16.35 4.08 4.18
CA GLY A 198 17.14 4.74 3.15
C GLY A 198 16.84 4.30 1.74
N ARG A 199 17.57 4.89 0.79
CA ARG A 199 17.39 4.62 -0.62
C ARG A 199 18.37 3.60 -1.19
N GLY A 200 19.05 2.85 -0.33
CA GLY A 200 20.00 1.86 -0.83
C GLY A 200 19.28 0.76 -1.59
N ALA A 201 19.82 0.38 -2.74
CA ALA A 201 19.20 -0.66 -3.56
C ALA A 201 19.34 -2.05 -2.95
N LYS A 202 18.59 -2.29 -1.88
CA LYS A 202 18.63 -3.56 -1.20
C LYS A 202 17.39 -4.40 -1.43
N GLU A 203 17.63 -5.69 -1.62
CA GLU A 203 16.56 -6.64 -1.84
C GLU A 203 15.53 -6.57 -0.73
N ALA A 204 15.98 -6.47 0.51
CA ALA A 204 15.06 -6.43 1.63
C ALA A 204 14.06 -5.25 1.64
N ASN A 205 14.39 -4.16 0.94
CA ASN A 205 13.54 -3.00 0.94
C ASN A 205 12.62 -2.76 -0.27
N LEU A 206 12.60 -3.74 -1.17
CA LEU A 206 11.76 -3.67 -2.34
C LEU A 206 10.29 -3.68 -1.93
N TYR A 207 9.45 -3.08 -2.75
CA TYR A 207 8.01 -3.05 -2.51
C TYR A 207 7.51 -4.47 -2.13
N SER A 208 7.98 -5.48 -2.87
CA SER A 208 7.60 -6.88 -2.62
C SER A 208 8.19 -7.45 -1.31
N GLU A 209 9.04 -6.69 -0.62
CA GLU A 209 9.61 -7.17 0.65
C GLU A 209 9.40 -6.13 1.76
N ILE A 210 8.21 -5.56 1.83
CA ILE A 210 7.94 -4.55 2.84
C ILE A 210 6.45 -4.47 3.13
N ALA A 211 5.66 -4.64 2.09
CA ALA A 211 4.22 -4.50 2.15
C ALA A 211 3.40 -5.72 2.40
N GLU A 212 2.23 -5.49 2.99
CA GLU A 212 1.26 -6.54 3.27
C GLU A 212 1.73 -7.52 4.34
N GLY A 213 2.67 -7.02 5.14
CA GLY A 213 3.23 -7.76 6.24
C GLY A 213 4.04 -6.76 7.03
N ILE A 214 4.38 -7.12 8.26
CA ILE A 214 5.22 -6.27 9.10
C ILE A 214 6.21 -7.20 9.79
N SER A 215 7.28 -6.63 10.33
CA SER A 215 8.27 -7.42 11.07
C SER A 215 9.10 -6.54 11.99
N SER A 216 9.58 -7.13 13.08
CA SER A 216 10.44 -6.40 14.01
C SER A 216 11.85 -6.38 13.39
N TYR A 217 12.76 -5.65 14.02
CA TYR A 217 14.14 -5.61 13.59
C TYR A 217 14.90 -4.97 14.73
N GLY A 218 16.23 -5.02 14.68
CA GLY A 218 17.03 -4.41 15.72
C GLY A 218 16.62 -4.92 17.08
N VAL A 219 16.22 -6.19 17.15
CA VAL A 219 15.84 -6.73 18.44
C VAL A 219 17.05 -6.73 19.37
N THR A 220 16.85 -6.20 20.57
CA THR A 220 17.90 -6.13 21.59
C THR A 220 18.98 -5.08 21.36
N ARG A 221 19.95 -5.38 20.51
CA ARG A 221 21.04 -4.45 20.27
C ARG A 221 20.83 -3.49 19.12
N HIS A 222 19.88 -2.58 19.24
CA HIS A 222 19.61 -1.60 18.19
C HIS A 222 20.45 -0.36 18.49
N ARG A 223 21.07 0.22 17.47
CA ARG A 223 21.92 1.37 17.72
C ARG A 223 21.29 2.61 18.33
N HIS A 224 19.95 2.67 18.36
CA HIS A 224 19.30 3.82 18.98
C HIS A 224 19.21 3.68 20.51
N VAL A 225 19.54 2.49 21.01
CA VAL A 225 19.48 2.26 22.45
C VAL A 225 20.37 3.17 23.29
N PRO A 226 21.67 3.28 22.93
CA PRO A 226 22.49 4.16 23.76
C PRO A 226 22.08 5.62 23.67
N GLU A 227 21.53 6.02 22.53
CA GLU A 227 21.10 7.41 22.34
C GLU A 227 19.91 7.67 23.28
N ILE A 228 18.98 6.71 23.30
CA ILE A 228 17.82 6.80 24.16
C ILE A 228 18.24 6.83 25.62
N GLU A 229 18.98 5.80 26.05
CA GLU A 229 19.42 5.71 27.44
C GLU A 229 20.26 6.92 27.93
N GLN A 230 21.09 7.49 27.05
CA GLN A 230 21.89 8.66 27.42
C GLN A 230 20.98 9.82 27.86
N GLY A 231 20.17 10.32 26.92
CA GLY A 231 19.25 11.40 27.22
C GLY A 231 18.40 11.19 28.46
N LEU A 232 17.82 9.99 28.60
CA LEU A 232 17.00 9.71 29.77
C LEU A 232 17.85 9.68 31.03
N SER A 233 19.07 9.17 30.92
CA SER A 233 19.96 9.13 32.09
C SER A 233 20.31 10.54 32.58
N ASP A 234 20.54 11.46 31.64
CA ASP A 234 20.87 12.84 32.00
C ASP A 234 19.80 13.38 32.94
N VAL A 235 18.53 13.32 32.51
CA VAL A 235 17.44 13.85 33.30
C VAL A 235 17.15 13.03 34.56
N ALA A 236 17.22 11.70 34.48
CA ALA A 236 16.94 10.89 35.65
C ALA A 236 18.13 10.94 36.62
N GLN A 237 19.22 11.55 36.15
CA GLN A 237 20.47 11.69 36.91
C GLN A 237 20.92 10.34 37.46
N SER A 238 20.51 9.30 36.78
CA SER A 238 20.84 7.95 37.18
C SER A 238 20.84 7.10 35.91
N LYS A 239 21.56 6.00 35.93
CA LYS A 239 21.62 5.16 34.75
C LYS A 239 20.28 4.50 34.44
N VAL A 240 19.76 4.74 33.25
CA VAL A 240 18.50 4.16 32.83
C VAL A 240 18.72 3.08 31.79
N THR A 241 18.12 1.91 32.02
CA THR A 241 18.22 0.80 31.09
C THR A 241 16.81 0.44 30.61
N VAL A 242 16.62 0.40 29.29
CA VAL A 242 15.31 0.09 28.75
C VAL A 242 15.34 -1.01 27.70
N SER A 243 14.14 -1.28 27.17
CA SER A 243 13.95 -2.25 26.11
C SER A 243 13.49 -1.39 24.94
N PHE A 244 13.83 -1.76 23.72
CA PHE A 244 13.46 -0.98 22.53
C PHE A 244 13.28 -1.95 21.37
N THR A 245 12.04 -2.19 20.94
CA THR A 245 11.82 -3.12 19.83
C THR A 245 11.09 -2.49 18.65
N PRO A 246 11.83 -1.81 17.77
CA PRO A 246 11.25 -1.17 16.58
C PRO A 246 10.67 -2.19 15.63
N HIS A 247 9.71 -1.75 14.81
CA HIS A 247 9.06 -2.60 13.81
C HIS A 247 9.07 -1.82 12.49
N LEU A 248 9.14 -2.54 11.38
CA LEU A 248 9.17 -1.94 10.05
C LEU A 248 7.79 -2.03 9.39
N MET A 249 7.27 -0.88 8.97
CA MET A 249 5.92 -0.79 8.38
C MET A 249 5.87 -0.78 6.87
N PRO A 250 4.76 -1.28 6.29
CA PRO A 250 4.61 -1.29 4.84
C PRO A 250 4.08 0.10 4.40
N MET A 251 4.64 1.14 5.01
CA MET A 251 4.31 2.51 4.70
C MET A 251 5.64 3.25 4.51
N ILE A 252 5.60 4.40 3.85
CA ILE A 252 6.78 5.16 3.55
C ILE A 252 7.18 6.11 4.66
N ARG A 253 6.25 6.99 5.01
CA ARG A 253 6.48 8.02 6.04
C ARG A 253 5.73 7.72 7.34
N GLY A 254 6.28 8.22 8.45
CA GLY A 254 5.63 8.06 9.72
C GLY A 254 6.37 7.24 10.75
N MET A 255 6.12 7.54 12.02
CA MET A 255 6.78 6.84 13.10
C MET A 255 5.98 6.99 14.38
N GLN A 256 5.87 5.91 15.13
CA GLN A 256 5.16 5.93 16.40
C GLN A 256 5.88 5.05 17.38
N SER A 257 5.91 5.45 18.63
CA SER A 257 6.50 4.64 19.66
C SER A 257 5.37 4.44 20.68
N THR A 258 5.08 3.18 21.00
CA THR A 258 4.08 2.89 22.02
C THR A 258 4.96 2.68 23.26
N ILE A 259 4.89 3.62 24.20
CA ILE A 259 5.72 3.64 25.41
C ILE A 259 5.04 3.17 26.70
N TYR A 260 5.46 2.02 27.18
CA TYR A 260 4.91 1.44 28.39
C TYR A 260 5.79 1.75 29.59
N VAL A 261 5.30 2.60 30.48
CA VAL A 261 6.04 2.99 31.66
C VAL A 261 5.28 2.74 32.96
N GLU A 262 6.03 2.75 34.06
CA GLU A 262 5.44 2.60 35.38
C GLU A 262 5.47 3.98 35.99
N MET A 263 4.31 4.46 36.42
CA MET A 263 4.21 5.79 37.04
C MET A 263 4.81 5.69 38.43
N ALA A 264 5.21 6.82 38.98
CA ALA A 264 5.79 6.82 40.32
C ALA A 264 4.67 6.61 41.33
N PRO A 265 5.02 6.13 42.53
CA PRO A 265 4.02 5.89 43.59
C PRO A 265 3.03 7.03 43.74
N GLY A 266 1.74 6.69 43.76
CA GLY A 266 0.67 7.67 43.91
C GLY A 266 0.34 8.55 42.71
N VAL A 267 1.10 8.41 41.62
CA VAL A 267 0.89 9.21 40.42
C VAL A 267 -0.17 8.57 39.50
N ARG A 268 -1.00 9.41 38.90
CA ARG A 268 -2.05 8.94 38.00
C ARG A 268 -1.82 9.52 36.61
N THR A 269 -2.45 8.92 35.60
CA THR A 269 -2.27 9.42 34.24
C THR A 269 -2.54 10.91 34.14
N GLU A 270 -3.53 11.40 34.87
CA GLU A 270 -3.88 12.82 34.90
C GLU A 270 -2.65 13.69 35.17
N ASP A 271 -1.79 13.24 36.08
CA ASP A 271 -0.60 14.01 36.41
C ASP A 271 0.38 14.00 35.23
N LEU A 272 0.54 12.85 34.58
CA LEU A 272 1.44 12.77 33.45
C LEU A 272 0.93 13.71 32.38
N HIS A 273 -0.38 13.67 32.12
CA HIS A 273 -0.99 14.51 31.10
C HIS A 273 -0.80 15.98 31.36
N GLN A 274 -0.96 16.39 32.62
CA GLN A 274 -0.80 17.79 33.00
C GLN A 274 0.66 18.21 32.85
N GLN A 275 1.59 17.35 33.25
CA GLN A 275 3.00 17.73 33.10
C GLN A 275 3.36 17.95 31.64
N LEU A 276 2.91 17.03 30.78
CA LEU A 276 3.17 17.14 29.36
C LEU A 276 2.47 18.37 28.77
N LYS A 277 1.21 18.54 29.13
CA LYS A 277 0.43 19.65 28.63
C LYS A 277 1.12 20.96 29.02
N THR A 278 1.58 21.03 30.25
CA THR A 278 2.27 22.22 30.70
C THR A 278 3.66 22.41 30.04
N SER A 279 4.38 21.31 29.83
CA SER A 279 5.71 21.43 29.22
C SER A 279 5.71 21.84 27.75
N TYR A 280 4.60 21.60 27.04
CA TYR A 280 4.54 21.89 25.61
C TYR A 280 3.40 22.81 25.13
N GLU A 281 2.66 23.41 26.07
CA GLU A 281 1.53 24.27 25.74
C GLU A 281 1.80 25.38 24.73
N ASP A 282 3.00 25.95 24.72
CA ASP A 282 3.29 27.01 23.76
C ASP A 282 4.26 26.61 22.66
N GLU A 283 4.62 25.33 22.64
CA GLU A 283 5.53 24.80 21.64
C GLU A 283 4.76 24.43 20.39
N GLU A 284 5.09 25.11 19.31
CA GLU A 284 4.45 24.89 18.02
C GLU A 284 4.47 23.43 17.57
N PHE A 285 5.65 22.80 17.59
CA PHE A 285 5.78 21.44 17.08
C PHE A 285 5.45 20.21 17.90
N VAL A 286 5.04 20.42 19.14
CA VAL A 286 4.71 19.32 20.00
C VAL A 286 3.31 19.58 20.55
N LYS A 287 2.39 18.72 20.15
CA LYS A 287 1.00 18.81 20.53
C LYS A 287 0.65 17.69 21.48
N VAL A 288 0.13 18.05 22.65
CA VAL A 288 -0.30 17.07 23.63
C VAL A 288 -1.82 16.90 23.46
N LEU A 289 -2.26 15.75 22.97
CA LEU A 289 -3.67 15.54 22.75
C LEU A 289 -4.45 15.37 24.05
N ASP A 290 -5.77 15.56 23.98
CA ASP A 290 -6.59 15.42 25.17
C ASP A 290 -6.64 13.96 25.60
N GLU A 291 -6.51 13.74 26.92
CA GLU A 291 -6.52 12.40 27.48
C GLU A 291 -7.50 11.49 26.74
N GLY A 292 -7.05 10.29 26.42
CA GLY A 292 -7.93 9.36 25.74
C GLY A 292 -7.83 9.43 24.22
N VAL A 293 -7.51 10.59 23.67
CA VAL A 293 -7.42 10.72 22.22
C VAL A 293 -6.21 9.98 21.65
N VAL A 294 -6.44 9.22 20.60
CA VAL A 294 -5.40 8.45 19.97
C VAL A 294 -4.77 9.16 18.76
N PRO A 295 -3.45 9.40 18.83
CA PRO A 295 -2.80 10.06 17.71
C PRO A 295 -2.57 9.05 16.57
N ARG A 296 -2.50 9.55 15.33
CA ARG A 296 -2.27 8.73 14.16
C ARG A 296 -1.09 9.35 13.40
N THR A 297 -0.14 8.52 12.97
CA THR A 297 1.01 9.07 12.25
C THR A 297 0.49 9.75 10.98
N HIS A 298 -0.65 9.28 10.48
CA HIS A 298 -1.26 9.86 9.28
C HIS A 298 -1.44 11.37 9.44
N ASN A 299 -1.71 11.83 10.68
CA ASN A 299 -1.97 13.25 10.86
C ASN A 299 -0.79 14.21 10.95
N VAL A 300 0.42 13.66 11.07
CA VAL A 300 1.64 14.47 11.14
C VAL A 300 2.50 14.25 9.89
N ARG A 301 2.06 13.31 9.07
CA ARG A 301 2.75 12.94 7.84
C ARG A 301 3.07 14.18 6.99
N GLY A 302 4.33 14.28 6.54
CA GLY A 302 4.75 15.40 5.72
C GLY A 302 4.87 16.69 6.52
N SER A 303 4.96 16.56 7.83
CA SER A 303 5.05 17.73 8.69
C SER A 303 6.14 17.58 9.75
N ASN A 304 6.39 18.68 10.44
CA ASN A 304 7.39 18.69 11.48
C ASN A 304 6.78 18.53 12.86
N TYR A 305 5.48 18.24 12.94
CA TYR A 305 4.83 18.09 14.23
C TYR A 305 4.99 16.71 14.88
N CYS A 306 4.71 16.67 16.18
CA CYS A 306 4.76 15.46 16.99
C CYS A 306 3.49 15.53 17.84
N HIS A 307 2.64 14.51 17.76
CA HIS A 307 1.44 14.50 18.57
C HIS A 307 1.67 13.38 19.60
N MET A 308 1.29 13.62 20.85
CA MET A 308 1.44 12.61 21.88
C MET A 308 0.20 12.59 22.77
N SER A 309 -0.04 11.45 23.40
CA SER A 309 -1.19 11.27 24.28
C SER A 309 -0.85 10.31 25.44
N VAL A 310 -1.55 10.46 26.56
CA VAL A 310 -1.35 9.66 27.78
C VAL A 310 -2.59 8.77 28.09
N PHE A 311 -2.36 7.49 28.38
CA PHE A 311 -3.46 6.58 28.69
C PHE A 311 -3.11 5.67 29.85
N PRO A 312 -4.12 5.24 30.63
CA PRO A 312 -3.83 4.35 31.75
C PRO A 312 -3.54 2.95 31.23
N ASP A 313 -2.70 2.22 31.95
CA ASP A 313 -2.41 0.85 31.58
C ASP A 313 -3.39 0.02 32.38
N ARG A 314 -3.80 -1.11 31.82
CA ARG A 314 -4.70 -2.00 32.54
C ARG A 314 -3.96 -2.54 33.77
N ILE A 315 -2.68 -2.22 33.88
CA ILE A 315 -1.88 -2.65 35.02
C ILE A 315 -1.72 -1.46 35.96
N PRO A 316 -2.08 -1.63 37.24
CA PRO A 316 -1.98 -0.54 38.23
C PRO A 316 -0.63 0.15 38.37
N GLY A 317 -0.65 1.47 38.20
CA GLY A 317 0.56 2.25 38.34
C GLY A 317 1.27 2.44 37.02
N ARG A 318 0.85 1.69 36.01
CA ARG A 318 1.46 1.81 34.71
C ARG A 318 0.66 2.71 33.77
N ALA A 319 1.36 3.31 32.81
CA ALA A 319 0.73 4.18 31.85
C ALA A 319 1.23 3.86 30.44
N ILE A 320 0.44 4.25 29.46
CA ILE A 320 0.77 4.05 28.05
C ILE A 320 0.89 5.38 27.30
N ILE A 321 2.12 5.67 26.85
CA ILE A 321 2.38 6.89 26.10
C ILE A 321 2.56 6.57 24.61
N ILE A 322 1.88 7.33 23.76
CA ILE A 322 1.97 7.19 22.32
C ILE A 322 2.52 8.51 21.77
N SER A 323 3.57 8.45 20.95
CA SER A 323 4.19 9.65 20.35
C SER A 323 4.45 9.38 18.85
N VAL A 324 3.93 10.26 17.98
CA VAL A 324 4.11 10.08 16.54
C VAL A 324 4.75 11.29 15.83
N ILE A 325 5.45 11.00 14.73
CA ILE A 325 6.09 12.01 13.90
C ILE A 325 6.25 11.47 12.48
N ASP A 326 6.66 12.34 11.57
CA ASP A 326 6.99 11.94 10.20
C ASP A 326 8.50 11.74 10.44
N ASN A 327 8.95 10.48 10.41
CA ASN A 327 10.35 10.17 10.68
C ASN A 327 11.35 10.94 9.82
N LEU A 328 10.94 11.36 8.63
CA LEU A 328 11.81 12.12 7.74
C LEU A 328 11.89 13.62 8.06
N VAL A 329 10.91 14.14 8.81
CA VAL A 329 10.87 15.57 9.13
C VAL A 329 11.22 15.88 10.59
N LYS A 330 10.28 15.74 11.52
CA LYS A 330 10.65 16.01 12.90
C LYS A 330 11.71 14.98 13.31
N GLY A 331 11.68 13.84 12.62
CA GLY A 331 12.60 12.76 12.90
C GLY A 331 13.84 12.84 12.03
N ALA A 332 14.01 13.95 11.33
CA ALA A 332 15.18 14.10 10.49
C ALA A 332 15.49 15.53 10.06
N SER A 333 15.32 15.80 8.77
CA SER A 333 15.64 17.08 8.18
C SER A 333 14.85 18.29 8.66
N GLY A 334 13.62 18.04 9.13
CA GLY A 334 12.77 19.11 9.65
C GLY A 334 13.35 19.68 10.93
N GLN A 335 13.73 18.80 11.85
CA GLN A 335 14.33 19.22 13.11
C GLN A 335 15.69 19.86 12.84
N ALA A 336 16.46 19.24 11.94
CA ALA A 336 17.77 19.77 11.57
C ALA A 336 17.63 21.25 11.18
N LEU A 337 16.63 21.55 10.35
CA LEU A 337 16.39 22.92 9.87
C LEU A 337 15.94 23.77 11.05
N GLN A 338 15.13 23.17 11.92
CA GLN A 338 14.64 23.85 13.11
C GLN A 338 15.85 24.35 13.90
N ASN A 339 16.86 23.49 14.07
CA ASN A 339 18.06 23.86 14.80
C ASN A 339 18.91 24.91 14.07
N LEU A 340 19.18 24.70 12.78
CA LEU A 340 19.99 25.67 12.07
C LEU A 340 19.31 27.03 12.14
N ASN A 341 17.97 27.05 12.07
CA ASN A 341 17.23 28.31 12.15
C ASN A 341 17.71 29.14 13.34
N ILE A 342 17.55 28.60 14.55
CA ILE A 342 17.95 29.35 15.74
C ILE A 342 19.47 29.53 15.86
N MET A 343 20.24 28.55 15.41
CA MET A 343 21.69 28.66 15.45
C MET A 343 22.16 29.89 14.65
N LEU A 344 21.45 30.20 13.56
CA LEU A 344 21.81 31.35 12.71
C LEU A 344 21.07 32.62 13.14
N GLY A 345 20.24 32.51 14.17
CA GLY A 345 19.50 33.67 14.62
C GLY A 345 18.23 33.96 13.87
N TYR A 346 17.62 32.97 13.21
CA TYR A 346 16.35 33.21 12.51
C TYR A 346 15.22 32.61 13.32
N PRO A 347 13.98 32.98 13.00
CA PRO A 347 12.86 32.40 13.76
C PRO A 347 12.86 30.89 13.61
N GLU A 348 12.74 30.19 14.72
CA GLU A 348 12.73 28.72 14.77
C GLU A 348 11.82 27.98 13.76
N THR A 349 10.62 28.51 13.51
CA THR A 349 9.66 27.89 12.60
C THR A 349 9.81 28.24 11.13
N THR A 350 10.77 29.09 10.80
CA THR A 350 10.95 29.48 9.40
C THR A 350 11.02 28.26 8.48
N GLY A 351 10.16 28.26 7.47
CA GLY A 351 10.10 27.16 6.52
C GLY A 351 9.69 25.84 7.14
N LEU A 352 9.09 25.86 8.33
CA LEU A 352 8.67 24.61 8.96
C LEU A 352 7.18 24.52 9.28
N LEU A 353 6.37 25.38 8.66
CA LEU A 353 4.95 25.33 8.96
C LEU A 353 4.08 24.59 7.92
N HIS A 354 4.67 23.66 7.18
CA HIS A 354 3.89 22.87 6.22
C HIS A 354 2.78 22.16 7.00
N GLN A 355 1.61 22.06 6.38
CA GLN A 355 0.47 21.40 7.00
C GLN A 355 0.48 19.94 6.55
N PRO A 356 0.06 19.03 7.44
CA PRO A 356 0.04 17.59 7.13
C PRO A 356 -0.61 17.24 5.81
N LEU A 357 -0.03 16.30 5.06
CA LEU A 357 -0.64 15.93 3.80
C LEU A 357 -1.64 14.79 4.00
N PHE A 358 -2.67 15.06 4.80
CA PHE A 358 -3.72 14.08 5.07
C PHE A 358 -4.97 14.46 4.28
N PRO A 359 -5.61 13.49 3.58
CA PRO A 359 -5.21 12.08 3.49
C PRO A 359 -3.94 11.82 2.68
N LYS B 15 -4.92 39.15 7.95
CA LYS B 15 -4.63 39.07 6.48
C LYS B 15 -5.68 39.83 5.66
N ASP B 16 -5.28 40.27 4.47
CA ASP B 16 -6.14 41.05 3.59
C ASP B 16 -7.52 40.49 3.26
N ILE B 17 -7.57 39.25 2.79
CA ILE B 17 -8.84 38.65 2.39
C ILE B 17 -9.37 37.61 3.36
N ARG B 18 -10.68 37.64 3.57
CA ARG B 18 -11.33 36.70 4.46
C ARG B 18 -11.93 35.62 3.57
N ILE B 19 -11.67 34.35 3.92
CA ILE B 19 -12.15 33.24 3.12
C ILE B 19 -13.37 32.51 3.67
N GLY B 20 -14.30 32.19 2.79
CA GLY B 20 -15.47 31.44 3.17
C GLY B 20 -15.45 30.06 2.52
N LEU B 21 -15.33 28.99 3.31
CA LEU B 21 -15.33 27.65 2.74
C LEU B 21 -16.65 26.96 3.06
N LEU B 22 -17.40 26.56 2.03
CA LEU B 22 -18.67 25.86 2.25
C LEU B 22 -18.49 24.37 1.99
N GLY B 23 -18.64 23.55 3.03
CA GLY B 23 -18.48 22.11 2.90
C GLY B 23 -17.03 21.73 3.17
N ALA B 24 -16.58 22.02 4.37
CA ALA B 24 -15.21 21.74 4.77
C ALA B 24 -14.97 20.36 5.38
N SER B 25 -15.97 19.50 5.38
CA SER B 25 -15.79 18.18 5.99
C SER B 25 -15.25 17.14 5.01
N GLY B 26 -14.97 17.55 3.78
CA GLY B 26 -14.47 16.63 2.78
C GLY B 26 -13.03 16.92 2.42
N TYR B 27 -12.42 16.01 1.64
CA TYR B 27 -11.02 16.15 1.24
C TYR B 27 -10.75 17.44 0.47
N THR B 28 -11.74 17.92 -0.27
CA THR B 28 -11.60 19.15 -1.04
C THR B 28 -11.40 20.28 -0.04
N GLY B 29 -12.32 20.40 0.92
CA GLY B 29 -12.25 21.44 1.92
C GLY B 29 -10.98 21.36 2.75
N ALA B 30 -10.59 20.14 3.11
CA ALA B 30 -9.38 19.94 3.88
C ALA B 30 -8.22 20.48 3.06
N GLU B 31 -8.22 20.15 1.77
CA GLU B 31 -7.17 20.62 0.87
C GLU B 31 -7.18 22.16 0.81
N ILE B 32 -8.37 22.76 0.74
CA ILE B 32 -8.45 24.22 0.72
C ILE B 32 -7.80 24.74 2.00
N VAL B 33 -8.27 24.24 3.15
CA VAL B 33 -7.74 24.67 4.45
C VAL B 33 -6.22 24.47 4.55
N ARG B 34 -5.72 23.36 4.03
CA ARG B 34 -4.28 23.11 4.06
C ARG B 34 -3.56 24.10 3.16
N LEU B 35 -4.10 24.31 1.96
CA LEU B 35 -3.46 25.21 1.00
C LEU B 35 -3.44 26.66 1.48
N LEU B 36 -4.47 27.06 2.25
CA LEU B 36 -4.59 28.43 2.75
C LEU B 36 -3.90 28.65 4.08
N ALA B 37 -3.40 27.58 4.69
CA ALA B 37 -2.74 27.72 5.99
C ALA B 37 -1.58 28.73 5.93
N ASN B 38 -0.64 28.50 5.02
CA ASN B 38 0.48 29.40 4.94
C ASN B 38 0.31 30.46 3.87
N HIS B 39 -0.94 30.78 3.57
CA HIS B 39 -1.21 31.79 2.57
C HIS B 39 -1.22 33.17 3.25
N PRO B 40 -0.27 34.03 2.90
CA PRO B 40 -0.14 35.38 3.46
C PRO B 40 -1.34 36.34 3.38
N HIS B 41 -2.12 36.28 2.30
CA HIS B 41 -3.25 37.20 2.14
C HIS B 41 -4.65 36.69 2.44
N PHE B 42 -4.89 35.41 2.15
CA PHE B 42 -6.20 34.83 2.40
C PHE B 42 -6.11 33.99 3.66
N GLN B 43 -7.04 34.20 4.57
CA GLN B 43 -7.08 33.47 5.82
C GLN B 43 -8.52 33.08 6.15
N VAL B 44 -8.84 31.80 6.00
CA VAL B 44 -10.17 31.26 6.28
C VAL B 44 -10.72 31.84 7.59
N THR B 45 -12.00 32.21 7.61
CA THR B 45 -12.61 32.79 8.80
C THR B 45 -14.05 32.29 8.93
N LEU B 46 -14.51 31.59 7.89
CA LEU B 46 -15.87 31.06 7.87
C LEU B 46 -15.89 29.72 7.14
N MET B 47 -16.56 28.72 7.70
CA MET B 47 -16.67 27.41 7.06
C MET B 47 -18.01 26.73 7.37
N THR B 48 -18.56 26.01 6.40
CA THR B 48 -19.82 25.32 6.64
C THR B 48 -19.69 23.81 6.45
N ALA B 49 -20.53 23.08 7.17
CA ALA B 49 -20.55 21.63 7.11
C ALA B 49 -21.76 21.16 7.91
N ASP B 50 -22.95 21.37 7.34
CA ASP B 50 -24.19 21.00 8.00
C ASP B 50 -24.13 19.68 8.77
N ARG B 51 -23.75 18.59 8.12
CA ARG B 51 -23.68 17.29 8.79
C ARG B 51 -22.78 17.27 10.03
N LYS B 52 -22.08 18.37 10.31
CA LYS B 52 -21.22 18.44 11.47
C LYS B 52 -21.10 19.85 12.03
N ALA B 53 -22.20 20.61 11.95
CA ALA B 53 -22.21 21.98 12.43
C ALA B 53 -22.00 22.04 13.94
N GLY B 54 -21.28 23.06 14.39
CA GLY B 54 -21.02 23.21 15.80
C GLY B 54 -19.76 22.48 16.26
N GLN B 55 -19.39 21.43 15.54
CA GLN B 55 -18.20 20.66 15.88
C GLN B 55 -16.92 21.42 15.56
N SER B 56 -15.80 20.94 16.07
CA SER B 56 -14.51 21.57 15.82
C SER B 56 -13.92 20.98 14.57
N MET B 57 -13.00 21.70 13.92
CA MET B 57 -12.40 21.15 12.71
C MET B 57 -11.51 19.99 13.10
N GLU B 58 -10.96 20.04 14.29
CA GLU B 58 -10.08 19.00 14.80
C GLU B 58 -10.82 17.69 15.00
N SER B 59 -12.13 17.77 15.19
CA SER B 59 -12.95 16.58 15.40
C SER B 59 -13.25 15.91 14.07
N VAL B 60 -13.06 16.64 12.97
CA VAL B 60 -13.32 16.08 11.66
C VAL B 60 -12.00 15.71 11.00
N PHE B 61 -11.04 16.62 11.04
CA PHE B 61 -9.73 16.41 10.45
C PHE B 61 -8.70 16.77 11.50
N PRO B 62 -8.36 15.82 12.37
CA PRO B 62 -7.39 16.09 13.42
C PRO B 62 -6.00 16.50 12.94
N HIS B 63 -5.67 16.24 11.67
CA HIS B 63 -4.36 16.63 11.18
C HIS B 63 -4.26 18.15 11.05
N LEU B 64 -5.37 18.84 11.27
CA LEU B 64 -5.39 20.29 11.17
C LEU B 64 -5.30 20.95 12.53
N ARG B 65 -5.14 20.16 13.57
CA ARG B 65 -5.10 20.69 14.92
C ARG B 65 -4.11 21.84 15.20
N ALA B 66 -3.07 21.99 14.38
CA ALA B 66 -2.11 23.07 14.59
C ALA B 66 -2.72 24.42 14.17
N GLN B 67 -3.84 24.34 13.45
CA GLN B 67 -4.51 25.54 13.02
C GLN B 67 -5.67 25.92 13.93
N LYS B 68 -5.97 27.22 13.95
CA LYS B 68 -7.09 27.75 14.73
C LYS B 68 -8.08 28.22 13.68
N LEU B 69 -9.16 27.47 13.53
CA LEU B 69 -10.17 27.79 12.53
C LEU B 69 -11.52 28.05 13.18
N PRO B 70 -12.42 28.75 12.48
CA PRO B 70 -13.72 29.02 13.08
C PRO B 70 -14.50 27.71 13.18
N THR B 71 -15.33 27.60 14.21
CA THR B 71 -16.14 26.41 14.41
C THR B 71 -17.03 26.18 13.19
N LEU B 72 -17.25 24.93 12.83
CA LEU B 72 -18.09 24.66 11.68
C LEU B 72 -19.50 25.20 11.92
N VAL B 73 -20.13 25.65 10.83
CA VAL B 73 -21.48 26.21 10.90
C VAL B 73 -22.35 25.57 9.82
N SER B 74 -23.58 26.06 9.70
CA SER B 74 -24.51 25.59 8.68
C SER B 74 -24.56 26.65 7.59
N VAL B 75 -24.95 26.26 6.39
CA VAL B 75 -25.04 27.22 5.30
C VAL B 75 -26.06 28.29 5.63
N LYS B 76 -27.23 27.87 6.09
CA LYS B 76 -28.31 28.78 6.43
C LYS B 76 -27.95 29.71 7.59
N ASP B 77 -26.83 29.44 8.24
CA ASP B 77 -26.41 30.25 9.39
C ASP B 77 -25.24 31.18 9.09
N ALA B 78 -24.40 30.78 8.14
CA ALA B 78 -23.23 31.58 7.80
C ALA B 78 -23.64 32.92 7.18
N ASP B 79 -22.93 33.99 7.57
CA ASP B 79 -23.22 35.31 7.04
C ASP B 79 -22.27 35.63 5.89
N PHE B 80 -22.73 35.34 4.69
CA PHE B 80 -21.92 35.56 3.50
C PHE B 80 -21.62 37.01 3.18
N SER B 81 -21.86 37.90 4.14
CA SER B 81 -21.55 39.30 3.91
C SER B 81 -20.23 39.57 4.62
N THR B 82 -19.82 38.62 5.46
CA THR B 82 -18.57 38.74 6.23
C THR B 82 -17.33 38.29 5.46
N VAL B 83 -17.55 37.65 4.31
CA VAL B 83 -16.45 37.15 3.50
C VAL B 83 -16.28 37.88 2.16
N ASP B 84 -15.04 37.98 1.71
CA ASP B 84 -14.70 38.63 0.47
C ASP B 84 -14.63 37.63 -0.68
N ALA B 85 -14.23 36.39 -0.36
CA ALA B 85 -14.12 35.33 -1.36
C ALA B 85 -14.63 34.00 -0.77
N VAL B 86 -15.16 33.16 -1.63
CA VAL B 86 -15.69 31.88 -1.20
C VAL B 86 -15.22 30.71 -2.08
N PHE B 87 -15.03 29.55 -1.46
CA PHE B 87 -14.66 28.33 -2.19
C PHE B 87 -15.90 27.44 -1.97
N CYS B 88 -16.49 26.92 -3.04
CA CYS B 88 -17.67 26.08 -2.89
C CYS B 88 -17.45 24.60 -3.16
N CYS B 89 -17.77 23.78 -2.17
CA CYS B 89 -17.65 22.33 -2.28
C CYS B 89 -18.99 21.69 -2.01
N LEU B 90 -20.06 22.47 -2.13
CA LEU B 90 -21.38 21.93 -1.88
C LEU B 90 -21.52 20.57 -2.52
N PRO B 91 -22.50 19.79 -2.05
CA PRO B 91 -22.72 18.47 -2.64
C PRO B 91 -23.35 18.67 -4.01
N HIS B 92 -22.80 18.00 -5.02
CA HIS B 92 -23.33 18.10 -6.37
C HIS B 92 -24.86 18.00 -6.29
N GLY B 93 -25.55 18.86 -7.02
CA GLY B 93 -27.00 18.84 -6.99
C GLY B 93 -27.58 19.91 -6.09
N THR B 94 -26.78 20.42 -5.17
CA THR B 94 -27.25 21.46 -4.26
C THR B 94 -26.44 22.75 -4.44
N THR B 95 -25.48 22.72 -5.37
CA THR B 95 -24.62 23.86 -5.63
C THR B 95 -25.30 25.02 -6.36
N GLN B 96 -26.00 24.72 -7.44
CA GLN B 96 -26.65 25.77 -8.20
C GLN B 96 -27.53 26.69 -7.33
N GLU B 97 -28.53 26.14 -6.65
CA GLU B 97 -29.40 26.98 -5.83
C GLU B 97 -28.63 27.84 -4.81
N ILE B 98 -27.70 27.24 -4.07
CA ILE B 98 -26.95 28.01 -3.08
C ILE B 98 -26.11 29.12 -3.73
N ILE B 99 -25.39 28.79 -4.79
CA ILE B 99 -24.55 29.76 -5.48
C ILE B 99 -25.35 30.87 -6.16
N LYS B 100 -26.34 30.46 -6.96
CA LYS B 100 -27.20 31.38 -7.67
C LYS B 100 -27.82 32.42 -6.74
N GLU B 101 -28.01 32.04 -5.47
CA GLU B 101 -28.59 32.94 -4.50
C GLU B 101 -27.56 33.58 -3.59
N LEU B 102 -26.27 33.32 -3.84
CA LEU B 102 -25.22 33.90 -2.99
C LEU B 102 -25.22 35.42 -3.11
N PRO B 103 -24.83 36.12 -2.04
CA PRO B 103 -24.81 37.58 -2.11
C PRO B 103 -24.16 38.11 -3.38
N THR B 104 -24.37 39.39 -3.63
CA THR B 104 -23.86 40.07 -4.81
C THR B 104 -22.35 40.15 -4.81
N ALA B 105 -21.81 41.04 -3.99
CA ALA B 105 -20.38 41.26 -3.90
C ALA B 105 -19.71 40.01 -3.38
N LEU B 106 -18.97 39.33 -4.25
CA LEU B 106 -18.30 38.10 -3.88
C LEU B 106 -17.68 37.37 -5.08
N LYS B 107 -16.40 37.02 -4.97
CA LYS B 107 -15.72 36.24 -6.01
C LYS B 107 -16.02 34.79 -5.59
N ILE B 108 -16.43 33.96 -6.54
CA ILE B 108 -16.79 32.57 -6.22
C ILE B 108 -16.13 31.50 -7.08
N VAL B 109 -15.53 30.52 -6.42
CA VAL B 109 -14.95 29.40 -7.15
C VAL B 109 -15.66 28.14 -6.69
N ASP B 110 -16.38 27.49 -7.61
CA ASP B 110 -17.10 26.26 -7.30
C ASP B 110 -16.27 25.07 -7.77
N LEU B 111 -15.99 24.10 -6.89
CA LEU B 111 -15.19 22.95 -7.32
C LEU B 111 -16.10 21.88 -7.94
N SER B 112 -17.41 22.06 -7.76
CA SER B 112 -18.43 21.17 -8.32
C SER B 112 -18.43 21.21 -9.85
N ALA B 113 -19.06 20.23 -10.46
CA ALA B 113 -19.14 20.16 -11.91
C ALA B 113 -20.40 20.84 -12.47
N ASP B 114 -21.26 21.29 -11.56
CA ASP B 114 -22.55 21.90 -11.90
C ASP B 114 -22.54 23.18 -12.75
N PHE B 115 -21.42 23.90 -12.79
CA PHE B 115 -21.32 25.11 -13.59
C PHE B 115 -20.30 24.98 -14.76
N ARG B 116 -19.67 23.80 -14.87
CA ARG B 116 -18.67 23.54 -15.92
C ARG B 116 -19.25 23.51 -17.33
N LEU B 117 -20.33 22.76 -17.51
CA LEU B 117 -20.95 22.63 -18.83
C LEU B 117 -21.72 23.88 -19.29
N ARG B 118 -21.33 24.40 -20.45
CA ARG B 118 -21.93 25.61 -21.02
C ARG B 118 -23.14 25.31 -21.92
N ASN B 119 -23.81 24.21 -21.63
CA ASN B 119 -24.96 23.77 -22.39
C ASN B 119 -25.89 23.00 -21.46
N ILE B 120 -26.89 23.72 -20.94
CA ILE B 120 -27.88 23.19 -20.01
C ILE B 120 -28.47 21.86 -20.48
N ALA B 121 -28.64 21.71 -21.79
CA ALA B 121 -29.19 20.48 -22.33
C ALA B 121 -28.31 19.29 -22.01
N GLU B 122 -26.99 19.45 -22.18
CA GLU B 122 -26.05 18.38 -21.89
C GLU B 122 -25.97 18.14 -20.38
N TYR B 123 -26.17 19.19 -19.60
CA TYR B 123 -26.12 19.05 -18.14
C TYR B 123 -27.18 18.05 -17.66
N GLU B 124 -28.37 18.13 -18.24
CA GLU B 124 -29.47 17.24 -17.88
C GLU B 124 -29.25 15.80 -18.32
N GLU B 125 -28.97 15.60 -19.61
CA GLU B 125 -28.77 14.25 -20.12
C GLU B 125 -27.56 13.51 -19.56
N TRP B 126 -26.73 14.19 -18.78
CA TRP B 126 -25.58 13.54 -18.20
C TRP B 126 -25.67 13.52 -16.67
N TYR B 127 -26.58 14.32 -16.11
CA TYR B 127 -26.71 14.38 -14.67
C TYR B 127 -28.09 14.09 -14.13
N GLY B 128 -29.04 13.87 -15.04
CA GLY B 128 -30.40 13.56 -14.65
C GLY B 128 -31.11 14.59 -13.78
N GLN B 129 -31.12 15.82 -14.24
CA GLN B 129 -31.77 16.90 -13.51
C GLN B 129 -31.56 18.21 -14.25
N PRO B 130 -32.55 19.11 -14.18
CA PRO B 130 -32.43 20.39 -14.87
C PRO B 130 -31.47 21.33 -14.14
N HIS B 131 -30.95 22.30 -14.90
CA HIS B 131 -30.05 23.29 -14.37
C HIS B 131 -30.92 24.31 -13.65
N LYS B 132 -30.60 24.58 -12.39
CA LYS B 132 -31.40 25.52 -11.61
C LYS B 132 -30.83 26.94 -11.62
N ALA B 133 -29.81 27.18 -12.44
CA ALA B 133 -29.24 28.52 -12.52
C ALA B 133 -28.80 28.83 -13.95
N VAL B 134 -29.74 28.67 -14.87
CA VAL B 134 -29.54 28.90 -16.30
C VAL B 134 -28.82 30.20 -16.67
N GLU B 135 -29.42 31.34 -16.31
CA GLU B 135 -28.84 32.62 -16.63
C GLU B 135 -27.45 32.83 -16.05
N LEU B 136 -27.29 32.53 -14.77
CA LEU B 136 -26.00 32.67 -14.11
C LEU B 136 -24.92 31.87 -14.85
N GLN B 137 -25.29 30.69 -15.32
CA GLN B 137 -24.36 29.83 -16.04
C GLN B 137 -23.63 30.58 -17.12
N LYS B 138 -24.31 31.57 -17.70
CA LYS B 138 -23.76 32.38 -18.79
C LYS B 138 -22.57 33.25 -18.38
N GLU B 139 -22.52 33.69 -17.13
CA GLU B 139 -21.39 34.50 -16.69
C GLU B 139 -20.24 33.65 -16.13
N VAL B 140 -20.38 32.34 -16.16
CA VAL B 140 -19.33 31.46 -15.64
C VAL B 140 -18.19 31.18 -16.63
N VAL B 141 -16.95 31.26 -16.13
CA VAL B 141 -15.76 30.97 -16.94
C VAL B 141 -15.16 29.63 -16.45
N TYR B 142 -14.82 28.74 -17.39
CA TYR B 142 -14.22 27.44 -17.07
C TYR B 142 -12.84 27.74 -16.47
N GLY B 143 -12.60 27.19 -15.29
CA GLY B 143 -11.36 27.44 -14.57
C GLY B 143 -10.10 26.71 -14.95
N LEU B 144 -9.97 26.31 -16.20
CA LEU B 144 -8.76 25.65 -16.66
C LEU B 144 -7.77 26.82 -16.86
N THR B 145 -7.09 27.18 -15.78
CA THR B 145 -6.18 28.32 -15.75
C THR B 145 -5.27 28.60 -16.94
N GLU B 146 -4.15 27.88 -17.05
CA GLU B 146 -3.23 28.13 -18.16
C GLU B 146 -3.88 28.36 -19.53
N ILE B 147 -5.13 27.94 -19.70
CA ILE B 147 -5.77 28.12 -20.99
C ILE B 147 -6.77 29.29 -21.05
N LEU B 148 -7.43 29.56 -19.93
CA LEU B 148 -8.45 30.63 -19.89
C LEU B 148 -8.22 31.76 -18.92
N ARG B 149 -6.97 31.89 -18.47
CA ARG B 149 -6.56 32.92 -17.53
C ARG B 149 -7.21 34.28 -17.76
N GLU B 150 -7.12 34.78 -18.99
CA GLU B 150 -7.68 36.10 -19.33
C GLU B 150 -9.10 36.31 -18.84
N ASP B 151 -9.98 35.38 -19.13
CA ASP B 151 -11.36 35.48 -18.70
C ASP B 151 -11.50 35.25 -17.21
N ILE B 152 -10.67 34.36 -16.68
CA ILE B 152 -10.70 34.03 -15.27
C ILE B 152 -10.50 35.25 -14.37
N LYS B 153 -9.51 36.08 -14.71
CA LYS B 153 -9.17 37.28 -13.93
C LYS B 153 -10.35 38.22 -13.75
N LYS B 154 -11.19 38.32 -14.77
CA LYS B 154 -12.33 39.21 -14.69
C LYS B 154 -13.66 38.55 -14.39
N ALA B 155 -13.65 37.24 -14.17
CA ALA B 155 -14.89 36.52 -13.85
C ALA B 155 -15.21 36.70 -12.36
N ARG B 156 -16.49 36.59 -12.02
CA ARG B 156 -16.93 36.70 -10.65
C ARG B 156 -17.30 35.32 -10.13
N LEU B 157 -17.62 34.42 -11.07
CA LEU B 157 -17.99 33.03 -10.77
C LEU B 157 -17.29 32.05 -11.72
N VAL B 158 -16.41 31.22 -11.16
CA VAL B 158 -15.64 30.24 -11.93
C VAL B 158 -15.97 28.79 -11.55
N ALA B 159 -16.14 27.97 -12.57
CA ALA B 159 -16.43 26.55 -12.42
C ALA B 159 -15.08 25.85 -12.51
N ASN B 160 -14.57 25.39 -11.38
CA ASN B 160 -13.31 24.72 -11.38
C ASN B 160 -13.45 23.40 -12.11
N PRO B 161 -12.53 23.11 -13.06
CA PRO B 161 -12.62 21.85 -13.81
C PRO B 161 -12.45 20.54 -13.03
N GLY B 162 -12.79 19.45 -13.70
CA GLY B 162 -12.64 18.15 -13.10
C GLY B 162 -11.17 17.81 -13.14
N CYS B 163 -10.80 16.77 -12.41
CA CYS B 163 -9.39 16.34 -12.32
C CYS B 163 -8.91 15.69 -13.61
N TYR B 164 -9.64 14.67 -14.06
CA TYR B 164 -9.28 13.99 -15.30
C TYR B 164 -9.24 14.99 -16.48
N PRO B 165 -10.33 15.78 -16.69
CA PRO B 165 -10.39 16.76 -17.79
C PRO B 165 -9.17 17.68 -17.90
N THR B 166 -8.61 18.03 -16.76
CA THR B 166 -7.42 18.90 -16.68
C THR B 166 -6.20 18.22 -17.33
N THR B 167 -5.96 16.97 -16.96
CA THR B 167 -4.83 16.22 -17.49
C THR B 167 -4.90 16.11 -19.01
N ILE B 168 -6.11 16.02 -19.53
CA ILE B 168 -6.37 15.86 -20.96
C ILE B 168 -6.32 17.17 -21.77
N GLN B 169 -7.10 18.16 -21.34
CA GLN B 169 -7.14 19.43 -22.05
C GLN B 169 -5.82 20.17 -22.09
N LEU B 170 -5.11 20.19 -20.96
CA LEU B 170 -3.84 20.91 -20.92
C LEU B 170 -2.90 20.58 -22.11
N PRO B 171 -2.52 19.31 -22.30
CA PRO B 171 -1.63 19.06 -23.44
C PRO B 171 -2.34 19.02 -24.80
N LEU B 172 -3.62 18.69 -24.79
CA LEU B 172 -4.36 18.58 -26.06
C LEU B 172 -4.87 19.88 -26.66
N VAL B 173 -5.26 20.85 -25.83
CA VAL B 173 -5.77 22.10 -26.36
C VAL B 173 -4.72 22.82 -27.24
N PRO B 174 -3.48 22.97 -26.74
CA PRO B 174 -2.38 23.63 -27.49
C PRO B 174 -2.06 22.90 -28.78
N LEU B 175 -2.11 21.56 -28.74
CA LEU B 175 -1.83 20.74 -29.92
C LEU B 175 -2.92 20.90 -30.98
N LEU B 176 -4.17 20.91 -30.52
CA LEU B 176 -5.31 21.08 -31.40
C LEU B 176 -5.25 22.50 -31.97
N LYS B 177 -4.84 23.45 -31.15
CA LYS B 177 -4.71 24.84 -31.58
C LYS B 177 -4.00 24.89 -32.95
N ALA B 178 -2.76 24.41 -32.95
CA ALA B 178 -1.94 24.39 -34.15
C ALA B 178 -2.20 23.24 -35.14
N ASN B 179 -3.40 22.67 -35.07
CA ASN B 179 -3.80 21.56 -35.97
C ASN B 179 -2.72 20.47 -36.11
N LEU B 180 -2.00 20.20 -35.04
CA LEU B 180 -0.93 19.21 -35.06
C LEU B 180 -1.45 17.78 -34.93
N ILE B 181 -2.69 17.62 -34.46
CA ILE B 181 -3.27 16.30 -34.29
C ILE B 181 -4.73 16.27 -34.73
N LYS B 182 -5.16 15.12 -35.24
CA LYS B 182 -6.53 14.97 -35.71
C LYS B 182 -7.47 14.91 -34.51
N HIS B 183 -8.73 15.32 -34.67
CA HIS B 183 -9.64 15.24 -33.54
C HIS B 183 -10.48 13.99 -33.60
N GLU B 184 -10.05 13.05 -34.44
CA GLU B 184 -10.77 11.80 -34.56
C GLU B 184 -10.05 10.74 -33.74
N ASN B 185 -10.83 9.85 -33.14
CA ASN B 185 -10.29 8.74 -32.37
C ASN B 185 -9.22 9.05 -31.31
N ILE B 186 -9.48 10.05 -30.48
CA ILE B 186 -8.57 10.37 -29.41
C ILE B 186 -8.91 9.37 -28.31
N ILE B 187 -7.94 8.50 -28.00
CA ILE B 187 -8.15 7.47 -26.98
C ILE B 187 -7.41 7.77 -25.69
N ILE B 188 -8.21 7.92 -24.63
CA ILE B 188 -7.69 8.25 -23.32
C ILE B 188 -7.85 7.11 -22.32
N ASP B 189 -6.78 6.85 -21.58
CA ASP B 189 -6.75 5.82 -20.55
C ASP B 189 -6.12 6.50 -19.32
N ALA B 190 -6.95 6.92 -18.37
CA ALA B 190 -6.46 7.62 -17.19
C ALA B 190 -6.54 6.84 -15.88
N LYS B 191 -5.80 7.34 -14.90
CA LYS B 191 -5.73 6.70 -13.58
C LYS B 191 -5.65 7.73 -12.46
N SER B 192 -6.35 7.45 -11.37
CA SER B 192 -6.32 8.34 -10.24
C SER B 192 -6.31 7.54 -8.94
N GLY B 193 -5.70 8.13 -7.91
CA GLY B 193 -5.68 7.51 -6.61
C GLY B 193 -7.13 7.51 -6.14
N VAL B 194 -7.44 6.66 -5.17
CA VAL B 194 -8.82 6.55 -4.70
C VAL B 194 -9.38 7.78 -3.96
N SER B 195 -8.50 8.73 -3.59
CA SER B 195 -8.95 9.94 -2.89
C SER B 195 -9.99 10.70 -3.74
N GLY B 196 -9.98 10.44 -5.04
CA GLY B 196 -10.94 11.08 -5.93
C GLY B 196 -12.37 10.61 -5.71
N ALA B 197 -12.54 9.47 -5.04
CA ALA B 197 -13.85 8.92 -4.75
C ALA B 197 -14.48 9.62 -3.54
N GLY B 198 -13.71 10.47 -2.87
CA GLY B 198 -14.23 11.18 -1.72
C GLY B 198 -14.16 10.39 -0.42
N ARG B 199 -14.63 10.99 0.67
CA ARG B 199 -14.60 10.37 1.98
C ARG B 199 -15.88 9.61 2.33
N GLY B 200 -16.81 9.48 1.38
CA GLY B 200 -18.03 8.75 1.64
C GLY B 200 -17.72 7.35 2.14
N ALA B 201 -18.45 6.92 3.16
CA ALA B 201 -18.27 5.60 3.77
C ALA B 201 -18.94 4.48 2.99
N LYS B 202 -18.26 3.97 1.97
CA LYS B 202 -18.85 2.89 1.18
C LYS B 202 -17.93 1.68 1.05
N GLU B 203 -18.56 0.53 0.94
CA GLU B 203 -17.87 -0.72 0.82
C GLU B 203 -16.80 -0.71 -0.29
N ALA B 204 -17.19 -0.27 -1.48
CA ALA B 204 -16.29 -0.27 -2.62
C ALA B 204 -14.91 0.35 -2.35
N ASN B 205 -14.91 1.41 -1.55
CA ASN B 205 -13.67 2.10 -1.25
C ASN B 205 -12.98 1.65 0.04
N LEU B 206 -13.38 0.51 0.58
CA LEU B 206 -12.71 0.01 1.79
C LEU B 206 -11.28 -0.34 1.40
N TYR B 207 -10.36 -0.16 2.35
CA TYR B 207 -8.95 -0.48 2.14
C TYR B 207 -8.84 -1.93 1.64
N SER B 208 -9.50 -2.86 2.35
CA SER B 208 -9.46 -4.27 1.98
C SER B 208 -10.04 -4.55 0.62
N GLU B 209 -10.87 -3.64 0.10
CA GLU B 209 -11.48 -3.84 -1.21
C GLU B 209 -10.65 -3.22 -2.36
N ILE B 210 -9.95 -2.14 -2.03
CA ILE B 210 -9.12 -1.42 -3.00
C ILE B 210 -7.64 -1.81 -3.03
N ALA B 211 -7.05 -2.02 -1.85
CA ALA B 211 -5.63 -2.33 -1.82
C ALA B 211 -5.19 -3.52 -2.65
N GLU B 212 -4.01 -3.41 -3.23
CA GLU B 212 -3.42 -4.48 -4.01
C GLU B 212 -4.15 -4.92 -5.26
N GLY B 213 -4.78 -3.96 -5.93
CA GLY B 213 -5.51 -4.28 -7.16
C GLY B 213 -6.01 -3.05 -7.88
N ILE B 214 -6.40 -3.25 -9.15
CA ILE B 214 -6.95 -2.18 -9.95
C ILE B 214 -8.17 -2.68 -10.73
N SER B 215 -8.87 -1.75 -11.35
CA SER B 215 -10.02 -2.07 -12.19
C SER B 215 -10.49 -0.79 -12.85
N SER B 216 -11.08 -0.92 -14.03
CA SER B 216 -11.62 0.23 -14.75
C SER B 216 -12.94 0.58 -14.06
N TYR B 217 -13.52 1.73 -14.43
CA TYR B 217 -14.82 2.18 -13.94
C TYR B 217 -15.32 3.29 -14.87
N GLY B 218 -16.64 3.39 -15.02
CA GLY B 218 -17.19 4.40 -15.92
C GLY B 218 -16.83 4.07 -17.35
N VAL B 219 -16.89 2.79 -17.71
CA VAL B 219 -16.54 2.45 -19.07
C VAL B 219 -17.61 2.99 -20.04
N THR B 220 -17.19 3.33 -21.24
CA THR B 220 -18.06 3.85 -22.29
C THR B 220 -18.62 5.25 -22.06
N ARG B 221 -19.27 5.44 -20.91
CA ARG B 221 -19.86 6.72 -20.57
C ARG B 221 -19.30 7.12 -19.24
N HIS B 222 -19.17 8.42 -19.02
CA HIS B 222 -18.66 8.96 -17.77
C HIS B 222 -18.83 10.47 -17.89
N ARG B 223 -19.44 11.07 -16.87
CA ARG B 223 -19.74 12.51 -16.87
C ARG B 223 -18.60 13.47 -17.23
N HIS B 224 -17.36 13.09 -16.94
CA HIS B 224 -16.27 13.98 -17.31
C HIS B 224 -16.18 14.04 -18.83
N VAL B 225 -16.75 13.05 -19.50
CA VAL B 225 -16.67 13.05 -20.95
C VAL B 225 -17.11 14.37 -21.58
N PRO B 226 -18.40 14.76 -21.40
CA PRO B 226 -18.87 16.03 -21.99
C PRO B 226 -17.99 17.26 -21.66
N GLU B 227 -17.42 17.27 -20.46
CA GLU B 227 -16.55 18.36 -20.02
C GLU B 227 -15.25 18.41 -20.82
N ILE B 228 -14.70 17.23 -21.09
CA ILE B 228 -13.47 17.06 -21.86
C ILE B 228 -13.70 17.48 -23.32
N GLU B 229 -14.72 16.88 -23.93
CA GLU B 229 -15.05 17.19 -25.30
C GLU B 229 -15.36 18.68 -25.48
N GLN B 230 -16.14 19.28 -24.57
CA GLN B 230 -16.45 20.71 -24.66
C GLN B 230 -15.18 21.55 -24.84
N GLY B 231 -14.21 21.41 -23.94
CA GLY B 231 -12.96 22.14 -24.03
C GLY B 231 -12.21 21.88 -25.33
N LEU B 232 -12.14 20.62 -25.75
CA LEU B 232 -11.44 20.28 -26.98
C LEU B 232 -12.21 20.80 -28.20
N SER B 233 -13.54 20.76 -28.10
CA SER B 233 -14.41 21.24 -29.17
C SER B 233 -14.18 22.74 -29.40
N ASP B 234 -13.96 23.48 -28.32
CA ASP B 234 -13.71 24.92 -28.42
C ASP B 234 -12.62 25.20 -29.48
N VAL B 235 -11.48 24.53 -29.36
CA VAL B 235 -10.36 24.72 -30.27
C VAL B 235 -10.56 24.07 -31.64
N ALA B 236 -10.87 22.79 -31.65
CA ALA B 236 -11.07 22.05 -32.91
C ALA B 236 -12.15 22.69 -33.78
N GLN B 237 -12.88 23.63 -33.19
CA GLN B 237 -13.97 24.32 -33.87
C GLN B 237 -14.88 23.28 -34.54
N SER B 238 -14.95 22.10 -33.93
CA SER B 238 -15.79 21.01 -34.43
C SER B 238 -16.04 20.03 -33.28
N LYS B 239 -17.21 19.41 -33.24
CA LYS B 239 -17.52 18.49 -32.15
C LYS B 239 -16.55 17.31 -32.05
N VAL B 240 -15.85 17.24 -30.92
CA VAL B 240 -14.90 16.17 -30.70
C VAL B 240 -15.57 15.04 -29.91
N THR B 241 -15.35 13.80 -30.35
CA THR B 241 -15.90 12.62 -29.67
C THR B 241 -14.72 11.75 -29.23
N VAL B 242 -14.48 11.67 -27.92
CA VAL B 242 -13.35 10.87 -27.45
C VAL B 242 -13.75 9.52 -26.85
N SER B 243 -12.73 8.79 -26.39
CA SER B 243 -12.91 7.52 -25.68
C SER B 243 -12.18 7.80 -24.36
N PHE B 244 -12.89 7.78 -23.24
CA PHE B 244 -12.26 8.07 -21.95
C PHE B 244 -12.57 6.99 -20.93
N THR B 245 -11.52 6.35 -20.41
CA THR B 245 -11.70 5.28 -19.44
C THR B 245 -10.92 5.49 -18.14
N PRO B 246 -11.65 5.64 -17.03
CA PRO B 246 -11.06 5.84 -15.69
C PRO B 246 -10.65 4.48 -15.11
N HIS B 247 -9.68 4.51 -14.19
CA HIS B 247 -9.17 3.31 -13.51
C HIS B 247 -8.89 3.72 -12.06
N LEU B 248 -9.19 2.84 -11.12
CA LEU B 248 -8.98 3.12 -9.70
C LEU B 248 -7.65 2.50 -9.22
N MET B 249 -6.72 3.36 -8.79
CA MET B 249 -5.39 2.94 -8.34
C MET B 249 -5.27 2.72 -6.83
N PRO B 250 -4.54 1.67 -6.41
CA PRO B 250 -4.38 1.39 -4.98
C PRO B 250 -3.33 2.36 -4.39
N MET B 251 -3.75 3.60 -4.23
CA MET B 251 -2.94 4.71 -3.69
C MET B 251 -3.93 5.84 -3.37
N ILE B 252 -3.58 6.73 -2.45
CA ILE B 252 -4.48 7.81 -2.09
C ILE B 252 -4.51 9.01 -3.03
N ARG B 253 -3.36 9.70 -3.16
CA ARG B 253 -3.26 10.85 -4.06
C ARG B 253 -2.58 10.46 -5.35
N GLY B 254 -2.64 11.36 -6.34
CA GLY B 254 -2.00 11.12 -7.62
C GLY B 254 -2.92 10.87 -8.78
N MET B 255 -2.50 11.28 -9.97
CA MET B 255 -3.33 11.11 -11.17
C MET B 255 -2.53 11.27 -12.47
N GLN B 256 -2.67 10.29 -13.33
CA GLN B 256 -1.99 10.32 -14.61
C GLN B 256 -3.01 10.12 -15.70
N SER B 257 -2.68 10.58 -16.91
CA SER B 257 -3.53 10.35 -18.08
C SER B 257 -2.65 9.85 -19.23
N THR B 258 -2.97 8.69 -19.77
CA THR B 258 -2.21 8.21 -20.92
C THR B 258 -3.09 8.46 -22.15
N ILE B 259 -2.64 9.39 -22.99
CA ILE B 259 -3.41 9.81 -24.15
C ILE B 259 -2.87 9.38 -25.51
N TYR B 260 -3.73 8.73 -26.29
CA TYR B 260 -3.32 8.24 -27.58
C TYR B 260 -3.96 9.07 -28.68
N VAL B 261 -3.11 9.74 -29.47
CA VAL B 261 -3.59 10.59 -30.54
C VAL B 261 -3.00 10.31 -31.91
N GLU B 262 -3.74 10.73 -32.92
CA GLU B 262 -3.30 10.57 -34.31
C GLU B 262 -2.65 11.88 -34.73
N MET B 263 -1.52 11.80 -35.43
CA MET B 263 -0.84 13.01 -35.88
C MET B 263 -1.38 13.41 -37.25
N ALA B 264 -1.51 14.72 -37.48
CA ALA B 264 -2.03 15.23 -38.74
C ALA B 264 -0.97 15.00 -39.81
N PRO B 265 -1.36 15.05 -41.09
CA PRO B 265 -0.43 14.85 -42.21
C PRO B 265 0.83 15.71 -42.06
N GLY B 266 1.98 15.09 -42.27
CA GLY B 266 3.24 15.80 -42.18
C GLY B 266 3.82 16.06 -40.79
N VAL B 267 3.04 15.78 -39.76
CA VAL B 267 3.50 16.02 -38.41
C VAL B 267 4.30 14.88 -37.79
N ARG B 268 5.29 15.24 -36.98
CA ARG B 268 6.11 14.25 -36.30
C ARG B 268 5.98 14.51 -34.80
N THR B 269 6.31 13.50 -34.00
CA THR B 269 6.22 13.65 -32.55
C THR B 269 6.97 14.87 -32.07
N GLU B 270 8.09 15.18 -32.72
CA GLU B 270 8.90 16.35 -32.35
C GLU B 270 8.09 17.65 -32.44
N ASP B 271 7.19 17.72 -33.42
CA ASP B 271 6.34 18.89 -33.61
C ASP B 271 5.39 19.04 -32.43
N LEU B 272 4.84 17.92 -31.94
CA LEU B 272 3.93 18.01 -30.80
C LEU B 272 4.74 18.44 -29.59
N HIS B 273 5.95 17.91 -29.48
CA HIS B 273 6.78 18.26 -28.35
C HIS B 273 7.13 19.74 -28.33
N GLN B 274 7.56 20.25 -29.49
CA GLN B 274 7.96 21.64 -29.62
C GLN B 274 6.80 22.58 -29.30
N GLN B 275 5.62 22.24 -29.81
CA GLN B 275 4.44 23.03 -29.56
C GLN B 275 4.16 23.09 -28.06
N LEU B 276 4.20 21.95 -27.38
CA LEU B 276 3.95 21.93 -25.94
C LEU B 276 5.04 22.68 -25.18
N LYS B 277 6.30 22.45 -25.56
CA LYS B 277 7.39 23.14 -24.90
C LYS B 277 7.24 24.66 -25.05
N THR B 278 6.84 25.09 -26.25
CA THR B 278 6.66 26.52 -26.50
C THR B 278 5.42 27.06 -25.76
N SER B 279 4.32 26.34 -25.83
CA SER B 279 3.08 26.75 -25.16
C SER B 279 3.16 26.86 -23.63
N TYR B 280 4.07 26.10 -23.01
CA TYR B 280 4.16 26.12 -21.55
C TYR B 280 5.52 26.49 -20.98
N GLU B 281 6.42 26.91 -21.86
CA GLU B 281 7.76 27.30 -21.44
C GLU B 281 7.74 28.34 -20.32
N ASP B 282 6.78 29.26 -20.35
CA ASP B 282 6.71 30.28 -19.30
C ASP B 282 5.81 29.86 -18.14
N GLU B 283 4.96 28.86 -18.37
CA GLU B 283 4.04 28.37 -17.35
C GLU B 283 4.76 27.74 -16.18
N GLU B 284 4.44 28.22 -14.98
CA GLU B 284 5.06 27.71 -13.78
C GLU B 284 4.63 26.29 -13.41
N PHE B 285 3.32 26.07 -13.36
CA PHE B 285 2.80 24.76 -12.97
C PHE B 285 2.66 23.67 -14.03
N VAL B 286 2.99 23.97 -15.28
CA VAL B 286 2.87 22.96 -16.31
C VAL B 286 4.25 22.73 -16.92
N LYS B 287 4.85 21.59 -16.61
CA LYS B 287 6.19 21.26 -17.11
C LYS B 287 6.17 20.25 -18.25
N VAL B 288 6.85 20.57 -19.34
CA VAL B 288 6.94 19.68 -20.48
C VAL B 288 8.32 19.01 -20.40
N LEU B 289 8.32 17.71 -20.14
CA LEU B 289 9.57 16.96 -19.98
C LEU B 289 10.24 16.74 -21.33
N ASP B 290 11.54 16.44 -21.30
CA ASP B 290 12.27 16.21 -22.53
C ASP B 290 11.82 14.92 -23.16
N GLU B 291 11.95 14.84 -24.47
CA GLU B 291 11.55 13.64 -25.21
C GLU B 291 12.20 12.40 -24.61
N GLY B 292 11.40 11.33 -24.52
CA GLY B 292 11.90 10.08 -23.96
C GLY B 292 11.86 9.99 -22.45
N VAL B 293 11.54 11.07 -21.74
CA VAL B 293 11.47 11.03 -20.29
C VAL B 293 10.03 10.77 -19.87
N VAL B 294 9.88 9.80 -18.99
CA VAL B 294 8.59 9.38 -18.48
C VAL B 294 8.23 10.04 -17.17
N PRO B 295 7.01 10.58 -17.07
CA PRO B 295 6.58 11.22 -15.82
C PRO B 295 6.14 10.17 -14.80
N ARG B 296 6.03 10.60 -13.54
CA ARG B 296 5.63 9.74 -12.42
C ARG B 296 4.77 10.55 -11.46
N THR B 297 3.52 10.13 -11.22
CA THR B 297 2.64 10.87 -10.31
C THR B 297 3.36 11.10 -8.97
N HIS B 298 4.31 10.21 -8.67
CA HIS B 298 5.09 10.30 -7.42
C HIS B 298 5.81 11.66 -7.41
N ASN B 299 6.11 12.17 -8.60
CA ASN B 299 6.84 13.43 -8.71
C ASN B 299 6.03 14.71 -8.60
N VAL B 300 4.71 14.59 -8.62
CA VAL B 300 3.81 15.74 -8.49
C VAL B 300 2.75 15.45 -7.43
N ARG B 301 3.18 14.79 -6.35
CA ARG B 301 2.35 14.37 -5.23
C ARG B 301 2.39 15.37 -4.07
N GLY B 302 1.27 16.02 -3.83
CA GLY B 302 1.22 16.99 -2.76
C GLY B 302 1.67 18.38 -3.18
N SER B 303 1.82 18.59 -4.47
CA SER B 303 2.23 19.88 -5.01
C SER B 303 1.23 20.29 -6.07
N ASN B 304 1.30 21.55 -6.45
CA ASN B 304 0.41 22.11 -7.45
C ASN B 304 0.98 21.85 -8.85
N TYR B 305 2.12 21.18 -8.88
CA TYR B 305 2.84 20.91 -10.12
C TYR B 305 2.36 19.80 -11.03
N CYS B 306 2.50 20.08 -12.32
CA CYS B 306 2.09 19.16 -13.36
C CYS B 306 3.18 18.89 -14.36
N HIS B 307 3.33 17.63 -14.74
CA HIS B 307 4.34 17.21 -15.71
C HIS B 307 3.68 16.45 -16.83
N MET B 308 4.21 16.62 -18.05
CA MET B 308 3.71 15.91 -19.21
C MET B 308 4.89 15.52 -20.12
N SER B 309 4.65 14.55 -20.99
CA SER B 309 5.65 14.07 -21.93
C SER B 309 4.99 13.46 -23.18
N VAL B 310 5.67 13.52 -24.32
CA VAL B 310 5.14 12.97 -25.55
C VAL B 310 6.08 11.92 -26.10
N PHE B 311 5.52 10.90 -26.73
CA PHE B 311 6.32 9.82 -27.29
C PHE B 311 5.68 9.30 -28.57
N PRO B 312 6.49 8.67 -29.43
CA PRO B 312 5.91 8.14 -30.65
C PRO B 312 5.18 6.83 -30.35
N ASP B 313 4.13 6.55 -31.11
CA ASP B 313 3.39 5.33 -30.99
C ASP B 313 4.04 4.35 -31.97
N ARG B 314 3.97 3.07 -31.66
CA ARG B 314 4.56 2.06 -32.53
C ARG B 314 3.76 2.08 -33.84
N ILE B 315 2.48 2.42 -33.73
CA ILE B 315 1.63 2.49 -34.90
C ILE B 315 2.00 3.77 -35.65
N PRO B 316 2.52 3.65 -36.87
CA PRO B 316 2.91 4.85 -37.64
C PRO B 316 1.80 5.91 -37.70
N GLY B 317 2.18 7.16 -37.50
CA GLY B 317 1.22 8.24 -37.53
C GLY B 317 0.66 8.62 -36.18
N ARG B 318 0.82 7.73 -35.20
CA ARG B 318 0.30 7.99 -33.87
C ARG B 318 1.37 8.46 -32.88
N ALA B 319 0.93 9.05 -31.78
CA ALA B 319 1.82 9.54 -30.73
C ALA B 319 1.20 9.28 -29.36
N ILE B 320 2.04 9.28 -28.33
CA ILE B 320 1.56 9.07 -26.98
C ILE B 320 1.82 10.31 -26.16
N ILE B 321 0.79 10.72 -25.41
CA ILE B 321 0.88 11.89 -24.55
C ILE B 321 0.46 11.53 -23.12
N ILE B 322 1.43 11.47 -22.22
CA ILE B 322 1.21 11.17 -20.79
C ILE B 322 1.22 12.49 -20.02
N SER B 323 0.16 12.70 -19.26
CA SER B 323 -0.01 13.92 -18.48
C SER B 323 -0.30 13.48 -17.04
N VAL B 324 0.53 13.91 -16.09
CA VAL B 324 0.35 13.54 -14.69
C VAL B 324 0.09 14.74 -13.80
N ILE B 325 -0.68 14.51 -12.73
CA ILE B 325 -0.98 15.55 -11.74
C ILE B 325 -1.39 14.88 -10.43
N ASP B 326 -1.45 15.69 -9.38
CA ASP B 326 -1.94 15.22 -8.10
C ASP B 326 -3.43 15.58 -8.21
N ASN B 327 -4.32 14.59 -8.34
CA ASN B 327 -5.75 14.84 -8.50
C ASN B 327 -6.37 15.77 -7.45
N LEU B 328 -5.77 15.82 -6.26
CA LEU B 328 -6.26 16.69 -5.20
C LEU B 328 -5.75 18.13 -5.37
N VAL B 329 -4.78 18.32 -6.25
CA VAL B 329 -4.23 19.67 -6.45
C VAL B 329 -4.71 20.31 -7.74
N LYS B 330 -3.95 20.12 -8.81
CA LYS B 330 -4.35 20.73 -10.08
C LYS B 330 -5.65 20.09 -10.55
N GLY B 331 -5.89 18.87 -10.11
CA GLY B 331 -7.11 18.19 -10.49
C GLY B 331 -8.33 18.71 -9.76
N ALA B 332 -8.09 19.50 -8.71
CA ALA B 332 -9.15 20.07 -7.89
C ALA B 332 -8.80 21.39 -7.20
N SER B 333 -8.70 21.39 -5.88
CA SER B 333 -8.43 22.61 -5.09
C SER B 333 -7.24 23.49 -5.49
N GLY B 334 -6.14 22.86 -5.88
CA GLY B 334 -4.97 23.62 -6.31
C GLY B 334 -5.35 24.52 -7.47
N GLN B 335 -6.02 23.95 -8.47
CA GLN B 335 -6.43 24.75 -9.61
C GLN B 335 -7.48 25.77 -9.16
N ALA B 336 -8.35 25.37 -8.23
CA ALA B 336 -9.37 26.27 -7.71
C ALA B 336 -8.70 27.55 -7.23
N LEU B 337 -7.75 27.42 -6.31
CA LEU B 337 -7.01 28.57 -5.77
C LEU B 337 -6.21 29.30 -6.83
N GLN B 338 -5.65 28.57 -7.77
CA GLN B 338 -4.87 29.22 -8.83
C GLN B 338 -5.83 30.22 -9.52
N ASN B 339 -7.07 29.81 -9.70
CA ASN B 339 -8.07 30.68 -10.32
C ASN B 339 -8.48 31.87 -9.43
N LEU B 340 -8.68 31.64 -8.13
CA LEU B 340 -9.07 32.75 -7.26
C LEU B 340 -7.95 33.78 -7.15
N ASN B 341 -6.71 33.35 -6.96
CA ASN B 341 -5.60 34.30 -6.86
C ASN B 341 -5.71 35.43 -7.89
N ILE B 342 -5.77 35.06 -9.16
CA ILE B 342 -5.84 36.04 -10.23
C ILE B 342 -7.18 36.78 -10.35
N MET B 343 -8.24 36.18 -9.81
CA MET B 343 -9.57 36.80 -9.81
C MET B 343 -9.56 38.00 -8.88
N LEU B 344 -8.77 37.88 -7.82
CA LEU B 344 -8.64 38.92 -6.82
C LEU B 344 -7.40 39.76 -7.10
N GLY B 345 -6.75 39.51 -8.22
CA GLY B 345 -5.58 40.29 -8.56
C GLY B 345 -4.36 40.08 -7.67
N TYR B 346 -4.19 38.88 -7.13
CA TYR B 346 -3.02 38.57 -6.32
C TYR B 346 -2.04 37.74 -7.12
N PRO B 347 -0.82 37.56 -6.61
CA PRO B 347 0.15 36.75 -7.36
C PRO B 347 -0.39 35.33 -7.50
N GLU B 348 -0.55 34.91 -8.74
CA GLU B 348 -1.10 33.62 -9.06
C GLU B 348 -0.42 32.40 -8.39
N THR B 349 0.84 32.53 -8.02
CA THR B 349 1.58 31.43 -7.40
C THR B 349 1.52 31.43 -5.88
N THR B 350 1.01 32.52 -5.30
CA THR B 350 0.87 32.68 -3.85
C THR B 350 0.25 31.45 -3.18
N GLY B 351 0.93 30.92 -2.16
CA GLY B 351 0.43 29.74 -1.46
C GLY B 351 0.31 28.47 -2.30
N LEU B 352 0.98 28.43 -3.46
CA LEU B 352 0.88 27.26 -4.32
C LEU B 352 2.22 26.64 -4.75
N LEU B 353 3.32 27.08 -4.15
CA LEU B 353 4.63 26.55 -4.51
C LEU B 353 5.15 25.43 -3.61
N HIS B 354 4.22 24.69 -3.00
CA HIS B 354 4.54 23.52 -2.14
C HIS B 354 5.37 22.52 -2.96
N GLN B 355 6.53 22.11 -2.45
CA GLN B 355 7.37 21.13 -3.14
C GLN B 355 6.73 19.74 -3.04
N PRO B 356 6.92 18.88 -4.07
CA PRO B 356 6.29 17.54 -3.99
C PRO B 356 6.75 16.73 -2.78
N LEU B 357 5.86 15.89 -2.27
CA LEU B 357 6.20 15.05 -1.13
C LEU B 357 6.76 13.72 -1.66
N PHE B 358 8.09 13.59 -1.63
CA PHE B 358 8.75 12.38 -2.11
C PHE B 358 9.98 12.11 -1.24
N PRO B 359 10.14 10.86 -0.77
CA PRO B 359 9.17 9.80 -1.04
C PRO B 359 7.90 9.97 -0.19
N LYS C 15 4.87 -38.39 -5.62
CA LYS C 15 3.99 -39.57 -5.69
C LYS C 15 4.32 -40.39 -6.95
N ASP C 16 4.43 -39.71 -8.09
CA ASP C 16 4.76 -40.40 -9.34
C ASP C 16 5.85 -39.64 -10.10
N ILE C 17 5.45 -38.55 -10.76
CA ILE C 17 6.36 -37.74 -11.55
C ILE C 17 7.32 -36.92 -10.69
N ARG C 18 8.60 -36.96 -11.06
CA ARG C 18 9.60 -36.20 -10.34
C ARG C 18 9.88 -34.98 -11.17
N ILE C 19 9.79 -33.81 -10.53
CA ILE C 19 10.01 -32.54 -11.20
C ILE C 19 11.19 -31.81 -10.60
N GLY C 20 12.03 -31.26 -11.48
CA GLY C 20 13.18 -30.49 -11.04
C GLY C 20 12.76 -29.05 -11.26
N LEU C 21 13.69 -28.12 -11.09
CA LEU C 21 13.41 -26.69 -11.29
C LEU C 21 14.70 -25.91 -11.60
N LEU C 22 14.89 -25.52 -12.85
CA LEU C 22 16.07 -24.75 -13.25
C LEU C 22 15.73 -23.25 -13.17
N GLY C 23 16.53 -22.50 -12.43
CA GLY C 23 16.29 -21.08 -12.27
C GLY C 23 15.37 -20.80 -11.09
N ALA C 24 15.58 -21.57 -10.02
CA ALA C 24 14.82 -21.46 -8.76
C ALA C 24 15.42 -20.37 -7.91
N SER C 25 15.26 -19.13 -8.37
CA SER C 25 15.79 -17.97 -7.67
C SER C 25 14.83 -16.77 -7.65
N GLY C 26 14.19 -16.48 -8.77
CA GLY C 26 13.26 -15.36 -8.83
C GLY C 26 11.87 -15.70 -8.31
N TYR C 27 10.97 -14.73 -8.31
CA TYR C 27 9.62 -15.01 -7.83
C TYR C 27 8.89 -16.06 -8.65
N THR C 28 9.29 -16.26 -9.90
CA THR C 28 8.60 -17.28 -10.70
C THR C 28 8.98 -18.69 -10.21
N GLY C 29 10.22 -18.83 -9.77
CA GLY C 29 10.67 -20.12 -9.26
C GLY C 29 9.93 -20.43 -7.97
N ALA C 30 9.91 -19.48 -7.04
CA ALA C 30 9.22 -19.68 -5.78
C ALA C 30 7.74 -20.02 -6.05
N GLU C 31 7.18 -19.46 -7.12
CA GLU C 31 5.79 -19.71 -7.45
C GLU C 31 5.54 -21.13 -7.95
N ILE C 32 6.43 -21.62 -8.80
CA ILE C 32 6.30 -22.98 -9.31
C ILE C 32 6.26 -23.95 -8.15
N VAL C 33 7.14 -23.74 -7.18
CA VAL C 33 7.19 -24.62 -6.02
C VAL C 33 5.89 -24.53 -5.23
N ARG C 34 5.44 -23.30 -4.93
CA ARG C 34 4.20 -23.12 -4.18
C ARG C 34 3.11 -23.95 -4.83
N LEU C 35 2.93 -23.75 -6.12
CA LEU C 35 1.91 -24.47 -6.86
C LEU C 35 2.05 -26.01 -6.76
N LEU C 36 3.27 -26.53 -6.88
CA LEU C 36 3.44 -27.98 -6.81
C LEU C 36 3.40 -28.52 -5.39
N ALA C 37 3.43 -27.62 -4.41
CA ALA C 37 3.43 -28.03 -3.00
C ALA C 37 2.27 -28.94 -2.67
N ASN C 38 1.17 -28.81 -3.41
CA ASN C 38 0.05 -29.70 -3.14
C ASN C 38 -0.49 -30.33 -4.41
N HIS C 39 0.38 -30.42 -5.42
CA HIS C 39 0.00 -31.05 -6.67
C HIS C 39 -0.07 -32.57 -6.37
N PRO C 40 -1.25 -33.18 -6.52
CA PRO C 40 -1.43 -34.61 -6.24
C PRO C 40 -0.56 -35.62 -6.99
N HIS C 41 -0.02 -35.24 -8.15
CA HIS C 41 0.79 -36.17 -8.92
C HIS C 41 2.19 -35.75 -9.29
N PHE C 42 2.56 -34.50 -9.02
CA PHE C 42 3.89 -33.96 -9.33
C PHE C 42 4.59 -33.51 -8.05
N GLN C 43 5.84 -33.92 -7.88
CA GLN C 43 6.62 -33.59 -6.69
C GLN C 43 7.98 -33.04 -7.11
N VAL C 44 8.41 -31.94 -6.49
CA VAL C 44 9.69 -31.34 -6.83
C VAL C 44 10.81 -32.13 -6.16
N THR C 45 11.66 -32.73 -6.98
CA THR C 45 12.77 -33.53 -6.48
C THR C 45 14.14 -32.91 -6.75
N LEU C 46 14.18 -31.92 -7.65
CA LEU C 46 15.43 -31.25 -8.00
C LEU C 46 15.25 -29.73 -8.05
N MET C 47 16.32 -28.97 -7.86
CA MET C 47 16.25 -27.50 -7.91
C MET C 47 17.58 -26.78 -8.10
N THR C 48 17.65 -25.90 -9.10
CA THR C 48 18.87 -25.16 -9.40
C THR C 48 18.87 -23.68 -9.03
N ALA C 49 20.01 -23.20 -8.55
CA ALA C 49 20.17 -21.81 -8.17
C ALA C 49 21.67 -21.58 -8.03
N ASP C 50 22.39 -21.68 -9.13
CA ASP C 50 23.82 -21.53 -9.16
C ASP C 50 24.34 -20.39 -8.28
N ARG C 51 23.90 -19.17 -8.54
CA ARG C 51 24.34 -18.02 -7.77
C ARG C 51 24.19 -18.21 -6.26
N LYS C 52 23.29 -19.12 -5.86
CA LYS C 52 23.05 -19.38 -4.44
C LYS C 52 23.14 -20.86 -4.08
N ALA C 53 23.87 -21.64 -4.87
CA ALA C 53 24.02 -23.06 -4.59
C ALA C 53 24.77 -23.23 -3.27
N GLY C 54 24.39 -24.24 -2.52
CA GLY C 54 25.03 -24.48 -1.25
C GLY C 54 24.23 -23.84 -0.13
N GLN C 55 23.03 -23.41 -0.45
CA GLN C 55 22.13 -22.78 0.52
C GLN C 55 20.79 -23.47 0.48
N SER C 56 20.02 -23.30 1.55
CA SER C 56 18.69 -23.90 1.66
C SER C 56 17.67 -22.98 0.99
N MET C 57 16.70 -23.57 0.30
CA MET C 57 15.69 -22.76 -0.37
C MET C 57 15.05 -21.78 0.62
N GLU C 58 14.87 -22.22 1.86
CA GLU C 58 14.28 -21.36 2.89
C GLU C 58 15.14 -20.12 3.11
N SER C 59 16.44 -20.32 3.31
CA SER C 59 17.35 -19.20 3.54
C SER C 59 17.17 -18.07 2.50
N VAL C 60 16.67 -18.43 1.32
CA VAL C 60 16.40 -17.50 0.22
C VAL C 60 14.93 -17.05 0.35
N PHE C 61 14.04 -18.00 0.57
CA PHE C 61 12.61 -17.75 0.73
C PHE C 61 12.08 -18.40 2.01
N PRO C 62 12.23 -17.71 3.15
CA PRO C 62 11.78 -18.18 4.45
C PRO C 62 10.32 -18.66 4.48
N HIS C 63 9.46 -18.01 3.71
CA HIS C 63 8.07 -18.41 3.73
C HIS C 63 7.86 -19.86 3.34
N LEU C 64 8.84 -20.47 2.69
CA LEU C 64 8.71 -21.86 2.26
C LEU C 64 9.16 -22.85 3.33
N ARG C 65 9.48 -22.35 4.51
CA ARG C 65 9.97 -23.18 5.60
C ARG C 65 9.22 -24.49 5.87
N ALA C 66 7.89 -24.48 5.79
CA ALA C 66 7.09 -25.67 6.04
C ALA C 66 7.36 -26.78 5.01
N GLN C 67 8.00 -26.42 3.90
CA GLN C 67 8.28 -27.39 2.87
C GLN C 67 9.64 -28.07 2.98
N LYS C 68 9.63 -29.39 2.91
CA LYS C 68 10.86 -30.17 2.93
C LYS C 68 11.31 -30.16 1.48
N LEU C 69 12.29 -29.31 1.20
CA LEU C 69 12.77 -29.18 -0.17
C LEU C 69 14.23 -29.56 -0.34
N PRO C 70 14.58 -30.01 -1.55
CA PRO C 70 15.94 -30.40 -1.90
C PRO C 70 16.86 -29.19 -1.83
N THR C 71 18.07 -29.41 -1.33
CA THR C 71 19.05 -28.33 -1.23
C THR C 71 19.38 -27.86 -2.65
N LEU C 72 19.57 -26.56 -2.81
CA LEU C 72 19.88 -26.00 -4.12
C LEU C 72 21.17 -26.53 -4.73
N VAL C 73 21.07 -26.99 -5.97
CA VAL C 73 22.21 -27.53 -6.70
C VAL C 73 22.51 -26.74 -7.96
N SER C 74 23.76 -26.74 -8.37
CA SER C 74 24.21 -26.02 -9.56
C SER C 74 23.82 -26.81 -10.80
N VAL C 75 23.48 -26.10 -11.88
CA VAL C 75 23.10 -26.76 -13.13
C VAL C 75 24.22 -27.71 -13.50
N LYS C 76 25.45 -27.27 -13.22
CA LYS C 76 26.63 -28.05 -13.52
C LYS C 76 26.58 -29.38 -12.75
N ASP C 77 26.26 -29.29 -11.47
CA ASP C 77 26.17 -30.46 -10.60
C ASP C 77 24.80 -31.13 -10.60
N ALA C 78 23.97 -30.84 -11.59
CA ALA C 78 22.63 -31.44 -11.64
C ALA C 78 22.42 -32.43 -12.79
N ASP C 79 22.03 -33.66 -12.45
CA ASP C 79 21.81 -34.69 -13.46
C ASP C 79 20.32 -34.82 -13.75
N PHE C 80 19.94 -34.64 -15.02
CA PHE C 80 18.53 -34.69 -15.41
C PHE C 80 17.95 -36.03 -15.84
N SER C 81 18.33 -37.09 -15.13
CA SER C 81 17.83 -38.44 -15.41
C SER C 81 16.96 -38.85 -14.23
N THR C 82 17.06 -38.10 -13.14
CA THR C 82 16.27 -38.37 -11.94
C THR C 82 14.88 -37.74 -12.06
N VAL C 83 14.82 -36.63 -12.78
CA VAL C 83 13.56 -35.92 -12.98
C VAL C 83 12.94 -36.29 -14.31
N ASP C 84 11.62 -36.20 -14.41
CA ASP C 84 10.91 -36.55 -15.65
C ASP C 84 10.55 -35.35 -16.54
N ALA C 85 10.49 -34.16 -15.93
CA ALA C 85 10.14 -32.96 -16.67
C ALA C 85 10.87 -31.80 -16.01
N VAL C 86 11.04 -30.70 -16.75
CA VAL C 86 11.73 -29.54 -16.22
C VAL C 86 11.07 -28.19 -16.51
N PHE C 87 11.00 -27.33 -15.48
CA PHE C 87 10.48 -25.95 -15.59
C PHE C 87 11.75 -25.12 -15.64
N CYS C 88 11.83 -24.18 -16.58
CA CYS C 88 13.00 -23.35 -16.70
C CYS C 88 12.72 -21.86 -16.44
N CYS C 89 13.31 -21.34 -15.35
CA CYS C 89 13.15 -19.95 -14.93
C CYS C 89 14.49 -19.22 -14.93
N LEU C 90 15.34 -19.58 -15.88
CA LEU C 90 16.65 -18.97 -16.00
C LEU C 90 16.58 -17.56 -16.56
N PRO C 91 17.62 -16.76 -16.31
CA PRO C 91 17.67 -15.38 -16.80
C PRO C 91 17.74 -15.37 -18.33
N HIS C 92 17.21 -14.32 -18.97
CA HIS C 92 17.24 -14.23 -20.42
C HIS C 92 18.68 -14.14 -20.91
N GLY C 93 18.97 -14.83 -22.01
CA GLY C 93 20.30 -14.82 -22.57
C GLY C 93 21.16 -15.95 -22.04
N THR C 94 20.59 -16.75 -21.16
CA THR C 94 21.33 -17.87 -20.57
C THR C 94 20.62 -19.20 -20.78
N THR C 95 19.34 -19.14 -21.14
CA THR C 95 18.50 -20.32 -21.33
C THR C 95 18.79 -21.18 -22.55
N GLN C 96 18.94 -20.55 -23.70
CA GLN C 96 19.18 -21.26 -24.93
C GLN C 96 20.30 -22.30 -24.87
N GLU C 97 21.41 -21.97 -24.21
CA GLU C 97 22.53 -22.90 -24.08
C GLU C 97 22.20 -24.12 -23.22
N ILE C 98 21.47 -23.90 -22.13
CA ILE C 98 21.12 -24.99 -21.22
C ILE C 98 20.09 -25.96 -21.78
N ILE C 99 18.98 -25.43 -22.26
CA ILE C 99 17.91 -26.24 -22.82
C ILE C 99 18.48 -26.92 -24.07
N LYS C 100 19.62 -26.40 -24.51
CA LYS C 100 20.29 -26.92 -25.69
C LYS C 100 20.82 -28.34 -25.44
N GLU C 101 21.42 -28.54 -24.28
CA GLU C 101 22.00 -29.83 -23.91
C GLU C 101 21.22 -30.67 -22.90
N LEU C 102 19.93 -30.89 -23.15
CA LEU C 102 19.08 -31.67 -22.25
C LEU C 102 18.60 -32.98 -22.92
N PRO C 103 18.44 -34.06 -22.13
CA PRO C 103 17.99 -35.35 -22.66
C PRO C 103 16.55 -35.28 -23.15
N THR C 104 16.34 -35.63 -24.41
CA THR C 104 15.01 -35.60 -25.00
C THR C 104 13.96 -36.35 -24.20
N ALA C 105 14.40 -37.24 -23.32
CA ALA C 105 13.47 -38.01 -22.50
C ALA C 105 12.85 -37.10 -21.45
N LEU C 106 13.08 -35.80 -21.62
CA LEU C 106 12.53 -34.82 -20.70
C LEU C 106 11.45 -33.98 -21.35
N LYS C 107 10.37 -33.74 -20.63
CA LYS C 107 9.35 -32.85 -21.18
C LYS C 107 9.83 -31.52 -20.59
N ILE C 108 9.85 -30.46 -21.40
CA ILE C 108 10.32 -29.16 -20.91
C ILE C 108 9.36 -27.96 -21.12
N VAL C 109 9.34 -27.07 -20.13
CA VAL C 109 8.53 -25.87 -20.22
C VAL C 109 9.45 -24.74 -19.82
N ASP C 110 9.76 -23.89 -20.77
CA ASP C 110 10.63 -22.76 -20.53
C ASP C 110 9.75 -21.53 -20.32
N LEU C 111 9.91 -20.86 -19.18
CA LEU C 111 9.13 -19.68 -18.85
C LEU C 111 9.86 -18.40 -19.31
N SER C 112 10.94 -18.57 -20.08
CA SER C 112 11.67 -17.41 -20.55
C SER C 112 11.07 -16.93 -21.86
N ALA C 113 11.74 -15.96 -22.48
CA ALA C 113 11.31 -15.41 -23.75
C ALA C 113 12.02 -16.14 -24.91
N ASP C 114 13.10 -16.87 -24.59
CA ASP C 114 13.93 -17.57 -25.58
C ASP C 114 13.32 -18.51 -26.63
N PHE C 115 12.07 -18.91 -26.46
CA PHE C 115 11.51 -19.78 -27.48
C PHE C 115 10.15 -19.33 -27.98
N ARG C 116 9.69 -18.20 -27.45
CA ARG C 116 8.39 -17.64 -27.82
C ARG C 116 8.22 -17.26 -29.30
N LEU C 117 9.20 -16.53 -29.85
CA LEU C 117 9.15 -16.08 -31.24
C LEU C 117 9.84 -17.04 -32.19
N ARG C 118 9.15 -17.42 -33.26
CA ARG C 118 9.71 -18.35 -34.22
C ARG C 118 10.73 -17.68 -35.14
N ASN C 119 10.49 -16.43 -35.50
CA ASN C 119 11.41 -15.71 -36.37
C ASN C 119 12.72 -15.34 -35.65
N ILE C 120 13.78 -16.08 -35.99
CA ILE C 120 15.11 -15.89 -35.41
C ILE C 120 15.66 -14.48 -35.49
N ALA C 121 15.45 -13.81 -36.62
CA ALA C 121 15.95 -12.45 -36.77
C ALA C 121 15.32 -11.54 -35.72
N GLU C 122 14.00 -11.61 -35.59
CA GLU C 122 13.29 -10.78 -34.61
C GLU C 122 13.86 -10.99 -33.22
N TYR C 123 14.31 -12.22 -32.94
CA TYR C 123 14.86 -12.51 -31.62
C TYR C 123 16.06 -11.59 -31.40
N GLU C 124 16.99 -11.64 -32.33
CA GLU C 124 18.19 -10.84 -32.23
C GLU C 124 17.95 -9.33 -32.17
N GLU C 125 17.02 -8.83 -32.99
CA GLU C 125 16.75 -7.40 -32.97
C GLU C 125 16.18 -6.95 -31.63
N TRP C 126 15.20 -7.69 -31.11
CA TRP C 126 14.60 -7.30 -29.84
C TRP C 126 15.37 -7.76 -28.63
N TYR C 127 16.49 -8.45 -28.84
CA TYR C 127 17.22 -8.93 -27.68
C TYR C 127 18.69 -8.59 -27.64
N GLY C 128 19.20 -7.97 -28.69
CA GLY C 128 20.60 -7.58 -28.71
C GLY C 128 21.63 -8.70 -28.93
N GLN C 129 21.21 -9.95 -28.78
CA GLN C 129 22.12 -11.07 -28.98
C GLN C 129 21.58 -12.09 -29.98
N PRO C 130 22.46 -12.91 -30.58
CA PRO C 130 22.04 -13.91 -31.56
C PRO C 130 21.28 -15.05 -30.90
N HIS C 131 20.49 -15.74 -31.68
CA HIS C 131 19.74 -16.85 -31.17
C HIS C 131 20.73 -18.01 -31.23
N LYS C 132 20.62 -18.96 -30.29
CA LYS C 132 21.56 -20.07 -30.27
C LYS C 132 20.88 -21.43 -30.33
N ALA C 133 19.73 -21.51 -30.98
CA ALA C 133 19.02 -22.79 -31.07
C ALA C 133 18.01 -22.82 -32.20
N VAL C 134 18.46 -22.38 -33.36
CA VAL C 134 17.64 -22.32 -34.55
C VAL C 134 16.75 -23.55 -34.74
N GLU C 135 17.35 -24.67 -35.10
CA GLU C 135 16.62 -25.91 -35.34
C GLU C 135 15.59 -26.28 -34.27
N LEU C 136 16.05 -26.45 -33.04
CA LEU C 136 15.19 -26.79 -31.93
C LEU C 136 13.95 -25.87 -31.93
N GLN C 137 14.18 -24.57 -32.10
CA GLN C 137 13.12 -23.57 -32.12
C GLN C 137 11.96 -23.97 -33.04
N LYS C 138 12.25 -24.83 -34.00
CA LYS C 138 11.21 -25.27 -34.93
C LYS C 138 10.23 -26.26 -34.34
N GLU C 139 10.63 -26.94 -33.28
CA GLU C 139 9.74 -27.89 -32.67
C GLU C 139 9.17 -27.35 -31.36
N VAL C 140 9.15 -26.02 -31.22
CA VAL C 140 8.63 -25.38 -30.01
C VAL C 140 7.17 -24.97 -30.16
N VAL C 141 6.36 -25.26 -29.13
CA VAL C 141 4.95 -24.90 -29.16
C VAL C 141 4.73 -23.72 -28.22
N TYR C 142 3.85 -22.79 -28.61
CA TYR C 142 3.58 -21.65 -27.76
C TYR C 142 2.54 -22.07 -26.69
N GLY C 143 2.93 -21.94 -25.42
CA GLY C 143 2.09 -22.36 -24.30
C GLY C 143 0.81 -21.66 -23.89
N LEU C 144 0.11 -21.00 -24.80
CA LEU C 144 -1.16 -20.35 -24.43
C LEU C 144 -2.11 -21.55 -24.43
N THR C 145 -2.14 -22.24 -23.29
CA THR C 145 -2.89 -23.46 -23.13
C THR C 145 -4.29 -23.58 -23.74
N GLU C 146 -5.18 -22.65 -23.44
CA GLU C 146 -6.54 -22.78 -24.00
C GLU C 146 -6.63 -22.56 -25.51
N ILE C 147 -5.56 -22.03 -26.11
CA ILE C 147 -5.55 -21.79 -27.55
C ILE C 147 -4.71 -22.79 -28.35
N LEU C 148 -3.68 -23.35 -27.72
CA LEU C 148 -2.79 -24.29 -28.41
C LEU C 148 -2.66 -25.62 -27.68
N ARG C 149 -3.60 -25.85 -26.76
CA ARG C 149 -3.63 -27.08 -25.96
C ARG C 149 -3.20 -28.33 -26.72
N GLU C 150 -3.90 -28.63 -27.82
CA GLU C 150 -3.60 -29.84 -28.59
C GLU C 150 -2.18 -29.95 -29.07
N ASP C 151 -1.57 -28.83 -29.45
CA ASP C 151 -0.19 -28.87 -29.89
C ASP C 151 0.70 -29.05 -28.68
N ILE C 152 0.30 -28.45 -27.56
CA ILE C 152 1.05 -28.53 -26.32
C ILE C 152 1.12 -29.98 -25.80
N LYS C 153 0.00 -30.71 -25.89
CA LYS C 153 -0.05 -32.10 -25.42
C LYS C 153 0.93 -33.01 -26.16
N LYS C 154 0.78 -33.05 -27.48
CA LYS C 154 1.65 -33.85 -28.30
C LYS C 154 2.97 -33.12 -28.54
N ALA C 155 3.48 -32.44 -27.52
CA ALA C 155 4.75 -31.72 -27.68
C ALA C 155 5.73 -31.97 -26.53
N ARG C 156 7.04 -31.93 -26.86
CA ARG C 156 8.11 -32.16 -25.89
C ARG C 156 8.55 -30.88 -25.21
N LEU C 157 8.89 -29.89 -26.02
CA LEU C 157 9.34 -28.62 -25.52
C LEU C 157 8.18 -27.65 -25.66
N VAL C 158 8.10 -26.71 -24.72
CA VAL C 158 7.05 -25.72 -24.73
C VAL C 158 7.55 -24.34 -24.26
N ALA C 159 7.24 -23.33 -25.07
CA ALA C 159 7.59 -21.95 -24.75
C ALA C 159 6.38 -21.40 -23.97
N ASN C 160 6.59 -21.09 -22.70
CA ASN C 160 5.50 -20.57 -21.87
C ASN C 160 5.34 -19.08 -22.20
N PRO C 161 4.12 -18.67 -22.54
CA PRO C 161 3.90 -17.25 -22.88
C PRO C 161 4.21 -16.25 -21.79
N GLY C 162 4.47 -15.01 -22.20
CA GLY C 162 4.74 -13.95 -21.26
C GLY C 162 3.43 -13.57 -20.57
N CYS C 163 3.51 -12.68 -19.58
CA CYS C 163 2.34 -12.25 -18.81
C CYS C 163 1.37 -11.39 -19.64
N TYR C 164 1.77 -10.15 -19.95
CA TYR C 164 0.95 -9.27 -20.76
C TYR C 164 0.42 -9.96 -22.01
N PRO C 165 1.32 -10.62 -22.77
CA PRO C 165 0.87 -11.30 -23.99
C PRO C 165 -0.30 -12.27 -23.80
N THR C 166 -0.37 -12.90 -22.62
CA THR C 166 -1.44 -13.85 -22.32
C THR C 166 -2.80 -13.13 -22.20
N THR C 167 -2.84 -12.07 -21.39
CA THR C 167 -4.07 -11.31 -21.18
C THR C 167 -4.59 -10.68 -22.48
N ILE C 168 -3.70 -10.50 -23.46
CA ILE C 168 -4.04 -9.86 -24.74
C ILE C 168 -4.49 -10.84 -25.83
N GLN C 169 -3.70 -11.90 -26.01
CA GLN C 169 -4.01 -12.91 -27.02
C GLN C 169 -5.30 -13.68 -26.72
N LEU C 170 -5.60 -13.90 -25.44
CA LEU C 170 -6.82 -14.65 -25.08
C LEU C 170 -8.11 -14.03 -25.67
N PRO C 171 -8.28 -12.69 -25.55
CA PRO C 171 -9.49 -12.04 -26.08
C PRO C 171 -9.38 -11.83 -27.60
N LEU C 172 -8.21 -11.34 -28.03
CA LEU C 172 -8.01 -11.02 -29.43
C LEU C 172 -7.90 -12.17 -30.42
N VAL C 173 -7.17 -13.24 -30.09
CA VAL C 173 -7.03 -14.34 -31.04
C VAL C 173 -8.38 -14.87 -31.57
N PRO C 174 -9.30 -15.27 -30.67
CA PRO C 174 -10.62 -15.77 -31.07
C PRO C 174 -11.40 -14.72 -31.85
N LEU C 175 -11.20 -13.46 -31.50
CA LEU C 175 -11.91 -12.37 -32.16
C LEU C 175 -11.41 -12.11 -33.58
N LEU C 176 -10.10 -12.20 -33.75
CA LEU C 176 -9.46 -12.01 -35.05
C LEU C 176 -9.78 -13.24 -35.93
N LYS C 177 -9.78 -14.42 -35.31
CA LYS C 177 -10.06 -15.66 -36.03
C LYS C 177 -11.46 -15.67 -36.63
N ALA C 178 -12.38 -14.99 -35.95
CA ALA C 178 -13.77 -14.92 -36.41
C ALA C 178 -14.03 -13.65 -37.19
N ASN C 179 -12.94 -13.00 -37.62
CA ASN C 179 -13.02 -11.74 -38.37
C ASN C 179 -14.05 -10.80 -37.75
N LEU C 180 -14.01 -10.61 -36.43
CA LEU C 180 -14.96 -9.73 -35.76
C LEU C 180 -14.38 -8.36 -35.46
N ILE C 181 -13.06 -8.23 -35.51
CA ILE C 181 -12.41 -6.96 -35.25
C ILE C 181 -11.35 -6.73 -36.30
N LYS C 182 -11.08 -5.48 -36.60
CA LYS C 182 -10.07 -5.12 -37.59
C LYS C 182 -8.71 -5.26 -36.92
N HIS C 183 -7.68 -5.64 -37.67
CA HIS C 183 -6.39 -5.77 -37.02
C HIS C 183 -5.51 -4.52 -37.10
N GLU C 184 -6.13 -3.37 -37.34
CA GLU C 184 -5.43 -2.09 -37.41
C GLU C 184 -5.80 -1.26 -36.17
N ASN C 185 -4.85 -0.45 -35.70
CA ASN C 185 -5.08 0.40 -34.55
C ASN C 185 -5.50 -0.32 -33.28
N ILE C 186 -4.93 -1.50 -33.04
CA ILE C 186 -5.23 -2.23 -31.82
C ILE C 186 -4.32 -1.56 -30.78
N ILE C 187 -4.93 -0.84 -29.83
CA ILE C 187 -4.18 -0.12 -28.81
C ILE C 187 -4.46 -0.75 -27.45
N ILE C 188 -3.38 -1.08 -26.74
CA ILE C 188 -3.50 -1.72 -25.44
C ILE C 188 -2.80 -0.94 -24.33
N ASP C 189 -3.55 -0.55 -23.30
CA ASP C 189 -2.96 0.14 -22.16
C ASP C 189 -2.97 -0.88 -21.02
N ALA C 190 -1.79 -1.41 -20.69
CA ALA C 190 -1.65 -2.44 -19.66
C ALA C 190 -1.08 -1.95 -18.34
N LYS C 191 -1.41 -2.69 -17.30
CA LYS C 191 -1.02 -2.36 -15.93
C LYS C 191 -0.55 -3.62 -15.24
N SER C 192 0.53 -3.50 -14.47
CA SER C 192 1.05 -4.67 -13.77
C SER C 192 1.61 -4.38 -12.39
N GLY C 193 1.48 -5.36 -11.50
CA GLY C 193 2.03 -5.22 -10.17
C GLY C 193 3.55 -5.22 -10.29
N VAL C 194 4.24 -4.69 -9.30
CA VAL C 194 5.69 -4.61 -9.38
C VAL C 194 6.42 -5.93 -9.08
N SER C 195 5.67 -6.97 -8.70
CA SER C 195 6.25 -8.28 -8.42
C SER C 195 6.84 -8.87 -9.72
N GLY C 196 6.23 -8.54 -10.85
CA GLY C 196 6.70 -9.02 -12.14
C GLY C 196 8.10 -8.58 -12.55
N ALA C 197 8.59 -7.48 -11.98
CA ALA C 197 9.92 -7.00 -12.30
C ALA C 197 10.95 -7.95 -11.70
N GLY C 198 10.56 -8.66 -10.65
CA GLY C 198 11.47 -9.61 -10.02
C GLY C 198 12.00 -9.14 -8.68
N ARG C 199 12.86 -9.96 -8.08
CA ARG C 199 13.45 -9.68 -6.78
C ARG C 199 14.78 -8.95 -6.89
N GLY C 200 15.24 -8.70 -8.11
CA GLY C 200 16.50 -7.99 -8.31
C GLY C 200 16.57 -6.71 -7.47
N ALA C 201 17.76 -6.40 -6.97
CA ALA C 201 17.96 -5.22 -6.15
C ALA C 201 18.11 -3.95 -6.98
N LYS C 202 16.98 -3.39 -7.39
CA LYS C 202 16.96 -2.16 -8.17
C LYS C 202 16.37 -0.98 -7.39
N GLU C 203 17.06 0.16 -7.44
CA GLU C 203 16.60 1.35 -6.73
C GLU C 203 15.15 1.64 -7.09
N ALA C 204 14.90 1.65 -8.40
CA ALA C 204 13.58 1.94 -8.94
C ALA C 204 12.43 1.14 -8.33
N ASN C 205 12.69 -0.09 -7.92
CA ASN C 205 11.65 -0.94 -7.37
C ASN C 205 11.52 -1.01 -5.86
N LEU C 206 12.22 -0.11 -5.16
CA LEU C 206 12.14 -0.04 -3.71
C LEU C 206 10.71 0.35 -3.31
N TYR C 207 10.30 -0.02 -2.09
CA TYR C 207 8.96 0.34 -1.63
C TYR C 207 8.78 1.88 -1.61
N SER C 208 9.77 2.60 -1.08
CA SER C 208 9.70 4.04 -1.00
C SER C 208 9.62 4.73 -2.37
N GLU C 209 10.14 4.08 -3.40
CA GLU C 209 10.11 4.67 -4.74
C GLU C 209 8.85 4.26 -5.51
N ILE C 210 8.31 3.08 -5.21
CA ILE C 210 7.15 2.58 -5.93
C ILE C 210 5.81 2.95 -5.33
N ALA C 211 5.71 2.83 -4.02
CA ALA C 211 4.47 3.09 -3.34
C ALA C 211 3.80 4.42 -3.60
N GLU C 212 2.46 4.36 -3.67
CA GLU C 212 1.61 5.53 -3.86
C GLU C 212 1.84 6.28 -5.16
N GLY C 213 1.97 5.53 -6.24
CA GLY C 213 2.16 6.14 -7.54
C GLY C 213 2.30 5.07 -8.60
N ILE C 214 1.84 5.40 -9.81
CA ILE C 214 1.96 4.48 -10.93
C ILE C 214 2.90 5.06 -11.98
N SER C 215 3.32 4.22 -12.91
CA SER C 215 4.17 4.67 -13.99
C SER C 215 4.03 3.89 -15.29
N SER C 216 4.31 4.57 -16.40
CA SER C 216 4.31 3.98 -17.72
C SER C 216 5.75 3.48 -17.92
N TYR C 217 5.94 2.50 -18.80
CA TYR C 217 7.30 2.02 -19.09
C TYR C 217 7.24 1.22 -20.36
N GLY C 218 8.40 1.00 -20.99
CA GLY C 218 8.42 0.25 -22.24
C GLY C 218 7.61 0.97 -23.29
N VAL C 219 7.60 2.30 -23.22
CA VAL C 219 6.84 3.08 -24.19
C VAL C 219 7.41 2.91 -25.60
N THR C 220 6.52 2.72 -26.56
CA THR C 220 6.89 2.53 -27.96
C THR C 220 7.49 1.16 -28.22
N ARG C 221 8.49 0.79 -27.42
CA ARG C 221 9.16 -0.50 -27.59
C ARG C 221 9.26 -1.23 -26.26
N HIS C 222 8.83 -2.48 -26.26
CA HIS C 222 8.90 -3.33 -25.08
C HIS C 222 9.01 -4.76 -25.58
N ARG C 223 9.88 -5.56 -24.97
CA ARG C 223 10.11 -6.93 -25.42
C ARG C 223 8.88 -7.79 -25.73
N HIS C 224 7.76 -7.51 -25.07
CA HIS C 224 6.55 -8.28 -25.32
C HIS C 224 5.88 -7.93 -26.64
N VAL C 225 6.26 -6.80 -27.24
CA VAL C 225 5.66 -6.37 -28.50
C VAL C 225 5.75 -7.44 -29.59
N PRO C 226 6.98 -7.91 -29.95
CA PRO C 226 7.06 -8.94 -30.99
C PRO C 226 6.27 -10.22 -30.66
N GLU C 227 6.30 -10.60 -29.38
CA GLU C 227 5.57 -11.79 -28.90
C GLU C 227 4.06 -11.62 -29.13
N ILE C 228 3.54 -10.46 -28.74
CA ILE C 228 2.13 -10.14 -28.93
C ILE C 228 1.76 -10.13 -30.41
N GLU C 229 2.53 -9.39 -31.21
CA GLU C 229 2.24 -9.28 -32.64
C GLU C 229 2.32 -10.63 -33.37
N GLN C 230 3.30 -11.47 -33.03
CA GLN C 230 3.42 -12.77 -33.68
C GLN C 230 2.17 -13.61 -33.42
N GLY C 231 1.69 -13.59 -32.18
CA GLY C 231 0.50 -14.32 -31.82
C GLY C 231 -0.71 -13.81 -32.59
N LEU C 232 -0.87 -12.49 -32.63
CA LEU C 232 -1.99 -11.89 -33.35
C LEU C 232 -1.83 -12.04 -34.87
N SER C 233 -0.62 -11.86 -35.36
CA SER C 233 -0.41 -11.99 -36.80
C SER C 233 -0.68 -13.40 -37.33
N ASP C 234 -0.32 -14.41 -36.55
CA ASP C 234 -0.55 -15.77 -36.95
C ASP C 234 -2.04 -16.06 -37.09
N VAL C 235 -2.86 -15.47 -36.22
CA VAL C 235 -4.31 -15.67 -36.27
C VAL C 235 -4.92 -14.97 -37.46
N ALA C 236 -4.71 -13.65 -37.52
CA ALA C 236 -5.26 -12.83 -38.59
C ALA C 236 -4.63 -13.17 -39.94
N GLN C 237 -3.56 -13.95 -39.90
CA GLN C 237 -2.86 -14.34 -41.11
C GLN C 237 -2.43 -13.09 -41.90
N SER C 238 -1.79 -12.18 -41.18
CA SER C 238 -1.31 -10.92 -41.73
C SER C 238 -0.45 -10.22 -40.68
N LYS C 239 0.41 -9.31 -41.11
CA LYS C 239 1.26 -8.59 -40.20
C LYS C 239 0.43 -7.64 -39.34
N VAL C 240 0.42 -7.89 -38.05
CA VAL C 240 -0.33 -7.06 -37.12
C VAL C 240 0.60 -6.20 -36.28
N THR C 241 0.50 -4.89 -36.46
CA THR C 241 1.30 -3.93 -35.69
C THR C 241 0.37 -3.29 -34.66
N VAL C 242 0.67 -3.47 -33.39
CA VAL C 242 -0.14 -2.92 -32.32
C VAL C 242 0.54 -1.79 -31.56
N SER C 243 -0.23 -1.12 -30.71
CA SER C 243 0.32 -0.10 -29.84
C SER C 243 0.13 -0.79 -28.49
N PHE C 244 1.18 -0.81 -27.69
CA PHE C 244 1.16 -1.50 -26.41
C PHE C 244 1.98 -0.72 -25.40
N THR C 245 1.32 -0.25 -24.36
CA THR C 245 2.00 0.53 -23.35
C THR C 245 1.76 -0.03 -21.96
N PRO C 246 2.80 -0.65 -21.35
CA PRO C 246 2.68 -1.22 -20.01
C PRO C 246 2.67 -0.11 -18.97
N HIS C 247 2.16 -0.40 -17.78
CA HIS C 247 2.11 0.57 -16.68
C HIS C 247 2.36 -0.18 -15.38
N LEU C 248 3.25 0.37 -14.56
CA LEU C 248 3.62 -0.25 -13.29
C LEU C 248 2.74 0.26 -12.16
N MET C 249 2.04 -0.68 -11.51
CA MET C 249 1.13 -0.41 -10.40
C MET C 249 1.79 -0.57 -9.03
N PRO C 250 1.44 0.31 -8.07
CA PRO C 250 2.02 0.20 -6.73
C PRO C 250 1.33 -0.94 -5.98
N MET C 251 1.47 -2.14 -6.51
CA MET C 251 0.89 -3.33 -5.91
C MET C 251 1.77 -4.51 -6.28
N ILE C 252 1.64 -5.62 -5.56
CA ILE C 252 2.48 -6.78 -5.83
C ILE C 252 2.02 -7.59 -7.03
N ARG C 253 0.83 -8.18 -6.92
CA ARG C 253 0.29 -9.02 -7.97
C ARG C 253 -0.84 -8.36 -8.75
N GLY C 254 -1.12 -8.90 -9.92
CA GLY C 254 -2.22 -8.36 -10.70
C GLY C 254 -1.80 -7.73 -12.00
N MET C 255 -2.65 -7.88 -12.99
CA MET C 255 -2.36 -7.33 -14.29
C MET C 255 -3.60 -7.11 -15.12
N GLN C 256 -3.67 -5.93 -15.72
CA GLN C 256 -4.78 -5.62 -16.59
C GLN C 256 -4.29 -4.98 -17.85
N SER C 257 -4.80 -5.47 -18.96
CA SER C 257 -4.48 -4.89 -20.25
C SER C 257 -5.79 -4.37 -20.88
N THR C 258 -6.11 -3.09 -20.62
CA THR C 258 -7.32 -2.48 -21.20
C THR C 258 -7.04 -2.38 -22.70
N ILE C 259 -7.84 -3.08 -23.49
CA ILE C 259 -7.68 -3.18 -24.94
C ILE C 259 -8.75 -2.44 -25.75
N TYR C 260 -8.29 -1.53 -26.60
CA TYR C 260 -9.20 -0.74 -27.44
C TYR C 260 -9.05 -1.23 -28.88
N VAL C 261 -10.12 -1.76 -29.44
CA VAL C 261 -10.11 -2.28 -30.80
C VAL C 261 -11.25 -1.66 -31.61
N GLU C 262 -11.24 -1.96 -32.90
CA GLU C 262 -12.24 -1.49 -33.83
C GLU C 262 -12.90 -2.75 -34.36
N MET C 263 -14.23 -2.84 -34.22
CA MET C 263 -14.94 -4.01 -34.70
C MET C 263 -15.02 -4.03 -36.22
N ALA C 264 -15.33 -5.18 -36.78
CA ALA C 264 -15.44 -5.33 -38.23
C ALA C 264 -16.76 -4.70 -38.67
N PRO C 265 -16.86 -4.37 -39.97
CA PRO C 265 -18.09 -3.76 -40.50
C PRO C 265 -19.32 -4.61 -40.13
N GLY C 266 -20.36 -3.94 -39.63
CA GLY C 266 -21.59 -4.64 -39.26
C GLY C 266 -21.52 -5.50 -38.00
N VAL C 267 -20.46 -5.32 -37.21
CA VAL C 267 -20.26 -6.08 -35.98
C VAL C 267 -20.62 -5.21 -34.76
N ARG C 268 -21.28 -5.82 -33.78
CA ARG C 268 -21.69 -5.12 -32.56
C ARG C 268 -20.93 -5.72 -31.39
N THR C 269 -20.82 -5.01 -30.28
CA THR C 269 -20.10 -5.57 -29.15
C THR C 269 -20.73 -6.90 -28.73
N GLU C 270 -22.03 -7.03 -28.95
CA GLU C 270 -22.75 -8.26 -28.64
C GLU C 270 -22.05 -9.44 -29.29
N ASP C 271 -21.57 -9.26 -30.51
CA ASP C 271 -20.92 -10.35 -31.22
C ASP C 271 -19.58 -10.74 -30.61
N LEU C 272 -18.77 -9.75 -30.28
CA LEU C 272 -17.47 -10.04 -29.66
C LEU C 272 -17.76 -10.81 -28.38
N HIS C 273 -18.63 -10.23 -27.55
CA HIS C 273 -19.00 -10.85 -26.29
C HIS C 273 -19.48 -12.30 -26.48
N GLN C 274 -20.46 -12.44 -27.36
CA GLN C 274 -21.04 -13.74 -27.64
C GLN C 274 -19.98 -14.71 -28.18
N GLN C 275 -19.04 -14.20 -28.95
CA GLN C 275 -17.99 -15.07 -29.50
C GLN C 275 -17.05 -15.59 -28.40
N LEU C 276 -16.66 -14.69 -27.49
CA LEU C 276 -15.76 -15.10 -26.41
C LEU C 276 -16.37 -16.23 -25.61
N LYS C 277 -17.70 -16.27 -25.62
CA LYS C 277 -18.48 -17.28 -24.92
C LYS C 277 -18.22 -18.65 -25.52
N THR C 278 -18.39 -18.75 -26.83
CA THR C 278 -18.18 -19.99 -27.55
C THR C 278 -16.78 -20.56 -27.32
N SER C 279 -15.78 -19.73 -27.58
CA SER C 279 -14.38 -20.13 -27.43
C SER C 279 -13.98 -20.67 -26.07
N TYR C 280 -14.45 -20.03 -25.02
CA TYR C 280 -14.10 -20.41 -23.67
C TYR C 280 -15.29 -20.95 -22.86
N GLU C 281 -16.23 -21.61 -23.55
CA GLU C 281 -17.41 -22.14 -22.88
C GLU C 281 -17.14 -23.23 -21.83
N ASP C 282 -16.17 -24.09 -22.06
CA ASP C 282 -15.91 -25.13 -21.07
C ASP C 282 -14.57 -24.96 -20.37
N GLU C 283 -14.10 -23.73 -20.31
CA GLU C 283 -12.81 -23.42 -19.70
C GLU C 283 -12.85 -23.18 -18.19
N GLU C 284 -11.97 -23.84 -17.46
CA GLU C 284 -11.91 -23.65 -16.02
C GLU C 284 -11.22 -22.34 -15.64
N PHE C 285 -10.14 -22.03 -16.34
CA PHE C 285 -9.34 -20.86 -16.03
C PHE C 285 -9.69 -19.49 -16.62
N VAL C 286 -10.19 -19.48 -17.85
CA VAL C 286 -10.58 -18.25 -18.51
C VAL C 286 -12.08 -18.05 -18.28
N LYS C 287 -12.50 -16.83 -17.98
CA LYS C 287 -13.91 -16.55 -17.75
C LYS C 287 -14.35 -15.28 -18.48
N VAL C 288 -15.44 -15.40 -19.23
CA VAL C 288 -16.03 -14.29 -19.96
C VAL C 288 -17.17 -13.80 -19.07
N LEU C 289 -17.01 -12.59 -18.50
CA LEU C 289 -18.01 -12.03 -17.61
C LEU C 289 -19.23 -11.56 -18.37
N ASP C 290 -20.35 -11.40 -17.67
CA ASP C 290 -21.57 -10.93 -18.33
C ASP C 290 -21.41 -9.49 -18.77
N GLU C 291 -22.05 -9.14 -19.90
CA GLU C 291 -21.93 -7.78 -20.40
C GLU C 291 -22.23 -6.74 -19.31
N GLY C 292 -21.37 -5.73 -19.25
CA GLY C 292 -21.54 -4.69 -18.25
C GLY C 292 -20.79 -4.87 -16.94
N VAL C 293 -20.39 -6.09 -16.61
CA VAL C 293 -19.66 -6.32 -15.37
C VAL C 293 -18.17 -6.00 -15.61
N VAL C 294 -17.61 -5.19 -14.74
CA VAL C 294 -16.21 -4.80 -14.88
C VAL C 294 -15.32 -5.68 -14.01
N PRO C 295 -14.34 -6.35 -14.62
CA PRO C 295 -13.46 -7.22 -13.82
C PRO C 295 -12.48 -6.41 -12.97
N ARG C 296 -11.93 -7.04 -11.93
CA ARG C 296 -10.95 -6.39 -11.05
C ARG C 296 -9.80 -7.33 -10.85
N THR C 297 -8.57 -6.83 -10.84
CA THR C 297 -7.45 -7.74 -10.60
C THR C 297 -7.61 -8.36 -9.19
N HIS C 298 -8.50 -7.80 -8.38
CA HIS C 298 -8.70 -8.36 -7.06
C HIS C 298 -9.49 -9.69 -7.18
N ASN C 299 -10.24 -9.85 -8.26
CA ASN C 299 -11.06 -11.03 -8.46
C ASN C 299 -10.28 -12.34 -8.69
N VAL C 300 -9.06 -12.25 -9.22
CA VAL C 300 -8.31 -13.47 -9.48
C VAL C 300 -6.96 -13.50 -8.78
N ARG C 301 -6.64 -12.40 -8.11
CA ARG C 301 -5.39 -12.29 -7.38
C ARG C 301 -5.05 -13.56 -6.57
N GLY C 302 -3.77 -13.97 -6.59
CA GLY C 302 -3.30 -15.12 -5.85
C GLY C 302 -3.43 -16.48 -6.51
N SER C 303 -4.50 -16.63 -7.29
CA SER C 303 -4.81 -17.85 -7.99
C SER C 303 -4.40 -17.75 -9.46
N ASN C 304 -4.80 -18.76 -10.24
CA ASN C 304 -4.45 -18.87 -11.65
C ASN C 304 -5.61 -18.54 -12.60
N TYR C 305 -6.47 -17.61 -12.16
CA TYR C 305 -7.62 -17.19 -12.95
C TYR C 305 -7.48 -15.81 -13.59
N CYS C 306 -8.24 -15.62 -14.67
CA CYS C 306 -8.32 -14.39 -15.43
C CYS C 306 -9.79 -14.21 -15.84
N HIS C 307 -10.22 -12.96 -15.95
CA HIS C 307 -11.59 -12.63 -16.37
C HIS C 307 -11.51 -11.67 -17.55
N MET C 308 -12.56 -11.66 -18.37
CA MET C 308 -12.60 -10.74 -19.52
C MET C 308 -13.95 -10.72 -20.25
N SER C 309 -14.41 -9.52 -20.61
CA SER C 309 -15.66 -9.30 -21.34
C SER C 309 -15.45 -8.21 -22.41
N VAL C 310 -16.51 -7.89 -23.15
CA VAL C 310 -16.44 -6.88 -24.17
C VAL C 310 -17.38 -5.73 -23.83
N PHE C 311 -16.90 -4.51 -24.02
CA PHE C 311 -17.65 -3.30 -23.73
C PHE C 311 -17.68 -2.40 -24.97
N PRO C 312 -18.81 -1.71 -25.20
CA PRO C 312 -18.91 -0.81 -26.35
C PRO C 312 -18.03 0.42 -26.08
N ASP C 313 -17.42 0.98 -27.11
CA ASP C 313 -16.59 2.17 -26.96
C ASP C 313 -17.48 3.35 -27.34
N ARG C 314 -17.11 4.55 -26.92
CA ARG C 314 -17.89 5.71 -27.28
C ARG C 314 -17.51 6.07 -28.73
N ILE C 315 -16.40 5.54 -29.20
CA ILE C 315 -15.99 5.80 -30.56
C ILE C 315 -16.62 4.77 -31.50
N PRO C 316 -17.11 5.22 -32.66
CA PRO C 316 -17.75 4.40 -33.69
C PRO C 316 -17.03 3.14 -34.12
N GLY C 317 -17.72 2.01 -33.96
CA GLY C 317 -17.18 0.73 -34.36
C GLY C 317 -16.03 0.28 -33.50
N ARG C 318 -16.02 0.77 -32.27
CA ARG C 318 -14.99 0.44 -31.32
C ARG C 318 -15.61 -0.23 -30.08
N ALA C 319 -14.77 -0.98 -29.38
CA ALA C 319 -15.15 -1.69 -28.15
C ALA C 319 -13.94 -1.70 -27.21
N ILE C 320 -14.22 -1.82 -25.93
CA ILE C 320 -13.20 -1.84 -24.90
C ILE C 320 -13.19 -3.17 -24.14
N ILE C 321 -12.15 -3.97 -24.38
CA ILE C 321 -12.01 -5.27 -23.70
C ILE C 321 -11.04 -5.12 -22.53
N ILE C 322 -11.38 -5.74 -21.41
CA ILE C 322 -10.53 -5.70 -20.22
C ILE C 322 -10.24 -7.15 -19.82
N SER C 323 -8.97 -7.43 -19.50
CA SER C 323 -8.55 -8.75 -19.08
C SER C 323 -7.65 -8.60 -17.83
N VAL C 324 -7.86 -9.44 -16.82
CA VAL C 324 -7.05 -9.36 -15.60
C VAL C 324 -6.48 -10.71 -15.22
N ILE C 325 -5.31 -10.68 -14.58
CA ILE C 325 -4.65 -11.90 -14.10
C ILE C 325 -3.67 -11.57 -12.98
N ASP C 326 -3.33 -12.55 -12.15
CA ASP C 326 -2.31 -12.32 -11.13
C ASP C 326 -1.03 -12.58 -11.96
N ASN C 327 -0.20 -11.55 -12.16
CA ASN C 327 1.02 -11.68 -12.99
C ASN C 327 1.99 -12.78 -12.60
N LEU C 328 1.83 -13.34 -11.40
CA LEU C 328 2.74 -14.38 -10.97
C LEU C 328 2.20 -15.78 -11.24
N VAL C 329 0.88 -15.94 -11.33
CA VAL C 329 0.32 -17.27 -11.53
C VAL C 329 -0.01 -17.53 -12.99
N LYS C 330 -1.20 -17.15 -13.44
CA LYS C 330 -1.52 -17.38 -14.83
C LYS C 330 -0.60 -16.48 -15.66
N GLY C 331 0.01 -15.51 -14.99
CA GLY C 331 0.92 -14.58 -15.65
C GLY C 331 2.37 -15.05 -15.52
N ALA C 332 2.52 -16.33 -15.21
CA ALA C 332 3.83 -16.90 -15.07
C ALA C 332 3.86 -18.40 -14.77
N SER C 333 4.07 -18.77 -13.52
CA SER C 333 4.20 -20.16 -13.16
C SER C 333 2.96 -21.04 -13.16
N GLY C 334 1.79 -20.41 -13.15
CA GLY C 334 0.56 -21.16 -13.18
C GLY C 334 0.33 -21.77 -14.55
N GLN C 335 0.39 -20.97 -15.62
CA GLN C 335 0.18 -21.51 -16.96
C GLN C 335 1.25 -22.59 -17.27
N ALA C 336 2.49 -22.34 -16.86
CA ALA C 336 3.58 -23.28 -17.10
C ALA C 336 3.12 -24.67 -16.66
N LEU C 337 2.56 -24.75 -15.45
CA LEU C 337 2.07 -26.01 -14.92
C LEU C 337 0.86 -26.50 -15.72
N GLN C 338 0.00 -25.56 -16.12
CA GLN C 338 -1.18 -25.90 -16.90
C GLN C 338 -0.70 -26.61 -18.17
N ASN C 339 0.40 -26.12 -18.71
CA ASN C 339 0.98 -26.71 -19.92
C ASN C 339 1.61 -28.06 -19.65
N LEU C 340 2.29 -28.20 -18.51
CA LEU C 340 2.94 -29.45 -18.20
C LEU C 340 1.92 -30.56 -17.87
N ASN C 341 0.86 -30.20 -17.15
CA ASN C 341 -0.15 -31.19 -16.78
C ASN C 341 -0.61 -31.95 -18.03
N ILE C 342 -0.83 -31.23 -19.13
CA ILE C 342 -1.28 -31.93 -20.34
C ILE C 342 -0.13 -32.52 -21.16
N MET C 343 1.11 -32.16 -20.83
CA MET C 343 2.24 -32.72 -21.54
C MET C 343 2.55 -34.09 -20.93
N LEU C 344 2.06 -34.31 -19.71
CA LEU C 344 2.27 -35.56 -19.00
C LEU C 344 1.01 -36.42 -18.96
N GLY C 345 -0.03 -35.96 -19.64
CA GLY C 345 -1.26 -36.74 -19.68
C GLY C 345 -2.20 -36.60 -18.49
N TYR C 346 -1.90 -35.70 -17.56
CA TYR C 346 -2.78 -35.52 -16.42
C TYR C 346 -3.79 -34.44 -16.74
N PRO C 347 -4.89 -34.37 -15.99
CA PRO C 347 -5.93 -33.35 -16.21
C PRO C 347 -5.29 -31.98 -16.15
N GLU C 348 -5.74 -31.11 -17.05
CA GLU C 348 -5.20 -29.76 -17.15
C GLU C 348 -5.35 -28.90 -15.89
N THR C 349 -6.40 -29.15 -15.11
CA THR C 349 -6.65 -28.38 -13.89
C THR C 349 -5.94 -28.97 -12.69
N THR C 350 -5.31 -30.12 -12.87
CA THR C 350 -4.62 -30.77 -11.76
C THR C 350 -3.65 -29.87 -11.05
N GLY C 351 -3.95 -29.63 -9.77
CA GLY C 351 -3.12 -28.80 -8.91
C GLY C 351 -3.13 -27.31 -9.18
N LEU C 352 -4.12 -26.82 -9.91
CA LEU C 352 -4.22 -25.38 -10.22
C LEU C 352 -5.58 -24.80 -9.82
N LEU C 353 -6.34 -25.53 -9.03
CA LEU C 353 -7.65 -25.05 -8.61
C LEU C 353 -7.58 -24.12 -7.38
N HIS C 354 -6.41 -23.53 -7.12
CA HIS C 354 -6.23 -22.61 -6.01
C HIS C 354 -7.25 -21.48 -6.17
N GLN C 355 -7.91 -21.12 -5.07
CA GLN C 355 -8.92 -20.07 -5.14
C GLN C 355 -8.32 -18.70 -4.84
N PRO C 356 -8.85 -17.65 -5.50
CA PRO C 356 -8.35 -16.30 -5.27
C PRO C 356 -8.28 -15.94 -3.79
N LEU C 357 -7.19 -15.29 -3.40
CA LEU C 357 -7.05 -14.84 -2.02
C LEU C 357 -7.63 -13.43 -1.96
N PHE C 358 -8.96 -13.33 -1.86
CA PHE C 358 -9.59 -12.02 -1.77
C PHE C 358 -10.32 -11.94 -0.43
N PRO C 359 -10.13 -10.83 0.32
CA PRO C 359 -9.27 -9.73 -0.08
C PRO C 359 -7.81 -10.16 -0.06
N LYS D 15 -17.51 -36.06 -1.76
CA LYS D 15 -17.48 -35.33 -0.45
C LYS D 15 -18.71 -35.70 0.36
N ASP D 16 -18.49 -36.41 1.45
CA ASP D 16 -19.58 -36.86 2.30
C ASP D 16 -20.04 -35.88 3.39
N ILE D 17 -19.21 -34.92 3.75
CA ILE D 17 -19.60 -33.98 4.80
C ILE D 17 -20.25 -32.70 4.27
N ARG D 18 -21.54 -32.55 4.56
CA ARG D 18 -22.29 -31.38 4.13
C ARG D 18 -22.14 -30.26 5.15
N ILE D 19 -21.63 -29.11 4.70
CA ILE D 19 -21.39 -27.98 5.58
C ILE D 19 -22.37 -26.80 5.46
N GLY D 20 -22.71 -26.24 6.62
CA GLY D 20 -23.58 -25.08 6.62
C GLY D 20 -22.80 -23.86 7.07
N LEU D 21 -22.93 -22.76 6.34
CA LEU D 21 -22.23 -21.52 6.73
C LEU D 21 -23.30 -20.48 7.05
N LEU D 22 -23.36 -20.08 8.32
CA LEU D 22 -24.35 -19.10 8.76
C LEU D 22 -23.70 -17.71 8.86
N GLY D 23 -24.01 -16.86 7.89
CA GLY D 23 -23.43 -15.53 7.84
C GLY D 23 -22.26 -15.65 6.89
N ALA D 24 -22.56 -15.73 5.60
CA ALA D 24 -21.57 -15.92 4.55
C ALA D 24 -21.10 -14.65 3.83
N SER D 25 -21.73 -13.51 4.13
CA SER D 25 -21.38 -12.27 3.46
C SER D 25 -20.19 -11.50 4.03
N GLY D 26 -19.58 -12.02 5.08
CA GLY D 26 -18.41 -11.37 5.65
C GLY D 26 -17.11 -12.00 5.20
N TYR D 27 -15.98 -11.48 5.70
CA TYR D 27 -14.67 -11.99 5.32
C TYR D 27 -14.39 -13.37 5.89
N THR D 28 -15.00 -13.71 7.02
CA THR D 28 -14.78 -15.04 7.58
C THR D 28 -15.51 -16.04 6.69
N GLY D 29 -16.75 -15.69 6.32
CA GLY D 29 -17.54 -16.56 5.46
C GLY D 29 -16.83 -16.86 4.15
N ALA D 30 -16.29 -15.80 3.53
CA ALA D 30 -15.55 -15.90 2.28
C ALA D 30 -14.34 -16.83 2.41
N GLU D 31 -13.57 -16.66 3.48
CA GLU D 31 -12.39 -17.49 3.75
C GLU D 31 -12.84 -18.96 3.87
N ILE D 32 -13.94 -19.21 4.59
CA ILE D 32 -14.46 -20.57 4.74
C ILE D 32 -14.69 -21.17 3.36
N VAL D 33 -15.47 -20.47 2.54
CA VAL D 33 -15.78 -20.94 1.21
C VAL D 33 -14.50 -21.18 0.42
N ARG D 34 -13.55 -20.24 0.52
CA ARG D 34 -12.30 -20.41 -0.19
C ARG D 34 -11.59 -21.67 0.30
N LEU D 35 -11.42 -21.77 1.62
CA LEU D 35 -10.74 -22.92 2.23
C LEU D 35 -11.38 -24.26 1.87
N LEU D 36 -12.70 -24.34 2.01
CA LEU D 36 -13.37 -25.59 1.70
C LEU D 36 -13.37 -25.95 0.23
N ALA D 37 -13.20 -24.96 -0.64
CA ALA D 37 -13.22 -25.23 -2.08
C ALA D 37 -12.39 -26.44 -2.46
N ASN D 38 -11.18 -26.56 -1.93
CA ASN D 38 -10.36 -27.72 -2.28
C ASN D 38 -10.26 -28.76 -1.15
N HIS D 39 -11.16 -28.67 -0.17
CA HIS D 39 -11.15 -29.63 0.92
C HIS D 39 -11.71 -30.95 0.31
N PRO D 40 -10.97 -32.05 0.48
CA PRO D 40 -11.43 -33.33 -0.08
C PRO D 40 -12.69 -33.96 0.51
N HIS D 41 -13.05 -33.64 1.73
CA HIS D 41 -14.23 -34.28 2.30
C HIS D 41 -15.40 -33.41 2.73
N PHE D 42 -15.19 -32.10 2.77
CA PHE D 42 -16.24 -31.19 3.19
C PHE D 42 -16.78 -30.39 2.02
N GLN D 43 -18.10 -30.31 1.91
CA GLN D 43 -18.75 -29.57 0.82
C GLN D 43 -19.76 -28.57 1.37
N VAL D 44 -19.65 -27.31 0.96
CA VAL D 44 -20.62 -26.30 1.41
C VAL D 44 -21.97 -26.58 0.71
N THR D 45 -23.02 -26.83 1.48
CA THR D 45 -24.34 -27.11 0.90
C THR D 45 -25.41 -26.10 1.36
N LEU D 46 -25.07 -25.29 2.36
CA LEU D 46 -26.00 -24.30 2.87
C LEU D 46 -25.28 -23.03 3.33
N MET D 47 -25.73 -21.88 2.82
CA MET D 47 -25.17 -20.59 3.20
C MET D 47 -26.28 -19.58 3.53
N THR D 48 -26.13 -18.86 4.63
CA THR D 48 -27.14 -17.89 4.99
C THR D 48 -26.57 -16.49 5.08
N ALA D 49 -27.41 -15.51 4.77
CA ALA D 49 -27.04 -14.10 4.82
C ALA D 49 -28.29 -13.35 5.27
N ASP D 50 -28.11 -12.17 5.86
CA ASP D 50 -29.25 -11.41 6.32
C ASP D 50 -29.90 -10.60 5.19
N ARG D 51 -29.25 -9.52 4.76
CA ARG D 51 -29.80 -8.69 3.70
C ARG D 51 -29.48 -9.20 2.30
N LYS D 52 -28.67 -10.25 2.22
CA LYS D 52 -28.28 -10.82 0.94
C LYS D 52 -29.12 -12.05 0.59
N ALA D 53 -29.98 -12.48 1.50
CA ALA D 53 -30.79 -13.66 1.23
C ALA D 53 -31.43 -13.53 -0.16
N GLY D 54 -31.33 -14.58 -0.95
CA GLY D 54 -31.91 -14.54 -2.29
C GLY D 54 -30.87 -14.31 -3.37
N GLN D 55 -29.75 -13.70 -2.99
CA GLN D 55 -28.67 -13.43 -3.92
C GLN D 55 -27.69 -14.59 -3.99
N SER D 56 -26.88 -14.62 -5.05
CA SER D 56 -25.86 -15.66 -5.20
C SER D 56 -24.62 -15.15 -4.50
N MET D 57 -23.68 -16.04 -4.24
CA MET D 57 -22.45 -15.67 -3.57
C MET D 57 -21.58 -14.80 -4.46
N GLU D 58 -21.53 -15.15 -5.73
CA GLU D 58 -20.75 -14.42 -6.73
C GLU D 58 -21.19 -12.96 -6.73
N SER D 59 -22.46 -12.71 -6.42
CA SER D 59 -22.95 -11.34 -6.40
C SER D 59 -22.25 -10.55 -5.32
N VAL D 60 -22.19 -11.11 -4.11
CA VAL D 60 -21.55 -10.49 -2.97
C VAL D 60 -20.03 -10.50 -3.15
N PHE D 61 -19.46 -11.70 -3.36
CA PHE D 61 -18.03 -11.90 -3.56
C PHE D 61 -17.75 -12.52 -4.92
N PRO D 62 -17.61 -11.70 -5.98
CA PRO D 62 -17.34 -12.15 -7.35
C PRO D 62 -16.08 -12.97 -7.61
N HIS D 63 -15.15 -12.96 -6.66
CA HIS D 63 -13.91 -13.72 -6.81
C HIS D 63 -14.15 -15.22 -6.56
N LEU D 64 -15.34 -15.55 -6.10
CA LEU D 64 -15.66 -16.94 -5.83
C LEU D 64 -16.41 -17.55 -7.00
N ARG D 65 -16.44 -16.83 -8.10
CA ARG D 65 -17.17 -17.27 -9.28
C ARG D 65 -16.70 -18.55 -9.98
N ALA D 66 -15.58 -19.13 -9.55
CA ALA D 66 -15.11 -20.37 -10.20
C ALA D 66 -15.86 -21.61 -9.71
N GLN D 67 -16.47 -21.52 -8.54
CA GLN D 67 -17.18 -22.67 -7.98
C GLN D 67 -18.68 -22.50 -7.86
N LYS D 68 -19.39 -23.62 -7.86
CA LYS D 68 -20.83 -23.63 -7.71
C LYS D 68 -21.14 -23.59 -6.21
N LEU D 69 -21.92 -22.59 -5.83
CA LEU D 69 -22.31 -22.40 -4.45
C LEU D 69 -23.82 -22.28 -4.33
N PRO D 70 -24.37 -22.64 -3.17
CA PRO D 70 -25.83 -22.54 -2.98
C PRO D 70 -26.35 -21.10 -2.84
N THR D 71 -27.57 -20.89 -3.32
CA THR D 71 -28.22 -19.59 -3.22
C THR D 71 -28.26 -19.19 -1.74
N LEU D 72 -28.01 -17.91 -1.45
CA LEU D 72 -28.01 -17.40 -0.08
C LEU D 72 -29.42 -17.26 0.48
N VAL D 73 -29.76 -18.08 1.48
CA VAL D 73 -31.07 -18.02 2.12
C VAL D 73 -30.95 -17.41 3.50
N SER D 74 -32.10 -17.22 4.15
CA SER D 74 -32.18 -16.68 5.50
C SER D 74 -31.96 -17.82 6.48
N VAL D 75 -31.27 -17.54 7.58
CA VAL D 75 -31.00 -18.53 8.63
C VAL D 75 -32.33 -18.95 9.25
N LYS D 76 -33.28 -18.04 9.22
CA LYS D 76 -34.60 -18.26 9.76
C LYS D 76 -35.37 -19.32 8.96
N ASP D 77 -35.08 -19.44 7.68
CA ASP D 77 -35.75 -20.43 6.83
C ASP D 77 -34.81 -21.59 6.46
N ALA D 78 -33.71 -21.72 7.19
CA ALA D 78 -32.76 -22.79 6.89
C ALA D 78 -33.15 -24.06 7.62
N ASP D 79 -33.01 -25.17 6.91
CA ASP D 79 -33.34 -26.48 7.44
C ASP D 79 -32.06 -27.30 7.42
N PHE D 80 -31.68 -27.83 8.58
CA PHE D 80 -30.44 -28.60 8.71
C PHE D 80 -30.60 -30.09 8.50
N SER D 81 -31.70 -30.49 7.88
CA SER D 81 -31.95 -31.90 7.65
C SER D 81 -30.82 -32.61 6.89
N THR D 82 -30.23 -31.94 5.91
CA THR D 82 -29.16 -32.54 5.13
C THR D 82 -27.82 -31.85 5.39
N VAL D 83 -27.68 -31.26 6.58
CA VAL D 83 -26.45 -30.56 6.97
C VAL D 83 -25.80 -31.39 8.06
N ASP D 84 -24.48 -31.40 8.12
CA ASP D 84 -23.77 -32.20 9.11
C ASP D 84 -22.85 -31.44 10.06
N ALA D 85 -22.61 -30.16 9.78
CA ALA D 85 -21.75 -29.36 10.63
C ALA D 85 -21.96 -27.86 10.36
N VAL D 86 -21.69 -27.05 11.38
CA VAL D 86 -21.90 -25.62 11.26
C VAL D 86 -20.70 -24.71 11.53
N PHE D 87 -20.53 -23.71 10.67
CA PHE D 87 -19.51 -22.68 10.83
C PHE D 87 -20.43 -21.48 11.01
N CYS D 88 -20.50 -20.95 12.23
CA CYS D 88 -21.35 -19.80 12.47
C CYS D 88 -20.54 -18.51 12.47
N CYS D 89 -20.86 -17.62 11.53
CA CYS D 89 -20.17 -16.33 11.40
C CYS D 89 -21.20 -15.23 11.43
N LEU D 90 -22.18 -15.37 12.31
CA LEU D 90 -23.24 -14.39 12.43
C LEU D 90 -22.71 -13.17 13.16
N PRO D 91 -23.37 -12.02 12.95
CA PRO D 91 -22.99 -10.74 13.57
C PRO D 91 -23.24 -10.72 15.08
N HIS D 92 -22.18 -10.45 15.84
CA HIS D 92 -22.25 -10.42 17.30
C HIS D 92 -23.53 -9.74 17.76
N GLY D 93 -24.42 -10.53 18.35
CA GLY D 93 -25.68 -10.00 18.82
C GLY D 93 -26.81 -10.99 18.64
N THR D 94 -26.69 -11.86 17.65
CA THR D 94 -27.72 -12.86 17.38
C THR D 94 -27.20 -14.28 17.52
N THR D 95 -25.88 -14.42 17.58
CA THR D 95 -25.26 -15.73 17.68
C THR D 95 -25.77 -16.52 18.87
N GLN D 96 -25.75 -15.88 20.03
CA GLN D 96 -26.17 -16.51 21.28
C GLN D 96 -27.50 -17.26 21.18
N GLU D 97 -28.54 -16.58 20.71
CA GLU D 97 -29.85 -17.20 20.61
C GLU D 97 -30.02 -18.13 19.43
N ILE D 98 -29.45 -17.77 18.29
CA ILE D 98 -29.56 -18.60 17.10
C ILE D 98 -28.91 -19.96 17.32
N ILE D 99 -27.75 -19.97 17.98
CA ILE D 99 -27.06 -21.22 18.22
C ILE D 99 -27.83 -22.10 19.20
N LYS D 100 -28.37 -21.49 20.26
CA LYS D 100 -29.12 -22.27 21.24
C LYS D 100 -30.27 -23.01 20.59
N GLU D 101 -30.93 -22.35 19.64
CA GLU D 101 -32.06 -22.94 18.94
C GLU D 101 -31.69 -23.78 17.71
N LEU D 102 -30.41 -24.07 17.54
CA LEU D 102 -29.99 -24.90 16.41
C LEU D 102 -30.20 -26.36 16.77
N PRO D 103 -30.49 -27.21 15.79
CA PRO D 103 -30.71 -28.63 16.11
C PRO D 103 -29.52 -29.25 16.83
N THR D 104 -29.79 -29.81 18.00
CA THR D 104 -28.75 -30.44 18.80
C THR D 104 -28.44 -31.84 18.30
N ALA D 105 -27.33 -31.97 17.56
CA ALA D 105 -26.88 -33.24 17.00
C ALA D 105 -25.85 -33.02 15.90
N LEU D 106 -24.94 -32.07 16.09
CA LEU D 106 -23.91 -31.79 15.10
C LEU D 106 -22.58 -31.39 15.73
N LYS D 107 -21.78 -30.66 14.98
CA LYS D 107 -20.49 -30.16 15.43
C LYS D 107 -20.49 -28.70 14.98
N ILE D 108 -20.86 -27.80 15.88
CA ILE D 108 -20.95 -26.37 15.58
C ILE D 108 -19.70 -25.58 15.92
N VAL D 109 -19.01 -25.08 14.89
CA VAL D 109 -17.83 -24.25 15.15
C VAL D 109 -18.27 -22.81 15.08
N ASP D 110 -18.27 -22.16 16.23
CA ASP D 110 -18.68 -20.79 16.32
C ASP D 110 -17.51 -19.83 16.18
N LEU D 111 -17.53 -19.02 15.13
CA LEU D 111 -16.45 -18.06 14.94
C LEU D 111 -16.70 -16.73 15.67
N SER D 112 -17.89 -16.53 16.24
CA SER D 112 -18.17 -15.29 16.99
C SER D 112 -17.45 -15.39 18.34
N ALA D 113 -17.51 -14.33 19.14
CA ALA D 113 -16.89 -14.32 20.46
C ALA D 113 -17.86 -14.70 21.58
N ASP D 114 -19.15 -14.80 21.27
CA ASP D 114 -20.21 -15.09 22.26
C ASP D 114 -20.11 -16.33 23.17
N PHE D 115 -19.42 -17.36 22.73
CA PHE D 115 -19.29 -18.55 23.58
C PHE D 115 -17.86 -18.72 24.09
N ARG D 116 -17.03 -17.72 23.84
CA ARG D 116 -15.62 -17.74 24.27
C ARG D 116 -15.42 -17.67 25.77
N LEU D 117 -16.09 -16.74 26.44
CA LEU D 117 -15.93 -16.58 27.87
C LEU D 117 -16.78 -17.55 28.70
N ARG D 118 -16.11 -18.31 29.57
CA ARG D 118 -16.79 -19.27 30.41
C ARG D 118 -17.49 -18.59 31.58
N ASN D 119 -17.00 -17.43 31.99
CA ASN D 119 -17.60 -16.69 33.11
C ASN D 119 -18.66 -15.70 32.64
N ILE D 120 -19.92 -16.05 32.91
CA ILE D 120 -21.07 -15.23 32.53
C ILE D 120 -20.93 -13.77 32.95
N ALA D 121 -20.44 -13.55 34.16
CA ALA D 121 -20.27 -12.20 34.65
C ALA D 121 -19.30 -11.40 33.79
N GLU D 122 -18.15 -11.99 33.47
CA GLU D 122 -17.17 -11.30 32.65
C GLU D 122 -17.77 -10.91 31.32
N TYR D 123 -18.48 -11.85 30.69
CA TYR D 123 -19.12 -11.58 29.42
C TYR D 123 -20.02 -10.36 29.56
N GLU D 124 -20.83 -10.34 30.61
CA GLU D 124 -21.75 -9.24 30.86
C GLU D 124 -21.00 -7.92 30.94
N GLU D 125 -19.98 -7.91 31.78
CA GLU D 125 -19.14 -6.75 31.99
C GLU D 125 -18.51 -6.25 30.69
N TRP D 126 -17.79 -7.12 30.00
CA TRP D 126 -17.12 -6.69 28.78
C TRP D 126 -18.04 -6.41 27.62
N TYR D 127 -19.32 -6.79 27.74
CA TYR D 127 -20.25 -6.54 26.64
C TYR D 127 -21.52 -5.77 27.03
N GLY D 128 -21.64 -5.39 28.29
CA GLY D 128 -22.81 -4.65 28.74
C GLY D 128 -24.11 -5.43 28.76
N GLN D 129 -24.37 -6.16 27.67
CA GLN D 129 -25.59 -6.94 27.54
C GLN D 129 -25.54 -8.31 28.23
N PRO D 130 -26.66 -8.75 28.80
CA PRO D 130 -26.78 -10.03 29.50
C PRO D 130 -26.54 -11.21 28.56
N HIS D 131 -25.97 -12.30 29.09
CA HIS D 131 -25.70 -13.50 28.31
C HIS D 131 -27.03 -14.19 28.05
N LYS D 132 -27.25 -14.63 26.82
CA LYS D 132 -28.52 -15.27 26.47
C LYS D 132 -28.54 -16.79 26.28
N ALA D 133 -27.51 -17.49 26.75
CA ALA D 133 -27.49 -18.94 26.61
C ALA D 133 -26.58 -19.55 27.67
N VAL D 134 -26.78 -19.06 28.89
CA VAL D 134 -26.02 -19.47 30.07
C VAL D 134 -25.80 -20.98 30.25
N GLU D 135 -26.80 -21.79 29.97
CA GLU D 135 -26.63 -23.23 30.14
C GLU D 135 -25.78 -23.85 29.06
N LEU D 136 -26.05 -23.48 27.81
CA LEU D 136 -25.30 -24.00 26.70
C LEU D 136 -23.82 -23.58 26.86
N GLN D 137 -23.60 -22.43 27.49
CA GLN D 137 -22.25 -21.93 27.68
C GLN D 137 -21.39 -22.92 28.43
N LYS D 138 -22.02 -23.69 29.30
CA LYS D 138 -21.29 -24.68 30.10
C LYS D 138 -20.70 -25.85 29.31
N GLU D 139 -21.24 -26.15 28.14
CA GLU D 139 -20.69 -27.25 27.36
C GLU D 139 -19.77 -26.85 26.21
N VAL D 140 -19.50 -25.56 26.09
CA VAL D 140 -18.64 -25.03 25.04
C VAL D 140 -17.14 -25.27 25.33
N VAL D 141 -16.39 -25.67 24.31
CA VAL D 141 -14.95 -25.85 24.47
C VAL D 141 -14.22 -24.78 23.64
N TYR D 142 -13.15 -24.21 24.20
CA TYR D 142 -12.38 -23.19 23.50
C TYR D 142 -11.58 -23.87 22.38
N GLY D 143 -11.64 -23.32 21.17
CA GLY D 143 -10.97 -23.95 20.04
C GLY D 143 -9.55 -23.61 19.69
N LEU D 144 -8.69 -23.45 20.68
CA LEU D 144 -7.28 -23.16 20.40
C LEU D 144 -6.72 -24.57 20.21
N THR D 145 -6.84 -25.06 18.98
CA THR D 145 -6.43 -26.42 18.67
C THR D 145 -5.20 -27.01 19.36
N GLU D 146 -3.99 -26.66 18.92
CA GLU D 146 -2.75 -27.18 19.51
C GLU D 146 -2.80 -27.35 21.05
N ILE D 147 -3.56 -26.49 21.71
CA ILE D 147 -3.67 -26.52 23.16
C ILE D 147 -4.77 -27.47 23.71
N LEU D 148 -6.01 -27.27 23.24
CA LEU D 148 -7.15 -28.05 23.73
C LEU D 148 -7.64 -29.13 22.75
N ARG D 149 -6.72 -29.60 21.93
CA ARG D 149 -7.00 -30.63 20.93
C ARG D 149 -7.85 -31.78 21.47
N GLU D 150 -7.41 -32.38 22.58
CA GLU D 150 -8.12 -33.52 23.13
C GLU D 150 -9.56 -33.24 23.56
N ASP D 151 -9.85 -32.01 24.00
CA ASP D 151 -11.20 -31.66 24.41
C ASP D 151 -12.04 -31.33 23.18
N ILE D 152 -11.40 -30.65 22.22
CA ILE D 152 -12.08 -30.28 21.00
C ILE D 152 -12.57 -31.46 20.18
N LYS D 153 -11.74 -32.50 20.05
CA LYS D 153 -12.13 -33.67 19.25
C LYS D 153 -13.49 -34.27 19.62
N LYS D 154 -13.88 -34.17 20.89
CA LYS D 154 -15.16 -34.72 21.32
C LYS D 154 -16.12 -33.68 21.86
N ALA D 155 -15.84 -32.41 21.56
CA ALA D 155 -16.70 -31.33 22.02
C ALA D 155 -17.90 -31.15 21.11
N ARG D 156 -19.00 -30.63 21.66
CA ARG D 156 -20.18 -30.40 20.86
C ARG D 156 -20.02 -29.03 20.22
N LEU D 157 -20.18 -28.00 21.04
CA LEU D 157 -20.07 -26.62 20.61
C LEU D 157 -18.68 -26.06 20.90
N VAL D 158 -18.03 -25.56 19.85
CA VAL D 158 -16.69 -25.01 19.96
C VAL D 158 -16.66 -23.53 19.66
N ALA D 159 -16.07 -22.77 20.58
CA ALA D 159 -15.93 -21.35 20.39
C ALA D 159 -14.53 -21.14 19.79
N ASN D 160 -14.50 -20.80 18.52
CA ASN D 160 -13.23 -20.57 17.85
C ASN D 160 -12.61 -19.31 18.44
N PRO D 161 -11.34 -19.38 18.85
CA PRO D 161 -10.65 -18.23 19.44
C PRO D 161 -10.60 -16.99 18.55
N GLY D 162 -10.37 -15.82 19.14
CA GLY D 162 -10.22 -14.63 18.34
C GLY D 162 -8.82 -14.62 17.73
N CYS D 163 -8.60 -13.82 16.69
CA CYS D 163 -7.28 -13.75 16.04
C CYS D 163 -6.14 -13.39 17.00
N TYR D 164 -6.19 -12.20 17.62
CA TYR D 164 -5.13 -11.81 18.52
C TYR D 164 -4.86 -12.87 19.57
N PRO D 165 -5.91 -13.33 20.29
CA PRO D 165 -5.72 -14.36 21.32
C PRO D 165 -4.94 -15.61 20.88
N THR D 166 -5.11 -15.99 19.62
CA THR D 166 -4.42 -17.18 19.13
C THR D 166 -2.91 -16.95 19.13
N THR D 167 -2.49 -15.78 18.65
CA THR D 167 -1.06 -15.43 18.62
C THR D 167 -0.49 -15.22 20.01
N ILE D 168 -1.34 -14.94 20.99
CA ILE D 168 -0.86 -14.68 22.34
C ILE D 168 -0.76 -15.91 23.24
N GLN D 169 -1.76 -16.78 23.18
CA GLN D 169 -1.78 -17.96 24.03
C GLN D 169 -0.84 -19.10 23.58
N LEU D 170 -0.70 -19.29 22.26
CA LEU D 170 0.14 -20.33 21.74
C LEU D 170 1.55 -20.31 22.36
N PRO D 171 2.25 -19.17 22.31
CA PRO D 171 3.58 -19.18 22.92
C PRO D 171 3.60 -19.12 24.45
N LEU D 172 2.60 -18.46 25.03
CA LEU D 172 2.59 -18.27 26.48
C LEU D 172 2.07 -19.42 27.36
N VAL D 173 1.02 -20.11 26.93
CA VAL D 173 0.50 -21.20 27.72
C VAL D 173 1.60 -22.20 28.08
N PRO D 174 2.35 -22.70 27.10
CA PRO D 174 3.43 -23.67 27.39
C PRO D 174 4.42 -23.12 28.42
N LEU D 175 4.83 -21.87 28.24
CA LEU D 175 5.77 -21.22 29.15
C LEU D 175 5.24 -21.06 30.57
N LEU D 176 3.93 -20.84 30.68
CA LEU D 176 3.32 -20.69 32.01
C LEU D 176 3.14 -22.07 32.69
N LYS D 177 2.74 -23.05 31.89
CA LYS D 177 2.52 -24.40 32.39
C LYS D 177 3.83 -24.97 32.96
N ALA D 178 4.96 -24.39 32.55
CA ALA D 178 6.27 -24.84 33.01
C ALA D 178 6.92 -23.82 33.93
N ASN D 179 6.13 -22.83 34.35
CA ASN D 179 6.61 -21.75 35.23
C ASN D 179 7.92 -21.11 34.76
N LEU D 180 8.19 -21.13 33.46
CA LEU D 180 9.43 -20.54 32.96
C LEU D 180 9.37 -19.02 32.90
N ILE D 181 8.17 -18.46 32.91
CA ILE D 181 7.97 -17.00 32.87
C ILE D 181 7.00 -16.59 33.97
N LYS D 182 7.20 -15.42 34.56
CA LYS D 182 6.30 -14.94 35.59
C LYS D 182 4.94 -14.64 34.94
N HIS D 183 3.87 -14.61 35.74
CA HIS D 183 2.57 -14.33 35.13
C HIS D 183 2.15 -12.88 35.27
N GLU D 184 2.93 -12.10 35.98
CA GLU D 184 2.59 -10.69 36.11
C GLU D 184 3.43 -9.84 35.16
N ASN D 185 2.95 -8.63 34.89
CA ASN D 185 3.66 -7.70 34.01
C ASN D 185 3.89 -8.15 32.58
N ILE D 186 3.00 -9.01 32.08
CA ILE D 186 3.09 -9.46 30.70
C ILE D 186 2.49 -8.32 29.87
N ILE D 187 3.32 -7.67 29.04
CA ILE D 187 2.86 -6.56 28.20
C ILE D 187 2.82 -6.98 26.74
N ILE D 188 1.68 -6.77 26.11
CA ILE D 188 1.51 -7.16 24.72
C ILE D 188 1.24 -5.96 23.79
N ASP D 189 2.13 -5.73 22.82
CA ASP D 189 1.97 -4.66 21.84
C ASP D 189 1.68 -5.36 20.54
N ALA D 190 0.38 -5.50 20.26
CA ALA D 190 -0.09 -6.21 19.08
C ALA D 190 -0.40 -5.33 17.86
N LYS D 191 -0.26 -5.92 16.68
CA LYS D 191 -0.49 -5.25 15.41
C LYS D 191 -1.31 -6.14 14.50
N SER D 192 -2.24 -5.52 13.75
CA SER D 192 -3.08 -6.28 12.83
C SER D 192 -3.44 -5.52 11.56
N GLY D 193 -3.66 -6.29 10.49
CA GLY D 193 -4.08 -5.73 9.23
C GLY D 193 -5.54 -5.35 9.39
N VAL D 194 -6.03 -4.45 8.54
CA VAL D 194 -7.42 -3.98 8.66
C VAL D 194 -8.53 -4.98 8.24
N SER D 195 -8.15 -6.11 7.64
CA SER D 195 -9.18 -7.08 7.25
C SER D 195 -9.91 -7.57 8.50
N GLY D 196 -9.24 -7.50 9.63
CA GLY D 196 -9.84 -7.95 10.87
C GLY D 196 -10.94 -7.02 11.34
N ALA D 197 -11.09 -5.89 10.65
CA ALA D 197 -12.12 -4.91 10.97
C ALA D 197 -13.38 -5.21 10.15
N GLY D 198 -13.46 -6.42 9.62
CA GLY D 198 -14.62 -6.80 8.83
C GLY D 198 -14.80 -5.97 7.59
N ARG D 199 -15.90 -6.24 6.88
CA ARG D 199 -16.25 -5.55 5.64
C ARG D 199 -17.38 -4.49 5.78
N GLY D 200 -17.52 -3.94 6.97
CA GLY D 200 -18.55 -2.92 7.17
C GLY D 200 -18.18 -1.62 6.47
N ALA D 201 -19.16 -0.93 5.87
CA ALA D 201 -18.88 0.33 5.19
C ALA D 201 -18.83 1.47 6.19
N LYS D 202 -17.62 1.81 6.62
CA LYS D 202 -17.40 2.88 7.59
C LYS D 202 -16.30 3.82 7.10
N GLU D 203 -16.33 5.04 7.61
CA GLU D 203 -15.34 6.04 7.20
C GLU D 203 -13.91 5.58 7.46
N ALA D 204 -13.67 5.08 8.67
CA ALA D 204 -12.34 4.63 9.06
C ALA D 204 -11.81 3.34 8.37
N ASN D 205 -12.53 2.84 7.37
CA ASN D 205 -12.14 1.61 6.67
C ASN D 205 -11.92 1.79 5.15
N LEU D 206 -11.99 3.04 4.71
CA LEU D 206 -11.80 3.37 3.31
C LEU D 206 -10.31 3.30 3.01
N TYR D 207 -9.95 2.89 1.82
CA TYR D 207 -8.56 2.82 1.46
C TYR D 207 -7.83 4.12 1.80
N SER D 208 -8.40 5.28 1.43
CA SER D 208 -7.75 6.58 1.71
C SER D 208 -7.43 6.81 3.18
N GLU D 209 -8.36 6.52 4.06
CA GLU D 209 -8.15 6.72 5.49
C GLU D 209 -7.07 5.78 6.06
N ILE D 210 -7.18 4.50 5.72
CA ILE D 210 -6.25 3.51 6.25
C ILE D 210 -4.82 3.55 5.70
N ALA D 211 -4.68 3.61 4.39
CA ALA D 211 -3.35 3.62 3.75
C ALA D 211 -2.31 4.49 4.44
N GLU D 212 -1.11 3.92 4.57
CA GLU D 212 0.02 4.59 5.21
C GLU D 212 -0.38 5.04 6.62
N GLY D 213 0.49 4.80 7.59
CA GLY D 213 0.23 5.18 8.97
C GLY D 213 -0.41 4.07 9.80
N ILE D 214 -0.15 4.07 11.11
CA ILE D 214 -0.76 3.07 11.99
C ILE D 214 -1.42 3.80 13.15
N SER D 215 -2.30 3.12 13.87
CA SER D 215 -2.91 3.77 15.02
C SER D 215 -3.09 2.78 16.15
N SER D 216 -3.07 3.30 17.37
CA SER D 216 -3.29 2.45 18.51
C SER D 216 -4.79 2.52 18.82
N TYR D 217 -5.58 1.54 18.37
CA TYR D 217 -7.01 1.54 18.69
C TYR D 217 -7.22 0.68 19.93
N GLY D 218 -8.40 0.80 20.55
CA GLY D 218 -8.72 0.05 21.74
C GLY D 218 -7.59 -0.05 22.75
N VAL D 219 -7.19 1.10 23.27
CA VAL D 219 -6.12 1.15 24.26
C VAL D 219 -6.72 0.94 25.67
N THR D 220 -5.91 0.41 26.59
CA THR D 220 -6.34 0.16 27.97
C THR D 220 -7.39 -0.93 28.12
N ARG D 221 -8.35 -0.95 27.20
CA ARG D 221 -9.44 -1.92 27.25
C ARG D 221 -9.80 -2.34 25.85
N HIS D 222 -9.90 -3.65 25.64
CA HIS D 222 -10.27 -4.20 24.35
C HIS D 222 -10.94 -5.51 24.69
N ARG D 223 -11.96 -5.89 23.94
CA ARG D 223 -12.71 -7.11 24.22
C ARG D 223 -11.92 -8.42 24.17
N HIS D 224 -10.70 -8.39 23.66
CA HIS D 224 -9.90 -9.62 23.62
C HIS D 224 -9.18 -9.83 24.94
N VAL D 225 -9.11 -8.79 25.76
CA VAL D 225 -8.44 -8.89 27.04
C VAL D 225 -8.95 -10.05 27.88
N PRO D 226 -10.27 -10.12 28.13
CA PRO D 226 -10.83 -11.21 28.94
C PRO D 226 -10.60 -12.61 28.35
N GLU D 227 -10.56 -12.68 27.03
CA GLU D 227 -10.30 -13.94 26.34
C GLU D 227 -8.83 -14.35 26.47
N ILE D 228 -7.95 -13.37 26.53
CA ILE D 228 -6.51 -13.59 26.68
C ILE D 228 -6.20 -14.06 28.10
N GLU D 229 -6.55 -13.22 29.07
CA GLU D 229 -6.33 -13.50 30.48
C GLU D 229 -6.95 -14.83 30.88
N GLN D 230 -8.19 -15.05 30.48
CA GLN D 230 -8.86 -16.32 30.77
C GLN D 230 -7.82 -17.44 30.62
N GLY D 231 -7.49 -17.76 29.36
CA GLY D 231 -6.53 -18.81 29.04
C GLY D 231 -5.30 -18.82 29.94
N LEU D 232 -4.55 -17.73 29.89
CA LEU D 232 -3.35 -17.59 30.69
C LEU D 232 -3.62 -17.93 32.14
N SER D 233 -4.70 -17.37 32.66
CA SER D 233 -5.09 -17.62 34.05
C SER D 233 -5.39 -19.10 34.33
N ASP D 234 -6.06 -19.76 33.39
CA ASP D 234 -6.40 -21.17 33.56
C ASP D 234 -5.16 -22.04 33.61
N VAL D 235 -4.06 -21.56 33.06
CA VAL D 235 -2.81 -22.33 33.05
C VAL D 235 -1.87 -21.90 34.16
N ALA D 236 -2.05 -20.69 34.66
CA ALA D 236 -1.20 -20.20 35.73
C ALA D 236 -1.81 -20.53 37.09
N GLN D 237 -3.06 -21.00 37.07
CA GLN D 237 -3.79 -21.37 38.29
C GLN D 237 -3.93 -20.13 39.15
N SER D 238 -3.88 -18.98 38.50
CA SER D 238 -4.00 -17.70 39.20
C SER D 238 -4.44 -16.64 38.22
N LYS D 239 -5.17 -15.63 38.70
CA LYS D 239 -5.64 -14.58 37.82
C LYS D 239 -4.52 -13.82 37.17
N VAL D 240 -4.62 -13.66 35.86
CA VAL D 240 -3.61 -12.94 35.11
C VAL D 240 -4.16 -11.62 34.57
N THR D 241 -3.43 -10.54 34.83
CA THR D 241 -3.80 -9.21 34.35
C THR D 241 -2.70 -8.68 33.44
N VAL D 242 -2.99 -8.63 32.14
CA VAL D 242 -2.03 -8.15 31.15
C VAL D 242 -2.32 -6.70 30.76
N SER D 243 -1.47 -6.17 29.88
CA SER D 243 -1.61 -4.83 29.31
C SER D 243 -1.56 -5.04 27.80
N PHE D 244 -2.70 -5.36 27.19
CA PHE D 244 -2.82 -5.62 25.74
C PHE D 244 -3.14 -4.37 24.93
N THR D 245 -2.46 -4.17 23.80
CA THR D 245 -2.71 -3.00 22.98
C THR D 245 -2.75 -3.23 21.44
N PRO D 246 -3.94 -3.11 20.84
CA PRO D 246 -4.07 -3.29 19.39
C PRO D 246 -3.45 -2.10 18.63
N HIS D 247 -2.92 -2.38 17.45
CA HIS D 247 -2.31 -1.38 16.58
C HIS D 247 -2.73 -1.78 15.17
N LEU D 248 -3.40 -0.86 14.46
CA LEU D 248 -3.86 -1.14 13.11
C LEU D 248 -2.72 -0.88 12.12
N MET D 249 -2.53 -1.81 11.19
CA MET D 249 -1.49 -1.72 10.20
C MET D 249 -2.03 -1.39 8.82
N PRO D 250 -1.30 -0.55 8.06
CA PRO D 250 -1.79 -0.23 6.71
C PRO D 250 -1.51 -1.39 5.79
N MET D 251 -2.27 -2.46 6.00
CA MET D 251 -2.14 -3.67 5.20
C MET D 251 -3.42 -4.44 5.43
N ILE D 252 -3.65 -5.47 4.62
CA ILE D 252 -4.86 -6.27 4.74
C ILE D 252 -4.80 -7.44 5.73
N ARG D 253 -3.77 -8.29 5.58
CA ARG D 253 -3.57 -9.47 6.41
C ARG D 253 -2.33 -9.42 7.34
N GLY D 254 -2.24 -10.39 8.24
CA GLY D 254 -1.11 -10.47 9.12
C GLY D 254 -1.34 -9.87 10.49
N MET D 255 -0.63 -10.42 11.47
CA MET D 255 -0.77 -9.93 12.83
C MET D 255 0.48 -10.30 13.62
N GLN D 256 0.84 -9.44 14.56
CA GLN D 256 1.97 -9.71 15.41
C GLN D 256 1.71 -9.19 16.80
N SER D 257 1.86 -10.05 17.79
CA SER D 257 1.69 -9.64 19.16
C SER D 257 3.08 -9.71 19.76
N THR D 258 3.84 -8.62 19.68
CA THR D 258 5.18 -8.57 20.26
C THR D 258 4.92 -8.64 21.76
N ILE D 259 5.43 -9.67 22.40
CA ILE D 259 5.19 -9.90 23.83
C ILE D 259 6.43 -9.75 24.69
N TYR D 260 6.25 -8.99 25.77
CA TYR D 260 7.31 -8.71 26.71
C TYR D 260 7.01 -9.39 28.07
N VAL D 261 7.82 -10.38 28.42
CA VAL D 261 7.63 -11.11 29.68
C VAL D 261 8.87 -11.12 30.56
N GLU D 262 8.66 -11.39 31.84
CA GLU D 262 9.73 -11.51 32.82
C GLU D 262 9.92 -13.00 33.01
N MET D 263 11.15 -13.47 32.79
CA MET D 263 11.43 -14.88 32.96
C MET D 263 11.35 -15.23 34.44
N ALA D 264 11.25 -16.51 34.76
CA ALA D 264 11.17 -16.95 36.15
C ALA D 264 12.60 -17.02 36.73
N PRO D 265 12.76 -16.85 38.04
CA PRO D 265 14.10 -16.89 38.64
C PRO D 265 14.98 -18.03 38.13
N GLY D 266 16.20 -17.70 37.73
CA GLY D 266 17.12 -18.70 37.22
C GLY D 266 16.91 -19.08 35.76
N VAL D 267 15.74 -18.72 35.22
CA VAL D 267 15.41 -19.04 33.84
C VAL D 267 16.08 -18.12 32.81
N ARG D 268 16.51 -18.71 31.70
CA ARG D 268 17.16 -17.98 30.62
C ARG D 268 16.42 -18.18 29.29
N THR D 269 16.64 -17.25 28.36
CA THR D 269 15.98 -17.34 27.06
C THR D 269 15.99 -18.73 26.45
N GLU D 270 17.08 -19.47 26.65
CA GLU D 270 17.26 -20.84 26.15
C GLU D 270 16.17 -21.78 26.64
N ASP D 271 15.80 -21.64 27.91
CA ASP D 271 14.75 -22.48 28.50
C ASP D 271 13.43 -22.21 27.78
N LEU D 272 13.08 -20.93 27.67
CA LEU D 272 11.84 -20.58 26.99
C LEU D 272 11.95 -21.14 25.57
N HIS D 273 13.11 -20.93 24.95
CA HIS D 273 13.34 -21.40 23.60
C HIS D 273 13.19 -22.91 23.46
N GLN D 274 13.76 -23.66 24.41
CA GLN D 274 13.68 -25.11 24.37
C GLN D 274 12.27 -25.57 24.68
N GLN D 275 11.62 -24.88 25.62
CA GLN D 275 10.27 -25.23 26.02
C GLN D 275 9.31 -25.12 24.85
N LEU D 276 9.31 -23.97 24.20
CA LEU D 276 8.42 -23.80 23.06
C LEU D 276 8.87 -24.78 22.00
N LYS D 277 10.19 -24.89 21.82
CA LYS D 277 10.74 -25.79 20.81
C LYS D 277 10.23 -27.22 20.99
N THR D 278 9.98 -27.60 22.24
CA THR D 278 9.50 -28.94 22.55
C THR D 278 7.99 -29.10 22.53
N SER D 279 7.26 -28.05 22.91
CA SER D 279 5.80 -28.09 22.96
C SER D 279 5.12 -28.22 21.60
N TYR D 280 5.66 -27.53 20.60
CA TYR D 280 5.07 -27.56 19.27
C TYR D 280 5.97 -28.25 18.26
N GLU D 281 6.94 -28.99 18.77
CA GLU D 281 7.91 -29.71 17.93
C GLU D 281 7.32 -30.50 16.76
N ASP D 282 6.24 -31.23 17.00
CA ASP D 282 5.62 -32.02 15.95
C ASP D 282 4.32 -31.37 15.40
N GLU D 283 4.08 -30.11 15.76
CA GLU D 283 2.88 -29.41 15.30
C GLU D 283 3.03 -28.84 13.89
N GLU D 284 2.09 -29.22 13.02
CA GLU D 284 2.10 -28.75 11.64
C GLU D 284 2.00 -27.23 11.49
N PHE D 285 1.30 -26.58 12.39
CA PHE D 285 1.09 -25.15 12.24
C PHE D 285 1.90 -24.22 13.10
N VAL D 286 2.30 -24.65 14.28
CA VAL D 286 3.10 -23.77 15.12
C VAL D 286 4.54 -24.12 14.86
N LYS D 287 5.31 -23.11 14.45
CA LYS D 287 6.71 -23.27 14.13
C LYS D 287 7.56 -22.36 14.98
N VAL D 288 8.67 -22.90 15.49
CA VAL D 288 9.60 -22.13 16.30
C VAL D 288 10.82 -21.99 15.44
N LEU D 289 11.30 -20.76 15.31
CA LEU D 289 12.44 -20.45 14.48
C LEU D 289 13.72 -20.53 15.31
N ASP D 290 14.87 -20.56 14.64
CA ASP D 290 16.14 -20.64 15.34
C ASP D 290 16.34 -19.39 16.20
N GLU D 291 17.44 -19.36 16.93
CA GLU D 291 17.76 -18.24 17.80
C GLU D 291 18.14 -17.01 16.99
N GLY D 292 17.57 -15.88 17.38
CA GLY D 292 17.86 -14.62 16.70
C GLY D 292 17.12 -14.42 15.38
N VAL D 293 16.35 -15.40 14.94
CA VAL D 293 15.64 -15.24 13.68
C VAL D 293 14.31 -14.54 13.90
N VAL D 294 14.17 -13.37 13.26
CA VAL D 294 12.96 -12.57 13.39
C VAL D 294 11.88 -12.99 12.40
N PRO D 295 10.71 -13.40 12.89
CA PRO D 295 9.66 -13.79 11.93
C PRO D 295 8.99 -12.57 11.29
N ARG D 296 8.32 -12.78 10.17
CA ARG D 296 7.63 -11.70 9.45
C ARG D 296 6.20 -12.18 9.20
N THR D 297 5.21 -11.27 9.23
CA THR D 297 3.83 -11.70 8.96
C THR D 297 3.77 -12.04 7.48
N HIS D 298 4.66 -11.40 6.73
CA HIS D 298 4.70 -11.66 5.29
C HIS D 298 4.86 -13.15 5.00
N ASN D 299 5.56 -13.86 5.89
CA ASN D 299 5.81 -15.28 5.66
C ASN D 299 4.72 -16.28 5.99
N VAL D 300 3.60 -15.83 6.57
CA VAL D 300 2.50 -16.74 6.88
C VAL D 300 1.23 -16.30 6.21
N ARG D 301 1.29 -15.11 5.63
CA ARG D 301 0.20 -14.51 4.90
C ARG D 301 -0.47 -15.49 3.95
N GLY D 302 -1.78 -15.72 4.12
CA GLY D 302 -2.49 -16.62 3.21
C GLY D 302 -2.48 -18.09 3.59
N SER D 303 -1.86 -18.41 4.73
CA SER D 303 -1.80 -19.79 5.17
C SER D 303 -2.28 -19.82 6.59
N ASN D 304 -2.32 -21.02 7.15
CA ASN D 304 -2.76 -21.27 8.51
C ASN D 304 -1.60 -21.45 9.48
N TYR D 305 -0.41 -21.01 9.11
CA TYR D 305 0.77 -21.17 9.97
C TYR D 305 1.03 -20.00 10.89
N CYS D 306 1.49 -20.32 12.11
CA CYS D 306 1.91 -19.33 13.11
C CYS D 306 3.41 -19.58 13.33
N HIS D 307 4.21 -18.53 13.16
CA HIS D 307 5.65 -18.62 13.40
C HIS D 307 5.92 -17.86 14.68
N MET D 308 6.77 -18.44 15.51
CA MET D 308 7.13 -17.79 16.77
C MET D 308 8.65 -17.84 17.00
N SER D 309 9.13 -16.80 17.70
CA SER D 309 10.54 -16.67 18.01
C SER D 309 10.71 -16.00 19.37
N VAL D 310 11.83 -16.30 20.02
CA VAL D 310 12.16 -15.76 21.35
C VAL D 310 13.51 -15.06 21.32
N PHE D 311 13.58 -13.90 21.98
CA PHE D 311 14.80 -13.13 22.02
C PHE D 311 14.99 -12.64 23.43
N PRO D 312 16.24 -12.32 23.80
CA PRO D 312 16.46 -11.81 25.15
C PRO D 312 16.10 -10.32 25.12
N ASP D 313 15.58 -9.79 26.22
CA ASP D 313 15.24 -8.38 26.27
C ASP D 313 16.51 -7.75 26.79
N ARG D 314 16.71 -6.46 26.52
CA ARG D 314 17.91 -5.78 27.01
C ARG D 314 17.87 -5.67 28.52
N ILE D 315 16.66 -5.71 29.07
CA ILE D 315 16.48 -5.62 30.51
C ILE D 315 16.70 -6.99 31.16
N PRO D 316 17.63 -7.06 32.12
CA PRO D 316 17.88 -8.36 32.75
C PRO D 316 16.64 -9.06 33.31
N GLY D 317 16.48 -10.31 32.91
CA GLY D 317 15.36 -11.13 33.36
C GLY D 317 14.12 -11.14 32.48
N ARG D 318 14.16 -10.35 31.41
CA ARG D 318 13.04 -10.25 30.48
C ARG D 318 13.29 -10.87 29.11
N ALA D 319 12.23 -11.41 28.52
CA ALA D 319 12.32 -12.03 27.22
C ALA D 319 11.28 -11.35 26.29
N ILE D 320 11.48 -11.52 25.00
CA ILE D 320 10.61 -10.94 23.99
C ILE D 320 10.19 -12.04 23.04
N ILE D 321 8.89 -12.21 22.89
CA ILE D 321 8.40 -13.24 22.01
C ILE D 321 7.58 -12.61 20.89
N ILE D 322 7.75 -13.12 19.68
CA ILE D 322 7.03 -12.67 18.50
C ILE D 322 6.26 -13.85 17.92
N SER D 323 4.97 -13.63 17.70
CA SER D 323 4.09 -14.66 17.14
C SER D 323 3.27 -14.06 16.01
N VAL D 324 3.38 -14.64 14.81
CA VAL D 324 2.63 -14.16 13.65
C VAL D 324 1.79 -15.20 12.95
N ILE D 325 0.64 -14.73 12.45
CA ILE D 325 -0.31 -15.56 11.71
C ILE D 325 -0.98 -14.70 10.65
N ASP D 326 -1.83 -15.32 9.83
CA ASP D 326 -2.61 -14.57 8.87
C ASP D 326 -3.92 -14.39 9.67
N ASN D 327 -4.12 -13.20 10.26
CA ASN D 327 -5.29 -12.92 11.10
C ASN D 327 -6.62 -13.56 10.68
N LEU D 328 -6.83 -13.75 9.38
CA LEU D 328 -8.06 -14.35 8.88
C LEU D 328 -8.05 -15.89 8.79
N VAL D 329 -6.86 -16.49 8.70
CA VAL D 329 -6.74 -17.94 8.58
C VAL D 329 -6.53 -18.59 9.93
N LYS D 330 -5.29 -18.62 10.40
CA LYS D 330 -5.04 -19.22 11.71
C LYS D 330 -5.70 -18.34 12.78
N GLY D 331 -5.93 -17.09 12.45
CA GLY D 331 -6.59 -16.19 13.38
C GLY D 331 -8.11 -16.33 13.28
N ALA D 332 -8.60 -17.20 12.39
CA ALA D 332 -10.04 -17.38 12.26
C ALA D 332 -10.52 -18.61 11.49
N SER D 333 -10.97 -18.41 10.25
CA SER D 333 -11.52 -19.48 9.44
C SER D 333 -10.67 -20.72 9.29
N GLY D 334 -9.35 -20.54 9.29
CA GLY D 334 -8.45 -21.70 9.18
C GLY D 334 -8.48 -22.55 10.42
N GLN D 335 -8.33 -21.92 11.57
CA GLN D 335 -8.38 -22.66 12.81
C GLN D 335 -9.76 -23.27 13.01
N ALA D 336 -10.80 -22.56 12.58
CA ALA D 336 -12.16 -23.08 12.72
C ALA D 336 -12.30 -24.41 11.96
N LEU D 337 -11.74 -24.46 10.76
CA LEU D 337 -11.78 -25.66 9.96
C LEU D 337 -10.86 -26.70 10.59
N GLN D 338 -9.72 -26.25 11.11
CA GLN D 338 -8.78 -27.18 11.74
C GLN D 338 -9.56 -27.92 12.82
N ASN D 339 -10.45 -27.21 13.49
CA ASN D 339 -11.26 -27.83 14.54
C ASN D 339 -12.34 -28.75 13.96
N LEU D 340 -13.13 -28.23 13.04
CA LEU D 340 -14.17 -29.05 12.46
C LEU D 340 -13.61 -30.37 11.93
N ASN D 341 -12.35 -30.36 11.47
CA ASN D 341 -11.76 -31.61 10.97
C ASN D 341 -11.86 -32.70 12.03
N ILE D 342 -11.19 -32.51 13.16
CA ILE D 342 -11.21 -33.48 14.23
C ILE D 342 -12.63 -33.69 14.73
N MET D 343 -13.39 -32.60 14.85
CA MET D 343 -14.76 -32.70 15.31
C MET D 343 -15.61 -33.52 14.34
N LEU D 344 -14.93 -34.20 13.43
CA LEU D 344 -15.57 -35.04 12.44
C LEU D 344 -14.78 -36.31 12.15
N GLY D 345 -13.62 -36.44 12.78
CA GLY D 345 -12.81 -37.62 12.58
C GLY D 345 -11.91 -37.66 11.37
N TYR D 346 -11.38 -36.51 10.97
CA TYR D 346 -10.46 -36.47 9.84
C TYR D 346 -9.09 -35.97 10.26
N PRO D 347 -8.10 -36.15 9.39
CA PRO D 347 -6.78 -35.65 9.75
C PRO D 347 -6.88 -34.12 9.93
N GLU D 348 -6.32 -33.65 11.03
CA GLU D 348 -6.34 -32.25 11.40
C GLU D 348 -5.80 -31.26 10.38
N THR D 349 -5.16 -31.74 9.32
CA THR D 349 -4.57 -30.86 8.31
C THR D 349 -5.28 -30.89 6.97
N THR D 350 -6.35 -31.68 6.88
CA THR D 350 -7.08 -31.77 5.62
C THR D 350 -7.58 -30.42 5.16
N GLY D 351 -7.20 -30.04 3.95
CA GLY D 351 -7.61 -28.77 3.39
C GLY D 351 -6.89 -27.56 3.95
N LEU D 352 -5.98 -27.76 4.89
CA LEU D 352 -5.26 -26.65 5.49
C LEU D 352 -3.77 -26.59 5.14
N LEU D 353 -3.41 -27.17 4.01
CA LEU D 353 -2.02 -27.18 3.60
C LEU D 353 -1.59 -26.03 2.68
N HIS D 354 -2.50 -25.10 2.42
CA HIS D 354 -2.20 -23.94 1.58
C HIS D 354 -0.89 -23.31 2.09
N GLN D 355 0.05 -23.09 1.18
CA GLN D 355 1.34 -22.49 1.50
C GLN D 355 1.31 -20.98 1.38
N PRO D 356 2.10 -20.25 2.18
CA PRO D 356 2.08 -18.79 2.08
C PRO D 356 2.05 -18.15 0.68
N LEU D 357 1.29 -17.09 0.51
CA LEU D 357 1.26 -16.40 -0.77
C LEU D 357 2.26 -15.23 -0.67
N PHE D 358 3.54 -15.56 -0.80
CA PHE D 358 4.64 -14.58 -0.77
C PHE D 358 5.42 -14.70 -2.08
N PRO D 359 5.69 -13.57 -2.77
CA PRO D 359 5.28 -12.23 -2.34
C PRO D 359 3.78 -12.02 -2.56
N LYS A 15 19.91 34.75 -1.53
CA LYS A 15 19.37 34.87 -0.13
C LYS A 15 20.50 35.10 0.87
N ASP A 16 20.13 35.41 2.10
CA ASP A 16 21.10 35.70 3.15
C ASP A 16 22.14 34.60 3.44
N ILE A 17 21.66 33.37 3.59
CA ILE A 17 22.55 32.27 3.92
C ILE A 17 22.74 31.26 2.80
N ARG A 18 24.00 30.90 2.56
CA ARG A 18 24.36 29.91 1.54
C ARG A 18 24.52 28.58 2.26
N ILE A 19 23.77 27.59 1.81
CA ILE A 19 23.79 26.29 2.45
C ILE A 19 24.59 25.21 1.72
N GLY A 20 25.37 24.48 2.49
CA GLY A 20 26.13 23.38 1.93
C GLY A 20 25.46 22.12 2.44
N LEU A 21 25.22 21.17 1.55
CA LEU A 21 24.57 19.91 1.94
C LEU A 21 25.47 18.74 1.56
N LEU A 22 26.01 18.02 2.54
CA LEU A 22 26.88 16.87 2.27
C LEU A 22 26.10 15.57 2.24
N GLY A 23 25.75 15.08 1.04
CA GLY A 23 25.00 13.84 0.93
C GLY A 23 23.54 14.09 0.57
N ALA A 24 23.34 14.68 -0.60
CA ALA A 24 22.02 15.03 -1.09
C ALA A 24 21.31 14.00 -1.94
N SER A 25 21.95 12.86 -2.21
CA SER A 25 21.28 11.87 -3.05
C SER A 25 20.35 10.95 -2.24
N GLY A 26 20.42 11.05 -0.92
CA GLY A 26 19.57 10.23 -0.07
C GLY A 26 18.28 10.95 0.27
N TYR A 27 17.43 10.28 1.03
CA TYR A 27 16.13 10.82 1.46
C TYR A 27 16.22 12.03 2.39
N THR A 28 17.17 12.01 3.32
CA THR A 28 17.30 13.17 4.22
C THR A 28 17.73 14.37 3.37
N GLY A 29 18.58 14.13 2.37
CA GLY A 29 19.00 15.20 1.48
C GLY A 29 17.80 15.63 0.63
N ALA A 30 16.94 14.66 0.37
CA ALA A 30 15.73 14.91 -0.40
C ALA A 30 14.86 15.86 0.44
N GLU A 31 14.85 15.68 1.75
CA GLU A 31 14.07 16.55 2.63
C GLU A 31 14.75 17.89 2.91
N ILE A 32 16.08 17.89 2.86
CA ILE A 32 16.84 19.11 3.09
C ILE A 32 16.57 20.07 1.95
N VAL A 33 16.41 19.54 0.75
CA VAL A 33 16.14 20.36 -0.42
C VAL A 33 14.70 20.87 -0.38
N ARG A 34 13.74 19.98 -0.13
CA ARG A 34 12.34 20.39 -0.07
C ARG A 34 12.08 21.48 0.97
N LEU A 35 12.57 21.27 2.19
CA LEU A 35 12.36 22.25 3.26
C LEU A 35 12.98 23.62 2.97
N LEU A 36 14.19 23.63 2.43
CA LEU A 36 14.86 24.89 2.14
C LEU A 36 14.24 25.65 0.96
N ALA A 37 13.61 24.92 0.05
CA ALA A 37 12.99 25.53 -1.13
C ALA A 37 12.13 26.76 -0.83
N ASN A 38 11.28 26.70 0.19
CA ASN A 38 10.45 27.86 0.51
C ASN A 38 10.87 28.57 1.80
N HIS A 39 12.14 28.43 2.14
CA HIS A 39 12.72 29.10 3.29
C HIS A 39 13.19 30.43 2.68
N PRO A 40 12.66 31.54 3.17
CA PRO A 40 13.02 32.86 2.64
C PRO A 40 14.47 33.29 2.75
N HIS A 41 15.23 32.68 3.65
CA HIS A 41 16.61 33.13 3.82
C HIS A 41 17.74 32.19 3.52
N PHE A 42 17.44 30.89 3.51
CA PHE A 42 18.47 29.91 3.26
C PHE A 42 18.39 29.41 1.83
N GLN A 43 19.54 29.27 1.19
CA GLN A 43 19.60 28.80 -0.18
C GLN A 43 20.70 27.77 -0.36
N VAL A 44 20.34 26.63 -0.92
CA VAL A 44 21.30 25.57 -1.18
C VAL A 44 22.20 25.95 -2.36
N THR A 45 23.50 26.01 -2.15
CA THR A 45 24.41 26.36 -3.23
C THR A 45 25.44 25.26 -3.47
N LEU A 46 25.75 24.49 -2.45
CA LEU A 46 26.71 23.42 -2.60
C LEU A 46 26.07 22.08 -2.20
N MET A 47 26.15 21.10 -3.09
CA MET A 47 25.57 19.79 -2.81
C MET A 47 26.53 18.66 -3.19
N THR A 48 26.66 17.71 -2.28
CA THR A 48 27.54 16.58 -2.44
C THR A 48 26.76 15.26 -2.60
N ALA A 49 27.34 14.36 -3.42
CA ALA A 49 26.80 13.04 -3.67
C ALA A 49 27.97 12.12 -3.84
N ASP A 50 27.70 10.83 -3.86
CA ASP A 50 28.74 9.83 -4.00
C ASP A 50 28.81 9.26 -5.42
N ARG A 51 28.15 8.14 -5.64
CA ARG A 51 28.17 7.56 -6.97
C ARG A 51 27.67 8.57 -8.00
N LYS A 52 26.68 9.37 -7.58
CA LYS A 52 26.07 10.34 -8.47
C LYS A 52 26.64 11.76 -8.36
N ALA A 53 27.83 11.87 -7.77
CA ALA A 53 28.50 13.16 -7.62
C ALA A 53 28.98 13.63 -8.99
N GLY A 54 28.09 14.31 -9.71
CA GLY A 54 28.41 14.82 -11.03
C GLY A 54 27.14 14.86 -11.86
N GLN A 55 26.02 14.48 -11.26
CA GLN A 55 24.74 14.48 -11.97
C GLN A 55 23.86 15.66 -11.62
N SER A 56 22.74 15.76 -12.33
CA SER A 56 21.78 16.82 -12.09
C SER A 56 20.85 16.29 -10.99
N MET A 57 20.49 17.14 -10.05
CA MET A 57 19.60 16.70 -8.98
C MET A 57 18.36 16.07 -9.59
N GLU A 58 18.04 16.50 -10.81
CA GLU A 58 16.87 15.96 -11.49
C GLU A 58 17.13 14.53 -11.89
N SER A 59 18.38 14.21 -12.23
CA SER A 59 18.77 12.85 -12.60
C SER A 59 18.56 11.91 -11.42
N VAL A 60 18.87 12.40 -10.23
CA VAL A 60 18.74 11.59 -9.03
C VAL A 60 17.35 11.67 -8.43
N PHE A 61 16.79 12.87 -8.40
CA PHE A 61 15.46 13.09 -7.86
C PHE A 61 14.65 13.98 -8.80
N PRO A 62 13.87 13.38 -9.70
CA PRO A 62 13.07 14.17 -10.63
C PRO A 62 11.96 15.00 -9.98
N HIS A 63 11.49 14.62 -8.80
CA HIS A 63 10.47 15.45 -8.19
C HIS A 63 10.99 16.87 -7.91
N LEU A 64 12.32 17.06 -7.96
CA LEU A 64 12.89 18.38 -7.71
C LEU A 64 13.12 19.17 -9.01
N ARG A 65 12.24 18.98 -9.99
CA ARG A 65 12.43 19.66 -11.25
C ARG A 65 12.00 21.13 -11.30
N ALA A 66 11.10 21.54 -10.41
CA ALA A 66 10.65 22.93 -10.37
C ALA A 66 11.76 23.83 -9.84
N GLN A 67 12.70 23.23 -9.12
CA GLN A 67 13.82 23.99 -8.55
C GLN A 67 15.03 23.93 -9.48
N LYS A 68 15.86 24.96 -9.40
CA LYS A 68 17.07 25.03 -10.21
C LYS A 68 18.26 25.03 -9.24
N LEU A 69 18.77 23.83 -8.97
CA LEU A 69 19.86 23.64 -8.03
C LEU A 69 21.19 23.37 -8.71
N PRO A 70 22.28 23.44 -7.95
CA PRO A 70 23.63 23.19 -8.46
C PRO A 70 23.78 21.73 -8.86
N THR A 71 24.86 21.43 -9.54
CA THR A 71 25.12 20.06 -9.94
C THR A 71 25.79 19.44 -8.73
N LEU A 72 25.59 18.14 -8.57
CA LEU A 72 26.20 17.40 -7.46
C LEU A 72 27.70 17.30 -7.63
N VAL A 73 28.44 17.58 -6.56
CA VAL A 73 29.89 17.49 -6.63
C VAL A 73 30.35 16.51 -5.58
N SER A 74 31.63 16.14 -5.65
CA SER A 74 32.22 15.21 -4.72
C SER A 74 32.70 15.94 -3.48
N VAL A 75 32.66 15.27 -2.33
CA VAL A 75 33.14 15.86 -1.09
C VAL A 75 34.55 16.44 -1.27
N LYS A 76 35.37 15.74 -2.06
CA LYS A 76 36.73 16.19 -2.29
C LYS A 76 36.79 17.46 -3.14
N ASP A 77 35.83 17.63 -4.05
CA ASP A 77 35.78 18.80 -4.93
C ASP A 77 35.00 20.00 -4.39
N ALA A 78 34.28 19.80 -3.28
CA ALA A 78 33.48 20.86 -2.68
C ALA A 78 34.32 21.96 -2.04
N ASP A 79 33.93 23.22 -2.28
CA ASP A 79 34.63 24.38 -1.70
C ASP A 79 33.79 24.95 -0.55
N PHE A 80 34.08 24.51 0.67
CA PHE A 80 33.29 24.94 1.82
C PHE A 80 33.48 26.36 2.36
N SER A 81 34.40 27.13 1.79
CA SER A 81 34.60 28.49 2.25
C SER A 81 33.56 29.34 1.51
N THR A 82 32.83 28.65 0.64
CA THR A 82 31.79 29.27 -0.17
C THR A 82 30.41 29.15 0.49
N VAL A 83 30.32 28.49 1.65
CA VAL A 83 29.03 28.35 2.31
C VAL A 83 29.02 28.91 3.72
N ASP A 84 27.82 29.18 4.23
CA ASP A 84 27.66 29.74 5.57
C ASP A 84 27.37 28.71 6.63
N ALA A 85 26.54 27.74 6.29
CA ALA A 85 26.17 26.70 7.24
C ALA A 85 26.21 25.33 6.58
N VAL A 86 26.39 24.30 7.39
CA VAL A 86 26.48 22.95 6.86
C VAL A 86 25.45 21.95 7.41
N PHE A 87 24.75 21.28 6.49
CA PHE A 87 23.81 20.21 6.83
C PHE A 87 24.53 18.95 6.38
N CYS A 88 24.75 18.00 7.27
CA CYS A 88 25.43 16.78 6.83
C CYS A 88 24.50 15.58 6.84
N CYS A 89 24.38 14.93 5.69
CA CYS A 89 23.51 13.76 5.60
C CYS A 89 24.29 12.53 5.15
N LEU A 90 25.52 12.40 5.60
CA LEU A 90 26.34 11.25 5.22
C LEU A 90 26.16 10.09 6.19
N PRO A 91 26.70 8.91 5.83
CA PRO A 91 26.58 7.73 6.68
C PRO A 91 27.41 7.85 7.95
N HIS A 92 26.97 7.12 8.97
CA HIS A 92 27.64 7.08 10.26
C HIS A 92 28.98 6.40 10.09
N GLY A 93 30.02 6.96 10.68
CA GLY A 93 31.36 6.37 10.59
C GLY A 93 32.27 7.01 9.57
N THR A 94 31.87 8.17 9.08
CA THR A 94 32.63 8.88 8.08
C THR A 94 32.53 10.37 8.32
N THR A 95 31.45 10.74 8.98
CA THR A 95 31.15 12.11 9.29
C THR A 95 32.15 12.77 10.24
N GLN A 96 32.85 11.97 11.04
CA GLN A 96 33.80 12.51 12.00
C GLN A 96 35.02 13.21 11.39
N GLU A 97 35.81 12.49 10.60
CA GLU A 97 37.00 13.12 10.03
C GLU A 97 36.66 14.19 8.99
N ILE A 98 35.45 14.12 8.44
CA ILE A 98 35.01 15.12 7.45
C ILE A 98 34.66 16.43 8.15
N ILE A 99 33.80 16.35 9.15
CA ILE A 99 33.36 17.53 9.88
C ILE A 99 34.51 18.16 10.66
N LYS A 100 35.36 17.33 11.26
CA LYS A 100 36.50 17.81 12.02
C LYS A 100 37.43 18.64 11.16
N GLU A 101 37.30 18.52 9.84
CA GLU A 101 38.15 19.25 8.93
C GLU A 101 37.45 20.40 8.22
N LEU A 102 36.17 20.60 8.50
CA LEU A 102 35.43 21.70 7.87
C LEU A 102 35.88 23.03 8.48
N PRO A 103 35.69 24.14 7.74
CA PRO A 103 36.06 25.49 8.19
C PRO A 103 35.40 25.82 9.52
N THR A 104 36.22 26.27 10.48
CA THR A 104 35.74 26.61 11.81
C THR A 104 34.65 27.69 11.81
N ALA A 105 34.57 28.46 10.74
CA ALA A 105 33.60 29.53 10.65
C ALA A 105 32.22 29.02 10.23
N LEU A 106 32.11 27.72 10.04
CA LEU A 106 30.84 27.14 9.62
C LEU A 106 29.97 26.67 10.76
N LYS A 107 28.68 27.02 10.72
CA LYS A 107 27.75 26.49 11.72
C LYS A 107 27.35 25.15 11.06
N ILE A 108 27.30 24.08 11.83
CA ILE A 108 27.01 22.75 11.30
C ILE A 108 25.98 21.92 12.06
N VAL A 109 25.18 21.17 11.30
CA VAL A 109 24.22 20.28 11.93
C VAL A 109 24.44 18.93 11.27
N ASP A 110 25.00 18.00 12.03
CA ASP A 110 25.24 16.66 11.50
C ASP A 110 23.98 15.81 11.70
N LEU A 111 23.43 15.25 10.62
CA LEU A 111 22.23 14.42 10.75
C LEU A 111 22.56 12.97 11.11
N SER A 112 23.85 12.60 10.96
CA SER A 112 24.28 11.24 11.26
C SER A 112 24.16 11.02 12.77
N ALA A 113 24.80 9.97 13.27
CA ALA A 113 24.78 9.67 14.68
C ALA A 113 26.19 9.77 15.31
N ASP A 114 27.16 10.24 14.54
CA ASP A 114 28.55 10.33 15.02
C ASP A 114 28.88 11.28 16.17
N PHE A 115 28.05 12.29 16.43
CA PHE A 115 28.35 13.22 17.53
C PHE A 115 27.27 13.30 18.57
N ARG A 116 26.31 12.36 18.51
CA ARG A 116 25.21 12.34 19.44
C ARG A 116 25.62 11.76 20.80
N LEU A 117 26.53 10.80 20.79
CA LEU A 117 26.95 10.18 22.06
C LEU A 117 28.21 10.83 22.66
N ARG A 118 28.14 11.24 23.92
CA ARG A 118 29.27 11.87 24.59
C ARG A 118 30.30 10.86 25.05
N ASN A 119 29.84 9.65 25.36
CA ASN A 119 30.73 8.61 25.82
C ASN A 119 31.46 7.92 24.67
N ILE A 120 32.73 8.28 24.51
CA ILE A 120 33.57 7.75 23.44
C ILE A 120 33.61 6.23 23.38
N ALA A 121 33.59 5.59 24.55
CA ALA A 121 33.60 4.14 24.61
C ALA A 121 32.29 3.54 24.09
N GLU A 122 31.17 4.21 24.36
CA GLU A 122 29.88 3.73 23.87
C GLU A 122 29.83 3.88 22.37
N TYR A 123 30.40 4.96 21.85
CA TYR A 123 30.37 5.14 20.41
C TYR A 123 31.05 3.98 19.73
N GLU A 124 32.22 3.60 20.24
CA GLU A 124 32.98 2.52 19.66
C GLU A 124 32.29 1.16 19.80
N GLU A 125 31.71 0.88 20.96
CA GLU A 125 31.04 -0.39 21.14
C GLU A 125 29.78 -0.51 20.29
N TRP A 126 29.06 0.59 20.13
CA TRP A 126 27.84 0.57 19.34
C TRP A 126 28.04 0.83 17.84
N TYR A 127 29.08 1.58 17.48
CA TYR A 127 29.30 1.89 16.07
C TYR A 127 30.50 1.20 15.43
N GLY A 128 31.09 0.25 16.15
CA GLY A 128 32.20 -0.55 15.64
C GLY A 128 33.55 0.06 15.31
N GLN A 129 33.89 1.19 15.90
CA GLN A 129 35.17 1.80 15.65
C GLN A 129 35.39 3.02 16.53
N PRO A 130 36.64 3.29 16.88
CA PRO A 130 37.04 4.42 17.73
C PRO A 130 36.50 5.74 17.21
N HIS A 131 36.18 6.63 18.14
CA HIS A 131 35.68 7.95 17.78
C HIS A 131 36.89 8.66 17.17
N LYS A 132 36.68 9.51 16.17
CA LYS A 132 37.81 10.19 15.53
C LYS A 132 37.91 11.69 15.81
N ALA A 133 37.11 12.19 16.73
CA ALA A 133 37.13 13.62 17.05
C ALA A 133 36.76 13.80 18.51
N VAL A 134 37.47 13.09 19.38
CA VAL A 134 37.20 13.15 20.81
C VAL A 134 37.20 14.58 21.32
N GLU A 135 37.97 15.44 20.65
CA GLU A 135 38.03 16.83 21.06
C GLU A 135 36.76 17.59 20.71
N LEU A 136 36.43 17.63 19.43
CA LEU A 136 35.24 18.33 18.96
C LEU A 136 33.97 17.87 19.66
N GLN A 137 33.87 16.55 19.89
CA GLN A 137 32.73 15.94 20.53
C GLN A 137 32.19 16.74 21.72
N LYS A 138 33.08 17.07 22.65
CA LYS A 138 32.68 17.80 23.85
C LYS A 138 32.09 19.19 23.64
N GLU A 139 32.09 19.68 22.41
CA GLU A 139 31.51 21.00 22.19
C GLU A 139 30.19 20.83 21.41
N VAL A 140 29.87 19.59 21.07
CA VAL A 140 28.66 19.29 20.33
C VAL A 140 27.41 19.31 21.22
N VAL A 141 26.33 19.88 20.71
CA VAL A 141 25.06 19.94 21.43
C VAL A 141 24.03 19.03 20.74
N TYR A 142 23.35 18.19 21.51
CA TYR A 142 22.32 17.27 20.99
C TYR A 142 21.12 18.12 20.53
N GLY A 143 20.86 18.13 19.22
CA GLY A 143 19.77 18.94 18.71
C GLY A 143 18.32 18.61 19.04
N LEU A 144 18.00 18.25 20.29
CA LEU A 144 16.60 17.98 20.64
C LEU A 144 16.09 19.37 21.07
N THR A 145 15.66 20.12 20.05
CA THR A 145 15.22 21.51 20.18
C THR A 145 14.34 21.92 21.35
N GLU A 146 13.17 21.29 21.51
CA GLU A 146 12.27 21.68 22.59
C GLU A 146 12.88 21.48 23.98
N ILE A 147 13.86 20.59 24.08
CA ILE A 147 14.52 20.30 25.36
C ILE A 147 15.88 21.00 25.55
N LEU A 148 16.65 21.16 24.47
CA LEU A 148 17.98 21.78 24.60
C LEU A 148 18.17 23.06 23.77
N ARG A 149 17.07 23.69 23.38
CA ARG A 149 17.11 24.92 22.61
C ARG A 149 18.26 25.87 22.97
N GLU A 150 18.34 26.26 24.24
CA GLU A 150 19.37 27.20 24.68
C GLU A 150 20.81 26.80 24.39
N ASP A 151 21.13 25.50 24.48
CA ASP A 151 22.48 25.09 24.17
C ASP A 151 22.68 25.02 22.67
N ILE A 152 21.60 24.65 21.95
CA ILE A 152 21.67 24.55 20.50
C ILE A 152 21.98 25.93 19.90
N LYS A 153 21.26 26.95 20.39
CA LYS A 153 21.43 28.33 19.94
C LYS A 153 22.87 28.82 19.91
N LYS A 154 23.67 28.41 20.89
CA LYS A 154 25.05 28.85 20.93
C LYS A 154 26.08 27.78 20.53
N ALA A 155 25.63 26.76 19.81
CA ALA A 155 26.53 25.69 19.38
C ALA A 155 27.01 25.93 17.96
N ARG A 156 28.21 25.46 17.65
CA ARG A 156 28.73 25.58 16.28
C ARG A 156 28.37 24.27 15.55
N LEU A 157 28.51 23.16 16.26
CA LEU A 157 28.21 21.84 15.73
C LEU A 157 27.10 21.20 16.56
N VAL A 158 26.04 20.79 15.89
CA VAL A 158 24.92 20.15 16.55
C VAL A 158 24.67 18.77 15.96
N ALA A 159 24.40 17.82 16.84
CA ALA A 159 24.08 16.46 16.46
C ALA A 159 22.57 16.40 16.51
N ASN A 160 21.94 16.38 15.33
CA ASN A 160 20.47 16.36 15.22
C ASN A 160 19.91 14.96 15.53
N PRO A 161 19.44 14.73 16.77
CA PRO A 161 18.89 13.44 17.20
C PRO A 161 18.27 12.55 16.14
N GLY A 162 18.25 11.25 16.42
CA GLY A 162 17.66 10.30 15.48
C GLY A 162 16.14 10.43 15.57
N CYS A 163 15.44 9.63 14.78
CA CYS A 163 13.99 9.66 14.74
C CYS A 163 13.34 9.02 16.00
N TYR A 164 13.53 7.72 16.18
CA TYR A 164 12.99 7.04 17.36
C TYR A 164 13.33 7.79 18.65
N PRO A 165 14.63 8.09 18.87
CA PRO A 165 15.02 8.81 20.08
C PRO A 165 14.18 10.08 20.29
N THR A 166 13.88 10.78 19.21
CA THR A 166 13.07 12.03 19.29
C THR A 166 11.64 11.76 19.81
N THR A 167 11.02 10.67 19.35
CA THR A 167 9.66 10.33 19.77
C THR A 167 9.62 9.90 21.25
N ILE A 168 10.73 9.34 21.73
CA ILE A 168 10.83 8.86 23.11
C ILE A 168 11.18 9.95 24.14
N GLN A 169 12.27 10.67 23.92
CA GLN A 169 12.69 11.71 24.87
C GLN A 169 11.70 12.87 25.05
N LEU A 170 11.14 13.40 23.96
CA LEU A 170 10.20 14.50 24.11
C LEU A 170 9.12 14.16 25.16
N PRO A 171 8.45 13.00 25.01
CA PRO A 171 7.42 12.68 26.01
C PRO A 171 8.01 12.28 27.38
N LEU A 172 9.07 11.47 27.39
CA LEU A 172 9.62 11.03 28.67
C LEU A 172 10.49 11.99 29.46
N VAL A 173 11.24 12.87 28.79
CA VAL A 173 12.11 13.76 29.56
C VAL A 173 11.38 14.56 30.63
N PRO A 174 10.36 15.35 30.24
CA PRO A 174 9.61 16.16 31.22
C PRO A 174 9.03 15.30 32.35
N LEU A 175 8.59 14.07 32.04
CA LEU A 175 8.00 13.22 33.07
C LEU A 175 9.04 12.78 34.07
N LEU A 176 10.22 12.43 33.58
CA LEU A 176 11.32 12.01 34.45
C LEU A 176 11.80 13.18 35.32
N LYS A 177 11.83 14.38 34.74
CA LYS A 177 12.26 15.56 35.49
C LYS A 177 11.31 15.84 36.66
N ALA A 178 10.01 15.66 36.42
CA ALA A 178 9.01 15.88 37.46
C ALA A 178 8.90 14.66 38.40
N ASN A 179 9.67 13.61 38.12
CA ASN A 179 9.64 12.39 38.94
C ASN A 179 8.23 11.78 38.94
N LEU A 180 7.58 11.79 37.79
CA LEU A 180 6.24 11.26 37.66
C LEU A 180 6.22 9.81 37.20
N ILE A 181 7.37 9.30 36.78
CA ILE A 181 7.48 7.92 36.33
C ILE A 181 8.77 7.33 36.84
N LYS A 182 8.78 6.01 37.02
CA LYS A 182 9.98 5.30 37.46
C LYS A 182 10.96 5.19 36.30
N HIS A 183 12.24 4.99 36.58
CA HIS A 183 13.19 4.90 35.50
C HIS A 183 13.45 3.46 35.08
N GLU A 184 12.93 2.51 35.84
CA GLU A 184 13.10 1.11 35.50
C GLU A 184 11.89 0.52 34.78
N ASN A 185 12.15 -0.51 33.99
CA ASN A 185 11.11 -1.21 33.26
C ASN A 185 10.35 -0.38 32.21
N ILE A 186 11.01 0.61 31.64
CA ILE A 186 10.40 1.41 30.60
C ILE A 186 10.51 0.61 29.30
N ILE A 187 9.37 0.14 28.77
CA ILE A 187 9.38 -0.64 27.55
C ILE A 187 8.86 0.21 26.40
N ILE A 188 9.64 0.27 25.32
CA ILE A 188 9.25 1.08 24.18
C ILE A 188 9.10 0.24 22.90
N ASP A 189 7.86 0.14 22.41
CA ASP A 189 7.58 -0.60 21.17
C ASP A 189 7.33 0.45 20.08
N ALA A 190 8.27 0.53 19.13
CA ALA A 190 8.20 1.52 18.06
C ALA A 190 8.02 0.97 16.64
N LYS A 191 7.38 1.78 15.81
CA LYS A 191 7.07 1.45 14.44
C LYS A 191 7.58 2.57 13.52
N SER A 192 8.02 2.19 12.32
CA SER A 192 8.53 3.14 11.35
C SER A 192 8.21 2.75 9.91
N GLY A 193 8.11 3.77 9.05
CA GLY A 193 7.85 3.53 7.64
C GLY A 193 9.17 3.05 7.04
N VAL A 194 9.11 2.30 5.94
CA VAL A 194 10.33 1.78 5.36
C VAL A 194 11.27 2.83 4.75
N SER A 195 10.87 4.10 4.79
CA SER A 195 11.70 5.17 4.26
C SER A 195 12.92 5.34 5.15
N GLY A 196 12.78 4.88 6.40
CA GLY A 196 13.87 4.97 7.35
C GLY A 196 14.99 4.04 6.95
N ALA A 197 14.72 3.11 6.02
CA ALA A 197 15.76 2.17 5.59
C ALA A 197 16.66 2.79 4.55
N GLY A 198 16.33 4.02 4.15
CA GLY A 198 17.12 4.70 3.14
C GLY A 198 16.83 4.28 1.72
N ARG A 199 17.55 4.88 0.79
CA ARG A 199 17.39 4.62 -0.62
C ARG A 199 18.37 3.60 -1.19
N GLY A 200 19.04 2.85 -0.33
CA GLY A 200 19.99 1.86 -0.83
C GLY A 200 19.28 0.75 -1.61
N ALA A 201 19.84 0.37 -2.75
CA ALA A 201 19.23 -0.66 -3.57
C ALA A 201 19.37 -2.06 -2.97
N LYS A 202 18.62 -2.30 -1.90
CA LYS A 202 18.66 -3.57 -1.22
C LYS A 202 17.42 -4.41 -1.45
N GLU A 203 17.65 -5.70 -1.64
CA GLU A 203 16.59 -6.65 -1.87
C GLU A 203 15.55 -6.57 -0.77
N ALA A 204 16.00 -6.50 0.47
CA ALA A 204 15.08 -6.46 1.59
C ALA A 204 14.06 -5.31 1.56
N ASN A 205 14.41 -4.21 0.90
CA ASN A 205 13.55 -3.05 0.85
C ASN A 205 12.65 -2.83 -0.36
N LEU A 206 12.60 -3.83 -1.23
CA LEU A 206 11.76 -3.78 -2.42
C LEU A 206 10.29 -3.77 -2.02
N TYR A 207 9.48 -3.09 -2.82
CA TYR A 207 8.05 -3.01 -2.59
C TYR A 207 7.45 -4.43 -2.39
N SER A 208 7.75 -5.34 -3.32
CA SER A 208 7.27 -6.72 -3.23
C SER A 208 7.72 -7.45 -1.97
N GLU A 209 8.86 -7.03 -1.40
CA GLU A 209 9.39 -7.66 -0.20
C GLU A 209 8.88 -7.00 1.09
N ILE A 210 8.50 -5.73 0.99
CA ILE A 210 8.02 -4.99 2.16
C ILE A 210 6.50 -4.94 2.35
N ALA A 211 5.78 -4.61 1.28
CA ALA A 211 4.33 -4.45 1.36
C ALA A 211 3.52 -5.60 1.90
N GLU A 212 2.42 -5.24 2.56
CA GLU A 212 1.45 -6.20 3.10
C GLU A 212 1.96 -7.11 4.20
N GLY A 213 2.87 -6.56 5.00
CA GLY A 213 3.41 -7.29 6.11
C GLY A 213 4.21 -6.32 6.98
N ILE A 214 4.53 -6.75 8.18
CA ILE A 214 5.34 -5.97 9.09
C ILE A 214 6.34 -6.95 9.71
N SER A 215 7.36 -6.42 10.36
CA SER A 215 8.35 -7.23 11.05
C SER A 215 9.15 -6.40 12.04
N SER A 216 9.64 -7.06 13.08
CA SER A 216 10.48 -6.38 14.06
C SER A 216 11.91 -6.35 13.48
N TYR A 217 12.80 -5.62 14.13
CA TYR A 217 14.20 -5.58 13.75
C TYR A 217 14.90 -4.87 14.89
N GLY A 218 16.23 -4.96 14.93
CA GLY A 218 16.97 -4.31 16.00
C GLY A 218 16.55 -4.88 17.33
N VAL A 219 16.09 -6.13 17.33
CA VAL A 219 15.67 -6.73 18.59
C VAL A 219 16.83 -6.84 19.55
N THR A 220 16.59 -6.38 20.77
CA THR A 220 17.59 -6.39 21.86
C THR A 220 18.64 -5.31 21.75
N ARG A 221 19.32 -5.26 20.62
CA ARG A 221 20.37 -4.27 20.41
C ARG A 221 20.14 -3.56 19.08
N HIS A 222 19.92 -2.26 19.18
CA HIS A 222 19.73 -1.40 18.04
C HIS A 222 20.54 -0.16 18.40
N ARG A 223 21.24 0.41 17.43
CA ARG A 223 22.08 1.56 17.74
C ARG A 223 21.40 2.76 18.36
N HIS A 224 20.06 2.78 18.36
CA HIS A 224 19.36 3.91 18.99
C HIS A 224 19.27 3.73 20.51
N VAL A 225 19.54 2.52 21.00
CA VAL A 225 19.48 2.26 22.43
C VAL A 225 20.37 3.19 23.26
N PRO A 226 21.67 3.29 22.90
CA PRO A 226 22.48 4.18 23.73
C PRO A 226 22.07 5.64 23.58
N GLU A 227 21.54 6.00 22.42
CA GLU A 227 21.12 7.39 22.19
C GLU A 227 19.89 7.64 23.09
N ILE A 228 19.04 6.63 23.20
CA ILE A 228 17.86 6.75 24.05
C ILE A 228 18.31 6.79 25.52
N GLU A 229 19.19 5.86 25.90
CA GLU A 229 19.66 5.80 27.28
C GLU A 229 20.59 6.97 27.69
N GLN A 230 21.08 7.72 26.69
CA GLN A 230 21.94 8.89 26.94
C GLN A 230 21.09 10.08 27.41
N GLY A 231 19.92 10.25 26.78
CA GLY A 231 19.03 11.34 27.16
C GLY A 231 18.26 11.08 28.44
N LEU A 232 17.79 9.85 28.63
CA LEU A 232 17.03 9.52 29.83
C LEU A 232 17.94 9.44 31.05
N SER A 233 19.23 9.22 30.84
CA SER A 233 20.14 9.16 31.96
C SER A 233 20.43 10.55 32.52
N ASP A 234 20.68 11.50 31.62
CA ASP A 234 20.96 12.87 32.05
C ASP A 234 19.83 13.37 32.94
N VAL A 235 18.60 13.21 32.47
CA VAL A 235 17.43 13.65 33.22
C VAL A 235 17.20 12.89 34.53
N ALA A 236 17.12 11.57 34.46
CA ALA A 236 16.89 10.79 35.67
C ALA A 236 18.11 10.80 36.59
N GLN A 237 19.24 11.27 36.05
CA GLN A 237 20.51 11.34 36.77
C GLN A 237 20.84 10.01 37.43
N SER A 238 20.74 8.96 36.64
CA SER A 238 21.00 7.63 37.13
C SER A 238 21.02 6.69 35.92
N LYS A 239 21.74 5.59 36.03
CA LYS A 239 21.85 4.63 34.94
C LYS A 239 20.45 4.18 34.52
N VAL A 240 20.02 4.62 33.34
CA VAL A 240 18.71 4.24 32.83
C VAL A 240 18.85 3.17 31.76
N THR A 241 18.27 2.01 32.01
CA THR A 241 18.30 0.91 31.07
C THR A 241 16.87 0.68 30.55
N VAL A 242 16.68 0.81 29.24
CA VAL A 242 15.37 0.64 28.64
C VAL A 242 15.25 -0.64 27.83
N SER A 243 14.01 -0.91 27.45
CA SER A 243 13.58 -2.04 26.62
C SER A 243 13.09 -1.29 25.37
N PHE A 244 13.77 -1.44 24.23
CA PHE A 244 13.38 -0.74 23.00
C PHE A 244 13.33 -1.69 21.81
N THR A 245 12.18 -1.77 21.14
CA THR A 245 12.05 -2.68 20.00
C THR A 245 11.48 -2.03 18.74
N PRO A 246 12.30 -1.90 17.68
CA PRO A 246 11.87 -1.31 16.40
C PRO A 246 10.96 -2.27 15.63
N HIS A 247 10.13 -1.72 14.73
CA HIS A 247 9.22 -2.52 13.87
C HIS A 247 9.11 -1.77 12.54
N LEU A 248 9.21 -2.53 11.44
CA LEU A 248 9.14 -1.98 10.08
C LEU A 248 7.73 -2.09 9.49
N MET A 249 7.19 -0.94 9.10
CA MET A 249 5.83 -0.86 8.56
C MET A 249 5.80 -0.83 7.04
N PRO A 250 4.72 -1.34 6.43
CA PRO A 250 4.61 -1.31 4.96
C PRO A 250 4.09 0.06 4.51
N MET A 251 4.76 1.11 4.97
CA MET A 251 4.41 2.48 4.63
C MET A 251 5.74 3.23 4.41
N ILE A 252 5.65 4.47 3.96
CA ILE A 252 6.82 5.27 3.68
C ILE A 252 7.22 6.19 4.81
N ARG A 253 6.29 7.09 5.17
CA ARG A 253 6.54 8.07 6.22
C ARG A 253 5.83 7.76 7.54
N GLY A 254 6.30 8.39 8.61
CA GLY A 254 5.69 8.22 9.90
C GLY A 254 6.40 7.32 10.87
N MET A 255 6.11 7.52 12.14
CA MET A 255 6.74 6.74 13.19
C MET A 255 5.95 6.90 14.48
N GLN A 256 5.87 5.82 15.25
CA GLN A 256 5.16 5.87 16.53
C GLN A 256 5.88 5.01 17.53
N SER A 257 5.96 5.51 18.76
CA SER A 257 6.55 4.72 19.83
C SER A 257 5.40 4.50 20.80
N THR A 258 5.00 3.25 21.01
CA THR A 258 3.97 2.97 22.00
C THR A 258 4.83 2.72 23.25
N ILE A 259 4.77 3.65 24.21
CA ILE A 259 5.58 3.63 25.43
C ILE A 259 4.86 3.12 26.67
N TYR A 260 5.47 2.14 27.33
CA TYR A 260 4.89 1.54 28.51
C TYR A 260 5.77 1.82 29.73
N VAL A 261 5.29 2.68 30.62
CA VAL A 261 6.05 3.01 31.81
C VAL A 261 5.26 2.76 33.10
N GLU A 262 5.98 2.79 34.22
CA GLU A 262 5.37 2.64 35.54
C GLU A 262 5.23 4.04 36.09
N MET A 263 4.04 4.38 36.56
CA MET A 263 3.78 5.71 37.13
C MET A 263 4.21 5.68 38.59
N ALA A 264 5.17 6.52 38.95
CA ALA A 264 5.66 6.57 40.32
C ALA A 264 4.49 6.48 41.30
N PRO A 265 4.73 5.89 42.48
CA PRO A 265 3.69 5.72 43.51
C PRO A 265 2.83 6.97 43.70
N GLY A 266 1.52 6.76 43.75
CA GLY A 266 0.58 7.86 43.93
C GLY A 266 0.26 8.70 42.71
N VAL A 267 1.05 8.54 41.64
CA VAL A 267 0.85 9.29 40.40
C VAL A 267 -0.19 8.62 39.49
N ARG A 268 -1.04 9.43 38.88
CA ARG A 268 -2.08 8.93 37.98
C ARG A 268 -1.85 9.51 36.59
N THR A 269 -2.47 8.91 35.58
CA THR A 269 -2.30 9.41 34.22
C THR A 269 -2.56 10.91 34.12
N GLU A 270 -3.54 11.39 34.88
CA GLU A 270 -3.89 12.81 34.90
C GLU A 270 -2.66 13.69 35.17
N ASP A 271 -1.81 13.26 36.09
CA ASP A 271 -0.62 14.03 36.41
C ASP A 271 0.37 14.02 35.23
N LEU A 272 0.47 12.88 34.55
CA LEU A 272 1.37 12.80 33.41
C LEU A 272 0.86 13.73 32.31
N HIS A 273 -0.45 13.69 32.05
CA HIS A 273 -1.04 14.50 31.00
C HIS A 273 -0.90 15.99 31.23
N GLN A 274 -1.29 16.44 32.41
CA GLN A 274 -1.18 17.86 32.72
C GLN A 274 0.28 18.28 32.69
N GLN A 275 1.17 17.38 33.10
CA GLN A 275 2.59 17.71 33.09
C GLN A 275 3.07 17.95 31.65
N LEU A 276 2.55 17.15 30.73
CA LEU A 276 2.92 17.27 29.32
C LEU A 276 2.33 18.56 28.76
N LYS A 277 1.13 18.91 29.21
CA LYS A 277 0.49 20.13 28.76
C LYS A 277 1.36 21.29 29.19
N THR A 278 1.86 21.24 30.41
CA THR A 278 2.72 22.29 30.94
C THR A 278 4.06 22.46 30.21
N SER A 279 4.79 21.36 30.05
CA SER A 279 6.10 21.41 29.38
C SER A 279 6.05 21.84 27.92
N TYR A 280 4.94 21.55 27.23
CA TYR A 280 4.82 21.87 25.82
C TYR A 280 3.78 22.92 25.44
N GLU A 281 3.43 23.78 26.40
CA GLU A 281 2.43 24.83 26.19
C GLU A 281 2.74 25.82 25.07
N ASP A 282 3.95 26.35 25.02
CA ASP A 282 4.30 27.33 23.98
C ASP A 282 5.16 26.73 22.88
N GLU A 283 4.87 25.48 22.52
CA GLU A 283 5.65 24.80 21.50
C GLU A 283 4.80 24.50 20.29
N GLU A 284 5.19 25.09 19.16
CA GLU A 284 4.48 24.90 17.90
C GLU A 284 4.49 23.44 17.45
N PHE A 285 5.63 22.77 17.59
CA PHE A 285 5.74 21.40 17.08
C PHE A 285 5.45 20.18 17.93
N VAL A 286 5.00 20.40 19.14
CA VAL A 286 4.70 19.32 20.04
C VAL A 286 3.29 19.59 20.58
N LYS A 287 2.37 18.72 20.18
CA LYS A 287 0.99 18.81 20.57
C LYS A 287 0.62 17.66 21.50
N VAL A 288 0.07 18.02 22.65
CA VAL A 288 -0.38 17.02 23.62
C VAL A 288 -1.91 16.91 23.46
N LEU A 289 -2.39 15.79 22.93
CA LEU A 289 -3.81 15.63 22.72
C LEU A 289 -4.54 15.38 24.04
N ASP A 290 -5.86 15.54 24.04
CA ASP A 290 -6.61 15.31 25.26
C ASP A 290 -6.52 13.84 25.67
N GLU A 291 -6.56 13.60 26.98
CA GLU A 291 -6.49 12.25 27.50
C GLU A 291 -7.43 11.32 26.74
N GLY A 292 -6.96 10.11 26.46
CA GLY A 292 -7.78 9.16 25.76
C GLY A 292 -7.77 9.28 24.26
N VAL A 293 -7.40 10.44 23.73
CA VAL A 293 -7.37 10.63 22.29
C VAL A 293 -6.16 9.91 21.68
N VAL A 294 -6.43 9.14 20.64
CA VAL A 294 -5.39 8.39 19.97
C VAL A 294 -4.79 9.10 18.75
N PRO A 295 -3.47 9.37 18.80
CA PRO A 295 -2.85 10.02 17.65
C PRO A 295 -2.64 9.01 16.51
N ARG A 296 -2.46 9.52 15.29
CA ARG A 296 -2.24 8.70 14.11
C ARG A 296 -1.08 9.31 13.34
N THR A 297 -0.19 8.47 12.81
CA THR A 297 0.95 9.00 12.06
C THR A 297 0.44 9.74 10.82
N HIS A 298 -0.75 9.38 10.36
CA HIS A 298 -1.33 10.05 9.19
C HIS A 298 -1.51 11.55 9.52
N ASN A 299 -1.75 11.87 10.79
CA ASN A 299 -2.01 13.27 11.12
C ASN A 299 -0.83 14.22 11.12
N VAL A 300 0.40 13.68 11.11
CA VAL A 300 1.62 14.49 11.08
C VAL A 300 2.43 14.23 9.80
N ARG A 301 1.87 13.39 8.94
CA ARG A 301 2.49 13.00 7.68
C ARG A 301 2.90 14.20 6.81
N GLY A 302 4.21 14.37 6.61
CA GLY A 302 4.71 15.46 5.78
C GLY A 302 4.90 16.76 6.53
N SER A 303 5.09 16.67 7.84
CA SER A 303 5.26 17.87 8.64
C SER A 303 6.28 17.67 9.74
N ASN A 304 6.64 18.77 10.38
CA ASN A 304 7.60 18.74 11.46
C ASN A 304 6.89 18.61 12.79
N TYR A 305 5.59 18.33 12.77
CA TYR A 305 4.85 18.24 14.02
C TYR A 305 5.07 16.95 14.81
N CYS A 306 4.73 17.04 16.09
CA CYS A 306 4.84 15.92 17.02
C CYS A 306 3.51 15.86 17.78
N HIS A 307 2.88 14.70 17.81
CA HIS A 307 1.62 14.56 18.54
C HIS A 307 1.83 13.45 19.56
N MET A 308 1.43 13.68 20.80
CA MET A 308 1.56 12.66 21.84
C MET A 308 0.29 12.63 22.70
N SER A 309 0.03 11.48 23.31
CA SER A 309 -1.13 11.28 24.16
C SER A 309 -0.80 10.25 25.25
N VAL A 310 -1.52 10.30 26.37
CA VAL A 310 -1.30 9.38 27.51
C VAL A 310 -2.56 8.58 27.82
N PHE A 311 -2.39 7.32 28.22
CA PHE A 311 -3.52 6.47 28.54
C PHE A 311 -3.20 5.60 29.74
N PRO A 312 -4.23 5.08 30.43
CA PRO A 312 -3.97 4.22 31.58
C PRO A 312 -3.71 2.82 31.04
N ASP A 313 -2.85 2.07 31.72
CA ASP A 313 -2.58 0.70 31.32
C ASP A 313 -3.55 -0.11 32.16
N ARG A 314 -4.00 -1.24 31.65
CA ARG A 314 -4.90 -2.09 32.40
C ARG A 314 -4.20 -2.51 33.69
N ILE A 315 -2.96 -2.98 33.57
CA ILE A 315 -2.17 -3.38 34.72
C ILE A 315 -2.08 -2.18 35.63
N PRO A 316 -2.64 -2.29 36.85
CA PRO A 316 -2.59 -1.18 37.80
C PRO A 316 -1.18 -0.80 38.23
N GLY A 317 -0.86 0.47 38.08
CA GLY A 317 0.46 0.95 38.44
C GLY A 317 1.22 1.35 37.18
N ARG A 318 0.59 1.15 36.02
CA ARG A 318 1.25 1.50 34.77
C ARG A 318 0.51 2.50 33.90
N ALA A 319 1.22 3.02 32.92
CA ALA A 319 0.65 3.97 32.01
C ALA A 319 1.21 3.74 30.61
N ILE A 320 0.51 4.31 29.64
CA ILE A 320 0.89 4.23 28.25
C ILE A 320 0.88 5.65 27.67
N ILE A 321 1.71 5.85 26.65
CA ILE A 321 1.84 7.12 25.93
C ILE A 321 2.22 6.85 24.47
N ILE A 322 1.54 7.54 23.55
CA ILE A 322 1.81 7.42 22.12
C ILE A 322 2.40 8.78 21.73
N SER A 323 3.59 8.78 21.13
CA SER A 323 4.31 9.99 20.71
C SER A 323 4.79 9.84 19.25
N VAL A 324 3.91 10.16 18.30
CA VAL A 324 4.19 10.04 16.87
C VAL A 324 4.80 11.30 16.27
N ILE A 325 5.27 11.17 15.02
CA ILE A 325 5.90 12.22 14.21
C ILE A 325 6.16 11.66 12.81
N ASP A 326 6.63 12.50 11.89
CA ASP A 326 7.02 12.03 10.53
C ASP A 326 8.53 11.78 10.77
N ASN A 327 8.98 10.56 10.54
CA ASN A 327 10.38 10.21 10.79
C ASN A 327 11.40 10.96 9.92
N LEU A 328 10.98 11.37 8.72
CA LEU A 328 11.87 12.12 7.84
C LEU A 328 11.94 13.61 8.17
N VAL A 329 10.94 14.13 8.89
CA VAL A 329 10.90 15.56 9.22
C VAL A 329 11.26 15.85 10.67
N LYS A 330 10.32 15.70 11.60
CA LYS A 330 10.70 15.98 12.99
C LYS A 330 11.76 14.95 13.42
N GLY A 331 11.73 13.80 12.76
CA GLY A 331 12.66 12.73 13.08
C GLY A 331 14.01 12.90 12.41
N ALA A 332 14.07 13.77 11.40
CA ALA A 332 15.32 13.99 10.71
C ALA A 332 15.56 15.42 10.25
N SER A 333 15.35 15.65 8.95
CA SER A 333 15.60 16.93 8.32
C SER A 333 14.85 18.14 8.85
N GLY A 334 13.58 17.96 9.20
CA GLY A 334 12.77 19.05 9.75
C GLY A 334 13.39 19.60 11.02
N GLN A 335 13.78 18.71 11.93
CA GLN A 335 14.40 19.15 13.18
C GLN A 335 15.74 19.81 12.87
N ALA A 336 16.51 19.21 11.96
CA ALA A 336 17.79 19.76 11.56
C ALA A 336 17.62 21.24 11.18
N LEU A 337 16.61 21.54 10.38
CA LEU A 337 16.34 22.90 9.92
C LEU A 337 15.91 23.76 11.10
N GLN A 338 15.13 23.15 11.98
CA GLN A 338 14.65 23.83 13.19
C GLN A 338 15.87 24.33 13.94
N ASN A 339 16.87 23.46 14.13
CA ASN A 339 18.09 23.83 14.84
C ASN A 339 18.92 24.88 14.10
N LEU A 340 19.16 24.68 12.81
CA LEU A 340 19.97 25.67 12.09
C LEU A 340 19.29 27.02 12.15
N ASN A 341 17.96 27.04 12.07
CA ASN A 341 17.21 28.30 12.15
C ASN A 341 17.69 29.14 13.33
N ILE A 342 17.56 28.59 14.55
CA ILE A 342 17.95 29.34 15.73
C ILE A 342 19.48 29.53 15.86
N MET A 343 20.25 28.54 15.42
CA MET A 343 21.70 28.66 15.45
C MET A 343 22.16 29.89 14.65
N LEU A 344 21.47 30.19 13.55
CA LEU A 344 21.83 31.33 12.72
C LEU A 344 21.09 32.61 13.14
N GLY A 345 20.27 32.50 14.19
CA GLY A 345 19.54 33.65 14.66
C GLY A 345 18.24 33.93 13.92
N TYR A 346 17.68 32.95 13.22
CA TYR A 346 16.39 33.20 12.54
C TYR A 346 15.28 32.58 13.37
N PRO A 347 14.03 32.96 13.09
CA PRO A 347 12.93 32.39 13.88
C PRO A 347 12.89 30.87 13.68
N GLU A 348 12.80 30.16 14.81
CA GLU A 348 12.76 28.69 14.83
C GLU A 348 11.85 27.98 13.81
N THR A 349 10.66 28.53 13.57
CA THR A 349 9.69 27.92 12.66
C THR A 349 9.84 28.28 11.19
N THR A 350 10.81 29.12 10.87
CA THR A 350 10.99 29.50 9.47
C THR A 350 11.14 28.29 8.57
N GLY A 351 10.32 28.26 7.51
CA GLY A 351 10.35 27.17 6.58
C GLY A 351 10.01 25.82 7.19
N LEU A 352 9.17 25.82 8.23
CA LEU A 352 8.77 24.57 8.88
C LEU A 352 7.27 24.48 9.19
N LEU A 353 6.48 25.41 8.69
CA LEU A 353 5.05 25.38 8.98
C LEU A 353 4.19 24.63 7.97
N HIS A 354 4.80 23.72 7.19
CA HIS A 354 4.03 22.93 6.24
C HIS A 354 3.01 22.17 7.09
N GLN A 355 1.77 22.08 6.61
CA GLN A 355 0.73 21.37 7.34
C GLN A 355 0.72 19.94 6.85
N PRO A 356 0.37 18.98 7.73
CA PRO A 356 0.33 17.54 7.39
C PRO A 356 -0.37 17.25 6.06
N LEU A 357 0.25 16.45 5.20
CA LEU A 357 -0.42 16.11 3.95
C LEU A 357 -1.37 14.96 4.23
N PHE A 358 -2.62 15.29 4.57
CA PHE A 358 -3.62 14.28 4.86
C PHE A 358 -4.99 14.64 4.26
N PRO A 359 -5.63 13.67 3.54
CA PRO A 359 -5.07 12.33 3.32
C PRO A 359 -4.02 12.36 2.22
N LYS B 15 -4.54 39.55 7.49
CA LYS B 15 -4.48 39.22 6.03
C LYS B 15 -5.59 39.94 5.24
N ASP B 16 -5.27 40.39 4.03
CA ASP B 16 -6.23 41.12 3.21
C ASP B 16 -7.62 40.50 3.04
N ILE B 17 -7.70 39.38 2.33
CA ILE B 17 -8.97 38.72 2.06
C ILE B 17 -9.47 37.76 3.12
N ARG B 18 -10.79 37.71 3.25
CA ARG B 18 -11.44 36.83 4.20
C ARG B 18 -12.18 35.80 3.35
N ILE B 19 -11.66 34.58 3.36
CA ILE B 19 -12.25 33.50 2.57
C ILE B 19 -13.32 32.72 3.31
N GLY B 20 -14.34 32.31 2.59
CA GLY B 20 -15.40 31.51 3.17
C GLY B 20 -15.38 30.11 2.55
N LEU B 21 -15.20 29.07 3.36
CA LEU B 21 -15.19 27.72 2.82
C LEU B 21 -16.48 27.01 3.23
N LEU B 22 -17.30 26.61 2.25
CA LEU B 22 -18.56 25.92 2.54
C LEU B 22 -18.42 24.43 2.18
N GLY B 23 -18.58 23.56 3.17
CA GLY B 23 -18.46 22.13 2.95
C GLY B 23 -17.03 21.69 3.21
N ALA B 24 -16.50 22.12 4.35
CA ALA B 24 -15.13 21.82 4.74
C ALA B 24 -14.93 20.45 5.37
N SER B 25 -15.95 19.60 5.37
CA SER B 25 -15.79 18.29 6.00
C SER B 25 -15.23 17.23 5.04
N GLY B 26 -15.00 17.62 3.79
CA GLY B 26 -14.48 16.69 2.81
C GLY B 26 -13.01 16.95 2.52
N TYR B 27 -12.41 16.07 1.72
CA TYR B 27 -10.98 16.17 1.37
C TYR B 27 -10.63 17.47 0.64
N THR B 28 -11.47 17.85 -0.31
CA THR B 28 -11.26 19.07 -1.07
C THR B 28 -11.20 20.23 -0.08
N GLY B 29 -12.14 20.23 0.87
CA GLY B 29 -12.19 21.27 1.88
C GLY B 29 -10.97 21.26 2.77
N ALA B 30 -10.51 20.08 3.13
CA ALA B 30 -9.34 19.93 3.96
C ALA B 30 -8.15 20.50 3.18
N GLU B 31 -8.10 20.16 1.88
CA GLU B 31 -7.03 20.64 1.03
C GLU B 31 -7.08 22.18 0.96
N ILE B 32 -8.27 22.77 0.84
CA ILE B 32 -8.36 24.24 0.82
C ILE B 32 -7.72 24.77 2.11
N VAL B 33 -8.18 24.26 3.25
CA VAL B 33 -7.65 24.69 4.55
C VAL B 33 -6.13 24.48 4.66
N ARG B 34 -5.63 23.36 4.14
CA ARG B 34 -4.20 23.09 4.19
C ARG B 34 -3.45 24.16 3.38
N LEU B 35 -3.85 24.36 2.14
CA LEU B 35 -3.19 25.32 1.25
C LEU B 35 -3.18 26.77 1.79
N LEU B 36 -4.28 27.18 2.43
CA LEU B 36 -4.43 28.53 2.96
C LEU B 36 -3.68 28.78 4.25
N ALA B 37 -3.37 27.71 4.97
CA ALA B 37 -2.64 27.85 6.22
C ALA B 37 -1.40 28.71 6.04
N ASN B 38 -0.76 28.61 4.88
CA ASN B 38 0.42 29.40 4.68
C ASN B 38 0.22 30.47 3.62
N HIS B 39 -1.05 30.81 3.38
CA HIS B 39 -1.33 31.84 2.40
C HIS B 39 -1.38 33.18 3.15
N PRO B 40 -0.38 34.03 2.90
CA PRO B 40 -0.28 35.35 3.54
C PRO B 40 -1.45 36.35 3.39
N HIS B 41 -2.28 36.21 2.37
CA HIS B 41 -3.37 37.18 2.16
C HIS B 41 -4.80 36.67 2.25
N PHE B 42 -4.99 35.35 2.30
CA PHE B 42 -6.32 34.78 2.39
C PHE B 42 -6.45 34.03 3.70
N GLN B 43 -7.58 34.21 4.37
CA GLN B 43 -7.85 33.56 5.63
C GLN B 43 -9.27 33.01 5.65
N VAL B 44 -9.43 31.77 6.11
CA VAL B 44 -10.75 31.14 6.20
C VAL B 44 -11.48 31.75 7.40
N THR B 45 -12.72 32.22 7.21
CA THR B 45 -13.45 32.81 8.34
C THR B 45 -14.76 32.09 8.55
N LEU B 46 -15.17 31.37 7.52
CA LEU B 46 -16.41 30.64 7.59
C LEU B 46 -16.15 29.22 7.11
N MET B 47 -16.85 28.24 7.67
CA MET B 47 -16.72 26.84 7.26
C MET B 47 -18.01 26.07 7.53
N THR B 48 -18.80 25.83 6.48
CA THR B 48 -20.04 25.11 6.65
C THR B 48 -19.84 23.62 6.46
N ALA B 49 -20.68 22.85 7.12
CA ALA B 49 -20.65 21.39 7.05
C ALA B 49 -21.79 20.84 7.88
N ASP B 50 -22.99 20.87 7.29
CA ASP B 50 -24.19 20.40 7.97
C ASP B 50 -24.00 19.11 8.77
N ARG B 51 -23.35 18.11 8.20
CA ARG B 51 -23.13 16.84 8.89
C ARG B 51 -22.39 17.02 10.21
N LYS B 52 -21.43 17.93 10.26
CA LYS B 52 -20.68 18.17 11.48
C LYS B 52 -20.86 19.60 11.98
N ALA B 53 -22.02 20.19 11.70
CA ALA B 53 -22.29 21.56 12.13
C ALA B 53 -22.16 21.71 13.63
N GLY B 54 -21.53 22.79 14.06
CA GLY B 54 -21.36 23.02 15.48
C GLY B 54 -20.08 22.39 16.01
N GLN B 55 -19.58 21.37 15.33
CA GLN B 55 -18.35 20.70 15.74
C GLN B 55 -17.11 21.51 15.40
N SER B 56 -15.95 20.97 15.74
CA SER B 56 -14.69 21.63 15.44
C SER B 56 -14.07 21.00 14.20
N MET B 57 -13.36 21.78 13.39
CA MET B 57 -12.74 21.22 12.20
C MET B 57 -11.74 20.17 12.64
N GLU B 58 -11.11 20.40 13.79
CA GLU B 58 -10.13 19.48 14.33
C GLU B 58 -10.74 18.13 14.67
N SER B 59 -12.02 18.14 15.03
CA SER B 59 -12.71 16.90 15.38
C SER B 59 -13.04 16.11 14.13
N VAL B 60 -13.01 16.77 12.98
CA VAL B 60 -13.31 16.07 11.72
C VAL B 60 -11.99 15.72 11.04
N PHE B 61 -11.04 16.64 11.10
CA PHE B 61 -9.72 16.47 10.50
C PHE B 61 -8.69 16.81 11.56
N PRO B 62 -8.32 15.82 12.36
CA PRO B 62 -7.33 16.08 13.41
C PRO B 62 -5.95 16.51 12.91
N HIS B 63 -5.63 16.23 11.64
CA HIS B 63 -4.33 16.64 11.14
C HIS B 63 -4.24 18.16 11.02
N LEU B 64 -5.36 18.84 11.26
CA LEU B 64 -5.38 20.30 11.16
C LEU B 64 -5.29 20.95 12.53
N ARG B 65 -5.13 20.15 13.57
CA ARG B 65 -5.09 20.66 14.93
C ARG B 65 -4.10 21.81 15.20
N ALA B 66 -3.05 21.96 14.39
CA ALA B 66 -2.10 23.05 14.60
C ALA B 66 -2.72 24.39 14.18
N GLN B 67 -3.85 24.31 13.47
CA GLN B 67 -4.53 25.50 13.03
C GLN B 67 -5.69 25.89 13.94
N LYS B 68 -5.98 27.20 13.97
CA LYS B 68 -7.10 27.74 14.73
C LYS B 68 -8.08 28.20 13.69
N LEU B 69 -9.15 27.46 13.54
CA LEU B 69 -10.16 27.77 12.54
C LEU B 69 -11.52 28.05 13.18
N PRO B 70 -12.39 28.76 12.48
CA PRO B 70 -13.70 29.05 13.07
C PRO B 70 -14.48 27.77 13.20
N THR B 71 -15.32 27.68 14.23
CA THR B 71 -16.15 26.51 14.47
C THR B 71 -17.03 26.25 13.25
N LEU B 72 -17.23 24.98 12.91
CA LEU B 72 -18.06 24.68 11.75
C LEU B 72 -19.48 25.19 11.98
N VAL B 73 -20.09 25.67 10.90
CA VAL B 73 -21.46 26.20 10.95
C VAL B 73 -22.31 25.53 9.88
N SER B 74 -23.52 26.03 9.71
CA SER B 74 -24.44 25.53 8.70
C SER B 74 -24.51 26.60 7.61
N VAL B 75 -24.93 26.21 6.41
CA VAL B 75 -25.04 27.17 5.33
C VAL B 75 -26.08 28.23 5.66
N LYS B 76 -27.23 27.79 6.15
CA LYS B 76 -28.32 28.69 6.49
C LYS B 76 -27.97 29.67 7.61
N ASP B 77 -26.90 29.40 8.35
CA ASP B 77 -26.51 30.27 9.44
C ASP B 77 -25.22 31.01 9.20
N ALA B 78 -24.79 31.08 7.94
CA ALA B 78 -23.54 31.78 7.63
C ALA B 78 -23.81 33.16 7.04
N ASP B 79 -23.07 34.15 7.51
CA ASP B 79 -23.22 35.52 7.03
C ASP B 79 -22.17 35.82 5.97
N PHE B 80 -22.56 35.63 4.72
CA PHE B 80 -21.66 35.83 3.60
C PHE B 80 -21.14 37.24 3.38
N SER B 81 -21.81 38.24 3.95
CA SER B 81 -21.35 39.60 3.78
C SER B 81 -20.06 39.76 4.58
N THR B 82 -19.73 38.72 5.34
CA THR B 82 -18.52 38.71 6.17
C THR B 82 -17.24 38.34 5.41
N VAL B 83 -17.41 37.70 4.26
CA VAL B 83 -16.28 37.25 3.46
C VAL B 83 -16.17 37.94 2.10
N ASP B 84 -14.95 38.00 1.57
CA ASP B 84 -14.66 38.61 0.28
C ASP B 84 -14.78 37.60 -0.85
N ALA B 85 -14.40 36.35 -0.57
CA ALA B 85 -14.48 35.28 -1.57
C ALA B 85 -14.85 33.95 -0.92
N VAL B 86 -15.36 33.04 -1.73
CA VAL B 86 -15.77 31.74 -1.22
C VAL B 86 -15.35 30.59 -2.14
N PHE B 87 -15.02 29.46 -1.53
CA PHE B 87 -14.68 28.25 -2.29
C PHE B 87 -15.90 27.36 -2.04
N CYS B 88 -16.52 26.83 -3.07
CA CYS B 88 -17.68 25.98 -2.87
C CYS B 88 -17.41 24.50 -3.14
N CYS B 89 -17.51 23.70 -2.09
CA CYS B 89 -17.29 22.27 -2.19
C CYS B 89 -18.55 21.53 -1.80
N LEU B 90 -19.70 22.12 -2.10
CA LEU B 90 -20.95 21.49 -1.75
C LEU B 90 -21.18 20.28 -2.63
N PRO B 91 -22.18 19.47 -2.28
CA PRO B 91 -22.50 18.28 -3.06
C PRO B 91 -23.18 18.65 -4.38
N HIS B 92 -22.84 17.93 -5.45
CA HIS B 92 -23.45 18.17 -6.73
C HIS B 92 -24.97 18.11 -6.55
N GLY B 93 -25.69 18.95 -7.27
CA GLY B 93 -27.14 18.94 -7.13
C GLY B 93 -27.64 19.96 -6.14
N THR B 94 -26.78 20.42 -5.25
CA THR B 94 -27.17 21.41 -4.25
C THR B 94 -26.36 22.70 -4.41
N THR B 95 -25.49 22.72 -5.41
CA THR B 95 -24.64 23.87 -5.66
C THR B 95 -25.32 25.00 -6.45
N GLN B 96 -25.98 24.67 -7.54
CA GLN B 96 -26.63 25.70 -8.35
C GLN B 96 -27.54 26.61 -7.52
N GLU B 97 -28.54 26.07 -6.84
CA GLU B 97 -29.44 26.91 -6.05
C GLU B 97 -28.73 27.72 -4.95
N ILE B 98 -27.76 27.12 -4.28
CA ILE B 98 -27.05 27.85 -3.23
C ILE B 98 -26.20 29.00 -3.80
N ILE B 99 -25.44 28.70 -4.86
CA ILE B 99 -24.58 29.70 -5.48
C ILE B 99 -25.37 30.82 -6.17
N LYS B 100 -26.32 30.43 -7.01
CA LYS B 100 -27.15 31.36 -7.75
C LYS B 100 -27.80 32.40 -6.83
N GLU B 101 -28.02 32.03 -5.57
CA GLU B 101 -28.63 32.94 -4.62
C GLU B 101 -27.63 33.56 -3.65
N LEU B 102 -26.33 33.47 -3.97
CA LEU B 102 -25.32 34.04 -3.08
C LEU B 102 -25.18 35.55 -3.29
N PRO B 103 -24.81 36.28 -2.23
CA PRO B 103 -24.66 37.74 -2.35
C PRO B 103 -23.78 38.18 -3.53
N THR B 104 -24.20 39.25 -4.19
CA THR B 104 -23.50 39.80 -5.34
C THR B 104 -22.03 39.98 -5.06
N ALA B 105 -21.69 40.99 -4.26
CA ALA B 105 -20.31 41.29 -3.93
C ALA B 105 -19.66 40.09 -3.30
N LEU B 106 -18.88 39.37 -4.10
CA LEU B 106 -18.22 38.17 -3.63
C LEU B 106 -17.56 37.42 -4.78
N LYS B 107 -16.29 37.08 -4.63
CA LYS B 107 -15.60 36.28 -5.67
C LYS B 107 -15.95 34.84 -5.28
N ILE B 108 -16.26 34.00 -6.26
CA ILE B 108 -16.66 32.63 -5.98
C ILE B 108 -16.03 31.55 -6.83
N VAL B 109 -15.30 30.63 -6.21
CA VAL B 109 -14.74 29.53 -6.98
C VAL B 109 -15.54 28.28 -6.60
N ASP B 110 -16.24 27.72 -7.59
CA ASP B 110 -17.05 26.51 -7.38
C ASP B 110 -16.21 25.29 -7.74
N LEU B 111 -16.03 24.35 -6.81
CA LEU B 111 -15.22 23.16 -7.12
C LEU B 111 -16.09 22.01 -7.62
N SER B 112 -17.41 22.16 -7.48
CA SER B 112 -18.36 21.16 -7.93
C SER B 112 -18.41 21.21 -9.46
N ALA B 113 -19.11 20.27 -10.07
CA ALA B 113 -19.20 20.22 -11.52
C ALA B 113 -20.44 20.94 -12.11
N ASP B 114 -21.32 21.43 -11.23
CA ASP B 114 -22.56 22.06 -11.64
C ASP B 114 -22.51 23.27 -12.58
N PHE B 115 -21.41 24.02 -12.59
CA PHE B 115 -21.30 25.17 -13.48
C PHE B 115 -20.26 25.02 -14.61
N ARG B 116 -19.65 23.84 -14.72
CA ARG B 116 -18.65 23.57 -15.76
C ARG B 116 -19.21 23.49 -17.18
N LEU B 117 -20.38 22.87 -17.33
CA LEU B 117 -20.98 22.72 -18.64
C LEU B 117 -21.81 23.94 -19.10
N ARG B 118 -21.59 24.33 -20.36
CA ARG B 118 -22.28 25.50 -20.93
C ARG B 118 -23.61 25.12 -21.60
N ASN B 119 -23.70 23.90 -22.09
CA ASN B 119 -24.91 23.43 -22.72
C ASN B 119 -25.81 22.82 -21.66
N ILE B 120 -26.97 23.43 -21.50
CA ILE B 120 -27.97 23.01 -20.51
C ILE B 120 -28.55 21.63 -20.76
N ALA B 121 -28.75 21.31 -22.03
CA ALA B 121 -29.29 19.99 -22.40
C ALA B 121 -28.32 18.89 -21.99
N GLU B 122 -27.03 19.14 -22.16
CA GLU B 122 -26.01 18.16 -21.80
C GLU B 122 -25.90 18.01 -20.28
N TYR B 123 -25.96 19.13 -19.55
CA TYR B 123 -25.88 19.07 -18.10
C TYR B 123 -26.92 18.11 -17.52
N GLU B 124 -28.18 18.30 -17.92
CA GLU B 124 -29.28 17.48 -17.45
C GLU B 124 -29.11 16.00 -17.83
N GLU B 125 -28.63 15.73 -19.04
CA GLU B 125 -28.44 14.34 -19.45
C GLU B 125 -27.30 13.65 -18.68
N TRP B 126 -26.22 14.37 -18.39
CA TRP B 126 -25.11 13.77 -17.68
C TRP B 126 -25.22 13.86 -16.14
N TYR B 127 -26.30 14.47 -15.64
CA TYR B 127 -26.46 14.58 -14.20
C TYR B 127 -27.84 14.20 -13.67
N GLY B 128 -28.74 13.87 -14.60
CA GLY B 128 -30.08 13.46 -14.21
C GLY B 128 -30.93 14.50 -13.51
N GLN B 129 -30.98 15.71 -14.06
CA GLN B 129 -31.77 16.78 -13.50
C GLN B 129 -31.54 18.05 -14.29
N PRO B 130 -32.57 18.88 -14.40
CA PRO B 130 -32.45 20.13 -15.15
C PRO B 130 -31.52 21.12 -14.45
N HIS B 131 -30.92 22.01 -15.24
CA HIS B 131 -30.03 23.02 -14.72
C HIS B 131 -30.95 24.02 -14.02
N LYS B 132 -30.62 24.39 -12.78
CA LYS B 132 -31.46 25.31 -12.03
C LYS B 132 -30.86 26.70 -11.86
N ALA B 133 -29.89 27.06 -12.69
CA ALA B 133 -29.29 28.37 -12.60
C ALA B 133 -28.77 28.81 -13.97
N VAL B 134 -29.64 28.67 -14.97
CA VAL B 134 -29.37 29.01 -16.36
C VAL B 134 -28.78 30.41 -16.58
N GLU B 135 -29.33 31.39 -15.88
CA GLU B 135 -28.87 32.77 -16.01
C GLU B 135 -27.41 32.98 -15.60
N LEU B 136 -27.12 32.70 -14.35
CA LEU B 136 -25.76 32.87 -13.82
C LEU B 136 -24.75 32.04 -14.65
N GLN B 137 -25.17 30.86 -15.09
CA GLN B 137 -24.31 29.98 -15.85
C GLN B 137 -23.60 30.72 -16.97
N LYS B 138 -24.28 31.72 -17.52
CA LYS B 138 -23.76 32.53 -18.62
C LYS B 138 -22.53 33.33 -18.28
N GLU B 139 -22.41 33.78 -17.03
CA GLU B 139 -21.25 34.55 -16.64
C GLU B 139 -20.13 33.68 -16.03
N VAL B 140 -20.38 32.38 -15.90
CA VAL B 140 -19.41 31.47 -15.32
C VAL B 140 -18.14 31.27 -16.16
N VAL B 141 -16.98 31.31 -15.52
CA VAL B 141 -15.73 31.08 -16.23
C VAL B 141 -15.12 29.75 -15.73
N TYR B 142 -14.77 28.88 -16.67
CA TYR B 142 -14.15 27.58 -16.40
C TYR B 142 -12.73 27.88 -15.93
N GLY B 143 -12.37 27.35 -14.77
CA GLY B 143 -11.07 27.63 -14.19
C GLY B 143 -9.85 26.90 -14.67
N LEU B 144 -9.86 26.44 -15.92
CA LEU B 144 -8.69 25.76 -16.47
C LEU B 144 -7.67 26.89 -16.69
N THR B 145 -7.01 27.29 -15.62
CA THR B 145 -6.07 28.41 -15.64
C THR B 145 -5.18 28.65 -16.86
N GLU B 146 -4.11 27.89 -17.02
CA GLU B 146 -3.20 28.10 -18.15
C GLU B 146 -3.89 28.35 -19.51
N ILE B 147 -5.13 27.93 -19.66
CA ILE B 147 -5.81 28.15 -20.93
C ILE B 147 -6.70 29.40 -20.95
N LEU B 148 -7.31 29.71 -19.82
CA LEU B 148 -8.22 30.86 -19.73
C LEU B 148 -7.88 31.91 -18.68
N ARG B 149 -6.59 32.06 -18.40
CA ARG B 149 -6.11 33.01 -17.43
C ARG B 149 -6.79 34.38 -17.58
N GLU B 150 -6.87 34.88 -18.83
CA GLU B 150 -7.46 36.19 -19.08
C GLU B 150 -8.97 36.27 -18.85
N ASP B 151 -9.69 35.22 -19.19
CA ASP B 151 -11.12 35.18 -18.99
C ASP B 151 -11.42 34.95 -17.51
N ILE B 152 -10.52 34.23 -16.83
CA ILE B 152 -10.68 33.93 -15.41
C ILE B 152 -10.56 35.17 -14.53
N LYS B 153 -9.56 36.00 -14.82
CA LYS B 153 -9.29 37.23 -14.05
C LYS B 153 -10.51 38.12 -13.96
N LYS B 154 -11.14 38.35 -15.09
CA LYS B 154 -12.33 39.21 -15.11
C LYS B 154 -13.61 38.40 -14.99
N ALA B 155 -13.83 37.86 -13.80
CA ALA B 155 -15.00 37.04 -13.48
C ALA B 155 -15.26 37.03 -11.97
N ARG B 156 -16.53 36.94 -11.59
CA ARG B 156 -16.95 36.90 -10.19
C ARG B 156 -17.15 35.45 -9.78
N LEU B 157 -17.60 34.63 -10.73
CA LEU B 157 -17.84 33.21 -10.48
C LEU B 157 -16.98 32.37 -11.43
N VAL B 158 -16.47 31.26 -10.91
CA VAL B 158 -15.63 30.34 -11.69
C VAL B 158 -15.91 28.87 -11.38
N ALA B 159 -16.04 28.09 -12.45
CA ALA B 159 -16.28 26.67 -12.37
C ALA B 159 -14.91 26.01 -12.38
N ASN B 160 -14.44 25.60 -11.21
CA ASN B 160 -13.15 24.97 -11.14
C ASN B 160 -13.26 23.66 -11.89
N PRO B 161 -12.34 23.40 -12.83
CA PRO B 161 -12.34 22.17 -13.62
C PRO B 161 -12.12 20.90 -12.81
N GLY B 162 -12.65 19.79 -13.30
CA GLY B 162 -12.47 18.53 -12.61
C GLY B 162 -11.02 18.11 -12.72
N CYS B 163 -10.66 17.03 -12.05
CA CYS B 163 -9.28 16.52 -12.03
C CYS B 163 -8.85 15.88 -13.35
N TYR B 164 -9.56 14.83 -13.76
CA TYR B 164 -9.22 14.15 -14.99
C TYR B 164 -9.19 15.14 -16.18
N PRO B 165 -10.26 15.94 -16.39
CA PRO B 165 -10.30 16.90 -17.49
C PRO B 165 -9.11 17.83 -17.57
N THR B 166 -8.58 18.22 -16.41
CA THR B 166 -7.43 19.11 -16.34
C THR B 166 -6.18 18.44 -16.94
N THR B 167 -6.01 17.14 -16.67
CA THR B 167 -4.85 16.41 -17.20
C THR B 167 -4.91 16.24 -18.71
N ILE B 168 -6.12 16.18 -19.26
CA ILE B 168 -6.33 15.97 -20.70
C ILE B 168 -6.28 17.24 -21.56
N GLN B 169 -6.93 18.30 -21.07
CA GLN B 169 -6.96 19.55 -21.81
C GLN B 169 -5.63 20.26 -21.93
N LEU B 170 -4.87 20.31 -20.83
CA LEU B 170 -3.59 20.99 -20.86
C LEU B 170 -2.70 20.51 -22.03
N PRO B 171 -2.66 19.20 -22.30
CA PRO B 171 -1.82 18.77 -23.43
C PRO B 171 -2.52 18.88 -24.78
N LEU B 172 -3.80 18.52 -24.82
CA LEU B 172 -4.54 18.53 -26.08
C LEU B 172 -4.99 19.86 -26.67
N VAL B 173 -5.40 20.80 -25.82
CA VAL B 173 -5.86 22.08 -26.34
C VAL B 173 -4.79 22.76 -27.22
N PRO B 174 -3.55 22.92 -26.71
CA PRO B 174 -2.44 23.54 -27.46
C PRO B 174 -2.15 22.80 -28.77
N LEU B 175 -2.27 21.48 -28.75
CA LEU B 175 -2.01 20.66 -29.94
C LEU B 175 -3.12 20.81 -30.98
N LEU B 176 -4.36 20.90 -30.51
CA LEU B 176 -5.49 21.08 -31.41
C LEU B 176 -5.41 22.49 -32.00
N LYS B 177 -5.09 23.47 -31.17
CA LYS B 177 -4.94 24.85 -31.64
C LYS B 177 -4.17 24.88 -32.96
N ALA B 178 -2.93 24.39 -32.91
CA ALA B 178 -2.03 24.36 -34.05
C ALA B 178 -2.30 23.24 -35.07
N ASN B 179 -3.48 22.61 -34.98
CA ASN B 179 -3.85 21.53 -35.90
C ASN B 179 -2.77 20.46 -36.07
N LEU B 180 -2.05 20.14 -35.00
CA LEU B 180 -0.99 19.16 -35.07
C LEU B 180 -1.47 17.71 -34.99
N ILE B 181 -2.69 17.50 -34.47
CA ILE B 181 -3.25 16.16 -34.35
C ILE B 181 -4.66 16.12 -34.90
N LYS B 182 -5.14 14.93 -35.23
CA LYS B 182 -6.48 14.80 -35.77
C LYS B 182 -7.53 14.87 -34.65
N HIS B 183 -8.80 15.02 -35.04
CA HIS B 183 -9.88 15.11 -34.07
C HIS B 183 -10.53 13.76 -33.80
N GLU B 184 -10.26 12.78 -34.64
CA GLU B 184 -10.86 11.45 -34.47
C GLU B 184 -9.98 10.52 -33.67
N ASN B 185 -10.59 9.43 -33.24
CA ASN B 185 -9.93 8.37 -32.49
C ASN B 185 -8.97 8.79 -31.36
N ILE B 186 -9.39 9.76 -30.55
CA ILE B 186 -8.61 10.20 -29.42
C ILE B 186 -9.04 9.30 -28.25
N ILE B 187 -8.11 8.51 -27.73
CA ILE B 187 -8.42 7.61 -26.63
C ILE B 187 -7.55 7.88 -25.40
N ILE B 188 -8.23 8.05 -24.27
CA ILE B 188 -7.59 8.36 -23.00
C ILE B 188 -7.82 7.33 -21.90
N ASP B 189 -6.72 6.70 -21.47
CA ASP B 189 -6.72 5.72 -20.41
C ASP B 189 -6.16 6.44 -19.19
N ALA B 190 -7.03 6.85 -18.27
CA ALA B 190 -6.58 7.59 -17.09
C ALA B 190 -6.60 6.81 -15.78
N LYS B 191 -5.82 7.30 -14.83
CA LYS B 191 -5.71 6.67 -13.51
C LYS B 191 -5.68 7.68 -12.40
N SER B 192 -6.37 7.33 -11.32
CA SER B 192 -6.41 8.21 -10.18
C SER B 192 -6.36 7.44 -8.86
N GLY B 193 -5.70 8.05 -7.88
CA GLY B 193 -5.64 7.46 -6.57
C GLY B 193 -7.07 7.45 -6.08
N VAL B 194 -7.38 6.60 -5.11
CA VAL B 194 -8.77 6.49 -4.67
C VAL B 194 -9.35 7.73 -3.95
N SER B 195 -8.49 8.69 -3.57
CA SER B 195 -8.97 9.91 -2.90
C SER B 195 -9.86 10.73 -3.84
N GLY B 196 -9.68 10.53 -5.14
CA GLY B 196 -10.47 11.24 -6.14
C GLY B 196 -11.96 10.90 -6.07
N ALA B 197 -12.28 9.70 -5.57
CA ALA B 197 -13.66 9.27 -5.45
C ALA B 197 -14.34 10.09 -4.36
N GLY B 198 -13.71 10.16 -3.19
CA GLY B 198 -14.30 10.92 -2.09
C GLY B 198 -14.21 10.19 -0.76
N ARG B 199 -14.52 10.89 0.33
CA ARG B 199 -14.45 10.33 1.68
C ARG B 199 -15.74 9.65 2.15
N GLY B 200 -16.70 9.46 1.25
CA GLY B 200 -17.94 8.79 1.63
C GLY B 200 -17.64 7.39 2.15
N ALA B 201 -18.43 6.95 3.12
CA ALA B 201 -18.27 5.64 3.75
C ALA B 201 -18.93 4.51 2.97
N LYS B 202 -18.25 4.01 1.94
CA LYS B 202 -18.82 2.92 1.17
C LYS B 202 -17.92 1.70 1.05
N GLU B 203 -18.55 0.55 1.04
CA GLU B 203 -17.87 -0.71 0.95
C GLU B 203 -16.77 -0.71 -0.13
N ALA B 204 -17.12 -0.28 -1.33
CA ALA B 204 -16.19 -0.29 -2.45
C ALA B 204 -14.86 0.41 -2.19
N ASN B 205 -14.87 1.40 -1.31
CA ASN B 205 -13.65 2.13 -1.03
C ASN B 205 -12.93 1.74 0.25
N LEU B 206 -13.33 0.63 0.85
CA LEU B 206 -12.65 0.15 2.06
C LEU B 206 -11.19 -0.17 1.71
N TYR B 207 -10.33 -0.12 2.71
CA TYR B 207 -8.91 -0.44 2.53
C TYR B 207 -8.77 -1.86 1.98
N SER B 208 -9.51 -2.82 2.59
CA SER B 208 -9.45 -4.21 2.16
C SER B 208 -9.95 -4.43 0.76
N GLU B 209 -10.98 -3.69 0.36
CA GLU B 209 -11.56 -3.83 -0.99
C GLU B 209 -10.69 -3.18 -2.07
N ILE B 210 -9.98 -2.12 -1.69
CA ILE B 210 -9.12 -1.42 -2.64
C ILE B 210 -7.66 -1.83 -2.63
N ALA B 211 -7.09 -1.99 -1.44
CA ALA B 211 -5.67 -2.32 -1.33
C ALA B 211 -5.20 -3.45 -2.23
N GLU B 212 -4.01 -3.26 -2.79
CA GLU B 212 -3.39 -4.27 -3.62
C GLU B 212 -4.26 -4.77 -4.75
N GLY B 213 -4.60 -3.89 -5.68
CA GLY B 213 -5.43 -4.27 -6.83
C GLY B 213 -5.95 -3.08 -7.64
N ILE B 214 -6.32 -3.34 -8.90
CA ILE B 214 -6.88 -2.32 -9.77
C ILE B 214 -8.14 -2.77 -10.50
N SER B 215 -8.85 -1.80 -11.07
CA SER B 215 -10.04 -2.06 -11.86
C SER B 215 -10.46 -0.79 -12.60
N SER B 216 -11.10 -0.95 -13.75
CA SER B 216 -11.59 0.17 -14.54
C SER B 216 -12.94 0.58 -13.91
N TYR B 217 -13.48 1.72 -14.34
CA TYR B 217 -14.78 2.20 -13.90
C TYR B 217 -15.26 3.27 -14.89
N GLY B 218 -16.54 3.61 -14.85
CA GLY B 218 -17.06 4.60 -15.78
C GLY B 218 -16.75 4.22 -17.20
N VAL B 219 -16.85 2.94 -17.54
CA VAL B 219 -16.54 2.57 -18.90
C VAL B 219 -17.63 3.09 -19.83
N THR B 220 -17.23 3.49 -21.03
CA THR B 220 -18.13 4.00 -22.07
C THR B 220 -18.69 5.39 -21.78
N ARG B 221 -19.26 5.58 -20.59
CA ARG B 221 -19.87 6.85 -20.22
C ARG B 221 -19.40 7.28 -18.85
N HIS B 222 -18.93 8.51 -18.75
CA HIS B 222 -18.47 9.05 -17.48
C HIS B 222 -18.67 10.55 -17.58
N ARG B 223 -19.20 11.15 -16.51
CA ARG B 223 -19.51 12.58 -16.48
C ARG B 223 -18.38 13.56 -16.80
N HIS B 224 -17.14 13.11 -16.74
CA HIS B 224 -16.07 14.03 -17.08
C HIS B 224 -16.01 14.19 -18.58
N VAL B 225 -16.52 13.19 -19.30
CA VAL B 225 -16.48 13.23 -20.76
C VAL B 225 -16.97 14.55 -21.35
N PRO B 226 -18.21 14.98 -21.03
CA PRO B 226 -18.70 16.25 -21.59
C PRO B 226 -17.81 17.46 -21.31
N GLU B 227 -17.16 17.45 -20.15
CA GLU B 227 -16.25 18.52 -19.75
C GLU B 227 -15.01 18.58 -20.65
N ILE B 228 -14.45 17.40 -20.91
CA ILE B 228 -13.28 17.22 -21.77
C ILE B 228 -13.56 17.63 -23.22
N GLU B 229 -14.61 17.05 -23.78
CA GLU B 229 -14.99 17.34 -25.15
C GLU B 229 -15.29 18.85 -25.30
N GLN B 230 -16.13 19.41 -24.43
CA GLN B 230 -16.45 20.84 -24.50
C GLN B 230 -15.18 21.70 -24.64
N GLY B 231 -14.15 21.38 -23.89
CA GLY B 231 -12.90 22.13 -23.97
C GLY B 231 -12.17 21.88 -25.28
N LEU B 232 -12.11 20.62 -25.72
CA LEU B 232 -11.43 20.28 -26.96
C LEU B 232 -12.21 20.78 -28.17
N SER B 233 -13.54 20.68 -28.09
CA SER B 233 -14.41 21.13 -29.17
C SER B 233 -14.26 22.65 -29.37
N ASP B 234 -14.11 23.40 -28.29
CA ASP B 234 -13.95 24.84 -28.39
C ASP B 234 -12.78 25.23 -29.29
N VAL B 235 -11.69 24.46 -29.23
CA VAL B 235 -10.52 24.75 -30.04
C VAL B 235 -10.54 24.04 -31.39
N ALA B 236 -11.05 22.83 -31.43
CA ALA B 236 -11.10 22.06 -32.69
C ALA B 236 -12.12 22.67 -33.65
N GLN B 237 -12.88 23.64 -33.14
CA GLN B 237 -13.92 24.30 -33.92
C GLN B 237 -14.77 23.25 -34.61
N SER B 238 -14.96 22.12 -33.94
CA SER B 238 -15.77 21.01 -34.44
C SER B 238 -16.02 20.04 -33.27
N LYS B 239 -17.21 19.42 -33.23
CA LYS B 239 -17.53 18.51 -32.14
C LYS B 239 -16.56 17.34 -32.02
N VAL B 240 -15.88 17.27 -30.88
CA VAL B 240 -14.93 16.20 -30.63
C VAL B 240 -15.60 15.10 -29.80
N THR B 241 -15.36 13.85 -30.17
CA THR B 241 -15.90 12.69 -29.45
C THR B 241 -14.69 11.88 -28.95
N VAL B 242 -14.48 11.84 -27.63
CA VAL B 242 -13.36 11.10 -27.08
C VAL B 242 -13.75 9.82 -26.37
N SER B 243 -12.76 8.95 -26.16
CA SER B 243 -12.94 7.70 -25.43
C SER B 243 -12.18 7.98 -24.11
N PHE B 244 -12.86 7.94 -22.98
CA PHE B 244 -12.20 8.23 -21.69
C PHE B 244 -12.51 7.15 -20.66
N THR B 245 -11.50 6.33 -20.36
CA THR B 245 -11.68 5.25 -19.41
C THR B 245 -10.90 5.43 -18.11
N PRO B 246 -11.61 5.67 -17.01
CA PRO B 246 -11.01 5.86 -15.69
C PRO B 246 -10.63 4.48 -15.12
N HIS B 247 -9.66 4.48 -14.21
CA HIS B 247 -9.18 3.26 -13.54
C HIS B 247 -8.86 3.66 -12.11
N LEU B 248 -9.21 2.80 -11.14
CA LEU B 248 -8.95 3.08 -9.74
C LEU B 248 -7.60 2.46 -9.32
N MET B 249 -6.78 3.24 -8.61
CA MET B 249 -5.45 2.80 -8.19
C MET B 249 -5.28 2.75 -6.67
N PRO B 250 -4.68 1.66 -6.14
CA PRO B 250 -4.47 1.56 -4.70
C PRO B 250 -3.37 2.51 -4.20
N MET B 251 -3.75 3.76 -3.92
CA MET B 251 -2.84 4.83 -3.44
C MET B 251 -3.64 6.13 -3.10
N ILE B 252 -3.28 6.82 -2.03
CA ILE B 252 -3.98 8.04 -1.64
C ILE B 252 -4.26 9.05 -2.75
N ARG B 253 -3.19 9.72 -3.23
CA ARG B 253 -3.30 10.72 -4.28
C ARG B 253 -2.62 10.27 -5.57
N GLY B 254 -2.78 11.08 -6.62
CA GLY B 254 -2.14 10.80 -7.89
C GLY B 254 -3.05 10.59 -9.08
N MET B 255 -2.65 11.11 -10.22
CA MET B 255 -3.49 10.97 -11.41
C MET B 255 -2.67 11.02 -12.70
N GLN B 256 -3.00 10.13 -13.62
CA GLN B 256 -2.30 10.09 -14.88
C GLN B 256 -3.19 9.69 -16.02
N SER B 257 -3.17 10.46 -17.11
CA SER B 257 -3.94 10.09 -18.28
C SER B 257 -2.94 9.68 -19.35
N THR B 258 -3.16 8.52 -19.97
CA THR B 258 -2.30 8.09 -21.06
C THR B 258 -3.15 8.35 -22.31
N ILE B 259 -2.70 9.32 -23.10
CA ILE B 259 -3.42 9.76 -24.29
C ILE B 259 -2.87 9.30 -25.64
N TYR B 260 -3.72 8.62 -26.39
CA TYR B 260 -3.31 8.11 -27.68
C TYR B 260 -3.91 8.96 -28.78
N VAL B 261 -3.03 9.67 -29.49
CA VAL B 261 -3.47 10.56 -30.54
C VAL B 261 -2.91 10.25 -31.92
N GLU B 262 -3.72 10.59 -32.91
CA GLU B 262 -3.36 10.42 -34.31
C GLU B 262 -2.95 11.80 -34.84
N MET B 263 -1.70 11.96 -35.21
CA MET B 263 -1.21 13.24 -35.70
C MET B 263 -1.71 13.57 -37.11
N ALA B 264 -1.75 14.86 -37.43
CA ALA B 264 -2.22 15.32 -38.73
C ALA B 264 -1.14 15.05 -39.77
N PRO B 265 -1.52 15.05 -41.06
CA PRO B 265 -0.59 14.80 -42.17
C PRO B 265 0.67 15.64 -42.07
N GLY B 266 1.83 15.00 -42.28
CA GLY B 266 3.10 15.71 -42.23
C GLY B 266 3.69 16.06 -40.88
N VAL B 267 3.09 15.56 -39.80
CA VAL B 267 3.57 15.87 -38.46
C VAL B 267 4.37 14.75 -37.79
N ARG B 268 5.33 15.14 -36.97
CA ARG B 268 6.14 14.19 -36.24
C ARG B 268 5.95 14.48 -34.75
N THR B 269 6.19 13.49 -33.90
CA THR B 269 6.00 13.72 -32.47
C THR B 269 6.85 14.88 -32.00
N GLU B 270 7.97 15.12 -32.68
CA GLU B 270 8.86 16.22 -32.32
C GLU B 270 8.12 17.58 -32.41
N ASP B 271 7.18 17.67 -33.36
CA ASP B 271 6.39 18.88 -33.53
C ASP B 271 5.43 19.06 -32.36
N LEU B 272 4.87 17.96 -31.87
CA LEU B 272 3.95 18.07 -30.73
C LEU B 272 4.76 18.50 -29.51
N HIS B 273 5.96 17.96 -29.39
CA HIS B 273 6.80 18.31 -28.25
C HIS B 273 7.16 19.78 -28.23
N GLN B 274 7.59 20.29 -29.37
CA GLN B 274 8.01 21.69 -29.48
C GLN B 274 6.83 22.61 -29.23
N GLN B 275 5.67 22.22 -29.76
CA GLN B 275 4.45 23.00 -29.58
C GLN B 275 4.09 23.07 -28.10
N LEU B 276 4.23 21.95 -27.39
CA LEU B 276 3.92 21.93 -25.96
C LEU B 276 4.98 22.70 -25.16
N LYS B 277 6.24 22.50 -25.51
CA LYS B 277 7.30 23.19 -24.79
C LYS B 277 7.17 24.71 -25.00
N THR B 278 6.76 25.12 -26.18
CA THR B 278 6.59 26.52 -26.50
C THR B 278 5.36 27.11 -25.78
N SER B 279 4.29 26.34 -25.71
CA SER B 279 3.06 26.79 -25.06
C SER B 279 3.14 26.89 -23.53
N TYR B 280 4.07 26.16 -22.90
CA TYR B 280 4.16 26.18 -21.45
C TYR B 280 5.53 26.54 -20.89
N GLU B 281 6.42 26.98 -21.77
CA GLU B 281 7.77 27.35 -21.38
C GLU B 281 7.78 28.35 -20.21
N ASP B 282 6.80 29.25 -20.15
CA ASP B 282 6.77 30.21 -19.06
C ASP B 282 5.70 29.92 -17.99
N GLU B 283 5.39 28.64 -17.76
CA GLU B 283 4.39 28.28 -16.76
C GLU B 283 4.98 27.66 -15.51
N GLU B 284 4.59 28.16 -14.35
CA GLU B 284 5.13 27.60 -13.13
C GLU B 284 4.60 26.20 -12.84
N PHE B 285 3.37 25.92 -13.29
CA PHE B 285 2.77 24.62 -13.01
C PHE B 285 2.72 23.54 -14.09
N VAL B 286 2.86 23.92 -15.35
CA VAL B 286 2.82 22.90 -16.39
C VAL B 286 4.22 22.68 -16.94
N LYS B 287 4.82 21.54 -16.62
CA LYS B 287 6.17 21.21 -17.07
C LYS B 287 6.20 20.18 -18.18
N VAL B 288 6.75 20.56 -19.33
CA VAL B 288 6.88 19.67 -20.47
C VAL B 288 8.25 19.03 -20.36
N LEU B 289 8.29 17.71 -20.21
CA LEU B 289 9.55 16.99 -20.06
C LEU B 289 10.21 16.74 -21.41
N ASP B 290 11.50 16.44 -21.39
CA ASP B 290 12.20 16.18 -22.64
C ASP B 290 11.71 14.87 -23.23
N GLU B 291 11.78 14.77 -24.55
CA GLU B 291 11.35 13.58 -25.25
C GLU B 291 12.01 12.34 -24.66
N GLY B 292 11.25 11.26 -24.55
CA GLY B 292 11.78 10.03 -23.99
C GLY B 292 11.76 9.96 -22.47
N VAL B 293 11.44 11.05 -21.80
CA VAL B 293 11.40 11.04 -20.34
C VAL B 293 9.94 10.84 -19.94
N VAL B 294 9.71 9.77 -19.19
CA VAL B 294 8.38 9.39 -18.74
C VAL B 294 8.06 9.97 -17.38
N PRO B 295 6.98 10.74 -17.27
CA PRO B 295 6.65 11.30 -15.96
C PRO B 295 6.02 10.24 -15.04
N ARG B 296 6.06 10.51 -13.74
CA ARG B 296 5.51 9.61 -12.73
C ARG B 296 4.55 10.46 -11.89
N THR B 297 3.41 9.90 -11.46
CA THR B 297 2.50 10.67 -10.63
C THR B 297 3.24 10.97 -9.33
N HIS B 298 4.24 10.12 -9.04
CA HIS B 298 5.08 10.29 -7.84
C HIS B 298 5.76 11.66 -7.81
N ASN B 299 5.94 12.27 -8.98
CA ASN B 299 6.62 13.56 -9.02
C ASN B 299 5.75 14.81 -9.08
N VAL B 300 4.61 14.75 -8.41
CA VAL B 300 3.68 15.87 -8.34
C VAL B 300 2.78 15.79 -7.08
N ARG B 301 2.79 14.63 -6.44
CA ARG B 301 1.99 14.35 -5.24
C ARG B 301 2.31 15.35 -4.13
N GLY B 302 1.30 16.09 -3.70
CA GLY B 302 1.52 17.07 -2.64
C GLY B 302 1.84 18.47 -3.14
N SER B 303 1.96 18.62 -4.45
CA SER B 303 2.26 19.91 -5.07
C SER B 303 1.12 20.20 -6.04
N ASN B 304 1.24 21.32 -6.73
CA ASN B 304 0.22 21.78 -7.67
C ASN B 304 0.69 21.66 -9.14
N TYR B 305 1.74 20.86 -9.36
CA TYR B 305 2.34 20.68 -10.68
C TYR B 305 1.80 19.59 -11.60
N CYS B 306 1.89 19.89 -12.90
CA CYS B 306 1.50 18.96 -13.97
C CYS B 306 2.76 18.70 -14.78
N HIS B 307 3.06 17.44 -15.08
CA HIS B 307 4.20 17.09 -15.92
C HIS B 307 3.62 16.41 -17.13
N MET B 308 4.15 16.72 -18.31
CA MET B 308 3.70 16.09 -19.54
C MET B 308 4.86 15.78 -20.49
N SER B 309 4.81 14.59 -21.09
CA SER B 309 5.79 14.16 -22.06
C SER B 309 5.09 13.50 -23.26
N VAL B 310 5.74 13.50 -24.42
CA VAL B 310 5.15 12.91 -25.61
C VAL B 310 6.07 11.88 -26.23
N PHE B 311 5.47 10.82 -26.74
CA PHE B 311 6.24 9.75 -27.35
C PHE B 311 5.57 9.24 -28.60
N PRO B 312 6.36 8.68 -29.52
CA PRO B 312 5.73 8.16 -30.73
C PRO B 312 5.05 6.82 -30.42
N ASP B 313 4.00 6.53 -31.18
CA ASP B 313 3.27 5.30 -31.05
C ASP B 313 3.91 4.30 -32.01
N ARG B 314 3.90 3.02 -31.64
CA ARG B 314 4.47 2.00 -32.51
C ARG B 314 3.69 2.04 -33.82
N ILE B 315 2.41 2.39 -33.73
CA ILE B 315 1.56 2.47 -34.91
C ILE B 315 1.95 3.75 -35.67
N PRO B 316 2.52 3.61 -36.86
CA PRO B 316 2.92 4.81 -37.63
C PRO B 316 1.80 5.88 -37.72
N GLY B 317 2.20 7.14 -37.57
CA GLY B 317 1.24 8.22 -37.64
C GLY B 317 0.64 8.58 -36.31
N ARG B 318 0.80 7.71 -35.32
CA ARG B 318 0.24 7.96 -34.01
C ARG B 318 1.28 8.42 -33.00
N ALA B 319 0.79 9.01 -31.91
CA ALA B 319 1.64 9.49 -30.83
C ALA B 319 0.99 9.13 -29.50
N ILE B 320 1.78 9.17 -28.43
CA ILE B 320 1.28 8.85 -27.10
C ILE B 320 1.70 9.98 -26.17
N ILE B 321 0.74 10.52 -25.43
CA ILE B 321 1.00 11.61 -24.48
C ILE B 321 0.67 11.19 -23.04
N ILE B 322 1.58 11.54 -22.12
CA ILE B 322 1.41 11.26 -20.68
C ILE B 322 1.32 12.59 -19.93
N SER B 323 0.28 12.72 -19.11
CA SER B 323 0.04 13.92 -18.34
C SER B 323 -0.33 13.48 -16.91
N VAL B 324 0.39 13.97 -15.91
CA VAL B 324 0.11 13.60 -14.52
C VAL B 324 -0.03 14.78 -13.57
N ILE B 325 -0.82 14.59 -12.52
CA ILE B 325 -1.02 15.62 -11.49
C ILE B 325 -1.41 14.96 -10.17
N ASP B 326 -1.47 15.79 -9.13
CA ASP B 326 -1.95 15.35 -7.84
C ASP B 326 -3.44 15.72 -7.96
N ASN B 327 -4.31 14.73 -8.12
CA ASN B 327 -5.75 14.99 -8.30
C ASN B 327 -6.41 15.82 -7.20
N LEU B 328 -5.73 15.94 -6.06
CA LEU B 328 -6.22 16.73 -4.94
C LEU B 328 -5.77 18.19 -5.03
N VAL B 329 -4.67 18.45 -5.71
CA VAL B 329 -4.18 19.83 -5.81
C VAL B 329 -4.44 20.43 -7.19
N LYS B 330 -3.57 20.15 -8.17
CA LYS B 330 -3.82 20.72 -9.49
C LYS B 330 -5.07 20.05 -10.08
N GLY B 331 -5.54 19.00 -9.41
CA GLY B 331 -6.74 18.32 -9.88
C GLY B 331 -8.01 18.93 -9.29
N ALA B 332 -7.85 19.68 -8.19
CA ALA B 332 -9.00 20.30 -7.53
C ALA B 332 -8.67 21.57 -6.78
N SER B 333 -8.62 21.49 -5.46
CA SER B 333 -8.39 22.65 -4.60
C SER B 333 -7.19 23.52 -4.96
N GLY B 334 -6.16 22.90 -5.55
CA GLY B 334 -4.99 23.66 -5.96
C GLY B 334 -5.32 24.58 -7.13
N GLN B 335 -5.95 24.03 -8.17
CA GLN B 335 -6.31 24.87 -9.31
C GLN B 335 -7.34 25.92 -8.86
N ALA B 336 -8.25 25.51 -7.98
CA ALA B 336 -9.26 26.42 -7.46
C ALA B 336 -8.59 27.70 -6.95
N LEU B 337 -7.56 27.55 -6.13
CA LEU B 337 -6.83 28.70 -5.58
C LEU B 337 -6.09 29.46 -6.67
N GLN B 338 -5.42 28.75 -7.56
CA GLN B 338 -4.70 29.41 -8.64
C GLN B 338 -5.70 30.38 -9.31
N ASN B 339 -6.95 29.93 -9.46
CA ASN B 339 -7.98 30.77 -10.07
C ASN B 339 -8.41 31.95 -9.18
N LEU B 340 -8.59 31.73 -7.88
CA LEU B 340 -9.00 32.82 -7.01
C LEU B 340 -7.90 33.89 -6.91
N ASN B 341 -6.63 33.47 -6.86
CA ASN B 341 -5.55 34.43 -6.77
C ASN B 341 -5.65 35.54 -7.82
N ILE B 342 -5.68 35.14 -9.08
CA ILE B 342 -5.74 36.11 -10.17
C ILE B 342 -7.05 36.88 -10.22
N MET B 343 -8.13 36.26 -9.76
CA MET B 343 -9.46 36.89 -9.72
C MET B 343 -9.39 38.11 -8.81
N LEU B 344 -8.48 38.02 -7.83
CA LEU B 344 -8.27 39.07 -6.87
C LEU B 344 -7.01 39.90 -7.14
N GLY B 345 -6.45 39.77 -8.33
CA GLY B 345 -5.28 40.56 -8.65
C GLY B 345 -3.94 40.08 -8.13
N TYR B 346 -3.96 39.21 -7.12
CA TYR B 346 -2.73 38.67 -6.55
C TYR B 346 -2.05 37.77 -7.58
N PRO B 347 -0.73 37.57 -7.45
CA PRO B 347 0.05 36.73 -8.37
C PRO B 347 -0.60 35.34 -8.46
N GLU B 348 -0.50 34.74 -9.63
CA GLU B 348 -1.12 33.44 -9.86
C GLU B 348 -0.60 32.26 -9.01
N THR B 349 0.72 32.16 -8.88
CA THR B 349 1.33 31.08 -8.11
C THR B 349 1.25 31.33 -6.60
N THR B 350 0.55 32.39 -6.20
CA THR B 350 0.43 32.71 -4.77
C THR B 350 -0.19 31.57 -3.97
N GLY B 351 0.52 31.12 -2.93
CA GLY B 351 0.03 30.03 -2.10
C GLY B 351 0.05 28.66 -2.79
N LEU B 352 0.85 28.50 -3.83
CA LEU B 352 0.89 27.23 -4.55
C LEU B 352 2.27 26.69 -4.94
N LEU B 353 3.33 27.15 -4.27
CA LEU B 353 4.66 26.69 -4.60
C LEU B 353 5.19 25.55 -3.73
N HIS B 354 4.27 24.88 -3.03
CA HIS B 354 4.59 23.71 -2.18
C HIS B 354 5.22 22.67 -3.11
N GLN B 355 6.42 22.18 -2.78
CA GLN B 355 7.07 21.18 -3.62
C GLN B 355 6.53 19.77 -3.32
N PRO B 356 6.44 18.89 -4.35
CA PRO B 356 5.92 17.51 -4.18
C PRO B 356 6.45 16.81 -2.92
N LEU B 357 5.70 15.81 -2.45
CA LEU B 357 6.12 15.06 -1.29
C LEU B 357 6.62 13.68 -1.76
N PHE B 358 7.94 13.57 -1.93
CA PHE B 358 8.54 12.31 -2.34
C PHE B 358 9.80 12.11 -1.51
N PRO B 359 10.01 10.89 -1.00
CA PRO B 359 9.07 9.78 -1.21
C PRO B 359 7.80 9.96 -0.36
N LYS C 15 6.39 -37.72 -5.80
CA LYS C 15 5.56 -38.96 -5.90
C LYS C 15 5.64 -39.57 -7.30
N ASP C 16 4.75 -39.14 -8.19
CA ASP C 16 4.73 -39.67 -9.55
C ASP C 16 5.88 -39.14 -10.41
N ILE C 17 6.10 -37.83 -10.40
CA ILE C 17 7.16 -37.25 -11.20
C ILE C 17 8.16 -36.40 -10.42
N ARG C 18 9.44 -36.58 -10.71
CA ARG C 18 10.48 -35.83 -10.04
C ARG C 18 10.67 -34.52 -10.79
N ILE C 19 10.72 -33.41 -10.05
CA ILE C 19 10.88 -32.09 -10.67
C ILE C 19 12.15 -31.30 -10.34
N GLY C 20 12.71 -30.68 -11.37
CA GLY C 20 13.90 -29.88 -11.21
C GLY C 20 13.58 -28.42 -11.49
N LEU C 21 14.21 -27.53 -10.75
CA LEU C 21 13.98 -26.11 -10.94
C LEU C 21 15.29 -25.38 -11.28
N LEU C 22 15.36 -24.83 -12.50
CA LEU C 22 16.53 -24.07 -12.94
C LEU C 22 16.35 -22.58 -12.61
N GLY C 23 16.83 -22.17 -11.45
CA GLY C 23 16.68 -20.78 -11.05
C GLY C 23 15.52 -20.64 -10.09
N ALA C 24 15.76 -20.98 -8.83
CA ALA C 24 14.77 -20.94 -7.77
C ALA C 24 14.91 -19.73 -6.85
N SER C 25 15.87 -18.86 -7.12
CA SER C 25 16.07 -17.70 -6.27
C SER C 25 15.13 -16.51 -6.53
N GLY C 26 14.37 -16.53 -7.63
CA GLY C 26 13.48 -15.42 -7.93
C GLY C 26 12.01 -15.75 -7.67
N TYR C 27 11.11 -14.80 -7.91
CA TYR C 27 9.67 -15.02 -7.66
C TYR C 27 9.03 -16.11 -8.52
N THR C 28 9.45 -16.26 -9.77
CA THR C 28 8.83 -17.31 -10.58
C THR C 28 9.16 -18.67 -9.97
N GLY C 29 10.39 -18.81 -9.46
CA GLY C 29 10.80 -20.04 -8.84
C GLY C 29 10.02 -20.29 -7.56
N ALA C 30 9.89 -19.26 -6.74
CA ALA C 30 9.15 -19.40 -5.52
C ALA C 30 7.71 -19.85 -5.86
N GLU C 31 7.12 -19.23 -6.88
CA GLU C 31 5.75 -19.57 -7.28
C GLU C 31 5.62 -21.04 -7.67
N ILE C 32 6.64 -21.56 -8.36
CA ILE C 32 6.64 -22.97 -8.76
C ILE C 32 6.64 -23.81 -7.48
N VAL C 33 7.47 -23.43 -6.52
CA VAL C 33 7.55 -24.18 -5.26
C VAL C 33 6.20 -24.14 -4.51
N ARG C 34 5.48 -23.02 -4.62
CA ARG C 34 4.19 -22.89 -3.97
C ARG C 34 3.19 -23.82 -4.64
N LEU C 35 3.05 -23.67 -5.95
CA LEU C 35 2.13 -24.49 -6.71
C LEU C 35 2.37 -26.00 -6.59
N LEU C 36 3.63 -26.43 -6.60
CA LEU C 36 3.92 -27.85 -6.50
C LEU C 36 3.52 -28.46 -5.17
N ALA C 37 3.72 -27.70 -4.09
CA ALA C 37 3.42 -28.14 -2.74
C ALA C 37 2.18 -29.01 -2.63
N ASN C 38 1.04 -28.53 -3.12
CA ASN C 38 -0.15 -29.36 -3.02
C ASN C 38 -0.42 -30.17 -4.27
N HIS C 39 0.58 -30.24 -5.17
CA HIS C 39 0.43 -31.04 -6.37
C HIS C 39 0.71 -32.49 -5.97
N PRO C 40 -0.30 -33.36 -6.08
CA PRO C 40 -0.20 -34.79 -5.72
C PRO C 40 0.73 -35.69 -6.54
N HIS C 41 1.42 -35.17 -7.55
CA HIS C 41 2.30 -36.03 -8.34
C HIS C 41 3.75 -35.50 -8.47
N PHE C 42 3.93 -34.18 -8.52
CA PHE C 42 5.25 -33.60 -8.68
C PHE C 42 5.99 -33.31 -7.38
N GLN C 43 7.31 -33.42 -7.42
CA GLN C 43 8.12 -33.14 -6.25
C GLN C 43 9.44 -32.46 -6.61
N VAL C 44 9.76 -31.38 -5.91
CA VAL C 44 11.00 -30.64 -6.15
C VAL C 44 12.19 -31.32 -5.50
N THR C 45 13.08 -31.88 -6.31
CA THR C 45 14.26 -32.58 -5.80
C THR C 45 15.58 -31.91 -6.19
N LEU C 46 15.52 -30.97 -7.12
CA LEU C 46 16.71 -30.28 -7.59
C LEU C 46 16.38 -28.85 -7.88
N MET C 47 17.15 -27.91 -7.31
CA MET C 47 16.93 -26.48 -7.50
C MET C 47 18.21 -25.68 -7.82
N THR C 48 18.21 -25.05 -9.00
CA THR C 48 19.32 -24.23 -9.50
C THR C 48 19.34 -22.83 -8.88
N ALA C 49 20.53 -22.35 -8.54
CA ALA C 49 20.71 -21.03 -7.98
C ALA C 49 22.20 -20.86 -7.72
N ASP C 50 22.94 -20.66 -8.81
CA ASP C 50 24.39 -20.52 -8.71
C ASP C 50 24.84 -19.41 -7.76
N ARG C 51 24.32 -18.21 -7.96
CA ARG C 51 24.67 -17.08 -7.13
C ARG C 51 24.50 -17.38 -5.65
N LYS C 52 23.64 -18.33 -5.32
CA LYS C 52 23.38 -18.70 -3.94
C LYS C 52 23.46 -20.20 -3.71
N ALA C 53 24.17 -20.91 -4.58
CA ALA C 53 24.31 -22.35 -4.46
C ALA C 53 25.00 -22.72 -3.14
N GLY C 54 24.52 -23.80 -2.54
CA GLY C 54 25.07 -24.24 -1.29
C GLY C 54 24.28 -23.66 -0.13
N GLN C 55 23.34 -22.78 -0.45
CA GLN C 55 22.48 -22.16 0.56
C GLN C 55 21.13 -22.85 0.52
N SER C 56 20.45 -22.93 1.67
CA SER C 56 19.13 -23.56 1.75
C SER C 56 18.07 -22.76 0.99
N MET C 57 16.96 -23.40 0.64
CA MET C 57 15.89 -22.70 -0.07
C MET C 57 15.17 -21.73 0.86
N GLU C 58 14.98 -22.13 2.11
CA GLU C 58 14.32 -21.29 3.10
C GLU C 58 15.17 -20.04 3.34
N SER C 59 16.48 -20.21 3.44
CA SER C 59 17.38 -19.09 3.68
C SER C 59 17.20 -17.98 2.63
N VAL C 60 16.69 -18.37 1.45
CA VAL C 60 16.42 -17.47 0.33
C VAL C 60 14.95 -17.01 0.44
N PHE C 61 14.06 -17.96 0.68
CA PHE C 61 12.63 -17.72 0.83
C PHE C 61 12.11 -18.36 2.12
N PRO C 62 12.25 -17.67 3.24
CA PRO C 62 11.82 -18.12 4.56
C PRO C 62 10.36 -18.57 4.62
N HIS C 63 9.51 -18.00 3.78
CA HIS C 63 8.11 -18.39 3.83
C HIS C 63 7.90 -19.84 3.44
N LEU C 64 8.94 -20.46 2.88
CA LEU C 64 8.80 -21.85 2.45
C LEU C 64 9.25 -22.88 3.48
N ARG C 65 9.30 -22.50 4.76
CA ARG C 65 9.76 -23.40 5.80
C ARG C 65 8.83 -24.55 6.24
N ALA C 66 7.79 -24.84 5.45
CA ALA C 66 6.88 -25.93 5.78
C ALA C 66 7.06 -27.12 4.82
N GLN C 67 7.89 -26.93 3.80
CA GLN C 67 8.13 -28.00 2.83
C GLN C 67 9.57 -28.48 2.85
N LYS C 68 9.75 -29.80 2.78
CA LYS C 68 11.09 -30.39 2.76
C LYS C 68 11.63 -30.15 1.36
N LEU C 69 12.70 -29.37 1.27
CA LEU C 69 13.29 -29.06 -0.01
C LEU C 69 14.80 -29.24 -0.02
N PRO C 70 15.35 -29.66 -1.17
CA PRO C 70 16.80 -29.86 -1.34
C PRO C 70 17.53 -28.53 -1.27
N THR C 71 18.81 -28.57 -0.94
CA THR C 71 19.59 -27.35 -0.87
C THR C 71 19.94 -26.88 -2.28
N LEU C 72 20.10 -25.57 -2.45
CA LEU C 72 20.42 -25.02 -3.76
C LEU C 72 21.83 -25.42 -4.19
N VAL C 73 21.97 -25.76 -5.47
CA VAL C 73 23.24 -26.16 -6.03
C VAL C 73 23.48 -25.47 -7.35
N SER C 74 24.72 -25.51 -7.80
CA SER C 74 25.10 -24.92 -9.07
C SER C 74 24.50 -25.76 -10.21
N VAL C 75 24.27 -25.13 -11.36
CA VAL C 75 23.71 -25.85 -12.51
C VAL C 75 24.70 -26.91 -12.96
N LYS C 76 25.98 -26.57 -12.83
CA LYS C 76 27.05 -27.47 -13.21
C LYS C 76 27.08 -28.69 -12.31
N ASP C 77 27.13 -28.44 -11.00
CA ASP C 77 27.18 -29.52 -10.03
C ASP C 77 25.86 -30.31 -9.96
N ALA C 78 24.92 -29.98 -10.84
CA ALA C 78 23.63 -30.66 -10.84
C ALA C 78 23.44 -31.59 -12.03
N ASP C 79 22.97 -32.80 -11.71
CA ASP C 79 22.71 -33.84 -12.70
C ASP C 79 21.23 -33.86 -13.00
N PHE C 80 20.87 -33.60 -14.26
CA PHE C 80 19.46 -33.55 -14.67
C PHE C 80 18.88 -34.87 -15.17
N SER C 81 19.68 -35.92 -15.16
CA SER C 81 19.19 -37.22 -15.60
C SER C 81 18.39 -37.79 -14.42
N THR C 82 18.50 -37.09 -13.30
CA THR C 82 17.86 -37.47 -12.04
C THR C 82 16.42 -36.98 -11.94
N VAL C 83 16.06 -36.05 -12.82
CA VAL C 83 14.72 -35.51 -12.81
C VAL C 83 13.95 -36.03 -14.02
N ASP C 84 12.63 -35.89 -14.00
CA ASP C 84 11.79 -36.34 -15.09
C ASP C 84 11.22 -35.16 -15.89
N ALA C 85 11.25 -33.97 -15.29
CA ALA C 85 10.73 -32.77 -15.95
C ALA C 85 11.45 -31.56 -15.37
N VAL C 86 11.55 -30.51 -16.17
CA VAL C 86 12.25 -29.32 -15.72
C VAL C 86 11.48 -28.00 -15.88
N PHE C 87 11.76 -27.03 -15.01
CA PHE C 87 11.18 -25.70 -15.07
C PHE C 87 12.40 -24.79 -15.13
N CYS C 88 12.47 -23.92 -16.13
CA CYS C 88 13.60 -23.02 -16.23
C CYS C 88 13.18 -21.58 -15.98
N CYS C 89 13.75 -20.99 -14.93
CA CYS C 89 13.44 -19.61 -14.55
C CYS C 89 14.70 -18.75 -14.60
N LEU C 90 15.68 -19.18 -15.38
CA LEU C 90 16.93 -18.45 -15.49
C LEU C 90 16.78 -17.13 -16.24
N PRO C 91 17.76 -16.22 -16.05
CA PRO C 91 17.77 -14.90 -16.69
C PRO C 91 17.85 -15.02 -18.20
N HIS C 92 17.30 -14.02 -18.90
CA HIS C 92 17.32 -14.01 -20.36
C HIS C 92 18.76 -13.97 -20.87
N GLY C 93 18.99 -14.66 -21.99
CA GLY C 93 20.31 -14.69 -22.57
C GLY C 93 21.16 -15.85 -22.04
N THR C 94 20.60 -16.58 -21.09
CA THR C 94 21.30 -17.70 -20.49
C THR C 94 20.46 -18.98 -20.56
N THR C 95 19.43 -18.98 -21.41
CA THR C 95 18.54 -20.13 -21.52
C THR C 95 18.74 -21.06 -22.72
N GLN C 96 18.75 -20.48 -23.92
CA GLN C 96 18.89 -21.26 -25.14
C GLN C 96 20.03 -22.28 -25.14
N GLU C 97 21.22 -21.89 -24.71
CA GLU C 97 22.35 -22.81 -24.67
C GLU C 97 22.14 -23.92 -23.65
N ILE C 98 21.81 -23.52 -22.42
CA ILE C 98 21.57 -24.48 -21.33
C ILE C 98 20.48 -25.48 -21.66
N ILE C 99 19.39 -25.01 -22.23
CA ILE C 99 18.29 -25.90 -22.56
C ILE C 99 18.66 -26.78 -23.74
N LYS C 100 19.44 -26.23 -24.67
CA LYS C 100 19.86 -26.95 -25.85
C LYS C 100 20.69 -28.18 -25.47
N GLU C 101 21.44 -28.08 -24.39
CA GLU C 101 22.28 -29.16 -23.91
C GLU C 101 21.60 -30.08 -22.89
N LEU C 102 20.38 -29.76 -22.48
CA LEU C 102 19.69 -30.60 -21.51
C LEU C 102 19.47 -32.00 -22.09
N PRO C 103 19.51 -33.03 -21.23
CA PRO C 103 19.31 -34.39 -21.74
C PRO C 103 17.95 -34.52 -22.39
N THR C 104 17.93 -34.92 -23.65
CA THR C 104 16.70 -35.08 -24.40
C THR C 104 15.68 -35.95 -23.65
N ALA C 105 16.09 -36.45 -22.50
CA ALA C 105 15.21 -37.28 -21.67
C ALA C 105 14.50 -36.42 -20.64
N LEU C 106 14.43 -35.12 -20.92
CA LEU C 106 13.77 -34.20 -20.02
C LEU C 106 12.63 -33.48 -20.71
N LYS C 107 11.53 -33.31 -19.97
CA LYS C 107 10.38 -32.57 -20.48
C LYS C 107 10.77 -31.16 -20.01
N ILE C 108 10.56 -30.15 -20.84
CA ILE C 108 10.98 -28.79 -20.46
C ILE C 108 9.99 -27.63 -20.65
N VAL C 109 9.94 -26.75 -19.66
CA VAL C 109 9.11 -25.58 -19.77
C VAL C 109 10.01 -24.40 -19.44
N ASP C 110 10.26 -23.59 -20.46
CA ASP C 110 11.10 -22.41 -20.30
C ASP C 110 10.19 -21.19 -20.03
N LEU C 111 10.39 -20.54 -18.89
CA LEU C 111 9.60 -19.36 -18.54
C LEU C 111 10.29 -18.08 -19.01
N SER C 112 11.44 -18.21 -19.66
CA SER C 112 12.13 -17.02 -20.15
C SER C 112 11.45 -16.58 -21.45
N ALA C 113 11.96 -15.52 -22.04
CA ALA C 113 11.39 -15.00 -23.28
C ALA C 113 12.29 -15.27 -24.49
N ASP C 114 13.10 -16.33 -24.42
CA ASP C 114 14.06 -16.66 -25.48
C ASP C 114 13.68 -17.70 -26.51
N PHE C 115 12.65 -18.50 -26.24
CA PHE C 115 12.17 -19.51 -27.18
C PHE C 115 10.76 -19.22 -27.69
N ARG C 116 10.16 -18.11 -27.22
CA ARG C 116 8.82 -17.71 -27.63
C ARG C 116 8.81 -17.20 -29.06
N LEU C 117 9.91 -16.55 -29.45
CA LEU C 117 10.00 -15.98 -30.79
C LEU C 117 10.52 -17.03 -31.79
N ARG C 118 9.73 -17.28 -32.83
CA ARG C 118 10.14 -18.26 -33.82
C ARG C 118 10.73 -17.61 -35.05
N ASN C 119 11.31 -16.44 -34.84
CA ASN C 119 11.94 -15.67 -35.90
C ASN C 119 13.27 -15.13 -35.36
N ILE C 120 14.34 -15.84 -35.67
CA ILE C 120 15.70 -15.51 -35.24
C ILE C 120 16.07 -14.04 -35.36
N ALA C 121 15.81 -13.44 -36.52
CA ALA C 121 16.11 -12.04 -36.75
C ALA C 121 15.37 -11.17 -35.74
N GLU C 122 14.09 -11.47 -35.52
CA GLU C 122 13.30 -10.70 -34.56
C GLU C 122 13.84 -10.90 -33.16
N TYR C 123 14.32 -12.11 -32.87
CA TYR C 123 14.85 -12.39 -31.54
C TYR C 123 16.06 -11.49 -31.30
N GLU C 124 17.00 -11.57 -32.22
CA GLU C 124 18.21 -10.78 -32.11
C GLU C 124 18.00 -9.27 -32.12
N GLU C 125 17.01 -8.81 -32.90
CA GLU C 125 16.75 -7.37 -32.93
C GLU C 125 16.16 -6.89 -31.62
N TRP C 126 15.20 -7.63 -31.06
CA TRP C 126 14.59 -7.22 -29.81
C TRP C 126 15.34 -7.66 -28.58
N TYR C 127 16.52 -8.23 -28.77
CA TYR C 127 17.28 -8.68 -27.62
C TYR C 127 18.77 -8.35 -27.63
N GLY C 128 19.36 -8.25 -28.80
CA GLY C 128 20.78 -7.94 -28.87
C GLY C 128 21.70 -9.13 -29.16
N GLN C 129 21.86 -10.02 -28.19
CA GLN C 129 22.71 -11.19 -28.37
C GLN C 129 22.11 -12.13 -29.43
N PRO C 130 22.95 -12.98 -30.03
CA PRO C 130 22.47 -13.91 -31.05
C PRO C 130 21.64 -15.04 -30.46
N HIS C 131 20.82 -15.65 -31.29
CA HIS C 131 20.02 -16.76 -30.85
C HIS C 131 21.01 -17.92 -30.86
N LYS C 132 21.34 -18.45 -29.69
CA LYS C 132 22.30 -19.53 -29.57
C LYS C 132 21.71 -20.93 -29.61
N ALA C 133 20.63 -21.12 -30.36
CA ALA C 133 20.01 -22.44 -30.44
C ALA C 133 18.95 -22.40 -31.52
N VAL C 134 19.30 -21.81 -32.64
CA VAL C 134 18.37 -21.67 -33.75
C VAL C 134 17.72 -22.96 -34.18
N GLU C 135 18.41 -24.08 -34.05
CA GLU C 135 17.84 -25.37 -34.48
C GLU C 135 16.71 -25.87 -33.57
N LEU C 136 16.98 -25.90 -32.28
CA LEU C 136 16.00 -26.36 -31.30
C LEU C 136 14.76 -25.47 -31.37
N GLN C 137 14.97 -24.21 -31.74
CA GLN C 137 13.88 -23.25 -31.82
C GLN C 137 12.73 -23.74 -32.70
N LYS C 138 13.01 -24.46 -33.77
CA LYS C 138 11.92 -24.92 -34.64
C LYS C 138 11.05 -26.05 -34.08
N GLU C 139 11.43 -26.63 -32.96
CA GLU C 139 10.59 -27.69 -32.40
C GLU C 139 9.81 -27.22 -31.16
N VAL C 140 10.07 -25.99 -30.73
CA VAL C 140 9.41 -25.41 -29.55
C VAL C 140 7.95 -25.04 -29.73
N VAL C 141 7.15 -25.21 -28.69
CA VAL C 141 5.75 -24.83 -28.76
C VAL C 141 5.42 -23.75 -27.74
N TYR C 142 4.74 -22.70 -28.19
CA TYR C 142 4.39 -21.58 -27.32
C TYR C 142 3.37 -22.02 -26.26
N GLY C 143 3.78 -22.01 -25.00
CA GLY C 143 2.90 -22.46 -23.92
C GLY C 143 1.72 -21.61 -23.47
N LEU C 144 0.94 -21.09 -24.42
CA LEU C 144 -0.22 -20.24 -24.12
C LEU C 144 -1.39 -21.21 -23.96
N THR C 145 -1.52 -21.74 -22.76
CA THR C 145 -2.52 -22.77 -22.49
C THR C 145 -3.74 -22.91 -23.41
N GLU C 146 -4.87 -22.30 -23.06
CA GLU C 146 -6.12 -22.44 -23.84
C GLU C 146 -6.03 -22.30 -25.37
N ILE C 147 -4.91 -21.78 -25.86
CA ILE C 147 -4.76 -21.60 -27.30
C ILE C 147 -4.19 -22.84 -28.01
N LEU C 148 -2.93 -23.16 -27.73
CA LEU C 148 -2.24 -24.27 -28.36
C LEU C 148 -2.35 -25.62 -27.64
N ARG C 149 -3.37 -25.75 -26.79
CA ARG C 149 -3.59 -26.97 -26.02
C ARG C 149 -3.21 -28.27 -26.75
N GLU C 150 -3.84 -28.53 -27.89
CA GLU C 150 -3.57 -29.77 -28.61
C GLU C 150 -2.13 -29.93 -29.09
N ASP C 151 -1.48 -28.81 -29.38
CA ASP C 151 -0.09 -28.87 -29.82
C ASP C 151 0.81 -29.01 -28.60
N ILE C 152 0.39 -28.39 -27.50
CA ILE C 152 1.17 -28.44 -26.26
C ILE C 152 1.29 -29.88 -25.74
N LYS C 153 0.20 -30.65 -25.80
CA LYS C 153 0.20 -32.06 -25.35
C LYS C 153 1.29 -32.86 -26.05
N LYS C 154 1.86 -32.27 -27.09
CA LYS C 154 2.89 -32.92 -27.86
C LYS C 154 4.07 -31.96 -27.99
N ALA C 155 4.96 -31.99 -27.01
CA ALA C 155 6.17 -31.16 -27.00
C ALA C 155 7.10 -31.45 -25.84
N ARG C 156 8.40 -31.44 -26.12
CA ARG C 156 9.39 -31.69 -25.09
C ARG C 156 9.82 -30.36 -24.47
N LEU C 157 9.91 -29.33 -25.31
CA LEU C 157 10.31 -28.01 -24.86
C LEU C 157 9.22 -27.01 -25.18
N VAL C 158 8.69 -26.41 -24.14
CA VAL C 158 7.62 -25.42 -24.26
C VAL C 158 8.11 -24.06 -23.77
N ALA C 159 7.87 -23.02 -24.58
CA ALA C 159 8.24 -21.66 -24.22
C ALA C 159 7.01 -21.07 -23.55
N ASN C 160 7.08 -20.89 -22.24
CA ASN C 160 5.94 -20.36 -21.52
C ASN C 160 5.77 -18.88 -21.85
N PRO C 161 4.55 -18.48 -22.25
CA PRO C 161 4.27 -17.08 -22.60
C PRO C 161 4.57 -16.04 -21.54
N GLY C 162 4.72 -14.80 -21.99
CA GLY C 162 4.95 -13.71 -21.07
C GLY C 162 3.58 -13.38 -20.46
N CYS C 163 3.57 -12.57 -19.42
CA CYS C 163 2.35 -12.18 -18.72
C CYS C 163 1.38 -11.34 -19.55
N TYR C 164 1.80 -10.12 -19.90
CA TYR C 164 0.97 -9.25 -20.72
C TYR C 164 0.45 -9.93 -21.98
N PRO C 165 1.34 -10.58 -22.75
CA PRO C 165 0.90 -11.26 -23.97
C PRO C 165 -0.29 -12.21 -23.80
N THR C 166 -0.38 -12.84 -22.63
CA THR C 166 -1.45 -13.79 -22.34
C THR C 166 -2.80 -13.06 -22.19
N THR C 167 -2.81 -11.97 -21.42
CA THR C 167 -4.04 -11.20 -21.20
C THR C 167 -4.61 -10.62 -22.51
N ILE C 168 -3.74 -10.47 -23.52
CA ILE C 168 -4.11 -9.89 -24.80
C ILE C 168 -4.57 -10.91 -25.85
N GLN C 169 -3.74 -11.94 -26.05
CA GLN C 169 -4.05 -12.98 -27.01
C GLN C 169 -5.31 -13.78 -26.70
N LEU C 170 -5.58 -14.06 -25.42
CA LEU C 170 -6.76 -14.83 -25.05
C LEU C 170 -8.07 -14.23 -25.64
N PRO C 171 -8.32 -12.93 -25.39
CA PRO C 171 -9.54 -12.27 -25.92
C PRO C 171 -9.42 -12.00 -27.42
N LEU C 172 -8.24 -11.55 -27.82
CA LEU C 172 -8.04 -11.17 -29.21
C LEU C 172 -7.96 -12.25 -30.27
N VAL C 173 -7.32 -13.39 -29.99
CA VAL C 173 -7.21 -14.43 -31.00
C VAL C 173 -8.58 -14.89 -31.56
N PRO C 174 -9.51 -15.30 -30.68
CA PRO C 174 -10.84 -15.74 -31.10
C PRO C 174 -11.58 -14.67 -31.89
N LEU C 175 -11.49 -13.43 -31.43
CA LEU C 175 -12.17 -12.32 -32.10
C LEU C 175 -11.69 -12.12 -33.54
N LEU C 176 -10.38 -12.17 -33.73
CA LEU C 176 -9.76 -12.02 -35.05
C LEU C 176 -10.13 -13.27 -35.88
N LYS C 177 -10.00 -14.44 -35.27
CA LYS C 177 -10.31 -15.71 -35.94
C LYS C 177 -11.72 -15.67 -36.52
N ALA C 178 -12.64 -15.01 -35.81
CA ALA C 178 -14.02 -14.92 -36.26
C ALA C 178 -14.31 -13.63 -37.03
N ASN C 179 -13.23 -12.96 -37.41
CA ASN C 179 -13.33 -11.72 -38.18
C ASN C 179 -14.40 -10.75 -37.62
N LEU C 180 -14.07 -10.09 -36.52
CA LEU C 180 -14.99 -9.14 -35.91
C LEU C 180 -14.30 -7.80 -35.63
N ILE C 181 -12.98 -7.78 -35.74
CA ILE C 181 -12.21 -6.56 -35.47
C ILE C 181 -11.20 -6.29 -36.56
N LYS C 182 -10.78 -5.04 -36.69
CA LYS C 182 -9.79 -4.68 -37.70
C LYS C 182 -8.42 -4.84 -37.07
N HIS C 183 -7.57 -5.70 -37.63
CA HIS C 183 -6.27 -5.85 -37.01
C HIS C 183 -5.37 -4.61 -37.04
N GLU C 184 -5.97 -3.45 -37.35
CA GLU C 184 -5.24 -2.18 -37.38
C GLU C 184 -5.68 -1.35 -36.18
N ASN C 185 -4.77 -0.53 -35.66
CA ASN C 185 -5.06 0.33 -34.53
C ASN C 185 -5.49 -0.36 -33.25
N ILE C 186 -4.88 -1.51 -32.95
CA ILE C 186 -5.19 -2.20 -31.70
C ILE C 186 -4.41 -1.40 -30.64
N ILE C 187 -5.11 -0.92 -29.61
CA ILE C 187 -4.48 -0.11 -28.57
C ILE C 187 -4.54 -0.83 -27.22
N ILE C 188 -3.37 -1.05 -26.63
CA ILE C 188 -3.29 -1.75 -25.36
C ILE C 188 -2.66 -0.94 -24.21
N ASP C 189 -3.46 -0.54 -23.23
CA ASP C 189 -2.91 0.16 -22.08
C ASP C 189 -2.96 -0.84 -20.91
N ALA C 190 -1.79 -1.33 -20.48
CA ALA C 190 -1.73 -2.33 -19.43
C ALA C 190 -1.00 -1.91 -18.15
N LYS C 191 -1.19 -2.73 -17.13
CA LYS C 191 -0.65 -2.46 -15.82
C LYS C 191 -0.24 -3.76 -15.17
N SER C 192 0.55 -3.67 -14.10
CA SER C 192 0.99 -4.85 -13.36
C SER C 192 1.52 -4.56 -11.95
N GLY C 193 1.53 -5.60 -11.13
CA GLY C 193 2.08 -5.47 -9.80
C GLY C 193 3.58 -5.29 -9.98
N VAL C 194 4.28 -4.81 -8.96
CA VAL C 194 5.71 -4.62 -9.16
C VAL C 194 6.45 -5.95 -8.98
N SER C 195 5.71 -7.01 -8.63
CA SER C 195 6.30 -8.35 -8.46
C SER C 195 6.85 -8.86 -9.81
N GLY C 196 6.26 -8.42 -10.90
CA GLY C 196 6.70 -8.83 -12.22
C GLY C 196 8.11 -8.39 -12.59
N ALA C 197 8.62 -7.33 -11.95
CA ALA C 197 9.97 -6.86 -12.23
C ALA C 197 10.98 -7.85 -11.65
N GLY C 198 10.58 -8.54 -10.59
CA GLY C 198 11.48 -9.51 -9.98
C GLY C 198 12.03 -9.07 -8.64
N ARG C 199 12.87 -9.91 -8.06
CA ARG C 199 13.47 -9.65 -6.76
C ARG C 199 14.81 -8.93 -6.84
N GLY C 200 15.26 -8.68 -8.06
CA GLY C 200 16.53 -7.98 -8.25
C GLY C 200 16.61 -6.70 -7.43
N ALA C 201 17.79 -6.38 -6.93
CA ALA C 201 17.99 -5.20 -6.11
C ALA C 201 18.15 -3.94 -6.96
N LYS C 202 17.03 -3.29 -7.23
CA LYS C 202 17.02 -2.07 -8.03
C LYS C 202 16.39 -0.90 -7.26
N GLU C 203 17.03 0.26 -7.34
CA GLU C 203 16.56 1.45 -6.65
C GLU C 203 15.07 1.68 -6.95
N ALA C 204 14.76 1.76 -8.24
CA ALA C 204 13.41 2.01 -8.72
C ALA C 204 12.32 1.18 -8.03
N ASN C 205 12.49 -0.15 -8.06
CA ASN C 205 11.53 -1.08 -7.48
C ASN C 205 11.43 -1.09 -5.97
N LEU C 206 12.12 -0.15 -5.31
CA LEU C 206 12.07 -0.04 -3.85
C LEU C 206 10.66 0.41 -3.42
N TYR C 207 10.28 0.07 -2.18
CA TYR C 207 8.97 0.46 -1.67
C TYR C 207 8.76 1.98 -1.68
N SER C 208 9.75 2.72 -1.19
CA SER C 208 9.67 4.17 -1.14
C SER C 208 9.61 4.86 -2.50
N GLU C 209 10.04 4.17 -3.56
CA GLU C 209 10.03 4.74 -4.91
C GLU C 209 8.79 4.30 -5.69
N ILE C 210 8.13 3.23 -5.24
CA ILE C 210 6.98 2.67 -5.95
C ILE C 210 5.64 2.92 -5.26
N ALA C 211 5.67 2.98 -3.95
CA ALA C 211 4.43 3.14 -3.22
C ALA C 211 3.73 4.46 -3.39
N GLU C 212 2.41 4.39 -3.60
CA GLU C 212 1.56 5.55 -3.74
C GLU C 212 1.74 6.35 -5.02
N GLY C 213 2.01 5.65 -6.11
CA GLY C 213 2.16 6.31 -7.38
C GLY C 213 2.37 5.33 -8.52
N ILE C 214 1.92 5.73 -9.70
CA ILE C 214 2.11 4.92 -10.89
C ILE C 214 2.96 5.72 -11.87
N SER C 215 3.47 5.03 -12.89
CA SER C 215 4.26 5.62 -13.96
C SER C 215 4.26 4.60 -15.09
N SER C 216 4.42 5.08 -16.32
CA SER C 216 4.49 4.20 -17.49
C SER C 216 5.95 3.72 -17.57
N TYR C 217 6.23 2.73 -18.42
CA TYR C 217 7.62 2.24 -18.61
C TYR C 217 7.59 1.44 -19.90
N GLY C 218 8.75 1.26 -20.52
CA GLY C 218 8.80 0.54 -21.78
C GLY C 218 7.88 1.15 -22.82
N VAL C 219 7.94 2.46 -23.00
CA VAL C 219 7.08 3.12 -23.99
C VAL C 219 7.55 2.88 -25.42
N THR C 220 6.60 2.73 -26.34
CA THR C 220 6.90 2.48 -27.75
C THR C 220 7.47 1.08 -27.94
N ARG C 221 8.66 0.85 -27.39
CA ARG C 221 9.31 -0.46 -27.51
C ARG C 221 9.37 -1.15 -26.16
N HIS C 222 8.99 -2.42 -26.16
CA HIS C 222 9.03 -3.26 -24.96
C HIS C 222 9.11 -4.70 -25.45
N ARG C 223 9.98 -5.50 -24.83
CA ARG C 223 10.18 -6.89 -25.25
C ARG C 223 8.94 -7.71 -25.61
N HIS C 224 7.85 -7.51 -24.90
CA HIS C 224 6.63 -8.27 -25.19
C HIS C 224 5.97 -7.89 -26.50
N VAL C 225 6.40 -6.77 -27.09
CA VAL C 225 5.82 -6.29 -28.36
C VAL C 225 5.91 -7.25 -29.54
N PRO C 226 7.11 -7.82 -29.85
CA PRO C 226 7.20 -8.74 -30.99
C PRO C 226 6.45 -10.05 -30.75
N GLU C 227 6.41 -10.47 -29.48
CA GLU C 227 5.71 -11.69 -29.06
C GLU C 227 4.19 -11.54 -29.22
N ILE C 228 3.67 -10.38 -28.77
CA ILE C 228 2.24 -10.09 -28.89
C ILE C 228 1.86 -10.09 -30.37
N GLU C 229 2.63 -9.38 -31.19
CA GLU C 229 2.31 -9.31 -32.61
C GLU C 229 2.44 -10.69 -33.28
N GLN C 230 3.39 -11.50 -32.84
CA GLN C 230 3.56 -12.84 -33.42
C GLN C 230 2.26 -13.62 -33.32
N GLY C 231 1.72 -13.68 -32.11
CA GLY C 231 0.46 -14.38 -31.90
C GLY C 231 -0.64 -13.81 -32.77
N LEU C 232 -0.85 -12.50 -32.67
CA LEU C 232 -1.90 -11.85 -33.47
C LEU C 232 -1.60 -12.00 -34.96
N SER C 233 -0.34 -12.02 -35.33
CA SER C 233 0.01 -12.16 -36.74
C SER C 233 -0.36 -13.53 -37.29
N ASP C 234 -0.18 -14.55 -36.46
CA ASP C 234 -0.50 -15.90 -36.88
C ASP C 234 -2.00 -16.10 -37.06
N VAL C 235 -2.79 -15.55 -36.13
CA VAL C 235 -4.25 -15.69 -36.20
C VAL C 235 -4.84 -14.98 -37.40
N ALA C 236 -4.64 -13.66 -37.45
CA ALA C 236 -5.17 -12.83 -38.53
C ALA C 236 -4.56 -13.18 -39.89
N GLN C 237 -3.48 -13.96 -39.85
CA GLN C 237 -2.80 -14.37 -41.07
C GLN C 237 -2.40 -13.13 -41.85
N SER C 238 -1.75 -12.21 -41.14
CA SER C 238 -1.28 -10.95 -41.70
C SER C 238 -0.42 -10.24 -40.65
N LYS C 239 0.40 -9.30 -41.08
CA LYS C 239 1.25 -8.55 -40.17
C LYS C 239 0.40 -7.61 -39.33
N VAL C 240 0.41 -7.82 -38.02
CA VAL C 240 -0.34 -6.97 -37.11
C VAL C 240 0.58 -6.09 -36.31
N THR C 241 0.35 -4.77 -36.37
CA THR C 241 1.14 -3.80 -35.62
C THR C 241 0.22 -3.20 -34.56
N VAL C 242 0.63 -3.30 -33.30
CA VAL C 242 -0.16 -2.78 -32.18
C VAL C 242 0.52 -1.65 -31.43
N SER C 243 -0.21 -1.08 -30.47
CA SER C 243 0.34 -0.04 -29.59
C SER C 243 0.22 -0.73 -28.23
N PHE C 244 1.28 -0.65 -27.43
CA PHE C 244 1.31 -1.31 -26.13
C PHE C 244 2.12 -0.48 -25.12
N THR C 245 1.46 -0.05 -24.05
CA THR C 245 2.13 0.76 -23.05
C THR C 245 2.00 0.26 -21.61
N PRO C 246 3.14 -0.13 -21.00
CA PRO C 246 3.25 -0.63 -19.61
C PRO C 246 3.15 0.45 -18.54
N HIS C 247 2.59 0.07 -17.39
CA HIS C 247 2.44 0.98 -16.26
C HIS C 247 2.71 0.21 -14.99
N LEU C 248 3.61 0.74 -14.18
CA LEU C 248 3.98 0.07 -12.94
C LEU C 248 2.99 0.46 -11.86
N MET C 249 2.29 -0.55 -11.32
CA MET C 249 1.28 -0.36 -10.28
C MET C 249 1.84 -0.55 -8.86
N PRO C 250 1.43 0.33 -7.91
CA PRO C 250 1.89 0.20 -6.54
C PRO C 250 1.16 -0.95 -5.85
N MET C 251 1.45 -2.16 -6.32
CA MET C 251 0.84 -3.36 -5.77
C MET C 251 1.75 -4.52 -6.15
N ILE C 252 1.66 -5.62 -5.42
CA ILE C 252 2.52 -6.77 -5.68
C ILE C 252 2.06 -7.59 -6.87
N ARG C 253 0.87 -8.16 -6.76
CA ARG C 253 0.32 -9.01 -7.80
C ARG C 253 -0.82 -8.36 -8.57
N GLY C 254 -1.02 -8.78 -9.81
CA GLY C 254 -2.12 -8.24 -10.56
C GLY C 254 -1.72 -7.61 -11.87
N MET C 255 -2.52 -7.89 -12.88
CA MET C 255 -2.26 -7.36 -14.19
C MET C 255 -3.54 -7.18 -14.97
N GLN C 256 -3.63 -6.04 -15.65
CA GLN C 256 -4.79 -5.76 -16.47
C GLN C 256 -4.41 -5.10 -17.78
N SER C 257 -5.00 -5.61 -18.85
CA SER C 257 -4.82 -5.01 -20.17
C SER C 257 -6.18 -4.42 -20.56
N THR C 258 -6.19 -3.13 -20.90
CA THR C 258 -7.40 -2.44 -21.38
C THR C 258 -7.14 -2.37 -22.90
N ILE C 259 -7.91 -3.13 -23.66
CA ILE C 259 -7.75 -3.25 -25.12
C ILE C 259 -8.81 -2.51 -25.92
N TYR C 260 -8.37 -1.47 -26.64
CA TYR C 260 -9.28 -0.67 -27.45
C TYR C 260 -9.17 -1.15 -28.91
N VAL C 261 -10.23 -1.80 -29.38
CA VAL C 261 -10.27 -2.32 -30.73
C VAL C 261 -11.35 -1.60 -31.51
N GLU C 262 -11.33 -1.80 -32.83
CA GLU C 262 -12.28 -1.22 -33.75
C GLU C 262 -13.16 -2.36 -34.22
N MET C 263 -14.47 -2.20 -34.12
CA MET C 263 -15.37 -3.27 -34.53
C MET C 263 -15.69 -3.20 -36.03
N ALA C 264 -15.26 -4.21 -36.76
CA ALA C 264 -15.53 -4.28 -38.20
C ALA C 264 -17.01 -3.93 -38.45
N PRO C 265 -17.30 -3.32 -39.62
CA PRO C 265 -18.67 -2.94 -39.98
C PRO C 265 -19.61 -4.14 -39.87
N GLY C 266 -20.78 -3.92 -39.28
CA GLY C 266 -21.76 -4.98 -39.12
C GLY C 266 -21.67 -5.67 -37.77
N VAL C 267 -20.49 -5.63 -37.15
CA VAL C 267 -20.25 -6.25 -35.86
C VAL C 267 -20.66 -5.31 -34.72
N ARG C 268 -21.35 -5.86 -33.72
CA ARG C 268 -21.81 -5.08 -32.57
C ARG C 268 -21.11 -5.59 -31.31
N THR C 269 -21.20 -4.83 -30.22
CA THR C 269 -20.59 -5.25 -28.98
C THR C 269 -21.20 -6.55 -28.42
N GLU C 270 -22.53 -6.63 -28.37
CA GLU C 270 -23.21 -7.83 -27.87
C GLU C 270 -22.72 -9.07 -28.59
N ASP C 271 -22.20 -8.90 -29.79
CA ASP C 271 -21.71 -10.02 -30.56
C ASP C 271 -20.33 -10.39 -30.08
N LEU C 272 -19.59 -9.38 -29.63
CA LEU C 272 -18.25 -9.56 -29.13
C LEU C 272 -18.34 -10.50 -27.95
N HIS C 273 -19.23 -10.17 -27.00
CA HIS C 273 -19.41 -10.99 -25.82
C HIS C 273 -19.72 -12.44 -26.18
N GLN C 274 -20.65 -12.62 -27.11
CA GLN C 274 -21.05 -13.96 -27.53
C GLN C 274 -19.96 -14.71 -28.28
N GLN C 275 -19.27 -14.03 -29.21
CA GLN C 275 -18.22 -14.69 -29.97
C GLN C 275 -17.04 -15.07 -29.08
N LEU C 276 -17.13 -14.66 -27.81
CA LEU C 276 -16.10 -14.93 -26.82
C LEU C 276 -16.62 -15.91 -25.77
N LYS C 277 -17.89 -15.74 -25.42
CA LYS C 277 -18.55 -16.57 -24.44
C LYS C 277 -18.51 -18.03 -24.91
N THR C 278 -18.69 -18.24 -26.21
CA THR C 278 -18.67 -19.58 -26.77
C THR C 278 -17.27 -20.17 -26.72
N SER C 279 -16.31 -19.44 -27.28
CA SER C 279 -14.92 -19.86 -27.33
C SER C 279 -14.35 -20.39 -26.02
N TYR C 280 -14.78 -19.83 -24.90
CA TYR C 280 -14.25 -20.23 -23.61
C TYR C 280 -15.26 -20.86 -22.61
N GLU C 281 -16.48 -21.11 -23.07
CA GLU C 281 -17.53 -21.68 -22.22
C GLU C 281 -17.16 -22.96 -21.47
N ASP C 282 -16.25 -23.76 -21.99
CA ASP C 282 -15.87 -24.98 -21.28
C ASP C 282 -14.56 -24.82 -20.52
N GLU C 283 -14.01 -23.61 -20.55
CA GLU C 283 -12.73 -23.31 -19.91
C GLU C 283 -12.78 -23.01 -18.41
N GLU C 284 -12.01 -23.78 -17.63
CA GLU C 284 -11.97 -23.55 -16.19
C GLU C 284 -11.41 -22.19 -15.80
N PHE C 285 -10.21 -21.88 -16.30
CA PHE C 285 -9.51 -20.66 -15.95
C PHE C 285 -9.66 -19.37 -16.78
N VAL C 286 -10.64 -19.34 -17.66
CA VAL C 286 -10.89 -18.17 -18.50
C VAL C 286 -12.39 -17.85 -18.41
N LYS C 287 -12.73 -16.86 -17.61
CA LYS C 287 -14.12 -16.46 -17.40
C LYS C 287 -14.48 -15.20 -18.18
N VAL C 288 -15.53 -15.34 -19.00
CA VAL C 288 -16.06 -14.24 -19.80
C VAL C 288 -17.24 -13.70 -18.98
N LEU C 289 -17.07 -12.52 -18.40
CA LEU C 289 -18.11 -11.91 -17.58
C LEU C 289 -19.25 -11.41 -18.44
N ASP C 290 -20.39 -11.15 -17.82
CA ASP C 290 -21.53 -10.64 -18.58
C ASP C 290 -21.25 -9.23 -19.06
N GLU C 291 -21.85 -8.85 -20.18
CA GLU C 291 -21.63 -7.52 -20.71
C GLU C 291 -21.92 -6.47 -19.65
N GLY C 292 -21.02 -5.49 -19.55
CA GLY C 292 -21.21 -4.43 -18.57
C GLY C 292 -20.57 -4.65 -17.22
N VAL C 293 -20.28 -5.89 -16.85
CA VAL C 293 -19.63 -6.18 -15.57
C VAL C 293 -18.13 -5.93 -15.73
N VAL C 294 -17.56 -5.12 -14.86
CA VAL C 294 -16.14 -4.80 -14.94
C VAL C 294 -15.31 -5.66 -14.01
N PRO C 295 -14.32 -6.38 -14.56
CA PRO C 295 -13.48 -7.23 -13.69
C PRO C 295 -12.51 -6.41 -12.83
N ARG C 296 -11.89 -7.07 -11.86
CA ARG C 296 -10.91 -6.40 -10.99
C ARG C 296 -9.72 -7.32 -10.80
N THR C 297 -8.52 -6.77 -10.71
CA THR C 297 -7.35 -7.64 -10.49
C THR C 297 -7.38 -8.24 -9.07
N HIS C 298 -7.97 -7.53 -8.11
CA HIS C 298 -8.02 -8.07 -6.75
C HIS C 298 -8.55 -9.51 -6.84
N ASN C 299 -9.47 -9.72 -7.80
CA ASN C 299 -10.13 -11.00 -8.01
C ASN C 299 -9.46 -12.05 -8.91
N VAL C 300 -8.14 -12.09 -8.89
CA VAL C 300 -7.44 -13.08 -9.69
C VAL C 300 -6.13 -13.48 -9.04
N ARG C 301 -5.66 -12.67 -8.09
CA ARG C 301 -4.40 -12.94 -7.41
C ARG C 301 -4.47 -14.32 -6.71
N GLY C 302 -3.35 -15.03 -6.67
CA GLY C 302 -3.30 -16.34 -6.04
C GLY C 302 -4.06 -17.44 -6.79
N SER C 303 -4.44 -17.18 -8.04
CA SER C 303 -5.17 -18.14 -8.85
C SER C 303 -4.74 -18.04 -10.30
N ASN C 304 -4.93 -19.10 -11.05
CA ASN C 304 -4.57 -19.15 -12.47
C ASN C 304 -5.73 -18.64 -13.33
N TYR C 305 -6.73 -18.01 -12.72
CA TYR C 305 -7.88 -17.50 -13.46
C TYR C 305 -7.66 -16.22 -14.24
N CYS C 306 -8.43 -16.06 -15.31
CA CYS C 306 -8.41 -14.88 -16.14
C CYS C 306 -9.88 -14.48 -16.33
N HIS C 307 -10.22 -13.24 -15.97
CA HIS C 307 -11.57 -12.73 -16.14
C HIS C 307 -11.51 -11.66 -17.20
N MET C 308 -12.39 -11.76 -18.20
CA MET C 308 -12.43 -10.75 -19.24
C MET C 308 -13.87 -10.24 -19.44
N SER C 309 -13.97 -9.05 -20.04
CA SER C 309 -15.26 -8.43 -20.28
C SER C 309 -15.20 -7.44 -21.45
N VAL C 310 -16.32 -7.29 -22.16
CA VAL C 310 -16.39 -6.38 -23.30
C VAL C 310 -17.39 -5.25 -23.06
N PHE C 311 -17.03 -4.07 -23.55
CA PHE C 311 -17.86 -2.89 -23.39
C PHE C 311 -17.80 -2.03 -24.66
N PRO C 312 -18.80 -1.16 -24.85
CA PRO C 312 -18.77 -0.31 -26.04
C PRO C 312 -17.86 0.89 -25.78
N ASP C 313 -17.29 1.44 -26.84
CA ASP C 313 -16.46 2.63 -26.71
C ASP C 313 -17.44 3.77 -27.00
N ARG C 314 -17.29 4.91 -26.32
CA ARG C 314 -18.18 6.04 -26.56
C ARG C 314 -18.12 6.37 -28.03
N ILE C 315 -16.92 6.17 -28.60
CA ILE C 315 -16.67 6.40 -30.02
C ILE C 315 -17.39 5.31 -30.79
N PRO C 316 -18.40 5.68 -31.60
CA PRO C 316 -19.14 4.66 -32.36
C PRO C 316 -18.24 3.79 -33.24
N GLY C 317 -18.51 2.48 -33.22
CA GLY C 317 -17.72 1.54 -34.00
C GLY C 317 -16.57 0.95 -33.20
N ARG C 318 -16.25 1.58 -32.07
CA ARG C 318 -15.18 1.06 -31.24
C ARG C 318 -15.71 0.33 -30.01
N ALA C 319 -14.92 -0.64 -29.56
CA ALA C 319 -15.24 -1.44 -28.38
C ALA C 319 -14.01 -1.50 -27.50
N ILE C 320 -14.20 -2.02 -26.29
CA ILE C 320 -13.15 -2.16 -25.30
C ILE C 320 -13.24 -3.51 -24.60
N ILE C 321 -12.08 -4.11 -24.32
CA ILE C 321 -12.03 -5.39 -23.62
C ILE C 321 -11.11 -5.30 -22.40
N ILE C 322 -11.56 -5.82 -21.28
CA ILE C 322 -10.77 -5.82 -20.05
C ILE C 322 -10.49 -7.29 -19.70
N SER C 323 -9.21 -7.66 -19.72
CA SER C 323 -8.77 -9.03 -19.44
C SER C 323 -7.74 -8.99 -18.31
N VAL C 324 -8.08 -9.60 -17.18
CA VAL C 324 -7.18 -9.60 -16.03
C VAL C 324 -6.73 -10.98 -15.60
N ILE C 325 -5.56 -11.02 -14.95
CA ILE C 325 -4.98 -12.27 -14.43
C ILE C 325 -4.08 -11.87 -13.27
N ASP C 326 -3.51 -12.87 -12.60
CA ASP C 326 -2.54 -12.63 -11.54
C ASP C 326 -1.23 -12.84 -12.37
N ASN C 327 -0.43 -11.80 -12.54
CA ASN C 327 0.80 -11.85 -13.35
C ASN C 327 1.78 -12.97 -13.03
N LEU C 328 1.79 -13.41 -11.78
CA LEU C 328 2.68 -14.47 -11.35
C LEU C 328 2.11 -15.85 -11.62
N VAL C 329 0.78 -15.97 -11.76
CA VAL C 329 0.19 -17.28 -11.98
C VAL C 329 -0.11 -17.51 -13.48
N LYS C 330 -1.28 -17.10 -13.97
CA LYS C 330 -1.56 -17.32 -15.38
C LYS C 330 -0.53 -16.56 -16.22
N GLY C 331 0.01 -15.48 -15.65
CA GLY C 331 0.99 -14.69 -16.37
C GLY C 331 2.39 -15.29 -16.30
N ALA C 332 2.53 -16.35 -15.50
CA ALA C 332 3.81 -16.99 -15.34
C ALA C 332 3.79 -18.46 -14.94
N SER C 333 4.07 -18.75 -13.67
CA SER C 333 4.15 -20.13 -13.22
C SER C 333 2.88 -20.94 -13.26
N GLY C 334 1.76 -20.31 -12.91
CA GLY C 334 0.50 -21.03 -12.95
C GLY C 334 0.29 -21.55 -14.36
N GLN C 335 0.71 -20.80 -15.36
CA GLN C 335 0.58 -21.27 -16.74
C GLN C 335 1.76 -22.20 -17.06
N ALA C 336 2.85 -22.09 -16.29
CA ALA C 336 4.00 -22.94 -16.53
C ALA C 336 3.67 -24.34 -16.03
N LEU C 337 3.05 -24.43 -14.85
CA LEU C 337 2.66 -25.70 -14.27
C LEU C 337 1.50 -26.31 -15.05
N GLN C 338 0.60 -25.47 -15.52
CA GLN C 338 -0.56 -25.91 -16.30
C GLN C 338 -0.01 -26.56 -17.56
N ASN C 339 1.20 -26.20 -17.92
CA ASN C 339 1.81 -26.80 -19.11
C ASN C 339 2.47 -28.14 -18.77
N LEU C 340 3.52 -28.12 -17.97
CA LEU C 340 4.21 -29.36 -17.60
C LEU C 340 3.24 -30.46 -17.14
N ASN C 341 2.02 -30.07 -16.82
CA ASN C 341 1.03 -31.03 -16.38
C ASN C 341 0.47 -31.79 -17.58
N ILE C 342 0.00 -31.07 -18.60
CA ILE C 342 -0.54 -31.78 -19.76
C ILE C 342 0.54 -32.32 -20.71
N MET C 343 1.80 -32.00 -20.44
CA MET C 343 2.90 -32.50 -21.27
C MET C 343 3.32 -33.85 -20.71
N LEU C 344 3.09 -34.05 -19.42
CA LEU C 344 3.45 -35.26 -18.71
C LEU C 344 2.37 -36.33 -18.67
N GLY C 345 1.15 -35.99 -19.08
CA GLY C 345 0.08 -36.97 -19.09
C GLY C 345 -0.78 -36.97 -17.83
N TYR C 346 -0.87 -35.80 -17.20
CA TYR C 346 -1.65 -35.61 -15.98
C TYR C 346 -2.73 -34.59 -16.24
N PRO C 347 -3.73 -34.53 -15.37
CA PRO C 347 -4.85 -33.58 -15.49
C PRO C 347 -4.42 -32.11 -15.52
N GLU C 348 -4.93 -31.37 -16.51
CA GLU C 348 -4.56 -29.98 -16.67
C GLU C 348 -4.56 -29.17 -15.36
N THR C 349 -5.74 -29.05 -14.73
CA THR C 349 -5.93 -28.31 -13.48
C THR C 349 -5.29 -28.93 -12.25
N THR C 350 -4.53 -30.01 -12.42
CA THR C 350 -3.91 -30.67 -11.27
C THR C 350 -3.09 -29.74 -10.40
N GLY C 351 -3.49 -29.66 -9.12
CA GLY C 351 -2.82 -28.80 -8.18
C GLY C 351 -2.72 -27.35 -8.63
N LEU C 352 -3.77 -26.84 -9.24
CA LEU C 352 -3.79 -25.45 -9.70
C LEU C 352 -5.18 -24.83 -9.56
N LEU C 353 -6.03 -25.46 -8.76
CA LEU C 353 -7.39 -24.94 -8.57
C LEU C 353 -7.52 -24.01 -7.35
N HIS C 354 -6.41 -23.43 -6.90
CA HIS C 354 -6.45 -22.52 -5.76
C HIS C 354 -7.41 -21.40 -6.13
N GLN C 355 -8.25 -21.01 -5.18
CA GLN C 355 -9.21 -19.94 -5.45
C GLN C 355 -8.55 -18.62 -5.07
N PRO C 356 -9.04 -17.51 -5.64
CA PRO C 356 -8.46 -16.21 -5.34
C PRO C 356 -8.37 -15.92 -3.84
N LEU C 357 -7.31 -15.22 -3.45
CA LEU C 357 -7.12 -14.83 -2.07
C LEU C 357 -7.67 -13.40 -1.93
N PHE C 358 -8.99 -13.29 -1.71
CA PHE C 358 -9.58 -11.97 -1.53
C PHE C 358 -10.34 -11.94 -0.21
N PRO C 359 -10.19 -10.86 0.57
CA PRO C 359 -9.35 -9.70 0.25
C PRO C 359 -7.89 -10.07 0.43
N LYS D 15 -17.49 -36.19 -1.69
CA LYS D 15 -17.37 -35.50 -0.37
C LYS D 15 -18.51 -35.92 0.54
N ASP D 16 -18.15 -36.64 1.60
CA ASP D 16 -19.15 -37.13 2.53
C ASP D 16 -19.69 -36.17 3.59
N ILE D 17 -19.10 -34.97 3.71
CA ILE D 17 -19.57 -34.04 4.72
C ILE D 17 -20.22 -32.80 4.14
N ARG D 18 -21.43 -32.50 4.62
CA ARG D 18 -22.19 -31.35 4.17
C ARG D 18 -22.11 -30.21 5.19
N ILE D 19 -21.65 -29.04 4.73
CA ILE D 19 -21.47 -27.89 5.60
C ILE D 19 -22.38 -26.68 5.37
N GLY D 20 -22.71 -25.98 6.45
CA GLY D 20 -23.51 -24.79 6.35
C GLY D 20 -22.71 -23.62 6.90
N LEU D 21 -22.64 -22.52 6.13
CA LEU D 21 -21.91 -21.34 6.57
C LEU D 21 -22.93 -20.27 6.99
N LEU D 22 -23.36 -20.32 8.25
CA LEU D 22 -24.36 -19.39 8.77
C LEU D 22 -23.81 -17.98 8.96
N GLY D 23 -24.04 -17.13 7.96
CA GLY D 23 -23.56 -15.76 8.00
C GLY D 23 -22.50 -15.56 6.93
N ALA D 24 -22.91 -15.62 5.67
CA ALA D 24 -21.99 -15.44 4.55
C ALA D 24 -22.04 -14.01 4.01
N SER D 25 -21.13 -13.16 4.48
CA SER D 25 -21.10 -11.80 4.00
C SER D 25 -19.87 -11.06 4.46
N GLY D 26 -19.25 -11.59 5.50
CA GLY D 26 -18.05 -10.98 6.03
C GLY D 26 -16.81 -11.71 5.53
N TYR D 27 -15.66 -11.06 5.65
CA TYR D 27 -14.43 -11.67 5.19
C TYR D 27 -14.22 -13.00 5.89
N THR D 28 -14.80 -13.16 7.07
CA THR D 28 -14.64 -14.42 7.76
C THR D 28 -15.48 -15.51 7.10
N GLY D 29 -16.49 -15.09 6.32
CA GLY D 29 -17.34 -16.02 5.61
C GLY D 29 -16.67 -16.41 4.29
N ALA D 30 -16.02 -15.44 3.66
CA ALA D 30 -15.30 -15.66 2.42
C ALA D 30 -14.07 -16.52 2.67
N GLU D 31 -13.55 -16.51 3.89
CA GLU D 31 -12.36 -17.33 4.16
C GLU D 31 -12.80 -18.77 4.41
N ILE D 32 -13.95 -18.94 5.07
CA ILE D 32 -14.49 -20.27 5.35
C ILE D 32 -14.74 -20.94 4.01
N VAL D 33 -15.37 -20.21 3.08
CA VAL D 33 -15.67 -20.79 1.77
C VAL D 33 -14.38 -21.05 1.00
N ARG D 34 -13.42 -20.12 1.11
CA ARG D 34 -12.17 -20.30 0.40
C ARG D 34 -11.45 -21.59 0.78
N LEU D 35 -11.41 -21.91 2.06
CA LEU D 35 -10.71 -23.12 2.50
C LEU D 35 -11.43 -24.40 2.09
N LEU D 36 -12.74 -24.40 2.22
CA LEU D 36 -13.50 -25.60 1.86
C LEU D 36 -13.44 -25.94 0.38
N ALA D 37 -13.20 -24.95 -0.48
CA ALA D 37 -13.19 -25.22 -1.92
C ALA D 37 -12.39 -26.45 -2.32
N ASN D 38 -11.15 -26.55 -1.84
CA ASN D 38 -10.35 -27.72 -2.19
C ASN D 38 -10.23 -28.72 -1.04
N HIS D 39 -11.18 -28.70 -0.12
CA HIS D 39 -11.15 -29.65 0.99
C HIS D 39 -11.67 -30.97 0.38
N PRO D 40 -10.92 -32.05 0.55
CA PRO D 40 -11.34 -33.35 0.00
C PRO D 40 -12.63 -33.96 0.55
N HIS D 41 -13.01 -33.65 1.78
CA HIS D 41 -14.21 -34.27 2.32
C HIS D 41 -15.38 -33.39 2.72
N PHE D 42 -15.12 -32.10 2.87
CA PHE D 42 -16.19 -31.18 3.27
C PHE D 42 -16.71 -30.41 2.08
N GLN D 43 -18.02 -30.19 2.06
CA GLN D 43 -18.65 -29.48 0.96
C GLN D 43 -19.70 -28.49 1.46
N VAL D 44 -19.64 -27.25 1.00
CA VAL D 44 -20.65 -26.27 1.41
C VAL D 44 -21.98 -26.57 0.70
N THR D 45 -23.03 -26.81 1.47
CA THR D 45 -24.35 -27.11 0.88
C THR D 45 -25.42 -26.11 1.34
N LEU D 46 -25.10 -25.28 2.32
CA LEU D 46 -26.03 -24.29 2.82
C LEU D 46 -25.30 -23.02 3.26
N MET D 47 -25.78 -21.88 2.78
CA MET D 47 -25.20 -20.58 3.15
C MET D 47 -26.31 -19.57 3.49
N THR D 48 -26.17 -18.90 4.63
CA THR D 48 -27.18 -17.94 5.02
C THR D 48 -26.61 -16.54 5.11
N ALA D 49 -27.36 -15.57 4.59
CA ALA D 49 -26.97 -14.16 4.63
C ALA D 49 -28.13 -13.37 5.21
N ASP D 50 -27.83 -12.24 5.82
CA ASP D 50 -28.87 -11.41 6.41
C ASP D 50 -29.46 -10.45 5.38
N ARG D 51 -28.91 -9.24 5.30
CA ARG D 51 -29.42 -8.25 4.37
C ARG D 51 -29.30 -8.69 2.91
N LYS D 52 -28.36 -9.60 2.64
CA LYS D 52 -28.15 -10.06 1.26
C LYS D 52 -28.70 -11.45 0.97
N ALA D 53 -29.74 -11.86 1.69
CA ALA D 53 -30.32 -13.18 1.45
C ALA D 53 -31.01 -13.19 0.10
N GLY D 54 -31.13 -14.37 -0.50
CA GLY D 54 -31.79 -14.45 -1.79
C GLY D 54 -30.88 -14.24 -2.98
N GLN D 55 -29.71 -13.65 -2.73
CA GLN D 55 -28.73 -13.38 -3.78
C GLN D 55 -27.73 -14.52 -3.92
N SER D 56 -27.02 -14.55 -5.04
CA SER D 56 -25.99 -15.55 -5.27
C SER D 56 -24.79 -15.08 -4.46
N MET D 57 -24.13 -16.00 -3.78
CA MET D 57 -22.99 -15.65 -2.95
C MET D 57 -21.91 -14.97 -3.79
N GLU D 58 -21.98 -15.16 -5.10
CA GLU D 58 -21.01 -14.57 -6.00
C GLU D 58 -21.38 -13.14 -6.39
N SER D 59 -22.62 -12.73 -6.10
CA SER D 59 -23.02 -11.38 -6.42
C SER D 59 -22.42 -10.47 -5.35
N VAL D 60 -22.18 -11.04 -4.18
CA VAL D 60 -21.59 -10.34 -3.04
C VAL D 60 -20.06 -10.36 -3.14
N PHE D 61 -19.52 -11.52 -3.53
CA PHE D 61 -18.08 -11.74 -3.66
C PHE D 61 -17.78 -12.35 -5.05
N PRO D 62 -17.68 -11.50 -6.08
CA PRO D 62 -17.40 -11.97 -7.44
C PRO D 62 -16.14 -12.78 -7.68
N HIS D 63 -15.22 -12.78 -6.72
CA HIS D 63 -13.97 -13.53 -6.87
C HIS D 63 -14.22 -15.03 -6.64
N LEU D 64 -15.42 -15.35 -6.20
CA LEU D 64 -15.76 -16.74 -5.95
C LEU D 64 -16.52 -17.34 -7.13
N ARG D 65 -16.54 -16.61 -8.24
CA ARG D 65 -17.29 -17.09 -9.39
C ARG D 65 -16.89 -18.45 -9.98
N ALA D 66 -15.70 -18.97 -9.63
CA ALA D 66 -15.31 -20.28 -10.17
C ALA D 66 -16.02 -21.41 -9.45
N GLN D 67 -16.56 -21.10 -8.27
CA GLN D 67 -17.27 -22.11 -7.47
C GLN D 67 -18.77 -22.20 -7.71
N LYS D 68 -19.30 -23.39 -7.45
CA LYS D 68 -20.74 -23.62 -7.55
C LYS D 68 -21.19 -23.65 -6.09
N LEU D 69 -21.95 -22.63 -5.73
CA LEU D 69 -22.45 -22.47 -4.38
C LEU D 69 -23.96 -22.23 -4.40
N PRO D 70 -24.67 -22.69 -3.37
CA PRO D 70 -26.13 -22.49 -3.34
C PRO D 70 -26.49 -21.02 -3.07
N THR D 71 -27.67 -20.61 -3.55
CA THR D 71 -28.11 -19.24 -3.33
C THR D 71 -28.22 -18.99 -1.82
N LEU D 72 -27.93 -17.76 -1.40
CA LEU D 72 -28.00 -17.39 0.01
C LEU D 72 -29.43 -17.29 0.48
N VAL D 73 -29.76 -17.98 1.57
CA VAL D 73 -31.10 -17.95 2.14
C VAL D 73 -31.01 -17.36 3.55
N SER D 74 -32.17 -17.17 4.16
CA SER D 74 -32.28 -16.65 5.52
C SER D 74 -32.01 -17.80 6.47
N VAL D 75 -31.41 -17.50 7.62
CA VAL D 75 -31.12 -18.49 8.65
C VAL D 75 -32.43 -18.93 9.32
N LYS D 76 -33.41 -18.04 9.31
CA LYS D 76 -34.70 -18.34 9.91
C LYS D 76 -35.45 -19.40 9.13
N ASP D 77 -35.14 -19.53 7.84
CA ASP D 77 -35.80 -20.54 7.00
C ASP D 77 -34.81 -21.66 6.64
N ALA D 78 -33.77 -21.82 7.46
CA ALA D 78 -32.77 -22.86 7.19
C ALA D 78 -33.13 -24.17 7.85
N ASP D 79 -33.08 -25.23 7.04
CA ASP D 79 -33.38 -26.58 7.48
C ASP D 79 -32.07 -27.36 7.41
N PHE D 80 -31.75 -28.10 8.47
CA PHE D 80 -30.49 -28.83 8.51
C PHE D 80 -30.58 -30.35 8.38
N SER D 81 -31.60 -30.84 7.69
CA SER D 81 -31.75 -32.28 7.54
C SER D 81 -30.62 -32.94 6.73
N THR D 82 -29.99 -32.16 5.87
CA THR D 82 -28.90 -32.69 5.07
C THR D 82 -27.61 -31.92 5.32
N VAL D 83 -27.43 -31.47 6.57
CA VAL D 83 -26.25 -30.71 6.97
C VAL D 83 -25.63 -31.40 8.18
N ASP D 84 -24.33 -31.66 8.13
CA ASP D 84 -23.63 -32.34 9.23
C ASP D 84 -22.95 -31.43 10.25
N ALA D 85 -22.25 -30.41 9.75
CA ALA D 85 -21.56 -29.47 10.63
C ALA D 85 -21.82 -28.03 10.21
N VAL D 86 -21.65 -27.12 11.16
CA VAL D 86 -21.91 -25.72 10.91
C VAL D 86 -20.82 -24.75 11.40
N PHE D 87 -20.55 -23.73 10.58
CA PHE D 87 -19.60 -22.68 10.94
C PHE D 87 -20.52 -21.46 11.08
N CYS D 88 -20.46 -20.78 12.21
CA CYS D 88 -21.28 -19.58 12.39
C CYS D 88 -20.43 -18.32 12.40
N CYS D 89 -20.79 -17.42 11.50
CA CYS D 89 -20.12 -16.13 11.35
C CYS D 89 -21.19 -15.07 11.44
N LEU D 90 -22.16 -15.32 12.31
CA LEU D 90 -23.28 -14.41 12.51
C LEU D 90 -22.74 -13.16 13.19
N PRO D 91 -23.40 -12.01 12.94
CA PRO D 91 -23.04 -10.71 13.49
C PRO D 91 -23.30 -10.60 15.00
N HIS D 92 -22.24 -10.32 15.75
CA HIS D 92 -22.32 -10.19 17.20
C HIS D 92 -23.64 -9.57 17.63
N GLY D 93 -24.44 -10.35 18.35
CA GLY D 93 -25.72 -9.86 18.81
C GLY D 93 -26.81 -10.90 18.69
N THR D 94 -26.66 -11.84 17.77
CA THR D 94 -27.67 -12.88 17.57
C THR D 94 -27.14 -14.31 17.63
N THR D 95 -25.83 -14.44 17.82
CA THR D 95 -25.22 -15.77 17.85
C THR D 95 -25.79 -16.68 18.92
N GLN D 96 -25.77 -16.23 20.17
CA GLN D 96 -26.25 -17.03 21.29
C GLN D 96 -27.65 -17.62 21.11
N GLU D 97 -28.61 -16.78 20.75
CA GLU D 97 -29.97 -17.26 20.56
C GLU D 97 -30.15 -18.17 19.36
N ILE D 98 -29.48 -17.84 18.26
CA ILE D 98 -29.56 -18.67 17.07
C ILE D 98 -28.95 -20.03 17.30
N ILE D 99 -27.75 -20.04 17.89
CA ILE D 99 -27.07 -21.30 18.15
C ILE D 99 -27.83 -22.10 19.19
N LYS D 100 -28.33 -21.43 20.22
CA LYS D 100 -29.06 -22.11 21.28
C LYS D 100 -30.23 -22.92 20.70
N GLU D 101 -30.86 -22.36 19.68
CA GLU D 101 -31.98 -23.02 19.02
C GLU D 101 -31.61 -23.88 17.81
N LEU D 102 -30.32 -24.20 17.68
CA LEU D 102 -29.86 -25.05 16.58
C LEU D 102 -30.04 -26.52 16.96
N PRO D 103 -30.45 -27.36 16.01
CA PRO D 103 -30.64 -28.77 16.32
C PRO D 103 -29.46 -29.44 17.02
N THR D 104 -29.77 -30.41 17.88
CA THR D 104 -28.76 -31.13 18.65
C THR D 104 -27.80 -31.95 17.80
N ALA D 105 -28.32 -32.51 16.72
CA ALA D 105 -27.51 -33.33 15.83
C ALA D 105 -26.70 -32.46 14.87
N LEU D 106 -25.66 -31.83 15.40
CA LEU D 106 -24.80 -30.94 14.61
C LEU D 106 -23.53 -30.55 15.30
N LYS D 107 -22.39 -30.70 14.62
CA LYS D 107 -21.11 -30.26 15.18
C LYS D 107 -21.07 -28.78 14.75
N ILE D 108 -20.91 -27.88 15.71
CA ILE D 108 -20.91 -26.45 15.40
C ILE D 108 -19.67 -25.70 15.84
N VAL D 109 -19.02 -25.04 14.89
CA VAL D 109 -17.86 -24.22 15.23
C VAL D 109 -18.28 -22.77 15.12
N ASP D 110 -18.32 -22.12 16.27
CA ASP D 110 -18.73 -20.75 16.35
C ASP D 110 -17.57 -19.78 16.21
N LEU D 111 -17.54 -19.03 15.11
CA LEU D 111 -16.47 -18.07 14.93
C LEU D 111 -16.72 -16.74 15.66
N SER D 112 -17.91 -16.55 16.24
CA SER D 112 -18.19 -15.30 16.98
C SER D 112 -17.44 -15.37 18.31
N ALA D 113 -17.47 -14.27 19.07
CA ALA D 113 -16.80 -14.22 20.37
C ALA D 113 -17.75 -14.50 21.54
N ASP D 114 -19.03 -14.71 21.25
CA ASP D 114 -20.04 -14.90 22.30
C ASP D 114 -20.07 -16.17 23.15
N PHE D 115 -19.27 -17.16 22.81
CA PHE D 115 -19.24 -18.37 23.61
C PHE D 115 -17.83 -18.68 24.11
N ARG D 116 -16.93 -17.71 23.90
CA ARG D 116 -15.54 -17.82 24.31
C ARG D 116 -15.34 -17.73 25.81
N LEU D 117 -16.03 -16.79 26.46
CA LEU D 117 -15.87 -16.61 27.90
C LEU D 117 -16.75 -17.56 28.73
N ARG D 118 -16.10 -18.30 29.62
CA ARG D 118 -16.79 -19.25 30.47
C ARG D 118 -17.53 -18.56 31.62
N ASN D 119 -17.04 -17.38 32.03
CA ASN D 119 -17.67 -16.62 33.11
C ASN D 119 -18.75 -15.65 32.60
N ILE D 120 -20.00 -15.97 32.92
CA ILE D 120 -21.15 -15.18 32.51
C ILE D 120 -21.08 -13.70 32.88
N ALA D 121 -20.80 -13.42 34.14
CA ALA D 121 -20.72 -12.04 34.60
C ALA D 121 -19.66 -11.33 33.79
N GLU D 122 -18.57 -12.04 33.53
CA GLU D 122 -17.46 -11.51 32.78
C GLU D 122 -17.91 -11.13 31.38
N TYR D 123 -18.65 -12.02 30.72
CA TYR D 123 -19.15 -11.75 29.38
C TYR D 123 -20.00 -10.48 29.35
N GLU D 124 -21.02 -10.45 30.20
CA GLU D 124 -21.93 -9.30 30.28
C GLU D 124 -21.18 -8.03 30.62
N GLU D 125 -20.13 -8.20 31.41
CA GLU D 125 -19.27 -7.09 31.82
C GLU D 125 -18.54 -6.48 30.62
N TRP D 126 -18.06 -7.33 29.70
CA TRP D 126 -17.32 -6.82 28.56
C TRP D 126 -18.10 -6.57 27.29
N TYR D 127 -19.16 -7.33 27.06
CA TYR D 127 -19.96 -7.17 25.84
C TYR D 127 -21.27 -6.41 26.00
N GLY D 128 -21.44 -5.76 27.16
CA GLY D 128 -22.64 -4.98 27.42
C GLY D 128 -23.98 -5.58 27.01
N GLN D 129 -24.27 -6.79 27.47
CA GLN D 129 -25.54 -7.44 27.16
C GLN D 129 -25.67 -8.76 27.92
N PRO D 130 -26.91 -9.28 28.02
CA PRO D 130 -27.16 -10.53 28.73
C PRO D 130 -26.67 -11.73 27.94
N HIS D 131 -26.21 -12.75 28.65
CA HIS D 131 -25.75 -13.96 28.01
C HIS D 131 -27.01 -14.80 27.81
N LYS D 132 -27.23 -15.23 26.58
CA LYS D 132 -28.43 -15.98 26.26
C LYS D 132 -28.25 -17.49 26.00
N ALA D 133 -27.41 -18.12 26.80
CA ALA D 133 -27.17 -19.56 26.64
C ALA D 133 -26.24 -20.02 27.73
N VAL D 134 -26.60 -19.62 28.95
CA VAL D 134 -25.85 -19.92 30.16
C VAL D 134 -25.59 -21.42 30.42
N GLU D 135 -26.55 -22.27 30.13
CA GLU D 135 -26.35 -23.70 30.38
C GLU D 135 -25.55 -24.36 29.27
N LEU D 136 -25.80 -23.93 28.04
CA LEU D 136 -25.11 -24.48 26.87
C LEU D 136 -23.64 -24.05 26.91
N GLN D 137 -23.36 -22.90 27.53
CA GLN D 137 -21.99 -22.41 27.61
C GLN D 137 -21.07 -23.42 28.23
N LYS D 138 -21.59 -24.20 29.17
CA LYS D 138 -20.80 -25.21 29.88
C LYS D 138 -20.32 -26.38 29.03
N GLU D 139 -20.99 -26.66 27.91
CA GLU D 139 -20.56 -27.79 27.07
C GLU D 139 -19.73 -27.41 25.84
N VAL D 140 -19.15 -26.21 25.87
CA VAL D 140 -18.34 -25.74 24.75
C VAL D 140 -16.83 -25.87 25.02
N VAL D 141 -16.06 -26.13 23.98
CA VAL D 141 -14.61 -26.22 24.14
C VAL D 141 -13.97 -25.05 23.38
N TYR D 142 -13.03 -24.38 24.03
CA TYR D 142 -12.33 -23.25 23.41
C TYR D 142 -11.44 -23.83 22.30
N GLY D 143 -11.70 -23.41 21.06
CA GLY D 143 -10.98 -23.93 19.91
C GLY D 143 -9.53 -23.58 19.64
N LEU D 144 -8.72 -23.39 20.68
CA LEU D 144 -7.31 -23.10 20.47
C LEU D 144 -6.75 -24.51 20.31
N THR D 145 -6.83 -25.02 19.08
CA THR D 145 -6.42 -26.37 18.78
C THR D 145 -5.17 -26.94 19.46
N GLU D 146 -3.99 -26.45 19.11
CA GLU D 146 -2.73 -26.97 19.69
C GLU D 146 -2.76 -27.16 21.23
N ILE D 147 -3.56 -26.35 21.91
CA ILE D 147 -3.64 -26.42 23.36
C ILE D 147 -4.76 -27.34 23.89
N LEU D 148 -5.95 -27.28 23.28
CA LEU D 148 -7.09 -28.06 23.74
C LEU D 148 -7.59 -29.12 22.76
N ARG D 149 -6.68 -29.59 21.92
CA ARG D 149 -6.96 -30.61 20.92
C ARG D 149 -7.85 -31.75 21.44
N GLU D 150 -7.43 -32.37 22.53
CA GLU D 150 -8.17 -33.50 23.07
C GLU D 150 -9.59 -33.18 23.51
N ASP D 151 -9.84 -31.96 23.98
CA ASP D 151 -11.17 -31.57 24.40
C ASP D 151 -12.00 -31.15 23.19
N ILE D 152 -11.33 -30.57 22.20
CA ILE D 152 -12.02 -30.13 20.99
C ILE D 152 -12.68 -31.24 20.20
N LYS D 153 -11.92 -32.26 19.82
CA LYS D 153 -12.49 -33.35 19.00
C LYS D 153 -13.69 -34.06 19.63
N LYS D 154 -13.91 -33.84 20.92
CA LYS D 154 -15.02 -34.48 21.61
C LYS D 154 -16.19 -33.55 21.92
N ALA D 155 -16.11 -32.29 21.47
CA ALA D 155 -17.18 -31.33 21.70
C ALA D 155 -18.14 -31.25 20.53
N ARG D 156 -19.37 -30.80 20.77
CA ARG D 156 -20.34 -30.68 19.69
C ARG D 156 -20.32 -29.23 19.23
N LEU D 157 -20.12 -28.34 20.21
CA LEU D 157 -20.10 -26.90 19.97
C LEU D 157 -18.76 -26.30 20.41
N VAL D 158 -18.06 -25.72 19.45
CA VAL D 158 -16.76 -25.12 19.73
C VAL D 158 -16.76 -23.62 19.48
N ALA D 159 -16.13 -22.89 20.40
CA ALA D 159 -16.02 -21.45 20.24
C ALA D 159 -14.65 -21.21 19.60
N ASN D 160 -14.67 -20.83 18.33
CA ASN D 160 -13.42 -20.57 17.65
C ASN D 160 -12.79 -19.31 18.25
N PRO D 161 -11.52 -19.41 18.67
CA PRO D 161 -10.76 -18.31 19.27
C PRO D 161 -10.65 -17.05 18.41
N GLY D 162 -10.40 -15.91 19.03
CA GLY D 162 -10.21 -14.71 18.25
C GLY D 162 -8.80 -14.71 17.64
N CYS D 163 -8.44 -13.64 16.92
CA CYS D 163 -7.11 -13.59 16.29
C CYS D 163 -5.98 -13.20 17.24
N TYR D 164 -6.06 -12.06 17.91
CA TYR D 164 -5.00 -11.65 18.83
C TYR D 164 -4.76 -12.68 19.92
N PRO D 165 -5.85 -13.20 20.53
CA PRO D 165 -5.67 -14.21 21.59
C PRO D 165 -4.88 -15.43 21.15
N THR D 166 -5.06 -15.86 19.91
CA THR D 166 -4.34 -17.04 19.43
C THR D 166 -2.84 -16.76 19.40
N THR D 167 -2.47 -15.57 18.95
CA THR D 167 -1.06 -15.18 18.87
C THR D 167 -0.42 -15.04 20.26
N ILE D 168 -1.24 -14.86 21.29
CA ILE D 168 -0.70 -14.69 22.62
C ILE D 168 -0.67 -15.99 23.44
N GLN D 169 -1.78 -16.72 23.45
CA GLN D 169 -1.85 -17.96 24.22
C GLN D 169 -0.87 -19.05 23.78
N LEU D 170 -0.71 -19.23 22.48
CA LEU D 170 0.18 -20.25 21.97
C LEU D 170 1.59 -20.19 22.61
N PRO D 171 2.25 -19.03 22.60
CA PRO D 171 3.57 -19.03 23.23
C PRO D 171 3.56 -18.94 24.75
N LEU D 172 2.56 -18.26 25.31
CA LEU D 172 2.52 -18.08 26.75
C LEU D 172 2.04 -19.27 27.60
N VAL D 173 1.02 -19.99 27.12
CA VAL D 173 0.51 -21.12 27.88
C VAL D 173 1.60 -22.13 28.21
N PRO D 174 2.33 -22.64 27.20
CA PRO D 174 3.39 -23.63 27.45
C PRO D 174 4.39 -23.10 28.48
N LEU D 175 4.87 -21.88 28.26
CA LEU D 175 5.84 -21.24 29.15
C LEU D 175 5.31 -21.06 30.58
N LEU D 176 4.00 -20.87 30.71
CA LEU D 176 3.41 -20.70 32.04
C LEU D 176 3.21 -22.07 32.70
N LYS D 177 2.84 -23.07 31.89
CA LYS D 177 2.62 -24.42 32.40
C LYS D 177 3.94 -25.05 32.86
N ALA D 178 5.06 -24.43 32.50
CA ALA D 178 6.37 -24.93 32.85
C ALA D 178 7.09 -23.99 33.81
N ASN D 179 6.36 -23.01 34.32
CA ASN D 179 6.91 -22.02 35.26
C ASN D 179 8.20 -21.35 34.76
N LEU D 180 8.35 -21.22 33.45
CA LEU D 180 9.54 -20.59 32.88
C LEU D 180 9.44 -19.07 32.88
N ILE D 181 8.21 -18.54 32.87
CA ILE D 181 8.00 -17.08 32.87
C ILE D 181 7.02 -16.67 33.98
N LYS D 182 7.16 -15.47 34.51
CA LYS D 182 6.24 -15.02 35.54
C LYS D 182 4.89 -14.71 34.90
N HIS D 183 3.83 -14.62 35.69
CA HIS D 183 2.52 -14.35 35.11
C HIS D 183 2.11 -12.89 35.24
N GLU D 184 2.89 -12.10 35.95
CA GLU D 184 2.56 -10.69 36.09
C GLU D 184 3.39 -9.85 35.12
N ASN D 185 2.96 -8.62 34.90
CA ASN D 185 3.65 -7.69 34.03
C ASN D 185 3.88 -8.14 32.58
N ILE D 186 3.01 -9.01 32.09
CA ILE D 186 3.10 -9.45 30.71
C ILE D 186 2.51 -8.32 29.88
N ILE D 187 3.34 -7.69 29.04
CA ILE D 187 2.89 -6.59 28.20
C ILE D 187 2.86 -7.00 26.74
N ILE D 188 1.71 -6.81 26.10
CA ILE D 188 1.54 -7.20 24.70
C ILE D 188 1.26 -6.01 23.78
N ASP D 189 2.20 -5.71 22.89
CA ASP D 189 2.01 -4.63 21.92
C ASP D 189 1.73 -5.32 20.61
N ALA D 190 0.44 -5.44 20.32
CA ALA D 190 -0.03 -6.14 19.12
C ALA D 190 -0.33 -5.24 17.91
N LYS D 191 -0.16 -5.84 16.72
CA LYS D 191 -0.38 -5.15 15.45
C LYS D 191 -1.26 -6.03 14.57
N SER D 192 -2.21 -5.40 13.88
CA SER D 192 -3.08 -6.14 12.98
C SER D 192 -3.54 -5.34 11.76
N GLY D 193 -3.74 -6.06 10.66
CA GLY D 193 -4.22 -5.44 9.44
C GLY D 193 -5.74 -5.31 9.52
N VAL D 194 -6.22 -4.14 9.09
CA VAL D 194 -7.65 -3.78 9.07
C VAL D 194 -8.60 -4.92 8.67
N SER D 195 -8.08 -5.93 7.95
CA SER D 195 -8.90 -7.06 7.55
C SER D 195 -9.74 -7.58 8.72
N GLY D 196 -9.10 -7.76 9.87
CA GLY D 196 -9.79 -8.25 11.03
C GLY D 196 -11.13 -7.56 11.22
N ALA D 197 -11.11 -6.23 11.09
CA ALA D 197 -12.33 -5.43 11.21
C ALA D 197 -13.45 -6.08 10.39
N GLY D 198 -13.59 -5.68 9.12
CA GLY D 198 -14.64 -6.23 8.29
C GLY D 198 -14.96 -5.44 7.03
N ARG D 199 -15.83 -6.03 6.21
CA ARG D 199 -16.26 -5.46 4.94
C ARG D 199 -17.32 -4.36 5.07
N GLY D 200 -17.66 -4.01 6.30
CA GLY D 200 -18.64 -2.97 6.54
C GLY D 200 -18.20 -1.63 6.00
N ALA D 201 -19.15 -0.77 5.64
CA ALA D 201 -18.82 0.56 5.11
C ALA D 201 -18.63 1.52 6.27
N LYS D 202 -17.37 1.88 6.54
CA LYS D 202 -17.01 2.76 7.64
C LYS D 202 -15.90 3.74 7.24
N GLU D 203 -16.20 5.03 7.25
CA GLU D 203 -15.21 6.04 6.85
C GLU D 203 -13.84 5.78 7.49
N ALA D 204 -13.80 5.35 8.74
CA ALA D 204 -12.51 5.10 9.39
C ALA D 204 -11.66 4.04 8.68
N ASN D 205 -12.32 3.08 8.05
CA ASN D 205 -11.59 2.00 7.40
C ASN D 205 -11.36 2.15 5.91
N LEU D 206 -11.64 3.35 5.39
CA LEU D 206 -11.45 3.63 3.97
C LEU D 206 -9.93 3.70 3.70
N TYR D 207 -9.54 3.34 2.48
CA TYR D 207 -8.14 3.37 2.09
C TYR D 207 -7.49 4.74 2.39
N SER D 208 -8.15 5.84 2.03
CA SER D 208 -7.59 7.17 2.27
C SER D 208 -7.37 7.51 3.73
N GLU D 209 -8.01 6.79 4.64
CA GLU D 209 -7.86 7.06 6.07
C GLU D 209 -6.82 6.14 6.75
N ILE D 210 -6.58 4.99 6.15
CA ILE D 210 -5.70 3.99 6.71
C ILE D 210 -4.30 3.99 6.14
N ALA D 211 -4.23 3.72 4.84
CA ALA D 211 -2.97 3.67 4.11
C ALA D 211 -1.94 4.68 4.60
N GLU D 212 -0.67 4.27 4.49
CA GLU D 212 0.49 5.08 4.82
C GLU D 212 0.55 5.68 6.21
N GLY D 213 0.00 4.94 7.17
CA GLY D 213 0.00 5.38 8.54
C GLY D 213 -0.50 4.27 9.43
N ILE D 214 -0.41 4.48 10.73
CA ILE D 214 -0.84 3.50 11.71
C ILE D 214 -1.36 4.24 12.94
N SER D 215 -2.04 3.53 13.82
CA SER D 215 -2.54 4.08 15.07
C SER D 215 -2.90 2.92 15.97
N SER D 216 -2.95 3.19 17.27
CA SER D 216 -3.35 2.19 18.22
C SER D 216 -4.88 2.23 18.26
N TYR D 217 -5.51 1.23 18.84
CA TYR D 217 -6.96 1.21 19.01
C TYR D 217 -7.25 0.20 20.11
N GLY D 218 -8.47 0.23 20.65
CA GLY D 218 -8.81 -0.68 21.72
C GLY D 218 -7.79 -0.62 22.84
N VAL D 219 -7.40 0.59 23.22
CA VAL D 219 -6.44 0.73 24.30
C VAL D 219 -7.13 0.54 25.66
N THR D 220 -6.48 -0.21 26.54
CA THR D 220 -6.96 -0.47 27.90
C THR D 220 -7.86 -1.69 28.05
N ARG D 221 -9.10 -1.58 27.59
CA ARG D 221 -10.04 -2.66 27.74
C ARG D 221 -10.63 -3.16 26.44
N HIS D 222 -9.76 -3.55 25.52
CA HIS D 222 -10.21 -4.06 24.25
C HIS D 222 -10.92 -5.35 24.60
N ARG D 223 -11.90 -5.74 23.78
CA ARG D 223 -12.64 -6.97 24.07
C ARG D 223 -11.83 -8.25 24.12
N HIS D 224 -10.68 -8.30 23.44
CA HIS D 224 -9.88 -9.53 23.50
C HIS D 224 -9.17 -9.74 24.84
N VAL D 225 -9.16 -8.72 25.68
CA VAL D 225 -8.50 -8.84 26.97
C VAL D 225 -9.01 -10.01 27.81
N PRO D 226 -10.35 -10.10 27.99
CA PRO D 226 -10.92 -11.20 28.79
C PRO D 226 -10.70 -12.60 28.19
N GLU D 227 -10.57 -12.66 26.88
CA GLU D 227 -10.30 -13.93 26.21
C GLU D 227 -8.84 -14.34 26.43
N ILE D 228 -8.00 -13.34 26.71
CA ILE D 228 -6.57 -13.55 26.97
C ILE D 228 -6.34 -13.87 28.46
N GLU D 229 -7.09 -13.18 29.32
CA GLU D 229 -6.93 -13.39 30.74
C GLU D 229 -7.59 -14.68 31.26
N GLN D 230 -8.44 -15.29 30.43
CA GLN D 230 -9.07 -16.55 30.79
C GLN D 230 -8.14 -17.72 30.42
N GLY D 231 -7.46 -17.60 29.28
CA GLY D 231 -6.57 -18.64 28.83
C GLY D 231 -5.33 -18.72 29.72
N LEU D 232 -4.75 -17.57 30.01
CA LEU D 232 -3.55 -17.50 30.82
C LEU D 232 -3.81 -17.88 32.28
N SER D 233 -4.95 -17.47 32.82
CA SER D 233 -5.30 -17.82 34.20
C SER D 233 -5.47 -19.33 34.35
N ASP D 234 -6.13 -19.97 33.40
CA ASP D 234 -6.34 -21.40 33.46
C ASP D 234 -4.99 -22.10 33.52
N VAL D 235 -3.98 -21.48 32.91
CA VAL D 235 -2.64 -22.05 32.87
C VAL D 235 -1.94 -21.82 34.21
N ALA D 236 -1.75 -20.56 34.56
CA ALA D 236 -1.08 -20.20 35.78
C ALA D 236 -1.85 -20.53 37.05
N GLN D 237 -3.13 -20.88 36.90
CA GLN D 237 -3.99 -21.23 38.03
C GLN D 237 -3.96 -20.11 39.04
N SER D 238 -4.25 -18.90 38.55
CA SER D 238 -4.28 -17.70 39.37
C SER D 238 -4.66 -16.56 38.43
N LYS D 239 -5.39 -15.58 38.94
CA LYS D 239 -5.83 -14.46 38.11
C LYS D 239 -4.68 -13.73 37.45
N VAL D 240 -4.71 -13.70 36.13
CA VAL D 240 -3.68 -13.01 35.36
C VAL D 240 -4.20 -11.70 34.76
N THR D 241 -3.45 -10.62 34.98
CA THR D 241 -3.79 -9.32 34.43
C THR D 241 -2.67 -8.91 33.49
N VAL D 242 -3.02 -8.66 32.23
CA VAL D 242 -2.04 -8.26 31.22
C VAL D 242 -2.33 -6.89 30.65
N SER D 243 -1.34 -6.35 29.95
CA SER D 243 -1.48 -5.08 29.26
C SER D 243 -1.52 -5.52 27.79
N PHE D 244 -2.55 -5.10 27.07
CA PHE D 244 -2.72 -5.46 25.67
C PHE D 244 -3.12 -4.25 24.83
N THR D 245 -2.16 -3.72 24.06
CA THR D 245 -2.38 -2.57 23.19
C THR D 245 -2.28 -2.96 21.70
N PRO D 246 -3.43 -3.07 21.01
CA PRO D 246 -3.45 -3.41 19.58
C PRO D 246 -3.10 -2.15 18.76
N HIS D 247 -2.65 -2.35 17.53
CA HIS D 247 -2.31 -1.29 16.60
C HIS D 247 -2.85 -1.71 15.23
N LEU D 248 -3.26 -0.76 14.40
CA LEU D 248 -3.81 -1.09 13.08
C LEU D 248 -2.72 -0.86 12.02
N MET D 249 -2.60 -1.81 11.11
CA MET D 249 -1.61 -1.77 10.05
C MET D 249 -2.18 -1.54 8.64
N PRO D 250 -1.43 -0.80 7.79
CA PRO D 250 -1.90 -0.54 6.42
C PRO D 250 -1.52 -1.72 5.50
N MET D 251 -2.26 -2.82 5.68
CA MET D 251 -2.06 -4.03 4.89
C MET D 251 -3.36 -4.83 4.97
N ILE D 252 -3.70 -5.58 3.94
CA ILE D 252 -4.94 -6.32 3.98
C ILE D 252 -4.99 -7.35 5.13
N ARG D 253 -4.27 -8.45 4.98
CA ARG D 253 -4.25 -9.51 5.99
C ARG D 253 -2.89 -9.76 6.66
N GLY D 254 -2.89 -9.91 7.99
CA GLY D 254 -1.67 -10.16 8.71
C GLY D 254 -1.75 -9.72 10.16
N MET D 255 -1.12 -10.48 11.04
CA MET D 255 -1.14 -10.13 12.46
C MET D 255 0.17 -10.48 13.13
N GLN D 256 0.50 -9.70 14.15
CA GLN D 256 1.71 -9.93 14.89
C GLN D 256 1.66 -9.45 16.34
N SER D 257 2.08 -10.30 17.28
CA SER D 257 2.18 -9.93 18.69
C SER D 257 3.65 -9.96 19.11
N THR D 258 4.09 -8.88 19.74
CA THR D 258 5.45 -8.77 20.25
C THR D 258 5.27 -8.78 21.76
N ILE D 259 5.43 -9.94 22.38
CA ILE D 259 5.21 -10.08 23.82
C ILE D 259 6.44 -9.86 24.69
N TYR D 260 6.24 -9.08 25.75
CA TYR D 260 7.29 -8.75 26.68
C TYR D 260 7.02 -9.39 28.07
N VAL D 261 7.76 -10.44 28.38
CA VAL D 261 7.60 -11.15 29.66
C VAL D 261 8.84 -11.09 30.55
N GLU D 262 8.61 -11.27 31.84
CA GLU D 262 9.68 -11.30 32.83
C GLU D 262 9.91 -12.78 33.08
N MET D 263 11.13 -13.25 32.84
CA MET D 263 11.42 -14.66 33.07
C MET D 263 11.42 -14.92 34.57
N ALA D 264 11.34 -16.18 34.97
CA ALA D 264 11.33 -16.55 36.39
C ALA D 264 12.79 -16.64 36.86
N PRO D 265 13.03 -16.57 38.17
CA PRO D 265 14.40 -16.64 38.71
C PRO D 265 15.23 -17.78 38.13
N GLY D 266 16.44 -17.45 37.66
CA GLY D 266 17.32 -18.46 37.10
C GLY D 266 17.06 -18.90 35.66
N VAL D 267 15.87 -18.57 35.15
CA VAL D 267 15.50 -18.94 33.79
C VAL D 267 16.16 -18.08 32.71
N ARG D 268 16.58 -18.74 31.63
CA ARG D 268 17.24 -18.07 30.50
C ARG D 268 16.40 -18.15 29.22
N THR D 269 16.61 -17.22 28.31
CA THR D 269 15.87 -17.21 27.06
C THR D 269 15.93 -18.56 26.35
N GLU D 270 17.08 -19.25 26.45
CA GLU D 270 17.27 -20.55 25.80
C GLU D 270 16.33 -21.61 26.38
N ASP D 271 15.96 -21.45 27.65
CA ASP D 271 15.05 -22.40 28.27
C ASP D 271 13.65 -22.13 27.71
N LEU D 272 13.28 -20.87 27.61
CA LEU D 272 11.97 -20.53 27.07
C LEU D 272 11.87 -21.11 25.66
N HIS D 273 12.98 -21.07 24.92
CA HIS D 273 13.02 -21.58 23.56
C HIS D 273 12.86 -23.09 23.51
N GLN D 274 13.53 -23.78 24.44
CA GLN D 274 13.47 -25.24 24.49
C GLN D 274 12.05 -25.74 24.68
N GLN D 275 11.32 -25.14 25.60
CA GLN D 275 9.94 -25.53 25.85
C GLN D 275 9.11 -25.37 24.60
N LEU D 276 9.01 -24.14 24.11
CA LEU D 276 8.25 -23.88 22.91
C LEU D 276 8.70 -24.87 21.84
N LYS D 277 10.01 -25.04 21.70
CA LYS D 277 10.55 -25.94 20.70
C LYS D 277 10.01 -27.35 20.92
N THR D 278 9.98 -27.78 22.18
CA THR D 278 9.49 -29.11 22.53
C THR D 278 7.99 -29.24 22.42
N SER D 279 7.25 -28.27 22.95
CA SER D 279 5.79 -28.29 22.92
C SER D 279 5.22 -28.29 21.50
N TYR D 280 5.92 -27.64 20.58
CA TYR D 280 5.44 -27.54 19.22
C TYR D 280 6.24 -28.29 18.17
N GLU D 281 7.19 -29.11 18.63
CA GLU D 281 8.06 -29.88 17.72
C GLU D 281 7.35 -30.64 16.59
N ASP D 282 6.27 -31.35 16.92
CA ASP D 282 5.56 -32.10 15.89
C ASP D 282 4.29 -31.40 15.39
N GLU D 283 4.11 -30.13 15.77
CA GLU D 283 2.95 -29.36 15.36
C GLU D 283 3.10 -28.73 13.97
N GLU D 284 2.21 -29.10 13.07
CA GLU D 284 2.24 -28.59 11.70
C GLU D 284 2.15 -27.06 11.59
N PHE D 285 1.12 -26.49 12.18
CA PHE D 285 0.86 -25.07 12.07
C PHE D 285 1.53 -24.12 13.05
N VAL D 286 2.50 -24.61 13.80
CA VAL D 286 3.21 -23.76 14.75
C VAL D 286 4.70 -24.04 14.64
N LYS D 287 5.39 -23.16 13.90
CA LYS D 287 6.81 -23.27 13.70
C LYS D 287 7.52 -22.39 14.72
N VAL D 288 8.50 -22.97 15.41
CA VAL D 288 9.29 -22.24 16.40
C VAL D 288 10.61 -21.99 15.73
N LEU D 289 10.90 -20.73 15.47
CA LEU D 289 12.13 -20.35 14.80
C LEU D 289 13.32 -20.40 15.75
N ASP D 290 14.52 -20.47 15.18
CA ASP D 290 15.74 -20.51 15.96
C ASP D 290 15.90 -19.21 16.71
N GLU D 291 16.56 -19.27 17.86
CA GLU D 291 16.79 -18.10 18.70
C GLU D 291 17.33 -16.95 17.86
N GLY D 292 16.77 -15.76 18.10
CA GLY D 292 17.22 -14.58 17.39
C GLY D 292 16.69 -14.40 15.99
N VAL D 293 16.09 -15.43 15.39
CA VAL D 293 15.58 -15.29 14.05
C VAL D 293 14.22 -14.59 14.12
N VAL D 294 14.16 -13.38 13.55
CA VAL D 294 12.96 -12.57 13.56
C VAL D 294 11.89 -13.02 12.56
N PRO D 295 10.70 -13.38 13.06
CA PRO D 295 9.66 -13.80 12.11
C PRO D 295 9.00 -12.60 11.44
N ARG D 296 8.19 -12.86 10.41
CA ARG D 296 7.49 -11.81 9.67
C ARG D 296 6.06 -12.28 9.35
N THR D 297 5.13 -11.34 9.20
CA THR D 297 3.76 -11.72 8.87
C THR D 297 3.76 -12.04 7.39
N HIS D 298 4.67 -11.42 6.67
CA HIS D 298 4.78 -11.67 5.24
C HIS D 298 4.97 -13.17 4.98
N ASN D 299 5.61 -13.87 5.91
CA ASN D 299 5.87 -15.30 5.71
C ASN D 299 4.75 -16.29 5.99
N VAL D 300 3.64 -15.83 6.58
CA VAL D 300 2.53 -16.75 6.86
C VAL D 300 1.26 -16.32 6.15
N ARG D 301 1.38 -15.21 5.44
CA ARG D 301 0.31 -14.62 4.68
C ARG D 301 -0.43 -15.62 3.78
N GLY D 302 -1.72 -15.83 4.05
CA GLY D 302 -2.51 -16.74 3.23
C GLY D 302 -2.39 -18.20 3.62
N SER D 303 -1.97 -18.45 4.86
CA SER D 303 -1.83 -19.82 5.32
C SER D 303 -2.24 -19.85 6.77
N ASN D 304 -2.34 -21.06 7.30
CA ASN D 304 -2.72 -21.28 8.68
C ASN D 304 -1.53 -21.52 9.58
N TYR D 305 -0.37 -20.96 9.24
CA TYR D 305 0.82 -21.16 10.07
C TYR D 305 1.08 -20.00 10.99
N CYS D 306 1.65 -20.31 12.14
CA CYS D 306 2.06 -19.35 13.13
C CYS D 306 3.58 -19.53 13.34
N HIS D 307 4.35 -18.43 13.26
CA HIS D 307 5.77 -18.45 13.49
C HIS D 307 6.07 -17.62 14.72
N MET D 308 6.88 -18.17 15.60
CA MET D 308 7.25 -17.44 16.81
C MET D 308 8.76 -17.56 17.10
N SER D 309 9.26 -16.61 17.87
CA SER D 309 10.66 -16.59 18.25
C SER D 309 10.83 -15.83 19.56
N VAL D 310 11.83 -16.26 20.33
CA VAL D 310 12.15 -15.68 21.64
C VAL D 310 13.45 -14.91 21.54
N PHE D 311 13.56 -13.83 22.31
CA PHE D 311 14.76 -13.02 22.29
C PHE D 311 15.07 -12.55 23.69
N PRO D 312 16.37 -12.31 23.98
CA PRO D 312 16.77 -11.85 25.31
C PRO D 312 16.58 -10.33 25.30
N ASP D 313 15.58 -9.86 26.05
CA ASP D 313 15.30 -8.43 26.11
C ASP D 313 16.54 -7.82 26.70
N ARG D 314 16.76 -6.53 26.43
CA ARG D 314 17.92 -5.83 26.95
C ARG D 314 17.86 -5.71 28.46
N ILE D 315 16.64 -5.69 29.01
CA ILE D 315 16.46 -5.58 30.45
C ILE D 315 16.72 -6.91 31.12
N PRO D 316 17.69 -6.95 32.05
CA PRO D 316 17.96 -8.22 32.71
C PRO D 316 16.74 -8.91 33.32
N GLY D 317 16.57 -10.17 32.95
CA GLY D 317 15.44 -10.97 33.44
C GLY D 317 14.23 -11.05 32.54
N ARG D 318 14.20 -10.20 31.51
CA ARG D 318 13.09 -10.18 30.57
C ARG D 318 13.39 -10.82 29.23
N ALA D 319 12.33 -11.27 28.56
CA ALA D 319 12.44 -11.89 27.26
C ALA D 319 11.37 -11.25 26.36
N ILE D 320 11.56 -11.42 25.05
CA ILE D 320 10.65 -10.86 24.05
C ILE D 320 10.22 -11.99 23.15
N ILE D 321 8.91 -12.16 23.02
CA ILE D 321 8.42 -13.21 22.17
C ILE D 321 7.55 -12.64 21.07
N ILE D 322 8.00 -12.83 19.83
CA ILE D 322 7.31 -12.37 18.67
C ILE D 322 6.50 -13.57 18.15
N SER D 323 5.23 -13.33 17.87
CA SER D 323 4.33 -14.36 17.37
C SER D 323 3.48 -13.80 16.22
N VAL D 324 3.56 -14.42 15.04
CA VAL D 324 2.80 -13.98 13.87
C VAL D 324 1.93 -15.02 13.22
N ILE D 325 0.90 -14.53 12.53
CA ILE D 325 -0.07 -15.37 11.85
C ILE D 325 -0.87 -14.56 10.85
N ASP D 326 -1.57 -15.24 9.95
CA ASP D 326 -2.46 -14.53 9.03
C ASP D 326 -3.70 -14.40 9.94
N ASN D 327 -4.22 -13.18 10.10
CA ASN D 327 -5.38 -12.97 10.98
C ASN D 327 -6.69 -13.65 10.59
N LEU D 328 -6.95 -13.77 9.29
CA LEU D 328 -8.18 -14.41 8.82
C LEU D 328 -8.06 -15.95 8.68
N VAL D 329 -6.89 -16.51 8.94
CA VAL D 329 -6.70 -17.95 8.80
C VAL D 329 -6.51 -18.55 10.17
N LYS D 330 -5.27 -18.63 10.61
CA LYS D 330 -5.04 -19.19 11.94
C LYS D 330 -5.68 -18.28 12.99
N GLY D 331 -5.85 -17.01 12.65
CA GLY D 331 -6.47 -16.08 13.57
C GLY D 331 -8.00 -16.20 13.55
N ALA D 332 -8.55 -16.88 12.55
CA ALA D 332 -10.01 -17.04 12.44
C ALA D 332 -10.50 -18.32 11.74
N SER D 333 -10.87 -18.19 10.47
CA SER D 333 -11.45 -19.28 9.70
C SER D 333 -10.58 -20.49 9.44
N GLY D 334 -9.27 -20.27 9.35
CA GLY D 334 -8.36 -21.40 9.12
C GLY D 334 -8.38 -22.35 10.30
N GLN D 335 -8.39 -21.81 11.50
CA GLN D 335 -8.41 -22.66 12.67
C GLN D 335 -9.78 -23.33 12.80
N ALA D 336 -10.84 -22.58 12.51
CA ALA D 336 -12.20 -23.13 12.62
C ALA D 336 -12.34 -24.45 11.85
N LEU D 337 -11.70 -24.52 10.69
CA LEU D 337 -11.74 -25.73 9.88
C LEU D 337 -10.83 -26.76 10.56
N GLN D 338 -9.71 -26.31 11.10
CA GLN D 338 -8.78 -27.23 11.77
C GLN D 338 -9.58 -27.94 12.87
N ASN D 339 -10.36 -27.17 13.63
CA ASN D 339 -11.18 -27.74 14.69
C ASN D 339 -12.26 -28.68 14.15
N LEU D 340 -13.01 -28.22 13.16
CA LEU D 340 -14.06 -29.04 12.60
C LEU D 340 -13.50 -30.36 12.09
N ASN D 341 -12.30 -30.34 11.52
CA ASN D 341 -11.70 -31.59 11.02
C ASN D 341 -11.71 -32.67 12.10
N ILE D 342 -11.02 -32.43 13.21
CA ILE D 342 -10.97 -33.42 14.29
C ILE D 342 -12.33 -33.67 14.89
N MET D 343 -13.11 -32.62 15.09
CA MET D 343 -14.44 -32.81 15.65
C MET D 343 -15.19 -33.88 14.86
N LEU D 344 -14.96 -33.91 13.55
CA LEU D 344 -15.61 -34.90 12.71
C LEU D 344 -14.75 -36.13 12.46
N GLY D 345 -13.61 -36.19 13.13
CA GLY D 345 -12.74 -37.35 12.98
C GLY D 345 -11.89 -37.43 11.74
N TYR D 346 -11.46 -36.30 11.22
CA TYR D 346 -10.61 -36.31 10.04
C TYR D 346 -9.21 -35.83 10.40
N PRO D 347 -8.24 -36.09 9.54
CA PRO D 347 -6.89 -35.62 9.87
C PRO D 347 -6.96 -34.08 10.04
N GLU D 348 -6.36 -33.62 11.13
CA GLU D 348 -6.36 -32.22 11.47
C GLU D 348 -5.92 -31.24 10.38
N THR D 349 -4.98 -31.66 9.52
CA THR D 349 -4.47 -30.79 8.47
C THR D 349 -5.22 -30.87 7.16
N THR D 350 -6.28 -31.66 7.14
CA THR D 350 -7.07 -31.82 5.92
C THR D 350 -7.52 -30.49 5.35
N GLY D 351 -7.23 -30.29 4.07
CA GLY D 351 -7.59 -29.07 3.39
C GLY D 351 -7.10 -27.83 4.09
N LEU D 352 -5.89 -27.87 4.63
CA LEU D 352 -5.34 -26.71 5.33
C LEU D 352 -3.84 -26.53 5.11
N LEU D 353 -3.32 -27.19 4.09
CA LEU D 353 -1.90 -27.11 3.82
C LEU D 353 -1.48 -26.00 2.84
N HIS D 354 -2.39 -25.06 2.58
CA HIS D 354 -2.12 -23.93 1.69
C HIS D 354 -0.80 -23.28 2.13
N GLN D 355 0.12 -23.08 1.19
CA GLN D 355 1.41 -22.47 1.49
C GLN D 355 1.35 -20.95 1.34
N PRO D 356 2.11 -20.21 2.17
CA PRO D 356 2.09 -18.74 2.06
C PRO D 356 2.06 -18.12 0.65
N LEU D 357 1.31 -17.03 0.49
CA LEU D 357 1.28 -16.36 -0.80
C LEU D 357 2.26 -15.17 -0.74
N PHE D 358 3.54 -15.48 -0.90
CA PHE D 358 4.62 -14.49 -0.92
C PHE D 358 5.38 -14.59 -2.26
N PRO D 359 5.65 -13.46 -2.92
CA PRO D 359 5.28 -12.12 -2.46
C PRO D 359 3.80 -11.87 -2.70
N LYS A 15 19.87 34.72 -1.57
CA LYS A 15 19.35 34.85 -0.17
C LYS A 15 20.48 35.10 0.83
N ASP A 16 20.11 35.41 2.06
CA ASP A 16 21.09 35.70 3.10
C ASP A 16 22.12 34.60 3.39
N ILE A 17 21.66 33.36 3.53
CA ILE A 17 22.55 32.27 3.85
C ILE A 17 22.72 31.25 2.74
N ARG A 18 23.98 30.90 2.49
CA ARG A 18 24.35 29.92 1.47
C ARG A 18 24.51 28.59 2.21
N ILE A 19 23.76 27.60 1.77
CA ILE A 19 23.78 26.31 2.41
C ILE A 19 24.57 25.23 1.67
N GLY A 20 25.36 24.49 2.43
CA GLY A 20 26.11 23.38 1.87
C GLY A 20 25.44 22.12 2.39
N LEU A 21 25.20 21.15 1.51
CA LEU A 21 24.56 19.91 1.90
C LEU A 21 25.46 18.73 1.55
N LEU A 22 26.01 18.03 2.54
CA LEU A 22 26.89 16.88 2.29
C LEU A 22 26.10 15.57 2.29
N GLY A 23 25.76 15.06 1.10
CA GLY A 23 25.02 13.82 1.01
C GLY A 23 23.57 14.08 0.62
N ALA A 24 23.40 14.68 -0.56
CA ALA A 24 22.08 15.03 -1.07
C ALA A 24 21.38 13.97 -1.90
N SER A 25 22.02 12.84 -2.16
CA SER A 25 21.36 11.82 -2.96
C SER A 25 20.41 10.96 -2.15
N GLY A 26 20.47 11.07 -0.83
CA GLY A 26 19.59 10.29 0.02
C GLY A 26 18.29 11.02 0.31
N TYR A 27 17.40 10.32 1.03
CA TYR A 27 16.08 10.86 1.41
C TYR A 27 16.15 12.05 2.37
N THR A 28 17.05 11.98 3.36
CA THR A 28 17.14 13.09 4.30
C THR A 28 17.81 14.28 3.61
N GLY A 29 18.47 14.03 2.48
CA GLY A 29 19.09 15.10 1.73
C GLY A 29 17.99 15.79 0.92
N ALA A 30 17.22 14.99 0.19
CA ALA A 30 16.12 15.51 -0.61
C ALA A 30 15.17 16.32 0.27
N GLU A 31 14.87 15.80 1.46
CA GLU A 31 13.99 16.50 2.39
C GLU A 31 14.57 17.88 2.72
N ILE A 32 15.90 17.95 2.88
CA ILE A 32 16.54 19.22 3.19
C ILE A 32 16.26 20.17 2.02
N VAL A 33 16.48 19.68 0.80
CA VAL A 33 16.25 20.47 -0.39
C VAL A 33 14.79 20.90 -0.48
N ARG A 34 13.88 19.99 -0.11
CA ARG A 34 12.45 20.31 -0.14
C ARG A 34 12.12 21.44 0.85
N LEU A 35 12.53 21.28 2.10
CA LEU A 35 12.24 22.28 3.12
C LEU A 35 12.84 23.66 2.82
N LEU A 36 14.06 23.69 2.26
CA LEU A 36 14.69 24.98 1.95
C LEU A 36 14.07 25.72 0.77
N ALA A 37 13.37 24.98 -0.09
CA ALA A 37 12.73 25.56 -1.26
C ALA A 37 11.86 26.80 -0.94
N ASN A 38 11.15 26.78 0.19
CA ASN A 38 10.32 27.92 0.55
C ASN A 38 10.77 28.63 1.83
N HIS A 39 12.05 28.47 2.16
CA HIS A 39 12.63 29.11 3.32
C HIS A 39 13.15 30.43 2.74
N PRO A 40 12.46 31.54 3.05
CA PRO A 40 12.86 32.84 2.54
C PRO A 40 14.29 33.29 2.78
N HIS A 41 15.05 32.57 3.59
CA HIS A 41 16.40 33.03 3.86
C HIS A 41 17.58 32.18 3.46
N PHE A 42 17.42 30.87 3.58
CA PHE A 42 18.49 29.96 3.27
C PHE A 42 18.36 29.43 1.85
N GLN A 43 19.50 29.17 1.22
CA GLN A 43 19.50 28.64 -0.14
C GLN A 43 20.66 27.69 -0.36
N VAL A 44 20.35 26.51 -0.88
CA VAL A 44 21.37 25.51 -1.15
C VAL A 44 22.25 25.93 -2.34
N THR A 45 23.56 26.01 -2.13
CA THR A 45 24.45 26.40 -3.21
C THR A 45 25.51 25.34 -3.46
N LEU A 46 25.68 24.44 -2.50
CA LEU A 46 26.67 23.39 -2.66
C LEU A 46 26.06 22.04 -2.25
N MET A 47 26.50 20.96 -2.88
CA MET A 47 26.00 19.63 -2.56
C MET A 47 26.98 18.56 -3.05
N THR A 48 27.52 17.82 -2.09
CA THR A 48 28.48 16.75 -2.34
C THR A 48 27.82 15.39 -2.22
N ALA A 49 27.81 14.65 -3.34
CA ALA A 49 27.25 13.29 -3.40
C ALA A 49 28.38 12.32 -3.70
N ASP A 50 28.05 11.04 -3.60
CA ASP A 50 29.02 9.99 -3.82
C ASP A 50 28.86 9.27 -5.18
N ARG A 51 28.30 8.08 -5.18
CA ARG A 51 28.16 7.36 -6.44
C ARG A 51 27.55 8.26 -7.53
N LYS A 52 26.62 9.12 -7.14
CA LYS A 52 25.97 9.98 -8.12
C LYS A 52 26.54 11.38 -8.28
N ALA A 53 27.71 11.62 -7.70
CA ALA A 53 28.36 12.92 -7.81
C ALA A 53 28.67 13.16 -9.28
N GLY A 54 28.45 14.39 -9.71
CA GLY A 54 28.69 14.76 -11.09
C GLY A 54 27.38 14.99 -11.82
N GLN A 55 26.34 14.26 -11.40
CA GLN A 55 25.04 14.38 -12.02
C GLN A 55 24.24 15.52 -11.42
N SER A 56 23.08 15.80 -11.99
CA SER A 56 22.23 16.88 -11.47
C SER A 56 21.22 16.24 -10.54
N MET A 57 20.89 16.94 -9.45
CA MET A 57 19.94 16.42 -8.48
C MET A 57 18.66 15.98 -9.18
N GLU A 58 18.24 16.73 -10.19
CA GLU A 58 17.05 16.39 -10.93
C GLU A 58 17.18 15.01 -11.54
N SER A 59 18.41 14.64 -11.87
CA SER A 59 18.70 13.33 -12.43
C SER A 59 18.52 12.26 -11.35
N VAL A 60 18.48 12.69 -10.09
CA VAL A 60 18.34 11.79 -8.96
C VAL A 60 16.93 11.83 -8.38
N PHE A 61 16.39 13.05 -8.29
CA PHE A 61 15.04 13.28 -7.77
C PHE A 61 14.30 14.18 -8.73
N PRO A 62 13.94 13.66 -9.91
CA PRO A 62 13.21 14.47 -10.91
C PRO A 62 11.89 15.08 -10.45
N HIS A 63 11.43 14.76 -9.24
CA HIS A 63 10.18 15.34 -8.82
C HIS A 63 10.29 16.83 -8.56
N LEU A 64 11.39 17.22 -7.90
CA LEU A 64 11.66 18.61 -7.53
C LEU A 64 12.18 19.45 -8.69
N ARG A 65 11.96 18.98 -9.92
CA ARG A 65 12.46 19.69 -11.09
C ARG A 65 11.98 21.15 -11.22
N ALA A 66 11.09 21.58 -10.34
CA ALA A 66 10.60 22.95 -10.38
C ALA A 66 11.69 23.89 -9.84
N GLN A 67 12.69 23.30 -9.20
CA GLN A 67 13.79 24.08 -8.63
C GLN A 67 15.04 23.97 -9.49
N LYS A 68 15.86 25.01 -9.45
CA LYS A 68 17.11 25.02 -10.20
C LYS A 68 18.27 25.03 -9.20
N LEU A 69 18.81 23.84 -8.97
CA LEU A 69 19.88 23.66 -7.99
C LEU A 69 21.23 23.40 -8.65
N PRO A 70 22.29 23.44 -7.85
CA PRO A 70 23.66 23.20 -8.35
C PRO A 70 23.80 21.74 -8.73
N THR A 71 24.78 21.43 -9.56
CA THR A 71 25.02 20.07 -9.93
C THR A 71 25.74 19.44 -8.76
N LEU A 72 25.54 18.14 -8.57
CA LEU A 72 26.19 17.41 -7.50
C LEU A 72 27.69 17.31 -7.72
N VAL A 73 28.46 17.57 -6.67
CA VAL A 73 29.90 17.46 -6.78
C VAL A 73 30.43 16.47 -5.77
N SER A 74 31.74 16.26 -5.80
CA SER A 74 32.39 15.35 -4.89
C SER A 74 32.79 16.07 -3.62
N VAL A 75 32.63 15.40 -2.48
CA VAL A 75 33.02 15.99 -1.20
C VAL A 75 34.48 16.47 -1.25
N LYS A 76 35.38 15.57 -1.59
CA LYS A 76 36.79 15.91 -1.64
C LYS A 76 37.13 16.99 -2.67
N ASP A 77 36.13 17.43 -3.44
CA ASP A 77 36.33 18.47 -4.45
C ASP A 77 35.53 19.75 -4.17
N ALA A 78 34.95 19.85 -2.99
CA ALA A 78 34.13 21.00 -2.63
C ALA A 78 34.87 21.97 -1.72
N ASP A 79 34.63 23.27 -1.91
CA ASP A 79 35.27 24.27 -1.06
C ASP A 79 34.22 24.87 -0.13
N PHE A 80 34.27 24.47 1.14
CA PHE A 80 33.26 24.94 2.08
C PHE A 80 33.49 26.32 2.72
N SER A 81 34.46 27.07 2.23
CA SER A 81 34.71 28.39 2.78
C SER A 81 33.78 29.34 2.05
N THR A 82 33.04 28.76 1.11
CA THR A 82 32.11 29.51 0.31
C THR A 82 30.68 29.34 0.83
N VAL A 83 30.50 28.53 1.87
CA VAL A 83 29.17 28.34 2.41
C VAL A 83 29.06 28.91 3.82
N ASP A 84 27.83 29.20 4.25
CA ASP A 84 27.61 29.77 5.57
C ASP A 84 27.34 28.72 6.63
N ALA A 85 26.55 27.73 6.29
CA ALA A 85 26.20 26.68 7.22
C ALA A 85 26.20 25.31 6.53
N VAL A 86 26.37 24.26 7.31
CA VAL A 86 26.44 22.92 6.77
C VAL A 86 25.42 21.92 7.33
N PHE A 87 24.74 21.21 6.43
CA PHE A 87 23.81 20.15 6.80
C PHE A 87 24.50 18.86 6.36
N CYS A 88 24.89 18.02 7.29
CA CYS A 88 25.55 16.78 6.88
C CYS A 88 24.54 15.63 6.88
N CYS A 89 24.30 15.04 5.72
CA CYS A 89 23.35 13.95 5.63
C CYS A 89 24.01 12.64 5.24
N LEU A 90 25.29 12.48 5.57
CA LEU A 90 26.01 11.27 5.25
C LEU A 90 25.89 10.22 6.37
N PRO A 91 26.36 9.00 6.10
CA PRO A 91 26.32 7.90 7.07
C PRO A 91 27.42 8.01 8.13
N HIS A 92 27.18 7.33 9.26
CA HIS A 92 28.13 7.31 10.36
C HIS A 92 29.42 6.63 9.92
N GLY A 93 30.51 6.96 10.60
CA GLY A 93 31.81 6.40 10.28
C GLY A 93 32.46 7.10 9.11
N THR A 94 31.74 8.08 8.58
CA THR A 94 32.18 8.85 7.44
C THR A 94 32.11 10.33 7.80
N THR A 95 31.32 10.61 8.83
CA THR A 95 31.07 11.98 9.27
C THR A 95 32.14 12.65 10.12
N GLN A 96 32.54 11.99 11.22
CA GLN A 96 33.54 12.55 12.12
C GLN A 96 34.77 13.12 11.43
N GLU A 97 35.37 12.39 10.50
CA GLU A 97 36.55 12.90 9.82
C GLU A 97 36.26 14.10 8.95
N ILE A 98 35.17 14.05 8.20
CA ILE A 98 34.77 15.16 7.33
C ILE A 98 34.54 16.44 8.11
N ILE A 99 33.62 16.39 9.07
CA ILE A 99 33.27 17.54 9.88
C ILE A 99 34.47 18.11 10.63
N LYS A 100 35.29 17.21 11.18
CA LYS A 100 36.47 17.61 11.93
C LYS A 100 37.40 18.47 11.08
N GLU A 101 37.34 18.29 9.76
CA GLU A 101 38.19 19.04 8.86
C GLU A 101 37.50 20.21 8.19
N LEU A 102 36.25 20.48 8.56
CA LEU A 102 35.51 21.60 7.98
C LEU A 102 35.95 22.92 8.61
N PRO A 103 35.79 24.05 7.90
CA PRO A 103 36.16 25.38 8.39
C PRO A 103 35.49 25.70 9.73
N THR A 104 36.27 26.26 10.65
CA THR A 104 35.77 26.61 11.98
C THR A 104 34.66 27.66 11.97
N ALA A 105 34.60 28.46 10.92
CA ALA A 105 33.60 29.51 10.83
C ALA A 105 32.26 28.98 10.33
N LEU A 106 32.16 27.66 10.17
CA LEU A 106 30.92 27.07 9.69
C LEU A 106 30.01 26.57 10.78
N LYS A 107 28.76 27.04 10.79
CA LYS A 107 27.79 26.52 11.74
C LYS A 107 27.38 25.19 11.06
N ILE A 108 27.31 24.11 11.81
CA ILE A 108 27.00 22.79 11.26
C ILE A 108 25.91 21.99 11.99
N VAL A 109 25.16 21.23 11.21
CA VAL A 109 24.14 20.37 11.77
C VAL A 109 24.36 19.01 11.15
N ASP A 110 24.91 18.10 11.93
CA ASP A 110 25.16 16.75 11.44
C ASP A 110 23.93 15.89 11.73
N LEU A 111 23.34 15.29 10.71
CA LEU A 111 22.16 14.44 10.90
C LEU A 111 22.51 12.99 11.25
N SER A 112 23.79 12.63 11.08
CA SER A 112 24.23 11.26 11.37
C SER A 112 24.27 11.07 12.88
N ALA A 113 24.72 9.91 13.32
CA ALA A 113 24.83 9.59 14.73
C ALA A 113 26.24 9.84 15.31
N ASP A 114 27.25 9.91 14.47
CA ASP A 114 28.65 10.10 14.88
C ASP A 114 28.95 11.06 16.03
N PHE A 115 28.12 12.07 16.27
CA PHE A 115 28.40 13.01 17.36
C PHE A 115 27.33 13.07 18.43
N ARG A 116 26.42 12.09 18.42
CA ARG A 116 25.32 12.06 19.40
C ARG A 116 25.77 11.55 20.77
N LEU A 117 26.44 10.40 20.80
CA LEU A 117 26.86 9.84 22.08
C LEU A 117 28.06 10.61 22.67
N ARG A 118 27.88 11.17 23.86
CA ARG A 118 28.96 11.92 24.49
C ARG A 118 30.08 11.00 24.99
N ASN A 119 29.74 9.75 25.28
CA ASN A 119 30.72 8.80 25.75
C ASN A 119 31.44 8.09 24.61
N ILE A 120 32.74 8.38 24.48
CA ILE A 120 33.58 7.82 23.44
C ILE A 120 33.60 6.29 23.38
N ALA A 121 33.60 5.66 24.55
CA ALA A 121 33.61 4.20 24.61
C ALA A 121 32.29 3.59 24.08
N GLU A 122 31.17 4.26 24.36
CA GLU A 122 29.89 3.75 23.87
C GLU A 122 29.83 3.90 22.36
N TYR A 123 30.40 4.97 21.83
CA TYR A 123 30.38 5.14 20.38
C TYR A 123 31.06 3.97 19.71
N GLU A 124 32.22 3.60 20.24
CA GLU A 124 32.97 2.50 19.67
C GLU A 124 32.28 1.15 19.80
N GLU A 125 31.69 0.87 20.96
CA GLU A 125 31.03 -0.40 21.15
C GLU A 125 29.77 -0.51 20.29
N TRP A 126 29.05 0.59 20.13
CA TRP A 126 27.84 0.57 19.34
C TRP A 126 28.03 0.83 17.84
N TYR A 127 29.07 1.58 17.47
CA TYR A 127 29.30 1.88 16.07
C TYR A 127 30.51 1.20 15.43
N GLY A 128 31.09 0.25 16.16
CA GLY A 128 32.20 -0.54 15.67
C GLY A 128 33.54 0.07 15.28
N GLN A 129 33.90 1.18 15.90
CA GLN A 129 35.18 1.81 15.61
C GLN A 129 35.40 3.01 16.51
N PRO A 130 36.67 3.28 16.84
CA PRO A 130 37.07 4.39 17.70
C PRO A 130 36.53 5.73 17.20
N HIS A 131 36.20 6.62 18.13
CA HIS A 131 35.71 7.93 17.80
C HIS A 131 36.92 8.66 17.19
N LYS A 132 36.71 9.50 16.20
CA LYS A 132 37.85 10.19 15.57
C LYS A 132 37.95 11.69 15.86
N ALA A 133 37.06 12.22 16.69
CA ALA A 133 37.08 13.63 17.01
C ALA A 133 36.72 13.81 18.48
N VAL A 134 37.44 13.11 19.34
CA VAL A 134 37.20 13.17 20.77
C VAL A 134 37.18 14.60 21.27
N GLU A 135 37.96 15.46 20.62
CA GLU A 135 38.03 16.85 21.04
C GLU A 135 36.74 17.59 20.69
N LEU A 136 36.42 17.64 19.42
CA LEU A 136 35.22 18.34 18.95
C LEU A 136 33.96 17.87 19.67
N GLN A 137 33.87 16.56 19.88
CA GLN A 137 32.72 15.94 20.53
C GLN A 137 32.19 16.74 21.72
N LYS A 138 33.08 17.07 22.65
CA LYS A 138 32.69 17.80 23.85
C LYS A 138 32.10 19.19 23.64
N GLU A 139 32.11 19.69 22.41
CA GLU A 139 31.53 21.00 22.18
C GLU A 139 30.21 20.83 21.40
N VAL A 140 29.92 19.59 21.03
CA VAL A 140 28.71 19.29 20.29
C VAL A 140 27.47 19.34 21.17
N VAL A 141 26.39 19.95 20.65
CA VAL A 141 25.13 20.03 21.37
C VAL A 141 24.10 19.11 20.69
N TYR A 142 23.45 18.25 21.49
CA TYR A 142 22.42 17.33 20.99
C TYR A 142 21.20 18.17 20.57
N GLY A 143 20.96 18.27 19.27
CA GLY A 143 19.84 19.07 18.80
C GLY A 143 18.40 18.65 19.10
N LEU A 144 18.09 18.26 20.34
CA LEU A 144 16.70 17.88 20.64
C LEU A 144 16.03 19.23 20.96
N THR A 145 15.47 19.83 19.92
CA THR A 145 14.86 21.15 19.95
C THR A 145 14.17 21.67 21.23
N GLU A 146 12.95 21.22 21.48
CA GLU A 146 12.20 21.71 22.64
C GLU A 146 12.84 21.47 24.00
N ILE A 147 13.86 20.60 24.04
CA ILE A 147 14.53 20.29 25.31
C ILE A 147 15.90 20.99 25.49
N LEU A 148 16.66 21.18 24.41
CA LEU A 148 17.97 21.81 24.54
C LEU A 148 18.16 23.12 23.72
N ARG A 149 17.05 23.74 23.35
CA ARG A 149 17.06 24.99 22.59
C ARG A 149 18.18 25.97 22.97
N GLU A 150 18.33 26.21 24.27
CA GLU A 150 19.35 27.16 24.74
C GLU A 150 20.80 26.78 24.43
N ASP A 151 21.12 25.49 24.49
CA ASP A 151 22.48 25.09 24.17
C ASP A 151 22.66 25.03 22.66
N ILE A 152 21.59 24.65 21.95
CA ILE A 152 21.65 24.56 20.50
C ILE A 152 21.97 25.93 19.91
N LYS A 153 21.25 26.95 20.39
CA LYS A 153 21.41 28.35 19.94
C LYS A 153 22.86 28.81 19.91
N LYS A 154 23.65 28.43 20.89
CA LYS A 154 25.04 28.86 20.92
C LYS A 154 26.05 27.79 20.54
N ALA A 155 25.60 26.78 19.80
CA ALA A 155 26.50 25.70 19.38
C ALA A 155 27.00 25.93 17.97
N ARG A 156 28.20 25.46 17.68
CA ARG A 156 28.74 25.58 16.31
C ARG A 156 28.38 24.28 15.58
N LEU A 157 28.52 23.16 16.29
CA LEU A 157 28.20 21.85 15.74
C LEU A 157 27.10 21.22 16.58
N VAL A 158 26.00 20.87 15.92
CA VAL A 158 24.89 20.25 16.60
C VAL A 158 24.68 18.85 16.05
N ALA A 159 24.47 17.91 16.95
CA ALA A 159 24.23 16.52 16.59
C ALA A 159 22.71 16.38 16.55
N ASN A 160 22.15 16.28 15.36
CA ASN A 160 20.71 16.17 15.19
C ASN A 160 20.26 14.77 15.62
N PRO A 161 19.38 14.69 16.64
CA PRO A 161 18.91 13.37 17.10
C PRO A 161 18.34 12.45 16.02
N GLY A 162 18.23 11.16 16.37
CA GLY A 162 17.67 10.19 15.45
C GLY A 162 16.14 10.27 15.49
N CYS A 163 15.49 9.57 14.57
CA CYS A 163 14.03 9.59 14.51
C CYS A 163 13.40 8.93 15.74
N TYR A 164 13.59 7.62 15.88
CA TYR A 164 13.06 6.91 17.05
C TYR A 164 13.39 7.62 18.36
N PRO A 165 14.65 8.07 18.53
CA PRO A 165 14.99 8.76 19.78
C PRO A 165 14.07 9.96 20.02
N THR A 166 14.03 10.88 19.06
CA THR A 166 13.18 12.08 19.17
C THR A 166 11.75 11.73 19.60
N THR A 167 11.10 10.82 18.89
CA THR A 167 9.73 10.42 19.22
C THR A 167 9.55 9.99 20.68
N ILE A 168 10.64 9.49 21.29
CA ILE A 168 10.59 8.98 22.66
C ILE A 168 11.11 9.96 23.73
N GLN A 169 12.19 10.68 23.42
CA GLN A 169 12.74 11.62 24.39
C GLN A 169 11.83 12.81 24.67
N LEU A 170 10.91 13.14 23.76
CA LEU A 170 10.02 14.28 24.02
C LEU A 170 9.07 14.03 25.20
N PRO A 171 8.40 12.85 25.25
CA PRO A 171 7.50 12.59 26.37
C PRO A 171 8.21 12.23 27.69
N LEU A 172 9.18 11.33 27.64
CA LEU A 172 9.84 10.89 28.85
C LEU A 172 10.71 11.90 29.61
N VAL A 173 11.37 12.81 28.91
CA VAL A 173 12.24 13.74 29.64
C VAL A 173 11.48 14.58 30.67
N PRO A 174 10.45 15.32 30.23
CA PRO A 174 9.66 16.15 31.17
C PRO A 174 9.06 15.31 32.30
N LEU A 175 8.62 14.09 31.98
CA LEU A 175 8.00 13.24 33.00
C LEU A 175 9.02 12.75 34.01
N LEU A 176 10.23 12.47 33.54
CA LEU A 176 11.31 12.03 34.40
C LEU A 176 11.79 13.18 35.29
N LYS A 177 11.84 14.38 34.73
CA LYS A 177 12.27 15.56 35.49
C LYS A 177 11.33 15.82 36.65
N ALA A 178 10.03 15.65 36.43
CA ALA A 178 9.04 15.87 37.47
C ALA A 178 8.94 14.63 38.39
N ASN A 179 9.70 13.59 38.10
CA ASN A 179 9.65 12.35 38.91
C ASN A 179 8.23 11.78 38.92
N LEU A 180 7.60 11.74 37.75
CA LEU A 180 6.25 11.23 37.63
C LEU A 180 6.20 9.78 37.17
N ILE A 181 7.33 9.26 36.71
CA ILE A 181 7.39 7.87 36.25
C ILE A 181 8.64 7.23 36.83
N LYS A 182 8.61 5.91 36.98
CA LYS A 182 9.76 5.18 37.51
C LYS A 182 10.90 5.13 36.49
N HIS A 183 12.10 4.75 36.95
CA HIS A 183 13.23 4.72 36.05
C HIS A 183 13.39 3.38 35.35
N GLU A 184 12.96 2.31 36.00
CA GLU A 184 13.07 1.00 35.40
C GLU A 184 11.78 0.51 34.76
N ASN A 185 11.87 -0.58 34.02
CA ASN A 185 10.73 -1.18 33.37
C ASN A 185 10.14 -0.38 32.22
N ILE A 186 10.88 0.60 31.72
CA ILE A 186 10.41 1.37 30.57
C ILE A 186 10.44 0.41 29.38
N ILE A 187 9.32 0.30 28.65
CA ILE A 187 9.26 -0.59 27.51
C ILE A 187 8.83 0.21 26.29
N ILE A 188 9.65 0.17 25.23
CA ILE A 188 9.33 0.91 24.02
C ILE A 188 9.10 0.04 22.79
N ASP A 189 7.85 0.06 22.30
CA ASP A 189 7.50 -0.69 21.08
C ASP A 189 7.15 0.33 19.98
N ALA A 190 8.19 0.74 19.25
CA ALA A 190 8.09 1.73 18.17
C ALA A 190 7.99 1.14 16.76
N LYS A 191 7.40 1.93 15.87
CA LYS A 191 7.17 1.55 14.49
C LYS A 191 7.64 2.68 13.56
N SER A 192 8.07 2.30 12.35
CA SER A 192 8.55 3.25 11.38
C SER A 192 8.28 2.86 9.93
N GLY A 193 7.96 3.85 9.10
CA GLY A 193 7.76 3.60 7.69
C GLY A 193 9.10 3.15 7.14
N VAL A 194 9.12 2.53 5.97
CA VAL A 194 10.39 2.02 5.43
C VAL A 194 11.35 3.05 4.82
N SER A 195 10.94 4.33 4.78
CA SER A 195 11.82 5.35 4.22
C SER A 195 13.03 5.53 5.14
N GLY A 196 12.86 5.13 6.41
CA GLY A 196 13.93 5.23 7.38
C GLY A 196 15.06 4.29 6.99
N ALA A 197 14.79 3.32 6.11
CA ALA A 197 15.82 2.37 5.70
C ALA A 197 16.72 2.95 4.64
N GLY A 198 16.36 4.13 4.13
CA GLY A 198 17.16 4.77 3.12
C GLY A 198 16.86 4.31 1.70
N ARG A 199 17.57 4.91 0.74
CA ARG A 199 17.38 4.62 -0.67
C ARG A 199 18.37 3.60 -1.24
N GLY A 200 19.01 2.83 -0.37
CA GLY A 200 19.96 1.82 -0.87
C GLY A 200 19.25 0.73 -1.64
N ALA A 201 19.82 0.34 -2.78
CA ALA A 201 19.21 -0.70 -3.59
C ALA A 201 19.35 -2.08 -2.98
N LYS A 202 18.61 -2.30 -1.90
CA LYS A 202 18.64 -3.57 -1.21
C LYS A 202 17.40 -4.40 -1.43
N GLU A 203 17.63 -5.70 -1.60
CA GLU A 203 16.56 -6.65 -1.83
C GLU A 203 15.53 -6.58 -0.72
N ALA A 204 15.99 -6.52 0.53
CA ALA A 204 15.07 -6.49 1.66
C ALA A 204 14.02 -5.37 1.61
N ASN A 205 14.43 -4.19 1.18
CA ASN A 205 13.57 -3.03 1.13
C ASN A 205 12.64 -2.86 -0.05
N LEU A 206 12.74 -3.78 -1.01
CA LEU A 206 11.90 -3.78 -2.21
C LEU A 206 10.40 -3.73 -1.89
N TYR A 207 9.66 -3.03 -2.74
CA TYR A 207 8.20 -2.93 -2.58
C TYR A 207 7.54 -4.34 -2.49
N SER A 208 7.97 -5.25 -3.35
CA SER A 208 7.42 -6.61 -3.32
C SER A 208 7.80 -7.40 -2.07
N GLU A 209 8.93 -7.04 -1.46
CA GLU A 209 9.39 -7.71 -0.25
C GLU A 209 8.86 -7.04 1.00
N ILE A 210 8.45 -5.79 0.87
CA ILE A 210 7.92 -5.04 2.01
C ILE A 210 6.38 -4.97 2.03
N ALA A 211 5.79 -4.61 0.90
CA ALA A 211 4.34 -4.45 0.81
C ALA A 211 3.51 -5.49 1.52
N GLU A 212 2.36 -5.03 2.03
CA GLU A 212 1.40 -5.91 2.72
C GLU A 212 1.98 -6.79 3.80
N GLY A 213 2.89 -6.24 4.59
CA GLY A 213 3.47 -7.02 5.66
C GLY A 213 4.17 -6.15 6.68
N ILE A 214 4.46 -6.75 7.82
CA ILE A 214 5.18 -6.10 8.90
C ILE A 214 6.23 -7.09 9.40
N SER A 215 7.33 -6.56 9.93
CA SER A 215 8.39 -7.40 10.47
C SER A 215 9.41 -6.55 11.22
N SER A 216 9.31 -6.53 12.54
CA SER A 216 10.24 -5.76 13.37
C SER A 216 11.71 -6.06 13.05
N TYR A 217 12.62 -5.33 13.67
CA TYR A 217 14.04 -5.56 13.48
C TYR A 217 14.78 -5.03 14.70
N GLY A 218 16.10 -5.15 14.69
CA GLY A 218 16.91 -4.66 15.80
C GLY A 218 16.43 -5.13 17.15
N VAL A 219 16.05 -6.39 17.27
CA VAL A 219 15.59 -6.87 18.56
C VAL A 219 16.75 -7.01 19.54
N THR A 220 16.56 -6.42 20.72
CA THR A 220 17.54 -6.44 21.82
C THR A 220 18.61 -5.35 21.72
N ARG A 221 19.29 -5.28 20.59
CA ARG A 221 20.33 -4.29 20.38
C ARG A 221 20.09 -3.55 19.07
N HIS A 222 19.92 -2.24 19.19
CA HIS A 222 19.73 -1.36 18.06
C HIS A 222 20.55 -0.13 18.45
N ARG A 223 21.23 0.47 17.49
CA ARG A 223 22.07 1.61 17.81
C ARG A 223 21.39 2.83 18.43
N HIS A 224 20.06 2.88 18.42
CA HIS A 224 19.37 4.01 19.05
C HIS A 224 19.29 3.82 20.56
N VAL A 225 19.53 2.60 21.03
CA VAL A 225 19.47 2.33 22.47
C VAL A 225 20.37 3.21 23.32
N PRO A 226 21.67 3.29 22.99
CA PRO A 226 22.51 4.15 23.84
C PRO A 226 22.10 5.61 23.79
N GLU A 227 21.58 6.03 22.65
CA GLU A 227 21.17 7.44 22.50
C GLU A 227 19.95 7.70 23.43
N ILE A 228 18.98 6.81 23.36
CA ILE A 228 17.78 6.91 24.19
C ILE A 228 18.19 6.91 25.67
N GLU A 229 18.98 5.92 26.07
CA GLU A 229 19.41 5.81 27.46
C GLU A 229 20.24 7.01 27.95
N GLN A 230 21.07 7.59 27.07
CA GLN A 230 21.88 8.76 27.44
C GLN A 230 20.96 9.91 27.87
N GLY A 231 20.02 10.29 26.99
CA GLY A 231 19.10 11.36 27.31
C GLY A 231 18.26 11.08 28.55
N LEU A 232 17.85 9.83 28.74
CA LEU A 232 17.04 9.48 29.90
C LEU A 232 17.92 9.39 31.16
N SER A 233 19.20 9.09 30.98
CA SER A 233 20.08 9.02 32.15
C SER A 233 20.41 10.42 32.65
N ASP A 234 20.70 11.33 31.72
CA ASP A 234 21.02 12.70 32.10
C ASP A 234 19.87 13.33 32.86
N VAL A 235 18.65 13.15 32.37
CA VAL A 235 17.49 13.72 33.03
C VAL A 235 17.24 13.08 34.39
N ALA A 236 17.09 11.76 34.44
CA ALA A 236 16.84 11.07 35.70
C ALA A 236 18.08 11.17 36.59
N GLN A 237 19.14 11.75 36.03
CA GLN A 237 20.44 11.93 36.69
C GLN A 237 21.12 10.61 36.99
N SER A 238 20.31 9.55 37.05
CA SER A 238 20.79 8.22 37.33
C SER A 238 20.78 7.43 36.01
N LYS A 239 21.46 6.28 35.99
CA LYS A 239 21.51 5.50 34.78
C LYS A 239 20.21 4.76 34.52
N VAL A 240 19.67 4.93 33.32
CA VAL A 240 18.44 4.25 32.96
C VAL A 240 18.66 3.24 31.86
N THR A 241 18.16 2.03 32.07
CA THR A 241 18.25 0.95 31.11
C THR A 241 16.84 0.68 30.58
N VAL A 242 16.62 0.96 29.30
CA VAL A 242 15.32 0.77 28.69
C VAL A 242 15.24 -0.50 27.85
N SER A 243 13.99 -0.85 27.54
CA SER A 243 13.59 -1.98 26.69
C SER A 243 13.12 -1.20 25.46
N PHE A 244 13.82 -1.30 24.33
CA PHE A 244 13.44 -0.56 23.11
C PHE A 244 13.39 -1.48 21.89
N THR A 245 12.21 -1.73 21.36
CA THR A 245 12.09 -2.61 20.20
C THR A 245 11.53 -1.93 18.96
N PRO A 246 12.35 -1.76 17.91
CA PRO A 246 11.90 -1.12 16.65
C PRO A 246 10.95 -2.05 15.90
N HIS A 247 10.15 -1.47 15.01
CA HIS A 247 9.20 -2.24 14.16
C HIS A 247 9.08 -1.50 12.82
N LEU A 248 9.23 -2.23 11.72
CA LEU A 248 9.18 -1.70 10.35
C LEU A 248 7.78 -1.81 9.73
N MET A 249 7.18 -0.66 9.45
CA MET A 249 5.84 -0.58 8.91
C MET A 249 5.81 -0.46 7.39
N PRO A 250 4.84 -1.14 6.74
CA PRO A 250 4.69 -1.10 5.29
C PRO A 250 4.05 0.25 4.86
N MET A 251 4.88 1.27 4.77
CA MET A 251 4.46 2.59 4.39
C MET A 251 5.74 3.44 4.26
N ILE A 252 5.66 4.51 3.48
CA ILE A 252 6.81 5.36 3.23
C ILE A 252 7.25 6.12 4.46
N ARG A 253 6.37 7.03 4.90
CA ARG A 253 6.63 7.89 6.05
C ARG A 253 5.78 7.51 7.24
N GLY A 254 6.24 7.89 8.44
CA GLY A 254 5.49 7.60 9.65
C GLY A 254 6.26 6.84 10.71
N MET A 255 6.11 7.29 11.95
CA MET A 255 6.80 6.66 13.07
C MET A 255 5.99 6.86 14.35
N GLN A 256 5.92 5.82 15.16
CA GLN A 256 5.20 5.89 16.43
C GLN A 256 5.91 5.06 17.47
N SER A 257 6.03 5.59 18.67
CA SER A 257 6.61 4.82 19.75
C SER A 257 5.45 4.66 20.73
N THR A 258 5.24 3.43 21.20
CA THR A 258 4.20 3.18 22.19
C THR A 258 4.98 2.88 23.46
N ILE A 259 4.89 3.78 24.44
CA ILE A 259 5.61 3.69 25.71
C ILE A 259 4.86 2.99 26.83
N TYR A 260 5.55 2.07 27.47
CA TYR A 260 4.95 1.33 28.54
C TYR A 260 5.75 1.56 29.81
N VAL A 261 5.38 2.59 30.56
CA VAL A 261 6.07 2.92 31.80
C VAL A 261 5.21 2.65 33.03
N GLU A 262 5.89 2.45 34.16
CA GLU A 262 5.21 2.24 35.43
C GLU A 262 5.33 3.59 36.12
N MET A 263 4.19 4.21 36.40
CA MET A 263 4.18 5.53 37.05
C MET A 263 4.79 5.44 38.45
N ALA A 264 5.16 6.59 39.00
CA ALA A 264 5.75 6.63 40.32
C ALA A 264 4.62 6.49 41.34
N PRO A 265 4.95 6.05 42.56
CA PRO A 265 3.95 5.87 43.63
C PRO A 265 2.99 7.05 43.75
N GLY A 266 1.69 6.73 43.78
CA GLY A 266 0.65 7.76 43.92
C GLY A 266 0.34 8.61 42.70
N VAL A 267 1.10 8.44 41.61
CA VAL A 267 0.89 9.22 40.40
C VAL A 267 -0.19 8.60 39.51
N ARG A 268 -1.03 9.45 38.92
CA ARG A 268 -2.10 9.01 38.04
C ARG A 268 -1.85 9.53 36.64
N THR A 269 -2.52 8.93 35.66
CA THR A 269 -2.33 9.37 34.28
C THR A 269 -2.58 10.88 34.12
N GLU A 270 -3.60 11.42 34.77
CA GLU A 270 -3.90 12.84 34.69
C GLU A 270 -2.71 13.70 35.09
N ASP A 271 -1.85 13.19 35.98
CA ASP A 271 -0.67 13.95 36.37
C ASP A 271 0.35 13.96 35.23
N LEU A 272 0.53 12.82 34.57
CA LEU A 272 1.47 12.76 33.47
C LEU A 272 0.97 13.70 32.37
N HIS A 273 -0.31 13.59 32.06
CA HIS A 273 -0.93 14.41 31.02
C HIS A 273 -0.78 15.89 31.28
N GLN A 274 -0.99 16.28 32.53
CA GLN A 274 -0.88 17.68 32.91
C GLN A 274 0.57 18.15 32.83
N GLN A 275 1.52 17.29 33.19
CA GLN A 275 2.92 17.71 33.11
C GLN A 275 3.31 17.95 31.65
N LEU A 276 2.89 17.04 30.77
CA LEU A 276 3.19 17.17 29.34
C LEU A 276 2.49 18.40 28.79
N LYS A 277 1.23 18.58 29.19
CA LYS A 277 0.43 19.71 28.74
C LYS A 277 1.17 21.00 29.07
N THR A 278 1.59 21.12 30.32
CA THR A 278 2.31 22.32 30.72
C THR A 278 3.70 22.45 30.05
N SER A 279 4.38 21.34 29.82
CA SER A 279 5.70 21.41 29.20
C SER A 279 5.69 21.83 27.72
N TYR A 280 4.59 21.59 27.03
CA TYR A 280 4.52 21.89 25.59
C TYR A 280 3.38 22.81 25.11
N GLU A 281 2.63 23.38 26.06
CA GLU A 281 1.49 24.23 25.73
C GLU A 281 1.74 25.35 24.72
N ASP A 282 2.94 25.92 24.70
CA ASP A 282 3.22 26.99 23.76
C ASP A 282 4.16 26.60 22.63
N GLU A 283 4.64 25.36 22.67
CA GLU A 283 5.54 24.84 21.65
C GLU A 283 4.76 24.51 20.39
N GLU A 284 5.14 25.17 19.30
CA GLU A 284 4.50 24.98 18.01
C GLU A 284 4.49 23.52 17.54
N PHE A 285 5.64 22.87 17.58
CA PHE A 285 5.73 21.52 17.05
C PHE A 285 5.32 20.33 17.89
N VAL A 286 5.43 20.46 19.20
CA VAL A 286 5.05 19.37 20.06
C VAL A 286 3.67 19.68 20.58
N LYS A 287 2.76 18.74 20.36
CA LYS A 287 1.39 18.85 20.76
C LYS A 287 1.07 17.70 21.73
N VAL A 288 0.09 17.96 22.57
CA VAL A 288 -0.38 16.99 23.55
C VAL A 288 -1.91 16.91 23.40
N LEU A 289 -2.42 15.78 22.93
CA LEU A 289 -3.85 15.65 22.74
C LEU A 289 -4.59 15.43 24.06
N ASP A 290 -5.91 15.60 24.04
CA ASP A 290 -6.68 15.41 25.25
C ASP A 290 -6.76 13.93 25.61
N GLU A 291 -6.57 13.64 26.90
CA GLU A 291 -6.61 12.27 27.38
C GLU A 291 -7.69 11.48 26.65
N GLY A 292 -7.37 10.26 26.24
CA GLY A 292 -8.36 9.47 25.54
C GLY A 292 -8.24 9.47 24.02
N VAL A 293 -7.64 10.50 23.46
CA VAL A 293 -7.50 10.59 22.00
C VAL A 293 -6.26 9.85 21.48
N VAL A 294 -6.41 9.18 20.36
CA VAL A 294 -5.32 8.46 19.76
C VAL A 294 -4.56 9.35 18.76
N PRO A 295 -3.25 9.54 19.00
CA PRO A 295 -2.43 10.36 18.12
C PRO A 295 -1.70 9.52 17.06
N ARG A 296 -2.42 9.13 16.01
CA ARG A 296 -1.85 8.31 14.93
C ARG A 296 -0.85 9.06 14.07
N THR A 297 -0.09 8.31 13.27
CA THR A 297 0.89 8.94 12.41
C THR A 297 0.22 9.56 11.18
N HIS A 298 -0.89 8.99 10.73
CA HIS A 298 -1.59 9.53 9.55
C HIS A 298 -1.85 11.04 9.64
N ASN A 299 -1.73 11.64 10.82
CA ASN A 299 -2.01 13.07 10.92
C ASN A 299 -0.85 14.01 11.17
N VAL A 300 0.37 13.51 10.94
CA VAL A 300 1.59 14.30 11.11
C VAL A 300 2.46 14.16 9.86
N ARG A 301 2.01 13.29 8.97
CA ARG A 301 2.70 13.02 7.71
C ARG A 301 2.96 14.29 6.88
N GLY A 302 4.23 14.59 6.61
CA GLY A 302 4.58 15.76 5.81
C GLY A 302 4.80 17.04 6.60
N SER A 303 4.88 16.92 7.92
CA SER A 303 5.07 18.09 8.75
C SER A 303 6.18 17.84 9.75
N ASN A 304 6.42 18.83 10.59
CA ASN A 304 7.45 18.74 11.58
C ASN A 304 6.84 18.57 12.97
N TYR A 305 5.54 18.28 13.03
CA TYR A 305 4.88 18.10 14.33
C TYR A 305 5.05 16.71 14.94
N CYS A 306 4.77 16.63 16.24
CA CYS A 306 4.82 15.40 17.01
C CYS A 306 3.52 15.38 17.81
N HIS A 307 2.67 14.39 17.58
CA HIS A 307 1.43 14.32 18.33
C HIS A 307 1.64 13.20 19.37
N MET A 308 1.48 13.54 20.65
CA MET A 308 1.61 12.57 21.74
C MET A 308 0.35 12.61 22.60
N SER A 309 0.04 11.48 23.23
CA SER A 309 -1.13 11.34 24.09
C SER A 309 -0.87 10.26 25.15
N VAL A 310 -1.42 10.44 26.35
CA VAL A 310 -1.25 9.48 27.46
C VAL A 310 -2.51 8.63 27.65
N PHE A 311 -2.33 7.44 28.21
CA PHE A 311 -3.43 6.53 28.45
C PHE A 311 -3.20 5.72 29.70
N PRO A 312 -4.27 5.13 30.26
CA PRO A 312 -4.09 4.32 31.47
C PRO A 312 -3.78 2.90 31.01
N ASP A 313 -2.92 2.21 31.74
CA ASP A 313 -2.58 0.84 31.42
C ASP A 313 -3.52 0.00 32.25
N ARG A 314 -3.94 -1.14 31.73
CA ARG A 314 -4.82 -2.02 32.47
C ARG A 314 -4.11 -2.48 33.75
N ILE A 315 -2.79 -2.63 33.69
CA ILE A 315 -2.01 -3.03 34.84
C ILE A 315 -1.91 -1.83 35.77
N PRO A 316 -2.47 -1.94 37.00
CA PRO A 316 -2.40 -0.81 37.93
C PRO A 316 -1.02 -0.25 38.16
N GLY A 317 -0.93 1.08 38.13
CA GLY A 317 0.33 1.75 38.35
C GLY A 317 1.08 2.02 37.05
N ARG A 318 0.53 1.52 35.94
CA ARG A 318 1.18 1.72 34.66
C ARG A 318 0.42 2.67 33.73
N ALA A 319 1.18 3.29 32.81
CA ALA A 319 0.59 4.20 31.85
C ALA A 319 1.09 3.86 30.43
N ILE A 320 0.31 4.26 29.45
CA ILE A 320 0.65 4.03 28.04
C ILE A 320 0.79 5.35 27.25
N ILE A 321 2.04 5.71 26.96
CA ILE A 321 2.32 6.93 26.19
C ILE A 321 2.47 6.57 24.71
N ILE A 322 1.79 7.32 23.86
CA ILE A 322 1.86 7.13 22.41
C ILE A 322 2.12 8.48 21.78
N SER A 323 3.20 8.57 21.00
CA SER A 323 3.60 9.80 20.31
C SER A 323 4.01 9.48 18.85
N VAL A 324 3.80 10.43 17.93
CA VAL A 324 4.13 10.19 16.53
C VAL A 324 4.73 11.38 15.74
N ILE A 325 5.50 11.06 14.70
CA ILE A 325 6.11 12.06 13.83
C ILE A 325 6.20 11.46 12.43
N ASP A 326 6.63 12.27 11.47
CA ASP A 326 6.86 11.82 10.09
C ASP A 326 8.40 11.68 10.04
N ASN A 327 8.90 10.58 10.59
CA ASN A 327 10.33 10.26 10.69
C ASN A 327 11.31 11.04 9.79
N LEU A 328 10.93 11.32 8.55
CA LEU A 328 11.81 12.08 7.67
C LEU A 328 11.92 13.57 8.02
N VAL A 329 10.94 14.10 8.77
CA VAL A 329 10.94 15.51 9.12
C VAL A 329 11.32 15.77 10.57
N LYS A 330 10.36 15.73 11.50
CA LYS A 330 10.75 15.97 12.88
C LYS A 330 11.78 14.92 13.32
N GLY A 331 11.75 13.76 12.64
CA GLY A 331 12.65 12.69 12.96
C GLY A 331 14.06 12.93 12.45
N ALA A 332 14.19 13.75 11.42
CA ALA A 332 15.50 14.05 10.88
C ALA A 332 15.65 15.49 10.41
N SER A 333 15.42 15.70 9.13
CA SER A 333 15.59 16.98 8.48
C SER A 333 14.94 18.20 9.17
N GLY A 334 13.67 18.09 9.52
CA GLY A 334 12.97 19.18 10.20
C GLY A 334 13.74 19.64 11.44
N GLN A 335 14.09 18.72 12.32
CA GLN A 335 14.86 19.10 13.50
C GLN A 335 16.20 19.68 13.03
N ALA A 336 16.73 19.18 11.92
CA ALA A 336 17.98 19.72 11.39
C ALA A 336 17.80 21.21 11.05
N LEU A 337 16.82 21.50 10.20
CA LEU A 337 16.53 22.88 9.76
C LEU A 337 16.05 23.73 10.93
N GLN A 338 15.21 23.14 11.78
CA GLN A 338 14.68 23.82 12.94
C GLN A 338 15.86 24.31 13.78
N ASN A 339 16.86 23.46 13.97
CA ASN A 339 18.04 23.83 14.77
C ASN A 339 18.91 24.87 14.06
N LEU A 340 19.13 24.70 12.76
CA LEU A 340 19.96 25.68 12.05
C LEU A 340 19.28 27.04 12.12
N ASN A 341 17.95 27.05 12.05
CA ASN A 341 17.20 28.32 12.13
C ASN A 341 17.68 29.15 13.32
N ILE A 342 17.55 28.61 14.53
CA ILE A 342 17.95 29.36 15.71
C ILE A 342 19.46 29.56 15.82
N MET A 343 20.24 28.55 15.42
CA MET A 343 21.69 28.67 15.46
C MET A 343 22.16 29.89 14.65
N LEU A 344 21.45 30.20 13.56
CA LEU A 344 21.81 31.34 12.71
C LEU A 344 21.07 32.62 13.14
N GLY A 345 20.24 32.51 14.17
CA GLY A 345 19.50 33.66 14.63
C GLY A 345 18.23 33.96 13.87
N TYR A 346 17.62 32.97 13.21
CA TYR A 346 16.35 33.21 12.51
C TYR A 346 15.22 32.61 13.32
N PRO A 347 13.98 32.98 12.99
CA PRO A 347 12.86 32.41 13.76
C PRO A 347 12.86 30.89 13.59
N GLU A 348 12.73 30.19 14.71
CA GLU A 348 12.72 28.73 14.75
C GLU A 348 11.81 27.99 13.73
N THR A 349 10.62 28.52 13.50
CA THR A 349 9.65 27.89 12.59
C THR A 349 9.80 28.24 11.12
N THR A 350 10.77 29.09 10.79
CA THR A 350 10.94 29.48 9.38
C THR A 350 11.02 28.26 8.46
N GLY A 351 10.17 28.27 7.44
CA GLY A 351 10.12 27.18 6.49
C GLY A 351 9.67 25.86 7.09
N LEU A 352 9.17 25.88 8.32
CA LEU A 352 8.71 24.63 8.94
C LEU A 352 7.23 24.59 9.26
N LEU A 353 6.43 25.39 8.58
CA LEU A 353 5.01 25.40 8.87
C LEU A 353 4.13 24.62 7.90
N HIS A 354 4.72 23.68 7.15
CA HIS A 354 3.91 22.86 6.25
C HIS A 354 2.92 22.14 7.16
N GLN A 355 1.69 22.01 6.72
CA GLN A 355 0.66 21.33 7.51
C GLN A 355 0.62 19.87 7.07
N PRO A 356 0.19 18.96 7.97
CA PRO A 356 0.13 17.52 7.64
C PRO A 356 -0.66 17.19 6.40
N LEU A 357 0.03 16.73 5.35
CA LEU A 357 -0.63 16.36 4.12
C LEU A 357 -1.52 15.15 4.38
N PHE A 358 -2.84 15.38 4.39
CA PHE A 358 -3.81 14.30 4.58
C PHE A 358 -5.03 14.59 3.69
N PRO A 359 -5.56 13.55 3.02
CA PRO A 359 -5.06 12.16 3.07
C PRO A 359 -3.75 11.98 2.30
N LYS B 15 -6.10 38.29 8.17
CA LYS B 15 -5.43 38.76 6.92
C LYS B 15 -6.34 39.62 6.04
N ASP B 16 -5.77 40.15 4.94
CA ASP B 16 -6.48 41.03 4.02
C ASP B 16 -7.78 40.48 3.41
N ILE B 17 -7.78 39.20 3.05
CA ILE B 17 -8.96 38.60 2.43
C ILE B 17 -9.68 37.61 3.31
N ARG B 18 -11.00 37.70 3.29
CA ARG B 18 -11.87 36.85 4.08
C ARG B 18 -12.41 35.78 3.16
N ILE B 19 -12.10 34.52 3.45
CA ILE B 19 -12.54 33.42 2.60
C ILE B 19 -13.57 32.54 3.29
N GLY B 20 -14.62 32.17 2.56
CA GLY B 20 -15.62 31.28 3.11
C GLY B 20 -15.48 29.94 2.39
N LEU B 21 -15.90 28.85 3.02
CA LEU B 21 -15.83 27.53 2.40
C LEU B 21 -17.16 26.76 2.47
N LEU B 22 -17.73 26.44 1.31
CA LEU B 22 -18.99 25.67 1.32
C LEU B 22 -18.63 24.21 1.11
N GLY B 23 -18.90 23.39 2.14
CA GLY B 23 -18.61 21.97 2.10
C GLY B 23 -17.21 21.67 2.59
N ALA B 24 -17.01 21.74 3.91
CA ALA B 24 -15.70 21.51 4.49
C ALA B 24 -15.42 20.09 4.98
N SER B 25 -16.41 19.21 4.89
CA SER B 25 -16.22 17.83 5.36
C SER B 25 -15.58 16.86 4.35
N GLY B 26 -15.75 17.10 3.05
CA GLY B 26 -15.18 16.24 2.04
C GLY B 26 -13.67 16.37 1.96
N TYR B 27 -13.01 15.73 0.98
CA TYR B 27 -11.56 15.84 0.84
C TYR B 27 -11.08 17.17 0.24
N THR B 28 -11.64 17.56 -0.90
CA THR B 28 -11.22 18.79 -1.54
C THR B 28 -11.37 19.97 -0.58
N GLY B 29 -12.35 19.87 0.32
CA GLY B 29 -12.56 20.90 1.32
C GLY B 29 -11.36 20.99 2.24
N ALA B 30 -10.94 19.86 2.81
CA ALA B 30 -9.77 19.84 3.68
C ALA B 30 -8.55 20.38 2.96
N GLU B 31 -8.44 20.07 1.67
CA GLU B 31 -7.31 20.55 0.88
C GLU B 31 -7.30 22.08 0.77
N ILE B 32 -8.47 22.70 0.69
CA ILE B 32 -8.52 24.17 0.62
C ILE B 32 -7.89 24.71 1.91
N VAL B 33 -8.35 24.21 3.04
CA VAL B 33 -7.83 24.65 4.34
C VAL B 33 -6.31 24.45 4.46
N ARG B 34 -5.80 23.34 3.92
CA ARG B 34 -4.35 23.10 3.98
C ARG B 34 -3.59 24.13 3.15
N LEU B 35 -4.03 24.36 1.92
CA LEU B 35 -3.36 25.30 1.04
C LEU B 35 -3.31 26.74 1.58
N LEU B 36 -4.38 27.15 2.25
CA LEU B 36 -4.49 28.50 2.80
C LEU B 36 -3.69 28.70 4.07
N ALA B 37 -3.19 27.61 4.63
CA ALA B 37 -2.42 27.72 5.87
C ALA B 37 -1.23 28.63 5.68
N ASN B 38 -0.61 28.57 4.51
CA ASN B 38 0.54 29.41 4.29
C ASN B 38 0.28 30.48 3.23
N HIS B 39 -0.98 30.87 3.10
CA HIS B 39 -1.34 31.90 2.14
C HIS B 39 -1.52 33.20 2.93
N PRO B 40 -0.49 34.06 2.91
CA PRO B 40 -0.48 35.35 3.62
C PRO B 40 -1.63 36.35 3.40
N HIS B 41 -2.41 36.18 2.34
CA HIS B 41 -3.49 37.14 2.05
C HIS B 41 -4.92 36.65 2.20
N PHE B 42 -5.12 35.34 2.17
CA PHE B 42 -6.46 34.79 2.31
C PHE B 42 -6.57 34.09 3.66
N GLN B 43 -7.75 34.15 4.25
CA GLN B 43 -8.01 33.55 5.53
C GLN B 43 -9.44 33.00 5.57
N VAL B 44 -9.57 31.75 6.02
CA VAL B 44 -10.89 31.12 6.12
C VAL B 44 -11.67 31.78 7.26
N THR B 45 -12.83 32.35 6.99
CA THR B 45 -13.59 33.00 8.05
C THR B 45 -14.83 32.22 8.42
N LEU B 46 -15.28 31.39 7.49
CA LEU B 46 -16.47 30.61 7.72
C LEU B 46 -16.34 29.27 7.03
N MET B 47 -16.78 28.20 7.69
CA MET B 47 -16.72 26.86 7.11
C MET B 47 -18.04 26.11 7.34
N THR B 48 -18.84 25.95 6.30
CA THR B 48 -20.09 25.24 6.44
C THR B 48 -19.87 23.74 6.30
N ALA B 49 -20.71 23.00 6.99
CA ALA B 49 -20.64 21.54 6.98
C ALA B 49 -21.88 21.04 7.72
N ASP B 50 -23.04 21.21 7.10
CA ASP B 50 -24.31 20.81 7.70
C ASP B 50 -24.20 19.71 8.75
N ARG B 51 -23.62 18.57 8.39
CA ARG B 51 -23.47 17.47 9.35
C ARG B 51 -22.73 17.89 10.62
N LYS B 52 -21.41 17.98 10.54
CA LYS B 52 -20.61 18.35 11.70
C LYS B 52 -20.81 19.80 12.13
N ALA B 53 -21.99 20.36 11.84
CA ALA B 53 -22.26 21.75 12.20
C ALA B 53 -22.13 21.95 13.70
N GLY B 54 -21.48 23.04 14.09
CA GLY B 54 -21.30 23.32 15.50
C GLY B 54 -20.04 22.68 16.07
N GLN B 55 -19.54 21.65 15.40
CA GLN B 55 -18.33 20.96 15.83
C GLN B 55 -17.08 21.73 15.43
N SER B 56 -15.93 21.18 15.77
CA SER B 56 -14.65 21.80 15.42
C SER B 56 -14.08 21.05 14.23
N MET B 57 -13.37 21.74 13.34
CA MET B 57 -12.81 21.06 12.20
C MET B 57 -11.75 20.06 12.67
N GLU B 58 -11.27 20.26 13.89
CA GLU B 58 -10.28 19.35 14.46
C GLU B 58 -10.87 17.99 14.73
N SER B 59 -12.16 17.97 15.05
CA SER B 59 -12.85 16.72 15.33
C SER B 59 -13.17 15.99 14.04
N VAL B 60 -13.07 16.69 12.92
CA VAL B 60 -13.33 16.07 11.64
C VAL B 60 -12.00 15.68 10.98
N PHE B 61 -11.07 16.62 10.99
CA PHE B 61 -9.75 16.41 10.41
C PHE B 61 -8.73 16.75 11.46
N PRO B 62 -8.43 15.80 12.35
CA PRO B 62 -7.46 16.06 13.41
C PRO B 62 -6.07 16.47 12.94
N HIS B 63 -5.73 16.23 11.67
CA HIS B 63 -4.42 16.63 11.19
C HIS B 63 -4.32 18.16 11.06
N LEU B 64 -5.45 18.85 11.23
CA LEU B 64 -5.46 20.29 11.12
C LEU B 64 -5.32 20.96 12.49
N ARG B 65 -5.09 20.16 13.51
CA ARG B 65 -4.98 20.65 14.87
C ARG B 65 -4.11 21.92 15.07
N ALA B 66 -3.04 22.08 14.29
CA ALA B 66 -2.17 23.25 14.44
C ALA B 66 -2.81 24.51 13.86
N GLN B 67 -3.86 24.32 13.08
CA GLN B 67 -4.57 25.43 12.46
C GLN B 67 -5.68 25.98 13.37
N LYS B 68 -5.69 27.31 13.53
CA LYS B 68 -6.71 27.99 14.33
C LYS B 68 -7.82 28.34 13.35
N LEU B 69 -8.93 27.64 13.43
CA LEU B 69 -10.01 27.86 12.49
C LEU B 69 -11.34 28.16 13.17
N PRO B 70 -12.26 28.82 12.45
CA PRO B 70 -13.54 29.14 13.06
C PRO B 70 -14.33 27.86 13.26
N THR B 71 -15.19 27.84 14.28
CA THR B 71 -16.01 26.68 14.58
C THR B 71 -16.86 26.30 13.38
N LEU B 72 -16.95 25.02 13.08
CA LEU B 72 -17.75 24.59 11.94
C LEU B 72 -19.20 25.01 12.17
N VAL B 73 -19.91 25.27 11.08
CA VAL B 73 -21.31 25.67 11.14
C VAL B 73 -22.13 25.07 10.02
N SER B 74 -23.34 25.56 9.85
CA SER B 74 -24.24 25.09 8.82
C SER B 74 -24.45 26.24 7.83
N VAL B 75 -24.70 25.90 6.57
CA VAL B 75 -24.92 26.91 5.54
C VAL B 75 -26.01 27.87 5.98
N LYS B 76 -26.98 27.34 6.71
CA LYS B 76 -28.09 28.14 7.19
C LYS B 76 -27.57 29.35 7.96
N ASP B 77 -27.15 29.12 9.19
CA ASP B 77 -26.65 30.19 10.04
C ASP B 77 -25.33 30.79 9.60
N ALA B 78 -25.22 31.11 8.32
CA ALA B 78 -23.99 31.70 7.81
C ALA B 78 -24.32 32.88 6.90
N ASP B 79 -23.88 34.07 7.30
CA ASP B 79 -24.12 35.27 6.51
C ASP B 79 -22.91 35.53 5.63
N PHE B 80 -23.03 35.11 4.38
CA PHE B 80 -21.96 35.28 3.42
C PHE B 80 -21.66 36.73 3.13
N SER B 81 -22.31 37.63 3.84
CA SER B 81 -22.06 39.04 3.65
C SER B 81 -20.73 39.31 4.35
N THR B 82 -20.33 38.36 5.19
CA THR B 82 -19.09 38.47 5.95
C THR B 82 -17.88 37.83 5.28
N VAL B 83 -17.88 37.77 3.95
CA VAL B 83 -16.75 37.19 3.22
C VAL B 83 -16.48 37.86 1.87
N ASP B 84 -15.24 37.75 1.40
CA ASP B 84 -14.86 38.35 0.12
C ASP B 84 -15.02 37.40 -1.06
N ALA B 85 -14.73 36.11 -0.85
CA ALA B 85 -14.85 35.11 -1.92
C ALA B 85 -15.31 33.74 -1.39
N VAL B 86 -15.83 32.92 -2.30
CA VAL B 86 -16.31 31.61 -1.90
C VAL B 86 -15.85 30.44 -2.79
N PHE B 87 -15.44 29.35 -2.13
CA PHE B 87 -15.04 28.11 -2.80
C PHE B 87 -16.23 27.19 -2.50
N CYS B 88 -16.87 26.63 -3.52
CA CYS B 88 -18.01 25.72 -3.31
C CYS B 88 -17.64 24.27 -3.48
N CYS B 89 -17.91 23.49 -2.45
CA CYS B 89 -17.65 22.06 -2.45
C CYS B 89 -18.96 21.32 -2.29
N LEU B 90 -20.05 22.06 -2.29
CA LEU B 90 -21.36 21.44 -2.13
C LEU B 90 -21.41 20.19 -3.01
N PRO B 91 -22.40 19.32 -2.74
CA PRO B 91 -22.56 18.08 -3.51
C PRO B 91 -23.08 18.37 -4.92
N HIS B 92 -23.58 17.33 -5.59
CA HIS B 92 -24.14 17.47 -6.92
C HIS B 92 -25.66 17.60 -6.75
N GLY B 93 -26.14 18.83 -6.62
CA GLY B 93 -27.57 19.03 -6.45
C GLY B 93 -27.92 20.13 -5.47
N THR B 94 -26.91 20.73 -4.86
CA THR B 94 -27.17 21.81 -3.91
C THR B 94 -26.36 23.05 -4.26
N THR B 95 -25.44 22.89 -5.20
CA THR B 95 -24.58 23.98 -5.64
C THR B 95 -25.27 25.10 -6.41
N GLN B 96 -25.92 24.75 -7.51
CA GLN B 96 -26.58 25.78 -8.32
C GLN B 96 -27.50 26.72 -7.53
N GLU B 97 -28.40 26.17 -6.73
CA GLU B 97 -29.31 27.04 -5.96
C GLU B 97 -28.62 27.85 -4.87
N ILE B 98 -27.66 27.26 -4.17
CA ILE B 98 -26.96 28.00 -3.12
C ILE B 98 -26.11 29.14 -3.70
N ILE B 99 -25.35 28.84 -4.75
CA ILE B 99 -24.48 29.82 -5.39
C ILE B 99 -25.28 30.98 -6.00
N LYS B 100 -26.44 30.65 -6.53
CA LYS B 100 -27.33 31.63 -7.15
C LYS B 100 -27.85 32.66 -6.14
N GLU B 101 -27.81 32.32 -4.85
CA GLU B 101 -28.29 33.24 -3.83
C GLU B 101 -27.17 34.00 -3.11
N LEU B 102 -25.92 33.66 -3.39
CA LEU B 102 -24.80 34.35 -2.73
C LEU B 102 -24.73 35.81 -3.14
N PRO B 103 -24.32 36.70 -2.22
CA PRO B 103 -24.22 38.13 -2.56
C PRO B 103 -23.33 38.38 -3.77
N THR B 104 -23.80 39.24 -4.66
CA THR B 104 -23.09 39.59 -5.88
C THR B 104 -21.71 40.20 -5.67
N ALA B 105 -21.43 40.59 -4.44
CA ALA B 105 -20.13 41.20 -4.14
C ALA B 105 -19.14 40.10 -3.77
N LEU B 106 -19.48 38.87 -4.13
CA LEU B 106 -18.65 37.73 -3.81
C LEU B 106 -17.97 37.13 -5.03
N LYS B 107 -16.67 36.83 -4.91
CA LYS B 107 -15.93 36.15 -5.98
C LYS B 107 -16.25 34.68 -5.64
N ILE B 108 -16.51 33.85 -6.64
CA ILE B 108 -16.88 32.46 -6.37
C ILE B 108 -16.23 31.40 -7.24
N VAL B 109 -15.59 30.43 -6.61
CA VAL B 109 -14.98 29.34 -7.36
C VAL B 109 -15.78 28.08 -6.99
N ASP B 110 -16.46 27.50 -7.97
CA ASP B 110 -17.25 26.30 -7.72
C ASP B 110 -16.39 25.07 -8.00
N LEU B 111 -16.07 24.29 -6.97
CA LEU B 111 -15.23 23.10 -7.16
C LEU B 111 -16.05 21.89 -7.57
N SER B 112 -17.36 21.95 -7.30
CA SER B 112 -18.29 20.88 -7.66
C SER B 112 -18.33 20.77 -9.19
N ALA B 113 -19.08 19.80 -9.71
CA ALA B 113 -19.14 19.63 -11.16
C ALA B 113 -20.55 19.81 -11.70
N ASP B 114 -21.08 21.04 -11.59
CA ASP B 114 -22.43 21.37 -12.06
C ASP B 114 -22.57 22.70 -12.82
N PHE B 115 -21.52 23.52 -12.84
CA PHE B 115 -21.54 24.79 -13.59
C PHE B 115 -20.48 24.82 -14.73
N ARG B 116 -19.81 23.68 -14.95
CA ARG B 116 -18.77 23.57 -15.99
C ARG B 116 -19.35 23.44 -17.39
N LEU B 117 -20.48 22.76 -17.53
CA LEU B 117 -21.09 22.56 -18.84
C LEU B 117 -21.96 23.74 -19.29
N ARG B 118 -21.61 24.31 -20.45
CA ARG B 118 -22.33 25.46 -21.01
C ARG B 118 -23.68 25.07 -21.62
N ASN B 119 -23.67 24.00 -22.40
CA ASN B 119 -24.88 23.51 -23.02
C ASN B 119 -25.78 23.00 -21.89
N ILE B 120 -27.04 23.42 -21.93
CA ILE B 120 -28.04 23.06 -20.93
C ILE B 120 -28.59 21.66 -21.07
N ALA B 121 -28.82 21.25 -22.31
CA ALA B 121 -29.33 19.92 -22.59
C ALA B 121 -28.20 18.91 -22.42
N GLU B 122 -27.00 19.41 -22.12
CA GLU B 122 -25.86 18.54 -21.92
C GLU B 122 -25.75 18.19 -20.44
N TYR B 123 -25.88 19.19 -19.58
CA TYR B 123 -25.79 18.96 -18.14
C TYR B 123 -26.90 18.01 -17.65
N GLU B 124 -28.12 18.24 -18.14
CA GLU B 124 -29.27 17.45 -17.75
C GLU B 124 -29.11 15.95 -18.04
N GLU B 125 -28.66 15.59 -19.24
CA GLU B 125 -28.49 14.18 -19.56
C GLU B 125 -27.37 13.50 -18.74
N TRP B 126 -26.23 14.17 -18.62
CA TRP B 126 -25.12 13.59 -17.88
C TRP B 126 -25.27 13.64 -16.36
N TYR B 127 -26.09 14.56 -15.86
CA TYR B 127 -26.25 14.69 -14.42
C TYR B 127 -27.66 14.41 -13.90
N GLY B 128 -28.59 14.21 -14.83
CA GLY B 128 -29.97 13.91 -14.45
C GLY B 128 -30.88 15.10 -14.27
N GLN B 129 -30.95 15.61 -13.05
CA GLN B 129 -31.78 16.75 -12.72
C GLN B 129 -31.44 17.90 -13.65
N PRO B 130 -32.47 18.47 -14.31
CA PRO B 130 -32.26 19.60 -15.24
C PRO B 130 -31.46 20.74 -14.62
N HIS B 131 -30.83 21.53 -15.49
CA HIS B 131 -30.05 22.67 -15.06
C HIS B 131 -31.03 23.65 -14.47
N LYS B 132 -30.83 24.03 -13.22
CA LYS B 132 -31.73 24.95 -12.54
C LYS B 132 -31.35 26.43 -12.72
N ALA B 133 -30.11 26.78 -12.37
CA ALA B 133 -29.63 28.16 -12.47
C ALA B 133 -29.22 28.48 -13.91
N VAL B 134 -30.12 28.17 -14.83
CA VAL B 134 -29.91 28.38 -16.25
C VAL B 134 -29.30 29.71 -16.61
N GLU B 135 -29.94 30.80 -16.19
CA GLU B 135 -29.42 32.13 -16.50
C GLU B 135 -27.94 32.21 -16.09
N LEU B 136 -27.70 32.19 -14.79
CA LEU B 136 -26.35 32.26 -14.23
C LEU B 136 -25.27 31.50 -15.05
N GLN B 137 -25.65 30.33 -15.59
CA GLN B 137 -24.74 29.52 -16.37
C GLN B 137 -24.01 30.38 -17.39
N LYS B 138 -24.70 31.39 -17.87
CA LYS B 138 -24.17 32.32 -18.88
C LYS B 138 -22.96 33.15 -18.43
N GLU B 139 -22.90 33.50 -17.15
CA GLU B 139 -21.75 34.28 -16.70
C GLU B 139 -20.66 33.36 -16.13
N VAL B 140 -20.80 32.06 -16.38
CA VAL B 140 -19.84 31.09 -15.88
C VAL B 140 -18.56 30.99 -16.70
N VAL B 141 -17.43 30.94 -16.01
CA VAL B 141 -16.12 30.79 -16.65
C VAL B 141 -15.37 29.55 -16.12
N TYR B 142 -15.10 28.61 -17.04
CA TYR B 142 -14.36 27.38 -16.74
C TYR B 142 -12.95 27.80 -16.29
N GLY B 143 -12.56 27.33 -15.11
CA GLY B 143 -11.28 27.74 -14.55
C GLY B 143 -10.04 26.91 -14.79
N LEU B 144 -9.81 26.54 -16.04
CA LEU B 144 -8.61 25.81 -16.40
C LEU B 144 -7.53 26.91 -16.51
N THR B 145 -7.02 27.33 -15.38
CA THR B 145 -6.06 28.44 -15.30
C THR B 145 -5.14 28.79 -16.49
N GLU B 146 -4.26 27.87 -16.90
CA GLU B 146 -3.33 28.17 -17.99
C GLU B 146 -3.99 28.39 -19.36
N ILE B 147 -5.27 28.05 -19.49
CA ILE B 147 -5.92 28.22 -20.77
C ILE B 147 -6.77 29.49 -20.82
N LEU B 148 -7.58 29.72 -19.79
CA LEU B 148 -8.47 30.88 -19.75
C LEU B 148 -8.16 31.94 -18.71
N ARG B 149 -6.88 32.04 -18.36
CA ARG B 149 -6.41 33.01 -17.39
C ARG B 149 -7.04 34.40 -17.57
N GLU B 150 -7.03 34.90 -18.81
CA GLU B 150 -7.58 36.23 -19.09
C GLU B 150 -9.07 36.40 -18.77
N ASP B 151 -9.86 35.38 -19.04
CA ASP B 151 -11.28 35.45 -18.74
C ASP B 151 -11.55 35.16 -17.28
N ILE B 152 -10.72 34.31 -16.69
CA ILE B 152 -10.88 33.94 -15.29
C ILE B 152 -10.71 35.14 -14.35
N LYS B 153 -9.67 35.94 -14.60
CA LYS B 153 -9.34 37.11 -13.78
C LYS B 153 -10.54 38.02 -13.54
N LYS B 154 -11.06 38.56 -14.63
CA LYS B 154 -12.19 39.47 -14.52
C LYS B 154 -13.53 38.78 -14.30
N ALA B 155 -13.50 37.48 -14.02
CA ALA B 155 -14.73 36.73 -13.76
C ALA B 155 -15.08 36.79 -12.26
N ARG B 156 -16.37 36.70 -11.96
CA ARG B 156 -16.84 36.70 -10.59
C ARG B 156 -17.22 35.27 -10.24
N LEU B 157 -17.66 34.52 -11.25
CA LEU B 157 -18.06 33.11 -11.10
C LEU B 157 -17.21 32.20 -11.97
N VAL B 158 -16.55 31.21 -11.33
CA VAL B 158 -15.69 30.26 -12.06
C VAL B 158 -16.00 28.79 -11.75
N ALA B 159 -16.06 28.00 -12.80
CA ALA B 159 -16.32 26.57 -12.69
C ALA B 159 -14.97 25.90 -12.69
N ASN B 160 -14.41 25.69 -11.50
CA ASN B 160 -13.13 25.05 -11.38
C ASN B 160 -13.23 23.69 -12.05
N PRO B 161 -12.32 23.40 -13.01
CA PRO B 161 -12.34 22.12 -13.70
C PRO B 161 -12.04 20.93 -12.79
N GLY B 162 -12.61 19.78 -13.12
CA GLY B 162 -12.35 18.60 -12.33
C GLY B 162 -10.90 18.18 -12.50
N CYS B 163 -10.51 17.13 -11.78
CA CYS B 163 -9.15 16.61 -11.80
C CYS B 163 -8.74 16.05 -13.16
N TYR B 164 -9.38 14.95 -13.57
CA TYR B 164 -9.07 14.34 -14.86
C TYR B 164 -8.98 15.42 -15.95
N PRO B 165 -10.01 16.29 -16.05
CA PRO B 165 -10.05 17.36 -17.06
C PRO B 165 -8.81 18.23 -17.11
N THR B 166 -8.24 18.52 -15.96
CA THR B 166 -7.05 19.34 -15.92
C THR B 166 -5.94 18.61 -16.67
N THR B 167 -5.69 17.35 -16.29
CA THR B 167 -4.64 16.55 -16.93
C THR B 167 -4.85 16.29 -18.42
N ILE B 168 -6.09 16.31 -18.89
CA ILE B 168 -6.37 16.01 -20.30
C ILE B 168 -6.37 17.25 -21.20
N GLN B 169 -6.95 18.34 -20.71
CA GLN B 169 -7.02 19.56 -21.48
C GLN B 169 -5.69 20.23 -21.72
N LEU B 170 -4.88 20.40 -20.67
CA LEU B 170 -3.59 21.06 -20.84
C LEU B 170 -2.86 20.44 -22.06
N PRO B 171 -2.90 19.11 -22.20
CA PRO B 171 -2.24 18.45 -23.32
C PRO B 171 -2.91 18.71 -24.69
N LEU B 172 -4.19 18.33 -24.78
CA LEU B 172 -4.89 18.43 -26.05
C LEU B 172 -5.24 19.77 -26.67
N VAL B 173 -5.72 20.72 -25.86
CA VAL B 173 -6.11 22.03 -26.40
C VAL B 173 -5.10 22.60 -27.42
N PRO B 174 -3.84 22.82 -27.02
CA PRO B 174 -2.82 23.35 -27.95
C PRO B 174 -2.70 22.48 -29.22
N LEU B 175 -2.82 21.16 -29.04
CA LEU B 175 -2.75 20.20 -30.15
C LEU B 175 -3.91 20.36 -31.15
N LEU B 176 -5.07 20.78 -30.66
CA LEU B 176 -6.16 20.98 -31.59
C LEU B 176 -6.04 22.36 -32.23
N LYS B 177 -5.73 23.35 -31.39
CA LYS B 177 -5.57 24.73 -31.84
C LYS B 177 -4.58 24.83 -33.00
N ALA B 178 -3.41 24.23 -32.81
CA ALA B 178 -2.35 24.24 -33.82
C ALA B 178 -2.56 23.23 -34.95
N ASN B 179 -3.67 22.49 -34.91
CA ASN B 179 -3.97 21.51 -35.96
C ASN B 179 -2.84 20.46 -36.13
N LEU B 180 -2.15 20.14 -35.04
CA LEU B 180 -1.06 19.18 -35.11
C LEU B 180 -1.54 17.72 -35.06
N ILE B 181 -2.74 17.52 -34.51
CA ILE B 181 -3.28 16.16 -34.42
C ILE B 181 -4.74 16.16 -34.86
N LYS B 182 -5.21 15.00 -35.30
CA LYS B 182 -6.58 14.87 -35.76
C LYS B 182 -7.52 14.82 -34.56
N HIS B 183 -8.76 15.29 -34.70
CA HIS B 183 -9.66 15.22 -33.57
C HIS B 183 -10.49 13.98 -33.61
N GLU B 184 -10.06 13.03 -34.44
CA GLU B 184 -10.78 11.78 -34.56
C GLU B 184 -10.04 10.73 -33.73
N ASN B 185 -10.82 9.83 -33.13
CA ASN B 185 -10.27 8.73 -32.35
C ASN B 185 -9.20 9.04 -31.30
N ILE B 186 -9.45 10.07 -30.49
CA ILE B 186 -8.51 10.39 -29.43
C ILE B 186 -8.85 9.39 -28.32
N ILE B 187 -7.90 8.51 -28.01
CA ILE B 187 -8.10 7.48 -26.99
C ILE B 187 -7.39 7.81 -25.69
N ILE B 188 -8.20 7.99 -24.65
CA ILE B 188 -7.69 8.33 -23.34
C ILE B 188 -7.95 7.23 -22.32
N ASP B 189 -6.91 6.44 -22.05
CA ASP B 189 -7.02 5.37 -21.07
C ASP B 189 -6.55 6.00 -19.78
N ALA B 190 -7.48 6.23 -18.88
CA ALA B 190 -7.22 6.92 -17.64
C ALA B 190 -7.09 6.07 -16.37
N LYS B 191 -6.17 6.50 -15.51
CA LYS B 191 -5.92 5.81 -14.24
C LYS B 191 -5.93 6.89 -13.19
N SER B 192 -6.58 6.62 -12.07
CA SER B 192 -6.64 7.61 -11.02
C SER B 192 -6.57 6.93 -9.68
N GLY B 193 -6.13 7.69 -8.69
CA GLY B 193 -6.07 7.17 -7.35
C GLY B 193 -7.44 7.35 -6.73
N VAL B 194 -7.86 6.32 -6.03
CA VAL B 194 -9.16 6.30 -5.35
C VAL B 194 -9.50 7.58 -4.56
N SER B 195 -8.55 8.52 -4.40
CA SER B 195 -8.82 9.77 -3.67
C SER B 195 -9.95 10.56 -4.36
N GLY B 196 -10.29 10.15 -5.58
CA GLY B 196 -11.38 10.80 -6.30
C GLY B 196 -12.75 10.33 -5.81
N ALA B 197 -12.78 9.23 -5.04
CA ALA B 197 -14.01 8.69 -4.51
C ALA B 197 -14.57 9.51 -3.34
N GLY B 198 -13.72 10.31 -2.71
CA GLY B 198 -14.17 11.11 -1.58
C GLY B 198 -14.05 10.38 -0.25
N ARG B 199 -14.62 10.97 0.80
CA ARG B 199 -14.55 10.40 2.13
C ARG B 199 -15.84 9.67 2.54
N GLY B 200 -16.76 9.51 1.58
CA GLY B 200 -18.00 8.81 1.85
C GLY B 200 -17.74 7.37 2.27
N ALA B 201 -18.36 6.96 3.37
CA ALA B 201 -18.22 5.63 3.93
C ALA B 201 -18.88 4.55 3.06
N LYS B 202 -18.14 4.05 2.07
CA LYS B 202 -18.70 3.01 1.22
C LYS B 202 -17.81 1.80 1.05
N GLU B 203 -18.47 0.64 1.05
CA GLU B 203 -17.81 -0.63 0.91
C GLU B 203 -16.73 -0.64 -0.18
N ALA B 204 -17.09 -0.23 -1.39
CA ALA B 204 -16.16 -0.26 -2.50
C ALA B 204 -14.83 0.45 -2.28
N ASN B 205 -14.82 1.47 -1.44
CA ASN B 205 -13.61 2.21 -1.19
C ASN B 205 -12.84 1.81 0.07
N LEU B 206 -13.27 0.73 0.72
CA LEU B 206 -12.54 0.24 1.89
C LEU B 206 -11.13 -0.15 1.45
N TYR B 207 -10.17 -0.01 2.36
CA TYR B 207 -8.78 -0.39 2.08
C TYR B 207 -8.73 -1.86 1.62
N SER B 208 -9.40 -2.73 2.36
CA SER B 208 -9.43 -4.15 2.05
C SER B 208 -10.01 -4.48 0.70
N GLU B 209 -10.85 -3.59 0.17
CA GLU B 209 -11.48 -3.83 -1.15
C GLU B 209 -10.65 -3.23 -2.30
N ILE B 210 -9.95 -2.14 -2.00
CA ILE B 210 -9.13 -1.42 -2.97
C ILE B 210 -7.70 -1.94 -3.13
N ALA B 211 -6.95 -1.92 -2.03
CA ALA B 211 -5.55 -2.32 -2.04
C ALA B 211 -5.20 -3.57 -2.83
N GLU B 212 -4.01 -3.54 -3.41
CA GLU B 212 -3.48 -4.67 -4.16
C GLU B 212 -4.23 -5.09 -5.41
N GLY B 213 -4.78 -4.08 -6.09
CA GLY B 213 -5.52 -4.34 -7.32
C GLY B 213 -6.04 -3.05 -7.93
N ILE B 214 -6.44 -3.13 -9.20
CA ILE B 214 -7.02 -1.99 -9.89
C ILE B 214 -8.29 -2.44 -10.62
N SER B 215 -9.05 -1.48 -11.10
CA SER B 215 -10.26 -1.78 -11.85
C SER B 215 -10.57 -0.62 -12.80
N SER B 216 -11.47 -0.87 -13.74
CA SER B 216 -11.90 0.15 -14.69
C SER B 216 -13.32 0.58 -14.31
N TYR B 217 -13.51 1.86 -13.96
CA TYR B 217 -14.84 2.36 -13.65
C TYR B 217 -15.26 3.35 -14.74
N GLY B 218 -16.49 3.85 -14.68
CA GLY B 218 -16.96 4.79 -15.69
C GLY B 218 -16.67 4.29 -17.08
N VAL B 219 -16.91 3.01 -17.34
CA VAL B 219 -16.62 2.53 -18.67
C VAL B 219 -17.64 3.05 -19.69
N THR B 220 -17.11 3.63 -20.76
CA THR B 220 -17.90 4.19 -21.85
C THR B 220 -18.77 5.39 -21.45
N ARG B 221 -18.97 5.63 -20.17
CA ARG B 221 -19.82 6.74 -19.73
C ARG B 221 -19.43 7.28 -18.35
N HIS B 222 -18.80 8.44 -18.35
CA HIS B 222 -18.37 9.09 -17.13
C HIS B 222 -18.64 10.57 -17.35
N ARG B 223 -19.20 11.23 -16.35
CA ARG B 223 -19.56 12.65 -16.46
C ARG B 223 -18.43 13.61 -16.84
N HIS B 224 -17.20 13.13 -16.84
CA HIS B 224 -16.12 14.02 -17.25
C HIS B 224 -16.09 14.09 -18.76
N VAL B 225 -16.66 13.08 -19.41
CA VAL B 225 -16.65 13.06 -20.86
C VAL B 225 -17.12 14.38 -21.48
N PRO B 226 -18.37 14.80 -21.20
CA PRO B 226 -18.86 16.07 -21.78
C PRO B 226 -17.97 17.29 -21.48
N GLU B 227 -17.39 17.32 -20.28
CA GLU B 227 -16.50 18.40 -19.86
C GLU B 227 -15.23 18.43 -20.72
N ILE B 228 -14.74 17.23 -21.06
CA ILE B 228 -13.54 17.05 -21.88
C ILE B 228 -13.84 17.41 -23.34
N GLU B 229 -14.89 16.82 -23.88
CA GLU B 229 -15.26 17.07 -25.26
C GLU B 229 -15.65 18.55 -25.47
N GLN B 230 -16.21 19.22 -24.45
CA GLN B 230 -16.56 20.62 -24.58
C GLN B 230 -15.29 21.44 -24.87
N GLY B 231 -14.30 21.35 -23.98
CA GLY B 231 -13.05 22.07 -24.17
C GLY B 231 -12.34 21.70 -25.47
N LEU B 232 -12.34 20.43 -25.83
CA LEU B 232 -11.67 19.98 -27.05
C LEU B 232 -12.43 20.47 -28.29
N SER B 233 -13.75 20.36 -28.22
CA SER B 233 -14.62 20.83 -29.32
C SER B 233 -14.41 22.34 -29.56
N ASP B 234 -14.31 23.13 -28.49
CA ASP B 234 -14.12 24.57 -28.61
C ASP B 234 -12.81 24.94 -29.31
N VAL B 235 -11.72 24.28 -28.91
CA VAL B 235 -10.42 24.55 -29.52
C VAL B 235 -10.42 24.15 -31.00
N ALA B 236 -10.90 22.94 -31.29
CA ALA B 236 -10.92 22.45 -32.67
C ALA B 236 -12.02 23.10 -33.50
N GLN B 237 -12.88 23.87 -32.83
CA GLN B 237 -14.01 24.52 -33.49
C GLN B 237 -14.78 23.49 -34.28
N SER B 238 -14.85 22.26 -33.76
CA SER B 238 -15.58 21.17 -34.40
C SER B 238 -15.87 20.06 -33.36
N LYS B 239 -17.04 19.42 -33.48
CA LYS B 239 -17.42 18.37 -32.53
C LYS B 239 -16.43 17.23 -32.36
N VAL B 240 -15.81 17.19 -31.19
CA VAL B 240 -14.84 16.14 -30.87
C VAL B 240 -15.51 15.08 -30.01
N THR B 241 -15.33 13.81 -30.38
CA THR B 241 -15.88 12.68 -29.61
C THR B 241 -14.70 11.83 -29.14
N VAL B 242 -14.48 11.76 -27.84
CA VAL B 242 -13.37 10.96 -27.33
C VAL B 242 -13.78 9.64 -26.70
N SER B 243 -12.77 8.77 -26.48
CA SER B 243 -12.97 7.51 -25.79
C SER B 243 -12.21 7.74 -24.49
N PHE B 244 -12.92 7.82 -23.36
CA PHE B 244 -12.29 8.07 -22.07
C PHE B 244 -12.61 6.94 -21.10
N THR B 245 -11.58 6.35 -20.50
CA THR B 245 -11.79 5.25 -19.58
C THR B 245 -11.08 5.42 -18.24
N PRO B 246 -11.85 5.46 -17.15
CA PRO B 246 -11.35 5.60 -15.77
C PRO B 246 -10.81 4.26 -15.28
N HIS B 247 -9.84 4.30 -14.36
CA HIS B 247 -9.24 3.11 -13.76
C HIS B 247 -8.86 3.49 -12.33
N LEU B 248 -9.19 2.63 -11.37
CA LEU B 248 -8.89 2.89 -9.96
C LEU B 248 -7.56 2.25 -9.52
N MET B 249 -6.67 3.04 -8.92
CA MET B 249 -5.35 2.56 -8.50
C MET B 249 -5.19 2.58 -6.98
N PRO B 250 -4.66 1.50 -6.37
CA PRO B 250 -4.46 1.43 -4.91
C PRO B 250 -3.37 2.40 -4.42
N MET B 251 -3.77 3.65 -4.20
CA MET B 251 -2.89 4.74 -3.74
C MET B 251 -3.78 5.95 -3.37
N ILE B 252 -3.36 6.75 -2.39
CA ILE B 252 -4.14 7.91 -1.98
C ILE B 252 -4.33 8.96 -3.06
N ARG B 253 -3.26 9.71 -3.33
CA ARG B 253 -3.28 10.78 -4.34
C ARG B 253 -2.62 10.34 -5.62
N GLY B 254 -2.73 11.17 -6.66
CA GLY B 254 -2.10 10.88 -7.92
C GLY B 254 -3.04 10.62 -9.07
N MET B 255 -2.67 11.09 -10.24
CA MET B 255 -3.54 10.91 -11.40
C MET B 255 -2.76 10.95 -12.70
N GLN B 256 -3.13 10.11 -13.64
CA GLN B 256 -2.45 10.10 -14.90
C GLN B 256 -3.38 9.74 -16.05
N SER B 257 -3.19 10.43 -17.17
CA SER B 257 -3.95 10.11 -18.35
C SER B 257 -2.94 9.68 -19.42
N THR B 258 -3.16 8.52 -20.02
CA THR B 258 -2.30 8.08 -21.10
C THR B 258 -3.14 8.34 -22.36
N ILE B 259 -2.69 9.31 -23.14
CA ILE B 259 -3.41 9.76 -24.34
C ILE B 259 -2.87 9.29 -25.69
N TYR B 260 -3.72 8.61 -26.43
CA TYR B 260 -3.32 8.09 -27.72
C TYR B 260 -3.91 8.95 -28.82
N VAL B 261 -3.04 9.66 -29.51
CA VAL B 261 -3.46 10.56 -30.57
C VAL B 261 -2.87 10.27 -31.92
N GLU B 262 -3.66 10.62 -32.94
CA GLU B 262 -3.26 10.46 -34.33
C GLU B 262 -2.70 11.80 -34.79
N MET B 263 -1.51 11.79 -35.39
CA MET B 263 -0.89 13.04 -35.84
C MET B 263 -1.44 13.42 -37.23
N ALA B 264 -1.53 14.73 -37.49
CA ALA B 264 -2.03 15.22 -38.76
C ALA B 264 -0.95 15.00 -39.81
N PRO B 265 -1.34 15.05 -41.09
CA PRO B 265 -0.40 14.86 -42.20
C PRO B 265 0.87 15.71 -42.05
N GLY B 266 2.01 15.09 -42.28
CA GLY B 266 3.28 15.80 -42.20
C GLY B 266 3.85 16.08 -40.82
N VAL B 267 3.12 15.71 -39.78
CA VAL B 267 3.56 15.97 -38.42
C VAL B 267 4.33 14.82 -37.79
N ARG B 268 5.29 15.16 -36.95
CA ARG B 268 6.07 14.15 -36.23
C ARG B 268 5.97 14.48 -34.75
N THR B 269 6.13 13.49 -33.90
CA THR B 269 6.01 13.72 -32.46
C THR B 269 6.91 14.86 -32.00
N GLU B 270 8.04 15.08 -32.68
CA GLU B 270 8.96 16.15 -32.30
C GLU B 270 8.24 17.51 -32.38
N ASP B 271 7.33 17.64 -33.34
CA ASP B 271 6.55 18.87 -33.51
C ASP B 271 5.54 18.99 -32.39
N LEU B 272 4.93 17.86 -32.02
CA LEU B 272 3.95 17.90 -30.93
C LEU B 272 4.69 18.34 -29.68
N HIS B 273 5.94 17.89 -29.56
CA HIS B 273 6.71 18.24 -28.39
C HIS B 273 7.06 19.72 -28.34
N GLN B 274 7.51 20.24 -29.47
CA GLN B 274 7.91 21.64 -29.56
C GLN B 274 6.73 22.56 -29.29
N GLN B 275 5.56 22.17 -29.79
CA GLN B 275 4.35 22.96 -29.59
C GLN B 275 4.02 23.04 -28.09
N LEU B 276 4.12 21.92 -27.39
CA LEU B 276 3.83 21.93 -25.95
C LEU B 276 4.86 22.77 -25.21
N LYS B 277 6.12 22.64 -25.59
CA LYS B 277 7.18 23.40 -24.95
C LYS B 277 6.92 24.91 -25.17
N THR B 278 6.68 25.30 -26.42
CA THR B 278 6.41 26.70 -26.76
C THR B 278 5.20 27.24 -25.97
N SER B 279 4.20 26.40 -25.76
CA SER B 279 3.00 26.80 -25.04
C SER B 279 3.11 26.88 -23.51
N TYR B 280 4.04 26.13 -22.91
CA TYR B 280 4.16 26.14 -21.46
C TYR B 280 5.52 26.51 -20.90
N GLU B 281 6.43 26.92 -21.78
CA GLU B 281 7.77 27.30 -21.37
C GLU B 281 7.78 28.33 -20.24
N ASP B 282 6.81 29.25 -20.23
CA ASP B 282 6.77 30.25 -19.18
C ASP B 282 5.82 29.88 -18.02
N GLU B 283 5.16 28.72 -18.13
CA GLU B 283 4.21 28.30 -17.10
C GLU B 283 4.85 27.68 -15.89
N GLU B 284 4.48 28.17 -14.72
CA GLU B 284 5.03 27.63 -13.49
C GLU B 284 4.57 26.21 -13.19
N PHE B 285 3.27 25.99 -13.22
CA PHE B 285 2.71 24.67 -12.89
C PHE B 285 2.56 23.62 -13.98
N VAL B 286 3.03 23.90 -15.18
CA VAL B 286 2.92 22.93 -16.26
C VAL B 286 4.29 22.73 -16.88
N LYS B 287 4.91 21.59 -16.60
CA LYS B 287 6.25 21.28 -17.12
C LYS B 287 6.21 20.31 -18.30
N VAL B 288 7.06 20.56 -19.29
CA VAL B 288 7.15 19.69 -20.46
C VAL B 288 8.56 19.07 -20.45
N LEU B 289 8.64 17.83 -19.97
CA LEU B 289 9.90 17.10 -19.86
C LEU B 289 10.46 16.79 -21.24
N ASP B 290 11.69 16.30 -21.29
CA ASP B 290 12.30 15.96 -22.56
C ASP B 290 11.62 14.72 -23.13
N GLU B 291 11.52 14.67 -24.45
CA GLU B 291 10.90 13.54 -25.13
C GLU B 291 11.47 12.22 -24.65
N GLY B 292 10.62 11.20 -24.56
CA GLY B 292 11.10 9.90 -24.11
C GLY B 292 11.15 9.76 -22.59
N VAL B 293 11.30 10.87 -21.86
CA VAL B 293 11.33 10.81 -20.40
C VAL B 293 9.89 10.57 -19.92
N VAL B 294 9.74 9.50 -19.15
CA VAL B 294 8.45 9.06 -18.60
C VAL B 294 8.10 9.73 -17.29
N PRO B 295 7.09 10.62 -17.29
CA PRO B 295 6.74 11.25 -16.01
C PRO B 295 6.07 10.25 -15.08
N ARG B 296 6.17 10.50 -13.77
CA ARG B 296 5.59 9.62 -12.76
C ARG B 296 4.62 10.47 -11.92
N THR B 297 3.51 9.89 -11.47
CA THR B 297 2.59 10.66 -10.63
C THR B 297 3.33 10.92 -9.33
N HIS B 298 4.28 10.04 -9.03
CA HIS B 298 5.11 10.16 -7.81
C HIS B 298 5.83 11.51 -7.82
N ASN B 299 6.16 12.00 -9.01
CA ASN B 299 6.92 13.24 -9.13
C ASN B 299 6.21 14.56 -8.80
N VAL B 300 4.87 14.55 -8.78
CA VAL B 300 4.10 15.77 -8.48
C VAL B 300 3.23 15.67 -7.21
N ARG B 301 3.25 14.52 -6.57
CA ARG B 301 2.50 14.25 -5.35
C ARG B 301 2.64 15.34 -4.29
N GLY B 302 1.51 15.87 -3.83
CA GLY B 302 1.55 16.89 -2.79
C GLY B 302 1.79 18.32 -3.26
N SER B 303 2.02 18.49 -4.56
CA SER B 303 2.27 19.81 -5.13
C SER B 303 1.10 20.13 -6.06
N ASN B 304 1.24 21.23 -6.78
CA ASN B 304 0.22 21.72 -7.71
C ASN B 304 0.68 21.62 -9.17
N TYR B 305 1.74 20.83 -9.41
CA TYR B 305 2.33 20.67 -10.73
C TYR B 305 1.80 19.58 -11.65
N CYS B 306 1.91 19.87 -12.96
CA CYS B 306 1.53 18.95 -14.03
C CYS B 306 2.79 18.68 -14.86
N HIS B 307 3.18 17.42 -15.01
CA HIS B 307 4.34 17.07 -15.82
C HIS B 307 3.79 16.32 -17.02
N MET B 308 4.37 16.55 -18.20
CA MET B 308 3.96 15.86 -19.40
C MET B 308 5.11 15.66 -20.39
N SER B 309 5.02 14.59 -21.18
CA SER B 309 6.01 14.29 -22.21
C SER B 309 5.36 13.67 -23.46
N VAL B 310 6.05 13.77 -24.60
CA VAL B 310 5.56 13.25 -25.88
C VAL B 310 6.32 12.00 -26.28
N PHE B 311 5.60 10.96 -26.72
CA PHE B 311 6.25 9.73 -27.13
C PHE B 311 5.68 9.25 -28.45
N PRO B 312 6.53 8.68 -29.30
CA PRO B 312 5.98 8.19 -30.56
C PRO B 312 5.26 6.86 -30.29
N ASP B 313 4.20 6.61 -31.05
CA ASP B 313 3.45 5.38 -30.93
C ASP B 313 4.15 4.43 -31.91
N ARG B 314 4.07 3.13 -31.63
CA ARG B 314 4.69 2.16 -32.51
C ARG B 314 3.90 2.19 -33.82
N ILE B 315 2.60 2.45 -33.72
CA ILE B 315 1.75 2.52 -34.89
C ILE B 315 2.10 3.83 -35.61
N PRO B 316 2.72 3.74 -36.79
CA PRO B 316 3.10 4.95 -37.55
C PRO B 316 1.97 5.98 -37.66
N GLY B 317 2.31 7.25 -37.45
CA GLY B 317 1.31 8.30 -37.54
C GLY B 317 0.70 8.66 -36.20
N ARG B 318 0.86 7.78 -35.22
CA ARG B 318 0.30 8.02 -33.90
C ARG B 318 1.35 8.49 -32.91
N ALA B 319 0.89 9.13 -31.83
CA ALA B 319 1.76 9.63 -30.78
C ALA B 319 1.12 9.33 -29.43
N ILE B 320 1.93 9.42 -28.38
CA ILE B 320 1.44 9.18 -27.03
C ILE B 320 1.84 10.32 -26.12
N ILE B 321 0.87 10.79 -25.33
CA ILE B 321 1.11 11.87 -24.37
C ILE B 321 0.80 11.39 -22.95
N ILE B 322 1.69 11.72 -22.02
CA ILE B 322 1.54 11.38 -20.59
C ILE B 322 1.63 12.69 -19.79
N SER B 323 0.77 12.82 -18.78
CA SER B 323 0.75 14.01 -17.92
C SER B 323 0.06 13.66 -16.60
N VAL B 324 0.65 14.08 -15.47
CA VAL B 324 0.08 13.76 -14.16
C VAL B 324 -0.02 14.92 -13.18
N ILE B 325 -0.88 14.76 -12.17
CA ILE B 325 -1.05 15.78 -11.12
C ILE B 325 -1.42 15.13 -9.79
N ASP B 326 -1.62 15.97 -8.78
CA ASP B 326 -2.08 15.54 -7.48
C ASP B 326 -3.58 15.87 -7.63
N ASN B 327 -4.41 14.85 -7.86
CA ASN B 327 -5.84 15.04 -8.08
C ASN B 327 -6.53 15.91 -7.04
N LEU B 328 -5.92 16.05 -5.87
CA LEU B 328 -6.48 16.88 -4.82
C LEU B 328 -5.92 18.32 -4.85
N VAL B 329 -4.82 18.54 -5.58
CA VAL B 329 -4.25 19.88 -5.62
C VAL B 329 -4.43 20.48 -7.01
N LYS B 330 -3.56 20.14 -7.97
CA LYS B 330 -3.76 20.71 -9.31
C LYS B 330 -5.01 20.06 -9.90
N GLY B 331 -5.60 19.14 -9.15
CA GLY B 331 -6.82 18.48 -9.57
C GLY B 331 -8.03 19.03 -8.80
N ALA B 332 -7.79 19.99 -7.91
CA ALA B 332 -8.90 20.56 -7.14
C ALA B 332 -8.58 21.84 -6.38
N SER B 333 -8.47 21.76 -5.06
CA SER B 333 -8.22 22.93 -4.24
C SER B 333 -7.09 23.80 -4.77
N GLY B 334 -6.02 23.17 -5.26
CA GLY B 334 -4.89 23.91 -5.81
C GLY B 334 -5.37 24.82 -6.96
N GLN B 335 -5.85 24.21 -8.04
CA GLN B 335 -6.33 25.00 -9.17
C GLN B 335 -7.38 26.02 -8.69
N ALA B 336 -8.23 25.59 -7.76
CA ALA B 336 -9.26 26.47 -7.21
C ALA B 336 -8.60 27.71 -6.63
N LEU B 337 -7.48 27.53 -5.92
CA LEU B 337 -6.75 28.65 -5.35
C LEU B 337 -6.01 29.43 -6.42
N GLN B 338 -5.46 28.71 -7.40
CA GLN B 338 -4.74 29.39 -8.48
C GLN B 338 -5.71 30.39 -9.12
N ASN B 339 -6.94 29.95 -9.36
CA ASN B 339 -7.97 30.81 -9.95
C ASN B 339 -8.40 32.00 -9.06
N LEU B 340 -8.60 31.75 -7.77
CA LEU B 340 -9.01 32.82 -6.88
C LEU B 340 -7.92 33.89 -6.79
N ASN B 341 -6.65 33.49 -6.87
CA ASN B 341 -5.56 34.46 -6.80
C ASN B 341 -5.70 35.54 -7.86
N ILE B 342 -5.76 35.13 -9.13
CA ILE B 342 -5.85 36.09 -10.22
C ILE B 342 -7.18 36.83 -10.31
N MET B 343 -8.25 36.20 -9.82
CA MET B 343 -9.59 36.82 -9.81
C MET B 343 -9.58 38.01 -8.87
N LEU B 344 -8.77 37.89 -7.82
CA LEU B 344 -8.63 38.92 -6.82
C LEU B 344 -7.40 39.77 -7.08
N GLY B 345 -6.74 39.52 -8.20
CA GLY B 345 -5.57 40.31 -8.53
C GLY B 345 -4.35 40.09 -7.66
N TYR B 346 -4.20 38.89 -7.12
CA TYR B 346 -3.02 38.57 -6.32
C TYR B 346 -2.05 37.73 -7.14
N PRO B 347 -0.82 37.54 -6.65
CA PRO B 347 0.13 36.73 -7.39
C PRO B 347 -0.42 35.32 -7.54
N GLU B 348 -0.59 34.90 -8.79
CA GLU B 348 -1.15 33.61 -9.13
C GLU B 348 -0.49 32.40 -8.46
N THR B 349 0.78 32.52 -8.06
CA THR B 349 1.51 31.43 -7.43
C THR B 349 1.48 31.45 -5.90
N THR B 350 0.88 32.50 -5.32
CA THR B 350 0.77 32.67 -3.87
C THR B 350 0.22 31.44 -3.17
N GLY B 351 0.91 30.99 -2.13
CA GLY B 351 0.48 29.82 -1.38
C GLY B 351 0.34 28.54 -2.21
N LEU B 352 1.01 28.48 -3.36
CA LEU B 352 0.92 27.29 -4.22
C LEU B 352 2.25 26.69 -4.65
N LEU B 353 3.35 27.17 -4.09
CA LEU B 353 4.66 26.66 -4.47
C LEU B 353 5.14 25.46 -3.65
N HIS B 354 4.21 24.76 -3.01
CA HIS B 354 4.49 23.55 -2.21
C HIS B 354 5.25 22.58 -3.13
N GLN B 355 6.44 22.15 -2.72
CA GLN B 355 7.22 21.20 -3.54
C GLN B 355 6.77 19.77 -3.25
N PRO B 356 6.84 18.87 -4.26
CA PRO B 356 6.40 17.48 -4.05
C PRO B 356 7.05 16.76 -2.87
N LEU B 357 6.21 16.09 -2.08
CA LEU B 357 6.70 15.36 -0.93
C LEU B 357 7.16 13.97 -1.41
N PHE B 358 8.49 13.80 -1.52
CA PHE B 358 9.03 12.52 -1.98
C PHE B 358 10.16 12.01 -1.08
N PRO B 359 10.12 10.71 -0.74
CA PRO B 359 9.07 9.78 -1.18
C PRO B 359 7.75 9.99 -0.43
N LYS C 15 5.02 -36.68 -5.34
CA LYS C 15 4.62 -38.10 -5.13
C LYS C 15 5.60 -39.04 -5.82
N ASP C 16 5.59 -39.01 -7.15
CA ASP C 16 6.46 -39.87 -7.94
C ASP C 16 7.19 -39.17 -9.10
N ILE C 17 6.66 -38.01 -9.52
CA ILE C 17 7.27 -37.26 -10.62
C ILE C 17 8.39 -36.35 -10.14
N ARG C 18 9.61 -36.62 -10.58
CA ARG C 18 10.77 -35.85 -10.18
C ARG C 18 10.80 -34.55 -11.00
N ILE C 19 10.81 -33.41 -10.31
CA ILE C 19 10.82 -32.10 -10.97
C ILE C 19 12.10 -31.27 -10.89
N GLY C 20 12.52 -30.77 -12.04
CA GLY C 20 13.71 -29.94 -12.08
C GLY C 20 13.34 -28.48 -12.23
N LEU C 21 14.02 -27.62 -11.48
CA LEU C 21 13.78 -26.19 -11.54
C LEU C 21 15.13 -25.43 -11.52
N LEU C 22 15.47 -24.79 -12.64
CA LEU C 22 16.70 -23.99 -12.71
C LEU C 22 16.36 -22.53 -12.47
N GLY C 23 17.19 -21.83 -11.69
CA GLY C 23 16.90 -20.44 -11.41
C GLY C 23 15.66 -20.38 -10.53
N ALA C 24 15.80 -20.95 -9.34
CA ALA C 24 14.74 -21.05 -8.35
C ALA C 24 14.75 -19.94 -7.31
N SER C 25 15.75 -19.07 -7.36
CA SER C 25 15.85 -18.00 -6.38
C SER C 25 15.02 -16.73 -6.66
N GLY C 26 14.28 -16.70 -7.78
CA GLY C 26 13.46 -15.53 -8.09
C GLY C 26 11.97 -15.77 -7.80
N TYR C 27 11.13 -14.76 -7.96
CA TYR C 27 9.70 -14.95 -7.68
C TYR C 27 9.03 -16.04 -8.49
N THR C 28 9.40 -16.19 -9.76
CA THR C 28 8.75 -17.24 -10.55
C THR C 28 9.14 -18.62 -10.00
N GLY C 29 10.36 -18.71 -9.47
CA GLY C 29 10.83 -19.96 -8.89
C GLY C 29 10.07 -20.27 -7.61
N ALA C 30 9.98 -19.27 -6.73
CA ALA C 30 9.26 -19.48 -5.49
C ALA C 30 7.82 -19.87 -5.83
N GLU C 31 7.26 -19.27 -6.88
CA GLU C 31 5.89 -19.56 -7.28
C GLU C 31 5.70 -21.02 -7.65
N ILE C 32 6.67 -21.57 -8.39
CA ILE C 32 6.62 -22.98 -8.78
C ILE C 32 6.64 -23.81 -7.50
N VAL C 33 7.50 -23.44 -6.56
CA VAL C 33 7.59 -24.18 -5.31
C VAL C 33 6.24 -24.23 -4.57
N ARG C 34 5.64 -23.07 -4.31
CA ARG C 34 4.36 -23.00 -3.62
C ARG C 34 3.30 -23.81 -4.36
N LEU C 35 3.28 -23.68 -5.69
CA LEU C 35 2.31 -24.41 -6.49
C LEU C 35 2.50 -25.94 -6.46
N LEU C 36 3.75 -26.39 -6.51
CA LEU C 36 4.01 -27.83 -6.49
C LEU C 36 3.79 -28.47 -5.13
N ALA C 37 3.94 -27.66 -4.08
CA ALA C 37 3.77 -28.13 -2.71
C ALA C 37 2.65 -29.14 -2.58
N ASN C 38 1.41 -28.70 -2.74
CA ASN C 38 0.32 -29.65 -2.60
C ASN C 38 -0.02 -30.39 -3.88
N HIS C 39 0.84 -30.27 -4.89
CA HIS C 39 0.59 -30.99 -6.12
C HIS C 39 0.62 -32.48 -5.78
N PRO C 40 -0.37 -33.25 -6.25
CA PRO C 40 -0.51 -34.69 -6.02
C PRO C 40 0.61 -35.60 -6.55
N HIS C 41 1.13 -35.30 -7.74
CA HIS C 41 2.16 -36.14 -8.33
C HIS C 41 3.59 -35.54 -8.41
N PHE C 42 3.70 -34.25 -8.75
CA PHE C 42 5.00 -33.61 -8.91
C PHE C 42 5.69 -33.29 -7.59
N GLN C 43 7.00 -33.53 -7.54
CA GLN C 43 7.78 -33.23 -6.35
C GLN C 43 9.12 -32.60 -6.69
N VAL C 44 9.40 -31.46 -6.08
CA VAL C 44 10.67 -30.77 -6.32
C VAL C 44 11.81 -31.47 -5.60
N THR C 45 12.71 -32.09 -6.36
CA THR C 45 13.85 -32.80 -5.77
C THR C 45 15.19 -32.24 -6.24
N LEU C 46 15.14 -31.17 -7.03
CA LEU C 46 16.35 -30.58 -7.58
C LEU C 46 16.14 -29.11 -7.89
N MET C 47 16.84 -28.23 -7.15
CA MET C 47 16.71 -26.79 -7.36
C MET C 47 18.03 -26.08 -7.67
N THR C 48 18.06 -25.35 -8.78
CA THR C 48 19.23 -24.62 -9.22
C THR C 48 19.23 -23.13 -8.89
N ALA C 49 20.35 -22.64 -8.40
CA ALA C 49 20.53 -21.23 -8.05
C ALA C 49 22.02 -21.04 -7.86
N ASP C 50 22.74 -21.09 -8.96
CA ASP C 50 24.20 -20.96 -8.96
C ASP C 50 24.73 -19.83 -8.08
N ARG C 51 24.06 -18.69 -8.14
CA ARG C 51 24.46 -17.52 -7.35
C ARG C 51 24.29 -17.77 -5.84
N LYS C 52 23.43 -18.73 -5.49
CA LYS C 52 23.16 -19.03 -4.10
C LYS C 52 23.31 -20.50 -3.77
N ALA C 53 23.92 -21.26 -4.69
CA ALA C 53 24.11 -22.70 -4.46
C ALA C 53 24.86 -22.93 -3.17
N GLY C 54 24.43 -23.95 -2.44
CA GLY C 54 25.06 -24.26 -1.17
C GLY C 54 24.32 -23.58 -0.03
N GLN C 55 23.59 -22.51 -0.36
CA GLN C 55 22.82 -21.76 0.63
C GLN C 55 21.42 -22.36 0.71
N SER C 56 20.95 -22.63 1.93
CA SER C 56 19.62 -23.21 2.12
C SER C 56 18.50 -22.34 1.56
N MET C 57 17.39 -22.98 1.17
CA MET C 57 16.23 -22.27 0.63
C MET C 57 15.44 -21.66 1.79
N GLU C 58 16.10 -21.53 2.94
CA GLU C 58 15.48 -20.98 4.14
C GLU C 58 16.01 -19.59 4.45
N SER C 59 17.25 -19.34 4.04
CA SER C 59 17.86 -18.03 4.24
C SER C 59 17.45 -17.16 3.05
N VAL C 60 17.03 -17.81 1.96
CA VAL C 60 16.58 -17.15 0.74
C VAL C 60 15.10 -16.75 0.91
N PHE C 61 14.20 -17.73 0.81
CA PHE C 61 12.77 -17.55 0.96
C PHE C 61 12.27 -18.23 2.24
N PRO C 62 12.32 -17.51 3.37
CA PRO C 62 11.90 -18.00 4.68
C PRO C 62 10.42 -18.39 4.76
N HIS C 63 9.59 -17.87 3.86
CA HIS C 63 8.19 -18.23 3.96
C HIS C 63 8.01 -19.70 3.62
N LEU C 64 9.07 -20.32 3.13
CA LEU C 64 8.99 -21.73 2.76
C LEU C 64 9.28 -22.66 3.93
N ARG C 65 9.06 -22.20 5.15
CA ARG C 65 9.35 -23.03 6.33
C ARG C 65 8.36 -24.13 6.70
N ALA C 66 7.80 -24.83 5.70
CA ALA C 66 6.86 -25.92 5.95
C ALA C 66 7.06 -27.09 4.97
N GLN C 67 7.88 -26.89 3.95
CA GLN C 67 8.13 -27.93 2.98
C GLN C 67 9.51 -28.56 3.18
N LYS C 68 9.69 -29.74 2.61
CA LYS C 68 10.98 -30.43 2.67
C LYS C 68 11.61 -30.15 1.32
N LEU C 69 12.61 -29.28 1.29
CA LEU C 69 13.25 -28.94 0.04
C LEU C 69 14.75 -29.18 0.05
N PRO C 70 15.28 -29.66 -1.08
CA PRO C 70 16.71 -29.95 -1.28
C PRO C 70 17.56 -28.68 -1.28
N THR C 71 18.86 -28.85 -1.15
CA THR C 71 19.77 -27.72 -1.17
C THR C 71 19.88 -27.20 -2.60
N LEU C 72 20.18 -25.91 -2.74
CA LEU C 72 20.33 -25.30 -4.05
C LEU C 72 21.65 -25.76 -4.66
N VAL C 73 21.57 -26.39 -5.83
CA VAL C 73 22.74 -26.90 -6.53
C VAL C 73 22.97 -26.15 -7.82
N SER C 74 24.23 -26.08 -8.22
CA SER C 74 24.62 -25.43 -9.47
C SER C 74 24.07 -26.24 -10.63
N VAL C 75 23.86 -25.61 -11.77
CA VAL C 75 23.35 -26.30 -12.95
C VAL C 75 24.29 -27.44 -13.35
N LYS C 76 25.58 -27.13 -13.38
CA LYS C 76 26.58 -28.12 -13.75
C LYS C 76 26.64 -29.23 -12.73
N ASP C 77 26.64 -28.85 -11.44
CA ASP C 77 26.70 -29.81 -10.35
C ASP C 77 25.41 -30.62 -10.23
N ALA C 78 24.43 -30.33 -11.08
CA ALA C 78 23.16 -31.04 -11.02
C ALA C 78 22.90 -31.96 -12.22
N ASP C 79 22.57 -33.22 -11.93
CA ASP C 79 22.29 -34.21 -12.96
C ASP C 79 20.82 -34.19 -13.32
N PHE C 80 20.52 -33.69 -14.51
CA PHE C 80 19.14 -33.59 -14.97
C PHE C 80 18.56 -34.89 -15.50
N SER C 81 19.36 -35.94 -15.47
CA SER C 81 18.91 -37.25 -15.90
C SER C 81 18.20 -37.81 -14.68
N THR C 82 18.35 -37.06 -13.58
CA THR C 82 17.78 -37.39 -12.28
C THR C 82 16.39 -36.80 -12.12
N VAL C 83 15.91 -36.16 -13.17
CA VAL C 83 14.60 -35.53 -13.16
C VAL C 83 13.77 -36.09 -14.31
N ASP C 84 12.46 -35.89 -14.27
CA ASP C 84 11.56 -36.35 -15.32
C ASP C 84 10.98 -35.17 -16.12
N ALA C 85 11.07 -33.98 -15.54
CA ALA C 85 10.55 -32.78 -16.20
C ALA C 85 11.22 -31.59 -15.52
N VAL C 86 11.49 -30.54 -16.29
CA VAL C 86 12.15 -29.38 -15.74
C VAL C 86 11.40 -28.06 -16.00
N PHE C 87 11.60 -27.09 -15.10
CA PHE C 87 11.03 -25.74 -15.21
C PHE C 87 12.28 -24.86 -15.24
N CYS C 88 12.36 -23.95 -16.21
CA CYS C 88 13.51 -23.08 -16.29
C CYS C 88 13.13 -21.63 -16.03
N CYS C 89 13.72 -21.05 -14.99
CA CYS C 89 13.44 -19.67 -14.61
C CYS C 89 14.72 -18.86 -14.63
N LEU C 90 15.56 -19.10 -15.64
CA LEU C 90 16.83 -18.39 -15.76
C LEU C 90 16.68 -17.02 -16.40
N PRO C 91 17.68 -16.15 -16.21
CA PRO C 91 17.73 -14.79 -16.75
C PRO C 91 17.78 -14.77 -18.28
N HIS C 92 17.63 -13.58 -18.86
CA HIS C 92 17.67 -13.41 -20.30
C HIS C 92 19.10 -13.58 -20.81
N GLY C 93 19.24 -14.17 -21.99
CA GLY C 93 20.54 -14.39 -22.58
C GLY C 93 21.14 -15.73 -22.15
N THR C 94 20.88 -16.09 -20.91
CA THR C 94 21.36 -17.34 -20.35
C THR C 94 20.24 -18.36 -20.35
N THR C 95 19.79 -18.77 -21.53
CA THR C 95 18.70 -19.71 -21.62
C THR C 95 18.83 -20.78 -22.69
N GLN C 96 18.81 -20.36 -23.95
CA GLN C 96 18.89 -21.27 -25.08
C GLN C 96 20.15 -22.10 -25.13
N GLU C 97 21.29 -21.49 -24.80
CA GLU C 97 22.57 -22.20 -24.82
C GLU C 97 22.56 -23.26 -23.72
N ILE C 98 21.85 -22.97 -22.64
CA ILE C 98 21.76 -23.88 -21.48
C ILE C 98 20.70 -24.95 -21.66
N ILE C 99 19.56 -24.57 -22.22
CA ILE C 99 18.48 -25.54 -22.40
C ILE C 99 18.85 -26.63 -23.39
N LYS C 100 19.36 -26.23 -24.55
CA LYS C 100 19.76 -27.15 -25.60
C LYS C 100 20.71 -28.27 -25.14
N GLU C 101 21.41 -28.04 -24.04
CA GLU C 101 22.34 -29.02 -23.50
C GLU C 101 21.65 -30.09 -22.65
N LEU C 102 20.43 -29.83 -22.19
CA LEU C 102 19.71 -30.80 -21.36
C LEU C 102 19.43 -32.11 -22.10
N PRO C 103 19.27 -33.21 -21.36
CA PRO C 103 19.00 -34.53 -21.95
C PRO C 103 17.64 -34.57 -22.65
N THR C 104 17.65 -35.00 -23.90
CA THR C 104 16.44 -35.07 -24.69
C THR C 104 15.33 -35.92 -24.08
N ALA C 105 15.58 -36.52 -22.91
CA ALA C 105 14.56 -37.33 -22.27
C ALA C 105 13.79 -36.46 -21.28
N LEU C 106 14.17 -35.18 -21.23
CA LEU C 106 13.52 -34.26 -20.34
C LEU C 106 12.52 -33.37 -21.04
N LYS C 107 11.26 -33.41 -20.57
CA LYS C 107 10.24 -32.53 -21.11
C LYS C 107 10.59 -31.20 -20.43
N ILE C 108 10.64 -30.11 -21.18
CA ILE C 108 11.05 -28.82 -20.62
C ILE C 108 10.10 -27.62 -20.78
N VAL C 109 9.89 -26.89 -19.69
CA VAL C 109 9.08 -25.69 -19.76
C VAL C 109 9.98 -24.54 -19.33
N ASP C 110 10.30 -23.68 -20.28
CA ASP C 110 11.15 -22.53 -20.00
C ASP C 110 10.29 -21.29 -19.74
N LEU C 111 10.36 -20.75 -18.54
CA LEU C 111 9.59 -19.55 -18.23
C LEU C 111 10.25 -18.30 -18.84
N SER C 112 11.52 -18.39 -19.24
CA SER C 112 12.18 -17.23 -19.83
C SER C 112 11.49 -16.91 -21.17
N ALA C 113 11.92 -15.82 -21.78
CA ALA C 113 11.35 -15.37 -23.06
C ALA C 113 12.11 -15.88 -24.29
N ASP C 114 13.24 -16.55 -24.07
CA ASP C 114 14.10 -16.99 -25.17
C ASP C 114 13.73 -18.19 -26.03
N PHE C 115 12.49 -18.27 -26.48
CA PHE C 115 12.02 -19.34 -27.35
C PHE C 115 10.60 -19.07 -27.84
N ARG C 116 10.07 -17.89 -27.48
CA ARG C 116 8.72 -17.50 -27.85
C ARG C 116 8.52 -17.10 -29.31
N LEU C 117 9.45 -16.35 -29.86
CA LEU C 117 9.31 -15.89 -31.25
C LEU C 117 9.93 -16.89 -32.22
N ARG C 118 9.22 -17.12 -33.32
CA ARG C 118 9.68 -18.05 -34.34
C ARG C 118 10.43 -17.34 -35.46
N ASN C 119 11.66 -16.90 -35.16
CA ASN C 119 12.51 -16.21 -36.13
C ASN C 119 13.76 -15.61 -35.50
N ILE C 120 14.92 -15.98 -36.04
CA ILE C 120 16.21 -15.50 -35.55
C ILE C 120 16.30 -13.98 -35.36
N ALA C 121 16.49 -13.27 -36.48
CA ALA C 121 16.60 -11.82 -36.49
C ALA C 121 15.63 -11.22 -35.49
N GLU C 122 14.46 -11.85 -35.38
CA GLU C 122 13.43 -11.39 -34.46
C GLU C 122 14.02 -11.31 -33.07
N TYR C 123 14.41 -12.47 -32.56
CA TYR C 123 14.98 -12.53 -31.22
C TYR C 123 16.17 -11.60 -31.11
N GLU C 124 17.13 -11.77 -32.01
CA GLU C 124 18.33 -10.97 -31.99
C GLU C 124 18.08 -9.47 -32.14
N GLU C 125 16.94 -9.11 -32.71
CA GLU C 125 16.60 -7.71 -32.87
C GLU C 125 16.03 -7.12 -31.60
N TRP C 126 14.96 -7.71 -31.08
CA TRP C 126 14.35 -7.19 -29.87
C TRP C 126 15.00 -7.64 -28.58
N TYR C 127 16.06 -8.44 -28.70
CA TYR C 127 16.74 -8.93 -27.51
C TYR C 127 18.25 -8.67 -27.51
N GLY C 128 18.76 -8.16 -28.62
CA GLY C 128 20.17 -7.86 -28.70
C GLY C 128 21.16 -8.97 -28.40
N GLN C 129 20.67 -10.20 -28.26
CA GLN C 129 21.54 -11.33 -27.96
C GLN C 129 21.48 -12.35 -29.09
N PRO C 130 22.63 -12.98 -29.41
CA PRO C 130 22.66 -13.98 -30.48
C PRO C 130 21.81 -15.18 -30.08
N HIS C 131 20.96 -15.64 -30.99
CA HIS C 131 20.13 -16.81 -30.71
C HIS C 131 21.11 -17.98 -30.84
N LYS C 132 21.38 -18.64 -29.71
CA LYS C 132 22.32 -19.75 -29.67
C LYS C 132 21.73 -21.14 -29.92
N ALA C 133 20.41 -21.24 -29.95
CA ALA C 133 19.79 -22.54 -30.18
C ALA C 133 18.89 -22.50 -31.40
N VAL C 134 19.46 -22.05 -32.49
CA VAL C 134 18.75 -21.94 -33.76
C VAL C 134 17.84 -23.10 -34.11
N GLU C 135 18.40 -24.31 -34.15
CA GLU C 135 17.61 -25.49 -34.52
C GLU C 135 16.57 -25.95 -33.50
N LEU C 136 16.94 -25.90 -32.24
CA LEU C 136 16.05 -26.30 -31.16
C LEU C 136 14.76 -25.47 -31.24
N GLN C 137 14.92 -24.20 -31.62
CA GLN C 137 13.78 -23.31 -31.74
C GLN C 137 12.67 -23.96 -32.55
N LYS C 138 13.05 -24.78 -33.52
CA LYS C 138 12.05 -25.45 -34.36
C LYS C 138 11.20 -26.44 -33.59
N GLU C 139 11.69 -26.92 -32.44
CA GLU C 139 10.91 -27.86 -31.65
C GLU C 139 10.34 -27.21 -30.37
N VAL C 140 9.54 -26.16 -30.56
CA VAL C 140 8.94 -25.45 -29.44
C VAL C 140 7.50 -25.04 -29.72
N VAL C 141 6.61 -25.31 -28.76
CA VAL C 141 5.20 -24.91 -28.92
C VAL C 141 4.94 -23.74 -27.97
N TYR C 142 4.13 -22.77 -28.42
CA TYR C 142 3.84 -21.62 -27.56
C TYR C 142 2.83 -22.03 -26.47
N GLY C 143 3.24 -21.91 -25.20
CA GLY C 143 2.41 -22.31 -24.07
C GLY C 143 1.12 -21.61 -23.69
N LEU C 144 0.45 -20.92 -24.62
CA LEU C 144 -0.82 -20.27 -24.29
C LEU C 144 -1.82 -21.42 -24.29
N THR C 145 -1.95 -22.06 -23.13
CA THR C 145 -2.76 -23.26 -22.99
C THR C 145 -4.13 -23.32 -23.67
N GLU C 146 -5.02 -22.41 -23.34
CA GLU C 146 -6.36 -22.44 -23.94
C GLU C 146 -6.34 -22.38 -25.48
N ILE C 147 -5.27 -21.85 -26.05
CA ILE C 147 -5.19 -21.75 -27.50
C ILE C 147 -4.44 -22.91 -28.19
N LEU C 148 -3.21 -23.18 -27.77
CA LEU C 148 -2.41 -24.23 -28.38
C LEU C 148 -2.43 -25.56 -27.65
N ARG C 149 -3.41 -25.72 -26.76
CA ARG C 149 -3.58 -26.94 -25.96
C ARG C 149 -3.27 -28.25 -26.69
N GLU C 150 -3.87 -28.46 -27.87
CA GLU C 150 -3.64 -29.71 -28.59
C GLU C 150 -2.24 -29.90 -29.12
N ASP C 151 -1.53 -28.80 -29.34
CA ASP C 151 -0.16 -28.88 -29.80
C ASP C 151 0.77 -29.02 -28.61
N ILE C 152 0.38 -28.40 -27.49
CA ILE C 152 1.18 -28.44 -26.27
C ILE C 152 1.37 -29.86 -25.73
N LYS C 153 0.29 -30.66 -25.72
CA LYS C 153 0.34 -32.05 -25.23
C LYS C 153 1.55 -32.78 -25.83
N LYS C 154 1.74 -32.58 -27.13
CA LYS C 154 2.83 -33.21 -27.83
C LYS C 154 3.94 -32.22 -28.07
N ALA C 155 4.82 -32.09 -27.08
CA ALA C 155 5.97 -31.20 -27.15
C ALA C 155 6.97 -31.47 -26.03
N ARG C 156 8.24 -31.52 -26.39
CA ARG C 156 9.27 -31.76 -25.39
C ARG C 156 9.62 -30.43 -24.72
N LEU C 157 9.85 -29.41 -25.53
CA LEU C 157 10.21 -28.09 -25.03
C LEU C 157 9.10 -27.09 -25.31
N VAL C 158 8.67 -26.44 -24.24
CA VAL C 158 7.61 -25.44 -24.30
C VAL C 158 8.09 -24.08 -23.80
N ALA C 159 7.85 -23.04 -24.60
CA ALA C 159 8.22 -21.67 -24.24
C ALA C 159 6.98 -21.09 -23.58
N ASN C 160 7.04 -20.93 -22.27
CA ASN C 160 5.89 -20.41 -21.56
C ASN C 160 5.69 -18.94 -21.95
N PRO C 161 4.44 -18.55 -22.22
CA PRO C 161 4.18 -17.16 -22.60
C PRO C 161 4.49 -16.10 -21.56
N GLY C 162 4.65 -14.86 -22.03
CA GLY C 162 4.90 -13.78 -21.11
C GLY C 162 3.55 -13.43 -20.49
N CYS C 163 3.56 -12.59 -19.46
CA CYS C 163 2.36 -12.19 -18.74
C CYS C 163 1.39 -11.35 -19.58
N TYR C 164 1.79 -10.12 -19.91
CA TYR C 164 0.97 -9.25 -20.75
C TYR C 164 0.45 -9.96 -21.99
N PRO C 165 1.33 -10.61 -22.76
CA PRO C 165 0.88 -11.29 -23.97
C PRO C 165 -0.31 -12.25 -23.78
N THR C 166 -0.29 -13.02 -22.70
CA THR C 166 -1.36 -13.97 -22.40
C THR C 166 -2.72 -13.28 -22.33
N THR C 167 -2.82 -12.29 -21.45
CA THR C 167 -4.04 -11.54 -21.23
C THR C 167 -4.56 -10.84 -22.50
N ILE C 168 -3.66 -10.62 -23.47
CA ILE C 168 -4.02 -9.95 -24.72
C ILE C 168 -4.47 -10.94 -25.79
N GLN C 169 -3.71 -12.03 -25.93
CA GLN C 169 -4.04 -13.06 -26.91
C GLN C 169 -5.29 -13.87 -26.58
N LEU C 170 -5.54 -14.14 -25.29
CA LEU C 170 -6.72 -14.93 -24.92
C LEU C 170 -8.02 -14.31 -25.48
N PRO C 171 -8.30 -13.03 -25.19
CA PRO C 171 -9.51 -12.38 -25.70
C PRO C 171 -9.42 -12.10 -27.20
N LEU C 172 -8.23 -11.70 -27.63
CA LEU C 172 -8.05 -11.32 -29.01
C LEU C 172 -7.91 -12.37 -30.09
N VAL C 173 -7.33 -13.53 -29.79
CA VAL C 173 -7.18 -14.56 -30.82
C VAL C 173 -8.54 -15.02 -31.39
N PRO C 174 -9.48 -15.40 -30.52
CA PRO C 174 -10.80 -15.86 -30.99
C PRO C 174 -11.50 -14.78 -31.80
N LEU C 175 -11.23 -13.52 -31.48
CA LEU C 175 -11.86 -12.40 -32.19
C LEU C 175 -11.25 -12.15 -33.56
N LEU C 176 -9.97 -12.48 -33.69
CA LEU C 176 -9.26 -12.33 -34.97
C LEU C 176 -9.60 -13.50 -35.88
N LYS C 177 -9.69 -14.69 -35.30
CA LYS C 177 -9.99 -15.90 -36.05
C LYS C 177 -11.39 -15.85 -36.64
N ALA C 178 -12.28 -15.13 -35.96
CA ALA C 178 -13.67 -15.01 -36.41
C ALA C 178 -13.87 -13.74 -37.23
N ASN C 179 -12.76 -13.14 -37.66
CA ASN C 179 -12.78 -11.91 -38.43
C ASN C 179 -13.76 -10.90 -37.81
N LEU C 180 -13.89 -10.94 -36.48
CA LEU C 180 -14.80 -10.03 -35.79
C LEU C 180 -14.23 -8.63 -35.58
N ILE C 181 -13.04 -8.54 -35.01
CA ILE C 181 -12.46 -7.22 -34.80
C ILE C 181 -11.41 -6.98 -35.85
N LYS C 182 -11.37 -5.75 -36.35
CA LYS C 182 -10.42 -5.34 -37.37
C LYS C 182 -9.04 -5.36 -36.74
N HIS C 183 -7.99 -5.68 -37.50
CA HIS C 183 -6.68 -5.71 -36.88
C HIS C 183 -5.79 -4.49 -37.13
N GLU C 184 -6.42 -3.35 -37.35
CA GLU C 184 -5.70 -2.10 -37.59
C GLU C 184 -5.79 -1.18 -36.37
N ASN C 185 -4.64 -0.75 -35.87
CA ASN C 185 -4.60 0.16 -34.75
C ASN C 185 -5.14 -0.41 -33.43
N ILE C 186 -4.71 -1.62 -33.11
CA ILE C 186 -5.11 -2.24 -31.85
C ILE C 186 -4.20 -1.57 -30.82
N ILE C 187 -4.81 -0.82 -29.89
CA ILE C 187 -4.06 -0.11 -28.86
C ILE C 187 -4.37 -0.73 -27.52
N ILE C 188 -3.31 -1.10 -26.80
CA ILE C 188 -3.47 -1.74 -25.50
C ILE C 188 -2.77 -0.97 -24.39
N ASP C 189 -3.53 -0.63 -23.34
CA ASP C 189 -2.95 0.06 -22.20
C ASP C 189 -2.98 -0.98 -21.06
N ALA C 190 -1.80 -1.38 -20.58
CA ALA C 190 -1.69 -2.40 -19.54
C ALA C 190 -1.02 -1.95 -18.24
N LYS C 191 -1.21 -2.76 -17.22
CA LYS C 191 -0.70 -2.44 -15.89
C LYS C 191 -0.34 -3.71 -15.14
N SER C 192 0.64 -3.60 -14.23
CA SER C 192 1.07 -4.74 -13.45
C SER C 192 1.57 -4.41 -12.05
N GLY C 193 1.50 -5.40 -11.16
CA GLY C 193 2.00 -5.22 -9.83
C GLY C 193 3.53 -5.13 -9.93
N VAL C 194 4.20 -4.79 -8.85
CA VAL C 194 5.64 -4.71 -8.97
C VAL C 194 6.28 -6.09 -9.18
N SER C 195 5.59 -7.16 -8.78
CA SER C 195 6.10 -8.52 -8.92
C SER C 195 6.66 -8.83 -10.32
N GLY C 196 6.27 -8.05 -11.31
CA GLY C 196 6.78 -8.29 -12.65
C GLY C 196 8.21 -7.79 -12.84
N ALA C 197 8.64 -6.86 -11.99
CA ALA C 197 10.00 -6.32 -12.09
C ALA C 197 10.98 -7.32 -11.51
N GLY C 198 10.48 -8.28 -10.74
CA GLY C 198 11.32 -9.30 -10.16
C GLY C 198 11.94 -8.89 -8.84
N ARG C 199 12.74 -9.81 -8.30
CA ARG C 199 13.42 -9.60 -7.03
C ARG C 199 14.76 -8.90 -7.13
N GLY C 200 15.18 -8.56 -8.34
CA GLY C 200 16.45 -7.86 -8.52
C GLY C 200 16.53 -6.64 -7.60
N ALA C 201 17.71 -6.39 -7.06
CA ALA C 201 17.91 -5.28 -6.15
C ALA C 201 18.16 -3.96 -6.87
N LYS C 202 17.10 -3.28 -7.26
CA LYS C 202 17.22 -1.99 -7.93
C LYS C 202 16.48 -0.86 -7.22
N GLU C 203 17.13 0.31 -7.20
CA GLU C 203 16.57 1.49 -6.55
C GLU C 203 15.14 1.69 -7.01
N ALA C 204 14.95 1.70 -8.32
CA ALA C 204 13.66 1.91 -8.94
C ALA C 204 12.50 1.15 -8.32
N ASN C 205 12.75 -0.05 -7.80
CA ASN C 205 11.66 -0.85 -7.25
C ASN C 205 11.56 -0.96 -5.73
N LEU C 206 12.21 -0.05 -5.03
CA LEU C 206 12.14 -0.03 -3.57
C LEU C 206 10.73 0.38 -3.14
N TYR C 207 10.37 0.11 -1.89
CA TYR C 207 9.04 0.50 -1.40
C TYR C 207 8.87 2.02 -1.47
N SER C 208 9.90 2.76 -1.07
CA SER C 208 9.84 4.20 -1.06
C SER C 208 9.89 4.88 -2.43
N GLU C 209 10.01 4.09 -3.50
CA GLU C 209 10.08 4.64 -4.87
C GLU C 209 8.86 4.30 -5.73
N ILE C 210 8.23 3.16 -5.48
CA ILE C 210 7.10 2.75 -6.32
C ILE C 210 5.76 2.99 -5.64
N ALA C 211 5.79 3.08 -4.33
CA ALA C 211 4.54 3.25 -3.59
C ALA C 211 3.84 4.58 -3.77
N GLU C 212 2.51 4.50 -3.71
CA GLU C 212 1.62 5.64 -3.80
C GLU C 212 1.72 6.48 -5.06
N GLY C 213 1.97 5.79 -6.18
CA GLY C 213 2.06 6.48 -7.44
C GLY C 213 2.14 5.49 -8.58
N ILE C 214 2.09 6.01 -9.80
CA ILE C 214 2.21 5.18 -10.97
C ILE C 214 3.05 5.91 -12.01
N SER C 215 3.47 5.17 -13.02
CA SER C 215 4.27 5.69 -14.12
C SER C 215 4.25 4.64 -15.21
N SER C 216 4.37 5.07 -16.47
CA SER C 216 4.43 4.15 -17.60
C SER C 216 5.89 3.65 -17.63
N TYR C 217 6.21 2.72 -18.52
CA TYR C 217 7.59 2.21 -18.67
C TYR C 217 7.59 1.38 -19.94
N GLY C 218 8.76 1.18 -20.53
CA GLY C 218 8.85 0.42 -21.76
C GLY C 218 7.92 0.98 -22.82
N VAL C 219 7.93 2.30 -22.99
CA VAL C 219 7.06 2.94 -23.97
C VAL C 219 7.57 2.78 -25.42
N THR C 220 6.65 2.46 -26.32
CA THR C 220 6.96 2.29 -27.74
C THR C 220 7.61 0.96 -28.14
N ARG C 221 8.58 0.48 -27.37
CA ARG C 221 9.29 -0.77 -27.70
C ARG C 221 9.58 -1.71 -26.55
N HIS C 222 8.55 -2.25 -25.92
CA HIS C 222 8.78 -3.18 -24.81
C HIS C 222 9.02 -4.60 -25.33
N ARG C 223 9.89 -5.36 -24.65
CA ARG C 223 10.22 -6.73 -25.09
C ARG C 223 9.03 -7.64 -25.42
N HIS C 224 7.83 -7.31 -24.93
CA HIS C 224 6.67 -8.14 -25.23
C HIS C 224 5.97 -7.85 -26.54
N VAL C 225 6.33 -6.74 -27.20
CA VAL C 225 5.71 -6.35 -28.46
C VAL C 225 5.78 -7.44 -29.55
N PRO C 226 7.00 -7.93 -29.91
CA PRO C 226 7.06 -8.98 -30.94
C PRO C 226 6.27 -10.24 -30.58
N GLU C 227 6.31 -10.63 -29.30
CA GLU C 227 5.57 -11.80 -28.82
C GLU C 227 4.07 -11.65 -29.09
N ILE C 228 3.54 -10.46 -28.77
CA ILE C 228 2.14 -10.13 -28.99
C ILE C 228 1.79 -10.12 -30.48
N GLU C 229 2.61 -9.43 -31.28
CA GLU C 229 2.33 -9.32 -32.71
C GLU C 229 2.42 -10.63 -33.49
N GLN C 230 3.48 -11.42 -33.26
CA GLN C 230 3.61 -12.69 -33.98
C GLN C 230 2.36 -13.55 -33.75
N GLY C 231 1.90 -13.57 -32.50
CA GLY C 231 0.70 -14.32 -32.18
C GLY C 231 -0.46 -13.77 -33.00
N LEU C 232 -0.63 -12.45 -32.97
CA LEU C 232 -1.71 -11.78 -33.70
C LEU C 232 -1.58 -12.13 -35.19
N SER C 233 -0.34 -12.23 -35.66
CA SER C 233 -0.11 -12.58 -37.07
C SER C 233 -0.77 -13.91 -37.40
N ASP C 234 -0.46 -14.89 -36.56
CA ASP C 234 -0.99 -16.22 -36.71
C ASP C 234 -2.46 -16.25 -37.13
N VAL C 235 -3.36 -15.76 -36.28
CA VAL C 235 -4.79 -15.78 -36.58
C VAL C 235 -5.29 -14.69 -37.52
N ALA C 236 -4.47 -13.66 -37.73
CA ALA C 236 -4.85 -12.58 -38.62
C ALA C 236 -4.42 -12.91 -40.05
N GLN C 237 -3.43 -13.79 -40.15
CA GLN C 237 -2.90 -14.19 -41.45
C GLN C 237 -2.44 -12.94 -42.18
N SER C 238 -1.75 -12.08 -41.43
CA SER C 238 -1.20 -10.82 -41.92
C SER C 238 -0.38 -10.18 -40.80
N LYS C 239 0.48 -9.23 -41.15
CA LYS C 239 1.30 -8.57 -40.16
C LYS C 239 0.44 -7.64 -39.32
N VAL C 240 0.50 -7.82 -38.00
CA VAL C 240 -0.27 -7.00 -37.08
C VAL C 240 0.65 -6.13 -36.24
N THR C 241 0.56 -4.81 -36.44
CA THR C 241 1.35 -3.85 -35.67
C THR C 241 0.40 -3.22 -34.66
N VAL C 242 0.73 -3.33 -33.37
CA VAL C 242 -0.11 -2.77 -32.32
C VAL C 242 0.57 -1.66 -31.53
N SER C 243 -0.20 -1.06 -30.63
CA SER C 243 0.33 -0.05 -29.73
C SER C 243 0.14 -0.77 -28.39
N PHE C 244 1.19 -0.78 -27.59
CA PHE C 244 1.19 -1.48 -26.31
C PHE C 244 2.02 -0.68 -25.34
N THR C 245 1.38 -0.21 -24.28
CA THR C 245 2.08 0.60 -23.30
C THR C 245 1.96 0.09 -21.89
N PRO C 246 3.10 -0.33 -21.30
CA PRO C 246 3.20 -0.85 -19.93
C PRO C 246 3.03 0.26 -18.90
N HIS C 247 2.53 -0.10 -17.72
CA HIS C 247 2.35 0.87 -16.64
C HIS C 247 2.59 0.13 -15.33
N LEU C 248 3.30 0.75 -14.42
CA LEU C 248 3.63 0.12 -13.14
C LEU C 248 2.91 0.79 -11.98
N MET C 249 2.23 0.00 -11.15
CA MET C 249 1.48 0.53 -10.02
C MET C 249 1.89 0.01 -8.65
N PRO C 250 1.30 0.56 -7.58
CA PRO C 250 1.65 0.09 -6.25
C PRO C 250 0.80 -1.11 -5.82
N MET C 251 1.40 -2.29 -5.94
CA MET C 251 0.77 -3.54 -5.58
C MET C 251 1.73 -4.64 -6.00
N ILE C 252 1.51 -5.85 -5.51
CA ILE C 252 2.40 -6.96 -5.83
C ILE C 252 1.98 -7.74 -7.05
N ARG C 253 0.78 -8.33 -6.96
CA ARG C 253 0.24 -9.15 -8.03
C ARG C 253 -0.90 -8.48 -8.78
N GLY C 254 -1.14 -8.94 -10.00
CA GLY C 254 -2.24 -8.37 -10.75
C GLY C 254 -1.85 -7.77 -12.08
N MET C 255 -2.72 -7.97 -13.05
CA MET C 255 -2.45 -7.45 -14.36
C MET C 255 -3.72 -7.26 -15.17
N GLN C 256 -3.77 -6.13 -15.85
CA GLN C 256 -4.88 -5.81 -16.70
C GLN C 256 -4.37 -5.16 -17.97
N SER C 257 -4.96 -5.57 -19.08
CA SER C 257 -4.63 -4.98 -20.37
C SER C 257 -5.91 -4.42 -20.98
N THR C 258 -6.22 -3.15 -20.69
CA THR C 258 -7.41 -2.49 -21.27
C THR C 258 -7.13 -2.41 -22.77
N ILE C 259 -7.91 -3.14 -23.56
CA ILE C 259 -7.73 -3.24 -25.01
C ILE C 259 -8.78 -2.49 -25.82
N TYR C 260 -8.33 -1.53 -26.62
CA TYR C 260 -9.21 -0.73 -27.46
C TYR C 260 -9.07 -1.22 -28.90
N VAL C 261 -10.14 -1.78 -29.44
CA VAL C 261 -10.13 -2.30 -30.80
C VAL C 261 -11.26 -1.68 -31.61
N GLU C 262 -11.26 -1.97 -32.90
CA GLU C 262 -12.26 -1.49 -33.83
C GLU C 262 -12.93 -2.74 -34.36
N MET C 263 -14.25 -2.83 -34.19
CA MET C 263 -14.98 -4.00 -34.65
C MET C 263 -15.09 -3.99 -36.17
N ALA C 264 -15.45 -5.12 -36.75
CA ALA C 264 -15.58 -5.23 -38.20
C ALA C 264 -16.93 -4.64 -38.61
N PRO C 265 -17.09 -4.34 -39.91
CA PRO C 265 -18.34 -3.77 -40.43
C PRO C 265 -19.54 -4.61 -40.01
N GLY C 266 -20.58 -3.96 -39.49
CA GLY C 266 -21.78 -4.66 -39.06
C GLY C 266 -21.71 -5.21 -37.65
N VAL C 267 -20.52 -5.67 -37.26
CA VAL C 267 -20.27 -6.24 -35.93
C VAL C 267 -20.64 -5.30 -34.78
N ARG C 268 -21.25 -5.87 -33.75
CA ARG C 268 -21.66 -5.11 -32.57
C ARG C 268 -20.94 -5.72 -31.37
N THR C 269 -20.83 -4.98 -30.27
CA THR C 269 -20.14 -5.54 -29.11
C THR C 269 -20.80 -6.85 -28.67
N GLU C 270 -22.12 -6.93 -28.85
CA GLU C 270 -22.86 -8.13 -28.50
C GLU C 270 -22.22 -9.33 -29.16
N ASP C 271 -21.74 -9.15 -30.38
CA ASP C 271 -21.13 -10.26 -31.11
C ASP C 271 -19.77 -10.67 -30.55
N LEU C 272 -18.92 -9.70 -30.25
CA LEU C 272 -17.61 -10.03 -29.68
C LEU C 272 -17.87 -10.79 -28.40
N HIS C 273 -18.78 -10.26 -27.58
CA HIS C 273 -19.11 -10.90 -26.31
C HIS C 273 -19.53 -12.36 -26.51
N GLN C 274 -20.50 -12.58 -27.40
CA GLN C 274 -20.99 -13.92 -27.66
C GLN C 274 -19.89 -14.86 -28.15
N GLN C 275 -18.98 -14.34 -28.96
CA GLN C 275 -17.89 -15.18 -29.46
C GLN C 275 -16.96 -15.59 -28.32
N LEU C 276 -16.66 -14.65 -27.41
CA LEU C 276 -15.79 -14.96 -26.30
C LEU C 276 -16.46 -15.96 -25.38
N LYS C 277 -17.77 -15.81 -25.24
CA LYS C 277 -18.57 -16.68 -24.40
C LYS C 277 -18.50 -18.11 -24.96
N THR C 278 -18.73 -18.24 -26.26
CA THR C 278 -18.67 -19.55 -26.91
C THR C 278 -17.29 -20.15 -26.77
N SER C 279 -16.28 -19.38 -27.16
CA SER C 279 -14.89 -19.80 -27.10
C SER C 279 -14.42 -20.35 -25.75
N TYR C 280 -14.88 -19.74 -24.67
CA TYR C 280 -14.42 -20.16 -23.36
C TYR C 280 -15.49 -20.68 -22.37
N GLU C 281 -16.71 -20.92 -22.86
CA GLU C 281 -17.83 -21.38 -22.03
C GLU C 281 -17.58 -22.55 -21.04
N ASP C 282 -16.81 -23.55 -21.46
CA ASP C 282 -16.54 -24.66 -20.56
C ASP C 282 -15.11 -24.67 -20.06
N GLU C 283 -14.52 -23.48 -19.99
CA GLU C 283 -13.15 -23.33 -19.55
C GLU C 283 -13.02 -23.05 -18.05
N GLU C 284 -12.04 -23.70 -17.42
CA GLU C 284 -11.85 -23.49 -15.99
C GLU C 284 -11.09 -22.21 -15.69
N PHE C 285 -10.14 -21.87 -16.56
CA PHE C 285 -9.30 -20.70 -16.30
C PHE C 285 -9.55 -19.37 -17.02
N VAL C 286 -10.58 -19.31 -17.84
CA VAL C 286 -10.92 -18.09 -18.56
C VAL C 286 -12.43 -17.83 -18.38
N LYS C 287 -12.76 -16.81 -17.61
CA LYS C 287 -14.14 -16.46 -17.35
C LYS C 287 -14.56 -15.20 -18.10
N VAL C 288 -15.50 -15.37 -19.02
CA VAL C 288 -16.05 -14.27 -19.81
C VAL C 288 -17.22 -13.73 -18.99
N LEU C 289 -17.07 -12.53 -18.43
CA LEU C 289 -18.10 -11.93 -17.61
C LEU C 289 -19.27 -11.44 -18.45
N ASP C 290 -20.41 -11.20 -17.80
CA ASP C 290 -21.57 -10.71 -18.53
C ASP C 290 -21.31 -9.29 -18.99
N GLU C 291 -21.91 -8.92 -20.12
CA GLU C 291 -21.73 -7.57 -20.64
C GLU C 291 -22.01 -6.53 -19.56
N GLY C 292 -21.13 -5.53 -19.48
CA GLY C 292 -21.32 -4.48 -18.50
C GLY C 292 -20.64 -4.69 -17.16
N VAL C 293 -20.33 -5.94 -16.80
CA VAL C 293 -19.65 -6.22 -15.54
C VAL C 293 -18.15 -6.05 -15.77
N VAL C 294 -17.53 -5.20 -14.97
CA VAL C 294 -16.11 -4.92 -15.10
C VAL C 294 -15.29 -5.77 -14.14
N PRO C 295 -14.27 -6.46 -14.63
CA PRO C 295 -13.47 -7.28 -13.71
C PRO C 295 -12.50 -6.46 -12.84
N ARG C 296 -11.92 -7.10 -11.84
CA ARG C 296 -10.96 -6.44 -10.94
C ARG C 296 -9.82 -7.40 -10.72
N THR C 297 -8.58 -6.96 -10.90
CA THR C 297 -7.46 -7.87 -10.67
C THR C 297 -7.54 -8.50 -9.25
N HIS C 298 -8.11 -7.76 -8.30
CA HIS C 298 -8.21 -8.28 -6.93
C HIS C 298 -8.90 -9.66 -6.95
N ASN C 299 -9.89 -9.83 -7.83
CA ASN C 299 -10.67 -11.06 -7.90
C ASN C 299 -9.98 -12.33 -8.41
N VAL C 300 -8.78 -12.20 -8.96
CA VAL C 300 -8.06 -13.37 -9.45
C VAL C 300 -6.71 -13.48 -8.75
N ARG C 301 -6.41 -12.46 -7.94
CA ARG C 301 -5.16 -12.39 -7.21
C ARG C 301 -4.80 -13.74 -6.51
N GLY C 302 -3.62 -14.28 -6.83
CA GLY C 302 -3.17 -15.51 -6.22
C GLY C 302 -3.81 -16.78 -6.77
N SER C 303 -4.35 -16.70 -7.98
CA SER C 303 -5.01 -17.83 -8.59
C SER C 303 -4.60 -17.83 -10.06
N ASN C 304 -4.91 -18.92 -10.74
CA ASN C 304 -4.56 -19.08 -12.16
C ASN C 304 -5.70 -18.67 -13.09
N TYR C 305 -6.73 -18.05 -12.53
CA TYR C 305 -7.87 -17.63 -13.33
C TYR C 305 -7.66 -16.37 -14.17
N CYS C 306 -8.55 -16.20 -15.16
CA CYS C 306 -8.54 -15.04 -16.04
C CYS C 306 -10.00 -14.60 -16.16
N HIS C 307 -10.25 -13.31 -15.95
CA HIS C 307 -11.60 -12.75 -16.09
C HIS C 307 -11.54 -11.69 -17.16
N MET C 308 -12.42 -11.78 -18.14
CA MET C 308 -12.45 -10.76 -19.19
C MET C 308 -13.88 -10.24 -19.39
N SER C 309 -13.99 -9.11 -20.08
CA SER C 309 -15.27 -8.48 -20.34
C SER C 309 -15.20 -7.52 -21.54
N VAL C 310 -16.32 -7.40 -22.27
CA VAL C 310 -16.39 -6.52 -23.44
C VAL C 310 -17.33 -5.36 -23.22
N PHE C 311 -16.98 -4.21 -23.80
CA PHE C 311 -17.77 -3.00 -23.67
C PHE C 311 -17.68 -2.19 -24.96
N PRO C 312 -18.77 -1.50 -25.33
CA PRO C 312 -18.77 -0.68 -26.55
C PRO C 312 -17.89 0.54 -26.26
N ASP C 313 -17.34 1.16 -27.30
CA ASP C 313 -16.53 2.35 -27.11
C ASP C 313 -17.47 3.53 -27.43
N ARG C 314 -17.21 4.70 -26.84
CA ARG C 314 -18.06 5.85 -27.13
C ARG C 314 -17.92 6.14 -28.62
N ILE C 315 -16.73 5.84 -29.16
CA ILE C 315 -16.48 6.03 -30.59
C ILE C 315 -17.12 4.89 -31.36
N PRO C 316 -17.95 5.23 -32.36
CA PRO C 316 -18.60 4.16 -33.12
C PRO C 316 -17.68 3.21 -33.88
N GLY C 317 -18.01 1.92 -33.78
CA GLY C 317 -17.25 0.88 -34.46
C GLY C 317 -16.11 0.34 -33.61
N ARG C 318 -15.91 0.93 -32.45
CA ARG C 318 -14.86 0.49 -31.57
C ARG C 318 -15.42 -0.25 -30.35
N ALA C 319 -14.62 -1.16 -29.81
CA ALA C 319 -14.98 -1.93 -28.63
C ALA C 319 -13.80 -1.95 -27.67
N ILE C 320 -14.09 -2.22 -26.40
CA ILE C 320 -13.09 -2.28 -25.34
C ILE C 320 -13.22 -3.59 -24.53
N ILE C 321 -12.10 -4.26 -24.31
CA ILE C 321 -12.08 -5.50 -23.53
C ILE C 321 -11.17 -5.36 -22.30
N ILE C 322 -11.60 -5.93 -21.18
CA ILE C 322 -10.81 -5.91 -19.95
C ILE C 322 -10.51 -7.36 -19.58
N SER C 323 -9.23 -7.73 -19.76
CA SER C 323 -8.74 -9.08 -19.50
C SER C 323 -7.72 -9.02 -18.35
N VAL C 324 -8.03 -9.71 -17.26
CA VAL C 324 -7.14 -9.71 -16.10
C VAL C 324 -6.63 -11.10 -15.72
N ILE C 325 -5.34 -11.16 -15.35
CA ILE C 325 -4.70 -12.40 -14.92
C ILE C 325 -3.55 -12.05 -14.00
N ASP C 326 -3.52 -12.66 -12.81
CA ASP C 326 -2.42 -12.44 -11.89
C ASP C 326 -1.17 -12.85 -12.71
N ASN C 327 -0.28 -11.88 -12.94
CA ASN C 327 0.94 -12.08 -13.74
C ASN C 327 1.91 -13.12 -13.18
N LEU C 328 1.85 -13.35 -11.88
CA LEU C 328 2.71 -14.34 -11.24
C LEU C 328 2.07 -15.72 -11.25
N VAL C 329 0.98 -15.89 -12.01
CA VAL C 329 0.31 -17.18 -12.03
C VAL C 329 -0.16 -17.51 -13.47
N LYS C 330 -1.39 -17.15 -13.84
CA LYS C 330 -1.83 -17.49 -15.19
C LYS C 330 -0.93 -16.89 -16.26
N GLY C 331 -0.12 -15.91 -15.90
CA GLY C 331 0.76 -15.31 -16.89
C GLY C 331 2.20 -15.74 -16.67
N ALA C 332 2.39 -16.72 -15.79
CA ALA C 332 3.71 -17.19 -15.47
C ALA C 332 3.79 -18.63 -14.95
N SER C 333 4.14 -18.79 -13.68
CA SER C 333 4.33 -20.11 -13.12
C SER C 333 3.10 -21.00 -13.04
N GLY C 334 1.93 -20.37 -13.10
CA GLY C 334 0.69 -21.11 -13.08
C GLY C 334 0.39 -21.72 -14.44
N GLN C 335 0.51 -20.94 -15.51
CA GLN C 335 0.24 -21.48 -16.85
C GLN C 335 1.30 -22.56 -17.19
N ALA C 336 2.54 -22.33 -16.76
CA ALA C 336 3.63 -23.27 -17.00
C ALA C 336 3.18 -24.65 -16.54
N LEU C 337 2.63 -24.72 -15.33
CA LEU C 337 2.15 -25.97 -14.77
C LEU C 337 0.94 -26.47 -15.55
N GLN C 338 0.13 -25.55 -16.05
CA GLN C 338 -1.06 -25.88 -16.83
C GLN C 338 -0.59 -26.60 -18.08
N ASN C 339 0.50 -26.11 -18.65
CA ASN C 339 1.07 -26.69 -19.85
C ASN C 339 1.72 -28.04 -19.58
N LEU C 340 2.46 -28.13 -18.47
CA LEU C 340 3.12 -29.38 -18.15
C LEU C 340 2.11 -30.48 -17.83
N ASN C 341 1.05 -30.15 -17.09
CA ASN C 341 0.06 -31.15 -16.76
C ASN C 341 -0.39 -31.91 -17.99
N ILE C 342 -0.71 -31.20 -19.07
CA ILE C 342 -1.16 -31.90 -20.27
C ILE C 342 -0.01 -32.46 -21.11
N MET C 343 1.23 -32.15 -20.73
CA MET C 343 2.38 -32.69 -21.46
C MET C 343 2.74 -34.03 -20.82
N LEU C 344 2.15 -34.29 -19.65
CA LEU C 344 2.41 -35.53 -18.92
C LEU C 344 1.17 -36.42 -18.83
N GLY C 345 0.12 -36.05 -19.53
CA GLY C 345 -1.09 -36.85 -19.50
C GLY C 345 -1.98 -36.69 -18.28
N TYR C 346 -1.75 -35.65 -17.49
CA TYR C 346 -2.59 -35.42 -16.32
C TYR C 346 -3.63 -34.38 -16.67
N PRO C 347 -4.74 -34.36 -15.94
CA PRO C 347 -5.81 -33.38 -16.19
C PRO C 347 -5.20 -31.99 -16.10
N GLU C 348 -5.52 -31.16 -17.07
CA GLU C 348 -5.00 -29.81 -17.14
C GLU C 348 -4.92 -29.02 -15.81
N THR C 349 -6.00 -29.01 -15.06
CA THR C 349 -6.07 -28.30 -13.78
C THR C 349 -5.30 -28.96 -12.64
N THR C 350 -4.36 -29.84 -12.96
CA THR C 350 -3.62 -30.51 -11.89
C THR C 350 -3.02 -29.59 -10.85
N GLY C 351 -3.63 -29.60 -9.67
CA GLY C 351 -3.16 -28.78 -8.56
C GLY C 351 -3.09 -27.30 -8.86
N LEU C 352 -4.03 -26.81 -9.66
CA LEU C 352 -4.08 -25.39 -10.02
C LEU C 352 -5.46 -24.78 -9.71
N LEU C 353 -6.24 -25.48 -8.90
CA LEU C 353 -7.57 -25.00 -8.56
C LEU C 353 -7.57 -24.06 -7.32
N HIS C 354 -6.41 -23.49 -6.99
CA HIS C 354 -6.33 -22.57 -5.85
C HIS C 354 -7.32 -21.44 -6.08
N GLN C 355 -8.04 -21.06 -5.04
CA GLN C 355 -9.02 -19.99 -5.18
C GLN C 355 -8.40 -18.64 -4.87
N PRO C 356 -8.92 -17.57 -5.50
CA PRO C 356 -8.37 -16.23 -5.26
C PRO C 356 -8.28 -15.90 -3.78
N LEU C 357 -7.20 -15.23 -3.39
CA LEU C 357 -7.01 -14.81 -2.02
C LEU C 357 -7.54 -13.38 -1.89
N PHE C 358 -8.81 -13.24 -1.54
CA PHE C 358 -9.39 -11.92 -1.35
C PHE C 358 -10.30 -11.95 -0.14
N PRO C 359 -10.21 -10.94 0.74
CA PRO C 359 -9.31 -9.79 0.69
C PRO C 359 -7.91 -10.18 1.14
N LYS D 15 -17.40 -36.19 -1.68
CA LYS D 15 -17.34 -35.47 -0.38
C LYS D 15 -18.50 -35.88 0.51
N ASP D 16 -18.19 -36.61 1.58
CA ASP D 16 -19.21 -37.10 2.49
C ASP D 16 -19.72 -36.15 3.58
N ILE D 17 -19.14 -34.96 3.69
CA ILE D 17 -19.58 -34.03 4.71
C ILE D 17 -20.25 -32.77 4.19
N ARG D 18 -21.48 -32.54 4.61
CA ARG D 18 -22.25 -31.38 4.18
C ARG D 18 -22.12 -30.24 5.20
N ILE D 19 -21.67 -29.09 4.71
CA ILE D 19 -21.45 -27.93 5.58
C ILE D 19 -22.38 -26.73 5.37
N GLY D 20 -22.75 -26.10 6.48
CA GLY D 20 -23.58 -24.92 6.41
C GLY D 20 -22.77 -23.73 6.91
N LEU D 21 -22.81 -22.62 6.18
CA LEU D 21 -22.08 -21.42 6.58
C LEU D 21 -23.10 -20.33 6.95
N LEU D 22 -23.38 -20.19 8.24
CA LEU D 22 -24.36 -19.22 8.72
C LEU D 22 -23.74 -17.82 8.86
N GLY D 23 -23.98 -16.97 7.87
CA GLY D 23 -23.42 -15.62 7.88
C GLY D 23 -22.22 -15.60 6.95
N ALA D 24 -22.48 -15.42 5.66
CA ALA D 24 -21.44 -15.40 4.62
C ALA D 24 -21.22 -14.00 4.02
N SER D 25 -21.59 -12.96 4.77
CA SER D 25 -21.43 -11.61 4.26
C SER D 25 -20.05 -11.03 4.57
N GLY D 26 -19.43 -11.57 5.60
CA GLY D 26 -18.11 -11.08 5.98
C GLY D 26 -16.94 -11.80 5.36
N TYR D 27 -15.76 -11.23 5.56
CA TYR D 27 -14.54 -11.80 5.03
C TYR D 27 -14.33 -13.19 5.62
N THR D 28 -14.57 -13.33 6.92
CA THR D 28 -14.40 -14.64 7.55
C THR D 28 -15.32 -15.68 6.91
N GLY D 29 -16.46 -15.23 6.36
CA GLY D 29 -17.37 -16.14 5.69
C GLY D 29 -16.77 -16.58 4.36
N ALA D 30 -16.26 -15.60 3.62
CA ALA D 30 -15.63 -15.85 2.33
C ALA D 30 -14.40 -16.73 2.49
N GLU D 31 -13.67 -16.55 3.59
CA GLU D 31 -12.48 -17.35 3.87
C GLU D 31 -12.89 -18.81 4.09
N ILE D 32 -13.99 -19.00 4.83
CA ILE D 32 -14.49 -20.35 5.09
C ILE D 32 -14.74 -21.02 3.75
N VAL D 33 -15.35 -20.29 2.82
CA VAL D 33 -15.63 -20.83 1.49
C VAL D 33 -14.33 -21.07 0.73
N ARG D 34 -13.36 -20.16 0.88
CA ARG D 34 -12.09 -20.33 0.18
C ARG D 34 -11.49 -21.71 0.46
N LEU D 35 -11.23 -21.98 1.73
CA LEU D 35 -10.63 -23.26 2.14
C LEU D 35 -11.49 -24.43 1.70
N LEU D 36 -12.74 -24.45 2.16
CA LEU D 36 -13.61 -25.56 1.80
C LEU D 36 -13.52 -25.94 0.33
N ALA D 37 -13.28 -24.98 -0.54
CA ALA D 37 -13.23 -25.26 -1.98
C ALA D 37 -12.40 -26.47 -2.37
N ASN D 38 -11.16 -26.55 -1.90
CA ASN D 38 -10.34 -27.70 -2.25
C ASN D 38 -10.23 -28.72 -1.11
N HIS D 39 -11.16 -28.66 -0.15
CA HIS D 39 -11.14 -29.62 0.94
C HIS D 39 -11.65 -30.95 0.34
N PRO D 40 -10.90 -32.04 0.52
CA PRO D 40 -11.30 -33.33 -0.03
C PRO D 40 -12.59 -33.95 0.51
N HIS D 41 -12.98 -33.63 1.74
CA HIS D 41 -14.20 -34.26 2.26
C HIS D 41 -15.36 -33.36 2.64
N PHE D 42 -15.11 -32.08 2.88
CA PHE D 42 -16.18 -31.18 3.26
C PHE D 42 -16.70 -30.40 2.08
N GLN D 43 -18.00 -30.19 2.05
CA GLN D 43 -18.64 -29.47 0.95
C GLN D 43 -19.69 -28.48 1.45
N VAL D 44 -19.65 -27.25 0.96
CA VAL D 44 -20.66 -26.27 1.36
C VAL D 44 -21.99 -26.58 0.67
N THR D 45 -23.05 -26.81 1.44
CA THR D 45 -24.36 -27.12 0.87
C THR D 45 -25.45 -26.12 1.31
N LEU D 46 -25.11 -25.29 2.30
CA LEU D 46 -26.05 -24.30 2.79
C LEU D 46 -25.32 -23.03 3.24
N MET D 47 -25.78 -21.88 2.76
CA MET D 47 -25.20 -20.60 3.13
C MET D 47 -26.30 -19.59 3.49
N THR D 48 -26.13 -18.87 4.60
CA THR D 48 -27.14 -17.90 4.98
C THR D 48 -26.56 -16.51 5.07
N ALA D 49 -27.41 -15.52 4.80
CA ALA D 49 -27.04 -14.10 4.85
C ALA D 49 -28.32 -13.36 5.24
N ASP D 50 -28.16 -12.16 5.80
CA ASP D 50 -29.33 -11.38 6.19
C ASP D 50 -29.81 -10.51 5.03
N ARG D 51 -29.20 -9.34 4.89
CA ARG D 51 -29.59 -8.41 3.82
C ARG D 51 -29.48 -9.00 2.42
N LYS D 52 -28.50 -9.89 2.22
CA LYS D 52 -28.30 -10.47 0.90
C LYS D 52 -28.93 -11.84 0.70
N ALA D 53 -29.90 -12.20 1.53
CA ALA D 53 -30.54 -13.49 1.38
C ALA D 53 -31.23 -13.57 0.02
N GLY D 54 -31.14 -14.72 -0.64
CA GLY D 54 -31.78 -14.85 -1.93
C GLY D 54 -30.87 -14.55 -3.11
N GLN D 55 -29.71 -13.97 -2.82
CA GLN D 55 -28.73 -13.64 -3.85
C GLN D 55 -27.64 -14.70 -3.87
N SER D 56 -26.92 -14.78 -4.98
CA SER D 56 -25.80 -15.72 -5.10
C SER D 56 -24.66 -15.06 -4.37
N MET D 57 -23.74 -15.84 -3.80
CA MET D 57 -22.63 -15.24 -3.09
C MET D 57 -21.67 -14.56 -4.07
N GLU D 58 -21.87 -14.81 -5.37
CA GLU D 58 -21.04 -14.20 -6.40
C GLU D 58 -21.35 -12.71 -6.50
N SER D 59 -22.63 -12.34 -6.39
CA SER D 59 -22.98 -10.94 -6.49
C SER D 59 -22.44 -10.21 -5.26
N VAL D 60 -22.08 -10.99 -4.24
CA VAL D 60 -21.54 -10.46 -3.01
C VAL D 60 -20.02 -10.43 -3.11
N PHE D 61 -19.46 -11.58 -3.52
CA PHE D 61 -18.02 -11.79 -3.68
C PHE D 61 -17.74 -12.41 -5.06
N PRO D 62 -17.35 -11.59 -6.06
CA PRO D 62 -17.04 -12.02 -7.42
C PRO D 62 -15.92 -13.05 -7.55
N HIS D 63 -14.85 -12.85 -6.78
CA HIS D 63 -13.70 -13.74 -6.81
C HIS D 63 -14.07 -15.21 -6.56
N LEU D 64 -15.32 -15.43 -6.21
CA LEU D 64 -15.78 -16.78 -5.95
C LEU D 64 -16.53 -17.35 -7.16
N ARG D 65 -16.52 -16.60 -8.26
CA ARG D 65 -17.24 -17.04 -9.43
C ARG D 65 -16.85 -18.41 -10.02
N ALA D 66 -15.67 -18.93 -9.67
CA ALA D 66 -15.29 -20.24 -10.21
C ALA D 66 -15.99 -21.37 -9.47
N GLN D 67 -16.53 -21.05 -8.29
CA GLN D 67 -17.22 -22.05 -7.48
C GLN D 67 -18.73 -22.12 -7.70
N LYS D 68 -19.27 -23.32 -7.51
CA LYS D 68 -20.70 -23.54 -7.60
C LYS D 68 -21.15 -23.62 -6.15
N LEU D 69 -21.90 -22.61 -5.75
CA LEU D 69 -22.40 -22.50 -4.39
C LEU D 69 -23.92 -22.30 -4.41
N PRO D 70 -24.60 -22.72 -3.34
CA PRO D 70 -26.05 -22.56 -3.30
C PRO D 70 -26.46 -21.10 -3.09
N THR D 71 -27.63 -20.73 -3.61
CA THR D 71 -28.12 -19.37 -3.45
C THR D 71 -28.23 -19.11 -1.93
N LEU D 72 -27.93 -17.89 -1.50
CA LEU D 72 -28.03 -17.56 -0.08
C LEU D 72 -29.49 -17.62 0.32
N VAL D 73 -29.74 -17.91 1.60
CA VAL D 73 -31.09 -17.96 2.16
C VAL D 73 -31.01 -17.41 3.58
N SER D 74 -32.17 -17.14 4.15
CA SER D 74 -32.27 -16.63 5.52
C SER D 74 -32.01 -17.81 6.46
N VAL D 75 -31.30 -17.55 7.55
CA VAL D 75 -31.00 -18.58 8.54
C VAL D 75 -32.32 -19.04 9.16
N LYS D 76 -33.27 -18.11 9.23
CA LYS D 76 -34.58 -18.36 9.77
C LYS D 76 -35.36 -19.38 8.94
N ASP D 77 -35.07 -19.45 7.65
CA ASP D 77 -35.76 -20.40 6.77
C ASP D 77 -34.84 -21.57 6.36
N ALA D 78 -33.74 -21.76 7.08
CA ALA D 78 -32.81 -22.83 6.75
C ALA D 78 -33.19 -24.09 7.50
N ASP D 79 -33.11 -25.21 6.79
CA ASP D 79 -33.43 -26.51 7.34
C ASP D 79 -32.12 -27.29 7.37
N PHE D 80 -31.80 -27.88 8.52
CA PHE D 80 -30.55 -28.61 8.65
C PHE D 80 -30.66 -30.11 8.62
N SER D 81 -31.85 -30.64 8.31
CA SER D 81 -31.99 -32.08 8.32
C SER D 81 -31.05 -32.76 7.32
N THR D 82 -30.32 -31.97 6.53
CA THR D 82 -29.40 -32.51 5.56
C THR D 82 -27.99 -31.89 5.68
N VAL D 83 -27.71 -31.33 6.85
CA VAL D 83 -26.41 -30.69 7.11
C VAL D 83 -25.73 -31.39 8.27
N ASP D 84 -24.45 -31.69 8.13
CA ASP D 84 -23.69 -32.39 9.17
C ASP D 84 -23.00 -31.48 10.19
N ALA D 85 -22.40 -30.41 9.70
CA ALA D 85 -21.69 -29.48 10.56
C ALA D 85 -21.85 -28.04 10.05
N VAL D 86 -21.71 -27.09 10.96
CA VAL D 86 -21.86 -25.69 10.57
C VAL D 86 -20.80 -24.76 11.20
N PHE D 87 -20.43 -23.73 10.44
CA PHE D 87 -19.51 -22.70 10.91
C PHE D 87 -20.46 -21.52 11.08
N CYS D 88 -20.36 -20.80 12.20
CA CYS D 88 -21.22 -19.64 12.39
C CYS D 88 -20.41 -18.35 12.43
N CYS D 89 -20.78 -17.44 11.53
CA CYS D 89 -20.15 -16.12 11.41
C CYS D 89 -21.26 -15.10 11.50
N LEU D 90 -22.18 -15.35 12.40
CA LEU D 90 -23.31 -14.46 12.61
C LEU D 90 -22.82 -13.23 13.36
N PRO D 91 -23.59 -12.13 13.28
CA PRO D 91 -23.25 -10.86 13.94
C PRO D 91 -23.57 -10.85 15.44
N HIS D 92 -22.64 -10.35 16.23
CA HIS D 92 -22.79 -10.26 17.68
C HIS D 92 -24.20 -9.82 18.04
N GLY D 93 -24.82 -10.54 18.96
CA GLY D 93 -26.17 -10.20 19.37
C GLY D 93 -27.21 -11.19 18.91
N THR D 94 -26.80 -12.17 18.09
CA THR D 94 -27.76 -13.15 17.59
C THR D 94 -27.23 -14.58 17.61
N THR D 95 -25.93 -14.74 17.85
CA THR D 95 -25.30 -16.06 17.85
C THR D 95 -25.88 -17.07 18.83
N GLN D 96 -25.73 -16.81 20.13
CA GLN D 96 -26.20 -17.71 21.18
C GLN D 96 -27.62 -18.26 20.99
N GLU D 97 -28.59 -17.36 20.87
CA GLU D 97 -29.97 -17.78 20.69
C GLU D 97 -30.18 -18.68 19.48
N ILE D 98 -29.52 -18.36 18.38
CA ILE D 98 -29.63 -19.16 17.17
C ILE D 98 -29.05 -20.55 17.37
N ILE D 99 -27.82 -20.60 17.88
CA ILE D 99 -27.14 -21.87 18.08
C ILE D 99 -27.79 -22.69 19.19
N LYS D 100 -28.17 -22.04 20.29
CA LYS D 100 -28.79 -22.76 21.41
C LYS D 100 -29.90 -23.69 20.91
N GLU D 101 -30.59 -23.24 19.88
CA GLU D 101 -31.68 -24.00 19.28
C GLU D 101 -31.21 -25.01 18.24
N LEU D 102 -30.05 -24.74 17.61
CA LEU D 102 -29.52 -25.63 16.59
C LEU D 102 -29.52 -27.08 17.00
N PRO D 103 -30.11 -27.96 16.19
CA PRO D 103 -30.17 -29.39 16.47
C PRO D 103 -28.89 -30.01 17.06
N THR D 104 -29.07 -30.99 17.94
CA THR D 104 -27.98 -31.68 18.62
C THR D 104 -27.04 -32.48 17.71
N ALA D 105 -27.59 -33.04 16.64
CA ALA D 105 -26.80 -33.82 15.70
C ALA D 105 -25.76 -32.96 14.98
N LEU D 106 -25.98 -31.66 14.99
CA LEU D 106 -25.07 -30.72 14.34
C LEU D 106 -23.82 -30.38 15.12
N LYS D 107 -22.67 -30.52 14.47
CA LYS D 107 -21.40 -30.14 15.07
C LYS D 107 -21.36 -28.62 14.79
N ILE D 108 -21.04 -27.81 15.79
CA ILE D 108 -21.04 -26.37 15.62
C ILE D 108 -19.73 -25.69 16.00
N VAL D 109 -19.20 -24.90 15.08
CA VAL D 109 -17.99 -24.13 15.36
C VAL D 109 -18.35 -22.66 15.20
N ASP D 110 -18.40 -21.97 16.32
CA ASP D 110 -18.74 -20.58 16.33
C ASP D 110 -17.53 -19.69 16.21
N LEU D 111 -17.47 -18.89 15.14
CA LEU D 111 -16.35 -17.98 14.98
C LEU D 111 -16.57 -16.68 15.77
N SER D 112 -17.81 -16.40 16.18
CA SER D 112 -18.08 -15.18 16.96
C SER D 112 -17.41 -15.34 18.32
N ALA D 113 -17.47 -14.29 19.15
CA ALA D 113 -16.90 -14.34 20.49
C ALA D 113 -17.91 -14.70 21.59
N ASP D 114 -19.20 -14.75 21.24
CA ASP D 114 -20.27 -15.02 22.22
C ASP D 114 -20.16 -16.21 23.17
N PHE D 115 -19.44 -17.24 22.77
CA PHE D 115 -19.29 -18.39 23.64
C PHE D 115 -17.87 -18.63 24.12
N ARG D 116 -17.00 -17.64 23.89
CA ARG D 116 -15.60 -17.72 24.29
C ARG D 116 -15.38 -17.66 25.79
N LEU D 117 -16.08 -16.75 26.47
CA LEU D 117 -15.90 -16.60 27.90
C LEU D 117 -16.76 -17.54 28.75
N ARG D 118 -16.11 -18.27 29.65
CA ARG D 118 -16.79 -19.22 30.52
C ARG D 118 -17.54 -18.51 31.65
N ASN D 119 -17.05 -17.33 32.05
CA ASN D 119 -17.68 -16.56 33.13
C ASN D 119 -18.76 -15.61 32.60
N ILE D 120 -20.01 -15.93 32.92
CA ILE D 120 -21.17 -15.16 32.50
C ILE D 120 -21.12 -13.67 32.83
N ALA D 121 -20.85 -13.37 34.09
CA ALA D 121 -20.78 -11.98 34.51
C ALA D 121 -19.73 -11.26 33.67
N GLU D 122 -18.59 -11.93 33.56
CA GLU D 122 -17.47 -11.41 32.80
C GLU D 122 -17.90 -11.05 31.39
N TYR D 123 -18.65 -11.93 30.75
CA TYR D 123 -19.14 -11.70 29.39
C TYR D 123 -20.01 -10.44 29.33
N GLU D 124 -21.03 -10.40 30.18
CA GLU D 124 -21.96 -9.27 30.22
C GLU D 124 -21.25 -7.94 30.42
N GLU D 125 -20.14 -7.99 31.12
CA GLU D 125 -19.33 -6.81 31.39
C GLU D 125 -18.62 -6.34 30.10
N TRP D 126 -18.13 -7.27 29.31
CA TRP D 126 -17.39 -6.90 28.10
C TRP D 126 -18.17 -6.80 26.81
N TYR D 127 -19.38 -7.33 26.78
CA TYR D 127 -20.18 -7.29 25.56
C TYR D 127 -21.51 -6.56 25.65
N GLY D 128 -21.77 -5.95 26.81
CA GLY D 128 -23.01 -5.19 26.99
C GLY D 128 -24.30 -5.97 27.21
N GLN D 129 -24.71 -6.77 26.22
CA GLN D 129 -25.92 -7.56 26.32
C GLN D 129 -25.81 -8.86 27.13
N PRO D 130 -26.92 -9.29 27.75
CA PRO D 130 -26.96 -10.51 28.56
C PRO D 130 -26.58 -11.74 27.79
N HIS D 131 -26.16 -12.78 28.51
CA HIS D 131 -25.78 -14.04 27.88
C HIS D 131 -27.08 -14.81 27.65
N LYS D 132 -27.47 -14.91 26.39
CA LYS D 132 -28.70 -15.56 26.00
C LYS D 132 -28.76 -17.08 26.10
N ALA D 133 -27.62 -17.73 26.31
CA ALA D 133 -27.61 -19.19 26.42
C ALA D 133 -26.66 -19.60 27.53
N VAL D 134 -26.91 -19.04 28.71
CA VAL D 134 -26.13 -19.28 29.91
C VAL D 134 -25.79 -20.74 30.24
N GLU D 135 -26.72 -21.65 30.03
CA GLU D 135 -26.45 -23.06 30.35
C GLU D 135 -25.59 -23.74 29.30
N LEU D 136 -25.95 -23.53 28.04
CA LEU D 136 -25.22 -24.13 26.93
C LEU D 136 -23.74 -23.73 26.99
N GLN D 137 -23.44 -22.61 27.66
CA GLN D 137 -22.08 -22.14 27.76
C GLN D 137 -21.18 -23.19 28.39
N LYS D 138 -21.74 -23.97 29.30
CA LYS D 138 -20.98 -25.00 30.01
C LYS D 138 -20.45 -26.14 29.16
N GLU D 139 -21.08 -26.44 28.03
CA GLU D 139 -20.60 -27.54 27.19
C GLU D 139 -19.72 -27.11 26.01
N VAL D 140 -19.32 -25.85 25.99
CA VAL D 140 -18.48 -25.31 24.92
C VAL D 140 -17.00 -25.60 25.15
N VAL D 141 -16.27 -25.88 24.07
CA VAL D 141 -14.84 -26.11 24.17
C VAL D 141 -14.12 -24.97 23.40
N TYR D 142 -13.17 -24.32 24.06
CA TYR D 142 -12.40 -23.23 23.43
C TYR D 142 -11.54 -23.86 22.32
N GLY D 143 -11.65 -23.33 21.10
CA GLY D 143 -10.94 -23.91 19.98
C GLY D 143 -9.49 -23.56 19.68
N LEU D 144 -8.67 -23.39 20.71
CA LEU D 144 -7.25 -23.11 20.48
C LEU D 144 -6.70 -24.52 20.28
N THR D 145 -6.81 -25.01 19.05
CA THR D 145 -6.41 -26.37 18.73
C THR D 145 -5.13 -26.96 19.32
N GLU D 146 -4.02 -26.22 19.32
CA GLU D 146 -2.76 -26.77 19.85
C GLU D 146 -2.76 -26.97 21.38
N ILE D 147 -3.59 -26.22 22.09
CA ILE D 147 -3.65 -26.33 23.54
C ILE D 147 -4.80 -27.25 24.04
N LEU D 148 -5.96 -27.23 23.38
CA LEU D 148 -7.11 -28.01 23.81
C LEU D 148 -7.58 -29.08 22.83
N ARG D 149 -6.65 -29.55 22.02
CA ARG D 149 -6.91 -30.58 21.02
C ARG D 149 -7.76 -31.75 21.53
N GLU D 150 -7.35 -32.34 22.65
CA GLU D 150 -8.08 -33.48 23.18
C GLU D 150 -9.51 -33.22 23.60
N ASP D 151 -9.81 -31.99 24.03
CA ASP D 151 -11.17 -31.64 24.43
C ASP D 151 -12.00 -31.32 23.20
N ILE D 152 -11.40 -30.61 22.26
CA ILE D 152 -12.08 -30.22 21.04
C ILE D 152 -12.55 -31.42 20.22
N LYS D 153 -11.70 -32.43 20.08
CA LYS D 153 -12.07 -33.61 19.28
C LYS D 153 -13.43 -34.23 19.62
N LYS D 154 -13.89 -34.05 20.85
CA LYS D 154 -15.16 -34.63 21.25
C LYS D 154 -16.21 -33.64 21.75
N ALA D 155 -16.19 -32.43 21.21
CA ALA D 155 -17.18 -31.42 21.60
C ALA D 155 -18.17 -31.24 20.45
N ARG D 156 -19.37 -30.76 20.77
CA ARG D 156 -20.37 -30.54 19.73
C ARG D 156 -20.34 -29.08 19.34
N LEU D 157 -20.12 -28.23 20.34
CA LEU D 157 -20.07 -26.79 20.16
C LEU D 157 -18.69 -26.22 20.54
N VAL D 158 -18.04 -25.60 19.55
CA VAL D 158 -16.72 -25.04 19.75
C VAL D 158 -16.68 -23.53 19.54
N ALA D 159 -16.06 -22.83 20.48
CA ALA D 159 -15.91 -21.40 20.35
C ALA D 159 -14.51 -21.16 19.80
N ASN D 160 -14.45 -20.79 18.52
CA ASN D 160 -13.18 -20.52 17.89
C ASN D 160 -12.62 -19.23 18.52
N PRO D 161 -11.37 -19.27 18.98
CA PRO D 161 -10.72 -18.12 19.62
C PRO D 161 -10.70 -16.83 18.78
N GLY D 162 -10.23 -15.73 19.37
CA GLY D 162 -10.11 -14.50 18.63
C GLY D 162 -8.72 -14.52 17.96
N CYS D 163 -8.51 -13.69 16.94
CA CYS D 163 -7.21 -13.67 16.25
C CYS D 163 -6.05 -13.28 17.16
N TYR D 164 -6.12 -12.11 17.80
CA TYR D 164 -5.06 -11.70 18.69
C TYR D 164 -4.80 -12.74 19.77
N PRO D 165 -5.87 -13.24 20.43
CA PRO D 165 -5.67 -14.25 21.48
C PRO D 165 -4.90 -15.49 21.02
N THR D 166 -5.05 -15.85 19.75
CA THR D 166 -4.35 -17.02 19.26
C THR D 166 -2.84 -16.79 19.26
N THR D 167 -2.40 -15.61 18.80
CA THR D 167 -0.97 -15.29 18.75
C THR D 167 -0.39 -15.13 20.15
N ILE D 168 -1.23 -14.93 21.16
CA ILE D 168 -0.72 -14.74 22.50
C ILE D 168 -0.66 -16.02 23.33
N GLN D 169 -1.76 -16.78 23.34
CA GLN D 169 -1.81 -18.01 24.12
C GLN D 169 -0.88 -19.12 23.64
N LEU D 170 -0.73 -19.29 22.32
CA LEU D 170 0.11 -20.32 21.78
C LEU D 170 1.53 -20.30 22.37
N PRO D 171 2.23 -19.16 22.31
CA PRO D 171 3.57 -19.19 22.90
C PRO D 171 3.59 -19.13 24.43
N LEU D 172 2.60 -18.46 25.02
CA LEU D 172 2.60 -18.29 26.47
C LEU D 172 2.08 -19.44 27.35
N VAL D 173 1.04 -20.14 26.91
CA VAL D 173 0.53 -21.23 27.70
C VAL D 173 1.61 -22.24 28.04
N PRO D 174 2.34 -22.76 27.03
CA PRO D 174 3.41 -23.73 27.30
C PRO D 174 4.41 -23.19 28.32
N LEU D 175 4.89 -21.97 28.06
CA LEU D 175 5.86 -21.33 28.94
C LEU D 175 5.39 -21.28 30.39
N LEU D 176 4.13 -20.92 30.58
CA LEU D 176 3.55 -20.83 31.93
C LEU D 176 3.43 -22.24 32.56
N LYS D 177 2.80 -23.16 31.84
CA LYS D 177 2.64 -24.52 32.33
C LYS D 177 3.96 -25.09 32.84
N ALA D 178 5.07 -24.55 32.35
CA ALA D 178 6.41 -25.02 32.74
C ALA D 178 7.09 -24.06 33.71
N ASN D 179 6.33 -23.09 34.21
CA ASN D 179 6.85 -22.10 35.14
C ASN D 179 8.18 -21.46 34.71
N LEU D 180 8.25 -20.98 33.45
CA LEU D 180 9.48 -20.35 32.98
C LEU D 180 9.42 -18.84 32.98
N ILE D 181 8.21 -18.28 33.02
CA ILE D 181 8.02 -16.82 33.03
C ILE D 181 7.07 -16.45 34.16
N LYS D 182 7.15 -15.22 34.65
CA LYS D 182 6.25 -14.77 35.71
C LYS D 182 4.90 -14.45 35.08
N HIS D 183 3.82 -14.55 35.85
CA HIS D 183 2.51 -14.25 35.26
C HIS D 183 2.11 -12.80 35.44
N GLU D 184 2.96 -12.00 36.05
CA GLU D 184 2.63 -10.60 36.22
C GLU D 184 3.40 -9.78 35.17
N ASN D 185 2.79 -8.68 34.74
CA ASN D 185 3.41 -7.80 33.77
C ASN D 185 3.74 -8.39 32.40
N ILE D 186 2.74 -8.99 31.78
CA ILE D 186 2.89 -9.54 30.44
C ILE D 186 2.36 -8.48 29.47
N ILE D 187 3.14 -7.43 29.24
CA ILE D 187 2.74 -6.36 28.33
C ILE D 187 2.98 -6.84 26.90
N ILE D 188 1.93 -6.81 26.09
CA ILE D 188 1.99 -7.26 24.70
C ILE D 188 1.52 -6.19 23.71
N ASP D 189 2.46 -5.61 22.95
CA ASP D 189 2.12 -4.61 21.95
C ASP D 189 1.82 -5.34 20.66
N ALA D 190 0.54 -5.36 20.31
CA ALA D 190 0.07 -6.07 19.14
C ALA D 190 -0.27 -5.18 17.92
N LYS D 191 -0.06 -5.76 16.74
CA LYS D 191 -0.30 -5.10 15.45
C LYS D 191 -1.18 -6.02 14.62
N SER D 192 -2.07 -5.45 13.82
CA SER D 192 -2.92 -6.26 12.96
C SER D 192 -3.24 -5.60 11.61
N GLY D 193 -3.51 -6.44 10.61
CA GLY D 193 -3.88 -5.94 9.31
C GLY D 193 -5.30 -5.40 9.45
N VAL D 194 -5.78 -4.69 8.43
CA VAL D 194 -7.11 -4.11 8.55
C VAL D 194 -8.34 -4.99 8.19
N SER D 195 -8.12 -6.16 7.61
CA SER D 195 -9.26 -7.01 7.27
C SER D 195 -9.93 -7.49 8.56
N GLY D 196 -9.19 -7.50 9.65
CA GLY D 196 -9.75 -7.94 10.92
C GLY D 196 -10.82 -6.99 11.41
N ALA D 197 -10.98 -5.87 10.70
CA ALA D 197 -11.99 -4.87 11.04
C ALA D 197 -13.32 -5.22 10.38
N GLY D 198 -13.27 -5.95 9.27
CA GLY D 198 -14.50 -6.32 8.60
C GLY D 198 -14.80 -5.49 7.35
N ARG D 199 -15.79 -5.95 6.60
CA ARG D 199 -16.21 -5.33 5.35
C ARG D 199 -17.27 -4.21 5.51
N GLY D 200 -17.71 -3.97 6.74
CA GLY D 200 -18.69 -2.94 6.97
C GLY D 200 -18.25 -1.58 6.42
N ALA D 201 -19.13 -0.90 5.68
CA ALA D 201 -18.80 0.41 5.10
C ALA D 201 -18.69 1.46 6.19
N LYS D 202 -17.46 1.93 6.42
CA LYS D 202 -17.18 2.94 7.45
C LYS D 202 -16.03 3.87 7.03
N GLU D 203 -16.20 5.16 7.23
CA GLU D 203 -15.17 6.12 6.85
C GLU D 203 -13.82 5.79 7.48
N ALA D 204 -13.81 5.21 8.68
CA ALA D 204 -12.54 4.88 9.32
C ALA D 204 -11.67 3.86 8.57
N ASN D 205 -12.27 2.95 7.82
CA ASN D 205 -11.50 1.93 7.14
C ASN D 205 -11.42 2.03 5.61
N LEU D 206 -11.71 3.21 5.09
CA LEU D 206 -11.66 3.44 3.65
C LEU D 206 -10.17 3.44 3.27
N TYR D 207 -9.85 3.00 2.06
CA TYR D 207 -8.48 3.00 1.62
C TYR D 207 -7.79 4.35 1.91
N SER D 208 -8.41 5.46 1.47
CA SER D 208 -7.81 6.78 1.69
C SER D 208 -7.53 7.13 3.15
N GLU D 209 -8.23 6.51 4.08
CA GLU D 209 -8.02 6.78 5.51
C GLU D 209 -6.97 5.86 6.15
N ILE D 210 -6.96 4.60 5.73
CA ILE D 210 -6.08 3.59 6.29
C ILE D 210 -4.67 3.54 5.73
N ALA D 211 -4.52 3.92 4.47
CA ALA D 211 -3.21 3.85 3.83
C ALA D 211 -2.15 4.81 4.38
N GLU D 212 -0.95 4.27 4.54
CA GLU D 212 0.22 5.01 5.01
C GLU D 212 0.12 5.58 6.42
N GLY D 213 0.18 4.70 7.41
CA GLY D 213 0.10 5.14 8.80
C GLY D 213 -0.49 4.05 9.65
N ILE D 214 -0.17 4.06 10.95
CA ILE D 214 -0.73 3.07 11.86
C ILE D 214 -1.41 3.81 13.00
N SER D 215 -2.20 3.08 13.78
CA SER D 215 -2.84 3.69 14.94
C SER D 215 -3.14 2.61 15.95
N SER D 216 -3.01 2.96 17.22
CA SER D 216 -3.34 2.04 18.27
C SER D 216 -4.88 2.07 18.33
N TYR D 217 -5.50 1.01 18.84
CA TYR D 217 -6.96 0.97 19.01
C TYR D 217 -7.25 -0.08 20.06
N GLY D 218 -8.17 0.24 20.97
CA GLY D 218 -8.54 -0.68 22.03
C GLY D 218 -7.57 -0.52 23.17
N VAL D 219 -7.05 0.69 23.33
CA VAL D 219 -6.11 0.94 24.41
C VAL D 219 -6.80 0.75 25.77
N THR D 220 -6.08 0.14 26.71
CA THR D 220 -6.60 -0.10 28.05
C THR D 220 -7.63 -1.22 28.13
N ARG D 221 -8.65 -1.14 27.28
CA ARG D 221 -9.72 -2.12 27.29
C ARG D 221 -10.09 -2.53 25.88
N HIS D 222 -9.93 -3.81 25.58
CA HIS D 222 -10.29 -4.32 24.28
C HIS D 222 -10.90 -5.68 24.58
N ARG D 223 -12.06 -5.97 23.97
CA ARG D 223 -12.76 -7.22 24.23
C ARG D 223 -11.92 -8.49 24.26
N HIS D 224 -10.76 -8.48 23.60
CA HIS D 224 -9.91 -9.68 23.63
C HIS D 224 -9.19 -9.84 24.96
N VAL D 225 -9.14 -8.78 25.75
CA VAL D 225 -8.46 -8.85 27.04
C VAL D 225 -8.94 -9.98 27.94
N PRO D 226 -10.25 -10.00 28.28
CA PRO D 226 -10.76 -11.07 29.15
C PRO D 226 -10.54 -12.47 28.58
N GLU D 227 -10.62 -12.58 27.25
CA GLU D 227 -10.40 -13.85 26.57
C GLU D 227 -8.94 -14.30 26.69
N ILE D 228 -8.02 -13.34 26.65
CA ILE D 228 -6.58 -13.59 26.79
C ILE D 228 -6.28 -14.03 28.23
N GLU D 229 -6.83 -13.27 29.18
CA GLU D 229 -6.62 -13.53 30.60
C GLU D 229 -7.20 -14.89 31.02
N GLN D 230 -8.42 -15.20 30.57
CA GLN D 230 -9.02 -16.48 30.89
C GLN D 230 -8.04 -17.62 30.57
N GLY D 231 -7.51 -17.61 29.34
CA GLY D 231 -6.57 -18.64 28.91
C GLY D 231 -5.31 -18.70 29.75
N LEU D 232 -4.76 -17.54 30.08
CA LEU D 232 -3.55 -17.48 30.86
C LEU D 232 -3.78 -17.86 32.32
N SER D 233 -4.90 -17.41 32.88
CA SER D 233 -5.23 -17.73 34.27
C SER D 233 -5.45 -19.23 34.44
N ASP D 234 -6.08 -19.88 33.46
CA ASP D 234 -6.33 -21.31 33.56
C ASP D 234 -5.04 -22.08 33.63
N VAL D 235 -4.01 -21.60 32.95
CA VAL D 235 -2.71 -22.28 32.92
C VAL D 235 -1.86 -21.92 34.13
N ALA D 236 -2.00 -20.69 34.61
CA ALA D 236 -1.22 -20.24 35.74
C ALA D 236 -1.93 -20.53 37.07
N GLN D 237 -3.21 -20.90 36.99
CA GLN D 237 -4.00 -21.20 38.17
C GLN D 237 -3.94 -20.04 39.14
N SER D 238 -4.29 -18.87 38.61
CA SER D 238 -4.29 -17.63 39.38
C SER D 238 -4.65 -16.52 38.40
N LYS D 239 -5.39 -15.52 38.86
CA LYS D 239 -5.80 -14.44 37.98
C LYS D 239 -4.64 -13.72 37.32
N VAL D 240 -4.68 -13.65 36.00
CA VAL D 240 -3.64 -12.97 35.25
C VAL D 240 -4.17 -11.65 34.67
N THR D 241 -3.44 -10.58 34.94
CA THR D 241 -3.79 -9.26 34.41
C THR D 241 -2.67 -8.82 33.48
N VAL D 242 -3.01 -8.67 32.20
CA VAL D 242 -2.02 -8.26 31.19
C VAL D 242 -2.33 -6.88 30.63
N SER D 243 -1.34 -6.32 29.95
CA SER D 243 -1.48 -5.06 29.26
C SER D 243 -1.52 -5.50 27.79
N PHE D 244 -2.57 -5.09 27.07
CA PHE D 244 -2.73 -5.45 25.68
C PHE D 244 -3.12 -4.23 24.83
N THR D 245 -2.12 -3.68 24.12
CA THR D 245 -2.32 -2.52 23.26
C THR D 245 -2.18 -2.92 21.77
N PRO D 246 -3.32 -3.08 21.07
CA PRO D 246 -3.27 -3.44 19.65
C PRO D 246 -3.01 -2.17 18.82
N HIS D 247 -2.53 -2.37 17.59
CA HIS D 247 -2.24 -1.29 16.65
C HIS D 247 -2.80 -1.72 15.29
N LEU D 248 -3.26 -0.77 14.49
CA LEU D 248 -3.81 -1.09 13.17
C LEU D 248 -2.73 -0.83 12.11
N MET D 249 -2.52 -1.81 11.24
CA MET D 249 -1.53 -1.73 10.19
C MET D 249 -2.12 -1.38 8.84
N PRO D 250 -1.41 -0.57 8.04
CA PRO D 250 -1.92 -0.21 6.71
C PRO D 250 -1.69 -1.38 5.78
N MET D 251 -2.33 -2.50 6.11
CA MET D 251 -2.21 -3.69 5.29
C MET D 251 -3.49 -4.48 5.56
N ILE D 252 -3.69 -5.56 4.82
CA ILE D 252 -4.88 -6.36 4.98
C ILE D 252 -4.76 -7.57 5.93
N ARG D 253 -3.62 -8.27 5.86
CA ARG D 253 -3.38 -9.48 6.65
C ARG D 253 -2.14 -9.45 7.57
N GLY D 254 -2.10 -10.37 8.51
CA GLY D 254 -0.95 -10.45 9.40
C GLY D 254 -1.12 -9.84 10.78
N MET D 255 -0.43 -10.44 11.74
CA MET D 255 -0.49 -9.97 13.12
C MET D 255 0.85 -10.34 13.76
N GLN D 256 1.76 -9.37 13.79
CA GLN D 256 3.10 -9.53 14.36
C GLN D 256 3.16 -9.29 15.87
N SER D 257 2.10 -9.61 16.60
CA SER D 257 2.09 -9.40 18.06
C SER D 257 3.47 -9.60 18.73
N THR D 258 4.05 -8.51 19.19
CA THR D 258 5.33 -8.53 19.88
C THR D 258 4.97 -8.66 21.37
N ILE D 259 5.61 -9.60 22.06
CA ILE D 259 5.31 -9.85 23.48
C ILE D 259 6.51 -9.72 24.38
N TYR D 260 6.26 -9.13 25.54
CA TYR D 260 7.29 -8.88 26.54
C TYR D 260 6.96 -9.58 27.88
N VAL D 261 7.83 -10.51 28.28
CA VAL D 261 7.63 -11.25 29.52
C VAL D 261 8.84 -11.22 30.44
N GLU D 262 8.58 -11.43 31.73
CA GLU D 262 9.62 -11.50 32.75
C GLU D 262 9.91 -12.98 32.94
N MET D 263 11.18 -13.36 32.86
CA MET D 263 11.53 -14.75 33.06
C MET D 263 11.39 -15.10 34.53
N ALA D 264 11.27 -16.38 34.83
CA ALA D 264 11.14 -16.82 36.23
C ALA D 264 12.56 -17.02 36.78
N PRO D 265 12.76 -16.83 38.09
CA PRO D 265 14.10 -16.99 38.68
C PRO D 265 14.86 -18.24 38.17
N GLY D 266 16.08 -18.04 37.71
CA GLY D 266 16.88 -19.15 37.21
C GLY D 266 16.62 -19.53 35.77
N VAL D 267 15.70 -18.81 35.12
CA VAL D 267 15.35 -19.11 33.74
C VAL D 267 16.05 -18.19 32.73
N ARG D 268 16.48 -18.78 31.62
CA ARG D 268 17.17 -18.04 30.55
C ARG D 268 16.39 -18.13 29.23
N THR D 269 16.63 -17.18 28.34
CA THR D 269 15.94 -17.17 27.05
C THR D 269 16.02 -18.55 26.38
N GLU D 270 17.18 -19.20 26.51
CA GLU D 270 17.41 -20.52 25.91
C GLU D 270 16.40 -21.57 26.41
N ASP D 271 15.98 -21.46 27.66
CA ASP D 271 15.01 -22.41 28.21
C ASP D 271 13.66 -22.19 27.53
N LEU D 272 13.34 -20.93 27.25
CA LEU D 272 12.08 -20.62 26.58
C LEU D 272 12.04 -21.30 25.23
N HIS D 273 13.09 -21.07 24.43
CA HIS D 273 13.15 -21.64 23.09
C HIS D 273 12.97 -23.15 23.14
N GLN D 274 13.74 -23.81 24.00
CA GLN D 274 13.66 -25.26 24.15
C GLN D 274 12.24 -25.70 24.49
N GLN D 275 11.62 -25.01 25.44
CA GLN D 275 10.28 -25.36 25.86
C GLN D 275 9.26 -25.20 24.76
N LEU D 276 9.45 -24.18 23.92
CA LEU D 276 8.52 -23.95 22.83
C LEU D 276 8.81 -24.99 21.75
N LYS D 277 10.09 -25.23 21.48
CA LYS D 277 10.48 -26.20 20.47
C LYS D 277 9.94 -27.56 20.85
N THR D 278 9.88 -27.82 22.16
CA THR D 278 9.39 -29.10 22.66
C THR D 278 7.87 -29.24 22.55
N SER D 279 7.14 -28.23 23.02
CA SER D 279 5.68 -28.25 22.98
C SER D 279 5.11 -28.29 21.57
N TYR D 280 5.78 -27.64 20.64
CA TYR D 280 5.30 -27.59 19.27
C TYR D 280 6.20 -28.32 18.29
N GLU D 281 7.08 -29.16 18.81
CA GLU D 281 8.05 -29.92 18.01
C GLU D 281 7.50 -30.46 16.67
N ASP D 282 6.50 -31.33 16.74
CA ASP D 282 5.90 -31.92 15.54
C ASP D 282 4.55 -31.30 15.18
N GLU D 283 4.38 -30.01 15.43
CA GLU D 283 3.13 -29.32 15.12
C GLU D 283 3.20 -28.68 13.74
N GLU D 284 2.27 -29.06 12.88
CA GLU D 284 2.21 -28.54 11.52
C GLU D 284 2.18 -27.02 11.41
N PHE D 285 1.12 -26.43 11.97
CA PHE D 285 0.88 -25.00 11.87
C PHE D 285 1.54 -24.09 12.88
N VAL D 286 2.48 -24.61 13.64
CA VAL D 286 3.19 -23.77 14.61
C VAL D 286 4.68 -24.08 14.50
N LYS D 287 5.39 -23.13 13.90
CA LYS D 287 6.83 -23.25 13.71
C LYS D 287 7.54 -22.36 14.72
N VAL D 288 8.49 -22.96 15.44
CA VAL D 288 9.28 -22.23 16.44
C VAL D 288 10.59 -21.99 15.75
N LEU D 289 10.88 -20.72 15.48
CA LEU D 289 12.10 -20.35 14.79
C LEU D 289 13.30 -20.40 15.75
N ASP D 290 14.49 -20.46 15.17
CA ASP D 290 15.72 -20.48 15.94
C ASP D 290 15.88 -19.18 16.70
N GLU D 291 16.55 -19.25 17.85
CA GLU D 291 16.78 -18.09 18.69
C GLU D 291 17.31 -16.92 17.88
N GLY D 292 16.77 -15.74 18.15
CA GLY D 292 17.22 -14.55 17.46
C GLY D 292 16.70 -14.36 16.05
N VAL D 293 16.07 -15.37 15.47
CA VAL D 293 15.57 -15.23 14.12
C VAL D 293 14.23 -14.50 14.18
N VAL D 294 14.13 -13.40 13.43
CA VAL D 294 12.93 -12.58 13.44
C VAL D 294 11.88 -13.02 12.42
N PRO D 295 10.68 -13.40 12.89
CA PRO D 295 9.66 -13.81 11.91
C PRO D 295 9.00 -12.59 11.24
N ARG D 296 8.33 -12.82 10.11
CA ARG D 296 7.66 -11.75 9.36
C ARG D 296 6.22 -12.19 9.14
N THR D 297 5.27 -11.25 9.16
CA THR D 297 3.88 -11.61 8.90
C THR D 297 3.80 -11.99 7.44
N HIS D 298 4.70 -11.40 6.66
CA HIS D 298 4.74 -11.71 5.23
C HIS D 298 4.91 -13.19 4.99
N ASN D 299 5.61 -13.88 5.90
CA ASN D 299 5.88 -15.30 5.73
C ASN D 299 4.75 -16.30 6.00
N VAL D 300 3.65 -15.85 6.60
CA VAL D 300 2.53 -16.75 6.87
C VAL D 300 1.27 -16.33 6.15
N ARG D 301 1.41 -15.26 5.40
CA ARG D 301 0.34 -14.66 4.60
C ARG D 301 -0.40 -15.66 3.72
N GLY D 302 -1.69 -15.85 3.97
CA GLY D 302 -2.49 -16.75 3.15
C GLY D 302 -2.37 -18.22 3.54
N SER D 303 -1.94 -18.47 4.77
CA SER D 303 -1.80 -19.84 5.22
C SER D 303 -2.26 -19.92 6.65
N ASN D 304 -2.37 -21.15 7.13
CA ASN D 304 -2.81 -21.48 8.48
C ASN D 304 -1.65 -21.50 9.46
N TYR D 305 -0.44 -21.15 8.98
CA TYR D 305 0.75 -21.20 9.83
C TYR D 305 0.98 -19.98 10.68
N CYS D 306 1.47 -20.24 11.89
CA CYS D 306 1.87 -19.22 12.85
C CYS D 306 3.37 -19.50 13.13
N HIS D 307 4.19 -18.45 13.08
CA HIS D 307 5.61 -18.56 13.38
C HIS D 307 5.88 -17.76 14.63
N MET D 308 6.80 -18.26 15.45
CA MET D 308 7.16 -17.57 16.67
C MET D 308 8.67 -17.64 16.98
N SER D 309 9.14 -16.68 17.77
CA SER D 309 10.54 -16.61 18.16
C SER D 309 10.72 -15.72 19.37
N VAL D 310 11.60 -16.17 20.28
CA VAL D 310 11.90 -15.47 21.53
C VAL D 310 13.32 -14.87 21.48
N PHE D 311 13.52 -13.78 22.23
CA PHE D 311 14.80 -13.11 22.27
C PHE D 311 14.99 -12.56 23.66
N PRO D 312 16.23 -12.17 24.01
CA PRO D 312 16.44 -11.62 25.35
C PRO D 312 16.01 -10.14 25.33
N ASP D 313 15.69 -9.60 26.50
CA ASP D 313 15.29 -8.20 26.57
C ASP D 313 16.45 -7.48 27.26
N ARG D 314 16.87 -6.35 26.70
CA ARG D 314 17.98 -5.59 27.27
C ARG D 314 17.84 -5.48 28.77
N ILE D 315 16.59 -5.46 29.24
CA ILE D 315 16.32 -5.36 30.67
C ILE D 315 16.58 -6.72 31.32
N PRO D 316 17.49 -6.74 32.31
CA PRO D 316 17.79 -8.02 32.97
C PRO D 316 16.57 -8.77 33.49
N GLY D 317 16.50 -10.04 33.11
CA GLY D 317 15.40 -10.90 33.53
C GLY D 317 14.20 -10.98 32.61
N ARG D 318 14.20 -10.14 31.59
CA ARG D 318 13.10 -10.12 30.63
C ARG D 318 13.41 -10.78 29.30
N ALA D 319 12.35 -11.18 28.60
CA ALA D 319 12.47 -11.80 27.31
C ALA D 319 11.39 -11.19 26.42
N ILE D 320 11.51 -11.45 25.11
CA ILE D 320 10.60 -10.94 24.11
C ILE D 320 10.22 -12.06 23.19
N ILE D 321 8.94 -12.13 22.85
CA ILE D 321 8.48 -13.18 21.97
C ILE D 321 7.64 -12.55 20.85
N ILE D 322 7.74 -13.12 19.66
CA ILE D 322 6.99 -12.66 18.49
C ILE D 322 6.20 -13.83 17.91
N SER D 323 4.95 -13.56 17.54
CA SER D 323 4.07 -14.57 16.96
C SER D 323 3.29 -13.96 15.80
N VAL D 324 3.50 -14.47 14.60
CA VAL D 324 2.80 -13.97 13.43
C VAL D 324 1.87 -14.98 12.84
N ILE D 325 0.74 -14.47 12.34
CA ILE D 325 -0.29 -15.29 11.75
C ILE D 325 -1.01 -14.51 10.66
N ASP D 326 -1.73 -15.21 9.79
CA ASP D 326 -2.53 -14.53 8.77
C ASP D 326 -3.90 -14.39 9.49
N ASN D 327 -4.10 -13.30 10.22
CA ASN D 327 -5.35 -13.10 10.99
C ASN D 327 -6.61 -13.68 10.36
N LEU D 328 -6.68 -13.69 9.03
CA LEU D 328 -7.85 -14.23 8.32
C LEU D 328 -7.89 -15.77 8.24
N VAL D 329 -6.75 -16.41 8.00
CA VAL D 329 -6.72 -17.86 7.88
C VAL D 329 -6.67 -18.60 9.19
N LYS D 330 -5.49 -18.69 9.79
CA LYS D 330 -5.32 -19.41 11.06
C LYS D 330 -5.93 -18.60 12.19
N GLY D 331 -6.02 -17.29 11.98
CA GLY D 331 -6.64 -16.42 12.97
C GLY D 331 -8.16 -16.51 12.84
N ALA D 332 -8.66 -17.45 12.05
CA ALA D 332 -10.11 -17.58 11.93
C ALA D 332 -10.62 -18.76 11.11
N SER D 333 -10.90 -18.52 9.84
CA SER D 333 -11.45 -19.57 9.00
C SER D 333 -10.69 -20.89 9.05
N GLY D 334 -9.36 -20.82 9.05
CA GLY D 334 -8.51 -22.00 9.08
C GLY D 334 -8.58 -22.78 10.39
N GLN D 335 -8.35 -22.09 11.50
CA GLN D 335 -8.42 -22.75 12.77
C GLN D 335 -9.83 -23.32 12.98
N ALA D 336 -10.82 -22.68 12.39
CA ALA D 336 -12.20 -23.18 12.53
C ALA D 336 -12.37 -24.49 11.76
N LEU D 337 -11.71 -24.59 10.60
CA LEU D 337 -11.77 -25.78 9.79
C LEU D 337 -10.89 -26.86 10.45
N GLN D 338 -9.74 -26.46 10.97
CA GLN D 338 -8.82 -27.40 11.63
C GLN D 338 -9.63 -28.08 12.73
N ASN D 339 -10.38 -27.29 13.49
CA ASN D 339 -11.21 -27.87 14.55
C ASN D 339 -12.28 -28.79 13.99
N LEU D 340 -13.10 -28.27 13.09
CA LEU D 340 -14.15 -29.08 12.52
C LEU D 340 -13.59 -30.39 11.98
N ASN D 341 -12.34 -30.36 11.49
CA ASN D 341 -11.74 -31.61 10.98
C ASN D 341 -11.76 -32.69 12.06
N ILE D 342 -11.05 -32.45 13.17
CA ILE D 342 -11.00 -33.44 14.25
C ILE D 342 -12.38 -33.70 14.83
N MET D 343 -13.15 -32.64 15.05
CA MET D 343 -14.49 -32.83 15.60
C MET D 343 -15.23 -33.91 14.80
N LEU D 344 -15.02 -33.91 13.49
CA LEU D 344 -15.67 -34.89 12.64
C LEU D 344 -14.83 -36.13 12.37
N GLY D 345 -13.68 -36.23 13.04
CA GLY D 345 -12.83 -37.39 12.87
C GLY D 345 -11.95 -37.45 11.65
N TYR D 346 -11.40 -36.31 11.25
CA TYR D 346 -10.50 -36.29 10.11
C TYR D 346 -9.14 -35.78 10.53
N PRO D 347 -8.12 -36.05 9.72
CA PRO D 347 -6.78 -35.56 10.09
C PRO D 347 -6.86 -34.03 10.27
N GLU D 348 -6.22 -33.54 11.32
CA GLU D 348 -6.22 -32.14 11.67
C GLU D 348 -5.68 -31.17 10.63
N THR D 349 -5.10 -31.67 9.54
CA THR D 349 -4.52 -30.81 8.51
C THR D 349 -5.26 -30.87 7.18
N THR D 350 -6.32 -31.66 7.15
CA THR D 350 -7.10 -31.82 5.93
C THR D 350 -7.54 -30.48 5.36
N GLY D 351 -7.25 -30.29 4.08
CA GLY D 351 -7.61 -29.05 3.41
C GLY D 351 -7.14 -27.84 4.18
N LEU D 352 -5.86 -27.79 4.52
CA LEU D 352 -5.33 -26.66 5.28
C LEU D 352 -3.84 -26.48 5.09
N LEU D 353 -3.28 -27.16 4.10
CA LEU D 353 -1.86 -27.07 3.85
C LEU D 353 -1.43 -25.96 2.88
N HIS D 354 -2.33 -25.03 2.60
CA HIS D 354 -2.06 -23.90 1.71
C HIS D 354 -0.74 -23.24 2.16
N GLN D 355 0.17 -23.02 1.22
CA GLN D 355 1.46 -22.41 1.50
C GLN D 355 1.40 -20.89 1.39
N PRO D 356 2.16 -20.17 2.23
CA PRO D 356 2.12 -18.69 2.16
C PRO D 356 2.14 -18.07 0.74
N LEU D 357 1.27 -17.08 0.51
CA LEU D 357 1.28 -16.42 -0.79
C LEU D 357 2.26 -15.25 -0.74
N PHE D 358 3.52 -15.54 -1.04
CA PHE D 358 4.60 -14.55 -1.07
C PHE D 358 5.34 -14.64 -2.42
N PRO D 359 5.63 -13.49 -3.06
CA PRO D 359 5.28 -12.16 -2.55
C PRO D 359 3.81 -11.87 -2.79
N LYS A 15 19.98 34.77 -1.51
CA LYS A 15 19.43 34.88 -0.12
C LYS A 15 20.55 35.10 0.89
N ASP A 16 20.17 35.41 2.13
CA ASP A 16 21.14 35.68 3.18
C ASP A 16 22.16 34.58 3.48
N ILE A 17 21.70 33.34 3.57
CA ILE A 17 22.58 32.23 3.90
C ILE A 17 22.82 31.25 2.78
N ARG A 18 24.09 30.91 2.58
CA ARG A 18 24.51 29.96 1.56
C ARG A 18 24.62 28.61 2.26
N ILE A 19 23.83 27.65 1.79
CA ILE A 19 23.81 26.34 2.40
C ILE A 19 24.57 25.24 1.66
N GLY A 20 25.37 24.51 2.41
CA GLY A 20 26.09 23.39 1.82
C GLY A 20 25.42 22.13 2.36
N LEU A 21 25.20 21.16 1.49
CA LEU A 21 24.56 19.91 1.90
C LEU A 21 25.46 18.73 1.54
N LEU A 22 26.02 18.05 2.54
CA LEU A 22 26.89 16.90 2.30
C LEU A 22 26.12 15.58 2.30
N GLY A 23 25.76 15.09 1.11
CA GLY A 23 25.03 13.84 1.01
C GLY A 23 23.56 14.06 0.67
N ALA A 24 23.31 14.58 -0.54
CA ALA A 24 21.97 14.89 -1.01
C ALA A 24 21.35 13.85 -1.94
N SER A 25 22.05 12.77 -2.22
CA SER A 25 21.47 11.77 -3.12
C SER A 25 20.40 10.93 -2.41
N GLY A 26 20.43 10.91 -1.09
CA GLY A 26 19.47 10.14 -0.33
C GLY A 26 18.20 10.91 -0.02
N TYR A 27 17.32 10.28 0.76
CA TYR A 27 16.05 10.88 1.15
C TYR A 27 16.21 11.98 2.20
N THR A 28 17.24 11.86 3.02
CA THR A 28 17.52 12.87 4.05
C THR A 28 17.91 14.17 3.34
N GLY A 29 18.62 14.04 2.22
CA GLY A 29 19.00 15.21 1.43
C GLY A 29 17.80 15.64 0.60
N ALA A 30 16.93 14.67 0.33
CA ALA A 30 15.72 14.92 -0.41
C ALA A 30 14.85 15.87 0.42
N GLU A 31 14.83 15.67 1.73
CA GLU A 31 14.04 16.53 2.61
C GLU A 31 14.71 17.87 2.89
N ILE A 32 16.06 17.88 2.85
CA ILE A 32 16.81 19.11 3.09
C ILE A 32 16.54 20.07 1.94
N VAL A 33 16.42 19.53 0.74
CA VAL A 33 16.18 20.34 -0.45
C VAL A 33 14.73 20.85 -0.43
N ARG A 34 13.78 19.96 -0.12
CA ARG A 34 12.37 20.35 -0.09
C ARG A 34 12.10 21.46 0.94
N LEU A 35 12.56 21.27 2.17
CA LEU A 35 12.34 22.25 3.23
C LEU A 35 12.97 23.62 2.93
N LEU A 36 14.17 23.62 2.35
CA LEU A 36 14.82 24.89 2.04
C LEU A 36 14.23 25.61 0.83
N ALA A 37 13.58 24.87 -0.06
CA ALA A 37 12.97 25.44 -1.25
C ALA A 37 12.24 26.78 -0.99
N ASN A 38 11.18 26.76 -0.20
CA ASN A 38 10.48 28.02 0.04
C ASN A 38 10.90 28.73 1.33
N HIS A 39 12.11 28.45 1.80
CA HIS A 39 12.67 29.11 2.97
C HIS A 39 13.13 30.48 2.43
N PRO A 40 12.92 31.54 3.21
CA PRO A 40 13.30 32.90 2.79
C PRO A 40 14.76 33.29 2.72
N HIS A 41 15.55 32.82 3.68
CA HIS A 41 16.94 33.22 3.73
C HIS A 41 17.98 32.13 3.58
N PHE A 42 17.52 30.90 3.39
CA PHE A 42 18.44 29.80 3.25
C PHE A 42 18.39 29.26 1.83
N GLN A 43 19.52 29.29 1.15
CA GLN A 43 19.59 28.80 -0.21
C GLN A 43 20.70 27.77 -0.38
N VAL A 44 20.35 26.62 -0.93
CA VAL A 44 21.32 25.57 -1.17
C VAL A 44 22.22 25.97 -2.35
N THR A 45 23.52 26.11 -2.10
CA THR A 45 24.43 26.49 -3.18
C THR A 45 25.48 25.42 -3.42
N LEU A 46 25.58 24.47 -2.52
CA LEU A 46 26.56 23.40 -2.68
C LEU A 46 25.91 22.07 -2.30
N MET A 47 26.14 21.03 -3.10
CA MET A 47 25.57 19.72 -2.83
C MET A 47 26.54 18.61 -3.21
N THR A 48 26.69 17.69 -2.27
CA THR A 48 27.57 16.55 -2.42
C THR A 48 26.80 15.23 -2.60
N ALA A 49 27.38 14.34 -3.39
CA ALA A 49 26.83 13.02 -3.66
C ALA A 49 28.01 12.10 -3.83
N ASP A 50 27.72 10.80 -3.84
CA ASP A 50 28.77 9.82 -3.98
C ASP A 50 28.83 9.24 -5.40
N ARG A 51 28.16 8.12 -5.64
CA ARG A 51 28.19 7.54 -6.97
C ARG A 51 27.68 8.56 -7.98
N LYS A 52 26.71 9.35 -7.57
CA LYS A 52 26.09 10.34 -8.46
C LYS A 52 26.66 11.75 -8.35
N ALA A 53 27.86 11.87 -7.77
CA ALA A 53 28.53 13.16 -7.62
C ALA A 53 29.02 13.62 -8.98
N GLY A 54 28.13 14.28 -9.72
CA GLY A 54 28.44 14.77 -11.05
C GLY A 54 27.17 14.84 -11.87
N GLN A 55 26.05 14.49 -11.26
CA GLN A 55 24.77 14.50 -11.97
C GLN A 55 23.90 15.69 -11.61
N SER A 56 22.77 15.81 -12.31
CA SER A 56 21.82 16.87 -12.05
C SER A 56 20.90 16.33 -10.96
N MET A 57 20.49 17.18 -10.04
CA MET A 57 19.60 16.72 -8.98
C MET A 57 18.39 16.08 -9.62
N GLU A 58 18.08 16.50 -10.84
CA GLU A 58 16.95 15.94 -11.56
C GLU A 58 17.27 14.52 -11.98
N SER A 59 18.55 14.23 -12.19
CA SER A 59 18.99 12.90 -12.58
C SER A 59 18.70 11.94 -11.43
N VAL A 60 19.16 12.31 -10.24
CA VAL A 60 18.98 11.48 -9.06
C VAL A 60 17.57 11.58 -8.51
N PHE A 61 16.97 12.77 -8.58
CA PHE A 61 15.62 12.98 -8.09
C PHE A 61 14.82 13.87 -9.04
N PRO A 62 14.10 13.25 -9.99
CA PRO A 62 13.30 14.05 -10.94
C PRO A 62 12.19 14.88 -10.29
N HIS A 63 11.74 14.51 -9.10
CA HIS A 63 10.71 15.34 -8.51
C HIS A 63 11.29 16.74 -8.19
N LEU A 64 12.59 16.91 -8.35
CA LEU A 64 13.23 18.20 -8.09
C LEU A 64 13.61 18.95 -9.38
N ARG A 65 12.78 18.85 -10.40
CA ARG A 65 13.10 19.52 -11.65
C ARG A 65 12.54 20.95 -11.76
N ALA A 66 11.69 21.37 -10.83
CA ALA A 66 11.10 22.72 -10.83
C ALA A 66 11.99 23.74 -10.15
N GLN A 67 12.93 23.26 -9.35
CA GLN A 67 13.84 24.14 -8.64
C GLN A 67 15.21 24.19 -9.30
N LYS A 68 15.89 25.31 -9.17
CA LYS A 68 17.21 25.51 -9.73
C LYS A 68 18.24 25.16 -8.66
N LEU A 69 18.98 24.08 -8.89
CA LEU A 69 19.95 23.64 -7.89
C LEU A 69 21.37 23.52 -8.41
N PRO A 70 22.34 23.51 -7.49
CA PRO A 70 23.76 23.39 -7.83
C PRO A 70 24.05 22.05 -8.48
N THR A 71 25.25 21.93 -9.01
CA THR A 71 25.65 20.69 -9.62
C THR A 71 26.16 19.82 -8.49
N LEU A 72 25.84 18.53 -8.54
CA LEU A 72 26.28 17.60 -7.52
C LEU A 72 27.76 17.27 -7.69
N VAL A 73 28.56 17.55 -6.66
CA VAL A 73 29.98 17.23 -6.73
C VAL A 73 30.33 16.32 -5.57
N SER A 74 31.58 15.85 -5.56
CA SER A 74 32.03 14.97 -4.50
C SER A 74 32.54 15.79 -3.32
N VAL A 75 32.58 15.17 -2.15
CA VAL A 75 33.09 15.87 -0.96
C VAL A 75 34.50 16.40 -1.26
N LYS A 76 35.17 15.76 -2.20
CA LYS A 76 36.52 16.18 -2.57
C LYS A 76 36.50 17.43 -3.45
N ASP A 77 35.46 17.58 -4.28
CA ASP A 77 35.33 18.75 -5.16
C ASP A 77 34.79 19.99 -4.43
N ALA A 78 33.84 19.76 -3.53
CA ALA A 78 33.20 20.83 -2.75
C ALA A 78 34.13 21.88 -2.19
N ASP A 79 33.75 23.16 -2.35
CA ASP A 79 34.52 24.30 -1.85
C ASP A 79 33.80 24.87 -0.62
N PHE A 80 34.15 24.37 0.56
CA PHE A 80 33.47 24.81 1.77
C PHE A 80 33.70 26.24 2.24
N SER A 81 34.11 27.10 1.33
CA SER A 81 34.30 28.50 1.64
C SER A 81 33.15 29.21 0.93
N THR A 82 32.48 28.44 0.08
CA THR A 82 31.33 28.90 -0.69
C THR A 82 30.02 28.95 0.12
N VAL A 83 30.02 28.36 1.32
CA VAL A 83 28.78 28.36 2.11
C VAL A 83 28.91 28.93 3.51
N ASP A 84 27.76 29.26 4.09
CA ASP A 84 27.72 29.83 5.43
C ASP A 84 27.29 28.82 6.46
N ALA A 85 26.58 27.78 6.01
CA ALA A 85 26.10 26.75 6.92
C ALA A 85 26.10 25.38 6.23
N VAL A 86 26.27 24.33 7.02
CA VAL A 86 26.34 22.98 6.49
C VAL A 86 25.36 22.00 7.13
N PHE A 87 24.71 21.20 6.28
CA PHE A 87 23.81 20.13 6.74
C PHE A 87 24.53 18.85 6.30
N CYS A 88 24.86 17.98 7.25
CA CYS A 88 25.53 16.75 6.84
C CYS A 88 24.57 15.57 6.86
N CYS A 89 24.31 15.01 5.70
CA CYS A 89 23.40 13.87 5.61
C CYS A 89 24.11 12.60 5.19
N LEU A 90 25.37 12.47 5.56
CA LEU A 90 26.15 11.28 5.19
C LEU A 90 25.97 10.14 6.19
N PRO A 91 26.40 8.93 5.82
CA PRO A 91 26.31 7.74 6.67
C PRO A 91 27.19 7.85 7.91
N HIS A 92 26.80 7.13 8.94
CA HIS A 92 27.53 7.09 10.20
C HIS A 92 28.90 6.49 9.95
N GLY A 93 29.91 7.01 10.66
CA GLY A 93 31.26 6.51 10.50
C GLY A 93 31.99 7.16 9.33
N THR A 94 31.32 8.12 8.72
CA THR A 94 31.84 8.83 7.56
C THR A 94 31.93 10.31 7.88
N THR A 95 31.16 10.72 8.86
CA THR A 95 31.04 12.11 9.25
C THR A 95 32.12 12.72 10.11
N GLN A 96 32.49 12.06 11.21
CA GLN A 96 33.51 12.56 12.13
C GLN A 96 34.75 13.12 11.44
N GLU A 97 35.33 12.37 10.52
CA GLU A 97 36.54 12.85 9.84
C GLU A 97 36.27 14.08 8.98
N ILE A 98 35.19 14.05 8.22
CA ILE A 98 34.81 15.16 7.35
C ILE A 98 34.56 16.44 8.15
N ILE A 99 33.70 16.35 9.15
CA ILE A 99 33.36 17.51 9.97
C ILE A 99 34.55 18.04 10.75
N LYS A 100 35.41 17.14 11.21
CA LYS A 100 36.58 17.53 11.97
C LYS A 100 37.47 18.47 11.17
N GLU A 101 37.38 18.39 9.85
CA GLU A 101 38.19 19.21 8.98
C GLU A 101 37.47 20.33 8.25
N LEU A 102 36.22 20.59 8.63
CA LEU A 102 35.47 21.67 8.00
C LEU A 102 35.89 23.02 8.59
N PRO A 103 35.70 24.12 7.82
CA PRO A 103 36.06 25.49 8.26
C PRO A 103 35.33 25.87 9.56
N THR A 104 36.07 26.51 10.46
CA THR A 104 35.53 26.95 11.74
C THR A 104 34.43 28.01 11.61
N ALA A 105 34.38 28.68 10.47
CA ALA A 105 33.39 29.73 10.24
C ALA A 105 31.99 29.17 10.02
N LEU A 106 31.91 27.93 9.55
CA LEU A 106 30.63 27.29 9.27
C LEU A 106 29.82 26.91 10.49
N LYS A 107 28.51 26.88 10.32
CA LYS A 107 27.60 26.41 11.36
C LYS A 107 27.33 25.00 10.81
N ILE A 108 27.22 24.01 11.69
CA ILE A 108 27.04 22.63 11.25
C ILE A 108 26.01 21.80 12.02
N VAL A 109 25.15 21.12 11.27
CA VAL A 109 24.18 20.24 11.89
C VAL A 109 24.39 18.89 11.22
N ASP A 110 24.97 17.96 11.97
CA ASP A 110 25.21 16.62 11.44
C ASP A 110 23.95 15.77 11.65
N LEU A 111 23.39 15.20 10.58
CA LEU A 111 22.19 14.38 10.71
C LEU A 111 22.51 12.93 11.11
N SER A 112 23.76 12.54 10.91
CA SER A 112 24.18 11.17 11.24
C SER A 112 24.26 11.05 12.77
N ALA A 113 24.58 9.87 13.26
CA ALA A 113 24.68 9.64 14.69
C ALA A 113 26.11 9.77 15.27
N ASP A 114 27.08 10.20 14.46
CA ASP A 114 28.46 10.29 14.93
C ASP A 114 28.79 11.15 16.14
N PHE A 115 28.10 12.28 16.32
CA PHE A 115 28.40 13.14 17.47
C PHE A 115 27.31 13.16 18.52
N ARG A 116 26.41 12.18 18.48
CA ARG A 116 25.31 12.12 19.43
C ARG A 116 25.74 11.58 20.80
N LEU A 117 26.45 10.47 20.82
CA LEU A 117 26.85 9.89 22.09
C LEU A 117 28.04 10.64 22.73
N ARG A 118 27.84 11.15 23.94
CA ARG A 118 28.90 11.88 24.63
C ARG A 118 30.04 10.95 25.05
N ASN A 119 29.70 9.71 25.36
CA ASN A 119 30.71 8.75 25.80
C ASN A 119 31.43 8.08 24.63
N ILE A 120 32.73 8.36 24.54
CA ILE A 120 33.58 7.82 23.49
C ILE A 120 33.61 6.31 23.41
N ALA A 121 33.59 5.65 24.56
CA ALA A 121 33.61 4.20 24.61
C ALA A 121 32.30 3.59 24.07
N GLU A 122 31.18 4.24 24.36
CA GLU A 122 29.89 3.75 23.88
C GLU A 122 29.83 3.89 22.37
N TYR A 123 30.40 4.97 21.84
CA TYR A 123 30.38 5.14 20.40
C TYR A 123 31.06 3.98 19.73
N GLU A 124 32.22 3.60 20.24
CA GLU A 124 32.98 2.52 19.66
C GLU A 124 32.29 1.16 19.80
N GLU A 125 31.71 0.88 20.96
CA GLU A 125 31.04 -0.39 21.14
C GLU A 125 29.78 -0.51 20.29
N TRP A 126 29.06 0.60 20.13
CA TRP A 126 27.84 0.57 19.34
C TRP A 126 28.04 0.83 17.84
N TYR A 127 29.08 1.58 17.48
CA TYR A 127 29.30 1.88 16.07
C TYR A 127 30.51 1.19 15.44
N GLY A 128 31.09 0.25 16.17
CA GLY A 128 32.20 -0.54 15.68
C GLY A 128 33.54 0.06 15.29
N GLN A 129 33.91 1.18 15.91
CA GLN A 129 35.19 1.79 15.60
C GLN A 129 35.43 2.99 16.49
N PRO A 130 36.70 3.28 16.79
CA PRO A 130 37.12 4.39 17.64
C PRO A 130 36.55 5.73 17.17
N HIS A 131 36.24 6.60 18.12
CA HIS A 131 35.71 7.91 17.83
C HIS A 131 36.91 8.68 17.28
N LYS A 132 36.76 9.33 16.13
CA LYS A 132 37.88 10.05 15.53
C LYS A 132 37.89 11.58 15.65
N ALA A 133 37.34 12.08 16.75
CA ALA A 133 37.28 13.52 16.98
C ALA A 133 36.85 13.75 18.42
N VAL A 134 37.48 13.02 19.34
CA VAL A 134 37.17 13.10 20.75
C VAL A 134 37.05 14.53 21.26
N GLU A 135 38.05 15.34 20.97
CA GLU A 135 38.05 16.72 21.42
C GLU A 135 36.84 17.49 20.90
N LEU A 136 36.63 17.41 19.58
CA LEU A 136 35.51 18.12 18.94
C LEU A 136 34.17 17.74 19.58
N GLN A 137 34.01 16.45 19.85
CA GLN A 137 32.81 15.92 20.46
C GLN A 137 32.40 16.71 21.69
N LYS A 138 33.40 17.22 22.40
CA LYS A 138 33.19 17.97 23.63
C LYS A 138 32.38 19.25 23.47
N GLU A 139 32.33 19.82 22.27
CA GLU A 139 31.56 21.04 22.10
C GLU A 139 30.23 20.79 21.37
N VAL A 140 29.94 19.51 21.12
CA VAL A 140 28.72 19.14 20.43
C VAL A 140 27.47 19.22 21.30
N VAL A 141 26.40 19.80 20.74
CA VAL A 141 25.12 19.90 21.43
C VAL A 141 24.06 19.04 20.74
N TYR A 142 23.39 18.18 21.51
CA TYR A 142 22.32 17.29 20.99
C TYR A 142 21.15 18.19 20.59
N GLY A 143 20.80 18.23 19.32
CA GLY A 143 19.71 19.11 18.88
C GLY A 143 18.27 18.64 18.89
N LEU A 144 17.73 18.22 20.03
CA LEU A 144 16.33 17.80 20.07
C LEU A 144 15.59 19.11 20.39
N THR A 145 15.53 19.98 19.39
CA THR A 145 14.93 21.31 19.49
C THR A 145 14.25 21.77 20.78
N GLU A 146 13.12 21.20 21.12
CA GLU A 146 12.37 21.63 22.31
C GLU A 146 13.09 21.52 23.65
N ILE A 147 13.86 20.45 23.82
CA ILE A 147 14.59 20.24 25.08
C ILE A 147 15.87 21.08 25.25
N LEU A 148 16.88 20.88 24.39
CA LEU A 148 18.14 21.64 24.54
C LEU A 148 18.19 22.98 23.79
N ARG A 149 17.02 23.51 23.46
CA ARG A 149 16.89 24.78 22.77
C ARG A 149 18.01 25.83 23.03
N GLU A 150 18.14 26.31 24.25
CA GLU A 150 19.17 27.33 24.54
C GLU A 150 20.60 26.83 24.36
N ASP A 151 20.83 25.53 24.52
CA ASP A 151 22.16 24.99 24.30
C ASP A 151 22.43 24.96 22.81
N ILE A 152 21.39 24.65 22.02
CA ILE A 152 21.52 24.59 20.58
C ILE A 152 21.93 25.96 20.02
N LYS A 153 21.27 27.02 20.52
CA LYS A 153 21.53 28.39 20.09
C LYS A 153 22.93 28.91 20.44
N LYS A 154 23.81 28.06 20.94
CA LYS A 154 25.15 28.52 21.27
C LYS A 154 26.23 27.55 20.82
N ALA A 155 25.86 26.61 19.96
CA ALA A 155 26.81 25.63 19.44
C ALA A 155 27.10 25.90 17.98
N ARG A 156 28.26 25.45 17.52
CA ARG A 156 28.62 25.61 16.10
C ARG A 156 28.34 24.25 15.46
N LEU A 157 28.47 23.19 16.25
CA LEU A 157 28.23 21.84 15.79
C LEU A 157 27.12 21.20 16.62
N VAL A 158 26.02 20.89 15.96
CA VAL A 158 24.90 20.27 16.63
C VAL A 158 24.70 18.87 16.09
N ALA A 159 24.50 17.93 17.00
CA ALA A 159 24.27 16.54 16.64
C ALA A 159 22.75 16.40 16.58
N ASN A 160 22.22 16.26 15.36
CA ASN A 160 20.78 16.13 15.18
C ASN A 160 20.34 14.74 15.67
N PRO A 161 19.39 14.69 16.62
CA PRO A 161 18.93 13.38 17.12
C PRO A 161 18.36 12.45 16.07
N GLY A 162 18.26 11.17 16.42
CA GLY A 162 17.70 10.18 15.52
C GLY A 162 16.18 10.33 15.58
N CYS A 163 15.49 9.58 14.74
CA CYS A 163 14.03 9.63 14.68
C CYS A 163 13.36 9.01 15.92
N TYR A 164 13.54 7.71 16.13
CA TYR A 164 12.97 7.04 17.30
C TYR A 164 13.27 7.79 18.60
N PRO A 165 14.57 8.06 18.88
CA PRO A 165 14.93 8.77 20.11
C PRO A 165 14.16 10.10 20.27
N THR A 166 13.61 10.62 19.17
CA THR A 166 12.86 11.89 19.24
C THR A 166 11.46 11.73 19.86
N THR A 167 10.79 10.63 19.53
CA THR A 167 9.44 10.34 20.05
C THR A 167 9.53 9.85 21.50
N ILE A 168 10.71 9.39 21.90
CA ILE A 168 10.91 8.87 23.25
C ILE A 168 11.24 10.00 24.27
N GLN A 169 12.37 10.68 24.07
CA GLN A 169 12.76 11.75 25.00
C GLN A 169 11.76 12.89 25.14
N LEU A 170 11.21 13.39 24.04
CA LEU A 170 10.26 14.50 24.17
C LEU A 170 9.17 14.17 25.21
N PRO A 171 8.49 13.01 25.09
CA PRO A 171 7.47 12.71 26.10
C PRO A 171 8.05 12.29 27.46
N LEU A 172 9.11 11.48 27.45
CA LEU A 172 9.66 11.01 28.72
C LEU A 172 10.55 11.97 29.52
N VAL A 173 11.28 12.86 28.85
CA VAL A 173 12.16 13.73 29.63
C VAL A 173 11.42 14.55 30.68
N PRO A 174 10.41 15.34 30.27
CA PRO A 174 9.65 16.15 31.23
C PRO A 174 9.05 15.30 32.36
N LEU A 175 8.63 14.08 32.05
CA LEU A 175 8.02 13.23 33.07
C LEU A 175 9.04 12.78 34.08
N LEU A 176 10.23 12.44 33.60
CA LEU A 176 11.32 12.00 34.46
C LEU A 176 11.80 13.15 35.35
N LYS A 177 11.83 14.36 34.77
CA LYS A 177 12.26 15.54 35.52
C LYS A 177 11.31 15.82 36.69
N ALA A 178 10.02 15.67 36.44
CA ALA A 178 9.02 15.89 37.47
C ALA A 178 8.88 14.67 38.41
N ASN A 179 9.66 13.63 38.15
CA ASN A 179 9.59 12.41 38.98
C ASN A 179 8.18 11.82 38.96
N LEU A 180 7.56 11.82 37.79
CA LEU A 180 6.20 11.30 37.63
C LEU A 180 6.19 9.84 37.19
N ILE A 181 7.35 9.34 36.78
CA ILE A 181 7.45 7.95 36.33
C ILE A 181 8.77 7.38 36.85
N LYS A 182 8.79 6.06 37.02
CA LYS A 182 10.00 5.37 37.47
C LYS A 182 10.98 5.23 36.29
N HIS A 183 12.26 5.04 36.57
CA HIS A 183 13.19 4.92 35.46
C HIS A 183 13.47 3.48 35.08
N GLU A 184 12.92 2.53 35.84
CA GLU A 184 13.12 1.14 35.53
C GLU A 184 11.92 0.53 34.79
N ASN A 185 12.20 -0.49 33.99
CA ASN A 185 11.18 -1.20 33.23
C ASN A 185 10.40 -0.39 32.19
N ILE A 186 11.08 0.59 31.58
CA ILE A 186 10.47 1.37 30.52
C ILE A 186 10.58 0.53 29.24
N ILE A 187 9.46 0.12 28.67
CA ILE A 187 9.45 -0.71 27.46
C ILE A 187 8.76 -0.02 26.29
N ILE A 188 9.29 -0.22 25.09
CA ILE A 188 8.72 0.41 23.89
C ILE A 188 8.64 -0.42 22.61
N ASP A 189 7.46 -0.43 22.00
CA ASP A 189 7.27 -1.16 20.74
C ASP A 189 7.17 -0.12 19.62
N ALA A 190 8.31 0.17 19.00
CA ALA A 190 8.41 1.18 17.94
C ALA A 190 8.13 0.72 16.52
N LYS A 191 7.51 1.61 15.77
CA LYS A 191 7.11 1.38 14.40
C LYS A 191 7.58 2.54 13.53
N SER A 192 8.03 2.21 12.33
CA SER A 192 8.53 3.23 11.40
C SER A 192 8.28 2.87 9.94
N GLY A 193 7.87 3.87 9.15
CA GLY A 193 7.70 3.65 7.73
C GLY A 193 9.06 3.20 7.20
N VAL A 194 9.08 2.55 6.04
CA VAL A 194 10.34 2.04 5.49
C VAL A 194 11.30 3.07 4.88
N SER A 195 10.90 4.34 4.83
CA SER A 195 11.77 5.36 4.27
C SER A 195 13.00 5.52 5.17
N GLY A 196 12.85 5.11 6.42
CA GLY A 196 13.94 5.19 7.38
C GLY A 196 15.06 4.25 6.98
N ALA A 197 14.78 3.29 6.10
CA ALA A 197 15.80 2.33 5.67
C ALA A 197 16.70 2.91 4.60
N GLY A 198 16.34 4.10 4.13
CA GLY A 198 17.14 4.74 3.10
C GLY A 198 16.84 4.29 1.68
N ARG A 199 17.54 4.89 0.73
CA ARG A 199 17.36 4.59 -0.68
C ARG A 199 18.34 3.57 -1.25
N GLY A 200 19.04 2.85 -0.37
CA GLY A 200 19.99 1.86 -0.86
C GLY A 200 19.28 0.75 -1.62
N ALA A 201 19.84 0.36 -2.76
CA ALA A 201 19.23 -0.68 -3.58
C ALA A 201 19.37 -2.07 -2.97
N LYS A 202 18.61 -2.30 -1.91
CA LYS A 202 18.63 -3.58 -1.22
C LYS A 202 17.40 -4.41 -1.45
N GLU A 203 17.64 -5.71 -1.65
CA GLU A 203 16.58 -6.66 -1.88
C GLU A 203 15.54 -6.57 -0.78
N ALA A 204 15.99 -6.49 0.47
CA ALA A 204 15.06 -6.43 1.58
C ALA A 204 14.05 -5.26 1.56
N ASN A 205 14.40 -4.19 0.84
CA ASN A 205 13.53 -3.02 0.80
C ASN A 205 12.67 -2.78 -0.44
N LEU A 206 12.57 -3.80 -1.27
CA LEU A 206 11.75 -3.73 -2.48
C LEU A 206 10.28 -3.72 -2.09
N TYR A 207 9.47 -3.09 -2.93
CA TYR A 207 8.02 -3.03 -2.71
C TYR A 207 7.44 -4.45 -2.47
N SER A 208 7.78 -5.38 -3.36
CA SER A 208 7.31 -6.77 -3.23
C SER A 208 7.76 -7.44 -1.94
N GLU A 209 8.89 -6.98 -1.38
CA GLU A 209 9.42 -7.57 -0.15
C GLU A 209 8.88 -6.92 1.12
N ILE A 210 8.56 -5.64 1.04
CA ILE A 210 8.05 -4.92 2.21
C ILE A 210 6.52 -4.88 2.30
N ALA A 211 5.85 -4.62 1.18
CA ALA A 211 4.41 -4.49 1.16
C ALA A 211 3.59 -5.57 1.82
N GLU A 212 2.54 -5.14 2.51
CA GLU A 212 1.58 -6.05 3.14
C GLU A 212 2.13 -6.96 4.22
N GLY A 213 2.93 -6.39 5.10
CA GLY A 213 3.48 -7.16 6.20
C GLY A 213 4.31 -6.23 7.06
N ILE A 214 4.60 -6.68 8.26
CA ILE A 214 5.45 -5.93 9.17
C ILE A 214 6.41 -6.93 9.77
N SER A 215 7.44 -6.43 10.43
CA SER A 215 8.42 -7.29 11.11
C SER A 215 9.25 -6.47 12.09
N SER A 216 9.68 -7.11 13.16
CA SER A 216 10.54 -6.45 14.12
C SER A 216 11.96 -6.40 13.52
N TYR A 217 12.82 -5.58 14.10
CA TYR A 217 14.21 -5.52 13.68
C TYR A 217 14.91 -4.76 14.79
N GLY A 218 16.23 -4.60 14.68
CA GLY A 218 16.98 -3.90 15.70
C GLY A 218 16.64 -4.47 17.07
N VAL A 219 16.38 -5.77 17.13
CA VAL A 219 16.04 -6.37 18.41
C VAL A 219 17.21 -6.34 19.40
N THR A 220 16.84 -6.17 20.67
CA THR A 220 17.81 -6.15 21.78
C THR A 220 18.85 -5.05 21.85
N ARG A 221 19.56 -4.82 20.74
CA ARG A 221 20.64 -3.83 20.73
C ARG A 221 20.70 -2.89 19.52
N HIS A 222 19.55 -2.38 19.09
CA HIS A 222 19.52 -1.45 17.99
C HIS A 222 20.41 -0.28 18.38
N ARG A 223 21.07 0.33 17.41
CA ARG A 223 21.98 1.42 17.73
C ARG A 223 21.33 2.65 18.36
N HIS A 224 20.00 2.72 18.38
CA HIS A 224 19.34 3.88 19.01
C HIS A 224 19.27 3.71 20.53
N VAL A 225 19.54 2.51 21.02
CA VAL A 225 19.49 2.27 22.46
C VAL A 225 20.38 3.19 23.29
N PRO A 226 21.68 3.28 22.94
CA PRO A 226 22.50 4.17 23.76
C PRO A 226 22.09 5.63 23.63
N GLU A 227 21.57 6.01 22.46
CA GLU A 227 21.16 7.40 22.25
C GLU A 227 19.94 7.65 23.18
N ILE A 228 19.09 6.64 23.29
CA ILE A 228 17.93 6.73 24.15
C ILE A 228 18.39 6.76 25.61
N GLU A 229 19.19 5.78 26.01
CA GLU A 229 19.66 5.69 27.39
C GLU A 229 20.55 6.88 27.84
N GLN A 230 21.08 7.64 26.88
CA GLN A 230 21.91 8.82 27.20
C GLN A 230 21.03 10.02 27.59
N GLY A 231 19.85 10.12 26.99
CA GLY A 231 18.95 11.21 27.32
C GLY A 231 18.12 10.96 28.57
N LEU A 232 17.84 9.69 28.87
CA LEU A 232 17.05 9.36 30.05
C LEU A 232 17.92 9.31 31.32
N SER A 233 19.18 8.89 31.18
CA SER A 233 20.04 8.85 32.35
C SER A 233 20.42 10.28 32.74
N ASP A 234 20.75 11.09 31.74
CA ASP A 234 21.16 12.47 31.98
C ASP A 234 20.00 13.35 32.48
N VAL A 235 18.81 12.80 32.59
CA VAL A 235 17.68 13.54 33.10
C VAL A 235 17.23 12.96 34.44
N ALA A 236 17.33 11.64 34.59
CA ALA A 236 16.91 11.00 35.84
C ALA A 236 18.06 10.93 36.84
N GLN A 237 19.19 11.56 36.49
CA GLN A 237 20.41 11.57 37.32
C GLN A 237 20.72 10.17 37.85
N SER A 238 20.68 9.22 36.93
CA SER A 238 20.93 7.84 37.28
C SER A 238 20.91 7.04 35.98
N LYS A 239 21.61 5.91 35.96
CA LYS A 239 21.65 5.11 34.76
C LYS A 239 20.31 4.47 34.46
N VAL A 240 19.78 4.75 33.28
CA VAL A 240 18.51 4.18 32.87
C VAL A 240 18.71 3.13 31.78
N THR A 241 18.17 1.95 32.02
CA THR A 241 18.24 0.85 31.07
C THR A 241 16.83 0.58 30.54
N VAL A 242 16.65 0.75 29.23
CA VAL A 242 15.34 0.55 28.62
C VAL A 242 15.29 -0.68 27.76
N SER A 243 14.05 -1.01 27.34
CA SER A 243 13.72 -2.10 26.45
C SER A 243 13.20 -1.33 25.23
N PHE A 244 13.83 -1.49 24.08
CA PHE A 244 13.43 -0.78 22.85
C PHE A 244 13.33 -1.74 21.67
N THR A 245 12.16 -1.82 21.03
CA THR A 245 12.01 -2.74 19.91
C THR A 245 11.42 -2.13 18.64
N PRO A 246 12.25 -1.94 17.60
CA PRO A 246 11.81 -1.36 16.32
C PRO A 246 10.94 -2.35 15.53
N HIS A 247 10.12 -1.82 14.62
CA HIS A 247 9.24 -2.63 13.75
C HIS A 247 9.15 -1.89 12.40
N LEU A 248 9.17 -2.65 11.32
CA LEU A 248 9.12 -2.08 9.96
C LEU A 248 7.71 -2.15 9.37
N MET A 249 7.17 -0.98 9.07
CA MET A 249 5.81 -0.85 8.55
C MET A 249 5.77 -0.79 7.02
N PRO A 250 4.69 -1.31 6.42
CA PRO A 250 4.59 -1.26 4.95
C PRO A 250 4.05 0.11 4.52
N MET A 251 4.70 1.16 5.01
CA MET A 251 4.35 2.54 4.69
C MET A 251 5.68 3.30 4.54
N ILE A 252 5.61 4.52 4.03
CA ILE A 252 6.79 5.34 3.82
C ILE A 252 7.19 6.22 4.97
N ARG A 253 6.28 7.10 5.39
CA ARG A 253 6.57 8.05 6.48
C ARG A 253 5.89 7.70 7.81
N GLY A 254 6.27 8.43 8.85
CA GLY A 254 5.68 8.23 10.14
C GLY A 254 6.38 7.27 11.08
N MET A 255 6.04 7.38 12.35
CA MET A 255 6.67 6.56 13.37
C MET A 255 5.88 6.73 14.67
N GLN A 256 5.90 5.70 15.51
CA GLN A 256 5.21 5.78 16.80
C GLN A 256 5.96 4.99 17.84
N SER A 257 6.13 5.58 19.01
CA SER A 257 6.78 4.88 20.10
C SER A 257 5.76 4.65 21.19
N THR A 258 4.97 3.59 21.06
CA THR A 258 4.00 3.30 22.11
C THR A 258 4.89 3.01 23.34
N ILE A 259 4.83 3.90 24.34
CA ILE A 259 5.66 3.80 25.54
C ILE A 259 4.98 3.16 26.74
N TYR A 260 5.61 2.12 27.28
CA TYR A 260 5.06 1.41 28.41
C TYR A 260 5.92 1.68 29.64
N VAL A 261 5.43 2.54 30.53
CA VAL A 261 6.15 2.88 31.73
C VAL A 261 5.31 2.73 33.01
N GLU A 262 6.00 2.80 34.14
CA GLU A 262 5.34 2.74 35.44
C GLU A 262 5.40 4.14 36.01
N MET A 263 4.25 4.63 36.47
CA MET A 263 4.17 5.97 37.05
C MET A 263 4.83 5.93 38.43
N ALA A 264 5.15 7.10 38.96
CA ALA A 264 5.79 7.17 40.26
C ALA A 264 4.73 7.04 41.37
N PRO A 265 5.20 6.89 42.62
CA PRO A 265 4.29 6.74 43.77
C PRO A 265 3.08 7.69 43.77
N GLY A 266 1.89 7.10 43.89
CA GLY A 266 0.64 7.86 43.93
C GLY A 266 0.34 8.71 42.71
N VAL A 267 1.07 8.50 41.61
CA VAL A 267 0.87 9.27 40.39
C VAL A 267 -0.18 8.60 39.49
N ARG A 268 -1.02 9.43 38.88
CA ARG A 268 -2.07 8.94 37.99
C ARG A 268 -1.84 9.52 36.60
N THR A 269 -2.46 8.91 35.59
CA THR A 269 -2.29 9.41 34.22
C THR A 269 -2.55 10.91 34.14
N GLU A 270 -3.53 11.39 34.89
CA GLU A 270 -3.88 12.82 34.91
C GLU A 270 -2.65 13.68 35.18
N ASP A 271 -1.79 13.24 36.09
CA ASP A 271 -0.59 13.99 36.41
C ASP A 271 0.39 13.99 35.24
N LEU A 272 0.54 12.84 34.59
CA LEU A 272 1.44 12.76 33.45
C LEU A 272 0.93 13.71 32.39
N HIS A 273 -0.37 13.66 32.12
CA HIS A 273 -0.98 14.50 31.11
C HIS A 273 -0.78 15.98 31.39
N GLN A 274 -0.89 16.36 32.65
CA GLN A 274 -0.70 17.74 33.06
C GLN A 274 0.75 18.17 32.87
N GLN A 275 1.71 17.33 33.26
CA GLN A 275 3.11 17.72 33.09
C GLN A 275 3.41 17.96 31.60
N LEU A 276 2.92 17.06 30.75
CA LEU A 276 3.13 17.19 29.31
C LEU A 276 2.46 18.47 28.79
N LYS A 277 1.23 18.70 29.23
CA LYS A 277 0.50 19.88 28.79
C LYS A 277 1.30 21.13 29.17
N THR A 278 1.81 21.15 30.40
CA THR A 278 2.59 22.29 30.86
C THR A 278 3.97 22.42 30.19
N SER A 279 4.67 21.31 30.04
CA SER A 279 6.01 21.35 29.42
C SER A 279 6.01 21.80 27.96
N TYR A 280 4.92 21.53 27.24
CA TYR A 280 4.83 21.87 25.82
C TYR A 280 3.79 22.91 25.43
N GLU A 281 3.40 23.74 26.40
CA GLU A 281 2.40 24.79 26.18
C GLU A 281 2.72 25.79 25.08
N ASP A 282 3.95 26.30 25.04
CA ASP A 282 4.32 27.28 24.01
C ASP A 282 5.12 26.69 22.86
N GLU A 283 4.89 25.41 22.58
CA GLU A 283 5.62 24.76 21.51
C GLU A 283 4.76 24.59 20.28
N GLU A 284 5.30 25.03 19.15
CA GLU A 284 4.59 24.93 17.88
C GLU A 284 4.57 23.49 17.36
N PHE A 285 5.59 22.70 17.66
CA PHE A 285 5.65 21.36 17.08
C PHE A 285 5.28 20.14 17.91
N VAL A 286 5.10 20.33 19.20
CA VAL A 286 4.74 19.25 20.07
C VAL A 286 3.33 19.55 20.56
N LYS A 287 2.42 18.65 20.24
CA LYS A 287 1.03 18.79 20.60
C LYS A 287 0.56 17.67 21.50
N VAL A 288 0.22 18.02 22.73
CA VAL A 288 -0.29 17.03 23.67
C VAL A 288 -1.80 16.93 23.45
N LEU A 289 -2.29 15.77 23.03
CA LEU A 289 -3.71 15.64 22.78
C LEU A 289 -4.50 15.37 24.07
N ASP A 290 -5.82 15.51 23.98
CA ASP A 290 -6.65 15.27 25.15
C ASP A 290 -6.52 13.82 25.61
N GLU A 291 -6.63 13.62 26.93
CA GLU A 291 -6.52 12.29 27.50
C GLU A 291 -7.40 11.27 26.77
N GLY A 292 -6.86 10.07 26.59
CA GLY A 292 -7.61 9.01 25.94
C GLY A 292 -7.88 9.25 24.46
N VAL A 293 -7.13 10.16 23.85
CA VAL A 293 -7.32 10.44 22.44
C VAL A 293 -6.11 9.87 21.67
N VAL A 294 -6.40 8.89 20.82
CA VAL A 294 -5.38 8.21 20.04
C VAL A 294 -4.81 8.98 18.84
N PRO A 295 -3.50 9.25 18.86
CA PRO A 295 -2.91 9.97 17.73
C PRO A 295 -2.69 9.00 16.55
N ARG A 296 -2.59 9.53 15.34
CA ARG A 296 -2.37 8.74 14.14
C ARG A 296 -1.15 9.34 13.44
N THR A 297 -0.22 8.48 13.01
CA THR A 297 0.95 9.01 12.33
C THR A 297 0.49 9.78 11.11
N HIS A 298 -0.59 9.31 10.48
CA HIS A 298 -1.15 9.99 9.31
C HIS A 298 -1.39 11.48 9.59
N ASN A 299 -1.63 11.86 10.85
CA ASN A 299 -1.93 13.25 11.13
C ASN A 299 -0.76 14.23 11.20
N VAL A 300 0.47 13.72 11.13
CA VAL A 300 1.67 14.56 11.18
C VAL A 300 2.52 14.33 9.93
N ARG A 301 2.06 13.40 9.09
CA ARG A 301 2.73 13.04 7.86
C ARG A 301 3.05 14.25 6.97
N GLY A 302 4.33 14.50 6.73
CA GLY A 302 4.74 15.61 5.88
C GLY A 302 4.92 16.92 6.64
N SER A 303 5.11 16.83 7.95
CA SER A 303 5.27 18.04 8.74
C SER A 303 6.28 17.85 9.85
N ASN A 304 6.56 18.94 10.54
CA ASN A 304 7.49 18.91 11.64
C ASN A 304 6.74 18.76 12.94
N TYR A 305 5.51 18.24 12.88
CA TYR A 305 4.74 18.07 14.12
C TYR A 305 4.85 16.69 14.75
N CYS A 306 4.75 16.69 16.07
CA CYS A 306 4.78 15.48 16.91
C CYS A 306 3.50 15.55 17.75
N HIS A 307 2.70 14.50 17.72
CA HIS A 307 1.49 14.49 18.52
C HIS A 307 1.70 13.37 19.56
N MET A 308 1.36 13.64 20.82
CA MET A 308 1.50 12.64 21.87
C MET A 308 0.25 12.62 22.74
N SER A 309 -0.01 11.46 23.35
CA SER A 309 -1.16 11.27 24.23
C SER A 309 -0.83 10.16 25.24
N VAL A 310 -1.44 10.21 26.42
CA VAL A 310 -1.21 9.21 27.49
C VAL A 310 -2.50 8.49 27.85
N PHE A 311 -2.37 7.22 28.22
CA PHE A 311 -3.53 6.42 28.59
C PHE A 311 -3.17 5.51 29.74
N PRO A 312 -4.16 5.13 30.56
CA PRO A 312 -3.85 4.24 31.68
C PRO A 312 -3.59 2.84 31.14
N ASP A 313 -2.73 2.10 31.83
CA ASP A 313 -2.47 0.73 31.43
C ASP A 313 -3.44 -0.07 32.27
N ARG A 314 -3.85 -1.23 31.78
CA ARG A 314 -4.75 -2.08 32.54
C ARG A 314 -4.00 -2.58 33.78
N ILE A 315 -2.71 -2.28 33.86
CA ILE A 315 -1.90 -2.69 35.01
C ILE A 315 -1.75 -1.49 35.93
N PRO A 316 -2.11 -1.65 37.22
CA PRO A 316 -2.02 -0.56 38.20
C PRO A 316 -0.67 0.12 38.33
N GLY A 317 -0.69 1.44 38.14
CA GLY A 317 0.52 2.23 38.28
C GLY A 317 1.24 2.39 36.97
N ARG A 318 0.78 1.66 35.94
CA ARG A 318 1.41 1.76 34.64
C ARG A 318 0.63 2.68 33.70
N ALA A 319 1.38 3.32 32.80
CA ALA A 319 0.76 4.21 31.84
C ALA A 319 1.36 3.95 30.45
N ILE A 320 0.74 4.56 29.45
CA ILE A 320 1.19 4.45 28.07
C ILE A 320 1.07 5.81 27.37
N ILE A 321 2.21 6.36 26.97
CA ILE A 321 2.22 7.64 26.28
C ILE A 321 2.66 7.54 24.83
N ILE A 322 1.72 7.18 23.96
CA ILE A 322 1.97 7.06 22.52
C ILE A 322 2.65 8.36 22.06
N SER A 323 3.57 8.26 21.09
CA SER A 323 4.27 9.44 20.58
C SER A 323 4.58 9.24 19.08
N VAL A 324 3.95 10.04 18.21
CA VAL A 324 4.18 9.89 16.78
C VAL A 324 4.92 11.09 16.18
N ILE A 325 5.69 10.83 15.12
CA ILE A 325 6.44 11.85 14.39
C ILE A 325 6.79 11.27 13.03
N ASP A 326 6.62 12.05 11.95
CA ASP A 326 7.06 11.56 10.63
C ASP A 326 8.59 11.49 10.78
N ASN A 327 9.19 10.36 10.42
CA ASN A 327 10.63 10.17 10.57
C ASN A 327 11.51 11.11 9.71
N LEU A 328 11.14 11.34 8.46
CA LEU A 328 11.92 12.23 7.62
C LEU A 328 11.97 13.68 8.12
N VAL A 329 10.89 14.16 8.75
CA VAL A 329 10.84 15.54 9.22
C VAL A 329 11.29 15.73 10.65
N LYS A 330 10.37 15.77 11.61
CA LYS A 330 10.80 15.95 12.98
C LYS A 330 11.82 14.89 13.37
N GLY A 331 11.74 13.75 12.69
CA GLY A 331 12.65 12.65 12.96
C GLY A 331 14.04 12.88 12.43
N ALA A 332 14.16 13.74 11.41
CA ALA A 332 15.46 14.03 10.83
C ALA A 332 15.62 15.46 10.36
N SER A 333 15.40 15.67 9.06
CA SER A 333 15.59 16.95 8.41
C SER A 333 14.91 18.17 9.03
N GLY A 334 13.63 18.04 9.38
CA GLY A 334 12.88 19.12 10.01
C GLY A 334 13.59 19.62 11.26
N GLN A 335 13.96 18.71 12.14
CA GLN A 335 14.68 19.10 13.35
C GLN A 335 16.02 19.73 12.95
N ALA A 336 16.65 19.18 11.92
CA ALA A 336 17.91 19.74 11.45
C ALA A 336 17.73 21.23 11.11
N LEU A 337 16.70 21.54 10.33
CA LEU A 337 16.41 22.92 9.90
C LEU A 337 15.95 23.75 11.09
N GLN A 338 15.13 23.13 11.94
CA GLN A 338 14.63 23.78 13.14
C GLN A 338 15.81 24.13 14.05
N ASN A 339 16.94 23.47 13.86
CA ASN A 339 18.12 23.76 14.68
C ASN A 339 19.00 24.82 14.03
N LEU A 340 19.26 24.68 12.73
CA LEU A 340 20.11 25.65 12.06
C LEU A 340 19.46 27.03 12.18
N ASN A 341 18.13 27.08 12.14
CA ASN A 341 17.46 28.36 12.28
C ASN A 341 17.92 29.07 13.55
N ILE A 342 17.59 28.50 14.71
CA ILE A 342 17.96 29.13 15.96
C ILE A 342 19.48 29.24 16.16
N MET A 343 20.25 28.58 15.30
CA MET A 343 21.71 28.66 15.36
C MET A 343 22.18 29.90 14.58
N LEU A 344 21.47 30.23 13.51
CA LEU A 344 21.83 31.39 12.68
C LEU A 344 21.07 32.65 13.11
N GLY A 345 20.25 32.51 14.15
CA GLY A 345 19.49 33.66 14.63
C GLY A 345 18.24 33.97 13.83
N TYR A 346 17.61 32.97 13.21
CA TYR A 346 16.37 33.24 12.46
C TYR A 346 15.19 32.65 13.22
N PRO A 347 13.96 33.01 12.82
CA PRO A 347 12.81 32.46 13.54
C PRO A 347 12.81 30.94 13.38
N GLU A 348 12.59 30.25 14.49
CA GLU A 348 12.59 28.79 14.52
C GLU A 348 11.69 28.06 13.51
N THR A 349 10.43 28.50 13.39
CA THR A 349 9.48 27.86 12.49
C THR A 349 9.70 28.20 11.03
N THR A 350 10.65 29.09 10.75
CA THR A 350 10.89 29.47 9.37
C THR A 350 11.07 28.26 8.47
N GLY A 351 10.27 28.21 7.41
CA GLY A 351 10.31 27.11 6.48
C GLY A 351 9.98 25.78 7.12
N LEU A 352 9.16 25.79 8.18
CA LEU A 352 8.77 24.55 8.85
C LEU A 352 7.28 24.46 9.17
N LEU A 353 6.49 25.40 8.67
CA LEU A 353 5.06 25.39 8.97
C LEU A 353 4.19 24.63 7.97
N HIS A 354 4.79 23.73 7.19
CA HIS A 354 4.00 22.94 6.25
C HIS A 354 2.99 22.17 7.10
N GLN A 355 1.76 22.07 6.62
CA GLN A 355 0.72 21.36 7.35
C GLN A 355 0.68 19.93 6.83
N PRO A 356 0.32 18.95 7.69
CA PRO A 356 0.27 17.53 7.30
C PRO A 356 -0.38 17.27 5.95
N LEU A 357 0.05 16.23 5.24
CA LEU A 357 -0.56 15.93 3.96
C LEU A 357 -1.57 14.79 4.09
N PHE A 358 -2.72 15.09 4.67
CA PHE A 358 -3.78 14.09 4.83
C PHE A 358 -4.97 14.50 3.97
N PRO A 359 -5.56 13.55 3.21
CA PRO A 359 -5.17 12.12 3.15
C PRO A 359 -3.87 11.90 2.39
N LYS B 15 -5.62 38.38 8.37
CA LYS B 15 -5.11 38.74 7.02
C LYS B 15 -6.09 39.61 6.22
N ASP B 16 -5.61 40.16 5.10
CA ASP B 16 -6.41 41.06 4.27
C ASP B 16 -7.65 40.50 3.57
N ILE B 17 -7.64 39.21 3.27
CA ILE B 17 -8.79 38.59 2.60
C ILE B 17 -9.39 37.51 3.46
N ARG B 18 -10.66 37.69 3.79
CA ARG B 18 -11.38 36.73 4.61
C ARG B 18 -11.93 35.66 3.69
N ILE B 19 -11.72 34.40 4.05
CA ILE B 19 -12.17 33.29 3.23
C ILE B 19 -13.33 32.50 3.80
N GLY B 20 -14.30 32.20 2.94
CA GLY B 20 -15.42 31.39 3.36
C GLY B 20 -15.31 30.05 2.63
N LEU B 21 -15.64 28.94 3.28
CA LEU B 21 -15.59 27.63 2.62
C LEU B 21 -16.92 26.88 2.77
N LEU B 22 -17.59 26.58 1.67
CA LEU B 22 -18.85 25.84 1.75
C LEU B 22 -18.55 24.36 1.57
N GLY B 23 -18.79 23.58 2.63
CA GLY B 23 -18.53 22.14 2.59
C GLY B 23 -17.08 21.86 2.97
N ALA B 24 -16.76 22.06 4.24
CA ALA B 24 -15.40 21.86 4.70
C ALA B 24 -15.07 20.49 5.29
N SER B 25 -16.06 19.61 5.37
CA SER B 25 -15.81 18.30 5.97
C SER B 25 -15.27 17.25 5.00
N GLY B 26 -15.00 17.65 3.76
CA GLY B 26 -14.48 16.74 2.77
C GLY B 26 -13.00 16.96 2.54
N TYR B 27 -12.41 16.11 1.70
CA TYR B 27 -10.98 16.18 1.38
C TYR B 27 -10.51 17.49 0.77
N THR B 28 -11.13 17.90 -0.34
CA THR B 28 -10.76 19.15 -0.99
C THR B 28 -10.92 20.28 0.03
N GLY B 29 -11.89 20.12 0.93
CA GLY B 29 -12.12 21.11 1.95
C GLY B 29 -10.93 21.20 2.89
N ALA B 30 -10.37 20.04 3.20
CA ALA B 30 -9.20 19.95 4.07
C ALA B 30 -8.02 20.54 3.32
N GLU B 31 -7.93 20.23 2.02
CA GLU B 31 -6.85 20.74 1.19
C GLU B 31 -6.94 22.27 1.15
N ILE B 32 -8.11 22.84 0.88
CA ILE B 32 -8.24 24.31 0.89
C ILE B 32 -7.60 24.84 2.18
N VAL B 33 -8.07 24.32 3.31
CA VAL B 33 -7.57 24.74 4.62
C VAL B 33 -6.05 24.52 4.75
N ARG B 34 -5.54 23.41 4.20
CA ARG B 34 -4.10 23.14 4.26
C ARG B 34 -3.34 24.20 3.45
N LEU B 35 -3.74 24.39 2.18
CA LEU B 35 -3.07 25.34 1.31
C LEU B 35 -3.00 26.78 1.84
N LEU B 36 -4.16 27.33 2.20
CA LEU B 36 -4.29 28.70 2.71
C LEU B 36 -3.54 28.90 4.01
N ALA B 37 -3.21 27.82 4.70
CA ALA B 37 -2.49 27.96 5.96
C ALA B 37 -1.19 28.71 5.70
N ASN B 38 -0.71 28.65 4.46
CA ASN B 38 0.53 29.32 4.16
C ASN B 38 0.35 30.45 3.17
N HIS B 39 -0.89 30.74 2.83
CA HIS B 39 -1.18 31.81 1.89
C HIS B 39 -1.05 33.11 2.68
N PRO B 40 -0.05 33.92 2.33
CA PRO B 40 0.21 35.21 3.00
C PRO B 40 -0.88 36.29 2.99
N HIS B 41 -2.09 35.99 2.51
CA HIS B 41 -3.16 36.99 2.46
C HIS B 41 -4.57 36.50 2.73
N PHE B 42 -4.90 35.30 2.24
CA PHE B 42 -6.23 34.75 2.46
C PHE B 42 -6.23 33.98 3.76
N GLN B 43 -7.16 34.34 4.65
CA GLN B 43 -7.29 33.70 5.94
C GLN B 43 -8.69 33.15 6.13
N VAL B 44 -8.84 31.82 6.12
CA VAL B 44 -10.16 31.21 6.33
C VAL B 44 -10.74 31.76 7.64
N THR B 45 -11.97 32.25 7.59
CA THR B 45 -12.60 32.80 8.80
C THR B 45 -14.05 32.31 8.92
N LEU B 46 -14.51 31.63 7.88
CA LEU B 46 -15.86 31.09 7.86
C LEU B 46 -15.89 29.75 7.13
N MET B 47 -16.56 28.76 7.72
CA MET B 47 -16.67 27.44 7.09
C MET B 47 -18.03 26.79 7.40
N THR B 48 -18.77 26.43 6.35
CA THR B 48 -20.06 25.80 6.57
C THR B 48 -19.96 24.30 6.42
N ALA B 49 -21.02 23.62 6.83
CA ALA B 49 -21.09 22.17 6.76
C ALA B 49 -22.54 21.77 6.92
N ASP B 50 -22.77 20.48 7.16
CA ASP B 50 -24.13 19.99 7.35
C ASP B 50 -24.46 19.80 8.82
N ARG B 51 -24.23 18.59 9.33
CA ARG B 51 -24.54 18.27 10.71
C ARG B 51 -23.42 18.59 11.69
N LYS B 52 -22.19 18.65 11.19
CA LYS B 52 -21.04 18.93 12.03
C LYS B 52 -20.97 20.38 12.49
N ALA B 53 -22.10 21.07 12.41
CA ALA B 53 -22.16 22.46 12.82
C ALA B 53 -21.90 22.55 14.32
N GLY B 54 -21.08 23.51 14.71
CA GLY B 54 -20.75 23.68 16.12
C GLY B 54 -19.53 22.90 16.56
N GLN B 55 -19.21 21.83 15.83
CA GLN B 55 -18.05 21.00 16.12
C GLN B 55 -16.75 21.69 15.73
N SER B 56 -15.64 21.19 16.24
CA SER B 56 -14.34 21.76 15.93
C SER B 56 -13.79 21.09 14.68
N MET B 57 -12.91 21.78 13.96
CA MET B 57 -12.35 21.19 12.76
C MET B 57 -11.48 20.00 13.16
N GLU B 58 -10.90 20.08 14.34
CA GLU B 58 -10.04 19.03 14.85
C GLU B 58 -10.77 17.72 15.03
N SER B 59 -12.07 17.80 15.27
CA SER B 59 -12.89 16.62 15.47
C SER B 59 -13.19 15.97 14.13
N VAL B 60 -13.00 16.73 13.05
CA VAL B 60 -13.24 16.20 11.72
C VAL B 60 -11.93 15.79 11.09
N PHE B 61 -10.99 16.73 11.06
CA PHE B 61 -9.67 16.50 10.48
C PHE B 61 -8.65 16.84 11.54
N PRO B 62 -8.29 15.85 12.37
CA PRO B 62 -7.31 16.10 13.42
C PRO B 62 -5.93 16.52 12.92
N HIS B 63 -5.61 16.25 11.66
CA HIS B 63 -4.30 16.65 11.15
C HIS B 63 -4.22 18.17 11.03
N LEU B 64 -5.33 18.86 11.28
CA LEU B 64 -5.36 20.31 11.19
C LEU B 64 -5.29 20.97 12.55
N ARG B 65 -5.14 20.17 13.59
CA ARG B 65 -5.12 20.71 14.94
C ARG B 65 -4.11 21.85 15.23
N ALA B 66 -3.07 22.00 14.41
CA ALA B 66 -2.10 23.09 14.63
C ALA B 66 -2.69 24.42 14.19
N GLN B 67 -3.77 24.37 13.43
CA GLN B 67 -4.41 25.59 12.97
C GLN B 67 -5.52 26.07 13.91
N LYS B 68 -5.78 27.37 13.84
CA LYS B 68 -6.83 28.02 14.62
C LYS B 68 -7.90 28.34 13.60
N LEU B 69 -8.98 27.56 13.61
CA LEU B 69 -10.04 27.75 12.63
C LEU B 69 -11.37 28.06 13.27
N PRO B 70 -12.26 28.75 12.54
CA PRO B 70 -13.56 29.09 13.12
C PRO B 70 -14.39 27.82 13.23
N THR B 71 -15.26 27.78 14.24
CA THR B 71 -16.13 26.64 14.47
C THR B 71 -17.01 26.40 13.25
N LEU B 72 -17.20 25.15 12.87
CA LEU B 72 -18.03 24.85 11.71
C LEU B 72 -19.44 25.40 11.89
N VAL B 73 -20.08 25.76 10.78
CA VAL B 73 -21.43 26.31 10.78
C VAL B 73 -22.30 25.52 9.80
N SER B 74 -23.51 25.99 9.58
CA SER B 74 -24.42 25.36 8.64
C SER B 74 -24.55 26.28 7.43
N VAL B 75 -24.81 25.70 6.26
CA VAL B 75 -24.92 26.52 5.06
C VAL B 75 -25.91 27.66 5.24
N LYS B 76 -27.20 27.34 5.20
CA LYS B 76 -28.24 28.35 5.36
C LYS B 76 -28.25 28.93 6.77
N ASP B 77 -27.08 29.35 7.25
CA ASP B 77 -26.97 29.89 8.59
C ASP B 77 -25.73 30.76 8.74
N ALA B 78 -24.91 30.82 7.70
CA ALA B 78 -23.69 31.63 7.75
C ALA B 78 -23.91 33.00 7.13
N ASP B 79 -23.17 33.99 7.61
CA ASP B 79 -23.29 35.35 7.09
C ASP B 79 -22.25 35.63 6.02
N PHE B 80 -22.66 35.50 4.78
CA PHE B 80 -21.76 35.71 3.65
C PHE B 80 -21.26 37.13 3.49
N SER B 81 -21.59 38.00 4.44
CA SER B 81 -21.10 39.37 4.37
C SER B 81 -19.80 39.42 5.17
N THR B 82 -19.47 38.30 5.82
CA THR B 82 -18.25 38.17 6.63
C THR B 82 -16.96 38.20 5.82
N VAL B 83 -16.95 37.47 4.71
CA VAL B 83 -15.79 37.36 3.85
C VAL B 83 -16.05 38.00 2.49
N ASP B 84 -15.04 37.98 1.63
CA ASP B 84 -15.14 38.56 0.31
C ASP B 84 -14.93 37.54 -0.82
N ALA B 85 -14.47 36.35 -0.47
CA ALA B 85 -14.23 35.30 -1.46
C ALA B 85 -14.86 33.98 -1.04
N VAL B 86 -15.43 33.27 -2.01
CA VAL B 86 -16.07 32.00 -1.71
C VAL B 86 -15.26 30.82 -2.24
N PHE B 87 -15.27 29.72 -1.49
CA PHE B 87 -14.64 28.46 -1.90
C PHE B 87 -15.78 27.46 -1.66
N CYS B 88 -16.47 27.05 -2.71
CA CYS B 88 -17.56 26.10 -2.54
C CYS B 88 -17.20 24.66 -2.90
N CYS B 89 -17.22 23.78 -1.89
CA CYS B 89 -16.89 22.37 -2.08
C CYS B 89 -18.08 21.50 -1.69
N LEU B 90 -19.23 21.78 -2.28
CA LEU B 90 -20.44 21.02 -1.98
C LEU B 90 -20.70 19.99 -3.05
N PRO B 91 -21.59 19.02 -2.76
CA PRO B 91 -21.91 17.97 -3.74
C PRO B 91 -22.74 18.48 -4.91
N HIS B 92 -22.60 17.83 -6.06
CA HIS B 92 -23.37 18.20 -7.24
C HIS B 92 -24.85 17.96 -6.99
N GLY B 93 -25.62 19.04 -6.86
CA GLY B 93 -27.04 18.88 -6.62
C GLY B 93 -27.59 19.94 -5.69
N THR B 94 -26.72 20.58 -4.94
CA THR B 94 -27.14 21.63 -4.02
C THR B 94 -26.36 22.92 -4.26
N THR B 95 -25.41 22.84 -5.19
CA THR B 95 -24.56 23.98 -5.52
C THR B 95 -25.23 25.10 -6.31
N GLN B 96 -25.89 24.76 -7.41
CA GLN B 96 -26.53 25.79 -8.23
C GLN B 96 -27.44 26.74 -7.44
N GLU B 97 -28.36 26.21 -6.66
CA GLU B 97 -29.27 27.07 -5.90
C GLU B 97 -28.56 27.90 -4.81
N ILE B 98 -27.58 27.31 -4.14
CA ILE B 98 -26.87 28.04 -3.10
C ILE B 98 -26.03 29.19 -3.68
N ILE B 99 -25.29 28.90 -4.75
CA ILE B 99 -24.44 29.91 -5.38
C ILE B 99 -25.25 31.07 -5.96
N LYS B 100 -26.49 30.78 -6.32
CA LYS B 100 -27.39 31.76 -6.88
C LYS B 100 -27.88 32.77 -5.84
N GLU B 101 -27.75 32.42 -4.56
CA GLU B 101 -28.20 33.32 -3.50
C GLU B 101 -27.07 34.11 -2.85
N LEU B 102 -25.82 33.75 -3.12
CA LEU B 102 -24.69 34.46 -2.52
C LEU B 102 -24.63 35.90 -3.03
N PRO B 103 -24.19 36.84 -2.16
CA PRO B 103 -24.10 38.24 -2.57
C PRO B 103 -23.26 38.43 -3.84
N THR B 104 -23.82 39.18 -4.78
CA THR B 104 -23.19 39.43 -6.08
C THR B 104 -21.80 40.04 -6.01
N ALA B 105 -21.44 40.63 -4.88
CA ALA B 105 -20.12 41.26 -4.78
C ALA B 105 -19.06 40.28 -4.31
N LEU B 106 -19.50 39.07 -4.00
CA LEU B 106 -18.64 38.01 -3.52
C LEU B 106 -18.02 37.23 -4.66
N LYS B 107 -16.69 37.08 -4.67
CA LYS B 107 -16.01 36.29 -5.71
C LYS B 107 -16.35 34.83 -5.32
N ILE B 108 -16.45 33.93 -6.30
CA ILE B 108 -16.84 32.56 -5.99
C ILE B 108 -16.03 31.44 -6.62
N VAL B 109 -15.15 30.81 -5.84
CA VAL B 109 -14.41 29.67 -6.37
C VAL B 109 -15.23 28.45 -6.00
N ASP B 110 -15.95 27.92 -6.98
CA ASP B 110 -16.80 26.74 -6.84
C ASP B 110 -16.05 25.51 -7.31
N LEU B 111 -15.92 24.49 -6.45
CA LEU B 111 -15.19 23.28 -6.86
C LEU B 111 -16.11 22.13 -7.25
N SER B 112 -17.40 22.43 -7.45
CA SER B 112 -18.38 21.44 -7.87
C SER B 112 -18.39 21.44 -9.40
N ALA B 113 -19.02 20.43 -10.01
CA ALA B 113 -19.07 20.34 -11.46
C ALA B 113 -20.34 20.94 -12.09
N ASP B 114 -21.28 21.35 -11.24
CA ASP B 114 -22.57 21.86 -11.69
C ASP B 114 -22.59 23.15 -12.53
N PHE B 115 -21.47 23.86 -12.59
CA PHE B 115 -21.40 25.08 -13.40
C PHE B 115 -20.32 25.02 -14.50
N ARG B 116 -19.77 23.82 -14.76
CA ARG B 116 -18.74 23.62 -15.77
C ARG B 116 -19.31 23.45 -17.19
N LEU B 117 -20.54 22.94 -17.29
CA LEU B 117 -21.14 22.72 -18.61
C LEU B 117 -22.06 23.86 -19.06
N ARG B 118 -21.94 24.27 -20.32
CA ARG B 118 -22.75 25.35 -20.89
C ARG B 118 -24.12 24.87 -21.38
N ASN B 119 -24.10 24.05 -22.42
CA ASN B 119 -25.32 23.50 -22.99
C ASN B 119 -26.05 22.77 -21.86
N ILE B 120 -27.04 23.46 -21.29
CA ILE B 120 -27.83 22.92 -20.19
C ILE B 120 -28.49 21.60 -20.53
N ALA B 121 -28.73 21.37 -21.83
CA ALA B 121 -29.36 20.13 -22.25
C ALA B 121 -28.46 18.97 -21.86
N GLU B 122 -27.15 19.15 -22.00
CA GLU B 122 -26.18 18.11 -21.66
C GLU B 122 -26.10 17.94 -20.14
N TYR B 123 -26.25 19.03 -19.40
CA TYR B 123 -26.21 18.94 -17.95
C TYR B 123 -27.34 18.01 -17.50
N GLU B 124 -28.37 17.88 -18.33
CA GLU B 124 -29.50 17.03 -18.03
C GLU B 124 -29.12 15.54 -18.00
N GLU B 125 -28.72 15.00 -19.16
CA GLU B 125 -28.36 13.58 -19.21
C GLU B 125 -27.19 13.18 -18.30
N TRP B 126 -26.17 14.02 -18.22
CA TRP B 126 -25.00 13.70 -17.41
C TRP B 126 -25.13 13.95 -15.89
N TYR B 127 -26.32 14.33 -15.44
CA TYR B 127 -26.52 14.58 -14.02
C TYR B 127 -27.90 14.21 -13.51
N GLY B 128 -28.81 13.95 -14.44
CA GLY B 128 -30.17 13.58 -14.07
C GLY B 128 -31.01 14.63 -13.37
N GLN B 129 -30.69 15.89 -13.62
CA GLN B 129 -31.42 16.99 -13.01
C GLN B 129 -31.26 18.22 -13.86
N PRO B 130 -32.29 19.06 -13.92
CA PRO B 130 -32.19 20.28 -14.73
C PRO B 130 -31.32 21.31 -14.03
N HIS B 131 -30.79 22.24 -14.83
CA HIS B 131 -29.96 23.31 -14.30
C HIS B 131 -30.90 24.27 -13.59
N LYS B 132 -30.54 24.68 -12.39
CA LYS B 132 -31.38 25.59 -11.63
C LYS B 132 -30.83 27.01 -11.59
N ALA B 133 -29.76 27.25 -12.34
CA ALA B 133 -29.17 28.58 -12.38
C ALA B 133 -28.71 28.90 -13.80
N VAL B 134 -29.61 28.68 -14.75
CA VAL B 134 -29.37 28.92 -16.17
C VAL B 134 -28.81 30.31 -16.51
N GLU B 135 -29.35 31.33 -15.86
CA GLU B 135 -28.90 32.70 -16.09
C GLU B 135 -27.44 32.91 -15.71
N LEU B 136 -27.13 32.65 -14.45
CA LEU B 136 -25.77 32.81 -13.96
C LEU B 136 -24.77 31.97 -14.79
N GLN B 137 -25.23 30.81 -15.26
CA GLN B 137 -24.39 29.92 -16.05
C GLN B 137 -23.63 30.66 -17.13
N LYS B 138 -24.33 31.57 -17.78
CA LYS B 138 -23.78 32.38 -18.88
C LYS B 138 -22.56 33.21 -18.52
N GLU B 139 -22.48 33.67 -17.27
CA GLU B 139 -21.33 34.46 -16.88
C GLU B 139 -20.23 33.62 -16.21
N VAL B 140 -20.45 32.32 -16.11
CA VAL B 140 -19.48 31.43 -15.50
C VAL B 140 -18.22 31.21 -16.33
N VAL B 141 -17.06 31.27 -15.69
CA VAL B 141 -15.80 31.01 -16.39
C VAL B 141 -15.16 29.72 -15.84
N TYR B 142 -14.77 28.83 -16.76
CA TYR B 142 -14.13 27.56 -16.45
C TYR B 142 -12.73 27.90 -15.96
N GLY B 143 -12.37 27.37 -14.79
CA GLY B 143 -11.10 27.69 -14.19
C GLY B 143 -9.86 26.93 -14.58
N LEU B 144 -9.76 26.52 -15.85
CA LEU B 144 -8.58 25.82 -16.32
C LEU B 144 -7.51 26.93 -16.45
N THR B 145 -6.95 27.34 -15.32
CA THR B 145 -5.99 28.45 -15.28
C THR B 145 -5.08 28.79 -16.47
N GLU B 146 -4.14 27.92 -16.82
CA GLU B 146 -3.22 28.21 -17.92
C GLU B 146 -3.85 28.45 -19.30
N ILE B 147 -5.12 28.09 -19.45
CA ILE B 147 -5.75 28.29 -20.74
C ILE B 147 -6.66 29.53 -20.78
N LEU B 148 -7.58 29.62 -19.82
CA LEU B 148 -8.53 30.72 -19.78
C LEU B 148 -8.20 31.84 -18.82
N ARG B 149 -6.93 31.94 -18.46
CA ARG B 149 -6.44 32.94 -17.55
C ARG B 149 -7.07 34.33 -17.79
N GLU B 150 -6.97 34.82 -19.02
CA GLU B 150 -7.51 36.13 -19.38
C GLU B 150 -8.94 36.36 -18.87
N ASP B 151 -9.83 35.42 -19.17
CA ASP B 151 -11.21 35.53 -18.74
C ASP B 151 -11.37 35.29 -17.25
N ILE B 152 -10.60 34.33 -16.73
CA ILE B 152 -10.68 33.99 -15.30
C ILE B 152 -10.52 35.22 -14.41
N LYS B 153 -9.53 36.05 -14.71
CA LYS B 153 -9.22 37.25 -13.95
C LYS B 153 -10.45 38.14 -13.78
N LYS B 154 -11.20 38.28 -14.85
CA LYS B 154 -12.40 39.10 -14.81
C LYS B 154 -13.69 38.29 -14.88
N ALA B 155 -13.93 37.52 -13.81
CA ALA B 155 -15.12 36.68 -13.68
C ALA B 155 -15.64 36.74 -12.24
N ARG B 156 -16.92 36.40 -12.07
CA ARG B 156 -17.55 36.38 -10.76
C ARG B 156 -17.51 34.97 -10.17
N LEU B 157 -18.29 34.06 -10.76
CA LEU B 157 -18.38 32.67 -10.33
C LEU B 157 -17.45 31.74 -11.11
N VAL B 158 -16.36 31.35 -10.48
CA VAL B 158 -15.40 30.46 -11.10
C VAL B 158 -15.73 28.99 -10.92
N ALA B 159 -15.85 28.30 -12.05
CA ALA B 159 -16.11 26.87 -12.09
C ALA B 159 -14.75 26.17 -12.15
N ASN B 160 -14.30 25.68 -11.01
CA ASN B 160 -13.02 24.99 -10.95
C ASN B 160 -13.21 23.69 -11.71
N PRO B 161 -12.35 23.41 -12.70
CA PRO B 161 -12.38 22.20 -13.52
C PRO B 161 -12.21 20.89 -12.77
N GLY B 162 -12.66 19.81 -13.39
CA GLY B 162 -12.52 18.49 -12.79
C GLY B 162 -11.07 18.04 -12.90
N CYS B 163 -10.79 16.88 -12.32
CA CYS B 163 -9.44 16.33 -12.30
C CYS B 163 -8.98 15.75 -13.63
N TYR B 164 -9.66 14.69 -14.10
CA TYR B 164 -9.31 14.09 -15.37
C TYR B 164 -9.24 15.15 -16.48
N PRO B 165 -10.32 15.94 -16.65
CA PRO B 165 -10.35 16.99 -17.69
C PRO B 165 -9.12 17.89 -17.70
N THR B 166 -8.62 18.24 -16.51
CA THR B 166 -7.45 19.09 -16.38
C THR B 166 -6.21 18.43 -16.98
N THR B 167 -6.03 17.14 -16.70
CA THR B 167 -4.89 16.40 -17.23
C THR B 167 -4.97 16.21 -18.73
N ILE B 168 -6.18 16.28 -19.28
CA ILE B 168 -6.39 16.08 -20.71
C ILE B 168 -6.34 17.35 -21.59
N GLN B 169 -6.95 18.44 -21.12
CA GLN B 169 -6.96 19.68 -21.89
C GLN B 169 -5.60 20.36 -22.06
N LEU B 170 -4.86 20.51 -20.96
CA LEU B 170 -3.55 21.15 -21.03
C LEU B 170 -2.72 20.56 -22.18
N PRO B 171 -2.76 19.22 -22.36
CA PRO B 171 -1.99 18.64 -23.46
C PRO B 171 -2.68 18.80 -24.81
N LEU B 172 -3.97 18.45 -24.87
CA LEU B 172 -4.70 18.48 -26.13
C LEU B 172 -5.11 19.81 -26.74
N VAL B 173 -5.59 20.74 -25.91
CA VAL B 173 -6.02 22.03 -26.44
C VAL B 173 -4.94 22.70 -27.30
N PRO B 174 -3.72 22.88 -26.76
CA PRO B 174 -2.58 23.49 -27.48
C PRO B 174 -2.25 22.77 -28.78
N LEU B 175 -2.44 21.44 -28.79
CA LEU B 175 -2.17 20.63 -29.97
C LEU B 175 -3.32 20.72 -30.99
N LEU B 176 -4.54 20.91 -30.50
CA LEU B 176 -5.66 21.03 -31.39
C LEU B 176 -5.64 22.43 -32.04
N LYS B 177 -5.48 23.45 -31.22
CA LYS B 177 -5.42 24.82 -31.74
C LYS B 177 -4.48 24.89 -32.93
N ALA B 178 -3.30 24.28 -32.79
CA ALA B 178 -2.28 24.26 -33.83
C ALA B 178 -2.57 23.26 -34.97
N ASN B 179 -3.71 22.56 -34.90
CA ASN B 179 -4.09 21.60 -35.94
C ASN B 179 -3.03 20.50 -36.12
N LEU B 180 -2.38 20.09 -35.04
CA LEU B 180 -1.34 19.07 -35.14
C LEU B 180 -1.81 17.62 -35.05
N ILE B 181 -3.02 17.39 -34.51
CA ILE B 181 -3.53 16.04 -34.37
C ILE B 181 -4.92 15.89 -35.00
N LYS B 182 -5.26 14.69 -35.43
CA LYS B 182 -6.57 14.45 -36.02
C LYS B 182 -7.62 14.63 -34.92
N HIS B 183 -8.86 14.90 -35.29
CA HIS B 183 -9.91 15.09 -34.28
C HIS B 183 -10.49 13.76 -33.85
N GLU B 184 -10.26 12.71 -34.63
CA GLU B 184 -10.77 11.38 -34.31
C GLU B 184 -9.70 10.51 -33.68
N ASN B 185 -10.05 9.24 -33.54
CA ASN B 185 -9.15 8.23 -32.99
C ASN B 185 -8.47 8.64 -31.66
N ILE B 186 -9.13 9.48 -30.88
CA ILE B 186 -8.62 9.92 -29.59
C ILE B 186 -9.05 8.90 -28.52
N ILE B 187 -8.08 8.13 -28.05
CA ILE B 187 -8.34 7.12 -27.03
C ILE B 187 -7.61 7.46 -25.74
N ILE B 188 -8.40 7.84 -24.74
CA ILE B 188 -7.86 8.22 -23.46
C ILE B 188 -8.01 7.12 -22.42
N ASP B 189 -6.87 6.66 -21.89
CA ASP B 189 -6.87 5.62 -20.87
C ASP B 189 -6.25 6.28 -19.65
N ALA B 190 -7.09 6.66 -18.69
CA ALA B 190 -6.63 7.35 -17.51
C ALA B 190 -6.68 6.54 -16.22
N LYS B 191 -5.92 7.02 -15.24
CA LYS B 191 -5.81 6.38 -13.94
C LYS B 191 -5.73 7.44 -12.88
N SER B 192 -6.48 7.24 -11.81
CA SER B 192 -6.47 8.20 -10.71
C SER B 192 -6.43 7.45 -9.40
N GLY B 193 -5.95 8.13 -8.37
CA GLY B 193 -5.91 7.56 -7.05
C GLY B 193 -7.32 7.59 -6.51
N VAL B 194 -7.61 6.64 -5.63
CA VAL B 194 -8.94 6.50 -5.05
C VAL B 194 -9.45 7.72 -4.24
N SER B 195 -8.54 8.64 -3.86
CA SER B 195 -8.95 9.84 -3.12
C SER B 195 -9.97 10.66 -3.92
N GLY B 196 -9.99 10.42 -5.23
CA GLY B 196 -10.93 11.11 -6.10
C GLY B 196 -12.37 10.64 -5.92
N ALA B 197 -12.57 9.45 -5.34
CA ALA B 197 -13.90 8.93 -5.12
C ALA B 197 -14.54 9.56 -3.88
N GLY B 198 -13.80 10.42 -3.19
CA GLY B 198 -14.32 11.09 -2.01
C GLY B 198 -14.21 10.31 -0.71
N ARG B 199 -14.41 11.02 0.40
CA ARG B 199 -14.31 10.44 1.74
C ARG B 199 -15.63 9.82 2.22
N GLY B 200 -16.60 9.69 1.31
CA GLY B 200 -17.88 9.11 1.67
C GLY B 200 -17.77 7.61 1.92
N ALA B 201 -18.45 7.14 2.95
CA ALA B 201 -18.44 5.74 3.33
C ALA B 201 -19.07 4.81 2.29
N LYS B 202 -18.44 3.67 2.09
CA LYS B 202 -18.92 2.67 1.13
C LYS B 202 -18.01 1.45 1.10
N GLU B 203 -18.61 0.30 1.33
CA GLU B 203 -17.92 -0.97 1.35
C GLU B 203 -16.80 -1.05 0.32
N ALA B 204 -17.01 -0.46 -0.86
CA ALA B 204 -16.02 -0.51 -1.92
C ALA B 204 -14.76 0.27 -1.63
N ASN B 205 -14.92 1.47 -1.08
CA ASN B 205 -13.77 2.30 -0.78
C ASN B 205 -12.95 1.84 0.40
N LEU B 206 -13.30 0.70 0.97
CA LEU B 206 -12.52 0.16 2.07
C LEU B 206 -11.12 -0.18 1.57
N TYR B 207 -10.12 -0.02 2.44
CA TYR B 207 -8.74 -0.34 2.10
C TYR B 207 -8.68 -1.80 1.61
N SER B 208 -9.47 -2.67 2.25
CA SER B 208 -9.49 -4.07 1.91
C SER B 208 -10.15 -4.35 0.57
N GLU B 209 -10.65 -3.31 -0.10
CA GLU B 209 -11.29 -3.52 -1.40
C GLU B 209 -10.48 -2.98 -2.59
N ILE B 210 -9.80 -1.86 -2.37
CA ILE B 210 -8.99 -1.16 -3.39
C ILE B 210 -7.50 -1.52 -3.36
N ALA B 211 -7.00 -2.01 -2.23
CA ALA B 211 -5.57 -2.31 -2.17
C ALA B 211 -5.17 -3.57 -2.92
N GLU B 212 -4.00 -3.53 -3.51
CA GLU B 212 -3.44 -4.67 -4.21
C GLU B 212 -4.20 -5.13 -5.45
N GLY B 213 -4.93 -4.22 -6.04
CA GLY B 213 -5.69 -4.57 -7.24
C GLY B 213 -6.05 -3.37 -8.08
N ILE B 214 -6.47 -3.65 -9.31
CA ILE B 214 -6.90 -2.60 -10.20
C ILE B 214 -8.16 -2.98 -10.96
N SER B 215 -8.87 -1.95 -11.40
CA SER B 215 -10.08 -2.13 -12.17
C SER B 215 -10.49 -0.81 -12.78
N SER B 216 -11.11 -0.87 -13.95
CA SER B 216 -11.60 0.31 -14.62
C SER B 216 -12.91 0.71 -13.93
N TYR B 217 -13.47 1.86 -14.32
CA TYR B 217 -14.76 2.35 -13.83
C TYR B 217 -15.21 3.46 -14.77
N GLY B 218 -16.41 4.01 -14.53
CA GLY B 218 -16.90 5.06 -15.40
C GLY B 218 -16.66 4.68 -16.84
N VAL B 219 -16.77 3.40 -17.17
CA VAL B 219 -16.53 2.99 -18.53
C VAL B 219 -17.66 3.43 -19.43
N THR B 220 -17.36 3.56 -20.71
CA THR B 220 -18.33 3.97 -21.73
C THR B 220 -18.81 5.41 -21.65
N ARG B 221 -19.34 5.80 -20.50
CA ARG B 221 -19.90 7.13 -20.36
C ARG B 221 -19.71 7.75 -18.98
N HIS B 222 -18.47 7.89 -18.56
CA HIS B 222 -18.17 8.49 -17.27
C HIS B 222 -18.55 9.96 -17.31
N ARG B 223 -18.84 10.51 -16.15
CA ARG B 223 -19.25 11.90 -16.05
C ARG B 223 -18.17 12.97 -16.33
N HIS B 224 -17.39 12.77 -17.38
CA HIS B 224 -16.38 13.75 -17.77
C HIS B 224 -16.31 13.72 -19.30
N VAL B 225 -17.01 12.78 -19.90
CA VAL B 225 -16.99 12.69 -21.33
C VAL B 225 -17.36 14.05 -21.95
N PRO B 226 -18.58 14.55 -21.69
CA PRO B 226 -19.02 15.85 -22.25
C PRO B 226 -18.07 17.02 -21.97
N GLU B 227 -17.67 17.19 -20.71
CA GLU B 227 -16.75 18.25 -20.31
C GLU B 227 -15.46 18.19 -21.14
N ILE B 228 -14.96 16.97 -21.32
CA ILE B 228 -13.74 16.74 -22.10
C ILE B 228 -14.01 17.08 -23.57
N GLU B 229 -15.16 16.66 -24.06
CA GLU B 229 -15.50 16.93 -25.44
C GLU B 229 -15.94 18.39 -25.70
N GLN B 230 -16.06 19.18 -24.65
CA GLN B 230 -16.42 20.60 -24.78
C GLN B 230 -15.16 21.42 -25.09
N GLY B 231 -14.17 21.37 -24.20
CA GLY B 231 -12.94 22.11 -24.39
C GLY B 231 -12.18 21.75 -25.67
N LEU B 232 -12.09 20.45 -25.99
CA LEU B 232 -11.37 20.03 -27.19
C LEU B 232 -12.09 20.50 -28.46
N SER B 233 -13.40 20.24 -28.52
CA SER B 233 -14.20 20.66 -29.66
C SER B 233 -14.08 22.19 -29.89
N ASP B 234 -14.26 22.98 -28.84
CA ASP B 234 -14.18 24.44 -28.95
C ASP B 234 -12.89 24.95 -29.62
N VAL B 235 -11.87 24.10 -29.70
CA VAL B 235 -10.61 24.49 -30.31
C VAL B 235 -10.29 23.51 -31.45
N ALA B 236 -11.32 22.77 -31.85
CA ALA B 236 -11.19 21.79 -32.94
C ALA B 236 -12.12 22.16 -34.08
N GLN B 237 -13.03 23.09 -33.83
CA GLN B 237 -13.98 23.53 -34.83
C GLN B 237 -14.61 22.28 -35.47
N SER B 238 -15.36 21.57 -34.64
CA SER B 238 -16.05 20.33 -35.01
C SER B 238 -16.18 19.51 -33.73
N LYS B 239 -17.27 18.75 -33.59
CA LYS B 239 -17.42 17.94 -32.39
C LYS B 239 -16.37 16.82 -32.42
N VAL B 240 -15.62 16.67 -31.33
CA VAL B 240 -14.59 15.65 -31.24
C VAL B 240 -14.99 14.51 -30.29
N THR B 241 -15.58 13.44 -30.83
CA THR B 241 -16.00 12.28 -30.01
C THR B 241 -14.75 11.56 -29.50
N VAL B 242 -14.55 11.49 -28.19
CA VAL B 242 -13.38 10.79 -27.68
C VAL B 242 -13.74 9.47 -27.00
N SER B 243 -12.73 8.64 -26.74
CA SER B 243 -12.92 7.39 -26.01
C SER B 243 -12.24 7.72 -24.69
N PHE B 244 -12.92 7.51 -23.57
CA PHE B 244 -12.33 7.83 -22.27
C PHE B 244 -12.66 6.74 -21.26
N THR B 245 -11.61 6.04 -20.80
CA THR B 245 -11.80 4.95 -19.85
C THR B 245 -10.97 5.16 -18.58
N PRO B 246 -11.64 5.52 -17.47
CA PRO B 246 -11.01 5.75 -16.15
C PRO B 246 -10.63 4.42 -15.50
N HIS B 247 -9.67 4.46 -14.58
CA HIS B 247 -9.19 3.28 -13.84
C HIS B 247 -8.91 3.72 -12.41
N LEU B 248 -9.20 2.85 -11.45
CA LEU B 248 -9.00 3.14 -10.03
C LEU B 248 -7.70 2.53 -9.47
N MET B 249 -6.73 3.39 -9.16
CA MET B 249 -5.42 2.97 -8.64
C MET B 249 -5.38 2.73 -7.14
N PRO B 250 -4.60 1.73 -6.69
CA PRO B 250 -4.49 1.42 -5.25
C PRO B 250 -3.46 2.35 -4.60
N MET B 251 -3.82 3.63 -4.56
CA MET B 251 -3.00 4.70 -4.01
C MET B 251 -3.96 5.84 -3.66
N ILE B 252 -3.52 6.78 -2.83
CA ILE B 252 -4.35 7.89 -2.42
C ILE B 252 -4.38 9.08 -3.38
N ARG B 253 -3.22 9.70 -3.63
CA ARG B 253 -3.10 10.87 -4.51
C ARG B 253 -2.34 10.59 -5.80
N GLY B 254 -2.82 11.15 -6.91
CA GLY B 254 -2.13 10.97 -8.16
C GLY B 254 -3.06 10.63 -9.30
N MET B 255 -2.71 11.10 -10.48
CA MET B 255 -3.56 10.85 -11.64
C MET B 255 -2.73 10.90 -12.91
N GLN B 256 -3.07 10.06 -13.85
CA GLN B 256 -2.36 10.07 -15.10
C GLN B 256 -3.25 9.74 -16.27
N SER B 257 -3.08 10.47 -17.35
CA SER B 257 -3.84 10.18 -18.55
C SER B 257 -2.83 9.78 -19.62
N THR B 258 -3.14 8.72 -20.35
CA THR B 258 -2.30 8.27 -21.46
C THR B 258 -3.20 8.49 -22.69
N ILE B 259 -2.75 9.36 -23.60
CA ILE B 259 -3.52 9.73 -24.80
C ILE B 259 -3.12 9.09 -26.11
N TYR B 260 -4.07 8.43 -26.75
CA TYR B 260 -3.77 7.77 -28.01
C TYR B 260 -4.51 8.51 -29.13
N VAL B 261 -3.73 9.00 -30.09
CA VAL B 261 -4.25 9.77 -31.21
C VAL B 261 -3.32 9.73 -32.43
N GLU B 262 -3.83 10.20 -33.56
CA GLU B 262 -3.06 10.27 -34.81
C GLU B 262 -2.66 11.72 -35.02
N MET B 263 -1.41 11.93 -35.43
CA MET B 263 -0.95 13.28 -35.69
C MET B 263 -1.49 13.67 -37.06
N ALA B 264 -1.68 14.98 -37.28
CA ALA B 264 -2.20 15.48 -38.54
C ALA B 264 -1.28 15.08 -39.68
N PRO B 265 -1.84 14.96 -40.90
CA PRO B 265 -1.09 14.59 -42.10
C PRO B 265 0.19 15.41 -42.21
N GLY B 266 1.34 14.74 -42.21
CA GLY B 266 2.60 15.46 -42.33
C GLY B 266 3.32 15.86 -41.05
N VAL B 267 2.80 15.47 -39.89
CA VAL B 267 3.40 15.83 -38.62
C VAL B 267 4.20 14.72 -37.94
N ARG B 268 5.16 15.12 -37.11
CA ARG B 268 5.98 14.16 -36.38
C ARG B 268 5.87 14.45 -34.87
N THR B 269 6.13 13.44 -34.05
CA THR B 269 6.04 13.62 -32.60
C THR B 269 6.86 14.81 -32.14
N GLU B 270 7.94 15.11 -32.87
CA GLU B 270 8.80 16.25 -32.51
C GLU B 270 7.99 17.57 -32.60
N ASP B 271 7.02 17.62 -33.53
CA ASP B 271 6.20 18.82 -33.70
C ASP B 271 5.31 19.01 -32.48
N LEU B 272 4.72 17.92 -31.99
CA LEU B 272 3.84 18.03 -30.82
C LEU B 272 4.70 18.45 -29.63
N HIS B 273 5.91 17.93 -29.58
CA HIS B 273 6.79 18.28 -28.48
C HIS B 273 7.05 19.77 -28.47
N GLN B 274 7.33 20.32 -29.65
CA GLN B 274 7.62 21.75 -29.80
C GLN B 274 6.40 22.61 -29.44
N GLN B 275 5.22 22.22 -29.95
CA GLN B 275 4.01 22.98 -29.66
C GLN B 275 3.76 23.03 -28.14
N LEU B 276 4.03 21.94 -27.43
CA LEU B 276 3.81 21.95 -25.98
C LEU B 276 4.83 22.82 -25.26
N LYS B 277 6.09 22.73 -25.67
CA LYS B 277 7.13 23.55 -25.05
C LYS B 277 6.81 25.03 -25.30
N THR B 278 6.45 25.38 -26.53
CA THR B 278 6.10 26.76 -26.88
C THR B 278 4.98 27.30 -25.99
N SER B 279 3.97 26.47 -25.73
CA SER B 279 2.84 26.87 -24.92
C SER B 279 3.05 26.96 -23.41
N TYR B 280 4.05 26.28 -22.89
CA TYR B 280 4.28 26.29 -21.45
C TYR B 280 5.69 26.67 -21.02
N GLU B 281 6.43 27.30 -21.92
CA GLU B 281 7.81 27.70 -21.66
C GLU B 281 8.13 28.12 -20.22
N ASP B 282 7.55 29.21 -19.75
CA ASP B 282 7.85 29.65 -18.38
C ASP B 282 6.67 29.55 -17.41
N GLU B 283 5.81 28.56 -17.62
CA GLU B 283 4.66 28.35 -16.75
C GLU B 283 5.06 27.63 -15.48
N GLU B 284 4.70 28.18 -14.33
CA GLU B 284 5.08 27.53 -13.09
C GLU B 284 4.51 26.12 -12.97
N PHE B 285 3.21 26.06 -12.68
CA PHE B 285 2.51 24.80 -12.47
C PHE B 285 2.41 23.78 -13.61
N VAL B 286 3.32 23.87 -14.57
CA VAL B 286 3.33 22.92 -15.67
C VAL B 286 4.78 22.70 -16.12
N LYS B 287 5.17 21.44 -16.33
CA LYS B 287 6.54 21.14 -16.75
C LYS B 287 6.59 20.14 -17.89
N VAL B 288 7.10 20.57 -19.05
CA VAL B 288 7.23 19.70 -20.20
C VAL B 288 8.55 18.94 -19.98
N LEU B 289 8.53 17.64 -20.22
CA LEU B 289 9.71 16.81 -20.01
C LEU B 289 10.57 16.71 -21.26
N ASP B 290 11.81 16.28 -21.09
CA ASP B 290 12.70 16.15 -22.22
C ASP B 290 12.46 14.81 -22.89
N GLU B 291 13.04 14.65 -24.08
CA GLU B 291 12.89 13.42 -24.85
C GLU B 291 13.20 12.16 -24.04
N GLY B 292 12.25 11.22 -24.03
CA GLY B 292 12.42 9.98 -23.29
C GLY B 292 11.91 10.06 -21.86
N VAL B 293 12.08 11.21 -21.25
CA VAL B 293 11.66 11.39 -19.88
C VAL B 293 10.21 11.00 -19.65
N VAL B 294 10.03 10.05 -18.74
CA VAL B 294 8.73 9.54 -18.39
C VAL B 294 8.23 10.17 -17.12
N PRO B 295 7.03 10.77 -17.17
CA PRO B 295 6.52 11.38 -15.95
C PRO B 295 5.90 10.30 -15.07
N ARG B 296 6.06 10.47 -13.75
CA ARG B 296 5.52 9.52 -12.78
C ARG B 296 4.58 10.36 -11.92
N THR B 297 3.42 9.83 -11.54
CA THR B 297 2.52 10.60 -10.68
C THR B 297 3.30 10.88 -9.41
N HIS B 298 4.27 10.02 -9.14
CA HIS B 298 5.14 10.15 -7.96
C HIS B 298 5.87 11.50 -7.99
N ASN B 299 6.34 11.89 -9.17
CA ASN B 299 7.11 13.13 -9.31
C ASN B 299 6.36 14.42 -8.94
N VAL B 300 5.03 14.42 -9.06
CA VAL B 300 4.23 15.61 -8.74
C VAL B 300 3.43 15.47 -7.46
N ARG B 301 3.33 14.24 -6.93
CA ARG B 301 2.60 13.97 -5.69
C ARG B 301 2.53 15.19 -4.77
N GLY B 302 1.33 15.46 -4.26
CA GLY B 302 1.12 16.57 -3.36
C GLY B 302 1.51 17.95 -3.88
N SER B 303 1.55 18.09 -5.20
CA SER B 303 1.93 19.37 -5.79
C SER B 303 0.82 19.94 -6.65
N ASN B 304 1.11 21.09 -7.25
CA ASN B 304 0.15 21.78 -8.08
C ASN B 304 0.56 21.70 -9.55
N TYR B 305 1.51 20.81 -9.84
CA TYR B 305 2.06 20.59 -11.18
C TYR B 305 1.28 19.62 -12.07
N CYS B 306 1.10 20.00 -13.33
CA CYS B 306 0.36 19.20 -14.31
C CYS B 306 1.28 18.60 -15.37
N HIS B 307 2.47 18.14 -14.93
CA HIS B 307 3.51 17.56 -15.79
C HIS B 307 3.02 16.68 -16.93
N MET B 308 3.60 16.89 -18.10
CA MET B 308 3.26 16.10 -19.27
C MET B 308 4.52 15.66 -20.03
N SER B 309 4.34 14.68 -20.91
CA SER B 309 5.42 14.14 -21.73
C SER B 309 4.85 13.51 -23.03
N VAL B 310 5.59 13.63 -24.13
CA VAL B 310 5.16 13.06 -25.39
C VAL B 310 6.14 12.03 -25.86
N PHE B 311 5.64 11.04 -26.59
CA PHE B 311 6.46 9.95 -27.12
C PHE B 311 5.85 9.43 -28.41
N PRO B 312 6.65 8.76 -29.23
CA PRO B 312 6.10 8.23 -30.47
C PRO B 312 5.37 6.92 -30.18
N ASP B 313 4.34 6.64 -30.95
CA ASP B 313 3.59 5.41 -30.84
C ASP B 313 4.26 4.47 -31.83
N ARG B 314 4.08 3.17 -31.64
CA ARG B 314 4.68 2.19 -32.54
C ARG B 314 3.87 2.21 -33.84
N ILE B 315 2.57 2.46 -33.72
CA ILE B 315 1.71 2.51 -34.90
C ILE B 315 2.12 3.74 -35.71
N PRO B 316 2.18 3.61 -37.04
CA PRO B 316 2.59 4.77 -37.85
C PRO B 316 1.60 5.96 -37.76
N GLY B 317 2.14 7.14 -37.50
CA GLY B 317 1.30 8.32 -37.40
C GLY B 317 0.80 8.60 -36.00
N ARG B 318 0.81 7.59 -35.15
CA ARG B 318 0.34 7.75 -33.78
C ARG B 318 1.40 8.36 -32.86
N ALA B 319 0.92 8.96 -31.76
CA ALA B 319 1.78 9.56 -30.75
C ALA B 319 1.16 9.29 -29.40
N ILE B 320 1.98 9.22 -28.36
CA ILE B 320 1.48 8.98 -27.03
C ILE B 320 1.83 10.15 -26.12
N ILE B 321 0.83 10.61 -25.36
CA ILE B 321 1.01 11.70 -24.42
C ILE B 321 0.64 11.27 -23.01
N ILE B 322 1.51 11.62 -22.05
CA ILE B 322 1.29 11.34 -20.62
C ILE B 322 1.20 12.66 -19.85
N SER B 323 0.17 12.78 -19.02
CA SER B 323 -0.04 13.97 -18.21
C SER B 323 -0.34 13.53 -16.77
N VAL B 324 0.45 14.01 -15.80
CA VAL B 324 0.23 13.62 -14.42
C VAL B 324 0.05 14.82 -13.48
N ILE B 325 -0.81 14.64 -12.49
CA ILE B 325 -1.04 15.69 -11.49
C ILE B 325 -1.43 15.02 -10.18
N ASP B 326 -1.61 15.85 -9.17
CA ASP B 326 -2.13 15.37 -7.90
C ASP B 326 -3.63 15.71 -8.03
N ASN B 327 -4.45 14.70 -8.36
CA ASN B 327 -5.89 14.88 -8.54
C ASN B 327 -6.54 15.78 -7.50
N LEU B 328 -6.00 15.79 -6.29
CA LEU B 328 -6.52 16.62 -5.21
C LEU B 328 -6.19 18.11 -5.38
N VAL B 329 -4.90 18.45 -5.22
CA VAL B 329 -4.42 19.82 -5.29
C VAL B 329 -4.64 20.49 -6.64
N LYS B 330 -3.65 20.46 -7.52
CA LYS B 330 -3.83 21.08 -8.84
C LYS B 330 -5.04 20.47 -9.54
N GLY B 331 -5.38 19.24 -9.14
CA GLY B 331 -6.53 18.56 -9.70
C GLY B 331 -7.83 19.14 -9.14
N ALA B 332 -7.74 19.92 -8.07
CA ALA B 332 -8.93 20.52 -7.47
C ALA B 332 -8.67 21.74 -6.62
N SER B 333 -8.38 21.53 -5.34
CA SER B 333 -8.18 22.62 -4.40
C SER B 333 -6.91 23.45 -4.53
N GLY B 334 -5.91 22.93 -5.24
CA GLY B 334 -4.68 23.68 -5.45
C GLY B 334 -4.92 24.74 -6.51
N GLN B 335 -5.60 24.35 -7.58
CA GLN B 335 -5.92 25.27 -8.66
C GLN B 335 -6.97 26.26 -8.16
N ALA B 336 -7.97 25.77 -7.43
CA ALA B 336 -9.04 26.60 -6.87
C ALA B 336 -8.45 27.79 -6.12
N LEU B 337 -7.24 27.61 -5.60
CA LEU B 337 -6.56 28.67 -4.88
C LEU B 337 -5.84 29.55 -5.89
N GLN B 338 -5.37 28.94 -6.95
CA GLN B 338 -4.67 29.67 -8.01
C GLN B 338 -5.65 30.70 -8.58
N ASN B 339 -6.94 30.36 -8.59
CA ASN B 339 -7.98 31.24 -9.12
C ASN B 339 -8.23 32.48 -8.29
N LEU B 340 -8.55 32.24 -7.02
CA LEU B 340 -8.82 33.31 -6.09
C LEU B 340 -7.68 34.31 -6.00
N ASN B 341 -6.44 33.86 -6.25
CA ASN B 341 -5.29 34.75 -6.17
C ASN B 341 -5.38 35.89 -7.17
N ILE B 342 -5.66 35.54 -8.41
CA ILE B 342 -5.75 36.52 -9.48
C ILE B 342 -7.07 37.28 -9.40
N MET B 343 -8.09 36.61 -8.85
CA MET B 343 -9.43 37.18 -8.69
C MET B 343 -9.41 38.32 -7.70
N LEU B 344 -8.30 38.43 -6.98
CA LEU B 344 -8.18 39.46 -5.98
C LEU B 344 -6.95 40.33 -6.24
N GLY B 345 -6.29 40.07 -7.36
CA GLY B 345 -5.11 40.84 -7.70
C GLY B 345 -3.86 40.48 -6.94
N TYR B 346 -3.54 39.18 -6.94
CA TYR B 346 -2.34 38.68 -6.29
C TYR B 346 -1.59 37.83 -7.30
N PRO B 347 -0.34 37.51 -7.00
CA PRO B 347 0.42 36.69 -7.94
C PRO B 347 -0.31 35.34 -8.08
N GLU B 348 -0.38 34.84 -9.31
CA GLU B 348 -1.08 33.60 -9.59
C GLU B 348 -0.56 32.37 -8.82
N THR B 349 0.73 32.38 -8.47
CA THR B 349 1.36 31.28 -7.75
C THR B 349 1.45 31.46 -6.23
N THR B 350 0.76 32.47 -5.70
CA THR B 350 0.76 32.77 -4.27
C THR B 350 0.29 31.59 -3.40
N GLY B 351 1.09 31.22 -2.41
CA GLY B 351 0.75 30.11 -1.52
C GLY B 351 0.56 28.77 -2.24
N LEU B 352 1.18 28.60 -3.40
CA LEU B 352 1.02 27.36 -4.16
C LEU B 352 2.33 26.73 -4.63
N LEU B 353 3.44 27.18 -4.07
CA LEU B 353 4.74 26.64 -4.48
C LEU B 353 5.23 25.43 -3.68
N HIS B 354 4.28 24.74 -3.04
CA HIS B 354 4.57 23.51 -2.27
C HIS B 354 5.29 22.53 -3.23
N GLN B 355 6.45 22.02 -2.82
CA GLN B 355 7.18 21.06 -3.66
C GLN B 355 6.68 19.62 -3.39
N PRO B 356 6.80 18.71 -4.39
CA PRO B 356 6.35 17.31 -4.28
C PRO B 356 6.83 16.48 -3.08
N LEU B 357 5.88 16.08 -2.23
CA LEU B 357 6.21 15.29 -1.07
C LEU B 357 6.53 13.84 -1.47
N PHE B 358 7.76 13.63 -1.94
CA PHE B 358 8.25 12.32 -2.35
C PHE B 358 9.63 12.20 -1.71
N PRO B 359 9.93 11.04 -1.10
CA PRO B 359 9.01 9.90 -1.01
C PRO B 359 7.92 10.14 0.02
N LYS C 15 3.94 -36.76 -5.61
CA LYS C 15 3.61 -38.18 -5.36
C LYS C 15 4.67 -39.09 -5.97
N ASP C 16 4.72 -39.14 -7.30
CA ASP C 16 5.70 -39.98 -8.00
C ASP C 16 6.50 -39.29 -9.10
N ILE C 17 5.94 -38.22 -9.67
CA ILE C 17 6.62 -37.49 -10.74
C ILE C 17 7.72 -36.58 -10.19
N ARG C 18 8.91 -36.68 -10.79
CA ARG C 18 10.02 -35.86 -10.35
C ARG C 18 10.22 -34.71 -11.33
N ILE C 19 10.10 -33.49 -10.82
CA ILE C 19 10.24 -32.28 -11.65
C ILE C 19 11.50 -31.51 -11.37
N GLY C 20 12.12 -31.00 -12.43
CA GLY C 20 13.32 -30.20 -12.26
C GLY C 20 12.94 -28.75 -12.46
N LEU C 21 13.74 -27.84 -11.92
CA LEU C 21 13.51 -26.41 -12.04
C LEU C 21 14.82 -25.62 -11.93
N LEU C 22 15.23 -24.98 -13.03
CA LEU C 22 16.46 -24.17 -13.03
C LEU C 22 16.10 -22.70 -12.76
N GLY C 23 17.02 -21.94 -12.17
CA GLY C 23 16.71 -20.55 -11.88
C GLY C 23 15.51 -20.53 -10.96
N ALA C 24 15.70 -21.08 -9.76
CA ALA C 24 14.67 -21.20 -8.75
C ALA C 24 14.70 -20.19 -7.63
N SER C 25 15.66 -19.26 -7.66
CA SER C 25 15.76 -18.26 -6.61
C SER C 25 14.94 -16.98 -6.85
N GLY C 26 14.22 -16.90 -7.97
CA GLY C 26 13.41 -15.72 -8.25
C GLY C 26 11.93 -15.98 -7.92
N TYR C 27 11.08 -14.97 -8.08
CA TYR C 27 9.64 -15.17 -7.76
C TYR C 27 8.94 -16.21 -8.63
N THR C 28 9.30 -16.31 -9.90
CA THR C 28 8.63 -17.31 -10.73
C THR C 28 8.99 -18.72 -10.23
N GLY C 29 10.23 -18.88 -9.77
CA GLY C 29 10.67 -20.16 -9.25
C GLY C 29 9.94 -20.47 -7.95
N ALA C 30 9.94 -19.50 -7.03
CA ALA C 30 9.25 -19.70 -5.77
C ALA C 30 7.78 -20.02 -6.03
N GLU C 31 7.23 -19.44 -7.11
CA GLU C 31 5.83 -19.68 -7.46
C GLU C 31 5.58 -21.08 -7.99
N ILE C 32 6.47 -21.56 -8.85
CA ILE C 32 6.33 -22.90 -9.41
C ILE C 32 6.21 -23.89 -8.28
N VAL C 33 7.10 -23.78 -7.30
CA VAL C 33 7.07 -24.71 -6.18
C VAL C 33 5.78 -24.57 -5.37
N ARG C 34 5.25 -23.35 -5.26
CA ARG C 34 4.01 -23.12 -4.52
C ARG C 34 2.95 -24.05 -5.07
N LEU C 35 2.64 -23.89 -6.35
CA LEU C 35 1.64 -24.73 -6.99
C LEU C 35 1.90 -26.23 -6.79
N LEU C 36 3.10 -26.69 -7.12
CA LEU C 36 3.38 -28.12 -6.99
C LEU C 36 3.36 -28.64 -5.56
N ALA C 37 3.51 -27.74 -4.58
CA ALA C 37 3.54 -28.13 -3.18
C ALA C 37 2.30 -28.92 -2.76
N ASN C 38 1.25 -28.89 -3.57
CA ASN C 38 0.07 -29.66 -3.24
C ASN C 38 -0.51 -30.32 -4.49
N HIS C 39 0.32 -30.42 -5.53
CA HIS C 39 -0.10 -31.07 -6.76
C HIS C 39 -0.14 -32.58 -6.44
N PRO C 40 -1.31 -33.20 -6.50
CA PRO C 40 -1.47 -34.63 -6.20
C PRO C 40 -0.61 -35.63 -6.96
N HIS C 41 -0.09 -35.26 -8.13
CA HIS C 41 0.71 -36.18 -8.91
C HIS C 41 2.12 -35.77 -9.28
N PHE C 42 2.48 -34.51 -9.00
CA PHE C 42 3.82 -33.98 -9.32
C PHE C 42 4.53 -33.52 -8.06
N GLN C 43 5.81 -33.89 -7.92
CA GLN C 43 6.61 -33.53 -6.75
C GLN C 43 7.98 -33.04 -7.19
N VAL C 44 8.44 -31.92 -6.63
CA VAL C 44 9.73 -31.36 -7.00
C VAL C 44 10.85 -32.12 -6.34
N THR C 45 11.81 -32.57 -7.14
CA THR C 45 12.94 -33.34 -6.65
C THR C 45 14.30 -32.78 -7.06
N LEU C 46 14.30 -31.79 -7.94
CA LEU C 46 15.56 -31.20 -8.39
C LEU C 46 15.46 -29.71 -8.76
N MET C 47 16.13 -28.87 -7.99
CA MET C 47 16.12 -27.41 -8.21
C MET C 47 17.51 -26.77 -8.33
N THR C 48 17.62 -25.76 -9.18
CA THR C 48 18.88 -25.08 -9.43
C THR C 48 18.91 -23.59 -9.09
N ALA C 49 20.07 -23.13 -8.65
CA ALA C 49 20.27 -21.72 -8.32
C ALA C 49 21.77 -21.51 -8.17
N ASP C 50 22.40 -20.88 -9.17
CA ASP C 50 23.83 -20.67 -9.12
C ASP C 50 24.22 -19.58 -8.14
N ARG C 51 23.42 -18.53 -8.06
CA ARG C 51 23.69 -17.43 -7.12
C ARG C 51 23.83 -17.97 -5.70
N LYS C 52 22.85 -18.76 -5.28
CA LYS C 52 22.82 -19.36 -3.95
C LYS C 52 23.15 -20.84 -4.03
N ALA C 53 24.05 -21.19 -4.94
CA ALA C 53 24.44 -22.58 -5.13
C ALA C 53 24.84 -23.20 -3.80
N GLY C 54 24.36 -24.42 -3.57
CA GLY C 54 24.68 -25.10 -2.34
C GLY C 54 24.14 -24.31 -1.17
N GLN C 55 22.85 -23.96 -1.22
CA GLN C 55 22.21 -23.21 -0.14
C GLN C 55 20.81 -23.74 0.11
N SER C 56 20.23 -23.36 1.25
CA SER C 56 18.88 -23.80 1.62
C SER C 56 17.83 -22.93 0.94
N MET C 57 16.98 -23.52 0.12
CA MET C 57 15.95 -22.77 -0.58
C MET C 57 15.18 -21.85 0.38
N GLU C 58 14.93 -22.33 1.60
CA GLU C 58 14.23 -21.53 2.59
C GLU C 58 15.05 -20.29 2.97
N SER C 59 16.35 -20.46 3.15
CA SER C 59 17.20 -19.33 3.51
C SER C 59 17.08 -18.18 2.49
N VAL C 60 16.59 -18.50 1.30
CA VAL C 60 16.37 -17.54 0.22
C VAL C 60 14.90 -17.07 0.32
N PHE C 61 14.01 -18.02 0.61
CA PHE C 61 12.59 -17.75 0.76
C PHE C 61 12.04 -18.41 2.03
N PRO C 62 12.19 -17.74 3.17
CA PRO C 62 11.74 -18.22 4.47
C PRO C 62 10.28 -18.69 4.48
N HIS C 63 9.42 -18.03 3.72
CA HIS C 63 8.03 -18.43 3.73
C HIS C 63 7.81 -19.88 3.35
N LEU C 64 8.80 -20.47 2.67
CA LEU C 64 8.67 -21.86 2.25
C LEU C 64 9.12 -22.85 3.32
N ARG C 65 9.44 -22.33 4.51
CA ARG C 65 9.93 -23.15 5.60
C ARG C 65 9.19 -24.48 5.86
N ALA C 66 7.86 -24.47 5.78
CA ALA C 66 7.08 -25.68 6.02
C ALA C 66 7.37 -26.76 4.98
N GLN C 67 8.06 -26.39 3.92
CA GLN C 67 8.38 -27.35 2.88
C GLN C 67 9.77 -27.97 2.98
N LYS C 68 9.82 -29.29 2.89
CA LYS C 68 11.08 -30.01 2.91
C LYS C 68 11.47 -30.09 1.44
N LEU C 69 12.45 -29.28 1.06
CA LEU C 69 12.89 -29.24 -0.32
C LEU C 69 14.35 -29.59 -0.50
N PRO C 70 14.73 -29.92 -1.74
CA PRO C 70 16.11 -30.27 -2.06
C PRO C 70 17.02 -29.07 -1.86
N THR C 71 18.29 -29.34 -1.56
CA THR C 71 19.25 -28.26 -1.37
C THR C 71 19.57 -27.66 -2.74
N LEU C 72 19.79 -26.34 -2.78
CA LEU C 72 20.09 -25.68 -4.04
C LEU C 72 21.42 -26.10 -4.64
N VAL C 73 21.41 -26.31 -5.95
CA VAL C 73 22.61 -26.73 -6.69
C VAL C 73 22.69 -26.01 -8.04
N SER C 74 23.93 -25.77 -8.48
CA SER C 74 24.16 -25.11 -9.76
C SER C 74 23.87 -26.13 -10.85
N VAL C 75 23.45 -25.65 -12.01
CA VAL C 75 23.14 -26.52 -13.14
C VAL C 75 24.33 -27.43 -13.42
N LYS C 76 25.51 -26.92 -13.09
CA LYS C 76 26.75 -27.65 -13.29
C LYS C 76 26.71 -28.99 -12.58
N ASP C 77 26.43 -28.97 -11.29
CA ASP C 77 26.38 -30.18 -10.49
C ASP C 77 25.02 -30.89 -10.50
N ALA C 78 24.16 -30.56 -11.46
CA ALA C 78 22.84 -31.19 -11.53
C ALA C 78 22.65 -32.15 -12.70
N ASP C 79 22.24 -33.38 -12.37
CA ASP C 79 22.02 -34.41 -13.38
C ASP C 79 20.53 -34.56 -13.67
N PHE C 80 20.15 -34.40 -14.93
CA PHE C 80 18.74 -34.46 -15.33
C PHE C 80 18.20 -35.80 -15.79
N SER C 81 18.69 -36.88 -15.18
CA SER C 81 18.22 -38.22 -15.51
C SER C 81 17.26 -38.65 -14.41
N THR C 82 17.38 -38.00 -13.25
CA THR C 82 16.52 -38.28 -12.10
C THR C 82 15.16 -37.60 -12.24
N VAL C 83 15.14 -36.52 -13.02
CA VAL C 83 13.94 -35.75 -13.26
C VAL C 83 13.21 -36.23 -14.52
N ASP C 84 11.89 -36.07 -14.54
CA ASP C 84 11.08 -36.49 -15.69
C ASP C 84 10.61 -35.30 -16.54
N ALA C 85 10.64 -34.11 -15.95
CA ALA C 85 10.21 -32.90 -16.64
C ALA C 85 10.84 -31.75 -15.89
N VAL C 86 11.20 -30.69 -16.61
CA VAL C 86 11.83 -29.55 -15.99
C VAL C 86 11.14 -28.22 -16.34
N PHE C 87 11.08 -27.31 -15.36
CA PHE C 87 10.53 -25.95 -15.52
C PHE C 87 11.80 -25.10 -15.60
N CYS C 88 11.86 -24.18 -16.56
CA CYS C 88 13.03 -23.34 -16.72
C CYS C 88 12.73 -21.86 -16.45
N CYS C 89 13.34 -21.33 -15.38
CA CYS C 89 13.16 -19.94 -14.96
C CYS C 89 14.51 -19.20 -14.95
N LEU C 90 15.33 -19.49 -15.95
CA LEU C 90 16.64 -18.88 -16.07
C LEU C 90 16.55 -17.44 -16.57
N PRO C 91 17.61 -16.65 -16.34
CA PRO C 91 17.66 -15.25 -16.77
C PRO C 91 17.72 -15.15 -18.29
N HIS C 92 17.37 -13.98 -18.83
CA HIS C 92 17.42 -13.78 -20.27
C HIS C 92 18.86 -13.81 -20.74
N GLY C 93 19.11 -14.49 -21.85
CA GLY C 93 20.45 -14.58 -22.39
C GLY C 93 21.29 -15.67 -21.72
N THR C 94 20.62 -16.68 -21.19
CA THR C 94 21.31 -17.78 -20.54
C THR C 94 20.60 -19.10 -20.80
N THR C 95 19.32 -19.00 -21.14
CA THR C 95 18.46 -20.16 -21.38
C THR C 95 18.79 -21.05 -22.58
N GLN C 96 18.93 -20.44 -23.74
CA GLN C 96 19.20 -21.18 -24.96
C GLN C 96 20.36 -22.17 -24.86
N GLU C 97 21.49 -21.74 -24.31
CA GLU C 97 22.64 -22.63 -24.18
C GLU C 97 22.37 -23.77 -23.20
N ILE C 98 21.78 -23.44 -22.05
CA ILE C 98 21.47 -24.43 -21.03
C ILE C 98 20.44 -25.46 -21.48
N ILE C 99 19.31 -25.00 -21.99
CA ILE C 99 18.25 -25.89 -22.44
C ILE C 99 18.78 -26.69 -23.62
N LYS C 100 19.84 -26.18 -24.23
CA LYS C 100 20.49 -26.81 -25.37
C LYS C 100 21.16 -28.12 -24.93
N GLU C 101 21.87 -28.05 -23.81
CA GLU C 101 22.59 -29.19 -23.25
C GLU C 101 21.71 -30.25 -22.57
N LEU C 102 20.44 -29.93 -22.33
CA LEU C 102 19.55 -30.90 -21.67
C LEU C 102 19.25 -32.10 -22.56
N PRO C 103 18.88 -33.25 -21.95
CA PRO C 103 18.56 -34.47 -22.70
C PRO C 103 17.34 -34.34 -23.58
N THR C 104 16.72 -35.46 -23.91
CA THR C 104 15.54 -35.44 -24.78
C THR C 104 14.38 -36.21 -24.18
N ALA C 105 14.67 -37.12 -23.27
CA ALA C 105 13.61 -37.89 -22.62
C ALA C 105 12.97 -36.97 -21.59
N LEU C 106 13.30 -35.69 -21.69
CA LEU C 106 12.76 -34.69 -20.78
C LEU C 106 11.76 -33.79 -21.47
N LYS C 107 10.59 -33.63 -20.89
CA LYS C 107 9.61 -32.71 -21.45
C LYS C 107 10.00 -31.41 -20.72
N ILE C 108 10.15 -30.31 -21.47
CA ILE C 108 10.56 -29.04 -20.88
C ILE C 108 9.69 -27.80 -21.16
N VAL C 109 9.29 -27.12 -20.09
CA VAL C 109 8.51 -25.89 -20.24
C VAL C 109 9.44 -24.79 -19.79
N ASP C 110 9.78 -23.91 -20.73
CA ASP C 110 10.66 -22.80 -20.42
C ASP C 110 9.80 -21.55 -20.20
N LEU C 111 9.95 -20.91 -19.04
CA LEU C 111 9.19 -19.68 -18.72
C LEU C 111 9.93 -18.43 -19.20
N SER C 112 11.17 -18.58 -19.66
CA SER C 112 11.91 -17.41 -20.14
C SER C 112 11.29 -16.96 -21.45
N ALA C 113 11.83 -15.85 -21.97
CA ALA C 113 11.35 -15.29 -23.22
C ALA C 113 12.20 -15.76 -24.40
N ASP C 114 13.42 -16.22 -24.10
CA ASP C 114 14.39 -16.62 -25.12
C ASP C 114 14.02 -17.62 -26.21
N PHE C 115 12.94 -18.37 -26.01
CA PHE C 115 12.47 -19.35 -26.99
C PHE C 115 11.04 -19.06 -27.51
N ARG C 116 10.49 -17.89 -27.18
CA ARG C 116 9.13 -17.53 -27.62
C ARG C 116 9.08 -17.06 -29.07
N LEU C 117 10.11 -16.36 -29.51
CA LEU C 117 10.13 -15.86 -30.87
C LEU C 117 10.51 -16.96 -31.85
N ARG C 118 9.65 -17.20 -32.85
CA ARG C 118 9.93 -18.25 -33.82
C ARG C 118 10.77 -17.70 -34.98
N ASN C 119 10.52 -16.45 -35.33
CA ASN C 119 11.28 -15.83 -36.40
C ASN C 119 12.64 -15.36 -35.87
N ILE C 120 13.68 -16.11 -36.23
CA ILE C 120 15.06 -15.86 -35.84
C ILE C 120 15.57 -14.49 -36.19
N ALA C 121 15.46 -14.12 -37.47
CA ALA C 121 15.94 -12.81 -37.93
C ALA C 121 15.24 -11.74 -37.12
N GLU C 122 14.01 -12.04 -36.70
CA GLU C 122 13.20 -11.11 -35.92
C GLU C 122 13.54 -11.22 -34.44
N TYR C 123 14.24 -12.28 -34.06
CA TYR C 123 14.63 -12.47 -32.68
C TYR C 123 15.85 -11.66 -32.32
N GLU C 124 16.84 -11.66 -33.21
CA GLU C 124 18.06 -10.91 -32.95
C GLU C 124 17.79 -9.46 -32.53
N GLU C 125 16.93 -8.75 -33.25
CA GLU C 125 16.63 -7.37 -32.91
C GLU C 125 16.15 -7.20 -31.48
N TRP C 126 14.85 -7.39 -31.27
CA TRP C 126 14.27 -7.23 -29.95
C TRP C 126 15.11 -7.88 -28.86
N TYR C 127 15.94 -8.83 -29.27
CA TYR C 127 16.78 -9.53 -28.32
C TYR C 127 18.25 -9.48 -28.73
N GLY C 128 18.91 -8.38 -28.40
CA GLY C 128 20.31 -8.17 -28.68
C GLY C 128 21.13 -9.26 -29.38
N GLN C 129 21.66 -10.20 -28.60
CA GLN C 129 22.47 -11.29 -29.17
C GLN C 129 21.65 -12.17 -30.12
N PRO C 130 22.35 -12.91 -31.01
CA PRO C 130 21.64 -13.78 -31.94
C PRO C 130 21.04 -14.96 -31.19
N HIS C 131 20.30 -15.78 -31.90
CA HIS C 131 19.72 -16.93 -31.27
C HIS C 131 20.81 -17.99 -31.24
N LYS C 132 21.07 -18.55 -30.06
CA LYS C 132 22.11 -19.57 -29.92
C LYS C 132 21.58 -20.99 -29.99
N ALA C 133 20.36 -21.17 -30.45
CA ALA C 133 19.80 -22.52 -30.55
C ALA C 133 18.75 -22.52 -31.63
N VAL C 134 19.11 -21.95 -32.76
CA VAL C 134 18.23 -21.84 -33.90
C VAL C 134 17.56 -23.14 -34.31
N GLU C 135 18.28 -24.26 -34.22
CA GLU C 135 17.71 -25.55 -34.61
C GLU C 135 16.53 -25.97 -33.74
N LEU C 136 16.80 -26.13 -32.46
CA LEU C 136 15.78 -26.52 -31.51
C LEU C 136 14.62 -25.50 -31.57
N GLN C 137 15.00 -24.24 -31.79
CA GLN C 137 14.02 -23.16 -31.86
C GLN C 137 13.06 -23.33 -33.03
N LYS C 138 13.11 -24.48 -33.72
CA LYS C 138 12.20 -24.69 -34.84
C LYS C 138 11.10 -25.73 -34.60
N GLU C 139 11.07 -26.29 -33.39
CA GLU C 139 10.05 -27.28 -33.03
C GLU C 139 9.34 -26.93 -31.72
N VAL C 140 9.36 -25.66 -31.33
CA VAL C 140 8.73 -25.22 -30.09
C VAL C 140 7.25 -24.85 -30.24
N VAL C 141 6.44 -25.19 -29.25
CA VAL C 141 5.01 -24.86 -29.29
C VAL C 141 4.74 -23.67 -28.37
N TYR C 142 3.82 -22.80 -28.77
CA TYR C 142 3.51 -21.66 -27.92
C TYR C 142 2.48 -22.09 -26.85
N GLY C 143 2.88 -21.96 -25.58
CA GLY C 143 2.05 -22.40 -24.47
C GLY C 143 0.81 -21.68 -23.98
N LEU C 144 0.06 -21.02 -24.86
CA LEU C 144 -1.18 -20.37 -24.43
C LEU C 144 -2.14 -21.57 -24.37
N THR C 145 -2.14 -22.25 -23.23
CA THR C 145 -2.91 -23.46 -23.06
C THR C 145 -4.30 -23.52 -23.67
N GLU C 146 -5.16 -22.56 -23.36
CA GLU C 146 -6.52 -22.60 -23.93
C GLU C 146 -6.54 -22.51 -25.46
N ILE C 147 -5.49 -21.93 -26.05
CA ILE C 147 -5.44 -21.78 -27.49
C ILE C 147 -4.63 -22.86 -28.24
N LEU C 148 -3.51 -23.29 -27.66
CA LEU C 148 -2.68 -24.29 -28.32
C LEU C 148 -2.64 -25.64 -27.61
N ARG C 149 -3.56 -25.83 -26.67
CA ARG C 149 -3.66 -27.06 -25.89
C ARG C 149 -3.29 -28.34 -26.68
N GLU C 150 -4.00 -28.60 -27.77
CA GLU C 150 -3.76 -29.80 -28.55
C GLU C 150 -2.36 -29.96 -29.10
N ASP C 151 -1.71 -28.86 -29.44
CA ASP C 151 -0.34 -28.95 -29.92
C ASP C 151 0.59 -29.07 -28.73
N ILE C 152 0.17 -28.49 -27.61
CA ILE C 152 0.97 -28.53 -26.39
C ILE C 152 1.04 -29.97 -25.85
N LYS C 153 -0.07 -30.71 -25.94
CA LYS C 153 -0.12 -32.11 -25.46
C LYS C 153 0.92 -33.01 -26.14
N LYS C 154 0.83 -33.06 -27.47
CA LYS C 154 1.76 -33.87 -28.22
C LYS C 154 3.09 -33.13 -28.38
N ALA C 155 3.46 -32.30 -27.40
CA ALA C 155 4.72 -31.56 -27.49
C ALA C 155 5.76 -31.91 -26.44
N ARG C 156 7.03 -31.66 -26.80
CA ARG C 156 8.19 -31.90 -25.94
C ARG C 156 8.66 -30.63 -25.26
N LEU C 157 9.05 -29.66 -26.07
CA LEU C 157 9.55 -28.38 -25.57
C LEU C 157 8.60 -27.27 -25.98
N VAL C 158 7.78 -26.83 -25.03
CA VAL C 158 6.83 -25.76 -25.31
C VAL C 158 7.28 -24.44 -24.71
N ALA C 159 7.07 -23.37 -25.47
CA ALA C 159 7.41 -22.03 -25.04
C ALA C 159 6.31 -21.52 -24.11
N ASN C 160 6.72 -20.91 -22.99
CA ASN C 160 5.75 -20.38 -22.04
C ASN C 160 5.59 -18.88 -22.30
N PRO C 161 4.33 -18.42 -22.41
CA PRO C 161 4.09 -17.00 -22.66
C PRO C 161 4.47 -16.04 -21.55
N GLY C 162 4.69 -14.78 -21.93
CA GLY C 162 5.02 -13.76 -20.95
C GLY C 162 3.71 -13.35 -20.28
N CYS C 163 3.79 -12.57 -19.22
CA CYS C 163 2.60 -12.13 -18.48
C CYS C 163 1.68 -11.19 -19.28
N TYR C 164 2.18 -10.03 -19.70
CA TYR C 164 1.37 -9.12 -20.50
C TYR C 164 0.74 -9.81 -21.71
N PRO C 165 1.55 -10.57 -22.47
CA PRO C 165 0.98 -11.25 -23.64
C PRO C 165 -0.19 -12.17 -23.30
N THR C 166 -0.08 -12.94 -22.22
CA THR C 166 -1.15 -13.85 -21.83
C THR C 166 -2.48 -13.07 -21.65
N THR C 167 -2.46 -11.99 -20.86
CA THR C 167 -3.67 -11.22 -20.67
C THR C 167 -4.18 -10.60 -21.99
N ILE C 168 -3.30 -10.50 -23.00
CA ILE C 168 -3.67 -9.87 -24.28
C ILE C 168 -4.10 -10.86 -25.34
N GLN C 169 -3.47 -12.03 -25.35
CA GLN C 169 -3.81 -13.03 -26.34
C GLN C 169 -5.17 -13.67 -26.08
N LEU C 170 -5.41 -14.13 -24.85
CA LEU C 170 -6.67 -14.79 -24.50
C LEU C 170 -7.88 -14.00 -25.02
N PRO C 171 -7.82 -12.66 -24.95
CA PRO C 171 -8.91 -11.79 -25.43
C PRO C 171 -8.94 -11.73 -26.95
N LEU C 172 -7.79 -11.37 -27.55
CA LEU C 172 -7.73 -11.17 -28.99
C LEU C 172 -7.57 -12.36 -29.94
N VAL C 173 -8.11 -13.51 -29.56
CA VAL C 173 -8.06 -14.67 -30.42
C VAL C 173 -9.43 -15.02 -31.02
N PRO C 174 -10.40 -15.36 -30.17
CA PRO C 174 -11.72 -15.71 -30.72
C PRO C 174 -12.29 -14.62 -31.64
N LEU C 175 -11.93 -13.37 -31.35
CA LEU C 175 -12.39 -12.23 -32.12
C LEU C 175 -11.74 -12.13 -33.50
N LEU C 176 -10.42 -12.27 -33.55
CA LEU C 176 -9.67 -12.23 -34.81
C LEU C 176 -10.03 -13.43 -35.70
N LYS C 177 -9.93 -14.62 -35.11
CA LYS C 177 -10.23 -15.87 -35.82
C LYS C 177 -11.56 -15.78 -36.55
N ALA C 178 -12.52 -15.07 -35.94
CA ALA C 178 -13.84 -14.91 -36.51
C ALA C 178 -13.99 -13.61 -37.26
N ASN C 179 -12.86 -13.04 -37.68
CA ASN C 179 -12.82 -11.77 -38.40
C ASN C 179 -13.86 -10.79 -37.86
N LEU C 180 -13.85 -10.56 -36.53
CA LEU C 180 -14.80 -9.63 -35.93
C LEU C 180 -14.19 -8.27 -35.64
N ILE C 181 -12.88 -8.15 -35.76
CA ILE C 181 -12.20 -6.88 -35.50
C ILE C 181 -11.14 -6.64 -36.56
N LYS C 182 -10.75 -5.37 -36.73
CA LYS C 182 -9.72 -5.02 -37.70
C LYS C 182 -8.36 -5.37 -37.12
N HIS C 183 -7.41 -5.76 -37.96
CA HIS C 183 -6.10 -6.13 -37.46
C HIS C 183 -5.26 -4.91 -37.02
N GLU C 184 -5.68 -3.72 -37.44
CA GLU C 184 -5.00 -2.48 -37.06
C GLU C 184 -5.91 -1.75 -36.11
N ASN C 185 -5.42 -0.65 -35.56
CA ASN C 185 -6.20 0.16 -34.65
C ASN C 185 -6.35 -0.43 -33.24
N ILE C 186 -5.68 -1.55 -32.95
CA ILE C 186 -5.74 -2.16 -31.62
C ILE C 186 -4.82 -1.38 -30.67
N ILE C 187 -5.40 -0.84 -29.60
CA ILE C 187 -4.63 -0.06 -28.63
C ILE C 187 -4.64 -0.75 -27.28
N ILE C 188 -3.48 -1.29 -26.92
CA ILE C 188 -3.34 -2.00 -25.66
C ILE C 188 -2.78 -1.13 -24.58
N ASP C 189 -3.61 -0.85 -23.57
CA ASP C 189 -3.16 -0.07 -22.45
C ASP C 189 -3.19 -1.01 -21.23
N ALA C 190 -2.08 -1.70 -21.04
CA ALA C 190 -1.91 -2.66 -19.96
C ALA C 190 -1.26 -2.04 -18.73
N LYS C 191 -1.57 -2.66 -17.59
CA LYS C 191 -1.10 -2.23 -16.27
C LYS C 191 -0.55 -3.44 -15.55
N SER C 192 0.52 -3.27 -14.78
CA SER C 192 1.09 -4.41 -14.09
C SER C 192 1.70 -4.11 -12.75
N GLY C 193 1.45 -4.99 -11.78
CA GLY C 193 2.03 -4.83 -10.47
C GLY C 193 3.54 -4.99 -10.57
N VAL C 194 4.27 -4.20 -9.80
CA VAL C 194 5.71 -4.22 -9.81
C VAL C 194 6.32 -5.62 -9.67
N SER C 195 5.59 -6.54 -9.05
CA SER C 195 6.08 -7.90 -8.89
C SER C 195 6.58 -8.50 -10.23
N GLY C 196 6.34 -7.81 -11.33
CA GLY C 196 6.79 -8.31 -12.62
C GLY C 196 8.24 -7.88 -12.89
N ALA C 197 8.76 -7.01 -12.03
CA ALA C 197 10.13 -6.53 -12.18
C ALA C 197 11.06 -7.57 -11.60
N GLY C 198 10.57 -8.33 -10.62
CA GLY C 198 11.39 -9.36 -10.02
C GLY C 198 12.00 -8.94 -8.70
N ARG C 199 12.78 -9.85 -8.12
CA ARG C 199 13.43 -9.64 -6.84
C ARG C 199 14.77 -8.93 -6.95
N GLY C 200 15.20 -8.65 -8.17
CA GLY C 200 16.46 -7.95 -8.37
C GLY C 200 16.54 -6.69 -7.51
N ALA C 201 17.73 -6.41 -6.98
CA ALA C 201 17.93 -5.26 -6.12
C ALA C 201 18.13 -3.97 -6.88
N LYS C 202 17.03 -3.35 -7.29
CA LYS C 202 17.07 -2.09 -8.02
C LYS C 202 16.41 -0.92 -7.28
N GLU C 203 17.08 0.23 -7.31
CA GLU C 203 16.59 1.43 -6.64
C GLU C 203 15.14 1.69 -7.05
N ALA C 204 14.91 1.63 -8.36
CA ALA C 204 13.61 1.89 -8.94
C ALA C 204 12.44 1.10 -8.34
N ASN C 205 12.67 -0.17 -8.04
CA ASN C 205 11.60 -1.01 -7.50
C ASN C 205 11.48 -1.13 -6.00
N LEU C 206 12.17 -0.25 -5.28
CA LEU C 206 12.12 -0.22 -3.82
C LEU C 206 10.69 0.17 -3.39
N TYR C 207 10.24 -0.34 -2.25
CA TYR C 207 8.89 0.02 -1.80
C TYR C 207 8.76 1.55 -1.83
N SER C 208 9.75 2.22 -1.25
CA SER C 208 9.82 3.66 -1.19
C SER C 208 9.50 4.33 -2.52
N GLU C 209 10.27 3.98 -3.54
CA GLU C 209 10.09 4.53 -4.88
C GLU C 209 8.76 4.14 -5.50
N ILE C 210 8.31 2.90 -5.23
CA ILE C 210 7.07 2.41 -5.82
C ILE C 210 5.79 2.89 -5.17
N ALA C 211 5.56 2.45 -3.95
CA ALA C 211 4.36 2.77 -3.20
C ALA C 211 3.74 4.14 -3.41
N GLU C 212 2.41 4.12 -3.55
CA GLU C 212 1.60 5.33 -3.72
C GLU C 212 1.87 6.14 -4.97
N GLY C 213 1.88 5.46 -6.12
CA GLY C 213 2.09 6.15 -7.37
C GLY C 213 2.21 5.18 -8.53
N ILE C 214 2.00 5.70 -9.73
CA ILE C 214 2.14 4.92 -10.93
C ILE C 214 2.98 5.70 -11.95
N SER C 215 3.44 5.00 -12.98
CA SER C 215 4.23 5.59 -14.05
C SER C 215 4.23 4.60 -15.21
N SER C 216 4.42 5.10 -16.43
CA SER C 216 4.51 4.27 -17.62
C SER C 216 5.99 3.86 -17.75
N TYR C 217 6.27 2.66 -18.25
CA TYR C 217 7.67 2.21 -18.44
C TYR C 217 7.68 1.46 -19.78
N GLY C 218 8.87 1.29 -20.36
CA GLY C 218 8.96 0.62 -21.64
C GLY C 218 8.02 1.18 -22.69
N VAL C 219 8.04 2.49 -22.89
CA VAL C 219 7.16 3.10 -23.90
C VAL C 219 7.61 2.83 -25.34
N THR C 220 6.65 2.64 -26.23
CA THR C 220 6.93 2.35 -27.64
C THR C 220 7.55 0.96 -27.78
N ARG C 221 8.82 0.85 -27.38
CA ARG C 221 9.51 -0.44 -27.47
C ARG C 221 9.55 -1.15 -26.13
N HIS C 222 9.09 -2.40 -26.14
CA HIS C 222 9.09 -3.26 -24.95
C HIS C 222 9.15 -4.69 -25.50
N ARG C 223 10.06 -5.50 -24.98
CA ARG C 223 10.23 -6.88 -25.50
C ARG C 223 8.99 -7.76 -25.66
N HIS C 224 7.87 -7.39 -25.03
CA HIS C 224 6.66 -8.21 -25.20
C HIS C 224 5.93 -7.93 -26.50
N VAL C 225 6.30 -6.84 -27.19
CA VAL C 225 5.64 -6.46 -28.45
C VAL C 225 5.73 -7.56 -29.52
N PRO C 226 6.96 -7.97 -29.95
CA PRO C 226 7.03 -9.01 -30.99
C PRO C 226 6.24 -10.29 -30.65
N GLU C 227 6.25 -10.68 -29.38
CA GLU C 227 5.50 -11.86 -28.93
C GLU C 227 4.00 -11.68 -29.17
N ILE C 228 3.49 -10.49 -28.78
CA ILE C 228 2.09 -10.16 -28.97
C ILE C 228 1.74 -10.16 -30.46
N GLU C 229 2.52 -9.42 -31.25
CA GLU C 229 2.25 -9.33 -32.69
C GLU C 229 2.39 -10.70 -33.37
N GLN C 230 3.35 -11.51 -32.92
CA GLN C 230 3.55 -12.85 -33.51
C GLN C 230 2.24 -13.64 -33.44
N GLY C 231 1.68 -13.71 -32.24
CA GLY C 231 0.44 -14.44 -32.05
C GLY C 231 -0.70 -13.87 -32.89
N LEU C 232 -0.98 -12.58 -32.70
CA LEU C 232 -2.05 -11.92 -33.45
C LEU C 232 -1.88 -12.08 -34.97
N SER C 233 -0.67 -11.82 -35.46
CA SER C 233 -0.43 -11.95 -36.89
C SER C 233 -0.69 -13.37 -37.39
N ASP C 234 -0.32 -14.37 -36.59
CA ASP C 234 -0.54 -15.75 -36.98
C ASP C 234 -2.02 -16.06 -37.10
N VAL C 235 -2.84 -15.44 -36.24
CA VAL C 235 -4.28 -15.67 -36.25
C VAL C 235 -4.93 -14.96 -37.42
N ALA C 236 -4.68 -13.66 -37.52
CA ALA C 236 -5.24 -12.83 -38.58
C ALA C 236 -4.62 -13.16 -39.94
N GLN C 237 -3.56 -13.94 -39.92
CA GLN C 237 -2.86 -14.32 -41.14
C GLN C 237 -2.45 -13.08 -41.91
N SER C 238 -1.81 -12.17 -41.20
CA SER C 238 -1.33 -10.91 -41.74
C SER C 238 -0.48 -10.21 -40.68
N LYS C 239 0.39 -9.29 -41.11
CA LYS C 239 1.23 -8.56 -40.18
C LYS C 239 0.38 -7.61 -39.35
N VAL C 240 0.37 -7.83 -38.04
CA VAL C 240 -0.38 -6.99 -37.13
C VAL C 240 0.55 -6.09 -36.34
N THR C 241 0.30 -4.78 -36.38
CA THR C 241 1.09 -3.80 -35.63
C THR C 241 0.18 -3.20 -34.56
N VAL C 242 0.58 -3.32 -33.30
CA VAL C 242 -0.20 -2.81 -32.18
C VAL C 242 0.48 -1.66 -31.43
N SER C 243 -0.24 -1.09 -30.48
CA SER C 243 0.30 -0.05 -29.61
C SER C 243 0.19 -0.74 -28.24
N PHE C 244 1.24 -0.65 -27.44
CA PHE C 244 1.29 -1.31 -26.14
C PHE C 244 2.10 -0.48 -25.15
N THR C 245 1.46 -0.06 -24.06
CA THR C 245 2.14 0.76 -23.06
C THR C 245 2.00 0.24 -21.63
N PRO C 246 3.15 -0.12 -21.00
CA PRO C 246 3.28 -0.62 -19.63
C PRO C 246 3.16 0.48 -18.56
N HIS C 247 2.59 0.10 -17.42
CA HIS C 247 2.43 1.03 -16.30
C HIS C 247 2.72 0.27 -15.03
N LEU C 248 3.62 0.81 -14.22
CA LEU C 248 4.00 0.14 -12.98
C LEU C 248 3.01 0.50 -11.91
N MET C 249 2.31 -0.52 -11.38
CA MET C 249 1.30 -0.36 -10.35
C MET C 249 1.82 -0.57 -8.92
N PRO C 250 1.41 0.30 -7.98
CA PRO C 250 1.85 0.17 -6.59
C PRO C 250 1.08 -0.98 -5.93
N MET C 251 1.48 -2.19 -6.31
CA MET C 251 0.87 -3.39 -5.77
C MET C 251 1.75 -4.56 -6.18
N ILE C 252 1.69 -5.64 -5.42
CA ILE C 252 2.52 -6.81 -5.70
C ILE C 252 2.02 -7.59 -6.91
N ARG C 253 0.94 -8.33 -6.69
CA ARG C 253 0.37 -9.17 -7.73
C ARG C 253 -0.74 -8.48 -8.51
N GLY C 254 -0.67 -8.57 -9.83
CA GLY C 254 -1.71 -7.94 -10.60
C GLY C 254 -1.32 -7.38 -11.94
N MET C 255 -2.24 -7.48 -12.87
CA MET C 255 -2.05 -7.00 -14.20
C MET C 255 -3.36 -6.97 -14.96
N GLN C 256 -3.56 -5.88 -15.69
CA GLN C 256 -4.75 -5.72 -16.51
C GLN C 256 -4.43 -5.12 -17.86
N SER C 257 -5.06 -5.66 -18.89
CA SER C 257 -4.93 -5.09 -20.22
C SER C 257 -6.29 -4.48 -20.59
N THR C 258 -6.26 -3.22 -21.03
CA THR C 258 -7.46 -2.51 -21.51
C THR C 258 -7.20 -2.43 -23.02
N ILE C 259 -7.95 -3.21 -23.78
CA ILE C 259 -7.78 -3.32 -25.23
C ILE C 259 -8.85 -2.57 -26.03
N TYR C 260 -8.42 -1.53 -26.74
CA TYR C 260 -9.32 -0.71 -27.55
C TYR C 260 -9.23 -1.22 -29.01
N VAL C 261 -10.32 -1.78 -29.50
CA VAL C 261 -10.36 -2.31 -30.87
C VAL C 261 -11.47 -1.63 -31.67
N GLU C 262 -11.39 -1.75 -32.99
CA GLU C 262 -12.35 -1.16 -33.90
C GLU C 262 -13.05 -2.27 -34.67
N MET C 263 -14.08 -2.85 -34.08
CA MET C 263 -14.84 -3.95 -34.70
C MET C 263 -14.93 -3.92 -36.22
N ALA C 264 -15.18 -5.08 -36.81
CA ALA C 264 -15.32 -5.19 -38.25
C ALA C 264 -16.66 -4.58 -38.68
N PRO C 265 -16.75 -4.17 -39.95
CA PRO C 265 -17.99 -3.58 -40.48
C PRO C 265 -19.21 -4.46 -40.16
N GLY C 266 -20.27 -3.85 -39.64
CA GLY C 266 -21.48 -4.59 -39.32
C GLY C 266 -21.44 -5.40 -38.03
N VAL C 267 -20.31 -5.35 -37.32
CA VAL C 267 -20.14 -6.08 -36.06
C VAL C 267 -20.52 -5.20 -34.87
N ARG C 268 -21.12 -5.79 -33.86
CA ARG C 268 -21.54 -5.08 -32.66
C ARG C 268 -20.92 -5.75 -31.43
N THR C 269 -20.78 -5.02 -30.33
CA THR C 269 -20.16 -5.61 -29.14
C THR C 269 -20.73 -6.98 -28.75
N GLU C 270 -22.02 -7.20 -29.00
CA GLU C 270 -22.63 -8.48 -28.68
C GLU C 270 -21.88 -9.61 -29.37
N ASP C 271 -21.51 -9.41 -30.63
CA ASP C 271 -20.82 -10.46 -31.36
C ASP C 271 -19.50 -10.83 -30.71
N LEU C 272 -18.71 -9.82 -30.34
CA LEU C 272 -17.43 -10.10 -29.68
C LEU C 272 -17.76 -10.87 -28.40
N HIS C 273 -18.66 -10.30 -27.60
CA HIS C 273 -19.06 -10.93 -26.35
C HIS C 273 -19.47 -12.39 -26.55
N GLN C 274 -20.47 -12.61 -27.41
CA GLN C 274 -20.97 -13.94 -27.67
C GLN C 274 -19.86 -14.89 -28.17
N GLN C 275 -18.94 -14.36 -28.96
CA GLN C 275 -17.85 -15.20 -29.47
C GLN C 275 -16.93 -15.62 -28.32
N LEU C 276 -16.64 -14.69 -27.41
CA LEU C 276 -15.78 -15.00 -26.27
C LEU C 276 -16.45 -15.95 -25.33
N LYS C 277 -17.76 -15.75 -25.16
CA LYS C 277 -18.56 -16.58 -24.28
C LYS C 277 -18.56 -18.02 -24.79
N THR C 278 -18.70 -18.19 -26.10
CA THR C 278 -18.70 -19.52 -26.69
C THR C 278 -17.30 -20.13 -26.67
N SER C 279 -16.34 -19.40 -27.23
CA SER C 279 -14.96 -19.85 -27.30
C SER C 279 -14.39 -20.37 -25.97
N TYR C 280 -14.81 -19.80 -24.86
CA TYR C 280 -14.28 -20.21 -23.57
C TYR C 280 -15.29 -20.82 -22.57
N GLU C 281 -16.52 -21.06 -23.01
CA GLU C 281 -17.58 -21.62 -22.16
C GLU C 281 -17.21 -22.90 -21.38
N ASP C 282 -16.31 -23.71 -21.91
CA ASP C 282 -15.93 -24.92 -21.19
C ASP C 282 -14.58 -24.77 -20.48
N GLU C 283 -14.02 -23.56 -20.56
CA GLU C 283 -12.73 -23.27 -19.98
C GLU C 283 -12.72 -22.92 -18.49
N GLU C 284 -12.11 -23.79 -17.70
CA GLU C 284 -12.03 -23.56 -16.26
C GLU C 284 -11.35 -22.22 -15.91
N PHE C 285 -10.21 -21.96 -16.53
CA PHE C 285 -9.43 -20.77 -16.22
C PHE C 285 -9.65 -19.44 -16.94
N VAL C 286 -10.63 -19.38 -17.83
CA VAL C 286 -10.93 -18.14 -18.55
C VAL C 286 -12.43 -17.84 -18.39
N LYS C 287 -12.75 -16.83 -17.60
CA LYS C 287 -14.13 -16.45 -17.35
C LYS C 287 -14.54 -15.20 -18.13
N VAL C 288 -15.49 -15.37 -19.04
CA VAL C 288 -16.03 -14.27 -19.84
C VAL C 288 -17.20 -13.75 -19.02
N LEU C 289 -17.04 -12.56 -18.44
CA LEU C 289 -18.08 -11.96 -17.60
C LEU C 289 -19.26 -11.49 -18.43
N ASP C 290 -20.39 -11.29 -17.76
CA ASP C 290 -21.57 -10.82 -18.47
C ASP C 290 -21.37 -9.36 -18.89
N GLU C 291 -21.97 -8.98 -20.01
CA GLU C 291 -21.81 -7.61 -20.48
C GLU C 291 -22.12 -6.61 -19.37
N GLY C 292 -21.26 -5.60 -19.23
CA GLY C 292 -21.47 -4.60 -18.21
C GLY C 292 -20.73 -4.78 -16.90
N VAL C 293 -20.31 -6.00 -16.57
CA VAL C 293 -19.57 -6.23 -15.33
C VAL C 293 -18.08 -5.94 -15.54
N VAL C 294 -17.46 -5.27 -14.58
CA VAL C 294 -16.04 -4.95 -14.71
C VAL C 294 -15.16 -6.10 -14.24
N PRO C 295 -14.25 -6.55 -15.10
CA PRO C 295 -13.41 -7.66 -14.64
C PRO C 295 -12.20 -7.14 -13.88
N ARG C 296 -12.36 -6.98 -12.57
CA ARG C 296 -11.34 -6.45 -11.63
C ARG C 296 -10.13 -7.35 -11.46
N THR C 297 -8.97 -6.75 -11.23
CA THR C 297 -7.78 -7.56 -11.03
C THR C 297 -7.77 -8.21 -9.62
N HIS C 298 -8.46 -7.60 -8.65
CA HIS C 298 -8.51 -8.14 -7.31
C HIS C 298 -9.17 -9.54 -7.29
N ASN C 299 -10.12 -9.77 -8.19
CA ASN C 299 -10.87 -11.03 -8.22
C ASN C 299 -10.10 -12.30 -8.63
N VAL C 300 -8.86 -12.17 -9.09
CA VAL C 300 -8.10 -13.35 -9.48
C VAL C 300 -6.78 -13.44 -8.75
N ARG C 301 -6.47 -12.38 -8.00
CA ARG C 301 -5.23 -12.31 -7.25
C ARG C 301 -4.86 -13.63 -6.53
N GLY C 302 -3.66 -14.15 -6.83
CA GLY C 302 -3.17 -15.37 -6.22
C GLY C 302 -3.79 -16.66 -6.71
N SER C 303 -4.41 -16.61 -7.89
CA SER C 303 -5.05 -17.77 -8.47
C SER C 303 -4.61 -17.82 -9.92
N ASN C 304 -4.99 -18.89 -10.59
CA ASN C 304 -4.62 -19.11 -11.99
C ASN C 304 -5.74 -18.76 -12.97
N TYR C 305 -6.66 -17.88 -12.57
CA TYR C 305 -7.77 -17.48 -13.42
C TYR C 305 -7.58 -16.18 -14.19
N CYS C 306 -8.37 -16.04 -15.25
CA CYS C 306 -8.38 -14.85 -16.08
C CYS C 306 -9.85 -14.47 -16.26
N HIS C 307 -10.18 -13.20 -15.99
CA HIS C 307 -11.54 -12.71 -16.18
C HIS C 307 -11.47 -11.63 -17.24
N MET C 308 -12.34 -11.73 -18.23
CA MET C 308 -12.38 -10.72 -19.28
C MET C 308 -13.82 -10.26 -19.53
N SER C 309 -13.97 -9.04 -20.03
CA SER C 309 -15.26 -8.46 -20.31
C SER C 309 -15.20 -7.47 -21.48
N VAL C 310 -16.30 -7.37 -22.23
CA VAL C 310 -16.37 -6.48 -23.38
C VAL C 310 -17.36 -5.34 -23.14
N PHE C 311 -17.00 -4.16 -23.62
CA PHE C 311 -17.82 -2.98 -23.46
C PHE C 311 -17.79 -2.17 -24.76
N PRO C 312 -18.85 -1.42 -25.04
CA PRO C 312 -18.87 -0.60 -26.25
C PRO C 312 -17.98 0.62 -26.02
N ASP C 313 -17.40 1.16 -27.08
CA ASP C 313 -16.57 2.35 -26.97
C ASP C 313 -17.51 3.50 -27.31
N ARG C 314 -17.22 4.71 -26.84
CA ARG C 314 -18.08 5.84 -27.17
C ARG C 314 -17.96 6.06 -28.68
N ILE C 315 -16.76 5.81 -29.22
CA ILE C 315 -16.50 5.96 -30.64
C ILE C 315 -17.16 4.81 -31.40
N PRO C 316 -17.95 5.14 -32.43
CA PRO C 316 -18.61 4.06 -33.17
C PRO C 316 -17.67 3.11 -33.90
N GLY C 317 -18.01 1.82 -33.81
CA GLY C 317 -17.22 0.78 -34.43
C GLY C 317 -16.09 0.29 -33.57
N ARG C 318 -16.01 0.83 -32.37
CA ARG C 318 -14.97 0.44 -31.43
C ARG C 318 -15.56 -0.24 -30.18
N ALA C 319 -14.74 -1.08 -29.56
CA ALA C 319 -15.11 -1.80 -28.34
C ALA C 319 -13.92 -1.75 -27.39
N ILE C 320 -14.20 -1.99 -26.11
CA ILE C 320 -13.19 -1.98 -25.07
C ILE C 320 -13.21 -3.24 -24.20
N ILE C 321 -12.17 -4.06 -24.33
CA ILE C 321 -12.05 -5.31 -23.55
C ILE C 321 -11.07 -5.12 -22.39
N ILE C 322 -11.40 -5.72 -21.25
CA ILE C 322 -10.54 -5.66 -20.07
C ILE C 322 -10.29 -7.09 -19.63
N SER C 323 -9.05 -7.39 -19.25
CA SER C 323 -8.70 -8.72 -18.76
C SER C 323 -7.74 -8.58 -17.55
N VAL C 324 -7.89 -9.47 -16.57
CA VAL C 324 -7.06 -9.41 -15.37
C VAL C 324 -6.63 -10.77 -14.84
N ILE C 325 -5.37 -10.86 -14.43
CA ILE C 325 -4.81 -12.08 -13.87
C ILE C 325 -3.71 -11.71 -12.88
N ASP C 326 -3.30 -12.64 -12.03
CA ASP C 326 -2.18 -12.38 -11.13
C ASP C 326 -0.95 -12.56 -12.03
N ASN C 327 -0.07 -11.55 -12.13
CA ASN C 327 1.11 -11.63 -13.01
C ASN C 327 2.02 -12.84 -12.79
N LEU C 328 2.02 -13.36 -11.58
CA LEU C 328 2.86 -14.50 -11.24
C LEU C 328 2.24 -15.86 -11.51
N VAL C 329 0.94 -15.97 -11.28
CA VAL C 329 0.28 -17.25 -11.44
C VAL C 329 -0.10 -17.58 -12.88
N LYS C 330 -1.31 -17.22 -13.29
CA LYS C 330 -1.71 -17.52 -14.64
C LYS C 330 -0.88 -16.74 -15.65
N GLY C 331 -0.06 -15.83 -15.15
CA GLY C 331 0.76 -15.03 -16.05
C GLY C 331 2.08 -15.74 -16.34
N ALA C 332 2.34 -16.83 -15.61
CA ALA C 332 3.58 -17.54 -15.77
C ALA C 332 3.69 -18.89 -15.06
N SER C 333 4.15 -18.86 -13.81
CA SER C 333 4.37 -20.07 -13.06
C SER C 333 3.18 -21.01 -12.99
N GLY C 334 1.99 -20.44 -13.15
CA GLY C 334 0.76 -21.22 -13.17
C GLY C 334 0.51 -21.84 -14.54
N GLN C 335 0.35 -21.03 -15.57
CA GLN C 335 0.10 -21.58 -16.92
C GLN C 335 1.18 -22.64 -17.27
N ALA C 336 2.44 -22.38 -16.89
CA ALA C 336 3.53 -23.30 -17.17
C ALA C 336 3.08 -24.70 -16.76
N LEU C 337 2.53 -24.79 -15.55
CA LEU C 337 2.04 -26.05 -15.02
C LEU C 337 0.84 -26.53 -15.83
N GLN C 338 -0.06 -25.60 -16.16
CA GLN C 338 -1.25 -25.93 -16.95
C GLN C 338 -0.79 -26.67 -18.20
N ASN C 339 0.28 -26.16 -18.80
CA ASN C 339 0.84 -26.73 -20.01
C ASN C 339 1.42 -28.11 -19.77
N LEU C 340 2.10 -28.28 -18.64
CA LEU C 340 2.72 -29.56 -18.33
C LEU C 340 1.70 -30.66 -18.02
N ASN C 341 0.57 -30.29 -17.42
CA ASN C 341 -0.44 -31.28 -17.09
C ASN C 341 -0.94 -31.99 -18.35
N ILE C 342 -1.12 -31.24 -19.44
CA ILE C 342 -1.59 -31.86 -20.68
C ILE C 342 -0.44 -32.35 -21.56
N MET C 343 0.75 -32.44 -20.99
CA MET C 343 1.89 -32.96 -21.72
C MET C 343 2.21 -34.32 -21.11
N LEU C 344 1.80 -34.49 -19.84
CA LEU C 344 2.03 -35.73 -19.10
C LEU C 344 0.78 -36.59 -18.99
N GLY C 345 -0.29 -36.17 -19.64
CA GLY C 345 -1.51 -36.95 -19.60
C GLY C 345 -2.45 -36.71 -18.44
N TYR C 346 -2.07 -35.85 -17.50
CA TYR C 346 -2.94 -35.57 -16.37
C TYR C 346 -3.91 -34.47 -16.74
N PRO C 347 -5.04 -34.37 -16.01
CA PRO C 347 -6.04 -33.34 -16.29
C PRO C 347 -5.37 -31.97 -16.22
N GLU C 348 -5.81 -31.08 -17.10
CA GLU C 348 -5.25 -29.75 -17.19
C GLU C 348 -5.40 -28.89 -15.92
N THR C 349 -6.46 -29.12 -15.15
CA THR C 349 -6.70 -28.36 -13.94
C THR C 349 -5.99 -28.94 -12.73
N THR C 350 -5.39 -30.12 -12.92
CA THR C 350 -4.71 -30.77 -11.82
C THR C 350 -3.67 -29.88 -11.14
N GLY C 351 -3.92 -29.62 -9.86
CA GLY C 351 -3.05 -28.81 -9.05
C GLY C 351 -3.05 -27.32 -9.34
N LEU C 352 -4.19 -26.79 -9.77
CA LEU C 352 -4.32 -25.37 -10.08
C LEU C 352 -5.69 -24.85 -9.66
N LEU C 353 -6.26 -25.41 -8.60
CA LEU C 353 -7.58 -24.96 -8.18
C LEU C 353 -7.57 -23.98 -7.01
N HIS C 354 -6.41 -23.42 -6.69
CA HIS C 354 -6.32 -22.44 -5.59
C HIS C 354 -7.33 -21.33 -5.83
N GLN C 355 -7.94 -20.86 -4.75
CA GLN C 355 -8.92 -19.79 -4.87
C GLN C 355 -8.34 -18.45 -4.49
N PRO C 356 -8.98 -17.35 -4.96
CA PRO C 356 -8.49 -16.01 -4.65
C PRO C 356 -8.39 -15.72 -3.15
N LEU C 357 -7.20 -15.35 -2.70
CA LEU C 357 -7.01 -15.04 -1.29
C LEU C 357 -7.78 -13.75 -0.98
N PHE C 358 -8.61 -13.31 -1.94
CA PHE C 358 -9.35 -12.07 -1.75
C PHE C 358 -10.26 -12.15 -0.55
N PRO C 359 -10.23 -11.13 0.34
CA PRO C 359 -9.39 -9.92 0.22
C PRO C 359 -7.93 -10.20 0.52
N LYS D 15 -19.73 -33.79 -1.91
CA LYS D 15 -18.76 -34.64 -1.16
C LYS D 15 -19.43 -35.24 0.08
N ASP D 16 -18.67 -36.02 0.84
CA ASP D 16 -19.19 -36.67 2.04
C ASP D 16 -19.82 -35.74 3.08
N ILE D 17 -19.03 -34.88 3.70
CA ILE D 17 -19.55 -34.00 4.72
C ILE D 17 -20.23 -32.74 4.18
N ARG D 18 -21.48 -32.54 4.58
CA ARG D 18 -22.26 -31.39 4.15
C ARG D 18 -22.13 -30.26 5.17
N ILE D 19 -21.62 -29.12 4.72
CA ILE D 19 -21.39 -27.98 5.60
C ILE D 19 -22.36 -26.80 5.46
N GLY D 20 -22.72 -26.23 6.60
CA GLY D 20 -23.58 -25.07 6.58
C GLY D 20 -22.81 -23.86 7.05
N LEU D 21 -22.94 -22.75 6.34
CA LEU D 21 -22.24 -21.52 6.73
C LEU D 21 -23.31 -20.47 7.06
N LEU D 22 -23.37 -20.06 8.32
CA LEU D 22 -24.34 -19.08 8.76
C LEU D 22 -23.70 -17.69 8.85
N GLY D 23 -24.01 -16.84 7.87
CA GLY D 23 -23.42 -15.52 7.82
C GLY D 23 -22.25 -15.65 6.86
N ALA D 24 -22.56 -15.69 5.58
CA ALA D 24 -21.56 -15.88 4.52
C ALA D 24 -21.11 -14.63 3.77
N SER D 25 -21.79 -13.51 3.98
CA SER D 25 -21.47 -12.28 3.27
C SER D 25 -20.26 -11.50 3.77
N GLY D 26 -19.69 -11.93 4.89
CA GLY D 26 -18.51 -11.25 5.42
C GLY D 26 -17.21 -11.89 4.95
N TYR D 27 -16.08 -11.30 5.34
CA TYR D 27 -14.78 -11.83 4.96
C TYR D 27 -14.47 -13.11 5.69
N THR D 28 -14.72 -13.15 6.99
CA THR D 28 -14.44 -14.37 7.73
C THR D 28 -15.37 -15.50 7.25
N GLY D 29 -16.33 -15.15 6.40
CA GLY D 29 -17.24 -16.14 5.83
C GLY D 29 -16.69 -16.59 4.48
N ALA D 30 -16.20 -15.62 3.71
CA ALA D 30 -15.62 -15.87 2.40
C ALA D 30 -14.40 -16.77 2.52
N GLU D 31 -13.65 -16.62 3.62
CA GLU D 31 -12.45 -17.44 3.84
C GLU D 31 -12.87 -18.91 4.00
N ILE D 32 -13.97 -19.15 4.71
CA ILE D 32 -14.47 -20.51 4.90
C ILE D 32 -14.70 -21.13 3.53
N VAL D 33 -15.42 -20.41 2.66
CA VAL D 33 -15.71 -20.91 1.33
C VAL D 33 -14.40 -21.14 0.59
N ARG D 34 -13.43 -20.25 0.77
CA ARG D 34 -12.15 -20.42 0.10
C ARG D 34 -11.43 -21.67 0.61
N LEU D 35 -11.38 -21.84 1.93
CA LEU D 35 -10.69 -23.00 2.50
C LEU D 35 -11.33 -24.33 2.13
N LEU D 36 -12.66 -24.35 2.02
CA LEU D 36 -13.34 -25.60 1.69
C LEU D 36 -13.33 -25.94 0.21
N ALA D 37 -13.15 -24.94 -0.65
CA ALA D 37 -13.17 -25.21 -2.09
C ALA D 37 -12.35 -26.44 -2.47
N ASN D 38 -11.14 -26.56 -1.92
CA ASN D 38 -10.33 -27.72 -2.26
C ASN D 38 -10.21 -28.74 -1.12
N HIS D 39 -11.11 -28.67 -0.14
CA HIS D 39 -11.08 -29.62 0.96
C HIS D 39 -11.56 -30.96 0.37
N PRO D 40 -10.75 -32.02 0.52
CA PRO D 40 -11.11 -33.34 -0.01
C PRO D 40 -12.41 -33.96 0.47
N HIS D 41 -12.92 -33.55 1.62
CA HIS D 41 -14.15 -34.19 2.10
C HIS D 41 -15.32 -33.29 2.47
N PHE D 42 -15.06 -32.04 2.82
CA PHE D 42 -16.14 -31.15 3.21
C PHE D 42 -16.61 -30.29 2.05
N GLN D 43 -17.93 -30.13 1.95
CA GLN D 43 -18.51 -29.33 0.89
C GLN D 43 -19.60 -28.41 1.42
N VAL D 44 -19.61 -27.15 0.99
CA VAL D 44 -20.66 -26.23 1.43
C VAL D 44 -21.98 -26.55 0.71
N THR D 45 -23.04 -26.80 1.47
CA THR D 45 -24.34 -27.11 0.87
C THR D 45 -25.42 -26.11 1.32
N LEU D 46 -25.10 -25.28 2.31
CA LEU D 46 -26.04 -24.28 2.80
C LEU D 46 -25.32 -23.02 3.27
N MET D 47 -25.75 -21.88 2.74
CA MET D 47 -25.18 -20.60 3.14
C MET D 47 -26.28 -19.60 3.49
N THR D 48 -26.12 -18.86 4.58
CA THR D 48 -27.14 -17.90 4.95
C THR D 48 -26.56 -16.50 5.08
N ALA D 49 -27.40 -15.51 4.76
CA ALA D 49 -27.04 -14.11 4.84
C ALA D 49 -28.30 -13.36 5.26
N ASP D 50 -28.14 -12.13 5.73
CA ASP D 50 -29.30 -11.36 6.16
C ASP D 50 -29.88 -10.58 4.99
N ARG D 51 -29.32 -9.42 4.69
CA ARG D 51 -29.83 -8.59 3.59
C ARG D 51 -29.52 -9.15 2.21
N LYS D 52 -28.69 -10.20 2.17
CA LYS D 52 -28.31 -10.82 0.90
C LYS D 52 -29.10 -12.08 0.58
N ALA D 53 -29.94 -12.52 1.52
CA ALA D 53 -30.73 -13.72 1.28
C ALA D 53 -31.38 -13.67 -0.10
N GLY D 54 -31.32 -14.78 -0.83
CA GLY D 54 -31.93 -14.80 -2.15
C GLY D 54 -30.99 -14.46 -3.28
N GLN D 55 -29.81 -13.95 -2.92
CA GLN D 55 -28.79 -13.59 -3.90
C GLN D 55 -27.67 -14.62 -3.87
N SER D 56 -26.96 -14.75 -4.98
CA SER D 56 -25.83 -15.68 -5.05
C SER D 56 -24.68 -15.01 -4.31
N MET D 57 -23.75 -15.79 -3.80
CA MET D 57 -22.63 -15.20 -3.08
C MET D 57 -21.68 -14.53 -4.06
N GLU D 58 -21.87 -14.78 -5.35
CA GLU D 58 -21.04 -14.18 -6.39
C GLU D 58 -21.36 -12.70 -6.50
N SER D 59 -22.63 -12.33 -6.35
CA SER D 59 -23.01 -10.93 -6.45
C SER D 59 -22.45 -10.19 -5.24
N VAL D 60 -22.10 -10.94 -4.21
CA VAL D 60 -21.55 -10.38 -2.98
C VAL D 60 -20.03 -10.35 -3.09
N PHE D 61 -19.48 -11.46 -3.56
CA PHE D 61 -18.04 -11.66 -3.71
C PHE D 61 -17.77 -12.25 -5.11
N PRO D 62 -17.72 -11.42 -6.16
CA PRO D 62 -17.48 -11.90 -7.52
C PRO D 62 -16.20 -12.67 -7.80
N HIS D 63 -15.31 -12.77 -6.81
CA HIS D 63 -14.05 -13.49 -6.99
C HIS D 63 -14.28 -15.00 -6.79
N LEU D 64 -15.41 -15.35 -6.19
CA LEU D 64 -15.71 -16.74 -5.96
C LEU D 64 -16.48 -17.33 -7.14
N ARG D 65 -16.50 -16.62 -8.26
CA ARG D 65 -17.26 -17.08 -9.40
C ARG D 65 -16.85 -18.44 -9.99
N ALA D 66 -15.68 -18.96 -9.66
CA ALA D 66 -15.29 -20.27 -10.19
C ALA D 66 -15.99 -21.40 -9.45
N GLN D 67 -16.55 -21.08 -8.29
CA GLN D 67 -17.24 -22.09 -7.48
C GLN D 67 -18.74 -22.17 -7.70
N LYS D 68 -19.27 -23.37 -7.48
CA LYS D 68 -20.71 -23.61 -7.56
C LYS D 68 -21.15 -23.65 -6.11
N LEU D 69 -21.92 -22.63 -5.75
CA LEU D 69 -22.42 -22.48 -4.39
C LEU D 69 -23.93 -22.21 -4.41
N PRO D 70 -24.65 -22.70 -3.39
CA PRO D 70 -26.09 -22.47 -3.37
C PRO D 70 -26.41 -20.99 -3.09
N THR D 71 -27.50 -20.49 -3.67
CA THR D 71 -27.87 -19.11 -3.45
C THR D 71 -28.13 -18.94 -1.94
N LEU D 72 -27.80 -17.76 -1.40
CA LEU D 72 -28.01 -17.50 0.02
C LEU D 72 -29.49 -17.63 0.36
N VAL D 73 -29.77 -17.86 1.65
CA VAL D 73 -31.13 -17.96 2.17
C VAL D 73 -31.07 -17.42 3.59
N SER D 74 -32.23 -17.13 4.15
CA SER D 74 -32.35 -16.64 5.52
C SER D 74 -32.07 -17.80 6.45
N VAL D 75 -31.45 -17.51 7.59
CA VAL D 75 -31.15 -18.51 8.62
C VAL D 75 -32.44 -18.93 9.32
N LYS D 76 -33.41 -18.03 9.34
CA LYS D 76 -34.68 -18.32 9.99
C LYS D 76 -35.47 -19.35 9.20
N ASP D 77 -35.19 -19.46 7.91
CA ASP D 77 -35.89 -20.43 7.07
C ASP D 77 -34.94 -21.55 6.64
N ALA D 78 -33.87 -21.76 7.41
CA ALA D 78 -32.90 -22.78 7.07
C ALA D 78 -33.23 -24.09 7.77
N ASP D 79 -33.26 -25.15 6.97
CA ASP D 79 -33.56 -26.49 7.43
C ASP D 79 -32.22 -27.23 7.44
N PHE D 80 -31.88 -27.83 8.57
CA PHE D 80 -30.60 -28.53 8.69
C PHE D 80 -30.70 -30.04 8.67
N SER D 81 -31.89 -30.57 8.38
CA SER D 81 -32.02 -32.01 8.39
C SER D 81 -31.12 -32.69 7.36
N THR D 82 -30.36 -31.89 6.61
CA THR D 82 -29.46 -32.41 5.58
C THR D 82 -28.05 -31.85 5.70
N VAL D 83 -27.75 -31.24 6.84
CA VAL D 83 -26.43 -30.65 7.08
C VAL D 83 -25.76 -31.37 8.23
N ASP D 84 -24.47 -31.64 8.11
CA ASP D 84 -23.72 -32.35 9.14
C ASP D 84 -22.99 -31.46 10.15
N ALA D 85 -22.42 -30.37 9.67
CA ALA D 85 -21.69 -29.45 10.55
C ALA D 85 -21.88 -28.00 10.10
N VAL D 86 -21.72 -27.08 11.04
CA VAL D 86 -21.89 -25.67 10.73
C VAL D 86 -20.81 -24.74 11.29
N PHE D 87 -20.50 -23.70 10.53
CA PHE D 87 -19.55 -22.67 10.95
C PHE D 87 -20.48 -21.46 11.11
N CYS D 88 -20.43 -20.79 12.26
CA CYS D 88 -21.26 -19.62 12.45
C CYS D 88 -20.42 -18.36 12.41
N CYS D 89 -20.76 -17.48 11.47
CA CYS D 89 -20.08 -16.20 11.29
C CYS D 89 -21.11 -15.12 11.50
N LEU D 90 -21.95 -15.31 12.49
CA LEU D 90 -23.00 -14.35 12.82
C LEU D 90 -22.36 -13.24 13.65
N PRO D 91 -23.03 -12.08 13.74
CA PRO D 91 -22.52 -10.94 14.50
C PRO D 91 -22.62 -11.06 16.04
N HIS D 92 -22.48 -9.91 16.70
CA HIS D 92 -22.55 -9.83 18.15
C HIS D 92 -24.01 -9.67 18.57
N GLY D 93 -24.37 -10.24 19.72
CA GLY D 93 -25.72 -10.13 20.23
C GLY D 93 -26.76 -10.85 19.40
N THR D 94 -26.32 -11.73 18.52
CA THR D 94 -27.21 -12.47 17.66
C THR D 94 -26.86 -13.96 17.65
N THR D 95 -25.59 -14.26 17.85
CA THR D 95 -25.11 -15.64 17.84
C THR D 95 -25.73 -16.52 18.92
N GLN D 96 -25.73 -16.04 20.15
CA GLN D 96 -26.27 -16.80 21.28
C GLN D 96 -27.68 -17.34 21.08
N GLU D 97 -28.61 -16.47 20.69
CA GLU D 97 -29.98 -16.89 20.48
C GLU D 97 -30.18 -17.77 19.27
N ILE D 98 -29.41 -17.53 18.22
CA ILE D 98 -29.52 -18.35 17.02
C ILE D 98 -28.92 -19.73 17.24
N ILE D 99 -27.75 -19.78 17.87
CA ILE D 99 -27.10 -21.06 18.12
C ILE D 99 -27.87 -21.84 19.18
N LYS D 100 -28.38 -21.13 20.19
CA LYS D 100 -29.12 -21.76 21.26
C LYS D 100 -30.29 -22.59 20.72
N GLU D 101 -30.85 -22.15 19.60
CA GLU D 101 -31.97 -22.84 18.98
C GLU D 101 -31.61 -23.70 17.77
N LEU D 102 -30.33 -24.08 17.65
CA LEU D 102 -29.89 -24.94 16.56
C LEU D 102 -30.08 -26.40 16.95
N PRO D 103 -30.45 -27.25 16.00
CA PRO D 103 -30.66 -28.67 16.32
C PRO D 103 -29.47 -29.33 17.03
N THR D 104 -29.79 -30.28 17.91
CA THR D 104 -28.79 -31.01 18.68
C THR D 104 -27.84 -31.85 17.84
N ALA D 105 -28.36 -32.44 16.77
CA ALA D 105 -27.56 -33.27 15.89
C ALA D 105 -26.74 -32.43 14.93
N LEU D 106 -25.69 -31.79 15.45
CA LEU D 106 -24.83 -30.92 14.63
C LEU D 106 -23.54 -30.54 15.32
N LYS D 107 -22.42 -30.71 14.63
CA LYS D 107 -21.12 -30.29 15.15
C LYS D 107 -21.05 -28.82 14.70
N ILE D 108 -20.87 -27.89 15.64
CA ILE D 108 -20.85 -26.48 15.29
C ILE D 108 -19.64 -25.70 15.77
N VAL D 109 -18.95 -25.05 14.84
CA VAL D 109 -17.82 -24.23 15.23
C VAL D 109 -18.26 -22.79 15.12
N ASP D 110 -18.28 -22.13 16.27
CA ASP D 110 -18.68 -20.76 16.33
C ASP D 110 -17.53 -19.80 16.19
N LEU D 111 -17.53 -19.00 15.13
CA LEU D 111 -16.46 -18.04 14.95
C LEU D 111 -16.72 -16.71 15.68
N SER D 112 -17.90 -16.52 16.25
CA SER D 112 -18.18 -15.27 17.00
C SER D 112 -17.41 -15.35 18.33
N ALA D 113 -17.45 -14.26 19.11
CA ALA D 113 -16.77 -14.22 20.40
C ALA D 113 -17.73 -14.48 21.55
N ASP D 114 -19.00 -14.74 21.27
CA ASP D 114 -20.00 -14.92 22.33
C ASP D 114 -20.06 -16.19 23.18
N PHE D 115 -19.23 -17.18 22.87
CA PHE D 115 -19.22 -18.39 23.66
C PHE D 115 -17.82 -18.73 24.15
N ARG D 116 -16.91 -17.77 23.97
CA ARG D 116 -15.52 -17.92 24.37
C ARG D 116 -15.28 -17.79 25.87
N LEU D 117 -16.03 -16.91 26.52
CA LEU D 117 -15.85 -16.70 27.95
C LEU D 117 -16.71 -17.61 28.85
N ARG D 118 -16.08 -18.24 29.84
CA ARG D 118 -16.78 -19.12 30.75
C ARG D 118 -17.60 -18.32 31.77
N ASN D 119 -16.98 -17.28 32.32
CA ASN D 119 -17.61 -16.41 33.31
C ASN D 119 -18.70 -15.53 32.71
N ILE D 120 -19.95 -15.87 33.01
CA ILE D 120 -21.11 -15.14 32.52
C ILE D 120 -21.03 -13.65 32.84
N ALA D 121 -20.59 -13.34 34.05
CA ALA D 121 -20.46 -11.95 34.46
C ALA D 121 -19.52 -11.19 33.52
N GLU D 122 -18.32 -11.74 33.33
CA GLU D 122 -17.32 -11.12 32.47
C GLU D 122 -17.88 -10.81 31.09
N TYR D 123 -18.58 -11.78 30.51
CA TYR D 123 -19.17 -11.60 29.20
C TYR D 123 -20.09 -10.38 29.18
N GLU D 124 -21.00 -10.33 30.15
CA GLU D 124 -21.95 -9.22 30.24
C GLU D 124 -21.25 -7.89 30.46
N GLU D 125 -20.17 -7.93 31.22
CA GLU D 125 -19.37 -6.75 31.49
C GLU D 125 -18.63 -6.27 30.24
N TRP D 126 -18.02 -7.20 29.52
CA TRP D 126 -17.25 -6.80 28.34
C TRP D 126 -18.05 -6.61 27.05
N TYR D 127 -19.16 -7.32 26.92
CA TYR D 127 -19.97 -7.21 25.71
C TYR D 127 -21.26 -6.41 25.90
N GLY D 128 -21.34 -5.69 27.02
CA GLY D 128 -22.48 -4.85 27.31
C GLY D 128 -23.85 -5.44 27.05
N GLN D 129 -24.12 -6.62 27.61
CA GLN D 129 -25.41 -7.27 27.45
C GLN D 129 -25.47 -8.61 28.17
N PRO D 130 -26.66 -8.98 28.66
CA PRO D 130 -26.86 -10.24 29.38
C PRO D 130 -26.56 -11.42 28.48
N HIS D 131 -25.95 -12.46 29.05
CA HIS D 131 -25.62 -13.65 28.29
C HIS D 131 -26.95 -14.36 28.06
N LYS D 132 -27.19 -14.80 26.83
CA LYS D 132 -28.44 -15.43 26.48
C LYS D 132 -28.45 -16.94 26.24
N ALA D 133 -27.48 -17.65 26.80
CA ALA D 133 -27.42 -19.11 26.62
C ALA D 133 -26.50 -19.71 27.65
N VAL D 134 -26.74 -19.30 28.90
CA VAL D 134 -25.97 -19.74 30.06
C VAL D 134 -25.74 -21.25 30.22
N GLU D 135 -26.77 -22.05 30.01
CA GLU D 135 -26.61 -23.50 30.16
C GLU D 135 -25.75 -24.11 29.08
N LEU D 136 -25.97 -23.68 27.84
CA LEU D 136 -25.21 -24.19 26.71
C LEU D 136 -23.74 -23.76 26.84
N GLN D 137 -23.50 -22.63 27.50
CA GLN D 137 -22.13 -22.15 27.66
C GLN D 137 -21.24 -23.17 28.31
N LYS D 138 -21.81 -23.95 29.22
CA LYS D 138 -21.06 -24.97 29.96
C LYS D 138 -20.51 -26.12 29.13
N GLU D 139 -21.12 -26.42 27.98
CA GLU D 139 -20.62 -27.52 27.16
C GLU D 139 -19.71 -27.10 26.00
N VAL D 140 -19.38 -25.82 25.96
CA VAL D 140 -18.52 -25.27 24.90
C VAL D 140 -17.03 -25.54 25.17
N VAL D 141 -16.28 -25.84 24.11
CA VAL D 141 -14.84 -26.05 24.25
C VAL D 141 -14.13 -24.93 23.47
N TYR D 142 -13.14 -24.29 24.10
CA TYR D 142 -12.38 -23.23 23.45
C TYR D 142 -11.53 -23.86 22.34
N GLY D 143 -11.68 -23.37 21.12
CA GLY D 143 -10.98 -23.95 19.99
C GLY D 143 -9.54 -23.59 19.66
N LEU D 144 -8.70 -23.44 20.67
CA LEU D 144 -7.29 -23.15 20.41
C LEU D 144 -6.72 -24.55 20.23
N THR D 145 -6.84 -25.05 19.00
CA THR D 145 -6.44 -26.41 18.68
C THR D 145 -5.20 -27.01 19.35
N GLU D 146 -4.00 -26.57 18.98
CA GLU D 146 -2.76 -27.11 19.56
C GLU D 146 -2.80 -27.27 21.10
N ILE D 147 -3.60 -26.45 21.76
CA ILE D 147 -3.71 -26.49 23.21
C ILE D 147 -4.81 -27.44 23.74
N LEU D 148 -6.04 -27.28 23.25
CA LEU D 148 -7.16 -28.09 23.71
C LEU D 148 -7.64 -29.15 22.73
N ARG D 149 -6.71 -29.61 21.90
CA ARG D 149 -6.97 -30.64 20.90
C ARG D 149 -7.83 -31.80 21.43
N GLU D 150 -7.40 -32.38 22.54
CA GLU D 150 -8.12 -33.53 23.08
C GLU D 150 -9.56 -33.26 23.48
N ASP D 151 -9.85 -32.05 23.95
CA ASP D 151 -11.21 -31.70 24.35
C ASP D 151 -12.02 -31.26 23.13
N ILE D 152 -11.32 -30.71 22.14
CA ILE D 152 -11.99 -30.25 20.94
C ILE D 152 -12.63 -31.35 20.12
N LYS D 153 -11.85 -32.37 19.78
CA LYS D 153 -12.40 -33.47 18.95
C LYS D 153 -13.62 -34.18 19.53
N LYS D 154 -13.93 -33.89 20.80
CA LYS D 154 -15.07 -34.53 21.44
C LYS D 154 -16.25 -33.59 21.72
N ALA D 155 -16.08 -32.30 21.46
CA ALA D 155 -17.16 -31.33 21.70
C ALA D 155 -18.12 -31.25 20.52
N ARG D 156 -19.35 -30.80 20.77
CA ARG D 156 -20.32 -30.68 19.69
C ARG D 156 -20.31 -29.23 19.23
N LEU D 157 -20.11 -28.33 20.18
CA LEU D 157 -20.08 -26.90 19.94
C LEU D 157 -18.75 -26.30 20.40
N VAL D 158 -18.04 -25.70 19.45
CA VAL D 158 -16.76 -25.10 19.75
C VAL D 158 -16.73 -23.60 19.52
N ALA D 159 -16.09 -22.88 20.43
CA ALA D 159 -15.94 -21.45 20.29
C ALA D 159 -14.55 -21.20 19.72
N ASN D 160 -14.50 -20.85 18.46
CA ASN D 160 -13.23 -20.57 17.82
C ASN D 160 -12.65 -19.30 18.44
N PRO D 161 -11.39 -19.36 18.90
CA PRO D 161 -10.72 -18.21 19.52
C PRO D 161 -10.70 -16.93 18.65
N GLY D 162 -10.44 -15.79 19.26
CA GLY D 162 -10.34 -14.59 18.46
C GLY D 162 -8.97 -14.56 17.77
N CYS D 163 -8.87 -13.96 16.59
CA CYS D 163 -7.60 -13.91 15.86
C CYS D 163 -6.40 -13.55 16.75
N TYR D 164 -6.40 -12.35 17.32
CA TYR D 164 -5.29 -11.95 18.15
C TYR D 164 -4.95 -12.98 19.22
N PRO D 165 -5.93 -13.34 20.06
CA PRO D 165 -5.70 -14.32 21.13
C PRO D 165 -4.98 -15.60 20.70
N THR D 166 -5.14 -15.97 19.43
CA THR D 166 -4.48 -17.19 18.95
C THR D 166 -2.98 -16.97 18.89
N THR D 167 -2.55 -15.74 18.57
CA THR D 167 -1.12 -15.45 18.51
C THR D 167 -0.52 -15.26 19.90
N ILE D 168 -1.36 -14.95 20.89
CA ILE D 168 -0.87 -14.70 22.22
C ILE D 168 -0.78 -15.91 23.15
N GLN D 169 -1.68 -16.87 22.97
CA GLN D 169 -1.69 -18.05 23.82
C GLN D 169 -0.85 -19.23 23.28
N LEU D 170 -0.75 -19.37 21.97
CA LEU D 170 0.02 -20.46 21.40
C LEU D 170 1.44 -20.46 21.94
N PRO D 171 2.18 -19.36 21.74
CA PRO D 171 3.52 -19.42 22.31
C PRO D 171 3.50 -19.55 23.84
N LEU D 172 2.80 -18.64 24.49
CA LEU D 172 2.78 -18.58 25.94
C LEU D 172 2.37 -19.88 26.64
N VAL D 173 1.09 -20.01 26.97
CA VAL D 173 0.58 -21.19 27.67
C VAL D 173 1.66 -22.20 28.02
N PRO D 174 2.27 -22.89 27.01
CA PRO D 174 3.32 -23.86 27.35
C PRO D 174 4.29 -23.29 28.39
N LEU D 175 4.85 -22.12 28.09
CA LEU D 175 5.81 -21.45 28.97
C LEU D 175 5.30 -21.32 30.39
N LEU D 176 4.02 -20.98 30.53
CA LEU D 176 3.42 -20.82 31.87
C LEU D 176 3.26 -22.20 32.55
N LYS D 177 2.76 -23.17 31.80
CA LYS D 177 2.55 -24.51 32.32
C LYS D 177 3.87 -25.08 32.87
N ALA D 178 4.97 -24.40 32.58
CA ALA D 178 6.29 -24.84 33.02
C ALA D 178 6.94 -23.81 33.95
N ASN D 179 6.16 -22.80 34.34
CA ASN D 179 6.62 -21.72 35.23
C ASN D 179 7.96 -21.08 34.78
N LEU D 180 8.13 -20.84 33.49
CA LEU D 180 9.39 -20.25 33.03
C LEU D 180 9.40 -18.74 33.04
N ILE D 181 8.21 -18.13 33.10
CA ILE D 181 8.08 -16.67 33.13
C ILE D 181 7.10 -16.30 34.24
N LYS D 182 7.17 -15.08 34.74
CA LYS D 182 6.26 -14.65 35.78
C LYS D 182 4.88 -14.35 35.18
N HIS D 183 3.83 -14.38 35.99
CA HIS D 183 2.50 -14.09 35.44
C HIS D 183 2.07 -12.66 35.71
N GLU D 184 3.05 -11.78 35.88
CA GLU D 184 2.74 -10.37 36.09
C GLU D 184 3.61 -9.58 35.12
N ASN D 185 3.26 -8.32 34.91
CA ASN D 185 4.02 -7.45 34.03
C ASN D 185 4.07 -7.88 32.55
N ILE D 186 3.24 -8.86 32.17
CA ILE D 186 3.21 -9.30 30.78
C ILE D 186 2.57 -8.18 29.94
N ILE D 187 3.31 -7.67 28.96
CA ILE D 187 2.81 -6.58 28.11
C ILE D 187 2.75 -7.02 26.64
N ILE D 188 1.62 -6.74 25.98
CA ILE D 188 1.44 -7.13 24.60
C ILE D 188 1.17 -5.95 23.63
N ASP D 189 1.87 -5.96 22.49
CA ASP D 189 1.70 -4.96 21.42
C ASP D 189 1.48 -5.71 20.09
N ALA D 190 0.20 -5.84 19.73
CA ALA D 190 -0.22 -6.58 18.53
C ALA D 190 -0.44 -5.72 17.27
N LYS D 191 -0.47 -6.38 16.11
CA LYS D 191 -0.65 -5.72 14.83
C LYS D 191 -1.50 -6.57 13.87
N SER D 192 -2.40 -5.92 13.16
CA SER D 192 -3.24 -6.64 12.22
C SER D 192 -3.56 -5.87 10.95
N GLY D 193 -3.89 -6.63 9.92
CA GLY D 193 -4.30 -6.05 8.67
C GLY D 193 -5.72 -5.61 8.91
N VAL D 194 -6.12 -4.52 8.28
CA VAL D 194 -7.47 -3.97 8.48
C VAL D 194 -8.60 -4.96 8.10
N SER D 195 -8.24 -6.14 7.60
CA SER D 195 -9.28 -7.09 7.24
C SER D 195 -9.97 -7.56 8.52
N GLY D 196 -9.23 -7.56 9.62
CA GLY D 196 -9.79 -8.01 10.88
C GLY D 196 -10.85 -7.04 11.38
N ALA D 197 -10.99 -5.91 10.69
CA ALA D 197 -11.98 -4.90 11.04
C ALA D 197 -13.32 -5.24 10.38
N GLY D 198 -13.28 -5.97 9.27
CA GLY D 198 -14.51 -6.33 8.60
C GLY D 198 -14.80 -5.51 7.35
N ARG D 199 -15.80 -5.98 6.60
CA ARG D 199 -16.22 -5.36 5.36
C ARG D 199 -17.29 -4.26 5.52
N GLY D 200 -17.67 -3.98 6.76
CA GLY D 200 -18.66 -2.95 7.00
C GLY D 200 -18.22 -1.57 6.49
N ALA D 201 -19.11 -0.88 5.78
CA ALA D 201 -18.78 0.45 5.24
C ALA D 201 -18.59 1.46 6.38
N LYS D 202 -17.33 1.82 6.64
CA LYS D 202 -16.97 2.74 7.71
C LYS D 202 -15.88 3.73 7.27
N GLU D 203 -16.18 5.01 7.31
CA GLU D 203 -15.20 6.02 6.89
C GLU D 203 -13.82 5.77 7.51
N ALA D 204 -13.76 5.27 8.74
CA ALA D 204 -12.47 5.02 9.36
C ALA D 204 -11.63 3.95 8.65
N ASN D 205 -12.28 3.00 7.98
CA ASN D 205 -11.55 1.92 7.34
C ASN D 205 -11.39 2.03 5.84
N LEU D 206 -11.62 3.22 5.31
CA LEU D 206 -11.51 3.49 3.88
C LEU D 206 -10.02 3.53 3.51
N TYR D 207 -9.69 3.13 2.29
CA TYR D 207 -8.33 3.17 1.83
C TYR D 207 -7.67 4.54 2.12
N SER D 208 -8.29 5.62 1.67
CA SER D 208 -7.71 6.96 1.90
C SER D 208 -7.44 7.27 3.36
N GLU D 209 -8.15 6.62 4.27
CA GLU D 209 -7.96 6.89 5.71
C GLU D 209 -6.92 5.97 6.37
N ILE D 210 -6.84 4.74 5.88
CA ILE D 210 -5.96 3.72 6.45
C ILE D 210 -4.56 3.67 5.89
N ALA D 211 -4.43 3.90 4.59
CA ALA D 211 -3.13 3.83 3.94
C ALA D 211 -2.09 4.78 4.51
N GLU D 212 -0.84 4.30 4.50
CA GLU D 212 0.33 5.05 4.94
C GLU D 212 0.24 5.65 6.34
N GLY D 213 0.14 4.78 7.34
CA GLY D 213 0.08 5.23 8.71
C GLY D 213 -0.47 4.14 9.60
N ILE D 214 -0.18 4.24 10.89
CA ILE D 214 -0.69 3.27 11.85
C ILE D 214 -1.30 4.03 13.01
N SER D 215 -2.07 3.34 13.83
CA SER D 215 -2.65 3.94 15.02
C SER D 215 -3.00 2.83 15.98
N SER D 216 -2.97 3.15 17.26
CA SER D 216 -3.35 2.18 18.26
C SER D 216 -4.89 2.24 18.33
N TYR D 217 -5.51 1.24 18.93
CA TYR D 217 -6.95 1.23 19.12
C TYR D 217 -7.23 0.24 20.25
N GLY D 218 -8.38 0.37 20.90
CA GLY D 218 -8.71 -0.53 21.99
C GLY D 218 -7.70 -0.41 23.10
N VAL D 219 -7.16 0.78 23.27
CA VAL D 219 -6.18 1.00 24.32
C VAL D 219 -6.87 0.77 25.68
N THR D 220 -6.18 0.12 26.60
CA THR D 220 -6.70 -0.16 27.93
C THR D 220 -7.78 -1.24 27.96
N ARG D 221 -8.84 -1.03 27.20
CA ARG D 221 -9.93 -1.98 27.18
C ARG D 221 -10.25 -2.44 25.78
N HIS D 222 -10.05 -3.72 25.54
CA HIS D 222 -10.36 -4.29 24.24
C HIS D 222 -10.96 -5.64 24.54
N ARG D 223 -12.09 -5.96 23.91
CA ARG D 223 -12.78 -7.21 24.17
C ARG D 223 -11.91 -8.46 24.25
N HIS D 224 -10.77 -8.47 23.58
CA HIS D 224 -9.89 -9.64 23.64
C HIS D 224 -9.18 -9.79 24.99
N VAL D 225 -9.16 -8.72 25.78
CA VAL D 225 -8.49 -8.78 27.07
C VAL D 225 -8.97 -9.90 27.99
N PRO D 226 -10.27 -9.92 28.33
CA PRO D 226 -10.78 -10.98 29.23
C PRO D 226 -10.55 -12.38 28.68
N GLU D 227 -10.66 -12.52 27.37
CA GLU D 227 -10.43 -13.78 26.69
C GLU D 227 -8.97 -14.22 26.90
N ILE D 228 -8.03 -13.33 26.59
CA ILE D 228 -6.60 -13.59 26.77
C ILE D 228 -6.31 -14.01 28.23
N GLU D 229 -6.80 -13.20 29.16
CA GLU D 229 -6.59 -13.46 30.59
C GLU D 229 -7.16 -14.81 31.01
N GLN D 230 -8.39 -15.12 30.58
CA GLN D 230 -8.99 -16.40 30.89
C GLN D 230 -7.96 -17.52 30.63
N GLY D 231 -7.53 -17.63 29.37
CA GLY D 231 -6.57 -18.65 28.97
C GLY D 231 -5.31 -18.70 29.81
N LEU D 232 -4.73 -17.53 30.07
CA LEU D 232 -3.52 -17.45 30.84
C LEU D 232 -3.76 -17.83 32.30
N SER D 233 -4.86 -17.35 32.87
CA SER D 233 -5.20 -17.65 34.25
C SER D 233 -5.51 -19.15 34.40
N ASP D 234 -6.23 -19.72 33.43
CA ASP D 234 -6.57 -21.13 33.48
C ASP D 234 -5.34 -22.00 33.56
N VAL D 235 -4.23 -21.55 32.97
CA VAL D 235 -3.00 -22.32 32.98
C VAL D 235 -2.14 -21.99 34.19
N ALA D 236 -2.05 -20.70 34.52
CA ALA D 236 -1.25 -20.28 35.65
C ALA D 236 -1.94 -20.58 36.98
N GLN D 237 -3.23 -20.92 36.92
CA GLN D 237 -4.01 -21.24 38.12
C GLN D 237 -3.92 -20.09 39.09
N SER D 238 -4.26 -18.91 38.59
CA SER D 238 -4.24 -17.68 39.37
C SER D 238 -4.62 -16.56 38.42
N LYS D 239 -5.35 -15.55 38.92
CA LYS D 239 -5.78 -14.46 38.06
C LYS D 239 -4.62 -13.72 37.42
N VAL D 240 -4.65 -13.67 36.09
CA VAL D 240 -3.62 -12.98 35.34
C VAL D 240 -4.14 -11.68 34.72
N THR D 241 -3.38 -10.61 34.89
CA THR D 241 -3.72 -9.30 34.33
C THR D 241 -2.61 -8.90 33.36
N VAL D 242 -2.99 -8.52 32.14
CA VAL D 242 -2.02 -8.11 31.12
C VAL D 242 -2.24 -6.66 30.72
N SER D 243 -1.63 -6.28 29.59
CA SER D 243 -1.75 -4.96 28.98
C SER D 243 -1.79 -5.24 27.46
N PHE D 244 -2.99 -5.41 26.91
CA PHE D 244 -3.15 -5.71 25.47
C PHE D 244 -3.44 -4.47 24.63
N THR D 245 -2.46 -4.07 23.80
CA THR D 245 -2.62 -2.90 22.95
C THR D 245 -2.52 -3.17 21.43
N PRO D 246 -3.67 -3.21 20.74
CA PRO D 246 -3.72 -3.44 19.29
C PRO D 246 -3.28 -2.17 18.53
N HIS D 247 -2.90 -2.35 17.27
CA HIS D 247 -2.48 -1.26 16.37
C HIS D 247 -3.13 -1.58 15.04
N LEU D 248 -3.41 -0.56 14.23
CA LEU D 248 -4.05 -0.83 12.95
C LEU D 248 -3.08 -0.59 11.79
N MET D 249 -2.43 -1.68 11.39
CA MET D 249 -1.46 -1.68 10.31
C MET D 249 -2.09 -1.43 8.96
N PRO D 250 -1.38 -0.67 8.09
CA PRO D 250 -1.91 -0.38 6.74
C PRO D 250 -1.60 -1.57 5.83
N MET D 251 -2.43 -2.61 5.96
CA MET D 251 -2.27 -3.81 5.13
C MET D 251 -3.56 -4.61 5.27
N ILE D 252 -3.83 -5.48 4.31
CA ILE D 252 -5.06 -6.28 4.35
C ILE D 252 -4.98 -7.43 5.35
N ARG D 253 -4.13 -8.40 5.04
CA ARG D 253 -3.90 -9.58 5.88
C ARG D 253 -2.57 -9.48 6.61
N GLY D 254 -2.49 -10.18 7.75
CA GLY D 254 -1.26 -10.18 8.51
C GLY D 254 -1.50 -9.90 9.96
N MET D 255 -0.76 -10.58 10.80
CA MET D 255 -0.90 -10.36 12.22
C MET D 255 0.34 -10.76 13.00
N GLN D 256 0.85 -9.77 13.72
CA GLN D 256 2.00 -9.94 14.57
C GLN D 256 1.67 -9.54 16.02
N SER D 257 2.41 -10.10 16.96
CA SER D 257 2.29 -9.79 18.39
C SER D 257 3.70 -9.82 19.00
N THR D 258 4.11 -8.70 19.57
CA THR D 258 5.39 -8.57 20.24
C THR D 258 5.04 -8.63 21.72
N ILE D 259 5.54 -9.66 22.40
CA ILE D 259 5.21 -9.87 23.82
C ILE D 259 6.43 -9.73 24.74
N TYR D 260 6.27 -8.87 25.73
CA TYR D 260 7.32 -8.60 26.69
C TYR D 260 7.04 -9.31 28.04
N VAL D 261 7.73 -10.43 28.24
CA VAL D 261 7.58 -11.21 29.47
C VAL D 261 8.85 -11.21 30.30
N GLU D 262 8.68 -11.38 31.61
CA GLU D 262 9.80 -11.44 32.53
C GLU D 262 9.95 -12.91 32.91
N MET D 263 11.17 -13.44 32.77
CA MET D 263 11.40 -14.84 33.10
C MET D 263 11.48 -14.99 34.62
N ALA D 264 11.37 -16.22 35.11
CA ALA D 264 11.43 -16.50 36.54
C ALA D 264 12.88 -16.33 37.01
N PRO D 265 13.14 -16.46 38.31
CA PRO D 265 14.51 -16.30 38.84
C PRO D 265 15.54 -17.22 38.17
N GLY D 266 16.58 -16.61 37.60
CA GLY D 266 17.64 -17.37 36.94
C GLY D 266 17.32 -18.12 35.65
N VAL D 267 16.09 -17.97 35.16
CA VAL D 267 15.66 -18.63 33.92
C VAL D 267 16.27 -17.89 32.72
N ARG D 268 16.66 -18.63 31.68
CA ARG D 268 17.28 -18.04 30.48
C ARG D 268 16.40 -18.15 29.24
N THR D 269 16.60 -17.23 28.29
CA THR D 269 15.81 -17.24 27.06
C THR D 269 15.87 -18.60 26.38
N GLU D 270 17.00 -19.30 26.52
CA GLU D 270 17.19 -20.63 25.91
C GLU D 270 16.23 -21.66 26.48
N ASP D 271 15.84 -21.50 27.75
CA ASP D 271 14.89 -22.42 28.36
C ASP D 271 13.53 -22.22 27.72
N LEU D 272 13.12 -20.95 27.58
CA LEU D 272 11.84 -20.65 26.96
C LEU D 272 11.91 -21.23 25.54
N HIS D 273 13.05 -21.00 24.88
CA HIS D 273 13.24 -21.47 23.52
C HIS D 273 13.11 -22.98 23.40
N GLN D 274 13.78 -23.71 24.30
CA GLN D 274 13.73 -25.17 24.27
C GLN D 274 12.31 -25.66 24.52
N GLN D 275 11.63 -25.04 25.48
CA GLN D 275 10.27 -25.43 25.80
C GLN D 275 9.37 -25.29 24.60
N LEU D 276 9.27 -24.08 24.06
CA LEU D 276 8.44 -23.86 22.89
C LEU D 276 8.88 -24.84 21.81
N LYS D 277 10.19 -25.04 21.71
CA LYS D 277 10.72 -25.93 20.68
C LYS D 277 10.09 -27.33 20.76
N THR D 278 10.28 -28.00 21.88
CA THR D 278 9.74 -29.34 22.07
C THR D 278 8.23 -29.33 22.21
N SER D 279 7.67 -28.20 22.61
CA SER D 279 6.22 -28.08 22.76
C SER D 279 5.46 -28.16 21.44
N TYR D 280 6.06 -27.66 20.38
CA TYR D 280 5.39 -27.65 19.08
C TYR D 280 6.15 -28.34 17.95
N GLU D 281 7.24 -29.01 18.29
CA GLU D 281 8.09 -29.71 17.32
C GLU D 281 7.37 -30.62 16.31
N ASP D 282 6.28 -31.26 16.71
CA ASP D 282 5.57 -32.13 15.77
C ASP D 282 4.26 -31.52 15.26
N GLU D 283 4.18 -30.20 15.22
CA GLU D 283 2.97 -29.50 14.76
C GLU D 283 3.08 -28.97 13.33
N GLU D 284 2.07 -29.24 12.51
CA GLU D 284 2.06 -28.79 11.11
C GLU D 284 1.96 -27.29 10.95
N PHE D 285 1.34 -26.63 11.91
CA PHE D 285 1.12 -25.21 11.80
C PHE D 285 1.97 -24.32 12.67
N VAL D 286 1.98 -24.56 13.97
CA VAL D 286 2.80 -23.72 14.85
C VAL D 286 4.23 -24.09 14.55
N LYS D 287 5.13 -23.12 14.69
CA LYS D 287 6.53 -23.30 14.41
C LYS D 287 7.39 -22.35 15.24
N VAL D 288 8.36 -22.92 15.96
CA VAL D 288 9.29 -22.12 16.75
C VAL D 288 10.49 -21.97 15.85
N LEU D 289 10.98 -20.75 15.70
CA LEU D 289 12.13 -20.47 14.83
C LEU D 289 13.42 -20.51 15.65
N ASP D 290 14.56 -20.60 14.94
CA ASP D 290 15.86 -20.64 15.60
C ASP D 290 16.15 -19.34 16.34
N GLU D 291 17.23 -19.34 17.11
CA GLU D 291 17.63 -18.18 17.88
C GLU D 291 18.09 -17.05 16.99
N GLY D 292 17.59 -15.85 17.29
CA GLY D 292 17.94 -14.66 16.54
C GLY D 292 17.17 -14.45 15.25
N VAL D 293 16.39 -15.42 14.82
CA VAL D 293 15.64 -15.25 13.58
C VAL D 293 14.33 -14.50 13.80
N VAL D 294 14.07 -13.54 12.92
CA VAL D 294 12.87 -12.72 13.01
C VAL D 294 11.75 -13.20 12.07
N PRO D 295 10.54 -13.33 12.60
CA PRO D 295 9.39 -13.76 11.79
C PRO D 295 8.84 -12.58 10.97
N ARG D 296 8.23 -12.86 9.83
CA ARG D 296 7.65 -11.82 8.97
C ARG D 296 6.26 -12.24 8.53
N THR D 297 5.23 -11.47 8.93
CA THR D 297 3.85 -11.82 8.58
C THR D 297 3.71 -12.17 7.10
N HIS D 298 4.57 -11.58 6.27
CA HIS D 298 4.53 -11.87 4.83
C HIS D 298 4.54 -13.39 4.57
N ASN D 299 5.39 -14.09 5.33
CA ASN D 299 5.57 -15.54 5.18
C ASN D 299 4.41 -16.45 5.60
N VAL D 300 3.53 -15.98 6.47
CA VAL D 300 2.40 -16.80 6.90
C VAL D 300 1.12 -16.30 6.28
N ARG D 301 1.15 -15.02 5.89
CA ARG D 301 0.02 -14.36 5.25
C ARG D 301 -0.56 -15.30 4.22
N GLY D 302 -1.88 -15.52 4.27
CA GLY D 302 -2.56 -16.35 3.28
C GLY D 302 -2.67 -17.84 3.61
N SER D 303 -1.79 -18.32 4.48
CA SER D 303 -1.79 -19.71 4.87
C SER D 303 -2.33 -19.82 6.28
N ASN D 304 -2.40 -21.06 6.74
CA ASN D 304 -2.89 -21.45 8.05
C ASN D 304 -1.73 -21.57 9.02
N TYR D 305 -0.52 -21.29 8.53
CA TYR D 305 0.68 -21.41 9.35
C TYR D 305 0.86 -20.30 10.35
N CYS D 306 1.29 -20.75 11.52
CA CYS D 306 1.57 -19.95 12.67
C CYS D 306 3.10 -20.02 12.96
N HIS D 307 3.79 -18.88 12.88
CA HIS D 307 5.23 -18.80 13.18
C HIS D 307 5.50 -17.97 14.40
N MET D 308 6.52 -18.36 15.16
CA MET D 308 6.91 -17.62 16.36
C MET D 308 8.42 -17.64 16.61
N SER D 309 8.87 -16.83 17.59
CA SER D 309 10.28 -16.73 17.92
C SER D 309 10.52 -16.07 19.28
N VAL D 310 11.71 -16.26 19.83
CA VAL D 310 12.08 -15.70 21.14
C VAL D 310 13.48 -15.11 21.16
N PHE D 311 13.60 -13.90 21.70
CA PHE D 311 14.86 -13.21 21.80
C PHE D 311 15.02 -12.77 23.22
N PRO D 312 16.23 -12.35 23.62
CA PRO D 312 16.45 -11.88 24.98
C PRO D 312 16.11 -10.39 24.97
N ASP D 313 15.62 -9.86 26.09
CA ASP D 313 15.29 -8.45 26.15
C ASP D 313 16.54 -7.80 26.72
N ARG D 314 16.76 -6.53 26.43
CA ARG D 314 17.93 -5.83 26.93
C ARG D 314 17.91 -5.79 28.45
N ILE D 315 16.72 -5.88 29.02
CA ILE D 315 16.58 -5.84 30.48
C ILE D 315 16.76 -7.23 31.06
N PRO D 316 17.72 -7.39 31.98
CA PRO D 316 17.93 -8.73 32.57
C PRO D 316 16.70 -9.41 33.10
N GLY D 317 16.50 -10.66 32.66
CA GLY D 317 15.39 -11.48 33.10
C GLY D 317 14.10 -11.37 32.29
N ARG D 318 14.16 -10.63 31.18
CA ARG D 318 13.01 -10.43 30.32
C ARG D 318 13.17 -11.01 28.89
N ALA D 319 12.13 -11.68 28.42
CA ALA D 319 12.17 -12.26 27.09
C ALA D 319 11.19 -11.54 26.17
N ILE D 320 11.48 -11.57 24.87
CA ILE D 320 10.65 -10.92 23.88
C ILE D 320 10.18 -11.99 22.92
N ILE D 321 8.89 -12.29 22.98
CA ILE D 321 8.36 -13.30 22.11
C ILE D 321 7.55 -12.63 21.01
N ILE D 322 7.77 -13.08 19.78
CA ILE D 322 7.08 -12.59 18.61
C ILE D 322 6.33 -13.77 18.01
N SER D 323 5.03 -13.59 17.83
CA SER D 323 4.16 -14.63 17.27
C SER D 323 3.33 -14.05 16.12
N VAL D 324 3.39 -14.69 14.95
CA VAL D 324 2.63 -14.22 13.79
C VAL D 324 1.81 -15.28 13.06
N ILE D 325 0.67 -14.84 12.54
CA ILE D 325 -0.23 -15.69 11.77
C ILE D 325 -0.93 -14.80 10.74
N ASP D 326 -1.72 -15.42 9.87
CA ASP D 326 -2.52 -14.63 8.95
C ASP D 326 -3.73 -14.41 9.87
N ASN D 327 -4.18 -13.17 10.01
CA ASN D 327 -5.30 -12.87 10.92
C ASN D 327 -6.62 -13.56 10.60
N LEU D 328 -6.91 -13.76 9.32
CA LEU D 328 -8.16 -14.40 8.90
C LEU D 328 -8.11 -15.93 8.80
N VAL D 329 -6.92 -16.50 8.72
CA VAL D 329 -6.77 -17.95 8.57
C VAL D 329 -6.56 -18.62 9.92
N LYS D 330 -5.31 -18.66 10.38
CA LYS D 330 -5.06 -19.27 11.68
C LYS D 330 -5.71 -18.40 12.76
N GLY D 331 -5.94 -17.14 12.42
CA GLY D 331 -6.60 -16.24 13.36
C GLY D 331 -8.12 -16.38 13.24
N ALA D 332 -8.60 -17.26 12.37
CA ALA D 332 -10.05 -17.44 12.24
C ALA D 332 -10.54 -18.66 11.45
N SER D 333 -10.98 -18.44 10.23
CA SER D 333 -11.54 -19.51 9.40
C SER D 333 -10.69 -20.75 9.24
N GLY D 334 -9.37 -20.57 9.19
CA GLY D 334 -8.47 -21.72 9.06
C GLY D 334 -8.51 -22.61 10.28
N GLN D 335 -8.33 -22.00 11.44
CA GLN D 335 -8.37 -22.77 12.66
C GLN D 335 -9.77 -23.38 12.84
N ALA D 336 -10.80 -22.62 12.48
CA ALA D 336 -12.17 -23.14 12.62
C ALA D 336 -12.32 -24.46 11.86
N LEU D 337 -11.67 -24.54 10.70
CA LEU D 337 -11.72 -25.75 9.91
C LEU D 337 -10.83 -26.80 10.58
N GLN D 338 -9.70 -26.35 11.14
CA GLN D 338 -8.78 -27.27 11.83
C GLN D 338 -9.59 -27.96 12.92
N ASN D 339 -10.29 -27.17 13.74
CA ASN D 339 -11.13 -27.72 14.81
C ASN D 339 -12.22 -28.65 14.27
N LEU D 340 -12.94 -28.22 13.26
CA LEU D 340 -14.00 -29.04 12.70
C LEU D 340 -13.45 -30.36 12.19
N ASN D 341 -12.29 -30.32 11.53
CA ASN D 341 -11.71 -31.57 11.02
C ASN D 341 -11.68 -32.65 12.11
N ILE D 342 -10.97 -32.40 13.22
CA ILE D 342 -10.90 -33.39 14.29
C ILE D 342 -12.24 -33.63 14.94
N MET D 343 -13.04 -32.57 15.12
CA MET D 343 -14.36 -32.76 15.72
C MET D 343 -15.13 -33.82 14.93
N LEU D 344 -14.85 -33.91 13.64
CA LEU D 344 -15.52 -34.90 12.80
C LEU D 344 -14.67 -36.13 12.54
N GLY D 345 -13.54 -36.22 13.22
CA GLY D 345 -12.69 -37.38 13.08
C GLY D 345 -11.67 -37.40 11.95
N TYR D 346 -11.69 -36.40 11.08
CA TYR D 346 -10.72 -36.38 9.99
C TYR D 346 -9.39 -35.83 10.45
N PRO D 347 -8.33 -36.09 9.67
CA PRO D 347 -7.03 -35.58 10.07
C PRO D 347 -7.06 -34.04 10.22
N GLU D 348 -6.38 -33.55 11.24
CA GLU D 348 -6.36 -32.14 11.54
C GLU D 348 -5.97 -31.22 10.38
N THR D 349 -4.86 -31.53 9.71
CA THR D 349 -4.38 -30.68 8.62
C THR D 349 -5.15 -30.79 7.31
N THR D 350 -6.21 -31.59 7.33
CA THR D 350 -7.02 -31.78 6.13
C THR D 350 -7.51 -30.46 5.55
N GLY D 351 -7.22 -30.27 4.27
CA GLY D 351 -7.64 -29.06 3.57
C GLY D 351 -6.98 -27.79 4.04
N LEU D 352 -6.04 -27.89 4.99
CA LEU D 352 -5.37 -26.72 5.52
C LEU D 352 -3.91 -26.60 5.15
N LEU D 353 -3.52 -27.22 4.04
CA LEU D 353 -2.14 -27.16 3.61
C LEU D 353 -1.84 -26.21 2.45
N HIS D 354 -2.41 -25.01 2.52
CA HIS D 354 -2.20 -23.99 1.49
C HIS D 354 -0.80 -23.35 1.63
N GLN D 355 -0.09 -23.27 0.52
CA GLN D 355 1.23 -22.67 0.50
C GLN D 355 1.12 -21.17 0.53
N PRO D 356 1.88 -20.49 1.40
CA PRO D 356 1.81 -19.03 1.50
C PRO D 356 1.92 -18.29 0.14
N LEU D 357 1.15 -17.22 -0.02
CA LEU D 357 1.23 -16.43 -1.24
C LEU D 357 2.36 -15.43 -0.97
N PHE D 358 3.29 -15.35 -1.92
CA PHE D 358 4.45 -14.47 -1.81
C PHE D 358 5.23 -14.41 -3.15
N PRO D 359 5.69 -13.21 -3.55
CA PRO D 359 5.46 -11.99 -2.77
C PRO D 359 3.98 -11.64 -2.77
N LYS A 15 18.20 35.45 -1.22
CA LYS A 15 18.43 34.89 0.15
C LYS A 15 19.84 35.24 0.63
N ASP A 16 20.02 35.37 1.94
CA ASP A 16 21.32 35.77 2.48
C ASP A 16 22.16 34.67 3.11
N ILE A 17 21.73 33.44 2.99
CA ILE A 17 22.46 32.35 3.60
C ILE A 17 22.71 31.23 2.62
N ARG A 18 23.99 30.95 2.41
CA ARG A 18 24.42 29.91 1.48
C ARG A 18 24.56 28.59 2.24
N ILE A 19 23.82 27.60 1.79
CA ILE A 19 23.82 26.31 2.43
C ILE A 19 24.59 25.22 1.69
N GLY A 20 25.42 24.50 2.43
CA GLY A 20 26.13 23.39 1.85
C GLY A 20 25.36 22.16 2.31
N LEU A 21 25.18 21.19 1.43
CA LEU A 21 24.45 19.98 1.80
C LEU A 21 25.31 18.74 1.54
N LEU A 22 25.84 18.12 2.57
CA LEU A 22 26.66 16.90 2.41
C LEU A 22 25.75 15.68 2.21
N GLY A 23 26.11 14.80 1.29
CA GLY A 23 25.29 13.62 1.04
C GLY A 23 23.87 14.03 0.69
N ALA A 24 23.73 14.66 -0.48
CA ALA A 24 22.45 15.14 -0.96
C ALA A 24 21.61 14.15 -1.75
N SER A 25 22.14 12.97 -2.08
CA SER A 25 21.36 12.02 -2.86
C SER A 25 20.45 11.10 -2.05
N GLY A 26 20.50 11.21 -0.73
CA GLY A 26 19.64 10.38 0.10
C GLY A 26 18.30 11.07 0.33
N TYR A 27 17.42 10.39 1.06
CA TYR A 27 16.08 10.90 1.38
C TYR A 27 16.09 12.11 2.31
N THR A 28 16.96 12.10 3.33
CA THR A 28 17.00 13.26 4.23
C THR A 28 17.62 14.43 3.47
N GLY A 29 18.53 14.15 2.55
CA GLY A 29 19.12 15.21 1.74
C GLY A 29 18.02 15.89 0.94
N ALA A 30 17.33 15.10 0.11
CA ALA A 30 16.24 15.64 -0.71
C ALA A 30 15.23 16.40 0.15
N GLU A 31 14.87 15.82 1.28
CA GLU A 31 13.93 16.46 2.19
C GLU A 31 14.39 17.88 2.53
N ILE A 32 15.66 18.04 2.89
CA ILE A 32 16.18 19.36 3.22
C ILE A 32 15.93 20.27 2.02
N VAL A 33 16.39 19.83 0.85
CA VAL A 33 16.24 20.60 -0.39
C VAL A 33 14.77 20.85 -0.74
N ARG A 34 13.87 20.09 -0.11
CA ARG A 34 12.45 20.29 -0.34
C ARG A 34 11.98 21.39 0.63
N LEU A 35 12.43 21.31 1.86
CA LEU A 35 12.06 22.26 2.90
C LEU A 35 12.61 23.67 2.62
N LEU A 36 13.78 23.75 1.97
CA LEU A 36 14.39 25.06 1.69
C LEU A 36 13.84 25.74 0.43
N ALA A 37 13.17 24.96 -0.41
CA ALA A 37 12.59 25.49 -1.64
C ALA A 37 11.80 26.79 -1.40
N ASN A 38 11.16 26.93 -0.24
CA ASN A 38 10.43 28.16 0.02
C ASN A 38 10.86 28.88 1.32
N HIS A 39 11.97 28.44 1.90
CA HIS A 39 12.53 29.09 3.08
C HIS A 39 13.03 30.43 2.54
N PRO A 40 12.49 31.54 3.06
CA PRO A 40 12.91 32.86 2.58
C PRO A 40 14.35 33.26 2.77
N HIS A 41 15.10 32.57 3.62
CA HIS A 41 16.47 32.99 3.83
C HIS A 41 17.62 32.10 3.48
N PHE A 42 17.40 30.80 3.55
CA PHE A 42 18.46 29.86 3.26
C PHE A 42 18.37 29.34 1.84
N GLN A 43 19.52 29.26 1.19
CA GLN A 43 19.60 28.78 -0.18
C GLN A 43 20.71 27.76 -0.36
N VAL A 44 20.36 26.61 -0.91
CA VAL A 44 21.33 25.56 -1.16
C VAL A 44 22.23 25.97 -2.33
N THR A 45 23.52 26.17 -2.08
CA THR A 45 24.43 26.58 -3.14
C THR A 45 25.57 25.60 -3.33
N LEU A 46 25.46 24.45 -2.68
CA LEU A 46 26.49 23.42 -2.79
C LEU A 46 25.90 22.08 -2.37
N MET A 47 26.05 21.07 -3.22
CA MET A 47 25.52 19.75 -2.91
C MET A 47 26.58 18.69 -3.23
N THR A 48 26.94 17.97 -2.18
CA THR A 48 27.93 16.91 -2.22
C THR A 48 27.28 15.54 -2.36
N ALA A 49 27.97 14.65 -3.06
CA ALA A 49 27.57 13.27 -3.30
C ALA A 49 28.80 12.55 -3.83
N ASP A 50 28.77 11.23 -3.79
CA ASP A 50 29.91 10.52 -4.27
C ASP A 50 29.71 9.78 -5.60
N ARG A 51 28.88 8.74 -5.60
CA ARG A 51 28.62 7.98 -6.79
C ARG A 51 27.83 8.81 -7.77
N LYS A 52 26.93 9.62 -7.24
CA LYS A 52 26.07 10.45 -8.08
C LYS A 52 26.65 11.81 -8.42
N ALA A 53 27.93 12.02 -8.08
CA ALA A 53 28.59 13.28 -8.39
C ALA A 53 28.54 13.47 -9.90
N GLY A 54 28.48 14.72 -10.33
CA GLY A 54 28.43 15.04 -11.74
C GLY A 54 27.00 15.16 -12.24
N GLN A 55 26.11 14.36 -11.67
CA GLN A 55 24.71 14.39 -12.08
C GLN A 55 23.96 15.59 -11.58
N SER A 56 22.84 15.89 -12.23
CA SER A 56 22.01 17.01 -11.83
C SER A 56 21.03 16.44 -10.81
N MET A 57 20.61 17.23 -9.84
CA MET A 57 19.69 16.73 -8.84
C MET A 57 18.50 16.11 -9.51
N GLU A 58 18.20 16.54 -10.74
CA GLU A 58 17.08 16.00 -11.47
C GLU A 58 17.37 14.59 -11.92
N SER A 59 18.65 14.27 -12.08
CA SER A 59 19.07 12.93 -12.50
C SER A 59 18.72 11.94 -11.38
N VAL A 60 18.88 12.40 -10.14
CA VAL A 60 18.64 11.56 -8.97
C VAL A 60 17.22 11.69 -8.42
N PHE A 61 16.71 12.92 -8.38
CA PHE A 61 15.38 13.18 -7.87
C PHE A 61 14.60 14.08 -8.84
N PRO A 62 13.98 13.47 -9.87
CA PRO A 62 13.22 14.28 -10.83
C PRO A 62 12.04 15.05 -10.22
N HIS A 63 11.62 14.70 -9.01
CA HIS A 63 10.53 15.45 -8.44
C HIS A 63 10.96 16.87 -8.04
N LEU A 64 12.27 17.12 -8.01
CA LEU A 64 12.76 18.44 -7.62
C LEU A 64 12.93 19.41 -8.80
N ARG A 65 12.49 19.00 -9.99
CA ARG A 65 12.67 19.81 -11.18
C ARG A 65 12.23 21.28 -11.15
N ALA A 66 11.11 21.60 -10.51
CA ALA A 66 10.64 22.98 -10.44
C ALA A 66 11.70 23.85 -9.75
N GLN A 67 12.65 23.18 -9.10
CA GLN A 67 13.72 23.85 -8.37
C GLN A 67 14.98 24.00 -9.20
N LYS A 68 15.70 25.08 -8.97
CA LYS A 68 16.96 25.35 -9.67
C LYS A 68 18.09 25.09 -8.68
N LEU A 69 18.86 24.04 -8.92
CA LEU A 69 19.92 23.67 -8.00
C LEU A 69 21.25 23.40 -8.69
N PRO A 70 22.33 23.43 -7.91
CA PRO A 70 23.68 23.18 -8.43
C PRO A 70 23.79 21.71 -8.81
N THR A 71 24.80 21.37 -9.60
CA THR A 71 25.00 20.00 -9.97
C THR A 71 25.71 19.38 -8.78
N LEU A 72 25.49 18.10 -8.58
CA LEU A 72 26.12 17.37 -7.48
C LEU A 72 27.62 17.32 -7.66
N VAL A 73 28.36 17.60 -6.60
CA VAL A 73 29.81 17.55 -6.69
C VAL A 73 30.34 16.54 -5.69
N SER A 74 31.62 16.24 -5.82
CA SER A 74 32.29 15.30 -4.95
C SER A 74 32.74 16.03 -3.70
N VAL A 75 32.64 15.35 -2.56
CA VAL A 75 33.08 15.92 -1.29
C VAL A 75 34.50 16.48 -1.41
N LYS A 76 35.38 15.72 -2.06
CA LYS A 76 36.74 16.16 -2.22
C LYS A 76 36.85 17.41 -3.09
N ASP A 77 35.89 17.58 -4.01
CA ASP A 77 35.84 18.73 -4.92
C ASP A 77 35.13 19.96 -4.35
N ALA A 78 34.31 19.76 -3.32
CA ALA A 78 33.56 20.85 -2.71
C ALA A 78 34.40 21.84 -1.93
N ASP A 79 34.07 23.13 -2.07
CA ASP A 79 34.78 24.18 -1.33
C ASP A 79 33.79 24.88 -0.40
N PHE A 80 33.78 24.45 0.86
CA PHE A 80 32.83 25.00 1.82
C PHE A 80 33.04 26.44 2.31
N SER A 81 34.20 27.02 2.03
CA SER A 81 34.45 28.40 2.44
C SER A 81 33.49 29.28 1.63
N THR A 82 32.76 28.61 0.76
CA THR A 82 31.78 29.23 -0.11
C THR A 82 30.38 29.19 0.55
N VAL A 83 30.26 28.56 1.71
CA VAL A 83 28.95 28.49 2.36
C VAL A 83 28.97 28.99 3.80
N ASP A 84 27.78 29.30 4.31
CA ASP A 84 27.64 29.81 5.67
C ASP A 84 27.43 28.72 6.69
N ALA A 85 26.83 27.62 6.24
CA ALA A 85 26.54 26.49 7.11
C ALA A 85 26.22 25.26 6.24
N VAL A 86 26.22 24.08 6.83
CA VAL A 86 25.98 22.87 6.07
C VAL A 86 25.08 21.88 6.80
N PHE A 87 24.44 20.99 6.05
CA PHE A 87 23.61 19.94 6.62
C PHE A 87 24.32 18.65 6.19
N CYS A 88 24.95 17.98 7.14
CA CYS A 88 25.65 16.75 6.77
C CYS A 88 24.74 15.55 6.83
N CYS A 89 24.41 14.98 5.67
CA CYS A 89 23.54 13.83 5.63
C CYS A 89 24.29 12.58 5.19
N LEU A 90 25.54 12.44 5.62
CA LEU A 90 26.35 11.29 5.23
C LEU A 90 26.16 10.12 6.19
N PRO A 91 26.73 8.96 5.84
CA PRO A 91 26.62 7.76 6.68
C PRO A 91 27.46 7.86 7.95
N HIS A 92 27.00 7.14 8.96
CA HIS A 92 27.67 7.08 10.25
C HIS A 92 29.00 6.37 10.07
N GLY A 93 30.08 6.97 10.56
CA GLY A 93 31.39 6.37 10.44
C GLY A 93 32.31 7.04 9.43
N THR A 94 31.84 8.13 8.86
CA THR A 94 32.59 8.87 7.87
C THR A 94 32.49 10.34 8.19
N THR A 95 31.41 10.67 8.88
CA THR A 95 31.10 12.04 9.25
C THR A 95 32.13 12.70 10.17
N GLN A 96 32.72 11.93 11.07
CA GLN A 96 33.70 12.47 12.01
C GLN A 96 34.95 13.10 11.40
N GLU A 97 35.69 12.37 10.58
CA GLU A 97 36.91 12.96 10.01
C GLU A 97 36.62 14.05 8.99
N ILE A 98 35.40 14.05 8.44
CA ILE A 98 35.00 15.07 7.47
C ILE A 98 34.65 16.37 8.18
N ILE A 99 33.79 16.27 9.18
CA ILE A 99 33.36 17.46 9.92
C ILE A 99 34.51 18.10 10.69
N LYS A 100 35.36 17.29 11.29
CA LYS A 100 36.49 17.80 12.04
C LYS A 100 37.44 18.58 11.15
N GLU A 101 37.30 18.43 9.84
CA GLU A 101 38.15 19.13 8.90
C GLU A 101 37.47 20.29 8.19
N LEU A 102 36.21 20.55 8.52
CA LEU A 102 35.49 21.65 7.90
C LEU A 102 35.93 22.99 8.50
N PRO A 103 35.71 24.11 7.77
CA PRO A 103 36.08 25.46 8.23
C PRO A 103 35.40 25.80 9.56
N THR A 104 36.20 26.26 10.52
CA THR A 104 35.71 26.62 11.84
C THR A 104 34.61 27.69 11.85
N ALA A 105 34.60 28.54 10.85
CA ALA A 105 33.61 29.62 10.78
C ALA A 105 32.25 29.13 10.31
N LEU A 106 31.97 27.85 10.52
CA LEU A 106 30.70 27.30 10.10
C LEU A 106 29.80 26.87 11.23
N LYS A 107 28.51 26.86 10.94
CA LYS A 107 27.52 26.35 11.88
C LYS A 107 27.18 25.03 11.18
N ILE A 108 27.30 23.92 11.90
CA ILE A 108 27.09 22.59 11.34
C ILE A 108 26.09 21.70 12.07
N VAL A 109 25.12 21.18 11.35
CA VAL A 109 24.18 20.27 11.96
C VAL A 109 24.42 18.92 11.29
N ASP A 110 25.00 18.00 12.03
CA ASP A 110 25.24 16.67 11.50
C ASP A 110 23.99 15.81 11.71
N LEU A 111 23.41 15.28 10.64
CA LEU A 111 22.21 14.45 10.79
C LEU A 111 22.54 12.99 11.14
N SER A 112 23.83 12.64 11.03
CA SER A 112 24.26 11.28 11.33
C SER A 112 24.23 11.07 12.84
N ALA A 113 24.75 9.94 13.29
CA ALA A 113 24.81 9.60 14.70
C ALA A 113 26.21 9.84 15.31
N ASP A 114 27.24 9.86 14.48
CA ASP A 114 28.64 10.03 14.92
C ASP A 114 28.94 11.01 16.04
N PHE A 115 28.12 12.03 16.26
CA PHE A 115 28.42 12.98 17.33
C PHE A 115 27.35 13.08 18.40
N ARG A 116 26.43 12.11 18.41
CA ARG A 116 25.33 12.11 19.38
C ARG A 116 25.77 11.58 20.75
N LEU A 117 26.51 10.48 20.77
CA LEU A 117 26.93 9.91 22.05
C LEU A 117 28.14 10.66 22.65
N ARG A 118 28.00 11.15 23.88
CA ARG A 118 29.09 11.87 24.51
C ARG A 118 30.19 10.92 25.00
N ASN A 119 29.81 9.69 25.29
CA ASN A 119 30.76 8.71 25.77
C ASN A 119 31.52 8.03 24.63
N ILE A 120 32.80 8.38 24.51
CA ILE A 120 33.71 7.87 23.50
C ILE A 120 33.71 6.36 23.34
N ALA A 121 33.81 5.65 24.46
CA ALA A 121 33.83 4.19 24.46
C ALA A 121 32.49 3.65 23.99
N GLU A 122 31.43 4.32 24.41
CA GLU A 122 30.08 3.92 24.04
C GLU A 122 29.94 4.01 22.53
N TYR A 123 30.50 5.06 21.93
CA TYR A 123 30.41 5.20 20.49
C TYR A 123 31.07 4.02 19.80
N GLU A 124 32.23 3.64 20.30
CA GLU A 124 32.97 2.54 19.70
C GLU A 124 32.30 1.19 19.83
N GLU A 125 31.70 0.91 20.99
CA GLU A 125 31.04 -0.36 21.16
C GLU A 125 29.78 -0.48 20.31
N TRP A 126 29.06 0.62 20.14
CA TRP A 126 27.86 0.58 19.35
C TRP A 126 28.06 0.84 17.84
N TYR A 127 29.10 1.59 17.48
CA TYR A 127 29.33 1.89 16.08
C TYR A 127 30.54 1.20 15.45
N GLY A 128 31.11 0.26 16.19
CA GLY A 128 32.23 -0.54 15.70
C GLY A 128 33.55 0.09 15.27
N GLN A 129 33.94 1.18 15.88
CA GLN A 129 35.20 1.82 15.56
C GLN A 129 35.44 3.01 16.46
N PRO A 130 36.72 3.30 16.75
CA PRO A 130 37.14 4.40 17.61
C PRO A 130 36.55 5.75 17.16
N HIS A 131 36.25 6.59 18.13
CA HIS A 131 35.70 7.91 17.84
C HIS A 131 36.89 8.67 17.28
N LYS A 132 36.74 9.33 16.14
CA LYS A 132 37.86 10.04 15.54
C LYS A 132 37.89 11.57 15.67
N ALA A 133 37.35 12.07 16.76
CA ALA A 133 37.31 13.52 16.99
C ALA A 133 36.88 13.75 18.43
N VAL A 134 37.49 13.00 19.34
CA VAL A 134 37.16 13.09 20.76
C VAL A 134 37.02 14.51 21.27
N GLU A 135 38.08 15.29 21.12
CA GLU A 135 38.06 16.67 21.60
C GLU A 135 36.90 17.45 21.02
N LEU A 136 36.70 17.30 19.71
CA LEU A 136 35.63 18.00 18.99
C LEU A 136 34.26 17.67 19.58
N GLN A 137 34.05 16.39 19.88
CA GLN A 137 32.81 15.89 20.46
C GLN A 137 32.40 16.69 21.68
N LYS A 138 33.41 17.21 22.39
CA LYS A 138 33.19 17.96 23.61
C LYS A 138 32.37 19.25 23.46
N GLU A 139 32.32 19.82 22.26
CA GLU A 139 31.55 21.04 22.10
C GLU A 139 30.22 20.79 21.36
N VAL A 140 29.93 19.53 21.10
CA VAL A 140 28.71 19.17 20.41
C VAL A 140 27.47 19.24 21.28
N VAL A 141 26.40 19.83 20.74
CA VAL A 141 25.12 19.93 21.42
C VAL A 141 24.08 19.02 20.73
N TYR A 142 23.38 18.21 21.52
CA TYR A 142 22.33 17.30 21.03
C TYR A 142 21.14 18.13 20.53
N GLY A 143 20.80 17.99 19.25
CA GLY A 143 19.71 18.79 18.69
C GLY A 143 18.24 18.50 18.97
N LEU A 144 17.86 18.12 20.20
CA LEU A 144 16.44 17.87 20.47
C LEU A 144 15.96 19.28 20.88
N THR A 145 15.55 20.04 19.87
CA THR A 145 15.15 21.44 20.02
C THR A 145 14.31 21.88 21.20
N GLU A 146 13.16 21.24 21.43
CA GLU A 146 12.31 21.67 22.52
C GLU A 146 12.92 21.46 23.91
N ILE A 147 13.90 20.56 23.99
CA ILE A 147 14.57 20.26 25.25
C ILE A 147 15.92 21.00 25.45
N LEU A 148 16.74 21.10 24.40
CA LEU A 148 18.04 21.78 24.55
C LEU A 148 18.19 23.09 23.76
N ARG A 149 17.08 23.68 23.34
CA ARG A 149 17.08 24.94 22.60
C ARG A 149 18.17 25.94 23.03
N GLU A 150 18.25 26.17 24.33
CA GLU A 150 19.23 27.13 24.86
C GLU A 150 20.68 26.82 24.50
N ASP A 151 21.07 25.54 24.57
CA ASP A 151 22.43 25.19 24.20
C ASP A 151 22.58 25.16 22.69
N ILE A 152 21.53 24.69 22.00
CA ILE A 152 21.57 24.60 20.54
C ILE A 152 21.86 25.98 19.93
N LYS A 153 21.17 27.00 20.46
CA LYS A 153 21.33 28.39 20.01
C LYS A 153 22.77 28.83 19.90
N LYS A 154 23.58 28.52 20.90
CA LYS A 154 24.96 28.92 20.88
C LYS A 154 25.94 27.82 20.49
N ALA A 155 25.45 26.77 19.86
CA ALA A 155 26.31 25.66 19.45
C ALA A 155 26.90 25.90 18.07
N ARG A 156 28.11 25.39 17.84
CA ARG A 156 28.75 25.51 16.53
C ARG A 156 28.40 24.22 15.76
N LEU A 157 28.53 23.09 16.43
CA LEU A 157 28.24 21.79 15.86
C LEU A 157 27.12 21.13 16.65
N VAL A 158 26.07 20.74 15.93
CA VAL A 158 24.94 20.08 16.55
C VAL A 158 24.75 18.72 15.92
N ALA A 159 24.52 17.72 16.76
CA ALA A 159 24.31 16.35 16.32
C ALA A 159 22.80 16.13 16.29
N ASN A 160 22.21 16.19 15.10
CA ASN A 160 20.77 16.00 14.98
C ASN A 160 20.38 14.63 15.55
N PRO A 161 19.31 14.57 16.36
CA PRO A 161 18.93 13.26 16.91
C PRO A 161 18.36 12.26 15.92
N GLY A 162 18.24 11.01 16.38
CA GLY A 162 17.68 10.00 15.53
C GLY A 162 16.16 10.14 15.61
N CYS A 163 15.45 9.50 14.69
CA CYS A 163 14.00 9.57 14.65
C CYS A 163 13.35 8.97 15.91
N TYR A 164 13.54 7.67 16.14
CA TYR A 164 12.98 7.00 17.32
C TYR A 164 13.31 7.76 18.61
N PRO A 165 14.61 8.04 18.85
CA PRO A 165 14.99 8.77 20.07
C PRO A 165 14.17 10.05 20.24
N THR A 166 13.79 10.68 19.14
CA THR A 166 13.00 11.93 19.20
C THR A 166 11.58 11.71 19.75
N THR A 167 10.90 10.67 19.27
CA THR A 167 9.55 10.35 19.72
C THR A 167 9.51 9.93 21.20
N ILE A 168 10.56 9.23 21.64
CA ILE A 168 10.66 8.72 23.01
C ILE A 168 11.05 9.79 24.05
N GLN A 169 12.05 10.63 23.75
CA GLN A 169 12.50 11.64 24.69
C GLN A 169 11.56 12.84 24.85
N LEU A 170 10.81 13.21 23.81
CA LEU A 170 9.92 14.35 23.99
C LEU A 170 8.96 14.09 25.17
N PRO A 171 8.32 12.90 25.22
CA PRO A 171 7.41 12.61 26.34
C PRO A 171 8.11 12.27 27.66
N LEU A 172 9.08 11.35 27.63
CA LEU A 172 9.74 10.95 28.85
C LEU A 172 10.61 11.96 29.58
N VAL A 173 11.24 12.89 28.85
CA VAL A 173 12.11 13.83 29.54
C VAL A 173 11.39 14.64 30.62
N PRO A 174 10.31 15.36 30.27
CA PRO A 174 9.57 16.15 31.27
C PRO A 174 9.02 15.26 32.40
N LEU A 175 8.56 14.06 32.07
CA LEU A 175 7.99 13.19 33.09
C LEU A 175 9.03 12.76 34.10
N LEU A 176 10.18 12.34 33.61
CA LEU A 176 11.28 11.93 34.47
C LEU A 176 11.78 13.12 35.28
N LYS A 177 11.80 14.29 34.66
CA LYS A 177 12.26 15.51 35.32
C LYS A 177 11.34 15.86 36.48
N ALA A 178 10.05 15.56 36.32
CA ALA A 178 9.08 15.84 37.38
C ALA A 178 8.95 14.65 38.34
N ASN A 179 9.70 13.58 38.10
CA ASN A 179 9.64 12.39 38.96
C ASN A 179 8.22 11.79 38.95
N LEU A 180 7.59 11.80 37.78
CA LEU A 180 6.23 11.29 37.64
C LEU A 180 6.22 9.84 37.20
N ILE A 181 7.38 9.33 36.78
CA ILE A 181 7.47 7.94 36.34
C ILE A 181 8.77 7.36 36.85
N LYS A 182 8.80 6.05 37.03
CA LYS A 182 10.01 5.35 37.48
C LYS A 182 10.98 5.21 36.31
N HIS A 183 12.26 5.04 36.58
CA HIS A 183 13.19 4.92 35.47
C HIS A 183 13.48 3.48 35.09
N GLU A 184 12.92 2.55 35.84
CA GLU A 184 13.11 1.14 35.53
C GLU A 184 11.90 0.55 34.80
N ASN A 185 12.15 -0.49 34.03
CA ASN A 185 11.12 -1.20 33.29
C ASN A 185 10.37 -0.39 32.22
N ILE A 186 11.05 0.60 31.65
CA ILE A 186 10.46 1.37 30.57
C ILE A 186 10.61 0.50 29.31
N ILE A 187 9.49 0.14 28.68
CA ILE A 187 9.53 -0.69 27.47
C ILE A 187 9.00 0.08 26.28
N ILE A 188 9.80 0.11 25.21
CA ILE A 188 9.42 0.84 24.01
C ILE A 188 9.18 -0.03 22.79
N ASP A 189 7.93 -0.04 22.32
CA ASP A 189 7.57 -0.79 21.10
C ASP A 189 7.26 0.26 20.02
N ALA A 190 8.25 0.49 19.15
CA ALA A 190 8.16 1.50 18.10
C ALA A 190 8.01 0.95 16.67
N LYS A 191 7.41 1.79 15.82
CA LYS A 191 7.14 1.47 14.44
C LYS A 191 7.62 2.61 13.54
N SER A 192 8.10 2.24 12.36
CA SER A 192 8.60 3.21 11.40
C SER A 192 8.29 2.84 9.95
N GLY A 193 8.26 3.87 9.09
CA GLY A 193 8.06 3.67 7.67
C GLY A 193 9.43 3.27 7.15
N VAL A 194 9.47 2.54 6.05
CA VAL A 194 10.74 2.07 5.51
C VAL A 194 11.72 3.17 5.04
N SER A 195 11.19 4.35 4.72
CA SER A 195 12.04 5.44 4.28
C SER A 195 13.21 5.72 5.24
N GLY A 196 13.00 5.45 6.54
CA GLY A 196 14.02 5.67 7.55
C GLY A 196 15.29 4.91 7.23
N ALA A 197 15.12 3.77 6.53
CA ALA A 197 16.18 2.86 6.11
C ALA A 197 17.07 3.47 5.05
N GLY A 198 16.46 4.24 4.15
CA GLY A 198 17.20 4.87 3.08
C GLY A 198 16.88 4.37 1.68
N ARG A 199 17.55 4.97 0.70
CA ARG A 199 17.36 4.65 -0.71
C ARG A 199 18.35 3.61 -1.24
N GLY A 200 18.92 2.80 -0.37
CA GLY A 200 19.87 1.79 -0.84
C GLY A 200 19.18 0.70 -1.66
N ALA A 201 19.81 0.31 -2.76
CA ALA A 201 19.21 -0.71 -3.61
C ALA A 201 19.35 -2.10 -3.00
N LYS A 202 18.61 -2.32 -1.92
CA LYS A 202 18.64 -3.60 -1.23
C LYS A 202 17.40 -4.42 -1.44
N GLU A 203 17.63 -5.71 -1.64
CA GLU A 203 16.56 -6.65 -1.86
C GLU A 203 15.53 -6.57 -0.75
N ALA A 204 15.98 -6.51 0.49
CA ALA A 204 15.07 -6.46 1.60
C ALA A 204 14.03 -5.32 1.58
N ASN A 205 14.40 -4.18 0.99
CA ASN A 205 13.54 -3.03 0.96
C ASN A 205 12.63 -2.80 -0.25
N LEU A 206 12.63 -3.77 -1.16
CA LEU A 206 11.81 -3.71 -2.35
C LEU A 206 10.32 -3.70 -1.99
N TYR A 207 9.52 -3.07 -2.83
CA TYR A 207 8.07 -3.01 -2.62
C TYR A 207 7.47 -4.43 -2.43
N SER A 208 7.80 -5.34 -3.34
CA SER A 208 7.31 -6.72 -3.27
C SER A 208 7.74 -7.45 -2.00
N GLU A 209 8.88 -7.07 -1.43
CA GLU A 209 9.39 -7.71 -0.22
C GLU A 209 8.88 -7.03 1.06
N ILE A 210 8.53 -5.75 0.95
CA ILE A 210 8.07 -5.01 2.11
C ILE A 210 6.54 -4.93 2.26
N ALA A 211 5.82 -4.70 1.16
CA ALA A 211 4.39 -4.53 1.22
C ALA A 211 3.56 -5.62 1.83
N GLU A 212 2.53 -5.21 2.57
CA GLU A 212 1.56 -6.12 3.16
C GLU A 212 2.07 -7.06 4.25
N GLY A 213 2.92 -6.52 5.11
CA GLY A 213 3.45 -7.28 6.22
C GLY A 213 4.25 -6.33 7.07
N ILE A 214 4.57 -6.77 8.28
CA ILE A 214 5.40 -5.99 9.18
C ILE A 214 6.36 -6.97 9.80
N SER A 215 7.42 -6.46 10.42
CA SER A 215 8.39 -7.30 11.12
C SER A 215 9.22 -6.47 12.07
N SER A 216 9.60 -7.04 13.20
CA SER A 216 10.46 -6.34 14.14
C SER A 216 11.86 -6.29 13.50
N TYR A 217 12.80 -5.68 14.21
CA TYR A 217 14.19 -5.62 13.81
C TYR A 217 14.89 -4.89 14.93
N GLY A 218 16.22 -4.96 14.97
CA GLY A 218 16.95 -4.28 16.04
C GLY A 218 16.55 -4.87 17.36
N VAL A 219 16.13 -6.13 17.37
CA VAL A 219 15.74 -6.73 18.64
C VAL A 219 16.91 -6.79 19.60
N THR A 220 16.62 -6.44 20.85
CA THR A 220 17.60 -6.44 21.94
C THR A 220 18.60 -5.30 21.88
N ARG A 221 19.23 -5.14 20.73
CA ARG A 221 20.22 -4.08 20.52
C ARG A 221 19.88 -3.37 19.23
N HIS A 222 20.07 -2.06 19.25
CA HIS A 222 19.85 -1.21 18.09
C HIS A 222 20.62 0.03 18.51
N ARG A 223 21.35 0.62 17.57
CA ARG A 223 22.16 1.77 17.90
C ARG A 223 21.47 2.98 18.53
N HIS A 224 20.14 3.04 18.47
CA HIS A 224 19.45 4.18 19.10
C HIS A 224 19.38 3.97 20.62
N VAL A 225 19.53 2.72 21.07
CA VAL A 225 19.49 2.42 22.50
C VAL A 225 20.39 3.29 23.35
N PRO A 226 21.70 3.32 23.06
CA PRO A 226 22.54 4.17 23.93
C PRO A 226 22.15 5.63 23.89
N GLU A 227 21.61 6.07 22.76
CA GLU A 227 21.21 7.47 22.61
C GLU A 227 19.98 7.77 23.52
N ILE A 228 18.95 6.95 23.37
CA ILE A 228 17.73 7.09 24.15
C ILE A 228 18.07 7.11 25.64
N GLU A 229 18.95 6.22 26.06
CA GLU A 229 19.33 6.12 27.47
C GLU A 229 20.07 7.36 28.01
N GLN A 230 21.05 7.88 27.24
CA GLN A 230 21.81 9.07 27.65
C GLN A 230 20.85 10.13 28.18
N GLY A 231 19.99 10.65 27.31
CA GLY A 231 19.01 11.65 27.70
C GLY A 231 18.16 11.27 28.89
N LEU A 232 17.69 10.03 28.94
CA LEU A 232 16.87 9.61 30.06
C LEU A 232 17.71 9.63 31.33
N SER A 233 18.85 8.94 31.29
CA SER A 233 19.75 8.90 32.44
C SER A 233 20.20 10.31 32.81
N ASP A 234 20.52 11.11 31.80
CA ASP A 234 20.95 12.48 32.01
C ASP A 234 19.91 13.28 32.76
N VAL A 235 18.62 13.06 32.49
CA VAL A 235 17.60 13.79 33.20
C VAL A 235 17.16 13.08 34.49
N ALA A 236 17.34 11.77 34.56
CA ALA A 236 16.95 11.03 35.75
C ALA A 236 18.10 10.95 36.77
N GLN A 237 19.24 11.55 36.41
CA GLN A 237 20.46 11.56 37.25
C GLN A 237 20.74 10.16 37.80
N SER A 238 20.66 9.19 36.90
CA SER A 238 20.88 7.82 37.27
C SER A 238 20.87 7.01 35.97
N LYS A 239 21.60 5.90 35.95
CA LYS A 239 21.65 5.10 34.75
C LYS A 239 20.30 4.44 34.45
N VAL A 240 19.75 4.77 33.29
CA VAL A 240 18.48 4.20 32.88
C VAL A 240 18.71 3.15 31.80
N THR A 241 18.15 1.96 32.02
CA THR A 241 18.24 0.85 31.08
C THR A 241 16.83 0.58 30.54
N VAL A 242 16.67 0.70 29.23
CA VAL A 242 15.37 0.48 28.61
C VAL A 242 15.38 -0.71 27.67
N SER A 243 14.19 -1.06 27.21
CA SER A 243 13.99 -2.12 26.23
C SER A 243 13.38 -1.36 25.05
N PHE A 244 13.85 -1.63 23.84
CA PHE A 244 13.37 -0.93 22.64
C PHE A 244 13.29 -1.88 21.44
N THR A 245 12.12 -1.96 20.79
CA THR A 245 11.99 -2.87 19.64
C THR A 245 11.43 -2.24 18.36
N PRO A 246 12.28 -2.04 17.35
CA PRO A 246 11.87 -1.45 16.06
C PRO A 246 10.98 -2.42 15.26
N HIS A 247 10.08 -1.87 14.44
CA HIS A 247 9.21 -2.68 13.57
C HIS A 247 9.17 -1.96 12.23
N LEU A 248 9.17 -2.73 11.14
CA LEU A 248 9.15 -2.17 9.80
C LEU A 248 7.71 -2.19 9.26
N MET A 249 7.16 -1.00 9.10
CA MET A 249 5.80 -0.81 8.63
C MET A 249 5.69 -0.68 7.11
N PRO A 250 4.65 -1.27 6.52
CA PRO A 250 4.48 -1.16 5.07
C PRO A 250 3.84 0.20 4.75
N MET A 251 4.69 1.22 4.74
CA MET A 251 4.30 2.59 4.45
C MET A 251 5.63 3.39 4.34
N ILE A 252 5.60 4.44 3.53
CA ILE A 252 6.78 5.25 3.28
C ILE A 252 7.35 5.91 4.51
N ARG A 253 6.54 6.79 5.11
CA ARG A 253 6.98 7.57 6.28
C ARG A 253 6.01 7.56 7.47
N GLY A 254 6.53 7.93 8.64
CA GLY A 254 5.76 7.99 9.85
C GLY A 254 6.32 7.14 10.99
N MET A 255 6.11 7.58 12.22
CA MET A 255 6.63 6.85 13.38
C MET A 255 5.60 6.92 14.50
N GLN A 256 5.30 5.76 15.09
CA GLN A 256 4.33 5.69 16.20
C GLN A 256 4.90 4.98 17.40
N SER A 257 5.98 5.46 17.99
CA SER A 257 6.49 4.71 19.13
C SER A 257 5.45 4.62 20.25
N THR A 258 5.21 3.40 20.72
CA THR A 258 4.28 3.18 21.83
C THR A 258 5.14 2.93 23.08
N ILE A 259 4.99 3.79 24.08
CA ILE A 259 5.79 3.74 25.32
C ILE A 259 5.05 3.24 26.55
N TYR A 260 5.57 2.16 27.13
CA TYR A 260 4.97 1.57 28.31
C TYR A 260 5.82 1.84 29.54
N VAL A 261 5.29 2.66 30.45
CA VAL A 261 6.02 3.01 31.65
C VAL A 261 5.24 2.75 32.95
N GLU A 262 5.98 2.74 34.05
CA GLU A 262 5.39 2.56 35.37
C GLU A 262 5.41 3.95 35.97
N MET A 263 4.25 4.41 36.42
CA MET A 263 4.16 5.73 37.04
C MET A 263 4.76 5.64 38.43
N ALA A 264 5.17 6.79 38.97
CA ALA A 264 5.76 6.81 40.30
C ALA A 264 4.64 6.61 41.32
N PRO A 265 5.00 6.16 42.53
CA PRO A 265 4.03 5.93 43.60
C PRO A 265 3.03 7.07 43.74
N GLY A 266 1.73 6.72 43.76
CA GLY A 266 0.66 7.70 43.91
C GLY A 266 0.34 8.58 42.70
N VAL A 267 1.08 8.42 41.61
CA VAL A 267 0.87 9.21 40.40
C VAL A 267 -0.19 8.58 39.50
N ARG A 268 -1.01 9.42 38.89
CA ARG A 268 -2.08 8.96 38.00
C ARG A 268 -1.84 9.51 36.60
N THR A 269 -2.46 8.91 35.59
CA THR A 269 -2.27 9.40 34.23
C THR A 269 -2.53 10.91 34.13
N GLU A 270 -3.52 11.39 34.87
CA GLU A 270 -3.87 12.81 34.88
C GLU A 270 -2.66 13.68 35.16
N ASP A 271 -1.79 13.24 36.06
CA ASP A 271 -0.60 14.01 36.38
C ASP A 271 0.40 14.00 35.22
N LEU A 272 0.58 12.84 34.59
CA LEU A 272 1.50 12.76 33.47
C LEU A 272 1.00 13.69 32.38
N HIS A 273 -0.27 13.57 32.04
CA HIS A 273 -0.90 14.37 31.00
C HIS A 273 -0.79 15.85 31.27
N GLN A 274 -1.07 16.24 32.50
CA GLN A 274 -1.00 17.64 32.88
C GLN A 274 0.44 18.12 32.82
N GLN A 275 1.40 17.28 33.22
CA GLN A 275 2.79 17.73 33.15
C GLN A 275 3.23 17.93 31.70
N LEU A 276 2.83 17.01 30.81
CA LEU A 276 3.17 17.11 29.41
C LEU A 276 2.50 18.35 28.81
N LYS A 277 1.22 18.53 29.14
CA LYS A 277 0.47 19.66 28.61
C LYS A 277 1.15 20.96 29.03
N THR A 278 1.65 20.99 30.25
CA THR A 278 2.34 22.17 30.73
C THR A 278 3.69 22.41 30.04
N SER A 279 4.45 21.35 29.80
CA SER A 279 5.76 21.52 29.14
C SER A 279 5.70 21.92 27.67
N TYR A 280 4.59 21.62 27.00
CA TYR A 280 4.47 21.89 25.56
C TYR A 280 3.34 22.80 25.10
N GLU A 281 2.61 23.40 26.05
CA GLU A 281 1.47 24.25 25.74
C GLU A 281 1.71 25.36 24.70
N ASP A 282 2.91 25.93 24.66
CA ASP A 282 3.16 26.97 23.66
C ASP A 282 4.08 26.56 22.52
N GLU A 283 4.65 25.37 22.64
CA GLU A 283 5.55 24.84 21.64
C GLU A 283 4.78 24.53 20.38
N GLU A 284 5.19 25.16 19.29
CA GLU A 284 4.56 24.97 18.00
C GLU A 284 4.52 23.50 17.54
N PHE A 285 5.66 22.83 17.58
CA PHE A 285 5.74 21.47 17.07
C PHE A 285 5.37 20.26 17.90
N VAL A 286 5.22 20.44 19.20
CA VAL A 286 4.87 19.34 20.06
C VAL A 286 3.48 19.64 20.59
N LYS A 287 2.59 18.70 20.33
CA LYS A 287 1.21 18.79 20.74
C LYS A 287 0.90 17.65 21.68
N VAL A 288 0.04 17.94 22.65
CA VAL A 288 -0.43 16.95 23.62
C VAL A 288 -1.95 16.87 23.41
N LEU A 289 -2.44 15.76 22.87
CA LEU A 289 -3.86 15.66 22.61
C LEU A 289 -4.66 15.43 23.89
N ASP A 290 -5.97 15.64 23.81
CA ASP A 290 -6.83 15.44 24.97
C ASP A 290 -6.65 14.05 25.54
N GLU A 291 -6.70 13.98 26.87
CA GLU A 291 -6.55 12.71 27.58
C GLU A 291 -7.20 11.55 26.83
N GLY A 292 -6.40 10.53 26.57
CA GLY A 292 -6.89 9.37 25.88
C GLY A 292 -7.17 9.54 24.40
N VAL A 293 -6.85 10.70 23.83
CA VAL A 293 -7.08 10.88 22.41
C VAL A 293 -5.95 10.25 21.60
N VAL A 294 -6.23 9.11 21.00
CA VAL A 294 -5.28 8.36 20.21
C VAL A 294 -4.71 9.09 19.00
N PRO A 295 -3.39 9.33 19.00
CA PRO A 295 -2.79 10.00 17.84
C PRO A 295 -2.56 8.99 16.70
N ARG A 296 -2.44 9.49 15.47
CA ARG A 296 -2.20 8.64 14.32
C ARG A 296 -1.03 9.26 13.57
N THR A 297 -0.14 8.42 13.04
CA THR A 297 1.01 8.98 12.33
C THR A 297 0.49 9.76 11.14
N HIS A 298 -0.59 9.26 10.50
CA HIS A 298 -1.17 9.95 9.35
C HIS A 298 -1.42 11.43 9.65
N ASN A 299 -1.65 11.80 10.92
CA ASN A 299 -1.95 13.18 11.20
C ASN A 299 -0.80 14.18 11.17
N VAL A 300 0.44 13.68 11.18
CA VAL A 300 1.65 14.52 11.14
C VAL A 300 2.45 14.30 9.84
N ARG A 301 1.91 13.41 9.00
CA ARG A 301 2.53 13.04 7.74
C ARG A 301 2.93 14.26 6.88
N GLY A 302 4.24 14.46 6.70
CA GLY A 302 4.72 15.57 5.90
C GLY A 302 4.91 16.87 6.66
N SER A 303 5.04 16.78 7.97
CA SER A 303 5.22 17.98 8.77
C SER A 303 6.26 17.79 9.85
N ASN A 304 6.52 18.88 10.56
CA ASN A 304 7.48 18.85 11.63
C ASN A 304 6.81 18.64 12.97
N TYR A 305 5.53 18.27 12.97
CA TYR A 305 4.83 18.07 14.24
C TYR A 305 4.97 16.67 14.85
N CYS A 306 4.73 16.63 16.15
CA CYS A 306 4.75 15.40 16.96
C CYS A 306 3.49 15.51 17.81
N HIS A 307 2.66 14.48 17.79
CA HIS A 307 1.45 14.49 18.60
C HIS A 307 1.68 13.38 19.62
N MET A 308 1.32 13.62 20.88
CA MET A 308 1.47 12.60 21.91
C MET A 308 0.19 12.52 22.73
N SER A 309 -0.06 11.35 23.31
CA SER A 309 -1.25 11.09 24.10
C SER A 309 -0.87 10.21 25.31
N VAL A 310 -1.65 10.31 26.40
CA VAL A 310 -1.42 9.56 27.67
C VAL A 310 -2.64 8.71 28.05
N PHE A 311 -2.42 7.42 28.31
CA PHE A 311 -3.52 6.53 28.68
C PHE A 311 -3.16 5.68 29.87
N PRO A 312 -4.18 5.09 30.54
CA PRO A 312 -3.89 4.23 31.68
C PRO A 312 -3.62 2.83 31.13
N ASP A 313 -2.75 2.06 31.79
CA ASP A 313 -2.51 0.70 31.37
C ASP A 313 -3.49 -0.09 32.20
N ARG A 314 -3.91 -1.24 31.70
CA ARG A 314 -4.83 -2.08 32.45
C ARG A 314 -4.12 -2.55 33.72
N ILE A 315 -2.79 -2.62 33.68
CA ILE A 315 -2.02 -3.03 34.84
C ILE A 315 -1.91 -1.82 35.78
N PRO A 316 -2.48 -1.93 36.99
CA PRO A 316 -2.41 -0.80 37.92
C PRO A 316 -1.02 -0.23 38.15
N GLY A 317 -0.95 1.09 38.11
CA GLY A 317 0.31 1.78 38.32
C GLY A 317 1.07 2.02 37.02
N ARG A 318 0.51 1.52 35.92
CA ARG A 318 1.15 1.70 34.62
C ARG A 318 0.40 2.64 33.67
N ALA A 319 1.16 3.30 32.80
CA ALA A 319 0.59 4.20 31.83
C ALA A 319 1.10 3.86 30.42
N ILE A 320 0.31 4.26 29.42
CA ILE A 320 0.66 4.04 28.02
C ILE A 320 0.78 5.36 27.24
N ILE A 321 2.02 5.71 26.89
CA ILE A 321 2.29 6.93 26.12
C ILE A 321 2.48 6.58 24.63
N ILE A 322 1.82 7.34 23.76
CA ILE A 322 1.92 7.16 22.32
C ILE A 322 2.44 8.48 21.76
N SER A 323 3.52 8.44 20.97
CA SER A 323 4.11 9.65 20.37
C SER A 323 4.36 9.39 18.86
N VAL A 324 3.92 10.32 18.00
CA VAL A 324 4.11 10.14 16.57
C VAL A 324 4.74 11.36 15.84
N ILE A 325 5.47 11.06 14.76
CA ILE A 325 6.10 12.08 13.92
C ILE A 325 6.23 11.53 12.50
N ASP A 326 6.64 12.39 11.57
CA ASP A 326 6.93 11.96 10.20
C ASP A 326 8.39 11.54 10.43
N ASN A 327 8.77 10.30 10.11
CA ASN A 327 10.13 9.89 10.40
C ASN A 327 11.23 10.68 9.69
N LEU A 328 10.86 11.41 8.65
CA LEU A 328 11.79 12.23 7.88
C LEU A 328 11.82 13.70 8.34
N VAL A 329 10.65 14.36 8.38
CA VAL A 329 10.61 15.76 8.76
C VAL A 329 10.99 15.98 10.20
N LYS A 330 10.13 15.67 11.15
CA LYS A 330 10.57 15.87 12.52
C LYS A 330 11.61 14.79 12.85
N GLY A 331 11.61 13.74 12.03
CA GLY A 331 12.53 12.65 12.23
C GLY A 331 13.94 12.93 11.75
N ALA A 332 14.16 14.10 11.16
CA ALA A 332 15.48 14.48 10.68
C ALA A 332 15.46 15.84 9.97
N SER A 333 15.05 15.81 8.72
CA SER A 333 15.00 16.99 7.88
C SER A 333 14.54 18.30 8.57
N GLY A 334 13.44 18.25 9.32
CA GLY A 334 12.91 19.41 10.05
C GLY A 334 13.69 19.65 11.33
N GLN A 335 13.95 18.58 12.08
CA GLN A 335 14.72 18.74 13.31
C GLN A 335 16.07 19.39 12.91
N ALA A 336 16.59 19.06 11.73
CA ALA A 336 17.83 19.68 11.30
C ALA A 336 17.61 21.18 11.05
N LEU A 337 16.55 21.51 10.30
CA LEU A 337 16.25 22.90 9.97
C LEU A 337 15.89 23.72 11.20
N GLN A 338 15.20 23.09 12.14
CA GLN A 338 14.81 23.74 13.38
C GLN A 338 16.07 24.17 14.14
N ASN A 339 17.04 23.26 14.23
CA ASN A 339 18.31 23.54 14.92
C ASN A 339 19.11 24.64 14.24
N LEU A 340 19.22 24.60 12.91
CA LEU A 340 19.99 25.63 12.19
C LEU A 340 19.25 26.97 12.22
N ASN A 341 17.92 26.93 12.08
CA ASN A 341 17.14 28.18 12.12
C ASN A 341 17.59 29.07 13.26
N ILE A 342 17.55 28.55 14.49
CA ILE A 342 17.95 29.35 15.64
C ILE A 342 19.46 29.58 15.73
N MET A 343 20.25 28.55 15.44
CA MET A 343 21.71 28.69 15.48
C MET A 343 22.16 29.90 14.65
N LEU A 344 21.47 30.19 13.55
CA LEU A 344 21.83 31.34 12.71
C LEU A 344 21.08 32.61 13.12
N GLY A 345 20.28 32.51 14.18
CA GLY A 345 19.54 33.67 14.63
C GLY A 345 18.26 33.94 13.88
N TYR A 346 17.66 32.95 13.22
CA TYR A 346 16.38 33.19 12.54
C TYR A 346 15.27 32.58 13.38
N PRO A 347 14.02 32.97 13.14
CA PRO A 347 12.95 32.39 13.94
C PRO A 347 12.89 30.88 13.72
N GLU A 348 12.82 30.15 14.82
CA GLU A 348 12.76 28.68 14.83
C GLU A 348 11.84 27.97 13.79
N THR A 349 10.65 28.52 13.56
CA THR A 349 9.68 27.94 12.64
C THR A 349 9.84 28.28 11.17
N THR A 350 10.81 29.13 10.85
CA THR A 350 10.99 29.51 9.45
C THR A 350 11.14 28.29 8.56
N GLY A 351 10.33 28.25 7.50
CA GLY A 351 10.35 27.16 6.56
C GLY A 351 10.01 25.82 7.19
N LEU A 352 9.17 25.82 8.23
CA LEU A 352 8.78 24.57 8.88
C LEU A 352 7.29 24.47 9.21
N LEU A 353 6.49 25.42 8.73
CA LEU A 353 5.07 25.38 9.03
C LEU A 353 4.19 24.62 8.03
N HIS A 354 4.80 23.76 7.21
CA HIS A 354 4.02 22.97 6.27
C HIS A 354 3.02 22.20 7.12
N GLN A 355 1.78 22.10 6.65
CA GLN A 355 0.74 21.37 7.38
C GLN A 355 0.74 19.94 6.86
N PRO A 356 0.38 18.96 7.72
CA PRO A 356 0.36 17.54 7.35
C PRO A 356 -0.30 17.28 6.00
N LEU A 357 0.20 16.28 5.25
CA LEU A 357 -0.44 15.99 3.97
C LEU A 357 -1.42 14.83 4.14
N PHE A 358 -2.65 15.16 4.51
CA PHE A 358 -3.70 14.16 4.68
C PHE A 358 -4.91 14.57 3.83
N PRO A 359 -5.49 13.61 3.07
CA PRO A 359 -5.07 12.19 3.02
C PRO A 359 -3.79 12.01 2.18
N LYS B 15 -4.76 39.19 7.98
CA LYS B 15 -4.52 39.05 6.51
C LYS B 15 -5.56 39.81 5.69
N ASP B 16 -5.18 40.22 4.49
CA ASP B 16 -6.07 41.00 3.63
C ASP B 16 -7.46 40.44 3.32
N ILE B 17 -7.51 39.25 2.73
CA ILE B 17 -8.78 38.65 2.34
C ILE B 17 -9.32 37.62 3.32
N ARG B 18 -10.63 37.65 3.53
CA ARG B 18 -11.29 36.73 4.42
C ARG B 18 -11.92 35.67 3.53
N ILE B 19 -11.64 34.40 3.83
CA ILE B 19 -12.15 33.31 3.02
C ILE B 19 -13.34 32.57 3.60
N GLY B 20 -14.29 32.24 2.74
CA GLY B 20 -15.45 31.49 3.17
C GLY B 20 -15.42 30.09 2.54
N LEU B 21 -15.23 29.05 3.34
CA LEU B 21 -15.22 27.69 2.79
C LEU B 21 -16.52 27.00 3.18
N LEU B 22 -17.31 26.60 2.20
CA LEU B 22 -18.58 25.91 2.48
C LEU B 22 -18.45 24.42 2.15
N GLY B 23 -18.58 23.56 3.16
CA GLY B 23 -18.46 22.12 2.95
C GLY B 23 -17.03 21.69 3.22
N ALA B 24 -16.52 22.09 4.37
CA ALA B 24 -15.15 21.78 4.76
C ALA B 24 -14.94 20.41 5.38
N SER B 25 -15.95 19.55 5.38
CA SER B 25 -15.78 18.24 5.99
C SER B 25 -15.24 17.17 5.02
N GLY B 26 -14.98 17.57 3.79
CA GLY B 26 -14.47 16.64 2.80
C GLY B 26 -13.05 16.95 2.40
N TYR B 27 -12.44 16.03 1.65
CA TYR B 27 -11.04 16.20 1.22
C TYR B 27 -10.85 17.39 0.28
N THR B 28 -11.87 17.76 -0.46
CA THR B 28 -11.76 18.89 -1.36
C THR B 28 -11.63 20.13 -0.48
N GLY B 29 -12.55 20.27 0.47
CA GLY B 29 -12.51 21.40 1.39
C GLY B 29 -11.27 21.29 2.26
N ALA B 30 -10.96 20.10 2.73
CA ALA B 30 -9.77 19.90 3.55
C ALA B 30 -8.56 20.43 2.78
N GLU B 31 -8.51 20.15 1.48
CA GLU B 31 -7.43 20.62 0.63
C GLU B 31 -7.34 22.15 0.63
N ILE B 32 -8.49 22.82 0.66
CA ILE B 32 -8.50 24.28 0.68
C ILE B 32 -7.85 24.76 1.98
N VAL B 33 -8.33 24.23 3.12
CA VAL B 33 -7.80 24.64 4.41
C VAL B 33 -6.27 24.45 4.49
N ARG B 34 -5.76 23.32 4.00
CA ARG B 34 -4.32 23.08 4.03
C ARG B 34 -3.62 24.08 3.12
N LEU B 35 -4.14 24.28 1.93
CA LEU B 35 -3.52 25.19 0.97
C LEU B 35 -3.51 26.64 1.44
N LEU B 36 -4.56 27.02 2.17
CA LEU B 36 -4.71 28.39 2.66
C LEU B 36 -4.03 28.61 4.01
N ALA B 37 -3.49 27.56 4.61
CA ALA B 37 -2.85 27.70 5.92
C ALA B 37 -1.77 28.78 5.91
N ASN B 38 -0.68 28.51 5.20
CA ASN B 38 0.41 29.46 5.17
C ASN B 38 0.27 30.50 4.08
N HIS B 39 -0.95 30.68 3.60
CA HIS B 39 -1.18 31.67 2.56
C HIS B 39 -1.00 33.07 3.15
N PRO B 40 -0.11 33.87 2.54
CA PRO B 40 0.18 35.23 3.00
C PRO B 40 -0.98 36.26 3.07
N HIS B 41 -2.10 36.03 2.39
CA HIS B 41 -3.18 37.01 2.41
C HIS B 41 -4.60 36.51 2.70
N PHE B 42 -4.92 35.30 2.26
CA PHE B 42 -6.24 34.76 2.49
C PHE B 42 -6.21 33.97 3.80
N GLN B 43 -7.08 34.36 4.72
CA GLN B 43 -7.17 33.72 6.02
C GLN B 43 -8.59 33.20 6.25
N VAL B 44 -8.80 31.89 6.06
CA VAL B 44 -10.11 31.29 6.27
C VAL B 44 -10.69 31.81 7.61
N THR B 45 -11.94 32.26 7.59
CA THR B 45 -12.57 32.77 8.81
C THR B 45 -14.00 32.26 8.93
N LEU B 46 -14.49 31.62 7.88
CA LEU B 46 -15.84 31.09 7.87
C LEU B 46 -15.88 29.74 7.17
N MET B 47 -16.54 28.75 7.77
CA MET B 47 -16.65 27.42 7.15
C MET B 47 -17.98 26.74 7.47
N THR B 48 -18.63 26.17 6.45
CA THR B 48 -19.88 25.48 6.70
C THR B 48 -19.69 23.98 6.57
N ALA B 49 -20.46 23.24 7.35
CA ALA B 49 -20.40 21.79 7.34
C ALA B 49 -21.71 21.24 7.89
N ASP B 50 -22.81 21.84 7.44
CA ASP B 50 -24.16 21.46 7.88
C ASP B 50 -24.24 20.27 8.84
N ARG B 51 -23.97 19.07 8.35
CA ARG B 51 -24.04 17.89 9.21
C ARG B 51 -23.26 18.04 10.51
N LYS B 52 -21.94 18.15 10.40
CA LYS B 52 -21.09 18.29 11.58
C LYS B 52 -21.00 19.74 12.08
N ALA B 53 -22.12 20.46 12.02
CA ALA B 53 -22.15 21.85 12.47
C ALA B 53 -21.98 21.95 13.98
N GLY B 54 -21.28 22.98 14.43
CA GLY B 54 -21.07 23.15 15.85
C GLY B 54 -19.74 22.58 16.31
N GLN B 55 -19.26 21.56 15.60
CA GLN B 55 -17.98 20.94 15.93
C GLN B 55 -16.82 21.79 15.44
N SER B 56 -15.60 21.38 15.80
CA SER B 56 -14.39 22.09 15.39
C SER B 56 -13.86 21.35 14.17
N MET B 57 -12.89 21.93 13.47
CA MET B 57 -12.33 21.25 12.33
C MET B 57 -11.52 20.08 12.82
N GLU B 58 -10.92 20.25 14.01
CA GLU B 58 -10.10 19.21 14.61
C GLU B 58 -10.83 17.90 14.81
N SER B 59 -12.12 18.00 15.15
CA SER B 59 -12.92 16.80 15.37
C SER B 59 -13.20 16.09 14.07
N VAL B 60 -13.10 16.81 12.95
CA VAL B 60 -13.34 16.19 11.66
C VAL B 60 -12.02 15.73 11.05
N PHE B 61 -11.08 16.65 10.94
CA PHE B 61 -9.76 16.36 10.37
C PHE B 61 -8.74 16.73 11.41
N PRO B 62 -8.45 15.80 12.34
CA PRO B 62 -7.47 16.09 13.39
C PRO B 62 -6.07 16.47 12.93
N HIS B 63 -5.73 16.20 11.66
CA HIS B 63 -4.41 16.58 11.18
C HIS B 63 -4.28 18.10 11.07
N LEU B 64 -5.40 18.80 11.22
CA LEU B 64 -5.39 20.25 11.11
C LEU B 64 -5.33 20.93 12.48
N ARG B 65 -5.12 20.15 13.53
CA ARG B 65 -5.10 20.70 14.88
C ARG B 65 -4.11 21.84 15.16
N ALA B 66 -3.06 21.99 14.34
CA ALA B 66 -2.11 23.09 14.57
C ALA B 66 -2.73 24.42 14.15
N GLN B 67 -3.85 24.34 13.44
CA GLN B 67 -4.53 25.54 13.00
C GLN B 67 -5.69 25.92 13.92
N LYS B 68 -5.97 27.21 13.96
CA LYS B 68 -7.09 27.75 14.74
C LYS B 68 -8.08 28.22 13.69
N LEU B 69 -9.15 27.47 13.54
CA LEU B 69 -10.15 27.77 12.54
C LEU B 69 -11.51 28.04 13.18
N PRO B 70 -12.40 28.73 12.46
CA PRO B 70 -13.71 29.01 13.05
C PRO B 70 -14.48 27.71 13.17
N THR B 71 -15.33 27.63 14.18
CA THR B 71 -16.16 26.44 14.40
C THR B 71 -17.04 26.19 13.19
N LEU B 72 -17.26 24.93 12.85
CA LEU B 72 -18.10 24.62 11.70
C LEU B 72 -19.52 25.12 11.95
N VAL B 73 -20.22 25.47 10.87
CA VAL B 73 -21.59 25.96 10.96
C VAL B 73 -22.42 25.38 9.82
N SER B 74 -23.62 25.92 9.64
CA SER B 74 -24.52 25.48 8.59
C SER B 74 -24.56 26.59 7.54
N VAL B 75 -24.95 26.24 6.32
CA VAL B 75 -25.02 27.23 5.27
C VAL B 75 -26.03 28.31 5.62
N LYS B 76 -27.24 27.88 5.97
CA LYS B 76 -28.32 28.80 6.32
C LYS B 76 -27.98 29.68 7.51
N ASP B 77 -26.82 29.44 8.13
CA ASP B 77 -26.42 30.23 9.29
C ASP B 77 -25.24 31.16 9.04
N ALA B 78 -24.42 30.83 8.06
CA ALA B 78 -23.26 31.64 7.73
C ALA B 78 -23.66 32.99 7.15
N ASP B 79 -22.98 34.05 7.57
CA ASP B 79 -23.26 35.39 7.07
C ASP B 79 -22.29 35.75 5.96
N PHE B 80 -22.76 35.63 4.72
CA PHE B 80 -21.93 35.91 3.57
C PHE B 80 -21.62 37.37 3.28
N SER B 81 -21.51 38.18 4.32
CA SER B 81 -21.16 39.59 4.11
C SER B 81 -19.82 39.83 4.80
N THR B 82 -19.37 38.81 5.53
CA THR B 82 -18.09 38.87 6.27
C THR B 82 -16.86 38.53 5.44
N VAL B 83 -17.07 37.73 4.39
CA VAL B 83 -15.98 37.29 3.53
C VAL B 83 -15.95 37.98 2.16
N ASP B 84 -14.77 37.96 1.53
CA ASP B 84 -14.55 38.58 0.23
C ASP B 84 -14.78 37.58 -0.91
N ALA B 85 -14.42 36.31 -0.70
CA ALA B 85 -14.60 35.27 -1.71
C ALA B 85 -15.01 33.94 -1.09
N VAL B 86 -15.55 33.06 -1.92
CA VAL B 86 -15.99 31.78 -1.44
C VAL B 86 -15.49 30.60 -2.29
N PHE B 87 -15.02 29.55 -1.62
CA PHE B 87 -14.60 28.32 -2.31
C PHE B 87 -15.79 27.42 -2.00
N CYS B 88 -16.46 26.88 -3.01
CA CYS B 88 -17.59 26.01 -2.74
C CYS B 88 -17.30 24.54 -3.05
N CYS B 89 -17.29 23.71 -1.99
CA CYS B 89 -17.04 22.28 -2.13
C CYS B 89 -18.25 21.54 -1.61
N LEU B 90 -19.43 21.99 -2.01
CA LEU B 90 -20.65 21.36 -1.56
C LEU B 90 -21.06 20.23 -2.47
N PRO B 91 -22.07 19.45 -2.06
CA PRO B 91 -22.59 18.32 -2.84
C PRO B 91 -23.25 18.74 -4.14
N HIS B 92 -22.92 18.02 -5.20
CA HIS B 92 -23.52 18.30 -6.50
C HIS B 92 -25.04 18.28 -6.31
N GLY B 93 -25.76 19.00 -7.18
CA GLY B 93 -27.20 19.01 -7.06
C GLY B 93 -27.70 20.06 -6.07
N THR B 94 -26.84 20.50 -5.17
CA THR B 94 -27.24 21.50 -4.19
C THR B 94 -26.42 22.80 -4.36
N THR B 95 -25.50 22.77 -5.33
CA THR B 95 -24.64 23.91 -5.59
C THR B 95 -25.29 25.05 -6.38
N GLN B 96 -25.96 24.73 -7.48
CA GLN B 96 -26.57 25.78 -8.29
C GLN B 96 -27.46 26.75 -7.49
N GLU B 97 -28.40 26.23 -6.70
CA GLU B 97 -29.27 27.12 -5.94
C GLU B 97 -28.57 27.91 -4.83
N ILE B 98 -27.61 27.29 -4.15
CA ILE B 98 -26.90 28.00 -3.09
C ILE B 98 -26.05 29.14 -3.67
N ILE B 99 -25.32 28.86 -4.74
CA ILE B 99 -24.45 29.86 -5.38
C ILE B 99 -25.27 31.01 -5.97
N LYS B 100 -26.45 30.70 -6.46
CA LYS B 100 -27.35 31.68 -7.05
C LYS B 100 -27.84 32.71 -6.02
N GLU B 101 -27.76 32.37 -4.74
CA GLU B 101 -28.22 33.29 -3.70
C GLU B 101 -27.10 34.09 -3.04
N LEU B 102 -25.85 33.65 -3.20
CA LEU B 102 -24.73 34.36 -2.58
C LEU B 102 -24.67 35.82 -3.04
N PRO B 103 -24.26 36.74 -2.16
CA PRO B 103 -24.17 38.15 -2.53
C PRO B 103 -23.31 38.40 -3.77
N THR B 104 -23.71 39.39 -4.56
CA THR B 104 -23.05 39.75 -5.80
C THR B 104 -21.64 40.29 -5.64
N ALA B 105 -21.31 40.77 -4.44
CA ALA B 105 -20.00 41.33 -4.21
C ALA B 105 -18.97 40.24 -3.93
N LEU B 106 -19.42 39.00 -4.02
CA LEU B 106 -18.57 37.85 -3.74
C LEU B 106 -17.90 37.25 -4.98
N LYS B 107 -16.61 36.95 -4.86
CA LYS B 107 -15.87 36.26 -5.93
C LYS B 107 -16.12 34.79 -5.53
N ILE B 108 -16.47 33.93 -6.49
CA ILE B 108 -16.80 32.54 -6.18
C ILE B 108 -16.14 31.48 -7.05
N VAL B 109 -15.58 30.47 -6.43
CA VAL B 109 -15.00 29.37 -7.19
C VAL B 109 -15.75 28.10 -6.78
N ASP B 110 -16.49 27.52 -7.72
CA ASP B 110 -17.26 26.30 -7.46
C ASP B 110 -16.37 25.11 -7.81
N LEU B 111 -16.21 24.15 -6.90
CA LEU B 111 -15.34 23.00 -7.23
C LEU B 111 -16.16 21.82 -7.73
N SER B 112 -17.47 21.89 -7.53
CA SER B 112 -18.41 20.85 -7.99
C SER B 112 -18.35 20.76 -9.51
N ALA B 113 -19.39 20.24 -10.14
CA ALA B 113 -19.39 20.12 -11.58
C ALA B 113 -20.56 20.86 -12.23
N ASP B 114 -21.50 21.28 -11.37
CA ASP B 114 -22.73 21.94 -11.78
C ASP B 114 -22.63 23.20 -12.65
N PHE B 115 -21.51 23.91 -12.61
CA PHE B 115 -21.35 25.10 -13.44
C PHE B 115 -20.29 24.98 -14.56
N ARG B 116 -19.71 23.79 -14.73
CA ARG B 116 -18.70 23.54 -15.76
C ARG B 116 -19.26 23.47 -17.17
N LEU B 117 -20.42 22.84 -17.34
CA LEU B 117 -21.01 22.69 -18.66
C LEU B 117 -21.86 23.89 -19.10
N ARG B 118 -21.53 24.44 -20.27
CA ARG B 118 -22.22 25.62 -20.82
C ARG B 118 -23.54 25.26 -21.51
N ASN B 119 -23.58 24.12 -22.17
CA ASN B 119 -24.79 23.68 -22.85
C ASN B 119 -25.72 23.09 -21.80
N ILE B 120 -26.87 23.75 -21.63
CA ILE B 120 -27.90 23.37 -20.67
C ILE B 120 -28.53 22.02 -20.97
N ALA B 121 -28.86 21.82 -22.24
CA ALA B 121 -29.48 20.58 -22.70
C ALA B 121 -28.48 19.45 -22.59
N GLU B 122 -27.21 19.78 -22.73
CA GLU B 122 -26.16 18.77 -22.64
C GLU B 122 -25.93 18.39 -21.18
N TYR B 123 -26.19 19.32 -20.27
CA TYR B 123 -26.02 19.08 -18.84
C TYR B 123 -27.00 17.99 -18.36
N GLU B 124 -28.30 18.25 -18.54
CA GLU B 124 -29.36 17.33 -18.14
C GLU B 124 -29.15 15.91 -18.63
N GLU B 125 -28.84 15.75 -19.91
CA GLU B 125 -28.65 14.41 -20.47
C GLU B 125 -27.43 13.66 -19.93
N TRP B 126 -26.80 14.20 -18.89
CA TRP B 126 -25.65 13.56 -18.28
C TRP B 126 -25.75 13.53 -16.76
N TYR B 127 -26.53 14.45 -16.19
CA TYR B 127 -26.64 14.51 -14.74
C TYR B 127 -28.01 14.15 -14.18
N GLY B 128 -28.98 13.94 -15.06
CA GLY B 128 -30.32 13.57 -14.64
C GLY B 128 -31.09 14.57 -13.82
N GLN B 129 -31.19 15.80 -14.33
CA GLN B 129 -31.92 16.85 -13.66
C GLN B 129 -31.68 18.15 -14.38
N PRO B 130 -32.66 19.07 -14.30
CA PRO B 130 -32.53 20.36 -14.97
C PRO B 130 -31.54 21.29 -14.26
N HIS B 131 -31.03 22.24 -15.03
CA HIS B 131 -30.09 23.23 -14.51
C HIS B 131 -30.95 24.25 -13.76
N LYS B 132 -30.73 24.38 -12.47
CA LYS B 132 -31.50 25.31 -11.67
C LYS B 132 -30.95 26.73 -11.67
N ALA B 133 -29.95 27.00 -12.49
CA ALA B 133 -29.40 28.34 -12.55
C ALA B 133 -28.99 28.67 -14.00
N VAL B 134 -29.94 28.44 -14.91
CA VAL B 134 -29.76 28.65 -16.34
C VAL B 134 -29.04 29.93 -16.73
N GLU B 135 -29.66 31.07 -16.47
CA GLU B 135 -29.05 32.35 -16.81
C GLU B 135 -27.65 32.48 -16.22
N LEU B 136 -27.54 32.19 -14.94
CA LEU B 136 -26.27 32.26 -14.25
C LEU B 136 -25.18 31.50 -15.03
N GLN B 137 -25.56 30.36 -15.61
CA GLN B 137 -24.63 29.54 -16.36
C GLN B 137 -24.04 30.31 -17.53
N LYS B 138 -24.86 31.17 -18.13
CA LYS B 138 -24.45 31.99 -19.29
C LYS B 138 -23.26 32.89 -19.04
N GLU B 139 -22.92 33.12 -17.77
CA GLU B 139 -21.78 33.96 -17.45
C GLU B 139 -20.61 33.18 -16.84
N VAL B 140 -20.70 31.87 -16.83
CA VAL B 140 -19.65 31.05 -16.26
C VAL B 140 -18.43 30.89 -17.18
N VAL B 141 -17.24 30.94 -16.59
CA VAL B 141 -15.97 30.74 -17.31
C VAL B 141 -15.27 29.47 -16.77
N TYR B 142 -14.80 28.61 -17.67
CA TYR B 142 -14.10 27.38 -17.29
C TYR B 142 -12.77 27.77 -16.64
N GLY B 143 -12.54 27.27 -15.43
CA GLY B 143 -11.35 27.64 -14.69
C GLY B 143 -10.04 26.91 -14.82
N LEU B 144 -9.69 26.47 -16.03
CA LEU B 144 -8.41 25.81 -16.24
C LEU B 144 -7.38 26.96 -16.31
N THR B 145 -6.91 27.41 -15.15
CA THR B 145 -6.01 28.56 -15.07
C THR B 145 -5.12 28.97 -16.25
N GLU B 146 -4.36 28.04 -16.83
CA GLU B 146 -3.45 28.38 -17.93
C GLU B 146 -4.07 28.45 -19.34
N ILE B 147 -5.33 28.11 -19.46
CA ILE B 147 -5.95 28.17 -20.77
C ILE B 147 -6.80 29.44 -20.88
N LEU B 148 -7.51 29.76 -19.80
CA LEU B 148 -8.41 30.91 -19.77
C LEU B 148 -8.09 31.96 -18.71
N ARG B 149 -6.82 32.06 -18.37
CA ARG B 149 -6.35 33.01 -17.38
C ARG B 149 -6.97 34.40 -17.57
N GLU B 150 -7.00 34.88 -18.80
CA GLU B 150 -7.54 36.22 -19.08
C GLU B 150 -9.01 36.40 -18.76
N ASP B 151 -9.83 35.40 -19.07
CA ASP B 151 -11.25 35.49 -18.77
C ASP B 151 -11.50 35.18 -17.30
N ILE B 152 -10.66 34.34 -16.71
CA ILE B 152 -10.81 33.95 -15.31
C ILE B 152 -10.65 35.16 -14.37
N LYS B 153 -9.61 35.96 -14.61
CA LYS B 153 -9.30 37.13 -13.78
C LYS B 153 -10.44 38.14 -13.77
N LYS B 154 -11.24 38.13 -14.81
CA LYS B 154 -12.34 39.07 -14.90
C LYS B 154 -13.67 38.49 -14.44
N ALA B 155 -13.75 37.16 -14.32
CA ALA B 155 -14.97 36.50 -13.87
C ALA B 155 -15.24 36.71 -12.37
N ARG B 156 -16.50 36.59 -11.98
CA ARG B 156 -16.89 36.73 -10.58
C ARG B 156 -17.23 35.34 -10.04
N LEU B 157 -17.62 34.44 -10.95
CA LEU B 157 -17.97 33.05 -10.61
C LEU B 157 -17.28 32.07 -11.55
N VAL B 158 -16.30 31.35 -11.02
CA VAL B 158 -15.54 30.38 -11.81
C VAL B 158 -15.84 28.93 -11.43
N ALA B 159 -15.98 28.11 -12.47
CA ALA B 159 -16.23 26.69 -12.33
C ALA B 159 -14.85 26.03 -12.38
N ASN B 160 -14.33 25.68 -11.21
CA ASN B 160 -13.03 25.04 -11.15
C ASN B 160 -13.20 23.70 -11.85
N PRO B 161 -12.37 23.42 -12.87
CA PRO B 161 -12.44 22.15 -13.59
C PRO B 161 -12.08 20.95 -12.72
N GLY B 162 -12.66 19.80 -13.03
CA GLY B 162 -12.37 18.61 -12.28
C GLY B 162 -10.91 18.20 -12.46
N CYS B 163 -10.51 17.18 -11.72
CA CYS B 163 -9.13 16.65 -11.75
C CYS B 163 -8.75 16.07 -13.11
N TYR B 164 -9.37 14.93 -13.46
CA TYR B 164 -9.06 14.28 -14.72
C TYR B 164 -9.03 15.33 -15.85
N PRO B 165 -10.06 16.21 -15.93
CA PRO B 165 -10.12 17.24 -16.98
C PRO B 165 -8.93 18.16 -17.01
N THR B 166 -8.49 18.60 -15.84
CA THR B 166 -7.35 19.49 -15.81
C THR B 166 -6.16 18.76 -16.40
N THR B 167 -6.03 17.47 -16.10
CA THR B 167 -4.93 16.68 -16.61
C THR B 167 -5.02 16.40 -18.11
N ILE B 168 -6.24 16.26 -18.62
CA ILE B 168 -6.45 15.93 -20.04
C ILE B 168 -6.43 17.16 -20.95
N GLN B 169 -6.96 18.26 -20.44
CA GLN B 169 -7.03 19.48 -21.23
C GLN B 169 -5.70 20.15 -21.48
N LEU B 170 -4.87 20.32 -20.44
CA LEU B 170 -3.60 20.99 -20.66
C LEU B 170 -2.90 20.36 -21.88
N PRO B 171 -2.98 19.03 -22.02
CA PRO B 171 -2.36 18.34 -23.15
C PRO B 171 -2.96 18.66 -24.53
N LEU B 172 -4.22 18.27 -24.71
CA LEU B 172 -4.87 18.42 -26.01
C LEU B 172 -5.19 19.79 -26.60
N VAL B 173 -5.66 20.73 -25.78
CA VAL B 173 -6.02 22.04 -26.30
C VAL B 173 -4.91 22.70 -27.14
N PRO B 174 -3.69 22.87 -26.58
CA PRO B 174 -2.53 23.46 -27.27
C PRO B 174 -2.19 22.78 -28.59
N LEU B 175 -2.32 21.46 -28.62
CA LEU B 175 -2.02 20.67 -29.83
C LEU B 175 -3.09 20.84 -30.91
N LEU B 176 -4.34 20.91 -30.48
CA LEU B 176 -5.44 21.10 -31.41
C LEU B 176 -5.33 22.53 -31.96
N LYS B 177 -5.00 23.47 -31.09
CA LYS B 177 -4.84 24.87 -31.51
C LYS B 177 -3.90 24.98 -32.73
N ALA B 178 -2.80 24.24 -32.70
CA ALA B 178 -1.83 24.25 -33.79
C ALA B 178 -2.11 23.21 -34.87
N ASN B 179 -3.29 22.59 -34.82
CA ASN B 179 -3.69 21.57 -35.81
C ASN B 179 -2.64 20.47 -36.01
N LEU B 180 -1.91 20.14 -34.96
CA LEU B 180 -0.86 19.14 -35.03
C LEU B 180 -1.37 17.70 -34.97
N ILE B 181 -2.59 17.51 -34.46
CA ILE B 181 -3.17 16.17 -34.37
C ILE B 181 -4.56 16.16 -34.97
N LYS B 182 -5.12 14.97 -35.16
CA LYS B 182 -6.46 14.86 -35.72
C LYS B 182 -7.52 14.96 -34.63
N HIS B 183 -8.78 15.13 -35.02
CA HIS B 183 -9.86 15.26 -34.05
C HIS B 183 -10.48 13.93 -33.64
N GLU B 184 -10.34 12.93 -34.49
CA GLU B 184 -10.91 11.61 -34.20
C GLU B 184 -9.93 10.65 -33.56
N ASN B 185 -10.48 9.54 -33.09
CA ASN B 185 -9.71 8.46 -32.50
C ASN B 185 -8.76 8.84 -31.35
N ILE B 186 -9.15 9.82 -30.55
CA ILE B 186 -8.37 10.23 -29.39
C ILE B 186 -8.90 9.43 -28.20
N ILE B 187 -8.01 8.64 -27.58
CA ILE B 187 -8.41 7.83 -26.42
C ILE B 187 -7.47 7.99 -25.23
N ILE B 188 -8.09 7.94 -24.05
CA ILE B 188 -7.36 8.11 -22.80
C ILE B 188 -7.65 7.01 -21.76
N ASP B 189 -6.57 6.50 -21.18
CA ASP B 189 -6.64 5.46 -20.17
C ASP B 189 -6.33 6.10 -18.81
N ALA B 190 -7.39 6.53 -18.13
CA ALA B 190 -7.34 7.21 -16.86
C ALA B 190 -6.96 6.44 -15.59
N LYS B 191 -6.08 7.06 -14.82
CA LYS B 191 -5.63 6.48 -13.56
C LYS B 191 -5.70 7.47 -12.42
N SER B 192 -6.35 7.07 -11.34
CA SER B 192 -6.47 7.94 -10.19
C SER B 192 -6.51 7.17 -8.87
N GLY B 193 -5.87 7.75 -7.85
CA GLY B 193 -5.89 7.14 -6.54
C GLY B 193 -7.30 7.28 -5.99
N VAL B 194 -7.53 6.84 -4.76
CA VAL B 194 -8.90 6.87 -4.22
C VAL B 194 -9.33 8.10 -3.39
N SER B 195 -8.44 9.08 -3.24
CA SER B 195 -8.77 10.29 -2.51
C SER B 195 -9.93 11.04 -3.20
N GLY B 196 -9.84 11.14 -4.53
CA GLY B 196 -10.89 11.83 -5.27
C GLY B 196 -12.28 11.26 -5.06
N ALA B 197 -12.36 10.02 -4.58
CA ALA B 197 -13.63 9.35 -4.34
C ALA B 197 -14.33 10.01 -3.14
N GLY B 198 -13.57 10.81 -2.39
CA GLY B 198 -14.14 11.46 -1.22
C GLY B 198 -14.14 10.55 -0.01
N ARG B 199 -14.51 11.13 1.14
CA ARG B 199 -14.55 10.39 2.39
C ARG B 199 -15.88 9.64 2.60
N GLY B 200 -16.75 9.66 1.59
CA GLY B 200 -18.01 8.95 1.69
C GLY B 200 -17.80 7.48 2.01
N ALA B 201 -18.36 7.06 3.14
CA ALA B 201 -18.24 5.69 3.63
C ALA B 201 -18.84 4.65 2.69
N LYS B 202 -18.09 4.27 1.64
CA LYS B 202 -18.61 3.27 0.73
C LYS B 202 -17.80 1.98 0.78
N GLU B 203 -18.52 0.89 0.95
CA GLU B 203 -17.91 -0.42 1.03
C GLU B 203 -16.77 -0.59 0.03
N ALA B 204 -17.00 -0.22 -1.22
CA ALA B 204 -16.00 -0.39 -2.26
C ALA B 204 -14.71 0.39 -2.08
N ASN B 205 -14.69 1.35 -1.17
CA ASN B 205 -13.49 2.14 -0.98
C ASN B 205 -12.72 1.88 0.31
N LEU B 206 -13.14 0.85 1.05
CA LEU B 206 -12.43 0.47 2.27
C LEU B 206 -11.01 0.04 1.87
N TYR B 207 -10.10 -0.01 2.83
CA TYR B 207 -8.72 -0.43 2.57
C TYR B 207 -8.68 -1.85 2.00
N SER B 208 -9.39 -2.79 2.63
CA SER B 208 -9.41 -4.17 2.19
C SER B 208 -9.86 -4.36 0.76
N GLU B 209 -10.98 -3.74 0.39
CA GLU B 209 -11.54 -3.86 -0.97
C GLU B 209 -10.66 -3.21 -2.05
N ILE B 210 -9.99 -2.12 -1.68
CA ILE B 210 -9.14 -1.42 -2.63
C ILE B 210 -7.68 -1.87 -2.70
N ALA B 211 -7.04 -1.98 -1.54
CA ALA B 211 -5.62 -2.33 -1.51
C ALA B 211 -5.19 -3.50 -2.40
N GLU B 212 -3.99 -3.37 -2.95
CA GLU B 212 -3.41 -4.41 -3.77
C GLU B 212 -4.21 -4.84 -4.98
N GLY B 213 -4.68 -3.86 -5.76
CA GLY B 213 -5.44 -4.15 -6.96
C GLY B 213 -5.98 -2.90 -7.65
N ILE B 214 -6.32 -3.04 -8.93
CA ILE B 214 -6.89 -1.94 -9.69
C ILE B 214 -8.15 -2.43 -10.44
N SER B 215 -8.85 -1.49 -11.06
CA SER B 215 -10.03 -1.79 -11.85
C SER B 215 -10.46 -0.55 -12.61
N SER B 216 -11.19 -0.75 -13.69
CA SER B 216 -11.72 0.35 -14.50
C SER B 216 -13.01 0.79 -13.79
N TYR B 217 -13.52 1.98 -14.13
CA TYR B 217 -14.79 2.47 -13.61
C TYR B 217 -15.25 3.60 -14.53
N GLY B 218 -16.39 4.22 -14.21
CA GLY B 218 -16.89 5.28 -15.05
C GLY B 218 -16.68 4.93 -16.50
N VAL B 219 -16.83 3.65 -16.83
CA VAL B 219 -16.60 3.21 -18.20
C VAL B 219 -17.70 3.64 -19.15
N THR B 220 -17.34 3.81 -20.41
CA THR B 220 -18.27 4.21 -21.47
C THR B 220 -18.81 5.62 -21.40
N ARG B 221 -19.45 5.94 -20.29
CA ARG B 221 -20.09 7.23 -20.13
C ARG B 221 -19.81 7.91 -18.80
N HIS B 222 -18.55 8.07 -18.46
CA HIS B 222 -18.18 8.74 -17.23
C HIS B 222 -18.57 10.20 -17.40
N ARG B 223 -18.93 10.84 -16.29
CA ARG B 223 -19.36 12.25 -16.32
C ARG B 223 -18.30 13.31 -16.61
N HIS B 224 -17.03 12.93 -16.63
CA HIS B 224 -16.03 13.93 -16.95
C HIS B 224 -16.00 14.16 -18.45
N VAL B 225 -16.50 13.18 -19.20
CA VAL B 225 -16.49 13.28 -20.65
C VAL B 225 -16.97 14.62 -21.21
N PRO B 226 -18.17 15.10 -20.79
CA PRO B 226 -18.66 16.37 -21.31
C PRO B 226 -17.72 17.56 -21.07
N GLU B 227 -17.00 17.53 -19.96
CA GLU B 227 -16.06 18.58 -19.61
C GLU B 227 -14.89 18.60 -20.60
N ILE B 228 -14.38 17.41 -20.90
CA ILE B 228 -13.27 17.19 -21.84
C ILE B 228 -13.62 17.60 -23.27
N GLU B 229 -14.69 16.99 -23.80
CA GLU B 229 -15.12 17.27 -25.15
C GLU B 229 -15.46 18.77 -25.33
N GLN B 230 -16.12 19.39 -24.35
CA GLN B 230 -16.45 20.81 -24.45
C GLN B 230 -15.18 21.62 -24.75
N GLY B 231 -14.13 21.41 -23.95
CA GLY B 231 -12.87 22.11 -24.15
C GLY B 231 -12.19 21.76 -25.46
N LEU B 232 -12.21 20.48 -25.85
CA LEU B 232 -11.57 20.06 -27.09
C LEU B 232 -12.31 20.62 -28.31
N SER B 233 -13.64 20.54 -28.25
CA SER B 233 -14.48 21.07 -29.34
C SER B 233 -14.23 22.58 -29.49
N ASP B 234 -14.15 23.29 -28.37
CA ASP B 234 -13.91 24.74 -28.39
C ASP B 234 -12.75 25.14 -29.32
N VAL B 235 -11.64 24.41 -29.24
CA VAL B 235 -10.49 24.73 -30.08
C VAL B 235 -10.56 24.07 -31.45
N ALA B 236 -10.98 22.81 -31.50
CA ALA B 236 -11.08 22.09 -32.77
C ALA B 236 -12.13 22.73 -33.67
N GLN B 237 -12.88 23.66 -33.11
CA GLN B 237 -13.94 24.35 -33.83
C GLN B 237 -14.84 23.31 -34.51
N SER B 238 -14.92 22.13 -33.93
CA SER B 238 -15.74 21.03 -34.45
C SER B 238 -16.01 20.05 -33.30
N LYS B 239 -17.18 19.42 -33.28
CA LYS B 239 -17.51 18.49 -32.20
C LYS B 239 -16.54 17.33 -32.08
N VAL B 240 -15.86 17.28 -30.94
CA VAL B 240 -14.90 16.20 -30.68
C VAL B 240 -15.57 15.11 -29.86
N THR B 241 -15.32 13.85 -30.23
CA THR B 241 -15.86 12.68 -29.52
C THR B 241 -14.64 11.86 -29.07
N VAL B 242 -14.44 11.72 -27.76
CA VAL B 242 -13.29 10.97 -27.28
C VAL B 242 -13.64 9.58 -26.75
N SER B 243 -12.76 9.09 -25.87
CA SER B 243 -12.89 7.81 -25.20
C SER B 243 -12.12 8.04 -23.90
N PHE B 244 -12.82 8.08 -22.76
CA PHE B 244 -12.16 8.35 -21.47
C PHE B 244 -12.48 7.26 -20.45
N THR B 245 -11.48 6.46 -20.12
CA THR B 245 -11.65 5.37 -19.18
C THR B 245 -10.92 5.54 -17.85
N PRO B 246 -11.67 5.63 -16.75
CA PRO B 246 -11.09 5.78 -15.42
C PRO B 246 -10.68 4.40 -14.88
N HIS B 247 -9.62 4.38 -14.09
CA HIS B 247 -9.10 3.15 -13.47
C HIS B 247 -8.73 3.56 -12.03
N LEU B 248 -9.25 2.81 -11.06
CA LEU B 248 -9.00 3.10 -9.65
C LEU B 248 -7.67 2.48 -9.18
N MET B 249 -6.76 3.34 -8.71
CA MET B 249 -5.43 2.94 -8.26
C MET B 249 -5.29 2.71 -6.76
N PRO B 250 -4.57 1.64 -6.36
CA PRO B 250 -4.39 1.37 -4.93
C PRO B 250 -3.34 2.33 -4.37
N MET B 251 -3.73 3.59 -4.26
CA MET B 251 -2.90 4.69 -3.75
C MET B 251 -3.88 5.85 -3.43
N ILE B 252 -3.46 6.78 -2.58
CA ILE B 252 -4.32 7.88 -2.21
C ILE B 252 -4.42 9.02 -3.21
N ARG B 253 -3.28 9.65 -3.51
CA ARG B 253 -3.23 10.77 -4.46
C ARG B 253 -2.50 10.41 -5.74
N GLY B 254 -2.74 11.19 -6.80
CA GLY B 254 -2.06 10.96 -8.05
C GLY B 254 -3.00 10.66 -9.18
N MET B 255 -2.64 11.14 -10.37
CA MET B 255 -3.51 10.93 -11.51
C MET B 255 -2.72 10.98 -12.80
N GLN B 256 -3.05 10.08 -13.71
CA GLN B 256 -2.35 10.06 -14.97
C GLN B 256 -3.27 9.70 -16.11
N SER B 257 -3.17 10.45 -17.19
CA SER B 257 -3.94 10.11 -18.37
C SER B 257 -2.93 9.67 -19.43
N THR B 258 -3.16 8.50 -20.02
CA THR B 258 -2.28 8.06 -21.09
C THR B 258 -3.14 8.30 -22.35
N ILE B 259 -2.73 9.31 -23.11
CA ILE B 259 -3.45 9.75 -24.29
C ILE B 259 -2.90 9.31 -25.64
N TYR B 260 -3.74 8.61 -26.40
CA TYR B 260 -3.31 8.11 -27.68
C TYR B 260 -3.88 8.98 -28.79
N VAL B 261 -2.99 9.68 -29.46
CA VAL B 261 -3.39 10.59 -30.52
C VAL B 261 -2.83 10.29 -31.89
N GLU B 262 -3.61 10.64 -32.89
CA GLU B 262 -3.24 10.46 -34.29
C GLU B 262 -2.64 11.79 -34.77
N MET B 263 -1.49 11.73 -35.44
CA MET B 263 -0.85 12.95 -35.94
C MET B 263 -1.42 13.37 -37.29
N ALA B 264 -1.48 14.68 -37.53
CA ALA B 264 -1.99 15.20 -38.79
C ALA B 264 -0.92 14.99 -39.84
N PRO B 265 -1.30 15.06 -41.13
CA PRO B 265 -0.34 14.88 -42.23
C PRO B 265 0.94 15.72 -42.04
N GLY B 266 2.08 15.08 -42.28
CA GLY B 266 3.36 15.77 -42.16
C GLY B 266 3.89 16.09 -40.77
N VAL B 267 3.21 15.59 -39.74
CA VAL B 267 3.64 15.88 -38.38
C VAL B 267 4.42 14.75 -37.73
N ARG B 268 5.39 15.13 -36.92
CA ARG B 268 6.19 14.17 -36.20
C ARG B 268 6.02 14.49 -34.72
N THR B 269 6.31 13.52 -33.85
CA THR B 269 6.15 13.77 -32.42
C THR B 269 6.99 14.94 -31.97
N GLU B 270 8.09 15.21 -32.68
CA GLU B 270 8.98 16.33 -32.33
C GLU B 270 8.23 17.67 -32.36
N ASP B 271 7.41 17.87 -33.40
CA ASP B 271 6.61 19.08 -33.54
C ASP B 271 5.62 19.11 -32.40
N LEU B 272 5.14 17.91 -32.02
CA LEU B 272 4.17 17.81 -30.94
C LEU B 272 4.88 18.28 -29.68
N HIS B 273 6.14 17.89 -29.54
CA HIS B 273 6.90 18.26 -28.36
C HIS B 273 7.29 19.72 -28.26
N GLN B 274 7.98 20.22 -29.29
CA GLN B 274 8.50 21.58 -29.28
C GLN B 274 7.38 22.59 -29.08
N GLN B 275 6.22 22.30 -29.67
CA GLN B 275 5.06 23.15 -29.52
C GLN B 275 4.73 23.21 -28.03
N LEU B 276 4.37 22.06 -27.44
CA LEU B 276 4.04 22.01 -26.01
C LEU B 276 5.09 22.72 -25.18
N LYS B 277 6.35 22.50 -25.50
CA LYS B 277 7.42 23.14 -24.75
C LYS B 277 7.31 24.67 -24.91
N THR B 278 6.91 25.11 -26.10
CA THR B 278 6.74 26.53 -26.36
C THR B 278 5.49 27.08 -25.65
N SER B 279 4.39 26.34 -25.71
CA SER B 279 3.15 26.76 -25.07
C SER B 279 3.22 26.86 -23.53
N TYR B 280 4.13 26.13 -22.91
CA TYR B 280 4.21 26.13 -21.45
C TYR B 280 5.55 26.51 -20.84
N GLU B 281 6.50 26.88 -21.70
CA GLU B 281 7.83 27.25 -21.23
C GLU B 281 7.80 28.33 -20.15
N ASP B 282 6.81 29.22 -20.17
CA ASP B 282 6.75 30.25 -19.14
C ASP B 282 5.79 29.91 -17.99
N GLU B 283 5.24 28.69 -18.00
CA GLU B 283 4.29 28.30 -16.96
C GLU B 283 4.92 27.67 -15.74
N GLU B 284 4.57 28.17 -14.56
CA GLU B 284 5.14 27.62 -13.35
C GLU B 284 4.66 26.20 -13.09
N PHE B 285 3.35 25.97 -13.20
CA PHE B 285 2.78 24.67 -12.91
C PHE B 285 2.69 23.60 -13.99
N VAL B 286 2.93 23.95 -15.25
CA VAL B 286 2.85 22.95 -16.29
C VAL B 286 4.24 22.73 -16.88
N LYS B 287 4.84 21.56 -16.59
CA LYS B 287 6.18 21.24 -17.07
C LYS B 287 6.17 20.20 -18.19
N VAL B 288 6.75 20.57 -19.34
CA VAL B 288 6.87 19.66 -20.46
C VAL B 288 8.22 18.98 -20.27
N LEU B 289 8.21 17.65 -20.23
CA LEU B 289 9.45 16.91 -20.01
C LEU B 289 10.25 16.71 -21.29
N ASP B 290 11.53 16.39 -21.13
CA ASP B 290 12.39 16.17 -22.28
C ASP B 290 11.93 14.93 -23.02
N GLU B 291 12.16 14.92 -24.33
CA GLU B 291 11.76 13.77 -25.14
C GLU B 291 12.34 12.47 -24.57
N GLY B 292 11.49 11.44 -24.50
CA GLY B 292 11.91 10.16 -23.99
C GLY B 292 11.87 10.03 -22.47
N VAL B 293 11.54 11.10 -21.75
CA VAL B 293 11.47 11.02 -20.30
C VAL B 293 10.02 10.77 -19.88
N VAL B 294 9.87 9.80 -18.99
CA VAL B 294 8.58 9.37 -18.49
C VAL B 294 8.22 10.04 -17.18
N PRO B 295 7.00 10.58 -17.09
CA PRO B 295 6.57 11.23 -15.85
C PRO B 295 6.16 10.17 -14.81
N ARG B 296 6.08 10.60 -13.54
CA ARG B 296 5.71 9.73 -12.42
C ARG B 296 4.76 10.50 -11.51
N THR B 297 3.51 10.04 -11.33
CA THR B 297 2.59 10.76 -10.46
C THR B 297 3.27 11.00 -9.11
N HIS B 298 4.18 10.10 -8.77
CA HIS B 298 4.93 10.21 -7.50
C HIS B 298 5.59 11.59 -7.45
N ASN B 299 6.12 12.04 -8.59
CA ASN B 299 6.85 13.31 -8.67
C ASN B 299 6.10 14.63 -8.52
N VAL B 300 4.78 14.58 -8.46
CA VAL B 300 3.97 15.80 -8.31
C VAL B 300 3.03 15.70 -7.08
N ARG B 301 3.08 14.55 -6.42
CA ARG B 301 2.27 14.24 -5.24
C ARG B 301 2.38 15.31 -4.16
N GLY B 302 1.28 16.01 -3.92
CA GLY B 302 1.29 17.05 -2.90
C GLY B 302 1.71 18.42 -3.42
N SER B 303 1.65 18.62 -4.73
CA SER B 303 2.02 19.89 -5.34
C SER B 303 0.99 20.21 -6.41
N ASN B 304 1.05 21.41 -6.96
CA ASN B 304 0.10 21.83 -7.98
C ASN B 304 0.64 21.69 -9.40
N TYR B 305 1.68 20.87 -9.55
CA TYR B 305 2.34 20.67 -10.84
C TYR B 305 1.81 19.57 -11.75
N CYS B 306 1.89 19.86 -13.06
CA CYS B 306 1.51 18.94 -14.13
C CYS B 306 2.80 18.62 -14.89
N HIS B 307 3.23 17.36 -14.87
CA HIS B 307 4.44 16.96 -15.61
C HIS B 307 4.00 16.09 -16.77
N MET B 308 4.09 16.61 -17.98
CA MET B 308 3.70 15.83 -19.16
C MET B 308 4.88 15.53 -20.08
N SER B 309 4.67 14.57 -20.96
CA SER B 309 5.67 14.16 -21.94
C SER B 309 5.03 13.55 -23.19
N VAL B 310 5.71 13.68 -24.33
CA VAL B 310 5.22 13.12 -25.58
C VAL B 310 6.13 12.00 -26.00
N PHE B 311 5.57 11.03 -26.74
CA PHE B 311 6.33 9.88 -27.22
C PHE B 311 5.74 9.36 -28.51
N PRO B 312 6.57 8.71 -29.33
CA PRO B 312 6.01 8.18 -30.57
C PRO B 312 5.28 6.86 -30.26
N ASP B 313 4.23 6.60 -31.03
CA ASP B 313 3.48 5.37 -30.91
C ASP B 313 4.17 4.43 -31.89
N ARG B 314 4.02 3.13 -31.68
CA ARG B 314 4.62 2.15 -32.56
C ARG B 314 3.81 2.13 -33.85
N ILE B 315 2.51 2.43 -33.72
CA ILE B 315 1.64 2.47 -34.89
C ILE B 315 2.04 3.71 -35.69
N PRO B 316 2.27 3.56 -37.00
CA PRO B 316 2.64 4.74 -37.80
C PRO B 316 1.60 5.86 -37.77
N GLY B 317 2.08 7.09 -37.56
CA GLY B 317 1.19 8.22 -37.52
C GLY B 317 0.69 8.58 -36.14
N ARG B 318 0.79 7.64 -35.21
CA ARG B 318 0.31 7.89 -33.86
C ARG B 318 1.39 8.38 -32.90
N ALA B 319 0.95 8.97 -31.79
CA ALA B 319 1.83 9.51 -30.75
C ALA B 319 1.20 9.22 -29.40
N ILE B 320 2.03 9.21 -28.36
CA ILE B 320 1.54 8.98 -27.01
C ILE B 320 1.81 10.21 -26.16
N ILE B 321 0.79 10.62 -25.41
CA ILE B 321 0.90 11.77 -24.52
C ILE B 321 0.49 11.41 -23.10
N ILE B 322 1.44 11.49 -22.17
CA ILE B 322 1.21 11.20 -20.74
C ILE B 322 1.20 12.53 -19.97
N SER B 323 0.18 12.71 -19.15
CA SER B 323 0.01 13.92 -18.36
C SER B 323 -0.33 13.50 -16.92
N VAL B 324 0.40 14.04 -15.94
CA VAL B 324 0.14 13.68 -14.54
C VAL B 324 0.08 14.86 -13.58
N ILE B 325 -0.67 14.66 -12.50
CA ILE B 325 -0.81 15.65 -11.43
C ILE B 325 -1.29 14.98 -10.16
N ASP B 326 -1.39 15.78 -9.10
CA ASP B 326 -1.94 15.32 -7.83
C ASP B 326 -3.44 15.64 -8.04
N ASN B 327 -4.31 14.62 -8.06
CA ASN B 327 -5.74 14.85 -8.31
C ASN B 327 -6.44 15.79 -7.37
N LEU B 328 -6.03 15.82 -6.10
CA LEU B 328 -6.62 16.72 -5.14
C LEU B 328 -6.02 18.13 -5.17
N VAL B 329 -5.02 18.35 -6.01
CA VAL B 329 -4.41 19.68 -6.04
C VAL B 329 -4.57 20.39 -7.38
N LYS B 330 -3.71 20.10 -8.36
CA LYS B 330 -3.87 20.78 -9.63
C LYS B 330 -5.26 20.47 -10.22
N GLY B 331 -5.69 19.23 -10.05
CA GLY B 331 -6.99 18.81 -10.55
C GLY B 331 -8.12 19.11 -9.56
N ALA B 332 -7.83 19.91 -8.54
CA ALA B 332 -8.85 20.23 -7.56
C ALA B 332 -8.63 21.53 -6.79
N SER B 333 -8.37 21.43 -5.49
CA SER B 333 -8.20 22.62 -4.65
C SER B 333 -6.96 23.48 -4.85
N GLY B 334 -5.94 22.92 -5.49
CA GLY B 334 -4.72 23.67 -5.76
C GLY B 334 -5.00 24.65 -6.89
N GLN B 335 -5.82 24.22 -7.86
CA GLN B 335 -6.18 25.09 -8.98
C GLN B 335 -7.21 26.13 -8.51
N ALA B 336 -8.13 25.70 -7.65
CA ALA B 336 -9.16 26.60 -7.10
C ALA B 336 -8.50 27.83 -6.49
N LEU B 337 -7.35 27.63 -5.83
CA LEU B 337 -6.64 28.75 -5.23
C LEU B 337 -5.95 29.54 -6.33
N GLN B 338 -5.30 28.84 -7.24
CA GLN B 338 -4.62 29.52 -8.35
C GLN B 338 -5.63 30.50 -8.97
N ASN B 339 -6.86 30.03 -9.20
CA ASN B 339 -7.91 30.87 -9.78
C ASN B 339 -8.35 32.06 -8.93
N LEU B 340 -8.62 31.82 -7.65
CA LEU B 340 -9.04 32.89 -6.78
C LEU B 340 -7.92 33.93 -6.67
N ASN B 341 -6.67 33.50 -6.82
CA ASN B 341 -5.56 34.43 -6.74
C ASN B 341 -5.67 35.54 -7.78
N ILE B 342 -5.75 35.14 -9.06
CA ILE B 342 -5.82 36.09 -10.14
C ILE B 342 -7.16 36.83 -10.26
N MET B 343 -8.23 36.20 -9.79
CA MET B 343 -9.57 36.81 -9.81
C MET B 343 -9.58 38.00 -8.87
N LEU B 344 -8.80 37.87 -7.80
CA LEU B 344 -8.69 38.90 -6.79
C LEU B 344 -7.48 39.78 -7.04
N GLY B 345 -6.78 39.55 -8.14
CA GLY B 345 -5.64 40.38 -8.44
C GLY B 345 -4.37 40.10 -7.67
N TYR B 346 -4.27 38.93 -7.05
CA TYR B 346 -3.06 38.56 -6.33
C TYR B 346 -2.16 37.73 -7.24
N PRO B 347 -0.87 37.58 -6.86
CA PRO B 347 0.05 36.78 -7.68
C PRO B 347 -0.51 35.38 -7.84
N GLU B 348 -0.51 34.88 -9.06
CA GLU B 348 -1.08 33.57 -9.36
C GLU B 348 -0.46 32.37 -8.62
N THR B 349 0.83 32.47 -8.26
CA THR B 349 1.53 31.39 -7.57
C THR B 349 1.52 31.48 -6.04
N THR B 350 0.93 32.55 -5.51
CA THR B 350 0.85 32.79 -4.06
C THR B 350 0.33 31.58 -3.28
N GLY B 351 1.06 31.21 -2.22
CA GLY B 351 0.66 30.08 -1.40
C GLY B 351 0.58 28.74 -2.14
N LEU B 352 1.24 28.63 -3.29
CA LEU B 352 1.17 27.38 -4.05
C LEU B 352 2.56 26.83 -4.43
N LEU B 353 3.58 27.20 -3.67
CA LEU B 353 4.93 26.73 -3.96
C LEU B 353 5.35 25.44 -3.24
N HIS B 354 4.41 24.77 -2.57
CA HIS B 354 4.66 23.49 -1.89
C HIS B 354 5.34 22.55 -2.90
N GLN B 355 6.58 22.13 -2.63
CA GLN B 355 7.27 21.21 -3.55
C GLN B 355 6.80 19.77 -3.32
N PRO B 356 6.98 18.87 -4.32
CA PRO B 356 6.54 17.48 -4.15
C PRO B 356 7.08 16.72 -2.94
N LEU B 357 6.17 16.09 -2.20
CA LEU B 357 6.57 15.31 -1.04
C LEU B 357 7.00 13.92 -1.51
N PHE B 358 8.31 13.74 -1.72
CA PHE B 358 8.81 12.45 -2.15
C PHE B 358 10.05 12.08 -1.33
N PRO B 359 10.13 10.82 -0.88
CA PRO B 359 9.10 9.81 -1.14
C PRO B 359 7.87 10.05 -0.26
N LYS C 15 6.73 -37.10 -4.98
CA LYS C 15 6.09 -38.41 -5.27
C LYS C 15 6.68 -39.00 -6.54
N ASP C 16 5.81 -39.53 -7.39
CA ASP C 16 6.20 -40.16 -8.65
C ASP C 16 7.11 -39.32 -9.55
N ILE C 17 6.55 -38.24 -10.11
CA ILE C 17 7.29 -37.36 -11.01
C ILE C 17 8.29 -36.45 -10.28
N ARG C 18 9.57 -36.58 -10.62
CA ARG C 18 10.58 -35.76 -9.99
C ARG C 18 10.78 -34.46 -10.76
N ILE C 19 10.79 -33.33 -10.05
CA ILE C 19 10.93 -32.02 -10.68
C ILE C 19 12.22 -31.24 -10.39
N GLY C 20 12.76 -30.64 -11.43
CA GLY C 20 13.97 -29.84 -11.28
C GLY C 20 13.65 -28.38 -11.52
N LEU C 21 14.30 -27.51 -10.76
CA LEU C 21 14.07 -26.09 -10.92
C LEU C 21 15.37 -25.35 -11.26
N LEU C 22 15.44 -24.83 -12.48
CA LEU C 22 16.61 -24.07 -12.95
C LEU C 22 16.40 -22.58 -12.62
N GLY C 23 16.96 -22.13 -11.49
CA GLY C 23 16.79 -20.74 -11.10
C GLY C 23 15.60 -20.62 -10.16
N ALA C 24 15.82 -21.00 -8.91
CA ALA C 24 14.81 -20.99 -7.87
C ALA C 24 14.91 -19.79 -6.94
N SER C 25 15.89 -18.92 -7.16
CA SER C 25 16.04 -17.76 -6.29
C SER C 25 15.12 -16.56 -6.58
N GLY C 26 14.35 -16.61 -7.67
CA GLY C 26 13.46 -15.49 -7.99
C GLY C 26 11.99 -15.80 -7.72
N TYR C 27 11.10 -14.84 -7.95
CA TYR C 27 9.66 -15.06 -7.71
C TYR C 27 9.00 -16.14 -8.56
N THR C 28 9.38 -16.26 -9.83
CA THR C 28 8.73 -17.28 -10.65
C THR C 28 9.09 -18.68 -10.09
N GLY C 29 10.31 -18.80 -9.58
CA GLY C 29 10.75 -20.06 -9.01
C GLY C 29 9.98 -20.32 -7.71
N ALA C 30 9.86 -19.29 -6.89
CA ALA C 30 9.13 -19.45 -5.65
C ALA C 30 7.69 -19.89 -5.97
N GLU C 31 7.07 -19.27 -6.98
CA GLU C 31 5.69 -19.63 -7.34
C GLU C 31 5.57 -21.08 -7.77
N ILE C 32 6.57 -21.57 -8.50
CA ILE C 32 6.57 -22.96 -8.95
C ILE C 32 6.56 -23.87 -7.72
N VAL C 33 7.39 -23.54 -6.73
CA VAL C 33 7.47 -24.33 -5.51
C VAL C 33 6.15 -24.28 -4.72
N ARG C 34 5.52 -23.10 -4.68
CA ARG C 34 4.26 -22.94 -3.98
C ARG C 34 3.21 -23.83 -4.63
N LEU C 35 3.09 -23.67 -5.95
CA LEU C 35 2.12 -24.45 -6.69
C LEU C 35 2.33 -25.99 -6.60
N LEU C 36 3.58 -26.43 -6.66
CA LEU C 36 3.83 -27.85 -6.59
C LEU C 36 3.58 -28.45 -5.21
N ALA C 37 3.81 -27.65 -4.17
CA ALA C 37 3.64 -28.08 -2.79
C ALA C 37 2.50 -29.06 -2.62
N ASN C 38 1.29 -28.70 -3.03
CA ASN C 38 0.21 -29.65 -2.85
C ASN C 38 -0.24 -30.31 -4.14
N HIS C 39 0.66 -30.35 -5.12
CA HIS C 39 0.34 -31.00 -6.38
C HIS C 39 0.21 -32.51 -6.07
N PRO C 40 -0.84 -33.16 -6.54
CA PRO C 40 -1.08 -34.59 -6.32
C PRO C 40 -0.04 -35.57 -6.86
N HIS C 41 0.86 -35.13 -7.73
CA HIS C 41 1.86 -36.02 -8.28
C HIS C 41 3.29 -35.45 -8.37
N PHE C 42 3.42 -34.24 -8.91
CA PHE C 42 4.73 -33.63 -9.09
C PHE C 42 5.36 -33.17 -7.78
N GLN C 43 6.64 -33.50 -7.61
CA GLN C 43 7.36 -33.10 -6.41
C GLN C 43 8.77 -32.63 -6.76
N VAL C 44 9.11 -31.41 -6.35
CA VAL C 44 10.43 -30.88 -6.65
C VAL C 44 11.50 -31.75 -6.01
N THR C 45 12.44 -32.23 -6.81
CA THR C 45 13.52 -33.10 -6.32
C THR C 45 14.91 -32.54 -6.61
N LEU C 46 14.98 -31.33 -7.16
CA LEU C 46 16.25 -30.72 -7.50
C LEU C 46 16.06 -29.23 -7.80
N MET C 47 16.92 -28.38 -7.24
CA MET C 47 16.81 -26.93 -7.46
C MET C 47 18.16 -26.21 -7.57
N THR C 48 18.31 -25.39 -8.61
CA THR C 48 19.56 -24.67 -8.84
C THR C 48 19.51 -23.16 -8.64
N ALA C 49 20.66 -22.58 -8.34
CA ALA C 49 20.76 -21.14 -8.15
C ALA C 49 22.23 -20.79 -7.89
N ASP C 50 22.94 -20.41 -8.94
CA ASP C 50 24.36 -20.06 -8.84
C ASP C 50 24.67 -19.06 -7.73
N ARG C 51 24.07 -17.88 -7.82
CA ARG C 51 24.29 -16.82 -6.83
C ARG C 51 24.26 -17.37 -5.41
N LYS C 52 23.37 -18.33 -5.16
CA LYS C 52 23.22 -18.93 -3.84
C LYS C 52 23.33 -20.45 -3.92
N ALA C 53 24.25 -20.91 -4.75
CA ALA C 53 24.47 -22.34 -4.93
C ALA C 53 24.89 -23.01 -3.64
N GLY C 54 24.43 -24.24 -3.47
CA GLY C 54 24.76 -24.98 -2.28
C GLY C 54 24.20 -24.27 -1.07
N GLN C 55 22.95 -23.81 -1.19
CA GLN C 55 22.28 -23.10 -0.11
C GLN C 55 20.89 -23.65 0.13
N SER C 56 20.30 -23.29 1.27
CA SER C 56 18.95 -23.75 1.63
C SER C 56 17.90 -22.88 0.93
N MET C 57 16.79 -23.49 0.51
CA MET C 57 15.74 -22.75 -0.15
C MET C 57 15.10 -21.75 0.81
N GLU C 58 14.88 -22.17 2.05
CA GLU C 58 14.29 -21.32 3.07
C GLU C 58 15.14 -20.08 3.29
N SER C 59 16.45 -20.27 3.41
CA SER C 59 17.37 -19.15 3.63
C SER C 59 17.18 -18.03 2.59
N VAL C 60 16.70 -18.40 1.41
CA VAL C 60 16.43 -17.48 0.30
C VAL C 60 14.96 -17.01 0.43
N PHE C 61 14.07 -17.93 0.76
CA PHE C 61 12.65 -17.67 0.93
C PHE C 61 12.13 -18.30 2.22
N PRO C 62 12.30 -17.61 3.35
CA PRO C 62 11.87 -18.06 4.67
C PRO C 62 10.41 -18.45 4.75
N HIS C 63 9.61 -18.00 3.79
CA HIS C 63 8.20 -18.34 3.84
C HIS C 63 7.98 -19.78 3.40
N LEU C 64 9.04 -20.43 2.97
CA LEU C 64 8.89 -21.81 2.50
C LEU C 64 9.24 -22.88 3.53
N ARG C 65 9.55 -22.46 4.76
CA ARG C 65 9.96 -23.40 5.80
C ARG C 65 9.12 -24.67 6.00
N ALA C 66 7.79 -24.59 5.85
CA ALA C 66 6.94 -25.76 6.06
C ALA C 66 7.21 -26.86 5.02
N GLN C 67 7.99 -26.53 4.01
CA GLN C 67 8.30 -27.48 2.97
C GLN C 67 9.65 -28.17 3.08
N LYS C 68 9.66 -29.47 2.83
CA LYS C 68 10.90 -30.25 2.83
C LYS C 68 11.28 -30.22 1.37
N LEU C 69 12.28 -29.41 1.04
CA LEU C 69 12.70 -29.27 -0.33
C LEU C 69 14.15 -29.61 -0.56
N PRO C 70 14.53 -29.83 -1.83
CA PRO C 70 15.89 -30.14 -2.24
C PRO C 70 16.81 -28.96 -1.97
N THR C 71 18.02 -29.25 -1.50
CA THR C 71 18.98 -28.21 -1.23
C THR C 71 19.43 -27.61 -2.57
N LEU C 72 19.69 -26.31 -2.60
CA LEU C 72 20.09 -25.63 -3.83
C LEU C 72 21.52 -25.96 -4.22
N VAL C 73 21.75 -26.06 -5.53
CA VAL C 73 23.07 -26.37 -6.06
C VAL C 73 23.34 -25.52 -7.29
N SER C 74 24.56 -25.64 -7.80
CA SER C 74 24.98 -24.91 -9.00
C SER C 74 24.47 -25.69 -10.21
N VAL C 75 24.18 -25.00 -11.31
CA VAL C 75 23.69 -25.66 -12.52
C VAL C 75 24.73 -26.67 -12.96
N LYS C 76 25.99 -26.24 -12.91
CA LYS C 76 27.11 -27.07 -13.29
C LYS C 76 27.08 -28.36 -12.50
N ASP C 77 27.07 -28.24 -11.18
CA ASP C 77 27.05 -29.40 -10.30
C ASP C 77 25.75 -30.18 -10.39
N ALA C 78 24.67 -29.52 -10.78
CA ALA C 78 23.38 -30.18 -10.87
C ALA C 78 23.32 -31.18 -12.00
N ASP C 79 23.09 -32.44 -11.63
CA ASP C 79 23.00 -33.54 -12.59
C ASP C 79 21.54 -33.78 -12.88
N PHE C 80 21.06 -33.25 -14.00
CA PHE C 80 19.66 -33.39 -14.40
C PHE C 80 19.24 -34.78 -14.83
N SER C 81 19.83 -35.78 -14.18
CA SER C 81 19.51 -37.16 -14.50
C SER C 81 18.56 -37.69 -13.42
N THR C 82 18.64 -37.08 -12.24
CA THR C 82 17.82 -37.46 -11.11
C THR C 82 16.49 -36.73 -11.13
N VAL C 83 16.13 -36.22 -12.31
CA VAL C 83 14.89 -35.49 -12.51
C VAL C 83 14.26 -35.96 -13.81
N ASP C 84 12.94 -35.81 -13.90
CA ASP C 84 12.21 -36.19 -15.09
C ASP C 84 11.94 -34.96 -15.96
N ALA C 85 10.95 -34.17 -15.56
CA ALA C 85 10.55 -32.96 -16.25
C ALA C 85 11.22 -31.77 -15.59
N VAL C 86 11.35 -30.68 -16.33
CA VAL C 86 12.03 -29.50 -15.82
C VAL C 86 11.29 -28.17 -16.08
N PHE C 87 11.45 -27.21 -15.15
CA PHE C 87 10.90 -25.86 -15.26
C PHE C 87 12.15 -24.99 -15.33
N CYS C 88 12.20 -24.08 -16.29
CA CYS C 88 13.35 -23.20 -16.44
C CYS C 88 12.98 -21.74 -16.16
N CYS C 89 13.57 -21.19 -15.10
CA CYS C 89 13.32 -19.82 -14.67
C CYS C 89 14.61 -19.01 -14.68
N LEU C 90 15.51 -19.35 -15.61
CA LEU C 90 16.78 -18.66 -15.69
C LEU C 90 16.67 -17.29 -16.35
N PRO C 91 17.66 -16.42 -16.10
CA PRO C 91 17.70 -15.06 -16.65
C PRO C 91 17.84 -15.11 -18.18
N HIS C 92 17.14 -14.21 -18.87
CA HIS C 92 17.22 -14.16 -20.32
C HIS C 92 18.67 -14.03 -20.76
N GLY C 93 18.99 -14.70 -21.87
CA GLY C 93 20.35 -14.66 -22.39
C GLY C 93 21.24 -15.72 -21.78
N THR C 94 20.62 -16.72 -21.15
CA THR C 94 21.39 -17.80 -20.54
C THR C 94 20.68 -19.13 -20.73
N THR C 95 19.42 -19.07 -21.13
CA THR C 95 18.56 -20.24 -21.32
C THR C 95 18.81 -21.10 -22.56
N GLN C 96 18.95 -20.46 -23.70
CA GLN C 96 19.14 -21.17 -24.94
C GLN C 96 20.26 -22.21 -24.94
N GLU C 97 21.44 -21.84 -24.41
CA GLU C 97 22.56 -22.78 -24.36
C GLU C 97 22.24 -23.94 -23.42
N ILE C 98 21.85 -23.61 -22.19
CA ILE C 98 21.53 -24.61 -21.18
C ILE C 98 20.44 -25.59 -21.58
N ILE C 99 19.34 -25.07 -22.09
CA ILE C 99 18.24 -25.95 -22.50
C ILE C 99 18.66 -26.80 -23.66
N LYS C 100 19.51 -26.25 -24.53
CA LYS C 100 19.99 -26.97 -25.69
C LYS C 100 20.81 -28.20 -25.29
N GLU C 101 21.54 -28.08 -24.18
CA GLU C 101 22.37 -29.16 -23.68
C GLU C 101 21.65 -30.14 -22.75
N LEU C 102 20.41 -29.84 -22.38
CA LEU C 102 19.67 -30.74 -21.49
C LEU C 102 19.40 -32.09 -22.18
N PRO C 103 19.37 -33.18 -21.40
CA PRO C 103 19.12 -34.51 -21.97
C PRO C 103 17.76 -34.59 -22.62
N THR C 104 17.73 -34.94 -23.89
CA THR C 104 16.50 -35.04 -24.64
C THR C 104 15.41 -35.89 -23.98
N ALA C 105 15.70 -36.42 -22.80
CA ALA C 105 14.70 -37.24 -22.10
C ALA C 105 13.94 -36.37 -21.10
N LEU C 106 14.37 -35.12 -20.96
CA LEU C 106 13.72 -34.22 -20.04
C LEU C 106 12.59 -33.49 -20.71
N LYS C 107 11.52 -33.25 -19.96
CA LYS C 107 10.38 -32.48 -20.44
C LYS C 107 10.80 -31.07 -20.01
N ILE C 108 10.59 -30.07 -20.85
CA ILE C 108 11.05 -28.73 -20.51
C ILE C 108 10.07 -27.55 -20.70
N VAL C 109 9.93 -26.73 -19.68
CA VAL C 109 9.10 -25.55 -19.80
C VAL C 109 10.01 -24.37 -19.45
N ASP C 110 10.30 -23.56 -20.45
CA ASP C 110 11.13 -22.39 -20.27
C ASP C 110 10.24 -21.18 -19.97
N LEU C 111 10.39 -20.60 -18.78
CA LEU C 111 9.59 -19.43 -18.41
C LEU C 111 10.13 -18.14 -19.07
N SER C 112 11.35 -18.18 -19.62
CA SER C 112 11.89 -16.99 -20.25
C SER C 112 11.28 -16.78 -21.64
N ALA C 113 11.70 -15.71 -22.30
CA ALA C 113 11.24 -15.35 -23.63
C ALA C 113 11.91 -16.15 -24.75
N ASP C 114 12.99 -16.87 -24.40
CA ASP C 114 13.82 -17.65 -25.34
C ASP C 114 13.25 -18.52 -26.46
N PHE C 115 12.07 -19.09 -26.31
CA PHE C 115 11.56 -19.89 -27.40
C PHE C 115 10.22 -19.38 -27.93
N ARG C 116 9.77 -18.26 -27.38
CA ARG C 116 8.50 -17.64 -27.79
C ARG C 116 8.41 -17.22 -29.26
N LEU C 117 9.44 -16.54 -29.75
CA LEU C 117 9.45 -16.05 -31.14
C LEU C 117 10.01 -17.08 -32.11
N ARG C 118 9.26 -17.40 -33.15
CA ARG C 118 9.70 -18.37 -34.12
C ARG C 118 10.67 -17.73 -35.12
N ASN C 119 10.41 -16.49 -35.50
CA ASN C 119 11.30 -15.81 -36.44
C ASN C 119 12.62 -15.41 -35.78
N ILE C 120 13.68 -16.13 -36.14
CA ILE C 120 15.03 -15.93 -35.64
C ILE C 120 15.50 -14.49 -35.58
N ALA C 121 15.02 -13.67 -36.50
CA ALA C 121 15.43 -12.26 -36.51
C ALA C 121 14.77 -11.53 -35.34
N GLU C 122 13.48 -11.75 -35.15
CA GLU C 122 12.73 -11.10 -34.07
C GLU C 122 13.53 -11.15 -32.77
N TYR C 123 13.96 -12.35 -32.38
CA TYR C 123 14.72 -12.51 -31.14
C TYR C 123 16.00 -11.69 -31.22
N GLU C 124 16.74 -11.88 -32.31
CA GLU C 124 18.00 -11.19 -32.47
C GLU C 124 17.85 -9.72 -32.83
N GLU C 125 16.62 -9.28 -33.05
CA GLU C 125 16.37 -7.88 -33.37
C GLU C 125 15.93 -7.10 -32.14
N TRP C 126 15.32 -7.78 -31.18
CA TRP C 126 14.84 -7.12 -29.96
C TRP C 126 15.70 -7.41 -28.74
N TYR C 127 15.91 -8.70 -28.50
CA TYR C 127 16.66 -9.12 -27.34
C TYR C 127 18.16 -8.87 -27.44
N GLY C 128 18.55 -8.12 -28.47
CA GLY C 128 19.95 -7.77 -28.66
C GLY C 128 21.03 -8.84 -28.48
N GLN C 129 20.87 -9.97 -29.16
CA GLN C 129 21.86 -11.03 -29.09
C GLN C 129 21.51 -12.17 -30.03
N PRO C 130 22.54 -12.95 -30.44
CA PRO C 130 22.33 -14.07 -31.34
C PRO C 130 21.48 -15.15 -30.70
N HIS C 131 20.63 -15.77 -31.49
CA HIS C 131 19.83 -16.85 -30.98
C HIS C 131 20.82 -18.00 -31.02
N LYS C 132 21.23 -18.46 -29.84
CA LYS C 132 22.21 -19.54 -29.73
C LYS C 132 21.65 -20.95 -29.80
N ALA C 133 20.47 -21.12 -30.38
CA ALA C 133 19.89 -22.46 -30.48
C ALA C 133 18.84 -22.45 -31.55
N VAL C 134 19.20 -21.85 -32.68
CA VAL C 134 18.30 -21.74 -33.80
C VAL C 134 17.64 -23.04 -34.22
N GLU C 135 18.35 -24.15 -34.04
CA GLU C 135 17.78 -25.45 -34.46
C GLU C 135 16.64 -25.95 -33.58
N LEU C 136 16.90 -26.00 -32.28
CA LEU C 136 15.90 -26.46 -31.32
C LEU C 136 14.66 -25.57 -31.40
N GLN C 137 14.87 -24.30 -31.77
CA GLN C 137 13.77 -23.35 -31.86
C GLN C 137 12.62 -23.84 -32.74
N LYS C 138 12.93 -24.47 -33.87
CA LYS C 138 11.85 -24.92 -34.76
C LYS C 138 10.91 -26.00 -34.24
N GLU C 139 11.22 -26.59 -33.09
CA GLU C 139 10.32 -27.62 -32.58
C GLU C 139 9.57 -27.17 -31.32
N VAL C 140 9.66 -25.88 -30.98
CA VAL C 140 9.01 -25.34 -29.79
C VAL C 140 7.53 -24.96 -29.97
N VAL C 141 6.73 -25.21 -28.94
CA VAL C 141 5.31 -24.84 -29.01
C VAL C 141 5.02 -23.70 -28.04
N TYR C 142 4.21 -22.73 -28.47
CA TYR C 142 3.90 -21.61 -27.58
C TYR C 142 2.86 -22.04 -26.54
N GLY C 143 3.21 -21.90 -25.26
CA GLY C 143 2.34 -22.34 -24.18
C GLY C 143 1.06 -21.62 -23.77
N LEU C 144 0.36 -20.97 -24.70
CA LEU C 144 -0.90 -20.31 -24.35
C LEU C 144 -1.90 -21.47 -24.35
N THR C 145 -2.03 -22.12 -23.20
CA THR C 145 -2.84 -23.32 -23.07
C THR C 145 -4.21 -23.41 -23.71
N GLU C 146 -5.15 -22.56 -23.31
CA GLU C 146 -6.50 -22.64 -23.88
C GLU C 146 -6.53 -22.54 -25.43
N ILE C 147 -5.50 -21.96 -26.02
CA ILE C 147 -5.46 -21.81 -27.47
C ILE C 147 -4.60 -22.85 -28.21
N LEU C 148 -3.62 -23.44 -27.54
CA LEU C 148 -2.73 -24.39 -28.20
C LEU C 148 -2.56 -25.74 -27.49
N ARG C 149 -3.47 -26.03 -26.57
CA ARG C 149 -3.42 -27.28 -25.80
C ARG C 149 -2.91 -28.50 -26.59
N GLU C 150 -3.59 -28.87 -27.67
CA GLU C 150 -3.18 -30.05 -28.43
C GLU C 150 -1.71 -30.12 -28.77
N ASP C 151 -1.19 -29.07 -29.39
CA ASP C 151 0.22 -29.03 -29.75
C ASP C 151 1.11 -29.10 -28.52
N ILE C 152 0.68 -28.43 -27.45
CA ILE C 152 1.45 -28.41 -26.21
C ILE C 152 1.66 -29.83 -25.64
N LYS C 153 0.61 -30.65 -25.66
CA LYS C 153 0.68 -32.04 -25.14
C LYS C 153 1.82 -32.83 -25.78
N LYS C 154 1.82 -32.84 -27.11
CA LYS C 154 2.81 -33.58 -27.88
C LYS C 154 4.18 -32.92 -27.86
N ALA C 155 4.37 -31.93 -27.00
CA ALA C 155 5.66 -31.23 -26.94
C ALA C 155 6.55 -31.63 -25.78
N ARG C 156 7.86 -31.54 -26.02
CA ARG C 156 8.83 -31.85 -24.99
C ARG C 156 9.37 -30.52 -24.47
N LEU C 157 9.44 -29.55 -25.38
CA LEU C 157 9.95 -28.23 -25.04
C LEU C 157 8.88 -27.18 -25.26
N VAL C 158 8.55 -26.46 -24.20
CA VAL C 158 7.54 -25.43 -24.25
C VAL C 158 8.06 -24.08 -23.75
N ALA C 159 7.83 -23.04 -24.54
CA ALA C 159 8.22 -21.68 -24.19
C ALA C 159 6.98 -21.09 -23.52
N ASN C 160 7.06 -20.91 -22.21
CA ASN C 160 5.91 -20.40 -21.48
C ASN C 160 5.74 -18.90 -21.78
N PRO C 161 4.54 -18.52 -22.24
CA PRO C 161 4.27 -17.11 -22.55
C PRO C 161 4.56 -16.08 -21.46
N GLY C 162 4.74 -14.84 -21.89
CA GLY C 162 4.98 -13.77 -20.94
C GLY C 162 3.61 -13.40 -20.36
N CYS C 163 3.61 -12.60 -19.30
CA CYS C 163 2.38 -12.20 -18.62
C CYS C 163 1.43 -11.33 -19.46
N TYR C 164 1.86 -10.12 -19.80
CA TYR C 164 1.04 -9.24 -20.64
C TYR C 164 0.48 -9.93 -21.88
N PRO C 165 1.33 -10.62 -22.65
CA PRO C 165 0.85 -11.30 -23.85
C PRO C 165 -0.25 -12.34 -23.60
N THR C 166 -0.32 -12.85 -22.38
CA THR C 166 -1.35 -13.83 -22.03
C THR C 166 -2.70 -13.11 -21.86
N THR C 167 -2.67 -11.88 -21.35
CA THR C 167 -3.91 -11.13 -21.14
C THR C 167 -4.48 -10.58 -22.46
N ILE C 168 -3.63 -10.45 -23.48
CA ILE C 168 -4.04 -9.88 -24.78
C ILE C 168 -4.49 -10.91 -25.81
N GLN C 169 -3.70 -11.97 -25.95
CA GLN C 169 -4.03 -13.03 -26.90
C GLN C 169 -5.29 -13.83 -26.55
N LEU C 170 -5.55 -14.06 -25.26
CA LEU C 170 -6.74 -14.82 -24.87
C LEU C 170 -8.03 -14.18 -25.43
N PRO C 171 -8.22 -12.87 -25.24
CA PRO C 171 -9.42 -12.18 -25.73
C PRO C 171 -9.36 -11.97 -27.24
N LEU C 172 -8.18 -11.56 -27.70
CA LEU C 172 -8.01 -11.23 -29.11
C LEU C 172 -7.93 -12.33 -30.16
N VAL C 173 -7.35 -13.48 -29.84
CA VAL C 173 -7.24 -14.52 -30.87
C VAL C 173 -8.61 -14.97 -31.42
N PRO C 174 -9.56 -15.33 -30.55
CA PRO C 174 -10.89 -15.76 -30.98
C PRO C 174 -11.59 -14.66 -31.79
N LEU C 175 -11.41 -13.41 -31.39
CA LEU C 175 -12.05 -12.29 -32.08
C LEU C 175 -11.56 -12.08 -33.51
N LEU C 176 -10.25 -12.08 -33.68
CA LEU C 176 -9.63 -11.92 -35.00
C LEU C 176 -9.96 -13.18 -35.85
N LYS C 177 -9.85 -14.35 -35.23
CA LYS C 177 -10.13 -15.61 -35.92
C LYS C 177 -11.51 -15.61 -36.55
N ALA C 178 -12.47 -14.96 -35.89
CA ALA C 178 -13.84 -14.91 -36.38
C ALA C 178 -14.11 -13.63 -37.14
N ASN C 179 -13.04 -12.96 -37.56
CA ASN C 179 -13.14 -11.71 -38.30
C ASN C 179 -14.20 -10.79 -37.68
N LEU C 180 -14.06 -10.48 -36.39
CA LEU C 180 -15.01 -9.60 -35.72
C LEU C 180 -14.43 -8.23 -35.41
N ILE C 181 -13.12 -8.08 -35.54
CA ILE C 181 -12.45 -6.82 -35.27
C ILE C 181 -11.37 -6.60 -36.29
N LYS C 182 -11.04 -5.34 -36.56
CA LYS C 182 -10.00 -5.01 -37.52
C LYS C 182 -8.65 -5.30 -36.88
N HIS C 183 -7.70 -5.84 -37.64
CA HIS C 183 -6.42 -6.12 -37.00
C HIS C 183 -5.42 -4.95 -37.03
N GLU C 184 -5.89 -3.79 -37.44
CA GLU C 184 -5.05 -2.61 -37.49
C GLU C 184 -5.50 -1.62 -36.44
N ASN C 185 -4.54 -1.02 -35.74
CA ASN C 185 -4.86 -0.02 -34.73
C ASN C 185 -5.39 -0.51 -33.37
N ILE C 186 -4.93 -1.68 -32.92
CA ILE C 186 -5.34 -2.18 -31.60
C ILE C 186 -4.52 -1.36 -30.58
N ILE C 187 -5.20 -0.89 -29.54
CA ILE C 187 -4.55 -0.09 -28.50
C ILE C 187 -4.67 -0.84 -27.18
N ILE C 188 -3.55 -1.41 -26.75
CA ILE C 188 -3.51 -2.20 -25.52
C ILE C 188 -2.83 -1.51 -24.38
N ASP C 189 -3.61 -0.72 -23.63
CA ASP C 189 -3.08 -0.02 -22.47
C ASP C 189 -3.15 -1.04 -21.33
N ALA C 190 -1.98 -1.56 -20.94
CA ALA C 190 -1.88 -2.56 -19.90
C ALA C 190 -1.21 -2.02 -18.65
N LYS C 191 -1.50 -2.71 -17.54
CA LYS C 191 -1.01 -2.34 -16.21
C LYS C 191 -0.49 -3.60 -15.54
N SER C 192 0.49 -3.44 -14.66
CA SER C 192 1.04 -4.61 -13.98
C SER C 192 1.59 -4.36 -12.61
N GLY C 193 1.41 -5.34 -11.71
CA GLY C 193 1.95 -5.24 -10.38
C GLY C 193 3.46 -5.32 -10.53
N VAL C 194 4.18 -4.67 -9.62
CA VAL C 194 5.64 -4.62 -9.68
C VAL C 194 6.35 -5.98 -9.45
N SER C 195 5.56 -7.05 -9.21
CA SER C 195 6.12 -8.39 -9.03
C SER C 195 6.70 -8.86 -10.37
N GLY C 196 6.27 -8.22 -11.45
CA GLY C 196 6.77 -8.58 -12.76
C GLY C 196 8.18 -8.04 -12.98
N ALA C 197 8.65 -7.11 -12.14
CA ALA C 197 9.98 -6.57 -12.30
C ALA C 197 10.98 -7.51 -11.64
N GLY C 198 10.47 -8.56 -11.02
CA GLY C 198 11.32 -9.54 -10.39
C GLY C 198 11.88 -9.07 -9.07
N ARG C 199 12.69 -9.94 -8.47
CA ARG C 199 13.33 -9.70 -7.18
C ARG C 199 14.66 -8.97 -7.28
N GLY C 200 15.07 -8.59 -8.48
CA GLY C 200 16.34 -7.87 -8.64
C GLY C 200 16.39 -6.66 -7.71
N ALA C 201 17.55 -6.41 -7.13
CA ALA C 201 17.73 -5.31 -6.20
C ALA C 201 18.04 -3.98 -6.86
N LYS C 202 16.99 -3.30 -7.34
CA LYS C 202 17.17 -2.01 -7.98
C LYS C 202 16.47 -0.86 -7.25
N GLU C 203 17.13 0.30 -7.27
CA GLU C 203 16.61 1.48 -6.61
C GLU C 203 15.16 1.72 -7.05
N ALA C 204 14.95 1.67 -8.36
CA ALA C 204 13.65 1.90 -8.96
C ALA C 204 12.51 1.14 -8.32
N ASN C 205 12.77 -0.04 -7.78
CA ASN C 205 11.69 -0.84 -7.21
C ASN C 205 11.59 -0.92 -5.70
N LEU C 206 12.26 -0.01 -5.00
CA LEU C 206 12.19 0.03 -3.55
C LEU C 206 10.75 0.39 -3.15
N TYR C 207 10.36 0.06 -1.91
CA TYR C 207 9.02 0.41 -1.47
C TYR C 207 8.81 1.94 -1.55
N SER C 208 9.77 2.69 -1.03
CA SER C 208 9.69 4.14 -1.02
C SER C 208 9.63 4.78 -2.40
N GLU C 209 10.08 4.07 -3.43
CA GLU C 209 10.07 4.60 -4.80
C GLU C 209 8.82 4.20 -5.57
N ILE C 210 8.29 3.01 -5.30
CA ILE C 210 7.13 2.50 -6.04
C ILE C 210 5.80 2.99 -5.51
N ALA C 211 5.68 2.98 -4.19
CA ALA C 211 4.43 3.34 -3.57
C ALA C 211 3.86 4.72 -3.84
N GLU C 212 2.53 4.78 -3.74
CA GLU C 212 1.73 5.98 -3.91
C GLU C 212 1.78 6.64 -5.26
N GLY C 213 2.00 5.86 -6.30
CA GLY C 213 2.02 6.41 -7.63
C GLY C 213 2.14 5.36 -8.71
N ILE C 214 2.12 5.83 -9.96
CA ILE C 214 2.26 4.96 -11.11
C ILE C 214 3.11 5.70 -12.16
N SER C 215 3.48 4.96 -13.20
CA SER C 215 4.24 5.48 -14.32
C SER C 215 4.14 4.47 -15.45
N SER C 216 4.28 4.93 -16.70
CA SER C 216 4.28 4.03 -17.83
C SER C 216 5.71 3.51 -17.94
N TYR C 217 5.96 2.54 -18.83
CA TYR C 217 7.32 2.05 -19.06
C TYR C 217 7.27 1.23 -20.33
N GLY C 218 8.43 1.01 -20.95
CA GLY C 218 8.46 0.24 -22.18
C GLY C 218 7.64 0.94 -23.24
N VAL C 219 7.60 2.26 -23.20
CA VAL C 219 6.83 3.03 -24.16
C VAL C 219 7.41 2.89 -25.57
N THR C 220 6.52 2.65 -26.53
CA THR C 220 6.91 2.48 -27.93
C THR C 220 7.53 1.12 -28.23
N ARG C 221 8.50 0.71 -27.43
CA ARG C 221 9.18 -0.57 -27.63
C ARG C 221 9.34 -1.34 -26.34
N HIS C 222 8.65 -2.48 -26.25
CA HIS C 222 8.78 -3.33 -25.07
C HIS C 222 8.95 -4.74 -25.60
N ARG C 223 9.82 -5.53 -24.98
CA ARG C 223 10.08 -6.89 -25.48
C ARG C 223 8.87 -7.78 -25.71
N HIS C 224 7.75 -7.50 -25.05
CA HIS C 224 6.56 -8.30 -25.25
C HIS C 224 5.87 -8.00 -26.56
N VAL C 225 6.24 -6.88 -27.19
CA VAL C 225 5.63 -6.48 -28.47
C VAL C 225 5.74 -7.60 -29.52
N PRO C 226 6.98 -8.01 -29.93
CA PRO C 226 7.05 -9.08 -30.93
C PRO C 226 6.25 -10.33 -30.53
N GLU C 227 6.33 -10.69 -29.24
CA GLU C 227 5.59 -11.84 -28.70
C GLU C 227 4.08 -11.68 -28.95
N ILE C 228 3.54 -10.52 -28.54
CA ILE C 228 2.13 -10.22 -28.74
C ILE C 228 1.74 -10.25 -30.22
N GLU C 229 2.50 -9.55 -31.06
CA GLU C 229 2.20 -9.52 -32.49
C GLU C 229 2.27 -10.90 -33.16
N GLN C 230 3.25 -11.71 -32.79
CA GLN C 230 3.37 -13.05 -33.38
C GLN C 230 2.05 -13.80 -33.21
N GLY C 231 1.53 -13.76 -31.99
CA GLY C 231 0.27 -14.43 -31.67
C GLY C 231 -0.90 -13.87 -32.45
N LEU C 232 -0.96 -12.55 -32.60
CA LEU C 232 -2.04 -11.91 -33.35
C LEU C 232 -1.84 -12.06 -34.87
N SER C 233 -0.62 -11.85 -35.33
CA SER C 233 -0.37 -11.97 -36.76
C SER C 233 -0.63 -13.38 -37.30
N ASP C 234 -0.29 -14.39 -36.51
CA ASP C 234 -0.53 -15.76 -36.93
C ASP C 234 -2.00 -16.03 -37.11
N VAL C 235 -2.84 -15.57 -36.18
CA VAL C 235 -4.28 -15.79 -36.27
C VAL C 235 -4.90 -15.02 -37.42
N ALA C 236 -4.63 -13.72 -37.48
CA ALA C 236 -5.17 -12.86 -38.52
C ALA C 236 -4.60 -13.20 -39.90
N GLN C 237 -3.54 -14.01 -39.90
CA GLN C 237 -2.89 -14.41 -41.13
C GLN C 237 -2.51 -13.15 -41.91
N SER C 238 -1.97 -12.20 -41.17
CA SER C 238 -1.54 -10.92 -41.69
C SER C 238 -0.73 -10.22 -40.60
N LYS C 239 0.22 -9.37 -41.00
CA LYS C 239 1.03 -8.65 -40.04
C LYS C 239 0.18 -7.65 -39.26
N VAL C 240 0.25 -7.74 -37.93
CA VAL C 240 -0.51 -6.85 -37.08
C VAL C 240 0.40 -5.84 -36.40
N THR C 241 -0.10 -4.62 -36.22
CA THR C 241 0.68 -3.58 -35.55
C THR C 241 -0.09 -3.04 -34.36
N VAL C 242 0.47 -3.26 -33.16
CA VAL C 242 -0.17 -2.80 -31.94
C VAL C 242 0.58 -1.63 -31.30
N SER C 243 -0.03 -1.08 -30.26
CA SER C 243 0.58 -0.01 -29.47
C SER C 243 0.47 -0.56 -28.04
N PHE C 244 1.26 -1.60 -27.78
CA PHE C 244 1.29 -2.22 -26.46
C PHE C 244 2.06 -1.28 -25.58
N THR C 245 1.37 -0.68 -24.62
CA THR C 245 2.02 0.26 -23.75
C THR C 245 1.94 -0.15 -22.31
N PRO C 246 3.07 -0.60 -21.74
CA PRO C 246 3.17 -1.05 -20.33
C PRO C 246 2.95 0.12 -19.38
N HIS C 247 2.53 -0.17 -18.16
CA HIS C 247 2.31 0.84 -17.12
C HIS C 247 2.52 0.06 -15.85
N LEU C 248 3.18 0.65 -14.86
CA LEU C 248 3.41 -0.06 -13.59
C LEU C 248 2.38 0.35 -12.55
N MET C 249 1.92 -0.63 -11.77
CA MET C 249 0.94 -0.43 -10.71
C MET C 249 1.57 -0.64 -9.34
N PRO C 250 1.18 0.19 -8.34
CA PRO C 250 1.70 0.09 -6.97
C PRO C 250 1.00 -1.07 -6.25
N MET C 251 1.53 -2.26 -6.44
CA MET C 251 0.96 -3.44 -5.84
C MET C 251 1.85 -4.60 -6.20
N ILE C 252 1.69 -5.72 -5.51
CA ILE C 252 2.53 -6.88 -5.77
C ILE C 252 2.06 -7.67 -6.97
N ARG C 253 0.89 -8.26 -6.84
CA ARG C 253 0.32 -9.10 -7.89
C ARG C 253 -0.82 -8.43 -8.63
N GLY C 254 -1.02 -8.82 -9.88
CA GLY C 254 -2.13 -8.24 -10.61
C GLY C 254 -1.74 -7.62 -11.93
N MET C 255 -2.54 -7.92 -12.92
CA MET C 255 -2.29 -7.41 -14.25
C MET C 255 -3.59 -7.22 -15.01
N GLN C 256 -3.67 -6.10 -15.70
CA GLN C 256 -4.83 -5.81 -16.51
C GLN C 256 -4.48 -5.17 -17.83
N SER C 257 -5.09 -5.69 -18.88
CA SER C 257 -4.93 -5.09 -20.20
C SER C 257 -6.28 -4.46 -20.56
N THR C 258 -6.26 -3.17 -20.89
CA THR C 258 -7.45 -2.45 -21.35
C THR C 258 -7.16 -2.33 -22.86
N ILE C 259 -7.88 -3.10 -23.66
CA ILE C 259 -7.70 -3.21 -25.10
C ILE C 259 -8.77 -2.49 -25.93
N TYR C 260 -8.35 -1.44 -26.63
CA TYR C 260 -9.25 -0.65 -27.47
C TYR C 260 -9.11 -1.15 -28.90
N VAL C 261 -10.19 -1.71 -29.44
CA VAL C 261 -10.19 -2.24 -30.79
C VAL C 261 -11.33 -1.63 -31.60
N GLU C 262 -11.29 -1.88 -32.90
CA GLU C 262 -12.29 -1.40 -33.84
C GLU C 262 -12.96 -2.67 -34.35
N MET C 263 -14.28 -2.75 -34.23
CA MET C 263 -14.98 -3.93 -34.68
C MET C 263 -15.06 -3.98 -36.21
N ALA C 264 -15.36 -5.15 -36.74
CA ALA C 264 -15.48 -5.32 -38.19
C ALA C 264 -16.79 -4.71 -38.65
N PRO C 265 -16.89 -4.40 -39.95
CA PRO C 265 -18.11 -3.80 -40.50
C PRO C 265 -19.35 -4.63 -40.11
N GLY C 266 -20.38 -3.96 -39.62
CA GLY C 266 -21.61 -4.64 -39.23
C GLY C 266 -21.52 -5.52 -37.99
N VAL C 267 -20.52 -5.29 -37.16
CA VAL C 267 -20.31 -6.05 -35.94
C VAL C 267 -20.66 -5.20 -34.70
N ARG C 268 -21.34 -5.81 -33.73
CA ARG C 268 -21.73 -5.12 -32.50
C ARG C 268 -20.94 -5.72 -31.36
N THR C 269 -20.81 -5.00 -30.25
CA THR C 269 -20.03 -5.56 -29.13
C THR C 269 -20.62 -6.91 -28.72
N GLU C 270 -21.90 -7.12 -29.01
CA GLU C 270 -22.59 -8.36 -28.70
C GLU C 270 -21.86 -9.52 -29.37
N ASP C 271 -21.48 -9.35 -30.63
CA ASP C 271 -20.81 -10.42 -31.35
C ASP C 271 -19.49 -10.80 -30.70
N LEU C 272 -18.68 -9.81 -30.34
CA LEU C 272 -17.40 -10.10 -29.68
C LEU C 272 -17.74 -10.93 -28.46
N HIS C 273 -18.68 -10.45 -27.66
CA HIS C 273 -19.08 -11.16 -26.46
C HIS C 273 -19.43 -12.63 -26.77
N GLN C 274 -20.21 -12.87 -27.81
CA GLN C 274 -20.60 -14.22 -28.18
C GLN C 274 -19.41 -15.14 -28.46
N GLN C 275 -18.51 -14.70 -29.34
CA GLN C 275 -17.33 -15.50 -29.68
C GLN C 275 -16.55 -15.85 -28.41
N LEU C 276 -16.28 -14.84 -27.58
CA LEU C 276 -15.53 -15.07 -26.35
C LEU C 276 -16.25 -16.11 -25.50
N LYS C 277 -17.57 -15.96 -25.43
CA LYS C 277 -18.44 -16.85 -24.68
C LYS C 277 -18.33 -18.27 -25.25
N THR C 278 -18.58 -18.39 -26.55
CA THR C 278 -18.49 -19.68 -27.23
C THR C 278 -17.13 -20.30 -27.00
N SER C 279 -16.09 -19.51 -27.26
CA SER C 279 -14.71 -19.96 -27.10
C SER C 279 -14.31 -20.45 -25.71
N TYR C 280 -14.80 -19.78 -24.68
CA TYR C 280 -14.39 -20.16 -23.33
C TYR C 280 -15.49 -20.67 -22.37
N GLU C 281 -16.70 -20.89 -22.87
CA GLU C 281 -17.84 -21.34 -22.06
C GLU C 281 -17.60 -22.48 -21.04
N ASP C 282 -16.84 -23.50 -21.42
CA ASP C 282 -16.59 -24.59 -20.49
C ASP C 282 -15.15 -24.63 -20.01
N GLU C 283 -14.54 -23.46 -19.92
CA GLU C 283 -13.15 -23.36 -19.50
C GLU C 283 -13.03 -23.11 -17.99
N GLU C 284 -12.11 -23.81 -17.35
CA GLU C 284 -11.94 -23.62 -15.91
C GLU C 284 -11.31 -22.27 -15.56
N PHE C 285 -10.12 -22.05 -16.11
CA PHE C 285 -9.32 -20.87 -15.84
C PHE C 285 -9.72 -19.54 -16.47
N VAL C 286 -10.01 -19.55 -17.77
CA VAL C 286 -10.39 -18.34 -18.49
C VAL C 286 -11.91 -18.16 -18.34
N LYS C 287 -12.34 -16.95 -18.08
CA LYS C 287 -13.76 -16.69 -17.91
C LYS C 287 -14.19 -15.41 -18.64
N VAL C 288 -15.43 -15.41 -19.12
CA VAL C 288 -16.02 -14.27 -19.81
C VAL C 288 -17.16 -13.78 -18.90
N LEU C 289 -16.98 -12.60 -18.31
CA LEU C 289 -17.98 -12.04 -17.40
C LEU C 289 -19.21 -11.60 -18.17
N ASP C 290 -20.31 -11.43 -17.44
CA ASP C 290 -21.55 -11.01 -18.09
C ASP C 290 -21.45 -9.58 -18.62
N GLU C 291 -22.14 -9.31 -19.73
CA GLU C 291 -22.10 -7.99 -20.33
C GLU C 291 -22.26 -6.88 -19.30
N GLY C 292 -21.34 -5.91 -19.34
CA GLY C 292 -21.38 -4.79 -18.42
C GLY C 292 -20.73 -4.98 -17.07
N VAL C 293 -20.27 -6.18 -16.74
CA VAL C 293 -19.61 -6.39 -15.45
C VAL C 293 -18.13 -5.99 -15.61
N VAL C 294 -17.63 -5.21 -14.67
CA VAL C 294 -16.24 -4.78 -14.72
C VAL C 294 -15.34 -5.68 -13.89
N PRO C 295 -14.38 -6.35 -14.53
CA PRO C 295 -13.49 -7.22 -13.76
C PRO C 295 -12.51 -6.42 -12.89
N ARG C 296 -11.97 -7.07 -11.86
CA ARG C 296 -10.99 -6.42 -10.96
C ARG C 296 -9.85 -7.38 -10.76
N THR C 297 -8.60 -6.94 -10.92
CA THR C 297 -7.49 -7.87 -10.69
C THR C 297 -7.57 -8.49 -9.27
N HIS C 298 -8.08 -7.74 -8.30
CA HIS C 298 -8.17 -8.25 -6.93
C HIS C 298 -8.84 -9.64 -6.94
N ASN C 299 -9.86 -9.82 -7.79
CA ASN C 299 -10.62 -11.06 -7.86
C ASN C 299 -9.95 -12.33 -8.39
N VAL C 300 -8.76 -12.20 -8.96
CA VAL C 300 -8.04 -13.36 -9.47
C VAL C 300 -6.69 -13.47 -8.78
N ARG C 301 -6.44 -12.54 -7.88
CA ARG C 301 -5.18 -12.50 -7.15
C ARG C 301 -4.84 -13.85 -6.47
N GLY C 302 -3.66 -14.39 -6.78
CA GLY C 302 -3.22 -15.65 -6.20
C GLY C 302 -3.90 -16.88 -6.78
N SER C 303 -4.45 -16.76 -7.98
CA SER C 303 -5.13 -17.86 -8.62
C SER C 303 -4.68 -17.91 -10.06
N ASN C 304 -5.05 -18.96 -10.74
CA ASN C 304 -4.66 -19.16 -12.14
C ASN C 304 -5.74 -18.68 -13.11
N TYR C 305 -6.77 -18.02 -12.59
CA TYR C 305 -7.86 -17.53 -13.41
C TYR C 305 -7.61 -16.25 -14.18
N CYS C 306 -8.42 -16.04 -15.22
CA CYS C 306 -8.39 -14.86 -16.05
C CYS C 306 -9.86 -14.46 -16.24
N HIS C 307 -10.18 -13.20 -15.94
CA HIS C 307 -11.54 -12.70 -16.13
C HIS C 307 -11.47 -11.63 -17.19
N MET C 308 -12.33 -11.73 -18.20
CA MET C 308 -12.36 -10.72 -19.25
C MET C 308 -13.79 -10.22 -19.47
N SER C 309 -13.91 -8.97 -19.88
CA SER C 309 -15.21 -8.35 -20.11
C SER C 309 -15.13 -7.37 -21.30
N VAL C 310 -16.28 -7.11 -21.93
CA VAL C 310 -16.34 -6.21 -23.08
C VAL C 310 -17.44 -5.15 -22.94
N PHE C 311 -17.05 -3.90 -23.15
CA PHE C 311 -17.91 -2.76 -23.04
C PHE C 311 -17.85 -1.93 -24.32
N PRO C 312 -18.82 -1.02 -24.49
CA PRO C 312 -18.75 -0.22 -25.72
C PRO C 312 -17.86 1.00 -25.51
N ASP C 313 -17.29 1.49 -26.61
CA ASP C 313 -16.46 2.69 -26.55
C ASP C 313 -17.48 3.81 -26.84
N ARG C 314 -17.26 5.00 -26.28
CA ARG C 314 -18.16 6.10 -26.54
C ARG C 314 -18.09 6.41 -28.01
N ILE C 315 -16.88 6.20 -28.57
CA ILE C 315 -16.62 6.42 -29.99
C ILE C 315 -17.33 5.32 -30.77
N PRO C 316 -18.30 5.69 -31.63
CA PRO C 316 -19.02 4.67 -32.40
C PRO C 316 -18.12 3.78 -33.27
N GLY C 317 -18.35 2.47 -33.20
CA GLY C 317 -17.54 1.53 -33.96
C GLY C 317 -16.42 0.94 -33.12
N ARG C 318 -16.23 1.49 -31.93
CA ARG C 318 -15.19 0.98 -31.03
C ARG C 318 -15.79 0.28 -29.79
N ALA C 319 -15.02 -0.65 -29.24
CA ALA C 319 -15.40 -1.42 -28.05
C ALA C 319 -14.22 -1.53 -27.08
N ILE C 320 -14.56 -1.78 -25.83
CA ILE C 320 -13.58 -1.93 -24.76
C ILE C 320 -13.37 -3.39 -24.39
N ILE C 321 -12.11 -3.80 -24.32
CA ILE C 321 -11.77 -5.17 -23.94
C ILE C 321 -10.91 -5.12 -22.68
N ILE C 322 -11.41 -5.73 -21.60
CA ILE C 322 -10.67 -5.78 -20.35
C ILE C 322 -10.32 -7.25 -20.15
N SER C 323 -9.08 -7.53 -19.75
CA SER C 323 -8.62 -8.89 -19.54
C SER C 323 -7.63 -8.88 -18.35
N VAL C 324 -7.98 -9.57 -17.27
CA VAL C 324 -7.12 -9.58 -16.08
C VAL C 324 -6.69 -10.96 -15.63
N ILE C 325 -5.53 -10.99 -14.96
CA ILE C 325 -4.96 -12.23 -14.41
C ILE C 325 -4.05 -11.82 -13.26
N ASP C 326 -3.52 -12.81 -12.55
CA ASP C 326 -2.52 -12.54 -11.53
C ASP C 326 -1.24 -12.82 -12.38
N ASN C 327 -0.43 -11.80 -12.64
CA ASN C 327 0.77 -11.91 -13.50
C ASN C 327 1.76 -13.02 -13.15
N LEU C 328 1.77 -13.42 -11.88
CA LEU C 328 2.67 -14.48 -11.43
C LEU C 328 2.11 -15.86 -11.67
N VAL C 329 0.78 -15.99 -11.68
CA VAL C 329 0.19 -17.31 -11.86
C VAL C 329 -0.17 -17.59 -13.33
N LYS C 330 -1.34 -17.14 -13.79
CA LYS C 330 -1.67 -17.41 -15.19
C LYS C 330 -0.71 -16.63 -16.09
N GLY C 331 -0.05 -15.62 -15.52
CA GLY C 331 0.87 -14.83 -16.32
C GLY C 331 2.27 -15.42 -16.32
N ALA C 332 2.48 -16.42 -15.46
CA ALA C 332 3.77 -17.05 -15.34
C ALA C 332 3.76 -18.52 -14.96
N SER C 333 3.93 -18.82 -13.69
CA SER C 333 4.00 -20.21 -13.27
C SER C 333 2.74 -21.03 -13.47
N GLY C 334 1.61 -20.56 -12.95
CA GLY C 334 0.39 -21.30 -13.14
C GLY C 334 0.24 -21.74 -14.59
N GLN C 335 0.60 -20.87 -15.52
CA GLN C 335 0.51 -21.24 -16.93
C GLN C 335 1.59 -22.33 -17.23
N ALA C 336 2.76 -22.17 -16.62
CA ALA C 336 3.85 -23.13 -16.81
C ALA C 336 3.40 -24.50 -16.31
N LEU C 337 2.93 -24.56 -15.06
CA LEU C 337 2.48 -25.82 -14.49
C LEU C 337 1.28 -26.39 -15.25
N GLN C 338 0.46 -25.50 -15.78
CA GLN C 338 -0.71 -25.90 -16.55
C GLN C 338 -0.23 -26.64 -17.78
N ASN C 339 0.77 -26.06 -18.45
CA ASN C 339 1.31 -26.69 -19.64
C ASN C 339 1.99 -28.02 -19.30
N LEU C 340 2.80 -28.05 -18.25
CA LEU C 340 3.45 -29.30 -17.90
C LEU C 340 2.41 -30.37 -17.53
N ASN C 341 1.34 -29.97 -16.85
CA ASN C 341 0.31 -30.94 -16.49
C ASN C 341 -0.06 -31.75 -17.73
N ILE C 342 -0.43 -31.08 -18.82
CA ILE C 342 -0.82 -31.82 -20.01
C ILE C 342 0.35 -32.38 -20.84
N MET C 343 1.57 -31.90 -20.59
CA MET C 343 2.73 -32.42 -21.31
C MET C 343 3.02 -33.80 -20.74
N LEU C 344 2.52 -34.04 -19.52
CA LEU C 344 2.71 -35.31 -18.84
C LEU C 344 1.46 -36.18 -18.82
N GLY C 345 0.43 -35.76 -19.53
CA GLY C 345 -0.79 -36.54 -19.60
C GLY C 345 -1.72 -36.49 -18.40
N TYR C 346 -1.52 -35.55 -17.49
CA TYR C 346 -2.41 -35.45 -16.33
C TYR C 346 -3.47 -34.42 -16.65
N PRO C 347 -4.52 -34.37 -15.83
CA PRO C 347 -5.62 -33.41 -16.04
C PRO C 347 -5.04 -32.00 -15.98
N GLU C 348 -5.46 -31.15 -16.89
CA GLU C 348 -4.96 -29.79 -16.97
C GLU C 348 -4.96 -29.00 -15.64
N THR C 349 -6.10 -28.98 -14.96
CA THR C 349 -6.24 -28.27 -13.69
C THR C 349 -5.51 -28.90 -12.52
N THR C 350 -4.75 -29.96 -12.78
CA THR C 350 -4.04 -30.63 -11.68
C THR C 350 -3.22 -29.70 -10.82
N GLY C 351 -3.65 -29.58 -9.57
CA GLY C 351 -2.99 -28.75 -8.58
C GLY C 351 -2.97 -27.27 -8.91
N LEU C 352 -3.97 -26.80 -9.64
CA LEU C 352 -4.07 -25.38 -10.02
C LEU C 352 -5.44 -24.80 -9.68
N LEU C 353 -6.21 -25.49 -8.86
CA LEU C 353 -7.54 -25.01 -8.51
C LEU C 353 -7.57 -24.07 -7.29
N HIS C 354 -6.41 -23.51 -6.92
CA HIS C 354 -6.36 -22.59 -5.77
C HIS C 354 -7.32 -21.44 -6.06
N GLN C 355 -8.07 -21.03 -5.05
CA GLN C 355 -9.03 -19.96 -5.24
C GLN C 355 -8.39 -18.62 -4.91
N PRO C 356 -8.92 -17.54 -5.52
CA PRO C 356 -8.36 -16.21 -5.27
C PRO C 356 -8.29 -15.88 -3.78
N LEU C 357 -7.20 -15.22 -3.38
CA LEU C 357 -7.02 -14.81 -2.00
C LEU C 357 -7.56 -13.38 -1.87
N PHE C 358 -8.85 -13.27 -1.57
CA PHE C 358 -9.44 -11.95 -1.38
C PHE C 358 -10.33 -11.99 -0.15
N PRO C 359 -10.27 -10.96 0.71
CA PRO C 359 -9.40 -9.78 0.59
C PRO C 359 -7.96 -10.14 0.92
N LYS D 15 -19.68 -33.71 -1.78
CA LYS D 15 -18.75 -34.67 -1.12
C LYS D 15 -19.42 -35.31 0.07
N ASP D 16 -18.63 -36.00 0.90
CA ASP D 16 -19.15 -36.68 2.07
C ASP D 16 -19.79 -35.76 3.12
N ILE D 17 -19.00 -34.86 3.72
CA ILE D 17 -19.54 -33.99 4.74
C ILE D 17 -20.21 -32.73 4.20
N ARG D 18 -21.49 -32.56 4.53
CA ARG D 18 -22.25 -31.42 4.09
C ARG D 18 -22.13 -30.27 5.11
N ILE D 19 -21.66 -29.12 4.65
CA ILE D 19 -21.45 -27.98 5.52
C ILE D 19 -22.39 -26.78 5.34
N GLY D 20 -22.78 -26.21 6.47
CA GLY D 20 -23.63 -25.04 6.42
C GLY D 20 -22.85 -23.84 6.94
N LEU D 21 -22.94 -22.72 6.26
CA LEU D 21 -22.25 -21.51 6.71
C LEU D 21 -23.32 -20.47 7.06
N LEU D 22 -23.37 -20.06 8.32
CA LEU D 22 -24.35 -19.09 8.77
C LEU D 22 -23.71 -17.70 8.87
N GLY D 23 -24.02 -16.84 7.90
CA GLY D 23 -23.43 -15.52 7.85
C GLY D 23 -22.27 -15.64 6.88
N ALA D 24 -22.59 -15.77 5.60
CA ALA D 24 -21.61 -15.96 4.54
C ALA D 24 -21.10 -14.70 3.82
N SER D 25 -21.76 -13.57 4.04
CA SER D 25 -21.39 -12.34 3.36
C SER D 25 -20.21 -11.57 3.92
N GLY D 26 -19.62 -12.07 5.00
CA GLY D 26 -18.45 -11.40 5.57
C GLY D 26 -17.15 -12.02 5.08
N TYR D 27 -16.01 -11.50 5.58
CA TYR D 27 -14.70 -12.02 5.17
C TYR D 27 -14.44 -13.42 5.67
N THR D 28 -14.79 -13.69 6.92
CA THR D 28 -14.58 -15.05 7.45
C THR D 28 -15.40 -16.02 6.59
N GLY D 29 -16.66 -15.65 6.33
CA GLY D 29 -17.51 -16.50 5.50
C GLY D 29 -16.83 -16.81 4.17
N ALA D 30 -16.29 -15.77 3.54
CA ALA D 30 -15.59 -15.88 2.26
C ALA D 30 -14.40 -16.84 2.38
N GLU D 31 -13.61 -16.66 3.45
CA GLU D 31 -12.44 -17.51 3.69
C GLU D 31 -12.90 -18.98 3.75
N ILE D 32 -13.92 -19.26 4.56
CA ILE D 32 -14.44 -20.62 4.68
C ILE D 32 -14.68 -21.20 3.29
N VAL D 33 -15.49 -20.50 2.49
CA VAL D 33 -15.80 -20.96 1.15
C VAL D 33 -14.51 -21.21 0.38
N ARG D 34 -13.55 -20.28 0.50
CA ARG D 34 -12.30 -20.45 -0.19
C ARG D 34 -11.56 -21.68 0.36
N LEU D 35 -11.46 -21.75 1.68
CA LEU D 35 -10.76 -22.86 2.34
C LEU D 35 -11.34 -24.23 1.99
N LEU D 36 -12.66 -24.33 1.95
CA LEU D 36 -13.28 -25.61 1.64
C LEU D 36 -13.29 -25.96 0.17
N ALA D 37 -13.16 -24.96 -0.69
CA ALA D 37 -13.19 -25.22 -2.13
C ALA D 37 -12.36 -26.44 -2.52
N ASN D 38 -11.16 -26.56 -1.98
CA ASN D 38 -10.34 -27.72 -2.33
C ASN D 38 -10.25 -28.78 -1.22
N HIS D 39 -11.07 -28.64 -0.18
CA HIS D 39 -11.06 -29.62 0.91
C HIS D 39 -11.51 -30.96 0.30
N PRO D 40 -10.71 -32.02 0.48
CA PRO D 40 -11.05 -33.33 -0.07
C PRO D 40 -12.37 -33.95 0.39
N HIS D 41 -12.90 -33.53 1.52
CA HIS D 41 -14.14 -34.14 1.98
C HIS D 41 -15.30 -33.21 2.27
N PHE D 42 -15.04 -32.08 2.90
CA PHE D 42 -16.12 -31.16 3.24
C PHE D 42 -16.61 -30.36 2.05
N GLN D 43 -17.92 -30.20 1.92
CA GLN D 43 -18.50 -29.47 0.82
C GLN D 43 -19.62 -28.53 1.31
N VAL D 44 -19.52 -27.25 0.99
CA VAL D 44 -20.58 -26.31 1.40
C VAL D 44 -21.90 -26.63 0.66
N THR D 45 -22.97 -26.88 1.41
CA THR D 45 -24.27 -27.18 0.80
C THR D 45 -25.37 -26.18 1.18
N LEU D 46 -25.06 -25.25 2.09
CA LEU D 46 -26.02 -24.26 2.51
C LEU D 46 -25.33 -23.05 3.11
N MET D 47 -25.77 -21.86 2.74
CA MET D 47 -25.20 -20.63 3.28
C MET D 47 -26.30 -19.59 3.61
N THR D 48 -26.13 -18.88 4.72
CA THR D 48 -27.13 -17.90 5.09
C THR D 48 -26.55 -16.50 5.07
N ALA D 49 -27.40 -15.54 4.74
CA ALA D 49 -27.05 -14.12 4.70
C ALA D 49 -28.35 -13.38 5.00
N ASP D 50 -28.29 -12.37 5.85
CA ASP D 50 -29.50 -11.63 6.18
C ASP D 50 -29.92 -10.68 5.06
N ARG D 51 -29.27 -9.53 4.97
CA ARG D 51 -29.63 -8.56 3.95
C ARG D 51 -29.38 -9.07 2.52
N LYS D 52 -28.60 -10.14 2.39
CA LYS D 52 -28.29 -10.69 1.07
C LYS D 52 -29.08 -11.94 0.74
N ALA D 53 -29.93 -12.39 1.66
CA ALA D 53 -30.72 -13.59 1.39
C ALA D 53 -31.36 -13.48 0.02
N GLY D 54 -31.26 -14.52 -0.78
CA GLY D 54 -31.86 -14.48 -2.10
C GLY D 54 -30.85 -14.28 -3.22
N GLN D 55 -29.72 -13.66 -2.90
CA GLN D 55 -28.66 -13.41 -3.87
C GLN D 55 -27.70 -14.59 -3.96
N SER D 56 -26.92 -14.63 -5.04
CA SER D 56 -25.92 -15.67 -5.22
C SER D 56 -24.69 -15.17 -4.49
N MET D 57 -23.67 -16.01 -4.36
CA MET D 57 -22.46 -15.60 -3.68
C MET D 57 -21.59 -14.71 -4.53
N GLU D 58 -21.58 -14.96 -5.84
CA GLU D 58 -20.81 -14.16 -6.76
C GLU D 58 -21.28 -12.71 -6.70
N SER D 59 -22.56 -12.50 -6.39
CA SER D 59 -23.07 -11.15 -6.34
C SER D 59 -22.42 -10.39 -5.19
N VAL D 60 -22.22 -11.07 -4.08
CA VAL D 60 -21.60 -10.47 -2.90
C VAL D 60 -20.08 -10.43 -3.06
N PHE D 61 -19.51 -11.57 -3.44
CA PHE D 61 -18.07 -11.74 -3.63
C PHE D 61 -17.80 -12.30 -5.03
N PRO D 62 -17.80 -11.44 -6.06
CA PRO D 62 -17.56 -11.88 -7.44
C PRO D 62 -16.28 -12.64 -7.76
N HIS D 63 -15.39 -12.77 -6.79
CA HIS D 63 -14.14 -13.49 -7.00
C HIS D 63 -14.34 -15.01 -6.79
N LEU D 64 -15.42 -15.36 -6.12
CA LEU D 64 -15.70 -16.76 -5.87
C LEU D 64 -16.39 -17.43 -7.06
N ARG D 65 -16.34 -16.77 -8.21
CA ARG D 65 -17.00 -17.29 -9.39
C ARG D 65 -16.45 -18.60 -9.98
N ALA D 66 -15.56 -19.29 -9.27
CA ALA D 66 -15.06 -20.57 -9.80
C ALA D 66 -15.90 -21.74 -9.31
N GLN D 67 -16.15 -21.81 -8.00
CA GLN D 67 -16.94 -22.90 -7.43
C GLN D 67 -18.41 -22.57 -7.25
N LYS D 68 -19.26 -23.26 -8.01
CA LYS D 68 -20.70 -23.11 -7.92
C LYS D 68 -21.09 -23.27 -6.44
N LEU D 69 -21.87 -22.33 -5.95
CA LEU D 69 -22.29 -22.34 -4.56
C LEU D 69 -23.81 -22.26 -4.44
N PRO D 70 -24.34 -22.58 -3.25
CA PRO D 70 -25.79 -22.52 -3.06
C PRO D 70 -26.33 -21.10 -2.91
N THR D 71 -27.54 -20.89 -3.41
CA THR D 71 -28.20 -19.60 -3.32
C THR D 71 -28.25 -19.21 -1.82
N LEU D 72 -27.97 -17.96 -1.52
CA LEU D 72 -27.98 -17.47 -0.14
C LEU D 72 -29.39 -17.31 0.40
N VAL D 73 -29.71 -18.01 1.49
CA VAL D 73 -31.02 -17.93 2.12
C VAL D 73 -30.90 -17.34 3.52
N SER D 74 -32.05 -17.19 4.19
CA SER D 74 -32.13 -16.67 5.54
C SER D 74 -31.91 -17.82 6.52
N VAL D 75 -31.23 -17.55 7.63
CA VAL D 75 -30.97 -18.55 8.67
C VAL D 75 -32.32 -18.99 9.23
N LYS D 76 -33.28 -18.09 9.14
CA LYS D 76 -34.62 -18.31 9.60
C LYS D 76 -35.34 -19.41 8.80
N ASP D 77 -34.99 -19.55 7.53
CA ASP D 77 -35.59 -20.58 6.67
C ASP D 77 -34.68 -21.79 6.46
N ALA D 78 -33.44 -21.72 6.94
CA ALA D 78 -32.51 -22.83 6.77
C ALA D 78 -33.03 -24.06 7.48
N ASP D 79 -32.79 -25.21 6.87
CA ASP D 79 -33.20 -26.49 7.44
C ASP D 79 -31.95 -27.36 7.39
N PHE D 80 -31.55 -27.87 8.55
CA PHE D 80 -30.35 -28.68 8.66
C PHE D 80 -30.55 -30.17 8.46
N SER D 81 -31.64 -30.54 7.82
CA SER D 81 -31.94 -31.95 7.61
C SER D 81 -30.77 -32.69 6.92
N THR D 82 -30.17 -32.09 5.90
CA THR D 82 -29.07 -32.72 5.20
C THR D 82 -27.77 -31.95 5.42
N VAL D 83 -27.58 -31.44 6.63
CA VAL D 83 -26.38 -30.67 6.99
C VAL D 83 -25.71 -31.36 8.17
N ASP D 84 -24.43 -31.68 8.05
CA ASP D 84 -23.69 -32.36 9.10
C ASP D 84 -22.99 -31.46 10.11
N ALA D 85 -22.47 -30.32 9.66
CA ALA D 85 -21.77 -29.40 10.54
C ALA D 85 -21.94 -27.95 10.08
N VAL D 86 -21.78 -27.04 11.02
CA VAL D 86 -21.93 -25.62 10.73
C VAL D 86 -20.80 -24.74 11.25
N PHE D 87 -20.48 -23.68 10.50
CA PHE D 87 -19.48 -22.70 10.88
C PHE D 87 -20.37 -21.50 11.22
N CYS D 88 -20.24 -20.95 12.42
CA CYS D 88 -21.05 -19.79 12.80
C CYS D 88 -20.30 -18.49 12.57
N CYS D 89 -20.74 -17.71 11.59
CA CYS D 89 -20.13 -16.42 11.27
C CYS D 89 -21.16 -15.33 11.50
N LEU D 90 -21.97 -15.51 12.53
CA LEU D 90 -23.02 -14.55 12.87
C LEU D 90 -22.42 -13.43 13.71
N PRO D 91 -23.20 -12.36 13.93
CA PRO D 91 -22.75 -11.21 14.72
C PRO D 91 -22.67 -11.41 16.24
N HIS D 92 -22.25 -10.36 16.93
CA HIS D 92 -22.14 -10.35 18.38
C HIS D 92 -23.52 -10.09 18.96
N GLY D 93 -23.83 -10.75 20.08
CA GLY D 93 -25.12 -10.56 20.73
C GLY D 93 -26.29 -11.03 19.88
N THR D 94 -26.00 -11.91 18.92
CA THR D 94 -27.01 -12.45 18.02
C THR D 94 -26.77 -13.94 17.85
N THR D 95 -25.53 -14.35 18.07
CA THR D 95 -25.12 -15.74 17.93
C THR D 95 -25.74 -16.68 18.95
N GLN D 96 -25.68 -16.29 20.23
CA GLN D 96 -26.19 -17.11 21.33
C GLN D 96 -27.59 -17.68 21.13
N GLU D 97 -28.55 -16.83 20.80
CA GLU D 97 -29.91 -17.27 20.61
C GLU D 97 -30.11 -18.18 19.41
N ILE D 98 -29.42 -17.87 18.31
CA ILE D 98 -29.53 -18.70 17.12
C ILE D 98 -28.91 -20.07 17.35
N ILE D 99 -27.75 -20.10 18.00
CA ILE D 99 -27.07 -21.35 18.24
C ILE D 99 -27.83 -22.24 19.22
N LYS D 100 -28.34 -21.65 20.29
CA LYS D 100 -29.09 -22.44 21.28
C LYS D 100 -30.20 -23.23 20.59
N GLU D 101 -30.89 -22.57 19.67
CA GLU D 101 -31.98 -23.18 18.93
C GLU D 101 -31.54 -24.02 17.73
N LEU D 102 -30.28 -24.45 17.72
CA LEU D 102 -29.76 -25.29 16.64
C LEU D 102 -29.77 -26.75 17.04
N PRO D 103 -30.29 -27.62 16.16
CA PRO D 103 -30.34 -29.05 16.46
C PRO D 103 -29.05 -29.63 17.07
N THR D 104 -29.19 -30.30 18.21
CA THR D 104 -28.08 -30.90 18.94
C THR D 104 -27.28 -31.90 18.11
N ALA D 105 -27.90 -32.44 17.08
CA ALA D 105 -27.24 -33.42 16.22
C ALA D 105 -26.20 -32.75 15.33
N LEU D 106 -26.05 -31.44 15.48
CA LEU D 106 -25.08 -30.67 14.68
C LEU D 106 -23.79 -30.35 15.39
N LYS D 107 -22.68 -30.52 14.67
CA LYS D 107 -21.36 -30.14 15.20
C LYS D 107 -21.31 -28.64 14.87
N ILE D 108 -21.01 -27.80 15.86
CA ILE D 108 -21.00 -26.36 15.65
C ILE D 108 -19.71 -25.66 16.04
N VAL D 109 -19.16 -24.88 15.12
CA VAL D 109 -17.96 -24.12 15.41
C VAL D 109 -18.34 -22.65 15.24
N ASP D 110 -18.41 -21.96 16.37
CA ASP D 110 -18.77 -20.57 16.37
C ASP D 110 -17.58 -19.64 16.24
N LEU D 111 -17.48 -18.94 15.13
CA LEU D 111 -16.39 -18.00 14.95
C LEU D 111 -16.63 -16.69 15.71
N SER D 112 -17.84 -16.47 16.25
CA SER D 112 -18.11 -15.24 17.02
C SER D 112 -17.36 -15.33 18.35
N ALA D 113 -17.39 -14.24 19.12
CA ALA D 113 -16.75 -14.20 20.43
C ALA D 113 -17.72 -14.50 21.57
N ASP D 114 -19.01 -14.67 21.25
CA ASP D 114 -20.05 -14.86 22.28
C ASP D 114 -20.08 -16.12 23.15
N PHE D 115 -19.29 -17.13 22.79
CA PHE D 115 -19.25 -18.33 23.61
C PHE D 115 -17.83 -18.62 24.10
N ARG D 116 -16.95 -17.65 23.90
CA ARG D 116 -15.55 -17.76 24.31
C ARG D 116 -15.36 -17.69 25.81
N LEU D 117 -16.04 -16.75 26.46
CA LEU D 117 -15.90 -16.60 27.90
C LEU D 117 -16.75 -17.56 28.72
N ARG D 118 -16.08 -18.35 29.56
CA ARG D 118 -16.76 -19.33 30.39
C ARG D 118 -17.51 -18.66 31.53
N ASN D 119 -17.03 -17.50 31.99
CA ASN D 119 -17.67 -16.78 33.08
C ASN D 119 -18.76 -15.84 32.58
N ILE D 120 -20.00 -16.11 32.98
CA ILE D 120 -21.14 -15.30 32.56
C ILE D 120 -21.03 -13.84 32.97
N ALA D 121 -20.64 -13.60 34.22
CA ALA D 121 -20.50 -12.25 34.70
C ALA D 121 -19.43 -11.57 33.87
N GLU D 122 -18.51 -12.38 33.36
CA GLU D 122 -17.43 -11.87 32.53
C GLU D 122 -17.98 -11.32 31.24
N TYR D 123 -18.72 -12.16 30.52
CA TYR D 123 -19.32 -11.76 29.25
C TYR D 123 -20.09 -10.46 29.45
N GLU D 124 -20.94 -10.44 30.48
CA GLU D 124 -21.75 -9.27 30.76
C GLU D 124 -20.91 -8.09 31.18
N GLU D 125 -19.93 -8.36 32.04
CA GLU D 125 -19.01 -7.36 32.54
C GLU D 125 -18.30 -6.64 31.41
N TRP D 126 -17.87 -7.39 30.40
CA TRP D 126 -17.17 -6.78 29.28
C TRP D 126 -18.08 -6.38 28.14
N TYR D 127 -19.26 -6.98 28.04
CA TYR D 127 -20.15 -6.62 26.94
C TYR D 127 -21.38 -5.81 27.35
N GLY D 128 -21.47 -5.48 28.62
CA GLY D 128 -22.58 -4.67 29.10
C GLY D 128 -23.98 -5.21 28.87
N GLN D 129 -24.08 -6.35 28.19
CA GLN D 129 -25.38 -6.95 27.91
C GLN D 129 -25.51 -8.36 28.48
N PRO D 130 -26.73 -8.73 28.91
CA PRO D 130 -27.04 -10.04 29.48
C PRO D 130 -26.68 -11.18 28.53
N HIS D 131 -26.14 -12.26 29.10
CA HIS D 131 -25.76 -13.44 28.31
C HIS D 131 -27.05 -14.18 27.99
N LYS D 132 -27.45 -14.15 26.71
CA LYS D 132 -28.67 -14.78 26.27
C LYS D 132 -28.70 -16.30 26.14
N ALA D 133 -27.68 -16.99 26.64
CA ALA D 133 -27.66 -18.45 26.54
C ALA D 133 -26.79 -18.98 27.65
N VAL D 134 -26.85 -18.27 28.78
CA VAL D 134 -26.09 -18.58 29.98
C VAL D 134 -25.96 -20.05 30.24
N GLU D 135 -27.02 -20.80 29.96
CA GLU D 135 -27.00 -22.22 30.19
C GLU D 135 -26.03 -22.88 29.23
N LEU D 136 -26.35 -22.85 27.95
CA LEU D 136 -25.51 -23.45 26.93
C LEU D 136 -24.03 -23.06 27.10
N GLN D 137 -23.79 -21.87 27.66
CA GLN D 137 -22.43 -21.40 27.87
C GLN D 137 -21.67 -22.35 28.77
N LYS D 138 -22.34 -23.39 29.24
CA LYS D 138 -21.68 -24.35 30.13
C LYS D 138 -20.99 -25.51 29.41
N GLU D 139 -21.44 -25.85 28.20
CA GLU D 139 -20.81 -26.95 27.48
C GLU D 139 -19.86 -26.55 26.35
N VAL D 140 -19.72 -25.26 26.09
CA VAL D 140 -18.85 -24.75 25.03
C VAL D 140 -17.38 -25.13 25.23
N VAL D 141 -16.70 -25.50 24.15
CA VAL D 141 -15.27 -25.82 24.21
C VAL D 141 -14.44 -24.77 23.43
N TYR D 142 -13.42 -24.23 24.08
CA TYR D 142 -12.55 -23.23 23.45
C TYR D 142 -11.52 -23.95 22.55
N GLY D 143 -11.63 -23.73 21.26
CA GLY D 143 -10.77 -24.43 20.32
C GLY D 143 -9.51 -23.84 19.73
N LEU D 144 -8.47 -23.75 20.54
CA LEU D 144 -7.20 -23.25 20.02
C LEU D 144 -6.60 -24.41 19.21
N THR D 145 -6.93 -25.62 19.64
CA THR D 145 -6.53 -26.86 18.96
C THR D 145 -5.18 -27.51 19.28
N GLU D 146 -4.12 -26.73 19.46
CA GLU D 146 -2.80 -27.29 19.76
C GLU D 146 -2.61 -27.43 21.27
N ILE D 147 -3.43 -26.72 22.03
CA ILE D 147 -3.36 -26.73 23.48
C ILE D 147 -4.60 -27.45 24.07
N LEU D 148 -5.67 -27.58 23.25
CA LEU D 148 -6.90 -28.20 23.72
C LEU D 148 -7.48 -29.19 22.73
N ARG D 149 -6.61 -29.73 21.89
CA ARG D 149 -7.01 -30.72 20.87
C ARG D 149 -7.88 -31.84 21.43
N GLU D 150 -7.46 -32.42 22.55
CA GLU D 150 -8.19 -33.54 23.12
C GLU D 150 -9.62 -33.25 23.54
N ASP D 151 -9.90 -32.03 24.01
CA ASP D 151 -11.26 -31.68 24.41
C ASP D 151 -12.08 -31.36 23.16
N ILE D 152 -11.42 -30.69 22.21
CA ILE D 152 -12.07 -30.30 20.97
C ILE D 152 -12.57 -31.49 20.16
N LYS D 153 -11.72 -32.49 19.99
CA LYS D 153 -12.10 -33.66 19.19
C LYS D 153 -13.46 -34.28 19.53
N LYS D 154 -13.91 -34.10 20.77
CA LYS D 154 -15.19 -34.67 21.17
C LYS D 154 -16.23 -33.68 21.65
N ALA D 155 -16.08 -32.41 21.26
CA ALA D 155 -17.06 -31.40 21.64
C ALA D 155 -18.09 -31.24 20.52
N ARG D 156 -19.27 -30.74 20.86
CA ARG D 156 -20.30 -30.55 19.85
C ARG D 156 -20.27 -29.09 19.43
N LEU D 157 -20.07 -28.22 20.42
CA LEU D 157 -20.02 -26.77 20.22
C LEU D 157 -18.66 -26.20 20.62
N VAL D 158 -17.99 -25.60 19.64
CA VAL D 158 -16.67 -25.02 19.86
C VAL D 158 -16.63 -23.53 19.61
N ALA D 159 -16.15 -22.78 20.59
CA ALA D 159 -16.02 -21.35 20.39
C ALA D 159 -14.68 -21.15 19.68
N ASN D 160 -14.77 -20.80 18.40
CA ASN D 160 -13.57 -20.58 17.63
C ASN D 160 -12.84 -19.35 18.18
N PRO D 161 -11.55 -19.50 18.51
CA PRO D 161 -10.67 -18.45 19.05
C PRO D 161 -10.56 -17.17 18.22
N GLY D 162 -10.45 -16.03 18.89
CA GLY D 162 -10.25 -14.80 18.16
C GLY D 162 -8.84 -14.77 17.56
N CYS D 163 -8.42 -13.63 17.03
CA CYS D 163 -7.10 -13.52 16.40
C CYS D 163 -5.95 -13.14 17.37
N TYR D 164 -6.01 -11.99 18.01
CA TYR D 164 -4.95 -11.59 18.93
C TYR D 164 -4.72 -12.64 20.01
N PRO D 165 -5.81 -13.20 20.58
CA PRO D 165 -5.64 -14.20 21.63
C PRO D 165 -4.84 -15.44 21.18
N THR D 166 -5.01 -15.83 19.92
CA THR D 166 -4.31 -17.01 19.43
C THR D 166 -2.80 -16.76 19.42
N THR D 167 -2.39 -15.60 18.88
CA THR D 167 -0.97 -15.26 18.83
C THR D 167 -0.38 -15.07 20.22
N ILE D 168 -1.23 -14.88 21.23
CA ILE D 168 -0.74 -14.66 22.58
C ILE D 168 -0.69 -15.95 23.41
N GLN D 169 -1.78 -16.71 23.40
CA GLN D 169 -1.84 -17.93 24.18
C GLN D 169 -0.86 -19.03 23.75
N LEU D 170 -0.71 -19.24 22.45
CA LEU D 170 0.18 -20.25 21.96
C LEU D 170 1.59 -20.18 22.60
N PRO D 171 2.24 -19.00 22.59
CA PRO D 171 3.56 -19.00 23.23
C PRO D 171 3.53 -18.94 24.76
N LEU D 172 2.57 -18.22 25.31
CA LEU D 172 2.52 -18.05 26.76
C LEU D 172 2.03 -19.24 27.59
N VAL D 173 1.04 -19.97 27.09
CA VAL D 173 0.52 -21.11 27.84
C VAL D 173 1.61 -22.13 28.18
N PRO D 174 2.35 -22.63 27.18
CA PRO D 174 3.42 -23.60 27.45
C PRO D 174 4.42 -23.07 28.48
N LEU D 175 4.87 -21.83 28.27
CA LEU D 175 5.83 -21.20 29.16
C LEU D 175 5.29 -21.01 30.58
N LEU D 176 3.97 -20.86 30.69
CA LEU D 176 3.35 -20.70 32.01
C LEU D 176 3.16 -22.07 32.69
N LYS D 177 2.87 -23.08 31.86
CA LYS D 177 2.67 -24.44 32.37
C LYS D 177 4.00 -25.13 32.70
N ALA D 178 5.10 -24.38 32.58
CA ALA D 178 6.42 -24.95 32.85
C ALA D 178 7.21 -24.05 33.79
N ASN D 179 6.52 -23.05 34.35
CA ASN D 179 7.15 -22.11 35.27
C ASN D 179 8.42 -21.46 34.73
N LEU D 180 8.47 -21.20 33.42
CA LEU D 180 9.65 -20.57 32.82
C LEU D 180 9.51 -19.06 32.83
N ILE D 181 8.28 -18.55 32.84
CA ILE D 181 8.03 -17.09 32.85
C ILE D 181 7.07 -16.70 33.97
N LYS D 182 7.16 -15.48 34.46
CA LYS D 182 6.25 -15.04 35.52
C LYS D 182 4.89 -14.69 34.90
N HIS D 183 3.86 -14.58 35.73
CA HIS D 183 2.55 -14.26 35.17
C HIS D 183 2.14 -12.81 35.37
N GLU D 184 2.98 -12.03 36.03
CA GLU D 184 2.65 -10.62 36.21
C GLU D 184 3.44 -9.80 35.19
N ASN D 185 2.93 -8.62 34.87
CA ASN D 185 3.60 -7.72 33.94
C ASN D 185 3.85 -8.24 32.53
N ILE D 186 2.90 -9.03 32.01
CA ILE D 186 3.00 -9.54 30.66
C ILE D 186 2.44 -8.42 29.77
N ILE D 187 3.17 -8.04 28.73
CA ILE D 187 2.72 -6.98 27.82
C ILE D 187 2.85 -7.40 26.36
N ILE D 188 1.73 -7.40 25.65
CA ILE D 188 1.71 -7.80 24.25
C ILE D 188 1.31 -6.65 23.33
N ASP D 189 2.30 -5.84 22.91
CA ASP D 189 2.03 -4.73 22.00
C ASP D 189 1.74 -5.38 20.67
N ALA D 190 0.45 -5.46 20.37
CA ALA D 190 -0.04 -6.12 19.18
C ALA D 190 -0.33 -5.21 17.97
N LYS D 191 -0.13 -5.78 16.79
CA LYS D 191 -0.34 -5.09 15.51
C LYS D 191 -1.21 -5.98 14.65
N SER D 192 -2.12 -5.39 13.89
CA SER D 192 -2.98 -6.16 13.00
C SER D 192 -3.36 -5.45 11.70
N GLY D 193 -3.60 -6.24 10.66
CA GLY D 193 -4.03 -5.72 9.37
C GLY D 193 -5.51 -5.36 9.50
N VAL D 194 -5.95 -4.40 8.71
CA VAL D 194 -7.34 -3.92 8.78
C VAL D 194 -8.45 -4.95 8.39
N SER D 195 -8.08 -6.06 7.76
CA SER D 195 -9.09 -7.04 7.39
C SER D 195 -9.81 -7.52 8.66
N GLY D 196 -9.15 -7.38 9.80
CA GLY D 196 -9.74 -7.81 11.04
C GLY D 196 -10.85 -6.87 11.50
N ALA D 197 -11.08 -5.81 10.72
CA ALA D 197 -12.13 -4.84 11.01
C ALA D 197 -13.36 -5.16 10.17
N GLY D 198 -13.40 -6.34 9.60
CA GLY D 198 -14.54 -6.74 8.79
C GLY D 198 -14.77 -5.88 7.57
N ARG D 199 -15.85 -6.19 6.85
CA ARG D 199 -16.24 -5.50 5.63
C ARG D 199 -17.37 -4.46 5.81
N GLY D 200 -17.48 -3.89 6.99
CA GLY D 200 -18.52 -2.90 7.22
C GLY D 200 -18.12 -1.53 6.65
N ALA D 201 -18.99 -0.92 5.86
CA ALA D 201 -18.71 0.38 5.26
C ALA D 201 -18.54 1.46 6.33
N LYS D 202 -17.30 1.73 6.71
CA LYS D 202 -16.98 2.72 7.74
C LYS D 202 -16.01 3.78 7.21
N GLU D 203 -16.09 4.98 7.75
CA GLU D 203 -15.20 6.04 7.30
C GLU D 203 -13.76 5.76 7.73
N ALA D 204 -13.58 5.35 8.97
CA ALA D 204 -12.25 5.07 9.50
C ALA D 204 -11.51 3.96 8.74
N ASN D 205 -12.24 3.07 8.09
CA ASN D 205 -11.60 1.97 7.40
C ASN D 205 -11.38 2.14 5.90
N LEU D 206 -11.62 3.35 5.41
CA LEU D 206 -11.41 3.65 3.98
C LEU D 206 -9.90 3.73 3.74
N TYR D 207 -9.49 3.37 2.52
CA TYR D 207 -8.10 3.41 2.13
C TYR D 207 -7.43 4.79 2.42
N SER D 208 -8.13 5.89 2.11
CA SER D 208 -7.56 7.22 2.35
C SER D 208 -7.32 7.58 3.80
N GLU D 209 -7.96 6.86 4.72
CA GLU D 209 -7.78 7.16 6.14
C GLU D 209 -6.80 6.17 6.82
N ILE D 210 -6.61 5.04 6.17
CA ILE D 210 -5.79 3.94 6.69
C ILE D 210 -4.38 3.88 6.13
N ALA D 211 -4.29 3.82 4.82
CA ALA D 211 -3.01 3.72 4.14
C ALA D 211 -1.98 4.71 4.67
N GLU D 212 -0.71 4.30 4.56
CA GLU D 212 0.45 5.09 4.92
C GLU D 212 0.51 5.65 6.33
N GLY D 213 0.06 4.85 7.28
CA GLY D 213 0.07 5.25 8.67
C GLY D 213 -0.49 4.14 9.54
N ILE D 214 -0.22 4.20 10.83
CA ILE D 214 -0.72 3.21 11.78
C ILE D 214 -1.34 3.96 12.96
N SER D 215 -2.13 3.26 13.76
CA SER D 215 -2.71 3.84 14.94
C SER D 215 -3.02 2.74 15.93
N SER D 216 -2.97 3.07 17.20
CA SER D 216 -3.32 2.12 18.23
C SER D 216 -4.86 2.18 18.28
N TYR D 217 -5.48 1.22 18.97
CA TYR D 217 -6.94 1.21 19.15
C TYR D 217 -7.20 0.23 20.29
N GLY D 218 -8.32 0.42 20.99
CA GLY D 218 -8.65 -0.47 22.08
C GLY D 218 -7.62 -0.40 23.18
N VAL D 219 -7.09 0.79 23.38
CA VAL D 219 -6.10 0.98 24.43
C VAL D 219 -6.77 0.76 25.80
N THR D 220 -6.03 0.17 26.73
CA THR D 220 -6.52 -0.08 28.08
C THR D 220 -7.54 -1.22 28.22
N ARG D 221 -8.54 -1.25 27.34
CA ARG D 221 -9.59 -2.26 27.43
C ARG D 221 -10.11 -2.67 26.06
N HIS D 222 -9.66 -3.81 25.56
CA HIS D 222 -10.14 -4.26 24.28
C HIS D 222 -10.86 -5.56 24.56
N ARG D 223 -11.91 -5.86 23.79
CA ARG D 223 -12.68 -7.07 24.01
C ARG D 223 -11.85 -8.35 24.12
N HIS D 224 -10.72 -8.44 23.42
CA HIS D 224 -9.90 -9.65 23.52
C HIS D 224 -9.20 -9.83 24.86
N VAL D 225 -9.15 -8.78 25.67
CA VAL D 225 -8.49 -8.87 26.97
C VAL D 225 -8.99 -10.04 27.81
N PRO D 226 -10.32 -10.13 28.04
CA PRO D 226 -10.87 -11.22 28.85
C PRO D 226 -10.65 -12.62 28.26
N GLU D 227 -10.58 -12.70 26.94
CA GLU D 227 -10.32 -13.97 26.27
C GLU D 227 -8.85 -14.37 26.45
N ILE D 228 -7.99 -13.37 26.64
CA ILE D 228 -6.55 -13.59 26.85
C ILE D 228 -6.30 -14.00 28.33
N GLU D 229 -6.96 -13.27 29.23
CA GLU D 229 -6.80 -13.52 30.66
C GLU D 229 -7.46 -14.82 31.15
N GLN D 230 -8.42 -15.33 30.39
CA GLN D 230 -9.07 -16.59 30.75
C GLN D 230 -8.15 -17.77 30.34
N GLY D 231 -7.44 -17.61 29.22
CA GLY D 231 -6.54 -18.65 28.76
C GLY D 231 -5.27 -18.73 29.59
N LEU D 232 -4.77 -17.56 30.00
CA LEU D 232 -3.56 -17.49 30.78
C LEU D 232 -3.81 -17.89 32.23
N SER D 233 -4.96 -17.50 32.77
CA SER D 233 -5.31 -17.86 34.14
C SER D 233 -5.46 -19.37 34.26
N ASP D 234 -5.98 -20.01 33.21
CA ASP D 234 -6.16 -21.45 33.24
C ASP D 234 -4.85 -22.08 33.70
N VAL D 235 -3.81 -21.98 32.88
CA VAL D 235 -2.51 -22.57 33.22
C VAL D 235 -1.94 -22.03 34.52
N ALA D 236 -1.69 -20.73 34.57
CA ALA D 236 -1.10 -20.13 35.76
C ALA D 236 -1.87 -20.48 37.05
N GLN D 237 -3.15 -20.81 36.92
CA GLN D 237 -3.97 -21.17 38.08
C GLN D 237 -3.93 -20.05 39.09
N SER D 238 -4.27 -18.86 38.62
CA SER D 238 -4.28 -17.65 39.43
C SER D 238 -4.67 -16.52 38.48
N LYS D 239 -5.40 -15.52 39.00
CA LYS D 239 -5.83 -14.43 38.15
C LYS D 239 -4.68 -13.69 37.49
N VAL D 240 -4.71 -13.66 36.17
CA VAL D 240 -3.68 -12.97 35.40
C VAL D 240 -4.20 -11.67 34.78
N THR D 241 -3.48 -10.58 35.02
CA THR D 241 -3.83 -9.29 34.45
C THR D 241 -2.74 -8.94 33.45
N VAL D 242 -3.14 -8.73 32.19
CA VAL D 242 -2.18 -8.39 31.14
C VAL D 242 -2.40 -6.99 30.59
N SER D 243 -1.34 -6.45 30.01
CA SER D 243 -1.40 -5.17 29.33
C SER D 243 -1.40 -5.58 27.85
N PHE D 244 -2.42 -5.13 27.13
CA PHE D 244 -2.55 -5.46 25.72
C PHE D 244 -2.95 -4.22 24.93
N THR D 245 -2.23 -3.94 23.84
CA THR D 245 -2.53 -2.78 23.01
C THR D 245 -2.54 -3.08 21.49
N PRO D 246 -3.73 -3.07 20.87
CA PRO D 246 -3.86 -3.32 19.42
C PRO D 246 -3.34 -2.10 18.64
N HIS D 247 -2.86 -2.34 17.42
CA HIS D 247 -2.37 -1.30 16.52
C HIS D 247 -2.89 -1.67 15.14
N LEU D 248 -3.35 -0.69 14.37
CA LEU D 248 -3.89 -0.99 13.05
C LEU D 248 -2.82 -0.73 11.98
N MET D 249 -2.51 -1.76 11.22
CA MET D 249 -1.51 -1.71 10.18
C MET D 249 -2.08 -1.43 8.80
N PRO D 250 -1.36 -0.64 7.99
CA PRO D 250 -1.86 -0.34 6.64
C PRO D 250 -1.56 -1.53 5.73
N MET D 251 -2.33 -2.59 5.92
CA MET D 251 -2.19 -3.80 5.12
C MET D 251 -3.48 -4.58 5.31
N ILE D 252 -3.76 -5.51 4.41
CA ILE D 252 -4.99 -6.29 4.51
C ILE D 252 -4.92 -7.45 5.51
N ARG D 253 -4.05 -8.41 5.23
CA ARG D 253 -3.84 -9.60 6.07
C ARG D 253 -2.53 -9.53 6.87
N GLY D 254 -2.54 -10.14 8.05
CA GLY D 254 -1.33 -10.17 8.86
C GLY D 254 -1.51 -9.71 10.29
N MET D 255 -0.85 -10.42 11.20
CA MET D 255 -0.95 -10.04 12.60
C MET D 255 0.33 -10.42 13.35
N GLN D 256 0.70 -9.59 14.28
CA GLN D 256 1.87 -9.84 15.10
C GLN D 256 1.69 -9.41 16.52
N SER D 257 2.19 -10.24 17.44
CA SER D 257 2.19 -9.91 18.86
C SER D 257 3.67 -9.92 19.28
N THR D 258 4.06 -8.87 20.01
CA THR D 258 5.41 -8.71 20.54
C THR D 258 5.20 -8.72 22.04
N ILE D 259 5.46 -9.85 22.67
CA ILE D 259 5.24 -10.02 24.11
C ILE D 259 6.47 -9.83 24.97
N TYR D 260 6.36 -8.89 25.90
CA TYR D 260 7.42 -8.55 26.82
C TYR D 260 7.16 -9.21 28.19
N VAL D 261 7.86 -10.31 28.46
CA VAL D 261 7.69 -11.05 29.72
C VAL D 261 8.93 -11.08 30.60
N GLU D 262 8.71 -11.42 31.87
CA GLU D 262 9.77 -11.58 32.84
C GLU D 262 9.94 -13.09 32.98
N MET D 263 11.15 -13.57 32.74
CA MET D 263 11.39 -15.01 32.87
C MET D 263 11.34 -15.38 34.34
N ALA D 264 11.21 -16.68 34.64
CA ALA D 264 11.15 -17.14 36.03
C ALA D 264 12.58 -17.18 36.61
N PRO D 265 12.72 -16.92 37.92
CA PRO D 265 14.05 -16.93 38.55
C PRO D 265 14.95 -18.08 38.06
N GLY D 266 16.15 -17.73 37.60
CA GLY D 266 17.08 -18.74 37.10
C GLY D 266 16.88 -19.13 35.65
N VAL D 267 15.74 -18.73 35.08
CA VAL D 267 15.43 -19.07 33.69
C VAL D 267 16.12 -18.17 32.66
N ARG D 268 16.54 -18.79 31.56
CA ARG D 268 17.22 -18.09 30.46
C ARG D 268 16.40 -18.18 29.17
N THR D 269 16.61 -17.23 28.27
CA THR D 269 15.87 -17.23 27.00
C THR D 269 15.93 -18.60 26.33
N GLU D 270 17.08 -19.28 26.45
CA GLU D 270 17.28 -20.61 25.86
C GLU D 270 16.31 -21.65 26.38
N ASP D 271 15.90 -21.52 27.64
CA ASP D 271 14.96 -22.47 28.22
C ASP D 271 13.59 -22.23 27.57
N LEU D 272 13.27 -20.96 27.28
CA LEU D 272 12.00 -20.65 26.65
C LEU D 272 11.93 -21.34 25.30
N HIS D 273 12.96 -21.15 24.48
CA HIS D 273 12.97 -21.73 23.15
C HIS D 273 12.80 -23.24 23.21
N GLN D 274 13.60 -23.88 24.06
CA GLN D 274 13.55 -25.33 24.23
C GLN D 274 12.14 -25.80 24.50
N GLN D 275 11.46 -25.14 25.44
CA GLN D 275 10.10 -25.52 25.80
C GLN D 275 9.15 -25.33 24.65
N LEU D 276 9.32 -24.24 23.90
CA LEU D 276 8.46 -23.97 22.77
C LEU D 276 8.76 -24.99 21.68
N LYS D 277 10.05 -25.23 21.44
CA LYS D 277 10.48 -26.19 20.42
C LYS D 277 9.91 -27.56 20.78
N THR D 278 9.96 -27.89 22.07
CA THR D 278 9.46 -29.17 22.54
C THR D 278 7.95 -29.29 22.43
N SER D 279 7.24 -28.29 22.98
CA SER D 279 5.77 -28.29 22.95
C SER D 279 5.19 -28.30 21.54
N TYR D 280 5.89 -27.65 20.61
CA TYR D 280 5.41 -27.56 19.25
C TYR D 280 6.20 -28.33 18.21
N GLU D 281 7.09 -29.21 18.69
CA GLU D 281 7.94 -30.02 17.80
C GLU D 281 7.22 -30.77 16.67
N ASP D 282 6.11 -31.43 16.97
CA ASP D 282 5.40 -32.16 15.93
C ASP D 282 4.16 -31.43 15.39
N GLU D 283 3.94 -30.20 15.85
CA GLU D 283 2.80 -29.40 15.41
C GLU D 283 3.02 -28.75 14.03
N GLU D 284 2.18 -29.15 13.08
CA GLU D 284 2.28 -28.60 11.73
C GLU D 284 2.18 -27.08 11.65
N PHE D 285 1.19 -26.51 12.32
CA PHE D 285 0.93 -25.10 12.20
C PHE D 285 1.65 -24.13 13.13
N VAL D 286 2.47 -24.64 14.03
CA VAL D 286 3.19 -23.76 14.92
C VAL D 286 4.68 -24.04 14.78
N LYS D 287 5.36 -23.13 14.09
CA LYS D 287 6.78 -23.24 13.86
C LYS D 287 7.53 -22.34 14.83
N VAL D 288 8.39 -22.94 15.64
CA VAL D 288 9.20 -22.19 16.59
C VAL D 288 10.50 -21.99 15.85
N LEU D 289 10.85 -20.74 15.61
CA LEU D 289 12.05 -20.40 14.87
C LEU D 289 13.25 -20.41 15.81
N ASP D 290 14.45 -20.48 15.23
CA ASP D 290 15.68 -20.48 16.00
C ASP D 290 15.80 -19.19 16.79
N GLU D 291 16.40 -19.30 17.97
CA GLU D 291 16.59 -18.15 18.85
C GLU D 291 17.05 -16.93 18.07
N GLY D 292 16.45 -15.79 18.40
CA GLY D 292 16.82 -14.54 17.74
C GLY D 292 16.42 -14.41 16.29
N VAL D 293 15.82 -15.44 15.71
CA VAL D 293 15.41 -15.35 14.32
C VAL D 293 13.99 -14.80 14.26
N VAL D 294 13.92 -13.48 14.07
CA VAL D 294 12.69 -12.68 14.00
C VAL D 294 11.74 -13.12 12.88
N PRO D 295 10.52 -13.53 13.22
CA PRO D 295 9.61 -13.91 12.12
C PRO D 295 9.08 -12.67 11.39
N ARG D 296 8.58 -12.85 10.18
CA ARG D 296 8.08 -11.72 9.40
C ARG D 296 6.60 -11.93 9.16
N THR D 297 5.79 -10.95 9.55
CA THR D 297 4.35 -11.04 9.36
C THR D 297 4.10 -11.63 7.99
N HIS D 298 4.86 -11.16 7.02
CA HIS D 298 4.73 -11.68 5.66
C HIS D 298 4.87 -13.20 5.58
N ASN D 299 5.94 -13.75 6.18
CA ASN D 299 6.21 -15.21 6.10
C ASN D 299 5.01 -16.14 6.19
N VAL D 300 3.95 -15.77 6.91
CA VAL D 300 2.78 -16.65 7.03
C VAL D 300 1.56 -16.17 6.29
N ARG D 301 1.74 -15.13 5.49
CA ARG D 301 0.69 -14.53 4.67
C ARG D 301 -0.17 -15.56 3.91
N GLY D 302 -1.44 -15.66 4.26
CA GLY D 302 -2.31 -16.60 3.54
C GLY D 302 -2.10 -18.03 4.01
N SER D 303 -1.65 -18.16 5.26
CA SER D 303 -1.39 -19.45 5.83
C SER D 303 -1.96 -19.61 7.21
N ASN D 304 -2.14 -20.87 7.58
CA ASN D 304 -2.65 -21.32 8.87
C ASN D 304 -1.52 -21.33 9.90
N TYR D 305 -0.28 -21.24 9.42
CA TYR D 305 0.93 -21.28 10.29
C TYR D 305 1.09 -20.07 11.21
N CYS D 306 1.75 -20.28 12.35
CA CYS D 306 2.13 -19.28 13.36
C CYS D 306 3.65 -19.43 13.67
N HIS D 307 4.45 -18.45 13.26
CA HIS D 307 5.87 -18.49 13.57
C HIS D 307 6.12 -17.72 14.85
N MET D 308 6.84 -18.38 15.76
CA MET D 308 7.19 -17.74 17.02
C MET D 308 8.70 -17.76 17.24
N SER D 309 9.19 -16.67 17.83
CA SER D 309 10.60 -16.51 18.13
C SER D 309 10.77 -15.63 19.36
N VAL D 310 11.64 -16.10 20.27
CA VAL D 310 11.95 -15.41 21.53
C VAL D 310 13.36 -14.80 21.51
N PHE D 311 13.54 -13.74 22.29
CA PHE D 311 14.81 -13.04 22.35
C PHE D 311 14.98 -12.49 23.74
N PRO D 312 16.22 -12.09 24.10
CA PRO D 312 16.41 -11.53 25.44
C PRO D 312 15.97 -10.06 25.44
N ASP D 313 15.72 -9.49 26.61
CA ASP D 313 15.30 -8.10 26.69
C ASP D 313 16.41 -7.34 27.42
N ARG D 314 16.96 -6.31 26.77
CA ARG D 314 18.04 -5.53 27.36
C ARG D 314 17.90 -5.42 28.87
N ILE D 315 16.67 -5.26 29.33
CA ILE D 315 16.38 -5.17 30.76
C ILE D 315 16.62 -6.54 31.38
N PRO D 316 17.73 -6.68 32.14
CA PRO D 316 17.99 -8.00 32.72
C PRO D 316 16.79 -8.69 33.37
N GLY D 317 16.62 -9.95 33.02
CA GLY D 317 15.52 -10.75 33.55
C GLY D 317 14.32 -10.91 32.64
N ARG D 318 14.23 -10.05 31.62
CA ARG D 318 13.13 -10.09 30.68
C ARG D 318 13.45 -10.77 29.36
N ALA D 319 12.40 -11.12 28.64
CA ALA D 319 12.51 -11.76 27.35
C ALA D 319 11.43 -11.13 26.45
N ILE D 320 11.53 -11.39 25.17
CA ILE D 320 10.62 -10.87 24.16
C ILE D 320 10.23 -12.00 23.25
N ILE D 321 8.94 -12.10 22.96
CA ILE D 321 8.48 -13.15 22.08
C ILE D 321 7.64 -12.52 20.97
N ILE D 322 7.85 -13.01 19.74
CA ILE D 322 7.13 -12.57 18.57
C ILE D 322 6.37 -13.76 18.02
N SER D 323 5.08 -13.55 17.77
CA SER D 323 4.20 -14.59 17.26
C SER D 323 3.34 -14.03 16.12
N VAL D 324 3.48 -14.57 14.91
CA VAL D 324 2.70 -14.10 13.77
C VAL D 324 1.84 -15.16 13.08
N ILE D 325 0.71 -14.67 12.56
CA ILE D 325 -0.25 -15.50 11.84
C ILE D 325 -0.95 -14.63 10.80
N ASP D 326 -1.69 -15.27 9.91
CA ASP D 326 -2.51 -14.50 8.98
C ASP D 326 -3.76 -14.38 9.86
N ASN D 327 -4.22 -13.15 10.15
CA ASN D 327 -5.38 -12.97 11.04
C ASN D 327 -6.68 -13.63 10.59
N LEU D 328 -6.88 -13.79 9.29
CA LEU D 328 -8.10 -14.41 8.76
C LEU D 328 -8.00 -15.95 8.61
N VAL D 329 -6.82 -16.53 8.87
CA VAL D 329 -6.66 -17.97 8.73
C VAL D 329 -6.49 -18.58 10.10
N LYS D 330 -5.25 -18.69 10.56
CA LYS D 330 -5.03 -19.26 11.88
C LYS D 330 -5.68 -18.36 12.92
N GLY D 331 -5.86 -17.08 12.57
CA GLY D 331 -6.51 -16.16 13.49
C GLY D 331 -8.03 -16.30 13.45
N ALA D 332 -8.57 -17.01 12.46
CA ALA D 332 -10.02 -17.19 12.35
C ALA D 332 -10.51 -18.45 11.64
N SER D 333 -10.91 -18.30 10.38
CA SER D 333 -11.48 -19.39 9.60
C SER D 333 -10.63 -20.62 9.43
N GLY D 334 -9.31 -20.44 9.47
CA GLY D 334 -8.41 -21.58 9.34
C GLY D 334 -8.43 -22.41 10.61
N GLN D 335 -8.38 -21.75 11.75
CA GLN D 335 -8.42 -22.49 12.99
C GLN D 335 -9.79 -23.15 13.16
N ALA D 336 -10.85 -22.50 12.70
CA ALA D 336 -12.19 -23.06 12.82
C ALA D 336 -12.29 -24.39 12.06
N LEU D 337 -11.73 -24.43 10.86
CA LEU D 337 -11.75 -25.64 10.06
C LEU D 337 -10.81 -26.67 10.70
N GLN D 338 -9.71 -26.20 11.28
CA GLN D 338 -8.77 -27.13 11.94
C GLN D 338 -9.57 -27.85 13.03
N ASN D 339 -10.27 -27.09 13.85
CA ASN D 339 -11.10 -27.64 14.93
C ASN D 339 -12.18 -28.60 14.43
N LEU D 340 -12.90 -28.21 13.38
CA LEU D 340 -13.96 -29.06 12.87
C LEU D 340 -13.37 -30.37 12.36
N ASN D 341 -12.27 -30.29 11.60
CA ASN D 341 -11.64 -31.51 11.09
C ASN D 341 -11.53 -32.59 12.19
N ILE D 342 -10.91 -32.26 13.31
CA ILE D 342 -10.77 -33.25 14.38
C ILE D 342 -12.10 -33.51 15.08
N MET D 343 -12.99 -32.53 15.08
CA MET D 343 -14.28 -32.75 15.71
C MET D 343 -15.03 -33.84 14.95
N LEU D 344 -14.85 -33.87 13.63
CA LEU D 344 -15.52 -34.88 12.81
C LEU D 344 -14.66 -36.11 12.57
N GLY D 345 -13.51 -36.17 13.24
CA GLY D 345 -12.64 -37.32 13.11
C GLY D 345 -11.67 -37.38 11.95
N TYR D 346 -11.69 -36.39 11.06
CA TYR D 346 -10.77 -36.40 9.95
C TYR D 346 -9.40 -35.87 10.36
N PRO D 347 -8.39 -36.11 9.54
CA PRO D 347 -7.06 -35.61 9.91
C PRO D 347 -7.11 -34.07 10.05
N GLU D 348 -6.45 -33.58 11.09
CA GLU D 348 -6.42 -32.17 11.39
C GLU D 348 -6.02 -31.25 10.24
N THR D 349 -4.91 -31.55 9.57
CA THR D 349 -4.41 -30.71 8.49
C THR D 349 -5.18 -30.79 7.18
N THR D 350 -6.23 -31.60 7.18
CA THR D 350 -7.03 -31.76 5.97
C THR D 350 -7.51 -30.43 5.42
N GLY D 351 -7.20 -30.18 4.16
CA GLY D 351 -7.60 -28.95 3.50
C GLY D 351 -6.92 -27.70 4.01
N LEU D 352 -5.98 -27.84 4.92
CA LEU D 352 -5.29 -26.68 5.49
C LEU D 352 -3.82 -26.57 5.16
N LEU D 353 -3.40 -27.18 4.06
CA LEU D 353 -2.01 -27.14 3.70
C LEU D 353 -1.57 -26.03 2.72
N HIS D 354 -2.48 -25.08 2.47
CA HIS D 354 -2.18 -23.95 1.59
C HIS D 354 -0.87 -23.30 2.09
N GLN D 355 0.07 -23.08 1.18
CA GLN D 355 1.37 -22.48 1.49
C GLN D 355 1.33 -20.97 1.38
N PRO D 356 2.20 -20.26 2.12
CA PRO D 356 2.18 -18.79 2.01
C PRO D 356 2.11 -18.16 0.60
N LEU D 357 1.33 -17.09 0.46
CA LEU D 357 1.26 -16.41 -0.82
C LEU D 357 2.23 -15.22 -0.78
N PHE D 358 3.52 -15.54 -0.78
CA PHE D 358 4.62 -14.56 -0.77
C PHE D 358 5.41 -14.79 -2.08
N PRO D 359 5.67 -13.73 -2.86
CA PRO D 359 5.27 -12.35 -2.56
C PRO D 359 3.80 -12.12 -2.85
N LYS A 15 19.87 34.73 -1.58
CA LYS A 15 19.35 34.85 -0.18
C LYS A 15 20.48 35.09 0.82
N ASP A 16 20.11 35.41 2.05
CA ASP A 16 21.09 35.70 3.10
C ASP A 16 22.12 34.60 3.38
N ILE A 17 21.65 33.38 3.54
CA ILE A 17 22.54 32.28 3.88
C ILE A 17 22.74 31.26 2.77
N ARG A 18 24.00 30.91 2.53
CA ARG A 18 24.36 29.92 1.51
C ARG A 18 24.52 28.59 2.24
N ILE A 19 23.77 27.60 1.80
CA ILE A 19 23.79 26.30 2.44
C ILE A 19 24.60 25.23 1.73
N GLY A 20 25.41 24.53 2.51
CA GLY A 20 26.17 23.42 1.97
C GLY A 20 25.46 22.17 2.46
N LEU A 21 25.16 21.25 1.55
CA LEU A 21 24.48 20.02 1.93
C LEU A 21 25.33 18.81 1.57
N LEU A 22 25.93 18.14 2.55
CA LEU A 22 26.75 16.96 2.31
C LEU A 22 25.89 15.70 2.23
N GLY A 23 26.15 14.84 1.24
CA GLY A 23 25.36 13.63 1.12
C GLY A 23 23.92 14.00 0.80
N ALA A 24 23.76 14.61 -0.36
CA ALA A 24 22.46 15.07 -0.82
C ALA A 24 21.66 14.08 -1.66
N SER A 25 22.24 12.94 -2.03
CA SER A 25 21.49 11.99 -2.86
C SER A 25 20.50 11.13 -2.09
N GLY A 26 20.55 11.17 -0.76
CA GLY A 26 19.63 10.38 0.04
C GLY A 26 18.30 11.09 0.22
N TYR A 27 17.41 10.44 0.97
CA TYR A 27 16.07 10.97 1.25
C TYR A 27 16.07 12.11 2.26
N THR A 28 16.95 12.07 3.25
CA THR A 28 16.99 13.16 4.22
C THR A 28 17.62 14.38 3.54
N GLY A 29 18.49 14.12 2.55
CA GLY A 29 19.09 15.22 1.80
C GLY A 29 17.98 15.93 1.02
N ALA A 30 17.24 15.17 0.22
CA ALA A 30 16.16 15.72 -0.57
C ALA A 30 15.16 16.48 0.31
N GLU A 31 14.86 15.93 1.48
CA GLU A 31 13.96 16.60 2.42
C GLU A 31 14.46 17.99 2.76
N ILE A 32 15.77 18.12 3.02
CA ILE A 32 16.32 19.44 3.35
C ILE A 32 16.05 20.35 2.17
N VAL A 33 16.44 19.90 0.98
CA VAL A 33 16.27 20.68 -0.24
C VAL A 33 14.82 20.92 -0.64
N ARG A 34 13.93 20.00 -0.26
CA ARG A 34 12.51 20.17 -0.55
C ARG A 34 11.94 21.25 0.36
N LEU A 35 12.40 21.23 1.61
CA LEU A 35 11.93 22.17 2.62
C LEU A 35 12.57 23.54 2.45
N LEU A 36 13.86 23.59 2.12
CA LEU A 36 14.55 24.88 1.96
C LEU A 36 13.94 25.68 0.81
N ALA A 37 13.16 25.00 -0.02
CA ALA A 37 12.51 25.64 -1.16
C ALA A 37 11.54 26.78 -0.76
N ASN A 38 10.92 26.68 0.41
CA ASN A 38 10.01 27.74 0.86
C ASN A 38 10.59 28.53 2.06
N HIS A 39 11.89 28.39 2.28
CA HIS A 39 12.58 29.10 3.36
C HIS A 39 13.08 30.39 2.71
N PRO A 40 12.46 31.52 3.06
CA PRO A 40 12.86 32.80 2.49
C PRO A 40 14.29 33.26 2.71
N HIS A 41 15.02 32.59 3.59
CA HIS A 41 16.38 33.06 3.86
C HIS A 41 17.55 32.22 3.46
N PHE A 42 17.42 30.92 3.60
CA PHE A 42 18.51 30.02 3.28
C PHE A 42 18.37 29.52 1.86
N GLN A 43 19.49 29.17 1.25
CA GLN A 43 19.49 28.64 -0.10
C GLN A 43 20.65 27.69 -0.33
N VAL A 44 20.34 26.51 -0.86
CA VAL A 44 21.36 25.51 -1.14
C VAL A 44 22.22 25.95 -2.32
N THR A 45 23.53 26.05 -2.12
CA THR A 45 24.41 26.46 -3.19
C THR A 45 25.50 25.42 -3.45
N LEU A 46 25.62 24.47 -2.54
CA LEU A 46 26.63 23.44 -2.72
C LEU A 46 26.03 22.08 -2.31
N MET A 47 26.04 21.12 -3.24
CA MET A 47 25.50 19.79 -2.96
C MET A 47 26.53 18.70 -3.29
N THR A 48 26.79 17.90 -2.27
CA THR A 48 27.75 16.81 -2.32
C THR A 48 27.04 15.46 -2.50
N ALA A 49 27.69 14.58 -3.29
CA ALA A 49 27.23 13.21 -3.54
C ALA A 49 28.44 12.39 -3.90
N ASP A 50 28.35 11.10 -3.63
CA ASP A 50 29.44 10.21 -3.91
C ASP A 50 29.39 9.55 -5.30
N ARG A 51 28.49 8.58 -5.47
CA ARG A 51 28.39 7.89 -6.74
C ARG A 51 27.70 8.71 -7.80
N LYS A 52 26.62 9.38 -7.42
CA LYS A 52 25.86 10.19 -8.38
C LYS A 52 26.47 11.57 -8.60
N ALA A 53 27.75 11.71 -8.27
CA ALA A 53 28.43 12.98 -8.49
C ALA A 53 28.43 13.26 -9.98
N GLY A 54 28.52 14.55 -10.33
CA GLY A 54 28.52 14.96 -11.71
C GLY A 54 27.11 15.13 -12.22
N GLN A 55 26.18 14.37 -11.66
CA GLN A 55 24.79 14.44 -12.08
C GLN A 55 24.07 15.61 -11.46
N SER A 56 22.93 15.96 -12.05
CA SER A 56 22.13 17.04 -11.51
C SER A 56 21.11 16.31 -10.62
N MET A 57 20.77 16.89 -9.48
CA MET A 57 19.81 16.23 -8.60
C MET A 57 18.49 16.05 -9.32
N GLU A 58 18.45 16.41 -10.60
CA GLU A 58 17.25 16.25 -11.40
C GLU A 58 17.20 14.82 -11.89
N SER A 59 18.37 14.27 -12.22
CA SER A 59 18.46 12.88 -12.67
C SER A 59 18.43 11.96 -11.47
N VAL A 60 18.45 12.54 -10.27
CA VAL A 60 18.44 11.76 -9.04
C VAL A 60 17.06 11.82 -8.40
N PHE A 61 16.53 13.03 -8.29
CA PHE A 61 15.22 13.26 -7.69
C PHE A 61 14.39 14.14 -8.63
N PRO A 62 13.76 13.53 -9.64
CA PRO A 62 12.95 14.31 -10.57
C PRO A 62 11.82 15.11 -9.92
N HIS A 63 11.38 14.72 -8.73
CA HIS A 63 10.32 15.52 -8.13
C HIS A 63 10.78 16.95 -7.82
N LEU A 64 12.10 17.17 -7.78
CA LEU A 64 12.60 18.50 -7.47
C LEU A 64 12.80 19.38 -8.71
N ARG A 65 12.30 18.94 -9.86
CA ARG A 65 12.52 19.69 -11.09
C ARG A 65 12.00 21.13 -11.19
N ALA A 66 11.19 21.57 -10.24
CA ALA A 66 10.70 22.95 -10.28
C ALA A 66 11.77 23.89 -9.72
N GLN A 67 12.79 23.33 -9.10
CA GLN A 67 13.87 24.10 -8.51
C GLN A 67 15.07 24.21 -9.44
N LYS A 68 15.91 25.22 -9.20
CA LYS A 68 17.12 25.44 -9.98
C LYS A 68 18.28 25.18 -9.02
N LEU A 69 18.80 23.96 -9.05
CA LEU A 69 19.86 23.59 -8.14
C LEU A 69 21.19 23.32 -8.81
N PRO A 70 22.28 23.40 -8.04
CA PRO A 70 23.63 23.16 -8.53
C PRO A 70 23.76 21.68 -8.86
N THR A 71 24.77 21.34 -9.66
CA THR A 71 24.99 19.95 -9.98
C THR A 71 25.73 19.39 -8.78
N LEU A 72 25.55 18.09 -8.55
CA LEU A 72 26.20 17.40 -7.45
C LEU A 72 27.70 17.31 -7.65
N VAL A 73 28.46 17.59 -6.60
CA VAL A 73 29.91 17.50 -6.70
C VAL A 73 30.40 16.50 -5.67
N SER A 74 31.68 16.18 -5.76
CA SER A 74 32.31 15.25 -4.85
C SER A 74 32.76 15.97 -3.60
N VAL A 75 32.66 15.31 -2.45
CA VAL A 75 33.11 15.89 -1.19
C VAL A 75 34.53 16.43 -1.34
N LYS A 76 35.40 15.67 -1.99
CA LYS A 76 36.77 16.10 -2.18
C LYS A 76 36.86 17.38 -3.02
N ASP A 77 35.91 17.57 -3.93
CA ASP A 77 35.87 18.75 -4.80
C ASP A 77 35.04 19.93 -4.28
N ALA A 78 34.26 19.69 -3.23
CA ALA A 78 33.41 20.72 -2.65
C ALA A 78 34.23 21.87 -2.08
N ASP A 79 33.78 23.10 -2.33
CA ASP A 79 34.45 24.30 -1.84
C ASP A 79 33.66 24.90 -0.67
N PHE A 80 33.95 24.42 0.54
CA PHE A 80 33.22 24.87 1.70
C PHE A 80 33.42 26.32 2.15
N SER A 81 34.16 27.09 1.37
CA SER A 81 34.36 28.50 1.69
C SER A 81 33.20 29.19 0.98
N THR A 82 32.54 28.42 0.13
CA THR A 82 31.39 28.88 -0.65
C THR A 82 30.08 28.96 0.16
N VAL A 83 30.05 28.35 1.35
CA VAL A 83 28.81 28.37 2.13
C VAL A 83 28.92 28.94 3.52
N ASP A 84 27.76 29.28 4.09
CA ASP A 84 27.71 29.85 5.43
C ASP A 84 27.28 28.82 6.45
N ALA A 85 26.58 27.80 5.98
CA ALA A 85 26.09 26.75 6.87
C ALA A 85 26.09 25.38 6.18
N VAL A 86 26.26 24.33 6.96
CA VAL A 86 26.32 22.99 6.42
C VAL A 86 25.33 22.01 7.06
N PHE A 87 24.70 21.20 6.22
CA PHE A 87 23.79 20.14 6.66
C PHE A 87 24.48 18.84 6.26
N CYS A 88 24.89 18.03 7.22
CA CYS A 88 25.55 16.79 6.84
C CYS A 88 24.56 15.64 6.85
N CYS A 89 24.32 15.05 5.70
CA CYS A 89 23.37 13.95 5.62
C CYS A 89 24.01 12.64 5.23
N LEU A 90 25.27 12.45 5.60
CA LEU A 90 25.98 11.23 5.28
C LEU A 90 25.89 10.20 6.42
N PRO A 91 26.40 8.98 6.18
CA PRO A 91 26.38 7.91 7.19
C PRO A 91 27.52 8.03 8.21
N HIS A 92 27.33 7.35 9.32
CA HIS A 92 28.32 7.33 10.40
C HIS A 92 29.59 6.64 9.91
N GLY A 93 30.68 6.86 10.62
CA GLY A 93 31.97 6.27 10.27
C GLY A 93 32.66 7.05 9.17
N THR A 94 32.01 8.12 8.76
CA THR A 94 32.51 8.97 7.70
C THR A 94 32.40 10.42 8.14
N THR A 95 31.34 10.69 8.87
CA THR A 95 31.03 12.04 9.33
C THR A 95 32.11 12.70 10.17
N GLN A 96 32.54 12.06 11.26
CA GLN A 96 33.55 12.62 12.13
C GLN A 96 34.77 13.18 11.41
N GLU A 97 35.36 12.40 10.51
CA GLU A 97 36.55 12.87 9.78
C GLU A 97 36.26 14.10 8.93
N ILE A 98 35.18 14.05 8.17
CA ILE A 98 34.77 15.17 7.31
C ILE A 98 34.56 16.45 8.10
N ILE A 99 33.64 16.39 9.06
CA ILE A 99 33.29 17.54 9.89
C ILE A 99 34.49 18.08 10.65
N LYS A 100 35.31 17.18 11.17
CA LYS A 100 36.50 17.55 11.92
C LYS A 100 37.44 18.41 11.08
N GLU A 101 37.31 18.32 9.77
CA GLU A 101 38.16 19.08 8.87
C GLU A 101 37.46 20.25 8.18
N LEU A 102 36.20 20.50 8.51
CA LEU A 102 35.48 21.61 7.92
C LEU A 102 35.93 22.95 8.51
N PRO A 103 35.73 24.05 7.77
CA PRO A 103 36.11 25.41 8.22
C PRO A 103 35.41 25.80 9.52
N THR A 104 36.19 26.32 10.45
CA THR A 104 35.68 26.75 11.75
C THR A 104 34.61 27.84 11.68
N ALA A 105 34.50 28.50 10.54
CA ALA A 105 33.53 29.57 10.37
C ALA A 105 32.12 29.05 10.12
N LEU A 106 32.03 27.87 9.51
CA LEU A 106 30.74 27.27 9.19
C LEU A 106 29.85 26.94 10.36
N LYS A 107 28.59 26.70 10.05
CA LYS A 107 27.61 26.25 11.04
C LYS A 107 27.39 24.83 10.52
N ILE A 108 27.26 23.87 11.43
CA ILE A 108 27.13 22.47 11.06
C ILE A 108 25.96 21.70 11.67
N VAL A 109 25.01 21.34 10.83
CA VAL A 109 23.89 20.56 11.30
C VAL A 109 24.19 19.15 10.83
N ASP A 110 24.77 18.37 11.74
CA ASP A 110 25.12 17.00 11.43
C ASP A 110 23.97 16.07 11.84
N LEU A 111 23.30 15.47 10.86
CA LEU A 111 22.18 14.57 11.15
C LEU A 111 22.60 13.13 11.44
N SER A 112 23.88 12.82 11.22
CA SER A 112 24.36 11.45 11.45
C SER A 112 24.37 11.19 12.95
N ALA A 113 24.68 9.96 13.31
CA ALA A 113 24.77 9.57 14.71
C ALA A 113 26.18 9.82 15.30
N ASP A 114 27.18 9.99 14.44
CA ASP A 114 28.58 10.18 14.85
C ASP A 114 28.87 11.08 16.06
N PHE A 115 28.14 12.16 16.25
CA PHE A 115 28.42 13.05 17.39
C PHE A 115 27.33 13.11 18.45
N ARG A 116 26.43 12.13 18.44
CA ARG A 116 25.32 12.11 19.40
C ARG A 116 25.75 11.59 20.78
N LEU A 117 26.46 10.48 20.83
CA LEU A 117 26.86 9.91 22.12
C LEU A 117 28.05 10.67 22.74
N ARG A 118 27.88 11.17 23.95
CA ARG A 118 28.98 11.89 24.60
C ARG A 118 30.10 10.95 25.05
N ASN A 119 29.74 9.71 25.33
CA ASN A 119 30.72 8.74 25.78
C ASN A 119 31.48 8.08 24.63
N ILE A 120 32.78 8.41 24.55
CA ILE A 120 33.68 7.92 23.53
C ILE A 120 33.69 6.41 23.36
N ALA A 121 33.79 5.69 24.47
CA ALA A 121 33.83 4.24 24.45
C ALA A 121 32.49 3.67 23.98
N GLU A 122 31.42 4.34 24.40
CA GLU A 122 30.08 3.93 24.02
C GLU A 122 29.94 4.01 22.52
N TYR A 123 30.49 5.06 21.93
CA TYR A 123 30.40 5.21 20.48
C TYR A 123 31.06 4.03 19.79
N GLU A 124 32.22 3.64 20.30
CA GLU A 124 32.96 2.55 19.70
C GLU A 124 32.28 1.19 19.84
N GLU A 125 31.70 0.91 20.99
CA GLU A 125 31.05 -0.37 21.16
C GLU A 125 29.78 -0.49 20.32
N TRP A 126 29.06 0.61 20.15
CA TRP A 126 27.85 0.59 19.36
C TRP A 126 28.06 0.84 17.86
N TYR A 127 29.09 1.59 17.50
CA TYR A 127 29.33 1.90 16.09
C TYR A 127 30.52 1.21 15.45
N GLY A 128 31.10 0.26 16.17
CA GLY A 128 32.21 -0.54 15.68
C GLY A 128 33.55 0.06 15.30
N GLN A 129 33.92 1.18 15.90
CA GLN A 129 35.21 1.78 15.61
C GLN A 129 35.45 2.99 16.48
N PRO A 130 36.72 3.29 16.76
CA PRO A 130 37.15 4.42 17.58
C PRO A 130 36.55 5.75 17.13
N HIS A 131 36.29 6.62 18.09
CA HIS A 131 35.75 7.94 17.81
C HIS A 131 36.92 8.72 17.23
N LYS A 132 36.82 9.14 15.98
CA LYS A 132 37.92 9.85 15.32
C LYS A 132 37.96 11.38 15.44
N ALA A 133 37.45 11.91 16.54
CA ALA A 133 37.43 13.34 16.77
C ALA A 133 37.03 13.60 18.21
N VAL A 134 37.57 12.79 19.11
CA VAL A 134 37.25 12.90 20.53
C VAL A 134 37.09 14.32 21.02
N GLU A 135 38.19 15.06 21.10
CA GLU A 135 38.16 16.43 21.60
C GLU A 135 37.01 17.23 21.00
N LEU A 136 36.80 17.08 19.70
CA LEU A 136 35.75 17.79 18.98
C LEU A 136 34.36 17.49 19.55
N GLN A 137 34.16 16.22 19.93
CA GLN A 137 32.89 15.76 20.50
C GLN A 137 32.49 16.62 21.68
N LYS A 138 33.49 17.01 22.47
CA LYS A 138 33.27 17.81 23.66
C LYS A 138 32.52 19.11 23.39
N GLU A 139 32.57 19.59 22.15
CA GLU A 139 31.90 20.84 21.82
C GLU A 139 30.64 20.58 20.99
N VAL A 140 29.96 19.48 21.28
CA VAL A 140 28.75 19.14 20.55
C VAL A 140 27.47 19.21 21.39
N VAL A 141 26.41 19.78 20.82
CA VAL A 141 25.12 19.88 21.48
C VAL A 141 24.09 18.97 20.77
N TYR A 142 23.35 18.18 21.54
CA TYR A 142 22.30 17.27 21.03
C TYR A 142 21.12 18.12 20.53
N GLY A 143 20.77 17.97 19.25
CA GLY A 143 19.70 18.79 18.69
C GLY A 143 18.21 18.50 18.91
N LEU A 144 17.79 18.10 20.11
CA LEU A 144 16.35 17.87 20.32
C LEU A 144 15.87 19.27 20.75
N THR A 145 15.50 20.05 19.74
CA THR A 145 15.12 21.46 19.91
C THR A 145 14.29 21.90 21.13
N GLU A 146 13.18 21.22 21.38
CA GLU A 146 12.33 21.64 22.49
C GLU A 146 12.95 21.44 23.87
N ILE A 147 13.90 20.53 23.97
CA ILE A 147 14.58 20.23 25.23
C ILE A 147 15.92 21.00 25.44
N LEU A 148 16.77 21.05 24.41
CA LEU A 148 18.06 21.74 24.58
C LEU A 148 18.19 23.05 23.78
N ARG A 149 17.07 23.63 23.38
CA ARG A 149 17.07 24.88 22.63
C ARG A 149 18.16 25.88 23.03
N GLU A 150 18.08 26.39 24.25
CA GLU A 150 19.02 27.39 24.76
C GLU A 150 20.46 27.05 24.43
N ASP A 151 20.86 25.79 24.59
CA ASP A 151 22.22 25.42 24.26
C ASP A 151 22.42 25.33 22.76
N ILE A 152 21.45 24.75 22.06
CA ILE A 152 21.55 24.62 20.60
C ILE A 152 21.86 25.97 19.97
N LYS A 153 21.20 27.02 20.46
CA LYS A 153 21.36 28.39 19.98
C LYS A 153 22.81 28.88 19.97
N LYS A 154 23.62 28.42 20.91
CA LYS A 154 25.00 28.87 20.95
C LYS A 154 26.02 27.82 20.51
N ALA A 155 25.57 26.83 19.76
CA ALA A 155 26.48 25.79 19.28
C ALA A 155 26.81 25.98 17.82
N ARG A 156 28.03 25.63 17.44
CA ARG A 156 28.43 25.71 16.03
C ARG A 156 28.23 24.32 15.44
N LEU A 157 28.35 23.31 16.30
CA LEU A 157 28.18 21.92 15.90
C LEU A 157 27.08 21.26 16.73
N VAL A 158 25.96 20.97 16.08
CA VAL A 158 24.85 20.33 16.74
C VAL A 158 24.70 18.93 16.19
N ALA A 159 24.53 17.97 17.08
CA ALA A 159 24.35 16.57 16.71
C ALA A 159 22.84 16.37 16.58
N ASN A 160 22.37 16.16 15.36
CA ASN A 160 20.94 15.99 15.13
C ASN A 160 20.52 14.61 15.67
N PRO A 161 19.41 14.55 16.43
CA PRO A 161 18.99 13.25 16.97
C PRO A 161 18.40 12.27 15.96
N GLY A 162 18.27 11.02 16.38
CA GLY A 162 17.68 10.02 15.52
C GLY A 162 16.17 10.18 15.60
N CYS A 163 15.46 9.52 14.70
CA CYS A 163 14.01 9.59 14.66
C CYS A 163 13.36 8.96 15.92
N TYR A 164 13.54 7.67 16.12
CA TYR A 164 13.00 6.99 17.31
C TYR A 164 13.36 7.74 18.59
N PRO A 165 14.65 8.07 18.78
CA PRO A 165 15.03 8.79 20.00
C PRO A 165 14.16 10.04 20.20
N THR A 166 14.00 10.83 19.15
CA THR A 166 13.17 12.05 19.23
C THR A 166 11.71 11.71 19.61
N THR A 167 11.10 10.77 18.91
CA THR A 167 9.71 10.37 19.19
C THR A 167 9.49 9.90 20.63
N ILE A 168 10.53 9.31 21.23
CA ILE A 168 10.46 8.75 22.58
C ILE A 168 10.91 9.68 23.72
N GLN A 169 11.79 10.64 23.40
CA GLN A 169 12.28 11.57 24.41
C GLN A 169 11.39 12.78 24.65
N LEU A 170 10.45 13.06 23.76
CA LEU A 170 9.61 14.23 24.02
C LEU A 170 8.78 14.04 25.31
N PRO A 171 8.19 12.84 25.52
CA PRO A 171 7.39 12.57 26.73
C PRO A 171 8.20 12.24 28.01
N LEU A 172 9.13 11.29 27.90
CA LEU A 172 9.88 10.87 29.06
C LEU A 172 10.75 11.93 29.73
N VAL A 173 11.30 12.87 28.96
CA VAL A 173 12.15 13.87 29.60
C VAL A 173 11.43 14.68 30.66
N PRO A 174 10.31 15.35 30.30
CA PRO A 174 9.58 16.15 31.29
C PRO A 174 9.02 15.27 32.43
N LEU A 175 8.57 14.06 32.10
CA LEU A 175 7.99 13.19 33.13
C LEU A 175 9.03 12.76 34.13
N LEU A 176 10.19 12.34 33.64
CA LEU A 176 11.29 11.92 34.50
C LEU A 176 11.78 13.12 35.31
N LYS A 177 11.80 14.29 34.67
CA LYS A 177 12.26 15.52 35.34
C LYS A 177 11.32 15.86 36.49
N ALA A 178 10.05 15.56 36.34
CA ALA A 178 9.07 15.84 37.38
C ALA A 178 8.94 14.65 38.34
N ASN A 179 9.70 13.58 38.11
CA ASN A 179 9.63 12.38 38.97
C ASN A 179 8.21 11.80 38.95
N LEU A 180 7.58 11.80 37.78
CA LEU A 180 6.23 11.29 37.63
C LEU A 180 6.21 9.83 37.19
N ILE A 181 7.38 9.33 36.78
CA ILE A 181 7.47 7.94 36.34
C ILE A 181 8.77 7.35 36.85
N LYS A 182 8.79 6.03 37.04
CA LYS A 182 9.98 5.33 37.49
C LYS A 182 10.97 5.21 36.33
N HIS A 183 12.25 5.03 36.61
CA HIS A 183 13.18 4.92 35.51
C HIS A 183 13.60 3.50 35.18
N GLU A 184 12.82 2.54 35.65
CA GLU A 184 13.09 1.14 35.36
C GLU A 184 11.88 0.51 34.68
N ASN A 185 12.14 -0.53 33.90
CA ASN A 185 11.09 -1.25 33.20
C ASN A 185 10.31 -0.44 32.17
N ILE A 186 10.96 0.55 31.57
CA ILE A 186 10.33 1.34 30.53
C ILE A 186 10.49 0.52 29.24
N ILE A 187 9.37 0.03 28.68
CA ILE A 187 9.44 -0.78 27.46
C ILE A 187 8.91 -0.01 26.27
N ILE A 188 9.71 0.02 25.20
CA ILE A 188 9.33 0.74 24.01
C ILE A 188 9.11 -0.13 22.77
N ASP A 189 7.86 -0.14 22.27
CA ASP A 189 7.52 -0.87 21.06
C ASP A 189 7.25 0.19 19.97
N ALA A 190 8.25 0.40 19.12
CA ALA A 190 8.20 1.42 18.07
C ALA A 190 8.02 0.89 16.65
N LYS A 191 7.43 1.74 15.82
CA LYS A 191 7.13 1.44 14.43
C LYS A 191 7.60 2.58 13.54
N SER A 192 8.06 2.23 12.34
CA SER A 192 8.55 3.20 11.39
C SER A 192 8.28 2.86 9.93
N GLY A 193 7.91 3.86 9.13
CA GLY A 193 7.71 3.63 7.72
C GLY A 193 9.08 3.20 7.19
N VAL A 194 9.12 2.56 6.02
CA VAL A 194 10.40 2.06 5.51
C VAL A 194 11.38 3.10 4.93
N SER A 195 10.94 4.34 4.76
CA SER A 195 11.82 5.37 4.23
C SER A 195 13.02 5.53 5.17
N GLY A 196 12.84 5.11 6.42
CA GLY A 196 13.91 5.19 7.40
C GLY A 196 15.04 4.25 7.01
N ALA A 197 14.76 3.27 6.14
CA ALA A 197 15.78 2.30 5.73
C ALA A 197 16.69 2.90 4.68
N GLY A 198 16.34 4.08 4.20
CA GLY A 198 17.14 4.74 3.19
C GLY A 198 16.85 4.32 1.76
N ARG A 199 17.61 4.91 0.85
CA ARG A 199 17.46 4.67 -0.58
C ARG A 199 18.43 3.64 -1.16
N GLY A 200 19.09 2.86 -0.30
CA GLY A 200 20.01 1.86 -0.82
C GLY A 200 19.29 0.76 -1.59
N ALA A 201 19.85 0.37 -2.73
CA ALA A 201 19.21 -0.65 -3.56
C ALA A 201 19.36 -2.05 -2.96
N LYS A 202 18.61 -2.30 -1.90
CA LYS A 202 18.64 -3.59 -1.23
C LYS A 202 17.40 -4.42 -1.44
N GLU A 203 17.63 -5.70 -1.65
CA GLU A 203 16.56 -6.65 -1.86
C GLU A 203 15.53 -6.57 -0.76
N ALA A 204 15.99 -6.49 0.47
CA ALA A 204 15.06 -6.44 1.59
C ALA A 204 14.05 -5.26 1.58
N ASN A 205 14.40 -4.18 0.87
CA ASN A 205 13.55 -3.01 0.83
C ASN A 205 12.64 -2.78 -0.38
N LEU A 206 12.59 -3.78 -1.26
CA LEU A 206 11.76 -3.73 -2.44
C LEU A 206 10.28 -3.72 -2.03
N TYR A 207 9.47 -3.06 -2.83
CA TYR A 207 8.03 -3.00 -2.60
C TYR A 207 7.45 -4.43 -2.37
N SER A 208 7.78 -5.35 -3.26
CA SER A 208 7.33 -6.75 -3.15
C SER A 208 7.78 -7.42 -1.86
N GLU A 209 8.89 -6.95 -1.27
CA GLU A 209 9.41 -7.53 -0.03
C GLU A 209 8.87 -6.89 1.24
N ILE A 210 8.61 -5.59 1.17
CA ILE A 210 8.11 -4.84 2.34
C ILE A 210 6.58 -4.83 2.45
N ALA A 211 5.90 -4.59 1.33
CA ALA A 211 4.45 -4.48 1.33
C ALA A 211 3.64 -5.57 1.98
N GLU A 212 2.62 -5.14 2.72
CA GLU A 212 1.67 -6.05 3.34
C GLU A 212 2.23 -6.98 4.40
N GLY A 213 3.00 -6.39 5.31
CA GLY A 213 3.57 -7.14 6.42
C GLY A 213 4.39 -6.20 7.26
N ILE A 214 4.64 -6.59 8.50
CA ILE A 214 5.49 -5.81 9.38
C ILE A 214 6.49 -6.77 9.97
N SER A 215 7.48 -6.25 10.67
CA SER A 215 8.47 -7.09 11.33
C SER A 215 9.34 -6.27 12.26
N SER A 216 9.82 -6.92 13.32
CA SER A 216 10.72 -6.25 14.24
C SER A 216 12.13 -6.25 13.61
N TYR A 217 12.93 -5.23 13.89
CA TYR A 217 14.30 -5.19 13.42
C TYR A 217 15.05 -4.31 14.41
N GLY A 218 15.94 -4.96 15.19
CA GLY A 218 16.70 -4.26 16.20
C GLY A 218 16.37 -4.87 17.54
N VAL A 219 15.98 -6.15 17.54
CA VAL A 219 15.64 -6.77 18.80
C VAL A 219 16.84 -6.88 19.72
N THR A 220 16.63 -6.42 20.96
CA THR A 220 17.65 -6.43 22.01
C THR A 220 18.61 -5.26 21.96
N ARG A 221 19.25 -5.06 20.81
CA ARG A 221 20.20 -3.99 20.61
C ARG A 221 19.73 -3.19 19.40
N HIS A 222 20.35 -2.05 19.21
CA HIS A 222 20.05 -1.15 18.10
C HIS A 222 20.70 0.11 18.56
N ARG A 223 21.49 0.71 17.68
CA ARG A 223 22.24 1.90 18.01
C ARG A 223 21.49 3.08 18.64
N HIS A 224 20.16 3.12 18.50
CA HIS A 224 19.42 4.21 19.13
C HIS A 224 19.34 4.00 20.64
N VAL A 225 19.53 2.75 21.08
CA VAL A 225 19.47 2.44 22.50
C VAL A 225 20.39 3.32 23.36
N PRO A 226 21.70 3.34 23.06
CA PRO A 226 22.52 4.19 23.91
C PRO A 226 22.13 5.66 23.84
N GLU A 227 21.59 6.07 22.70
CA GLU A 227 21.17 7.46 22.52
C GLU A 227 19.95 7.76 23.44
N ILE A 228 18.94 6.90 23.33
CA ILE A 228 17.73 7.03 24.14
C ILE A 228 18.10 7.04 25.63
N GLU A 229 18.93 6.10 26.04
CA GLU A 229 19.33 6.00 27.45
C GLU A 229 20.14 7.22 27.94
N GLN A 230 21.09 7.70 27.14
CA GLN A 230 21.89 8.88 27.50
C GLN A 230 20.98 10.06 27.86
N GLY A 231 20.07 10.39 26.95
CA GLY A 231 19.14 11.48 27.21
C GLY A 231 18.31 11.26 28.46
N LEU A 232 17.74 10.05 28.61
CA LEU A 232 16.92 9.77 29.77
C LEU A 232 17.76 9.73 31.05
N SER A 233 18.95 9.13 30.97
CA SER A 233 19.81 9.07 32.15
C SER A 233 20.24 10.46 32.62
N ASP A 234 20.54 11.35 31.69
CA ASP A 234 20.94 12.70 32.05
C ASP A 234 19.86 13.35 32.91
N VAL A 235 18.60 13.24 32.50
CA VAL A 235 17.52 13.84 33.27
C VAL A 235 17.14 13.06 34.53
N ALA A 236 17.31 11.75 34.52
CA ALA A 236 16.97 10.96 35.69
C ALA A 236 18.12 10.93 36.70
N GLN A 237 19.24 11.54 36.31
CA GLN A 237 20.47 11.59 37.13
C GLN A 237 20.78 10.21 37.69
N SER A 238 20.59 9.21 36.84
CA SER A 238 20.83 7.84 37.22
C SER A 238 20.83 7.04 35.92
N LYS A 239 21.55 5.93 35.91
CA LYS A 239 21.61 5.12 34.72
C LYS A 239 20.27 4.44 34.42
N VAL A 240 19.76 4.68 33.22
CA VAL A 240 18.51 4.07 32.81
C VAL A 240 18.74 3.01 31.75
N THR A 241 18.18 1.83 31.95
CA THR A 241 18.30 0.73 31.00
C THR A 241 16.91 0.42 30.45
N VAL A 242 16.78 0.43 29.13
CA VAL A 242 15.48 0.17 28.51
C VAL A 242 15.45 -1.04 27.61
N SER A 243 14.25 -1.28 27.06
CA SER A 243 14.00 -2.35 26.12
C SER A 243 13.28 -1.64 24.98
N PHE A 244 14.04 -1.18 23.98
CA PHE A 244 13.48 -0.44 22.85
C PHE A 244 13.40 -1.30 21.60
N THR A 245 12.21 -1.78 21.27
CA THR A 245 12.06 -2.65 20.10
C THR A 245 11.49 -1.98 18.86
N PRO A 246 12.28 -1.86 17.78
CA PRO A 246 11.83 -1.24 16.51
C PRO A 246 10.93 -2.20 15.75
N HIS A 247 10.11 -1.65 14.85
CA HIS A 247 9.20 -2.44 13.97
C HIS A 247 9.09 -1.65 12.67
N LEU A 248 9.25 -2.35 11.55
CA LEU A 248 9.21 -1.78 10.20
C LEU A 248 7.80 -1.85 9.60
N MET A 249 7.27 -0.70 9.21
CA MET A 249 5.92 -0.61 8.68
C MET A 249 5.83 -0.50 7.17
N PRO A 250 4.84 -1.18 6.56
CA PRO A 250 4.64 -1.13 5.11
C PRO A 250 3.97 0.21 4.74
N MET A 251 4.79 1.24 4.72
CA MET A 251 4.35 2.58 4.38
C MET A 251 5.65 3.41 4.27
N ILE A 252 5.64 4.39 3.37
CA ILE A 252 6.81 5.22 3.12
C ILE A 252 7.22 6.00 4.34
N ARG A 253 6.31 6.85 4.81
CA ARG A 253 6.55 7.73 5.97
C ARG A 253 5.70 7.40 7.16
N GLY A 254 6.19 7.74 8.35
CA GLY A 254 5.45 7.51 9.58
C GLY A 254 6.21 6.75 10.65
N MET A 255 6.09 7.21 11.89
CA MET A 255 6.78 6.60 13.01
C MET A 255 5.97 6.83 14.28
N GLN A 256 5.91 5.80 15.13
CA GLN A 256 5.19 5.90 16.39
C GLN A 256 5.91 5.09 17.44
N SER A 257 5.99 5.62 18.64
CA SER A 257 6.58 4.86 19.74
C SER A 257 5.42 4.71 20.71
N THR A 258 5.25 3.50 21.21
CA THR A 258 4.23 3.22 22.20
C THR A 258 5.04 2.71 23.39
N ILE A 259 5.13 3.54 24.43
CA ILE A 259 5.93 3.25 25.60
C ILE A 259 5.18 3.05 26.89
N TYR A 260 5.12 1.80 27.33
CA TYR A 260 4.44 1.45 28.55
C TYR A 260 5.39 1.73 29.71
N VAL A 261 5.05 2.72 30.51
CA VAL A 261 5.88 3.08 31.64
C VAL A 261 5.22 2.77 32.98
N GLU A 262 6.04 2.72 34.00
CA GLU A 262 5.59 2.47 35.36
C GLU A 262 5.56 3.85 35.99
N MET A 263 4.37 4.28 36.40
CA MET A 263 4.22 5.59 37.04
C MET A 263 4.83 5.53 38.42
N ALA A 264 5.20 6.69 38.96
CA ALA A 264 5.79 6.73 40.28
C ALA A 264 4.67 6.54 41.30
N PRO A 265 5.03 6.10 42.53
CA PRO A 265 4.04 5.87 43.58
C PRO A 265 3.05 7.02 43.72
N GLY A 266 1.75 6.68 43.74
CA GLY A 266 0.69 7.66 43.88
C GLY A 266 0.39 8.55 42.68
N VAL A 267 1.14 8.38 41.60
CA VAL A 267 0.95 9.18 40.38
C VAL A 267 -0.18 8.61 39.51
N ARG A 268 -0.99 9.52 38.97
CA ARG A 268 -2.12 9.13 38.12
C ARG A 268 -1.87 9.59 36.70
N THR A 269 -2.54 8.97 35.74
CA THR A 269 -2.35 9.37 34.35
C THR A 269 -2.58 10.87 34.15
N GLU A 270 -3.56 11.44 34.85
CA GLU A 270 -3.86 12.87 34.73
C GLU A 270 -2.65 13.73 35.08
N ASP A 271 -1.82 13.26 36.02
CA ASP A 271 -0.64 14.03 36.39
C ASP A 271 0.37 14.01 35.24
N LEU A 272 0.52 12.86 34.59
CA LEU A 272 1.45 12.78 33.47
C LEU A 272 0.92 13.72 32.38
N HIS A 273 -0.39 13.68 32.14
CA HIS A 273 -1.01 14.49 31.12
C HIS A 273 -0.81 15.98 31.35
N GLN A 274 -1.03 16.42 32.58
CA GLN A 274 -0.87 17.83 32.92
C GLN A 274 0.59 18.24 32.81
N GLN A 275 1.51 17.37 33.23
CA GLN A 275 2.92 17.75 33.12
C GLN A 275 3.30 17.95 31.66
N LEU A 276 2.87 17.03 30.80
CA LEU A 276 3.16 17.13 29.37
C LEU A 276 2.47 18.35 28.77
N LYS A 277 1.20 18.53 29.11
CA LYS A 277 0.44 19.65 28.59
C LYS A 277 1.12 20.95 29.00
N THR A 278 1.59 21.01 30.22
CA THR A 278 2.28 22.20 30.69
C THR A 278 3.69 22.35 30.10
N SER A 279 4.41 21.24 29.95
CA SER A 279 5.77 21.33 29.41
C SER A 279 5.85 21.76 27.94
N TYR A 280 4.77 21.54 27.18
CA TYR A 280 4.77 21.87 25.75
C TYR A 280 3.73 22.88 25.26
N GLU A 281 3.15 23.64 26.19
CA GLU A 281 2.13 24.61 25.85
C GLU A 281 2.54 25.72 24.87
N ASP A 282 3.78 26.21 24.95
CA ASP A 282 4.21 27.26 24.02
C ASP A 282 5.03 26.70 22.86
N GLU A 283 4.78 25.45 22.51
CA GLU A 283 5.52 24.83 21.43
C GLU A 283 4.65 24.64 20.21
N GLU A 284 5.17 25.08 19.07
CA GLU A 284 4.45 24.93 17.82
C GLU A 284 4.43 23.49 17.33
N PHE A 285 5.47 22.72 17.63
CA PHE A 285 5.54 21.35 17.13
C PHE A 285 5.11 20.16 17.96
N VAL A 286 5.17 20.31 19.28
CA VAL A 286 4.77 19.23 20.13
C VAL A 286 3.33 19.54 20.56
N LYS A 287 2.43 18.63 20.21
CA LYS A 287 1.02 18.76 20.49
C LYS A 287 0.56 17.64 21.42
N VAL A 288 0.18 18.01 22.63
CA VAL A 288 -0.33 17.04 23.59
C VAL A 288 -1.86 16.95 23.38
N LEU A 289 -2.36 15.77 22.99
CA LEU A 289 -3.77 15.64 22.76
C LEU A 289 -4.52 15.40 24.06
N ASP A 290 -5.84 15.53 24.03
CA ASP A 290 -6.61 15.31 25.26
C ASP A 290 -6.50 13.85 25.68
N GLU A 291 -6.58 13.63 26.98
CA GLU A 291 -6.48 12.28 27.53
C GLU A 291 -7.40 11.31 26.78
N GLY A 292 -6.91 10.11 26.55
CA GLY A 292 -7.70 9.10 25.87
C GLY A 292 -7.83 9.28 24.38
N VAL A 293 -7.22 10.32 23.84
CA VAL A 293 -7.30 10.55 22.41
C VAL A 293 -6.09 9.88 21.71
N VAL A 294 -6.39 9.06 20.73
CA VAL A 294 -5.38 8.34 20.01
C VAL A 294 -4.78 9.08 18.81
N PRO A 295 -3.47 9.33 18.85
CA PRO A 295 -2.85 10.02 17.72
C PRO A 295 -2.63 9.02 16.57
N ARG A 296 -2.55 9.52 15.34
CA ARG A 296 -2.34 8.70 14.17
C ARG A 296 -1.12 9.29 13.46
N THR A 297 -0.20 8.44 13.00
CA THR A 297 0.97 8.98 12.32
C THR A 297 0.48 9.77 11.11
N HIS A 298 -0.59 9.29 10.48
CA HIS A 298 -1.17 9.98 9.32
C HIS A 298 -1.40 11.46 9.64
N ASN A 299 -1.64 11.81 10.90
CA ASN A 299 -1.94 13.20 11.21
C ASN A 299 -0.78 14.19 11.19
N VAL A 300 0.45 13.69 11.17
CA VAL A 300 1.65 14.55 11.15
C VAL A 300 2.46 14.32 9.87
N ARG A 301 1.95 13.43 9.02
CA ARG A 301 2.57 13.07 7.76
C ARG A 301 2.95 14.27 6.89
N GLY A 302 4.26 14.50 6.71
CA GLY A 302 4.73 15.60 5.90
C GLY A 302 4.91 16.91 6.65
N SER A 303 5.08 16.82 7.97
CA SER A 303 5.25 18.02 8.76
C SER A 303 6.28 17.83 9.86
N ASN A 304 6.53 18.92 10.57
CA ASN A 304 7.48 18.90 11.65
C ASN A 304 6.77 18.72 12.98
N TYR A 305 5.52 18.24 12.96
CA TYR A 305 4.79 18.06 14.21
C TYR A 305 4.92 16.67 14.82
N CYS A 306 4.69 16.62 16.13
CA CYS A 306 4.71 15.41 16.94
C CYS A 306 3.47 15.54 17.82
N HIS A 307 2.60 14.55 17.83
CA HIS A 307 1.42 14.61 18.68
C HIS A 307 1.70 13.56 19.75
N MET A 308 1.06 13.65 20.90
CA MET A 308 1.27 12.64 21.93
C MET A 308 0.05 12.59 22.84
N SER A 309 -0.15 11.42 23.44
CA SER A 309 -1.28 11.22 24.34
C SER A 309 -0.89 10.26 25.47
N VAL A 310 -1.59 10.37 26.59
CA VAL A 310 -1.36 9.56 27.82
C VAL A 310 -2.58 8.66 28.15
N PHE A 311 -2.39 7.35 28.15
CA PHE A 311 -3.48 6.42 28.45
C PHE A 311 -3.17 5.62 29.69
N PRO A 312 -4.23 5.06 30.34
CA PRO A 312 -3.99 4.27 31.53
C PRO A 312 -3.69 2.84 31.05
N ASP A 313 -2.82 2.13 31.75
CA ASP A 313 -2.54 0.75 31.39
C ASP A 313 -3.52 -0.05 32.22
N ARG A 314 -3.92 -1.20 31.70
CA ARG A 314 -4.83 -2.07 32.45
C ARG A 314 -4.14 -2.53 33.72
N ILE A 315 -2.82 -2.65 33.67
CA ILE A 315 -2.04 -3.06 34.82
C ILE A 315 -1.93 -1.87 35.76
N PRO A 316 -2.52 -1.96 36.97
CA PRO A 316 -2.45 -0.82 37.89
C PRO A 316 -1.05 -0.30 38.15
N GLY A 317 -0.93 1.02 38.15
CA GLY A 317 0.34 1.66 38.40
C GLY A 317 1.11 1.95 37.12
N ARG A 318 0.58 1.44 36.01
CA ARG A 318 1.24 1.64 34.72
C ARG A 318 0.49 2.60 33.80
N ALA A 319 1.25 3.18 32.87
CA ALA A 319 0.69 4.10 31.92
C ALA A 319 1.25 3.78 30.53
N ILE A 320 0.50 4.19 29.52
CA ILE A 320 0.88 4.01 28.14
C ILE A 320 1.07 5.37 27.46
N ILE A 321 2.22 5.54 26.80
CA ILE A 321 2.52 6.78 26.09
C ILE A 321 2.67 6.47 24.59
N ILE A 322 1.94 7.21 23.76
CA ILE A 322 2.01 7.08 22.30
C ILE A 322 2.50 8.40 21.76
N SER A 323 3.56 8.38 20.93
CA SER A 323 4.12 9.60 20.33
C SER A 323 4.38 9.36 18.82
N VAL A 324 3.96 10.30 17.96
CA VAL A 324 4.14 10.14 16.52
C VAL A 324 4.74 11.36 15.79
N ILE A 325 5.46 11.09 14.71
CA ILE A 325 6.07 12.12 13.86
C ILE A 325 6.21 11.55 12.47
N ASP A 326 6.64 12.40 11.53
CA ASP A 326 6.95 11.94 10.18
C ASP A 326 8.44 11.62 10.42
N ASN A 327 8.86 10.40 10.14
CA ASN A 327 10.25 10.05 10.41
C ASN A 327 11.29 10.89 9.65
N LEU A 328 10.93 11.37 8.48
CA LEU A 328 11.83 12.20 7.67
C LEU A 328 11.92 13.67 8.12
N VAL A 329 10.85 14.19 8.73
CA VAL A 329 10.84 15.61 9.13
C VAL A 329 11.22 15.84 10.58
N LYS A 330 10.29 15.73 11.52
CA LYS A 330 10.70 15.97 12.90
C LYS A 330 11.74 14.90 13.27
N GLY A 331 11.70 13.78 12.55
CA GLY A 331 12.60 12.68 12.80
C GLY A 331 13.94 12.84 12.13
N ALA A 332 14.07 13.87 11.30
CA ALA A 332 15.34 14.12 10.64
C ALA A 332 15.56 15.54 10.15
N SER A 333 15.34 15.76 8.86
CA SER A 333 15.58 17.03 8.20
C SER A 333 14.83 18.25 8.72
N GLY A 334 13.57 18.07 9.12
CA GLY A 334 12.77 19.16 9.67
C GLY A 334 13.37 19.67 10.96
N GLN A 335 13.67 18.74 11.87
CA GLN A 335 14.28 19.13 13.14
C GLN A 335 15.62 19.80 12.87
N ALA A 336 16.41 19.19 11.99
CA ALA A 336 17.71 19.74 11.62
C ALA A 336 17.54 21.23 11.23
N LEU A 337 16.51 21.53 10.44
CA LEU A 337 16.26 22.90 9.99
C LEU A 337 15.84 23.75 11.17
N GLN A 338 15.10 23.14 12.08
CA GLN A 338 14.64 23.80 13.30
C GLN A 338 15.89 24.30 14.03
N ASN A 339 16.88 23.43 14.18
CA ASN A 339 18.12 23.79 14.87
C ASN A 339 18.95 24.84 14.13
N LEU A 340 19.16 24.67 12.82
CA LEU A 340 19.97 25.65 12.10
C LEU A 340 19.27 27.00 12.15
N ASN A 341 17.94 27.00 12.04
CA ASN A 341 17.18 28.27 12.10
C ASN A 341 17.64 29.12 13.28
N ILE A 342 17.54 28.58 14.49
CA ILE A 342 17.94 29.35 15.67
C ILE A 342 19.45 29.57 15.76
N MET A 343 20.24 28.55 15.44
CA MET A 343 21.69 28.68 15.48
C MET A 343 22.15 29.91 14.66
N LEU A 344 21.44 30.21 13.57
CA LEU A 344 21.80 31.35 12.71
C LEU A 344 21.06 32.62 13.14
N GLY A 345 20.23 32.52 14.17
CA GLY A 345 19.50 33.68 14.63
C GLY A 345 18.23 33.96 13.87
N TYR A 346 17.62 32.96 13.22
CA TYR A 346 16.34 33.21 12.52
C TYR A 346 15.22 32.61 13.35
N PRO A 347 13.98 32.98 13.05
CA PRO A 347 12.88 32.39 13.83
C PRO A 347 12.86 30.88 13.66
N GLU A 348 12.76 30.18 14.78
CA GLU A 348 12.74 28.71 14.83
C GLU A 348 11.85 27.96 13.80
N THR A 349 10.65 28.51 13.53
CA THR A 349 9.71 27.86 12.61
C THR A 349 9.84 28.25 11.15
N THR A 350 10.80 29.09 10.82
CA THR A 350 10.95 29.51 9.43
C THR A 350 11.00 28.31 8.48
N GLY A 351 10.14 28.36 7.47
CA GLY A 351 10.07 27.28 6.50
C GLY A 351 9.51 25.99 7.08
N LEU A 352 9.29 25.92 8.39
CA LEU A 352 8.78 24.68 8.99
C LEU A 352 7.29 24.70 9.32
N LEU A 353 6.49 25.36 8.50
CA LEU A 353 5.08 25.40 8.81
C LEU A 353 4.19 24.63 7.83
N HIS A 354 4.77 23.75 7.01
CA HIS A 354 3.92 22.97 6.11
C HIS A 354 2.98 22.17 7.01
N GLN A 355 1.71 22.10 6.62
CA GLN A 355 0.72 21.37 7.39
C GLN A 355 0.70 19.93 6.87
N PRO A 356 0.32 18.96 7.73
CA PRO A 356 0.29 17.55 7.34
C PRO A 356 -0.38 17.29 5.99
N LEU A 357 0.10 16.30 5.24
CA LEU A 357 -0.54 16.02 3.95
C LEU A 357 -1.51 14.87 4.13
N PHE A 358 -2.76 15.19 4.51
CA PHE A 358 -3.80 14.18 4.69
C PHE A 358 -5.06 14.58 3.91
N PRO A 359 -5.66 13.64 3.16
CA PRO A 359 -5.19 12.25 3.04
C PRO A 359 -4.03 12.18 2.05
N LYS B 15 -5.61 38.26 8.43
CA LYS B 15 -5.10 38.65 7.09
C LYS B 15 -6.07 39.53 6.29
N ASP B 16 -5.61 40.07 5.18
CA ASP B 16 -6.42 40.98 4.35
C ASP B 16 -7.64 40.43 3.62
N ILE B 17 -7.60 39.17 3.22
CA ILE B 17 -8.72 38.58 2.51
C ILE B 17 -9.44 37.55 3.36
N ARG B 18 -10.75 37.70 3.46
CA ARG B 18 -11.57 36.79 4.25
C ARG B 18 -12.17 35.79 3.28
N ILE B 19 -11.98 34.51 3.56
CA ILE B 19 -12.50 33.47 2.69
C ILE B 19 -13.50 32.56 3.40
N GLY B 20 -14.59 32.24 2.73
CA GLY B 20 -15.56 31.34 3.31
C GLY B 20 -15.32 30.00 2.60
N LEU B 21 -16.03 28.94 3.00
CA LEU B 21 -15.92 27.61 2.39
C LEU B 21 -17.23 26.81 2.45
N LEU B 22 -17.82 26.48 1.30
CA LEU B 22 -19.03 25.66 1.31
C LEU B 22 -18.60 24.21 1.14
N GLY B 23 -18.80 23.43 2.20
CA GLY B 23 -18.43 22.02 2.21
C GLY B 23 -17.02 21.86 2.78
N ALA B 24 -16.90 21.70 4.09
CA ALA B 24 -15.60 21.57 4.69
C ALA B 24 -15.24 20.17 5.20
N SER B 25 -16.19 19.25 5.17
CA SER B 25 -15.90 17.90 5.68
C SER B 25 -15.50 16.83 4.63
N GLY B 26 -15.39 17.22 3.37
CA GLY B 26 -15.01 16.30 2.31
C GLY B 26 -13.53 16.42 2.00
N TYR B 27 -13.01 15.62 1.06
CA TYR B 27 -11.58 15.72 0.74
C TYR B 27 -11.20 17.04 0.04
N THR B 28 -11.83 17.35 -1.08
CA THR B 28 -11.49 18.58 -1.78
C THR B 28 -11.71 19.78 -0.87
N GLY B 29 -12.54 19.59 0.16
CA GLY B 29 -12.79 20.64 1.13
C GLY B 29 -11.57 20.77 2.02
N ALA B 30 -11.14 19.67 2.63
CA ALA B 30 -9.96 19.67 3.50
C ALA B 30 -8.73 20.26 2.79
N GLU B 31 -8.53 19.87 1.52
CA GLU B 31 -7.39 20.40 0.76
C GLU B 31 -7.62 21.88 0.41
N ILE B 32 -8.88 22.27 0.27
CA ILE B 32 -9.24 23.63 -0.06
C ILE B 32 -8.66 24.52 1.02
N VAL B 33 -8.76 24.04 2.26
CA VAL B 33 -8.28 24.76 3.42
C VAL B 33 -6.79 24.61 3.63
N ARG B 34 -6.29 23.39 3.45
CA ARG B 34 -4.87 23.11 3.64
C ARG B 34 -4.02 24.05 2.80
N LEU B 35 -4.47 24.35 1.59
CA LEU B 35 -3.70 25.23 0.72
C LEU B 35 -3.63 26.64 1.26
N LEU B 36 -4.76 27.10 1.82
CA LEU B 36 -4.87 28.45 2.39
C LEU B 36 -4.16 28.57 3.72
N ALA B 37 -3.49 27.51 4.16
CA ALA B 37 -2.80 27.55 5.44
C ALA B 37 -1.76 28.66 5.53
N ASN B 38 -0.63 28.45 4.88
CA ASN B 38 0.44 29.41 4.93
C ASN B 38 0.33 30.43 3.81
N HIS B 39 -0.90 30.67 3.36
CA HIS B 39 -1.09 31.63 2.29
C HIS B 39 -0.85 33.04 2.84
N PRO B 40 -0.05 33.84 2.11
CA PRO B 40 0.27 35.20 2.54
C PRO B 40 -0.86 36.21 2.80
N HIS B 41 -1.94 36.19 2.03
CA HIS B 41 -3.00 37.19 2.21
C HIS B 41 -4.46 36.72 2.22
N PHE B 42 -4.69 35.42 2.29
CA PHE B 42 -6.03 34.86 2.30
C PHE B 42 -6.21 34.16 3.65
N GLN B 43 -7.42 34.23 4.18
CA GLN B 43 -7.75 33.63 5.46
C GLN B 43 -9.16 33.06 5.48
N VAL B 44 -9.30 31.84 6.02
CA VAL B 44 -10.61 31.21 6.11
C VAL B 44 -11.33 31.76 7.36
N THR B 45 -12.58 32.20 7.23
CA THR B 45 -13.28 32.72 8.42
C THR B 45 -14.63 32.06 8.56
N LEU B 46 -15.06 31.43 7.49
CA LEU B 46 -16.34 30.78 7.49
C LEU B 46 -16.21 29.39 6.89
N MET B 47 -16.74 28.38 7.56
CA MET B 47 -16.70 27.01 7.05
C MET B 47 -18.02 26.29 7.31
N THR B 48 -18.73 25.94 6.25
CA THR B 48 -19.99 25.24 6.43
C THR B 48 -19.82 23.74 6.22
N ALA B 49 -20.73 22.99 6.84
CA ALA B 49 -20.74 21.54 6.76
C ALA B 49 -21.97 21.10 7.52
N ASP B 50 -23.13 21.57 7.06
CA ASP B 50 -24.41 21.27 7.68
C ASP B 50 -24.42 20.04 8.58
N ARG B 51 -24.15 18.86 8.04
CA ARG B 51 -24.16 17.64 8.85
C ARG B 51 -23.35 17.75 10.13
N LYS B 52 -22.02 17.70 10.01
CA LYS B 52 -21.16 17.79 11.19
C LYS B 52 -21.03 19.22 11.69
N ALA B 53 -22.13 19.96 11.70
CA ALA B 53 -22.12 21.36 12.15
C ALA B 53 -22.02 21.43 13.66
N GLY B 54 -21.60 22.59 14.16
CA GLY B 54 -21.46 22.75 15.60
C GLY B 54 -20.08 22.31 16.06
N GLN B 55 -19.47 21.38 15.34
CA GLN B 55 -18.14 20.89 15.70
C GLN B 55 -17.06 21.81 15.13
N SER B 56 -15.82 21.53 15.51
CA SER B 56 -14.68 22.31 15.03
C SER B 56 -14.16 21.61 13.77
N MET B 57 -12.89 21.83 13.45
CA MET B 57 -12.30 21.19 12.30
C MET B 57 -11.43 20.07 12.84
N GLU B 58 -10.80 20.32 13.99
CA GLU B 58 -9.93 19.34 14.63
C GLU B 58 -10.68 18.05 14.88
N SER B 59 -12.01 18.17 15.00
CA SER B 59 -12.84 17.01 15.27
C SER B 59 -13.13 16.20 14.00
N VAL B 60 -13.30 16.89 12.87
CA VAL B 60 -13.58 16.16 11.64
C VAL B 60 -12.28 15.63 11.02
N PHE B 61 -11.32 16.51 10.81
CA PHE B 61 -10.03 16.13 10.24
C PHE B 61 -9.00 16.47 11.29
N PRO B 62 -8.82 15.58 12.27
CA PRO B 62 -7.86 15.82 13.35
C PRO B 62 -6.47 16.26 12.94
N HIS B 63 -6.05 15.98 11.70
CA HIS B 63 -4.73 16.41 11.27
C HIS B 63 -4.71 17.93 11.22
N LEU B 64 -5.89 18.52 11.09
CA LEU B 64 -6.05 19.96 11.07
C LEU B 64 -6.25 20.41 12.52
N ARG B 65 -5.17 20.86 13.14
CA ARG B 65 -5.22 21.33 14.51
C ARG B 65 -4.10 22.31 14.90
N ALA B 66 -3.07 22.45 14.06
CA ALA B 66 -1.99 23.38 14.37
C ALA B 66 -2.54 24.77 14.09
N GLN B 67 -3.58 24.79 13.27
CA GLN B 67 -4.21 26.05 12.92
C GLN B 67 -5.40 26.38 13.81
N LYS B 68 -5.76 27.67 13.83
CA LYS B 68 -6.90 28.14 14.61
C LYS B 68 -8.01 28.31 13.59
N LEU B 69 -9.06 27.53 13.72
CA LEU B 69 -10.15 27.59 12.76
C LEU B 69 -11.50 27.86 13.41
N PRO B 70 -12.40 28.54 12.69
CA PRO B 70 -13.71 28.84 13.25
C PRO B 70 -14.56 27.58 13.23
N THR B 71 -15.48 27.47 14.19
CA THR B 71 -16.36 26.32 14.27
C THR B 71 -17.21 26.23 13.01
N LEU B 72 -17.56 25.02 12.60
CA LEU B 72 -18.35 24.86 11.40
C LEU B 72 -19.73 25.53 11.48
N VAL B 73 -19.90 26.63 10.75
CA VAL B 73 -21.16 27.35 10.72
C VAL B 73 -22.02 26.80 9.58
N SER B 74 -23.23 26.33 9.91
CA SER B 74 -24.14 25.78 8.91
C SER B 74 -24.31 26.81 7.80
N VAL B 75 -24.71 26.36 6.62
CA VAL B 75 -24.91 27.26 5.50
C VAL B 75 -25.96 28.32 5.82
N LYS B 76 -27.07 27.88 6.40
CA LYS B 76 -28.16 28.79 6.75
C LYS B 76 -27.77 29.81 7.81
N ASP B 77 -26.73 29.50 8.58
CA ASP B 77 -26.31 30.39 9.65
C ASP B 77 -25.04 31.17 9.32
N ALA B 78 -24.60 31.10 8.07
CA ALA B 78 -23.39 31.79 7.67
C ALA B 78 -23.70 33.16 7.08
N ASP B 79 -22.98 34.18 7.55
CA ASP B 79 -23.17 35.54 7.06
C ASP B 79 -22.14 35.84 5.98
N PHE B 80 -22.53 35.61 4.73
CA PHE B 80 -21.65 35.81 3.60
C PHE B 80 -21.15 37.23 3.36
N SER B 81 -21.83 38.21 3.90
CA SER B 81 -21.37 39.59 3.71
C SER B 81 -20.10 39.77 4.54
N THR B 82 -19.78 38.74 5.32
CA THR B 82 -18.59 38.75 6.18
C THR B 82 -17.28 38.35 5.49
N VAL B 83 -17.40 37.71 4.34
CA VAL B 83 -16.23 37.25 3.60
C VAL B 83 -16.05 37.93 2.25
N ASP B 84 -14.82 37.91 1.74
CA ASP B 84 -14.47 38.50 0.46
C ASP B 84 -14.67 37.49 -0.67
N ALA B 85 -14.75 36.20 -0.32
CA ALA B 85 -14.95 35.12 -1.30
C ALA B 85 -15.11 33.75 -0.61
N VAL B 86 -15.60 32.77 -1.35
CA VAL B 86 -15.82 31.43 -0.83
C VAL B 86 -15.24 30.32 -1.73
N PHE B 87 -15.82 29.13 -1.62
CA PHE B 87 -15.47 27.93 -2.42
C PHE B 87 -16.59 26.92 -2.22
N CYS B 88 -17.16 26.35 -3.30
CA CYS B 88 -18.20 25.30 -3.15
C CYS B 88 -17.52 23.96 -3.30
N CYS B 89 -17.22 23.33 -2.17
CA CYS B 89 -16.58 22.01 -2.19
C CYS B 89 -17.69 20.98 -2.01
N LEU B 90 -18.90 21.39 -2.39
CA LEU B 90 -20.08 20.54 -2.32
C LEU B 90 -20.18 19.74 -3.61
N PRO B 91 -20.48 18.44 -3.51
CA PRO B 91 -20.59 17.61 -4.72
C PRO B 91 -21.83 17.94 -5.55
N HIS B 92 -22.09 17.11 -6.57
CA HIS B 92 -23.25 17.30 -7.43
C HIS B 92 -24.48 17.19 -6.55
N GLY B 93 -25.32 18.23 -6.55
CA GLY B 93 -26.52 18.19 -5.74
C GLY B 93 -27.05 19.54 -5.34
N THR B 94 -26.36 20.20 -4.41
CA THR B 94 -26.79 21.51 -3.96
C THR B 94 -25.86 22.62 -4.39
N THR B 95 -25.59 22.70 -5.69
CA THR B 95 -24.71 23.73 -6.19
C THR B 95 -25.47 24.79 -6.97
N GLN B 96 -26.14 24.40 -8.05
CA GLN B 96 -26.89 25.34 -8.87
C GLN B 96 -28.10 25.86 -8.10
N GLU B 97 -27.95 26.01 -6.79
CA GLU B 97 -29.02 26.51 -5.95
C GLU B 97 -28.47 27.53 -4.94
N ILE B 98 -27.46 27.12 -4.18
CA ILE B 98 -26.86 28.01 -3.19
C ILE B 98 -26.06 29.16 -3.84
N ILE B 99 -25.34 28.84 -4.92
CA ILE B 99 -24.52 29.83 -5.62
C ILE B 99 -25.33 31.07 -6.05
N LYS B 100 -26.59 30.84 -6.37
CA LYS B 100 -27.51 31.88 -6.82
C LYS B 100 -27.92 32.83 -5.69
N GLU B 101 -27.85 32.37 -4.45
CA GLU B 101 -28.24 33.22 -3.33
C GLU B 101 -27.09 34.02 -2.72
N LEU B 102 -25.85 33.62 -3.00
CA LEU B 102 -24.70 34.33 -2.44
C LEU B 102 -24.68 35.77 -2.94
N PRO B 103 -24.27 36.72 -2.07
CA PRO B 103 -24.22 38.12 -2.50
C PRO B 103 -23.36 38.31 -3.74
N THR B 104 -23.87 39.08 -4.70
CA THR B 104 -23.18 39.34 -5.95
C THR B 104 -22.01 40.28 -5.78
N ALA B 105 -21.31 40.14 -4.66
CA ALA B 105 -20.17 41.00 -4.37
C ALA B 105 -18.83 40.25 -4.38
N LEU B 106 -18.84 39.00 -3.92
CA LEU B 106 -17.63 38.19 -3.86
C LEU B 106 -17.29 37.42 -5.14
N LYS B 107 -16.06 36.92 -5.21
CA LYS B 107 -15.60 36.09 -6.33
C LYS B 107 -15.98 34.66 -5.87
N ILE B 108 -16.44 33.83 -6.80
CA ILE B 108 -16.87 32.48 -6.43
C ILE B 108 -16.25 31.36 -7.26
N VAL B 109 -15.49 30.48 -6.62
CA VAL B 109 -14.94 29.36 -7.37
C VAL B 109 -15.73 28.12 -6.96
N ASP B 110 -16.38 27.50 -7.94
CA ASP B 110 -17.18 26.30 -7.70
C ASP B 110 -16.37 25.06 -8.06
N LEU B 111 -16.02 24.22 -7.08
CA LEU B 111 -15.23 23.02 -7.38
C LEU B 111 -16.14 21.94 -7.96
N SER B 112 -17.45 22.13 -7.80
CA SER B 112 -18.46 21.22 -8.33
C SER B 112 -18.45 21.22 -9.86
N ALA B 113 -19.08 20.24 -10.46
CA ALA B 113 -19.14 20.13 -11.90
C ALA B 113 -20.41 20.80 -12.48
N ASP B 114 -21.28 21.25 -11.58
CA ASP B 114 -22.58 21.84 -11.92
C ASP B 114 -22.62 23.25 -12.53
N PHE B 115 -21.69 23.52 -13.44
CA PHE B 115 -21.59 24.79 -14.18
C PHE B 115 -20.59 24.69 -15.37
N ARG B 116 -20.11 23.48 -15.66
CA ARG B 116 -19.14 23.24 -16.75
C ARG B 116 -19.71 23.23 -18.15
N LEU B 117 -20.63 22.31 -18.43
CA LEU B 117 -21.20 22.21 -19.78
C LEU B 117 -22.03 23.44 -20.15
N ARG B 118 -21.64 24.14 -21.20
CA ARG B 118 -22.38 25.34 -21.63
C ARG B 118 -23.78 24.94 -22.06
N ASN B 119 -23.88 23.85 -22.81
CA ASN B 119 -25.15 23.34 -23.24
C ASN B 119 -25.89 22.90 -21.99
N ILE B 120 -27.20 23.15 -21.97
CA ILE B 120 -28.06 22.84 -20.84
C ILE B 120 -28.66 21.46 -20.90
N ALA B 121 -28.95 21.01 -22.12
CA ALA B 121 -29.51 19.68 -22.33
C ALA B 121 -28.50 18.64 -21.85
N GLU B 122 -27.21 18.90 -22.14
CA GLU B 122 -26.13 18.00 -21.75
C GLU B 122 -26.02 17.88 -20.22
N TYR B 123 -26.08 19.00 -19.52
CA TYR B 123 -26.00 18.96 -18.07
C TYR B 123 -27.09 18.07 -17.47
N GLU B 124 -28.34 18.29 -17.88
CA GLU B 124 -29.47 17.52 -17.38
C GLU B 124 -29.34 16.03 -17.72
N GLU B 125 -29.05 15.69 -18.97
CA GLU B 125 -28.93 14.29 -19.33
C GLU B 125 -27.74 13.56 -18.66
N TRP B 126 -26.60 14.24 -18.55
CA TRP B 126 -25.46 13.61 -17.93
C TRP B 126 -25.51 13.63 -16.40
N TYR B 127 -26.28 14.54 -15.82
CA TYR B 127 -26.35 14.64 -14.37
C TYR B 127 -27.69 14.27 -13.76
N GLY B 128 -28.66 13.95 -14.61
CA GLY B 128 -29.98 13.54 -14.14
C GLY B 128 -30.83 14.59 -13.43
N GLN B 129 -30.63 15.86 -13.76
CA GLN B 129 -31.40 16.91 -13.14
C GLN B 129 -31.31 18.14 -14.02
N PRO B 130 -32.40 18.92 -14.11
CA PRO B 130 -32.34 20.12 -14.94
C PRO B 130 -31.44 21.16 -14.29
N HIS B 131 -30.88 22.04 -15.12
CA HIS B 131 -30.02 23.10 -14.64
C HIS B 131 -30.96 24.08 -13.93
N LYS B 132 -30.64 24.41 -12.69
CA LYS B 132 -31.49 25.31 -11.92
C LYS B 132 -30.93 26.73 -11.82
N ALA B 133 -29.88 27.03 -12.57
CA ALA B 133 -29.32 28.38 -12.55
C ALA B 133 -28.86 28.78 -13.95
N VAL B 134 -29.77 28.58 -14.91
CA VAL B 134 -29.54 28.87 -16.32
C VAL B 134 -28.92 30.24 -16.62
N GLU B 135 -29.54 31.29 -16.10
CA GLU B 135 -29.05 32.64 -16.34
C GLU B 135 -27.59 32.79 -15.89
N LEU B 136 -27.35 32.46 -14.64
CA LEU B 136 -26.00 32.55 -14.07
C LEU B 136 -24.98 31.75 -14.92
N GLN B 137 -25.41 30.59 -15.41
CA GLN B 137 -24.56 29.73 -16.22
C GLN B 137 -23.84 30.52 -17.28
N LYS B 138 -24.56 31.44 -17.90
CA LYS B 138 -24.05 32.29 -18.98
C LYS B 138 -22.82 33.12 -18.62
N GLU B 139 -22.72 33.56 -17.37
CA GLU B 139 -21.56 34.34 -16.99
C GLU B 139 -20.44 33.49 -16.40
N VAL B 140 -20.56 32.16 -16.54
CA VAL B 140 -19.55 31.26 -16.02
C VAL B 140 -18.35 31.03 -16.95
N VAL B 141 -17.16 31.10 -16.39
CA VAL B 141 -15.91 30.86 -17.13
C VAL B 141 -15.25 29.55 -16.62
N TYR B 142 -14.87 28.67 -17.54
CA TYR B 142 -14.22 27.40 -17.18
C TYR B 142 -12.85 27.75 -16.59
N GLY B 143 -12.59 27.25 -15.38
CA GLY B 143 -11.37 27.58 -14.68
C GLY B 143 -10.09 26.80 -14.90
N LEU B 144 -9.81 26.42 -16.14
CA LEU B 144 -8.58 25.72 -16.45
C LEU B 144 -7.53 26.86 -16.53
N THR B 145 -7.00 27.24 -15.38
CA THR B 145 -6.08 28.37 -15.29
C THR B 145 -5.14 28.75 -16.45
N GLU B 146 -4.25 27.84 -16.86
CA GLU B 146 -3.31 28.18 -17.94
C GLU B 146 -3.95 28.42 -19.32
N ILE B 147 -5.23 28.11 -19.45
CA ILE B 147 -5.88 28.32 -20.73
C ILE B 147 -6.68 29.63 -20.75
N LEU B 148 -7.36 29.92 -19.64
CA LEU B 148 -8.20 31.12 -19.55
C LEU B 148 -7.82 32.11 -18.45
N ARG B 149 -6.52 32.25 -18.24
CA ARG B 149 -5.99 33.16 -17.25
C ARG B 149 -6.65 34.54 -17.31
N GLU B 150 -6.52 35.21 -18.45
CA GLU B 150 -7.08 36.55 -18.61
C GLU B 150 -8.60 36.62 -18.39
N ASP B 151 -9.32 35.63 -18.91
CA ASP B 151 -10.78 35.56 -18.75
C ASP B 151 -11.13 35.32 -17.29
N ILE B 152 -10.36 34.47 -16.63
CA ILE B 152 -10.58 34.14 -15.23
C ILE B 152 -10.32 35.34 -14.30
N LYS B 153 -9.35 36.18 -14.66
CA LYS B 153 -8.97 37.36 -13.87
C LYS B 153 -10.12 38.32 -13.64
N LYS B 154 -11.11 38.28 -14.51
CA LYS B 154 -12.24 39.19 -14.39
C LYS B 154 -13.61 38.54 -14.30
N ALA B 155 -13.65 37.24 -14.02
CA ALA B 155 -14.92 36.52 -13.89
C ALA B 155 -15.41 36.61 -12.44
N ARG B 156 -16.70 36.36 -12.25
CA ARG B 156 -17.31 36.36 -10.92
C ARG B 156 -17.42 34.90 -10.48
N LEU B 157 -18.07 34.08 -11.30
CA LEU B 157 -18.28 32.66 -11.03
C LEU B 157 -17.52 31.75 -12.01
N VAL B 158 -16.61 30.94 -11.45
CA VAL B 158 -15.77 30.02 -12.23
C VAL B 158 -16.14 28.54 -11.99
N ALA B 159 -16.18 27.78 -13.06
CA ALA B 159 -16.49 26.36 -13.02
C ALA B 159 -15.15 25.65 -13.06
N ASN B 160 -14.61 25.40 -11.88
CA ASN B 160 -13.33 24.75 -11.78
C ASN B 160 -13.38 23.45 -12.57
N PRO B 161 -12.31 23.12 -13.31
CA PRO B 161 -12.37 21.87 -14.07
C PRO B 161 -12.34 20.56 -13.27
N GLY B 162 -12.73 19.48 -13.94
CA GLY B 162 -12.70 18.19 -13.33
C GLY B 162 -11.23 17.77 -13.35
N CYS B 163 -10.94 16.67 -12.67
CA CYS B 163 -9.58 16.15 -12.58
C CYS B 163 -9.07 15.59 -13.89
N TYR B 164 -9.74 14.53 -14.38
CA TYR B 164 -9.36 13.94 -15.64
C TYR B 164 -9.31 15.01 -16.75
N PRO B 165 -10.40 15.80 -16.91
CA PRO B 165 -10.44 16.86 -17.94
C PRO B 165 -9.19 17.73 -18.01
N THR B 166 -8.66 18.11 -16.83
CA THR B 166 -7.46 18.94 -16.71
C THR B 166 -6.24 18.24 -17.32
N THR B 167 -6.03 16.99 -16.93
CA THR B 167 -4.90 16.22 -17.44
C THR B 167 -4.94 16.05 -18.94
N ILE B 168 -6.13 16.09 -19.51
CA ILE B 168 -6.34 15.90 -20.94
C ILE B 168 -6.26 17.20 -21.77
N GLN B 169 -6.86 18.27 -21.25
CA GLN B 169 -6.87 19.55 -21.97
C GLN B 169 -5.52 20.26 -21.97
N LEU B 170 -4.83 20.26 -20.82
CA LEU B 170 -3.53 20.93 -20.76
C LEU B 170 -2.55 20.45 -21.84
N PRO B 171 -2.47 19.13 -22.10
CA PRO B 171 -1.55 18.64 -23.14
C PRO B 171 -1.97 19.00 -24.56
N LEU B 172 -3.17 18.54 -24.93
CA LEU B 172 -3.72 18.69 -26.27
C LEU B 172 -4.30 20.03 -26.68
N VAL B 173 -4.27 21.03 -25.80
CA VAL B 173 -4.80 22.33 -26.20
C VAL B 173 -4.01 22.99 -27.30
N PRO B 174 -2.68 23.03 -27.16
CA PRO B 174 -1.90 23.67 -28.21
C PRO B 174 -1.89 22.79 -29.46
N LEU B 175 -1.87 21.47 -29.26
CA LEU B 175 -1.86 20.54 -30.40
C LEU B 175 -3.07 20.73 -31.33
N LEU B 176 -4.26 20.75 -30.76
CA LEU B 176 -5.48 20.95 -31.52
C LEU B 176 -5.49 22.37 -32.09
N LYS B 177 -5.37 23.36 -31.22
CA LYS B 177 -5.34 24.75 -31.66
C LYS B 177 -4.42 24.89 -32.89
N ALA B 178 -3.26 24.26 -32.83
CA ALA B 178 -2.27 24.29 -33.90
C ALA B 178 -2.47 23.24 -35.00
N ASN B 179 -3.60 22.55 -34.98
CA ASN B 179 -3.92 21.51 -35.97
C ASN B 179 -2.82 20.45 -36.11
N LEU B 180 -2.13 20.13 -35.02
CA LEU B 180 -1.06 19.16 -35.06
C LEU B 180 -1.55 17.71 -34.93
N ILE B 181 -2.76 17.53 -34.41
CA ILE B 181 -3.32 16.19 -34.24
C ILE B 181 -4.78 16.14 -34.63
N LYS B 182 -5.17 15.07 -35.30
CA LYS B 182 -6.55 14.90 -35.74
C LYS B 182 -7.50 14.89 -34.54
N HIS B 183 -8.78 15.16 -34.75
CA HIS B 183 -9.70 15.14 -33.62
C HIS B 183 -10.54 13.88 -33.63
N GLU B 184 -10.15 12.93 -34.46
CA GLU B 184 -10.86 11.67 -34.51
C GLU B 184 -10.08 10.64 -33.71
N ASN B 185 -10.82 9.71 -33.11
CA ASN B 185 -10.24 8.63 -32.35
C ASN B 185 -9.17 8.98 -31.29
N ILE B 186 -9.45 9.99 -30.48
CA ILE B 186 -8.54 10.36 -29.42
C ILE B 186 -8.90 9.36 -28.31
N ILE B 187 -7.95 8.48 -27.98
CA ILE B 187 -8.17 7.46 -26.97
C ILE B 187 -7.44 7.77 -25.67
N ILE B 188 -8.23 7.94 -24.61
CA ILE B 188 -7.71 8.26 -23.31
C ILE B 188 -7.89 7.14 -22.30
N ASP B 189 -6.79 6.78 -21.64
CA ASP B 189 -6.78 5.74 -20.62
C ASP B 189 -6.15 6.39 -19.40
N ALA B 190 -6.97 6.70 -18.38
CA ALA B 190 -6.46 7.37 -17.19
C ALA B 190 -6.55 6.61 -15.88
N LYS B 191 -5.86 7.15 -14.87
CA LYS B 191 -5.80 6.53 -13.55
C LYS B 191 -5.83 7.53 -12.42
N SER B 192 -6.43 7.14 -11.32
CA SER B 192 -6.50 8.03 -10.19
C SER B 192 -6.48 7.30 -8.85
N GLY B 193 -5.83 7.94 -7.87
CA GLY B 193 -5.80 7.39 -6.53
C GLY B 193 -7.23 7.48 -6.01
N VAL B 194 -7.50 6.83 -4.88
CA VAL B 194 -8.88 6.80 -4.37
C VAL B 194 -9.34 7.99 -3.50
N SER B 195 -8.47 9.00 -3.36
CA SER B 195 -8.84 10.20 -2.60
C SER B 195 -9.95 10.97 -3.32
N GLY B 196 -9.87 11.02 -4.66
CA GLY B 196 -10.89 11.72 -5.42
C GLY B 196 -12.30 11.17 -5.20
N ALA B 197 -12.39 9.98 -4.61
CA ALA B 197 -13.66 9.34 -4.35
C ALA B 197 -14.37 10.00 -3.15
N GLY B 198 -13.62 10.75 -2.38
CA GLY B 198 -14.19 11.41 -1.21
C GLY B 198 -14.16 10.53 0.02
N ARG B 199 -14.65 11.07 1.14
CA ARG B 199 -14.67 10.36 2.41
C ARG B 199 -15.97 9.57 2.65
N GLY B 200 -16.85 9.52 1.64
CA GLY B 200 -18.09 8.77 1.78
C GLY B 200 -17.82 7.34 2.20
N ALA B 201 -18.42 6.94 3.31
CA ALA B 201 -18.26 5.60 3.87
C ALA B 201 -18.91 4.51 3.02
N LYS B 202 -18.22 4.05 1.98
CA LYS B 202 -18.79 3.00 1.15
C LYS B 202 -17.90 1.77 1.08
N GLU B 203 -18.57 0.63 1.02
CA GLU B 203 -17.89 -0.64 0.94
C GLU B 203 -16.79 -0.67 -0.12
N ALA B 204 -17.14 -0.28 -1.35
CA ALA B 204 -16.19 -0.32 -2.45
C ALA B 204 -14.85 0.37 -2.20
N ASN B 205 -14.86 1.39 -1.36
CA ASN B 205 -13.63 2.11 -1.10
C ASN B 205 -12.91 1.72 0.18
N LEU B 206 -13.30 0.60 0.78
CA LEU B 206 -12.61 0.12 1.97
C LEU B 206 -11.18 -0.22 1.58
N TYR B 207 -10.26 -0.11 2.54
CA TYR B 207 -8.85 -0.45 2.32
C TYR B 207 -8.74 -1.90 1.80
N SER B 208 -9.49 -2.82 2.41
CA SER B 208 -9.45 -4.22 2.03
C SER B 208 -10.02 -4.50 0.66
N GLU B 209 -10.88 -3.61 0.15
CA GLU B 209 -11.48 -3.81 -1.18
C GLU B 209 -10.64 -3.21 -2.32
N ILE B 210 -9.95 -2.12 -2.01
CA ILE B 210 -9.13 -1.40 -2.98
C ILE B 210 -7.66 -1.83 -3.05
N ALA B 211 -7.02 -2.02 -1.90
CA ALA B 211 -5.60 -2.35 -1.89
C ALA B 211 -5.22 -3.59 -2.71
N GLU B 212 -4.05 -3.51 -3.32
CA GLU B 212 -3.49 -4.62 -4.08
C GLU B 212 -4.21 -5.04 -5.35
N GLY B 213 -4.78 -4.05 -6.03
CA GLY B 213 -5.48 -4.34 -7.28
C GLY B 213 -6.00 -3.08 -7.94
N ILE B 214 -6.39 -3.22 -9.21
CA ILE B 214 -6.96 -2.12 -9.95
C ILE B 214 -8.18 -2.62 -10.73
N SER B 215 -8.87 -1.69 -11.37
CA SER B 215 -10.02 -2.03 -12.20
C SER B 215 -10.49 -0.76 -12.90
N SER B 216 -11.13 -0.93 -14.04
CA SER B 216 -11.67 0.19 -14.78
C SER B 216 -12.96 0.59 -14.05
N TYR B 217 -13.56 1.71 -14.46
CA TYR B 217 -14.84 2.20 -13.94
C TYR B 217 -15.31 3.30 -14.88
N GLY B 218 -16.60 3.61 -14.86
CA GLY B 218 -17.12 4.63 -15.74
C GLY B 218 -16.78 4.28 -17.17
N VAL B 219 -16.95 3.02 -17.56
CA VAL B 219 -16.61 2.68 -18.91
C VAL B 219 -17.64 3.26 -19.89
N THR B 220 -17.12 3.91 -20.93
CA THR B 220 -17.93 4.54 -21.97
C THR B 220 -18.67 5.80 -21.54
N ARG B 221 -19.33 5.77 -20.38
CA ARG B 221 -20.09 6.93 -19.89
C ARG B 221 -19.68 7.34 -18.49
N HIS B 222 -18.86 8.36 -18.39
CA HIS B 222 -18.42 8.86 -17.11
C HIS B 222 -18.65 10.36 -17.10
N ARG B 223 -18.93 10.92 -15.93
CA ARG B 223 -19.21 12.35 -15.80
C ARG B 223 -18.21 13.33 -16.42
N HIS B 224 -17.31 12.85 -17.27
CA HIS B 224 -16.35 13.76 -17.91
C HIS B 224 -16.36 13.60 -19.43
N VAL B 225 -17.15 12.66 -19.93
CA VAL B 225 -17.17 12.48 -21.37
C VAL B 225 -17.52 13.80 -22.06
N PRO B 226 -18.73 14.35 -21.81
CA PRO B 226 -19.12 15.62 -22.46
C PRO B 226 -18.11 16.76 -22.23
N GLU B 227 -17.79 17.03 -20.96
CA GLU B 227 -16.83 18.07 -20.60
C GLU B 227 -15.58 17.95 -21.50
N ILE B 228 -14.84 16.87 -21.29
CA ILE B 228 -13.62 16.59 -22.07
C ILE B 228 -13.88 16.94 -23.54
N GLU B 229 -15.07 16.63 -24.01
CA GLU B 229 -15.39 16.93 -25.39
C GLU B 229 -15.71 18.42 -25.62
N GLN B 230 -16.30 19.10 -24.62
CA GLN B 230 -16.57 20.53 -24.74
C GLN B 230 -15.28 21.26 -25.10
N GLY B 231 -14.27 21.17 -24.22
CA GLY B 231 -13.00 21.82 -24.46
C GLY B 231 -12.34 21.40 -25.77
N LEU B 232 -12.33 20.09 -26.08
CA LEU B 232 -11.71 19.62 -27.32
C LEU B 232 -12.49 20.14 -28.52
N SER B 233 -13.81 20.12 -28.40
CA SER B 233 -14.69 20.62 -29.46
C SER B 233 -14.39 22.10 -29.80
N ASP B 234 -14.32 22.95 -28.77
CA ASP B 234 -14.05 24.37 -28.97
C ASP B 234 -12.65 24.67 -29.55
N VAL B 235 -11.63 24.00 -29.03
CA VAL B 235 -10.24 24.18 -29.50
C VAL B 235 -10.14 23.72 -30.96
N ALA B 236 -11.09 22.91 -31.42
CA ALA B 236 -11.05 22.39 -32.79
C ALA B 236 -12.13 23.02 -33.66
N GLN B 237 -12.96 23.84 -33.03
CA GLN B 237 -14.06 24.50 -33.72
C GLN B 237 -14.92 23.44 -34.41
N SER B 238 -14.90 22.22 -33.87
CA SER B 238 -15.69 21.11 -34.41
C SER B 238 -15.96 20.11 -33.28
N LYS B 239 -17.13 19.48 -33.26
CA LYS B 239 -17.47 18.54 -32.20
C LYS B 239 -16.52 17.35 -32.10
N VAL B 240 -15.83 17.28 -30.97
CA VAL B 240 -14.89 16.19 -30.73
C VAL B 240 -15.57 15.06 -29.97
N THR B 241 -15.37 13.82 -30.41
CA THR B 241 -15.94 12.63 -29.75
C THR B 241 -14.79 11.68 -29.44
N VAL B 242 -14.46 11.50 -28.17
CA VAL B 242 -13.35 10.63 -27.81
C VAL B 242 -13.73 9.28 -27.18
N SER B 243 -12.72 8.52 -26.75
CA SER B 243 -12.93 7.27 -26.03
C SER B 243 -12.27 7.63 -24.69
N PHE B 244 -12.93 7.37 -23.58
CA PHE B 244 -12.36 7.74 -22.29
C PHE B 244 -12.64 6.65 -21.24
N THR B 245 -11.58 5.99 -20.77
CA THR B 245 -11.74 4.91 -19.80
C THR B 245 -10.87 5.10 -18.55
N PRO B 246 -11.47 5.59 -17.45
CA PRO B 246 -10.79 5.81 -16.17
C PRO B 246 -10.51 4.48 -15.48
N HIS B 247 -9.56 4.48 -14.54
CA HIS B 247 -9.17 3.29 -13.78
C HIS B 247 -8.90 3.73 -12.33
N LEU B 248 -9.19 2.84 -11.38
CA LEU B 248 -8.99 3.14 -9.96
C LEU B 248 -7.68 2.54 -9.42
N MET B 249 -6.83 3.39 -8.85
CA MET B 249 -5.52 2.99 -8.33
C MET B 249 -5.45 2.71 -6.82
N PRO B 250 -4.63 1.72 -6.42
CA PRO B 250 -4.50 1.40 -4.99
C PRO B 250 -3.47 2.35 -4.40
N MET B 251 -3.81 3.63 -4.39
CA MET B 251 -2.98 4.71 -3.87
C MET B 251 -3.94 5.86 -3.54
N ILE B 252 -3.50 6.79 -2.69
CA ILE B 252 -4.35 7.90 -2.30
C ILE B 252 -4.44 9.04 -3.30
N ARG B 253 -3.29 9.66 -3.61
CA ARG B 253 -3.23 10.79 -4.55
C ARG B 253 -2.53 10.43 -5.84
N GLY B 254 -2.79 11.20 -6.89
CA GLY B 254 -2.12 10.96 -8.15
C GLY B 254 -3.05 10.62 -9.28
N MET B 255 -2.72 11.11 -10.46
CA MET B 255 -3.56 10.87 -11.61
C MET B 255 -2.73 10.93 -12.87
N GLN B 256 -3.06 10.07 -13.81
CA GLN B 256 -2.34 10.07 -15.05
C GLN B 256 -3.25 9.71 -16.19
N SER B 257 -3.14 10.47 -17.28
CA SER B 257 -3.91 10.14 -18.45
C SER B 257 -2.90 9.71 -19.51
N THR B 258 -3.14 8.55 -20.13
CA THR B 258 -2.28 8.10 -21.22
C THR B 258 -3.14 8.35 -22.45
N ILE B 259 -2.72 9.30 -23.27
CA ILE B 259 -3.46 9.74 -24.45
C ILE B 259 -2.95 9.25 -25.81
N TYR B 260 -3.86 8.65 -26.56
CA TYR B 260 -3.48 8.11 -27.85
C TYR B 260 -4.15 8.91 -28.95
N VAL B 261 -3.32 9.59 -29.74
CA VAL B 261 -3.81 10.40 -30.83
C VAL B 261 -3.13 10.14 -32.16
N GLU B 262 -3.82 10.55 -33.22
CA GLU B 262 -3.32 10.41 -34.59
C GLU B 262 -2.67 11.74 -34.97
N MET B 263 -1.48 11.68 -35.59
CA MET B 263 -0.80 12.90 -35.99
C MET B 263 -1.34 13.33 -37.35
N ALA B 264 -1.42 14.64 -37.58
CA ALA B 264 -1.92 15.18 -38.84
C ALA B 264 -0.83 14.97 -39.88
N PRO B 265 -1.19 15.04 -41.17
CA PRO B 265 -0.23 14.85 -42.26
C PRO B 265 1.06 15.65 -42.03
N GLY B 266 2.20 15.01 -42.23
CA GLY B 266 3.48 15.66 -42.05
C GLY B 266 4.02 15.67 -40.63
N VAL B 267 3.19 16.15 -39.71
CA VAL B 267 3.55 16.27 -38.31
C VAL B 267 4.31 15.06 -37.78
N ARG B 268 5.34 15.35 -36.99
CA ARG B 268 6.13 14.32 -36.38
C ARG B 268 6.03 14.51 -34.87
N THR B 269 6.42 13.49 -34.12
CA THR B 269 6.37 13.58 -32.67
C THR B 269 7.05 14.83 -32.14
N GLU B 270 8.16 15.23 -32.76
CA GLU B 270 8.88 16.43 -32.31
C GLU B 270 8.06 17.72 -32.47
N ASP B 271 7.13 17.73 -33.43
CA ASP B 271 6.28 18.89 -33.65
C ASP B 271 5.36 19.06 -32.44
N LEU B 272 4.83 17.95 -31.93
CA LEU B 272 3.93 18.06 -30.77
C LEU B 272 4.77 18.50 -29.56
N HIS B 273 5.97 17.97 -29.46
CA HIS B 273 6.81 18.33 -28.33
C HIS B 273 7.11 19.82 -28.34
N GLN B 274 7.51 20.33 -29.50
CA GLN B 274 7.86 21.74 -29.64
C GLN B 274 6.66 22.62 -29.32
N GLN B 275 5.50 22.26 -29.86
CA GLN B 275 4.29 23.01 -29.60
C GLN B 275 3.98 23.05 -28.11
N LEU B 276 4.20 21.92 -27.43
CA LEU B 276 3.95 21.89 -25.98
C LEU B 276 4.99 22.68 -25.21
N LYS B 277 6.26 22.49 -25.55
CA LYS B 277 7.30 23.21 -24.84
C LYS B 277 7.14 24.73 -25.08
N THR B 278 6.73 25.11 -26.30
CA THR B 278 6.51 26.51 -26.64
C THR B 278 5.32 27.09 -25.87
N SER B 279 4.24 26.32 -25.75
CA SER B 279 3.05 26.79 -25.05
C SER B 279 3.15 26.88 -23.53
N TYR B 280 4.08 26.16 -22.92
CA TYR B 280 4.20 26.17 -21.45
C TYR B 280 5.56 26.51 -20.91
N GLU B 281 6.48 26.88 -21.79
CA GLU B 281 7.84 27.22 -21.41
C GLU B 281 7.91 28.18 -20.21
N ASP B 282 6.96 29.11 -20.11
CA ASP B 282 6.99 30.04 -18.98
C ASP B 282 5.86 29.84 -17.95
N GLU B 283 5.50 28.58 -17.68
CA GLU B 283 4.46 28.29 -16.70
C GLU B 283 5.01 27.65 -15.43
N GLU B 284 4.66 28.18 -14.27
CA GLU B 284 5.19 27.59 -13.05
C GLU B 284 4.64 26.19 -12.84
N PHE B 285 3.52 25.87 -13.48
CA PHE B 285 2.89 24.57 -13.30
C PHE B 285 3.00 23.48 -14.37
N VAL B 286 3.03 23.85 -15.64
CA VAL B 286 3.16 22.83 -16.65
C VAL B 286 4.64 22.68 -16.96
N LYS B 287 5.20 21.50 -16.67
CA LYS B 287 6.63 21.23 -16.89
C LYS B 287 6.88 20.22 -18.00
N VAL B 288 6.57 20.59 -19.24
CA VAL B 288 6.80 19.69 -20.37
C VAL B 288 8.19 19.08 -20.20
N LEU B 289 8.28 17.76 -20.35
CA LEU B 289 9.55 17.07 -20.17
C LEU B 289 10.17 16.74 -21.52
N ASP B 290 11.45 16.38 -21.51
CA ASP B 290 12.11 16.02 -22.76
C ASP B 290 11.50 14.74 -23.29
N GLU B 291 11.39 14.67 -24.62
CA GLU B 291 10.83 13.51 -25.30
C GLU B 291 11.42 12.22 -24.77
N GLY B 292 10.57 11.20 -24.63
CA GLY B 292 11.07 9.93 -24.12
C GLY B 292 11.13 9.82 -22.60
N VAL B 293 11.29 10.94 -21.90
CA VAL B 293 11.35 10.91 -20.44
C VAL B 293 9.92 10.66 -19.94
N VAL B 294 9.79 9.62 -19.13
CA VAL B 294 8.52 9.20 -18.56
C VAL B 294 8.18 9.91 -17.26
N PRO B 295 7.04 10.62 -17.22
CA PRO B 295 6.70 11.28 -15.96
C PRO B 295 6.04 10.27 -15.02
N ARG B 296 6.12 10.55 -13.72
CA ARG B 296 5.55 9.68 -12.68
C ARG B 296 4.63 10.57 -11.83
N THR B 297 3.53 10.05 -11.29
CA THR B 297 2.67 10.87 -10.44
C THR B 297 3.40 11.04 -9.13
N HIS B 298 4.33 10.12 -8.88
CA HIS B 298 5.17 10.12 -7.66
C HIS B 298 5.92 11.47 -7.57
N ASN B 299 6.12 12.11 -8.72
CA ASN B 299 6.89 13.35 -8.73
C ASN B 299 6.14 14.66 -8.62
N VAL B 300 4.80 14.59 -8.59
CA VAL B 300 3.98 15.79 -8.47
C VAL B 300 3.11 15.74 -7.21
N ARG B 301 3.14 14.59 -6.53
CA ARG B 301 2.39 14.36 -5.30
C ARG B 301 2.46 15.57 -4.39
N GLY B 302 1.31 15.93 -3.84
CA GLY B 302 1.24 17.07 -2.94
C GLY B 302 1.66 18.39 -3.55
N SER B 303 1.52 18.51 -4.87
CA SER B 303 1.89 19.75 -5.56
C SER B 303 0.93 20.10 -6.67
N ASN B 304 0.85 21.39 -6.96
CA ASN B 304 -0.05 21.84 -8.00
C ASN B 304 0.58 21.70 -9.38
N TYR B 305 1.69 20.95 -9.43
CA TYR B 305 2.43 20.75 -10.67
C TYR B 305 1.89 19.67 -11.59
N CYS B 306 1.92 20.00 -12.89
CA CYS B 306 1.52 19.10 -13.95
C CYS B 306 2.73 18.79 -14.82
N HIS B 307 3.11 17.51 -14.91
CA HIS B 307 4.22 17.14 -15.78
C HIS B 307 3.62 16.42 -16.96
N MET B 308 4.13 16.72 -18.16
CA MET B 308 3.67 16.05 -19.37
C MET B 308 4.86 15.72 -20.29
N SER B 309 4.72 14.64 -21.04
CA SER B 309 5.72 14.21 -21.99
C SER B 309 5.07 13.58 -23.24
N VAL B 310 5.74 13.68 -24.38
CA VAL B 310 5.22 13.12 -25.64
C VAL B 310 6.09 11.96 -26.06
N PHE B 311 5.51 11.01 -26.78
CA PHE B 311 6.24 9.85 -27.27
C PHE B 311 5.62 9.31 -28.54
N PRO B 312 6.45 8.72 -29.41
CA PRO B 312 5.88 8.18 -30.64
C PRO B 312 5.16 6.85 -30.33
N ASP B 313 4.12 6.57 -31.09
CA ASP B 313 3.38 5.34 -30.97
C ASP B 313 4.07 4.38 -31.95
N ARG B 314 3.98 3.09 -31.68
CA ARG B 314 4.59 2.11 -32.57
C ARG B 314 3.77 2.11 -33.85
N ILE B 315 2.48 2.42 -33.73
CA ILE B 315 1.61 2.46 -34.90
C ILE B 315 2.01 3.72 -35.68
N PRO B 316 2.33 3.56 -36.97
CA PRO B 316 2.73 4.74 -37.75
C PRO B 316 1.67 5.86 -37.77
N GLY B 317 2.13 7.09 -37.60
CA GLY B 317 1.23 8.22 -37.60
C GLY B 317 0.66 8.57 -36.25
N ARG B 318 0.78 7.67 -35.30
CA ARG B 318 0.24 7.92 -33.98
C ARG B 318 1.28 8.39 -32.98
N ALA B 319 0.79 9.00 -31.90
CA ALA B 319 1.64 9.50 -30.82
C ALA B 319 0.97 9.11 -29.50
N ILE B 320 1.75 9.15 -28.43
CA ILE B 320 1.25 8.81 -27.11
C ILE B 320 1.69 9.89 -26.15
N ILE B 321 0.73 10.51 -25.46
CA ILE B 321 1.01 11.57 -24.48
C ILE B 321 0.68 11.14 -23.04
N ILE B 322 1.57 11.49 -22.11
CA ILE B 322 1.41 11.21 -20.68
C ILE B 322 1.33 12.55 -19.94
N SER B 323 0.27 12.71 -19.15
CA SER B 323 0.04 13.91 -18.40
C SER B 323 -0.26 13.50 -16.95
N VAL B 324 0.58 13.95 -16.01
CA VAL B 324 0.40 13.58 -14.61
C VAL B 324 0.18 14.79 -13.70
N ILE B 325 -0.56 14.56 -12.62
CA ILE B 325 -0.83 15.60 -11.61
C ILE B 325 -1.30 14.93 -10.33
N ASP B 326 -1.39 15.73 -9.28
CA ASP B 326 -1.96 15.24 -8.03
C ASP B 326 -3.45 15.54 -8.28
N ASN B 327 -4.35 14.56 -8.10
CA ASN B 327 -5.77 14.78 -8.38
C ASN B 327 -6.45 15.77 -7.45
N LEU B 328 -6.08 15.77 -6.17
CA LEU B 328 -6.67 16.69 -5.22
C LEU B 328 -6.07 18.10 -5.32
N VAL B 329 -5.05 18.28 -6.17
CA VAL B 329 -4.42 19.60 -6.27
C VAL B 329 -4.67 20.25 -7.61
N LYS B 330 -3.85 19.95 -8.62
CA LYS B 330 -4.11 20.57 -9.90
C LYS B 330 -5.38 19.97 -10.49
N GLY B 331 -5.80 18.82 -9.96
CA GLY B 331 -7.00 18.20 -10.44
C GLY B 331 -8.25 18.72 -9.75
N ALA B 332 -8.05 19.50 -8.69
CA ALA B 332 -9.14 20.06 -7.91
C ALA B 332 -8.80 21.39 -7.20
N SER B 333 -8.67 21.37 -5.87
CA SER B 333 -8.42 22.58 -5.08
C SER B 333 -7.23 23.47 -5.47
N GLY B 334 -6.13 22.86 -5.87
CA GLY B 334 -4.97 23.63 -6.29
C GLY B 334 -5.36 24.54 -7.44
N GLN B 335 -6.07 23.98 -8.42
CA GLN B 335 -6.50 24.80 -9.54
C GLN B 335 -7.55 25.81 -9.04
N ALA B 336 -8.40 25.37 -8.11
CA ALA B 336 -9.41 26.25 -7.54
C ALA B 336 -8.71 27.49 -6.99
N LEU B 337 -7.79 27.28 -6.05
CA LEU B 337 -7.04 28.39 -5.44
C LEU B 337 -6.19 29.10 -6.47
N GLN B 338 -5.86 28.41 -7.56
CA GLN B 338 -5.06 29.05 -8.60
C GLN B 338 -5.94 30.13 -9.24
N ASN B 339 -7.20 29.79 -9.43
CA ASN B 339 -8.18 30.71 -10.01
C ASN B 339 -8.58 31.86 -9.07
N LEU B 340 -8.49 31.66 -7.77
CA LEU B 340 -8.85 32.72 -6.85
C LEU B 340 -7.74 33.77 -6.78
N ASN B 341 -6.49 33.35 -6.64
CA ASN B 341 -5.39 34.32 -6.58
C ASN B 341 -5.63 35.38 -7.64
N ILE B 342 -5.96 34.95 -8.85
CA ILE B 342 -6.21 35.89 -9.92
C ILE B 342 -7.69 36.30 -9.99
N MET B 343 -8.22 36.70 -8.83
CA MET B 343 -9.60 37.16 -8.68
C MET B 343 -9.62 38.16 -7.54
N LEU B 344 -8.44 38.45 -7.02
CA LEU B 344 -8.33 39.38 -5.90
C LEU B 344 -7.11 40.28 -6.05
N GLY B 345 -6.35 40.07 -7.12
CA GLY B 345 -5.19 40.90 -7.36
C GLY B 345 -3.88 40.43 -6.75
N TYR B 346 -3.60 39.13 -6.89
CA TYR B 346 -2.36 38.55 -6.41
C TYR B 346 -1.82 37.67 -7.52
N PRO B 347 -0.51 37.42 -7.53
CA PRO B 347 0.14 36.59 -8.54
C PRO B 347 -0.57 35.22 -8.60
N GLU B 348 -0.55 34.60 -9.76
CA GLU B 348 -1.22 33.33 -9.96
C GLU B 348 -0.74 32.15 -9.09
N THR B 349 0.57 32.06 -8.86
CA THR B 349 1.15 30.99 -8.07
C THR B 349 1.28 31.34 -6.59
N THR B 350 0.58 32.38 -6.16
CA THR B 350 0.62 32.84 -4.76
C THR B 350 0.28 31.77 -3.72
N GLY B 351 1.23 31.50 -2.83
CA GLY B 351 1.03 30.51 -1.78
C GLY B 351 1.05 29.05 -2.23
N LEU B 352 0.98 28.84 -3.54
CA LEU B 352 0.95 27.51 -4.16
C LEU B 352 2.33 26.97 -4.54
N LEU B 353 3.35 27.26 -3.75
CA LEU B 353 4.68 26.76 -4.07
C LEU B 353 5.14 25.55 -3.23
N HIS B 354 4.18 24.75 -2.77
CA HIS B 354 4.47 23.52 -2.01
C HIS B 354 5.25 22.57 -2.95
N GLN B 355 6.46 22.17 -2.57
CA GLN B 355 7.25 21.26 -3.41
C GLN B 355 6.74 19.82 -3.24
N PRO B 356 6.97 18.93 -4.24
CA PRO B 356 6.49 17.55 -4.11
C PRO B 356 6.92 16.82 -2.84
N LEU B 357 6.00 16.06 -2.26
CA LEU B 357 6.28 15.29 -1.05
C LEU B 357 6.57 13.84 -1.43
N PHE B 358 7.77 13.62 -1.97
CA PHE B 358 8.22 12.30 -2.38
C PHE B 358 9.60 12.14 -1.74
N PRO B 359 9.88 10.97 -1.14
CA PRO B 359 8.93 9.85 -1.08
C PRO B 359 7.83 10.14 -0.04
N LYS C 15 4.91 -37.29 -5.30
CA LYS C 15 4.47 -38.70 -5.51
C LYS C 15 5.22 -39.27 -6.69
N ASP C 16 4.49 -39.81 -7.67
CA ASP C 16 5.08 -40.43 -8.84
C ASP C 16 6.05 -39.56 -9.65
N ILE C 17 5.50 -38.66 -10.46
CA ILE C 17 6.30 -37.78 -11.31
C ILE C 17 7.29 -36.92 -10.53
N ARG C 18 8.53 -36.90 -11.01
CA ARG C 18 9.58 -36.11 -10.39
C ARG C 18 9.84 -34.94 -11.31
N ILE C 19 9.76 -33.74 -10.74
CA ILE C 19 9.96 -32.51 -11.50
C ILE C 19 11.16 -31.74 -11.01
N GLY C 20 11.89 -31.14 -11.96
CA GLY C 20 13.05 -30.33 -11.62
C GLY C 20 12.69 -28.91 -12.00
N LEU C 21 13.57 -27.95 -11.68
CA LEU C 21 13.37 -26.55 -11.98
C LEU C 21 14.71 -25.77 -12.08
N LEU C 22 14.96 -25.14 -13.23
CA LEU C 22 16.20 -24.36 -13.43
C LEU C 22 16.08 -22.94 -12.87
N GLY C 23 16.53 -22.73 -11.65
CA GLY C 23 16.43 -21.41 -11.05
C GLY C 23 15.35 -21.39 -9.98
N ALA C 24 15.68 -20.91 -8.79
CA ALA C 24 14.73 -20.87 -7.71
C ALA C 24 14.88 -19.62 -6.84
N SER C 25 15.96 -18.88 -7.01
CA SER C 25 16.16 -17.69 -6.19
C SER C 25 15.18 -16.52 -6.48
N GLY C 26 14.41 -16.59 -7.56
CA GLY C 26 13.48 -15.52 -7.86
C GLY C 26 12.01 -15.88 -7.61
N TYR C 27 11.09 -14.97 -7.93
CA TYR C 27 9.66 -15.23 -7.69
C TYR C 27 8.98 -16.27 -8.59
N THR C 28 9.33 -16.31 -9.87
CA THR C 28 8.68 -17.31 -10.72
C THR C 28 9.03 -18.71 -10.23
N GLY C 29 10.26 -18.88 -9.76
CA GLY C 29 10.68 -20.17 -9.24
C GLY C 29 9.95 -20.48 -7.94
N ALA C 30 9.98 -19.51 -7.01
CA ALA C 30 9.30 -19.71 -5.75
C ALA C 30 7.82 -20.04 -6.00
N GLU C 31 7.27 -19.48 -7.08
CA GLU C 31 5.87 -19.71 -7.41
C GLU C 31 5.59 -21.15 -7.82
N ILE C 32 6.45 -21.71 -8.65
CA ILE C 32 6.30 -23.10 -9.08
C ILE C 32 6.36 -23.99 -7.86
N VAL C 33 7.23 -23.63 -6.91
CA VAL C 33 7.36 -24.41 -5.69
C VAL C 33 6.06 -24.39 -4.87
N ARG C 34 5.57 -23.20 -4.51
CA ARG C 34 4.33 -23.11 -3.74
C ARG C 34 3.23 -23.88 -4.46
N LEU C 35 3.16 -23.69 -5.78
CA LEU C 35 2.15 -24.37 -6.57
C LEU C 35 2.25 -25.91 -6.56
N LEU C 36 3.45 -26.44 -6.69
CA LEU C 36 3.59 -27.89 -6.69
C LEU C 36 3.43 -28.49 -5.31
N ALA C 37 3.59 -27.65 -4.27
CA ALA C 37 3.49 -28.09 -2.88
C ALA C 37 2.31 -29.00 -2.65
N ASN C 38 1.19 -28.77 -3.32
CA ASN C 38 0.07 -29.66 -3.09
C ASN C 38 -0.43 -30.31 -4.38
N HIS C 39 0.47 -30.41 -5.36
CA HIS C 39 0.14 -31.05 -6.61
C HIS C 39 0.09 -32.57 -6.32
N PRO C 40 -1.06 -33.21 -6.55
CA PRO C 40 -1.23 -34.65 -6.29
C PRO C 40 -0.29 -35.64 -6.98
N HIS C 41 0.59 -35.19 -7.87
CA HIS C 41 1.49 -36.12 -8.55
C HIS C 41 2.93 -35.64 -8.75
N PHE C 42 3.11 -34.32 -8.92
CA PHE C 42 4.43 -33.75 -9.16
C PHE C 42 5.12 -33.35 -7.86
N GLN C 43 6.36 -33.77 -7.72
CA GLN C 43 7.14 -33.48 -6.53
C GLN C 43 8.46 -32.86 -6.94
N VAL C 44 8.78 -31.69 -6.40
CA VAL C 44 10.02 -31.02 -6.75
C VAL C 44 11.20 -31.87 -6.28
N THR C 45 11.91 -32.49 -7.22
CA THR C 45 13.05 -33.35 -6.90
C THR C 45 14.35 -32.89 -7.59
N LEU C 46 14.52 -31.58 -7.74
CA LEU C 46 15.73 -31.04 -8.36
C LEU C 46 15.63 -29.53 -8.65
N MET C 47 16.24 -28.73 -7.79
CA MET C 47 16.22 -27.25 -7.95
C MET C 47 17.60 -26.62 -8.15
N THR C 48 17.68 -25.65 -9.06
CA THR C 48 18.93 -24.96 -9.35
C THR C 48 18.96 -23.48 -8.96
N ALA C 49 20.13 -23.02 -8.55
CA ALA C 49 20.34 -21.63 -8.16
C ALA C 49 21.84 -21.46 -7.94
N ASP C 50 22.58 -21.39 -9.04
CA ASP C 50 24.02 -21.26 -8.99
C ASP C 50 24.55 -20.24 -7.98
N ARG C 51 24.20 -18.97 -8.17
CA ARG C 51 24.67 -17.92 -7.26
C ARG C 51 24.29 -18.19 -5.80
N LYS C 52 23.46 -19.20 -5.57
CA LYS C 52 23.02 -19.54 -4.21
C LYS C 52 23.14 -21.02 -3.90
N ALA C 53 23.86 -21.76 -4.75
CA ALA C 53 24.03 -23.19 -4.53
C ALA C 53 24.80 -23.36 -3.22
N GLY C 54 24.41 -24.37 -2.45
CA GLY C 54 25.05 -24.60 -1.18
C GLY C 54 24.34 -23.85 -0.07
N GLN C 55 23.23 -23.19 -0.42
CA GLN C 55 22.43 -22.44 0.56
C GLN C 55 21.06 -23.06 0.57
N SER C 56 20.41 -23.04 1.73
CA SER C 56 19.06 -23.59 1.90
C SER C 56 18.01 -22.79 1.11
N MET C 57 16.92 -23.43 0.74
CA MET C 57 15.86 -22.74 0.00
C MET C 57 15.16 -21.74 0.92
N GLU C 58 14.98 -22.13 2.17
CA GLU C 58 14.34 -21.27 3.17
C GLU C 58 15.18 -20.03 3.41
N SER C 59 16.50 -20.21 3.47
CA SER C 59 17.40 -19.08 3.70
C SER C 59 17.22 -17.97 2.65
N VAL C 60 16.74 -18.36 1.47
CA VAL C 60 16.47 -17.46 0.35
C VAL C 60 14.99 -16.98 0.47
N PHE C 61 14.10 -17.92 0.75
CA PHE C 61 12.68 -17.67 0.92
C PHE C 61 12.16 -18.32 2.20
N PRO C 62 12.30 -17.63 3.34
CA PRO C 62 11.85 -18.09 4.65
C PRO C 62 10.39 -18.51 4.70
N HIS C 63 9.58 -17.99 3.80
CA HIS C 63 8.18 -18.34 3.84
C HIS C 63 7.97 -19.76 3.38
N LEU C 64 9.04 -20.43 2.97
CA LEU C 64 8.91 -21.80 2.49
C LEU C 64 9.26 -22.87 3.53
N ARG C 65 9.60 -22.44 4.75
CA ARG C 65 10.00 -23.39 5.79
C ARG C 65 9.17 -24.67 5.97
N ALA C 66 7.84 -24.58 5.89
CA ALA C 66 6.99 -25.75 6.08
C ALA C 66 7.26 -26.84 5.04
N GLN C 67 7.98 -26.48 3.99
CA GLN C 67 8.28 -27.43 2.95
C GLN C 67 9.64 -28.12 3.06
N LYS C 68 9.64 -29.42 2.81
CA LYS C 68 10.87 -30.20 2.81
C LYS C 68 11.24 -30.23 1.34
N LEU C 69 12.26 -29.47 0.98
CA LEU C 69 12.67 -29.36 -0.41
C LEU C 69 14.12 -29.70 -0.63
N PRO C 70 14.49 -29.96 -1.90
CA PRO C 70 15.85 -30.29 -2.29
C PRO C 70 16.76 -29.09 -2.06
N THR C 71 17.98 -29.34 -1.59
CA THR C 71 18.94 -28.28 -1.35
C THR C 71 19.39 -27.77 -2.73
N LEU C 72 19.55 -26.45 -2.86
CA LEU C 72 19.94 -25.84 -4.13
C LEU C 72 21.25 -26.40 -4.69
N VAL C 73 21.18 -26.89 -5.92
CA VAL C 73 22.34 -27.45 -6.61
C VAL C 73 22.65 -26.66 -7.88
N SER C 74 23.93 -26.60 -8.22
CA SER C 74 24.40 -25.90 -9.41
C SER C 74 23.90 -26.63 -10.65
N VAL C 75 23.66 -25.89 -11.73
CA VAL C 75 23.18 -26.51 -12.97
C VAL C 75 24.13 -27.63 -13.37
N LYS C 76 25.40 -27.43 -13.09
CA LYS C 76 26.41 -28.43 -13.42
C LYS C 76 26.05 -29.76 -12.76
N ASP C 77 26.02 -29.76 -11.43
CA ASP C 77 25.73 -30.94 -10.64
C ASP C 77 24.34 -31.53 -10.87
N ALA C 78 23.49 -30.82 -11.60
CA ALA C 78 22.14 -31.30 -11.85
C ALA C 78 22.05 -32.50 -12.80
N ASP C 79 21.45 -33.59 -12.30
CA ASP C 79 21.27 -34.80 -13.10
C ASP C 79 19.83 -34.92 -13.60
N PHE C 80 19.61 -34.65 -14.88
CA PHE C 80 18.26 -34.68 -15.45
C PHE C 80 17.73 -36.02 -15.94
N SER C 81 18.17 -37.10 -15.30
CA SER C 81 17.72 -38.44 -15.64
C SER C 81 16.84 -38.94 -14.50
N THR C 82 16.93 -38.28 -13.36
CA THR C 82 16.13 -38.62 -12.19
C THR C 82 14.80 -37.91 -12.18
N VAL C 83 14.66 -36.90 -13.06
CA VAL C 83 13.43 -36.13 -13.15
C VAL C 83 12.73 -36.38 -14.49
N ASP C 84 11.40 -36.41 -14.47
CA ASP C 84 10.61 -36.67 -15.67
C ASP C 84 10.47 -35.47 -16.62
N ALA C 85 10.32 -34.27 -16.06
CA ALA C 85 10.17 -33.06 -16.85
C ALA C 85 10.77 -31.93 -16.02
N VAL C 86 11.04 -30.79 -16.65
CA VAL C 86 11.61 -29.68 -15.93
C VAL C 86 11.02 -28.30 -16.30
N PHE C 87 10.92 -27.41 -15.32
CA PHE C 87 10.47 -26.02 -15.49
C PHE C 87 11.79 -25.25 -15.47
N CYS C 88 11.92 -24.25 -16.33
CA CYS C 88 13.15 -23.47 -16.39
C CYS C 88 12.90 -21.95 -16.24
N CYS C 89 13.57 -21.35 -15.25
CA CYS C 89 13.43 -19.93 -14.92
C CYS C 89 14.79 -19.22 -14.99
N LEU C 90 15.58 -19.52 -16.02
CA LEU C 90 16.90 -18.92 -16.20
C LEU C 90 16.87 -17.43 -16.49
N PRO C 91 17.99 -16.73 -16.20
CA PRO C 91 18.18 -15.29 -16.40
C PRO C 91 18.20 -14.91 -17.88
N HIS C 92 18.37 -13.61 -18.15
CA HIS C 92 18.41 -13.11 -19.52
C HIS C 92 19.64 -13.63 -20.24
N GLY C 93 19.46 -14.01 -21.51
CA GLY C 93 20.56 -14.54 -22.30
C GLY C 93 21.35 -15.61 -21.58
N THR C 94 20.66 -16.64 -21.10
CA THR C 94 21.31 -17.74 -20.40
C THR C 94 20.58 -19.06 -20.65
N THR C 95 19.34 -18.94 -21.14
CA THR C 95 18.48 -20.10 -21.39
C THR C 95 18.82 -21.02 -22.56
N GLN C 96 18.91 -20.44 -23.76
CA GLN C 96 19.19 -21.20 -24.96
C GLN C 96 20.34 -22.18 -24.86
N GLU C 97 21.47 -21.75 -24.28
CA GLU C 97 22.62 -22.64 -24.14
C GLU C 97 22.35 -23.82 -23.21
N ILE C 98 21.74 -23.54 -22.06
CA ILE C 98 21.44 -24.57 -21.07
C ILE C 98 20.39 -25.58 -21.56
N ILE C 99 19.28 -25.09 -22.08
CA ILE C 99 18.22 -25.97 -22.57
C ILE C 99 18.72 -26.70 -23.81
N LYS C 100 19.80 -26.16 -24.37
CA LYS C 100 20.41 -26.73 -25.56
C LYS C 100 20.96 -28.13 -25.27
N GLU C 101 21.65 -28.26 -24.14
CA GLU C 101 22.26 -29.52 -23.76
C GLU C 101 21.46 -30.39 -22.79
N LEU C 102 20.13 -30.23 -22.76
CA LEU C 102 19.30 -31.04 -21.87
C LEU C 102 18.96 -32.39 -22.51
N PRO C 103 18.84 -33.44 -21.70
CA PRO C 103 18.53 -34.80 -22.17
C PRO C 103 17.16 -34.91 -22.85
N THR C 104 17.18 -35.10 -24.16
CA THR C 104 15.97 -35.20 -24.95
C THR C 104 14.82 -36.04 -24.37
N ALA C 105 15.09 -36.83 -23.34
CA ALA C 105 14.01 -37.63 -22.75
C ALA C 105 13.29 -36.77 -21.73
N LEU C 106 13.60 -35.49 -21.73
CA LEU C 106 12.98 -34.58 -20.79
C LEU C 106 11.91 -33.73 -21.45
N LYS C 107 10.75 -33.61 -20.80
CA LYS C 107 9.72 -32.71 -21.30
C LYS C 107 10.08 -31.42 -20.58
N ILE C 108 10.19 -30.32 -21.31
CA ILE C 108 10.59 -29.03 -20.73
C ILE C 108 9.62 -27.83 -20.87
N VAL C 109 9.73 -26.89 -19.94
CA VAL C 109 8.93 -25.67 -20.00
C VAL C 109 9.84 -24.56 -19.51
N ASP C 110 10.20 -23.69 -20.45
CA ASP C 110 11.06 -22.56 -20.12
C ASP C 110 10.20 -21.31 -19.87
N LEU C 111 10.24 -20.81 -18.65
CA LEU C 111 9.48 -19.59 -18.34
C LEU C 111 10.19 -18.36 -18.91
N SER C 112 11.41 -18.52 -19.43
CA SER C 112 12.11 -17.38 -19.99
C SER C 112 11.46 -17.01 -21.34
N ALA C 113 11.86 -15.86 -21.87
CA ALA C 113 11.34 -15.36 -23.13
C ALA C 113 12.16 -15.83 -24.34
N ASP C 114 13.37 -16.31 -24.09
CA ASP C 114 14.31 -16.68 -25.13
C ASP C 114 13.96 -17.69 -26.22
N PHE C 115 12.84 -18.40 -26.07
CA PHE C 115 12.37 -19.38 -27.07
C PHE C 115 10.95 -19.09 -27.58
N ARG C 116 10.39 -17.92 -27.25
CA ARG C 116 9.04 -17.56 -27.68
C ARG C 116 8.94 -17.08 -29.14
N LEU C 117 9.99 -16.40 -29.60
CA LEU C 117 9.97 -15.88 -30.97
C LEU C 117 10.37 -16.95 -31.97
N ARG C 118 9.55 -17.16 -33.00
CA ARG C 118 9.85 -18.17 -34.01
C ARG C 118 10.88 -17.61 -35.01
N ASN C 119 10.77 -16.33 -35.34
CA ASN C 119 11.70 -15.73 -36.26
C ASN C 119 12.98 -15.29 -35.56
N ILE C 120 14.07 -16.00 -35.85
CA ILE C 120 15.38 -15.77 -35.27
C ILE C 120 15.88 -14.32 -35.37
N ALA C 121 15.62 -13.67 -36.51
CA ALA C 121 16.06 -12.30 -36.69
C ALA C 121 15.37 -11.39 -35.68
N GLU C 122 14.05 -11.56 -35.54
CA GLU C 122 13.29 -10.74 -34.60
C GLU C 122 13.83 -10.93 -33.19
N TYR C 123 14.26 -12.16 -32.88
CA TYR C 123 14.78 -12.42 -31.54
C TYR C 123 16.01 -11.55 -31.31
N GLU C 124 16.92 -11.63 -32.26
CA GLU C 124 18.16 -10.86 -32.17
C GLU C 124 17.96 -9.35 -32.16
N GLU C 125 16.99 -8.86 -32.93
CA GLU C 125 16.74 -7.43 -32.95
C GLU C 125 16.14 -6.95 -31.64
N TRP C 126 15.11 -7.65 -31.16
CA TRP C 126 14.45 -7.23 -29.93
C TRP C 126 15.18 -7.59 -28.66
N TYR C 127 15.94 -8.66 -28.71
CA TYR C 127 16.65 -9.10 -27.52
C TYR C 127 18.16 -8.88 -27.60
N GLY C 128 18.58 -8.12 -28.61
CA GLY C 128 19.98 -7.79 -28.80
C GLY C 128 21.03 -8.83 -28.46
N GLN C 129 20.92 -10.01 -29.06
CA GLN C 129 21.88 -11.07 -28.81
C GLN C 129 21.70 -12.19 -29.82
N PRO C 130 22.77 -12.97 -30.06
CA PRO C 130 22.68 -14.08 -31.02
C PRO C 130 21.81 -15.17 -30.44
N HIS C 131 20.88 -15.67 -31.25
CA HIS C 131 20.05 -16.76 -30.81
C HIS C 131 21.02 -17.94 -30.84
N LYS C 132 21.38 -18.44 -29.66
CA LYS C 132 22.33 -19.54 -29.55
C LYS C 132 21.75 -20.95 -29.66
N ALA C 133 20.59 -21.10 -30.28
CA ALA C 133 20.00 -22.42 -30.41
C ALA C 133 18.95 -22.38 -31.49
N VAL C 134 19.33 -21.81 -32.62
CA VAL C 134 18.41 -21.67 -33.74
C VAL C 134 17.73 -22.95 -34.16
N GLU C 135 18.40 -24.09 -34.05
CA GLU C 135 17.80 -25.36 -34.47
C GLU C 135 16.67 -25.86 -33.56
N LEU C 136 16.95 -25.88 -32.26
CA LEU C 136 15.98 -26.32 -31.27
C LEU C 136 14.71 -25.48 -31.38
N GLN C 137 14.90 -24.18 -31.65
CA GLN C 137 13.77 -23.27 -31.77
C GLN C 137 12.69 -23.84 -32.67
N LYS C 138 13.09 -24.68 -33.61
CA LYS C 138 12.14 -25.29 -34.53
C LYS C 138 11.16 -26.27 -33.88
N GLU C 139 11.55 -26.86 -32.76
CA GLU C 139 10.66 -27.81 -32.12
C GLU C 139 9.86 -27.23 -30.95
N VAL C 140 10.14 -25.97 -30.62
CA VAL C 140 9.47 -25.27 -29.52
C VAL C 140 7.99 -24.95 -29.74
N VAL C 141 7.19 -25.09 -28.68
CA VAL C 141 5.77 -24.76 -28.80
C VAL C 141 5.41 -23.67 -27.79
N TYR C 142 4.69 -22.65 -28.25
CA TYR C 142 4.29 -21.54 -27.39
C TYR C 142 3.22 -21.97 -26.36
N GLY C 143 3.49 -21.72 -25.08
CA GLY C 143 2.56 -22.13 -24.04
C GLY C 143 1.33 -21.30 -23.64
N LEU C 144 0.36 -21.16 -24.55
CA LEU C 144 -0.88 -20.42 -24.25
C LEU C 144 -1.93 -21.55 -24.25
N THR C 145 -1.98 -22.27 -23.13
CA THR C 145 -2.81 -23.45 -23.00
C THR C 145 -4.18 -23.54 -23.66
N GLU C 146 -5.10 -22.64 -23.34
CA GLU C 146 -6.44 -22.73 -23.94
C GLU C 146 -6.49 -22.52 -25.46
N ILE C 147 -5.43 -21.99 -26.04
CA ILE C 147 -5.41 -21.78 -27.48
C ILE C 147 -4.59 -22.82 -28.27
N LEU C 148 -3.57 -23.39 -27.64
CA LEU C 148 -2.70 -24.34 -28.31
C LEU C 148 -2.59 -25.68 -27.57
N ARG C 149 -3.53 -25.91 -26.66
CA ARG C 149 -3.56 -27.12 -25.83
C ARG C 149 -3.08 -28.39 -26.55
N GLU C 150 -3.63 -28.70 -27.72
CA GLU C 150 -3.25 -29.93 -28.41
C GLU C 150 -1.78 -30.03 -28.77
N ASP C 151 -1.24 -28.99 -29.39
CA ASP C 151 0.18 -29.00 -29.76
C ASP C 151 1.06 -29.11 -28.54
N ILE C 152 0.68 -28.41 -27.47
CA ILE C 152 1.45 -28.41 -26.23
C ILE C 152 1.62 -29.84 -25.67
N LYS C 153 0.55 -30.64 -25.69
CA LYS C 153 0.58 -32.03 -25.19
C LYS C 153 1.70 -32.85 -25.87
N LYS C 154 1.74 -32.74 -27.19
CA LYS C 154 2.70 -33.47 -27.99
C LYS C 154 4.07 -32.84 -27.96
N ALA C 155 4.18 -31.67 -27.34
CA ALA C 155 5.46 -30.97 -27.28
C ALA C 155 6.41 -31.46 -26.22
N ARG C 156 7.70 -31.42 -26.54
CA ARG C 156 8.73 -31.82 -25.60
C ARG C 156 9.17 -30.55 -24.89
N LEU C 157 9.49 -29.53 -25.67
CA LEU C 157 9.94 -28.24 -25.14
C LEU C 157 8.88 -27.18 -25.33
N VAL C 158 8.60 -26.46 -24.25
CA VAL C 158 7.59 -25.40 -24.26
C VAL C 158 8.11 -24.08 -23.72
N ALA C 159 7.89 -23.00 -24.48
CA ALA C 159 8.29 -21.65 -24.07
C ALA C 159 7.08 -21.07 -23.36
N ASN C 160 7.22 -20.80 -22.07
CA ASN C 160 6.10 -20.28 -21.29
C ASN C 160 5.98 -18.75 -21.39
N PRO C 161 4.92 -18.28 -22.07
CA PRO C 161 4.60 -16.87 -22.30
C PRO C 161 4.86 -15.90 -21.16
N GLY C 162 4.98 -14.62 -21.52
CA GLY C 162 5.18 -13.59 -20.53
C GLY C 162 3.82 -13.13 -20.03
N CYS C 163 3.78 -12.49 -18.86
CA CYS C 163 2.53 -12.03 -18.27
C CYS C 163 1.63 -11.16 -19.18
N TYR C 164 2.12 -10.00 -19.62
CA TYR C 164 1.32 -9.15 -20.50
C TYR C 164 0.75 -9.84 -21.72
N PRO C 165 1.56 -10.61 -22.46
CA PRO C 165 1.00 -11.27 -23.64
C PRO C 165 -0.16 -12.21 -23.33
N THR C 166 -0.11 -12.89 -22.20
CA THR C 166 -1.20 -13.81 -21.83
C THR C 166 -2.51 -13.03 -21.65
N THR C 167 -2.43 -11.83 -21.07
CA THR C 167 -3.64 -11.03 -20.89
C THR C 167 -4.20 -10.48 -22.21
N ILE C 168 -3.37 -10.44 -23.26
CA ILE C 168 -3.79 -9.88 -24.56
C ILE C 168 -4.21 -10.93 -25.58
N GLN C 169 -3.61 -12.11 -25.49
CA GLN C 169 -3.95 -13.18 -26.42
C GLN C 169 -5.24 -13.91 -26.09
N LEU C 170 -5.51 -14.14 -24.81
CA LEU C 170 -6.74 -14.84 -24.41
C LEU C 170 -7.98 -14.08 -24.88
N PRO C 171 -7.93 -12.74 -24.84
CA PRO C 171 -9.05 -11.89 -25.28
C PRO C 171 -9.16 -11.84 -26.80
N LEU C 172 -8.04 -11.49 -27.43
CA LEU C 172 -8.03 -11.29 -28.88
C LEU C 172 -7.96 -12.42 -29.87
N VAL C 173 -7.21 -13.48 -29.59
CA VAL C 173 -7.10 -14.59 -30.56
C VAL C 173 -8.46 -15.15 -31.01
N PRO C 174 -9.41 -15.30 -30.09
CA PRO C 174 -10.73 -15.81 -30.45
C PRO C 174 -11.41 -14.84 -31.42
N LEU C 175 -11.16 -13.54 -31.21
CA LEU C 175 -11.78 -12.50 -32.04
C LEU C 175 -11.14 -12.25 -33.39
N LEU C 176 -9.86 -12.61 -33.52
CA LEU C 176 -9.15 -12.43 -34.79
C LEU C 176 -9.47 -13.60 -35.74
N LYS C 177 -9.70 -14.78 -35.17
CA LYS C 177 -9.99 -15.95 -35.96
C LYS C 177 -11.38 -15.84 -36.60
N ALA C 178 -12.23 -15.03 -36.00
CA ALA C 178 -13.60 -14.83 -36.49
C ALA C 178 -13.77 -13.43 -37.05
N ASN C 179 -12.65 -12.81 -37.42
CA ASN C 179 -12.63 -11.46 -37.98
C ASN C 179 -13.74 -10.56 -37.45
N LEU C 180 -13.99 -10.57 -36.14
CA LEU C 180 -15.03 -9.73 -35.58
C LEU C 180 -14.51 -8.33 -35.23
N ILE C 181 -13.22 -8.09 -35.49
CA ILE C 181 -12.61 -6.79 -35.20
C ILE C 181 -11.52 -6.54 -36.23
N LYS C 182 -11.20 -5.27 -36.48
CA LYS C 182 -10.17 -4.92 -37.44
C LYS C 182 -8.81 -5.31 -36.91
N HIS C 183 -7.81 -5.40 -37.76
CA HIS C 183 -6.49 -5.77 -37.29
C HIS C 183 -5.56 -4.56 -37.15
N GLU C 184 -6.10 -3.37 -37.43
CA GLU C 184 -5.33 -2.14 -37.35
C GLU C 184 -5.79 -1.29 -36.16
N ASN C 185 -4.89 -0.46 -35.65
CA ASN C 185 -5.19 0.40 -34.52
C ASN C 185 -5.63 -0.32 -33.25
N ILE C 186 -5.07 -1.51 -33.01
CA ILE C 186 -5.39 -2.24 -31.79
C ILE C 186 -4.40 -1.62 -30.78
N ILE C 187 -4.93 -0.82 -29.86
CA ILE C 187 -4.12 -0.13 -28.86
C ILE C 187 -4.36 -0.74 -27.49
N ILE C 188 -3.27 -1.02 -26.77
CA ILE C 188 -3.35 -1.64 -25.46
C ILE C 188 -2.75 -0.81 -24.33
N ASP C 189 -3.51 -0.57 -23.27
CA ASP C 189 -2.97 0.15 -22.13
C ASP C 189 -2.99 -0.86 -20.96
N ALA C 190 -1.82 -1.46 -20.69
CA ALA C 190 -1.69 -2.47 -19.66
C ALA C 190 -1.14 -1.97 -18.34
N LYS C 191 -1.53 -2.67 -17.29
CA LYS C 191 -1.17 -2.32 -15.93
C LYS C 191 -0.70 -3.55 -15.18
N SER C 192 0.53 -3.53 -14.70
CA SER C 192 1.05 -4.69 -14.01
C SER C 192 1.59 -4.41 -12.64
N GLY C 193 1.38 -5.38 -11.74
CA GLY C 193 1.90 -5.27 -10.41
C GLY C 193 3.42 -5.37 -10.57
N VAL C 194 4.15 -4.68 -9.73
CA VAL C 194 5.60 -4.65 -9.81
C VAL C 194 6.25 -6.05 -9.73
N SER C 195 5.66 -6.98 -8.96
CA SER C 195 6.22 -8.34 -8.85
C SER C 195 6.71 -8.87 -10.22
N GLY C 196 6.09 -8.42 -11.29
CA GLY C 196 6.50 -8.84 -12.62
C GLY C 196 7.93 -8.47 -12.97
N ALA C 197 8.48 -7.43 -12.33
CA ALA C 197 9.84 -7.00 -12.59
C ALA C 197 10.80 -7.89 -11.81
N GLY C 198 10.28 -9.01 -11.33
CA GLY C 198 11.10 -9.94 -10.59
C GLY C 198 11.66 -9.35 -9.30
N ARG C 199 12.41 -10.20 -8.60
CA ARG C 199 13.05 -9.88 -7.33
C ARG C 199 14.35 -9.14 -7.51
N GLY C 200 14.61 -8.69 -8.73
CA GLY C 200 15.84 -7.95 -8.99
C GLY C 200 15.84 -6.66 -8.21
N ALA C 201 16.95 -6.43 -7.52
CA ALA C 201 17.15 -5.26 -6.69
C ALA C 201 17.47 -4.06 -7.57
N LYS C 202 16.99 -2.89 -7.14
CA LYS C 202 17.22 -1.65 -7.86
C LYS C 202 16.46 -0.50 -7.24
N GLU C 203 17.02 0.70 -7.40
CA GLU C 203 16.44 1.92 -6.87
C GLU C 203 15.01 2.11 -7.40
N ALA C 204 14.76 1.54 -8.56
CA ALA C 204 13.47 1.68 -9.19
C ALA C 204 12.37 0.78 -8.64
N ASN C 205 12.68 -0.10 -7.69
CA ASN C 205 11.65 -0.96 -7.16
C ASN C 205 11.55 -1.04 -5.65
N LEU C 206 12.23 -0.13 -4.97
CA LEU C 206 12.17 -0.06 -3.51
C LEU C 206 10.74 0.34 -3.11
N TYR C 207 10.35 0.04 -1.87
CA TYR C 207 9.01 0.43 -1.43
C TYR C 207 8.80 1.94 -1.61
N SER C 208 9.76 2.75 -1.15
CA SER C 208 9.67 4.18 -1.22
C SER C 208 9.58 4.81 -2.63
N GLU C 209 10.03 4.08 -3.66
CA GLU C 209 9.99 4.58 -5.04
C GLU C 209 8.71 4.16 -5.79
N ILE C 210 8.15 3.02 -5.42
CA ILE C 210 6.95 2.49 -6.10
C ILE C 210 5.65 2.89 -5.44
N ALA C 211 5.67 2.98 -4.13
CA ALA C 211 4.45 3.26 -3.41
C ALA C 211 3.83 4.62 -3.62
N GLU C 212 2.49 4.61 -3.60
CA GLU C 212 1.65 5.79 -3.71
C GLU C 212 1.89 6.65 -4.94
N GLY C 213 1.98 6.00 -6.09
CA GLY C 213 2.16 6.70 -7.34
C GLY C 213 2.11 5.79 -8.54
N ILE C 214 2.20 6.38 -9.74
CA ILE C 214 2.20 5.59 -10.96
C ILE C 214 3.11 6.21 -12.01
N SER C 215 3.52 5.37 -12.96
CA SER C 215 4.36 5.75 -14.08
C SER C 215 4.22 4.55 -15.00
N SER C 216 4.16 4.79 -16.32
CA SER C 216 4.06 3.72 -17.30
C SER C 216 5.48 3.34 -17.72
N TYR C 217 5.65 2.39 -18.64
CA TYR C 217 7.00 2.04 -19.09
C TYR C 217 6.98 1.31 -20.42
N GLY C 218 8.18 1.00 -20.93
CA GLY C 218 8.29 0.31 -22.21
C GLY C 218 7.50 1.05 -23.28
N VAL C 219 7.54 2.37 -23.25
CA VAL C 219 6.80 3.16 -24.22
C VAL C 219 7.30 2.99 -25.65
N THR C 220 6.37 2.64 -26.53
CA THR C 220 6.64 2.44 -27.95
C THR C 220 7.35 1.14 -28.32
N ARG C 221 8.16 0.61 -27.40
CA ARG C 221 8.90 -0.61 -27.68
C ARG C 221 9.20 -1.42 -26.44
N HIS C 222 8.48 -2.50 -26.23
CA HIS C 222 8.72 -3.36 -25.09
C HIS C 222 8.90 -4.77 -25.66
N ARG C 223 9.79 -5.57 -25.07
CA ARG C 223 10.06 -6.91 -25.61
C ARG C 223 8.86 -7.84 -25.76
N HIS C 224 7.73 -7.48 -25.17
CA HIS C 224 6.54 -8.32 -25.31
C HIS C 224 5.80 -8.03 -26.59
N VAL C 225 6.19 -6.95 -27.27
CA VAL C 225 5.53 -6.56 -28.54
C VAL C 225 5.65 -7.63 -29.63
N PRO C 226 6.88 -7.97 -30.09
CA PRO C 226 6.98 -9.00 -31.15
C PRO C 226 6.17 -10.28 -30.86
N GLU C 227 6.15 -10.68 -29.60
CA GLU C 227 5.38 -11.86 -29.14
C GLU C 227 3.88 -11.67 -29.39
N ILE C 228 3.38 -10.47 -29.08
CA ILE C 228 1.98 -10.13 -29.29
C ILE C 228 1.68 -10.20 -30.78
N GLU C 229 2.51 -9.52 -31.58
CA GLU C 229 2.32 -9.50 -33.02
C GLU C 229 2.33 -10.93 -33.59
N GLN C 230 3.31 -11.74 -33.19
CA GLN C 230 3.40 -13.13 -33.67
C GLN C 230 2.06 -13.83 -33.48
N GLY C 231 1.55 -13.77 -32.25
CA GLY C 231 0.28 -14.40 -31.94
C GLY C 231 -0.86 -13.84 -32.77
N LEU C 232 -1.03 -12.52 -32.74
CA LEU C 232 -2.10 -11.85 -33.50
C LEU C 232 -1.98 -12.14 -35.01
N SER C 233 -0.82 -11.87 -35.59
CA SER C 233 -0.62 -12.11 -37.02
C SER C 233 -1.00 -13.55 -37.38
N ASP C 234 -0.61 -14.48 -36.52
CA ASP C 234 -0.92 -15.89 -36.72
C ASP C 234 -2.36 -16.06 -37.16
N VAL C 235 -3.31 -15.54 -36.39
CA VAL C 235 -4.74 -15.65 -36.72
C VAL C 235 -5.26 -14.45 -37.51
N ALA C 236 -4.40 -13.46 -37.74
CA ALA C 236 -4.80 -12.28 -38.50
C ALA C 236 -4.76 -12.61 -40.00
N GLN C 237 -4.02 -13.66 -40.34
CA GLN C 237 -3.90 -14.05 -41.73
C GLN C 237 -3.16 -12.89 -42.41
N SER C 238 -2.46 -12.12 -41.57
CA SER C 238 -1.68 -10.96 -41.97
C SER C 238 -0.88 -10.41 -40.78
N LYS C 239 0.22 -9.71 -41.04
CA LYS C 239 1.04 -9.16 -39.98
C LYS C 239 0.30 -8.01 -39.30
N VAL C 240 0.21 -8.08 -37.98
CA VAL C 240 -0.46 -7.06 -37.21
C VAL C 240 0.53 -6.22 -36.43
N THR C 241 0.30 -4.91 -36.42
CA THR C 241 1.15 -3.97 -35.68
C THR C 241 0.24 -3.31 -34.61
N VAL C 242 0.65 -3.40 -33.35
CA VAL C 242 -0.13 -2.84 -32.26
C VAL C 242 0.59 -1.71 -31.52
N SER C 243 -0.16 -1.06 -30.63
CA SER C 243 0.39 -0.03 -29.77
C SER C 243 0.21 -0.73 -28.42
N PHE C 244 1.25 -0.70 -27.60
CA PHE C 244 1.20 -1.41 -26.32
C PHE C 244 2.02 -0.64 -25.29
N THR C 245 1.35 -0.22 -24.22
CA THR C 245 2.02 0.55 -23.19
C THR C 245 1.73 -0.01 -21.80
N PRO C 246 2.75 -0.63 -21.16
CA PRO C 246 2.62 -1.21 -19.81
C PRO C 246 2.64 -0.13 -18.74
N HIS C 247 2.17 -0.47 -17.54
CA HIS C 247 2.14 0.44 -16.40
C HIS C 247 2.49 -0.26 -15.11
N LEU C 248 3.39 0.34 -14.35
CA LEU C 248 3.85 -0.24 -13.10
C LEU C 248 2.95 0.25 -11.97
N MET C 249 2.19 -0.68 -11.38
CA MET C 249 1.26 -0.40 -10.29
C MET C 249 1.88 -0.54 -8.89
N PRO C 250 1.52 0.36 -7.96
CA PRO C 250 2.06 0.28 -6.61
C PRO C 250 1.39 -0.86 -5.85
N MET C 251 1.38 -2.03 -6.46
CA MET C 251 0.80 -3.22 -5.84
C MET C 251 1.69 -4.39 -6.22
N ILE C 252 1.74 -5.40 -5.35
CA ILE C 252 2.57 -6.57 -5.59
C ILE C 252 2.13 -7.43 -6.76
N ARG C 253 0.87 -7.84 -6.75
CA ARG C 253 0.38 -8.73 -7.81
C ARG C 253 -0.82 -8.20 -8.59
N GLY C 254 -1.03 -8.74 -9.79
CA GLY C 254 -2.16 -8.32 -10.57
C GLY C 254 -1.83 -7.71 -11.92
N MET C 255 -2.60 -8.09 -12.92
CA MET C 255 -2.37 -7.58 -14.25
C MET C 255 -3.67 -7.36 -15.00
N GLN C 256 -3.71 -6.24 -15.74
CA GLN C 256 -4.87 -5.89 -16.53
C GLN C 256 -4.55 -5.34 -17.90
N SER C 257 -5.27 -5.83 -18.90
CA SER C 257 -5.17 -5.28 -20.24
C SER C 257 -6.52 -4.64 -20.52
N THR C 258 -6.50 -3.35 -20.90
CA THR C 258 -7.69 -2.61 -21.31
C THR C 258 -7.31 -2.24 -22.75
N ILE C 259 -7.92 -2.93 -23.71
CA ILE C 259 -7.63 -2.77 -25.15
C ILE C 259 -8.80 -2.14 -25.91
N TYR C 260 -8.49 -1.15 -26.75
CA TYR C 260 -9.46 -0.45 -27.56
C TYR C 260 -9.32 -0.96 -29.00
N VAL C 261 -10.39 -1.49 -29.55
CA VAL C 261 -10.33 -2.04 -30.90
C VAL C 261 -11.48 -1.63 -31.84
N GLU C 262 -11.14 -1.58 -33.13
CA GLU C 262 -12.06 -1.22 -34.18
C GLU C 262 -12.76 -2.51 -34.55
N MET C 263 -14.07 -2.55 -34.37
CA MET C 263 -14.84 -3.75 -34.70
C MET C 263 -14.96 -3.89 -36.21
N ALA C 264 -15.34 -5.08 -36.67
CA ALA C 264 -15.50 -5.33 -38.10
C ALA C 264 -16.82 -4.74 -38.59
N PRO C 265 -16.91 -4.49 -39.90
CA PRO C 265 -18.13 -3.91 -40.49
C PRO C 265 -19.36 -4.73 -40.11
N GLY C 266 -20.41 -4.02 -39.67
CA GLY C 266 -21.65 -4.69 -39.28
C GLY C 266 -21.57 -5.53 -38.03
N VAL C 267 -20.56 -5.28 -37.21
CA VAL C 267 -20.34 -6.02 -35.96
C VAL C 267 -20.60 -5.10 -34.75
N ARG C 268 -21.33 -5.64 -33.76
CA ARG C 268 -21.64 -4.88 -32.56
C ARG C 268 -21.05 -5.60 -31.35
N THR C 269 -20.82 -4.88 -30.25
CA THR C 269 -20.20 -5.52 -29.08
C THR C 269 -20.83 -6.85 -28.66
N GLU C 270 -22.16 -6.92 -28.66
CA GLU C 270 -22.85 -8.15 -28.29
C GLU C 270 -22.26 -9.32 -29.04
N ASP C 271 -21.76 -9.08 -30.24
CA ASP C 271 -21.19 -10.17 -31.02
C ASP C 271 -19.82 -10.61 -30.51
N LEU C 272 -18.99 -9.63 -30.15
CA LEU C 272 -17.67 -9.95 -29.62
C LEU C 272 -17.90 -10.76 -28.35
N HIS C 273 -18.77 -10.25 -27.48
CA HIS C 273 -19.07 -10.92 -26.22
C HIS C 273 -19.52 -12.36 -26.45
N GLN C 274 -20.54 -12.52 -27.30
CA GLN C 274 -21.07 -13.84 -27.59
C GLN C 274 -20.00 -14.78 -28.11
N GLN C 275 -19.07 -14.27 -28.92
CA GLN C 275 -18.01 -15.13 -29.44
C GLN C 275 -17.05 -15.51 -28.32
N LEU C 276 -16.78 -14.58 -27.40
CA LEU C 276 -15.87 -14.85 -26.30
C LEU C 276 -16.43 -15.94 -25.40
N LYS C 277 -17.73 -15.87 -25.15
CA LYS C 277 -18.42 -16.84 -24.31
C LYS C 277 -18.38 -18.22 -24.98
N THR C 278 -18.68 -18.26 -26.28
CA THR C 278 -18.66 -19.52 -27.01
C THR C 278 -17.28 -20.15 -26.98
N SER C 279 -16.26 -19.32 -27.22
CA SER C 279 -14.88 -19.78 -27.24
C SER C 279 -14.35 -20.35 -25.92
N TYR C 280 -14.78 -19.78 -24.81
CA TYR C 280 -14.29 -20.22 -23.51
C TYR C 280 -15.31 -20.81 -22.54
N GLU C 281 -16.53 -21.09 -23.01
CA GLU C 281 -17.60 -21.64 -22.17
C GLU C 281 -17.26 -22.89 -21.33
N ASP C 282 -16.39 -23.75 -21.83
CA ASP C 282 -16.05 -24.93 -21.04
C ASP C 282 -14.69 -24.81 -20.36
N GLU C 283 -14.15 -23.60 -20.34
CA GLU C 283 -12.85 -23.34 -19.76
C GLU C 283 -12.85 -23.06 -18.25
N GLU C 284 -12.06 -23.84 -17.51
CA GLU C 284 -11.99 -23.64 -16.07
C GLU C 284 -11.36 -22.29 -15.71
N PHE C 285 -10.17 -22.07 -16.24
CA PHE C 285 -9.38 -20.89 -15.94
C PHE C 285 -9.74 -19.53 -16.54
N VAL C 286 -10.16 -19.51 -17.79
CA VAL C 286 -10.55 -18.28 -18.46
C VAL C 286 -12.06 -18.10 -18.23
N LYS C 287 -12.47 -16.87 -17.92
CA LYS C 287 -13.88 -16.61 -17.69
C LYS C 287 -14.30 -15.34 -18.43
N VAL C 288 -15.58 -15.30 -18.77
CA VAL C 288 -16.17 -14.17 -19.47
C VAL C 288 -17.33 -13.69 -18.59
N LEU C 289 -17.16 -12.51 -18.00
CA LEU C 289 -18.15 -11.93 -17.12
C LEU C 289 -19.37 -11.47 -17.92
N ASP C 290 -20.46 -11.18 -17.24
CA ASP C 290 -21.66 -10.71 -17.92
C ASP C 290 -21.37 -9.46 -18.74
N GLU C 291 -22.13 -9.26 -19.81
CA GLU C 291 -21.93 -8.11 -20.67
C GLU C 291 -21.90 -6.80 -19.86
N GLY C 292 -20.87 -5.99 -20.12
CA GLY C 292 -20.74 -4.74 -19.41
C GLY C 292 -20.25 -4.86 -17.98
N VAL C 293 -19.94 -6.08 -17.54
CA VAL C 293 -19.44 -6.28 -16.18
C VAL C 293 -17.92 -6.01 -16.17
N VAL C 294 -17.48 -5.17 -15.24
CA VAL C 294 -16.08 -4.80 -15.13
C VAL C 294 -15.30 -5.68 -14.17
N PRO C 295 -14.27 -6.36 -14.66
CA PRO C 295 -13.49 -7.21 -13.73
C PRO C 295 -12.54 -6.41 -12.84
N ARG C 296 -11.96 -7.08 -11.85
CA ARG C 296 -11.00 -6.43 -10.93
C ARG C 296 -9.86 -7.39 -10.72
N THR C 297 -8.62 -6.95 -10.91
CA THR C 297 -7.50 -7.87 -10.67
C THR C 297 -7.58 -8.48 -9.25
N HIS C 298 -8.12 -7.74 -8.29
CA HIS C 298 -8.21 -8.24 -6.92
C HIS C 298 -8.88 -9.64 -6.93
N ASN C 299 -9.89 -9.81 -7.79
CA ASN C 299 -10.65 -11.06 -7.87
C ASN C 299 -9.95 -12.32 -8.40
N VAL C 300 -8.76 -12.17 -8.97
CA VAL C 300 -8.03 -13.33 -9.47
C VAL C 300 -6.68 -13.39 -8.78
N ARG C 301 -6.59 -12.71 -7.65
CA ARG C 301 -5.37 -12.66 -6.86
C ARG C 301 -4.98 -14.04 -6.28
N GLY C 302 -3.75 -14.48 -6.55
CA GLY C 302 -3.26 -15.76 -6.06
C GLY C 302 -3.94 -16.97 -6.69
N SER C 303 -4.42 -16.82 -7.92
CA SER C 303 -5.09 -17.91 -8.61
C SER C 303 -4.65 -17.89 -10.06
N ASN C 304 -4.98 -18.95 -10.78
CA ASN C 304 -4.60 -19.10 -12.18
C ASN C 304 -5.72 -18.65 -13.12
N TYR C 305 -6.71 -17.91 -12.61
CA TYR C 305 -7.83 -17.46 -13.43
C TYR C 305 -7.62 -16.16 -14.19
N CYS C 306 -8.37 -16.03 -15.28
CA CYS C 306 -8.37 -14.85 -16.11
C CYS C 306 -9.84 -14.46 -16.30
N HIS C 307 -10.17 -13.20 -16.04
CA HIS C 307 -11.53 -12.70 -16.25
C HIS C 307 -11.45 -11.63 -17.31
N MET C 308 -12.34 -11.72 -18.30
CA MET C 308 -12.37 -10.70 -19.33
C MET C 308 -13.81 -10.22 -19.58
N SER C 309 -13.92 -9.11 -20.30
CA SER C 309 -15.21 -8.52 -20.61
C SER C 309 -15.13 -7.50 -21.77
N VAL C 310 -16.26 -7.32 -22.46
CA VAL C 310 -16.32 -6.38 -23.57
C VAL C 310 -17.27 -5.22 -23.27
N PHE C 311 -17.00 -4.08 -23.88
CA PHE C 311 -17.80 -2.90 -23.65
C PHE C 311 -18.10 -2.14 -24.95
N PRO C 312 -19.28 -1.51 -25.01
CA PRO C 312 -19.67 -0.75 -26.20
C PRO C 312 -18.98 0.62 -26.17
N ASP C 313 -17.76 0.70 -26.70
CA ASP C 313 -16.99 1.95 -26.75
C ASP C 313 -17.90 3.13 -27.13
N ARG C 314 -17.49 4.34 -26.74
CA ARG C 314 -18.26 5.52 -27.08
C ARG C 314 -18.10 5.82 -28.57
N ILE C 315 -16.86 5.76 -29.06
CA ILE C 315 -16.56 6.00 -30.46
C ILE C 315 -17.20 4.90 -31.30
N PRO C 316 -18.05 5.28 -32.27
CA PRO C 316 -18.67 4.23 -33.08
C PRO C 316 -17.73 3.31 -33.84
N GLY C 317 -18.03 2.01 -33.74
CA GLY C 317 -17.23 0.99 -34.40
C GLY C 317 -16.13 0.43 -33.51
N ARG C 318 -16.00 1.02 -32.34
CA ARG C 318 -14.99 0.56 -31.40
C ARG C 318 -15.64 -0.13 -30.19
N ALA C 319 -14.81 -0.87 -29.47
CA ALA C 319 -15.22 -1.61 -28.28
C ALA C 319 -14.04 -1.65 -27.31
N ILE C 320 -14.35 -1.87 -26.05
CA ILE C 320 -13.36 -1.95 -24.99
C ILE C 320 -13.28 -3.38 -24.45
N ILE C 321 -12.08 -3.96 -24.47
CA ILE C 321 -11.90 -5.32 -23.96
C ILE C 321 -10.94 -5.28 -22.76
N ILE C 322 -11.46 -5.61 -21.58
CA ILE C 322 -10.65 -5.66 -20.37
C ILE C 322 -10.34 -7.12 -20.10
N SER C 323 -9.07 -7.42 -19.80
CA SER C 323 -8.62 -8.79 -19.54
C SER C 323 -7.68 -8.77 -18.32
N VAL C 324 -7.98 -9.59 -17.31
CA VAL C 324 -7.16 -9.61 -16.10
C VAL C 324 -6.72 -10.99 -15.65
N ILE C 325 -5.56 -11.04 -14.99
CA ILE C 325 -4.99 -12.27 -14.45
C ILE C 325 -4.12 -11.86 -13.27
N ASP C 326 -3.53 -12.87 -12.61
CA ASP C 326 -2.57 -12.63 -11.55
C ASP C 326 -1.27 -12.87 -12.37
N ASN C 327 -0.46 -11.82 -12.59
CA ASN C 327 0.76 -11.89 -13.40
C ASN C 327 1.76 -13.00 -13.08
N LEU C 328 1.79 -13.42 -11.82
CA LEU C 328 2.68 -14.47 -11.39
C LEU C 328 2.11 -15.85 -11.61
N VAL C 329 0.78 -15.97 -11.64
CA VAL C 329 0.18 -17.28 -11.78
C VAL C 329 -0.22 -17.59 -13.23
N LYS C 330 -1.39 -17.13 -13.67
CA LYS C 330 -1.75 -17.42 -15.05
C LYS C 330 -0.81 -16.66 -15.99
N GLY C 331 -0.07 -15.71 -15.45
CA GLY C 331 0.84 -14.94 -16.28
C GLY C 331 2.23 -15.55 -16.27
N ALA C 332 2.43 -16.55 -15.42
CA ALA C 332 3.72 -17.17 -15.30
C ALA C 332 3.72 -18.65 -14.87
N SER C 333 3.97 -18.91 -13.60
CA SER C 333 4.07 -20.28 -13.13
C SER C 333 2.81 -21.13 -13.20
N GLY C 334 1.65 -20.51 -13.01
CA GLY C 334 0.42 -21.26 -13.11
C GLY C 334 0.24 -21.75 -14.54
N GLN C 335 0.55 -20.89 -15.51
CA GLN C 335 0.42 -21.30 -16.91
C GLN C 335 1.49 -22.38 -17.21
N ALA C 336 2.69 -22.21 -16.66
CA ALA C 336 3.76 -23.17 -16.87
C ALA C 336 3.31 -24.55 -16.41
N LEU C 337 2.76 -24.62 -15.20
CA LEU C 337 2.29 -25.88 -14.65
C LEU C 337 1.09 -26.41 -15.43
N GLN C 338 0.26 -25.49 -15.92
CA GLN C 338 -0.92 -25.86 -16.70
C GLN C 338 -0.43 -26.55 -17.96
N ASN C 339 0.66 -26.04 -18.52
CA ASN C 339 1.21 -26.63 -19.73
C ASN C 339 1.87 -27.99 -19.44
N LEU C 340 2.62 -28.08 -18.36
CA LEU C 340 3.26 -29.34 -18.05
C LEU C 340 2.22 -30.42 -17.70
N ASN C 341 1.19 -30.03 -16.95
CA ASN C 341 0.16 -31.00 -16.58
C ASN C 341 -0.24 -31.81 -17.81
N ILE C 342 -0.58 -31.14 -18.91
CA ILE C 342 -1.00 -31.89 -20.10
C ILE C 342 0.17 -32.49 -20.90
N MET C 343 1.38 -31.98 -20.72
CA MET C 343 2.53 -32.53 -21.43
C MET C 343 2.80 -33.91 -20.85
N LEU C 344 2.34 -34.13 -19.61
CA LEU C 344 2.51 -35.40 -18.92
C LEU C 344 1.25 -36.25 -18.92
N GLY C 345 0.23 -35.78 -19.62
CA GLY C 345 -1.00 -36.54 -19.70
C GLY C 345 -1.93 -36.52 -18.49
N TYR C 346 -1.75 -35.54 -17.61
CA TYR C 346 -2.64 -35.45 -16.46
C TYR C 346 -3.68 -34.39 -16.75
N PRO C 347 -4.76 -34.36 -15.95
CA PRO C 347 -5.82 -33.37 -16.14
C PRO C 347 -5.20 -31.97 -16.07
N GLU C 348 -5.61 -31.12 -17.00
CA GLU C 348 -5.09 -29.78 -17.09
C GLU C 348 -5.16 -28.94 -15.80
N THR C 349 -6.25 -29.09 -15.04
CA THR C 349 -6.45 -28.36 -13.80
C THR C 349 -5.73 -28.97 -12.61
N THR C 350 -5.04 -30.07 -12.81
CA THR C 350 -4.35 -30.73 -11.70
C THR C 350 -3.44 -29.81 -10.90
N GLY C 351 -3.80 -29.66 -9.62
CA GLY C 351 -3.05 -28.84 -8.70
C GLY C 351 -3.03 -27.35 -8.97
N LEU C 352 -4.03 -26.86 -9.70
CA LEU C 352 -4.12 -25.43 -10.03
C LEU C 352 -5.49 -24.84 -9.68
N LEU C 353 -6.25 -25.52 -8.83
CA LEU C 353 -7.57 -25.03 -8.48
C LEU C 353 -7.58 -24.08 -7.27
N HIS C 354 -6.43 -23.52 -6.92
CA HIS C 354 -6.36 -22.58 -5.78
C HIS C 354 -7.33 -21.45 -6.08
N GLN C 355 -8.11 -21.07 -5.07
CA GLN C 355 -9.08 -20.00 -5.26
C GLN C 355 -8.45 -18.65 -4.93
N PRO C 356 -8.97 -17.58 -5.55
CA PRO C 356 -8.41 -16.26 -5.29
C PRO C 356 -8.32 -15.92 -3.80
N LEU C 357 -7.24 -15.26 -3.41
CA LEU C 357 -7.07 -14.86 -2.03
C LEU C 357 -7.61 -13.43 -1.92
N PHE C 358 -8.92 -13.31 -1.68
CA PHE C 358 -9.50 -11.98 -1.51
C PHE C 358 -10.33 -11.98 -0.24
N PRO C 359 -10.22 -10.92 0.57
CA PRO C 359 -9.36 -9.75 0.34
C PRO C 359 -7.91 -10.13 0.60
N LYS D 15 -15.82 -35.07 -1.00
CA LYS D 15 -16.85 -34.01 -0.88
C LYS D 15 -18.14 -34.67 -0.48
N ASP D 16 -18.14 -35.26 0.73
CA ASP D 16 -19.32 -35.96 1.22
C ASP D 16 -19.92 -35.30 2.47
N ILE D 17 -19.09 -34.64 3.27
CA ILE D 17 -19.59 -34.00 4.48
C ILE D 17 -20.29 -32.67 4.18
N ARG D 18 -21.60 -32.62 4.41
CA ARG D 18 -22.39 -31.42 4.16
C ARG D 18 -22.16 -30.31 5.19
N ILE D 19 -21.72 -29.15 4.70
CA ILE D 19 -21.43 -28.03 5.58
C ILE D 19 -22.36 -26.82 5.48
N GLY D 20 -22.69 -26.25 6.63
CA GLY D 20 -23.53 -25.07 6.62
C GLY D 20 -22.71 -23.86 7.09
N LEU D 21 -22.90 -22.72 6.44
CA LEU D 21 -22.19 -21.50 6.83
C LEU D 21 -23.24 -20.42 7.14
N LEU D 22 -23.38 -20.07 8.40
CA LEU D 22 -24.35 -19.08 8.82
C LEU D 22 -23.70 -17.70 8.89
N GLY D 23 -24.02 -16.84 7.92
CA GLY D 23 -23.42 -15.52 7.86
C GLY D 23 -22.26 -15.67 6.88
N ALA D 24 -22.58 -15.77 5.60
CA ALA D 24 -21.60 -15.98 4.55
C ALA D 24 -21.08 -14.75 3.83
N SER D 25 -21.77 -13.61 3.98
CA SER D 25 -21.39 -12.38 3.29
C SER D 25 -20.21 -11.61 3.85
N GLY D 26 -19.63 -12.08 4.95
CA GLY D 26 -18.48 -11.40 5.52
C GLY D 26 -17.17 -12.02 5.03
N TYR D 27 -16.04 -11.48 5.51
CA TYR D 27 -14.73 -11.99 5.10
C TYR D 27 -14.46 -13.39 5.62
N THR D 28 -14.74 -13.63 6.90
CA THR D 28 -14.51 -14.97 7.43
C THR D 28 -15.37 -15.97 6.65
N GLY D 29 -16.61 -15.58 6.35
CA GLY D 29 -17.48 -16.45 5.57
C GLY D 29 -16.82 -16.80 4.24
N ALA D 30 -16.29 -15.76 3.58
CA ALA D 30 -15.61 -15.90 2.30
C ALA D 30 -14.40 -16.83 2.43
N GLU D 31 -13.64 -16.68 3.51
CA GLU D 31 -12.46 -17.52 3.75
C GLU D 31 -12.92 -19.00 3.81
N ILE D 32 -13.95 -19.28 4.59
CA ILE D 32 -14.47 -20.65 4.71
C ILE D 32 -14.70 -21.22 3.31
N VAL D 33 -15.48 -20.49 2.50
CA VAL D 33 -15.79 -20.93 1.16
C VAL D 33 -14.49 -21.18 0.40
N ARG D 34 -13.55 -20.26 0.51
CA ARG D 34 -12.28 -20.44 -0.18
C ARG D 34 -11.55 -21.67 0.38
N LEU D 35 -11.45 -21.74 1.70
CA LEU D 35 -10.76 -22.85 2.36
C LEU D 35 -11.34 -24.21 2.01
N LEU D 36 -12.67 -24.30 1.96
CA LEU D 36 -13.30 -25.58 1.64
C LEU D 36 -13.32 -25.93 0.17
N ALA D 37 -13.18 -24.94 -0.70
CA ALA D 37 -13.23 -25.21 -2.13
C ALA D 37 -12.47 -26.49 -2.49
N ASN D 38 -11.28 -26.69 -1.93
CA ASN D 38 -10.55 -27.90 -2.25
C ASN D 38 -10.34 -28.83 -1.06
N HIS D 39 -11.23 -28.76 -0.08
CA HIS D 39 -11.13 -29.65 1.07
C HIS D 39 -11.64 -30.99 0.48
N PRO D 40 -10.84 -32.05 0.60
CA PRO D 40 -11.24 -33.36 0.07
C PRO D 40 -12.54 -33.97 0.59
N HIS D 41 -12.97 -33.63 1.79
CA HIS D 41 -14.19 -34.26 2.29
C HIS D 41 -15.35 -33.39 2.70
N PHE D 42 -15.12 -32.09 2.85
CA PHE D 42 -16.18 -31.19 3.25
C PHE D 42 -16.71 -30.40 2.07
N GLN D 43 -18.02 -30.21 2.03
CA GLN D 43 -18.66 -29.49 0.96
C GLN D 43 -19.69 -28.50 1.46
N VAL D 44 -19.61 -27.25 1.03
CA VAL D 44 -20.62 -26.27 1.45
C VAL D 44 -21.95 -26.56 0.73
N THR D 45 -23.01 -26.81 1.50
CA THR D 45 -24.32 -27.10 0.91
C THR D 45 -25.40 -26.10 1.36
N LEU D 46 -25.07 -25.27 2.36
CA LEU D 46 -26.00 -24.29 2.86
C LEU D 46 -25.29 -23.03 3.34
N MET D 47 -25.73 -21.88 2.84
CA MET D 47 -25.17 -20.59 3.24
C MET D 47 -26.26 -19.57 3.56
N THR D 48 -26.12 -18.86 4.68
CA THR D 48 -27.12 -17.88 5.04
C THR D 48 -26.53 -16.49 5.08
N ALA D 49 -27.36 -15.50 4.78
CA ALA D 49 -26.97 -14.10 4.80
C ALA D 49 -28.20 -13.34 5.28
N ASP D 50 -27.99 -12.17 5.87
CA ASP D 50 -29.12 -11.40 6.35
C ASP D 50 -29.66 -10.48 5.24
N ARG D 51 -29.16 -9.24 5.21
CA ARG D 51 -29.61 -8.27 4.23
C ARG D 51 -29.42 -8.75 2.78
N LYS D 52 -28.48 -9.67 2.56
CA LYS D 52 -28.25 -10.17 1.21
C LYS D 52 -28.83 -11.54 0.95
N ALA D 53 -29.76 -11.99 1.78
CA ALA D 53 -30.36 -13.30 1.57
C ALA D 53 -31.08 -13.29 0.23
N GLY D 54 -31.02 -14.40 -0.50
CA GLY D 54 -31.69 -14.46 -1.78
C GLY D 54 -30.76 -14.25 -2.97
N GLN D 55 -29.61 -13.65 -2.72
CA GLN D 55 -28.63 -13.42 -3.78
C GLN D 55 -27.66 -14.59 -3.91
N SER D 56 -26.93 -14.62 -5.01
CA SER D 56 -25.93 -15.66 -5.23
C SER D 56 -24.70 -15.19 -4.49
N MET D 57 -23.70 -16.06 -4.39
CA MET D 57 -22.47 -15.70 -3.69
C MET D 57 -21.60 -14.77 -4.50
N GLU D 58 -21.58 -15.00 -5.82
CA GLU D 58 -20.80 -14.16 -6.72
C GLU D 58 -21.28 -12.72 -6.65
N SER D 59 -22.56 -12.51 -6.34
CA SER D 59 -23.09 -11.17 -6.26
C SER D 59 -22.41 -10.41 -5.11
N VAL D 60 -22.23 -11.09 -3.99
CA VAL D 60 -21.61 -10.51 -2.82
C VAL D 60 -20.09 -10.47 -2.98
N PHE D 61 -19.52 -11.63 -3.29
CA PHE D 61 -18.07 -11.79 -3.49
C PHE D 61 -17.80 -12.34 -4.90
N PRO D 62 -17.73 -11.47 -5.91
CA PRO D 62 -17.47 -11.87 -7.30
C PRO D 62 -16.24 -12.70 -7.56
N HIS D 63 -15.24 -12.65 -6.67
CA HIS D 63 -14.04 -13.44 -6.87
C HIS D 63 -14.35 -14.93 -6.68
N LEU D 64 -15.55 -15.21 -6.19
CA LEU D 64 -15.96 -16.58 -5.98
C LEU D 64 -16.56 -17.15 -7.26
N ARG D 65 -16.52 -16.35 -8.32
CA ARG D 65 -17.09 -16.76 -9.58
C ARG D 65 -16.73 -18.18 -10.02
N ALA D 66 -15.60 -18.72 -9.56
CA ALA D 66 -15.25 -20.10 -9.96
C ALA D 66 -15.61 -21.12 -8.89
N GLN D 67 -16.88 -21.17 -8.53
CA GLN D 67 -17.37 -22.13 -7.54
C GLN D 67 -18.87 -22.36 -7.66
N LYS D 68 -19.30 -23.55 -7.27
CA LYS D 68 -20.70 -23.90 -7.28
C LYS D 68 -21.15 -23.76 -5.85
N LEU D 69 -21.87 -22.69 -5.59
CA LEU D 69 -22.36 -22.38 -4.27
C LEU D 69 -23.87 -22.14 -4.30
N PRO D 70 -24.58 -22.60 -3.26
CA PRO D 70 -26.03 -22.41 -3.22
C PRO D 70 -26.39 -20.94 -2.98
N THR D 71 -27.53 -20.52 -3.53
CA THR D 71 -27.98 -19.15 -3.34
C THR D 71 -28.17 -18.91 -1.84
N LEU D 72 -27.89 -17.70 -1.37
CA LEU D 72 -28.04 -17.37 0.04
C LEU D 72 -29.50 -17.38 0.44
N VAL D 73 -29.78 -17.96 1.61
CA VAL D 73 -31.14 -18.01 2.15
C VAL D 73 -31.05 -17.45 3.56
N SER D 74 -32.21 -17.15 4.14
CA SER D 74 -32.30 -16.62 5.50
C SER D 74 -32.03 -17.77 6.45
N VAL D 75 -31.41 -17.46 7.59
CA VAL D 75 -31.12 -18.43 8.64
C VAL D 75 -32.42 -18.88 9.30
N LYS D 76 -33.43 -18.00 9.24
CA LYS D 76 -34.71 -18.31 9.83
C LYS D 76 -35.43 -19.41 9.06
N ASP D 77 -35.08 -19.58 7.77
CA ASP D 77 -35.68 -20.62 6.94
C ASP D 77 -34.81 -21.88 6.86
N ALA D 78 -33.49 -21.70 6.82
CA ALA D 78 -32.55 -22.82 6.72
C ALA D 78 -33.04 -24.03 7.48
N ASP D 79 -32.95 -25.18 6.82
CA ASP D 79 -33.35 -26.45 7.38
C ASP D 79 -32.08 -27.29 7.37
N PHE D 80 -31.70 -27.81 8.52
CA PHE D 80 -30.47 -28.59 8.62
C PHE D 80 -30.68 -30.08 8.60
N SER D 81 -31.88 -30.52 8.23
CA SER D 81 -32.11 -31.95 8.25
C SER D 81 -31.06 -32.72 7.45
N THR D 82 -30.42 -32.06 6.49
CA THR D 82 -29.38 -32.70 5.68
C THR D 82 -28.02 -32.00 5.82
N VAL D 83 -27.72 -31.49 7.01
CA VAL D 83 -26.46 -30.79 7.25
C VAL D 83 -25.71 -31.43 8.41
N ASP D 84 -24.45 -31.80 8.19
CA ASP D 84 -23.63 -32.44 9.22
C ASP D 84 -23.02 -31.50 10.25
N ALA D 85 -22.41 -30.43 9.77
CA ALA D 85 -21.76 -29.46 10.64
C ALA D 85 -21.89 -28.04 10.07
N VAL D 86 -21.78 -27.06 10.94
CA VAL D 86 -21.90 -25.68 10.51
C VAL D 86 -20.85 -24.76 11.15
N PHE D 87 -20.45 -23.73 10.40
CA PHE D 87 -19.52 -22.71 10.89
C PHE D 87 -20.47 -21.53 11.06
N CYS D 88 -20.37 -20.81 12.18
CA CYS D 88 -21.23 -19.65 12.37
C CYS D 88 -20.42 -18.37 12.40
N CYS D 89 -20.76 -17.48 11.49
CA CYS D 89 -20.11 -16.17 11.35
C CYS D 89 -21.16 -15.13 11.50
N LEU D 90 -22.06 -15.34 12.46
CA LEU D 90 -23.14 -14.41 12.71
C LEU D 90 -22.56 -13.27 13.53
N PRO D 91 -23.26 -12.13 13.57
CA PRO D 91 -22.81 -10.96 14.32
C PRO D 91 -22.92 -11.07 15.84
N HIS D 92 -22.47 -10.02 16.54
CA HIS D 92 -22.53 -9.97 17.98
C HIS D 92 -23.97 -9.68 18.41
N GLY D 93 -24.39 -10.28 19.53
CA GLY D 93 -25.73 -10.07 20.03
C GLY D 93 -26.79 -10.86 19.29
N THR D 94 -26.37 -11.70 18.36
CA THR D 94 -27.28 -12.52 17.59
C THR D 94 -26.90 -13.99 17.62
N THR D 95 -25.62 -14.26 17.80
CA THR D 95 -25.11 -15.63 17.82
C THR D 95 -25.74 -16.50 18.90
N GLN D 96 -25.75 -16.00 20.13
CA GLN D 96 -26.28 -16.76 21.26
C GLN D 96 -27.71 -17.27 21.05
N GLU D 97 -28.60 -16.37 20.65
CA GLU D 97 -29.99 -16.76 20.44
C GLU D 97 -30.20 -17.62 19.22
N ILE D 98 -29.37 -17.44 18.20
CA ILE D 98 -29.48 -18.27 17.01
C ILE D 98 -28.88 -19.65 17.22
N ILE D 99 -27.73 -19.70 17.87
CA ILE D 99 -27.08 -20.98 18.12
C ILE D 99 -27.87 -21.78 19.13
N LYS D 100 -28.42 -21.11 20.13
CA LYS D 100 -29.20 -21.79 21.16
C LYS D 100 -30.39 -22.52 20.55
N GLU D 101 -30.95 -21.96 19.48
CA GLU D 101 -32.10 -22.56 18.81
C GLU D 101 -31.73 -23.55 17.71
N LEU D 102 -30.44 -23.79 17.49
CA LEU D 102 -30.02 -24.76 16.47
C LEU D 102 -30.24 -26.18 16.96
N PRO D 103 -30.41 -27.14 16.03
CA PRO D 103 -30.62 -28.53 16.42
C PRO D 103 -29.40 -29.15 17.10
N THR D 104 -29.66 -29.86 18.20
CA THR D 104 -28.60 -30.49 18.98
C THR D 104 -27.79 -31.51 18.19
N ALA D 105 -28.40 -32.06 17.14
CA ALA D 105 -27.70 -33.06 16.33
C ALA D 105 -26.70 -32.42 15.37
N LEU D 106 -26.38 -31.15 15.62
CA LEU D 106 -25.43 -30.43 14.76
C LEU D 106 -24.09 -30.14 15.38
N LYS D 107 -23.03 -30.43 14.61
CA LYS D 107 -21.67 -30.10 15.05
C LYS D 107 -21.54 -28.61 14.73
N ILE D 108 -21.19 -27.80 15.73
CA ILE D 108 -21.10 -26.36 15.54
C ILE D 108 -19.75 -25.77 15.91
N VAL D 109 -19.33 -24.76 15.16
CA VAL D 109 -18.11 -24.05 15.44
C VAL D 109 -18.41 -22.58 15.22
N ASP D 110 -18.44 -21.85 16.33
CA ASP D 110 -18.74 -20.44 16.29
C ASP D 110 -17.49 -19.58 16.22
N LEU D 111 -17.37 -18.77 15.18
CA LEU D 111 -16.22 -17.89 15.07
C LEU D 111 -16.42 -16.61 15.91
N SER D 112 -17.68 -16.27 16.22
CA SER D 112 -17.96 -15.09 17.04
C SER D 112 -17.29 -15.24 18.40
N ALA D 113 -17.25 -14.16 19.19
CA ALA D 113 -16.66 -14.19 20.51
C ALA D 113 -17.70 -14.54 21.59
N ASP D 114 -18.98 -14.47 21.21
CA ASP D 114 -20.10 -14.69 22.14
C ASP D 114 -20.12 -15.93 23.04
N PHE D 115 -19.35 -16.96 22.71
CA PHE D 115 -19.31 -18.14 23.56
C PHE D 115 -17.89 -18.45 24.06
N ARG D 116 -16.99 -17.49 23.87
CA ARG D 116 -15.60 -17.66 24.28
C ARG D 116 -15.39 -17.62 25.78
N LEU D 117 -16.08 -16.70 26.46
CA LEU D 117 -15.91 -16.57 27.90
C LEU D 117 -16.76 -17.53 28.74
N ARG D 118 -16.08 -18.28 29.60
CA ARG D 118 -16.75 -19.25 30.45
C ARG D 118 -17.47 -18.56 31.61
N ASN D 119 -16.98 -17.38 32.01
CA ASN D 119 -17.59 -16.63 33.11
C ASN D 119 -18.66 -15.66 32.63
N ILE D 120 -19.92 -16.01 32.91
CA ILE D 120 -21.07 -15.20 32.52
C ILE D 120 -20.95 -13.73 32.90
N ALA D 121 -20.48 -13.48 34.12
CA ALA D 121 -20.33 -12.12 34.58
C ALA D 121 -19.38 -11.33 33.68
N GLU D 122 -18.22 -11.91 33.38
CA GLU D 122 -17.24 -11.24 32.53
C GLU D 122 -17.83 -10.91 31.17
N TYR D 123 -18.54 -11.87 30.58
CA TYR D 123 -19.15 -11.65 29.27
C TYR D 123 -20.06 -10.44 29.28
N GLU D 124 -20.97 -10.39 30.25
CA GLU D 124 -21.93 -9.29 30.35
C GLU D 124 -21.22 -7.97 30.59
N GLU D 125 -20.17 -8.02 31.41
CA GLU D 125 -19.37 -6.84 31.71
C GLU D 125 -18.65 -6.35 30.45
N TRP D 126 -17.94 -7.24 29.77
CA TRP D 126 -17.19 -6.82 28.59
C TRP D 126 -18.00 -6.60 27.34
N TYR D 127 -19.07 -7.35 27.14
CA TYR D 127 -19.88 -7.19 25.93
C TYR D 127 -21.18 -6.39 26.13
N GLY D 128 -21.25 -5.64 27.22
CA GLY D 128 -22.40 -4.82 27.52
C GLY D 128 -23.77 -5.40 27.20
N GLN D 129 -24.07 -6.56 27.77
CA GLN D 129 -25.36 -7.21 27.57
C GLN D 129 -25.44 -8.56 28.27
N PRO D 130 -26.65 -8.92 28.72
CA PRO D 130 -26.89 -10.19 29.40
C PRO D 130 -26.58 -11.38 28.49
N HIS D 131 -25.98 -12.42 29.06
CA HIS D 131 -25.65 -13.61 28.29
C HIS D 131 -26.97 -14.33 28.05
N LYS D 132 -27.29 -14.54 26.78
CA LYS D 132 -28.55 -15.16 26.41
C LYS D 132 -28.60 -16.67 26.19
N ALA D 133 -27.61 -17.39 26.70
CA ALA D 133 -27.59 -18.84 26.53
C ALA D 133 -26.69 -19.45 27.58
N VAL D 134 -26.87 -18.96 28.80
CA VAL D 134 -26.13 -19.37 29.97
C VAL D 134 -25.87 -20.87 30.15
N GLU D 135 -26.88 -21.71 29.93
CA GLU D 135 -26.67 -23.14 30.09
C GLU D 135 -25.90 -23.71 28.91
N LEU D 136 -26.20 -23.21 27.71
CA LEU D 136 -25.51 -23.69 26.53
C LEU D 136 -24.02 -23.37 26.71
N GLN D 137 -23.72 -22.22 27.33
CA GLN D 137 -22.35 -21.80 27.55
C GLN D 137 -21.55 -22.83 28.30
N LYS D 138 -22.19 -23.46 29.27
CA LYS D 138 -21.53 -24.47 30.10
C LYS D 138 -20.88 -25.64 29.35
N GLU D 139 -21.37 -25.96 28.15
CA GLU D 139 -20.77 -27.07 27.42
C GLU D 139 -19.82 -26.69 26.27
N VAL D 140 -19.60 -25.39 26.10
CA VAL D 140 -18.72 -24.90 25.04
C VAL D 140 -17.24 -25.18 25.32
N VAL D 141 -16.50 -25.60 24.29
CA VAL D 141 -15.06 -25.83 24.44
C VAL D 141 -14.30 -24.77 23.60
N TYR D 142 -13.25 -24.19 24.19
CA TYR D 142 -12.45 -23.18 23.50
C TYR D 142 -11.66 -23.88 22.38
N GLY D 143 -11.55 -23.24 21.22
CA GLY D 143 -10.88 -23.90 20.11
C GLY D 143 -9.45 -23.55 19.76
N LEU D 144 -8.60 -23.36 20.77
CA LEU D 144 -7.20 -23.08 20.49
C LEU D 144 -6.67 -24.49 20.29
N THR D 145 -6.80 -24.97 19.05
CA THR D 145 -6.44 -26.34 18.73
C THR D 145 -5.21 -26.98 19.38
N GLU D 146 -4.00 -26.53 19.03
CA GLU D 146 -2.76 -27.11 19.58
C GLU D 146 -2.76 -27.24 21.12
N ILE D 147 -3.63 -26.47 21.78
CA ILE D 147 -3.70 -26.50 23.23
C ILE D 147 -4.81 -27.42 23.80
N LEU D 148 -6.01 -27.35 23.21
CA LEU D 148 -7.15 -28.13 23.70
C LEU D 148 -7.66 -29.17 22.72
N ARG D 149 -6.76 -29.66 21.88
CA ARG D 149 -7.04 -30.67 20.88
C ARG D 149 -7.89 -31.85 21.38
N GLU D 150 -7.35 -32.57 22.36
CA GLU D 150 -8.01 -33.76 22.89
C GLU D 150 -9.48 -33.63 23.24
N ASP D 151 -9.88 -32.46 23.73
CA ASP D 151 -11.27 -32.26 24.10
C ASP D 151 -12.11 -31.72 22.96
N ILE D 152 -11.49 -30.87 22.14
CA ILE D 152 -12.18 -30.29 21.01
C ILE D 152 -12.69 -31.41 20.11
N LYS D 153 -11.88 -32.44 19.90
CA LYS D 153 -12.30 -33.53 19.01
C LYS D 153 -13.58 -34.25 19.45
N LYS D 154 -14.01 -34.02 20.68
CA LYS D 154 -15.23 -34.67 21.17
C LYS D 154 -16.32 -33.69 21.60
N ALA D 155 -16.13 -32.42 21.31
CA ALA D 155 -17.15 -31.40 21.65
C ALA D 155 -18.14 -31.25 20.51
N ARG D 156 -19.34 -30.76 20.82
CA ARG D 156 -20.33 -30.55 19.77
C ARG D 156 -20.31 -29.10 19.34
N LEU D 157 -20.12 -28.23 20.34
CA LEU D 157 -20.08 -26.79 20.14
C LEU D 157 -18.72 -26.21 20.50
N VAL D 158 -18.07 -25.60 19.51
CA VAL D 158 -16.76 -25.02 19.72
C VAL D 158 -16.72 -23.53 19.47
N ALA D 159 -16.01 -22.83 20.35
CA ALA D 159 -15.84 -21.39 20.22
C ALA D 159 -14.39 -21.19 19.77
N ASN D 160 -14.23 -20.91 18.49
CA ASN D 160 -12.91 -20.66 17.93
C ASN D 160 -12.35 -19.39 18.54
N PRO D 161 -11.09 -19.42 18.98
CA PRO D 161 -10.50 -18.22 19.60
C PRO D 161 -10.48 -16.99 18.66
N GLY D 162 -10.31 -15.80 19.22
CA GLY D 162 -10.18 -14.63 18.38
C GLY D 162 -8.79 -14.64 17.74
N CYS D 163 -8.38 -13.52 17.15
CA CYS D 163 -7.07 -13.46 16.48
C CYS D 163 -5.92 -13.08 17.42
N TYR D 164 -5.99 -11.93 18.09
CA TYR D 164 -4.93 -11.54 19.00
C TYR D 164 -4.71 -12.61 20.08
N PRO D 165 -5.81 -13.17 20.62
CA PRO D 165 -5.64 -14.20 21.65
C PRO D 165 -4.85 -15.43 21.19
N THR D 166 -5.04 -15.84 19.94
CA THR D 166 -4.34 -17.02 19.44
C THR D 166 -2.83 -16.75 19.42
N THR D 167 -2.43 -15.57 18.93
CA THR D 167 -1.02 -15.22 18.86
C THR D 167 -0.38 -15.08 20.25
N ILE D 168 -1.20 -14.84 21.26
CA ILE D 168 -0.66 -14.68 22.60
C ILE D 168 -0.64 -15.98 23.42
N GLN D 169 -1.72 -16.74 23.36
CA GLN D 169 -1.80 -17.98 24.12
C GLN D 169 -0.84 -19.08 23.68
N LEU D 170 -0.68 -19.26 22.36
CA LEU D 170 0.19 -20.28 21.85
C LEU D 170 1.60 -20.23 22.48
N PRO D 171 2.26 -19.06 22.47
CA PRO D 171 3.58 -19.08 23.10
C PRO D 171 3.57 -19.01 24.63
N LEU D 172 2.59 -18.32 25.20
CA LEU D 172 2.56 -18.14 26.65
C LEU D 172 2.06 -19.32 27.50
N VAL D 173 1.05 -20.04 27.02
CA VAL D 173 0.53 -21.15 27.79
C VAL D 173 1.63 -22.16 28.13
N PRO D 174 2.37 -22.67 27.12
CA PRO D 174 3.43 -23.64 27.39
C PRO D 174 4.44 -23.10 28.42
N LEU D 175 4.89 -21.86 28.21
CA LEU D 175 5.85 -21.23 29.11
C LEU D 175 5.31 -21.09 30.54
N LEU D 176 4.01 -20.88 30.67
CA LEU D 176 3.41 -20.75 32.01
C LEU D 176 3.28 -22.15 32.65
N LYS D 177 2.76 -23.09 31.89
CA LYS D 177 2.60 -24.46 32.39
C LYS D 177 3.94 -24.99 32.94
N ALA D 178 5.04 -24.56 32.35
CA ALA D 178 6.37 -24.99 32.76
C ALA D 178 7.04 -24.03 33.74
N ASN D 179 6.27 -23.06 34.22
CA ASN D 179 6.77 -22.06 35.16
C ASN D 179 8.06 -21.36 34.70
N LEU D 180 8.30 -21.33 33.38
CA LEU D 180 9.50 -20.68 32.85
C LEU D 180 9.39 -19.16 32.84
N ILE D 181 8.17 -18.64 32.84
CA ILE D 181 7.94 -17.18 32.83
C ILE D 181 6.99 -16.77 33.95
N LYS D 182 7.16 -15.56 34.48
CA LYS D 182 6.27 -15.08 35.54
C LYS D 182 4.94 -14.69 34.93
N HIS D 183 3.86 -14.68 35.71
CA HIS D 183 2.58 -14.31 35.13
C HIS D 183 2.20 -12.86 35.32
N GLU D 184 3.01 -12.12 36.06
CA GLU D 184 2.70 -10.70 36.23
C GLU D 184 3.47 -9.87 35.20
N ASN D 185 2.92 -8.72 34.85
CA ASN D 185 3.55 -7.81 33.91
C ASN D 185 3.82 -8.33 32.50
N ILE D 186 2.86 -9.05 31.95
CA ILE D 186 2.97 -9.54 30.59
C ILE D 186 2.39 -8.41 29.72
N ILE D 187 3.26 -7.61 29.11
CA ILE D 187 2.82 -6.50 28.27
C ILE D 187 2.82 -6.92 26.80
N ILE D 188 1.69 -6.75 26.14
CA ILE D 188 1.54 -7.15 24.76
C ILE D 188 1.26 -5.95 23.82
N ASP D 189 2.19 -5.69 22.90
CA ASP D 189 2.02 -4.61 21.93
C ASP D 189 1.75 -5.31 20.61
N ALA D 190 0.47 -5.40 20.29
CA ALA D 190 0.01 -6.10 19.09
C ALA D 190 -0.32 -5.23 17.87
N LYS D 191 -0.15 -5.82 16.70
CA LYS D 191 -0.39 -5.18 15.41
C LYS D 191 -1.30 -6.06 14.59
N SER D 192 -2.35 -5.48 14.00
CA SER D 192 -3.25 -6.26 13.17
C SER D 192 -3.51 -5.62 11.80
N GLY D 193 -3.59 -6.46 10.78
CA GLY D 193 -3.88 -5.99 9.44
C GLY D 193 -5.29 -5.44 9.49
N VAL D 194 -5.71 -4.73 8.45
CA VAL D 194 -7.04 -4.13 8.48
C VAL D 194 -8.27 -5.01 8.18
N SER D 195 -8.08 -6.19 7.57
CA SER D 195 -9.24 -7.03 7.29
C SER D 195 -9.87 -7.51 8.59
N GLY D 196 -9.14 -7.40 9.68
CA GLY D 196 -9.66 -7.85 10.96
C GLY D 196 -10.75 -6.91 11.44
N ALA D 197 -10.93 -5.80 10.71
CA ALA D 197 -11.95 -4.82 11.04
C ALA D 197 -13.28 -5.20 10.38
N GLY D 198 -13.22 -5.91 9.27
CA GLY D 198 -14.45 -6.32 8.60
C GLY D 198 -14.78 -5.50 7.36
N ARG D 199 -15.77 -5.96 6.63
CA ARG D 199 -16.22 -5.35 5.40
C ARG D 199 -17.30 -4.25 5.59
N GLY D 200 -17.67 -3.98 6.83
CA GLY D 200 -18.66 -2.96 7.09
C GLY D 200 -18.23 -1.59 6.58
N ALA D 201 -19.11 -0.91 5.83
CA ALA D 201 -18.80 0.42 5.29
C ALA D 201 -18.60 1.43 6.42
N LYS D 202 -17.35 1.69 6.77
CA LYS D 202 -16.99 2.60 7.84
C LYS D 202 -15.97 3.64 7.37
N GLU D 203 -16.24 4.90 7.63
CA GLU D 203 -15.33 5.95 7.20
C GLU D 203 -13.88 5.67 7.60
N ALA D 204 -13.68 5.31 8.87
CA ALA D 204 -12.35 5.04 9.38
C ALA D 204 -11.57 3.94 8.65
N ASN D 205 -12.28 3.04 7.97
CA ASN D 205 -11.60 1.94 7.31
C ASN D 205 -11.41 2.08 5.80
N LEU D 206 -11.68 3.26 5.28
CA LEU D 206 -11.52 3.53 3.85
C LEU D 206 -10.02 3.59 3.56
N TYR D 207 -9.64 3.19 2.35
CA TYR D 207 -8.24 3.22 1.95
C TYR D 207 -7.57 4.59 2.27
N SER D 208 -8.23 5.70 1.93
CA SER D 208 -7.63 7.01 2.20
C SER D 208 -7.36 7.35 3.65
N GLU D 209 -8.13 6.79 4.58
CA GLU D 209 -7.89 7.09 6.00
C GLU D 209 -6.86 6.14 6.67
N ILE D 210 -6.69 4.98 6.06
CA ILE D 210 -5.83 3.92 6.59
C ILE D 210 -4.43 3.87 6.05
N ALA D 211 -4.34 3.85 4.73
CA ALA D 211 -3.05 3.77 4.05
C ALA D 211 -2.01 4.76 4.55
N GLU D 212 -0.76 4.30 4.53
CA GLU D 212 0.41 5.09 4.88
C GLU D 212 0.49 5.68 6.28
N GLY D 213 0.02 4.93 7.26
CA GLY D 213 0.06 5.41 8.63
C GLY D 213 -0.39 4.33 9.60
N ILE D 214 -0.16 4.56 10.87
CA ILE D 214 -0.59 3.62 11.90
C ILE D 214 -1.13 4.37 13.10
N SER D 215 -1.92 3.68 13.91
CA SER D 215 -2.49 4.25 15.13
C SER D 215 -2.85 3.09 16.02
N SER D 216 -2.94 3.36 17.32
CA SER D 216 -3.34 2.36 18.27
C SER D 216 -4.89 2.30 18.22
N TYR D 217 -5.49 1.72 19.26
CA TYR D 217 -6.94 1.60 19.41
C TYR D 217 -7.16 0.54 20.51
N GLY D 218 -8.34 0.58 21.13
CA GLY D 218 -8.64 -0.37 22.17
C GLY D 218 -7.62 -0.33 23.28
N VAL D 219 -7.02 0.84 23.45
CA VAL D 219 -6.02 0.99 24.50
C VAL D 219 -6.73 0.75 25.84
N THR D 220 -6.02 0.14 26.79
CA THR D 220 -6.56 -0.13 28.12
C THR D 220 -7.60 -1.24 28.15
N ARG D 221 -8.63 -1.11 27.33
CA ARG D 221 -9.71 -2.10 27.30
C ARG D 221 -10.03 -2.48 25.88
N HIS D 222 -9.98 -3.77 25.61
CA HIS D 222 -10.32 -4.28 24.29
C HIS D 222 -10.92 -5.65 24.59
N ARG D 223 -12.06 -5.95 23.99
CA ARG D 223 -12.75 -7.20 24.25
C ARG D 223 -11.93 -8.48 24.21
N HIS D 224 -10.75 -8.44 23.60
CA HIS D 224 -9.91 -9.63 23.57
C HIS D 224 -9.18 -9.86 24.90
N VAL D 225 -9.14 -8.81 25.72
CA VAL D 225 -8.46 -8.92 27.00
C VAL D 225 -8.96 -10.08 27.85
N PRO D 226 -10.28 -10.14 28.12
CA PRO D 226 -10.83 -11.22 28.93
C PRO D 226 -10.61 -12.62 28.36
N GLU D 227 -10.58 -12.71 27.02
CA GLU D 227 -10.33 -13.97 26.34
C GLU D 227 -8.86 -14.39 26.49
N ILE D 228 -7.97 -13.40 26.58
CA ILE D 228 -6.53 -13.64 26.74
C ILE D 228 -6.23 -14.10 28.18
N GLU D 229 -6.77 -13.34 29.13
CA GLU D 229 -6.58 -13.61 30.55
C GLU D 229 -7.19 -14.96 30.97
N GLN D 230 -8.41 -15.25 30.53
CA GLN D 230 -9.02 -16.53 30.85
C GLN D 230 -8.06 -17.68 30.49
N GLY D 231 -7.41 -17.57 29.32
CA GLY D 231 -6.48 -18.60 28.89
C GLY D 231 -5.22 -18.65 29.74
N LEU D 232 -4.65 -17.49 30.01
CA LEU D 232 -3.43 -17.42 30.79
C LEU D 232 -3.67 -17.76 32.25
N SER D 233 -4.61 -17.08 32.88
CA SER D 233 -4.95 -17.33 34.29
C SER D 233 -5.36 -18.80 34.45
N ASP D 234 -5.78 -19.43 33.35
CA ASP D 234 -6.21 -20.82 33.37
C ASP D 234 -5.03 -21.71 33.73
N VAL D 235 -4.00 -21.69 32.89
CA VAL D 235 -2.82 -22.52 33.09
C VAL D 235 -1.90 -22.00 34.18
N ALA D 236 -2.18 -20.81 34.70
CA ALA D 236 -1.34 -20.26 35.75
C ALA D 236 -1.99 -20.50 37.12
N GLN D 237 -3.27 -20.84 37.13
CA GLN D 237 -4.00 -21.11 38.37
C GLN D 237 -3.87 -19.92 39.29
N SER D 238 -4.11 -18.75 38.72
CA SER D 238 -4.03 -17.49 39.45
C SER D 238 -4.44 -16.41 38.45
N LYS D 239 -5.22 -15.43 38.92
CA LYS D 239 -5.67 -14.38 38.02
C LYS D 239 -4.52 -13.65 37.36
N VAL D 240 -4.59 -13.55 36.05
CA VAL D 240 -3.58 -12.87 35.28
C VAL D 240 -4.14 -11.57 34.68
N THR D 241 -3.47 -10.45 34.98
CA THR D 241 -3.85 -9.15 34.46
C THR D 241 -2.78 -8.70 33.48
N VAL D 242 -3.09 -8.80 32.18
CA VAL D 242 -2.14 -8.41 31.15
C VAL D 242 -2.36 -7.00 30.62
N SER D 243 -1.28 -6.42 30.13
CA SER D 243 -1.35 -5.12 29.49
C SER D 243 -1.34 -5.50 28.00
N PHE D 244 -2.35 -5.05 27.28
CA PHE D 244 -2.45 -5.36 25.86
C PHE D 244 -2.82 -4.09 25.09
N THR D 245 -2.13 -3.85 23.97
CA THR D 245 -2.40 -2.69 23.13
C THR D 245 -2.37 -3.02 21.63
N PRO D 246 -3.54 -3.06 20.97
CA PRO D 246 -3.62 -3.34 19.53
C PRO D 246 -3.23 -2.07 18.76
N HIS D 247 -2.76 -2.25 17.52
CA HIS D 247 -2.39 -1.16 16.62
C HIS D 247 -3.02 -1.51 15.29
N LEU D 248 -3.32 -0.52 14.45
CA LEU D 248 -3.95 -0.83 13.16
C LEU D 248 -2.94 -0.59 12.02
N MET D 249 -2.53 -1.69 11.40
CA MET D 249 -1.57 -1.68 10.32
C MET D 249 -2.16 -1.43 8.95
N PRO D 250 -1.43 -0.68 8.09
CA PRO D 250 -1.92 -0.40 6.73
C PRO D 250 -1.62 -1.58 5.81
N MET D 251 -2.44 -2.62 5.93
CA MET D 251 -2.27 -3.81 5.09
C MET D 251 -3.56 -4.61 5.28
N ILE D 252 -3.83 -5.55 4.37
CA ILE D 252 -5.04 -6.34 4.45
C ILE D 252 -4.96 -7.49 5.49
N ARG D 253 -4.05 -8.42 5.23
CA ARG D 253 -3.84 -9.60 6.09
C ARG D 253 -2.53 -9.52 6.89
N GLY D 254 -2.52 -10.17 8.06
CA GLY D 254 -1.33 -10.19 8.87
C GLY D 254 -1.50 -9.72 10.30
N MET D 255 -0.82 -10.39 11.22
CA MET D 255 -0.92 -10.01 12.61
C MET D 255 0.35 -10.38 13.36
N GLN D 256 0.71 -9.55 14.33
CA GLN D 256 1.87 -9.82 15.13
C GLN D 256 1.69 -9.36 16.56
N SER D 257 2.18 -10.18 17.49
CA SER D 257 2.19 -9.84 18.90
C SER D 257 3.67 -9.85 19.32
N THR D 258 4.04 -8.81 20.06
CA THR D 258 5.38 -8.65 20.60
C THR D 258 5.14 -8.65 22.11
N ILE D 259 5.46 -9.75 22.77
CA ILE D 259 5.21 -9.92 24.19
C ILE D 259 6.45 -9.77 25.06
N TYR D 260 6.38 -8.79 25.95
CA TYR D 260 7.46 -8.48 26.86
C TYR D 260 7.20 -9.16 28.23
N VAL D 261 7.88 -10.28 28.47
CA VAL D 261 7.71 -11.03 29.72
C VAL D 261 8.94 -11.07 30.60
N GLU D 262 8.72 -11.44 31.86
CA GLU D 262 9.76 -11.61 32.84
C GLU D 262 9.93 -13.11 33.00
N MET D 263 11.12 -13.62 32.72
CA MET D 263 11.35 -15.06 32.85
C MET D 263 11.34 -15.42 34.33
N ALA D 264 11.25 -16.72 34.65
CA ALA D 264 11.23 -17.16 36.04
C ALA D 264 12.65 -17.04 36.62
N PRO D 265 12.77 -16.83 37.94
CA PRO D 265 14.09 -16.69 38.58
C PRO D 265 15.13 -17.69 38.08
N GLY D 266 16.27 -17.19 37.62
CA GLY D 266 17.32 -18.05 37.11
C GLY D 266 17.12 -18.58 35.69
N VAL D 267 15.91 -18.41 35.16
CA VAL D 267 15.57 -18.88 33.81
C VAL D 267 16.22 -18.02 32.71
N ARG D 268 16.64 -18.68 31.63
CA ARG D 268 17.28 -18.02 30.49
C ARG D 268 16.43 -18.10 29.22
N THR D 269 16.65 -17.16 28.30
CA THR D 269 15.89 -17.17 27.05
C THR D 269 15.96 -18.52 26.35
N GLU D 270 17.13 -19.17 26.41
CA GLU D 270 17.34 -20.48 25.77
C GLU D 270 16.42 -21.54 26.35
N ASP D 271 16.03 -21.39 27.62
CA ASP D 271 15.12 -22.35 28.23
C ASP D 271 13.72 -22.11 27.66
N LEU D 272 13.35 -20.84 27.47
CA LEU D 272 12.04 -20.55 26.92
C LEU D 272 11.96 -21.18 25.53
N HIS D 273 13.04 -21.05 24.75
CA HIS D 273 13.06 -21.60 23.39
C HIS D 273 12.89 -23.11 23.37
N GLN D 274 13.66 -23.79 24.22
CA GLN D 274 13.61 -25.24 24.29
C GLN D 274 12.19 -25.73 24.53
N GLN D 275 11.49 -25.09 25.47
CA GLN D 275 10.13 -25.48 25.80
C GLN D 275 9.19 -25.30 24.64
N LEU D 276 9.37 -24.21 23.90
CA LEU D 276 8.51 -23.96 22.76
C LEU D 276 8.81 -24.99 21.68
N LYS D 277 10.09 -25.26 21.45
CA LYS D 277 10.49 -26.23 20.44
C LYS D 277 9.93 -27.60 20.83
N THR D 278 9.90 -27.86 22.13
CA THR D 278 9.39 -29.12 22.64
C THR D 278 7.88 -29.25 22.51
N SER D 279 7.15 -28.27 23.02
CA SER D 279 5.69 -28.28 22.97
C SER D 279 5.13 -28.31 21.56
N TYR D 280 5.81 -27.63 20.65
CA TYR D 280 5.33 -27.55 19.28
C TYR D 280 6.18 -28.33 18.29
N GLU D 281 7.04 -29.20 18.81
CA GLU D 281 7.95 -30.02 18.01
C GLU D 281 7.35 -30.65 16.75
N ASP D 282 6.30 -31.45 16.91
CA ASP D 282 5.67 -32.10 15.78
C ASP D 282 4.37 -31.40 15.31
N GLU D 283 4.25 -30.12 15.61
CA GLU D 283 3.06 -29.36 15.23
C GLU D 283 3.20 -28.70 13.85
N GLU D 284 2.31 -29.07 12.95
CA GLU D 284 2.33 -28.53 11.60
C GLU D 284 2.20 -27.00 11.51
N PHE D 285 1.19 -26.46 12.18
CA PHE D 285 0.91 -25.05 12.09
C PHE D 285 1.60 -24.09 13.05
N VAL D 286 2.49 -24.60 13.87
CA VAL D 286 3.21 -23.74 14.79
C VAL D 286 4.70 -24.03 14.66
N LYS D 287 5.40 -23.12 14.00
CA LYS D 287 6.83 -23.23 13.79
C LYS D 287 7.55 -22.34 14.77
N VAL D 288 8.45 -22.93 15.56
CA VAL D 288 9.25 -22.19 16.52
C VAL D 288 10.55 -21.98 15.81
N LEU D 289 10.87 -20.72 15.54
CA LEU D 289 12.08 -20.37 14.82
C LEU D 289 13.28 -20.41 15.76
N ASP D 290 14.48 -20.48 15.17
CA ASP D 290 15.72 -20.51 15.93
C ASP D 290 15.90 -19.20 16.66
N GLU D 291 16.58 -19.27 17.80
CA GLU D 291 16.83 -18.09 18.63
C GLU D 291 17.41 -16.97 17.77
N GLY D 292 16.89 -15.76 17.99
CA GLY D 292 17.37 -14.61 17.25
C GLY D 292 16.81 -14.41 15.87
N VAL D 293 16.15 -15.41 15.30
CA VAL D 293 15.61 -15.25 13.97
C VAL D 293 14.28 -14.50 14.08
N VAL D 294 14.14 -13.43 13.30
CA VAL D 294 12.94 -12.61 13.33
C VAL D 294 11.86 -13.03 12.34
N PRO D 295 10.65 -13.31 12.83
CA PRO D 295 9.57 -13.70 11.91
C PRO D 295 9.00 -12.47 11.20
N ARG D 296 8.32 -12.69 10.07
CA ARG D 296 7.71 -11.61 9.27
C ARG D 296 6.32 -12.06 8.88
N THR D 297 5.29 -11.25 9.20
CA THR D 297 3.92 -11.61 8.85
C THR D 297 3.88 -11.94 7.38
N HIS D 298 4.77 -11.32 6.63
CA HIS D 298 4.83 -11.58 5.19
C HIS D 298 5.05 -13.06 4.92
N ASN D 299 5.55 -13.81 5.90
CA ASN D 299 5.81 -15.23 5.65
C ASN D 299 4.74 -16.25 5.98
N VAL D 300 3.59 -15.82 6.50
CA VAL D 300 2.51 -16.76 6.79
C VAL D 300 1.24 -16.36 6.07
N ARG D 301 1.36 -15.28 5.32
CA ARG D 301 0.30 -14.70 4.52
C ARG D 301 -0.49 -15.74 3.70
N GLY D 302 -1.78 -15.88 4.00
CA GLY D 302 -2.61 -16.81 3.26
C GLY D 302 -2.41 -18.26 3.69
N SER D 303 -2.01 -18.46 4.94
CA SER D 303 -1.79 -19.81 5.44
C SER D 303 -2.20 -19.87 6.88
N ASN D 304 -2.31 -21.09 7.36
CA ASN D 304 -2.70 -21.40 8.73
C ASN D 304 -1.54 -21.41 9.71
N TYR D 305 -0.33 -21.17 9.22
CA TYR D 305 0.86 -21.21 10.08
C TYR D 305 1.06 -19.99 10.96
N CYS D 306 1.65 -20.28 12.11
CA CYS D 306 2.04 -19.30 13.09
C CYS D 306 3.55 -19.49 13.35
N HIS D 307 4.34 -18.42 13.20
CA HIS D 307 5.77 -18.48 13.47
C HIS D 307 6.05 -17.68 14.73
N MET D 308 6.93 -18.22 15.57
CA MET D 308 7.30 -17.53 16.79
C MET D 308 8.79 -17.68 17.10
N SER D 309 9.33 -16.72 17.83
CA SER D 309 10.73 -16.74 18.22
C SER D 309 10.91 -16.14 19.61
N VAL D 310 12.10 -16.34 20.18
CA VAL D 310 12.46 -15.86 21.51
C VAL D 310 13.69 -14.96 21.43
N PHE D 311 13.66 -13.85 22.16
CA PHE D 311 14.79 -12.94 22.17
C PHE D 311 15.01 -12.42 23.55
N PRO D 312 16.28 -12.23 23.95
CA PRO D 312 16.47 -11.71 25.30
C PRO D 312 16.08 -10.23 25.25
N ASP D 313 15.59 -9.70 26.36
CA ASP D 313 15.23 -8.30 26.40
C ASP D 313 16.52 -7.67 26.88
N ARG D 314 16.72 -6.38 26.61
CA ARG D 314 17.93 -5.71 27.06
C ARG D 314 17.90 -5.59 28.57
N ILE D 315 16.69 -5.59 29.13
CA ILE D 315 16.52 -5.48 30.57
C ILE D 315 16.73 -6.84 31.21
N PRO D 316 17.77 -6.96 32.04
CA PRO D 316 18.00 -8.28 32.66
C PRO D 316 16.77 -8.92 33.30
N GLY D 317 16.55 -10.18 32.94
CA GLY D 317 15.42 -10.94 33.45
C GLY D 317 14.19 -11.03 32.56
N ARG D 318 14.18 -10.21 31.50
CA ARG D 318 13.07 -10.17 30.57
C ARG D 318 13.35 -10.83 29.22
N ALA D 319 12.31 -11.28 28.56
CA ALA D 319 12.41 -11.89 27.27
C ALA D 319 11.35 -11.26 26.36
N ILE D 320 11.50 -11.48 25.06
CA ILE D 320 10.60 -10.93 24.05
C ILE D 320 10.19 -12.04 23.12
N ILE D 321 8.89 -12.17 22.91
CA ILE D 321 8.41 -13.20 22.03
C ILE D 321 7.55 -12.55 20.94
N ILE D 322 7.73 -13.03 19.72
CA ILE D 322 7.00 -12.56 18.56
C ILE D 322 6.18 -13.72 17.97
N SER D 323 4.94 -13.42 17.60
CA SER D 323 4.04 -14.42 17.04
C SER D 323 3.26 -13.83 15.84
N VAL D 324 3.26 -14.55 14.72
CA VAL D 324 2.55 -14.09 13.53
C VAL D 324 1.78 -15.16 12.79
N ILE D 325 0.63 -14.73 12.27
CA ILE D 325 -0.25 -15.59 11.49
C ILE D 325 -0.97 -14.71 10.47
N ASP D 326 -1.85 -15.30 9.68
CA ASP D 326 -2.66 -14.53 8.77
C ASP D 326 -3.94 -14.38 9.61
N ASN D 327 -4.18 -13.20 10.18
CA ASN D 327 -5.34 -12.99 11.06
C ASN D 327 -6.66 -13.63 10.62
N LEU D 328 -6.89 -13.75 9.32
CA LEU D 328 -8.12 -14.37 8.81
C LEU D 328 -8.04 -15.90 8.74
N VAL D 329 -6.88 -16.46 9.08
CA VAL D 329 -6.70 -17.91 9.03
C VAL D 329 -6.54 -18.40 10.44
N LYS D 330 -5.31 -18.70 10.81
CA LYS D 330 -5.07 -19.19 12.16
C LYS D 330 -5.69 -18.22 13.17
N GLY D 331 -5.80 -16.95 12.80
CA GLY D 331 -6.40 -15.97 13.70
C GLY D 331 -7.93 -15.92 13.69
N ALA D 332 -8.56 -16.37 12.60
CA ALA D 332 -10.02 -16.38 12.46
C ALA D 332 -10.62 -17.70 11.96
N SER D 333 -10.65 -17.89 10.64
CA SER D 333 -11.29 -19.08 10.08
C SER D 333 -10.44 -20.29 9.86
N GLY D 334 -9.12 -20.12 9.97
CA GLY D 334 -8.22 -21.24 9.80
C GLY D 334 -8.29 -22.10 11.05
N GLN D 335 -8.28 -21.46 12.20
CA GLN D 335 -8.37 -22.20 13.45
C GLN D 335 -9.73 -22.87 13.55
N ALA D 336 -10.78 -22.20 13.06
CA ALA D 336 -12.12 -22.78 13.13
C ALA D 336 -12.12 -24.15 12.43
N LEU D 337 -11.85 -24.14 11.13
CA LEU D 337 -11.81 -25.38 10.37
C LEU D 337 -10.78 -26.34 11.00
N GLN D 338 -9.74 -25.79 11.60
CA GLN D 338 -8.74 -26.66 12.23
C GLN D 338 -9.44 -27.47 13.33
N ASN D 339 -10.45 -26.87 13.94
CA ASN D 339 -11.22 -27.53 15.00
C ASN D 339 -12.26 -28.52 14.49
N LEU D 340 -12.97 -28.15 13.43
CA LEU D 340 -13.99 -29.03 12.89
C LEU D 340 -13.35 -30.31 12.38
N ASN D 341 -12.27 -30.18 11.61
CA ASN D 341 -11.58 -31.37 11.09
C ASN D 341 -11.42 -32.43 12.19
N ILE D 342 -10.87 -32.05 13.35
CA ILE D 342 -10.69 -33.03 14.40
C ILE D 342 -11.94 -33.20 15.25
N MET D 343 -13.04 -32.57 14.84
CA MET D 343 -14.29 -32.74 15.57
C MET D 343 -15.07 -33.84 14.86
N LEU D 344 -14.89 -33.92 13.54
CA LEU D 344 -15.57 -34.93 12.76
C LEU D 344 -14.71 -36.15 12.51
N GLY D 345 -13.57 -36.21 13.21
CA GLY D 345 -12.69 -37.35 13.08
C GLY D 345 -11.75 -37.42 11.90
N TYR D 346 -11.59 -36.31 11.18
CA TYR D 346 -10.67 -36.32 10.05
C TYR D 346 -9.30 -35.82 10.46
N PRO D 347 -8.29 -36.09 9.64
CA PRO D 347 -6.96 -35.61 10.02
C PRO D 347 -7.01 -34.06 10.15
N GLU D 348 -6.35 -33.57 11.19
CA GLU D 348 -6.34 -32.16 11.48
C GLU D 348 -5.96 -31.24 10.32
N THR D 349 -4.86 -31.52 9.64
CA THR D 349 -4.39 -30.69 8.55
C THR D 349 -5.15 -30.78 7.25
N THR D 350 -6.21 -31.58 7.26
CA THR D 350 -7.02 -31.77 6.06
C THR D 350 -7.51 -30.47 5.46
N GLY D 351 -7.21 -30.28 4.18
CA GLY D 351 -7.62 -29.08 3.47
C GLY D 351 -6.99 -27.79 3.97
N LEU D 352 -6.02 -27.89 4.88
CA LEU D 352 -5.38 -26.71 5.43
C LEU D 352 -3.90 -26.59 5.13
N LEU D 353 -3.46 -27.19 4.03
CA LEU D 353 -2.05 -27.14 3.69
C LEU D 353 -1.61 -26.03 2.72
N HIS D 354 -2.50 -25.08 2.46
CA HIS D 354 -2.18 -23.95 1.57
C HIS D 354 -0.88 -23.30 2.10
N GLN D 355 0.07 -23.04 1.21
CA GLN D 355 1.36 -22.43 1.55
C GLN D 355 1.31 -20.91 1.49
N PRO D 356 2.14 -20.21 2.29
CA PRO D 356 2.10 -18.74 2.25
C PRO D 356 2.10 -18.08 0.86
N LEU D 357 1.33 -17.00 0.71
CA LEU D 357 1.34 -16.29 -0.57
C LEU D 357 2.32 -15.12 -0.49
N PHE D 358 3.61 -15.44 -0.60
CA PHE D 358 4.70 -14.47 -0.61
C PHE D 358 5.50 -14.70 -1.89
N PRO D 359 5.72 -13.64 -2.69
CA PRO D 359 5.26 -12.27 -2.42
C PRO D 359 3.78 -12.10 -2.71
N LYS A 15 18.19 35.46 -1.19
CA LYS A 15 18.44 34.88 0.18
C LYS A 15 19.85 35.25 0.64
N ASP A 16 20.06 35.37 1.94
CA ASP A 16 21.36 35.77 2.45
C ASP A 16 22.19 34.67 3.11
N ILE A 17 21.77 33.43 2.97
CA ILE A 17 22.50 32.35 3.60
C ILE A 17 22.79 31.22 2.64
N ARG A 18 24.08 30.95 2.44
CA ARG A 18 24.54 29.91 1.54
C ARG A 18 24.62 28.59 2.31
N ILE A 19 23.88 27.60 1.83
CA ILE A 19 23.84 26.32 2.49
C ILE A 19 24.65 25.22 1.80
N GLY A 20 25.45 24.52 2.58
CA GLY A 20 26.20 23.40 2.05
C GLY A 20 25.42 22.16 2.46
N LEU A 21 25.05 21.33 1.49
CA LEU A 21 24.29 20.13 1.80
C LEU A 21 25.15 18.89 1.49
N LEU A 22 25.62 18.19 2.53
CA LEU A 22 26.43 16.98 2.31
C LEU A 22 25.51 15.75 2.24
N GLY A 23 25.92 14.76 1.45
CA GLY A 23 25.12 13.56 1.33
C GLY A 23 23.71 13.92 0.88
N ALA A 24 23.66 14.64 -0.24
CA ALA A 24 22.41 15.10 -0.82
C ALA A 24 21.65 14.03 -1.58
N SER A 25 22.25 12.85 -1.76
CA SER A 25 21.58 11.77 -2.48
C SER A 25 20.57 10.98 -1.63
N GLY A 26 20.59 11.13 -0.32
CA GLY A 26 19.64 10.38 0.50
C GLY A 26 18.37 11.12 0.84
N TYR A 27 17.29 10.38 1.08
CA TYR A 27 15.98 10.93 1.39
C TYR A 27 15.97 12.16 2.30
N THR A 28 16.83 12.18 3.33
CA THR A 28 16.87 13.34 4.21
C THR A 28 17.44 14.52 3.40
N GLY A 29 18.48 14.27 2.62
CA GLY A 29 19.06 15.33 1.79
C GLY A 29 17.95 15.97 0.97
N ALA A 30 17.22 15.15 0.21
CA ALA A 30 16.12 15.65 -0.60
C ALA A 30 15.14 16.44 0.27
N GLU A 31 14.83 15.91 1.45
CA GLU A 31 13.93 16.60 2.38
C GLU A 31 14.48 17.99 2.72
N ILE A 32 15.78 18.08 2.99
CA ILE A 32 16.35 19.39 3.32
C ILE A 32 16.08 20.30 2.13
N VAL A 33 16.43 19.83 0.93
CA VAL A 33 16.22 20.61 -0.29
C VAL A 33 14.75 20.98 -0.43
N ARG A 34 13.85 20.04 -0.15
CA ARG A 34 12.42 20.32 -0.24
C ARG A 34 12.04 21.45 0.72
N LEU A 35 12.45 21.32 1.97
CA LEU A 35 12.14 22.31 2.99
C LEU A 35 12.74 23.70 2.68
N LEU A 36 13.92 23.73 2.07
CA LEU A 36 14.56 25.01 1.77
C LEU A 36 13.98 25.72 0.55
N ALA A 37 13.31 24.94 -0.30
CA ALA A 37 12.70 25.50 -1.50
C ALA A 37 11.90 26.80 -1.23
N ASN A 38 11.19 26.86 -0.12
CA ASN A 38 10.44 28.08 0.18
C ASN A 38 10.86 28.77 1.48
N HIS A 39 12.07 28.46 1.94
CA HIS A 39 12.63 29.10 3.13
C HIS A 39 13.11 30.44 2.55
N PRO A 40 12.70 31.55 3.16
CA PRO A 40 13.10 32.87 2.66
C PRO A 40 14.56 33.27 2.74
N HIS A 41 15.31 32.66 3.64
CA HIS A 41 16.70 33.08 3.81
C HIS A 41 17.80 32.09 3.55
N PHE A 42 17.46 30.82 3.46
CA PHE A 42 18.46 29.81 3.25
C PHE A 42 18.40 29.28 1.82
N GLN A 43 19.54 29.29 1.15
CA GLN A 43 19.61 28.80 -0.21
C GLN A 43 20.72 27.77 -0.37
N VAL A 44 20.36 26.63 -0.93
CA VAL A 44 21.33 25.57 -1.16
C VAL A 44 22.23 25.97 -2.33
N THR A 45 23.52 26.15 -2.07
CA THR A 45 24.43 26.54 -3.14
C THR A 45 25.53 25.51 -3.36
N LEU A 46 25.51 24.46 -2.57
CA LEU A 46 26.52 23.42 -2.71
C LEU A 46 25.89 22.08 -2.32
N MET A 47 26.19 21.03 -3.06
CA MET A 47 25.65 19.71 -2.77
C MET A 47 26.57 18.62 -3.26
N THR A 48 26.76 17.63 -2.39
CA THR A 48 27.61 16.52 -2.72
C THR A 48 26.85 15.19 -2.77
N ALA A 49 27.43 14.25 -3.52
CA ALA A 49 26.90 12.92 -3.67
C ALA A 49 28.09 12.00 -3.83
N ASP A 50 27.82 10.70 -3.79
CA ASP A 50 28.86 9.72 -3.92
C ASP A 50 28.92 9.17 -5.35
N ARG A 51 28.18 8.11 -5.63
CA ARG A 51 28.21 7.57 -6.98
C ARG A 51 27.74 8.60 -7.98
N LYS A 52 26.75 9.39 -7.57
CA LYS A 52 26.17 10.40 -8.46
C LYS A 52 26.76 11.80 -8.31
N ALA A 53 27.97 11.88 -7.78
CA ALA A 53 28.65 13.16 -7.61
C ALA A 53 29.17 13.64 -8.95
N GLY A 54 28.28 14.25 -9.72
CA GLY A 54 28.62 14.75 -11.03
C GLY A 54 27.34 14.96 -11.83
N GLN A 55 26.22 14.49 -11.27
CA GLN A 55 24.93 14.61 -11.93
C GLN A 55 24.14 15.82 -11.45
N SER A 56 22.92 15.91 -11.96
CA SER A 56 22.00 16.97 -11.57
C SER A 56 21.00 16.25 -10.68
N MET A 57 20.73 16.80 -9.50
CA MET A 57 19.80 16.15 -8.60
C MET A 57 18.46 15.96 -9.29
N GLU A 58 18.32 16.52 -10.48
CA GLU A 58 17.10 16.39 -11.26
C GLU A 58 17.01 14.95 -11.78
N SER A 59 18.15 14.40 -12.14
CA SER A 59 18.19 13.02 -12.62
C SER A 59 18.29 12.05 -11.44
N VAL A 60 18.27 12.60 -10.23
CA VAL A 60 18.35 11.78 -9.03
C VAL A 60 16.99 11.79 -8.34
N PHE A 61 16.44 12.99 -8.21
CA PHE A 61 15.14 13.20 -7.60
C PHE A 61 14.29 14.09 -8.50
N PRO A 62 13.78 13.51 -9.60
CA PRO A 62 12.97 14.29 -10.54
C PRO A 62 11.84 15.10 -9.89
N HIS A 63 11.39 14.73 -8.70
CA HIS A 63 10.35 15.55 -8.10
C HIS A 63 10.83 16.97 -7.78
N LEU A 64 12.15 17.18 -7.74
CA LEU A 64 12.69 18.50 -7.41
C LEU A 64 12.79 19.48 -8.59
N ARG A 65 12.48 19.00 -9.79
CA ARG A 65 12.61 19.82 -10.99
C ARG A 65 12.07 21.25 -10.98
N ALA A 66 11.06 21.56 -10.17
CA ALA A 66 10.54 22.91 -10.12
C ALA A 66 11.48 23.76 -9.28
N GLN A 67 12.78 23.54 -9.43
CA GLN A 67 13.79 24.29 -8.67
C GLN A 67 15.12 24.41 -9.38
N LYS A 68 15.90 25.42 -8.99
CA LYS A 68 17.22 25.68 -9.56
C LYS A 68 18.25 25.24 -8.53
N LEU A 69 18.96 24.14 -8.83
CA LEU A 69 19.91 23.61 -7.87
C LEU A 69 21.35 23.54 -8.35
N PRO A 70 22.29 23.51 -7.41
CA PRO A 70 23.72 23.43 -7.69
C PRO A 70 24.06 22.13 -8.40
N THR A 71 25.28 22.06 -8.89
CA THR A 71 25.74 20.86 -9.55
C THR A 71 26.23 19.93 -8.45
N LEU A 72 25.85 18.67 -8.54
CA LEU A 72 26.27 17.69 -7.55
C LEU A 72 27.73 17.32 -7.75
N VAL A 73 28.58 17.59 -6.76
CA VAL A 73 29.98 17.24 -6.87
C VAL A 73 30.34 16.31 -5.74
N SER A 74 31.60 15.91 -5.67
CA SER A 74 32.05 15.03 -4.63
C SER A 74 32.58 15.84 -3.46
N VAL A 75 32.47 15.31 -2.25
CA VAL A 75 32.97 16.00 -1.07
C VAL A 75 34.45 16.35 -1.25
N LYS A 76 35.13 15.55 -2.06
CA LYS A 76 36.54 15.74 -2.33
C LYS A 76 36.83 17.04 -3.10
N ASP A 77 35.87 17.47 -3.93
CA ASP A 77 36.05 18.69 -4.73
C ASP A 77 35.17 19.87 -4.31
N ALA A 78 34.54 19.78 -3.14
CA ALA A 78 33.66 20.85 -2.66
C ALA A 78 34.45 21.95 -1.96
N ASP A 79 34.12 23.21 -2.27
CA ASP A 79 34.79 24.35 -1.64
C ASP A 79 33.92 24.89 -0.50
N PHE A 80 34.23 24.49 0.73
CA PHE A 80 33.42 24.90 1.86
C PHE A 80 33.55 26.32 2.38
N SER A 81 34.42 27.11 1.76
CA SER A 81 34.58 28.50 2.19
C SER A 81 33.50 29.26 1.42
N THR A 82 32.81 28.50 0.57
CA THR A 82 31.74 29.00 -0.28
C THR A 82 30.39 29.06 0.45
N VAL A 83 30.28 28.44 1.62
CA VAL A 83 28.99 28.45 2.33
C VAL A 83 29.03 28.99 3.75
N ASP A 84 27.85 29.28 4.27
CA ASP A 84 27.71 29.83 5.61
C ASP A 84 27.43 28.77 6.65
N ALA A 85 26.79 27.69 6.21
CA ALA A 85 26.44 26.60 7.11
C ALA A 85 26.20 25.33 6.28
N VAL A 86 26.27 24.18 6.93
CA VAL A 86 26.10 22.91 6.23
C VAL A 86 25.22 21.92 6.97
N PHE A 87 24.55 21.05 6.23
CA PHE A 87 23.74 19.98 6.80
C PHE A 87 24.50 18.72 6.37
N CYS A 88 24.67 17.77 7.27
CA CYS A 88 25.39 16.56 6.88
C CYS A 88 24.49 15.36 6.87
N CYS A 89 24.26 14.80 5.69
CA CYS A 89 23.42 13.62 5.58
C CYS A 89 24.24 12.44 5.12
N LEU A 90 25.47 12.32 5.60
CA LEU A 90 26.32 11.19 5.21
C LEU A 90 26.17 10.02 6.17
N PRO A 91 26.75 8.86 5.81
CA PRO A 91 26.66 7.67 6.65
C PRO A 91 27.47 7.82 7.94
N HIS A 92 27.02 7.09 8.96
CA HIS A 92 27.68 7.07 10.25
C HIS A 92 29.01 6.36 10.09
N GLY A 93 30.08 6.95 10.59
CA GLY A 93 31.39 6.34 10.50
C GLY A 93 32.33 7.01 9.52
N THR A 94 31.92 8.16 9.01
CA THR A 94 32.70 8.91 8.05
C THR A 94 32.59 10.37 8.36
N THR A 95 31.45 10.72 8.93
CA THR A 95 31.11 12.08 9.29
C THR A 95 32.13 12.79 10.19
N GLN A 96 32.73 12.05 11.13
CA GLN A 96 33.69 12.65 12.04
C GLN A 96 34.93 13.25 11.41
N GLU A 97 35.68 12.50 10.61
CA GLU A 97 36.89 13.06 10.03
C GLU A 97 36.59 14.13 8.97
N ILE A 98 35.37 14.13 8.44
CA ILE A 98 34.97 15.13 7.46
C ILE A 98 34.64 16.45 8.15
N ILE A 99 33.78 16.37 9.16
CA ILE A 99 33.36 17.56 9.91
C ILE A 99 34.51 18.12 10.73
N LYS A 100 35.34 17.24 11.27
CA LYS A 100 36.48 17.65 12.08
C LYS A 100 37.41 18.53 11.26
N GLU A 101 37.31 18.43 9.94
CA GLU A 101 38.16 19.22 9.06
C GLU A 101 37.45 20.35 8.32
N LEU A 102 36.18 20.57 8.61
CA LEU A 102 35.45 21.65 7.97
C LEU A 102 35.90 23.01 8.52
N PRO A 103 35.70 24.10 7.76
CA PRO A 103 36.08 25.47 8.18
C PRO A 103 35.39 25.85 9.48
N THR A 104 36.18 26.34 10.43
CA THR A 104 35.68 26.75 11.75
C THR A 104 34.60 27.83 11.69
N ALA A 105 34.52 28.54 10.56
CA ALA A 105 33.54 29.61 10.41
C ALA A 105 32.14 29.08 10.13
N LEU A 106 32.05 27.83 9.70
CA LEU A 106 30.75 27.23 9.39
C LEU A 106 29.91 26.85 10.58
N LYS A 107 28.59 26.97 10.42
CA LYS A 107 27.67 26.49 11.44
C LYS A 107 27.31 25.12 10.83
N ILE A 108 27.25 24.08 11.66
CA ILE A 108 27.01 22.72 11.19
C ILE A 108 25.93 21.93 11.92
N VAL A 109 25.10 21.23 11.15
CA VAL A 109 24.10 20.39 11.75
C VAL A 109 24.34 19.01 11.15
N ASP A 110 24.91 18.13 11.96
CA ASP A 110 25.18 16.78 11.51
C ASP A 110 23.97 15.91 11.83
N LEU A 111 23.32 15.34 10.81
CA LEU A 111 22.15 14.48 11.06
C LEU A 111 22.54 13.04 11.38
N SER A 112 23.82 12.72 11.19
CA SER A 112 24.29 11.35 11.44
C SER A 112 24.32 11.12 12.95
N ALA A 113 24.70 9.92 13.35
CA ALA A 113 24.80 9.56 14.75
C ALA A 113 26.21 9.84 15.33
N ASP A 114 27.23 9.85 14.48
CA ASP A 114 28.63 10.06 14.88
C ASP A 114 28.93 11.02 16.03
N PHE A 115 28.13 12.05 16.25
CA PHE A 115 28.42 12.98 17.34
C PHE A 115 27.35 13.07 18.41
N ARG A 116 26.43 12.10 18.41
CA ARG A 116 25.34 12.09 19.38
C ARG A 116 25.77 11.57 20.75
N LEU A 117 26.51 10.47 20.78
CA LEU A 117 26.93 9.90 22.05
C LEU A 117 28.14 10.65 22.65
N ARG A 118 28.00 11.15 23.86
CA ARG A 118 29.09 11.87 24.51
C ARG A 118 30.18 10.93 25.00
N ASN A 119 29.80 9.69 25.28
CA ASN A 119 30.77 8.72 25.77
C ASN A 119 31.52 8.03 24.63
N ILE A 120 32.80 8.39 24.52
CA ILE A 120 33.70 7.87 23.50
C ILE A 120 33.70 6.36 23.33
N ALA A 121 33.81 5.65 24.46
CA ALA A 121 33.82 4.20 24.47
C ALA A 121 32.49 3.65 23.99
N GLU A 122 31.42 4.34 24.37
CA GLU A 122 30.07 3.94 23.99
C GLU A 122 29.95 4.01 22.48
N TYR A 123 30.53 5.04 21.88
CA TYR A 123 30.44 5.17 20.44
C TYR A 123 31.10 3.99 19.76
N GLU A 124 32.27 3.62 20.25
CA GLU A 124 33.01 2.51 19.65
C GLU A 124 32.33 1.15 19.82
N GLU A 125 31.72 0.92 20.98
CA GLU A 125 31.05 -0.36 21.17
C GLU A 125 29.78 -0.48 20.32
N TRP A 126 29.07 0.61 20.15
CA TRP A 126 27.85 0.58 19.35
C TRP A 126 28.05 0.84 17.85
N TYR A 127 29.09 1.59 17.50
CA TYR A 127 29.33 1.90 16.09
C TYR A 127 30.53 1.20 15.45
N GLY A 128 31.10 0.26 16.20
CA GLY A 128 32.21 -0.54 15.73
C GLY A 128 33.55 0.05 15.29
N GLN A 129 33.96 1.16 15.90
CA GLN A 129 35.23 1.77 15.56
C GLN A 129 35.49 2.98 16.42
N PRO A 130 36.78 3.29 16.63
CA PRO A 130 37.23 4.44 17.42
C PRO A 130 36.57 5.75 17.00
N HIS A 131 36.36 6.63 17.97
CA HIS A 131 35.76 7.93 17.72
C HIS A 131 36.87 8.81 17.14
N LYS A 132 36.65 9.37 15.95
CA LYS A 132 37.68 10.19 15.30
C LYS A 132 37.84 11.63 15.85
N ALA A 133 36.75 12.36 15.94
CA ALA A 133 36.80 13.74 16.42
C ALA A 133 36.58 13.77 17.92
N VAL A 134 37.32 12.95 18.65
CA VAL A 134 37.17 12.90 20.09
C VAL A 134 37.06 14.28 20.70
N GLU A 135 38.00 15.15 20.35
CA GLU A 135 38.00 16.49 20.92
C GLU A 135 36.82 17.34 20.49
N LEU A 136 36.51 17.35 19.19
CA LEU A 136 35.39 18.14 18.69
C LEU A 136 34.10 17.79 19.44
N GLN A 137 33.96 16.49 19.72
CA GLN A 137 32.80 15.95 20.42
C GLN A 137 32.35 16.77 21.63
N LYS A 138 33.30 17.14 22.48
CA LYS A 138 33.01 17.88 23.69
C LYS A 138 32.30 19.21 23.51
N GLU A 139 32.25 19.74 22.29
CA GLU A 139 31.56 21.00 22.10
C GLU A 139 30.23 20.78 21.36
N VAL A 140 29.91 19.52 21.10
CA VAL A 140 28.68 19.18 20.40
C VAL A 140 27.44 19.24 21.30
N VAL A 141 26.36 19.81 20.76
CA VAL A 141 25.08 19.89 21.46
C VAL A 141 24.03 19.01 20.77
N TYR A 142 23.36 18.14 21.53
CA TYR A 142 22.30 17.26 21.02
C TYR A 142 21.14 18.15 20.55
N GLY A 143 20.79 18.07 19.27
CA GLY A 143 19.73 18.94 18.77
C GLY A 143 18.25 18.61 18.84
N LEU A 144 17.71 18.19 19.98
CA LEU A 144 16.27 17.92 20.06
C LEU A 144 15.74 19.29 20.54
N THR A 145 15.50 20.15 19.55
CA THR A 145 15.10 21.54 19.77
C THR A 145 14.25 21.94 20.99
N GLU A 146 13.09 21.33 21.16
CA GLU A 146 12.22 21.71 22.27
C GLU A 146 12.84 21.55 23.65
N ILE A 147 13.76 20.60 23.79
CA ILE A 147 14.42 20.33 25.08
C ILE A 147 15.74 21.10 25.31
N LEU A 148 16.62 21.15 24.30
CA LEU A 148 17.91 21.84 24.49
C LEU A 148 18.10 23.14 23.70
N ARG A 149 16.98 23.75 23.29
CA ARG A 149 16.99 25.01 22.54
C ARG A 149 18.05 26.03 22.96
N GLU A 150 17.87 26.62 24.13
CA GLU A 150 18.77 27.65 24.65
C GLU A 150 20.22 27.25 24.42
N ASP A 151 20.49 25.96 24.59
CA ASP A 151 21.83 25.45 24.41
C ASP A 151 22.18 25.33 22.93
N ILE A 152 21.27 24.75 22.14
CA ILE A 152 21.51 24.59 20.71
C ILE A 152 21.86 25.94 20.08
N LYS A 153 21.19 26.99 20.53
CA LYS A 153 21.39 28.36 20.05
C LYS A 153 22.83 28.84 20.02
N LYS A 154 23.65 28.38 20.95
CA LYS A 154 25.03 28.83 20.97
C LYS A 154 26.06 27.78 20.55
N ALA A 155 25.62 26.77 19.80
CA ALA A 155 26.53 25.73 19.34
C ALA A 155 26.93 25.95 17.89
N ARG A 156 28.14 25.53 17.53
CA ARG A 156 28.58 25.65 16.13
C ARG A 156 28.31 24.29 15.48
N LEU A 157 28.44 23.22 16.27
CA LEU A 157 28.21 21.87 15.80
C LEU A 157 27.11 21.22 16.64
N VAL A 158 26.01 20.87 15.98
CA VAL A 158 24.91 20.23 16.66
C VAL A 158 24.71 18.84 16.09
N ALA A 159 24.52 17.87 16.99
CA ALA A 159 24.29 16.50 16.60
C ALA A 159 22.78 16.35 16.53
N ASN A 160 22.25 16.22 15.31
CA ASN A 160 20.80 16.08 15.13
C ASN A 160 20.38 14.71 15.66
N PRO A 161 19.38 14.67 16.56
CA PRO A 161 18.95 13.37 17.09
C PRO A 161 18.37 12.41 16.06
N GLY A 162 18.27 11.15 16.45
CA GLY A 162 17.69 10.16 15.55
C GLY A 162 16.17 10.33 15.62
N CYS A 163 15.45 9.58 14.79
CA CYS A 163 14.01 9.66 14.73
C CYS A 163 13.35 9.01 15.98
N TYR A 164 13.53 7.70 16.16
CA TYR A 164 12.98 7.02 17.34
C TYR A 164 13.33 7.76 18.63
N PRO A 165 14.64 8.08 18.82
CA PRO A 165 15.03 8.80 20.03
C PRO A 165 14.18 10.06 20.24
N THR A 166 13.95 10.82 19.16
CA THR A 166 13.15 12.04 19.24
C THR A 166 11.71 11.75 19.69
N THR A 167 11.05 10.78 19.05
CA THR A 167 9.67 10.42 19.41
C THR A 167 9.53 10.00 20.87
N ILE A 168 10.57 9.34 21.42
CA ILE A 168 10.56 8.82 22.78
C ILE A 168 11.02 9.80 23.88
N GLN A 169 11.99 10.67 23.58
CA GLN A 169 12.48 11.61 24.57
C GLN A 169 11.57 12.81 24.80
N LEU A 170 10.84 13.24 23.78
CA LEU A 170 9.96 14.40 23.99
C LEU A 170 8.98 14.10 25.14
N PRO A 171 8.34 12.92 25.13
CA PRO A 171 7.40 12.60 26.22
C PRO A 171 8.09 12.27 27.56
N LEU A 172 9.05 11.35 27.54
CA LEU A 172 9.69 10.95 28.79
C LEU A 172 10.56 11.95 29.51
N VAL A 173 11.20 12.88 28.80
CA VAL A 173 12.06 13.82 29.50
C VAL A 173 11.35 14.62 30.60
N PRO A 174 10.28 15.34 30.26
CA PRO A 174 9.55 16.12 31.27
C PRO A 174 9.01 15.24 32.41
N LEU A 175 8.57 14.03 32.09
CA LEU A 175 8.02 13.16 33.13
C LEU A 175 9.05 12.77 34.15
N LEU A 176 10.21 12.31 33.68
CA LEU A 176 11.31 11.93 34.55
C LEU A 176 11.76 13.17 35.33
N LYS A 177 11.70 14.32 34.67
CA LYS A 177 12.08 15.59 35.28
C LYS A 177 11.22 15.86 36.52
N ALA A 178 9.92 15.64 36.38
CA ALA A 178 9.00 15.87 37.49
C ALA A 178 8.90 14.63 38.41
N ASN A 179 9.67 13.59 38.12
CA ASN A 179 9.63 12.36 38.92
C ASN A 179 8.23 11.73 38.89
N LEU A 180 7.54 11.88 37.77
CA LEU A 180 6.19 11.35 37.61
C LEU A 180 6.19 9.88 37.18
N ILE A 181 7.35 9.39 36.75
CA ILE A 181 7.46 8.01 36.32
C ILE A 181 8.76 7.44 36.84
N LYS A 182 8.80 6.13 37.03
CA LYS A 182 9.99 5.43 37.50
C LYS A 182 10.95 5.19 36.34
N HIS A 183 12.24 5.08 36.60
CA HIS A 183 13.15 4.84 35.49
C HIS A 183 13.57 3.39 35.39
N GLU A 184 12.62 2.50 35.66
CA GLU A 184 12.81 1.06 35.57
C GLU A 184 11.72 0.47 34.67
N ASN A 185 12.06 -0.56 33.94
CA ASN A 185 11.12 -1.22 33.04
C ASN A 185 10.45 -0.32 32.00
N ILE A 186 11.22 0.60 31.41
CA ILE A 186 10.70 1.44 30.35
C ILE A 186 10.72 0.54 29.10
N ILE A 187 9.56 0.06 28.66
CA ILE A 187 9.52 -0.82 27.49
C ILE A 187 9.03 -0.09 26.26
N ILE A 188 9.86 -0.11 25.21
CA ILE A 188 9.51 0.57 23.97
C ILE A 188 9.27 -0.36 22.78
N ASP A 189 8.00 -0.45 22.36
CA ASP A 189 7.61 -1.25 21.20
C ASP A 189 7.33 -0.23 20.09
N ALA A 190 8.15 -0.24 19.04
CA ALA A 190 7.97 0.72 17.98
C ALA A 190 8.25 0.22 16.57
N LYS A 191 7.73 0.95 15.60
CA LYS A 191 7.87 0.59 14.21
C LYS A 191 7.79 1.89 13.40
N SER A 192 8.76 2.09 12.52
CA SER A 192 8.85 3.28 11.67
C SER A 192 8.53 2.95 10.20
N GLY A 193 8.15 3.97 9.42
CA GLY A 193 7.90 3.77 8.00
C GLY A 193 9.24 3.34 7.42
N VAL A 194 9.21 2.62 6.30
CA VAL A 194 10.45 2.11 5.69
C VAL A 194 11.41 3.14 5.09
N SER A 195 10.93 4.36 4.83
CA SER A 195 11.81 5.38 4.27
C SER A 195 13.02 5.54 5.17
N GLY A 196 12.87 5.14 6.44
CA GLY A 196 13.95 5.22 7.39
C GLY A 196 15.06 4.27 7.00
N ALA A 197 14.77 3.29 6.13
CA ALA A 197 15.79 2.32 5.71
C ALA A 197 16.70 2.91 4.67
N GLY A 198 16.35 4.10 4.19
CA GLY A 198 17.16 4.75 3.16
C GLY A 198 16.85 4.32 1.74
N ARG A 199 17.59 4.91 0.81
CA ARG A 199 17.43 4.66 -0.61
C ARG A 199 18.41 3.64 -1.19
N GLY A 200 19.08 2.87 -0.33
CA GLY A 200 20.02 1.88 -0.84
C GLY A 200 19.30 0.78 -1.59
N ALA A 201 19.84 0.38 -2.74
CA ALA A 201 19.22 -0.65 -3.56
C ALA A 201 19.36 -2.06 -2.95
N LYS A 202 18.59 -2.31 -1.91
CA LYS A 202 18.62 -3.59 -1.24
C LYS A 202 17.39 -4.43 -1.48
N GLU A 203 17.63 -5.72 -1.67
CA GLU A 203 16.57 -6.67 -1.90
C GLU A 203 15.54 -6.58 -0.80
N ALA A 204 15.99 -6.51 0.44
CA ALA A 204 15.07 -6.46 1.56
C ALA A 204 14.06 -5.30 1.52
N ASN A 205 14.41 -4.22 0.82
CA ASN A 205 13.55 -3.05 0.77
C ASN A 205 12.65 -2.81 -0.45
N LEU A 206 12.57 -3.82 -1.31
CA LEU A 206 11.74 -3.76 -2.49
C LEU A 206 10.26 -3.74 -2.09
N TYR A 207 9.45 -3.09 -2.92
CA TYR A 207 8.01 -3.03 -2.69
C TYR A 207 7.42 -4.45 -2.50
N SER A 208 7.72 -5.35 -3.43
CA SER A 208 7.24 -6.73 -3.36
C SER A 208 7.66 -7.47 -2.09
N GLU A 209 8.83 -7.12 -1.57
CA GLU A 209 9.35 -7.77 -0.37
C GLU A 209 8.89 -7.06 0.90
N ILE A 210 8.38 -5.84 0.76
CA ILE A 210 7.94 -5.06 1.92
C ILE A 210 6.43 -4.99 2.17
N ALA A 211 5.65 -4.68 1.13
CA ALA A 211 4.21 -4.51 1.31
C ALA A 211 3.43 -5.67 1.84
N GLU A 212 2.31 -5.32 2.50
CA GLU A 212 1.34 -6.28 3.03
C GLU A 212 1.87 -7.21 4.12
N GLY A 213 2.84 -6.69 4.87
CA GLY A 213 3.40 -7.44 5.96
C GLY A 213 4.13 -6.47 6.86
N ILE A 214 4.51 -6.96 8.04
CA ILE A 214 5.28 -6.20 8.99
C ILE A 214 6.19 -7.18 9.72
N SER A 215 7.20 -6.65 10.41
CA SER A 215 8.10 -7.48 11.21
C SER A 215 8.99 -6.59 12.09
N SER A 216 9.56 -7.17 13.12
CA SER A 216 10.47 -6.45 13.99
C SER A 216 11.87 -6.48 13.32
N TYR A 217 12.80 -5.76 13.92
CA TYR A 217 14.19 -5.77 13.47
C TYR A 217 14.97 -5.15 14.61
N GLY A 218 16.28 -5.35 14.60
CA GLY A 218 17.10 -4.78 15.65
C GLY A 218 16.59 -5.14 17.02
N VAL A 219 16.21 -6.40 17.22
CA VAL A 219 15.73 -6.82 18.53
C VAL A 219 16.87 -6.88 19.53
N THR A 220 16.59 -6.45 20.76
CA THR A 220 17.56 -6.45 21.87
C THR A 220 18.59 -5.32 21.81
N ARG A 221 19.22 -5.17 20.65
CA ARG A 221 20.23 -4.13 20.46
C ARG A 221 19.94 -3.42 19.14
N HIS A 222 19.95 -2.10 19.20
CA HIS A 222 19.76 -1.25 18.05
C HIS A 222 20.57 -0.04 18.46
N ARG A 223 21.27 0.56 17.51
CA ARG A 223 22.13 1.69 17.84
C ARG A 223 21.46 2.91 18.47
N HIS A 224 20.13 2.99 18.45
CA HIS A 224 19.45 4.13 19.08
C HIS A 224 19.38 3.92 20.60
N VAL A 225 19.54 2.68 21.05
CA VAL A 225 19.48 2.40 22.48
C VAL A 225 20.39 3.28 23.34
N PRO A 226 21.70 3.32 23.03
CA PRO A 226 22.52 4.19 23.88
C PRO A 226 22.13 5.65 23.80
N GLU A 227 21.57 6.06 22.67
CA GLU A 227 21.16 7.46 22.48
C GLU A 227 19.95 7.75 23.41
N ILE A 228 18.95 6.87 23.32
CA ILE A 228 17.75 7.00 24.15
C ILE A 228 18.15 7.02 25.63
N GLU A 229 18.96 6.07 26.05
CA GLU A 229 19.38 5.97 27.44
C GLU A 229 20.19 7.19 27.93
N GLN A 230 21.10 7.69 27.10
CA GLN A 230 21.91 8.87 27.45
C GLN A 230 21.00 10.06 27.81
N GLY A 231 20.06 10.36 26.91
CA GLY A 231 19.12 11.44 27.17
C GLY A 231 18.30 11.22 28.44
N LEU A 232 17.76 10.02 28.60
CA LEU A 232 16.95 9.73 29.78
C LEU A 232 17.81 9.72 31.05
N SER A 233 19.00 9.13 30.95
CA SER A 233 19.88 9.09 32.12
C SER A 233 20.26 10.49 32.60
N ASP A 234 20.54 11.38 31.67
CA ASP A 234 20.91 12.75 32.03
C ASP A 234 19.83 13.36 32.93
N VAL A 235 18.57 13.25 32.52
CA VAL A 235 17.50 13.83 33.31
C VAL A 235 17.12 13.01 34.55
N ALA A 236 17.33 11.70 34.52
CA ALA A 236 16.98 10.89 35.69
C ALA A 236 18.13 10.86 36.71
N GLN A 237 19.27 11.44 36.33
CA GLN A 237 20.48 11.49 37.17
C GLN A 237 20.77 10.11 37.75
N SER A 238 20.66 9.12 36.88
CA SER A 238 20.88 7.74 37.25
C SER A 238 20.88 6.95 35.95
N LYS A 239 21.60 5.85 35.92
CA LYS A 239 21.65 5.06 34.71
C LYS A 239 20.31 4.41 34.40
N VAL A 240 19.76 4.73 33.23
CA VAL A 240 18.49 4.17 32.81
C VAL A 240 18.72 3.09 31.76
N THR A 241 18.12 1.91 31.97
CA THR A 241 18.23 0.81 31.04
C THR A 241 16.83 0.50 30.49
N VAL A 242 16.69 0.56 29.17
CA VAL A 242 15.40 0.33 28.54
C VAL A 242 15.41 -0.86 27.60
N SER A 243 14.24 -1.12 27.02
CA SER A 243 14.03 -2.16 26.03
C SER A 243 13.48 -1.39 24.82
N PHE A 244 13.75 -1.86 23.61
CA PHE A 244 13.29 -1.16 22.41
C PHE A 244 13.22 -2.10 21.20
N THR A 245 12.08 -2.16 20.50
CA THR A 245 11.95 -3.05 19.34
C THR A 245 11.40 -2.40 18.06
N PRO A 246 12.26 -2.21 17.05
CA PRO A 246 11.81 -1.61 15.79
C PRO A 246 11.00 -2.60 14.93
N HIS A 247 10.09 -2.09 14.12
CA HIS A 247 9.30 -2.93 13.20
C HIS A 247 9.27 -2.20 11.86
N LEU A 248 9.19 -2.97 10.79
CA LEU A 248 9.14 -2.41 9.45
C LEU A 248 7.69 -2.35 9.00
N MET A 249 7.22 -1.13 8.78
CA MET A 249 5.83 -0.89 8.37
C MET A 249 5.66 -0.75 6.87
N PRO A 250 4.56 -1.31 6.33
CA PRO A 250 4.35 -1.15 4.88
C PRO A 250 3.74 0.24 4.66
N MET A 251 4.62 1.24 4.61
CA MET A 251 4.26 2.62 4.39
C MET A 251 5.59 3.41 4.31
N ILE A 252 5.61 4.43 3.46
CA ILE A 252 6.78 5.23 3.21
C ILE A 252 7.20 6.07 4.40
N ARG A 253 6.28 6.95 4.81
CA ARG A 253 6.51 7.90 5.91
C ARG A 253 5.71 7.58 7.15
N GLY A 254 6.24 7.97 8.31
CA GLY A 254 5.54 7.77 9.56
C GLY A 254 6.30 7.03 10.65
N MET A 255 6.14 7.52 11.88
CA MET A 255 6.82 6.91 13.01
C MET A 255 6.01 7.12 14.28
N GLN A 256 5.90 6.06 15.07
CA GLN A 256 5.20 6.13 16.35
C GLN A 256 5.89 5.18 17.28
N SER A 257 5.87 5.52 18.56
CA SER A 257 6.42 4.64 19.58
C SER A 257 5.28 4.43 20.57
N THR A 258 5.07 3.18 20.97
CA THR A 258 4.05 2.90 21.99
C THR A 258 4.93 2.67 23.23
N ILE A 259 4.87 3.61 24.17
CA ILE A 259 5.70 3.62 25.39
C ILE A 259 5.02 3.16 26.68
N TYR A 260 5.48 2.03 27.19
CA TYR A 260 4.91 1.47 28.40
C TYR A 260 5.78 1.77 29.61
N VAL A 261 5.28 2.62 30.50
CA VAL A 261 6.01 2.99 31.68
C VAL A 261 5.24 2.75 32.98
N GLU A 262 5.98 2.76 34.08
CA GLU A 262 5.37 2.59 35.41
C GLU A 262 5.40 3.98 36.00
N MET A 263 4.24 4.45 36.46
CA MET A 263 4.16 5.78 37.08
C MET A 263 4.79 5.68 38.47
N ALA A 264 5.20 6.82 39.00
CA ALA A 264 5.81 6.83 40.33
C ALA A 264 4.71 6.70 41.38
N PRO A 265 5.10 6.39 42.63
CA PRO A 265 4.15 6.22 43.73
C PRO A 265 3.07 7.31 43.78
N GLY A 266 1.81 6.88 43.84
CA GLY A 266 0.68 7.80 43.90
C GLY A 266 0.39 8.66 42.68
N VAL A 267 1.14 8.44 41.60
CA VAL A 267 0.97 9.20 40.37
C VAL A 267 -0.17 8.63 39.52
N ARG A 268 -0.99 9.52 38.96
CA ARG A 268 -2.11 9.14 38.13
C ARG A 268 -1.86 9.60 36.70
N THR A 269 -2.54 8.98 35.73
CA THR A 269 -2.35 9.38 34.35
C THR A 269 -2.58 10.88 34.15
N GLU A 270 -3.56 11.44 34.85
CA GLU A 270 -3.86 12.87 34.73
C GLU A 270 -2.65 13.72 35.09
N ASP A 271 -1.82 13.26 36.02
CA ASP A 271 -0.63 14.02 36.39
C ASP A 271 0.37 14.00 35.23
N LEU A 272 0.50 12.85 34.57
CA LEU A 272 1.43 12.77 33.46
C LEU A 272 0.91 13.71 32.37
N HIS A 273 -0.39 13.67 32.12
CA HIS A 273 -1.00 14.50 31.10
C HIS A 273 -0.81 15.98 31.36
N GLN A 274 -1.00 16.37 32.62
CA GLN A 274 -0.83 17.77 33.01
C GLN A 274 0.62 18.20 32.85
N GLN A 275 1.56 17.35 33.25
CA GLN A 275 2.96 17.73 33.10
C GLN A 275 3.31 17.97 31.62
N LEU A 276 2.78 17.10 30.76
CA LEU A 276 3.03 17.23 29.32
C LEU A 276 2.40 18.50 28.78
N LYS A 277 1.17 18.81 29.22
CA LYS A 277 0.52 20.01 28.74
C LYS A 277 1.37 21.21 29.14
N THR A 278 1.76 21.26 30.40
CA THR A 278 2.59 22.36 30.89
C THR A 278 3.92 22.51 30.14
N SER A 279 4.56 21.40 29.80
CA SER A 279 5.85 21.48 29.10
C SER A 279 5.76 21.90 27.64
N TYR A 280 4.63 21.60 26.98
CA TYR A 280 4.49 21.89 25.55
C TYR A 280 3.34 22.79 25.09
N GLU A 281 2.62 23.38 26.04
CA GLU A 281 1.47 24.22 25.72
C GLU A 281 1.72 25.35 24.72
N ASP A 282 2.91 25.92 24.70
CA ASP A 282 3.19 26.99 23.74
C ASP A 282 4.13 26.59 22.61
N GLU A 283 4.64 25.36 22.68
CA GLU A 283 5.55 24.83 21.68
C GLU A 283 4.79 24.50 20.42
N GLU A 284 5.19 25.12 19.33
CA GLU A 284 4.56 24.90 18.04
C GLU A 284 4.55 23.44 17.60
N PHE A 285 5.73 22.79 17.63
CA PHE A 285 5.82 21.42 17.12
C PHE A 285 5.54 20.17 17.93
N VAL A 286 4.86 20.32 19.05
CA VAL A 286 4.55 19.21 19.91
C VAL A 286 3.14 19.45 20.43
N LYS A 287 2.21 18.64 19.95
CA LYS A 287 0.80 18.74 20.32
C LYS A 287 0.42 17.63 21.27
N VAL A 288 0.09 18.02 22.49
CA VAL A 288 -0.35 17.07 23.51
C VAL A 288 -1.88 16.95 23.37
N LEU A 289 -2.36 15.79 22.92
CA LEU A 289 -3.78 15.62 22.74
C LEU A 289 -4.51 15.40 24.05
N ASP A 290 -5.83 15.57 24.04
CA ASP A 290 -6.59 15.38 25.26
C ASP A 290 -6.53 13.92 25.68
N GLU A 291 -6.52 13.70 27.00
CA GLU A 291 -6.46 12.35 27.53
C GLU A 291 -7.41 11.43 26.79
N GLY A 292 -6.93 10.23 26.47
CA GLY A 292 -7.77 9.29 25.77
C GLY A 292 -7.72 9.40 24.26
N VAL A 293 -7.38 10.57 23.73
CA VAL A 293 -7.32 10.72 22.28
C VAL A 293 -6.14 9.97 21.68
N VAL A 294 -6.41 9.18 20.67
CA VAL A 294 -5.39 8.39 20.01
C VAL A 294 -4.79 9.08 18.79
N PRO A 295 -3.49 9.38 18.83
CA PRO A 295 -2.89 10.03 17.66
C PRO A 295 -2.69 8.99 16.53
N ARG A 296 -2.68 9.46 15.29
CA ARG A 296 -2.48 8.63 14.11
C ARG A 296 -1.26 9.18 13.39
N THR A 297 -0.40 8.30 12.89
CA THR A 297 0.77 8.79 12.18
C THR A 297 0.31 9.61 10.98
N HIS A 298 -0.82 9.24 10.39
CA HIS A 298 -1.36 9.98 9.25
C HIS A 298 -1.54 11.45 9.65
N ASN A 299 -1.83 11.72 10.93
CA ASN A 299 -2.07 13.09 11.34
C ASN A 299 -0.90 14.06 11.18
N VAL A 300 0.34 13.55 11.27
CA VAL A 300 1.55 14.39 11.13
C VAL A 300 2.35 14.10 9.85
N ARG A 301 1.77 13.29 8.98
CA ARG A 301 2.39 12.90 7.72
C ARG A 301 2.83 14.11 6.88
N GLY A 302 4.10 14.11 6.47
CA GLY A 302 4.63 15.17 5.64
C GLY A 302 4.97 16.48 6.35
N SER A 303 4.21 16.79 7.39
CA SER A 303 4.38 18.02 8.16
C SER A 303 5.68 18.06 8.91
N ASN A 304 5.63 18.59 10.13
CA ASN A 304 6.80 18.67 10.99
C ASN A 304 6.32 18.50 12.42
N TYR A 305 5.06 18.17 12.61
CA TYR A 305 4.54 18.01 13.96
C TYR A 305 4.65 16.60 14.54
N CYS A 306 4.67 16.59 15.87
CA CYS A 306 4.73 15.41 16.72
C CYS A 306 3.50 15.52 17.64
N HIS A 307 2.68 14.49 17.67
CA HIS A 307 1.50 14.51 18.54
C HIS A 307 1.75 13.39 19.55
N MET A 308 1.36 13.61 20.80
CA MET A 308 1.51 12.59 21.83
C MET A 308 0.25 12.56 22.70
N SER A 309 0.02 11.42 23.34
CA SER A 309 -1.13 11.23 24.21
C SER A 309 -0.79 10.28 25.37
N VAL A 310 -1.54 10.35 26.47
CA VAL A 310 -1.34 9.53 27.68
C VAL A 310 -2.60 8.69 28.02
N PHE A 311 -2.40 7.42 28.37
CA PHE A 311 -3.51 6.54 28.71
C PHE A 311 -3.13 5.60 29.82
N PRO A 312 -4.12 5.14 30.62
CA PRO A 312 -3.80 4.21 31.70
C PRO A 312 -3.59 2.82 31.09
N ASP A 313 -2.75 2.01 31.72
CA ASP A 313 -2.54 0.65 31.26
C ASP A 313 -3.53 -0.12 32.11
N ARG A 314 -3.98 -1.27 31.62
CA ARG A 314 -4.89 -2.10 32.39
C ARG A 314 -4.20 -2.50 33.70
N ILE A 315 -2.95 -2.95 33.59
CA ILE A 315 -2.16 -3.32 34.75
C ILE A 315 -2.07 -2.10 35.64
N PRO A 316 -2.65 -2.18 36.85
CA PRO A 316 -2.61 -1.05 37.78
C PRO A 316 -1.21 -0.55 38.11
N GLY A 317 -1.05 0.77 38.08
CA GLY A 317 0.24 1.38 38.37
C GLY A 317 1.00 1.71 37.09
N ARG A 318 0.45 1.30 35.95
CA ARG A 318 1.13 1.57 34.70
C ARG A 318 0.41 2.55 33.76
N ALA A 319 1.18 3.14 32.86
CA ALA A 319 0.63 4.08 31.91
C ALA A 319 1.19 3.77 30.52
N ILE A 320 0.45 4.22 29.52
CA ILE A 320 0.84 4.05 28.13
C ILE A 320 0.99 5.42 27.46
N ILE A 321 2.15 5.65 26.85
CA ILE A 321 2.44 6.89 26.14
C ILE A 321 2.63 6.61 24.64
N ILE A 322 1.86 7.30 23.82
CA ILE A 322 1.95 7.19 22.36
C ILE A 322 2.52 8.52 21.86
N SER A 323 3.51 8.45 20.95
CA SER A 323 4.14 9.66 20.38
C SER A 323 4.41 9.42 18.87
N VAL A 324 3.94 10.31 18.00
CA VAL A 324 4.14 10.15 16.56
C VAL A 324 4.75 11.38 15.85
N ILE A 325 5.47 11.11 14.76
CA ILE A 325 6.10 12.14 13.92
C ILE A 325 6.24 11.60 12.51
N ASP A 326 6.67 12.46 11.59
CA ASP A 326 6.98 12.03 10.23
C ASP A 326 8.47 11.75 10.49
N ASN A 327 8.91 10.51 10.31
CA ASN A 327 10.29 10.18 10.59
C ASN A 327 11.32 10.93 9.72
N LEU A 328 10.91 11.34 8.52
CA LEU A 328 11.79 12.09 7.64
C LEU A 328 11.88 13.58 7.95
N VAL A 329 10.84 14.17 8.56
CA VAL A 329 10.85 15.60 8.85
C VAL A 329 11.14 15.91 10.31
N LYS A 330 10.20 15.66 11.21
CA LYS A 330 10.54 15.94 12.60
C LYS A 330 11.56 14.91 13.08
N GLY A 331 11.61 13.78 12.35
CA GLY A 331 12.52 12.71 12.70
C GLY A 331 13.89 12.87 12.07
N ALA A 332 14.06 13.91 11.27
CA ALA A 332 15.35 14.15 10.64
C ALA A 332 15.58 15.57 10.13
N SER A 333 15.37 15.76 8.83
CA SER A 333 15.62 17.01 8.17
C SER A 333 14.81 18.23 8.61
N GLY A 334 13.56 18.01 9.01
CA GLY A 334 12.71 19.09 9.50
C GLY A 334 13.24 19.67 10.78
N GLN A 335 13.62 18.82 11.71
CA GLN A 335 14.18 19.26 12.99
C GLN A 335 15.53 19.92 12.75
N ALA A 336 16.37 19.26 11.93
CA ALA A 336 17.68 19.79 11.60
C ALA A 336 17.56 21.27 11.18
N LEU A 337 16.55 21.58 10.36
CA LEU A 337 16.33 22.94 9.88
C LEU A 337 15.93 23.82 11.06
N GLN A 338 15.13 23.24 11.94
CA GLN A 338 14.66 23.92 13.13
C GLN A 338 15.89 24.37 13.92
N ASN A 339 16.88 23.50 14.06
CA ASN A 339 18.10 23.84 14.80
C ASN A 339 18.95 24.88 14.08
N LEU A 340 19.27 24.66 12.80
CA LEU A 340 20.10 25.63 12.09
C LEU A 340 19.45 27.00 12.21
N ASN A 341 18.12 27.04 12.17
CA ASN A 341 17.42 28.32 12.30
C ASN A 341 17.88 29.06 13.56
N ILE A 342 17.58 28.49 14.73
CA ILE A 342 17.96 29.15 15.97
C ILE A 342 19.48 29.25 16.18
N MET A 343 20.23 28.60 15.31
CA MET A 343 21.70 28.66 15.36
C MET A 343 22.18 29.89 14.58
N LEU A 344 21.48 30.23 13.49
CA LEU A 344 21.84 31.37 12.66
C LEU A 344 21.08 32.64 13.09
N GLY A 345 20.28 32.52 14.13
CA GLY A 345 19.53 33.66 14.61
C GLY A 345 18.25 33.95 13.84
N TYR A 346 17.63 32.95 13.22
CA TYR A 346 16.36 33.21 12.51
C TYR A 346 15.22 32.61 13.32
N PRO A 347 13.98 32.98 12.99
CA PRO A 347 12.86 32.42 13.76
C PRO A 347 12.85 30.89 13.59
N GLU A 348 12.72 30.19 14.70
CA GLU A 348 12.70 28.73 14.73
C GLU A 348 11.81 27.99 13.71
N THR A 349 10.61 28.49 13.47
CA THR A 349 9.66 27.85 12.55
C THR A 349 9.80 28.23 11.09
N THR A 350 10.76 29.09 10.78
CA THR A 350 10.93 29.50 9.39
C THR A 350 10.98 28.30 8.44
N GLY A 351 10.12 28.34 7.43
CA GLY A 351 10.05 27.27 6.46
C GLY A 351 9.50 25.98 7.04
N LEU A 352 9.29 25.91 8.36
CA LEU A 352 8.78 24.68 8.96
C LEU A 352 7.29 24.68 9.28
N LEU A 353 6.49 25.37 8.49
CA LEU A 353 5.08 25.41 8.78
C LEU A 353 4.19 24.65 7.79
N HIS A 354 4.76 23.74 6.99
CA HIS A 354 3.93 22.96 6.09
C HIS A 354 2.99 22.18 7.01
N GLN A 355 1.72 22.10 6.62
CA GLN A 355 0.73 21.38 7.40
C GLN A 355 0.74 19.93 6.92
N PRO A 356 0.38 18.98 7.80
CA PRO A 356 0.37 17.55 7.44
C PRO A 356 -0.31 17.25 6.11
N LEU A 357 0.27 16.36 5.31
CA LEU A 357 -0.39 16.04 4.04
C LEU A 357 -1.33 14.85 4.30
N PHE A 358 -2.55 15.17 4.73
CA PHE A 358 -3.57 14.16 5.00
C PHE A 358 -4.87 14.52 4.28
N PRO A 359 -5.49 13.55 3.57
CA PRO A 359 -5.05 12.15 3.43
C PRO A 359 -3.76 11.99 2.61
N LYS B 15 -4.99 39.01 8.01
CA LYS B 15 -4.67 38.99 6.56
C LYS B 15 -5.69 39.78 5.74
N ASP B 16 -5.28 40.21 4.54
CA ASP B 16 -6.14 41.02 3.68
C ASP B 16 -7.50 40.47 3.29
N ILE B 17 -7.54 39.24 2.78
CA ILE B 17 -8.79 38.65 2.34
C ILE B 17 -9.39 37.63 3.28
N ARG B 18 -10.70 37.69 3.42
CA ARG B 18 -11.43 36.77 4.28
C ARG B 18 -12.10 35.76 3.36
N ILE B 19 -11.80 34.49 3.57
CA ILE B 19 -12.35 33.44 2.73
C ILE B 19 -13.42 32.60 3.42
N GLY B 20 -14.45 32.23 2.68
CA GLY B 20 -15.49 31.39 3.23
C GLY B 20 -15.42 30.02 2.57
N LEU B 21 -15.42 28.94 3.33
CA LEU B 21 -15.38 27.61 2.73
C LEU B 21 -16.72 26.90 2.89
N LEU B 22 -17.35 26.52 1.79
CA LEU B 22 -18.63 25.80 1.87
C LEU B 22 -18.40 24.31 1.60
N GLY B 23 -18.63 23.49 2.63
CA GLY B 23 -18.44 22.06 2.52
C GLY B 23 -17.02 21.68 2.95
N ALA B 24 -16.67 22.08 4.17
CA ALA B 24 -15.34 21.83 4.70
C ALA B 24 -15.07 20.45 5.28
N SER B 25 -16.06 19.56 5.28
CA SER B 25 -15.84 18.25 5.87
C SER B 25 -15.31 17.17 4.89
N GLY B 26 -15.09 17.56 3.63
CA GLY B 26 -14.60 16.62 2.65
C GLY B 26 -13.13 16.82 2.39
N TYR B 27 -12.56 15.98 1.52
CA TYR B 27 -11.12 16.05 1.20
C TYR B 27 -10.66 17.38 0.58
N THR B 28 -11.27 17.79 -0.53
CA THR B 28 -10.89 19.03 -1.17
C THR B 28 -11.05 20.17 -0.17
N GLY B 29 -12.01 20.02 0.74
CA GLY B 29 -12.24 21.03 1.76
C GLY B 29 -11.06 21.11 2.70
N ALA B 30 -10.54 19.95 3.08
CA ALA B 30 -9.38 19.89 3.96
C ALA B 30 -8.19 20.46 3.17
N GLU B 31 -8.13 20.12 1.89
CA GLU B 31 -7.05 20.61 1.04
C GLU B 31 -7.11 22.15 0.97
N ILE B 32 -8.32 22.72 0.90
CA ILE B 32 -8.42 24.19 0.88
C ILE B 32 -7.77 24.72 2.15
N VAL B 33 -8.22 24.23 3.31
CA VAL B 33 -7.67 24.68 4.60
C VAL B 33 -6.15 24.48 4.67
N ARG B 34 -5.66 23.36 4.13
CA ARG B 34 -4.21 23.11 4.14
C ARG B 34 -3.51 24.16 3.27
N LEU B 35 -4.01 24.37 2.06
CA LEU B 35 -3.39 25.32 1.14
C LEU B 35 -3.37 26.78 1.61
N LEU B 36 -4.51 27.29 2.08
CA LEU B 36 -4.63 28.68 2.54
C LEU B 36 -3.70 29.02 3.69
N ALA B 37 -3.53 28.06 4.61
CA ALA B 37 -2.67 28.29 5.77
C ALA B 37 -1.30 28.75 5.28
N ASN B 38 -1.00 28.43 4.02
CA ASN B 38 0.28 28.80 3.44
C ASN B 38 0.18 30.15 2.71
N HIS B 39 -1.02 30.52 2.31
CA HIS B 39 -1.26 31.75 1.58
C HIS B 39 -1.04 32.98 2.48
N PRO B 40 -0.13 33.86 2.07
CA PRO B 40 0.18 35.07 2.82
C PRO B 40 -0.89 36.17 2.96
N HIS B 41 -2.04 36.03 2.30
CA HIS B 41 -3.08 37.08 2.37
C HIS B 41 -4.53 36.63 2.38
N PHE B 42 -4.75 35.32 2.46
CA PHE B 42 -6.10 34.76 2.49
C PHE B 42 -6.27 33.98 3.79
N GLN B 43 -7.40 34.21 4.46
CA GLN B 43 -7.70 33.55 5.71
C GLN B 43 -9.13 33.00 5.71
N VAL B 44 -9.30 31.78 6.22
CA VAL B 44 -10.64 31.17 6.31
C VAL B 44 -11.35 31.80 7.51
N THR B 45 -12.59 32.26 7.33
CA THR B 45 -13.29 32.87 8.46
C THR B 45 -14.64 32.20 8.64
N LEU B 46 -15.02 31.46 7.63
CA LEU B 46 -16.29 30.78 7.65
C LEU B 46 -16.11 29.38 7.08
N MET B 47 -16.76 28.39 7.68
CA MET B 47 -16.69 27.01 7.18
C MET B 47 -18.00 26.27 7.49
N THR B 48 -18.71 25.88 6.44
CA THR B 48 -19.96 25.18 6.66
C THR B 48 -19.81 23.69 6.37
N ALA B 49 -20.74 22.93 6.94
CA ALA B 49 -20.78 21.48 6.77
C ALA B 49 -22.02 21.03 7.52
N ASP B 50 -23.17 21.51 7.05
CA ASP B 50 -24.46 21.19 7.67
C ASP B 50 -24.45 19.90 8.49
N ARG B 51 -24.17 18.77 7.85
CA ARG B 51 -24.17 17.48 8.56
C ARG B 51 -23.41 17.54 9.88
N LYS B 52 -22.09 17.66 9.81
CA LYS B 52 -21.27 17.73 11.01
C LYS B 52 -21.13 19.16 11.52
N ALA B 53 -22.22 19.93 11.40
CA ALA B 53 -22.21 21.33 11.84
C ALA B 53 -22.13 21.40 13.35
N GLY B 54 -21.70 22.54 13.86
CA GLY B 54 -21.58 22.69 15.30
C GLY B 54 -20.31 22.06 15.82
N GLN B 55 -19.81 21.04 15.13
CA GLN B 55 -18.59 20.37 15.54
C GLN B 55 -17.37 21.19 15.14
N SER B 56 -16.21 20.79 15.64
CA SER B 56 -14.97 21.51 15.31
C SER B 56 -14.30 20.90 14.08
N MET B 57 -13.70 21.74 13.24
CA MET B 57 -13.02 21.22 12.06
C MET B 57 -11.87 20.35 12.55
N GLU B 58 -11.28 20.74 13.68
CA GLU B 58 -10.18 20.00 14.27
C GLU B 58 -10.68 18.62 14.64
N SER B 59 -12.00 18.49 14.77
CA SER B 59 -12.61 17.22 15.13
C SER B 59 -12.86 16.34 13.93
N VAL B 60 -13.17 16.94 12.78
CA VAL B 60 -13.43 16.13 11.60
C VAL B 60 -12.11 15.67 10.98
N PHE B 61 -11.13 16.56 11.00
CA PHE B 61 -9.80 16.28 10.45
C PHE B 61 -8.86 16.63 11.58
N PRO B 62 -8.75 15.73 12.57
CA PRO B 62 -7.88 15.97 13.72
C PRO B 62 -6.44 16.34 13.46
N HIS B 63 -5.91 16.01 12.28
CA HIS B 63 -4.53 16.31 11.95
C HIS B 63 -4.17 17.78 11.97
N LEU B 64 -5.05 18.59 11.39
CA LEU B 64 -4.88 20.03 11.26
C LEU B 64 -5.17 20.79 12.54
N ARG B 65 -4.89 20.17 13.68
CA ARG B 65 -5.13 20.82 14.94
C ARG B 65 -4.16 21.97 15.25
N ALA B 66 -3.16 22.18 14.40
CA ALA B 66 -2.21 23.28 14.60
C ALA B 66 -2.81 24.58 14.07
N GLN B 67 -3.84 24.44 13.27
CA GLN B 67 -4.54 25.58 12.69
C GLN B 67 -5.59 26.13 13.65
N LYS B 68 -5.75 27.46 13.64
CA LYS B 68 -6.76 28.14 14.45
C LYS B 68 -7.88 28.40 13.46
N LEU B 69 -8.95 27.63 13.55
CA LEU B 69 -10.04 27.78 12.60
C LEU B 69 -11.39 28.06 13.27
N PRO B 70 -12.31 28.69 12.54
CA PRO B 70 -13.61 28.98 13.13
C PRO B 70 -14.40 27.70 13.24
N THR B 71 -15.27 27.62 14.25
CA THR B 71 -16.11 26.45 14.46
C THR B 71 -16.99 26.21 13.23
N LEU B 72 -17.20 24.95 12.88
CA LEU B 72 -18.03 24.67 11.73
C LEU B 72 -19.43 25.23 11.95
N VAL B 73 -20.05 25.69 10.86
CA VAL B 73 -21.38 26.26 10.90
C VAL B 73 -22.28 25.58 9.86
N SER B 74 -23.49 26.09 9.71
CA SER B 74 -24.44 25.57 8.74
C SER B 74 -24.51 26.62 7.63
N VAL B 75 -24.88 26.20 6.42
CA VAL B 75 -24.97 27.15 5.33
C VAL B 75 -25.92 28.28 5.70
N LYS B 76 -26.87 27.98 6.56
CA LYS B 76 -27.86 28.97 7.00
C LYS B 76 -27.27 29.96 8.00
N ASP B 77 -26.63 29.45 9.05
CA ASP B 77 -26.06 30.31 10.07
C ASP B 77 -24.80 31.02 9.63
N ALA B 78 -24.65 31.24 8.33
CA ALA B 78 -23.44 31.91 7.83
C ALA B 78 -23.78 33.18 7.07
N ASP B 79 -23.09 34.27 7.40
CA ASP B 79 -23.29 35.54 6.73
C ASP B 79 -22.16 35.82 5.76
N PHE B 80 -22.46 35.66 4.48
CA PHE B 80 -21.47 35.85 3.44
C PHE B 80 -20.98 37.28 3.23
N SER B 81 -21.69 38.24 3.78
CA SER B 81 -21.27 39.64 3.65
C SER B 81 -20.00 39.80 4.47
N THR B 82 -19.64 38.75 5.22
CA THR B 82 -18.45 38.74 6.07
C THR B 82 -17.16 38.39 5.33
N VAL B 83 -17.29 37.77 4.17
CA VAL B 83 -16.13 37.35 3.39
C VAL B 83 -16.02 37.99 2.00
N ASP B 84 -14.80 38.02 1.47
CA ASP B 84 -14.51 38.59 0.17
C ASP B 84 -14.75 37.59 -0.97
N ALA B 85 -14.41 36.32 -0.75
CA ALA B 85 -14.60 35.28 -1.76
C ALA B 85 -15.02 33.95 -1.14
N VAL B 86 -15.56 33.07 -1.96
CA VAL B 86 -16.00 31.78 -1.47
C VAL B 86 -15.50 30.60 -2.32
N PHE B 87 -15.01 29.57 -1.63
CA PHE B 87 -14.59 28.34 -2.31
C PHE B 87 -15.77 27.43 -2.00
N CYS B 88 -16.45 26.90 -3.01
CA CYS B 88 -17.57 26.02 -2.73
C CYS B 88 -17.29 24.56 -3.05
N CYS B 89 -17.30 23.73 -2.00
CA CYS B 89 -17.05 22.29 -2.14
C CYS B 89 -18.26 21.51 -1.68
N LEU B 90 -19.42 21.88 -2.20
CA LEU B 90 -20.65 21.20 -1.80
C LEU B 90 -21.01 20.12 -2.80
N PRO B 91 -22.04 19.33 -2.50
CA PRO B 91 -22.51 18.24 -3.37
C PRO B 91 -23.10 18.72 -4.70
N HIS B 92 -22.86 17.95 -5.76
CA HIS B 92 -23.40 18.28 -7.06
C HIS B 92 -24.93 18.34 -6.97
N GLY B 93 -25.56 18.92 -7.98
CA GLY B 93 -27.02 19.01 -7.97
C GLY B 93 -27.61 19.77 -6.80
N THR B 94 -26.76 20.43 -6.02
CA THR B 94 -27.22 21.19 -4.86
C THR B 94 -26.42 22.48 -4.72
N THR B 95 -25.51 22.70 -5.67
CA THR B 95 -24.68 23.89 -5.64
C THR B 95 -25.27 25.06 -6.42
N GLN B 96 -25.97 24.76 -7.50
CA GLN B 96 -26.55 25.82 -8.32
C GLN B 96 -27.45 26.79 -7.50
N GLU B 97 -28.39 26.25 -6.73
CA GLU B 97 -29.27 27.13 -5.96
C GLU B 97 -28.58 27.91 -4.84
N ILE B 98 -27.61 27.29 -4.18
CA ILE B 98 -26.90 28.00 -3.11
C ILE B 98 -26.05 29.15 -3.68
N ILE B 99 -25.32 28.88 -4.77
CA ILE B 99 -24.47 29.88 -5.40
C ILE B 99 -25.27 31.01 -6.04
N LYS B 100 -26.39 30.64 -6.66
CA LYS B 100 -27.27 31.58 -7.32
C LYS B 100 -27.81 32.66 -6.36
N GLU B 101 -27.75 32.41 -5.06
CA GLU B 101 -28.24 33.38 -4.09
C GLU B 101 -27.12 34.16 -3.37
N LEU B 102 -25.88 33.69 -3.45
CA LEU B 102 -24.78 34.37 -2.78
C LEU B 102 -24.69 35.84 -3.18
N PRO B 103 -24.29 36.72 -2.25
CA PRO B 103 -24.17 38.16 -2.55
C PRO B 103 -23.28 38.45 -3.76
N THR B 104 -23.73 39.39 -4.58
CA THR B 104 -23.04 39.80 -5.79
C THR B 104 -21.63 40.31 -5.58
N ALA B 105 -21.34 40.79 -4.38
CA ALA B 105 -20.01 41.32 -4.09
C ALA B 105 -19.07 40.20 -3.71
N LEU B 106 -19.37 39.00 -4.16
CA LEU B 106 -18.56 37.85 -3.85
C LEU B 106 -17.88 37.23 -5.05
N LYS B 107 -16.57 36.94 -4.93
CA LYS B 107 -15.84 36.23 -5.98
C LYS B 107 -16.09 34.77 -5.57
N ILE B 108 -16.47 33.92 -6.52
CA ILE B 108 -16.80 32.53 -6.20
C ILE B 108 -16.15 31.47 -7.07
N VAL B 109 -15.60 30.45 -6.44
CA VAL B 109 -15.02 29.35 -7.19
C VAL B 109 -15.74 28.08 -6.71
N ASP B 110 -16.46 27.44 -7.62
CA ASP B 110 -17.18 26.20 -7.29
C ASP B 110 -16.33 25.03 -7.74
N LEU B 111 -16.02 24.09 -6.85
CA LEU B 111 -15.20 22.94 -7.26
C LEU B 111 -16.09 21.86 -7.87
N SER B 112 -17.41 22.01 -7.68
CA SER B 112 -18.41 21.10 -8.24
C SER B 112 -18.43 21.16 -9.77
N ALA B 113 -19.11 20.20 -10.36
CA ALA B 113 -19.21 20.15 -11.82
C ALA B 113 -20.44 20.90 -12.36
N ASP B 114 -21.28 21.39 -11.44
CA ASP B 114 -22.53 22.05 -11.78
C ASP B 114 -22.48 23.28 -12.70
N PHE B 115 -21.38 24.03 -12.68
CA PHE B 115 -21.26 25.20 -13.56
C PHE B 115 -20.25 25.01 -14.72
N ARG B 116 -19.57 23.87 -14.76
CA ARG B 116 -18.57 23.59 -15.80
C ARG B 116 -19.17 23.55 -17.21
N LEU B 117 -20.30 22.88 -17.36
CA LEU B 117 -20.94 22.75 -18.66
C LEU B 117 -21.78 23.97 -19.07
N ARG B 118 -21.27 24.75 -20.01
CA ARG B 118 -21.95 25.94 -20.52
C ARG B 118 -23.36 25.62 -21.05
N ASN B 119 -23.43 24.69 -21.99
CA ASN B 119 -24.69 24.26 -22.55
C ASN B 119 -25.57 23.74 -21.43
N ILE B 120 -26.47 24.61 -20.94
CA ILE B 120 -27.40 24.29 -19.86
C ILE B 120 -28.02 22.91 -20.07
N ALA B 121 -28.41 22.61 -21.30
CA ALA B 121 -29.03 21.33 -21.59
C ALA B 121 -28.11 20.18 -21.23
N GLU B 122 -26.84 20.31 -21.63
CA GLU B 122 -25.82 19.28 -21.37
C GLU B 122 -25.95 18.73 -19.97
N TYR B 123 -26.21 19.59 -19.01
CA TYR B 123 -26.34 19.15 -17.62
C TYR B 123 -27.42 18.09 -17.43
N GLU B 124 -28.55 18.24 -18.12
CA GLU B 124 -29.63 17.28 -18.01
C GLU B 124 -29.34 15.95 -18.68
N GLU B 125 -28.90 16.01 -19.94
CA GLU B 125 -28.62 14.79 -20.69
C GLU B 125 -27.51 13.93 -20.09
N TRP B 126 -26.83 14.43 -19.06
CA TRP B 126 -25.78 13.67 -18.41
C TRP B 126 -25.90 13.60 -16.90
N TYR B 127 -26.63 14.53 -16.30
CA TYR B 127 -26.75 14.53 -14.85
C TYR B 127 -28.11 14.16 -14.28
N GLY B 128 -29.08 13.99 -15.18
CA GLY B 128 -30.43 13.60 -14.75
C GLY B 128 -31.20 14.59 -13.91
N GLN B 129 -31.23 15.85 -14.35
CA GLN B 129 -31.94 16.89 -13.65
C GLN B 129 -31.70 18.21 -14.34
N PRO B 130 -32.65 19.12 -14.22
CA PRO B 130 -32.51 20.43 -14.86
C PRO B 130 -31.52 21.34 -14.14
N HIS B 131 -31.02 22.32 -14.88
CA HIS B 131 -30.08 23.30 -14.36
C HIS B 131 -30.95 24.32 -13.61
N LYS B 132 -30.59 24.62 -12.37
CA LYS B 132 -31.38 25.55 -11.59
C LYS B 132 -30.83 26.98 -11.62
N ALA B 133 -29.77 27.21 -12.38
CA ALA B 133 -29.21 28.55 -12.48
C ALA B 133 -28.77 28.84 -13.92
N VAL B 134 -29.72 28.66 -14.84
CA VAL B 134 -29.51 28.87 -16.27
C VAL B 134 -28.80 30.16 -16.68
N GLU B 135 -29.38 31.30 -16.30
CA GLU B 135 -28.81 32.57 -16.67
C GLU B 135 -27.43 32.83 -16.08
N LEU B 136 -27.28 32.57 -14.78
CA LEU B 136 -26.01 32.76 -14.09
C LEU B 136 -24.91 31.95 -14.80
N GLN B 137 -25.28 30.76 -15.28
CA GLN B 137 -24.33 29.90 -15.96
C GLN B 137 -23.58 30.63 -17.05
N LYS B 138 -24.26 31.61 -17.64
CA LYS B 138 -23.71 32.40 -18.75
C LYS B 138 -22.52 33.27 -18.35
N GLU B 139 -22.47 33.71 -17.10
CA GLU B 139 -21.34 34.53 -16.67
C GLU B 139 -20.18 33.72 -16.10
N VAL B 140 -20.32 32.39 -16.07
CA VAL B 140 -19.25 31.54 -15.54
C VAL B 140 -18.13 31.24 -16.53
N VAL B 141 -16.89 31.33 -16.06
CA VAL B 141 -15.72 31.02 -16.89
C VAL B 141 -15.11 29.68 -16.39
N TYR B 142 -14.78 28.79 -17.31
CA TYR B 142 -14.19 27.49 -16.98
C TYR B 142 -12.81 27.79 -16.39
N GLY B 143 -12.57 27.29 -15.18
CA GLY B 143 -11.34 27.57 -14.47
C GLY B 143 -10.09 26.78 -14.78
N LEU B 144 -9.88 26.46 -16.05
CA LEU B 144 -8.68 25.76 -16.46
C LEU B 144 -7.64 26.88 -16.60
N THR B 145 -7.15 27.36 -15.46
CA THR B 145 -6.21 28.47 -15.40
C THR B 145 -5.27 28.71 -16.57
N GLU B 146 -4.75 27.64 -17.15
CA GLU B 146 -3.80 27.77 -18.25
C GLU B 146 -4.35 28.15 -19.62
N ILE B 147 -5.49 27.60 -19.99
CA ILE B 147 -6.02 27.93 -21.29
C ILE B 147 -6.92 29.18 -21.26
N LEU B 148 -7.44 29.52 -20.08
CA LEU B 148 -8.34 30.66 -19.94
C LEU B 148 -7.96 31.72 -18.93
N ARG B 149 -6.66 31.79 -18.63
CA ARG B 149 -6.11 32.75 -17.69
C ARG B 149 -6.72 34.15 -17.79
N GLU B 150 -6.71 34.72 -18.98
CA GLU B 150 -7.22 36.08 -19.14
C GLU B 150 -8.75 36.18 -19.08
N ASP B 151 -9.45 35.07 -19.28
CA ASP B 151 -10.90 35.07 -19.25
C ASP B 151 -11.41 34.71 -17.85
N ILE B 152 -10.51 34.26 -16.97
CA ILE B 152 -10.91 33.87 -15.62
C ILE B 152 -10.73 35.05 -14.64
N LYS B 153 -9.67 35.84 -14.86
CA LYS B 153 -9.35 36.98 -13.99
C LYS B 153 -10.46 38.01 -13.94
N LYS B 154 -11.26 38.06 -14.99
CA LYS B 154 -12.35 39.02 -15.00
C LYS B 154 -13.67 38.45 -14.56
N ALA B 155 -13.73 37.12 -14.36
CA ALA B 155 -14.96 36.46 -13.91
C ALA B 155 -15.23 36.68 -12.41
N ARG B 156 -16.50 36.56 -12.03
CA ARG B 156 -16.90 36.72 -10.65
C ARG B 156 -17.23 35.34 -10.08
N LEU B 157 -17.63 34.42 -10.96
CA LEU B 157 -17.98 33.05 -10.60
C LEU B 157 -17.29 32.05 -11.53
N VAL B 158 -16.28 31.36 -11.00
CA VAL B 158 -15.53 30.38 -11.77
C VAL B 158 -15.82 28.94 -11.35
N ALA B 159 -16.01 28.10 -12.37
CA ALA B 159 -16.26 26.70 -12.21
C ALA B 159 -14.89 26.01 -12.25
N ASN B 160 -14.49 25.43 -11.13
CA ASN B 160 -13.21 24.76 -11.10
C ASN B 160 -13.40 23.42 -11.80
N PRO B 161 -12.60 23.14 -12.83
CA PRO B 161 -12.67 21.89 -13.59
C PRO B 161 -12.47 20.57 -12.85
N GLY B 162 -12.78 19.49 -13.55
CA GLY B 162 -12.60 18.17 -12.97
C GLY B 162 -11.13 17.83 -13.06
N CYS B 163 -10.75 16.75 -12.40
CA CYS B 163 -9.35 16.31 -12.35
C CYS B 163 -8.90 15.68 -13.66
N TYR B 164 -9.63 14.67 -14.13
CA TYR B 164 -9.28 14.02 -15.39
C TYR B 164 -9.25 15.06 -16.53
N PRO B 165 -10.34 15.83 -16.74
CA PRO B 165 -10.40 16.85 -17.81
C PRO B 165 -9.16 17.74 -17.90
N THR B 166 -8.62 18.11 -16.74
CA THR B 166 -7.43 18.96 -16.64
C THR B 166 -6.21 18.27 -17.28
N THR B 167 -6.02 16.99 -16.94
CA THR B 167 -4.89 16.24 -17.48
C THR B 167 -4.96 16.08 -18.99
N ILE B 168 -6.17 16.06 -19.51
CA ILE B 168 -6.41 15.88 -20.94
C ILE B 168 -6.37 17.16 -21.78
N GLN B 169 -7.10 18.18 -21.35
CA GLN B 169 -7.14 19.44 -22.09
C GLN B 169 -5.80 20.17 -22.11
N LEU B 170 -5.08 20.17 -20.99
CA LEU B 170 -3.79 20.85 -20.93
C LEU B 170 -2.83 20.47 -22.08
N PRO B 171 -2.65 19.16 -22.36
CA PRO B 171 -1.73 18.84 -23.46
C PRO B 171 -2.37 18.95 -24.85
N LEU B 172 -3.63 18.57 -24.97
CA LEU B 172 -4.31 18.58 -26.26
C LEU B 172 -4.83 19.91 -26.79
N VAL B 173 -5.14 20.85 -25.90
CA VAL B 173 -5.66 22.13 -26.38
C VAL B 173 -4.65 22.83 -27.32
N PRO B 174 -3.37 22.96 -26.91
CA PRO B 174 -2.36 23.61 -27.77
C PRO B 174 -2.14 22.81 -29.06
N LEU B 175 -2.17 21.49 -28.96
CA LEU B 175 -1.97 20.63 -30.13
C LEU B 175 -3.10 20.78 -31.15
N LEU B 176 -4.33 20.82 -30.65
CA LEU B 176 -5.50 20.97 -31.51
C LEU B 176 -5.51 22.38 -32.13
N LYS B 177 -5.28 23.39 -31.31
CA LYS B 177 -5.26 24.76 -31.80
C LYS B 177 -4.27 24.91 -32.96
N ALA B 178 -3.13 24.24 -32.84
CA ALA B 178 -2.08 24.28 -33.86
C ALA B 178 -2.24 23.21 -34.95
N ASN B 179 -3.40 22.54 -34.98
CA ASN B 179 -3.66 21.49 -35.97
C ASN B 179 -2.54 20.44 -36.09
N LEU B 180 -1.80 20.26 -35.00
CA LEU B 180 -0.69 19.31 -34.99
C LEU B 180 -1.17 17.86 -34.87
N ILE B 181 -2.43 17.67 -34.49
CA ILE B 181 -3.00 16.34 -34.34
C ILE B 181 -4.37 16.33 -34.97
N LYS B 182 -4.98 15.15 -35.06
CA LYS B 182 -6.32 15.03 -35.64
C LYS B 182 -7.38 15.09 -34.54
N HIS B 183 -8.63 15.26 -34.93
CA HIS B 183 -9.73 15.35 -33.98
C HIS B 183 -10.40 14.02 -33.78
N GLU B 184 -10.12 13.07 -34.66
CA GLU B 184 -10.74 11.76 -34.56
C GLU B 184 -9.97 10.77 -33.71
N ASN B 185 -10.71 9.80 -33.20
CA ASN B 185 -10.16 8.72 -32.39
C ASN B 185 -9.12 9.05 -31.31
N ILE B 186 -9.44 10.04 -30.48
CA ILE B 186 -8.57 10.38 -29.38
C ILE B 186 -8.94 9.38 -28.28
N ILE B 187 -7.99 8.51 -27.93
CA ILE B 187 -8.23 7.49 -26.92
C ILE B 187 -7.46 7.78 -25.63
N ILE B 188 -8.24 7.99 -24.57
CA ILE B 188 -7.70 8.31 -23.27
C ILE B 188 -7.91 7.21 -22.23
N ASP B 189 -6.80 6.68 -21.72
CA ASP B 189 -6.83 5.66 -20.70
C ASP B 189 -6.23 6.31 -19.47
N ALA B 190 -7.06 6.63 -18.48
CA ALA B 190 -6.59 7.32 -17.29
C ALA B 190 -6.62 6.55 -15.98
N LYS B 191 -5.91 7.09 -15.00
CA LYS B 191 -5.78 6.47 -13.68
C LYS B 191 -5.81 7.50 -12.58
N SER B 192 -6.47 7.16 -11.48
CA SER B 192 -6.54 8.06 -10.37
C SER B 192 -6.41 7.35 -9.03
N GLY B 193 -5.78 8.01 -8.09
CA GLY B 193 -5.66 7.46 -6.75
C GLY B 193 -7.08 7.46 -6.23
N VAL B 194 -7.35 6.57 -5.26
CA VAL B 194 -8.72 6.47 -4.77
C VAL B 194 -9.29 7.71 -4.04
N SER B 195 -8.43 8.66 -3.67
CA SER B 195 -8.89 9.88 -2.98
C SER B 195 -9.95 10.62 -3.82
N GLY B 196 -9.98 10.32 -5.11
CA GLY B 196 -10.95 10.95 -6.00
C GLY B 196 -12.40 10.50 -5.72
N ALA B 197 -12.55 9.40 -4.99
CA ALA B 197 -13.87 8.89 -4.65
C ALA B 197 -14.47 9.63 -3.44
N GLY B 198 -13.67 10.47 -2.78
CA GLY B 198 -14.18 11.21 -1.65
C GLY B 198 -14.06 10.45 -0.33
N ARG B 199 -14.37 11.14 0.77
CA ARG B 199 -14.26 10.57 2.12
C ARG B 199 -15.56 9.91 2.59
N GLY B 200 -16.50 9.70 1.67
CA GLY B 200 -17.78 9.08 1.99
C GLY B 200 -17.67 7.59 2.24
N ALA B 201 -18.22 7.16 3.36
CA ALA B 201 -18.22 5.76 3.76
C ALA B 201 -18.78 4.83 2.70
N LYS B 202 -17.91 4.34 1.83
CA LYS B 202 -18.37 3.44 0.79
C LYS B 202 -17.62 2.11 0.78
N GLU B 203 -18.38 1.06 1.04
CA GLU B 203 -17.84 -0.28 1.08
C GLU B 203 -16.68 -0.51 0.10
N ALA B 204 -16.91 -0.18 -1.17
CA ALA B 204 -15.91 -0.41 -2.20
C ALA B 204 -14.62 0.40 -2.06
N ASN B 205 -14.67 1.45 -1.24
CA ASN B 205 -13.49 2.27 -1.08
C ASN B 205 -12.65 1.98 0.16
N LEU B 206 -13.07 1.01 0.95
CA LEU B 206 -12.29 0.60 2.13
C LEU B 206 -10.92 0.12 1.62
N TYR B 207 -9.90 0.21 2.48
CA TYR B 207 -8.55 -0.23 2.12
C TYR B 207 -8.59 -1.69 1.68
N SER B 208 -9.20 -2.53 2.53
CA SER B 208 -9.31 -3.94 2.26
C SER B 208 -9.92 -4.27 0.92
N GLU B 209 -10.64 -3.32 0.32
CA GLU B 209 -11.27 -3.53 -1.00
C GLU B 209 -10.47 -2.92 -2.16
N ILE B 210 -9.74 -1.85 -1.87
CA ILE B 210 -8.95 -1.14 -2.88
C ILE B 210 -7.53 -1.68 -3.11
N ALA B 211 -6.81 -1.91 -2.02
CA ALA B 211 -5.42 -2.34 -2.11
C ALA B 211 -5.15 -3.62 -2.88
N GLU B 212 -3.96 -3.69 -3.47
CA GLU B 212 -3.49 -4.87 -4.17
C GLU B 212 -4.23 -5.24 -5.45
N GLY B 213 -4.72 -4.22 -6.13
CA GLY B 213 -5.44 -4.43 -7.38
C GLY B 213 -5.95 -3.13 -7.97
N ILE B 214 -6.38 -3.19 -9.22
CA ILE B 214 -6.95 -2.02 -9.89
C ILE B 214 -8.26 -2.40 -10.60
N SER B 215 -8.98 -1.38 -11.02
CA SER B 215 -10.20 -1.57 -11.77
C SER B 215 -10.52 -0.29 -12.52
N SER B 216 -11.37 -0.41 -13.53
CA SER B 216 -11.79 0.73 -14.32
C SER B 216 -13.10 1.26 -13.72
N TYR B 217 -13.48 2.49 -14.06
CA TYR B 217 -14.76 3.03 -13.61
C TYR B 217 -15.25 4.13 -14.55
N GLY B 218 -16.43 3.87 -15.12
CA GLY B 218 -17.04 4.76 -16.07
C GLY B 218 -16.77 4.22 -17.46
N VAL B 219 -16.80 2.91 -17.64
CA VAL B 219 -16.53 2.43 -18.97
C VAL B 219 -17.62 2.93 -19.92
N THR B 220 -17.17 3.43 -21.07
CA THR B 220 -18.05 3.96 -22.11
C THR B 220 -18.70 5.30 -21.78
N ARG B 221 -18.91 5.60 -20.51
CA ARG B 221 -19.54 6.87 -20.14
C ARG B 221 -19.22 7.27 -18.70
N HIS B 222 -18.69 8.47 -18.55
CA HIS B 222 -18.34 8.98 -17.24
C HIS B 222 -18.61 10.48 -17.33
N ARG B 223 -19.11 11.06 -16.24
CA ARG B 223 -19.46 12.47 -16.22
C ARG B 223 -18.37 13.46 -16.64
N HIS B 224 -17.13 13.02 -16.71
CA HIS B 224 -16.09 13.95 -17.13
C HIS B 224 -16.10 14.04 -18.65
N VAL B 225 -16.67 13.04 -19.31
CA VAL B 225 -16.68 13.05 -20.76
C VAL B 225 -17.16 14.36 -21.37
N PRO B 226 -18.41 14.79 -21.08
CA PRO B 226 -18.91 16.06 -21.65
C PRO B 226 -17.98 17.26 -21.41
N GLU B 227 -17.38 17.32 -20.23
CA GLU B 227 -16.46 18.38 -19.88
C GLU B 227 -15.22 18.35 -20.77
N ILE B 228 -14.80 17.14 -21.13
CA ILE B 228 -13.65 16.90 -21.99
C ILE B 228 -13.98 17.29 -23.45
N GLU B 229 -15.07 16.75 -23.95
CA GLU B 229 -15.48 17.07 -25.31
C GLU B 229 -15.73 18.57 -25.50
N GLN B 230 -16.25 19.27 -24.48
CA GLN B 230 -16.48 20.71 -24.57
C GLN B 230 -15.18 21.42 -24.96
N GLY B 231 -14.17 21.36 -24.09
CA GLY B 231 -12.89 21.99 -24.34
C GLY B 231 -12.24 21.60 -25.67
N LEU B 232 -12.23 20.31 -26.01
CA LEU B 232 -11.62 19.88 -27.27
C LEU B 232 -12.35 20.51 -28.45
N SER B 233 -13.66 20.62 -28.32
CA SER B 233 -14.49 21.25 -29.36
C SER B 233 -14.19 22.75 -29.41
N ASP B 234 -14.20 23.43 -28.27
CA ASP B 234 -13.91 24.85 -28.22
C ASP B 234 -12.73 25.23 -29.13
N VAL B 235 -11.60 24.55 -28.95
CA VAL B 235 -10.43 24.84 -29.77
C VAL B 235 -10.58 24.32 -31.18
N ALA B 236 -10.73 23.01 -31.34
CA ALA B 236 -10.87 22.42 -32.67
C ALA B 236 -11.96 23.09 -33.49
N GLN B 237 -12.79 23.88 -32.83
CA GLN B 237 -13.90 24.56 -33.46
C GLN B 237 -14.72 23.55 -34.26
N SER B 238 -14.67 22.29 -33.84
CA SER B 238 -15.42 21.21 -34.48
C SER B 238 -15.77 20.15 -33.43
N LYS B 239 -16.97 19.58 -33.53
CA LYS B 239 -17.43 18.60 -32.56
C LYS B 239 -16.51 17.40 -32.35
N VAL B 240 -15.83 17.40 -31.21
CA VAL B 240 -14.91 16.32 -30.88
C VAL B 240 -15.58 15.33 -29.95
N THR B 241 -15.31 14.04 -30.19
CA THR B 241 -15.84 12.96 -29.36
C THR B 241 -14.68 12.03 -29.03
N VAL B 242 -14.51 11.72 -27.75
CA VAL B 242 -13.41 10.86 -27.35
C VAL B 242 -13.83 9.52 -26.73
N SER B 243 -12.83 8.66 -26.52
CA SER B 243 -13.01 7.38 -25.85
C SER B 243 -12.28 7.68 -24.54
N PHE B 244 -12.98 7.64 -23.41
CA PHE B 244 -12.35 7.95 -22.13
C PHE B 244 -12.64 6.85 -21.12
N THR B 245 -11.58 6.25 -20.58
CA THR B 245 -11.73 5.15 -19.63
C THR B 245 -10.86 5.33 -18.39
N PRO B 246 -11.48 5.70 -17.27
CA PRO B 246 -10.79 5.90 -15.98
C PRO B 246 -10.48 4.55 -15.35
N HIS B 247 -9.46 4.52 -14.51
CA HIS B 247 -9.03 3.30 -13.79
C HIS B 247 -8.73 3.73 -12.36
N LEU B 248 -9.21 2.95 -11.40
CA LEU B 248 -9.05 3.23 -9.97
C LEU B 248 -7.75 2.64 -9.38
N MET B 249 -6.81 3.49 -9.01
CA MET B 249 -5.52 3.10 -8.46
C MET B 249 -5.51 2.73 -6.98
N PRO B 250 -4.59 1.85 -6.57
CA PRO B 250 -4.47 1.43 -5.16
C PRO B 250 -3.46 2.36 -4.49
N MET B 251 -3.78 3.65 -4.53
CA MET B 251 -2.96 4.71 -3.97
C MET B 251 -3.93 5.85 -3.61
N ILE B 252 -3.47 6.78 -2.77
CA ILE B 252 -4.32 7.89 -2.37
C ILE B 252 -4.37 9.07 -3.34
N ARG B 253 -3.21 9.69 -3.61
CA ARG B 253 -3.13 10.85 -4.51
C ARG B 253 -2.35 10.60 -5.79
N GLY B 254 -2.84 11.15 -6.91
CA GLY B 254 -2.13 10.99 -8.15
C GLY B 254 -3.04 10.65 -9.31
N MET B 255 -2.71 11.16 -10.48
CA MET B 255 -3.54 10.92 -11.64
C MET B 255 -2.69 10.94 -12.89
N GLN B 256 -2.99 10.04 -13.80
CA GLN B 256 -2.26 9.98 -15.04
C GLN B 256 -3.17 9.63 -16.18
N SER B 257 -3.16 10.45 -17.23
CA SER B 257 -3.93 10.11 -18.40
C SER B 257 -2.92 9.68 -19.45
N THR B 258 -3.13 8.49 -20.02
CA THR B 258 -2.27 8.05 -21.09
C THR B 258 -3.12 8.28 -22.34
N ILE B 259 -2.74 9.31 -23.09
CA ILE B 259 -3.48 9.76 -24.27
C ILE B 259 -2.92 9.32 -25.61
N TYR B 260 -3.74 8.59 -26.36
CA TYR B 260 -3.32 8.08 -27.64
C TYR B 260 -3.90 8.96 -28.73
N VAL B 261 -3.01 9.67 -29.42
CA VAL B 261 -3.43 10.59 -30.46
C VAL B 261 -2.89 10.31 -31.84
N GLU B 262 -3.71 10.66 -32.82
CA GLU B 262 -3.34 10.51 -34.22
C GLU B 262 -2.88 11.90 -34.69
N MET B 263 -1.68 11.97 -35.24
CA MET B 263 -1.15 13.25 -35.71
C MET B 263 -1.65 13.58 -37.13
N ALA B 264 -1.74 14.87 -37.43
CA ALA B 264 -2.20 15.33 -38.74
C ALA B 264 -1.12 15.06 -39.78
N PRO B 265 -1.51 15.06 -41.07
CA PRO B 265 -0.58 14.80 -42.17
C PRO B 265 0.69 15.67 -42.04
N GLY B 266 1.85 15.05 -42.27
CA GLY B 266 3.11 15.77 -42.21
C GLY B 266 3.72 16.02 -40.85
N VAL B 267 3.01 15.69 -39.78
CA VAL B 267 3.51 15.94 -38.43
C VAL B 267 4.29 14.80 -37.81
N ARG B 268 5.27 15.15 -36.98
CA ARG B 268 6.08 14.17 -36.28
C ARG B 268 5.93 14.45 -34.79
N THR B 269 6.17 13.45 -33.96
CA THR B 269 6.02 13.66 -32.53
C THR B 269 6.86 14.84 -32.07
N GLU B 270 7.97 15.10 -32.77
CA GLU B 270 8.83 16.23 -32.42
C GLU B 270 8.06 17.56 -32.52
N ASP B 271 7.11 17.63 -33.46
CA ASP B 271 6.30 18.83 -33.65
C ASP B 271 5.38 19.01 -32.45
N LEU B 272 4.81 17.90 -31.95
CA LEU B 272 3.92 18.01 -30.78
C LEU B 272 4.76 18.45 -29.60
N HIS B 273 5.96 17.91 -29.51
CA HIS B 273 6.81 18.26 -28.38
C HIS B 273 7.18 19.73 -28.43
N GLN B 274 7.69 20.16 -29.58
CA GLN B 274 8.14 21.54 -29.78
C GLN B 274 7.10 22.53 -29.31
N GLN B 275 5.88 22.37 -29.84
CA GLN B 275 4.77 23.24 -29.48
C GLN B 275 4.66 23.25 -27.96
N LEU B 276 4.32 22.10 -27.37
CA LEU B 276 4.17 22.00 -25.93
C LEU B 276 5.32 22.66 -25.19
N LYS B 277 6.54 22.36 -25.63
CA LYS B 277 7.72 22.94 -25.00
C LYS B 277 7.63 24.48 -25.03
N THR B 278 6.98 25.04 -26.05
CA THR B 278 6.86 26.47 -26.14
C THR B 278 5.60 27.00 -25.46
N SER B 279 4.46 26.34 -25.70
CA SER B 279 3.20 26.73 -25.09
C SER B 279 3.23 26.84 -23.57
N TYR B 280 4.15 26.13 -22.92
CA TYR B 280 4.19 26.15 -21.45
C TYR B 280 5.54 26.49 -20.82
N GLU B 281 6.52 26.79 -21.66
CA GLU B 281 7.85 27.13 -21.16
C GLU B 281 7.84 28.25 -20.13
N ASP B 282 6.88 29.17 -20.20
CA ASP B 282 6.84 30.24 -19.22
C ASP B 282 5.76 29.97 -18.15
N GLU B 283 5.44 28.70 -17.93
CA GLU B 283 4.42 28.34 -16.95
C GLU B 283 4.96 27.64 -15.74
N GLU B 284 4.72 28.19 -14.57
CA GLU B 284 5.22 27.58 -13.35
C GLU B 284 4.77 26.14 -13.16
N PHE B 285 3.46 25.93 -13.19
CA PHE B 285 2.90 24.60 -12.95
C PHE B 285 2.82 23.57 -14.07
N VAL B 286 3.09 23.97 -15.30
CA VAL B 286 3.03 23.01 -16.38
C VAL B 286 4.44 22.75 -16.89
N LYS B 287 4.96 21.55 -16.63
CA LYS B 287 6.31 21.19 -17.04
C LYS B 287 6.32 20.14 -18.15
N VAL B 288 6.76 20.55 -19.34
CA VAL B 288 6.87 19.64 -20.47
C VAL B 288 8.26 19.01 -20.35
N LEU B 289 8.30 17.68 -20.27
CA LEU B 289 9.57 16.98 -20.11
C LEU B 289 10.20 16.70 -21.47
N ASP B 290 11.47 16.36 -21.46
CA ASP B 290 12.15 16.05 -22.71
C ASP B 290 11.57 14.78 -23.29
N GLU B 291 11.54 14.70 -24.61
CA GLU B 291 11.01 13.54 -25.32
C GLU B 291 11.62 12.26 -24.75
N GLY B 292 10.79 11.22 -24.63
CA GLY B 292 11.29 9.97 -24.10
C GLY B 292 11.32 9.90 -22.59
N VAL B 293 11.34 11.04 -21.91
CA VAL B 293 11.34 11.04 -20.44
C VAL B 293 9.88 10.93 -20.02
N VAL B 294 9.61 9.93 -19.19
CA VAL B 294 8.27 9.66 -18.74
C VAL B 294 8.02 10.19 -17.35
N PRO B 295 6.86 10.80 -17.11
CA PRO B 295 6.57 11.31 -15.77
C PRO B 295 6.14 10.21 -14.78
N ARG B 296 6.08 10.59 -13.51
CA ARG B 296 5.70 9.70 -12.41
C ARG B 296 4.75 10.48 -11.50
N THR B 297 3.51 10.01 -11.34
CA THR B 297 2.57 10.72 -10.47
C THR B 297 3.24 10.98 -9.13
N HIS B 298 4.15 10.09 -8.75
CA HIS B 298 4.88 10.24 -7.48
C HIS B 298 5.52 11.63 -7.46
N ASN B 299 6.14 12.01 -8.58
CA ASN B 299 6.85 13.27 -8.71
C ASN B 299 6.13 14.59 -8.52
N VAL B 300 4.79 14.58 -8.53
CA VAL B 300 4.00 15.79 -8.34
C VAL B 300 3.07 15.68 -7.12
N ARG B 301 3.11 14.53 -6.46
CA ARG B 301 2.31 14.21 -5.27
C ARG B 301 2.39 15.29 -4.21
N GLY B 302 1.26 15.95 -3.94
CA GLY B 302 1.25 16.99 -2.94
C GLY B 302 1.68 18.37 -3.42
N SER B 303 1.65 18.57 -4.74
CA SER B 303 2.04 19.86 -5.31
C SER B 303 1.03 20.20 -6.38
N ASN B 304 1.06 21.44 -6.86
CA ASN B 304 0.10 21.87 -7.87
C ASN B 304 0.63 21.68 -9.29
N TYR B 305 1.68 20.87 -9.44
CA TYR B 305 2.33 20.63 -10.72
C TYR B 305 1.79 19.51 -11.62
N CYS B 306 1.85 19.79 -12.92
CA CYS B 306 1.45 18.85 -13.96
C CYS B 306 2.70 18.61 -14.82
N HIS B 307 2.97 17.35 -15.16
CA HIS B 307 4.08 17.01 -16.04
C HIS B 307 3.45 16.29 -17.21
N MET B 308 4.06 16.43 -18.39
CA MET B 308 3.57 15.73 -19.56
C MET B 308 4.75 15.37 -20.48
N SER B 309 4.52 14.42 -21.36
CA SER B 309 5.52 13.99 -22.31
C SER B 309 4.85 13.26 -23.48
N VAL B 310 5.43 13.37 -24.68
CA VAL B 310 4.89 12.69 -25.84
C VAL B 310 5.91 11.74 -26.40
N PHE B 311 5.42 10.66 -26.96
CA PHE B 311 6.31 9.65 -27.49
C PHE B 311 6.01 9.26 -28.92
N PRO B 312 6.99 8.64 -29.59
CA PRO B 312 6.84 8.19 -30.97
C PRO B 312 6.16 6.82 -30.94
N ASP B 313 4.84 6.82 -30.73
CA ASP B 313 4.05 5.59 -30.67
C ASP B 313 4.67 4.61 -31.67
N ARG B 314 4.64 3.32 -31.33
CA ARG B 314 5.19 2.33 -32.25
C ARG B 314 4.49 2.55 -33.58
N ILE B 315 3.16 2.57 -33.56
CA ILE B 315 2.39 2.79 -34.77
C ILE B 315 2.68 4.20 -35.30
N PRO B 316 3.30 4.30 -36.50
CA PRO B 316 3.68 5.55 -37.18
C PRO B 316 2.60 6.64 -37.29
N GLY B 317 2.99 7.87 -37.01
CA GLY B 317 2.05 8.96 -37.11
C GLY B 317 1.11 9.06 -35.92
N ARG B 318 1.35 8.25 -34.90
CA ARG B 318 0.52 8.27 -33.72
C ARG B 318 1.37 8.69 -32.51
N ALA B 319 0.86 9.60 -31.69
CA ALA B 319 1.64 10.02 -30.54
C ALA B 319 0.97 9.64 -29.24
N ILE B 320 1.77 9.56 -28.19
CA ILE B 320 1.25 9.24 -26.88
C ILE B 320 1.63 10.34 -25.90
N ILE B 321 0.66 10.73 -25.06
CA ILE B 321 0.88 11.71 -24.02
C ILE B 321 0.63 11.03 -22.66
N ILE B 322 1.47 11.34 -21.67
CA ILE B 322 1.42 10.75 -20.31
C ILE B 322 1.21 11.81 -19.20
N SER B 323 0.33 12.75 -19.50
CA SER B 323 -0.02 13.85 -18.62
C SER B 323 -0.40 13.30 -17.26
N VAL B 324 0.23 13.82 -16.20
CA VAL B 324 -0.03 13.40 -14.82
C VAL B 324 -0.19 14.60 -13.89
N ILE B 325 -0.84 14.38 -12.75
CA ILE B 325 -1.04 15.43 -11.72
C ILE B 325 -1.45 14.79 -10.39
N ASP B 326 -1.43 15.62 -9.35
CA ASP B 326 -1.92 15.18 -8.05
C ASP B 326 -3.43 15.55 -8.22
N ASN B 327 -4.33 14.55 -8.18
CA ASN B 327 -5.76 14.83 -8.39
C ASN B 327 -6.43 15.75 -7.38
N LEU B 328 -5.89 15.82 -6.17
CA LEU B 328 -6.46 16.69 -5.15
C LEU B 328 -5.92 18.13 -5.19
N VAL B 329 -4.81 18.36 -5.91
CA VAL B 329 -4.27 19.71 -5.96
C VAL B 329 -4.48 20.36 -7.32
N LYS B 330 -3.65 20.05 -8.31
CA LYS B 330 -3.88 20.66 -9.62
C LYS B 330 -5.15 20.04 -10.21
N GLY B 331 -5.63 18.97 -9.58
CA GLY B 331 -6.84 18.33 -10.04
C GLY B 331 -8.09 18.92 -9.37
N ALA B 332 -7.88 19.68 -8.29
CA ALA B 332 -8.99 20.28 -7.58
C ALA B 332 -8.67 21.55 -6.80
N SER B 333 -8.54 21.44 -5.48
CA SER B 333 -8.30 22.60 -4.63
C SER B 333 -7.10 23.47 -4.92
N GLY B 334 -6.06 22.89 -5.53
CA GLY B 334 -4.88 23.66 -5.89
C GLY B 334 -5.23 24.59 -7.06
N GLN B 335 -5.91 24.05 -8.06
CA GLN B 335 -6.31 24.90 -9.20
C GLN B 335 -7.33 25.93 -8.73
N ALA B 336 -8.30 25.48 -7.94
CA ALA B 336 -9.32 26.36 -7.38
C ALA B 336 -8.67 27.58 -6.77
N LEU B 337 -7.59 27.36 -6.02
CA LEU B 337 -6.87 28.46 -5.38
C LEU B 337 -6.03 29.22 -6.40
N GLN B 338 -5.68 28.56 -7.50
CA GLN B 338 -4.89 29.23 -8.54
C GLN B 338 -5.77 30.33 -9.16
N ASN B 339 -7.02 29.98 -9.47
CA ASN B 339 -7.97 30.91 -10.07
C ASN B 339 -8.43 32.05 -9.13
N LEU B 340 -8.95 31.71 -7.96
CA LEU B 340 -9.43 32.71 -7.00
C LEU B 340 -8.32 33.68 -6.57
N ASN B 341 -7.07 33.23 -6.68
CA ASN B 341 -5.95 34.07 -6.30
C ASN B 341 -5.76 35.21 -7.31
N ILE B 342 -5.86 34.91 -8.60
CA ILE B 342 -5.69 35.95 -9.61
C ILE B 342 -6.94 36.79 -9.80
N MET B 343 -8.10 36.15 -9.60
CA MET B 343 -9.41 36.83 -9.71
C MET B 343 -9.46 38.01 -8.77
N LEU B 344 -8.79 37.85 -7.64
CA LEU B 344 -8.75 38.87 -6.62
C LEU B 344 -7.59 39.81 -6.84
N GLY B 345 -6.84 39.60 -7.91
CA GLY B 345 -5.74 40.50 -8.18
C GLY B 345 -4.38 40.09 -7.64
N TYR B 346 -4.29 38.95 -6.97
CA TYR B 346 -3.01 38.47 -6.46
C TYR B 346 -2.31 37.62 -7.50
N PRO B 347 -0.96 37.57 -7.46
CA PRO B 347 -0.16 36.78 -8.40
C PRO B 347 -0.60 35.32 -8.36
N GLU B 348 -0.36 34.59 -9.45
CA GLU B 348 -0.77 33.20 -9.53
C GLU B 348 -0.11 32.31 -8.46
N THR B 349 1.16 31.95 -8.67
CA THR B 349 1.91 31.09 -7.75
C THR B 349 1.57 31.27 -6.28
N THR B 350 1.37 32.52 -5.87
CA THR B 350 1.04 32.85 -4.48
C THR B 350 0.15 31.75 -3.88
N GLY B 351 0.66 31.09 -2.85
CA GLY B 351 -0.08 30.01 -2.20
C GLY B 351 -0.12 28.73 -3.03
N LEU B 352 0.93 28.43 -3.80
CA LEU B 352 0.89 27.20 -4.60
C LEU B 352 2.25 26.64 -4.99
N LEU B 353 3.31 27.13 -4.36
CA LEU B 353 4.64 26.65 -4.70
C LEU B 353 5.16 25.51 -3.80
N HIS B 354 4.22 24.84 -3.12
CA HIS B 354 4.50 23.69 -2.26
C HIS B 354 5.19 22.64 -3.16
N GLN B 355 6.39 22.20 -2.79
CA GLN B 355 7.10 21.20 -3.62
C GLN B 355 6.59 19.79 -3.32
N PRO B 356 6.51 18.91 -4.34
CA PRO B 356 6.02 17.52 -4.15
C PRO B 356 6.58 16.85 -2.89
N LEU B 357 5.81 15.90 -2.35
CA LEU B 357 6.25 15.17 -1.18
C LEU B 357 6.70 13.76 -1.60
N PHE B 358 7.97 13.64 -1.95
CA PHE B 358 8.52 12.35 -2.35
C PHE B 358 9.82 12.16 -1.57
N PRO B 359 10.04 10.96 -1.01
CA PRO B 359 9.09 9.85 -1.13
C PRO B 359 7.88 10.07 -0.22
N LYS C 15 6.16 -37.46 -5.70
CA LYS C 15 5.46 -38.76 -5.75
C LYS C 15 5.81 -39.51 -7.02
N ASP C 16 4.92 -39.47 -8.01
CA ASP C 16 5.15 -40.18 -9.27
C ASP C 16 6.11 -39.43 -10.20
N ILE C 17 5.91 -38.14 -10.37
CA ILE C 17 6.76 -37.34 -11.25
C ILE C 17 7.79 -36.52 -10.49
N ARG C 18 9.06 -36.67 -10.85
CA ARG C 18 10.12 -35.93 -10.19
C ARG C 18 10.37 -34.65 -10.98
N ILE C 19 10.36 -33.51 -10.27
CA ILE C 19 10.55 -32.20 -10.89
C ILE C 19 11.78 -31.45 -10.42
N GLY C 20 12.46 -30.81 -11.35
CA GLY C 20 13.64 -30.02 -11.02
C GLY C 20 13.41 -28.55 -11.33
N LEU C 21 14.01 -27.69 -10.53
CA LEU C 21 13.87 -26.26 -10.73
C LEU C 21 15.22 -25.57 -11.02
N LEU C 22 15.35 -25.03 -12.23
CA LEU C 22 16.56 -24.31 -12.65
C LEU C 22 16.38 -22.81 -12.40
N GLY C 23 16.99 -22.30 -11.33
CA GLY C 23 16.84 -20.89 -11.02
C GLY C 23 15.79 -20.72 -9.94
N ALA C 24 16.13 -21.19 -8.74
CA ALA C 24 15.25 -21.12 -7.60
C ALA C 24 15.71 -20.05 -6.61
N SER C 25 15.52 -18.79 -6.97
CA SER C 25 15.90 -17.70 -6.09
C SER C 25 15.10 -16.40 -6.34
N GLY C 26 14.35 -16.33 -7.44
CA GLY C 26 13.54 -15.17 -7.73
C GLY C 26 12.05 -15.45 -7.55
N TYR C 27 11.17 -14.53 -7.90
CA TYR C 27 9.72 -14.77 -7.71
C TYR C 27 9.13 -15.90 -8.55
N THR C 28 9.63 -16.13 -9.76
CA THR C 28 9.05 -17.22 -10.55
C THR C 28 9.39 -18.56 -9.89
N GLY C 29 10.55 -18.60 -9.24
CA GLY C 29 10.99 -19.81 -8.55
C GLY C 29 10.18 -20.07 -7.29
N ALA C 30 9.88 -19.02 -6.55
CA ALA C 30 9.10 -19.21 -5.36
C ALA C 30 7.70 -19.72 -5.79
N GLU C 31 7.13 -19.11 -6.83
CA GLU C 31 5.81 -19.53 -7.30
C GLU C 31 5.77 -20.99 -7.73
N ILE C 32 6.85 -21.47 -8.34
CA ILE C 32 6.94 -22.86 -8.75
C ILE C 32 6.83 -23.72 -7.50
N VAL C 33 7.64 -23.40 -6.50
CA VAL C 33 7.65 -24.15 -5.25
C VAL C 33 6.30 -24.08 -4.51
N ARG C 34 5.70 -22.90 -4.48
CA ARG C 34 4.42 -22.72 -3.82
C ARG C 34 3.36 -23.62 -4.46
N LEU C 35 3.36 -23.67 -5.78
CA LEU C 35 2.40 -24.49 -6.49
C LEU C 35 2.66 -26.02 -6.42
N LEU C 36 3.93 -26.41 -6.41
CA LEU C 36 4.27 -27.84 -6.36
C LEU C 36 4.07 -28.48 -4.99
N ALA C 37 3.95 -27.65 -3.95
CA ALA C 37 3.76 -28.15 -2.60
C ALA C 37 2.64 -29.16 -2.55
N ASN C 38 1.40 -28.71 -2.68
CA ASN C 38 0.30 -29.65 -2.61
C ASN C 38 0.04 -30.44 -3.88
N HIS C 39 0.90 -30.28 -4.88
CA HIS C 39 0.73 -31.03 -6.12
C HIS C 39 0.87 -32.51 -5.72
N PRO C 40 -0.08 -33.36 -6.15
CA PRO C 40 -0.10 -34.80 -5.86
C PRO C 40 1.00 -35.69 -6.47
N HIS C 41 1.18 -35.58 -7.78
CA HIS C 41 2.16 -36.40 -8.49
C HIS C 41 3.53 -35.72 -8.72
N PHE C 42 3.53 -34.40 -8.75
CA PHE C 42 4.73 -33.62 -9.02
C PHE C 42 5.43 -33.19 -7.74
N GLN C 43 6.73 -33.48 -7.63
CA GLN C 43 7.49 -33.10 -6.47
C GLN C 43 8.87 -32.56 -6.86
N VAL C 44 9.25 -31.43 -6.28
CA VAL C 44 10.56 -30.85 -6.60
C VAL C 44 11.62 -31.76 -5.99
N THR C 45 12.70 -32.00 -6.72
CA THR C 45 13.79 -32.86 -6.23
C THR C 45 15.16 -32.17 -6.39
N LEU C 46 15.28 -31.30 -7.37
CA LEU C 46 16.52 -30.61 -7.65
C LEU C 46 16.26 -29.13 -7.90
N MET C 47 17.06 -28.26 -7.31
CA MET C 47 16.89 -26.81 -7.49
C MET C 47 18.23 -26.06 -7.57
N THR C 48 18.40 -25.31 -8.65
CA THR C 48 19.63 -24.57 -8.88
C THR C 48 19.55 -23.06 -8.67
N ALA C 49 20.69 -22.47 -8.32
CA ALA C 49 20.79 -21.04 -8.09
C ALA C 49 22.26 -20.76 -7.80
N ASP C 50 23.04 -20.51 -8.86
CA ASP C 50 24.47 -20.26 -8.71
C ASP C 50 24.82 -19.12 -7.76
N ARG C 51 24.17 -17.98 -7.91
CA ARG C 51 24.43 -16.83 -7.07
C ARG C 51 24.17 -17.16 -5.59
N LYS C 52 23.52 -18.30 -5.33
CA LYS C 52 23.19 -18.68 -3.96
C LYS C 52 23.34 -20.18 -3.73
N ALA C 53 24.10 -20.84 -4.59
CA ALA C 53 24.32 -22.28 -4.46
C ALA C 53 25.02 -22.62 -3.17
N GLY C 54 24.55 -23.68 -2.53
CA GLY C 54 25.12 -24.10 -1.26
C GLY C 54 24.22 -23.68 -0.11
N GLN C 55 23.16 -22.96 -0.44
CA GLN C 55 22.20 -22.49 0.55
C GLN C 55 20.90 -23.26 0.38
N SER C 56 20.04 -23.21 1.39
CA SER C 56 18.74 -23.90 1.33
C SER C 56 17.69 -22.98 0.72
N MET C 57 16.82 -23.54 -0.11
CA MET C 57 15.78 -22.73 -0.74
C MET C 57 15.10 -21.81 0.27
N GLU C 58 14.81 -22.32 1.46
CA GLU C 58 14.16 -21.53 2.50
C GLU C 58 15.01 -20.30 2.84
N SER C 59 16.32 -20.50 2.99
CA SER C 59 17.20 -19.38 3.32
C SER C 59 17.08 -18.23 2.29
N VAL C 60 16.53 -18.54 1.12
CA VAL C 60 16.31 -17.58 0.05
C VAL C 60 14.82 -17.13 0.10
N PHE C 61 14.01 -17.93 0.78
CA PHE C 61 12.58 -17.67 0.94
C PHE C 61 12.06 -18.30 2.22
N PRO C 62 12.28 -17.63 3.35
CA PRO C 62 11.85 -18.07 4.68
C PRO C 62 10.38 -18.46 4.75
N HIS C 63 9.57 -18.01 3.81
CA HIS C 63 8.17 -18.36 3.86
C HIS C 63 7.97 -19.79 3.41
N LEU C 64 9.03 -20.44 2.94
CA LEU C 64 8.90 -21.81 2.46
C LEU C 64 9.28 -22.89 3.49
N ARG C 65 9.64 -22.46 4.70
CA ARG C 65 10.08 -23.41 5.72
C ARG C 65 9.24 -24.68 5.92
N ALA C 66 7.91 -24.59 5.83
CA ALA C 66 7.04 -25.75 6.03
C ALA C 66 7.33 -26.86 5.03
N GLN C 67 8.04 -26.53 3.96
CA GLN C 67 8.35 -27.51 2.95
C GLN C 67 9.71 -28.16 3.12
N LYS C 68 9.79 -29.44 2.77
CA LYS C 68 11.05 -30.18 2.83
C LYS C 68 11.61 -30.08 1.42
N LEU C 69 12.64 -29.27 1.25
CA LEU C 69 13.21 -29.09 -0.08
C LEU C 69 14.72 -29.25 -0.06
N PRO C 70 15.29 -29.61 -1.22
CA PRO C 70 16.73 -29.79 -1.39
C PRO C 70 17.45 -28.45 -1.33
N THR C 71 18.72 -28.46 -0.96
CA THR C 71 19.46 -27.22 -0.89
C THR C 71 19.89 -26.79 -2.29
N LEU C 72 20.04 -25.48 -2.50
CA LEU C 72 20.43 -24.96 -3.81
C LEU C 72 21.85 -25.38 -4.18
N VAL C 73 22.02 -25.73 -5.45
CA VAL C 73 23.30 -26.14 -5.97
C VAL C 73 23.58 -25.40 -7.27
N SER C 74 24.83 -25.48 -7.72
CA SER C 74 25.23 -24.85 -8.96
C SER C 74 24.63 -25.61 -10.13
N VAL C 75 24.47 -24.96 -11.29
CA VAL C 75 23.91 -25.60 -12.47
C VAL C 75 24.86 -26.71 -12.94
N LYS C 76 26.15 -26.41 -12.89
CA LYS C 76 27.17 -27.36 -13.29
C LYS C 76 27.03 -28.63 -12.47
N ASP C 77 27.06 -28.47 -11.16
CA ASP C 77 26.96 -29.59 -10.24
C ASP C 77 25.63 -30.32 -10.37
N ALA C 78 24.65 -29.66 -11.00
CA ALA C 78 23.34 -30.25 -11.17
C ALA C 78 23.34 -31.44 -12.11
N ASP C 79 22.73 -32.52 -11.65
CA ASP C 79 22.64 -33.78 -12.40
C ASP C 79 21.20 -33.95 -12.85
N PHE C 80 20.89 -33.44 -14.05
CA PHE C 80 19.53 -33.52 -14.59
C PHE C 80 19.04 -34.89 -15.04
N SER C 81 19.79 -35.92 -14.67
CA SER C 81 19.40 -37.28 -15.03
C SER C 81 18.52 -37.78 -13.89
N THR C 82 18.56 -37.03 -12.79
CA THR C 82 17.83 -37.33 -11.56
C THR C 82 16.37 -36.89 -11.60
N VAL C 83 16.03 -36.05 -12.56
CA VAL C 83 14.66 -35.58 -12.64
C VAL C 83 14.00 -36.04 -13.93
N ASP C 84 12.67 -35.88 -13.99
CA ASP C 84 11.88 -36.27 -15.15
C ASP C 84 11.37 -35.03 -15.91
N ALA C 85 11.52 -33.87 -15.29
CA ALA C 85 11.07 -32.61 -15.89
C ALA C 85 11.71 -31.44 -15.15
N VAL C 86 11.93 -30.35 -15.85
CA VAL C 86 12.58 -29.20 -15.25
C VAL C 86 11.78 -27.89 -15.41
N PHE C 87 12.15 -26.87 -14.63
CA PHE C 87 11.53 -25.55 -14.73
C PHE C 87 12.67 -24.57 -14.86
N CYS C 88 12.71 -23.84 -15.96
CA CYS C 88 13.79 -22.87 -16.12
C CYS C 88 13.27 -21.46 -15.87
N CYS C 89 13.76 -20.84 -14.82
CA CYS C 89 13.33 -19.50 -14.44
C CYS C 89 14.47 -18.50 -14.60
N LEU C 90 15.54 -18.94 -15.24
CA LEU C 90 16.71 -18.11 -15.46
C LEU C 90 16.36 -16.90 -16.33
N PRO C 91 17.03 -15.77 -16.08
CA PRO C 91 16.78 -14.54 -16.83
C PRO C 91 17.31 -14.65 -18.27
N HIS C 92 16.66 -13.92 -19.18
CA HIS C 92 17.04 -13.90 -20.58
C HIS C 92 18.54 -13.81 -20.78
N GLY C 93 19.02 -14.46 -21.83
CA GLY C 93 20.44 -14.46 -22.15
C GLY C 93 21.25 -15.52 -21.42
N THR C 94 20.57 -16.55 -20.93
CA THR C 94 21.23 -17.64 -20.21
C THR C 94 20.45 -18.93 -20.34
N THR C 95 19.45 -18.95 -21.22
CA THR C 95 18.59 -20.12 -21.39
C THR C 95 18.82 -21.03 -22.58
N GLN C 96 18.91 -20.44 -23.76
CA GLN C 96 19.09 -21.19 -24.99
C GLN C 96 20.20 -22.23 -24.97
N GLU C 97 21.37 -21.86 -24.44
CA GLU C 97 22.49 -22.81 -24.38
C GLU C 97 22.16 -23.97 -23.47
N ILE C 98 21.80 -23.68 -22.22
CA ILE C 98 21.48 -24.68 -21.22
C ILE C 98 20.40 -25.65 -21.66
N ILE C 99 19.29 -25.13 -22.18
CA ILE C 99 18.19 -25.98 -22.63
C ILE C 99 18.62 -26.78 -23.84
N LYS C 100 19.52 -26.23 -24.63
CA LYS C 100 19.99 -26.89 -25.83
C LYS C 100 20.75 -28.18 -25.47
N GLU C 101 21.47 -28.12 -24.36
CA GLU C 101 22.25 -29.25 -23.88
C GLU C 101 21.49 -30.16 -22.91
N LEU C 102 20.23 -29.85 -22.63
CA LEU C 102 19.45 -30.68 -21.71
C LEU C 102 19.23 -32.08 -22.29
N PRO C 103 19.25 -33.11 -21.43
CA PRO C 103 19.04 -34.48 -21.89
C PRO C 103 17.69 -34.65 -22.56
N THR C 104 17.71 -34.95 -23.85
CA THR C 104 16.50 -35.14 -24.61
C THR C 104 15.44 -35.99 -23.90
N ALA C 105 15.83 -36.61 -22.79
CA ALA C 105 14.90 -37.43 -22.03
C ALA C 105 14.19 -36.54 -21.00
N LEU C 106 13.65 -35.44 -21.48
CA LEU C 106 12.95 -34.52 -20.61
C LEU C 106 11.80 -33.85 -21.33
N LYS C 107 10.62 -33.87 -20.72
CA LYS C 107 9.49 -33.17 -21.29
C LYS C 107 9.42 -31.96 -20.37
N ILE C 108 9.78 -30.79 -20.89
CA ILE C 108 9.79 -29.58 -20.06
C ILE C 108 9.04 -28.32 -20.57
N VAL C 109 8.68 -27.45 -19.64
CA VAL C 109 8.03 -26.20 -19.97
C VAL C 109 9.09 -25.15 -19.76
N ASP C 110 9.21 -24.26 -20.73
CA ASP C 110 10.19 -23.20 -20.67
C ASP C 110 9.43 -21.87 -20.49
N LEU C 111 9.63 -21.23 -19.34
CA LEU C 111 8.97 -19.96 -19.04
C LEU C 111 9.84 -18.78 -19.47
N SER C 112 10.99 -19.08 -20.07
CA SER C 112 11.88 -18.02 -20.53
C SER C 112 11.25 -17.38 -21.75
N ALA C 113 11.80 -16.23 -22.15
CA ALA C 113 11.32 -15.51 -23.31
C ALA C 113 12.07 -15.91 -24.57
N ASP C 114 13.25 -16.52 -24.39
CA ASP C 114 14.15 -16.89 -25.50
C ASP C 114 13.76 -17.95 -26.52
N PHE C 115 12.59 -18.56 -26.35
CA PHE C 115 12.12 -19.55 -27.31
C PHE C 115 10.71 -19.25 -27.82
N ARG C 116 10.20 -18.06 -27.50
CA ARG C 116 8.86 -17.65 -27.91
C ARG C 116 8.69 -17.18 -29.35
N LEU C 117 9.67 -16.45 -29.87
CA LEU C 117 9.58 -15.95 -31.24
C LEU C 117 10.10 -17.00 -32.20
N ARG C 118 9.33 -17.31 -33.23
CA ARG C 118 9.74 -18.31 -34.20
C ARG C 118 10.74 -17.70 -35.19
N ASN C 119 10.62 -16.40 -35.42
CA ASN C 119 11.55 -15.74 -36.34
C ASN C 119 12.85 -15.31 -35.64
N ILE C 120 13.92 -16.03 -35.98
CA ILE C 120 15.24 -15.81 -35.41
C ILE C 120 15.77 -14.38 -35.49
N ALA C 121 15.51 -13.71 -36.60
CA ALA C 121 15.97 -12.34 -36.76
C ALA C 121 15.29 -11.41 -35.76
N GLU C 122 13.97 -11.55 -35.62
CA GLU C 122 13.22 -10.72 -34.70
C GLU C 122 13.75 -10.86 -33.28
N TYR C 123 14.06 -12.10 -32.89
CA TYR C 123 14.56 -12.33 -31.54
C TYR C 123 15.86 -11.57 -31.34
N GLU C 124 16.78 -11.76 -32.27
CA GLU C 124 18.07 -11.10 -32.20
C GLU C 124 17.94 -9.58 -32.26
N GLU C 125 17.05 -9.10 -33.11
CA GLU C 125 16.87 -7.67 -33.24
C GLU C 125 16.14 -7.12 -32.02
N TRP C 126 15.28 -7.92 -31.42
CA TRP C 126 14.52 -7.48 -30.26
C TRP C 126 15.13 -7.79 -28.92
N TYR C 127 16.13 -8.67 -28.89
CA TYR C 127 16.72 -9.05 -27.63
C TYR C 127 18.21 -8.77 -27.47
N GLY C 128 18.82 -8.18 -28.49
CA GLY C 128 20.23 -7.83 -28.41
C GLY C 128 21.27 -8.93 -28.49
N GLN C 129 20.92 -10.08 -29.06
CA GLN C 129 21.88 -11.17 -29.20
C GLN C 129 21.39 -12.24 -30.16
N PRO C 130 22.33 -13.00 -30.75
CA PRO C 130 21.96 -14.06 -31.70
C PRO C 130 21.20 -15.17 -31.00
N HIS C 131 20.36 -15.84 -31.75
CA HIS C 131 19.62 -16.94 -31.18
C HIS C 131 20.63 -18.08 -31.23
N LYS C 132 20.98 -18.60 -30.05
CA LYS C 132 21.97 -19.68 -29.95
C LYS C 132 21.39 -21.08 -30.02
N ALA C 133 20.20 -21.23 -30.58
CA ALA C 133 19.60 -22.56 -30.66
C ALA C 133 18.58 -22.60 -31.76
N VAL C 134 19.00 -22.13 -32.92
CA VAL C 134 18.16 -22.06 -34.11
C VAL C 134 17.35 -23.31 -34.41
N GLU C 135 17.99 -24.47 -34.39
CA GLU C 135 17.29 -25.73 -34.71
C GLU C 135 16.27 -26.15 -33.64
N LEU C 136 16.69 -26.10 -32.39
CA LEU C 136 15.81 -26.46 -31.29
C LEU C 136 14.55 -25.58 -31.36
N GLN C 137 14.76 -24.31 -31.67
CA GLN C 137 13.66 -23.37 -31.78
C GLN C 137 12.55 -23.94 -32.67
N LYS C 138 12.93 -24.78 -33.62
CA LYS C 138 11.94 -25.37 -34.53
C LYS C 138 11.02 -26.36 -33.84
N GLU C 139 11.47 -26.96 -32.75
CA GLU C 139 10.61 -27.93 -32.07
C GLU C 139 9.79 -27.33 -30.93
N VAL C 140 10.14 -26.10 -30.52
CA VAL C 140 9.47 -25.39 -29.44
C VAL C 140 8.00 -25.04 -29.69
N VAL C 141 7.18 -25.16 -28.65
CA VAL C 141 5.76 -24.80 -28.81
C VAL C 141 5.37 -23.70 -27.81
N TYR C 142 4.63 -22.71 -28.29
CA TYR C 142 4.21 -21.61 -27.44
C TYR C 142 3.13 -22.10 -26.45
N GLY C 143 3.46 -22.07 -25.16
CA GLY C 143 2.53 -22.59 -24.15
C GLY C 143 1.30 -21.81 -23.71
N LEU C 144 0.62 -21.15 -24.63
CA LEU C 144 -0.60 -20.39 -24.31
C LEU C 144 -1.69 -21.46 -24.32
N THR C 145 -1.84 -22.15 -23.19
CA THR C 145 -2.73 -23.29 -23.09
C THR C 145 -4.10 -23.18 -23.74
N GLU C 146 -4.71 -22.00 -23.67
CA GLU C 146 -6.04 -21.80 -24.28
C GLU C 146 -6.07 -21.92 -25.81
N ILE C 147 -5.03 -21.42 -26.47
CA ILE C 147 -5.02 -21.46 -27.91
C ILE C 147 -4.21 -22.60 -28.54
N LEU C 148 -3.41 -23.32 -27.76
CA LEU C 148 -2.57 -24.37 -28.32
C LEU C 148 -2.53 -25.68 -27.53
N ARG C 149 -3.53 -25.88 -26.67
CA ARG C 149 -3.63 -27.07 -25.83
C ARG C 149 -3.14 -28.37 -26.49
N GLU C 150 -3.59 -28.65 -27.71
CA GLU C 150 -3.19 -29.90 -28.36
C GLU C 150 -1.71 -30.02 -28.69
N ASP C 151 -1.19 -29.01 -29.39
CA ASP C 151 0.23 -29.01 -29.76
C ASP C 151 1.11 -29.12 -28.53
N ILE C 152 0.75 -28.39 -27.48
CA ILE C 152 1.52 -28.39 -26.24
C ILE C 152 1.70 -29.82 -25.69
N LYS C 153 0.66 -30.65 -25.82
CA LYS C 153 0.70 -32.04 -25.35
C LYS C 153 1.94 -32.81 -25.83
N LYS C 154 2.13 -32.87 -27.14
CA LYS C 154 3.25 -33.61 -27.68
C LYS C 154 4.55 -32.84 -27.78
N ALA C 155 4.70 -31.83 -26.91
CA ALA C 155 5.90 -31.00 -26.92
C ALA C 155 6.93 -31.38 -25.85
N ARG C 156 8.18 -31.41 -26.26
CA ARG C 156 9.26 -31.72 -25.35
C ARG C 156 9.66 -30.40 -24.65
N LEU C 157 9.81 -29.35 -25.45
CA LEU C 157 10.18 -28.04 -24.93
C LEU C 157 9.09 -27.05 -25.31
N VAL C 158 8.40 -26.55 -24.29
CA VAL C 158 7.33 -25.58 -24.49
C VAL C 158 7.78 -24.19 -24.06
N ALA C 159 7.41 -23.19 -24.87
CA ALA C 159 7.72 -21.79 -24.59
C ALA C 159 6.48 -21.18 -23.92
N ASN C 160 6.47 -21.17 -22.59
CA ASN C 160 5.34 -20.63 -21.85
C ASN C 160 5.25 -19.13 -22.16
N PRO C 161 4.06 -18.66 -22.55
CA PRO C 161 3.90 -17.23 -22.86
C PRO C 161 4.24 -16.25 -21.77
N GLY C 162 4.48 -15.00 -22.17
CA GLY C 162 4.77 -13.94 -21.22
C GLY C 162 3.44 -13.57 -20.56
N CYS C 163 3.50 -12.67 -19.58
CA CYS C 163 2.31 -12.22 -18.84
C CYS C 163 1.35 -11.38 -19.70
N TYR C 164 1.72 -10.14 -20.00
CA TYR C 164 0.89 -9.28 -20.85
C TYR C 164 0.38 -10.04 -22.09
N PRO C 165 1.30 -10.67 -22.84
CA PRO C 165 0.87 -11.39 -24.04
C PRO C 165 -0.27 -12.39 -23.81
N THR C 166 -0.38 -12.91 -22.60
CA THR C 166 -1.43 -13.85 -22.26
C THR C 166 -2.77 -13.10 -22.09
N THR C 167 -2.72 -11.97 -21.40
CA THR C 167 -3.93 -11.17 -21.18
C THR C 167 -4.52 -10.60 -22.49
N ILE C 168 -3.67 -10.45 -23.50
CA ILE C 168 -4.07 -9.86 -24.79
C ILE C 168 -4.53 -10.87 -25.84
N GLN C 169 -3.71 -11.90 -26.06
CA GLN C 169 -4.03 -12.93 -27.03
C GLN C 169 -5.31 -13.71 -26.72
N LEU C 170 -5.61 -13.94 -25.44
CA LEU C 170 -6.81 -14.70 -25.08
C LEU C 170 -8.11 -14.11 -25.68
N PRO C 171 -8.38 -12.80 -25.46
CA PRO C 171 -9.59 -12.18 -26.01
C PRO C 171 -9.45 -11.94 -27.52
N LEU C 172 -8.25 -11.50 -27.90
CA LEU C 172 -8.02 -11.15 -29.28
C LEU C 172 -7.90 -12.25 -30.32
N VAL C 173 -7.32 -13.40 -29.97
CA VAL C 173 -7.19 -14.46 -30.98
C VAL C 173 -8.53 -14.92 -31.56
N PRO C 174 -9.48 -15.34 -30.71
CA PRO C 174 -10.80 -15.79 -31.17
C PRO C 174 -11.55 -14.69 -31.93
N LEU C 175 -11.35 -13.45 -31.50
CA LEU C 175 -12.02 -12.32 -32.15
C LEU C 175 -11.54 -12.07 -33.57
N LEU C 176 -10.23 -12.09 -33.75
CA LEU C 176 -9.61 -11.91 -35.06
C LEU C 176 -9.92 -13.17 -35.91
N LYS C 177 -9.85 -14.34 -35.28
CA LYS C 177 -10.11 -15.60 -35.97
C LYS C 177 -11.50 -15.61 -36.59
N ALA C 178 -12.46 -14.98 -35.91
CA ALA C 178 -13.83 -14.94 -36.38
C ALA C 178 -14.12 -13.66 -37.14
N ASN C 179 -13.05 -12.98 -37.55
CA ASN C 179 -13.15 -11.73 -38.29
C ASN C 179 -14.22 -10.80 -37.64
N LEU C 180 -14.11 -10.58 -36.34
CA LEU C 180 -15.06 -9.72 -35.65
C LEU C 180 -14.48 -8.34 -35.33
N ILE C 181 -13.17 -8.22 -35.42
CA ILE C 181 -12.51 -6.94 -35.15
C ILE C 181 -11.44 -6.73 -36.20
N LYS C 182 -11.20 -5.47 -36.52
CA LYS C 182 -10.20 -5.10 -37.51
C LYS C 182 -8.83 -5.27 -36.87
N HIS C 183 -7.78 -5.48 -37.65
CA HIS C 183 -6.48 -5.62 -37.02
C HIS C 183 -5.56 -4.41 -37.06
N GLU C 184 -6.14 -3.23 -37.29
CA GLU C 184 -5.39 -1.98 -37.32
C GLU C 184 -5.76 -1.15 -36.09
N ASN C 185 -4.83 -0.32 -35.62
CA ASN C 185 -5.07 0.51 -34.45
C ASN C 185 -5.53 -0.25 -33.21
N ILE C 186 -4.99 -1.45 -33.00
CA ILE C 186 -5.32 -2.19 -31.78
C ILE C 186 -4.39 -1.52 -30.75
N ILE C 187 -5.00 -0.82 -29.79
CA ILE C 187 -4.25 -0.10 -28.77
C ILE C 187 -4.48 -0.74 -27.40
N ILE C 188 -3.38 -1.11 -26.76
CA ILE C 188 -3.45 -1.77 -25.46
C ILE C 188 -2.80 -0.96 -24.35
N ASP C 189 -3.57 -0.61 -23.32
CA ASP C 189 -3.01 0.11 -22.19
C ASP C 189 -3.02 -0.91 -21.04
N ALA C 190 -1.85 -1.48 -20.74
CA ALA C 190 -1.70 -2.49 -19.72
C ALA C 190 -1.13 -1.98 -18.41
N LYS C 191 -1.51 -2.68 -17.35
CA LYS C 191 -1.12 -2.32 -15.99
C LYS C 191 -0.62 -3.56 -15.28
N SER C 192 0.54 -3.47 -14.64
CA SER C 192 1.08 -4.63 -13.96
C SER C 192 1.61 -4.36 -12.58
N GLY C 193 1.43 -5.34 -11.69
CA GLY C 193 1.96 -5.23 -10.36
C GLY C 193 3.48 -5.30 -10.49
N VAL C 194 4.19 -4.67 -9.58
CA VAL C 194 5.65 -4.63 -9.65
C VAL C 194 6.35 -5.99 -9.46
N SER C 195 5.56 -7.06 -9.23
CA SER C 195 6.11 -8.40 -9.07
C SER C 195 6.70 -8.85 -10.40
N GLY C 196 6.29 -8.19 -11.48
CA GLY C 196 6.81 -8.53 -12.79
C GLY C 196 8.22 -7.97 -13.00
N ALA C 197 8.66 -7.06 -12.13
CA ALA C 197 9.99 -6.48 -12.26
C ALA C 197 11.00 -7.42 -11.61
N GLY C 198 10.49 -8.49 -11.02
CA GLY C 198 11.35 -9.47 -10.39
C GLY C 198 11.91 -9.01 -9.07
N ARG C 199 12.71 -9.89 -8.46
CA ARG C 199 13.34 -9.66 -7.17
C ARG C 199 14.69 -8.95 -7.25
N GLY C 200 15.11 -8.56 -8.46
CA GLY C 200 16.38 -7.86 -8.61
C GLY C 200 16.44 -6.66 -7.68
N ALA C 201 17.61 -6.41 -7.10
CA ALA C 201 17.79 -5.31 -6.17
C ALA C 201 18.09 -3.98 -6.85
N LYS C 202 17.03 -3.28 -7.28
CA LYS C 202 17.19 -2.00 -7.93
C LYS C 202 16.46 -0.86 -7.22
N GLU C 203 17.10 0.30 -7.20
CA GLU C 203 16.54 1.48 -6.56
C GLU C 203 15.09 1.66 -6.99
N ALA C 204 14.89 1.69 -8.30
CA ALA C 204 13.60 1.89 -8.92
C ALA C 204 12.44 1.11 -8.30
N ASN C 205 12.69 -0.11 -7.85
CA ASN C 205 11.63 -0.94 -7.29
C ASN C 205 11.53 -1.05 -5.78
N LEU C 206 12.21 -0.15 -5.07
CA LEU C 206 12.16 -0.12 -3.62
C LEU C 206 10.73 0.28 -3.19
N TYR C 207 10.33 -0.10 -1.97
CA TYR C 207 9.00 0.28 -1.52
C TYR C 207 8.83 1.81 -1.55
N SER C 208 9.76 2.53 -0.90
CA SER C 208 9.72 3.97 -0.85
C SER C 208 9.68 4.66 -2.20
N GLU C 209 10.17 3.99 -3.23
CA GLU C 209 10.16 4.58 -4.57
C GLU C 209 8.87 4.25 -5.31
N ILE C 210 8.43 2.98 -5.20
CA ILE C 210 7.25 2.53 -5.93
C ILE C 210 5.91 2.97 -5.38
N ALA C 211 5.73 2.77 -4.09
CA ALA C 211 4.48 3.06 -3.42
C ALA C 211 3.84 4.40 -3.67
N GLU C 212 2.49 4.36 -3.70
CA GLU C 212 1.64 5.52 -3.86
C GLU C 212 1.83 6.32 -5.14
N GLY C 213 1.95 5.62 -6.25
CA GLY C 213 2.10 6.27 -7.52
C GLY C 213 2.21 5.27 -8.65
N ILE C 214 2.09 5.76 -9.87
CA ILE C 214 2.22 4.93 -11.06
C ILE C 214 3.06 5.69 -12.10
N SER C 215 3.46 4.95 -13.13
CA SER C 215 4.23 5.49 -14.24
C SER C 215 4.14 4.47 -15.38
N SER C 216 4.28 4.93 -16.62
CA SER C 216 4.28 4.04 -17.77
C SER C 216 5.72 3.52 -17.88
N TYR C 217 5.98 2.57 -18.77
CA TYR C 217 7.35 2.08 -18.98
C TYR C 217 7.30 1.26 -20.26
N GLY C 218 8.45 1.06 -20.89
CA GLY C 218 8.50 0.30 -22.12
C GLY C 218 7.66 0.99 -23.19
N VAL C 219 7.63 2.31 -23.15
CA VAL C 219 6.85 3.07 -24.13
C VAL C 219 7.44 2.90 -25.52
N THR C 220 6.56 2.74 -26.51
CA THR C 220 6.96 2.55 -27.90
C THR C 220 7.52 1.15 -28.11
N ARG C 221 8.61 0.84 -27.41
CA ARG C 221 9.25 -0.47 -27.53
C ARG C 221 9.28 -1.20 -26.21
N HIS C 222 8.97 -2.48 -26.27
CA HIS C 222 8.98 -3.36 -25.11
C HIS C 222 9.03 -4.78 -25.69
N ARG C 223 9.93 -5.63 -25.19
CA ARG C 223 10.08 -6.99 -25.73
C ARG C 223 8.87 -7.91 -25.84
N HIS C 224 7.72 -7.48 -25.33
CA HIS C 224 6.52 -8.30 -25.45
C HIS C 224 5.79 -8.03 -26.75
N VAL C 225 6.12 -6.90 -27.39
CA VAL C 225 5.47 -6.53 -28.65
C VAL C 225 5.61 -7.66 -29.68
N PRO C 226 6.85 -8.03 -30.09
CA PRO C 226 6.96 -9.11 -31.08
C PRO C 226 6.15 -10.37 -30.72
N GLU C 227 6.18 -10.74 -29.43
CA GLU C 227 5.44 -11.90 -28.93
C GLU C 227 3.92 -11.71 -29.18
N ILE C 228 3.42 -10.54 -28.78
CA ILE C 228 2.01 -10.18 -28.97
C ILE C 228 1.66 -10.20 -30.46
N GLU C 229 2.40 -9.43 -31.24
CA GLU C 229 2.14 -9.35 -32.68
C GLU C 229 2.24 -10.72 -33.35
N GLN C 230 3.21 -11.54 -32.95
CA GLN C 230 3.36 -12.88 -33.53
C GLN C 230 2.09 -13.69 -33.34
N GLY C 231 1.57 -13.67 -32.11
CA GLY C 231 0.36 -14.39 -31.79
C GLY C 231 -0.85 -13.87 -32.56
N LEU C 232 -0.97 -12.55 -32.66
CA LEU C 232 -2.08 -11.94 -33.39
C LEU C 232 -1.94 -12.11 -34.91
N SER C 233 -0.75 -11.81 -35.43
CA SER C 233 -0.53 -11.95 -36.87
C SER C 233 -0.80 -13.36 -37.37
N ASP C 234 -0.42 -14.37 -36.59
CA ASP C 234 -0.65 -15.74 -36.98
C ASP C 234 -2.12 -16.07 -37.16
N VAL C 235 -2.98 -15.50 -36.33
CA VAL C 235 -4.41 -15.74 -36.42
C VAL C 235 -5.08 -14.83 -37.43
N ALA C 236 -4.49 -13.65 -37.66
CA ALA C 236 -5.04 -12.70 -38.61
C ALA C 236 -4.53 -13.01 -40.02
N GLN C 237 -3.49 -13.83 -40.07
CA GLN C 237 -2.88 -14.21 -41.34
C GLN C 237 -2.40 -12.96 -42.07
N SER C 238 -1.63 -12.16 -41.35
CA SER C 238 -1.06 -10.91 -41.84
C SER C 238 -0.31 -10.25 -40.67
N LYS C 239 0.84 -9.65 -40.94
CA LYS C 239 1.60 -9.01 -39.89
C LYS C 239 0.86 -7.84 -39.28
N VAL C 240 0.36 -8.05 -38.06
CA VAL C 240 -0.37 -7.04 -37.33
C VAL C 240 0.59 -6.21 -36.49
N THR C 241 0.41 -4.89 -36.53
CA THR C 241 1.22 -3.96 -35.75
C THR C 241 0.30 -3.32 -34.69
N VAL C 242 0.64 -3.53 -33.42
CA VAL C 242 -0.16 -2.98 -32.34
C VAL C 242 0.53 -1.84 -31.59
N SER C 243 -0.25 -1.18 -30.76
CA SER C 243 0.31 -0.13 -29.91
C SER C 243 0.08 -0.81 -28.54
N PHE C 244 1.14 -0.85 -27.75
CA PHE C 244 1.11 -1.53 -26.46
C PHE C 244 1.94 -0.74 -25.48
N THR C 245 1.30 -0.29 -24.41
CA THR C 245 2.00 0.51 -23.43
C THR C 245 1.84 -0.02 -22.03
N PRO C 246 2.93 -0.54 -21.43
CA PRO C 246 2.94 -1.07 -20.06
C PRO C 246 2.84 0.06 -19.04
N HIS C 247 2.36 -0.24 -17.85
CA HIS C 247 2.24 0.74 -16.77
C HIS C 247 2.49 0.00 -15.47
N LEU C 248 3.28 0.58 -14.58
CA LEU C 248 3.60 -0.09 -13.32
C LEU C 248 2.67 0.36 -12.20
N MET C 249 2.05 -0.62 -11.54
CA MET C 249 1.11 -0.40 -10.45
C MET C 249 1.73 -0.58 -9.06
N PRO C 250 1.35 0.29 -8.09
CA PRO C 250 1.89 0.17 -6.73
C PRO C 250 1.16 -0.97 -6.01
N MET C 251 1.47 -2.19 -6.41
CA MET C 251 0.87 -3.36 -5.81
C MET C 251 1.77 -4.54 -6.17
N ILE C 252 1.70 -5.60 -5.38
CA ILE C 252 2.54 -6.75 -5.61
C ILE C 252 2.22 -7.50 -6.89
N ARG C 253 1.04 -8.09 -6.95
CA ARG C 253 0.70 -8.88 -8.14
C ARG C 253 -0.62 -8.51 -8.81
N GLY C 254 -0.79 -8.93 -10.05
CA GLY C 254 -2.02 -8.62 -10.75
C GLY C 254 -1.80 -7.91 -12.07
N MET C 255 -2.64 -8.24 -13.04
CA MET C 255 -2.51 -7.65 -14.35
C MET C 255 -3.88 -7.35 -14.91
N GLN C 256 -4.08 -6.11 -15.33
CA GLN C 256 -5.36 -5.70 -15.88
C GLN C 256 -5.24 -4.98 -17.20
N SER C 257 -4.84 -5.71 -18.24
CA SER C 257 -4.74 -5.09 -19.54
C SER C 257 -6.10 -4.56 -20.03
N THR C 258 -6.22 -3.24 -20.24
CA THR C 258 -7.44 -2.62 -20.78
C THR C 258 -7.16 -2.38 -22.27
N ILE C 259 -7.84 -3.13 -23.13
CA ILE C 259 -7.65 -3.12 -24.58
C ILE C 259 -8.70 -2.35 -25.40
N TYR C 260 -8.24 -1.63 -26.43
CA TYR C 260 -9.12 -0.85 -27.29
C TYR C 260 -8.96 -1.33 -28.73
N VAL C 261 -10.06 -1.75 -29.33
CA VAL C 261 -10.05 -2.25 -30.70
C VAL C 261 -11.15 -1.57 -31.50
N GLU C 262 -11.20 -1.92 -32.78
CA GLU C 262 -12.17 -1.42 -33.74
C GLU C 262 -12.86 -2.66 -34.29
N MET C 263 -14.19 -2.71 -34.20
CA MET C 263 -14.92 -3.87 -34.69
C MET C 263 -14.99 -3.89 -36.21
N ALA C 264 -15.27 -5.07 -36.76
CA ALA C 264 -15.39 -5.23 -38.21
C ALA C 264 -16.71 -4.62 -38.66
N PRO C 265 -16.79 -4.23 -39.94
CA PRO C 265 -18.01 -3.64 -40.48
C PRO C 265 -19.22 -4.50 -40.15
N GLY C 266 -20.28 -3.87 -39.63
CA GLY C 266 -21.49 -4.61 -39.29
C GLY C 266 -21.47 -5.39 -37.99
N VAL C 267 -20.33 -5.35 -37.29
CA VAL C 267 -20.16 -6.05 -36.03
C VAL C 267 -20.53 -5.14 -34.84
N ARG C 268 -21.15 -5.72 -33.82
CA ARG C 268 -21.56 -4.99 -32.63
C ARG C 268 -20.96 -5.65 -31.40
N THR C 269 -20.79 -4.90 -30.31
CA THR C 269 -20.19 -5.51 -29.11
C THR C 269 -20.85 -6.83 -28.73
N GLU C 270 -22.17 -6.91 -28.90
CA GLU C 270 -22.91 -8.12 -28.60
C GLU C 270 -22.21 -9.31 -29.25
N ASP C 271 -21.72 -9.11 -30.48
CA ASP C 271 -21.07 -10.21 -31.18
C ASP C 271 -19.74 -10.62 -30.57
N LEU C 272 -18.89 -9.64 -30.26
CA LEU C 272 -17.60 -9.94 -29.65
C LEU C 272 -17.91 -10.73 -28.39
N HIS C 273 -18.83 -10.20 -27.59
CA HIS C 273 -19.23 -10.86 -26.36
C HIS C 273 -19.62 -12.32 -26.58
N GLN C 274 -20.47 -12.56 -27.57
CA GLN C 274 -20.92 -13.90 -27.87
C GLN C 274 -19.79 -14.85 -28.29
N GLN C 275 -18.88 -14.38 -29.13
CA GLN C 275 -17.77 -15.23 -29.55
C GLN C 275 -16.93 -15.61 -28.32
N LEU C 276 -16.65 -14.64 -27.46
CA LEU C 276 -15.85 -14.90 -26.27
C LEU C 276 -16.56 -15.81 -25.29
N LYS C 277 -17.85 -15.55 -25.13
CA LYS C 277 -18.67 -16.34 -24.21
C LYS C 277 -18.70 -17.79 -24.68
N THR C 278 -18.85 -18.01 -25.99
CA THR C 278 -18.88 -19.38 -26.51
C THR C 278 -17.48 -19.98 -26.56
N SER C 279 -16.58 -19.29 -27.26
CA SER C 279 -15.21 -19.75 -27.40
C SER C 279 -14.56 -20.18 -26.08
N TYR C 280 -15.03 -19.62 -24.97
CA TYR C 280 -14.44 -19.95 -23.67
C TYR C 280 -15.37 -20.63 -22.64
N GLU C 281 -16.67 -20.68 -22.90
CA GLU C 281 -17.65 -21.29 -21.99
C GLU C 281 -17.21 -22.64 -21.42
N ASP C 282 -16.25 -23.27 -22.08
CA ASP C 282 -15.77 -24.54 -21.56
C ASP C 282 -14.52 -24.35 -20.71
N GLU C 283 -13.73 -23.34 -21.04
CA GLU C 283 -12.47 -23.05 -20.35
C GLU C 283 -12.55 -22.65 -18.88
N GLU C 284 -12.34 -23.62 -17.99
CA GLU C 284 -12.38 -23.36 -16.56
C GLU C 284 -11.61 -22.10 -16.19
N PHE C 285 -10.45 -21.93 -16.82
CA PHE C 285 -9.57 -20.81 -16.52
C PHE C 285 -9.82 -19.40 -17.08
N VAL C 286 -10.78 -19.26 -17.98
CA VAL C 286 -11.11 -17.96 -18.55
C VAL C 286 -12.59 -17.67 -18.25
N LYS C 287 -12.84 -16.70 -17.39
CA LYS C 287 -14.21 -16.34 -17.03
C LYS C 287 -14.64 -15.08 -17.75
N VAL C 288 -15.70 -15.22 -18.54
CA VAL C 288 -16.26 -14.12 -19.30
C VAL C 288 -17.45 -13.62 -18.50
N LEU C 289 -17.27 -12.47 -17.88
CA LEU C 289 -18.30 -11.86 -17.05
C LEU C 289 -19.44 -11.41 -17.94
N ASP C 290 -20.57 -11.07 -17.32
CA ASP C 290 -21.72 -10.58 -18.09
C ASP C 290 -21.28 -9.39 -18.92
N GLU C 291 -21.92 -9.20 -20.08
CA GLU C 291 -21.54 -8.09 -20.96
C GLU C 291 -21.60 -6.75 -20.20
N GLY C 292 -20.51 -6.00 -20.26
CA GLY C 292 -20.48 -4.73 -19.57
C GLY C 292 -20.08 -4.82 -18.10
N VAL C 293 -19.81 -6.04 -17.62
CA VAL C 293 -19.37 -6.21 -16.22
C VAL C 293 -17.89 -5.78 -16.10
N VAL C 294 -17.58 -5.04 -15.05
CA VAL C 294 -16.21 -4.56 -14.86
C VAL C 294 -15.35 -5.43 -13.97
N PRO C 295 -14.45 -6.22 -14.56
CA PRO C 295 -13.57 -7.09 -13.77
C PRO C 295 -12.46 -6.28 -13.09
N ARG C 296 -11.81 -6.86 -12.08
CA ARG C 296 -10.71 -6.19 -11.37
C ARG C 296 -9.74 -7.21 -10.85
N THR C 297 -8.45 -6.94 -10.99
CA THR C 297 -7.41 -7.87 -10.53
C THR C 297 -7.58 -8.33 -9.06
N HIS C 298 -8.48 -7.71 -8.29
CA HIS C 298 -8.64 -8.17 -6.92
C HIS C 298 -9.26 -9.57 -6.91
N ASN C 299 -10.12 -9.85 -7.89
CA ASN C 299 -10.82 -11.13 -7.94
C ASN C 299 -10.06 -12.34 -8.49
N VAL C 300 -8.84 -12.15 -8.97
CA VAL C 300 -8.06 -13.26 -9.49
C VAL C 300 -6.75 -13.39 -8.74
N ARG C 301 -6.68 -12.75 -7.58
CA ARG C 301 -5.49 -12.79 -6.77
C ARG C 301 -5.11 -14.23 -6.37
N GLY C 302 -3.86 -14.61 -6.63
CA GLY C 302 -3.38 -15.94 -6.32
C GLY C 302 -4.08 -17.08 -7.09
N SER C 303 -4.74 -16.77 -8.19
CA SER C 303 -5.43 -17.80 -8.95
C SER C 303 -4.83 -17.92 -10.31
N ASN C 304 -5.32 -18.90 -11.05
CA ASN C 304 -4.86 -19.17 -12.40
C ASN C 304 -5.85 -18.60 -13.42
N TYR C 305 -6.99 -18.10 -12.95
CA TYR C 305 -8.03 -17.56 -13.86
C TYR C 305 -7.78 -16.23 -14.56
N CYS C 306 -8.51 -16.05 -15.66
CA CYS C 306 -8.48 -14.84 -16.45
C CYS C 306 -9.90 -14.33 -16.61
N HIS C 307 -10.28 -13.27 -15.88
CA HIS C 307 -11.63 -12.72 -16.03
C HIS C 307 -11.55 -11.64 -17.09
N MET C 308 -12.36 -11.77 -18.13
CA MET C 308 -12.38 -10.74 -19.17
C MET C 308 -13.80 -10.21 -19.37
N SER C 309 -13.92 -9.09 -20.08
CA SER C 309 -15.19 -8.47 -20.34
C SER C 309 -15.14 -7.50 -21.53
N VAL C 310 -16.27 -7.34 -22.22
CA VAL C 310 -16.34 -6.45 -23.37
C VAL C 310 -17.34 -5.32 -23.15
N PHE C 311 -17.02 -4.15 -23.69
CA PHE C 311 -17.85 -2.98 -23.55
C PHE C 311 -17.78 -2.16 -24.84
N PRO C 312 -18.84 -1.41 -25.14
CA PRO C 312 -18.85 -0.59 -26.35
C PRO C 312 -17.95 0.62 -26.08
N ASP C 313 -17.40 1.21 -27.14
CA ASP C 313 -16.56 2.40 -26.98
C ASP C 313 -17.52 3.57 -27.24
N ARG C 314 -17.25 4.75 -26.70
CA ARG C 314 -18.11 5.89 -26.95
C ARG C 314 -17.98 6.23 -28.43
N ILE C 315 -16.80 5.95 -28.98
CA ILE C 315 -16.51 6.17 -30.39
C ILE C 315 -17.16 5.07 -31.21
N PRO C 316 -18.07 5.43 -32.13
CA PRO C 316 -18.71 4.36 -32.92
C PRO C 316 -17.80 3.42 -33.72
N GLY C 317 -18.10 2.13 -33.62
CA GLY C 317 -17.34 1.12 -34.32
C GLY C 317 -16.22 0.53 -33.49
N ARG C 318 -15.96 1.14 -32.36
CA ARG C 318 -14.92 0.65 -31.47
C ARG C 318 -15.52 -0.07 -30.26
N ALA C 319 -14.71 -0.95 -29.67
CA ALA C 319 -15.08 -1.70 -28.49
C ALA C 319 -13.88 -1.74 -27.54
N ILE C 320 -14.18 -1.94 -26.27
CA ILE C 320 -13.18 -2.01 -25.23
C ILE C 320 -13.19 -3.40 -24.58
N ILE C 321 -12.02 -4.04 -24.50
CA ILE C 321 -11.91 -5.35 -23.89
C ILE C 321 -10.97 -5.30 -22.68
N ILE C 322 -11.48 -5.65 -21.51
CA ILE C 322 -10.67 -5.67 -20.30
C ILE C 322 -10.40 -7.15 -20.01
N SER C 323 -9.13 -7.50 -19.80
CA SER C 323 -8.71 -8.87 -19.53
C SER C 323 -7.74 -8.87 -18.34
N VAL C 324 -8.06 -9.64 -17.30
CA VAL C 324 -7.21 -9.66 -16.11
C VAL C 324 -6.80 -11.05 -15.65
N ILE C 325 -5.65 -11.11 -14.99
CA ILE C 325 -5.11 -12.36 -14.43
C ILE C 325 -4.17 -11.99 -13.30
N ASP C 326 -3.57 -13.01 -12.68
CA ASP C 326 -2.55 -12.82 -11.66
C ASP C 326 -1.28 -13.02 -12.54
N ASN C 327 -0.46 -11.97 -12.68
CA ASN C 327 0.75 -12.01 -13.54
C ASN C 327 1.77 -13.08 -13.19
N LEU C 328 1.79 -13.49 -11.93
CA LEU C 328 2.70 -14.51 -11.47
C LEU C 328 2.13 -15.90 -11.70
N VAL C 329 0.81 -16.02 -11.71
CA VAL C 329 0.20 -17.33 -11.88
C VAL C 329 -0.17 -17.61 -13.35
N LYS C 330 -1.35 -17.19 -13.78
CA LYS C 330 -1.71 -17.44 -15.17
C LYS C 330 -0.75 -16.69 -16.09
N GLY C 331 -0.08 -15.67 -15.56
CA GLY C 331 0.84 -14.91 -16.38
C GLY C 331 2.24 -15.51 -16.36
N ALA C 332 2.42 -16.52 -15.51
CA ALA C 332 3.72 -17.13 -15.37
C ALA C 332 3.76 -18.59 -14.91
N SER C 333 4.05 -18.81 -13.64
CA SER C 333 4.20 -20.17 -13.12
C SER C 333 2.96 -21.04 -13.10
N GLY C 334 1.79 -20.40 -12.97
CA GLY C 334 0.56 -21.17 -12.98
C GLY C 334 0.29 -21.70 -14.37
N GLN C 335 0.56 -20.89 -15.40
CA GLN C 335 0.34 -21.36 -16.77
C GLN C 335 1.42 -22.42 -17.12
N ALA C 336 2.63 -22.23 -16.58
CA ALA C 336 3.71 -23.17 -16.83
C ALA C 336 3.26 -24.54 -16.35
N LEU C 337 2.77 -24.62 -15.12
CA LEU C 337 2.31 -25.87 -14.56
C LEU C 337 1.12 -26.41 -15.35
N GLN C 338 0.29 -25.50 -15.86
CA GLN C 338 -0.89 -25.89 -16.64
C GLN C 338 -0.39 -26.60 -17.87
N ASN C 339 0.75 -26.13 -18.39
CA ASN C 339 1.31 -26.75 -19.59
C ASN C 339 2.01 -28.07 -19.23
N LEU C 340 2.86 -28.06 -18.20
CA LEU C 340 3.53 -29.29 -17.83
C LEU C 340 2.51 -30.38 -17.44
N ASN C 341 1.35 -29.95 -16.93
CA ASN C 341 0.33 -30.93 -16.55
C ASN C 341 -0.04 -31.75 -17.78
N ILE C 342 -0.51 -31.10 -18.85
CA ILE C 342 -0.92 -31.86 -20.02
C ILE C 342 0.24 -32.46 -20.84
N MET C 343 1.46 -31.94 -20.67
CA MET C 343 2.60 -32.51 -21.38
C MET C 343 2.89 -33.88 -20.79
N LEU C 344 2.46 -34.08 -19.54
CA LEU C 344 2.66 -35.34 -18.83
C LEU C 344 1.42 -36.21 -18.81
N GLY C 345 0.38 -35.79 -19.52
CA GLY C 345 -0.83 -36.58 -19.57
C GLY C 345 -1.77 -36.53 -18.38
N TYR C 346 -1.67 -35.51 -17.55
CA TYR C 346 -2.58 -35.40 -16.41
C TYR C 346 -3.64 -34.37 -16.76
N PRO C 347 -4.73 -34.35 -15.99
CA PRO C 347 -5.82 -33.39 -16.24
C PRO C 347 -5.22 -31.98 -16.16
N GLU C 348 -5.57 -31.16 -17.13
CA GLU C 348 -5.06 -29.81 -17.22
C GLU C 348 -5.14 -28.98 -15.92
N THR C 349 -6.25 -29.12 -15.21
CA THR C 349 -6.48 -28.40 -13.96
C THR C 349 -5.78 -29.00 -12.75
N THR C 350 -5.07 -30.10 -12.96
CA THR C 350 -4.39 -30.76 -11.84
C THR C 350 -3.49 -29.85 -11.02
N GLY C 351 -3.84 -29.72 -9.74
CA GLY C 351 -3.08 -28.93 -8.81
C GLY C 351 -3.16 -27.43 -8.99
N LEU C 352 -4.15 -26.95 -9.74
CA LEU C 352 -4.32 -25.51 -9.97
C LEU C 352 -5.70 -25.03 -9.53
N LEU C 353 -6.20 -25.48 -8.38
CA LEU C 353 -7.52 -25.03 -7.97
C LEU C 353 -7.53 -23.97 -6.88
N HIS C 354 -6.35 -23.45 -6.54
CA HIS C 354 -6.25 -22.41 -5.50
C HIS C 354 -7.26 -21.34 -5.86
N GLN C 355 -8.08 -20.96 -4.89
CA GLN C 355 -9.08 -19.94 -5.13
C GLN C 355 -8.48 -18.59 -4.85
N PRO C 356 -9.03 -17.53 -5.46
CA PRO C 356 -8.48 -16.20 -5.23
C PRO C 356 -8.37 -15.86 -3.74
N LEU C 357 -7.25 -15.24 -3.37
CA LEU C 357 -7.06 -14.82 -2.00
C LEU C 357 -7.60 -13.40 -1.87
N PHE C 358 -8.91 -13.28 -1.63
CA PHE C 358 -9.49 -11.96 -1.45
C PHE C 358 -10.34 -11.98 -0.19
N PRO C 359 -10.25 -10.91 0.64
CA PRO C 359 -9.39 -9.74 0.43
C PRO C 359 -7.93 -10.11 0.70
N LYS D 15 -17.40 -36.18 -1.71
CA LYS D 15 -17.34 -35.45 -0.41
C LYS D 15 -18.51 -35.87 0.47
N ASP D 16 -18.21 -36.60 1.53
CA ASP D 16 -19.24 -37.09 2.42
C ASP D 16 -19.72 -36.15 3.54
N ILE D 17 -19.15 -34.96 3.65
CA ILE D 17 -19.57 -34.05 4.69
C ILE D 17 -20.23 -32.77 4.19
N ARG D 18 -21.50 -32.60 4.51
CA ARG D 18 -22.25 -31.42 4.10
C ARG D 18 -22.13 -30.30 5.13
N ILE D 19 -21.66 -29.14 4.67
CA ILE D 19 -21.44 -28.00 5.56
C ILE D 19 -22.37 -26.81 5.38
N GLY D 20 -22.76 -26.22 6.51
CA GLY D 20 -23.60 -25.05 6.45
C GLY D 20 -22.81 -23.85 6.96
N LEU D 21 -22.96 -22.71 6.31
CA LEU D 21 -22.25 -21.50 6.75
C LEU D 21 -23.31 -20.44 7.08
N LEU D 22 -23.37 -20.05 8.35
CA LEU D 22 -24.36 -19.07 8.78
C LEU D 22 -23.70 -17.68 8.87
N GLY D 23 -24.02 -16.83 7.90
CA GLY D 23 -23.41 -15.50 7.85
C GLY D 23 -22.26 -15.65 6.88
N ALA D 24 -22.58 -15.74 5.60
CA ALA D 24 -21.59 -15.94 4.54
C ALA D 24 -21.10 -14.70 3.79
N SER D 25 -21.79 -13.57 3.97
CA SER D 25 -21.44 -12.35 3.27
C SER D 25 -20.23 -11.56 3.80
N GLY D 26 -19.66 -12.01 4.91
CA GLY D 26 -18.50 -11.32 5.45
C GLY D 26 -17.19 -11.95 4.97
N TYR D 27 -16.06 -11.37 5.37
CA TYR D 27 -14.75 -11.88 4.96
C TYR D 27 -14.48 -13.24 5.56
N THR D 28 -14.64 -13.37 6.88
CA THR D 28 -14.42 -14.67 7.51
C THR D 28 -15.32 -15.73 6.88
N GLY D 29 -16.48 -15.32 6.37
CA GLY D 29 -17.39 -16.25 5.71
C GLY D 29 -16.77 -16.66 4.38
N ALA D 30 -16.25 -15.67 3.66
CA ALA D 30 -15.61 -15.88 2.36
C ALA D 30 -14.39 -16.79 2.50
N GLU D 31 -13.65 -16.65 3.60
CA GLU D 31 -12.46 -17.48 3.84
C GLU D 31 -12.89 -18.96 3.97
N ILE D 32 -13.98 -19.20 4.69
CA ILE D 32 -14.49 -20.56 4.86
C ILE D 32 -14.74 -21.17 3.48
N VAL D 33 -15.48 -20.45 2.64
CA VAL D 33 -15.80 -20.93 1.31
C VAL D 33 -14.51 -21.18 0.54
N ARG D 34 -13.56 -20.25 0.67
CA ARG D 34 -12.31 -20.41 -0.04
C ARG D 34 -11.55 -21.63 0.49
N LEU D 35 -11.49 -21.76 1.82
CA LEU D 35 -10.77 -22.87 2.42
C LEU D 35 -11.36 -24.23 2.07
N LEU D 36 -12.68 -24.30 1.98
CA LEU D 36 -13.31 -25.57 1.66
C LEU D 36 -13.33 -25.92 0.19
N ALA D 37 -13.17 -24.94 -0.68
CA ALA D 37 -13.22 -25.20 -2.12
C ALA D 37 -12.46 -26.48 -2.49
N ASN D 38 -11.27 -26.68 -1.94
CA ASN D 38 -10.54 -27.89 -2.27
C ASN D 38 -10.35 -28.85 -1.10
N HIS D 39 -11.22 -28.76 -0.10
CA HIS D 39 -11.15 -29.67 1.03
C HIS D 39 -11.68 -30.98 0.42
N PRO D 40 -10.92 -32.07 0.55
CA PRO D 40 -11.36 -33.35 -0.02
C PRO D 40 -12.64 -33.97 0.55
N HIS D 41 -13.02 -33.64 1.78
CA HIS D 41 -14.21 -34.28 2.33
C HIS D 41 -15.38 -33.40 2.74
N PHE D 42 -15.14 -32.11 2.85
CA PHE D 42 -16.19 -31.19 3.26
C PHE D 42 -16.72 -30.41 2.08
N GLN D 43 -18.02 -30.21 2.05
CA GLN D 43 -18.68 -29.50 0.96
C GLN D 43 -19.72 -28.50 1.47
N VAL D 44 -19.62 -27.25 1.04
CA VAL D 44 -20.63 -26.27 1.45
C VAL D 44 -21.96 -26.56 0.74
N THR D 45 -23.03 -26.80 1.50
CA THR D 45 -24.34 -27.09 0.91
C THR D 45 -25.41 -26.08 1.35
N LEU D 46 -25.09 -25.25 2.34
CA LEU D 46 -26.03 -24.25 2.82
C LEU D 46 -25.30 -22.98 3.27
N MET D 47 -25.77 -21.84 2.79
CA MET D 47 -25.18 -20.55 3.16
C MET D 47 -26.26 -19.52 3.52
N THR D 48 -26.13 -18.88 4.68
CA THR D 48 -27.12 -17.91 5.07
C THR D 48 -26.53 -16.51 5.10
N ALA D 49 -27.37 -15.53 4.77
CA ALA D 49 -26.98 -14.12 4.78
C ALA D 49 -28.21 -13.36 5.24
N ASP D 50 -28.01 -12.20 5.85
CA ASP D 50 -29.15 -11.43 6.32
C ASP D 50 -29.64 -10.45 5.25
N ARG D 51 -29.11 -9.24 5.25
CA ARG D 51 -29.52 -8.23 4.28
C ARG D 51 -29.36 -8.70 2.84
N LYS D 52 -28.41 -9.60 2.60
CA LYS D 52 -28.18 -10.09 1.24
C LYS D 52 -28.75 -11.47 0.97
N ALA D 53 -29.73 -11.90 1.77
CA ALA D 53 -30.32 -13.21 1.55
C ALA D 53 -31.04 -13.21 0.22
N GLY D 54 -31.01 -14.33 -0.49
CA GLY D 54 -31.68 -14.40 -1.77
C GLY D 54 -30.77 -14.23 -2.97
N GLN D 55 -29.60 -13.64 -2.74
CA GLN D 55 -28.62 -13.42 -3.79
C GLN D 55 -27.67 -14.60 -3.93
N SER D 56 -26.92 -14.64 -5.03
CA SER D 56 -25.93 -15.69 -5.26
C SER D 56 -24.69 -15.25 -4.50
N MET D 57 -23.70 -16.12 -4.38
CA MET D 57 -22.48 -15.78 -3.67
C MET D 57 -21.64 -14.81 -4.48
N GLU D 58 -21.61 -15.02 -5.79
CA GLU D 58 -20.85 -14.16 -6.69
C GLU D 58 -21.33 -12.71 -6.61
N SER D 59 -22.62 -12.51 -6.34
CA SER D 59 -23.13 -11.15 -6.26
C SER D 59 -22.44 -10.40 -5.12
N VAL D 60 -22.23 -11.09 -4.01
CA VAL D 60 -21.60 -10.52 -2.84
C VAL D 60 -20.07 -10.48 -3.02
N PHE D 61 -19.50 -11.63 -3.34
CA PHE D 61 -18.06 -11.78 -3.55
C PHE D 61 -17.79 -12.35 -4.96
N PRO D 62 -17.80 -11.48 -5.99
CA PRO D 62 -17.56 -11.91 -7.38
C PRO D 62 -16.28 -12.67 -7.69
N HIS D 63 -15.35 -12.73 -6.74
CA HIS D 63 -14.09 -13.45 -6.96
C HIS D 63 -14.31 -14.97 -6.79
N LEU D 64 -15.39 -15.32 -6.12
CA LEU D 64 -15.69 -16.73 -5.90
C LEU D 64 -16.44 -17.31 -7.09
N ARG D 65 -16.44 -16.59 -8.20
CA ARG D 65 -17.18 -17.03 -9.36
C ARG D 65 -16.80 -18.40 -9.96
N ALA D 66 -15.63 -18.95 -9.62
CA ALA D 66 -15.27 -20.25 -10.17
C ALA D 66 -15.99 -21.37 -9.44
N GLN D 67 -16.53 -21.06 -8.27
CA GLN D 67 -17.24 -22.06 -7.46
C GLN D 67 -18.74 -22.14 -7.69
N LYS D 68 -19.28 -23.33 -7.49
CA LYS D 68 -20.71 -23.56 -7.57
C LYS D 68 -21.15 -23.61 -6.12
N LEU D 69 -21.91 -22.59 -5.73
CA LEU D 69 -22.42 -22.45 -4.38
C LEU D 69 -23.93 -22.26 -4.39
N PRO D 70 -24.59 -22.65 -3.30
CA PRO D 70 -26.06 -22.50 -3.25
C PRO D 70 -26.47 -21.04 -3.02
N THR D 71 -27.66 -20.70 -3.49
CA THR D 71 -28.18 -19.34 -3.31
C THR D 71 -28.26 -19.06 -1.79
N LEU D 72 -28.01 -17.81 -1.40
CA LEU D 72 -28.05 -17.42 0.01
C LEU D 72 -29.49 -17.31 0.52
N VAL D 73 -29.77 -17.96 1.65
CA VAL D 73 -31.10 -17.92 2.25
C VAL D 73 -30.98 -17.31 3.65
N SER D 74 -32.12 -17.22 4.34
CA SER D 74 -32.19 -16.70 5.69
C SER D 74 -31.89 -17.85 6.64
N VAL D 75 -31.25 -17.56 7.76
CA VAL D 75 -30.92 -18.57 8.77
C VAL D 75 -32.21 -19.12 9.41
N LYS D 76 -33.16 -18.22 9.60
CA LYS D 76 -34.43 -18.57 10.20
C LYS D 76 -35.35 -19.38 9.29
N ASP D 77 -34.89 -19.64 8.08
CA ASP D 77 -35.62 -20.43 7.09
C ASP D 77 -34.75 -21.61 6.64
N ALA D 78 -33.55 -21.74 7.21
CA ALA D 78 -32.66 -22.81 6.82
C ALA D 78 -33.06 -24.07 7.57
N ASP D 79 -32.93 -25.20 6.88
CA ASP D 79 -33.26 -26.49 7.44
C ASP D 79 -32.00 -27.33 7.38
N PHE D 80 -31.59 -27.88 8.51
CA PHE D 80 -30.37 -28.67 8.59
C PHE D 80 -30.57 -30.17 8.44
N SER D 81 -31.68 -30.55 7.82
CA SER D 81 -31.97 -31.97 7.65
C SER D 81 -30.80 -32.71 6.98
N THR D 82 -30.20 -32.12 5.96
CA THR D 82 -29.09 -32.77 5.27
C THR D 82 -27.79 -31.98 5.47
N VAL D 83 -27.58 -31.49 6.69
CA VAL D 83 -26.37 -30.72 7.03
C VAL D 83 -25.70 -31.38 8.22
N ASP D 84 -24.43 -31.75 8.07
CA ASP D 84 -23.68 -32.42 9.14
C ASP D 84 -23.03 -31.50 10.17
N ALA D 85 -22.47 -30.39 9.69
CA ALA D 85 -21.80 -29.44 10.57
C ALA D 85 -21.92 -28.03 10.01
N VAL D 86 -21.81 -27.05 10.90
CA VAL D 86 -21.91 -25.67 10.49
C VAL D 86 -20.84 -24.76 11.09
N PHE D 87 -20.45 -23.73 10.34
CA PHE D 87 -19.50 -22.73 10.81
C PHE D 87 -20.44 -21.55 11.00
N CYS D 88 -20.33 -20.82 12.11
CA CYS D 88 -21.19 -19.68 12.32
C CYS D 88 -20.41 -18.37 12.41
N CYS D 89 -20.79 -17.44 11.53
CA CYS D 89 -20.19 -16.12 11.44
C CYS D 89 -21.30 -15.11 11.49
N LEU D 90 -22.23 -15.35 12.40
CA LEU D 90 -23.37 -14.45 12.58
C LEU D 90 -22.86 -13.21 13.30
N PRO D 91 -23.60 -12.10 13.15
CA PRO D 91 -23.27 -10.80 13.76
C PRO D 91 -23.62 -10.73 15.24
N HIS D 92 -22.66 -10.30 16.05
CA HIS D 92 -22.81 -10.17 17.50
C HIS D 92 -24.23 -9.70 17.85
N GLY D 93 -24.85 -10.38 18.81
CA GLY D 93 -26.19 -10.04 19.22
C GLY D 93 -27.21 -11.06 18.80
N THR D 94 -26.82 -11.99 17.94
CA THR D 94 -27.75 -13.01 17.48
C THR D 94 -27.21 -14.42 17.58
N THR D 95 -25.90 -14.54 17.78
CA THR D 95 -25.25 -15.86 17.85
C THR D 95 -25.82 -16.79 18.91
N GLN D 96 -25.74 -16.37 20.17
CA GLN D 96 -26.21 -17.18 21.30
C GLN D 96 -27.60 -17.79 21.12
N GLU D 97 -28.59 -16.95 20.82
CA GLU D 97 -29.95 -17.43 20.65
C GLU D 97 -30.13 -18.35 19.46
N ILE D 98 -29.49 -18.00 18.34
CA ILE D 98 -29.58 -18.84 17.14
C ILE D 98 -28.95 -20.20 17.38
N ILE D 99 -27.79 -20.20 18.01
CA ILE D 99 -27.08 -21.44 18.26
C ILE D 99 -27.82 -22.34 19.25
N LYS D 100 -28.32 -21.76 20.33
CA LYS D 100 -29.04 -22.56 21.34
C LYS D 100 -30.11 -23.42 20.68
N GLU D 101 -30.86 -22.81 19.77
CA GLU D 101 -31.93 -23.50 19.06
C GLU D 101 -31.46 -24.25 17.81
N LEU D 102 -30.30 -24.91 17.90
CA LEU D 102 -29.75 -25.68 16.79
C LEU D 102 -29.70 -27.17 17.10
N PRO D 103 -30.21 -28.00 16.18
CA PRO D 103 -30.21 -29.45 16.38
C PRO D 103 -28.93 -30.04 17.01
N THR D 104 -29.11 -31.10 17.79
CA THR D 104 -28.03 -31.80 18.50
C THR D 104 -26.99 -32.51 17.63
N ALA D 105 -27.44 -33.19 16.60
CA ALA D 105 -26.56 -33.93 15.71
C ALA D 105 -25.58 -33.00 14.99
N LEU D 106 -25.94 -31.73 14.92
CA LEU D 106 -25.11 -30.72 14.26
C LEU D 106 -23.85 -30.36 15.03
N LYS D 107 -22.69 -30.58 14.41
CA LYS D 107 -21.43 -30.17 15.02
C LYS D 107 -21.38 -28.65 14.72
N ILE D 108 -21.03 -27.85 15.71
CA ILE D 108 -21.02 -26.41 15.52
C ILE D 108 -19.72 -25.72 15.92
N VAL D 109 -19.18 -24.91 15.02
CA VAL D 109 -17.99 -24.16 15.33
C VAL D 109 -18.35 -22.68 15.17
N ASP D 110 -18.40 -22.01 16.33
CA ASP D 110 -18.76 -20.62 16.35
C ASP D 110 -17.57 -19.70 16.18
N LEU D 111 -17.51 -19.01 15.06
CA LEU D 111 -16.40 -18.09 14.86
C LEU D 111 -16.65 -16.75 15.60
N SER D 112 -17.87 -16.52 16.07
CA SER D 112 -18.15 -15.26 16.82
C SER D 112 -17.38 -15.29 18.13
N ALA D 113 -17.27 -14.14 18.79
CA ALA D 113 -16.57 -14.01 20.07
C ALA D 113 -17.46 -14.30 21.25
N ASP D 114 -18.76 -14.48 21.00
CA ASP D 114 -19.73 -14.65 22.08
C ASP D 114 -20.06 -16.06 22.55
N PHE D 115 -19.10 -16.70 23.20
CA PHE D 115 -19.24 -18.05 23.76
C PHE D 115 -17.85 -18.48 24.23
N ARG D 116 -16.90 -17.60 24.00
CA ARG D 116 -15.50 -17.83 24.38
C ARG D 116 -15.30 -17.74 25.88
N LEU D 117 -16.00 -16.82 26.54
CA LEU D 117 -15.85 -16.64 27.97
C LEU D 117 -16.71 -17.58 28.84
N ARG D 118 -16.06 -18.21 29.82
CA ARG D 118 -16.75 -19.13 30.71
C ARG D 118 -17.56 -18.37 31.77
N ASN D 119 -17.01 -17.25 32.25
CA ASN D 119 -17.68 -16.44 33.26
C ASN D 119 -18.78 -15.56 32.65
N ILE D 120 -20.02 -15.88 32.99
CA ILE D 120 -21.19 -15.15 32.50
C ILE D 120 -21.18 -13.66 32.77
N ALA D 121 -20.93 -13.29 34.02
CA ALA D 121 -20.90 -11.89 34.37
C ALA D 121 -19.89 -11.21 33.45
N GLU D 122 -18.68 -11.73 33.52
CA GLU D 122 -17.55 -11.26 32.74
C GLU D 122 -17.96 -10.95 31.31
N TYR D 123 -18.72 -11.85 30.69
CA TYR D 123 -19.18 -11.64 29.33
C TYR D 123 -20.07 -10.40 29.25
N GLU D 124 -21.13 -10.39 30.06
CA GLU D 124 -22.08 -9.29 30.07
C GLU D 124 -21.42 -7.93 30.26
N GLU D 125 -20.36 -7.92 31.06
CA GLU D 125 -19.62 -6.69 31.29
C GLU D 125 -18.77 -6.30 30.07
N TRP D 126 -18.30 -7.28 29.31
CA TRP D 126 -17.47 -6.95 28.15
C TRP D 126 -18.20 -6.83 26.83
N TYR D 127 -19.44 -7.27 26.76
CA TYR D 127 -20.20 -7.19 25.52
C TYR D 127 -21.53 -6.44 25.61
N GLY D 128 -21.80 -5.84 26.76
CA GLY D 128 -23.03 -5.07 26.93
C GLY D 128 -24.34 -5.82 27.12
N GLN D 129 -24.66 -6.75 26.22
CA GLN D 129 -25.89 -7.52 26.33
C GLN D 129 -25.79 -8.83 27.11
N PRO D 130 -26.90 -9.26 27.74
CA PRO D 130 -26.94 -10.49 28.54
C PRO D 130 -26.53 -11.71 27.75
N HIS D 131 -26.22 -12.79 28.49
CA HIS D 131 -25.84 -14.04 27.87
C HIS D 131 -27.13 -14.85 27.70
N LYS D 132 -27.58 -14.93 26.45
CA LYS D 132 -28.82 -15.63 26.13
C LYS D 132 -28.81 -17.15 26.11
N ALA D 133 -27.67 -17.76 26.39
CA ALA D 133 -27.57 -19.21 26.41
C ALA D 133 -26.63 -19.62 27.53
N VAL D 134 -26.88 -19.03 28.70
CA VAL D 134 -26.11 -19.26 29.91
C VAL D 134 -25.76 -20.70 30.25
N GLU D 135 -26.70 -21.63 30.09
CA GLU D 135 -26.41 -23.01 30.42
C GLU D 135 -25.64 -23.72 29.32
N LEU D 136 -25.97 -23.40 28.06
CA LEU D 136 -25.28 -24.00 26.93
C LEU D 136 -23.80 -23.63 26.99
N GLN D 137 -23.47 -22.52 27.67
CA GLN D 137 -22.10 -22.07 27.78
C GLN D 137 -21.23 -23.17 28.34
N LYS D 138 -21.78 -23.93 29.29
CA LYS D 138 -21.05 -25.01 29.96
C LYS D 138 -20.52 -26.13 29.08
N GLU D 139 -21.16 -26.40 27.95
CA GLU D 139 -20.66 -27.47 27.09
C GLU D 139 -19.68 -27.01 26.01
N VAL D 140 -19.52 -25.69 25.89
CA VAL D 140 -18.62 -25.10 24.90
C VAL D 140 -17.15 -25.38 25.20
N VAL D 141 -16.38 -25.71 24.16
CA VAL D 141 -14.94 -25.92 24.33
C VAL D 141 -14.19 -24.84 23.51
N TYR D 142 -13.16 -24.25 24.11
CA TYR D 142 -12.36 -23.22 23.43
C TYR D 142 -11.50 -23.93 22.37
N GLY D 143 -11.74 -23.58 21.11
CA GLY D 143 -11.07 -24.23 20.00
C GLY D 143 -9.69 -23.86 19.50
N LEU D 144 -8.70 -23.85 20.38
CA LEU D 144 -7.32 -23.56 19.97
C LEU D 144 -6.70 -24.91 19.61
N THR D 145 -7.08 -25.39 18.43
CA THR D 145 -6.65 -26.68 17.90
C THR D 145 -5.51 -27.44 18.59
N GLU D 146 -4.26 -27.15 18.20
CA GLU D 146 -3.06 -27.80 18.80
C GLU D 146 -3.21 -28.13 20.29
N ILE D 147 -3.42 -27.09 21.09
CA ILE D 147 -3.53 -27.16 22.56
C ILE D 147 -4.70 -28.00 23.13
N LEU D 148 -5.92 -27.48 23.01
CA LEU D 148 -7.10 -28.14 23.55
C LEU D 148 -7.65 -29.20 22.61
N ARG D 149 -6.76 -29.70 21.75
CA ARG D 149 -7.08 -30.73 20.77
C ARG D 149 -8.00 -31.81 21.33
N GLU D 150 -7.59 -32.45 22.42
CA GLU D 150 -8.37 -33.52 23.00
C GLU D 150 -9.74 -33.08 23.48
N ASP D 151 -9.84 -31.85 24.00
CA ASP D 151 -11.10 -31.29 24.47
C ASP D 151 -11.97 -31.00 23.25
N ILE D 152 -11.35 -30.41 22.24
CA ILE D 152 -12.04 -30.03 21.02
C ILE D 152 -12.66 -31.19 20.25
N LYS D 153 -11.84 -32.17 19.86
CA LYS D 153 -12.34 -33.28 19.05
C LYS D 153 -13.54 -34.03 19.65
N LYS D 154 -13.82 -33.78 20.93
CA LYS D 154 -14.92 -34.44 21.59
C LYS D 154 -16.11 -33.52 21.86
N ALA D 155 -15.97 -32.23 21.55
CA ALA D 155 -17.07 -31.28 21.78
C ALA D 155 -18.05 -31.23 20.62
N ARG D 156 -19.26 -30.75 20.89
CA ARG D 156 -20.26 -30.64 19.83
C ARG D 156 -20.29 -29.20 19.37
N LEU D 157 -20.08 -28.30 20.33
CA LEU D 157 -20.09 -26.87 20.09
C LEU D 157 -18.74 -26.26 20.49
N VAL D 158 -18.08 -25.66 19.50
CA VAL D 158 -16.78 -25.05 19.73
C VAL D 158 -16.77 -23.56 19.49
N ALA D 159 -16.11 -22.85 20.40
CA ALA D 159 -15.98 -21.40 20.26
C ALA D 159 -14.58 -21.18 19.68
N ASN D 160 -14.53 -20.80 18.42
CA ASN D 160 -13.26 -20.57 17.78
C ASN D 160 -12.62 -19.33 18.40
N PRO D 161 -11.34 -19.43 18.79
CA PRO D 161 -10.62 -18.32 19.41
C PRO D 161 -10.57 -17.02 18.59
N GLY D 162 -10.33 -15.90 19.24
CA GLY D 162 -10.18 -14.67 18.50
C GLY D 162 -8.82 -14.67 17.80
N CYS D 163 -8.40 -13.51 17.27
CA CYS D 163 -7.12 -13.43 16.57
C CYS D 163 -5.93 -13.07 17.47
N TYR D 164 -5.97 -11.90 18.11
CA TYR D 164 -4.87 -11.52 18.98
C TYR D 164 -4.65 -12.57 20.07
N PRO D 165 -5.73 -13.11 20.65
CA PRO D 165 -5.56 -14.11 21.69
C PRO D 165 -4.81 -15.37 21.22
N THR D 166 -4.99 -15.76 19.97
CA THR D 166 -4.31 -16.95 19.47
C THR D 166 -2.80 -16.72 19.46
N THR D 167 -2.37 -15.56 18.93
CA THR D 167 -0.95 -15.23 18.87
C THR D 167 -0.36 -15.06 20.26
N ILE D 168 -1.21 -14.88 21.27
CA ILE D 168 -0.71 -14.69 22.61
C ILE D 168 -0.70 -15.98 23.44
N GLN D 169 -1.83 -16.68 23.47
CA GLN D 169 -1.92 -17.90 24.26
C GLN D 169 -0.90 -18.97 23.88
N LEU D 170 -0.71 -19.20 22.59
CA LEU D 170 0.22 -20.20 22.14
C LEU D 170 1.60 -20.08 22.83
N PRO D 171 2.28 -18.91 22.72
CA PRO D 171 3.57 -18.88 23.42
C PRO D 171 3.51 -18.79 24.95
N LEU D 172 2.53 -18.09 25.49
CA LEU D 172 2.48 -17.93 26.92
C LEU D 172 2.00 -19.14 27.73
N VAL D 173 1.02 -19.89 27.23
CA VAL D 173 0.52 -21.04 27.95
C VAL D 173 1.63 -22.05 28.30
N PRO D 174 2.38 -22.55 27.29
CA PRO D 174 3.45 -23.51 27.55
C PRO D 174 4.47 -22.98 28.56
N LEU D 175 4.74 -21.67 28.48
CA LEU D 175 5.69 -21.01 29.38
C LEU D 175 5.12 -20.79 30.79
N LEU D 176 3.80 -20.64 30.89
CA LEU D 176 3.16 -20.45 32.19
C LEU D 176 3.02 -21.81 32.88
N LYS D 177 2.83 -22.86 32.09
CA LYS D 177 2.71 -24.21 32.62
C LYS D 177 4.07 -24.60 33.23
N ALA D 178 5.09 -24.69 32.39
CA ALA D 178 6.43 -25.05 32.81
C ALA D 178 7.06 -24.04 33.78
N ASN D 179 6.24 -23.07 34.21
CA ASN D 179 6.71 -22.03 35.14
C ASN D 179 8.06 -21.40 34.73
N LEU D 180 8.13 -20.77 33.55
CA LEU D 180 9.39 -20.15 33.12
C LEU D 180 9.37 -18.65 33.12
N ILE D 181 8.18 -18.05 33.18
CA ILE D 181 8.03 -16.59 33.18
C ILE D 181 7.07 -16.21 34.31
N LYS D 182 7.19 -15.00 34.82
CA LYS D 182 6.27 -14.55 35.87
C LYS D 182 4.90 -14.30 35.24
N HIS D 183 3.83 -14.43 36.01
CA HIS D 183 2.52 -14.18 35.40
C HIS D 183 2.08 -12.73 35.58
N GLU D 184 2.98 -11.88 36.04
CA GLU D 184 2.64 -10.49 36.19
C GLU D 184 3.45 -9.67 35.19
N ASN D 185 2.99 -8.47 34.89
CA ASN D 185 3.69 -7.58 33.98
C ASN D 185 3.91 -8.07 32.55
N ILE D 186 3.03 -8.96 32.07
CA ILE D 186 3.12 -9.43 30.71
C ILE D 186 2.51 -8.31 29.87
N ILE D 187 3.32 -7.70 29.00
CA ILE D 187 2.85 -6.59 28.16
C ILE D 187 2.78 -7.00 26.70
N ILE D 188 1.64 -6.73 26.08
CA ILE D 188 1.43 -7.11 24.69
C ILE D 188 1.18 -5.90 23.76
N ASP D 189 2.03 -5.78 22.72
CA ASP D 189 1.89 -4.73 21.72
C ASP D 189 1.68 -5.45 20.38
N ALA D 190 0.41 -5.55 20.00
CA ALA D 190 0.00 -6.27 18.80
C ALA D 190 -0.33 -5.42 17.56
N LYS D 191 -0.25 -6.06 16.40
CA LYS D 191 -0.49 -5.43 15.12
C LYS D 191 -1.36 -6.32 14.23
N SER D 192 -2.26 -5.69 13.48
CA SER D 192 -3.11 -6.46 12.59
C SER D 192 -3.40 -5.78 11.25
N GLY D 193 -3.66 -6.63 10.25
CA GLY D 193 -4.03 -6.15 8.95
C GLY D 193 -5.43 -5.60 9.13
N VAL D 194 -5.81 -4.63 8.32
CA VAL D 194 -7.12 -4.02 8.49
C VAL D 194 -8.34 -4.92 8.17
N SER D 195 -8.11 -6.12 7.61
CA SER D 195 -9.25 -6.98 7.32
C SER D 195 -9.86 -7.47 8.63
N GLY D 196 -9.15 -7.28 9.73
CA GLY D 196 -9.65 -7.72 11.01
C GLY D 196 -10.78 -6.83 11.49
N ALA D 197 -11.03 -5.73 10.76
CA ALA D 197 -12.09 -4.81 11.09
C ALA D 197 -13.34 -5.13 10.27
N GLY D 198 -13.26 -6.20 9.47
CA GLY D 198 -14.41 -6.58 8.68
C GLY D 198 -14.67 -5.65 7.50
N ARG D 199 -15.72 -6.01 6.75
CA ARG D 199 -16.15 -5.29 5.56
C ARG D 199 -17.14 -4.15 5.85
N GLY D 200 -17.77 -4.19 7.03
CA GLY D 200 -18.72 -3.15 7.39
C GLY D 200 -18.32 -1.72 7.00
N ALA D 201 -19.27 -0.95 6.48
CA ALA D 201 -19.00 0.43 6.09
C ALA D 201 -18.50 1.22 7.31
N LYS D 202 -17.45 2.01 7.12
CA LYS D 202 -16.88 2.81 8.19
C LYS D 202 -15.80 3.77 7.67
N GLU D 203 -16.11 5.06 7.65
CA GLU D 203 -15.18 6.06 7.17
C GLU D 203 -13.75 5.79 7.65
N ALA D 204 -13.61 5.36 8.90
CA ALA D 204 -12.29 5.09 9.46
C ALA D 204 -11.53 3.98 8.72
N ASN D 205 -12.23 3.11 8.01
CA ASN D 205 -11.56 2.02 7.34
C ASN D 205 -11.39 2.10 5.83
N LEU D 206 -11.70 3.27 5.28
CA LEU D 206 -11.56 3.50 3.84
C LEU D 206 -10.06 3.56 3.51
N TYR D 207 -9.70 3.14 2.30
CA TYR D 207 -8.32 3.17 1.86
C TYR D 207 -7.65 4.53 2.17
N SER D 208 -8.30 5.64 1.78
CA SER D 208 -7.70 6.96 2.03
C SER D 208 -7.43 7.30 3.48
N GLU D 209 -8.11 6.66 4.42
CA GLU D 209 -7.87 6.96 5.85
C GLU D 209 -6.84 6.04 6.52
N ILE D 210 -6.66 4.86 5.96
CA ILE D 210 -5.80 3.84 6.54
C ILE D 210 -4.41 3.72 5.94
N ALA D 211 -4.31 3.98 4.65
CA ALA D 211 -3.03 3.86 3.95
C ALA D 211 -1.98 4.87 4.38
N GLU D 212 -0.73 4.39 4.42
CA GLU D 212 0.47 5.17 4.72
C GLU D 212 0.64 5.72 6.13
N GLY D 213 -0.06 5.10 7.06
CA GLY D 213 0.01 5.51 8.45
C GLY D 213 -0.53 4.41 9.32
N ILE D 214 -0.57 4.66 10.62
CA ILE D 214 -1.05 3.71 11.59
C ILE D 214 -1.32 4.43 12.92
N SER D 215 -1.94 3.71 13.85
CA SER D 215 -2.21 4.22 15.20
C SER D 215 -2.70 3.03 15.98
N SER D 216 -2.84 3.24 17.29
CA SER D 216 -3.34 2.19 18.17
C SER D 216 -4.88 2.26 18.18
N TYR D 217 -5.52 1.29 18.82
CA TYR D 217 -6.97 1.28 18.98
C TYR D 217 -7.24 0.28 20.10
N GLY D 218 -8.39 0.43 20.77
CA GLY D 218 -8.73 -0.45 21.85
C GLY D 218 -7.72 -0.38 22.96
N VAL D 219 -7.21 0.82 23.21
CA VAL D 219 -6.23 1.00 24.27
C VAL D 219 -6.94 0.77 25.61
N THR D 220 -6.26 0.09 26.52
CA THR D 220 -6.78 -0.20 27.87
C THR D 220 -7.85 -1.28 27.89
N ARG D 221 -8.91 -1.08 27.12
CA ARG D 221 -10.00 -2.05 27.13
C ARG D 221 -10.37 -2.52 25.74
N HIS D 222 -10.03 -3.75 25.42
CA HIS D 222 -10.39 -4.29 24.13
C HIS D 222 -11.05 -5.61 24.47
N ARG D 223 -12.14 -5.95 23.80
CA ARG D 223 -12.85 -7.18 24.13
C ARG D 223 -12.01 -8.46 24.17
N HIS D 224 -10.81 -8.44 23.60
CA HIS D 224 -9.96 -9.63 23.64
C HIS D 224 -9.24 -9.80 24.98
N VAL D 225 -9.20 -8.74 25.77
CA VAL D 225 -8.52 -8.81 27.06
C VAL D 225 -9.01 -9.94 27.96
N PRO D 226 -10.34 -10.01 28.23
CA PRO D 226 -10.86 -11.07 29.10
C PRO D 226 -10.57 -12.49 28.62
N GLU D 227 -10.71 -12.70 27.31
CA GLU D 227 -10.42 -14.00 26.71
C GLU D 227 -8.94 -14.36 26.92
N ILE D 228 -8.05 -13.46 26.50
CA ILE D 228 -6.61 -13.67 26.67
C ILE D 228 -6.30 -14.13 28.11
N GLU D 229 -6.83 -13.37 29.07
CA GLU D 229 -6.61 -13.65 30.50
C GLU D 229 -7.21 -15.01 30.92
N GLN D 230 -8.43 -15.30 30.46
CA GLN D 230 -9.04 -16.58 30.78
C GLN D 230 -8.11 -17.75 30.37
N GLY D 231 -7.44 -17.61 29.24
CA GLY D 231 -6.54 -18.65 28.77
C GLY D 231 -5.25 -18.72 29.58
N LEU D 232 -4.78 -17.57 30.04
CA LEU D 232 -3.56 -17.51 30.80
C LEU D 232 -3.77 -17.84 32.27
N SER D 233 -4.82 -17.31 32.85
CA SER D 233 -5.15 -17.58 34.25
C SER D 233 -5.42 -19.08 34.47
N ASP D 234 -5.93 -19.75 33.44
CA ASP D 234 -6.23 -21.18 33.56
C ASP D 234 -4.95 -21.95 33.84
N VAL D 235 -3.96 -21.81 32.97
CA VAL D 235 -2.71 -22.53 33.10
C VAL D 235 -1.79 -21.97 34.18
N ALA D 236 -2.23 -20.91 34.83
CA ALA D 236 -1.42 -20.32 35.89
C ALA D 236 -2.15 -20.43 37.24
N GLN D 237 -3.44 -20.75 37.20
CA GLN D 237 -4.26 -20.91 38.40
C GLN D 237 -4.08 -19.74 39.34
N SER D 238 -4.48 -18.57 38.86
CA SER D 238 -4.40 -17.32 39.59
C SER D 238 -4.75 -16.24 38.59
N LYS D 239 -5.49 -15.23 39.02
CA LYS D 239 -5.88 -14.17 38.11
C LYS D 239 -4.69 -13.51 37.46
N VAL D 240 -4.72 -13.47 36.14
CA VAL D 240 -3.65 -12.85 35.38
C VAL D 240 -4.14 -11.56 34.69
N THR D 241 -3.40 -10.48 34.91
CA THR D 241 -3.69 -9.20 34.28
C THR D 241 -2.59 -9.07 33.23
N VAL D 242 -2.98 -8.90 31.96
CA VAL D 242 -2.00 -8.76 30.90
C VAL D 242 -2.21 -7.55 30.03
N SER D 243 -1.36 -6.53 30.18
CA SER D 243 -1.47 -5.35 29.35
C SER D 243 -1.41 -5.77 27.88
N PHE D 244 -2.37 -5.27 27.10
CA PHE D 244 -2.44 -5.62 25.70
C PHE D 244 -2.85 -4.40 24.88
N THR D 245 -2.52 -4.38 23.58
CA THR D 245 -2.88 -3.26 22.70
C THR D 245 -2.75 -3.43 21.16
N PRO D 246 -3.88 -3.47 20.45
CA PRO D 246 -3.94 -3.61 18.99
C PRO D 246 -3.35 -2.39 18.24
N HIS D 247 -2.88 -2.63 17.01
CA HIS D 247 -2.32 -1.60 16.14
C HIS D 247 -2.77 -1.95 14.73
N LEU D 248 -3.41 -1.00 14.08
CA LEU D 248 -3.94 -1.18 12.74
C LEU D 248 -2.91 -0.91 11.65
N MET D 249 -2.64 -1.92 10.85
CA MET D 249 -1.68 -1.86 9.76
C MET D 249 -2.29 -1.59 8.37
N PRO D 250 -1.61 -0.77 7.55
CA PRO D 250 -2.11 -0.48 6.21
C PRO D 250 -1.83 -1.70 5.32
N MET D 251 -2.34 -2.84 5.75
CA MET D 251 -2.18 -4.08 4.98
C MET D 251 -3.47 -4.85 5.16
N ILE D 252 -3.82 -5.68 4.20
CA ILE D 252 -5.06 -6.44 4.32
C ILE D 252 -4.97 -7.55 5.37
N ARG D 253 -4.07 -8.49 5.15
CA ARG D 253 -3.84 -9.64 6.03
C ARG D 253 -2.53 -9.55 6.82
N GLY D 254 -2.50 -10.16 8.00
CA GLY D 254 -1.30 -10.17 8.80
C GLY D 254 -1.49 -9.75 10.23
N MET D 255 -0.82 -10.45 11.14
CA MET D 255 -0.92 -10.11 12.53
C MET D 255 0.34 -10.49 13.30
N GLN D 256 0.73 -9.62 14.20
CA GLN D 256 1.88 -9.86 15.03
C GLN D 256 1.70 -9.41 16.47
N SER D 257 2.18 -10.22 17.39
CA SER D 257 2.18 -9.87 18.82
C SER D 257 3.64 -9.86 19.25
N THR D 258 4.06 -8.75 19.85
CA THR D 258 5.39 -8.58 20.40
C THR D 258 5.11 -8.63 21.89
N ILE D 259 5.51 -9.71 22.54
CA ILE D 259 5.23 -9.92 23.95
C ILE D 259 6.43 -9.78 24.88
N TYR D 260 6.30 -8.85 25.81
CA TYR D 260 7.34 -8.58 26.78
C TYR D 260 7.05 -9.31 28.12
N VAL D 261 7.79 -10.38 28.37
CA VAL D 261 7.62 -11.16 29.60
C VAL D 261 8.85 -11.14 30.49
N GLU D 262 8.62 -11.30 31.79
CA GLU D 262 9.70 -11.36 32.77
C GLU D 262 10.00 -12.84 32.95
N MET D 263 11.28 -13.17 33.01
CA MET D 263 11.64 -14.58 33.21
C MET D 263 11.54 -14.89 34.69
N ALA D 264 11.12 -16.10 35.01
CA ALA D 264 11.00 -16.54 36.41
C ALA D 264 12.41 -16.61 37.00
N PRO D 265 12.53 -16.84 38.31
CA PRO D 265 13.89 -16.90 38.87
C PRO D 265 14.77 -18.02 38.29
N GLY D 266 16.02 -17.69 38.01
CA GLY D 266 16.95 -18.67 37.46
C GLY D 266 16.79 -18.95 35.97
N VAL D 267 15.58 -18.74 35.45
CA VAL D 267 15.30 -19.00 34.04
C VAL D 267 15.96 -18.00 33.08
N ARG D 268 16.32 -18.49 31.90
CA ARG D 268 16.98 -17.66 30.88
C ARG D 268 16.36 -17.85 29.49
N THR D 269 16.62 -16.90 28.60
CA THR D 269 16.08 -16.95 27.24
C THR D 269 16.17 -18.33 26.59
N GLU D 270 17.35 -18.94 26.68
CA GLU D 270 17.62 -20.27 26.13
C GLU D 270 16.62 -21.31 26.65
N ASP D 271 16.16 -21.15 27.89
CA ASP D 271 15.19 -22.09 28.44
C ASP D 271 13.85 -21.89 27.79
N LEU D 272 13.41 -20.64 27.71
CA LEU D 272 12.13 -20.37 27.08
C LEU D 272 12.21 -20.92 25.66
N HIS D 273 13.35 -20.71 25.02
CA HIS D 273 13.55 -21.14 23.65
C HIS D 273 13.44 -22.65 23.45
N GLN D 274 14.03 -23.43 24.35
CA GLN D 274 13.95 -24.88 24.22
C GLN D 274 12.57 -25.32 24.65
N GLN D 275 12.01 -24.61 25.62
CA GLN D 275 10.69 -24.91 26.13
C GLN D 275 9.65 -24.85 25.02
N LEU D 276 9.96 -24.11 23.96
CA LEU D 276 9.06 -24.00 22.83
C LEU D 276 9.67 -24.78 21.66
N LYS D 277 11.00 -24.84 21.64
CA LYS D 277 11.68 -25.52 20.55
C LYS D 277 11.49 -27.04 20.61
N THR D 278 10.76 -27.50 21.63
CA THR D 278 10.46 -28.93 21.78
C THR D 278 8.94 -29.09 21.78
N SER D 279 8.24 -28.18 22.46
CA SER D 279 6.78 -28.22 22.56
C SER D 279 6.04 -28.10 21.22
N TYR D 280 6.67 -27.49 20.23
CA TYR D 280 6.01 -27.31 18.95
C TYR D 280 6.48 -28.17 17.78
N GLU D 281 7.59 -28.89 17.96
CA GLU D 281 8.16 -29.77 16.93
C GLU D 281 7.15 -30.76 16.29
N ASP D 282 6.11 -31.17 17.00
CA ASP D 282 5.14 -32.08 16.39
C ASP D 282 3.99 -31.33 15.69
N GLU D 283 3.69 -30.13 16.18
CA GLU D 283 2.64 -29.29 15.63
C GLU D 283 2.90 -28.72 14.24
N GLU D 284 2.12 -29.19 13.28
CA GLU D 284 2.23 -28.74 11.89
C GLU D 284 2.19 -27.21 11.71
N PHE D 285 1.24 -26.57 12.35
CA PHE D 285 1.05 -25.16 12.15
C PHE D 285 1.88 -24.19 12.96
N VAL D 286 2.32 -24.61 14.14
CA VAL D 286 3.15 -23.71 14.92
C VAL D 286 4.58 -24.09 14.63
N LYS D 287 5.35 -23.10 14.17
CA LYS D 287 6.75 -23.28 13.83
C LYS D 287 7.58 -22.41 14.74
N VAL D 288 8.71 -22.95 15.23
CA VAL D 288 9.61 -22.20 16.07
C VAL D 288 10.85 -22.04 15.21
N LEU D 289 11.36 -20.82 15.18
CA LEU D 289 12.51 -20.49 14.36
C LEU D 289 13.79 -20.57 15.19
N ASP D 290 14.93 -20.61 14.50
CA ASP D 290 16.22 -20.68 15.17
C ASP D 290 16.42 -19.48 16.09
N GLU D 291 17.60 -19.40 16.70
CA GLU D 291 17.92 -18.32 17.60
C GLU D 291 18.24 -17.05 16.84
N GLY D 292 17.64 -15.95 17.29
CA GLY D 292 17.85 -14.66 16.66
C GLY D 292 17.12 -14.44 15.35
N VAL D 293 16.36 -15.43 14.89
CA VAL D 293 15.66 -15.25 13.64
C VAL D 293 14.34 -14.50 13.85
N VAL D 294 14.12 -13.50 13.01
CA VAL D 294 12.92 -12.69 13.10
C VAL D 294 11.78 -13.15 12.18
N PRO D 295 10.58 -13.27 12.72
CA PRO D 295 9.42 -13.69 11.91
C PRO D 295 8.93 -12.48 11.11
N ARG D 296 8.29 -12.74 9.97
CA ARG D 296 7.75 -11.68 9.10
C ARG D 296 6.34 -12.08 8.68
N THR D 297 5.33 -11.31 9.08
CA THR D 297 3.95 -11.63 8.70
C THR D 297 3.90 -11.92 7.22
N HIS D 298 4.80 -11.28 6.49
CA HIS D 298 4.86 -11.50 5.05
C HIS D 298 5.03 -12.97 4.71
N ASN D 299 5.44 -13.78 5.69
CA ASN D 299 5.65 -15.18 5.38
C ASN D 299 4.61 -16.19 5.83
N VAL D 300 3.38 -15.75 6.08
CA VAL D 300 2.34 -16.70 6.46
C VAL D 300 0.98 -16.41 5.88
N ARG D 301 0.95 -15.50 4.91
CA ARG D 301 -0.25 -15.08 4.23
C ARG D 301 -0.90 -16.15 3.34
N GLY D 302 -2.21 -16.29 3.50
CA GLY D 302 -2.96 -17.27 2.74
C GLY D 302 -2.67 -18.70 3.20
N SER D 303 -2.19 -18.85 4.43
CA SER D 303 -1.89 -20.16 4.98
C SER D 303 -2.31 -20.12 6.43
N ASN D 304 -2.42 -21.30 7.04
CA ASN D 304 -2.81 -21.45 8.44
C ASN D 304 -1.59 -21.51 9.35
N TYR D 305 -0.47 -20.98 8.90
CA TYR D 305 0.78 -21.02 9.68
C TYR D 305 1.04 -19.75 10.47
N CYS D 306 1.76 -19.95 11.57
CA CYS D 306 2.26 -18.92 12.48
C CYS D 306 3.74 -19.25 12.68
N HIS D 307 4.50 -18.23 13.08
CA HIS D 307 5.92 -18.36 13.39
C HIS D 307 6.16 -17.59 14.67
N MET D 308 6.86 -18.24 15.59
CA MET D 308 7.20 -17.60 16.85
C MET D 308 8.69 -17.76 17.18
N SER D 309 9.27 -16.71 17.75
CA SER D 309 10.66 -16.69 18.13
C SER D 309 10.83 -15.92 19.43
N VAL D 310 11.85 -16.30 20.20
CA VAL D 310 12.16 -15.70 21.49
C VAL D 310 13.49 -14.96 21.44
N PHE D 311 13.57 -13.84 22.14
CA PHE D 311 14.77 -13.04 22.17
C PHE D 311 14.98 -12.53 23.56
N PRO D 312 16.23 -12.18 23.90
CA PRO D 312 16.46 -11.66 25.25
C PRO D 312 16.06 -10.19 25.22
N ASP D 313 15.59 -9.65 26.33
CA ASP D 313 15.22 -8.24 26.38
C ASP D 313 16.51 -7.62 26.89
N ARG D 314 16.70 -6.32 26.66
CA ARG D 314 17.90 -5.65 27.13
C ARG D 314 17.87 -5.52 28.65
N ILE D 315 16.67 -5.36 29.18
CA ILE D 315 16.46 -5.24 30.62
C ILE D 315 16.75 -6.60 31.25
N PRO D 316 17.91 -6.73 31.92
CA PRO D 316 18.22 -8.02 32.51
C PRO D 316 17.04 -8.68 33.25
N GLY D 317 16.82 -9.94 32.91
CA GLY D 317 15.72 -10.69 33.51
C GLY D 317 14.52 -10.89 32.60
N ARG D 318 14.33 -9.96 31.66
CA ARG D 318 13.21 -10.03 30.74
C ARG D 318 13.52 -10.73 29.43
N ALA D 319 12.47 -11.03 28.67
CA ALA D 319 12.59 -11.67 27.39
C ALA D 319 11.48 -11.06 26.51
N ILE D 320 11.59 -11.33 25.22
CA ILE D 320 10.66 -10.83 24.22
C ILE D 320 10.26 -11.96 23.33
N ILE D 321 8.96 -12.09 23.10
CA ILE D 321 8.49 -13.15 22.25
C ILE D 321 7.62 -12.55 21.15
N ILE D 322 8.05 -12.78 19.91
CA ILE D 322 7.34 -12.31 18.75
C ILE D 322 6.55 -13.50 18.22
N SER D 323 5.26 -13.29 17.99
CA SER D 323 4.38 -14.33 17.50
C SER D 323 3.51 -13.78 16.35
N VAL D 324 3.50 -14.47 15.20
CA VAL D 324 2.73 -14.02 14.04
C VAL D 324 1.87 -15.07 13.36
N ILE D 325 0.77 -14.60 12.77
CA ILE D 325 -0.19 -15.42 12.05
C ILE D 325 -0.88 -14.56 11.01
N ASP D 326 -1.60 -15.19 10.09
CA ASP D 326 -2.42 -14.43 9.15
C ASP D 326 -3.71 -14.34 10.00
N ASN D 327 -4.20 -13.12 10.27
CA ASN D 327 -5.39 -12.96 11.12
C ASN D 327 -6.68 -13.61 10.63
N LEU D 328 -6.86 -13.75 9.33
CA LEU D 328 -8.07 -14.38 8.78
C LEU D 328 -7.99 -15.91 8.65
N VAL D 329 -6.82 -16.50 8.87
CA VAL D 329 -6.68 -17.95 8.73
C VAL D 329 -6.50 -18.57 10.09
N LYS D 330 -5.25 -18.67 10.55
CA LYS D 330 -5.03 -19.25 11.87
C LYS D 330 -5.67 -18.34 12.92
N GLY D 331 -5.85 -17.07 12.58
CA GLY D 331 -6.48 -16.14 13.50
C GLY D 331 -8.00 -16.28 13.48
N ALA D 332 -8.55 -16.96 12.48
CA ALA D 332 -10.01 -17.14 12.38
C ALA D 332 -10.50 -18.41 11.68
N SER D 333 -10.86 -18.28 10.41
CA SER D 333 -11.45 -19.38 9.65
C SER D 333 -10.60 -20.61 9.46
N GLY D 334 -9.28 -20.45 9.47
CA GLY D 334 -8.39 -21.59 9.32
C GLY D 334 -8.41 -22.43 10.59
N GLN D 335 -8.35 -21.77 11.73
CA GLN D 335 -8.39 -22.51 12.97
C GLN D 335 -9.78 -23.15 13.17
N ALA D 336 -10.82 -22.47 12.70
CA ALA D 336 -12.18 -23.03 12.84
C ALA D 336 -12.28 -24.36 12.09
N LEU D 337 -11.77 -24.39 10.87
CA LEU D 337 -11.80 -25.60 10.06
C LEU D 337 -10.85 -26.63 10.70
N GLN D 338 -9.73 -26.16 11.25
CA GLN D 338 -8.78 -27.08 11.89
C GLN D 338 -9.53 -27.78 13.03
N ASN D 339 -10.55 -27.12 13.58
CA ASN D 339 -11.32 -27.72 14.67
C ASN D 339 -12.37 -28.69 14.15
N LEU D 340 -13.26 -28.21 13.30
CA LEU D 340 -14.31 -29.05 12.77
C LEU D 340 -13.66 -30.29 12.19
N ASN D 341 -12.46 -30.12 11.63
CA ASN D 341 -11.75 -31.25 11.03
C ASN D 341 -11.53 -32.36 12.07
N ILE D 342 -11.09 -32.02 13.27
CA ILE D 342 -10.86 -33.05 14.28
C ILE D 342 -12.16 -33.43 14.97
N MET D 343 -13.14 -32.54 14.95
CA MET D 343 -14.42 -32.87 15.55
C MET D 343 -15.00 -34.05 14.76
N LEU D 344 -15.00 -33.91 13.43
CA LEU D 344 -15.51 -34.95 12.56
C LEU D 344 -14.57 -36.14 12.47
N GLY D 345 -13.43 -36.06 13.15
CA GLY D 345 -12.49 -37.16 13.14
C GLY D 345 -11.62 -37.35 11.91
N TYR D 346 -11.44 -36.29 11.13
CA TYR D 346 -10.58 -36.40 9.95
C TYR D 346 -9.16 -35.97 10.29
N PRO D 347 -8.22 -36.22 9.38
CA PRO D 347 -6.87 -35.78 9.69
C PRO D 347 -6.91 -34.25 9.79
N GLU D 348 -6.49 -33.75 10.94
CA GLU D 348 -6.49 -32.33 11.25
C GLU D 348 -6.08 -31.36 10.15
N THR D 349 -5.02 -31.69 9.41
CA THR D 349 -4.51 -30.82 8.36
C THR D 349 -5.23 -30.87 7.03
N THR D 350 -6.29 -31.67 6.96
CA THR D 350 -7.04 -31.78 5.70
C THR D 350 -7.55 -30.43 5.24
N GLY D 351 -7.20 -30.08 4.01
CA GLY D 351 -7.62 -28.81 3.44
C GLY D 351 -6.91 -27.59 3.98
N LEU D 352 -5.99 -27.77 4.92
CA LEU D 352 -5.28 -26.65 5.51
C LEU D 352 -3.81 -26.58 5.15
N LEU D 353 -3.43 -27.17 4.03
CA LEU D 353 -2.03 -27.15 3.64
C LEU D 353 -1.60 -26.05 2.68
N HIS D 354 -2.52 -25.11 2.39
CA HIS D 354 -2.20 -23.97 1.52
C HIS D 354 -0.90 -23.33 2.04
N GLN D 355 0.06 -23.12 1.13
CA GLN D 355 1.35 -22.51 1.46
C GLN D 355 1.31 -21.00 1.32
N PRO D 356 2.13 -20.26 2.10
CA PRO D 356 2.09 -18.79 1.98
C PRO D 356 2.07 -18.18 0.56
N LEU D 357 1.31 -17.09 0.40
CA LEU D 357 1.29 -16.40 -0.88
C LEU D 357 2.27 -15.23 -0.79
N PHE D 358 3.54 -15.51 -1.14
CA PHE D 358 4.61 -14.52 -1.14
C PHE D 358 5.33 -14.53 -2.53
N PRO D 359 5.65 -13.35 -3.07
CA PRO D 359 5.38 -12.04 -2.47
C PRO D 359 3.89 -11.73 -2.57
N LYS A 15 19.92 34.80 -1.52
CA LYS A 15 19.39 34.89 -0.12
C LYS A 15 20.52 35.11 0.87
N ASP A 16 20.16 35.43 2.12
CA ASP A 16 21.14 35.70 3.16
C ASP A 16 22.16 34.60 3.44
N ILE A 17 21.67 33.36 3.59
CA ILE A 17 22.55 32.27 3.92
C ILE A 17 22.75 31.26 2.80
N ARG A 18 24.00 30.90 2.56
CA ARG A 18 24.36 29.92 1.53
C ARG A 18 24.52 28.59 2.25
N ILE A 19 23.77 27.60 1.79
CA ILE A 19 23.79 26.29 2.41
C ILE A 19 24.57 25.22 1.66
N GLY A 20 25.39 24.50 2.41
CA GLY A 20 26.13 23.40 1.83
C GLY A 20 25.42 22.14 2.33
N LEU A 21 25.13 21.22 1.42
CA LEU A 21 24.44 19.98 1.81
C LEU A 21 25.34 18.78 1.46
N LEU A 22 25.86 18.09 2.47
CA LEU A 22 26.71 16.92 2.23
C LEU A 22 25.86 15.64 2.15
N GLY A 23 25.91 14.96 1.01
CA GLY A 23 25.13 13.73 0.87
C GLY A 23 23.69 14.06 0.54
N ALA A 24 23.49 14.67 -0.63
CA ALA A 24 22.18 15.08 -1.09
C ALA A 24 21.42 14.06 -1.91
N SER A 25 22.00 12.89 -2.19
CA SER A 25 21.27 11.92 -2.99
C SER A 25 20.36 11.01 -2.17
N GLY A 26 20.43 11.13 -0.85
CA GLY A 26 19.58 10.32 0.00
C GLY A 26 18.25 11.02 0.26
N TYR A 27 17.39 10.36 1.02
CA TYR A 27 16.06 10.88 1.37
C TYR A 27 16.07 12.11 2.28
N THR A 28 16.92 12.10 3.30
CA THR A 28 16.97 13.27 4.19
C THR A 28 17.56 14.44 3.40
N GLY A 29 18.55 14.16 2.56
CA GLY A 29 19.12 15.23 1.73
C GLY A 29 17.99 15.87 0.92
N ALA A 30 17.26 15.03 0.18
CA ALA A 30 16.15 15.53 -0.62
C ALA A 30 15.19 16.32 0.26
N GLU A 31 14.89 15.80 1.45
CA GLU A 31 14.00 16.49 2.37
C GLU A 31 14.55 17.88 2.71
N ILE A 32 15.86 17.96 2.95
CA ILE A 32 16.46 19.26 3.27
C ILE A 32 16.19 20.19 2.10
N VAL A 33 16.49 19.72 0.90
CA VAL A 33 16.27 20.53 -0.30
C VAL A 33 14.80 20.93 -0.42
N ARG A 34 13.90 19.99 -0.15
CA ARG A 34 12.47 20.27 -0.22
C ARG A 34 12.09 21.42 0.73
N LEU A 35 12.46 21.29 2.00
CA LEU A 35 12.15 22.29 3.00
C LEU A 35 12.73 23.67 2.68
N LEU A 36 13.89 23.72 2.01
CA LEU A 36 14.50 25.01 1.69
C LEU A 36 13.93 25.70 0.46
N ALA A 37 13.27 24.92 -0.39
CA ALA A 37 12.67 25.46 -1.60
C ALA A 37 11.89 26.77 -1.36
N ASN A 38 11.18 26.86 -0.23
CA ASN A 38 10.47 28.09 0.04
C ASN A 38 10.89 28.79 1.34
N HIS A 39 12.10 28.50 1.80
CA HIS A 39 12.67 29.14 2.99
C HIS A 39 13.13 30.50 2.45
N PRO A 40 12.98 31.57 3.25
CA PRO A 40 13.36 32.92 2.83
C PRO A 40 14.82 33.30 2.71
N HIS A 41 15.64 32.86 3.66
CA HIS A 41 17.03 33.25 3.68
C HIS A 41 18.04 32.15 3.57
N PHE A 42 17.56 30.93 3.35
CA PHE A 42 18.45 29.79 3.25
C PHE A 42 18.36 29.19 1.86
N GLN A 43 19.46 29.24 1.13
CA GLN A 43 19.49 28.68 -0.21
C GLN A 43 20.64 27.72 -0.38
N VAL A 44 20.35 26.53 -0.88
CA VAL A 44 21.37 25.52 -1.11
C VAL A 44 22.23 25.93 -2.31
N THR A 45 23.53 26.00 -2.12
CA THR A 45 24.42 26.37 -3.22
C THR A 45 25.46 25.28 -3.47
N LEU A 46 25.76 24.49 -2.46
CA LEU A 46 26.73 23.43 -2.64
C LEU A 46 26.10 22.08 -2.26
N MET A 47 26.12 21.13 -3.19
CA MET A 47 25.56 19.80 -2.92
C MET A 47 26.55 18.70 -3.26
N THR A 48 26.77 17.86 -2.27
CA THR A 48 27.68 16.74 -2.33
C THR A 48 26.93 15.41 -2.53
N ALA A 49 27.51 14.54 -3.36
CA ALA A 49 26.99 13.21 -3.65
C ALA A 49 28.17 12.31 -3.91
N ASP A 50 27.95 11.02 -3.72
CA ASP A 50 28.99 10.04 -3.90
C ASP A 50 28.96 9.37 -5.28
N ARG A 51 28.27 8.25 -5.40
CA ARG A 51 28.22 7.56 -6.67
C ARG A 51 27.49 8.39 -7.72
N LYS A 52 26.55 9.22 -7.29
CA LYS A 52 25.79 10.03 -8.22
C LYS A 52 26.38 11.42 -8.47
N ALA A 53 27.62 11.63 -8.05
CA ALA A 53 28.27 12.91 -8.27
C ALA A 53 28.37 13.15 -9.76
N GLY A 54 28.36 14.42 -10.15
CA GLY A 54 28.45 14.80 -11.54
C GLY A 54 27.08 14.86 -12.19
N GLN A 55 26.06 14.40 -11.47
CA GLN A 55 24.71 14.38 -12.02
C GLN A 55 23.88 15.60 -11.66
N SER A 56 22.73 15.72 -12.31
CA SER A 56 21.81 16.81 -12.06
C SER A 56 20.88 16.29 -10.97
N MET A 57 20.48 17.16 -10.05
CA MET A 57 19.60 16.72 -8.98
C MET A 57 18.38 16.08 -9.61
N GLU A 58 18.06 16.50 -10.83
CA GLU A 58 16.91 15.95 -11.53
C GLU A 58 17.21 14.52 -11.94
N SER A 59 18.48 14.21 -12.17
CA SER A 59 18.91 12.87 -12.56
C SER A 59 18.63 11.92 -11.40
N VAL A 60 18.79 12.42 -10.18
CA VAL A 60 18.61 11.61 -8.98
C VAL A 60 17.21 11.71 -8.40
N PHE A 61 16.70 12.93 -8.30
CA PHE A 61 15.36 13.17 -7.76
C PHE A 61 14.57 14.07 -8.71
N PRO A 62 13.88 13.45 -9.68
CA PRO A 62 13.08 14.24 -10.64
C PRO A 62 11.95 15.05 -9.99
N HIS A 63 11.48 14.65 -8.80
CA HIS A 63 10.44 15.45 -8.21
C HIS A 63 10.91 16.88 -7.91
N LEU A 64 12.23 17.10 -7.90
CA LEU A 64 12.76 18.42 -7.61
C LEU A 64 12.96 19.27 -8.86
N ARG A 65 12.39 18.86 -9.98
CA ARG A 65 12.60 19.59 -11.23
C ARG A 65 12.13 21.05 -11.29
N ALA A 66 11.24 21.46 -10.40
CA ALA A 66 10.77 22.84 -10.41
C ALA A 66 11.85 23.76 -9.83
N GLN A 67 12.76 23.20 -9.05
CA GLN A 67 13.83 23.97 -8.45
C GLN A 67 15.03 24.08 -9.38
N LYS A 68 15.87 25.07 -9.12
CA LYS A 68 17.08 25.27 -9.91
C LYS A 68 18.25 25.11 -8.94
N LEU A 69 18.83 23.91 -8.94
CA LEU A 69 19.93 23.61 -8.03
C LEU A 69 21.25 23.38 -8.70
N PRO A 70 22.33 23.44 -7.91
CA PRO A 70 23.69 23.24 -8.40
C PRO A 70 23.86 21.80 -8.85
N THR A 71 25.02 21.52 -9.45
CA THR A 71 25.30 20.18 -9.87
C THR A 71 25.92 19.51 -8.66
N LEU A 72 25.79 18.20 -8.58
CA LEU A 72 26.34 17.43 -7.48
C LEU A 72 27.82 17.22 -7.65
N VAL A 73 28.59 17.50 -6.61
CA VAL A 73 30.03 17.29 -6.68
C VAL A 73 30.41 16.38 -5.52
N SER A 74 31.65 15.89 -5.54
CA SER A 74 32.12 15.01 -4.51
C SER A 74 32.63 15.81 -3.32
N VAL A 75 32.63 15.20 -2.14
CA VAL A 75 33.12 15.88 -0.94
C VAL A 75 34.54 16.39 -1.16
N LYS A 76 35.38 15.56 -1.76
CA LYS A 76 36.77 15.95 -2.00
C LYS A 76 36.90 17.15 -2.95
N ASP A 77 35.86 17.41 -3.73
CA ASP A 77 35.87 18.54 -4.69
C ASP A 77 34.97 19.72 -4.32
N ALA A 78 34.55 19.79 -3.06
CA ALA A 78 33.68 20.87 -2.61
C ALA A 78 34.46 21.98 -1.91
N ASP A 79 34.14 23.23 -2.22
CA ASP A 79 34.81 24.38 -1.59
C ASP A 79 33.92 24.92 -0.47
N PHE A 80 34.21 24.53 0.76
CA PHE A 80 33.38 24.95 1.88
C PHE A 80 33.52 26.37 2.42
N SER A 81 34.46 27.14 1.89
CA SER A 81 34.62 28.53 2.33
C SER A 81 33.58 29.32 1.55
N THR A 82 32.89 28.61 0.68
CA THR A 82 31.86 29.18 -0.17
C THR A 82 30.48 29.13 0.50
N VAL A 83 30.36 28.43 1.62
CA VAL A 83 29.05 28.36 2.27
C VAL A 83 29.04 28.93 3.69
N ASP A 84 27.86 29.31 4.14
CA ASP A 84 27.69 29.87 5.47
C ASP A 84 27.31 28.84 6.49
N ALA A 85 26.62 27.80 6.05
CA ALA A 85 26.20 26.73 6.93
C ALA A 85 26.04 25.43 6.14
N VAL A 86 26.16 24.30 6.83
CA VAL A 86 26.07 23.01 6.19
C VAL A 86 25.24 22.00 6.97
N PHE A 87 24.51 21.16 6.25
CA PHE A 87 23.75 20.07 6.86
C PHE A 87 24.61 18.89 6.42
N CYS A 88 24.71 17.84 7.21
CA CYS A 88 25.57 16.73 6.80
C CYS A 88 24.82 15.39 6.75
N CYS A 89 24.70 14.79 5.58
CA CYS A 89 24.02 13.50 5.42
C CYS A 89 24.97 12.46 4.83
N LEU A 90 25.71 11.78 5.70
CA LEU A 90 26.65 10.76 5.29
C LEU A 90 26.66 9.61 6.30
N PRO A 91 27.57 8.64 6.12
CA PRO A 91 27.64 7.52 7.05
C PRO A 91 28.40 7.82 8.33
N HIS A 92 28.25 6.90 9.29
CA HIS A 92 28.90 6.99 10.58
C HIS A 92 30.40 6.93 10.35
N GLY A 93 31.18 7.72 11.10
CA GLY A 93 32.61 7.73 10.94
C GLY A 93 33.00 8.49 9.67
N THR A 94 32.16 8.31 8.65
CA THR A 94 32.31 8.96 7.38
C THR A 94 32.20 10.44 7.67
N THR A 95 31.39 10.74 8.68
CA THR A 95 31.11 12.10 9.09
C THR A 95 32.12 12.69 10.06
N GLN A 96 32.65 11.88 10.98
CA GLN A 96 33.61 12.37 11.96
C GLN A 96 34.88 12.98 11.38
N GLU A 97 35.60 12.26 10.53
CA GLU A 97 36.83 12.84 10.00
C GLU A 97 36.56 13.92 8.97
N ILE A 98 35.33 13.97 8.44
CA ILE A 98 34.96 15.00 7.48
C ILE A 98 34.63 16.31 8.19
N ILE A 99 33.78 16.20 9.22
CA ILE A 99 33.38 17.38 9.98
C ILE A 99 34.54 18.02 10.73
N LYS A 100 35.39 17.20 11.31
CA LYS A 100 36.55 17.70 12.05
C LYS A 100 37.44 18.51 11.15
N GLU A 101 37.39 18.25 9.85
CA GLU A 101 38.21 18.96 8.90
C GLU A 101 37.56 20.24 8.39
N LEU A 102 36.24 20.33 8.47
CA LEU A 102 35.57 21.54 8.02
C LEU A 102 36.14 22.77 8.74
N PRO A 103 36.01 23.97 8.15
CA PRO A 103 36.48 25.25 8.70
C PRO A 103 36.05 25.52 10.15
N THR A 104 36.03 26.79 10.54
CA THR A 104 35.63 27.16 11.88
C THR A 104 34.41 28.08 11.85
N ALA A 105 34.35 28.93 10.82
CA ALA A 105 33.26 29.88 10.67
C ALA A 105 31.95 29.21 10.27
N LEU A 106 31.99 27.89 10.09
CA LEU A 106 30.79 27.18 9.69
C LEU A 106 29.92 26.70 10.85
N LYS A 107 28.64 27.03 10.79
CA LYS A 107 27.72 26.49 11.79
C LYS A 107 27.33 25.15 11.14
N ILE A 108 27.27 24.08 11.93
CA ILE A 108 27.00 22.74 11.40
C ILE A 108 26.00 21.91 12.19
N VAL A 109 25.22 21.11 11.48
CA VAL A 109 24.30 20.21 12.12
C VAL A 109 24.56 18.84 11.50
N ASP A 110 25.15 17.94 12.28
CA ASP A 110 25.43 16.61 11.78
C ASP A 110 24.09 15.84 11.77
N LEU A 111 23.64 15.40 10.60
CA LEU A 111 22.38 14.65 10.55
C LEU A 111 22.62 13.17 10.82
N SER A 112 23.90 12.77 10.91
CA SER A 112 24.23 11.37 11.17
C SER A 112 24.13 11.12 12.68
N ALA A 113 24.73 10.04 13.14
CA ALA A 113 24.72 9.70 14.56
C ALA A 113 26.10 9.82 15.22
N ASP A 114 27.12 10.23 14.46
CA ASP A 114 28.48 10.32 14.97
C ASP A 114 28.78 11.19 16.18
N PHE A 115 28.10 12.31 16.35
CA PHE A 115 28.38 13.18 17.50
C PHE A 115 27.29 13.21 18.55
N ARG A 116 26.37 12.23 18.49
CA ARG A 116 25.26 12.18 19.45
C ARG A 116 25.70 11.63 20.80
N LEU A 117 26.48 10.56 20.80
CA LEU A 117 26.90 9.98 22.08
C LEU A 117 28.12 10.70 22.67
N ARG A 118 28.00 11.19 23.90
CA ARG A 118 29.10 11.89 24.54
C ARG A 118 30.18 10.94 25.01
N ASN A 119 29.79 9.70 25.31
CA ASN A 119 30.75 8.71 25.79
C ASN A 119 31.47 8.02 24.64
N ILE A 120 32.75 8.32 24.52
CA ILE A 120 33.61 7.77 23.47
C ILE A 120 33.62 6.25 23.41
N ALA A 121 33.59 5.60 24.56
CA ALA A 121 33.60 4.15 24.63
C ALA A 121 32.28 3.56 24.10
N GLU A 122 31.16 4.23 24.36
CA GLU A 122 29.88 3.75 23.87
C GLU A 122 29.83 3.90 22.35
N TYR A 123 30.40 4.99 21.84
CA TYR A 123 30.37 5.16 20.39
C TYR A 123 31.05 3.99 19.72
N GLU A 124 32.21 3.61 20.25
CA GLU A 124 32.96 2.52 19.67
C GLU A 124 32.27 1.16 19.81
N GLU A 125 31.69 0.88 20.97
CA GLU A 125 31.03 -0.40 21.15
C GLU A 125 29.77 -0.51 20.29
N TRP A 126 29.05 0.60 20.14
CA TRP A 126 27.84 0.57 19.34
C TRP A 126 28.04 0.83 17.84
N TYR A 127 29.08 1.59 17.48
CA TYR A 127 29.31 1.89 16.07
C TYR A 127 30.51 1.20 15.44
N GLY A 128 31.08 0.25 16.17
CA GLY A 128 32.19 -0.55 15.68
C GLY A 128 33.53 0.04 15.30
N GLN A 129 33.90 1.17 15.89
CA GLN A 129 35.19 1.77 15.60
C GLN A 129 35.43 2.98 16.49
N PRO A 130 36.70 3.26 16.78
CA PRO A 130 37.13 4.38 17.62
C PRO A 130 36.54 5.71 17.16
N HIS A 131 36.24 6.57 18.12
CA HIS A 131 35.70 7.89 17.82
C HIS A 131 36.89 8.63 17.26
N LYS A 132 36.74 9.34 16.15
CA LYS A 132 37.86 10.05 15.54
C LYS A 132 37.89 11.57 15.67
N ALA A 133 37.34 12.08 16.77
CA ALA A 133 37.30 13.52 17.00
C ALA A 133 36.87 13.75 18.43
N VAL A 134 37.49 13.01 19.34
CA VAL A 134 37.17 13.10 20.76
C VAL A 134 37.04 14.52 21.27
N GLU A 135 38.08 15.32 21.05
CA GLU A 135 38.06 16.70 21.52
C GLU A 135 36.87 17.47 20.96
N LEU A 136 36.67 17.35 19.64
CA LEU A 136 35.58 18.03 18.96
C LEU A 136 34.22 17.69 19.58
N GLN A 137 34.03 16.40 19.86
CA GLN A 137 32.82 15.89 20.46
C GLN A 137 32.41 16.71 21.68
N LYS A 138 33.41 17.19 22.40
CA LYS A 138 33.19 17.97 23.61
C LYS A 138 32.37 19.25 23.46
N GLU A 139 32.33 19.81 22.26
CA GLU A 139 31.56 21.04 22.10
C GLU A 139 30.24 20.80 21.36
N VAL A 140 29.94 19.52 21.11
CA VAL A 140 28.72 19.16 20.40
C VAL A 140 27.48 19.24 21.28
N VAL A 141 26.41 19.84 20.73
CA VAL A 141 25.13 19.94 21.42
C VAL A 141 24.10 19.02 20.73
N TYR A 142 23.38 18.22 21.52
CA TYR A 142 22.34 17.31 21.02
C TYR A 142 21.15 18.13 20.53
N GLY A 143 20.80 18.02 19.26
CA GLY A 143 19.71 18.83 18.71
C GLY A 143 18.25 18.52 19.03
N LEU A 144 17.90 18.17 20.26
CA LEU A 144 16.49 17.91 20.56
C LEU A 144 16.00 19.31 21.00
N THR A 145 15.54 20.06 20.00
CA THR A 145 15.12 21.45 20.15
C THR A 145 14.24 21.90 21.32
N GLU A 146 13.11 21.23 21.56
CA GLU A 146 12.22 21.66 22.63
C GLU A 146 12.67 21.23 24.02
N ILE A 147 13.90 20.71 24.11
CA ILE A 147 14.48 20.27 25.37
C ILE A 147 15.87 20.90 25.60
N LEU A 148 16.61 21.15 24.52
CA LEU A 148 17.95 21.73 24.66
C LEU A 148 18.16 23.02 23.84
N ARG A 149 17.08 23.62 23.40
CA ARG A 149 17.14 24.86 22.63
C ARG A 149 18.26 25.82 23.04
N GLU A 150 18.28 26.18 24.33
CA GLU A 150 19.27 27.11 24.86
C GLU A 150 20.72 26.78 24.49
N ASP A 151 21.09 25.51 24.54
CA ASP A 151 22.45 25.15 24.17
C ASP A 151 22.59 25.09 22.66
N ILE A 152 21.54 24.67 21.97
CA ILE A 152 21.57 24.59 20.51
C ILE A 152 21.87 25.98 19.92
N LYS A 153 21.18 26.99 20.44
CA LYS A 153 21.34 28.38 20.01
C LYS A 153 22.78 28.82 19.89
N LYS A 154 23.59 28.51 20.90
CA LYS A 154 24.97 28.92 20.89
C LYS A 154 25.96 27.82 20.51
N ALA A 155 25.46 26.78 19.86
CA ALA A 155 26.33 25.67 19.44
C ALA A 155 26.92 25.91 18.07
N ARG A 156 28.12 25.41 17.84
CA ARG A 156 28.76 25.52 16.52
C ARG A 156 28.41 24.24 15.76
N LEU A 157 28.54 23.12 16.45
CA LEU A 157 28.24 21.81 15.88
C LEU A 157 27.11 21.17 16.68
N VAL A 158 26.01 20.87 15.99
CA VAL A 158 24.88 20.25 16.63
C VAL A 158 24.70 18.86 16.07
N ALA A 159 24.50 17.89 16.96
CA ALA A 159 24.28 16.50 16.57
C ALA A 159 22.77 16.33 16.49
N ASN A 160 22.25 16.19 15.28
CA ASN A 160 20.81 16.03 15.11
C ASN A 160 20.39 14.65 15.63
N PRO A 161 19.36 14.60 16.50
CA PRO A 161 18.95 13.30 17.03
C PRO A 161 18.37 12.32 16.01
N GLY A 162 18.27 11.06 16.41
CA GLY A 162 17.69 10.06 15.54
C GLY A 162 16.17 10.20 15.62
N CYS A 163 15.46 9.53 14.72
CA CYS A 163 14.01 9.60 14.68
C CYS A 163 13.35 8.99 15.94
N TYR A 164 13.53 7.68 16.16
CA TYR A 164 12.96 7.03 17.34
C TYR A 164 13.30 7.79 18.64
N PRO A 165 14.60 8.04 18.89
CA PRO A 165 14.98 8.76 20.11
C PRO A 165 14.19 10.08 20.25
N THR A 166 13.72 10.64 19.14
CA THR A 166 12.97 11.90 19.19
C THR A 166 11.55 11.71 19.78
N THR A 167 10.86 10.65 19.34
CA THR A 167 9.51 10.35 19.82
C THR A 167 9.53 9.88 21.29
N ILE A 168 10.66 9.32 21.72
CA ILE A 168 10.82 8.80 23.08
C ILE A 168 11.15 9.89 24.13
N GLN A 169 12.18 10.69 23.89
CA GLN A 169 12.59 11.72 24.84
C GLN A 169 11.61 12.88 25.00
N LEU A 170 11.01 13.37 23.91
CA LEU A 170 10.07 14.48 24.06
C LEU A 170 9.04 14.16 25.16
N PRO A 171 8.39 12.97 25.09
CA PRO A 171 7.42 12.64 26.14
C PRO A 171 8.05 12.27 27.48
N LEU A 172 9.08 11.42 27.47
CA LEU A 172 9.67 10.99 28.73
C LEU A 172 10.54 11.96 29.50
N VAL A 173 11.23 12.87 28.82
CA VAL A 173 12.12 13.77 29.56
C VAL A 173 11.38 14.56 30.64
N PRO A 174 10.38 15.37 30.26
CA PRO A 174 9.62 16.15 31.26
C PRO A 174 9.04 15.27 32.38
N LEU A 175 8.59 14.06 32.03
CA LEU A 175 7.99 13.18 33.04
C LEU A 175 9.02 12.72 34.05
N LEU A 176 10.20 12.36 33.55
CA LEU A 176 11.30 11.92 34.42
C LEU A 176 11.77 13.08 35.30
N LYS A 177 11.81 14.28 34.72
CA LYS A 177 12.25 15.46 35.46
C LYS A 177 11.36 15.71 36.67
N ALA A 178 10.05 15.66 36.44
CA ALA A 178 9.07 15.86 37.51
C ALA A 178 8.96 14.63 38.43
N ASN A 179 9.72 13.58 38.13
CA ASN A 179 9.67 12.34 38.94
C ASN A 179 8.25 11.76 38.92
N LEU A 180 7.59 11.81 37.77
CA LEU A 180 6.24 11.29 37.63
C LEU A 180 6.24 9.84 37.19
N ILE A 181 7.39 9.33 36.79
CA ILE A 181 7.49 7.94 36.35
C ILE A 181 8.80 7.36 36.86
N LYS A 182 8.81 6.05 37.06
CA LYS A 182 10.00 5.35 37.52
C LYS A 182 10.99 5.20 36.36
N HIS A 183 12.29 5.09 36.65
CA HIS A 183 13.21 4.96 35.54
C HIS A 183 13.65 3.53 35.28
N GLU A 184 12.82 2.59 35.73
CA GLU A 184 13.07 1.19 35.49
C GLU A 184 11.91 0.55 34.72
N ASN A 185 12.24 -0.40 33.86
CA ASN A 185 11.25 -1.12 33.07
C ASN A 185 10.38 -0.31 32.11
N ILE A 186 10.98 0.67 31.43
CA ILE A 186 10.25 1.46 30.45
C ILE A 186 10.35 0.71 29.11
N ILE A 187 9.30 -0.02 28.73
CA ILE A 187 9.33 -0.78 27.49
C ILE A 187 8.85 0.06 26.32
N ILE A 188 9.65 0.10 25.26
CA ILE A 188 9.30 0.88 24.08
C ILE A 188 9.12 0.04 22.83
N ASP A 189 7.89 -0.03 22.33
CA ASP A 189 7.59 -0.76 21.10
C ASP A 189 7.40 0.30 20.01
N ALA A 190 8.29 0.32 19.03
CA ALA A 190 8.26 1.33 17.98
C ALA A 190 8.04 0.85 16.55
N LYS A 191 7.40 1.69 15.77
CA LYS A 191 7.05 1.42 14.39
C LYS A 191 7.56 2.55 13.50
N SER A 192 8.00 2.19 12.30
CA SER A 192 8.53 3.15 11.35
C SER A 192 8.23 2.80 9.89
N GLY A 193 8.01 3.83 9.08
CA GLY A 193 7.80 3.61 7.66
C GLY A 193 9.14 3.16 7.11
N VAL A 194 9.15 2.53 5.94
CA VAL A 194 10.41 2.02 5.40
C VAL A 194 11.37 3.06 4.79
N SER A 195 10.96 4.34 4.76
CA SER A 195 11.83 5.36 4.22
C SER A 195 13.04 5.54 5.13
N GLY A 196 12.87 5.14 6.39
CA GLY A 196 13.93 5.23 7.37
C GLY A 196 15.06 4.29 6.99
N ALA A 197 14.77 3.30 6.11
CA ALA A 197 15.79 2.34 5.70
C ALA A 197 16.70 2.91 4.65
N GLY A 198 16.36 4.11 4.17
CA GLY A 198 17.16 4.75 3.14
C GLY A 198 16.85 4.32 1.72
N ARG A 199 17.59 4.90 0.78
CA ARG A 199 17.42 4.65 -0.63
C ARG A 199 18.40 3.63 -1.21
N GLY A 200 19.09 2.88 -0.35
CA GLY A 200 20.02 1.88 -0.87
C GLY A 200 19.31 0.77 -1.61
N ALA A 201 19.84 0.38 -2.75
CA ALA A 201 19.22 -0.66 -3.56
C ALA A 201 19.37 -2.06 -2.96
N LYS A 202 18.61 -2.30 -1.90
CA LYS A 202 18.64 -3.58 -1.23
C LYS A 202 17.41 -4.42 -1.46
N GLU A 203 17.65 -5.71 -1.66
CA GLU A 203 16.58 -6.66 -1.88
C GLU A 203 15.55 -6.57 -0.78
N ALA A 204 16.00 -6.51 0.45
CA ALA A 204 15.08 -6.45 1.58
C ALA A 204 14.06 -5.29 1.53
N ASN A 205 14.42 -4.21 0.81
CA ASN A 205 13.57 -3.05 0.75
C ASN A 205 12.68 -2.81 -0.47
N LEU A 206 12.59 -3.84 -1.32
CA LEU A 206 11.75 -3.78 -2.51
C LEU A 206 10.28 -3.75 -2.10
N TYR A 207 9.47 -3.07 -2.91
CA TYR A 207 8.04 -3.00 -2.67
C TYR A 207 7.45 -4.43 -2.47
N SER A 208 7.77 -5.34 -3.37
CA SER A 208 7.29 -6.72 -3.28
C SER A 208 7.74 -7.42 -2.00
N GLU A 209 8.88 -6.99 -1.44
CA GLU A 209 9.42 -7.59 -0.23
C GLU A 209 8.91 -6.96 1.05
N ILE A 210 8.60 -5.66 0.99
CA ILE A 210 8.12 -4.95 2.17
C ILE A 210 6.58 -4.87 2.30
N ALA A 211 5.89 -4.72 1.18
CA ALA A 211 4.45 -4.56 1.22
C ALA A 211 3.60 -5.63 1.84
N GLU A 212 2.58 -5.19 2.57
CA GLU A 212 1.60 -6.09 3.18
C GLU A 212 2.11 -7.02 4.26
N GLY A 213 2.94 -6.47 5.14
CA GLY A 213 3.46 -7.24 6.24
C GLY A 213 4.29 -6.32 7.09
N ILE A 214 4.57 -6.74 8.32
CA ILE A 214 5.42 -5.98 9.21
C ILE A 214 6.39 -6.98 9.81
N SER A 215 7.45 -6.47 10.42
CA SER A 215 8.42 -7.31 11.11
C SER A 215 9.24 -6.47 12.07
N SER A 216 9.59 -7.04 13.22
CA SER A 216 10.44 -6.34 14.17
C SER A 216 11.83 -6.24 13.54
N TYR A 217 12.77 -5.65 14.28
CA TYR A 217 14.16 -5.56 13.88
C TYR A 217 14.87 -4.81 14.99
N GLY A 218 16.19 -4.90 15.04
CA GLY A 218 16.93 -4.21 16.09
C GLY A 218 16.55 -4.84 17.41
N VAL A 219 16.12 -6.09 17.39
CA VAL A 219 15.74 -6.71 18.65
C VAL A 219 16.92 -6.76 19.61
N THR A 220 16.63 -6.44 20.87
CA THR A 220 17.61 -6.43 21.96
C THR A 220 18.61 -5.28 21.89
N ARG A 221 19.25 -5.13 20.74
CA ARG A 221 20.23 -4.09 20.53
C ARG A 221 19.89 -3.37 19.25
N HIS A 222 20.09 -2.07 19.25
CA HIS A 222 19.87 -1.22 18.10
C HIS A 222 20.62 0.02 18.52
N ARG A 223 21.35 0.61 17.59
CA ARG A 223 22.17 1.78 17.91
C ARG A 223 21.46 2.98 18.53
N HIS A 224 20.13 3.03 18.48
CA HIS A 224 19.43 4.16 19.10
C HIS A 224 19.35 3.95 20.62
N VAL A 225 19.53 2.70 21.06
CA VAL A 225 19.48 2.41 22.49
C VAL A 225 20.39 3.29 23.35
N PRO A 226 21.70 3.32 23.04
CA PRO A 226 22.53 4.17 23.90
C PRO A 226 22.13 5.64 23.84
N GLU A 227 21.59 6.06 22.71
CA GLU A 227 21.17 7.47 22.56
C GLU A 227 19.95 7.74 23.46
N ILE A 228 18.94 6.88 23.34
CA ILE A 228 17.74 6.98 24.13
C ILE A 228 18.09 7.02 25.63
N GLU A 229 18.95 6.11 26.05
CA GLU A 229 19.36 6.03 27.44
C GLU A 229 20.17 7.25 27.94
N GLN A 230 21.11 7.74 27.12
CA GLN A 230 21.91 8.92 27.47
C GLN A 230 20.99 10.11 27.81
N GLY A 231 20.03 10.37 26.93
CA GLY A 231 19.09 11.46 27.17
C GLY A 231 18.28 11.23 28.43
N LEU A 232 17.73 10.03 28.61
CA LEU A 232 16.93 9.75 29.79
C LEU A 232 17.79 9.73 31.05
N SER A 233 18.98 9.14 30.96
CA SER A 233 19.87 9.09 32.12
C SER A 233 20.26 10.49 32.60
N ASP A 234 20.53 11.39 31.66
CA ASP A 234 20.91 12.75 32.03
C ASP A 234 19.83 13.37 32.92
N VAL A 235 18.57 13.26 32.51
CA VAL A 235 17.49 13.84 33.29
C VAL A 235 17.13 13.03 34.54
N ALA A 236 17.30 11.71 34.51
CA ALA A 236 16.97 10.92 35.68
C ALA A 236 18.12 10.90 36.68
N GLN A 237 19.25 11.50 36.28
CA GLN A 237 20.47 11.57 37.10
C GLN A 237 20.79 10.20 37.68
N SER A 238 20.65 9.20 36.84
CA SER A 238 20.89 7.83 37.23
C SER A 238 20.88 7.01 35.95
N LYS A 239 21.61 5.90 35.94
CA LYS A 239 21.65 5.09 34.75
C LYS A 239 20.31 4.44 34.45
N VAL A 240 19.77 4.75 33.29
CA VAL A 240 18.50 4.19 32.87
C VAL A 240 18.72 3.14 31.80
N THR A 241 18.17 1.95 32.02
CA THR A 241 18.26 0.85 31.07
C THR A 241 16.85 0.59 30.54
N VAL A 242 16.68 0.71 29.23
CA VAL A 242 15.37 0.51 28.62
C VAL A 242 15.31 -0.73 27.76
N SER A 243 14.08 -1.04 27.33
CA SER A 243 13.75 -2.13 26.43
C SER A 243 13.22 -1.34 25.23
N PHE A 244 13.84 -1.51 24.07
CA PHE A 244 13.42 -0.77 22.85
C PHE A 244 13.32 -1.73 21.67
N THR A 245 12.15 -1.81 21.05
CA THR A 245 12.01 -2.73 19.91
C THR A 245 11.42 -2.11 18.64
N PRO A 246 12.24 -1.91 17.61
CA PRO A 246 11.81 -1.33 16.32
C PRO A 246 10.94 -2.30 15.54
N HIS A 247 10.11 -1.78 14.64
CA HIS A 247 9.23 -2.60 13.76
C HIS A 247 9.15 -1.86 12.42
N LEU A 248 9.18 -2.62 11.33
CA LEU A 248 9.13 -2.07 9.98
C LEU A 248 7.71 -2.14 9.40
N MET A 249 7.13 -0.96 9.22
CA MET A 249 5.77 -0.83 8.71
C MET A 249 5.71 -0.72 7.20
N PRO A 250 4.65 -1.26 6.59
CA PRO A 250 4.51 -1.18 5.13
C PRO A 250 3.87 0.18 4.77
N MET A 251 4.72 1.19 4.72
CA MET A 251 4.32 2.55 4.38
C MET A 251 5.63 3.37 4.27
N ILE A 252 5.61 4.38 3.40
CA ILE A 252 6.77 5.20 3.15
C ILE A 252 7.20 5.99 4.36
N ARG A 253 6.30 6.84 4.84
CA ARG A 253 6.56 7.72 5.98
C ARG A 253 5.72 7.40 7.21
N GLY A 254 6.21 7.82 8.38
CA GLY A 254 5.49 7.62 9.61
C GLY A 254 6.25 6.85 10.69
N MET A 255 6.07 7.27 11.93
CA MET A 255 6.77 6.65 13.05
C MET A 255 5.97 6.86 14.33
N GLN A 256 5.89 5.82 15.15
CA GLN A 256 5.18 5.90 16.42
C GLN A 256 5.90 5.04 17.42
N SER A 257 5.95 5.50 18.66
CA SER A 257 6.53 4.69 19.72
C SER A 257 5.36 4.48 20.68
N THR A 258 5.09 3.22 21.01
CA THR A 258 4.04 2.94 22.00
C THR A 258 4.91 2.69 23.25
N ILE A 259 4.84 3.61 24.20
CA ILE A 259 5.65 3.61 25.43
C ILE A 259 4.94 3.11 26.69
N TYR A 260 5.50 2.10 27.31
CA TYR A 260 4.91 1.53 28.50
C TYR A 260 5.78 1.82 29.73
N VAL A 261 5.28 2.66 30.61
CA VAL A 261 6.02 3.01 31.81
C VAL A 261 5.24 2.75 33.09
N GLU A 262 5.97 2.73 34.21
CA GLU A 262 5.36 2.55 35.52
C GLU A 262 5.24 3.96 36.08
N MET A 263 4.05 4.32 36.55
CA MET A 263 3.83 5.64 37.12
C MET A 263 4.27 5.62 38.57
N ALA A 264 5.20 6.51 38.92
CA ALA A 264 5.71 6.57 40.28
C ALA A 264 4.57 6.46 41.28
N PRO A 265 4.87 5.95 42.49
CA PRO A 265 3.85 5.78 43.55
C PRO A 265 2.96 7.00 43.70
N GLY A 266 1.64 6.74 43.75
CA GLY A 266 0.65 7.80 43.90
C GLY A 266 0.35 8.66 42.68
N VAL A 267 1.13 8.49 41.61
CA VAL A 267 0.94 9.25 40.38
C VAL A 267 -0.18 8.66 39.52
N ARG A 268 -1.00 9.54 38.97
CA ARG A 268 -2.13 9.13 38.12
C ARG A 268 -1.87 9.59 36.69
N THR A 269 -2.55 8.98 35.73
CA THR A 269 -2.35 9.37 34.35
C THR A 269 -2.58 10.87 34.15
N GLU A 270 -3.56 11.44 34.85
CA GLU A 270 -3.86 12.87 34.73
C GLU A 270 -2.65 13.73 35.08
N ASP A 271 -1.83 13.26 36.02
CA ASP A 271 -0.64 14.03 36.39
C ASP A 271 0.37 14.02 35.23
N LEU A 272 0.51 12.87 34.58
CA LEU A 272 1.44 12.79 33.46
C LEU A 272 0.92 13.72 32.37
N HIS A 273 -0.39 13.68 32.14
CA HIS A 273 -1.01 14.50 31.11
C HIS A 273 -0.82 15.99 31.33
N GLN A 274 -1.04 16.44 32.57
CA GLN A 274 -0.87 17.84 32.90
C GLN A 274 0.59 18.25 32.80
N GLN A 275 1.51 17.37 33.22
CA GLN A 275 2.92 17.75 33.12
C GLN A 275 3.30 17.95 31.65
N LEU A 276 2.87 17.02 30.79
CA LEU A 276 3.16 17.13 29.36
C LEU A 276 2.47 18.35 28.77
N LYS A 277 1.19 18.53 29.11
CA LYS A 277 0.43 19.64 28.58
C LYS A 277 1.11 20.95 28.98
N THR A 278 1.58 21.01 30.22
CA THR A 278 2.27 22.21 30.69
C THR A 278 3.68 22.35 30.10
N SER A 279 4.40 21.25 29.94
CA SER A 279 5.76 21.33 29.41
C SER A 279 5.84 21.76 27.94
N TYR A 280 4.77 21.56 27.18
CA TYR A 280 4.77 21.88 25.75
C TYR A 280 3.72 22.88 25.26
N GLU A 281 3.14 23.64 26.18
CA GLU A 281 2.11 24.61 25.84
C GLU A 281 2.51 25.72 24.86
N ASP A 282 3.74 26.21 24.93
CA ASP A 282 4.17 27.27 24.01
C ASP A 282 5.04 26.71 22.90
N GLU A 283 4.83 25.44 22.56
CA GLU A 283 5.62 24.80 21.53
C GLU A 283 4.77 24.50 20.31
N GLU A 284 5.15 25.09 19.19
CA GLU A 284 4.43 24.88 17.94
C GLU A 284 4.41 23.41 17.52
N PHE A 285 5.56 22.75 17.57
CA PHE A 285 5.66 21.37 17.07
C PHE A 285 5.32 20.15 17.90
N VAL A 286 4.96 20.36 19.15
CA VAL A 286 4.63 19.25 20.00
C VAL A 286 3.19 19.49 20.48
N LYS A 287 2.29 18.64 20.02
CA LYS A 287 0.88 18.73 20.33
C LYS A 287 0.47 17.63 21.28
N VAL A 288 0.09 18.03 22.49
CA VAL A 288 -0.37 17.08 23.49
C VAL A 288 -1.90 17.01 23.33
N LEU A 289 -2.42 15.87 22.93
CA LEU A 289 -3.86 15.77 22.73
C LEU A 289 -4.59 15.45 24.02
N ASP A 290 -5.92 15.62 24.00
CA ASP A 290 -6.72 15.35 25.18
C ASP A 290 -6.54 13.91 25.64
N GLU A 291 -6.59 13.71 26.96
CA GLU A 291 -6.41 12.38 27.53
C GLU A 291 -7.27 11.34 26.81
N GLY A 292 -6.67 10.18 26.59
CA GLY A 292 -7.38 9.11 25.93
C GLY A 292 -7.53 9.27 24.44
N VAL A 293 -7.09 10.40 23.90
CA VAL A 293 -7.21 10.60 22.46
C VAL A 293 -6.02 9.91 21.76
N VAL A 294 -6.34 9.18 20.71
CA VAL A 294 -5.34 8.44 19.96
C VAL A 294 -4.75 9.15 18.74
N PRO A 295 -3.44 9.34 18.72
CA PRO A 295 -2.84 10.00 17.54
C PRO A 295 -2.70 8.99 16.39
N ARG A 296 -2.48 9.50 15.17
CA ARG A 296 -2.31 8.68 13.98
C ARG A 296 -1.14 9.27 13.17
N THR A 297 -0.29 8.41 12.62
CA THR A 297 0.83 8.91 11.84
C THR A 297 0.34 9.52 10.54
N HIS A 298 -0.93 9.28 10.22
CA HIS A 298 -1.51 9.87 9.01
C HIS A 298 -1.63 11.38 9.21
N ASN A 299 -1.94 11.81 10.44
CA ASN A 299 -2.15 13.22 10.70
C ASN A 299 -0.94 14.09 11.04
N VAL A 300 0.25 13.55 10.79
CA VAL A 300 1.50 14.25 11.06
C VAL A 300 2.40 14.24 9.82
N ARG A 301 2.07 13.35 8.89
CA ARG A 301 2.81 13.21 7.66
C ARG A 301 3.19 14.56 7.04
N GLY A 302 4.31 14.58 6.32
CA GLY A 302 4.80 15.78 5.66
C GLY A 302 4.90 17.00 6.56
N SER A 303 5.00 16.75 7.86
CA SER A 303 5.06 17.85 8.80
C SER A 303 6.15 17.68 9.85
N ASN A 304 6.39 18.76 10.58
CA ASN A 304 7.39 18.76 11.60
C ASN A 304 6.79 18.54 12.98
N TYR A 305 5.49 18.26 13.05
CA TYR A 305 4.85 18.05 14.35
C TYR A 305 4.99 16.63 14.91
N CYS A 306 4.75 16.52 16.21
CA CYS A 306 4.78 15.27 16.95
C CYS A 306 3.50 15.27 17.79
N HIS A 307 2.59 14.35 17.52
CA HIS A 307 1.38 14.29 18.31
C HIS A 307 1.64 13.19 19.37
N MET A 308 1.54 13.55 20.65
CA MET A 308 1.72 12.61 21.75
C MET A 308 0.51 12.71 22.70
N SER A 309 0.22 11.60 23.37
CA SER A 309 -0.90 11.52 24.29
C SER A 309 -0.75 10.30 25.23
N VAL A 310 -1.14 10.44 26.50
CA VAL A 310 -1.04 9.36 27.51
C VAL A 310 -2.34 8.59 27.63
N PHE A 311 -2.26 7.44 28.30
CA PHE A 311 -3.41 6.58 28.51
C PHE A 311 -3.27 5.82 29.81
N PRO A 312 -4.34 5.10 30.22
CA PRO A 312 -4.21 4.35 31.45
C PRO A 312 -3.86 2.92 31.00
N ASP A 313 -2.98 2.26 31.73
CA ASP A 313 -2.61 0.89 31.42
C ASP A 313 -3.57 0.03 32.22
N ARG A 314 -3.98 -1.10 31.66
CA ARG A 314 -4.87 -2.00 32.39
C ARG A 314 -4.19 -2.45 33.70
N ILE A 315 -2.94 -2.89 33.57
CA ILE A 315 -2.17 -3.31 34.73
C ILE A 315 -2.07 -2.10 35.65
N PRO A 316 -2.65 -2.21 36.85
CA PRO A 316 -2.61 -1.08 37.78
C PRO A 316 -1.19 -0.64 38.15
N GLY A 317 -0.99 0.68 38.10
CA GLY A 317 0.31 1.24 38.41
C GLY A 317 1.07 1.60 37.14
N ARG A 318 0.49 1.26 35.99
CA ARG A 318 1.17 1.56 34.74
C ARG A 318 0.44 2.56 33.84
N ALA A 319 1.20 3.09 32.89
CA ALA A 319 0.65 4.04 31.94
C ALA A 319 1.21 3.75 30.55
N ILE A 320 0.50 4.22 29.55
CA ILE A 320 0.89 4.07 28.18
C ILE A 320 1.05 5.45 27.54
N ILE A 321 2.14 5.64 26.80
CA ILE A 321 2.42 6.89 26.11
C ILE A 321 2.63 6.62 24.61
N ILE A 322 1.83 7.27 23.77
CA ILE A 322 1.95 7.14 22.31
C ILE A 322 2.51 8.47 21.80
N SER A 323 3.56 8.41 20.97
CA SER A 323 4.19 9.63 20.41
C SER A 323 4.48 9.38 18.90
N VAL A 324 3.96 10.24 18.03
CA VAL A 324 4.17 10.07 16.59
C VAL A 324 4.79 11.29 15.89
N ILE A 325 5.46 11.02 14.77
CA ILE A 325 6.10 12.05 13.94
C ILE A 325 6.24 11.50 12.52
N ASP A 326 6.65 12.35 11.60
CA ASP A 326 6.97 11.91 10.23
C ASP A 326 8.47 11.65 10.48
N ASN A 327 8.91 10.41 10.30
CA ASN A 327 10.32 10.09 10.58
C ASN A 327 11.34 10.90 9.77
N LEU A 328 10.95 11.34 8.59
CA LEU A 328 11.84 12.13 7.74
C LEU A 328 11.92 13.62 8.13
N VAL A 329 10.90 14.15 8.81
CA VAL A 329 10.86 15.56 9.18
C VAL A 329 11.24 15.84 10.63
N LYS A 330 10.30 15.71 11.56
CA LYS A 330 10.71 15.97 12.94
C LYS A 330 11.75 14.94 13.34
N GLY A 331 11.71 13.80 12.64
CA GLY A 331 12.64 12.71 12.93
C GLY A 331 13.99 12.89 12.28
N ALA A 332 14.07 13.83 11.34
CA ALA A 332 15.34 14.07 10.67
C ALA A 332 15.56 15.50 10.18
N SER A 333 15.34 15.70 8.88
CA SER A 333 15.58 16.96 8.21
C SER A 333 14.80 18.18 8.67
N GLY A 334 13.54 17.97 9.06
CA GLY A 334 12.70 19.05 9.57
C GLY A 334 13.26 19.62 10.85
N GLN A 335 13.63 18.74 11.77
CA GLN A 335 14.21 19.16 13.05
C GLN A 335 15.55 19.84 12.80
N ALA A 336 16.39 19.22 11.97
CA ALA A 336 17.68 19.76 11.63
C ALA A 336 17.53 21.24 11.24
N LEU A 337 16.50 21.55 10.44
CA LEU A 337 16.27 22.92 9.99
C LEU A 337 15.84 23.77 11.17
N GLN A 338 15.09 23.16 12.07
CA GLN A 338 14.63 23.82 13.29
C GLN A 338 15.87 24.31 14.04
N ASN A 339 16.88 23.45 14.14
CA ASN A 339 18.12 23.82 14.85
C ASN A 339 18.95 24.86 14.10
N LEU A 340 19.19 24.67 12.80
CA LEU A 340 19.99 25.66 12.09
C LEU A 340 19.29 27.01 12.13
N ASN A 341 17.96 27.01 12.04
CA ASN A 341 17.20 28.26 12.10
C ASN A 341 17.66 29.11 13.28
N ILE A 342 17.56 28.58 14.49
CA ILE A 342 17.95 29.35 15.66
C ILE A 342 19.46 29.57 15.77
N MET A 343 20.25 28.55 15.44
CA MET A 343 21.71 28.69 15.48
C MET A 343 22.16 29.91 14.66
N LEU A 344 21.46 30.21 13.57
CA LEU A 344 21.80 31.36 12.73
C LEU A 344 21.05 32.62 13.14
N GLY A 345 20.26 32.53 14.20
CA GLY A 345 19.52 33.68 14.65
C GLY A 345 18.24 33.96 13.88
N TYR A 346 17.64 32.96 13.23
CA TYR A 346 16.37 33.21 12.53
C TYR A 346 15.24 32.60 13.35
N PRO A 347 14.00 32.97 13.06
CA PRO A 347 12.90 32.40 13.83
C PRO A 347 12.88 30.88 13.65
N GLU A 348 12.76 30.18 14.78
CA GLU A 348 12.74 28.71 14.82
C GLU A 348 11.83 27.97 13.79
N THR A 349 10.63 28.49 13.56
CA THR A 349 9.67 27.86 12.65
C THR A 349 9.82 28.23 11.19
N THR A 350 10.79 29.08 10.87
CA THR A 350 10.97 29.48 9.48
C THR A 350 11.06 28.27 8.55
N GLY A 351 10.19 28.28 7.55
CA GLY A 351 10.15 27.20 6.58
C GLY A 351 9.70 25.86 7.17
N LEU A 352 9.16 25.87 8.38
CA LEU A 352 8.71 24.61 8.98
C LEU A 352 7.22 24.55 9.30
N LEU A 353 6.42 25.38 8.67
CA LEU A 353 5.01 25.37 8.97
C LEU A 353 4.12 24.60 7.98
N HIS A 354 4.72 23.74 7.15
CA HIS A 354 3.91 22.94 6.23
C HIS A 354 2.90 22.18 7.09
N GLN A 355 1.68 22.04 6.58
CA GLN A 355 0.64 21.33 7.31
C GLN A 355 0.54 19.92 6.73
N PRO A 356 0.13 18.94 7.55
CA PRO A 356 0.02 17.53 7.12
C PRO A 356 -0.60 17.29 5.75
N LEU A 357 -0.08 16.33 4.99
CA LEU A 357 -0.66 16.05 3.67
C LEU A 357 -1.67 14.91 3.75
N PHE A 358 -2.91 15.25 4.05
CA PHE A 358 -3.97 14.25 4.14
C PHE A 358 -5.11 14.64 3.16
N PRO A 359 -5.56 13.69 2.33
CA PRO A 359 -5.02 12.32 2.30
C PRO A 359 -3.80 12.22 1.40
N LYS B 15 -4.59 39.51 7.65
CA LYS B 15 -4.70 39.22 6.19
C LYS B 15 -5.90 39.94 5.56
N ASP B 16 -5.67 40.60 4.44
CA ASP B 16 -6.68 41.39 3.74
C ASP B 16 -7.92 40.67 3.19
N ILE B 17 -7.80 39.38 2.94
CA ILE B 17 -8.93 38.64 2.38
C ILE B 17 -9.51 37.60 3.31
N ARG B 18 -10.84 37.64 3.44
CA ARG B 18 -11.55 36.71 4.29
C ARG B 18 -12.19 35.69 3.36
N ILE B 19 -11.91 34.42 3.62
CA ILE B 19 -12.44 33.36 2.77
C ILE B 19 -13.52 32.52 3.43
N GLY B 20 -14.53 32.15 2.66
CA GLY B 20 -15.58 31.30 3.18
C GLY B 20 -15.52 29.95 2.47
N LEU B 21 -15.72 28.85 3.19
CA LEU B 21 -15.70 27.53 2.56
C LEU B 21 -17.04 26.79 2.68
N LEU B 22 -17.67 26.45 1.56
CA LEU B 22 -18.93 25.72 1.63
C LEU B 22 -18.63 24.23 1.47
N GLY B 23 -18.84 23.48 2.56
CA GLY B 23 -18.58 22.05 2.55
C GLY B 23 -17.15 21.77 2.94
N ALA B 24 -16.82 22.04 4.19
CA ALA B 24 -15.47 21.86 4.68
C ALA B 24 -15.13 20.49 5.26
N SER B 25 -16.11 19.60 5.39
CA SER B 25 -15.84 18.30 5.98
C SER B 25 -15.28 17.25 5.01
N GLY B 26 -15.00 17.66 3.77
CA GLY B 26 -14.48 16.74 2.79
C GLY B 26 -13.01 16.97 2.56
N TYR B 27 -12.39 16.10 1.74
CA TYR B 27 -10.96 16.18 1.43
C TYR B 27 -10.53 17.48 0.77
N THR B 28 -11.21 17.87 -0.30
CA THR B 28 -10.89 19.09 -1.01
C THR B 28 -10.99 20.25 -0.01
N GLY B 29 -11.93 20.13 0.92
CA GLY B 29 -12.12 21.15 1.93
C GLY B 29 -10.93 21.21 2.87
N ALA B 30 -10.39 20.03 3.18
CA ALA B 30 -9.23 19.93 4.04
C ALA B 30 -8.04 20.52 3.29
N GLU B 31 -7.93 20.18 2.00
CA GLU B 31 -6.85 20.71 1.18
C GLU B 31 -6.95 22.24 1.15
N ILE B 32 -8.15 22.80 0.94
CA ILE B 32 -8.29 24.27 0.97
C ILE B 32 -7.64 24.79 2.26
N VAL B 33 -8.07 24.25 3.39
CA VAL B 33 -7.56 24.67 4.70
C VAL B 33 -6.03 24.47 4.84
N ARG B 34 -5.54 23.29 4.43
CA ARG B 34 -4.11 23.03 4.51
C ARG B 34 -3.37 24.13 3.74
N LEU B 35 -3.73 24.32 2.47
CA LEU B 35 -3.08 25.31 1.62
C LEU B 35 -3.11 26.76 2.16
N LEU B 36 -4.29 27.20 2.61
CA LEU B 36 -4.49 28.56 3.10
C LEU B 36 -3.75 28.87 4.39
N ALA B 37 -3.54 27.85 5.20
CA ALA B 37 -2.85 28.02 6.47
C ALA B 37 -1.66 28.98 6.37
N ASN B 38 -0.72 28.65 5.50
CA ASN B 38 0.46 29.48 5.35
C ASN B 38 0.30 30.52 4.26
N HIS B 39 -0.93 30.72 3.81
CA HIS B 39 -1.16 31.69 2.77
C HIS B 39 -1.10 33.13 3.31
N PRO B 40 -0.32 33.99 2.66
CA PRO B 40 -0.16 35.39 3.07
C PRO B 40 -1.40 36.30 3.16
N HIS B 41 -2.30 36.23 2.19
CA HIS B 41 -3.47 37.11 2.15
C HIS B 41 -4.86 36.48 2.16
N PHE B 42 -4.91 35.15 2.10
CA PHE B 42 -6.19 34.45 2.10
C PHE B 42 -6.30 33.77 3.46
N GLN B 43 -7.37 34.11 4.18
CA GLN B 43 -7.65 33.57 5.50
C GLN B 43 -9.06 33.01 5.58
N VAL B 44 -9.19 31.80 6.12
CA VAL B 44 -10.50 31.18 6.28
C VAL B 44 -11.18 31.79 7.52
N THR B 45 -12.43 32.21 7.41
CA THR B 45 -13.11 32.80 8.57
C THR B 45 -14.49 32.21 8.71
N LEU B 46 -14.90 31.47 7.69
CA LEU B 46 -16.20 30.87 7.68
C LEU B 46 -16.12 29.50 7.04
N MET B 47 -16.70 28.48 7.66
CA MET B 47 -16.70 27.13 7.10
C MET B 47 -18.01 26.40 7.40
N THR B 48 -18.67 25.92 6.35
CA THR B 48 -19.92 25.21 6.56
C THR B 48 -19.73 23.71 6.35
N ALA B 49 -20.47 22.95 7.14
CA ALA B 49 -20.44 21.49 7.06
C ALA B 49 -21.77 21.00 7.61
N ASP B 50 -22.81 21.22 6.82
CA ASP B 50 -24.18 20.84 7.20
C ASP B 50 -24.28 19.69 8.20
N ARG B 51 -24.00 18.47 7.76
CA ARG B 51 -24.09 17.32 8.67
C ARG B 51 -23.30 17.50 9.96
N LYS B 52 -21.98 17.42 9.87
CA LYS B 52 -21.12 17.57 11.05
C LYS B 52 -21.01 19.03 11.47
N ALA B 53 -22.11 19.77 11.35
CA ALA B 53 -22.13 21.18 11.72
C ALA B 53 -22.13 21.33 13.23
N GLY B 54 -21.76 22.52 13.70
CA GLY B 54 -21.72 22.75 15.13
C GLY B 54 -20.46 22.19 15.74
N GLN B 55 -19.78 21.31 15.01
CA GLN B 55 -18.56 20.70 15.51
C GLN B 55 -17.33 21.53 15.14
N SER B 56 -16.15 21.00 15.45
CA SER B 56 -14.91 21.69 15.13
C SER B 56 -14.24 21.02 13.93
N MET B 57 -13.58 21.80 13.08
CA MET B 57 -12.92 21.21 11.92
C MET B 57 -11.88 20.22 12.44
N GLU B 58 -11.32 20.53 13.60
CA GLU B 58 -10.30 19.68 14.22
C GLU B 58 -10.84 18.30 14.54
N SER B 59 -12.11 18.24 14.95
CA SER B 59 -12.73 16.97 15.29
C SER B 59 -13.04 16.15 14.05
N VAL B 60 -13.09 16.81 12.90
CA VAL B 60 -13.37 16.09 11.66
C VAL B 60 -12.05 15.69 10.99
N PHE B 61 -11.09 16.61 11.02
CA PHE B 61 -9.77 16.39 10.42
C PHE B 61 -8.75 16.74 11.46
N PRO B 62 -8.43 15.78 12.35
CA PRO B 62 -7.45 16.05 13.39
C PRO B 62 -6.07 16.48 12.92
N HIS B 63 -5.73 16.25 11.66
CA HIS B 63 -4.42 16.67 11.16
C HIS B 63 -4.35 18.19 11.02
N LEU B 64 -5.49 18.86 11.20
CA LEU B 64 -5.53 20.31 11.08
C LEU B 64 -5.38 21.04 12.41
N ARG B 65 -5.08 20.30 13.46
CA ARG B 65 -4.95 20.90 14.78
C ARG B 65 -3.96 22.06 14.98
N ALA B 66 -2.92 22.16 14.15
CA ALA B 66 -1.96 23.26 14.31
C ALA B 66 -2.61 24.59 13.93
N GLN B 67 -3.79 24.51 13.34
CA GLN B 67 -4.49 25.72 12.95
C GLN B 67 -5.65 26.04 13.89
N LYS B 68 -6.01 27.32 13.92
CA LYS B 68 -7.13 27.81 14.71
C LYS B 68 -8.14 28.22 13.67
N LEU B 69 -9.20 27.43 13.54
CA LEU B 69 -10.22 27.70 12.56
C LEU B 69 -11.56 27.98 13.21
N PRO B 70 -12.44 28.73 12.53
CA PRO B 70 -13.74 29.00 13.14
C PRO B 70 -14.54 27.73 13.20
N THR B 71 -15.38 27.60 14.21
CA THR B 71 -16.23 26.43 14.38
C THR B 71 -17.10 26.27 13.13
N LEU B 72 -17.34 25.05 12.72
CA LEU B 72 -18.16 24.83 11.54
C LEU B 72 -19.55 25.47 11.69
N VAL B 73 -20.13 25.87 10.56
CA VAL B 73 -21.45 26.48 10.53
C VAL B 73 -22.37 25.61 9.68
N SER B 74 -23.62 26.04 9.54
CA SER B 74 -24.59 25.31 8.73
C SER B 74 -24.70 25.99 7.37
N VAL B 75 -24.93 25.21 6.33
CA VAL B 75 -25.04 25.79 5.00
C VAL B 75 -26.32 26.62 4.96
N LYS B 76 -27.28 26.24 5.80
CA LYS B 76 -28.56 26.96 5.86
C LYS B 76 -28.66 27.79 7.13
N ASP B 77 -27.55 28.38 7.56
CA ASP B 77 -27.53 29.20 8.77
C ASP B 77 -26.38 30.20 8.75
N ALA B 78 -26.00 30.67 7.58
CA ALA B 78 -24.91 31.63 7.51
C ALA B 78 -25.10 32.66 6.41
N ASP B 79 -24.52 33.84 6.62
CA ASP B 79 -24.61 34.93 5.64
C ASP B 79 -23.20 35.28 5.17
N PHE B 80 -23.04 35.35 3.87
CA PHE B 80 -21.75 35.64 3.30
C PHE B 80 -21.42 37.11 3.18
N SER B 81 -21.56 37.82 4.30
CA SER B 81 -21.23 39.24 4.32
C SER B 81 -19.91 39.37 5.08
N THR B 82 -19.56 38.31 5.79
CA THR B 82 -18.33 38.25 6.60
C THR B 82 -17.06 38.04 5.77
N VAL B 83 -17.23 37.39 4.62
CA VAL B 83 -16.12 37.07 3.75
C VAL B 83 -16.11 37.87 2.45
N ASP B 84 -15.01 37.78 1.72
CA ASP B 84 -14.83 38.49 0.47
C ASP B 84 -14.81 37.54 -0.72
N ALA B 85 -14.56 36.25 -0.46
CA ALA B 85 -14.51 35.24 -1.51
C ALA B 85 -15.01 33.88 -1.01
N VAL B 86 -15.56 33.08 -1.91
CA VAL B 86 -16.07 31.78 -1.54
C VAL B 86 -15.51 30.62 -2.36
N PHE B 87 -15.05 29.59 -1.66
CA PHE B 87 -14.57 28.37 -2.32
C PHE B 87 -15.74 27.43 -2.00
N CYS B 88 -16.46 26.95 -3.01
CA CYS B 88 -17.57 26.06 -2.72
C CYS B 88 -17.27 24.59 -3.04
N CYS B 89 -17.26 23.76 -2.00
CA CYS B 89 -16.99 22.33 -2.14
C CYS B 89 -18.20 21.53 -1.71
N LEU B 90 -19.37 21.90 -2.20
CA LEU B 90 -20.58 21.20 -1.84
C LEU B 90 -20.89 20.10 -2.83
N PRO B 91 -21.87 19.26 -2.49
CA PRO B 91 -22.26 18.15 -3.36
C PRO B 91 -22.97 18.59 -4.64
N HIS B 92 -22.72 17.85 -5.72
CA HIS B 92 -23.37 18.15 -6.99
C HIS B 92 -24.88 18.13 -6.75
N GLY B 93 -25.61 18.97 -7.46
CA GLY B 93 -27.05 18.98 -7.28
C GLY B 93 -27.51 19.87 -6.14
N THR B 94 -26.57 20.39 -5.37
CA THR B 94 -26.91 21.26 -4.25
C THR B 94 -26.16 22.59 -4.34
N THR B 95 -25.32 22.73 -5.36
CA THR B 95 -24.54 23.94 -5.53
C THR B 95 -25.21 25.06 -6.32
N GLN B 96 -25.92 24.71 -7.40
CA GLN B 96 -26.57 25.73 -8.20
C GLN B 96 -27.48 26.66 -7.36
N GLU B 97 -28.54 26.12 -6.77
CA GLU B 97 -29.44 26.95 -5.98
C GLU B 97 -28.73 27.75 -4.87
N ILE B 98 -27.72 27.16 -4.24
CA ILE B 98 -27.01 27.88 -3.19
C ILE B 98 -26.19 29.04 -3.77
N ILE B 99 -25.38 28.76 -4.78
CA ILE B 99 -24.53 29.78 -5.40
C ILE B 99 -25.33 30.90 -6.06
N LYS B 100 -26.34 30.50 -6.84
CA LYS B 100 -27.21 31.44 -7.54
C LYS B 100 -27.82 32.48 -6.60
N GLU B 101 -27.98 32.14 -5.34
CA GLU B 101 -28.56 33.07 -4.38
C GLU B 101 -27.55 33.68 -3.43
N LEU B 102 -26.26 33.72 -3.82
CA LEU B 102 -25.24 34.30 -2.95
C LEU B 102 -24.97 35.77 -3.28
N PRO B 103 -24.54 36.57 -2.29
CA PRO B 103 -24.27 37.98 -2.54
C PRO B 103 -23.39 38.20 -3.78
N THR B 104 -23.72 39.24 -4.54
CA THR B 104 -23.04 39.58 -5.78
C THR B 104 -21.66 40.20 -5.63
N ALA B 105 -21.36 40.72 -4.45
CA ALA B 105 -20.06 41.34 -4.24
C ALA B 105 -18.99 40.30 -3.95
N LEU B 106 -19.41 39.05 -3.93
CA LEU B 106 -18.53 37.93 -3.64
C LEU B 106 -17.83 37.33 -4.84
N LYS B 107 -16.52 37.09 -4.71
CA LYS B 107 -15.74 36.41 -5.75
C LYS B 107 -15.90 34.94 -5.29
N ILE B 108 -16.32 34.06 -6.19
CA ILE B 108 -16.57 32.67 -5.80
C ILE B 108 -16.04 31.61 -6.73
N VAL B 109 -15.33 30.64 -6.19
CA VAL B 109 -14.85 29.53 -7.01
C VAL B 109 -15.60 28.28 -6.59
N ASP B 110 -16.32 27.69 -7.54
CA ASP B 110 -17.11 26.47 -7.32
C ASP B 110 -16.25 25.26 -7.67
N LEU B 111 -16.07 24.30 -6.77
CA LEU B 111 -15.24 23.14 -7.09
C LEU B 111 -16.07 21.97 -7.58
N SER B 112 -17.39 22.07 -7.38
CA SER B 112 -18.34 21.05 -7.81
C SER B 112 -18.41 21.07 -9.35
N ALA B 113 -19.26 20.23 -9.92
CA ALA B 113 -19.36 20.19 -11.37
C ALA B 113 -20.56 20.97 -11.93
N ASP B 114 -21.44 21.44 -11.05
CA ASP B 114 -22.66 22.13 -11.46
C ASP B 114 -22.54 23.25 -12.48
N PHE B 115 -21.46 24.02 -12.45
CA PHE B 115 -21.29 25.12 -13.39
C PHE B 115 -20.17 24.96 -14.44
N ARG B 116 -19.88 23.71 -14.84
CA ARG B 116 -18.84 23.45 -15.84
C ARG B 116 -19.36 23.42 -17.28
N LEU B 117 -20.47 22.73 -17.50
CA LEU B 117 -21.04 22.62 -18.84
C LEU B 117 -21.86 23.84 -19.28
N ARG B 118 -21.52 24.39 -20.44
CA ARG B 118 -22.21 25.57 -20.99
C ARG B 118 -23.51 25.22 -21.70
N ASN B 119 -23.76 23.92 -21.88
CA ASN B 119 -24.95 23.47 -22.56
C ASN B 119 -25.85 22.78 -21.54
N ILE B 120 -26.90 23.48 -21.15
CA ILE B 120 -27.87 23.01 -20.17
C ILE B 120 -28.49 21.66 -20.52
N ALA B 121 -28.69 21.41 -21.81
CA ALA B 121 -29.27 20.15 -22.24
C ALA B 121 -28.34 19.00 -21.87
N GLU B 122 -27.04 19.21 -22.07
CA GLU B 122 -26.04 18.19 -21.73
C GLU B 122 -25.94 18.02 -20.22
N TYR B 123 -26.04 19.13 -19.49
CA TYR B 123 -25.96 19.06 -18.03
C TYR B 123 -27.06 18.16 -17.46
N GLU B 124 -28.29 18.36 -17.92
CA GLU B 124 -29.44 17.59 -17.44
C GLU B 124 -29.31 16.10 -17.77
N GLU B 125 -29.04 15.77 -19.03
CA GLU B 125 -28.92 14.36 -19.39
C GLU B 125 -27.75 13.62 -18.73
N TRP B 126 -26.59 14.27 -18.64
CA TRP B 126 -25.45 13.61 -18.02
C TRP B 126 -25.52 13.61 -16.49
N TYR B 127 -26.24 14.56 -15.90
CA TYR B 127 -26.31 14.64 -14.45
C TYR B 127 -27.66 14.28 -13.84
N GLY B 128 -28.62 13.96 -14.68
CA GLY B 128 -29.95 13.56 -14.21
C GLY B 128 -30.77 14.60 -13.46
N GLN B 129 -30.61 15.86 -13.81
CA GLN B 129 -31.36 16.92 -13.17
C GLN B 129 -31.26 18.18 -14.01
N PRO B 130 -32.32 18.98 -14.02
CA PRO B 130 -32.27 20.22 -14.81
C PRO B 130 -31.37 21.24 -14.13
N HIS B 131 -30.81 22.13 -14.94
CA HIS B 131 -29.96 23.19 -14.45
C HIS B 131 -30.89 24.16 -13.74
N LYS B 132 -30.49 24.66 -12.58
CA LYS B 132 -31.33 25.57 -11.83
C LYS B 132 -30.77 26.98 -11.69
N ALA B 133 -29.71 27.27 -12.42
CA ALA B 133 -29.12 28.60 -12.37
C ALA B 133 -28.55 28.96 -13.74
N VAL B 134 -29.36 28.70 -14.76
CA VAL B 134 -29.02 28.95 -16.17
C VAL B 134 -28.53 30.38 -16.48
N GLU B 135 -29.14 31.37 -15.83
CA GLU B 135 -28.75 32.75 -16.06
C GLU B 135 -27.31 33.05 -15.67
N LEU B 136 -27.02 32.84 -14.39
CA LEU B 136 -25.67 33.09 -13.87
C LEU B 136 -24.63 32.22 -14.60
N GLN B 137 -25.06 31.03 -15.03
CA GLN B 137 -24.18 30.11 -15.73
C GLN B 137 -23.42 30.78 -16.85
N LYS B 138 -24.07 31.78 -17.45
CA LYS B 138 -23.50 32.52 -18.57
C LYS B 138 -22.29 33.37 -18.24
N GLU B 139 -22.15 33.78 -16.98
CA GLU B 139 -21.02 34.60 -16.59
C GLU B 139 -19.86 33.85 -15.90
N VAL B 140 -20.08 32.59 -15.51
CA VAL B 140 -19.01 31.85 -14.83
C VAL B 140 -17.83 31.46 -15.73
N VAL B 141 -16.61 31.58 -15.23
CA VAL B 141 -15.45 31.17 -16.03
C VAL B 141 -14.97 29.81 -15.49
N TYR B 142 -14.35 29.02 -16.36
CA TYR B 142 -13.81 27.68 -16.09
C TYR B 142 -12.74 27.71 -15.01
N GLY B 143 -11.68 26.93 -15.17
CA GLY B 143 -10.66 26.96 -14.15
C GLY B 143 -9.25 26.66 -14.59
N LEU B 144 -9.10 25.99 -15.74
CA LEU B 144 -7.77 25.70 -16.22
C LEU B 144 -7.00 27.02 -16.40
N THR B 145 -6.30 27.45 -15.36
CA THR B 145 -5.59 28.74 -15.38
C THR B 145 -4.65 29.06 -16.55
N GLU B 146 -3.56 28.31 -16.70
CA GLU B 146 -2.57 28.54 -17.76
C GLU B 146 -3.19 28.83 -19.13
N ILE B 147 -4.46 28.48 -19.33
CA ILE B 147 -5.12 28.71 -20.60
C ILE B 147 -6.19 29.81 -20.61
N LEU B 148 -7.02 29.86 -19.57
CA LEU B 148 -8.08 30.86 -19.54
C LEU B 148 -7.90 32.00 -18.54
N ARG B 149 -6.66 32.23 -18.15
CA ARG B 149 -6.33 33.29 -17.21
C ARG B 149 -7.03 34.62 -17.48
N GLU B 150 -6.95 35.11 -18.73
CA GLU B 150 -7.56 36.42 -19.06
C GLU B 150 -9.02 36.54 -18.66
N ASP B 151 -9.83 35.56 -19.05
CA ASP B 151 -11.23 35.58 -18.69
C ASP B 151 -11.44 35.30 -17.21
N ILE B 152 -10.64 34.37 -16.69
CA ILE B 152 -10.74 34.00 -15.27
C ILE B 152 -10.59 35.20 -14.34
N LYS B 153 -9.57 36.02 -14.61
CA LYS B 153 -9.24 37.20 -13.80
C LYS B 153 -10.45 38.09 -13.54
N LYS B 154 -11.06 38.56 -14.61
CA LYS B 154 -12.20 39.45 -14.48
C LYS B 154 -13.54 38.75 -14.28
N ALA B 155 -13.49 37.52 -13.77
CA ALA B 155 -14.71 36.77 -13.50
C ALA B 155 -15.04 36.89 -12.01
N ARG B 156 -16.34 36.81 -11.70
CA ARG B 156 -16.81 36.88 -10.33
C ARG B 156 -16.99 35.46 -9.79
N LEU B 157 -17.65 34.61 -10.58
CA LEU B 157 -17.88 33.22 -10.18
C LEU B 157 -17.11 32.30 -11.12
N VAL B 158 -16.28 31.44 -10.53
CA VAL B 158 -15.47 30.50 -11.30
C VAL B 158 -15.74 29.04 -10.95
N ALA B 159 -15.96 28.27 -12.01
CA ALA B 159 -16.22 26.83 -11.94
C ALA B 159 -14.89 26.10 -12.06
N ASN B 160 -14.67 25.14 -11.17
CA ASN B 160 -13.43 24.42 -11.23
C ASN B 160 -13.64 23.09 -11.93
N PRO B 161 -12.83 22.80 -12.96
CA PRO B 161 -12.96 21.54 -13.70
C PRO B 161 -12.72 20.22 -12.99
N GLY B 162 -12.94 19.15 -13.74
CA GLY B 162 -12.73 17.82 -13.21
C GLY B 162 -11.25 17.57 -13.28
N CYS B 163 -10.79 16.63 -12.46
CA CYS B 163 -9.38 16.27 -12.38
C CYS B 163 -8.91 15.60 -13.67
N TYR B 164 -9.66 14.61 -14.14
CA TYR B 164 -9.29 13.94 -15.38
C TYR B 164 -9.24 14.96 -16.54
N PRO B 165 -10.33 15.75 -16.74
CA PRO B 165 -10.38 16.75 -17.83
C PRO B 165 -9.17 17.69 -17.88
N THR B 166 -8.62 18.01 -16.71
CA THR B 166 -7.45 18.88 -16.58
C THR B 166 -6.22 18.24 -17.23
N THR B 167 -5.94 16.98 -16.89
CA THR B 167 -4.79 16.27 -17.44
C THR B 167 -4.89 16.12 -18.95
N ILE B 168 -6.11 16.07 -19.46
CA ILE B 168 -6.38 15.89 -20.88
C ILE B 168 -6.33 17.17 -21.74
N GLN B 169 -7.01 18.22 -21.26
CA GLN B 169 -7.04 19.48 -22.00
C GLN B 169 -5.71 20.20 -22.10
N LEU B 170 -4.95 20.21 -21.01
CA LEU B 170 -3.65 20.89 -21.02
C LEU B 170 -2.75 20.44 -22.20
N PRO B 171 -2.69 19.13 -22.50
CA PRO B 171 -1.82 18.78 -23.64
C PRO B 171 -2.55 18.87 -24.98
N LEU B 172 -3.82 18.51 -25.02
CA LEU B 172 -4.55 18.50 -26.28
C LEU B 172 -5.04 19.83 -26.85
N VAL B 173 -5.44 20.76 -25.99
CA VAL B 173 -5.93 22.05 -26.48
C VAL B 173 -4.86 22.74 -27.38
N PRO B 174 -3.63 22.92 -26.88
CA PRO B 174 -2.53 23.54 -27.65
C PRO B 174 -2.24 22.78 -28.95
N LEU B 175 -2.38 21.45 -28.89
CA LEU B 175 -2.14 20.61 -30.08
C LEU B 175 -3.29 20.71 -31.09
N LEU B 176 -4.52 20.81 -30.59
CA LEU B 176 -5.65 20.93 -31.48
C LEU B 176 -5.68 22.32 -32.12
N LYS B 177 -5.49 23.34 -31.31
CA LYS B 177 -5.49 24.71 -31.80
C LYS B 177 -4.53 24.85 -32.99
N ALA B 178 -3.36 24.24 -32.86
CA ALA B 178 -2.32 24.27 -33.89
C ALA B 178 -2.49 23.23 -34.99
N ASN B 179 -3.61 22.52 -34.98
CA ASN B 179 -3.89 21.48 -35.99
C ASN B 179 -2.78 20.43 -36.12
N LEU B 180 -2.07 20.17 -35.02
CA LEU B 180 -0.98 19.19 -35.05
C LEU B 180 -1.46 17.75 -34.91
N ILE B 181 -2.69 17.56 -34.42
CA ILE B 181 -3.24 16.23 -34.24
C ILE B 181 -4.70 16.18 -34.65
N LYS B 182 -5.11 15.07 -35.26
CA LYS B 182 -6.49 14.93 -35.69
C LYS B 182 -7.41 14.91 -34.47
N HIS B 183 -8.64 15.37 -34.61
CA HIS B 183 -9.54 15.36 -33.46
C HIS B 183 -10.44 14.16 -33.49
N GLU B 184 -10.05 13.16 -34.25
CA GLU B 184 -10.81 11.93 -34.36
C GLU B 184 -10.05 10.82 -33.65
N ASN B 185 -10.81 9.95 -33.00
CA ASN B 185 -10.23 8.81 -32.31
C ASN B 185 -9.13 9.08 -31.26
N ILE B 186 -9.31 10.12 -30.48
CA ILE B 186 -8.35 10.42 -29.42
C ILE B 186 -8.73 9.45 -28.31
N ILE B 187 -7.83 8.49 -28.03
CA ILE B 187 -8.08 7.48 -27.02
C ILE B 187 -7.38 7.78 -25.70
N ILE B 188 -8.20 7.93 -24.66
CA ILE B 188 -7.70 8.25 -23.35
C ILE B 188 -7.90 7.11 -22.36
N ASP B 189 -6.80 6.65 -21.77
CA ASP B 189 -6.83 5.60 -20.78
C ASP B 189 -6.30 6.24 -19.52
N ALA B 190 -7.17 6.44 -18.53
CA ALA B 190 -6.80 7.13 -17.32
C ALA B 190 -6.78 6.33 -16.02
N LYS B 191 -6.05 6.87 -15.05
CA LYS B 191 -5.88 6.24 -13.74
C LYS B 191 -5.93 7.29 -12.65
N SER B 192 -6.46 6.93 -11.50
CA SER B 192 -6.53 7.89 -10.40
C SER B 192 -6.45 7.25 -9.03
N GLY B 193 -5.77 7.94 -8.11
CA GLY B 193 -5.69 7.47 -6.76
C GLY B 193 -7.12 7.47 -6.25
N VAL B 194 -7.41 6.56 -5.34
CA VAL B 194 -8.78 6.45 -4.83
C VAL B 194 -9.32 7.69 -4.09
N SER B 195 -8.46 8.62 -3.69
CA SER B 195 -8.91 9.84 -3.00
C SER B 195 -9.93 10.61 -3.84
N GLY B 196 -9.97 10.29 -5.14
CA GLY B 196 -10.91 10.95 -6.04
C GLY B 196 -12.36 10.48 -5.87
N ALA B 197 -12.58 9.33 -5.22
CA ALA B 197 -13.91 8.82 -5.02
C ALA B 197 -14.56 9.46 -3.79
N GLY B 198 -13.82 10.35 -3.11
CA GLY B 198 -14.35 11.03 -1.94
C GLY B 198 -14.23 10.26 -0.65
N ARG B 199 -14.53 10.93 0.46
CA ARG B 199 -14.44 10.36 1.80
C ARG B 199 -15.73 9.65 2.24
N GLY B 200 -16.69 9.48 1.33
CA GLY B 200 -17.93 8.80 1.68
C GLY B 200 -17.63 7.39 2.17
N ALA B 201 -18.41 6.95 3.16
CA ALA B 201 -18.25 5.63 3.77
C ALA B 201 -18.90 4.51 2.98
N LYS B 202 -18.23 4.02 1.95
CA LYS B 202 -18.80 2.94 1.17
C LYS B 202 -17.90 1.73 1.04
N GLU B 203 -18.54 0.58 0.98
CA GLU B 203 -17.85 -0.68 0.87
C GLU B 203 -16.75 -0.68 -0.20
N ALA B 204 -17.09 -0.29 -1.43
CA ALA B 204 -16.14 -0.32 -2.52
C ALA B 204 -14.82 0.41 -2.27
N ASN B 205 -14.86 1.41 -1.39
CA ASN B 205 -13.65 2.16 -1.12
C ASN B 205 -12.91 1.74 0.14
N LEU B 206 -13.31 0.62 0.74
CA LEU B 206 -12.60 0.13 1.91
C LEU B 206 -11.18 -0.24 1.47
N TYR B 207 -10.22 -0.09 2.37
CA TYR B 207 -8.83 -0.44 2.08
C TYR B 207 -8.77 -1.90 1.59
N SER B 208 -9.44 -2.80 2.32
CA SER B 208 -9.45 -4.21 1.97
C SER B 208 -10.04 -4.51 0.61
N GLU B 209 -10.86 -3.61 0.08
CA GLU B 209 -11.49 -3.81 -1.23
C GLU B 209 -10.67 -3.24 -2.40
N ILE B 210 -10.00 -2.13 -2.13
CA ILE B 210 -9.18 -1.41 -3.11
C ILE B 210 -7.77 -1.99 -3.30
N ALA B 211 -6.95 -1.88 -2.26
CA ALA B 211 -5.56 -2.29 -2.27
C ALA B 211 -5.22 -3.58 -2.99
N GLU B 212 -4.03 -3.59 -3.57
CA GLU B 212 -3.51 -4.76 -4.25
C GLU B 212 -4.26 -5.22 -5.50
N GLY B 213 -4.85 -4.26 -6.19
CA GLY B 213 -5.58 -4.59 -7.40
C GLY B 213 -6.04 -3.37 -8.15
N ILE B 214 -6.47 -3.59 -9.40
CA ILE B 214 -7.00 -2.53 -10.20
C ILE B 214 -8.20 -2.98 -11.02
N SER B 215 -8.92 -2.00 -11.55
CA SER B 215 -10.08 -2.27 -12.38
C SER B 215 -10.51 -0.96 -13.02
N SER B 216 -11.15 -1.05 -14.17
CA SER B 216 -11.66 0.14 -14.85
C SER B 216 -12.94 0.54 -14.10
N TYR B 217 -13.54 1.66 -14.52
CA TYR B 217 -14.82 2.16 -13.99
C TYR B 217 -15.27 3.28 -14.92
N GLY B 218 -16.53 3.69 -14.80
CA GLY B 218 -17.02 4.73 -15.68
C GLY B 218 -16.73 4.37 -17.12
N VAL B 219 -16.86 3.09 -17.46
CA VAL B 219 -16.57 2.73 -18.82
C VAL B 219 -17.66 3.26 -19.75
N THR B 220 -17.23 3.87 -20.85
CA THR B 220 -18.12 4.43 -21.86
C THR B 220 -18.75 5.77 -21.48
N ARG B 221 -19.44 5.80 -20.36
CA ARG B 221 -20.12 7.01 -19.89
C ARG B 221 -19.65 7.45 -18.51
N HIS B 222 -18.92 8.55 -18.48
CA HIS B 222 -18.43 9.07 -17.22
C HIS B 222 -18.64 10.59 -17.31
N ARG B 223 -19.22 11.17 -16.27
CA ARG B 223 -19.53 12.60 -16.25
C ARG B 223 -18.40 13.57 -16.68
N HIS B 224 -17.15 13.10 -16.65
CA HIS B 224 -16.09 13.99 -17.08
C HIS B 224 -16.10 14.07 -18.60
N VAL B 225 -16.68 13.07 -19.25
CA VAL B 225 -16.68 13.06 -20.71
C VAL B 225 -17.18 14.36 -21.34
N PRO B 226 -18.45 14.75 -21.08
CA PRO B 226 -18.96 16.00 -21.68
C PRO B 226 -18.06 17.22 -21.45
N GLU B 227 -17.52 17.34 -20.24
CA GLU B 227 -16.61 18.43 -19.89
C GLU B 227 -15.34 18.37 -20.70
N ILE B 228 -14.91 17.15 -21.01
CA ILE B 228 -13.71 16.89 -21.82
C ILE B 228 -14.02 17.22 -23.28
N GLU B 229 -15.18 16.80 -23.76
CA GLU B 229 -15.53 17.08 -25.14
C GLU B 229 -16.01 18.53 -25.34
N GLN B 230 -16.40 19.23 -24.27
CA GLN B 230 -16.83 20.61 -24.39
C GLN B 230 -15.60 21.52 -24.50
N GLY B 231 -14.63 21.30 -23.61
CA GLY B 231 -13.41 22.08 -23.63
C GLY B 231 -12.56 21.80 -24.86
N LEU B 232 -12.66 20.57 -25.40
CA LEU B 232 -11.89 20.21 -26.58
C LEU B 232 -12.59 20.66 -27.87
N SER B 233 -13.89 20.38 -27.96
CA SER B 233 -14.68 20.81 -29.14
C SER B 233 -14.47 22.30 -29.45
N ASP B 234 -14.30 23.12 -28.41
CA ASP B 234 -14.08 24.55 -28.60
C ASP B 234 -12.71 24.80 -29.20
N VAL B 235 -11.73 24.01 -28.76
CA VAL B 235 -10.35 24.12 -29.24
C VAL B 235 -10.34 24.03 -30.77
N ALA B 236 -10.73 22.88 -31.30
CA ALA B 236 -10.73 22.65 -32.75
C ALA B 236 -11.91 23.29 -33.48
N GLN B 237 -12.76 23.98 -32.73
CA GLN B 237 -13.94 24.62 -33.29
C GLN B 237 -14.77 23.61 -34.09
N SER B 238 -14.66 22.33 -33.72
CA SER B 238 -15.40 21.25 -34.39
C SER B 238 -15.76 20.18 -33.35
N LYS B 239 -16.89 19.50 -33.51
CA LYS B 239 -17.34 18.49 -32.57
C LYS B 239 -16.39 17.32 -32.37
N VAL B 240 -15.78 17.27 -31.20
CA VAL B 240 -14.84 16.19 -30.88
C VAL B 240 -15.51 15.15 -29.99
N THR B 241 -15.31 13.88 -30.33
CA THR B 241 -15.86 12.76 -29.54
C THR B 241 -14.67 11.92 -29.09
N VAL B 242 -14.50 11.74 -27.78
CA VAL B 242 -13.39 10.95 -27.28
C VAL B 242 -13.80 9.63 -26.63
N SER B 243 -12.79 8.79 -26.37
CA SER B 243 -12.97 7.54 -25.66
C SER B 243 -12.22 7.84 -24.34
N PHE B 244 -12.90 7.75 -23.20
CA PHE B 244 -12.25 8.07 -21.93
C PHE B 244 -12.55 7.00 -20.89
N THR B 245 -11.58 6.11 -20.68
CA THR B 245 -11.74 5.02 -19.74
C THR B 245 -10.91 5.21 -18.48
N PRO B 246 -11.53 5.62 -17.37
CA PRO B 246 -10.88 5.84 -16.08
C PRO B 246 -10.56 4.49 -15.43
N HIS B 247 -9.55 4.48 -14.57
CA HIS B 247 -9.12 3.27 -13.84
C HIS B 247 -8.85 3.73 -12.41
N LEU B 248 -9.27 2.89 -11.44
CA LEU B 248 -9.13 3.23 -10.02
C LEU B 248 -7.87 2.67 -9.35
N MET B 249 -6.83 3.49 -9.27
CA MET B 249 -5.55 3.10 -8.67
C MET B 249 -5.68 2.68 -7.21
N PRO B 250 -4.75 1.84 -6.74
CA PRO B 250 -4.80 1.40 -5.34
C PRO B 250 -4.02 2.38 -4.45
N MET B 251 -3.82 3.59 -4.97
CA MET B 251 -3.08 4.63 -4.24
C MET B 251 -4.03 5.78 -3.88
N ILE B 252 -3.52 6.73 -3.11
CA ILE B 252 -4.31 7.87 -2.70
C ILE B 252 -4.44 8.96 -3.79
N ARG B 253 -3.31 9.50 -4.27
CA ARG B 253 -3.30 10.59 -5.25
C ARG B 253 -2.67 10.25 -6.61
N GLY B 254 -2.62 11.25 -7.49
CA GLY B 254 -2.01 11.04 -8.78
C GLY B 254 -3.00 10.57 -9.82
N MET B 255 -2.69 10.90 -11.06
CA MET B 255 -3.59 10.57 -12.14
C MET B 255 -2.76 10.62 -13.40
N GLN B 256 -3.19 9.85 -14.38
CA GLN B 256 -2.51 9.84 -15.66
C GLN B 256 -3.58 9.52 -16.67
N SER B 257 -3.80 10.40 -17.64
CA SER B 257 -4.81 10.11 -18.63
C SER B 257 -4.14 9.72 -19.92
N THR B 258 -3.00 9.01 -19.80
CA THR B 258 -2.22 8.57 -20.96
C THR B 258 -3.09 8.73 -22.21
N ILE B 259 -2.70 9.70 -23.04
CA ILE B 259 -3.45 10.05 -24.25
C ILE B 259 -2.91 9.49 -25.55
N TYR B 260 -3.80 8.89 -26.32
CA TYR B 260 -3.38 8.32 -27.58
C TYR B 260 -4.08 9.08 -28.69
N VAL B 261 -3.28 9.78 -29.48
CA VAL B 261 -3.82 10.59 -30.57
C VAL B 261 -3.18 10.34 -31.92
N GLU B 262 -3.90 10.77 -32.93
CA GLU B 262 -3.44 10.65 -34.31
C GLU B 262 -2.86 12.00 -34.70
N MET B 263 -1.72 12.00 -35.38
CA MET B 263 -1.12 13.26 -35.81
C MET B 263 -1.61 13.57 -37.22
N ALA B 264 -1.68 14.87 -37.54
CA ALA B 264 -2.13 15.33 -38.85
C ALA B 264 -1.02 15.07 -39.86
N PRO B 265 -1.37 15.08 -41.15
CA PRO B 265 -0.39 14.86 -42.23
C PRO B 265 0.89 15.68 -42.01
N GLY B 266 2.04 15.05 -42.22
CA GLY B 266 3.31 15.73 -42.06
C GLY B 266 3.88 15.70 -40.66
N VAL B 267 3.10 16.20 -39.71
CA VAL B 267 3.49 16.29 -38.32
C VAL B 267 4.25 15.08 -37.80
N ARG B 268 5.25 15.35 -36.98
CA ARG B 268 6.05 14.30 -36.37
C ARG B 268 5.98 14.50 -34.86
N THR B 269 6.34 13.48 -34.12
CA THR B 269 6.29 13.56 -32.66
C THR B 269 7.02 14.80 -32.16
N GLU B 270 8.13 15.16 -32.80
CA GLU B 270 8.90 16.33 -32.40
C GLU B 270 8.07 17.63 -32.50
N ASP B 271 7.17 17.68 -33.48
CA ASP B 271 6.31 18.85 -33.66
C ASP B 271 5.40 19.01 -32.45
N LEU B 272 4.85 17.89 -31.95
CA LEU B 272 3.97 17.99 -30.79
C LEU B 272 4.79 18.45 -29.59
N HIS B 273 6.01 17.94 -29.50
CA HIS B 273 6.85 18.34 -28.37
C HIS B 273 7.11 19.83 -28.44
N GLN B 274 7.51 20.30 -29.62
CA GLN B 274 7.82 21.72 -29.83
C GLN B 274 6.66 22.60 -29.40
N GLN B 275 5.47 22.30 -29.89
CA GLN B 275 4.29 23.08 -29.54
C GLN B 275 4.11 23.11 -28.03
N LEU B 276 4.15 21.94 -27.38
CA LEU B 276 3.99 21.89 -25.92
C LEU B 276 5.10 22.67 -25.23
N LYS B 277 6.33 22.46 -25.67
CA LYS B 277 7.45 23.16 -25.07
C LYS B 277 7.23 24.69 -25.20
N THR B 278 6.82 25.14 -26.38
CA THR B 278 6.55 26.57 -26.60
C THR B 278 5.37 27.06 -25.75
N SER B 279 4.22 26.40 -25.88
CA SER B 279 3.02 26.77 -25.15
C SER B 279 3.14 26.86 -23.63
N TYR B 280 4.04 26.10 -23.02
CA TYR B 280 4.15 26.11 -21.57
C TYR B 280 5.51 26.52 -21.01
N GLU B 281 6.37 27.05 -21.88
CA GLU B 281 7.70 27.49 -21.49
C GLU B 281 7.67 28.47 -20.31
N ASP B 282 6.72 29.39 -20.30
CA ASP B 282 6.67 30.37 -19.21
C ASP B 282 5.72 29.95 -18.07
N GLU B 283 4.86 28.97 -18.35
CA GLU B 283 3.89 28.47 -17.37
C GLU B 283 4.61 27.78 -16.25
N GLU B 284 4.36 28.22 -15.02
CA GLU B 284 4.99 27.62 -13.85
C GLU B 284 4.53 26.21 -13.51
N PHE B 285 3.22 26.02 -13.39
CA PHE B 285 2.67 24.74 -13.00
C PHE B 285 2.51 23.65 -14.05
N VAL B 286 2.97 23.90 -15.27
CA VAL B 286 2.87 22.89 -16.31
C VAL B 286 4.24 22.68 -16.93
N LYS B 287 4.86 21.54 -16.63
CA LYS B 287 6.21 21.25 -17.16
C LYS B 287 6.19 20.24 -18.31
N VAL B 288 6.93 20.56 -19.36
CA VAL B 288 7.04 19.67 -20.51
C VAL B 288 8.44 19.06 -20.48
N LEU B 289 8.52 17.79 -20.09
CA LEU B 289 9.78 17.07 -19.98
C LEU B 289 10.35 16.76 -21.35
N ASP B 290 11.60 16.32 -21.39
CA ASP B 290 12.22 15.97 -22.67
C ASP B 290 11.55 14.74 -23.26
N GLU B 291 11.48 14.70 -24.58
CA GLU B 291 10.86 13.60 -25.30
C GLU B 291 11.36 12.25 -24.79
N GLY B 292 10.44 11.28 -24.72
CA GLY B 292 10.84 9.97 -24.26
C GLY B 292 10.94 9.82 -22.75
N VAL B 293 11.18 10.91 -22.02
CA VAL B 293 11.27 10.87 -20.56
C VAL B 293 9.85 10.66 -20.04
N VAL B 294 9.68 9.57 -19.30
CA VAL B 294 8.40 9.16 -18.73
C VAL B 294 8.07 9.88 -17.44
N PRO B 295 6.95 10.62 -17.39
CA PRO B 295 6.64 11.28 -16.12
C PRO B 295 6.14 10.25 -15.12
N ARG B 296 6.35 10.53 -13.83
CA ARG B 296 5.93 9.62 -12.78
C ARG B 296 4.88 10.26 -11.91
N THR B 297 3.76 9.57 -11.72
CA THR B 297 2.68 10.05 -10.88
C THR B 297 3.26 10.59 -9.59
N HIS B 298 4.15 9.82 -8.96
CA HIS B 298 4.78 10.25 -7.69
C HIS B 298 5.41 11.63 -7.80
N ASN B 299 6.09 11.90 -8.92
CA ASN B 299 6.82 13.16 -9.15
C ASN B 299 6.17 14.47 -8.72
N VAL B 300 4.84 14.55 -8.76
CA VAL B 300 4.11 15.77 -8.39
C VAL B 300 3.26 15.63 -7.11
N ARG B 301 3.37 14.47 -6.47
CA ARG B 301 2.65 14.13 -5.25
C ARG B 301 2.60 15.24 -4.19
N GLY B 302 1.42 15.83 -4.05
CA GLY B 302 1.25 16.89 -3.07
C GLY B 302 1.64 18.28 -3.55
N SER B 303 1.62 18.49 -4.87
CA SER B 303 1.98 19.78 -5.44
C SER B 303 0.98 20.13 -6.53
N ASN B 304 1.00 21.38 -6.97
CA ASN B 304 0.06 21.83 -7.98
C ASN B 304 0.61 21.70 -9.39
N TYR B 305 1.64 20.87 -9.55
CA TYR B 305 2.33 20.65 -10.82
C TYR B 305 1.79 19.56 -11.74
N CYS B 306 1.85 19.86 -13.03
CA CYS B 306 1.47 18.92 -14.09
C CYS B 306 2.76 18.66 -14.87
N HIS B 307 2.98 17.41 -15.26
CA HIS B 307 4.14 17.03 -16.08
C HIS B 307 3.57 16.34 -17.30
N MET B 308 4.28 16.43 -18.42
CA MET B 308 3.86 15.76 -19.64
C MET B 308 5.03 15.59 -20.63
N SER B 309 5.00 14.47 -21.35
CA SER B 309 6.01 14.17 -22.35
C SER B 309 5.37 13.61 -23.64
N VAL B 310 6.10 13.68 -24.76
CA VAL B 310 5.63 13.22 -26.05
C VAL B 310 6.34 11.95 -26.54
N PHE B 311 5.59 10.88 -26.72
CA PHE B 311 6.21 9.64 -27.17
C PHE B 311 5.63 9.17 -28.48
N PRO B 312 6.49 8.61 -29.34
CA PRO B 312 5.94 8.13 -30.60
C PRO B 312 5.20 6.81 -30.32
N ASP B 313 4.15 6.56 -31.09
CA ASP B 313 3.40 5.34 -30.97
C ASP B 313 4.07 4.38 -31.96
N ARG B 314 4.02 3.09 -31.67
CA ARG B 314 4.62 2.10 -32.56
C ARG B 314 3.81 2.11 -33.85
N ILE B 315 2.52 2.43 -33.73
CA ILE B 315 1.65 2.49 -34.90
C ILE B 315 2.01 3.78 -35.64
N PRO B 316 2.62 3.66 -36.83
CA PRO B 316 2.99 4.87 -37.59
C PRO B 316 1.87 5.91 -37.68
N GLY B 317 2.23 7.18 -37.52
CA GLY B 317 1.25 8.23 -37.60
C GLY B 317 0.65 8.60 -36.26
N ARG B 318 0.82 7.73 -35.28
CA ARG B 318 0.27 7.98 -33.96
C ARG B 318 1.32 8.45 -32.96
N ALA B 319 0.85 9.06 -31.88
CA ALA B 319 1.71 9.56 -30.81
C ALA B 319 1.07 9.22 -29.48
N ILE B 320 1.88 9.22 -28.43
CA ILE B 320 1.38 8.93 -27.09
C ILE B 320 1.77 10.08 -26.19
N ILE B 321 0.79 10.60 -25.44
CA ILE B 321 1.00 11.70 -24.51
C ILE B 321 0.63 11.28 -23.09
N ILE B 322 1.57 11.46 -22.17
CA ILE B 322 1.39 11.15 -20.73
C ILE B 322 1.35 12.47 -19.99
N SER B 323 0.27 12.66 -19.23
CA SER B 323 0.05 13.87 -18.48
C SER B 323 -0.34 13.44 -17.06
N VAL B 324 0.38 13.94 -16.04
CA VAL B 324 0.07 13.57 -14.66
C VAL B 324 -0.05 14.76 -13.72
N ILE B 325 -0.81 14.56 -12.63
CA ILE B 325 -1.00 15.58 -11.60
C ILE B 325 -1.38 14.92 -10.29
N ASP B 326 -1.44 15.73 -9.25
CA ASP B 326 -1.93 15.27 -7.95
C ASP B 326 -3.43 15.61 -8.12
N ASN B 327 -4.31 14.61 -8.09
CA ASN B 327 -5.75 14.84 -8.31
C ASN B 327 -6.42 15.81 -7.36
N LEU B 328 -5.95 15.86 -6.10
CA LEU B 328 -6.51 16.77 -5.13
C LEU B 328 -5.94 18.19 -5.21
N VAL B 329 -4.85 18.39 -5.96
CA VAL B 329 -4.27 19.72 -6.04
C VAL B 329 -4.49 20.36 -7.40
N LYS B 330 -3.68 20.02 -8.40
CA LYS B 330 -3.92 20.63 -9.70
C LYS B 330 -5.20 20.03 -10.27
N GLY B 331 -5.67 18.95 -9.65
CA GLY B 331 -6.89 18.32 -10.10
C GLY B 331 -8.12 18.90 -9.41
N ALA B 332 -7.90 19.67 -8.35
CA ALA B 332 -9.01 20.27 -7.59
C ALA B 332 -8.68 21.55 -6.83
N SER B 333 -8.58 21.45 -5.51
CA SER B 333 -8.34 22.61 -4.65
C SER B 333 -7.15 23.50 -4.97
N GLY B 334 -6.08 22.90 -5.48
CA GLY B 334 -4.90 23.69 -5.86
C GLY B 334 -5.27 24.64 -7.00
N GLN B 335 -5.93 24.11 -8.03
CA GLN B 335 -6.32 24.95 -9.15
C GLN B 335 -7.35 25.99 -8.67
N ALA B 336 -8.26 25.56 -7.79
CA ALA B 336 -9.29 26.45 -7.24
C ALA B 336 -8.62 27.70 -6.69
N LEU B 337 -7.49 27.53 -6.00
CA LEU B 337 -6.76 28.66 -5.46
C LEU B 337 -6.03 29.42 -6.55
N GLN B 338 -5.49 28.70 -7.52
CA GLN B 338 -4.79 29.35 -8.62
C GLN B 338 -5.76 30.34 -9.28
N ASN B 339 -7.01 29.92 -9.46
CA ASN B 339 -8.04 30.77 -10.06
C ASN B 339 -8.43 31.97 -9.17
N LEU B 340 -8.81 31.73 -7.93
CA LEU B 340 -9.18 32.80 -7.04
C LEU B 340 -7.99 33.76 -6.87
N ASN B 341 -6.79 33.21 -6.76
CA ASN B 341 -5.60 34.04 -6.59
C ASN B 341 -5.59 35.22 -7.58
N ILE B 342 -5.72 34.91 -8.87
CA ILE B 342 -5.69 35.96 -9.88
C ILE B 342 -7.00 36.75 -10.03
N MET B 343 -8.12 36.11 -9.67
CA MET B 343 -9.43 36.76 -9.73
C MET B 343 -9.42 37.99 -8.85
N LEU B 344 -8.58 37.92 -7.81
CA LEU B 344 -8.43 38.99 -6.86
C LEU B 344 -7.19 39.81 -7.14
N GLY B 345 -6.64 39.67 -8.34
CA GLY B 345 -5.47 40.46 -8.69
C GLY B 345 -4.18 40.11 -7.97
N TYR B 346 -4.20 39.10 -7.11
CA TYR B 346 -2.98 38.67 -6.41
C TYR B 346 -2.16 37.80 -7.34
N PRO B 347 -0.84 37.68 -7.08
CA PRO B 347 0.03 36.86 -7.93
C PRO B 347 -0.54 35.44 -8.00
N GLU B 348 -0.30 34.77 -9.10
CA GLU B 348 -0.84 33.44 -9.29
C GLU B 348 -0.20 32.33 -8.42
N THR B 349 1.12 32.30 -8.34
CA THR B 349 1.85 31.29 -7.56
C THR B 349 1.77 31.42 -6.05
N THR B 350 1.27 32.57 -5.57
CA THR B 350 1.12 32.85 -4.14
C THR B 350 0.51 31.69 -3.35
N GLY B 351 1.22 31.22 -2.33
CA GLY B 351 0.73 30.10 -1.52
C GLY B 351 0.57 28.78 -2.26
N LEU B 352 1.25 28.60 -3.39
CA LEU B 352 1.12 27.36 -4.15
C LEU B 352 2.45 26.78 -4.62
N LEU B 353 3.55 27.19 -4.00
CA LEU B 353 4.87 26.70 -4.40
C LEU B 353 5.45 25.57 -3.53
N HIS B 354 4.61 24.97 -2.67
CA HIS B 354 5.02 23.84 -1.82
C HIS B 354 5.47 22.70 -2.77
N GLN B 355 6.74 22.30 -2.70
CA GLN B 355 7.23 21.24 -3.61
C GLN B 355 6.70 19.83 -3.29
N PRO B 356 6.67 18.94 -4.31
CA PRO B 356 6.17 17.57 -4.09
C PRO B 356 6.74 16.89 -2.84
N LEU B 357 5.97 15.97 -2.27
CA LEU B 357 6.42 15.24 -1.10
C LEU B 357 6.84 13.83 -1.54
N PHE B 358 8.12 13.68 -1.89
CA PHE B 358 8.65 12.39 -2.29
C PHE B 358 9.91 12.14 -1.49
N PRO B 359 10.08 10.91 -0.97
CA PRO B 359 9.09 9.84 -1.14
C PRO B 359 7.88 10.07 -0.23
N LYS C 15 5.59 -36.10 -6.07
CA LYS C 15 5.76 -37.38 -5.35
C LYS C 15 6.75 -38.27 -6.06
N ASP C 16 6.29 -38.94 -7.11
CA ASP C 16 7.12 -39.85 -7.89
C ASP C 16 7.72 -39.25 -9.15
N ILE C 17 7.44 -37.97 -9.39
CA ILE C 17 7.95 -37.28 -10.57
C ILE C 17 9.01 -36.25 -10.20
N ARG C 18 10.27 -36.60 -10.44
CA ARG C 18 11.38 -35.71 -10.13
C ARG C 18 11.24 -34.42 -10.94
N ILE C 19 11.15 -33.27 -10.27
CA ILE C 19 10.99 -31.98 -10.97
C ILE C 19 12.23 -31.12 -11.17
N GLY C 20 12.52 -30.79 -12.42
CA GLY C 20 13.66 -29.96 -12.70
C GLY C 20 13.21 -28.50 -12.76
N LEU C 21 13.96 -27.62 -12.11
CA LEU C 21 13.66 -26.21 -12.13
C LEU C 21 14.96 -25.41 -11.99
N LEU C 22 15.37 -24.73 -13.05
CA LEU C 22 16.58 -23.89 -13.00
C LEU C 22 16.20 -22.44 -12.75
N GLY C 23 17.02 -21.72 -11.98
CA GLY C 23 16.69 -20.34 -11.69
C GLY C 23 15.49 -20.35 -10.74
N ALA C 24 15.71 -20.95 -9.57
CA ALA C 24 14.70 -21.11 -8.54
C ALA C 24 14.73 -20.08 -7.44
N SER C 25 15.69 -19.16 -7.46
CA SER C 25 15.79 -18.16 -6.42
C SER C 25 14.99 -16.86 -6.66
N GLY C 26 14.27 -16.77 -7.77
CA GLY C 26 13.47 -15.57 -8.03
C GLY C 26 11.97 -15.82 -7.78
N TYR C 27 11.14 -14.80 -7.94
CA TYR C 27 9.69 -15.01 -7.69
C TYR C 27 9.06 -16.08 -8.58
N THR C 28 9.56 -16.27 -9.79
CA THR C 28 8.96 -17.31 -10.63
C THR C 28 9.24 -18.67 -10.00
N GLY C 29 10.45 -18.81 -9.44
CA GLY C 29 10.83 -20.05 -8.78
C GLY C 29 10.04 -20.27 -7.50
N ALA C 30 9.89 -19.21 -6.70
CA ALA C 30 9.13 -19.34 -5.49
C ALA C 30 7.71 -19.79 -5.86
N GLU C 31 7.12 -19.19 -6.88
CA GLU C 31 5.76 -19.55 -7.30
C GLU C 31 5.66 -21.01 -7.70
N ILE C 32 6.70 -21.53 -8.36
CA ILE C 32 6.73 -22.93 -8.77
C ILE C 32 6.69 -23.77 -7.49
N VAL C 33 7.48 -23.37 -6.48
CA VAL C 33 7.52 -24.11 -5.22
C VAL C 33 6.16 -24.05 -4.49
N ARG C 34 5.39 -23.01 -4.76
CA ARG C 34 4.07 -22.87 -4.15
C ARG C 34 3.11 -23.85 -4.79
N LEU C 35 2.92 -23.69 -6.10
CA LEU C 35 2.01 -24.57 -6.83
C LEU C 35 2.30 -26.07 -6.67
N LEU C 36 3.56 -26.46 -6.70
CA LEU C 36 3.88 -27.87 -6.56
C LEU C 36 3.58 -28.45 -5.19
N ALA C 37 3.79 -27.63 -4.15
CA ALA C 37 3.58 -28.05 -2.76
C ALA C 37 2.39 -28.98 -2.60
N ASN C 38 1.25 -28.65 -3.17
CA ASN C 38 0.13 -29.56 -3.01
C ASN C 38 -0.28 -30.27 -4.29
N HIS C 39 0.65 -30.34 -5.24
CA HIS C 39 0.38 -31.04 -6.48
C HIS C 39 0.48 -32.54 -6.16
N PRO C 40 -0.59 -33.29 -6.39
CA PRO C 40 -0.66 -34.73 -6.13
C PRO C 40 0.23 -35.69 -6.95
N HIS C 41 1.40 -35.25 -7.38
CA HIS C 41 2.30 -36.12 -8.11
C HIS C 41 3.71 -35.55 -8.40
N PHE C 42 3.82 -34.23 -8.48
CA PHE C 42 5.10 -33.59 -8.78
C PHE C 42 5.95 -33.36 -7.53
N GLN C 43 7.25 -33.57 -7.65
CA GLN C 43 8.13 -33.37 -6.52
C GLN C 43 9.42 -32.61 -6.85
N VAL C 44 9.68 -31.54 -6.10
CA VAL C 44 10.87 -30.73 -6.31
C VAL C 44 12.09 -31.32 -5.60
N THR C 45 13.00 -31.88 -6.37
CA THR C 45 14.21 -32.50 -5.80
C THR C 45 15.48 -31.76 -6.21
N LEU C 46 15.43 -31.13 -7.38
CA LEU C 46 16.57 -30.39 -7.91
C LEU C 46 16.19 -28.93 -8.05
N MET C 47 17.09 -28.03 -7.63
CA MET C 47 16.84 -26.60 -7.71
C MET C 47 18.11 -25.77 -7.99
N THR C 48 18.17 -25.19 -9.18
CA THR C 48 19.28 -24.36 -9.65
C THR C 48 19.33 -22.96 -9.04
N ALA C 49 20.54 -22.47 -8.82
CA ALA C 49 20.74 -21.14 -8.27
C ALA C 49 22.24 -20.90 -8.16
N ASP C 50 22.77 -20.00 -8.97
CA ASP C 50 24.20 -19.71 -8.96
C ASP C 50 24.64 -18.92 -7.72
N ARG C 51 24.19 -17.68 -7.61
CA ARG C 51 24.55 -16.85 -6.46
C ARG C 51 24.19 -17.52 -5.13
N LYS C 52 23.17 -18.38 -5.16
CA LYS C 52 22.69 -19.08 -3.96
C LYS C 52 23.17 -20.54 -3.98
N ALA C 53 24.19 -20.79 -4.77
CA ALA C 53 24.76 -22.12 -4.90
C ALA C 53 25.09 -22.77 -3.56
N GLY C 54 24.59 -23.98 -3.37
CA GLY C 54 24.83 -24.69 -2.13
C GLY C 54 24.28 -23.90 -0.96
N GLN C 55 22.98 -23.66 -0.98
CA GLN C 55 22.32 -22.91 0.09
C GLN C 55 20.93 -23.46 0.32
N SER C 56 20.36 -23.17 1.49
CA SER C 56 19.02 -23.63 1.86
C SER C 56 17.95 -22.77 1.16
N MET C 57 17.10 -23.39 0.36
CA MET C 57 16.06 -22.65 -0.33
C MET C 57 15.22 -21.81 0.63
N GLU C 58 15.18 -22.20 1.90
CA GLU C 58 14.44 -21.47 2.91
C GLU C 58 15.21 -20.21 3.30
N SER C 59 16.53 -20.30 3.34
CA SER C 59 17.33 -19.13 3.70
C SER C 59 17.17 -18.01 2.66
N VAL C 60 16.70 -18.37 1.47
CA VAL C 60 16.45 -17.46 0.36
C VAL C 60 14.97 -17.00 0.46
N PHE C 61 14.07 -17.97 0.68
CA PHE C 61 12.64 -17.71 0.81
C PHE C 61 12.10 -18.40 2.07
N PRO C 62 12.21 -17.72 3.22
CA PRO C 62 11.74 -18.23 4.50
C PRO C 62 10.28 -18.68 4.52
N HIS C 63 9.42 -18.00 3.77
CA HIS C 63 8.02 -18.38 3.79
C HIS C 63 7.80 -19.83 3.42
N LEU C 64 8.80 -20.47 2.82
CA LEU C 64 8.64 -21.86 2.42
C LEU C 64 8.96 -22.85 3.56
N ARG C 65 9.14 -22.32 4.76
CA ARG C 65 9.48 -23.12 5.94
C ARG C 65 8.70 -24.42 6.20
N ALA C 66 7.51 -24.58 5.63
CA ALA C 66 6.73 -25.80 5.85
C ALA C 66 7.07 -26.89 4.83
N GLN C 67 7.88 -26.55 3.84
CA GLN C 67 8.23 -27.52 2.81
C GLN C 67 9.60 -28.14 3.03
N LYS C 68 9.69 -29.44 2.78
CA LYS C 68 10.96 -30.14 2.90
C LYS C 68 11.55 -30.05 1.50
N LEU C 69 12.54 -29.18 1.34
CA LEU C 69 13.17 -29.00 0.04
C LEU C 69 14.67 -29.19 0.07
N PRO C 70 15.21 -29.75 -1.01
CA PRO C 70 16.65 -29.99 -1.17
C PRO C 70 17.43 -28.67 -1.22
N THR C 71 18.70 -28.72 -0.88
CA THR C 71 19.50 -27.50 -0.91
C THR C 71 19.76 -27.11 -2.37
N LEU C 72 20.00 -25.82 -2.59
CA LEU C 72 20.26 -25.32 -3.93
C LEU C 72 21.62 -25.80 -4.43
N VAL C 73 21.62 -26.39 -5.62
CA VAL C 73 22.83 -26.88 -6.24
C VAL C 73 23.20 -25.99 -7.42
N SER C 74 24.49 -25.80 -7.62
CA SER C 74 24.99 -25.00 -8.74
C SER C 74 24.50 -25.67 -10.03
N VAL C 75 24.38 -24.91 -11.10
CA VAL C 75 23.92 -25.44 -12.38
C VAL C 75 24.88 -26.52 -12.88
N LYS C 76 26.16 -26.18 -12.85
CA LYS C 76 27.19 -27.11 -13.30
C LYS C 76 27.10 -28.40 -12.51
N ASP C 77 27.16 -28.28 -11.18
CA ASP C 77 27.10 -29.43 -10.30
C ASP C 77 25.77 -30.16 -10.39
N ALA C 78 24.79 -29.51 -11.01
CA ALA C 78 23.47 -30.10 -11.15
C ALA C 78 23.43 -31.26 -12.13
N ASP C 79 22.82 -32.36 -11.67
CA ASP C 79 22.69 -33.59 -12.45
C ASP C 79 21.24 -33.77 -12.85
N PHE C 80 20.92 -33.43 -14.09
CA PHE C 80 19.53 -33.53 -14.59
C PHE C 80 19.08 -34.90 -15.09
N SER C 81 19.91 -35.90 -14.85
CA SER C 81 19.55 -37.25 -15.27
C SER C 81 18.52 -37.79 -14.26
N THR C 82 18.51 -37.18 -13.08
CA THR C 82 17.61 -37.57 -12.01
C THR C 82 16.33 -36.75 -12.00
N VAL C 83 15.97 -36.23 -13.17
CA VAL C 83 14.78 -35.42 -13.34
C VAL C 83 13.87 -36.05 -14.38
N ASP C 84 12.57 -35.77 -14.29
CA ASP C 84 11.60 -36.29 -15.25
C ASP C 84 11.00 -35.18 -16.12
N ALA C 85 11.17 -33.93 -15.68
CA ALA C 85 10.65 -32.79 -16.41
C ALA C 85 11.28 -31.55 -15.79
N VAL C 86 11.44 -30.50 -16.57
CA VAL C 86 12.06 -29.28 -16.06
C VAL C 86 11.27 -28.00 -16.36
N PHE C 87 11.41 -27.00 -15.49
CA PHE C 87 10.79 -25.67 -15.63
C PHE C 87 11.99 -24.72 -15.74
N CYS C 88 12.00 -23.88 -16.76
CA CYS C 88 13.10 -22.95 -16.91
C CYS C 88 12.79 -21.53 -16.44
N CYS C 89 13.45 -21.12 -15.36
CA CYS C 89 13.24 -19.79 -14.78
C CYS C 89 14.54 -19.01 -14.70
N LEU C 90 15.36 -19.12 -15.73
CA LEU C 90 16.62 -18.40 -15.77
C LEU C 90 16.53 -17.09 -16.52
N PRO C 91 17.58 -16.26 -16.42
CA PRO C 91 17.63 -14.96 -17.08
C PRO C 91 17.54 -15.06 -18.61
N HIS C 92 17.28 -13.94 -19.26
CA HIS C 92 17.19 -13.91 -20.71
C HIS C 92 18.60 -13.89 -21.29
N GLY C 93 18.81 -14.63 -22.37
CA GLY C 93 20.13 -14.67 -23.00
C GLY C 93 21.00 -15.81 -22.51
N THR C 94 20.66 -16.33 -21.33
CA THR C 94 21.42 -17.41 -20.75
C THR C 94 20.60 -18.68 -20.61
N THR C 95 19.62 -18.85 -21.50
CA THR C 95 18.73 -20.00 -21.45
C THR C 95 18.84 -20.98 -22.62
N GLN C 96 18.94 -20.43 -23.83
CA GLN C 96 19.00 -21.25 -25.02
C GLN C 96 20.10 -22.31 -25.02
N GLU C 97 21.28 -21.97 -24.49
CA GLU C 97 22.38 -22.93 -24.45
C GLU C 97 22.03 -24.13 -23.56
N ILE C 98 21.71 -23.85 -22.31
CA ILE C 98 21.36 -24.87 -21.33
C ILE C 98 20.26 -25.81 -21.80
N ILE C 99 19.16 -25.24 -22.28
CA ILE C 99 18.06 -26.05 -22.75
C ILE C 99 18.48 -26.87 -23.95
N LYS C 100 19.44 -26.34 -24.70
CA LYS C 100 19.93 -27.03 -25.89
C LYS C 100 20.75 -28.25 -25.48
N GLU C 101 21.47 -28.12 -24.37
CA GLU C 101 22.31 -29.19 -23.87
C GLU C 101 21.64 -30.12 -22.86
N LEU C 102 20.41 -29.79 -22.45
CA LEU C 102 19.72 -30.66 -21.49
C LEU C 102 19.45 -32.04 -22.09
N PRO C 103 19.46 -33.08 -21.26
CA PRO C 103 19.21 -34.44 -21.76
C PRO C 103 17.87 -34.54 -22.43
N THR C 104 17.88 -34.93 -23.70
CA THR C 104 16.65 -35.07 -24.48
C THR C 104 15.62 -35.93 -23.77
N ALA C 105 16.01 -36.50 -22.64
CA ALA C 105 15.09 -37.34 -21.85
C ALA C 105 14.39 -36.45 -20.83
N LEU C 106 13.89 -35.32 -21.30
CA LEU C 106 13.20 -34.39 -20.43
C LEU C 106 12.20 -33.55 -21.17
N LYS C 107 10.97 -33.49 -20.66
CA LYS C 107 9.96 -32.62 -21.23
C LYS C 107 10.29 -31.32 -20.49
N ILE C 108 10.38 -30.21 -21.21
CA ILE C 108 10.76 -28.92 -20.61
C ILE C 108 9.86 -27.70 -20.88
N VAL C 109 9.54 -26.96 -19.83
CA VAL C 109 8.74 -25.75 -20.01
C VAL C 109 9.68 -24.60 -19.67
N ASP C 110 9.97 -23.79 -20.68
CA ASP C 110 10.83 -22.64 -20.48
C ASP C 110 9.93 -21.42 -20.24
N LEU C 111 10.04 -20.83 -19.04
CA LEU C 111 9.25 -19.64 -18.72
C LEU C 111 9.97 -18.37 -19.17
N SER C 112 11.17 -18.51 -19.74
CA SER C 112 11.89 -17.34 -20.21
C SER C 112 11.27 -16.87 -21.52
N ALA C 113 11.82 -15.80 -22.06
CA ALA C 113 11.35 -15.24 -23.32
C ALA C 113 12.12 -15.79 -24.52
N ASP C 114 13.35 -16.23 -24.28
CA ASP C 114 14.28 -16.69 -25.31
C ASP C 114 13.86 -17.68 -26.38
N PHE C 115 12.82 -18.46 -26.13
CA PHE C 115 12.33 -19.44 -27.11
C PHE C 115 10.91 -19.12 -27.61
N ARG C 116 10.36 -17.96 -27.25
CA ARG C 116 9.01 -17.56 -27.66
C ARG C 116 8.97 -17.07 -29.10
N LEU C 117 10.03 -16.41 -29.55
CA LEU C 117 10.08 -15.87 -30.89
C LEU C 117 10.45 -16.94 -31.92
N ARG C 118 9.62 -17.11 -32.95
CA ARG C 118 9.91 -18.12 -33.97
C ARG C 118 10.92 -17.58 -34.97
N ASN C 119 10.85 -16.28 -35.27
CA ASN C 119 11.78 -15.69 -36.21
C ASN C 119 13.07 -15.22 -35.52
N ILE C 120 14.17 -15.87 -35.87
CA ILE C 120 15.49 -15.60 -35.32
C ILE C 120 15.90 -14.13 -35.31
N ALA C 121 15.65 -13.44 -36.41
CA ALA C 121 15.99 -12.03 -36.51
C ALA C 121 15.25 -11.22 -35.45
N GLU C 122 13.99 -11.58 -35.20
CA GLU C 122 13.20 -10.87 -34.20
C GLU C 122 13.92 -10.93 -32.87
N TYR C 123 14.35 -12.13 -32.48
CA TYR C 123 15.04 -12.29 -31.20
C TYR C 123 16.25 -11.38 -31.19
N GLU C 124 17.00 -11.40 -32.29
CA GLU C 124 18.19 -10.59 -32.43
C GLU C 124 18.00 -9.13 -32.04
N GLU C 125 17.31 -8.36 -32.89
CA GLU C 125 17.14 -6.94 -32.58
C GLU C 125 16.35 -6.69 -31.30
N TRP C 126 15.57 -7.66 -30.86
CA TRP C 126 14.80 -7.48 -29.66
C TRP C 126 15.46 -8.02 -28.41
N TYR C 127 16.54 -8.77 -28.59
CA TYR C 127 17.19 -9.36 -27.42
C TYR C 127 18.71 -9.31 -27.38
N GLY C 128 19.30 -8.38 -28.15
CA GLY C 128 20.75 -8.23 -28.16
C GLY C 128 21.60 -9.34 -28.76
N GLN C 129 21.96 -10.33 -27.96
CA GLN C 129 22.78 -11.44 -28.45
C GLN C 129 22.03 -12.28 -29.48
N PRO C 130 22.77 -13.09 -30.26
CA PRO C 130 22.16 -13.93 -31.29
C PRO C 130 21.36 -15.07 -30.69
N HIS C 131 20.55 -15.71 -31.52
CA HIS C 131 19.78 -16.84 -31.08
C HIS C 131 20.76 -18.01 -31.17
N LYS C 132 20.65 -18.97 -30.25
CA LYS C 132 21.57 -20.10 -30.26
C LYS C 132 20.89 -21.45 -30.34
N ALA C 133 19.73 -21.51 -30.98
CA ALA C 133 19.03 -22.79 -31.06
C ALA C 133 18.01 -22.83 -32.18
N VAL C 134 18.45 -22.37 -33.35
CA VAL C 134 17.61 -22.31 -34.53
C VAL C 134 16.73 -23.55 -34.73
N GLU C 135 17.34 -24.68 -35.06
CA GLU C 135 16.62 -25.92 -35.30
C GLU C 135 15.59 -26.30 -34.24
N LEU C 136 16.05 -26.43 -33.00
CA LEU C 136 15.18 -26.78 -31.90
C LEU C 136 13.92 -25.88 -31.90
N GLN C 137 14.12 -24.58 -32.14
CA GLN C 137 13.03 -23.60 -32.18
C GLN C 137 11.88 -24.05 -33.07
N LYS C 138 12.13 -25.00 -33.95
CA LYS C 138 11.09 -25.48 -34.87
C LYS C 138 10.15 -26.46 -34.19
N GLU C 139 10.64 -27.12 -33.14
CA GLU C 139 9.78 -28.07 -32.45
C GLU C 139 9.10 -27.46 -31.23
N VAL C 140 9.48 -26.24 -30.85
CA VAL C 140 8.90 -25.56 -29.69
C VAL C 140 7.45 -25.09 -29.89
N VAL C 141 6.61 -25.33 -28.88
CA VAL C 141 5.22 -24.89 -28.96
C VAL C 141 4.98 -23.74 -27.99
N TYR C 142 4.16 -22.77 -28.39
CA TYR C 142 3.89 -21.63 -27.50
C TYR C 142 2.86 -22.05 -26.44
N GLY C 143 3.24 -21.93 -25.16
CA GLY C 143 2.38 -22.35 -24.06
C GLY C 143 1.08 -21.63 -23.69
N LEU C 144 0.40 -20.99 -24.63
CA LEU C 144 -0.86 -20.31 -24.31
C LEU C 144 -1.87 -21.47 -24.33
N THR C 145 -2.00 -22.12 -23.17
CA THR C 145 -2.80 -23.32 -23.04
C THR C 145 -4.18 -23.41 -23.68
N GLU C 146 -5.09 -22.51 -23.33
CA GLU C 146 -6.43 -22.59 -23.92
C GLU C 146 -6.45 -22.48 -25.45
N ILE C 147 -5.38 -21.95 -26.03
CA ILE C 147 -5.33 -21.80 -27.48
C ILE C 147 -4.50 -22.87 -28.23
N LEU C 148 -3.41 -23.34 -27.62
CA LEU C 148 -2.55 -24.31 -28.29
C LEU C 148 -2.46 -25.66 -27.59
N ARG C 149 -3.41 -25.93 -26.71
CA ARG C 149 -3.46 -27.17 -25.95
C ARG C 149 -2.95 -28.43 -26.67
N GLU C 150 -3.59 -28.82 -27.77
CA GLU C 150 -3.18 -30.03 -28.46
C GLU C 150 -1.70 -30.10 -28.80
N ASP C 151 -1.16 -29.03 -29.40
CA ASP C 151 0.25 -29.00 -29.75
C ASP C 151 1.13 -29.10 -28.52
N ILE C 152 0.74 -28.40 -27.45
CA ILE C 152 1.51 -28.42 -26.22
C ILE C 152 1.68 -29.83 -25.63
N LYS C 153 0.61 -30.63 -25.67
CA LYS C 153 0.63 -32.01 -25.15
C LYS C 153 1.72 -32.84 -25.84
N LYS C 154 1.79 -32.69 -27.16
CA LYS C 154 2.74 -33.44 -27.97
C LYS C 154 4.13 -32.85 -27.95
N ALA C 155 4.30 -31.71 -27.25
CA ALA C 155 5.60 -31.07 -27.20
C ALA C 155 6.49 -31.50 -26.05
N ARG C 156 7.80 -31.50 -26.31
CA ARG C 156 8.76 -31.85 -25.28
C ARG C 156 9.24 -30.53 -24.68
N LEU C 157 9.44 -29.54 -25.54
CA LEU C 157 9.91 -28.24 -25.12
C LEU C 157 8.87 -27.18 -25.40
N VAL C 158 8.41 -26.52 -24.34
CA VAL C 158 7.41 -25.48 -24.45
C VAL C 158 7.91 -24.14 -23.92
N ALA C 159 7.69 -23.08 -24.69
CA ALA C 159 8.08 -21.73 -24.30
C ALA C 159 6.83 -21.14 -23.63
N ASN C 160 6.90 -20.98 -22.32
CA ASN C 160 5.76 -20.47 -21.58
C ASN C 160 5.61 -18.96 -21.89
N PRO C 161 4.40 -18.55 -22.28
CA PRO C 161 4.18 -17.14 -22.60
C PRO C 161 4.49 -16.12 -21.50
N GLY C 162 4.69 -14.88 -21.93
CA GLY C 162 4.94 -13.81 -20.97
C GLY C 162 3.58 -13.44 -20.39
N CYS C 163 3.58 -12.60 -19.35
CA CYS C 163 2.37 -12.16 -18.67
C CYS C 163 1.41 -11.31 -19.53
N TYR C 164 1.84 -10.10 -19.90
CA TYR C 164 1.01 -9.24 -20.75
C TYR C 164 0.48 -9.98 -21.98
N PRO C 165 1.36 -10.68 -22.71
CA PRO C 165 0.90 -11.39 -23.90
C PRO C 165 -0.23 -12.41 -23.62
N THR C 166 -0.29 -12.91 -22.39
CA THR C 166 -1.32 -13.87 -22.03
C THR C 166 -2.66 -13.13 -21.87
N THR C 167 -2.61 -11.90 -21.34
CA THR C 167 -3.84 -11.13 -21.16
C THR C 167 -4.40 -10.59 -22.48
N ILE C 168 -3.55 -10.44 -23.49
CA ILE C 168 -3.95 -9.87 -24.79
C ILE C 168 -4.41 -10.90 -25.81
N GLN C 169 -3.67 -12.00 -25.90
CA GLN C 169 -4.01 -13.05 -26.85
C GLN C 169 -5.27 -13.85 -26.51
N LEU C 170 -5.53 -14.07 -25.21
CA LEU C 170 -6.73 -14.82 -24.81
C LEU C 170 -8.02 -14.16 -25.34
N PRO C 171 -8.14 -12.83 -25.20
CA PRO C 171 -9.34 -12.10 -25.68
C PRO C 171 -9.31 -11.91 -27.19
N LEU C 172 -8.14 -11.51 -27.69
CA LEU C 172 -8.02 -11.20 -29.10
C LEU C 172 -7.95 -12.31 -30.14
N VAL C 173 -7.34 -13.45 -29.82
CA VAL C 173 -7.23 -14.52 -30.82
C VAL C 173 -8.61 -14.99 -31.35
N PRO C 174 -9.53 -15.33 -30.44
CA PRO C 174 -10.87 -15.78 -30.86
C PRO C 174 -11.56 -14.72 -31.72
N LEU C 175 -11.31 -13.45 -31.40
CA LEU C 175 -11.94 -12.35 -32.13
C LEU C 175 -11.38 -12.12 -33.54
N LEU C 176 -10.07 -12.21 -33.66
CA LEU C 176 -9.40 -12.04 -34.96
C LEU C 176 -9.72 -13.28 -35.83
N LYS C 177 -9.79 -14.45 -35.20
CA LYS C 177 -10.08 -15.69 -35.91
C LYS C 177 -11.46 -15.65 -36.55
N ALA C 178 -12.40 -15.00 -35.87
CA ALA C 178 -13.78 -14.92 -36.36
C ALA C 178 -14.01 -13.64 -37.14
N ASN C 179 -12.91 -13.01 -37.56
CA ASN C 179 -12.96 -11.77 -38.33
C ASN C 179 -13.99 -10.80 -37.71
N LEU C 180 -13.99 -10.65 -36.39
CA LEU C 180 -14.94 -9.76 -35.74
C LEU C 180 -14.37 -8.38 -35.44
N ILE C 181 -13.04 -8.25 -35.45
CA ILE C 181 -12.41 -6.96 -35.18
C ILE C 181 -11.35 -6.75 -36.23
N LYS C 182 -11.03 -5.48 -36.49
CA LYS C 182 -10.02 -5.13 -37.47
C LYS C 182 -8.64 -5.35 -36.84
N HIS C 183 -7.61 -5.56 -37.65
CA HIS C 183 -6.31 -5.76 -37.03
C HIS C 183 -5.39 -4.53 -37.02
N GLU C 184 -5.95 -3.35 -37.30
CA GLU C 184 -5.20 -2.10 -37.28
C GLU C 184 -5.62 -1.29 -36.06
N ASN C 185 -4.77 -0.37 -35.63
CA ASN C 185 -5.06 0.48 -34.48
C ASN C 185 -5.51 -0.26 -33.23
N ILE C 186 -4.95 -1.45 -32.99
CA ILE C 186 -5.28 -2.17 -31.77
C ILE C 186 -4.37 -1.48 -30.73
N ILE C 187 -4.99 -0.83 -29.75
CA ILE C 187 -4.26 -0.10 -28.73
C ILE C 187 -4.48 -0.74 -27.36
N ILE C 188 -3.39 -1.09 -26.70
CA ILE C 188 -3.46 -1.74 -25.40
C ILE C 188 -2.76 -0.97 -24.29
N ASP C 189 -3.52 -0.52 -23.29
CA ASP C 189 -2.91 0.17 -22.15
C ASP C 189 -2.93 -0.86 -21.01
N ALA C 190 -1.75 -1.40 -20.69
CA ALA C 190 -1.62 -2.44 -19.67
C ALA C 190 -1.06 -1.95 -18.35
N LYS C 191 -1.42 -2.68 -17.31
CA LYS C 191 -1.04 -2.34 -15.95
C LYS C 191 -0.56 -3.60 -15.25
N SER C 192 0.55 -3.47 -14.53
CA SER C 192 1.09 -4.64 -13.84
C SER C 192 1.63 -4.36 -12.47
N GLY C 193 1.48 -5.35 -11.58
CA GLY C 193 2.02 -5.22 -10.24
C GLY C 193 3.54 -5.24 -10.36
N VAL C 194 4.23 -4.69 -9.39
CA VAL C 194 5.68 -4.62 -9.46
C VAL C 194 6.42 -5.95 -9.17
N SER C 195 5.66 -7.01 -8.84
CA SER C 195 6.25 -8.32 -8.57
C SER C 195 6.80 -8.91 -9.89
N GLY C 196 6.15 -8.57 -11.00
CA GLY C 196 6.59 -9.06 -12.30
C GLY C 196 7.97 -8.60 -12.76
N ALA C 197 8.47 -7.51 -12.18
CA ALA C 197 9.80 -7.00 -12.55
C ALA C 197 10.85 -7.78 -11.77
N GLY C 198 10.53 -9.02 -11.44
CA GLY C 198 11.45 -9.87 -10.71
C GLY C 198 11.88 -9.30 -9.37
N ARG C 199 12.70 -10.09 -8.69
CA ARG C 199 13.24 -9.78 -7.37
C ARG C 199 14.58 -9.04 -7.41
N GLY C 200 14.98 -8.60 -8.60
CA GLY C 200 16.24 -7.87 -8.74
C GLY C 200 16.25 -6.66 -7.81
N ALA C 201 17.39 -6.44 -7.16
CA ALA C 201 17.53 -5.34 -6.21
C ALA C 201 17.91 -4.01 -6.85
N LYS C 202 16.92 -3.30 -7.37
CA LYS C 202 17.15 -2.01 -7.98
C LYS C 202 16.47 -0.86 -7.26
N GLU C 203 17.11 0.31 -7.31
CA GLU C 203 16.59 1.50 -6.66
C GLU C 203 15.15 1.76 -7.12
N ALA C 204 14.95 1.65 -8.42
CA ALA C 204 13.65 1.90 -9.01
C ALA C 204 12.48 1.16 -8.40
N ASN C 205 12.69 -0.09 -7.98
CA ASN C 205 11.61 -0.89 -7.42
C ASN C 205 11.51 -1.00 -5.92
N LEU C 206 12.18 -0.08 -5.22
CA LEU C 206 12.14 -0.03 -3.76
C LEU C 206 10.72 0.36 -3.31
N TYR C 207 10.35 0.01 -2.07
CA TYR C 207 9.03 0.37 -1.59
C TYR C 207 8.84 1.90 -1.63
N SER C 208 9.78 2.62 -1.03
CA SER C 208 9.70 4.07 -0.98
C SER C 208 9.64 4.74 -2.36
N GLU C 209 10.15 4.06 -3.38
CA GLU C 209 10.12 4.63 -4.73
C GLU C 209 8.86 4.23 -5.49
N ILE C 210 8.39 2.99 -5.28
CA ILE C 210 7.23 2.51 -6.03
C ILE C 210 5.89 2.97 -5.49
N ALA C 211 5.71 2.78 -4.20
CA ALA C 211 4.46 3.11 -3.53
C ALA C 211 3.81 4.43 -3.86
N GLU C 212 2.48 4.37 -3.91
CA GLU C 212 1.61 5.51 -4.16
C GLU C 212 1.83 6.21 -5.48
N GLY C 213 1.97 5.43 -6.54
CA GLY C 213 2.15 5.99 -7.85
C GLY C 213 2.25 4.92 -8.91
N ILE C 214 2.23 5.36 -10.16
CA ILE C 214 2.34 4.48 -11.32
C ILE C 214 3.18 5.19 -12.39
N SER C 215 3.45 4.49 -13.47
CA SER C 215 4.19 5.05 -14.58
C SER C 215 4.10 4.10 -15.79
N SER C 216 4.35 4.65 -16.97
CA SER C 216 4.36 3.85 -18.16
C SER C 216 5.80 3.34 -18.24
N TYR C 217 6.04 2.28 -19.00
CA TYR C 217 7.42 1.77 -19.16
C TYR C 217 7.41 0.80 -20.33
N GLY C 218 8.29 1.04 -21.30
CA GLY C 218 8.33 0.19 -22.47
C GLY C 218 7.60 0.93 -23.58
N VAL C 219 7.38 2.22 -23.36
CA VAL C 219 6.68 3.05 -24.32
C VAL C 219 7.28 2.89 -25.71
N THR C 220 6.42 2.68 -26.69
CA THR C 220 6.82 2.48 -28.09
C THR C 220 7.47 1.13 -28.33
N ARG C 221 8.43 0.78 -27.48
CA ARG C 221 9.14 -0.50 -27.61
C ARG C 221 9.22 -1.18 -26.26
N HIS C 222 8.87 -2.45 -26.27
CA HIS C 222 8.93 -3.31 -25.07
C HIS C 222 9.02 -4.73 -25.59
N ARG C 223 9.90 -5.54 -25.00
CA ARG C 223 10.09 -6.92 -25.49
C ARG C 223 8.87 -7.79 -25.72
N HIS C 224 7.74 -7.45 -25.10
CA HIS C 224 6.54 -8.25 -25.31
C HIS C 224 5.85 -7.95 -26.63
N VAL C 225 6.20 -6.81 -27.25
CA VAL C 225 5.59 -6.42 -28.53
C VAL C 225 5.70 -7.57 -29.55
N PRO C 226 6.94 -7.99 -29.93
CA PRO C 226 7.03 -9.08 -30.91
C PRO C 226 6.25 -10.33 -30.45
N GLU C 227 6.32 -10.64 -29.16
CA GLU C 227 5.59 -11.79 -28.58
C GLU C 227 4.09 -11.63 -28.90
N ILE C 228 3.57 -10.44 -28.59
CA ILE C 228 2.16 -10.11 -28.85
C ILE C 228 1.80 -10.14 -30.35
N GLU C 229 2.54 -9.38 -31.15
CA GLU C 229 2.24 -9.32 -32.58
C GLU C 229 2.34 -10.69 -33.27
N GLN C 230 3.26 -11.54 -32.81
CA GLN C 230 3.39 -12.89 -33.40
C GLN C 230 2.10 -13.69 -33.20
N GLY C 231 1.60 -13.67 -31.96
CA GLY C 231 0.37 -14.37 -31.64
C GLY C 231 -0.83 -13.83 -32.39
N LEU C 232 -0.86 -12.51 -32.59
CA LEU C 232 -1.96 -11.88 -33.33
C LEU C 232 -1.76 -12.06 -34.84
N SER C 233 -0.52 -12.01 -35.30
CA SER C 233 -0.27 -12.17 -36.73
C SER C 233 -0.68 -13.57 -37.22
N ASP C 234 -0.49 -14.56 -36.36
CA ASP C 234 -0.87 -15.92 -36.71
C ASP C 234 -2.32 -15.99 -37.17
N VAL C 235 -3.26 -15.72 -36.27
CA VAL C 235 -4.69 -15.79 -36.60
C VAL C 235 -5.20 -14.70 -37.52
N ALA C 236 -4.39 -13.67 -37.74
CA ALA C 236 -4.79 -12.57 -38.61
C ALA C 236 -4.37 -12.90 -40.05
N GLN C 237 -3.37 -13.78 -40.16
CA GLN C 237 -2.85 -14.17 -41.46
C GLN C 237 -2.40 -12.92 -42.19
N SER C 238 -1.65 -12.10 -41.45
CA SER C 238 -1.10 -10.84 -41.93
C SER C 238 -0.33 -10.20 -40.77
N LYS C 239 0.59 -9.28 -41.08
CA LYS C 239 1.35 -8.63 -40.05
C LYS C 239 0.47 -7.67 -39.25
N VAL C 240 0.48 -7.85 -37.94
CA VAL C 240 -0.31 -6.99 -37.06
C VAL C 240 0.59 -6.11 -36.21
N THR C 241 0.51 -4.80 -36.43
CA THR C 241 1.27 -3.83 -35.65
C THR C 241 0.34 -3.23 -34.61
N VAL C 242 0.72 -3.34 -33.33
CA VAL C 242 -0.10 -2.82 -32.25
C VAL C 242 0.58 -1.68 -31.48
N SER C 243 -0.19 -1.06 -30.60
CA SER C 243 0.35 -0.01 -29.72
C SER C 243 0.18 -0.73 -28.38
N PHE C 244 1.22 -0.69 -27.56
CA PHE C 244 1.21 -1.39 -26.29
C PHE C 244 2.02 -0.60 -25.27
N THR C 245 1.36 -0.18 -24.20
CA THR C 245 2.03 0.60 -23.18
C THR C 245 1.78 0.08 -21.77
N PRO C 246 2.82 -0.49 -21.14
CA PRO C 246 2.74 -1.05 -19.78
C PRO C 246 2.76 0.05 -18.72
N HIS C 247 2.27 -0.27 -17.53
CA HIS C 247 2.24 0.68 -16.41
C HIS C 247 2.54 -0.07 -15.12
N LEU C 248 3.43 0.50 -14.33
CA LEU C 248 3.83 -0.14 -13.08
C LEU C 248 2.91 0.32 -11.96
N MET C 249 2.17 -0.63 -11.37
CA MET C 249 1.22 -0.38 -10.30
C MET C 249 1.85 -0.53 -8.90
N PRO C 250 1.48 0.36 -7.95
CA PRO C 250 2.02 0.27 -6.61
C PRO C 250 1.34 -0.86 -5.85
N MET C 251 1.38 -2.05 -6.44
CA MET C 251 0.79 -3.23 -5.81
C MET C 251 1.68 -4.40 -6.22
N ILE C 252 1.74 -5.41 -5.35
CA ILE C 252 2.58 -6.58 -5.59
C ILE C 252 2.13 -7.42 -6.78
N ARG C 253 0.89 -7.88 -6.74
CA ARG C 253 0.40 -8.74 -7.80
C ARG C 253 -0.79 -8.19 -8.58
N GLY C 254 -1.02 -8.75 -9.77
CA GLY C 254 -2.15 -8.29 -10.56
C GLY C 254 -1.77 -7.65 -11.86
N MET C 255 -2.55 -7.96 -12.89
CA MET C 255 -2.30 -7.41 -14.21
C MET C 255 -3.59 -7.23 -14.98
N GLN C 256 -3.66 -6.10 -15.68
CA GLN C 256 -4.81 -5.80 -16.49
C GLN C 256 -4.45 -5.16 -17.80
N SER C 257 -5.05 -5.67 -18.87
CA SER C 257 -4.90 -5.07 -20.18
C SER C 257 -6.24 -4.45 -20.55
N THR C 258 -6.23 -3.16 -20.90
CA THR C 258 -7.43 -2.45 -21.38
C THR C 258 -7.14 -2.34 -22.87
N ILE C 259 -7.88 -3.11 -23.68
CA ILE C 259 -7.68 -3.21 -25.12
C ILE C 259 -8.72 -2.48 -25.97
N TYR C 260 -8.29 -1.40 -26.63
CA TYR C 260 -9.18 -0.61 -27.47
C TYR C 260 -9.02 -1.08 -28.92
N VAL C 261 -10.14 -1.43 -29.54
CA VAL C 261 -10.11 -1.90 -30.92
C VAL C 261 -11.37 -1.43 -31.64
N GLU C 262 -11.41 -1.69 -32.95
CA GLU C 262 -12.54 -1.34 -33.80
C GLU C 262 -13.10 -2.64 -34.31
N MET C 263 -14.41 -2.81 -34.21
CA MET C 263 -15.03 -4.04 -34.68
C MET C 263 -15.10 -4.07 -36.19
N ALA C 264 -15.54 -5.20 -36.74
CA ALA C 264 -15.66 -5.35 -38.18
C ALA C 264 -17.00 -4.77 -38.62
N PRO C 265 -17.18 -4.58 -39.93
CA PRO C 265 -18.43 -4.03 -40.47
C PRO C 265 -19.65 -4.82 -40.00
N GLY C 266 -20.65 -4.10 -39.50
CA GLY C 266 -21.86 -4.74 -39.01
C GLY C 266 -21.78 -5.23 -37.58
N VAL C 267 -20.60 -5.73 -37.21
CA VAL C 267 -20.32 -6.27 -35.88
C VAL C 267 -20.70 -5.31 -34.73
N ARG C 268 -21.33 -5.87 -33.71
CA ARG C 268 -21.76 -5.10 -32.54
C ARG C 268 -21.02 -5.64 -31.33
N THR C 269 -20.99 -4.87 -30.24
CA THR C 269 -20.29 -5.36 -29.06
C THR C 269 -20.87 -6.68 -28.55
N GLU C 270 -22.20 -6.79 -28.53
CA GLU C 270 -22.84 -8.01 -28.07
C GLU C 270 -22.33 -9.20 -28.86
N ASP C 271 -21.82 -8.97 -30.06
CA ASP C 271 -21.33 -10.07 -30.86
C ASP C 271 -19.95 -10.53 -30.40
N LEU C 272 -19.07 -9.57 -30.09
CA LEU C 272 -17.75 -9.92 -29.62
C LEU C 272 -17.96 -10.72 -28.35
N HIS C 273 -18.86 -10.24 -27.49
CA HIS C 273 -19.15 -10.92 -26.24
C HIS C 273 -19.57 -12.37 -26.47
N GLN C 274 -20.55 -12.57 -27.35
CA GLN C 274 -21.04 -13.89 -27.65
C GLN C 274 -19.94 -14.82 -28.14
N GLN C 275 -19.04 -14.31 -28.97
CA GLN C 275 -17.95 -15.15 -29.47
C GLN C 275 -17.01 -15.53 -28.32
N LEU C 276 -16.73 -14.56 -27.45
CA LEU C 276 -15.83 -14.83 -26.32
C LEU C 276 -16.49 -15.83 -25.38
N LYS C 277 -17.79 -15.66 -25.20
CA LYS C 277 -18.58 -16.52 -24.33
C LYS C 277 -18.56 -17.96 -24.88
N THR C 278 -18.77 -18.11 -26.17
CA THR C 278 -18.75 -19.43 -26.80
C THR C 278 -17.36 -20.05 -26.71
N SER C 279 -16.38 -19.32 -27.22
CA SER C 279 -15.00 -19.77 -27.23
C SER C 279 -14.46 -20.30 -25.90
N TYR C 280 -14.90 -19.72 -24.79
CA TYR C 280 -14.39 -20.14 -23.50
C TYR C 280 -15.40 -20.73 -22.50
N GLU C 281 -16.65 -20.94 -22.92
CA GLU C 281 -17.72 -21.47 -22.07
C GLU C 281 -17.38 -22.70 -21.22
N ASP C 282 -16.50 -23.58 -21.71
CA ASP C 282 -16.15 -24.74 -20.91
C ASP C 282 -14.73 -24.64 -20.37
N GLU C 283 -14.13 -23.47 -20.56
CA GLU C 283 -12.76 -23.22 -20.12
C GLU C 283 -12.59 -22.85 -18.65
N GLU C 284 -12.10 -23.80 -17.87
CA GLU C 284 -11.87 -23.59 -16.45
C GLU C 284 -11.34 -22.18 -16.11
N PHE C 285 -10.12 -21.91 -16.54
CA PHE C 285 -9.44 -20.66 -16.21
C PHE C 285 -9.61 -19.39 -17.04
N VAL C 286 -10.72 -19.27 -17.75
CA VAL C 286 -10.98 -18.09 -18.57
C VAL C 286 -12.48 -17.79 -18.42
N LYS C 287 -12.80 -16.81 -17.57
CA LYS C 287 -14.18 -16.42 -17.32
C LYS C 287 -14.56 -15.17 -18.09
N VAL C 288 -15.52 -15.32 -19.00
CA VAL C 288 -16.04 -14.24 -19.81
C VAL C 288 -17.22 -13.71 -18.98
N LEU C 289 -17.05 -12.52 -18.38
CA LEU C 289 -18.08 -11.93 -17.54
C LEU C 289 -19.25 -11.47 -18.37
N ASP C 290 -20.39 -11.26 -17.71
CA ASP C 290 -21.58 -10.80 -18.44
C ASP C 290 -21.36 -9.38 -18.90
N GLU C 291 -21.97 -9.01 -20.02
CA GLU C 291 -21.81 -7.65 -20.53
C GLU C 291 -22.10 -6.63 -19.43
N GLY C 292 -21.21 -5.64 -19.31
CA GLY C 292 -21.41 -4.60 -18.31
C GLY C 292 -20.72 -4.81 -16.97
N VAL C 293 -20.33 -6.03 -16.63
CA VAL C 293 -19.65 -6.27 -15.36
C VAL C 293 -18.17 -5.92 -15.52
N VAL C 294 -17.63 -5.14 -14.60
CA VAL C 294 -16.24 -4.74 -14.69
C VAL C 294 -15.34 -5.65 -13.87
N PRO C 295 -14.39 -6.32 -14.53
CA PRO C 295 -13.49 -7.21 -13.77
C PRO C 295 -12.52 -6.43 -12.89
N ARG C 296 -11.99 -7.07 -11.86
CA ARG C 296 -11.01 -6.44 -10.95
C ARG C 296 -9.88 -7.42 -10.76
N THR C 297 -8.64 -7.01 -11.01
CA THR C 297 -7.54 -7.97 -10.81
C THR C 297 -7.61 -8.61 -9.40
N HIS C 298 -7.97 -7.82 -8.38
CA HIS C 298 -8.07 -8.32 -7.02
C HIS C 298 -8.79 -9.68 -7.01
N ASN C 299 -9.82 -9.83 -7.84
CA ASN C 299 -10.63 -11.04 -7.89
C ASN C 299 -9.96 -12.33 -8.40
N VAL C 300 -8.76 -12.21 -8.97
CA VAL C 300 -8.05 -13.38 -9.45
C VAL C 300 -6.72 -13.48 -8.74
N ARG C 301 -6.54 -12.60 -7.76
CA ARG C 301 -5.31 -12.56 -6.98
C ARG C 301 -4.93 -13.92 -6.35
N GLY C 302 -3.76 -14.46 -6.73
CA GLY C 302 -3.29 -15.72 -6.21
C GLY C 302 -3.96 -16.95 -6.84
N SER C 303 -4.55 -16.76 -8.02
CA SER C 303 -5.22 -17.84 -8.71
C SER C 303 -4.70 -17.87 -10.13
N ASN C 304 -5.09 -18.91 -10.86
CA ASN C 304 -4.68 -19.09 -12.24
C ASN C 304 -5.76 -18.60 -13.21
N TYR C 305 -6.78 -17.91 -12.71
CA TYR C 305 -7.87 -17.43 -13.57
C TYR C 305 -7.64 -16.12 -14.31
N CYS C 306 -8.35 -15.99 -15.42
CA CYS C 306 -8.33 -14.79 -16.24
C CYS C 306 -9.79 -14.41 -16.44
N HIS C 307 -10.15 -13.18 -16.07
CA HIS C 307 -11.53 -12.70 -16.28
C HIS C 307 -11.46 -11.65 -17.37
N MET C 308 -12.41 -11.69 -18.29
CA MET C 308 -12.45 -10.70 -19.34
C MET C 308 -13.91 -10.26 -19.58
N SER C 309 -14.11 -8.95 -19.74
CA SER C 309 -15.43 -8.38 -19.96
C SER C 309 -15.44 -7.35 -21.10
N VAL C 310 -16.46 -7.40 -21.95
CA VAL C 310 -16.55 -6.48 -23.08
C VAL C 310 -17.50 -5.31 -22.81
N PHE C 311 -17.13 -4.15 -23.34
CA PHE C 311 -17.87 -2.92 -23.17
C PHE C 311 -17.79 -2.08 -24.45
N PRO C 312 -18.78 -1.20 -24.67
CA PRO C 312 -18.75 -0.38 -25.88
C PRO C 312 -17.86 0.85 -25.67
N ASP C 313 -17.32 1.37 -26.77
CA ASP C 313 -16.50 2.57 -26.70
C ASP C 313 -17.52 3.70 -26.95
N ARG C 314 -17.29 4.87 -26.36
CA ARG C 314 -18.20 5.99 -26.57
C ARG C 314 -18.13 6.32 -28.05
N ILE C 315 -16.93 6.16 -28.61
CA ILE C 315 -16.67 6.40 -30.02
C ILE C 315 -17.39 5.31 -30.79
N PRO C 316 -18.45 5.67 -31.54
CA PRO C 316 -19.19 4.66 -32.29
C PRO C 316 -18.31 3.80 -33.21
N GLY C 317 -18.62 2.51 -33.28
CA GLY C 317 -17.85 1.60 -34.11
C GLY C 317 -16.82 0.79 -33.35
N ARG C 318 -15.85 1.46 -32.76
CA ARG C 318 -14.81 0.77 -31.99
C ARG C 318 -15.38 -0.10 -30.85
N ALA C 319 -14.49 -0.76 -30.13
CA ALA C 319 -14.87 -1.61 -29.00
C ALA C 319 -13.74 -1.64 -27.98
N ILE C 320 -14.09 -2.00 -26.75
CA ILE C 320 -13.13 -2.09 -25.65
C ILE C 320 -13.15 -3.47 -25.00
N ILE C 321 -11.97 -4.01 -24.70
CA ILE C 321 -11.88 -5.31 -24.04
C ILE C 321 -10.97 -5.22 -22.81
N ILE C 322 -11.45 -5.75 -21.69
CA ILE C 322 -10.66 -5.75 -20.47
C ILE C 322 -10.19 -7.18 -20.25
N SER C 323 -8.95 -7.35 -19.79
CA SER C 323 -8.40 -8.68 -19.56
C SER C 323 -7.61 -8.63 -18.25
N VAL C 324 -7.89 -9.57 -17.34
CA VAL C 324 -7.22 -9.59 -16.04
C VAL C 324 -6.72 -10.97 -15.60
N ILE C 325 -5.57 -10.97 -14.94
CA ILE C 325 -4.96 -12.19 -14.41
C ILE C 325 -4.06 -11.78 -13.25
N ASP C 326 -3.53 -12.77 -12.54
CA ASP C 326 -2.54 -12.52 -11.49
C ASP C 326 -1.24 -12.78 -12.31
N ASN C 327 -0.42 -11.74 -12.53
CA ASN C 327 0.81 -11.85 -13.35
C ASN C 327 1.78 -12.97 -13.02
N LEU C 328 1.79 -13.40 -11.77
CA LEU C 328 2.68 -14.46 -11.33
C LEU C 328 2.11 -15.84 -11.58
N VAL C 329 0.79 -15.97 -11.62
CA VAL C 329 0.20 -17.29 -11.79
C VAL C 329 -0.17 -17.57 -13.26
N LYS C 330 -1.33 -17.15 -13.72
CA LYS C 330 -1.67 -17.42 -15.11
C LYS C 330 -0.71 -16.64 -16.01
N GLY C 331 -0.05 -15.62 -15.46
CA GLY C 331 0.87 -14.83 -16.25
C GLY C 331 2.27 -15.44 -16.26
N ALA C 332 2.47 -16.45 -15.41
CA ALA C 332 3.77 -17.07 -15.31
C ALA C 332 3.77 -18.54 -14.91
N SER C 333 3.96 -18.83 -13.63
CA SER C 333 4.05 -20.21 -13.20
C SER C 333 2.79 -21.05 -13.31
N GLY C 334 1.65 -20.47 -12.95
CA GLY C 334 0.42 -21.23 -13.08
C GLY C 334 0.28 -21.66 -14.53
N GLN C 335 0.69 -20.81 -15.47
CA GLN C 335 0.61 -21.20 -16.87
C GLN C 335 1.74 -22.21 -17.18
N ALA C 336 2.83 -22.13 -16.44
CA ALA C 336 3.94 -23.05 -16.65
C ALA C 336 3.53 -24.43 -16.15
N LEU C 337 3.04 -24.50 -14.91
CA LEU C 337 2.61 -25.76 -14.33
C LEU C 337 1.45 -26.36 -15.11
N GLN C 338 0.58 -25.50 -15.62
CA GLN C 338 -0.57 -25.95 -16.38
C GLN C 338 -0.03 -26.70 -17.59
N ASN C 339 1.02 -26.14 -18.18
CA ASN C 339 1.61 -26.78 -19.35
C ASN C 339 2.26 -28.13 -18.96
N LEU C 340 3.21 -28.11 -18.03
CA LEU C 340 3.84 -29.36 -17.64
C LEU C 340 2.82 -30.43 -17.21
N ASN C 341 1.62 -29.99 -16.86
CA ASN C 341 0.58 -30.94 -16.47
C ASN C 341 0.16 -31.75 -17.69
N ILE C 342 -0.31 -31.09 -18.74
CA ILE C 342 -0.74 -31.84 -19.91
C ILE C 342 0.40 -32.43 -20.76
N MET C 343 1.60 -31.87 -20.68
CA MET C 343 2.74 -32.40 -21.43
C MET C 343 3.10 -33.74 -20.83
N LEU C 344 2.87 -33.86 -19.52
CA LEU C 344 3.18 -35.06 -18.76
C LEU C 344 1.98 -36.00 -18.64
N GLY C 345 0.91 -35.69 -19.38
CA GLY C 345 -0.26 -36.56 -19.37
C GLY C 345 -1.10 -36.51 -18.10
N TYR C 346 -0.72 -35.63 -17.18
CA TYR C 346 -1.43 -35.46 -15.92
C TYR C 346 -2.59 -34.51 -16.15
N PRO C 347 -3.53 -34.48 -15.20
CA PRO C 347 -4.71 -33.59 -15.31
C PRO C 347 -4.31 -32.13 -15.50
N GLU C 348 -4.97 -31.46 -16.44
CA GLU C 348 -4.65 -30.07 -16.74
C GLU C 348 -4.61 -29.16 -15.49
N THR C 349 -5.71 -29.14 -14.73
CA THR C 349 -5.85 -28.32 -13.53
C THR C 349 -5.20 -28.92 -12.28
N THR C 350 -4.37 -29.96 -12.45
CA THR C 350 -3.76 -30.61 -11.28
C THR C 350 -3.01 -29.64 -10.37
N GLY C 351 -3.47 -29.57 -9.13
CA GLY C 351 -2.86 -28.69 -8.16
C GLY C 351 -2.80 -27.25 -8.62
N LEU C 352 -3.84 -26.78 -9.31
CA LEU C 352 -3.90 -25.40 -9.79
C LEU C 352 -5.28 -24.79 -9.59
N LEU C 353 -6.10 -25.45 -8.78
CA LEU C 353 -7.46 -24.96 -8.55
C LEU C 353 -7.55 -24.03 -7.32
N HIS C 354 -6.42 -23.48 -6.88
CA HIS C 354 -6.43 -22.57 -5.73
C HIS C 354 -7.37 -21.43 -6.07
N GLN C 355 -8.18 -21.03 -5.11
CA GLN C 355 -9.13 -19.95 -5.34
C GLN C 355 -8.48 -18.62 -4.99
N PRO C 356 -8.98 -17.53 -5.58
CA PRO C 356 -8.41 -16.21 -5.30
C PRO C 356 -8.32 -15.90 -3.81
N LEU C 357 -7.25 -15.24 -3.41
CA LEU C 357 -7.06 -14.84 -2.03
C LEU C 357 -7.61 -13.41 -1.91
N PHE C 358 -8.91 -13.29 -1.65
CA PHE C 358 -9.50 -11.97 -1.47
C PHE C 358 -10.33 -11.97 -0.20
N PRO C 359 -10.24 -10.92 0.62
CA PRO C 359 -9.38 -9.74 0.41
C PRO C 359 -7.93 -10.11 0.66
N LYS D 15 -18.68 -35.37 -2.01
CA LYS D 15 -17.91 -35.34 -0.75
C LYS D 15 -18.81 -35.81 0.40
N ASP D 16 -18.22 -36.57 1.33
CA ASP D 16 -18.98 -37.12 2.44
C ASP D 16 -19.57 -36.17 3.48
N ILE D 17 -18.99 -34.98 3.66
CA ILE D 17 -19.52 -34.07 4.66
C ILE D 17 -20.19 -32.83 4.09
N ARG D 18 -21.40 -32.56 4.55
CA ARG D 18 -22.18 -31.41 4.11
C ARG D 18 -22.08 -30.28 5.13
N ILE D 19 -21.60 -29.13 4.67
CA ILE D 19 -21.38 -27.98 5.55
C ILE D 19 -22.35 -26.81 5.40
N GLY D 20 -22.75 -26.26 6.53
CA GLY D 20 -23.62 -25.11 6.51
C GLY D 20 -22.85 -23.89 6.98
N LEU D 21 -22.97 -22.78 6.26
CA LEU D 21 -22.28 -21.56 6.66
C LEU D 21 -23.37 -20.53 7.01
N LEU D 22 -23.36 -20.07 8.25
CA LEU D 22 -24.35 -19.11 8.72
C LEU D 22 -23.72 -17.72 8.84
N GLY D 23 -24.01 -16.85 7.89
CA GLY D 23 -23.43 -15.52 7.87
C GLY D 23 -22.26 -15.65 6.90
N ALA D 24 -22.56 -15.72 5.62
CA ALA D 24 -21.56 -15.90 4.57
C ALA D 24 -21.09 -14.65 3.85
N SER D 25 -21.69 -13.49 4.16
CA SER D 25 -21.33 -12.26 3.48
C SER D 25 -20.16 -11.46 4.05
N GLY D 26 -19.56 -11.96 5.11
CA GLY D 26 -18.41 -11.27 5.69
C GLY D 26 -17.08 -11.92 5.30
N TYR D 27 -15.97 -11.34 5.75
CA TYR D 27 -14.65 -11.87 5.41
C TYR D 27 -14.37 -13.18 6.11
N THR D 28 -15.18 -13.58 7.08
CA THR D 28 -14.92 -14.87 7.70
C THR D 28 -15.59 -15.90 6.80
N GLY D 29 -16.80 -15.57 6.33
CA GLY D 29 -17.53 -16.45 5.44
C GLY D 29 -16.76 -16.72 4.15
N ALA D 30 -16.18 -15.67 3.60
CA ALA D 30 -15.38 -15.77 2.37
C ALA D 30 -14.12 -16.58 2.63
N GLU D 31 -13.56 -16.51 3.83
CA GLU D 31 -12.36 -17.29 4.12
C GLU D 31 -12.78 -18.74 4.40
N ILE D 32 -13.93 -18.90 5.06
CA ILE D 32 -14.45 -20.22 5.37
C ILE D 32 -14.70 -20.90 4.05
N VAL D 33 -15.32 -20.18 3.10
CA VAL D 33 -15.60 -20.75 1.79
C VAL D 33 -14.29 -21.01 1.03
N ARG D 34 -13.34 -20.09 1.13
CA ARG D 34 -12.09 -20.26 0.44
C ARG D 34 -11.44 -21.63 0.70
N LEU D 35 -11.28 -21.97 1.96
CA LEU D 35 -10.66 -23.25 2.32
C LEU D 35 -11.50 -24.43 1.87
N LEU D 36 -12.76 -24.44 2.25
CA LEU D 36 -13.62 -25.55 1.88
C LEU D 36 -13.53 -25.92 0.40
N ALA D 37 -13.28 -24.95 -0.47
CA ALA D 37 -13.24 -25.23 -1.91
C ALA D 37 -12.49 -26.50 -2.28
N ASN D 38 -11.25 -26.65 -1.82
CA ASN D 38 -10.52 -27.86 -2.17
C ASN D 38 -10.30 -28.78 -0.96
N HIS D 39 -11.24 -28.77 -0.03
CA HIS D 39 -11.13 -29.66 1.12
C HIS D 39 -11.61 -30.99 0.51
N PRO D 40 -10.79 -32.05 0.65
CA PRO D 40 -11.18 -33.36 0.10
C PRO D 40 -12.49 -33.96 0.59
N HIS D 41 -12.96 -33.60 1.78
CA HIS D 41 -14.18 -34.24 2.26
C HIS D 41 -15.35 -33.35 2.64
N PHE D 42 -15.11 -32.06 2.82
CA PHE D 42 -16.19 -31.16 3.21
C PHE D 42 -16.67 -30.35 2.02
N GLN D 43 -17.98 -30.22 1.89
CA GLN D 43 -18.57 -29.48 0.80
C GLN D 43 -19.66 -28.53 1.31
N VAL D 44 -19.60 -27.26 0.92
CA VAL D 44 -20.64 -26.31 1.34
C VAL D 44 -21.97 -26.63 0.64
N THR D 45 -23.02 -26.89 1.41
CA THR D 45 -24.33 -27.20 0.83
C THR D 45 -25.42 -26.21 1.27
N LEU D 46 -25.13 -25.41 2.29
CA LEU D 46 -26.08 -24.43 2.76
C LEU D 46 -25.37 -23.16 3.19
N MET D 47 -25.87 -22.00 2.73
CA MET D 47 -25.29 -20.72 3.09
C MET D 47 -26.38 -19.71 3.48
N THR D 48 -26.16 -18.96 4.56
CA THR D 48 -27.16 -17.99 4.97
C THR D 48 -26.57 -16.59 5.06
N ALA D 49 -27.42 -15.60 4.82
CA ALA D 49 -27.06 -14.19 4.89
C ALA D 49 -28.34 -13.46 5.29
N ASP D 50 -28.20 -12.25 5.80
CA ASP D 50 -29.39 -11.50 6.20
C ASP D 50 -29.88 -10.58 5.09
N ARG D 51 -29.19 -9.47 4.88
CA ARG D 51 -29.60 -8.51 3.86
C ARG D 51 -29.41 -9.01 2.42
N LYS D 52 -28.64 -10.09 2.26
CA LYS D 52 -28.39 -10.63 0.93
C LYS D 52 -29.10 -11.95 0.65
N ALA D 53 -29.96 -12.39 1.56
CA ALA D 53 -30.67 -13.64 1.33
C ALA D 53 -31.33 -13.63 -0.04
N GLY D 54 -31.23 -14.72 -0.78
CA GLY D 54 -31.85 -14.76 -2.08
C GLY D 54 -30.89 -14.44 -3.22
N GLN D 55 -29.83 -13.71 -2.91
CA GLN D 55 -28.82 -13.35 -3.91
C GLN D 55 -27.77 -14.46 -4.00
N SER D 56 -27.06 -14.51 -5.12
CA SER D 56 -26.01 -15.52 -5.30
C SER D 56 -24.81 -15.05 -4.48
N MET D 57 -24.05 -16.00 -3.96
CA MET D 57 -22.90 -15.67 -3.16
C MET D 57 -21.86 -14.92 -3.99
N GLU D 58 -21.92 -15.14 -5.30
CA GLU D 58 -21.00 -14.48 -6.22
C GLU D 58 -21.38 -13.01 -6.43
N SER D 59 -22.63 -12.66 -6.13
CA SER D 59 -23.06 -11.29 -6.31
C SER D 59 -22.42 -10.44 -5.21
N VAL D 60 -22.23 -11.04 -4.04
CA VAL D 60 -21.63 -10.37 -2.89
C VAL D 60 -20.10 -10.37 -3.02
N PHE D 61 -19.55 -11.53 -3.38
CA PHE D 61 -18.11 -11.72 -3.54
C PHE D 61 -17.80 -12.25 -4.96
N PRO D 62 -17.47 -11.36 -5.89
CA PRO D 62 -17.15 -11.70 -7.28
C PRO D 62 -16.07 -12.75 -7.46
N HIS D 63 -15.01 -12.65 -6.66
CA HIS D 63 -13.89 -13.59 -6.76
C HIS D 63 -14.33 -15.05 -6.56
N LEU D 64 -15.63 -15.24 -6.42
CA LEU D 64 -16.18 -16.57 -6.23
C LEU D 64 -16.65 -17.14 -7.57
N ARG D 65 -16.48 -16.37 -8.63
CA ARG D 65 -16.89 -16.78 -9.96
C ARG D 65 -16.65 -18.28 -10.27
N ALA D 66 -15.51 -18.84 -9.89
CA ALA D 66 -15.23 -20.26 -10.19
C ALA D 66 -16.04 -21.24 -9.35
N GLN D 67 -16.35 -20.85 -8.12
CA GLN D 67 -17.13 -21.72 -7.24
C GLN D 67 -18.57 -21.82 -7.70
N LYS D 68 -19.12 -23.03 -7.61
CA LYS D 68 -20.51 -23.27 -7.96
C LYS D 68 -21.15 -23.62 -6.62
N LEU D 69 -21.79 -22.63 -6.02
CA LEU D 69 -22.44 -22.75 -4.74
C LEU D 69 -23.96 -22.51 -4.89
N PRO D 70 -24.74 -22.77 -3.83
CA PRO D 70 -26.19 -22.56 -3.90
C PRO D 70 -26.54 -21.13 -3.48
N THR D 71 -27.76 -20.70 -3.79
CA THR D 71 -28.18 -19.34 -3.42
C THR D 71 -28.31 -19.21 -1.89
N LEU D 72 -28.13 -18.02 -1.36
CA LEU D 72 -28.22 -17.81 0.08
C LEU D 72 -29.63 -18.10 0.63
N VAL D 73 -29.80 -17.91 1.93
CA VAL D 73 -31.08 -18.08 2.61
C VAL D 73 -30.93 -17.31 3.92
N SER D 74 -31.95 -17.37 4.75
CA SER D 74 -31.94 -16.70 6.06
C SER D 74 -31.64 -17.79 7.10
N VAL D 75 -30.98 -17.43 8.20
CA VAL D 75 -30.73 -18.41 9.26
C VAL D 75 -32.11 -18.91 9.74
N LYS D 76 -33.14 -18.10 9.54
CA LYS D 76 -34.47 -18.45 9.95
C LYS D 76 -35.25 -19.36 9.00
N ASP D 77 -34.83 -19.40 7.74
CA ASP D 77 -35.48 -20.25 6.74
C ASP D 77 -34.72 -21.56 6.49
N ALA D 78 -33.42 -21.57 6.77
CA ALA D 78 -32.60 -22.76 6.53
C ALA D 78 -33.14 -23.94 7.31
N ASP D 79 -32.85 -25.13 6.80
CA ASP D 79 -33.29 -26.35 7.43
C ASP D 79 -32.05 -27.23 7.49
N PHE D 80 -31.72 -27.71 8.69
CA PHE D 80 -30.53 -28.51 8.87
C PHE D 80 -30.70 -30.01 8.70
N SER D 81 -31.91 -30.44 8.38
CA SER D 81 -32.12 -31.87 8.22
C SER D 81 -31.54 -32.28 6.87
N THR D 82 -30.25 -31.96 6.68
CA THR D 82 -29.51 -32.25 5.46
C THR D 82 -28.04 -31.79 5.57
N VAL D 83 -27.71 -31.16 6.69
CA VAL D 83 -26.36 -30.65 6.92
C VAL D 83 -25.74 -31.40 8.09
N ASP D 84 -24.42 -31.58 8.07
CA ASP D 84 -23.73 -32.30 9.12
C ASP D 84 -22.96 -31.44 10.12
N ALA D 85 -22.36 -30.37 9.64
CA ALA D 85 -21.59 -29.47 10.50
C ALA D 85 -21.85 -28.01 10.12
N VAL D 86 -21.68 -27.13 11.10
CA VAL D 86 -21.93 -25.72 10.87
C VAL D 86 -20.84 -24.77 11.37
N PHE D 87 -20.59 -23.70 10.60
CA PHE D 87 -19.65 -22.66 10.98
C PHE D 87 -20.56 -21.44 11.11
N CYS D 88 -20.50 -20.75 12.25
CA CYS D 88 -21.31 -19.55 12.42
C CYS D 88 -20.45 -18.31 12.38
N CYS D 89 -20.82 -17.41 11.47
CA CYS D 89 -20.13 -16.13 11.29
C CYS D 89 -21.21 -15.08 11.37
N LEU D 90 -22.20 -15.33 12.22
CA LEU D 90 -23.31 -14.42 12.41
C LEU D 90 -22.82 -13.16 13.11
N PRO D 91 -23.50 -12.03 12.86
CA PRO D 91 -23.16 -10.73 13.45
C PRO D 91 -23.53 -10.63 14.92
N HIS D 92 -22.54 -10.30 15.73
CA HIS D 92 -22.71 -10.18 17.18
C HIS D 92 -24.10 -9.68 17.54
N GLY D 93 -24.75 -10.39 18.45
CA GLY D 93 -26.08 -10.01 18.89
C GLY D 93 -27.12 -11.08 18.59
N THR D 94 -26.82 -11.98 17.68
CA THR D 94 -27.77 -13.04 17.32
C THR D 94 -27.21 -14.44 17.50
N THR D 95 -25.89 -14.54 17.60
CA THR D 95 -25.23 -15.84 17.73
C THR D 95 -25.78 -16.71 18.85
N GLN D 96 -25.71 -16.18 20.06
CA GLN D 96 -26.17 -16.90 21.25
C GLN D 96 -27.56 -17.54 21.13
N GLU D 97 -28.54 -16.74 20.71
CA GLU D 97 -29.90 -17.26 20.59
C GLU D 97 -30.10 -18.18 19.40
N ILE D 98 -29.45 -17.87 18.29
CA ILE D 98 -29.55 -18.72 17.11
C ILE D 98 -28.93 -20.07 17.35
N ILE D 99 -27.77 -20.09 17.99
CA ILE D 99 -27.07 -21.33 18.25
C ILE D 99 -27.83 -22.22 19.23
N LYS D 100 -28.35 -21.63 20.30
CA LYS D 100 -29.07 -22.42 21.30
C LYS D 100 -30.18 -23.25 20.63
N GLU D 101 -30.88 -22.63 19.69
CA GLU D 101 -31.96 -23.27 18.98
C GLU D 101 -31.53 -24.04 17.73
N LEU D 102 -30.36 -24.68 17.80
CA LEU D 102 -29.84 -25.48 16.68
C LEU D 102 -29.91 -26.95 16.98
N PRO D 103 -30.36 -27.76 16.01
CA PRO D 103 -30.46 -29.21 16.23
C PRO D 103 -29.26 -29.87 16.94
N THR D 104 -29.47 -31.10 17.40
CA THR D 104 -28.47 -31.87 18.14
C THR D 104 -27.27 -32.40 17.34
N ALA D 105 -27.55 -33.34 16.44
CA ALA D 105 -26.51 -33.96 15.62
C ALA D 105 -25.61 -32.95 14.93
N LEU D 106 -26.04 -31.69 14.91
CA LEU D 106 -25.27 -30.63 14.28
C LEU D 106 -23.99 -30.27 15.00
N LYS D 107 -22.86 -30.47 14.35
CA LYS D 107 -21.57 -30.08 14.91
C LYS D 107 -21.52 -28.56 14.66
N ILE D 108 -21.12 -27.80 15.68
CA ILE D 108 -21.07 -26.35 15.55
C ILE D 108 -19.73 -25.74 15.92
N VAL D 109 -19.34 -24.72 15.15
CA VAL D 109 -18.12 -24.00 15.43
C VAL D 109 -18.41 -22.52 15.18
N ASP D 110 -18.41 -21.78 16.27
CA ASP D 110 -18.68 -20.36 16.21
C ASP D 110 -17.41 -19.53 16.26
N LEU D 111 -17.28 -18.59 15.32
CA LEU D 111 -16.12 -17.72 15.30
C LEU D 111 -16.34 -16.46 16.13
N SER D 112 -17.60 -16.14 16.45
CA SER D 112 -17.93 -14.96 17.26
C SER D 112 -17.20 -15.00 18.61
N ALA D 113 -17.39 -13.95 19.41
CA ALA D 113 -16.80 -13.89 20.74
C ALA D 113 -17.91 -13.99 21.79
N ASP D 114 -18.94 -14.79 21.52
CA ASP D 114 -20.04 -14.90 22.48
C ASP D 114 -20.12 -16.17 23.32
N PHE D 115 -19.31 -17.16 22.97
CA PHE D 115 -19.29 -18.39 23.74
C PHE D 115 -17.86 -18.72 24.20
N ARG D 116 -16.97 -17.75 24.00
CA ARG D 116 -15.57 -17.89 24.38
C ARG D 116 -15.32 -17.79 25.88
N LEU D 117 -16.04 -16.89 26.55
CA LEU D 117 -15.85 -16.70 27.98
C LEU D 117 -16.71 -17.61 28.88
N ARG D 118 -16.08 -18.22 29.87
CA ARG D 118 -16.79 -19.10 30.80
C ARG D 118 -17.61 -18.30 31.81
N ASN D 119 -17.00 -17.25 32.35
CA ASN D 119 -17.65 -16.38 33.34
C ASN D 119 -18.73 -15.51 32.72
N ILE D 120 -19.98 -15.86 33.01
CA ILE D 120 -21.13 -15.14 32.50
C ILE D 120 -21.07 -13.65 32.80
N ALA D 121 -20.63 -13.32 34.01
CA ALA D 121 -20.53 -11.91 34.39
C ALA D 121 -19.60 -11.18 33.41
N GLU D 122 -18.36 -11.67 33.30
CA GLU D 122 -17.37 -11.07 32.41
C GLU D 122 -17.92 -10.79 31.03
N TYR D 123 -18.62 -11.76 30.45
CA TYR D 123 -19.21 -11.59 29.13
C TYR D 123 -20.12 -10.36 29.10
N GLU D 124 -21.10 -10.35 29.99
CA GLU D 124 -22.07 -9.25 30.06
C GLU D 124 -21.39 -7.91 30.29
N GLU D 125 -20.37 -7.92 31.13
CA GLU D 125 -19.62 -6.70 31.42
C GLU D 125 -18.76 -6.26 30.22
N TRP D 126 -18.21 -7.22 29.48
CA TRP D 126 -17.37 -6.83 28.34
C TRP D 126 -18.10 -6.59 27.05
N TYR D 127 -19.23 -7.26 26.85
CA TYR D 127 -20.00 -7.10 25.61
C TYR D 127 -21.31 -6.35 25.81
N GLY D 128 -21.43 -5.67 26.95
CA GLY D 128 -22.62 -4.89 27.25
C GLY D 128 -23.97 -5.50 26.93
N GLN D 129 -24.23 -6.69 27.46
CA GLN D 129 -25.50 -7.36 27.25
C GLN D 129 -25.58 -8.69 27.98
N PRO D 130 -26.80 -9.10 28.37
CA PRO D 130 -27.01 -10.35 29.09
C PRO D 130 -26.63 -11.54 28.23
N HIS D 131 -26.08 -12.57 28.87
CA HIS D 131 -25.70 -13.78 28.15
C HIS D 131 -27.01 -14.52 27.92
N LYS D 132 -27.42 -14.62 26.66
CA LYS D 132 -28.67 -15.25 26.31
C LYS D 132 -28.70 -16.76 26.15
N ALA D 133 -27.66 -17.45 26.60
CA ALA D 133 -27.63 -18.91 26.49
C ALA D 133 -26.70 -19.46 27.56
N VAL D 134 -26.90 -18.92 28.77
CA VAL D 134 -26.13 -19.27 29.95
C VAL D 134 -25.85 -20.76 30.18
N GLU D 135 -26.83 -21.63 30.00
CA GLU D 135 -26.59 -23.04 30.22
C GLU D 135 -25.81 -23.65 29.07
N LEU D 136 -26.14 -23.26 27.85
CA LEU D 136 -25.44 -23.77 26.69
C LEU D 136 -23.95 -23.43 26.83
N GLN D 137 -23.67 -22.28 27.47
CA GLN D 137 -22.29 -21.84 27.67
C GLN D 137 -21.47 -22.88 28.37
N LYS D 138 -22.09 -23.63 29.26
CA LYS D 138 -21.38 -24.65 30.05
C LYS D 138 -20.78 -25.80 29.26
N GLU D 139 -21.31 -26.11 28.07
CA GLU D 139 -20.74 -27.21 27.30
C GLU D 139 -19.77 -26.80 26.18
N VAL D 140 -19.56 -25.50 26.01
CA VAL D 140 -18.67 -24.99 24.97
C VAL D 140 -17.20 -25.31 25.22
N VAL D 141 -16.47 -25.67 24.17
CA VAL D 141 -15.03 -25.92 24.29
C VAL D 141 -14.27 -24.83 23.49
N TYR D 142 -13.25 -24.25 24.12
CA TYR D 142 -12.45 -23.21 23.46
C TYR D 142 -11.59 -23.89 22.36
N GLY D 143 -11.68 -23.37 21.14
CA GLY D 143 -10.98 -24.00 20.03
C GLY D 143 -9.55 -23.62 19.68
N LEU D 144 -8.68 -23.48 20.67
CA LEU D 144 -7.28 -23.18 20.39
C LEU D 144 -6.71 -24.58 20.18
N THR D 145 -6.84 -25.07 18.95
CA THR D 145 -6.44 -26.42 18.64
C THR D 145 -5.19 -27.04 19.28
N GLU D 146 -4.00 -26.54 18.98
CA GLU D 146 -2.75 -27.10 19.54
C GLU D 146 -2.79 -27.25 21.07
N ILE D 147 -3.65 -26.47 21.72
CA ILE D 147 -3.76 -26.50 23.17
C ILE D 147 -4.85 -27.46 23.71
N LEU D 148 -6.10 -27.27 23.26
CA LEU D 148 -7.23 -28.06 23.74
C LEU D 148 -7.70 -29.14 22.77
N ARG D 149 -6.77 -29.59 21.94
CA ARG D 149 -7.02 -30.62 20.93
C ARG D 149 -7.86 -31.80 21.43
N GLU D 150 -7.38 -32.48 22.47
CA GLU D 150 -8.07 -33.66 22.99
C GLU D 150 -9.53 -33.49 23.34
N ASP D 151 -9.92 -32.30 23.83
CA ASP D 151 -11.30 -32.06 24.19
C ASP D 151 -12.14 -31.59 23.01
N ILE D 152 -11.51 -30.77 22.17
CA ILE D 152 -12.19 -30.25 21.00
C ILE D 152 -12.71 -31.38 20.13
N LYS D 153 -11.89 -32.41 19.91
CA LYS D 153 -12.31 -33.51 19.04
C LYS D 153 -13.59 -34.22 19.50
N LYS D 154 -14.00 -33.99 20.75
CA LYS D 154 -15.21 -34.64 21.24
C LYS D 154 -16.33 -33.68 21.63
N ALA D 155 -16.16 -32.39 21.32
CA ALA D 155 -17.19 -31.40 21.63
C ALA D 155 -18.16 -31.25 20.46
N ARG D 156 -19.37 -30.77 20.74
CA ARG D 156 -20.35 -30.58 19.68
C ARG D 156 -20.33 -29.11 19.28
N LEU D 157 -20.11 -28.26 20.28
CA LEU D 157 -20.07 -26.81 20.10
C LEU D 157 -18.70 -26.23 20.49
N VAL D 158 -18.06 -25.60 19.51
CA VAL D 158 -16.74 -25.01 19.74
C VAL D 158 -16.71 -23.52 19.53
N ALA D 159 -16.08 -22.82 20.46
CA ALA D 159 -15.92 -21.38 20.34
C ALA D 159 -14.53 -21.16 19.78
N ASN D 160 -14.46 -20.78 18.52
CA ASN D 160 -13.18 -20.53 17.89
C ASN D 160 -12.58 -19.27 18.51
N PRO D 161 -11.30 -19.34 18.93
CA PRO D 161 -10.64 -18.19 19.55
C PRO D 161 -10.62 -16.92 18.68
N GLY D 162 -10.35 -15.78 19.28
CA GLY D 162 -10.22 -14.57 18.49
C GLY D 162 -8.83 -14.57 17.83
N CYS D 163 -8.65 -13.81 16.74
CA CYS D 163 -7.37 -13.77 16.05
C CYS D 163 -6.20 -13.39 16.97
N TYR D 164 -6.23 -12.22 17.59
CA TYR D 164 -5.14 -11.82 18.45
C TYR D 164 -4.86 -12.88 19.50
N PRO D 165 -5.91 -13.32 20.24
CA PRO D 165 -5.69 -14.34 21.28
C PRO D 165 -4.99 -15.60 20.79
N THR D 166 -5.15 -15.93 19.51
CA THR D 166 -4.50 -17.13 18.99
C THR D 166 -2.99 -16.93 18.89
N THR D 167 -2.56 -15.71 18.54
CA THR D 167 -1.12 -15.45 18.44
C THR D 167 -0.42 -15.62 19.78
N ILE D 168 -0.95 -14.92 20.79
CA ILE D 168 -0.43 -14.89 22.15
C ILE D 168 -0.52 -16.19 22.99
N GLN D 169 -1.53 -17.00 22.75
CA GLN D 169 -1.66 -18.22 23.52
C GLN D 169 -0.76 -19.37 23.05
N LEU D 170 -0.30 -19.34 21.81
CA LEU D 170 0.60 -20.38 21.35
C LEU D 170 1.98 -20.28 22.04
N PRO D 171 2.44 -19.06 22.39
CA PRO D 171 3.74 -19.01 23.06
C PRO D 171 3.70 -18.99 24.59
N LEU D 172 2.69 -18.34 25.16
CA LEU D 172 2.62 -18.20 26.62
C LEU D 172 2.19 -19.42 27.43
N VAL D 173 1.31 -20.27 26.88
CA VAL D 173 0.88 -21.46 27.59
C VAL D 173 2.01 -22.49 27.70
N PRO D 174 3.01 -22.41 26.80
CA PRO D 174 4.10 -23.38 26.92
C PRO D 174 5.16 -22.86 27.90
N LEU D 175 4.97 -21.61 28.33
CA LEU D 175 5.88 -20.95 29.26
C LEU D 175 5.29 -20.85 30.67
N LEU D 176 3.97 -20.75 30.77
CA LEU D 176 3.32 -20.67 32.08
C LEU D 176 3.18 -22.08 32.71
N LYS D 177 2.71 -23.03 31.90
CA LYS D 177 2.55 -24.40 32.39
C LYS D 177 3.89 -24.91 32.97
N ALA D 178 4.99 -24.57 32.32
CA ALA D 178 6.31 -25.00 32.74
C ALA D 178 6.94 -24.02 33.72
N ASN D 179 6.15 -23.03 34.16
CA ASN D 179 6.62 -22.02 35.10
C ASN D 179 7.94 -21.36 34.70
N LEU D 180 8.12 -21.03 33.41
CA LEU D 180 9.37 -20.41 32.97
C LEU D 180 9.34 -18.90 32.97
N ILE D 181 8.14 -18.32 33.05
CA ILE D 181 7.98 -16.85 33.06
C ILE D 181 7.04 -16.46 34.19
N LYS D 182 7.14 -15.22 34.68
CA LYS D 182 6.25 -14.77 35.75
C LYS D 182 4.89 -14.43 35.14
N HIS D 183 3.82 -14.49 35.92
CA HIS D 183 2.52 -14.17 35.35
C HIS D 183 2.10 -12.73 35.57
N GLU D 184 3.02 -11.90 36.03
CA GLU D 184 2.68 -10.50 36.20
C GLU D 184 3.48 -9.67 35.20
N ASN D 185 3.00 -8.49 34.90
CA ASN D 185 3.68 -7.59 33.98
C ASN D 185 3.91 -8.09 32.56
N ILE D 186 3.04 -8.97 32.09
CA ILE D 186 3.12 -9.45 30.72
C ILE D 186 2.53 -8.32 29.88
N ILE D 187 3.34 -7.70 29.02
CA ILE D 187 2.87 -6.61 28.18
C ILE D 187 2.85 -7.01 26.71
N ILE D 188 1.73 -6.75 26.06
CA ILE D 188 1.55 -7.11 24.66
C ILE D 188 1.28 -5.91 23.73
N ASP D 189 2.08 -5.80 22.66
CA ASP D 189 1.91 -4.76 21.66
C ASP D 189 1.66 -5.48 20.34
N ALA D 190 0.38 -5.59 20.01
CA ALA D 190 -0.08 -6.31 18.82
C ALA D 190 -0.38 -5.44 17.58
N LYS D 191 -0.31 -6.09 16.42
CA LYS D 191 -0.52 -5.44 15.13
C LYS D 191 -1.39 -6.30 14.22
N SER D 192 -2.30 -5.66 13.50
CA SER D 192 -3.16 -6.39 12.59
C SER D 192 -3.51 -5.62 11.33
N GLY D 193 -3.76 -6.39 10.26
CA GLY D 193 -4.18 -5.82 9.00
C GLY D 193 -5.66 -5.47 9.19
N VAL D 194 -6.13 -4.48 8.45
CA VAL D 194 -7.51 -4.02 8.57
C VAL D 194 -8.60 -5.02 8.08
N SER D 195 -8.19 -6.18 7.54
CA SER D 195 -9.19 -7.13 7.08
C SER D 195 -9.98 -7.67 8.27
N GLY D 196 -9.39 -7.57 9.46
CA GLY D 196 -10.05 -8.06 10.65
C GLY D 196 -11.23 -7.19 11.01
N ALA D 197 -11.12 -5.89 10.70
CA ALA D 197 -12.18 -4.93 10.98
C ALA D 197 -13.43 -5.23 10.14
N GLY D 198 -13.46 -6.40 9.53
CA GLY D 198 -14.61 -6.78 8.72
C GLY D 198 -14.82 -5.90 7.52
N ARG D 199 -15.89 -6.18 6.79
CA ARG D 199 -16.26 -5.47 5.58
C ARG D 199 -17.38 -4.41 5.77
N GLY D 200 -17.58 -3.95 7.00
CA GLY D 200 -18.59 -2.94 7.23
C GLY D 200 -18.19 -1.56 6.68
N ALA D 201 -19.09 -0.91 5.95
CA ALA D 201 -18.81 0.41 5.39
C ALA D 201 -18.59 1.44 6.49
N LYS D 202 -17.33 1.68 6.83
CA LYS D 202 -16.96 2.62 7.88
C LYS D 202 -15.96 3.66 7.37
N GLU D 203 -16.20 4.92 7.66
CA GLU D 203 -15.30 5.97 7.18
C GLU D 203 -13.86 5.69 7.60
N ALA D 204 -13.66 5.31 8.85
CA ALA D 204 -12.32 5.02 9.36
C ALA D 204 -11.55 3.90 8.64
N ASN D 205 -12.25 3.06 7.88
CA ASN D 205 -11.58 1.96 7.24
C ASN D 205 -11.46 2.02 5.71
N LEU D 206 -11.75 3.19 5.16
CA LEU D 206 -11.67 3.42 3.71
C LEU D 206 -10.19 3.41 3.33
N TYR D 207 -9.89 2.98 2.11
CA TYR D 207 -8.51 2.98 1.65
C TYR D 207 -7.80 4.30 1.96
N SER D 208 -8.41 5.44 1.60
CA SER D 208 -7.76 6.75 1.85
C SER D 208 -7.44 7.06 3.30
N GLU D 209 -8.29 6.60 4.22
CA GLU D 209 -8.05 6.87 5.66
C GLU D 209 -6.99 5.93 6.28
N ILE D 210 -6.99 4.70 5.83
CA ILE D 210 -6.11 3.68 6.36
C ILE D 210 -4.74 3.60 5.72
N ALA D 211 -4.71 3.77 4.41
CA ALA D 211 -3.45 3.65 3.67
C ALA D 211 -2.32 4.59 4.04
N GLU D 212 -1.12 4.01 3.98
CA GLU D 212 0.16 4.67 4.21
C GLU D 212 0.29 5.41 5.54
N GLY D 213 -0.09 4.70 6.60
CA GLY D 213 -0.04 5.22 7.96
C GLY D 213 -0.56 4.16 8.89
N ILE D 214 -0.35 4.36 10.19
CA ILE D 214 -0.78 3.45 11.26
C ILE D 214 -1.38 4.23 12.44
N SER D 215 -1.96 3.50 13.39
CA SER D 215 -2.53 4.07 14.62
C SER D 215 -2.87 2.93 15.56
N SER D 216 -2.92 3.23 16.85
CA SER D 216 -3.29 2.25 17.87
C SER D 216 -4.84 2.29 18.01
N TYR D 217 -5.43 1.32 18.69
CA TYR D 217 -6.86 1.33 18.96
C TYR D 217 -7.14 0.41 20.14
N GLY D 218 -8.35 0.51 20.70
CA GLY D 218 -8.70 -0.31 21.84
C GLY D 218 -7.67 -0.29 22.95
N VAL D 219 -7.16 0.90 23.23
CA VAL D 219 -6.17 1.04 24.28
C VAL D 219 -6.89 0.80 25.62
N THR D 220 -6.20 0.13 26.55
CA THR D 220 -6.73 -0.17 27.88
C THR D 220 -7.82 -1.23 27.85
N ARG D 221 -8.89 -0.97 27.12
CA ARG D 221 -9.99 -1.90 27.08
C ARG D 221 -10.27 -2.36 25.67
N HIS D 222 -10.14 -3.66 25.45
CA HIS D 222 -10.44 -4.23 24.15
C HIS D 222 -11.07 -5.57 24.50
N ARG D 223 -12.16 -5.91 23.81
CA ARG D 223 -12.86 -7.16 24.15
C ARG D 223 -12.00 -8.43 24.16
N HIS D 224 -10.79 -8.37 23.64
CA HIS D 224 -9.93 -9.56 23.67
C HIS D 224 -9.20 -9.73 25.00
N VAL D 225 -9.19 -8.68 25.81
CA VAL D 225 -8.51 -8.75 27.09
C VAL D 225 -8.98 -9.88 28.00
N PRO D 226 -10.28 -9.91 28.37
CA PRO D 226 -10.78 -10.98 29.25
C PRO D 226 -10.54 -12.38 28.70
N GLU D 227 -10.66 -12.52 27.39
CA GLU D 227 -10.42 -13.79 26.72
C GLU D 227 -8.96 -14.21 26.96
N ILE D 228 -8.02 -13.38 26.54
CA ILE D 228 -6.59 -13.65 26.74
C ILE D 228 -6.29 -14.05 28.19
N GLU D 229 -6.79 -13.25 29.13
CA GLU D 229 -6.59 -13.51 30.56
C GLU D 229 -7.16 -14.86 30.98
N GLN D 230 -8.40 -15.14 30.56
CA GLN D 230 -9.01 -16.43 30.88
C GLN D 230 -7.98 -17.56 30.60
N GLY D 231 -7.52 -17.63 29.35
CA GLY D 231 -6.57 -18.65 28.93
C GLY D 231 -5.31 -18.71 29.78
N LEU D 232 -4.75 -17.55 30.06
CA LEU D 232 -3.53 -17.48 30.84
C LEU D 232 -3.77 -17.86 32.29
N SER D 233 -4.89 -17.42 32.85
CA SER D 233 -5.24 -17.76 34.23
C SER D 233 -5.49 -19.26 34.37
N ASP D 234 -6.22 -19.85 33.41
CA ASP D 234 -6.51 -21.26 33.47
C ASP D 234 -5.25 -22.09 33.56
N VAL D 235 -4.16 -21.59 32.95
CA VAL D 235 -2.90 -22.32 32.96
C VAL D 235 -2.03 -21.96 34.16
N ALA D 236 -2.04 -20.70 34.55
CA ALA D 236 -1.25 -20.27 35.68
C ALA D 236 -1.94 -20.55 37.01
N GLN D 237 -3.24 -20.89 36.95
CA GLN D 237 -4.01 -21.20 38.15
C GLN D 237 -3.93 -20.04 39.11
N SER D 238 -4.31 -18.87 38.62
CA SER D 238 -4.29 -17.64 39.39
C SER D 238 -4.65 -16.52 38.40
N LYS D 239 -5.39 -15.52 38.87
CA LYS D 239 -5.80 -14.45 37.99
C LYS D 239 -4.64 -13.72 37.34
N VAL D 240 -4.67 -13.67 36.02
CA VAL D 240 -3.64 -12.98 35.27
C VAL D 240 -4.16 -11.66 34.69
N THR D 241 -3.43 -10.59 34.94
CA THR D 241 -3.78 -9.28 34.41
C THR D 241 -2.67 -8.85 33.47
N VAL D 242 -3.03 -8.67 32.19
CA VAL D 242 -2.06 -8.26 31.18
C VAL D 242 -2.35 -6.87 30.64
N SER D 243 -1.39 -6.35 29.89
CA SER D 243 -1.52 -5.09 29.18
C SER D 243 -1.57 -5.53 27.72
N PHE D 244 -2.62 -5.14 27.01
CA PHE D 244 -2.77 -5.50 25.61
C PHE D 244 -3.19 -4.30 24.76
N THR D 245 -2.23 -3.77 23.98
CA THR D 245 -2.47 -2.62 23.12
C THR D 245 -2.43 -2.99 21.62
N PRO D 246 -3.62 -3.03 20.97
CA PRO D 246 -3.69 -3.35 19.54
C PRO D 246 -3.23 -2.11 18.73
N HIS D 247 -2.77 -2.35 17.50
CA HIS D 247 -2.33 -1.30 16.57
C HIS D 247 -2.86 -1.71 15.20
N LEU D 248 -3.30 -0.75 14.41
CA LEU D 248 -3.83 -1.07 13.08
C LEU D 248 -2.75 -0.83 12.03
N MET D 249 -2.61 -1.80 11.12
CA MET D 249 -1.62 -1.75 10.07
C MET D 249 -2.19 -1.47 8.68
N PRO D 250 -1.47 -0.69 7.86
CA PRO D 250 -1.95 -0.39 6.52
C PRO D 250 -1.66 -1.59 5.60
N MET D 251 -2.37 -2.67 5.88
CA MET D 251 -2.21 -3.90 5.09
C MET D 251 -3.51 -4.68 5.28
N ILE D 252 -3.80 -5.58 4.36
CA ILE D 252 -5.04 -6.36 4.46
C ILE D 252 -4.96 -7.50 5.48
N ARG D 253 -4.06 -8.44 5.22
CA ARG D 253 -3.82 -9.61 6.06
C ARG D 253 -2.49 -9.53 6.85
N GLY D 254 -2.47 -10.14 8.02
CA GLY D 254 -1.26 -10.14 8.81
C GLY D 254 -1.45 -9.72 10.24
N MET D 255 -0.75 -10.40 11.14
CA MET D 255 -0.87 -10.07 12.55
C MET D 255 0.39 -10.45 13.32
N GLN D 256 0.78 -9.57 14.23
CA GLN D 256 1.91 -9.83 15.07
C GLN D 256 1.69 -9.38 16.50
N SER D 257 2.08 -10.23 17.44
CA SER D 257 2.04 -9.88 18.86
C SER D 257 3.50 -9.90 19.30
N THR D 258 3.96 -8.76 19.83
CA THR D 258 5.31 -8.62 20.37
C THR D 258 5.05 -8.66 21.88
N ILE D 259 5.48 -9.73 22.52
CA ILE D 259 5.22 -9.93 23.94
C ILE D 259 6.43 -9.78 24.85
N TYR D 260 6.29 -8.89 25.82
CA TYR D 260 7.34 -8.62 26.77
C TYR D 260 7.05 -9.30 28.12
N VAL D 261 7.83 -10.32 28.45
CA VAL D 261 7.66 -11.07 29.69
C VAL D 261 8.90 -11.10 30.57
N GLU D 262 8.69 -11.39 31.85
CA GLU D 262 9.75 -11.53 32.82
C GLU D 262 9.96 -13.02 32.97
N MET D 263 11.19 -13.48 32.81
CA MET D 263 11.45 -14.90 32.94
C MET D 263 11.37 -15.27 34.42
N ALA D 264 11.24 -16.56 34.72
CA ALA D 264 11.16 -17.01 36.12
C ALA D 264 12.59 -17.08 36.69
N PRO D 265 12.74 -16.86 38.00
CA PRO D 265 14.08 -16.89 38.62
C PRO D 265 14.96 -18.04 38.11
N GLY D 266 16.18 -17.71 37.67
CA GLY D 266 17.09 -18.73 37.17
C GLY D 266 16.89 -19.10 35.70
N VAL D 267 15.74 -18.71 35.15
CA VAL D 267 15.43 -19.02 33.75
C VAL D 267 16.12 -18.11 32.74
N ARG D 268 16.58 -18.71 31.64
CA ARG D 268 17.27 -18.00 30.56
C ARG D 268 16.46 -18.05 29.26
N THR D 269 16.74 -17.11 28.37
CA THR D 269 16.04 -17.07 27.08
C THR D 269 16.11 -18.42 26.36
N GLU D 270 17.29 -19.04 26.36
CA GLU D 270 17.49 -20.34 25.71
C GLU D 270 16.58 -21.42 26.31
N ASP D 271 16.19 -21.24 27.56
CA ASP D 271 15.30 -22.21 28.18
C ASP D 271 13.89 -22.00 27.65
N LEU D 272 13.51 -20.74 27.44
CA LEU D 272 12.18 -20.48 26.91
C LEU D 272 12.07 -21.11 25.52
N HIS D 273 13.14 -21.01 24.74
CA HIS D 273 13.14 -21.55 23.38
C HIS D 273 12.98 -23.05 23.36
N GLN D 274 13.74 -23.74 24.20
CA GLN D 274 13.68 -25.20 24.26
C GLN D 274 12.27 -25.67 24.54
N GLN D 275 11.61 -25.01 25.50
CA GLN D 275 10.26 -25.37 25.87
C GLN D 275 9.27 -25.21 24.73
N LEU D 276 9.41 -24.12 23.99
CA LEU D 276 8.51 -23.89 22.86
C LEU D 276 8.81 -24.93 21.80
N LYS D 277 10.11 -25.15 21.53
CA LYS D 277 10.51 -26.12 20.53
C LYS D 277 9.98 -27.50 20.90
N THR D 278 9.91 -27.76 22.21
CA THR D 278 9.41 -29.04 22.70
C THR D 278 7.91 -29.19 22.55
N SER D 279 7.16 -28.21 23.03
CA SER D 279 5.70 -28.25 22.97
C SER D 279 5.14 -28.28 21.56
N TYR D 280 5.82 -27.61 20.64
CA TYR D 280 5.36 -27.54 19.26
C TYR D 280 6.23 -28.31 18.29
N GLU D 281 7.12 -29.14 18.82
CA GLU D 281 8.06 -29.94 18.03
C GLU D 281 7.54 -30.44 16.68
N ASP D 282 6.53 -31.31 16.72
CA ASP D 282 5.95 -31.87 15.50
C ASP D 282 4.57 -31.27 15.15
N GLU D 283 4.41 -29.99 15.42
CA GLU D 283 3.15 -29.30 15.12
C GLU D 283 3.22 -28.63 13.75
N GLU D 284 2.36 -29.06 12.85
CA GLU D 284 2.33 -28.51 11.50
C GLU D 284 2.21 -26.98 11.43
N PHE D 285 1.16 -26.46 12.06
CA PHE D 285 0.85 -25.05 11.99
C PHE D 285 1.51 -24.11 12.97
N VAL D 286 2.48 -24.62 13.72
CA VAL D 286 3.19 -23.77 14.66
C VAL D 286 4.68 -24.07 14.52
N LYS D 287 5.40 -23.11 13.96
CA LYS D 287 6.83 -23.23 13.75
C LYS D 287 7.55 -22.34 14.75
N VAL D 288 8.48 -22.93 15.50
CA VAL D 288 9.27 -22.20 16.48
C VAL D 288 10.57 -21.95 15.78
N LEU D 289 10.87 -20.69 15.51
CA LEU D 289 12.09 -20.33 14.81
C LEU D 289 13.29 -20.40 15.74
N ASP D 290 14.49 -20.48 15.15
CA ASP D 290 15.72 -20.54 15.91
C ASP D 290 15.95 -19.22 16.62
N GLU D 291 16.69 -19.28 17.72
CA GLU D 291 16.99 -18.09 18.52
C GLU D 291 17.58 -17.00 17.62
N GLY D 292 17.07 -15.78 17.79
CA GLY D 292 17.57 -14.67 17.01
C GLY D 292 16.94 -14.45 15.65
N VAL D 293 16.23 -15.44 15.11
CA VAL D 293 15.63 -15.25 13.81
C VAL D 293 14.31 -14.49 13.96
N VAL D 294 14.12 -13.50 13.10
CA VAL D 294 12.92 -12.67 13.14
C VAL D 294 11.79 -13.17 12.25
N PRO D 295 10.59 -13.30 12.80
CA PRO D 295 9.43 -13.74 12.00
C PRO D 295 8.91 -12.55 11.18
N ARG D 296 8.24 -12.83 10.07
CA ARG D 296 7.66 -11.77 9.22
C ARG D 296 6.23 -12.16 8.91
N THR D 297 5.28 -11.24 9.04
CA THR D 297 3.90 -11.57 8.74
C THR D 297 3.80 -11.99 7.28
N HIS D 298 4.67 -11.43 6.43
CA HIS D 298 4.64 -11.82 5.01
C HIS D 298 4.73 -13.34 4.85
N ASN D 299 5.56 -13.97 5.67
CA ASN D 299 5.79 -15.42 5.60
C ASN D 299 4.63 -16.36 5.89
N VAL D 300 3.62 -15.90 6.64
CA VAL D 300 2.47 -16.77 6.92
C VAL D 300 1.24 -16.31 6.19
N ARG D 301 1.36 -15.17 5.53
CA ARG D 301 0.31 -14.56 4.73
C ARG D 301 -0.43 -15.57 3.87
N GLY D 302 -1.73 -15.77 4.14
CA GLY D 302 -2.51 -16.70 3.34
C GLY D 302 -2.37 -18.16 3.75
N SER D 303 -1.91 -18.38 4.97
CA SER D 303 -1.73 -19.74 5.46
C SER D 303 -2.17 -19.80 6.89
N ASN D 304 -2.21 -21.02 7.40
CA ASN D 304 -2.61 -21.32 8.76
C ASN D 304 -1.42 -21.66 9.67
N TYR D 305 -0.38 -20.82 9.68
CA TYR D 305 0.80 -21.10 10.53
C TYR D 305 1.15 -19.90 11.41
N CYS D 306 1.75 -20.14 12.58
CA CYS D 306 2.29 -19.05 13.42
C CYS D 306 3.79 -19.30 13.32
N HIS D 307 4.57 -18.23 13.47
CA HIS D 307 6.01 -18.31 13.50
C HIS D 307 6.40 -17.47 14.70
N MET D 308 6.87 -18.14 15.73
CA MET D 308 7.29 -17.43 16.92
C MET D 308 8.79 -17.60 17.17
N SER D 309 9.36 -16.65 17.88
CA SER D 309 10.76 -16.69 18.23
C SER D 309 10.93 -16.08 19.61
N VAL D 310 12.09 -16.33 20.20
CA VAL D 310 12.42 -15.83 21.54
C VAL D 310 13.68 -14.96 21.47
N PHE D 311 13.66 -13.84 22.16
CA PHE D 311 14.80 -12.95 22.16
C PHE D 311 15.00 -12.42 23.55
N PRO D 312 16.27 -12.19 23.94
CA PRO D 312 16.46 -11.66 25.28
C PRO D 312 16.07 -10.18 25.24
N ASP D 313 15.57 -9.64 26.35
CA ASP D 313 15.21 -8.24 26.38
C ASP D 313 16.49 -7.62 26.89
N ARG D 314 16.68 -6.31 26.69
CA ARG D 314 17.87 -5.65 27.17
C ARG D 314 17.78 -5.48 28.68
N ILE D 315 16.54 -5.40 29.18
CA ILE D 315 16.31 -5.24 30.61
C ILE D 315 16.67 -6.55 31.30
N PRO D 316 17.68 -6.50 32.17
CA PRO D 316 18.09 -7.73 32.87
C PRO D 316 16.94 -8.56 33.40
N GLY D 317 17.02 -9.86 33.12
CA GLY D 317 16.00 -10.78 33.57
C GLY D 317 14.90 -10.99 32.54
N ARG D 318 14.46 -9.90 31.92
CA ARG D 318 13.40 -9.93 30.93
C ARG D 318 13.72 -10.70 29.66
N ALA D 319 12.74 -10.70 28.75
CA ALA D 319 12.84 -11.35 27.48
C ALA D 319 11.69 -10.84 26.62
N ILE D 320 11.80 -11.10 25.31
CA ILE D 320 10.80 -10.68 24.34
C ILE D 320 10.37 -11.90 23.58
N ILE D 321 9.10 -11.95 23.21
CA ILE D 321 8.62 -13.08 22.46
C ILE D 321 7.74 -12.56 21.34
N ILE D 322 8.32 -12.54 20.14
CA ILE D 322 7.61 -12.11 18.96
C ILE D 322 6.78 -13.29 18.50
N SER D 323 5.51 -13.04 18.22
CA SER D 323 4.60 -14.07 17.76
C SER D 323 3.76 -13.53 16.58
N VAL D 324 3.70 -14.28 15.49
CA VAL D 324 2.95 -13.84 14.29
C VAL D 324 2.05 -14.87 13.63
N ILE D 325 1.02 -14.36 12.98
CA ILE D 325 0.02 -15.17 12.29
C ILE D 325 -0.71 -14.29 11.32
N ASP D 326 -1.42 -14.92 10.39
CA ASP D 326 -2.29 -14.19 9.48
C ASP D 326 -3.62 -14.16 10.27
N ASN D 327 -4.14 -12.98 10.58
CA ASN D 327 -5.38 -12.87 11.36
C ASN D 327 -6.61 -13.52 10.76
N LEU D 328 -6.69 -13.63 9.44
CA LEU D 328 -7.87 -14.25 8.80
C LEU D 328 -7.89 -15.79 8.82
N VAL D 329 -6.74 -16.44 8.58
CA VAL D 329 -6.65 -17.90 8.53
C VAL D 329 -6.48 -18.55 9.88
N LYS D 330 -5.25 -18.60 10.40
CA LYS D 330 -5.05 -19.20 11.71
C LYS D 330 -5.67 -18.32 12.79
N GLY D 331 -5.88 -17.04 12.46
CA GLY D 331 -6.51 -16.15 13.40
C GLY D 331 -8.03 -16.31 13.37
N ALA D 332 -8.56 -17.06 12.40
CA ALA D 332 -10.01 -17.27 12.31
C ALA D 332 -10.49 -18.51 11.56
N SER D 333 -10.91 -18.33 10.32
CA SER D 333 -11.48 -19.42 9.53
C SER D 333 -10.64 -20.66 9.40
N GLY D 334 -9.32 -20.50 9.47
CA GLY D 334 -8.42 -21.65 9.38
C GLY D 334 -8.43 -22.41 10.70
N GLN D 335 -8.33 -21.69 11.80
CA GLN D 335 -8.35 -22.36 13.08
C GLN D 335 -9.73 -23.01 13.30
N ALA D 336 -10.78 -22.32 12.89
CA ALA D 336 -12.13 -22.87 13.06
C ALA D 336 -12.23 -24.22 12.37
N LEU D 337 -11.87 -24.25 11.09
CA LEU D 337 -11.91 -25.48 10.32
C LEU D 337 -10.91 -26.49 10.87
N GLN D 338 -9.80 -26.01 11.43
CA GLN D 338 -8.82 -26.95 12.00
C GLN D 338 -9.56 -27.71 13.09
N ASN D 339 -10.34 -27.00 13.88
CA ASN D 339 -11.12 -27.62 14.96
C ASN D 339 -12.21 -28.57 14.45
N LEU D 340 -12.89 -28.18 13.37
CA LEU D 340 -13.95 -29.02 12.83
C LEU D 340 -13.37 -30.34 12.33
N ASN D 341 -12.27 -30.28 11.58
CA ASN D 341 -11.66 -31.52 11.08
C ASN D 341 -11.62 -32.61 12.17
N ILE D 342 -10.96 -32.32 13.28
CA ILE D 342 -10.85 -33.31 14.36
C ILE D 342 -12.21 -33.58 14.99
N MET D 343 -13.03 -32.55 15.14
CA MET D 343 -14.35 -32.77 15.72
C MET D 343 -15.07 -33.85 14.94
N LEU D 344 -14.90 -33.85 13.63
CA LEU D 344 -15.55 -34.85 12.79
C LEU D 344 -14.69 -36.08 12.57
N GLY D 345 -13.56 -36.14 13.27
CA GLY D 345 -12.70 -37.30 13.16
C GLY D 345 -11.66 -37.33 12.07
N TYR D 346 -11.61 -36.30 11.23
CA TYR D 346 -10.60 -36.28 10.18
C TYR D 346 -9.30 -35.72 10.70
N PRO D 347 -8.20 -36.02 10.00
CA PRO D 347 -6.90 -35.50 10.44
C PRO D 347 -6.95 -33.95 10.58
N GLU D 348 -6.20 -33.44 11.54
CA GLU D 348 -6.18 -32.02 11.79
C GLU D 348 -5.85 -31.16 10.58
N THR D 349 -4.70 -31.39 9.95
CA THR D 349 -4.27 -30.59 8.82
C THR D 349 -5.06 -30.75 7.54
N THR D 350 -6.10 -31.56 7.62
CA THR D 350 -6.94 -31.85 6.47
C THR D 350 -7.43 -30.63 5.71
N GLY D 351 -7.13 -30.62 4.42
CA GLY D 351 -7.53 -29.53 3.55
C GLY D 351 -7.09 -28.17 4.05
N LEU D 352 -6.00 -28.11 4.80
CA LEU D 352 -5.52 -26.85 5.35
C LEU D 352 -4.04 -26.62 5.10
N LEU D 353 -3.51 -27.27 4.07
CA LEU D 353 -2.08 -27.13 3.78
C LEU D 353 -1.65 -26.07 2.76
N HIS D 354 -2.55 -25.12 2.46
CA HIS D 354 -2.22 -24.03 1.53
C HIS D 354 -0.93 -23.37 2.03
N GLN D 355 0.03 -23.16 1.14
CA GLN D 355 1.31 -22.54 1.45
C GLN D 355 1.26 -21.02 1.32
N PRO D 356 2.04 -20.29 2.12
CA PRO D 356 2.02 -18.82 2.04
C PRO D 356 2.01 -18.16 0.63
N LEU D 357 1.29 -17.04 0.52
CA LEU D 357 1.27 -16.33 -0.75
C LEU D 357 2.25 -15.15 -0.69
N PHE D 358 3.54 -15.48 -0.81
CA PHE D 358 4.64 -14.49 -0.81
C PHE D 358 5.40 -14.68 -2.14
N PRO D 359 5.65 -13.59 -2.88
CA PRO D 359 5.25 -12.22 -2.55
C PRO D 359 3.77 -11.99 -2.89
#